data_9N8M
#
_entry.id   9N8M
#
_cell.length_a   1.00
_cell.length_b   1.00
_cell.length_c   1.00
_cell.angle_alpha   90.00
_cell.angle_beta   90.00
_cell.angle_gamma   90.00
#
_symmetry.space_group_name_H-M   'P 1'
#
_entity_poly.entity_id   1
_entity_poly.type   'polypeptide(L)'
_entity_poly.pdbx_seq_one_letter_code
;MAVNVNTNVSAMTAQRYLTSATNAQQSSMERLSSGYKINSAKDDAAGLQISNRLNVQSRGLGVAVRNANDGISMAQTAEG
AMKETTNILQRMRDLSLQSANGSNSKADRVAIQEEITALNDELNRVAETTSFGGNKLLNGTFATKSFQIGADNGEAVMLN
IKDMRSDNALMGGKTYQAANGKDKNWGVEAGKTDLTITLKDKREGDVTISINAKEGDDIEELATYINGQTDMIKASVDEE
GKLQLFTDNNRIDGAATFGGALAGELGIGAAQDVTVDTLDVTTVGGAQESVAIVDAALKYVDSHRAELGAFQNRFNHAIN
NLDNINENVNASKSRIKDTDFAKETTALTKAQILSQASSSVLAQAKQAPNSALALLG
;
_entity_poly.pdbx_strand_id   M1,M2,M3,M4,M5,M6,M7,M8,M9,MA,MB,MC,MD,ME,MF,MG,MH,MI,MJ,MK,ML,MM,MN,MO,MP,MQ,MR,MS,MT,MU,MV,MW,MX
#
# COMPACT_ATOMS: atom_id res chain seq x y z
N MET A 1 67.45 61.68 -77.25
CA MET A 1 67.45 62.92 -76.47
C MET A 1 68.87 63.44 -76.26
N ALA A 2 69.18 63.87 -75.04
CA ALA A 2 70.48 64.40 -74.71
C ALA A 2 71.01 63.74 -73.45
N VAL A 3 72.33 63.69 -73.33
CA VAL A 3 72.99 63.16 -72.13
C VAL A 3 73.13 64.33 -71.16
N ASN A 4 72.14 64.47 -70.28
CA ASN A 4 72.01 65.64 -69.44
C ASN A 4 71.72 65.25 -68.00
N VAL A 5 71.99 66.19 -67.09
CA VAL A 5 71.73 66.00 -65.67
C VAL A 5 70.89 67.11 -65.07
N ASN A 6 70.79 68.27 -65.71
CA ASN A 6 70.04 69.39 -65.15
C ASN A 6 68.55 69.10 -64.96
N THR A 7 68.04 68.07 -65.62
CA THR A 7 66.65 67.67 -65.44
C THR A 7 66.57 66.15 -65.44
N ASN A 8 65.55 65.63 -64.77
CA ASN A 8 65.26 64.20 -64.73
C ASN A 8 63.75 64.04 -64.89
N VAL A 9 63.30 63.95 -66.14
CA VAL A 9 61.88 63.81 -66.41
C VAL A 9 61.40 62.42 -65.99
N SER A 10 62.22 61.40 -66.24
CA SER A 10 61.83 60.03 -65.88
C SER A 10 61.61 59.91 -64.38
N ALA A 11 62.51 60.49 -63.58
CA ALA A 11 62.34 60.46 -62.13
C ALA A 11 61.16 61.34 -61.71
N MET A 12 61.01 62.51 -62.36
CA MET A 12 59.93 63.42 -61.97
C MET A 12 58.57 62.78 -62.20
N THR A 13 58.37 62.13 -63.34
CA THR A 13 57.12 61.44 -63.58
C THR A 13 57.02 60.14 -62.79
N ALA A 14 58.15 59.58 -62.37
CA ALA A 14 58.10 58.45 -61.45
C ALA A 14 57.54 58.88 -60.10
N GLN A 15 57.90 60.08 -59.64
CA GLN A 15 57.35 60.59 -58.40
C GLN A 15 55.88 60.98 -58.55
N ARG A 16 55.45 61.33 -59.76
CA ARG A 16 54.04 61.63 -59.97
C ARG A 16 53.18 60.39 -59.75
N TYR A 17 53.57 59.27 -60.34
CA TYR A 17 52.84 58.02 -60.12
C TYR A 17 53.12 57.49 -58.72
N LEU A 18 54.28 57.85 -58.15
CA LEU A 18 54.55 57.57 -56.74
C LEU A 18 53.55 58.30 -55.85
N THR A 19 53.26 59.56 -56.16
CA THR A 19 52.33 60.34 -55.36
C THR A 19 50.92 59.76 -55.41
N SER A 20 50.43 59.47 -56.62
CA SER A 20 49.09 58.89 -56.75
C SER A 20 49.06 57.45 -56.25
N ALA A 21 50.23 56.84 -56.02
CA ALA A 21 50.27 55.44 -55.62
C ALA A 21 49.65 55.23 -54.24
N THR A 22 50.26 55.80 -53.21
CA THR A 22 49.78 55.57 -51.85
C THR A 22 49.00 56.74 -51.28
N ASN A 23 48.62 57.71 -52.13
CA ASN A 23 47.59 58.64 -51.70
C ASN A 23 46.27 57.92 -51.48
N ALA A 24 45.95 56.96 -52.36
CA ALA A 24 44.80 56.10 -52.17
C ALA A 24 45.07 55.04 -51.12
N GLN A 25 46.32 54.54 -51.04
CA GLN A 25 46.65 53.59 -49.99
C GLN A 25 46.60 54.25 -48.62
N GLN A 26 46.98 55.53 -48.54
CA GLN A 26 46.79 56.29 -47.31
C GLN A 26 45.31 56.51 -47.03
N SER A 27 44.49 56.59 -48.09
CA SER A 27 43.04 56.58 -47.90
C SER A 27 42.57 55.24 -47.37
N SER A 28 43.29 54.17 -47.67
CA SER A 28 43.11 52.91 -46.96
C SER A 28 43.85 53.00 -45.63
N MET A 29 43.99 51.87 -44.94
CA MET A 29 44.64 51.80 -43.64
C MET A 29 43.86 52.56 -42.57
N GLU A 30 42.77 53.22 -42.97
CA GLU A 30 41.81 53.79 -42.03
C GLU A 30 40.42 53.21 -42.19
N ARG A 31 40.04 52.81 -43.41
CA ARG A 31 38.79 52.10 -43.58
C ARG A 31 38.84 50.72 -42.95
N LEU A 32 40.03 50.12 -42.84
CA LEU A 32 40.16 48.87 -42.09
C LEU A 32 40.00 49.10 -40.59
N SER A 33 40.68 50.13 -40.06
CA SER A 33 40.63 50.37 -38.62
C SER A 33 39.27 50.89 -38.19
N SER A 34 38.71 51.84 -38.94
CA SER A 34 37.39 52.36 -38.61
C SER A 34 36.30 51.33 -38.88
N GLY A 35 36.47 50.53 -39.93
CA GLY A 35 35.44 49.62 -40.36
C GLY A 35 34.43 50.23 -41.30
N TYR A 36 34.55 51.52 -41.63
CA TYR A 36 33.65 52.20 -42.54
C TYR A 36 34.41 52.60 -43.79
N LYS A 37 33.80 52.41 -44.96
CA LYS A 37 34.36 52.91 -46.20
C LYS A 37 34.09 54.40 -46.40
N ILE A 38 33.19 54.98 -45.60
CA ILE A 38 32.86 56.39 -45.70
C ILE A 38 33.12 57.02 -44.34
N ASN A 39 34.08 57.95 -44.29
CA ASN A 39 34.40 58.68 -43.08
C ASN A 39 34.56 60.18 -43.30
N SER A 40 34.84 60.62 -44.52
CA SER A 40 34.93 62.03 -44.86
C SER A 40 34.09 62.31 -46.09
N ALA A 41 33.55 63.51 -46.17
CA ALA A 41 32.69 63.89 -47.30
C ALA A 41 33.44 63.86 -48.62
N LYS A 42 34.77 63.99 -48.60
CA LYS A 42 35.55 63.98 -49.83
C LYS A 42 35.53 62.62 -50.52
N ASP A 43 35.10 61.56 -49.82
CA ASP A 43 35.07 60.24 -50.42
C ASP A 43 33.82 60.04 -51.27
N ASP A 44 32.64 60.15 -50.66
CA ASP A 44 31.36 60.02 -51.36
C ASP A 44 30.38 60.99 -50.72
N ALA A 45 30.14 62.13 -51.38
CA ALA A 45 29.23 63.13 -50.84
C ALA A 45 27.81 62.57 -50.73
N ALA A 46 27.33 61.91 -51.79
CA ALA A 46 25.98 61.36 -51.76
C ALA A 46 25.86 60.25 -50.71
N GLY A 47 26.88 59.42 -50.58
CA GLY A 47 26.85 58.35 -49.60
C GLY A 47 26.80 58.84 -48.17
N LEU A 48 27.44 59.98 -47.89
CA LEU A 48 27.46 60.49 -46.53
C LEU A 48 26.07 60.92 -46.06
N GLN A 49 25.34 61.64 -46.91
CA GLN A 49 24.03 62.14 -46.52
C GLN A 49 23.07 61.00 -46.23
N ILE A 50 23.03 60.00 -47.11
CA ILE A 50 22.10 58.90 -46.93
C ILE A 50 22.52 58.05 -45.72
N SER A 51 23.82 57.87 -45.51
CA SER A 51 24.28 57.06 -44.38
C SER A 51 23.93 57.73 -43.06
N ASN A 52 24.11 59.05 -42.95
CA ASN A 52 23.75 59.75 -41.72
C ASN A 52 22.24 59.72 -41.50
N ARG A 53 21.46 59.86 -42.57
CA ARG A 53 20.01 59.78 -42.44
C ARG A 53 19.60 58.39 -41.95
N LEU A 54 20.24 57.35 -42.47
CA LEU A 54 19.98 56.00 -41.98
C LEU A 54 20.41 55.85 -40.53
N ASN A 55 21.54 56.46 -40.16
CA ASN A 55 22.00 56.40 -38.78
C ASN A 55 21.01 57.05 -37.83
N VAL A 56 20.46 58.21 -38.22
CA VAL A 56 19.50 58.90 -37.38
C VAL A 56 18.27 58.03 -37.15
N GLN A 57 17.77 57.40 -38.21
CA GLN A 57 16.62 56.52 -38.07
C GLN A 57 16.95 55.31 -37.20
N SER A 58 18.14 54.73 -37.38
CA SER A 58 18.50 53.54 -36.61
C SER A 58 18.58 53.85 -35.13
N ARG A 59 19.22 54.96 -34.76
CA ARG A 59 19.24 55.36 -33.36
C ARG A 59 17.84 55.74 -32.88
N GLY A 60 17.06 56.39 -33.74
CA GLY A 60 15.71 56.76 -33.36
C GLY A 60 14.84 55.56 -33.08
N LEU A 61 15.04 54.47 -33.83
CA LEU A 61 14.31 53.23 -33.57
C LEU A 61 14.74 52.62 -32.24
N GLY A 62 16.01 52.79 -31.88
CA GLY A 62 16.47 52.28 -30.60
C GLY A 62 15.76 52.93 -29.43
N VAL A 63 15.57 54.25 -29.50
CA VAL A 63 14.81 54.93 -28.45
C VAL A 63 13.32 54.77 -28.69
N ALA A 64 12.92 54.38 -29.90
CA ALA A 64 11.51 54.14 -30.17
C ALA A 64 11.01 52.90 -29.45
N VAL A 65 11.79 51.81 -29.49
CA VAL A 65 11.42 50.63 -28.74
C VAL A 65 11.58 50.87 -27.24
N ARG A 66 12.49 51.77 -26.84
CA ARG A 66 12.63 52.10 -25.43
C ARG A 66 11.40 52.82 -24.91
N ASN A 67 10.97 53.87 -25.61
CA ASN A 67 9.77 54.60 -25.20
C ASN A 67 8.54 53.72 -25.30
N ALA A 68 8.45 52.89 -26.34
CA ALA A 68 7.30 52.03 -26.51
C ALA A 68 7.23 50.98 -25.41
N ASN A 69 8.37 50.44 -25.00
CA ASN A 69 8.38 49.47 -23.91
C ASN A 69 7.92 50.10 -22.61
N ASP A 70 8.35 51.33 -22.34
CA ASP A 70 7.85 52.04 -21.17
C ASP A 70 6.35 52.26 -21.26
N GLY A 71 5.84 52.49 -22.47
CA GLY A 71 4.40 52.57 -22.66
C GLY A 71 3.70 51.28 -22.28
N ILE A 72 4.30 50.15 -22.62
CA ILE A 72 3.74 48.87 -22.21
C ILE A 72 3.79 48.74 -20.69
N SER A 73 4.92 49.10 -20.09
CA SER A 73 5.08 48.95 -18.65
C SER A 73 4.06 49.80 -17.89
N MET A 74 3.82 51.03 -18.36
CA MET A 74 2.81 51.89 -17.75
C MET A 74 1.43 51.25 -17.83
N ALA A 75 1.16 50.54 -18.94
CA ALA A 75 -0.15 49.92 -19.12
C ALA A 75 -0.34 48.73 -18.19
N GLN A 76 0.68 47.88 -18.07
CA GLN A 76 0.51 46.65 -17.29
C GLN A 76 0.50 46.92 -15.79
N THR A 77 1.23 47.93 -15.32
CA THR A 77 1.17 48.26 -13.91
C THR A 77 -0.19 48.84 -13.51
N ALA A 78 -0.85 49.56 -14.43
CA ALA A 78 -2.25 49.92 -14.21
C ALA A 78 -3.13 48.69 -14.25
N GLU A 79 -2.81 47.75 -15.14
CA GLU A 79 -3.55 46.50 -15.20
C GLU A 79 -3.40 45.68 -13.93
N GLY A 80 -2.28 45.82 -13.23
CA GLY A 80 -2.11 45.11 -11.98
C GLY A 80 -3.12 45.53 -10.93
N ALA A 81 -3.30 46.85 -10.78
CA ALA A 81 -4.34 47.34 -9.88
C ALA A 81 -5.72 47.07 -10.44
N MET A 82 -5.83 46.87 -11.75
CA MET A 82 -7.12 46.56 -12.37
C MET A 82 -7.67 45.25 -11.84
N LYS A 83 -6.84 44.22 -11.77
CA LYS A 83 -7.31 42.93 -11.26
C LYS A 83 -7.78 43.05 -9.83
N GLU A 84 -7.05 43.79 -9.00
CA GLU A 84 -7.40 43.87 -7.60
C GLU A 84 -8.69 44.68 -7.40
N THR A 85 -8.85 45.76 -8.18
CA THR A 85 -10.09 46.54 -8.11
C THR A 85 -11.29 45.68 -8.47
N THR A 86 -11.16 44.87 -9.52
CA THR A 86 -12.24 43.94 -9.86
C THR A 86 -12.51 42.98 -8.72
N ASN A 87 -11.45 42.41 -8.13
CA ASN A 87 -11.63 41.40 -7.10
C ASN A 87 -12.36 41.95 -5.89
N ILE A 88 -12.01 43.17 -5.47
CA ILE A 88 -12.72 43.77 -4.33
C ILE A 88 -14.15 44.07 -4.70
N LEU A 89 -14.38 44.47 -5.95
CA LEU A 89 -15.75 44.74 -6.40
C LEU A 89 -16.61 43.49 -6.35
N GLN A 90 -16.06 42.34 -6.76
CA GLN A 90 -16.80 41.09 -6.62
C GLN A 90 -17.14 40.81 -5.17
N ARG A 91 -16.14 40.94 -4.28
CA ARG A 91 -16.38 40.66 -2.86
C ARG A 91 -17.43 41.61 -2.29
N MET A 92 -17.44 42.85 -2.77
CA MET A 92 -18.51 43.78 -2.39
C MET A 92 -19.87 43.23 -2.83
N ARG A 93 -19.92 42.65 -4.03
CA ARG A 93 -21.19 42.24 -4.60
C ARG A 93 -21.75 41.01 -3.90
N ASP A 94 -20.91 40.01 -3.61
CA ASP A 94 -21.43 38.77 -3.04
C ASP A 94 -22.06 39.00 -1.68
N LEU A 95 -21.38 39.76 -0.81
CA LEU A 95 -21.92 39.97 0.52
C LEU A 95 -23.08 40.95 0.51
N SER A 96 -23.13 41.86 -0.47
CA SER A 96 -24.34 42.65 -0.66
C SER A 96 -25.52 41.76 -1.03
N LEU A 97 -25.28 40.74 -1.86
CA LEU A 97 -26.31 39.75 -2.13
C LEU A 97 -26.67 39.00 -0.86
N GLN A 98 -25.68 38.76 0.01
CA GLN A 98 -25.93 38.06 1.27
C GLN A 98 -26.87 38.86 2.16
N SER A 99 -26.68 40.18 2.22
CA SER A 99 -27.52 41.03 3.05
C SER A 99 -28.88 41.33 2.43
N ALA A 100 -29.10 40.92 1.18
CA ALA A 100 -30.37 41.20 0.52
C ALA A 100 -31.52 40.39 1.12
N ASN A 101 -31.25 39.36 1.90
CA ASN A 101 -32.31 38.60 2.53
C ASN A 101 -32.89 39.36 3.71
N GLY A 102 -34.14 39.06 4.03
CA GLY A 102 -34.67 39.44 5.31
C GLY A 102 -34.32 38.49 6.43
N SER A 103 -33.59 37.41 6.11
CA SER A 103 -33.26 36.42 7.12
C SER A 103 -32.40 37.00 8.23
N ASN A 104 -31.42 37.81 7.88
CA ASN A 104 -30.52 38.39 8.87
C ASN A 104 -31.14 39.64 9.47
N SER A 105 -30.79 39.89 10.73
CA SER A 105 -31.33 41.04 11.47
C SER A 105 -30.55 42.30 11.12
N LYS A 106 -30.93 43.41 11.78
CA LYS A 106 -30.30 44.69 11.49
C LYS A 106 -28.84 44.71 11.89
N ALA A 107 -28.47 44.01 12.96
CA ALA A 107 -27.08 44.00 13.41
C ALA A 107 -26.18 43.35 12.36
N ASP A 108 -26.66 42.30 11.70
CA ASP A 108 -25.84 41.64 10.68
C ASP A 108 -25.55 42.59 9.52
N ARG A 109 -26.56 43.35 9.08
CA ARG A 109 -26.33 44.32 8.02
C ARG A 109 -25.40 45.44 8.49
N VAL A 110 -25.39 45.74 9.79
CA VAL A 110 -24.43 46.70 10.31
C VAL A 110 -23.00 46.17 10.16
N ALA A 111 -22.80 44.89 10.48
CA ALA A 111 -21.49 44.28 10.30
C ALA A 111 -21.10 44.26 8.81
N ILE A 112 -22.05 43.93 7.95
CA ILE A 112 -21.78 43.92 6.52
C ILE A 112 -21.43 45.32 6.03
N GLN A 113 -22.17 46.34 6.50
CA GLN A 113 -21.86 47.71 6.12
C GLN A 113 -20.47 48.10 6.59
N GLU A 114 -20.04 47.58 7.75
CA GLU A 114 -18.69 47.87 8.22
C GLU A 114 -17.65 47.29 7.28
N GLU A 115 -17.91 46.11 6.72
CA GLU A 115 -17.00 45.55 5.72
C GLU A 115 -17.04 46.35 4.43
N ILE A 116 -18.22 46.82 4.03
CA ILE A 116 -18.35 47.60 2.80
C ILE A 116 -17.56 48.90 2.91
N THR A 117 -17.72 49.62 4.03
CA THR A 117 -17.00 50.88 4.18
C THR A 117 -15.50 50.64 4.32
N ALA A 118 -15.10 49.46 4.80
CA ALA A 118 -13.69 49.13 4.84
C ALA A 118 -13.14 48.90 3.44
N LEU A 119 -13.84 48.11 2.64
CA LEU A 119 -13.40 47.87 1.26
C LEU A 119 -13.57 49.11 0.40
N ASN A 120 -14.52 49.97 0.74
CA ASN A 120 -14.68 51.23 0.01
C ASN A 120 -13.44 52.09 0.15
N ASP A 121 -12.87 52.16 1.35
CA ASP A 121 -11.61 52.87 1.52
C ASP A 121 -10.49 52.20 0.75
N GLU A 122 -10.59 50.88 0.56
CA GLU A 122 -9.59 50.18 -0.25
C GLU A 122 -9.65 50.60 -1.70
N LEU A 123 -10.86 50.76 -2.25
CA LEU A 123 -11.01 51.24 -3.62
C LEU A 123 -10.38 52.62 -3.78
N ASN A 124 -10.63 53.51 -2.83
CA ASN A 124 -10.04 54.84 -2.88
C ASN A 124 -8.53 54.80 -2.66
N ARG A 125 -8.04 53.90 -1.82
CA ARG A 125 -6.61 53.85 -1.54
C ARG A 125 -5.82 53.33 -2.73
N VAL A 126 -6.31 52.28 -3.38
CA VAL A 126 -5.59 51.74 -4.54
C VAL A 126 -5.58 52.74 -5.67
N ALA A 127 -6.67 53.50 -5.85
CA ALA A 127 -6.69 54.55 -6.86
C ALA A 127 -5.75 55.69 -6.52
N GLU A 128 -5.28 55.76 -5.28
CA GLU A 128 -4.39 56.82 -4.85
C GLU A 128 -2.96 56.35 -4.59
N THR A 129 -2.71 55.04 -4.61
CA THR A 129 -1.40 54.48 -4.31
C THR A 129 -0.64 54.07 -5.55
N THR A 130 -1.32 53.52 -6.56
CA THR A 130 -0.66 53.13 -7.80
C THR A 130 0.05 54.31 -8.42
N SER A 131 1.38 54.27 -8.46
CA SER A 131 2.18 55.44 -8.79
C SER A 131 3.06 55.24 -10.01
N PHE A 132 3.80 54.13 -10.08
CA PHE A 132 4.81 53.91 -11.12
C PHE A 132 5.85 55.03 -11.10
N GLY A 133 6.63 55.03 -10.02
CA GLY A 133 7.74 55.95 -9.89
C GLY A 133 7.36 57.40 -9.81
N GLY A 134 6.37 57.72 -8.97
CA GLY A 134 6.00 59.10 -8.70
C GLY A 134 4.84 59.63 -9.51
N ASN A 135 4.39 58.90 -10.53
CA ASN A 135 3.22 59.32 -11.29
C ASN A 135 1.95 58.95 -10.52
N LYS A 136 0.80 59.08 -11.16
CA LYS A 136 -0.47 58.70 -10.54
C LYS A 136 -1.34 58.12 -11.65
N LEU A 137 -1.52 56.79 -11.63
CA LEU A 137 -2.19 56.14 -12.74
C LEU A 137 -3.71 56.20 -12.60
N LEU A 138 -4.25 55.59 -11.55
CA LEU A 138 -5.69 55.47 -11.40
C LEU A 138 -6.32 56.65 -10.68
N ASN A 139 -5.53 57.64 -10.28
CA ASN A 139 -6.07 58.83 -9.65
C ASN A 139 -6.94 59.65 -10.58
N GLY A 140 -6.69 59.58 -11.89
CA GLY A 140 -7.31 60.45 -12.85
C GLY A 140 -6.49 61.67 -13.19
N THR A 141 -5.49 62.00 -12.38
CA THR A 141 -4.56 63.07 -12.72
C THR A 141 -3.72 62.74 -13.94
N PHE A 142 -3.67 61.47 -14.34
CA PHE A 142 -2.95 61.06 -15.54
C PHE A 142 -3.83 61.38 -16.74
N ALA A 143 -3.53 62.50 -17.40
CA ALA A 143 -4.29 62.91 -18.56
C ALA A 143 -3.83 62.10 -19.78
N THR A 144 -4.26 62.50 -20.97
CA THR A 144 -3.86 61.82 -22.19
C THR A 144 -2.37 62.00 -22.40
N LYS A 145 -1.60 60.92 -22.25
CA LYS A 145 -0.17 60.95 -22.44
C LYS A 145 0.19 60.33 -23.77
N SER A 146 1.07 60.99 -24.52
CA SER A 146 1.45 60.56 -25.86
C SER A 146 2.83 59.91 -25.79
N PHE A 147 2.95 58.72 -26.37
CA PHE A 147 4.20 57.98 -26.40
C PHE A 147 4.80 58.03 -27.80
N GLN A 148 6.00 58.58 -27.90
CA GLN A 148 6.69 58.71 -29.18
C GLN A 148 7.30 57.35 -29.52
N ILE A 149 6.73 56.70 -30.54
CA ILE A 149 7.13 55.33 -30.88
C ILE A 149 7.58 55.24 -32.33
N GLY A 150 8.13 56.33 -32.86
CA GLY A 150 8.59 56.35 -34.24
C GLY A 150 9.96 56.98 -34.34
N ALA A 151 10.65 56.62 -35.44
CA ALA A 151 11.98 57.17 -35.68
C ALA A 151 11.92 58.69 -35.86
N ASP A 152 10.91 59.16 -36.58
CA ASP A 152 10.70 60.59 -36.74
C ASP A 152 9.86 61.10 -35.57
N ASN A 153 9.37 62.33 -35.67
CA ASN A 153 8.61 62.97 -34.61
C ASN A 153 7.14 63.11 -35.02
N GLY A 154 6.27 63.09 -34.02
CA GLY A 154 4.85 63.34 -34.21
C GLY A 154 4.00 62.09 -34.29
N GLU A 155 4.59 60.93 -34.53
CA GLU A 155 3.82 59.69 -34.64
C GLU A 155 3.60 59.04 -33.27
N ALA A 156 3.04 59.80 -32.35
CA ALA A 156 2.76 59.31 -31.01
C ALA A 156 1.40 58.61 -30.98
N VAL A 157 1.11 57.99 -29.84
CA VAL A 157 -0.17 57.33 -29.60
C VAL A 157 -0.69 57.80 -28.25
N MET A 158 -1.91 58.32 -28.24
CA MET A 158 -2.49 58.86 -27.02
C MET A 158 -3.09 57.75 -26.17
N LEU A 159 -2.79 57.80 -24.87
CA LEU A 159 -3.31 56.84 -23.90
C LEU A 159 -4.07 57.60 -22.82
N ASN A 160 -5.27 57.13 -22.51
CA ASN A 160 -6.11 57.77 -21.52
C ASN A 160 -6.43 56.75 -20.43
N ILE A 161 -6.09 57.09 -19.19
CA ILE A 161 -6.41 56.27 -18.03
C ILE A 161 -7.42 57.07 -17.20
N LYS A 162 -8.62 56.52 -17.06
CA LYS A 162 -9.69 57.22 -16.38
C LYS A 162 -9.60 57.05 -14.87
N ASP A 163 -10.07 58.06 -14.14
CA ASP A 163 -10.07 57.98 -12.69
C ASP A 163 -10.96 56.85 -12.21
N MET A 164 -10.52 56.17 -11.15
CA MET A 164 -11.25 55.03 -10.61
C MET A 164 -11.43 55.15 -9.11
N ARG A 165 -11.62 56.38 -8.64
CA ARG A 165 -12.09 56.57 -7.29
C ARG A 165 -13.50 56.01 -7.17
N SER A 166 -13.86 55.56 -5.98
CA SER A 166 -15.17 54.95 -5.77
C SER A 166 -16.31 55.94 -5.97
N ASP A 167 -16.02 57.24 -6.02
CA ASP A 167 -17.02 58.27 -6.24
C ASP A 167 -17.11 58.73 -7.68
N ASN A 168 -16.47 58.02 -8.61
CA ASN A 168 -16.51 58.42 -10.01
C ASN A 168 -17.93 58.36 -10.55
N ALA A 169 -18.27 59.33 -11.40
CA ALA A 169 -19.63 59.41 -11.93
C ALA A 169 -19.96 58.19 -12.79
N LEU A 170 -19.03 57.77 -13.63
CA LEU A 170 -19.26 56.60 -14.48
C LEU A 170 -19.31 55.31 -13.69
N MET A 171 -18.75 55.29 -12.48
CA MET A 171 -18.70 54.08 -11.69
C MET A 171 -20.04 53.71 -11.08
N GLY A 172 -20.97 54.66 -10.97
CA GLY A 172 -22.28 54.38 -10.44
C GLY A 172 -23.39 54.52 -11.46
N GLY A 173 -24.48 55.17 -11.10
CA GLY A 173 -25.56 55.38 -12.03
C GLY A 173 -26.74 56.05 -11.36
N LYS A 174 -27.77 56.29 -12.16
CA LYS A 174 -29.01 56.88 -11.69
C LYS A 174 -29.84 55.84 -10.97
N THR A 175 -30.87 56.31 -10.26
CA THR A 175 -31.81 55.41 -9.60
C THR A 175 -33.14 56.12 -9.42
N TYR A 176 -34.20 55.31 -9.25
CA TYR A 176 -35.56 55.81 -9.09
C TYR A 176 -36.27 54.96 -8.05
N GLN A 177 -37.16 55.59 -7.30
CA GLN A 177 -37.88 54.93 -6.21
C GLN A 177 -39.37 55.15 -6.36
N ALA A 178 -40.15 54.09 -6.22
CA ALA A 178 -41.59 54.21 -6.24
C ALA A 178 -42.09 54.96 -5.01
N ALA A 179 -43.03 55.88 -5.22
CA ALA A 179 -43.52 56.70 -4.12
C ALA A 179 -44.32 55.88 -3.13
N ASN A 180 -45.21 55.01 -3.63
CA ASN A 180 -46.08 54.20 -2.79
C ASN A 180 -45.71 52.73 -2.92
N GLY A 181 -45.67 52.03 -1.79
CA GLY A 181 -45.38 50.62 -1.79
C GLY A 181 -46.62 49.76 -2.02
N LYS A 182 -46.38 48.52 -2.41
CA LYS A 182 -47.44 47.54 -2.64
C LYS A 182 -47.22 46.33 -1.75
N ASP A 183 -48.27 45.91 -1.06
CA ASP A 183 -48.18 44.85 -0.08
C ASP A 183 -48.15 43.48 -0.76
N LYS A 184 -48.07 42.43 0.05
CA LYS A 184 -48.04 41.08 -0.49
C LYS A 184 -49.33 40.72 -1.20
N ASN A 185 -50.47 41.05 -0.59
CA ASN A 185 -51.76 40.74 -1.19
C ASN A 185 -51.97 41.45 -2.53
N TRP A 186 -51.29 42.58 -2.73
CA TRP A 186 -51.46 43.34 -3.96
C TRP A 186 -50.92 42.56 -5.16
N GLY A 187 -51.65 42.62 -6.26
CA GLY A 187 -51.21 42.01 -7.49
C GLY A 187 -51.56 42.91 -8.67
N VAL A 188 -50.84 42.68 -9.77
CA VAL A 188 -51.04 43.50 -10.97
C VAL A 188 -52.44 43.27 -11.49
N GLU A 189 -53.29 44.30 -11.40
CA GLU A 189 -54.68 44.19 -11.82
C GLU A 189 -54.78 44.35 -13.34
N ALA A 190 -55.85 43.78 -13.89
CA ALA A 190 -56.06 43.82 -15.33
C ALA A 190 -56.32 45.25 -15.80
N GLY A 191 -55.78 45.57 -16.98
CA GLY A 191 -55.97 46.87 -17.58
C GLY A 191 -54.98 47.93 -17.12
N LYS A 192 -54.14 47.63 -16.13
CA LYS A 192 -53.11 48.55 -15.65
C LYS A 192 -51.76 47.84 -15.61
N THR A 193 -51.51 47.02 -16.63
CA THR A 193 -50.26 46.27 -16.72
C THR A 193 -49.28 46.87 -17.72
N ASP A 194 -49.56 48.05 -18.26
CA ASP A 194 -48.70 48.67 -19.24
C ASP A 194 -47.72 49.62 -18.56
N LEU A 195 -46.43 49.37 -18.74
CA LEU A 195 -45.38 50.20 -18.16
C LEU A 195 -44.36 50.50 -19.28
N THR A 196 -44.36 51.73 -19.76
CA THR A 196 -43.49 52.14 -20.85
C THR A 196 -42.39 53.06 -20.33
N ILE A 197 -41.16 52.77 -20.69
CA ILE A 197 -39.99 53.53 -20.25
C ILE A 197 -39.35 54.17 -21.46
N THR A 198 -39.24 55.51 -21.44
CA THR A 198 -38.48 56.23 -22.44
C THR A 198 -37.06 56.45 -21.93
N LEU A 199 -36.09 56.07 -22.76
CA LEU A 199 -34.72 55.94 -22.32
C LEU A 199 -33.79 56.65 -23.30
N LYS A 200 -32.78 57.32 -22.77
CA LYS A 200 -31.73 57.94 -23.56
C LYS A 200 -30.44 57.13 -23.41
N ASP A 201 -29.81 56.81 -24.53
CA ASP A 201 -28.69 55.89 -24.55
C ASP A 201 -27.48 56.52 -25.23
N LYS A 202 -26.30 56.14 -24.76
CA LYS A 202 -25.06 56.59 -25.39
C LYS A 202 -24.96 56.08 -26.82
N ARG A 203 -25.27 54.80 -27.02
CA ARG A 203 -25.31 54.20 -28.35
C ARG A 203 -26.74 53.83 -28.70
N GLU A 204 -27.09 53.95 -29.98
CA GLU A 204 -28.46 53.83 -30.47
C GLU A 204 -29.45 54.49 -29.51
N GLY A 205 -29.23 55.78 -29.29
CA GLY A 205 -29.96 56.52 -28.29
C GLY A 205 -31.45 56.62 -28.60
N ASP A 206 -32.19 57.12 -27.61
CA ASP A 206 -33.64 57.25 -27.68
C ASP A 206 -34.30 55.89 -27.93
N VAL A 207 -34.07 54.96 -27.01
CA VAL A 207 -34.67 53.64 -27.03
C VAL A 207 -35.83 53.63 -26.06
N THR A 208 -37.01 53.22 -26.53
CA THR A 208 -38.19 53.08 -25.70
C THR A 208 -38.62 51.62 -25.72
N ILE A 209 -38.73 51.02 -24.54
CA ILE A 209 -39.18 49.64 -24.42
C ILE A 209 -40.43 49.59 -23.56
N SER A 210 -41.23 48.54 -23.74
CA SER A 210 -42.50 48.40 -23.07
C SER A 210 -42.53 47.10 -22.27
N ILE A 211 -43.05 47.17 -21.06
CA ILE A 211 -43.18 46.03 -20.17
C ILE A 211 -44.65 45.80 -19.90
N ASN A 212 -45.13 44.58 -20.14
CA ASN A 212 -46.50 44.18 -19.89
C ASN A 212 -46.48 43.07 -18.86
N ALA A 213 -46.51 43.44 -17.58
CA ALA A 213 -46.47 42.47 -16.51
C ALA A 213 -47.73 41.60 -16.52
N LYS A 214 -47.57 40.32 -16.23
CA LYS A 214 -48.71 39.41 -16.22
C LYS A 214 -49.63 39.74 -15.04
N GLU A 215 -50.94 39.63 -15.28
CA GLU A 215 -51.91 39.91 -14.24
C GLU A 215 -51.78 38.89 -13.11
N GLY A 216 -51.91 39.38 -11.88
CA GLY A 216 -51.83 38.55 -10.70
C GLY A 216 -50.45 38.45 -10.08
N ASP A 217 -49.41 38.83 -10.81
CA ASP A 217 -48.07 38.80 -10.26
C ASP A 217 -47.93 39.82 -9.13
N ASP A 218 -47.32 39.39 -8.04
CA ASP A 218 -47.13 40.28 -6.91
C ASP A 218 -46.02 41.28 -7.21
N ILE A 219 -45.69 42.11 -6.21
CA ILE A 219 -44.73 43.18 -6.45
C ILE A 219 -43.33 42.62 -6.72
N GLU A 220 -42.98 41.49 -6.10
CA GLU A 220 -41.64 40.94 -6.30
C GLU A 220 -41.50 40.31 -7.67
N GLU A 221 -42.48 39.50 -8.09
CA GLU A 221 -42.41 38.86 -9.39
C GLU A 221 -42.45 39.86 -10.53
N LEU A 222 -43.09 41.01 -10.33
CA LEU A 222 -43.03 42.07 -11.32
C LEU A 222 -41.61 42.59 -11.47
N ALA A 223 -40.88 42.71 -10.36
CA ALA A 223 -39.49 43.13 -10.43
C ALA A 223 -38.64 42.14 -11.20
N THR A 224 -38.88 40.84 -10.98
CA THR A 224 -38.16 39.82 -11.74
C THR A 224 -38.51 39.89 -13.22
N TYR A 225 -39.77 40.18 -13.53
CA TYR A 225 -40.18 40.25 -14.93
C TYR A 225 -39.44 41.36 -15.67
N ILE A 226 -39.29 42.53 -15.05
CA ILE A 226 -38.61 43.63 -15.70
C ILE A 226 -37.15 43.27 -15.96
N ASN A 227 -36.49 42.63 -15.00
CA ASN A 227 -35.09 42.26 -15.17
C ASN A 227 -34.90 41.33 -16.35
N GLY A 228 -35.79 40.34 -16.50
CA GLY A 228 -35.66 39.42 -17.62
C GLY A 228 -35.94 40.08 -18.96
N GLN A 229 -36.95 40.95 -19.02
CA GLN A 229 -37.36 41.52 -20.29
C GLN A 229 -36.26 42.38 -20.92
N THR A 230 -35.60 43.20 -20.10
CA THR A 230 -34.57 44.10 -20.61
C THR A 230 -33.34 44.04 -19.72
N ASP A 231 -32.17 44.01 -20.35
CA ASP A 231 -30.90 44.06 -19.64
C ASP A 231 -30.42 45.49 -19.41
N MET A 232 -31.14 46.48 -19.94
CA MET A 232 -30.76 47.88 -19.80
C MET A 232 -31.27 48.51 -18.52
N ILE A 233 -32.03 47.76 -17.72
CA ILE A 233 -32.70 48.28 -16.55
C ILE A 233 -32.69 47.21 -15.47
N LYS A 234 -32.43 47.61 -14.22
CA LYS A 234 -32.44 46.70 -13.08
C LYS A 234 -33.50 47.15 -12.10
N ALA A 235 -34.29 46.21 -11.59
CA ALA A 235 -35.40 46.52 -10.70
C ALA A 235 -35.38 45.58 -9.50
N SER A 236 -35.94 46.07 -8.39
CA SER A 236 -36.02 45.29 -7.17
C SER A 236 -37.04 45.93 -6.25
N VAL A 237 -37.40 45.19 -5.19
CA VAL A 237 -38.34 45.65 -4.18
C VAL A 237 -37.61 45.72 -2.85
N ASP A 238 -37.78 46.82 -2.12
CA ASP A 238 -36.94 47.07 -0.95
C ASP A 238 -37.54 46.55 0.36
N GLU A 239 -38.62 47.16 0.84
CA GLU A 239 -39.28 46.67 2.04
C GLU A 239 -40.80 46.68 1.99
N GLU A 240 -41.42 47.53 1.18
CA GLU A 240 -42.87 47.66 1.19
C GLU A 240 -43.49 47.57 -0.19
N GLY A 241 -42.72 47.23 -1.22
CA GLY A 241 -43.21 47.22 -2.58
C GLY A 241 -42.66 48.33 -3.46
N LYS A 242 -41.89 49.25 -2.91
CA LYS A 242 -41.33 50.34 -3.71
C LYS A 242 -40.24 49.80 -4.63
N LEU A 243 -40.46 49.95 -5.93
CA LEU A 243 -39.47 49.51 -6.91
C LEU A 243 -38.26 50.43 -6.88
N GLN A 244 -37.07 49.82 -6.85
CA GLN A 244 -35.82 50.56 -6.94
C GLN A 244 -35.26 50.36 -8.34
N LEU A 245 -35.74 51.19 -9.26
CA LEU A 245 -35.22 51.17 -10.62
C LEU A 245 -33.79 51.68 -10.63
N PHE A 246 -32.91 50.98 -11.36
CA PHE A 246 -31.52 51.37 -11.47
C PHE A 246 -31.15 51.60 -12.92
N THR A 247 -30.23 52.53 -13.14
CA THR A 247 -29.80 52.91 -14.48
C THR A 247 -28.28 53.05 -14.47
N ASP A 248 -27.62 52.30 -15.35
CA ASP A 248 -26.16 52.31 -15.37
C ASP A 248 -25.71 53.59 -16.09
N ASN A 249 -24.78 54.31 -15.47
CA ASN A 249 -24.46 55.66 -15.93
C ASN A 249 -23.68 55.67 -17.24
N ASN A 250 -22.87 54.66 -17.51
CA ASN A 250 -21.95 54.74 -18.63
C ASN A 250 -22.61 54.46 -19.98
N ARG A 251 -23.87 54.05 -20.00
CA ARG A 251 -24.55 53.76 -21.25
C ARG A 251 -25.96 54.32 -21.34
N ILE A 252 -26.55 54.79 -20.25
CA ILE A 252 -27.93 55.26 -20.24
C ILE A 252 -27.96 56.72 -19.77
N ASP A 253 -26.96 57.49 -20.18
CA ASP A 253 -26.91 58.91 -19.86
C ASP A 253 -28.24 59.59 -20.17
N GLY A 254 -28.59 60.57 -19.36
CA GLY A 254 -29.88 61.24 -19.47
C GLY A 254 -30.94 60.61 -18.59
N ALA A 255 -31.94 61.42 -18.27
CA ALA A 255 -33.02 60.96 -17.40
C ALA A 255 -33.94 60.00 -18.14
N ALA A 256 -34.58 59.13 -17.37
CA ALA A 256 -35.53 58.15 -17.90
C ALA A 256 -36.94 58.59 -17.57
N THR A 257 -37.79 58.65 -18.59
CA THR A 257 -39.18 59.08 -18.43
C THR A 257 -40.07 57.85 -18.31
N PHE A 258 -40.96 57.86 -17.33
CA PHE A 258 -41.84 56.73 -17.05
C PHE A 258 -43.28 57.09 -17.46
N GLY A 259 -43.96 56.12 -18.07
CA GLY A 259 -45.33 56.32 -18.49
C GLY A 259 -46.08 55.01 -18.47
N GLY A 260 -47.37 55.09 -18.74
CA GLY A 260 -48.25 53.95 -18.74
C GLY A 260 -49.09 53.87 -17.48
N ALA A 261 -50.12 53.02 -17.57
CA ALA A 261 -51.03 52.86 -16.44
C ALA A 261 -50.32 52.29 -15.22
N LEU A 262 -49.42 51.33 -15.43
CA LEU A 262 -48.69 50.74 -14.30
C LEU A 262 -47.78 51.77 -13.65
N ALA A 263 -47.13 52.62 -14.45
CA ALA A 263 -46.26 53.65 -13.88
C ALA A 263 -47.04 54.62 -13.00
N GLY A 264 -48.22 55.04 -13.47
CA GLY A 264 -49.06 55.89 -12.64
C GLY A 264 -49.55 55.18 -11.39
N GLU A 265 -49.80 53.87 -11.50
CA GLU A 265 -50.22 53.10 -10.34
C GLU A 265 -49.13 53.09 -9.27
N LEU A 266 -47.88 52.97 -9.67
CA LEU A 266 -46.75 53.09 -8.77
C LEU A 266 -46.32 54.56 -8.72
N GLY A 267 -45.15 54.81 -8.13
CA GLY A 267 -44.59 56.16 -8.10
C GLY A 267 -43.51 56.31 -9.16
N ILE A 268 -43.60 57.42 -9.90
CA ILE A 268 -42.61 57.69 -10.94
C ILE A 268 -41.23 57.86 -10.32
N GLY A 269 -41.14 58.65 -9.25
CA GLY A 269 -39.88 58.85 -8.56
C GLY A 269 -38.92 59.77 -9.30
N ALA A 270 -38.11 60.49 -8.55
CA ALA A 270 -37.10 61.37 -9.13
C ALA A 270 -35.81 60.61 -9.39
N ALA A 271 -34.92 61.24 -10.16
CA ALA A 271 -33.63 60.65 -10.52
C ALA A 271 -32.61 61.03 -9.45
N GLN A 272 -32.04 60.02 -8.80
CA GLN A 272 -31.03 60.21 -7.77
C GLN A 272 -29.71 59.62 -8.23
N ASP A 273 -28.63 60.39 -8.09
CA ASP A 273 -27.31 59.95 -8.48
C ASP A 273 -26.69 59.17 -7.31
N VAL A 274 -26.31 57.93 -7.56
CA VAL A 274 -25.66 57.08 -6.57
C VAL A 274 -24.45 56.42 -7.20
N THR A 275 -23.37 56.30 -6.44
CA THR A 275 -22.16 55.64 -6.88
C THR A 275 -21.73 54.65 -5.79
N VAL A 276 -20.57 54.02 -6.00
CA VAL A 276 -20.07 53.06 -5.03
C VAL A 276 -19.70 53.76 -3.72
N ASP A 277 -19.18 54.98 -3.81
CA ASP A 277 -18.84 55.72 -2.60
C ASP A 277 -20.07 56.00 -1.76
N THR A 278 -21.16 56.41 -2.39
CA THR A 278 -22.43 56.64 -1.70
C THR A 278 -23.19 55.35 -1.43
N LEU A 279 -22.69 54.23 -1.94
CA LEU A 279 -23.35 52.94 -1.76
C LEU A 279 -23.26 52.52 -0.31
N ASP A 280 -24.41 52.24 0.30
CA ASP A 280 -24.46 51.72 1.66
C ASP A 280 -25.53 50.64 1.74
N VAL A 281 -25.33 49.70 2.66
CA VAL A 281 -26.28 48.61 2.87
C VAL A 281 -26.48 48.48 4.38
N THR A 282 -27.55 49.07 4.89
CA THR A 282 -28.02 48.83 6.25
C THR A 282 -29.41 48.22 6.29
N THR A 283 -30.20 48.40 5.23
CA THR A 283 -31.49 47.74 5.06
C THR A 283 -31.44 46.93 3.77
N VAL A 284 -32.42 46.04 3.61
CA VAL A 284 -32.46 45.18 2.44
C VAL A 284 -32.58 45.99 1.16
N GLY A 285 -33.21 47.17 1.24
CA GLY A 285 -33.31 48.02 0.07
C GLY A 285 -31.95 48.49 -0.41
N GLY A 286 -31.09 48.91 0.51
CA GLY A 286 -29.74 49.27 0.12
C GLY A 286 -28.97 48.11 -0.45
N ALA A 287 -29.31 46.89 -0.02
CA ALA A 287 -28.63 45.71 -0.54
C ALA A 287 -28.98 45.44 -2.00
N GLN A 288 -30.27 45.51 -2.33
CA GLN A 288 -30.67 45.32 -3.73
C GLN A 288 -30.16 46.45 -4.60
N GLU A 289 -30.13 47.67 -4.06
CA GLU A 289 -29.57 48.80 -4.81
C GLU A 289 -28.06 48.63 -5.01
N SER A 290 -27.36 48.16 -3.99
CA SER A 290 -25.90 48.13 -4.04
C SER A 290 -25.41 47.13 -5.08
N VAL A 291 -26.01 45.95 -5.14
CA VAL A 291 -25.55 44.92 -6.07
C VAL A 291 -25.71 45.40 -7.52
N ALA A 292 -26.78 46.13 -7.80
CA ALA A 292 -26.92 46.73 -9.13
C ALA A 292 -25.84 47.77 -9.39
N ILE A 293 -25.51 48.57 -8.37
CA ILE A 293 -24.47 49.58 -8.52
C ILE A 293 -23.12 48.92 -8.80
N VAL A 294 -22.82 47.84 -8.08
CA VAL A 294 -21.54 47.15 -8.26
C VAL A 294 -21.44 46.56 -9.66
N ASP A 295 -22.55 46.08 -10.22
CA ASP A 295 -22.53 45.56 -11.59
C ASP A 295 -22.14 46.65 -12.58
N ALA A 296 -22.66 47.85 -12.39
CA ALA A 296 -22.25 48.97 -13.25
C ALA A 296 -20.76 49.27 -13.08
N ALA A 297 -20.27 49.24 -11.84
CA ALA A 297 -18.85 49.49 -11.60
C ALA A 297 -17.99 48.41 -12.23
N LEU A 298 -18.38 47.14 -12.08
CA LEU A 298 -17.60 46.05 -12.65
C LEU A 298 -17.59 46.12 -14.16
N LYS A 299 -18.73 46.42 -14.77
CA LYS A 299 -18.78 46.55 -16.23
C LYS A 299 -17.89 47.69 -16.71
N TYR A 300 -17.93 48.83 -16.01
CA TYR A 300 -17.08 49.96 -16.38
C TYR A 300 -15.61 49.61 -16.21
N VAL A 301 -15.27 48.92 -15.12
CA VAL A 301 -13.89 48.54 -14.88
C VAL A 301 -13.39 47.59 -15.97
N ASP A 302 -14.19 46.59 -16.31
CA ASP A 302 -13.80 45.65 -17.35
C ASP A 302 -13.67 46.35 -18.70
N SER A 303 -14.50 47.36 -18.95
CA SER A 303 -14.42 48.11 -20.20
C SER A 303 -13.08 48.82 -20.32
N HIS A 304 -12.61 49.43 -19.23
CA HIS A 304 -11.32 50.09 -19.28
C HIS A 304 -10.17 49.10 -19.30
N ARG A 305 -10.35 47.93 -18.70
CA ARG A 305 -9.32 46.91 -18.79
C ARG A 305 -9.14 46.44 -20.23
N ALA A 306 -10.24 46.26 -20.96
CA ALA A 306 -10.15 45.84 -22.36
C ALA A 306 -9.47 46.91 -23.20
N GLU A 307 -9.77 48.19 -22.94
CA GLU A 307 -9.12 49.26 -23.68
C GLU A 307 -7.62 49.29 -23.41
N LEU A 308 -7.24 49.09 -22.14
CA LEU A 308 -5.82 49.00 -21.81
C LEU A 308 -5.17 47.79 -22.47
N GLY A 309 -5.87 46.66 -22.48
CA GLY A 309 -5.32 45.47 -23.12
C GLY A 309 -5.15 45.63 -24.61
N ALA A 310 -6.12 46.26 -25.27
CA ALA A 310 -5.99 46.55 -26.70
C ALA A 310 -4.82 47.49 -26.95
N PHE A 311 -4.60 48.44 -26.04
CA PHE A 311 -3.42 49.29 -26.13
C PHE A 311 -2.15 48.47 -26.01
N GLN A 312 -2.14 47.47 -25.12
CA GLN A 312 -0.98 46.60 -25.00
C GLN A 312 -0.75 45.82 -26.29
N ASN A 313 -1.82 45.30 -26.89
CA ASN A 313 -1.69 44.57 -28.15
C ASN A 313 -1.33 45.46 -29.33
N ARG A 314 -1.64 46.75 -29.26
CA ARG A 314 -1.13 47.66 -30.28
C ARG A 314 0.38 47.80 -30.17
N PHE A 315 0.92 47.57 -28.99
CA PHE A 315 2.27 47.99 -28.70
C PHE A 315 3.27 46.84 -28.82
N ASN A 316 2.87 45.62 -28.45
CA ASN A 316 3.74 44.48 -28.70
C ASN A 316 3.88 44.20 -30.19
N HIS A 317 2.84 44.51 -30.98
CA HIS A 317 2.98 44.50 -32.42
C HIS A 317 3.75 45.71 -32.93
N ALA A 318 3.85 46.77 -32.14
CA ALA A 318 4.69 47.90 -32.52
C ALA A 318 6.16 47.59 -32.28
N ILE A 319 6.46 46.76 -31.28
CA ILE A 319 7.86 46.42 -30.97
C ILE A 319 8.46 45.61 -32.12
N ASN A 320 7.87 44.44 -32.40
CA ASN A 320 8.43 43.59 -33.44
C ASN A 320 8.28 44.22 -34.81
N ASN A 321 7.40 45.21 -34.96
CA ASN A 321 7.37 45.98 -36.19
C ASN A 321 8.62 46.83 -36.32
N LEU A 322 8.82 47.76 -35.37
CA LEU A 322 9.97 48.65 -35.44
C LEU A 322 11.29 47.89 -35.46
N ASP A 323 11.31 46.70 -34.87
CA ASP A 323 12.52 45.88 -34.93
C ASP A 323 12.78 45.40 -36.36
N ASN A 324 11.72 45.17 -37.13
CA ASN A 324 11.89 44.72 -38.51
C ASN A 324 12.53 45.80 -39.37
N ILE A 325 12.02 47.04 -39.28
CA ILE A 325 12.69 48.13 -40.00
C ILE A 325 14.08 48.38 -39.43
N ASN A 326 14.23 48.26 -38.11
CA ASN A 326 15.54 48.48 -37.50
C ASN A 326 16.56 47.49 -38.04
N GLU A 327 16.16 46.22 -38.19
CA GLU A 327 17.05 45.22 -38.75
C GLU A 327 17.44 45.58 -40.18
N ASN A 328 16.45 45.95 -41.00
CA ASN A 328 16.69 46.14 -42.43
C ASN A 328 17.40 47.44 -42.74
N VAL A 329 17.13 48.51 -42.00
CA VAL A 329 17.87 49.76 -42.20
C VAL A 329 19.33 49.60 -41.80
N ASN A 330 19.63 48.73 -40.84
CA ASN A 330 21.03 48.43 -40.55
C ASN A 330 21.67 47.63 -41.68
N ALA A 331 20.91 46.73 -42.30
CA ALA A 331 21.41 46.05 -43.49
C ALA A 331 21.68 47.04 -44.61
N SER A 332 20.79 48.01 -44.79
CA SER A 332 21.06 49.10 -45.73
C SER A 332 22.19 49.99 -45.25
N LYS A 333 22.47 50.00 -43.95
CA LYS A 333 23.62 50.70 -43.39
C LYS A 333 24.88 49.84 -43.49
N SER A 334 25.11 49.33 -44.70
CA SER A 334 26.28 48.50 -45.00
C SER A 334 26.39 48.44 -46.50
N ARG A 335 27.62 48.52 -46.99
CA ARG A 335 28.00 48.73 -48.39
C ARG A 335 27.63 50.12 -48.88
N ILE A 336 26.93 50.91 -48.06
CA ILE A 336 26.78 52.33 -48.28
C ILE A 336 27.75 53.11 -47.41
N LYS A 337 27.85 52.75 -46.13
CA LYS A 337 28.82 53.31 -45.20
C LYS A 337 29.86 52.29 -44.76
N ASP A 338 29.43 51.06 -44.48
CA ASP A 338 30.36 50.03 -44.03
C ASP A 338 31.26 49.56 -45.18
N THR A 339 32.43 49.06 -44.82
CA THR A 339 33.36 48.49 -45.78
C THR A 339 33.54 47.00 -45.52
N ASP A 340 33.68 46.25 -46.59
CA ASP A 340 34.06 44.84 -46.49
C ASP A 340 35.57 44.70 -46.53
N PHE A 341 36.07 43.79 -45.70
CA PHE A 341 37.49 43.54 -45.64
C PHE A 341 37.99 42.73 -46.82
N ALA A 342 37.09 42.12 -47.58
CA ALA A 342 37.47 41.36 -48.76
C ALA A 342 38.11 42.26 -49.81
N LYS A 343 37.35 43.21 -50.34
CA LYS A 343 37.87 44.03 -51.44
C LYS A 343 38.73 45.18 -50.92
N GLU A 344 38.61 45.53 -49.64
CA GLU A 344 39.43 46.60 -49.09
C GLU A 344 40.87 46.14 -48.89
N THR A 345 41.05 44.92 -48.39
CA THR A 345 42.39 44.40 -48.18
C THR A 345 43.15 44.25 -49.50
N THR A 346 42.48 43.74 -50.53
CA THR A 346 43.13 43.61 -51.83
C THR A 346 43.50 44.97 -52.39
N ALA A 347 42.66 45.98 -52.17
CA ALA A 347 43.00 47.34 -52.63
C ALA A 347 44.24 47.86 -51.92
N LEU A 348 44.34 47.63 -50.60
CA LEU A 348 45.52 48.07 -49.87
C LEU A 348 46.74 47.27 -50.27
N THR A 349 46.62 45.94 -50.32
CA THR A 349 47.77 45.11 -50.65
C THR A 349 48.28 45.39 -52.05
N LYS A 350 47.37 45.57 -53.01
CA LYS A 350 47.78 45.94 -54.35
C LYS A 350 48.56 47.25 -54.34
N ALA A 351 48.05 48.25 -53.60
CA ALA A 351 48.72 49.53 -53.53
C ALA A 351 50.07 49.44 -52.81
N GLN A 352 50.23 48.44 -51.94
CA GLN A 352 51.53 48.26 -51.28
C GLN A 352 52.59 47.80 -52.28
N ILE A 353 52.21 46.91 -53.20
CA ILE A 353 53.15 46.49 -54.24
C ILE A 353 53.44 47.63 -55.19
N LEU A 354 52.43 48.44 -55.54
CA LEU A 354 52.71 49.65 -56.30
C LEU A 354 53.67 50.56 -55.54
N SER A 355 53.50 50.68 -54.23
CA SER A 355 54.41 51.52 -53.45
C SER A 355 55.83 50.97 -53.48
N GLN A 356 55.97 49.65 -53.34
CA GLN A 356 57.29 49.04 -53.34
C GLN A 356 57.93 49.15 -54.72
N ALA A 357 57.16 48.90 -55.77
CA ALA A 357 57.69 49.02 -57.13
C ALA A 357 58.03 50.46 -57.46
N SER A 358 57.15 51.40 -57.10
CA SER A 358 57.38 52.81 -57.41
C SER A 358 58.57 53.36 -56.63
N SER A 359 58.79 52.87 -55.41
CA SER A 359 59.98 53.27 -54.67
C SER A 359 61.24 52.67 -55.28
N SER A 360 61.16 51.43 -55.78
CA SER A 360 62.34 50.79 -56.34
C SER A 360 62.73 51.34 -57.70
N VAL A 361 61.74 51.71 -58.53
CA VAL A 361 62.06 52.22 -59.85
C VAL A 361 62.78 53.56 -59.76
N LEU A 362 62.50 54.35 -58.71
CA LEU A 362 63.27 55.56 -58.47
C LEU A 362 64.75 55.26 -58.37
N ALA A 363 65.11 54.20 -57.65
CA ALA A 363 66.51 53.83 -57.47
C ALA A 363 67.17 53.53 -58.81
N GLN A 364 66.47 52.84 -59.71
CA GLN A 364 67.00 52.59 -61.04
C GLN A 364 67.17 53.87 -61.86
N ALA A 365 66.45 54.94 -61.51
CA ALA A 365 66.54 56.20 -62.22
C ALA A 365 67.61 57.12 -61.67
N LYS A 366 68.08 56.91 -60.44
CA LYS A 366 69.13 57.75 -59.88
C LYS A 366 70.46 57.55 -60.61
N GLN A 367 70.77 56.31 -60.98
CA GLN A 367 72.03 56.02 -61.66
C GLN A 367 72.02 56.44 -63.12
N ALA A 368 70.87 56.79 -63.68
CA ALA A 368 70.85 57.26 -65.06
C ALA A 368 71.66 58.54 -65.25
N PRO A 369 71.52 59.58 -64.41
CA PRO A 369 72.48 60.69 -64.49
C PRO A 369 73.91 60.27 -64.18
N ASN A 370 74.11 59.27 -63.32
CA ASN A 370 75.46 58.83 -63.00
C ASN A 370 76.16 58.30 -64.24
N SER A 371 75.51 57.39 -64.96
CA SER A 371 76.06 56.92 -66.22
C SER A 371 76.12 58.02 -67.25
N ALA A 372 75.25 59.02 -67.13
CA ALA A 372 75.30 60.17 -68.03
C ALA A 372 76.59 60.97 -67.85
N LEU A 373 77.04 61.13 -66.61
CA LEU A 373 78.28 61.85 -66.34
C LEU A 373 79.51 61.03 -66.74
N ALA A 374 79.44 59.70 -66.61
CA ALA A 374 80.62 58.86 -66.72
C ALA A 374 81.21 58.81 -68.12
N LEU A 375 80.52 59.34 -69.14
CA LEU A 375 81.05 59.26 -70.49
C LEU A 375 82.32 60.08 -70.64
N LEU A 376 82.40 61.21 -69.95
CA LEU A 376 83.60 62.04 -69.90
C LEU A 376 84.03 62.23 -68.46
N GLY A 377 85.34 62.34 -68.25
CA GLY A 377 85.88 62.52 -66.92
C GLY A 377 85.38 63.79 -66.25
N MET B 1 58.06 16.96 -5.22
CA MET B 1 59.11 15.95 -5.22
C MET B 1 58.54 14.55 -5.41
N ALA B 2 57.22 14.41 -5.32
CA ALA B 2 56.61 13.09 -5.42
C ALA B 2 55.23 13.21 -6.04
N VAL B 3 55.15 13.07 -7.36
CA VAL B 3 53.90 12.78 -8.07
C VAL B 3 54.22 11.73 -9.13
N ASN B 4 53.43 10.67 -9.16
CA ASN B 4 53.81 9.50 -9.94
C ASN B 4 52.58 8.70 -10.34
N VAL B 5 52.81 7.72 -11.21
CA VAL B 5 51.74 6.92 -11.78
C VAL B 5 51.93 5.45 -11.44
N ASN B 6 53.19 5.04 -11.29
CA ASN B 6 53.50 3.61 -11.19
C ASN B 6 52.91 2.99 -9.94
N THR B 7 53.04 3.65 -8.80
CA THR B 7 52.46 3.18 -7.55
C THR B 7 51.35 4.15 -7.12
N ASN B 8 50.15 3.61 -6.92
CA ASN B 8 49.01 4.38 -6.47
C ASN B 8 48.70 3.91 -5.05
N VAL B 9 49.37 4.53 -4.07
CA VAL B 9 49.23 4.10 -2.69
C VAL B 9 47.82 4.31 -2.20
N SER B 10 47.21 5.45 -2.54
CA SER B 10 45.84 5.71 -2.09
C SER B 10 44.86 4.70 -2.69
N ALA B 11 45.09 4.30 -3.93
CA ALA B 11 44.26 3.25 -4.52
C ALA B 11 44.38 1.96 -3.71
N MET B 12 45.59 1.63 -3.28
CA MET B 12 45.77 0.48 -2.40
C MET B 12 45.06 0.69 -1.06
N THR B 13 45.11 1.92 -0.54
CA THR B 13 44.49 2.21 0.75
C THR B 13 43.00 1.95 0.70
N ALA B 14 42.31 2.54 -0.29
CA ALA B 14 40.86 2.40 -0.37
C ALA B 14 40.47 1.00 -0.81
N GLN B 15 41.35 0.33 -1.56
CA GLN B 15 41.11 -1.06 -1.90
C GLN B 15 41.09 -1.95 -0.67
N ARG B 16 42.07 -1.75 0.22
CA ARG B 16 42.15 -2.57 1.42
C ARG B 16 40.94 -2.35 2.31
N TYR B 17 40.46 -1.11 2.39
CA TYR B 17 39.28 -0.83 3.20
C TYR B 17 38.00 -1.27 2.52
N LEU B 18 37.96 -1.21 1.18
CA LEU B 18 36.80 -1.70 0.44
C LEU B 18 36.65 -3.21 0.60
N THR B 19 37.75 -3.95 0.44
CA THR B 19 37.68 -5.40 0.58
C THR B 19 37.27 -5.77 2.01
N SER B 20 37.83 -5.08 3.00
CA SER B 20 37.43 -5.32 4.38
C SER B 20 35.98 -4.90 4.61
N ALA B 21 35.48 -3.95 3.82
CA ALA B 21 34.10 -3.50 4.01
C ALA B 21 33.10 -4.56 3.57
N THR B 22 33.20 -5.00 2.32
CA THR B 22 32.29 -6.00 1.80
C THR B 22 32.62 -7.40 2.28
N ASN B 23 33.77 -7.61 2.91
CA ASN B 23 34.02 -8.88 3.57
C ASN B 23 33.20 -9.00 4.84
N ALA B 24 33.16 -7.92 5.64
CA ALA B 24 32.24 -7.89 6.77
C ALA B 24 30.80 -7.90 6.31
N GLN B 25 30.51 -7.19 5.22
CA GLN B 25 29.18 -7.27 4.61
C GLN B 25 28.89 -8.68 4.10
N GLN B 26 29.93 -9.42 3.70
CA GLN B 26 29.74 -10.80 3.30
C GLN B 26 29.44 -11.68 4.50
N SER B 27 30.04 -11.38 5.65
CA SER B 27 29.67 -12.06 6.88
C SER B 27 28.21 -11.78 7.22
N SER B 28 27.78 -10.53 7.05
CA SER B 28 26.36 -10.22 7.08
C SER B 28 25.73 -10.69 5.77
N MET B 29 24.43 -10.42 5.60
CA MET B 29 23.63 -10.92 4.50
C MET B 29 23.61 -12.45 4.44
N GLU B 30 24.14 -13.11 5.47
CA GLU B 30 24.06 -14.56 5.60
C GLU B 30 23.50 -14.87 6.98
N ARG B 31 23.82 -14.02 7.96
CA ARG B 31 23.16 -14.12 9.26
C ARG B 31 21.69 -13.76 9.16
N LEU B 32 21.35 -12.83 8.26
CA LEU B 32 19.94 -12.50 8.04
C LEU B 32 19.20 -13.68 7.41
N SER B 33 19.80 -14.30 6.39
CA SER B 33 19.13 -15.40 5.71
C SER B 33 19.02 -16.62 6.62
N SER B 34 20.10 -16.99 7.29
CA SER B 34 20.07 -18.17 8.15
C SER B 34 19.23 -17.94 9.40
N GLY B 35 19.18 -16.70 9.89
CA GLY B 35 18.57 -16.43 11.17
C GLY B 35 19.46 -16.70 12.35
N TYR B 36 20.70 -17.12 12.14
CA TYR B 36 21.66 -17.41 13.19
C TYR B 36 22.86 -16.50 13.02
N LYS B 37 23.34 -15.92 14.12
CA LYS B 37 24.54 -15.09 14.06
C LYS B 37 25.82 -15.89 14.13
N ILE B 38 25.74 -17.20 14.28
CA ILE B 38 26.91 -18.08 14.25
C ILE B 38 26.56 -19.27 13.36
N ASN B 39 27.06 -19.26 12.14
CA ASN B 39 26.90 -20.38 11.22
C ASN B 39 28.18 -21.14 10.98
N SER B 40 29.28 -20.75 11.62
CA SER B 40 30.56 -21.43 11.52
C SER B 40 31.36 -21.15 12.78
N ALA B 41 32.39 -21.96 13.00
CA ALA B 41 33.25 -21.75 14.16
C ALA B 41 34.02 -20.44 14.09
N LYS B 42 34.05 -19.78 12.93
CA LYS B 42 34.72 -18.48 12.83
C LYS B 42 34.07 -17.46 13.75
N ASP B 43 32.74 -17.42 13.78
CA ASP B 43 32.04 -16.38 14.51
C ASP B 43 32.23 -16.53 16.01
N ASP B 44 32.04 -17.73 16.54
CA ASP B 44 32.16 -17.96 17.99
C ASP B 44 32.51 -19.43 18.20
N ALA B 45 33.79 -19.71 18.46
CA ALA B 45 34.19 -21.08 18.72
C ALA B 45 33.54 -21.61 20.00
N ALA B 46 33.61 -20.83 21.09
CA ALA B 46 32.94 -21.23 22.31
C ALA B 46 31.43 -21.26 22.13
N GLY B 47 30.88 -20.29 21.40
CA GLY B 47 29.46 -20.26 21.17
C GLY B 47 28.96 -21.48 20.41
N LEU B 48 29.80 -22.04 19.55
CA LEU B 48 29.41 -23.22 18.80
C LEU B 48 29.20 -24.42 19.72
N GLN B 49 30.15 -24.67 20.61
CA GLN B 49 30.06 -25.86 21.46
C GLN B 49 28.87 -25.77 22.40
N ILE B 50 28.65 -24.61 23.01
CA ILE B 50 27.55 -24.48 23.95
C ILE B 50 26.21 -24.52 23.22
N SER B 51 26.14 -23.90 22.04
CA SER B 51 24.90 -23.92 21.27
C SER B 51 24.57 -25.32 20.78
N ASN B 52 25.58 -26.07 20.35
CA ASN B 52 25.33 -27.43 19.90
C ASN B 52 24.86 -28.32 21.06
N ARG B 53 25.48 -28.17 22.23
CA ARG B 53 25.03 -28.92 23.39
C ARG B 53 23.63 -28.51 23.81
N LEU B 54 23.34 -27.21 23.76
CA LEU B 54 21.99 -26.74 24.08
C LEU B 54 20.98 -27.25 23.05
N ASN B 55 21.35 -27.24 21.77
CA ASN B 55 20.47 -27.77 20.73
C ASN B 55 20.24 -29.26 20.93
N VAL B 56 21.30 -30.00 21.25
CA VAL B 56 21.17 -31.43 21.51
C VAL B 56 20.25 -31.67 22.72
N GLN B 57 20.41 -30.86 23.77
CA GLN B 57 19.54 -30.98 24.92
C GLN B 57 18.10 -30.63 24.57
N SER B 58 17.90 -29.59 23.75
CA SER B 58 16.55 -29.19 23.39
C SER B 58 15.84 -30.28 22.60
N ARG B 59 16.52 -30.85 21.60
CA ARG B 59 15.93 -31.96 20.86
C ARG B 59 15.74 -33.17 21.75
N GLY B 60 16.71 -33.44 22.64
CA GLY B 60 16.57 -34.57 23.54
C GLY B 60 15.36 -34.44 24.45
N LEU B 61 15.08 -33.22 24.93
CA LEU B 61 13.87 -33.00 25.69
C LEU B 61 12.63 -33.19 24.82
N GLY B 62 12.71 -32.79 23.56
CA GLY B 62 11.58 -32.95 22.66
C GLY B 62 11.18 -34.41 22.49
N VAL B 63 12.16 -35.29 22.33
CA VAL B 63 11.86 -36.71 22.23
C VAL B 63 11.58 -37.29 23.62
N ALA B 64 12.00 -36.59 24.67
CA ALA B 64 11.75 -37.08 26.02
C ALA B 64 10.29 -36.89 26.42
N VAL B 65 9.68 -35.76 26.04
CA VAL B 65 8.29 -35.54 26.36
C VAL B 65 7.40 -36.50 25.57
N ARG B 66 7.84 -36.89 24.37
CA ARG B 66 7.16 -37.96 23.66
C ARG B 66 7.26 -39.28 24.41
N ASN B 67 8.43 -39.54 25.00
CA ASN B 67 8.63 -40.80 25.70
C ASN B 67 7.74 -40.91 26.93
N ALA B 68 7.66 -39.83 27.72
CA ALA B 68 6.86 -39.86 28.93
C ALA B 68 5.38 -39.98 28.61
N ASN B 69 4.94 -39.38 27.50
CA ASN B 69 3.55 -39.52 27.09
C ASN B 69 3.23 -40.97 26.73
N ASP B 70 4.16 -41.65 26.07
CA ASP B 70 3.94 -43.07 25.75
C ASP B 70 3.82 -43.89 27.02
N GLY B 71 4.66 -43.61 28.02
CA GLY B 71 4.51 -44.30 29.30
C GLY B 71 3.17 -44.05 29.94
N ILE B 72 2.64 -42.83 29.80
CA ILE B 72 1.30 -42.55 30.29
C ILE B 72 0.27 -43.35 29.51
N SER B 73 0.44 -43.44 28.19
CA SER B 73 -0.55 -44.11 27.35
C SER B 73 -0.64 -45.60 27.69
N MET B 74 0.50 -46.26 27.90
CA MET B 74 0.45 -47.66 28.31
C MET B 74 -0.03 -47.81 29.74
N ALA B 75 0.22 -46.80 30.57
CA ALA B 75 -0.31 -46.82 31.94
C ALA B 75 -1.82 -46.76 31.94
N GLN B 76 -2.41 -45.93 31.07
CA GLN B 76 -3.86 -45.82 31.06
C GLN B 76 -4.53 -46.98 30.34
N THR B 77 -3.88 -47.56 29.33
CA THR B 77 -4.45 -48.73 28.67
C THR B 77 -4.58 -49.89 29.65
N ALA B 78 -3.55 -50.12 30.46
CA ALA B 78 -3.67 -51.11 31.52
C ALA B 78 -4.71 -50.68 32.54
N GLU B 79 -4.85 -49.37 32.75
CA GLU B 79 -5.87 -48.87 33.66
C GLU B 79 -7.28 -49.08 33.13
N GLY B 80 -7.44 -49.13 31.80
CA GLY B 80 -8.75 -49.39 31.23
C GLY B 80 -9.24 -50.79 31.57
N ALA B 81 -8.36 -51.78 31.41
CA ALA B 81 -8.71 -53.14 31.81
C ALA B 81 -8.67 -53.30 33.33
N MET B 82 -8.00 -52.37 34.03
CA MET B 82 -8.01 -52.40 35.48
C MET B 82 -9.43 -52.27 36.01
N LYS B 83 -10.21 -51.35 35.42
CA LYS B 83 -11.58 -51.13 35.84
C LYS B 83 -12.45 -52.35 35.55
N GLU B 84 -12.30 -52.93 34.36
CA GLU B 84 -13.16 -54.06 33.98
C GLU B 84 -12.86 -55.28 34.84
N THR B 85 -11.59 -55.53 35.14
CA THR B 85 -11.25 -56.62 36.05
C THR B 85 -11.88 -56.40 37.42
N THR B 86 -11.84 -55.17 37.91
CA THR B 86 -12.48 -54.86 39.19
C THR B 86 -13.99 -55.08 39.11
N ASN B 87 -14.61 -54.67 38.01
CA ASN B 87 -16.05 -54.84 37.85
C ASN B 87 -16.44 -56.30 37.82
N ILE B 88 -15.66 -57.13 37.13
CA ILE B 88 -15.91 -58.57 37.11
C ILE B 88 -15.81 -59.14 38.52
N LEU B 89 -14.78 -58.73 39.25
CA LEU B 89 -14.57 -59.26 40.60
C LEU B 89 -15.71 -58.88 41.52
N GLN B 90 -16.19 -57.64 41.43
CA GLN B 90 -17.31 -57.23 42.28
C GLN B 90 -18.56 -58.06 41.97
N ARG B 91 -18.79 -58.35 40.68
CA ARG B 91 -19.94 -59.17 40.32
C ARG B 91 -19.83 -60.56 40.91
N MET B 92 -18.63 -61.15 40.89
CA MET B 92 -18.43 -62.46 41.50
C MET B 92 -18.72 -62.42 42.99
N ARG B 93 -18.21 -61.40 43.68
CA ARG B 93 -18.43 -61.30 45.12
C ARG B 93 -19.89 -61.08 45.45
N ASP B 94 -20.58 -60.27 44.64
CA ASP B 94 -21.99 -60.00 44.90
C ASP B 94 -22.84 -61.26 44.80
N LEU B 95 -22.57 -62.09 43.79
CA LEU B 95 -23.40 -63.27 43.58
C LEU B 95 -22.99 -64.43 44.47
N SER B 96 -21.74 -64.45 44.94
CA SER B 96 -21.34 -65.49 45.89
C SER B 96 -22.07 -65.32 47.22
N LEU B 97 -22.33 -64.06 47.61
CA LEU B 97 -23.20 -63.82 48.75
C LEU B 97 -24.59 -64.39 48.51
N GLN B 98 -25.10 -64.25 47.29
CA GLN B 98 -26.42 -64.78 46.97
C GLN B 98 -26.46 -66.30 47.11
N SER B 99 -25.42 -66.98 46.64
CA SER B 99 -25.35 -68.43 46.78
C SER B 99 -25.10 -68.86 48.22
N ALA B 100 -24.53 -67.99 49.04
CA ALA B 100 -24.27 -68.33 50.44
C ALA B 100 -25.55 -68.46 51.25
N ASN B 101 -26.66 -67.92 50.77
CA ASN B 101 -27.92 -68.08 51.46
C ASN B 101 -28.32 -69.54 51.51
N GLY B 102 -28.89 -69.96 52.64
CA GLY B 102 -29.31 -71.33 52.78
C GLY B 102 -30.64 -71.67 52.14
N SER B 103 -31.32 -70.69 51.55
CA SER B 103 -32.62 -70.93 50.96
C SER B 103 -32.51 -71.69 49.63
N ASN B 104 -31.53 -71.34 48.80
CA ASN B 104 -31.44 -71.94 47.48
C ASN B 104 -30.95 -73.38 47.57
N SER B 105 -31.33 -74.18 46.57
CA SER B 105 -30.98 -75.60 46.54
C SER B 105 -29.76 -75.80 45.64
N LYS B 106 -29.41 -77.07 45.41
CA LYS B 106 -28.22 -77.39 44.62
C LYS B 106 -28.35 -76.90 43.18
N ALA B 107 -29.54 -76.98 42.61
CA ALA B 107 -29.73 -76.54 41.22
C ALA B 107 -29.45 -75.05 41.08
N ASP B 108 -29.90 -74.25 42.04
CA ASP B 108 -29.63 -72.81 41.99
C ASP B 108 -28.15 -72.51 42.06
N ARG B 109 -27.42 -73.22 42.93
CA ARG B 109 -25.99 -73.03 43.01
C ARG B 109 -25.28 -73.52 41.74
N VAL B 110 -25.85 -74.52 41.08
CA VAL B 110 -25.27 -74.99 39.82
C VAL B 110 -25.36 -73.90 38.75
N ALA B 111 -26.53 -73.27 38.64
CA ALA B 111 -26.69 -72.18 37.68
C ALA B 111 -25.79 -71.00 38.06
N ILE B 112 -25.69 -70.71 39.36
CA ILE B 112 -24.79 -69.64 39.81
C ILE B 112 -23.35 -69.98 39.46
N GLN B 113 -22.93 -71.22 39.66
CA GLN B 113 -21.58 -71.63 39.30
C GLN B 113 -21.33 -71.46 37.81
N GLU B 114 -22.36 -71.66 36.98
CA GLU B 114 -22.21 -71.43 35.55
C GLU B 114 -21.87 -69.98 35.25
N GLU B 115 -22.51 -69.05 35.97
CA GLU B 115 -22.17 -67.64 35.83
C GLU B 115 -20.75 -67.36 36.31
N ILE B 116 -20.34 -68.01 37.39
CA ILE B 116 -19.00 -67.77 37.94
C ILE B 116 -17.93 -68.22 36.97
N THR B 117 -18.08 -69.42 36.40
CA THR B 117 -17.06 -69.94 35.50
C THR B 117 -17.06 -69.20 34.17
N ALA B 118 -18.17 -68.56 33.81
CA ALA B 118 -18.19 -67.72 32.62
C ALA B 118 -17.37 -66.45 32.85
N LEU B 119 -17.59 -65.79 33.99
CA LEU B 119 -16.79 -64.61 34.32
C LEU B 119 -15.34 -64.96 34.58
N ASN B 120 -15.09 -66.17 35.08
CA ASN B 120 -13.71 -66.62 35.29
C ASN B 120 -12.94 -66.65 33.97
N ASP B 121 -13.58 -67.14 32.92
CA ASP B 121 -12.95 -67.12 31.60
C ASP B 121 -12.75 -65.69 31.12
N GLU B 122 -13.64 -64.78 31.53
CA GLU B 122 -13.50 -63.39 31.11
C GLU B 122 -12.26 -62.74 31.71
N LEU B 123 -12.00 -63.01 32.99
CA LEU B 123 -10.81 -62.47 33.64
C LEU B 123 -9.54 -62.97 32.98
N ASN B 124 -9.52 -64.25 32.62
CA ASN B 124 -8.37 -64.80 31.91
C ASN B 124 -8.25 -64.22 30.51
N ARG B 125 -9.36 -64.04 29.81
CA ARG B 125 -9.31 -63.52 28.45
C ARG B 125 -8.80 -62.09 28.42
N VAL B 126 -9.31 -61.24 29.32
CA VAL B 126 -8.86 -59.85 29.35
C VAL B 126 -7.41 -59.77 29.77
N ALA B 127 -6.94 -60.73 30.57
CA ALA B 127 -5.53 -60.75 30.95
C ALA B 127 -4.61 -61.00 29.76
N GLU B 128 -5.15 -61.53 28.66
CA GLU B 128 -4.37 -61.79 27.46
C GLU B 128 -4.79 -60.92 26.28
N THR B 129 -5.94 -60.24 26.36
CA THR B 129 -6.44 -59.47 25.23
C THR B 129 -5.78 -58.10 25.12
N THR B 130 -5.63 -57.39 26.24
CA THR B 130 -5.02 -56.07 26.22
C THR B 130 -3.60 -56.15 25.66
N SER B 131 -3.36 -55.43 24.57
CA SER B 131 -2.12 -55.59 23.81
C SER B 131 -1.32 -54.31 23.72
N PHE B 132 -1.94 -53.18 23.36
CA PHE B 132 -1.25 -51.95 23.00
C PHE B 132 -0.27 -52.19 21.85
N GLY B 133 -0.85 -52.52 20.70
CA GLY B 133 -0.08 -52.67 19.49
C GLY B 133 0.90 -53.82 19.51
N GLY B 134 0.44 -55.01 19.89
CA GLY B 134 1.25 -56.20 19.83
C GLY B 134 1.97 -56.58 21.11
N ASN B 135 1.99 -55.70 22.11
CA ASN B 135 2.58 -56.04 23.39
C ASN B 135 1.58 -56.87 24.19
N LYS B 136 1.88 -57.12 25.47
CA LYS B 136 0.99 -57.88 26.34
C LYS B 136 1.13 -57.28 27.74
N LEU B 137 0.24 -56.36 28.09
CA LEU B 137 0.41 -55.60 29.33
C LEU B 137 0.08 -56.43 30.56
N LEU B 138 -1.01 -57.20 30.52
CA LEU B 138 -1.50 -57.89 31.70
C LEU B 138 -1.25 -59.40 31.66
N ASN B 139 -0.63 -59.92 30.61
CA ASN B 139 -0.35 -61.35 30.57
C ASN B 139 0.77 -61.77 31.52
N GLY B 140 1.50 -60.82 32.09
CA GLY B 140 2.66 -61.11 32.90
C GLY B 140 3.96 -61.18 32.14
N THR B 141 3.91 -61.26 30.81
CA THR B 141 5.12 -61.21 30.01
C THR B 141 5.75 -59.83 30.02
N PHE B 142 5.00 -58.80 30.41
CA PHE B 142 5.51 -57.44 30.49
C PHE B 142 6.24 -57.27 31.81
N ALA B 143 7.55 -57.53 31.78
CA ALA B 143 8.38 -57.38 32.95
C ALA B 143 8.73 -55.90 33.13
N THR B 144 9.71 -55.62 33.99
CA THR B 144 10.10 -54.24 34.25
C THR B 144 10.68 -53.62 32.98
N LYS B 145 10.01 -52.58 32.48
CA LYS B 145 10.45 -51.84 31.32
C LYS B 145 10.75 -50.40 31.71
N SER B 146 11.89 -49.89 31.28
CA SER B 146 12.35 -48.56 31.65
C SER B 146 12.01 -47.57 30.54
N PHE B 147 11.52 -46.39 30.92
CA PHE B 147 11.17 -45.34 29.99
C PHE B 147 12.18 -44.20 30.12
N GLN B 148 12.87 -43.89 29.03
CA GLN B 148 13.87 -42.82 29.03
C GLN B 148 13.14 -41.49 28.93
N ILE B 149 12.98 -40.82 30.08
CA ILE B 149 12.25 -39.57 30.14
C ILE B 149 13.19 -38.42 30.43
N GLY B 150 14.45 -38.56 30.01
CA GLY B 150 15.44 -37.52 30.24
C GLY B 150 16.16 -37.17 28.96
N ALA B 151 16.71 -35.96 28.95
CA ALA B 151 17.47 -35.50 27.79
C ALA B 151 18.73 -36.34 27.59
N ASP B 152 19.42 -36.67 28.68
CA ASP B 152 20.62 -37.49 28.64
C ASP B 152 20.25 -38.95 28.92
N ASN B 153 21.18 -39.85 28.65
CA ASN B 153 20.94 -41.26 28.89
C ASN B 153 20.95 -41.57 30.38
N GLY B 154 20.46 -42.77 30.72
CA GLY B 154 20.48 -43.26 32.08
C GLY B 154 19.37 -42.76 32.97
N GLU B 155 18.85 -41.56 32.73
CA GLU B 155 17.78 -41.01 33.58
C GLU B 155 16.41 -41.50 33.11
N ALA B 156 16.18 -42.79 33.33
CA ALA B 156 14.93 -43.44 33.00
C ALA B 156 14.20 -43.88 34.26
N VAL B 157 12.96 -44.32 34.09
CA VAL B 157 12.13 -44.78 35.19
C VAL B 157 11.56 -46.14 34.83
N MET B 158 11.81 -47.13 35.68
CA MET B 158 11.33 -48.48 35.44
C MET B 158 9.90 -48.65 35.93
N LEU B 159 9.12 -49.41 35.16
CA LEU B 159 7.74 -49.69 35.50
C LEU B 159 7.44 -51.16 35.22
N ASN B 160 6.74 -51.82 36.14
CA ASN B 160 6.35 -53.20 35.98
C ASN B 160 4.85 -53.32 36.13
N ILE B 161 4.25 -54.22 35.36
CA ILE B 161 2.82 -54.51 35.44
C ILE B 161 2.70 -55.98 35.82
N LYS B 162 2.19 -56.24 37.02
CA LYS B 162 2.12 -57.59 37.53
C LYS B 162 1.09 -58.42 36.76
N ASP B 163 1.33 -59.73 36.71
CA ASP B 163 0.44 -60.65 36.02
C ASP B 163 -0.92 -60.69 36.70
N MET B 164 -1.98 -60.73 35.89
CA MET B 164 -3.35 -60.76 36.41
C MET B 164 -4.19 -61.83 35.72
N ARG B 165 -3.63 -63.02 35.56
CA ARG B 165 -4.47 -64.17 35.26
C ARG B 165 -5.20 -64.61 36.52
N SER B 166 -6.37 -65.23 36.33
CA SER B 166 -7.18 -65.63 37.47
C SER B 166 -6.50 -66.69 38.33
N ASP B 167 -5.51 -67.40 37.80
CA ASP B 167 -4.82 -68.43 38.54
C ASP B 167 -3.54 -67.94 39.20
N ASN B 168 -3.29 -66.64 39.16
CA ASN B 168 -2.09 -66.09 39.78
C ASN B 168 -2.09 -66.37 41.27
N ALA B 169 -0.97 -66.89 41.78
CA ALA B 169 -0.88 -67.25 43.20
C ALA B 169 -1.00 -66.01 44.08
N LEU B 170 -0.44 -64.88 43.63
CA LEU B 170 -0.52 -63.66 44.42
C LEU B 170 -1.95 -63.16 44.54
N MET B 171 -2.81 -63.53 43.59
CA MET B 171 -4.19 -63.04 43.58
C MET B 171 -5.06 -63.74 44.62
N GLY B 172 -4.80 -65.01 44.90
CA GLY B 172 -5.61 -65.74 45.86
C GLY B 172 -5.03 -65.73 47.27
N GLY B 173 -4.99 -66.90 47.90
CA GLY B 173 -4.43 -67.00 49.24
C GLY B 173 -4.58 -68.40 49.77
N LYS B 174 -4.06 -68.60 50.98
CA LYS B 174 -4.14 -69.87 51.67
C LYS B 174 -5.47 -70.01 52.39
N THR B 175 -5.78 -71.24 52.79
CA THR B 175 -7.00 -71.51 53.54
C THR B 175 -6.79 -72.72 54.43
N TYR B 176 -7.63 -72.82 55.46
CA TYR B 176 -7.56 -73.91 56.42
C TYR B 176 -8.97 -74.37 56.74
N GLN B 177 -9.14 -75.68 56.94
CA GLN B 177 -10.45 -76.27 57.21
C GLN B 177 -10.39 -77.05 58.51
N ALA B 178 -11.40 -76.85 59.35
CA ALA B 178 -11.49 -77.59 60.60
C ALA B 178 -11.73 -79.07 60.32
N ALA B 179 -11.11 -79.93 61.14
CA ALA B 179 -11.22 -81.37 60.91
C ALA B 179 -12.63 -81.88 61.17
N ASN B 180 -13.21 -81.49 62.31
CA ASN B 180 -14.53 -81.97 62.71
C ASN B 180 -15.46 -80.77 62.90
N GLY B 181 -16.69 -80.90 62.41
CA GLY B 181 -17.65 -79.83 62.56
C GLY B 181 -18.36 -79.86 63.90
N LYS B 182 -19.02 -78.75 64.21
CA LYS B 182 -19.82 -78.61 65.41
C LYS B 182 -21.26 -78.28 65.04
N ASP B 183 -22.20 -79.06 65.56
CA ASP B 183 -23.60 -78.94 65.18
C ASP B 183 -24.21 -77.66 65.76
N LYS B 184 -25.50 -77.47 65.49
CA LYS B 184 -26.19 -76.26 65.95
C LYS B 184 -26.22 -76.19 67.47
N ASN B 185 -26.52 -77.29 68.14
CA ASN B 185 -26.61 -77.27 69.60
C ASN B 185 -25.25 -77.08 70.27
N TRP B 186 -24.16 -77.25 69.53
CA TRP B 186 -22.84 -77.08 70.12
C TRP B 186 -22.56 -75.61 70.40
N GLY B 187 -21.89 -75.36 71.53
CA GLY B 187 -21.44 -74.03 71.86
C GLY B 187 -20.05 -74.08 72.45
N VAL B 188 -19.45 -72.90 72.58
CA VAL B 188 -18.11 -72.81 73.16
C VAL B 188 -18.20 -73.04 74.65
N GLU B 189 -17.47 -74.05 75.14
CA GLU B 189 -17.50 -74.41 76.55
C GLU B 189 -16.47 -73.61 77.33
N ALA B 190 -16.77 -73.38 78.60
CA ALA B 190 -15.87 -72.62 79.46
C ALA B 190 -14.56 -73.37 79.66
N GLY B 191 -13.46 -72.62 79.74
CA GLY B 191 -12.15 -73.18 79.93
C GLY B 191 -11.44 -73.60 78.67
N LYS B 192 -12.12 -73.58 77.52
CA LYS B 192 -11.55 -73.94 76.23
C LYS B 192 -11.94 -72.92 75.18
N THR B 193 -11.82 -71.64 75.52
CA THR B 193 -12.24 -70.56 74.64
C THR B 193 -11.08 -69.79 74.02
N ASP B 194 -9.84 -70.05 74.42
CA ASP B 194 -8.71 -69.31 73.90
C ASP B 194 -8.25 -69.89 72.57
N LEU B 195 -7.93 -69.00 71.64
CA LEU B 195 -7.50 -69.38 70.29
C LEU B 195 -6.41 -68.42 69.85
N THR B 196 -5.18 -68.91 69.78
CA THR B 196 -4.03 -68.08 69.42
C THR B 196 -3.57 -68.46 68.02
N ILE B 197 -3.43 -67.47 67.15
CA ILE B 197 -3.02 -67.67 65.77
C ILE B 197 -1.69 -66.96 65.56
N THR B 198 -0.68 -67.70 65.12
CA THR B 198 0.62 -67.14 64.78
C THR B 198 0.68 -66.90 63.27
N LEU B 199 1.12 -65.70 62.89
CA LEU B 199 1.05 -65.24 61.52
C LEU B 199 2.38 -64.66 61.09
N LYS B 200 2.72 -64.84 59.83
CA LYS B 200 3.84 -64.16 59.20
C LYS B 200 3.31 -63.14 58.20
N ASP B 201 3.84 -61.93 58.29
CA ASP B 201 3.32 -60.80 57.53
C ASP B 201 4.44 -60.19 56.70
N LYS B 202 4.08 -59.68 55.51
CA LYS B 202 5.06 -58.99 54.68
C LYS B 202 5.60 -57.76 55.39
N ARG B 203 4.72 -56.99 56.03
CA ARG B 203 5.10 -55.86 56.86
C ARG B 203 4.77 -56.17 58.31
N GLU B 204 5.63 -55.70 59.22
CA GLU B 204 5.57 -56.00 60.65
C GLU B 204 5.20 -57.46 60.89
N GLY B 205 6.04 -58.34 60.36
CA GLY B 205 5.79 -59.76 60.41
C GLY B 205 5.86 -60.32 61.82
N ASP B 206 5.56 -61.62 61.92
CA ASP B 206 5.55 -62.35 63.18
C ASP B 206 4.57 -61.72 64.16
N VAL B 207 3.30 -61.74 63.78
CA VAL B 207 2.21 -61.17 64.57
C VAL B 207 1.39 -62.33 65.14
N THR B 208 1.19 -62.33 66.45
CA THR B 208 0.37 -63.31 67.13
C THR B 208 -0.88 -62.62 67.67
N ILE B 209 -2.04 -63.14 67.30
CA ILE B 209 -3.33 -62.57 67.71
C ILE B 209 -4.03 -63.59 68.59
N SER B 210 -4.61 -63.11 69.70
CA SER B 210 -5.31 -63.95 70.65
C SER B 210 -6.80 -63.65 70.58
N ILE B 211 -7.60 -64.69 70.34
CA ILE B 211 -9.05 -64.56 70.25
C ILE B 211 -9.66 -65.37 71.37
N ASN B 212 -10.42 -64.71 72.23
CA ASN B 212 -11.11 -65.36 73.33
C ASN B 212 -12.61 -65.30 73.04
N ALA B 213 -13.14 -66.38 72.48
CA ALA B 213 -14.55 -66.43 72.15
C ALA B 213 -15.40 -66.43 73.42
N LYS B 214 -16.48 -65.66 73.40
CA LYS B 214 -17.38 -65.62 74.54
C LYS B 214 -18.03 -66.98 74.73
N GLU B 215 -18.12 -67.42 75.99
CA GLU B 215 -18.68 -68.73 76.27
C GLU B 215 -20.19 -68.72 76.03
N GLY B 216 -20.67 -69.72 75.27
CA GLY B 216 -22.08 -69.89 75.02
C GLY B 216 -22.50 -69.69 73.57
N ASP B 217 -21.71 -68.97 72.78
CA ASP B 217 -22.07 -68.76 71.38
C ASP B 217 -21.90 -70.06 70.58
N ASP B 218 -22.70 -70.19 69.53
CA ASP B 218 -22.67 -71.39 68.70
C ASP B 218 -21.50 -71.29 67.71
N ILE B 219 -21.46 -72.23 66.76
CA ILE B 219 -20.32 -72.29 65.84
C ILE B 219 -20.35 -71.12 64.87
N GLU B 220 -21.54 -70.69 64.45
CA GLU B 220 -21.63 -69.61 63.47
C GLU B 220 -21.23 -68.27 64.08
N GLU B 221 -21.68 -67.99 65.31
CA GLU B 221 -21.30 -66.75 65.98
C GLU B 221 -19.81 -66.71 66.31
N LEU B 222 -19.18 -67.87 66.46
CA LEU B 222 -17.73 -67.90 66.62
C LEU B 222 -17.03 -67.37 65.37
N ALA B 223 -17.54 -67.73 64.19
CA ALA B 223 -16.93 -67.25 62.95
C ALA B 223 -17.04 -65.73 62.84
N THR B 224 -18.19 -65.17 63.24
CA THR B 224 -18.36 -63.72 63.19
C THR B 224 -17.41 -63.02 64.16
N TYR B 225 -17.18 -63.62 65.32
CA TYR B 225 -16.31 -63.01 66.32
C TYR B 225 -14.88 -62.87 65.78
N ILE B 226 -14.40 -63.89 65.09
CA ILE B 226 -13.05 -63.84 64.53
C ILE B 226 -12.96 -62.74 63.48
N ASN B 227 -13.99 -62.61 62.64
CA ASN B 227 -13.96 -61.59 61.61
C ASN B 227 -13.87 -60.18 62.19
N GLY B 228 -14.64 -59.91 63.24
CA GLY B 228 -14.63 -58.59 63.83
C GLY B 228 -13.32 -58.25 64.52
N GLN B 229 -12.74 -59.23 65.22
CA GLN B 229 -11.56 -58.96 66.03
C GLN B 229 -10.34 -58.63 65.18
N THR B 230 -10.13 -59.37 64.09
CA THR B 230 -8.96 -59.18 63.25
C THR B 230 -9.37 -59.13 61.79
N ASP B 231 -8.67 -58.29 61.02
CA ASP B 231 -8.89 -58.17 59.59
C ASP B 231 -7.92 -59.01 58.77
N MET B 232 -7.00 -59.73 59.41
CA MET B 232 -6.05 -60.57 58.70
C MET B 232 -6.58 -61.98 58.45
N ILE B 233 -7.73 -62.34 59.02
CA ILE B 233 -8.28 -63.69 58.93
C ILE B 233 -9.77 -63.58 58.66
N LYS B 234 -10.26 -64.38 57.72
CA LYS B 234 -11.69 -64.46 57.40
C LYS B 234 -12.20 -65.83 57.78
N ALA B 235 -13.26 -65.87 58.59
CA ALA B 235 -13.78 -67.11 59.13
C ALA B 235 -15.23 -67.32 58.67
N SER B 236 -15.60 -68.58 58.50
CA SER B 236 -16.95 -68.93 58.07
C SER B 236 -17.20 -70.41 58.35
N VAL B 237 -18.47 -70.80 58.23
CA VAL B 237 -18.92 -72.17 58.48
C VAL B 237 -19.43 -72.75 57.18
N ASP B 238 -19.08 -74.01 56.90
CA ASP B 238 -19.39 -74.59 55.59
C ASP B 238 -20.70 -75.37 55.57
N GLU B 239 -20.76 -76.51 56.26
CA GLU B 239 -22.01 -77.27 56.34
C GLU B 239 -22.28 -77.91 57.68
N GLU B 240 -21.28 -78.08 58.54
CA GLU B 240 -21.47 -78.85 59.77
C GLU B 240 -20.79 -78.21 60.97
N GLY B 241 -20.21 -77.02 60.84
CA GLY B 241 -19.44 -76.41 61.91
C GLY B 241 -17.97 -76.28 61.63
N LYS B 242 -17.45 -76.84 60.54
CA LYS B 242 -16.04 -76.72 60.22
C LYS B 242 -15.76 -75.29 59.76
N LEU B 243 -14.76 -74.67 60.36
CA LEU B 243 -14.38 -73.30 60.02
C LEU B 243 -13.49 -73.28 58.79
N GLN B 244 -13.67 -72.26 57.96
CA GLN B 244 -12.82 -72.02 56.80
C GLN B 244 -12.06 -70.72 57.06
N LEU B 245 -10.93 -70.82 57.76
CA LEU B 245 -10.08 -69.66 57.96
C LEU B 245 -9.37 -69.33 56.67
N PHE B 246 -9.37 -68.06 56.29
CA PHE B 246 -8.73 -67.62 55.06
C PHE B 246 -7.52 -66.77 55.38
N THR B 247 -6.49 -66.90 54.55
CA THR B 247 -5.24 -66.17 54.71
C THR B 247 -4.91 -65.53 53.38
N ASP B 248 -5.00 -64.21 53.32
CA ASP B 248 -4.79 -63.50 52.06
C ASP B 248 -3.29 -63.54 51.75
N ASN B 249 -2.96 -63.96 50.52
CA ASN B 249 -1.56 -64.27 50.19
C ASN B 249 -0.67 -63.03 50.19
N ASN B 250 -1.17 -61.89 49.70
CA ASN B 250 -0.28 -60.76 49.46
C ASN B 250 0.21 -60.09 50.74
N ARG B 251 -0.33 -60.44 51.90
CA ARG B 251 0.13 -59.83 53.14
C ARG B 251 0.35 -60.79 54.29
N ILE B 252 -0.14 -62.03 54.23
CA ILE B 252 0.06 -62.98 55.31
C ILE B 252 0.85 -64.17 54.75
N ASP B 253 1.79 -63.88 53.86
CA ASP B 253 2.66 -64.89 53.27
C ASP B 253 3.18 -65.87 54.33
N GLY B 254 3.26 -67.14 53.94
CA GLY B 254 3.69 -68.18 54.85
C GLY B 254 2.53 -68.86 55.54
N ALA B 255 2.82 -70.05 56.08
CA ALA B 255 1.79 -70.83 56.74
C ALA B 255 1.42 -70.21 58.09
N ALA B 256 0.26 -70.62 58.60
CA ALA B 256 -0.23 -70.16 59.89
C ALA B 256 -0.31 -71.33 60.85
N THR B 257 0.07 -71.09 62.09
CA THR B 257 0.05 -72.10 63.14
C THR B 257 -1.07 -71.78 64.13
N PHE B 258 -1.89 -72.78 64.43
CA PHE B 258 -3.03 -72.63 65.31
C PHE B 258 -2.72 -73.23 66.67
N GLY B 259 -3.12 -72.52 67.73
CA GLY B 259 -2.85 -72.97 69.08
C GLY B 259 -3.98 -72.59 70.01
N GLY B 260 -3.89 -73.08 71.23
CA GLY B 260 -4.88 -72.84 72.25
C GLY B 260 -5.83 -74.01 72.41
N ALA B 261 -6.62 -73.94 73.48
CA ALA B 261 -7.57 -75.01 73.77
C ALA B 261 -8.65 -75.10 72.70
N LEU B 262 -9.14 -73.95 72.23
CA LEU B 262 -10.18 -73.95 71.20
C LEU B 262 -9.67 -74.56 69.91
N ALA B 263 -8.41 -74.28 69.54
CA ALA B 263 -7.83 -74.90 68.35
C ALA B 263 -7.78 -76.41 68.49
N GLY B 264 -7.42 -76.90 69.68
CA GLY B 264 -7.42 -78.34 69.90
C GLY B 264 -8.81 -78.93 69.83
N GLU B 265 -9.81 -78.21 70.33
CA GLU B 265 -11.19 -78.66 70.22
C GLU B 265 -11.63 -78.72 68.76
N LEU B 266 -11.24 -77.73 67.96
CA LEU B 266 -11.51 -77.72 66.54
C LEU B 266 -10.42 -78.52 65.83
N GLY B 267 -10.35 -78.41 64.51
CA GLY B 267 -9.30 -79.02 63.71
C GLY B 267 -8.35 -77.95 63.18
N ILE B 268 -7.05 -78.21 63.34
CA ILE B 268 -6.05 -77.26 62.88
C ILE B 268 -6.10 -77.14 61.36
N GLY B 269 -6.07 -78.27 60.67
CA GLY B 269 -6.14 -78.26 59.22
C GLY B 269 -4.85 -77.85 58.54
N ALA B 270 -4.64 -78.31 57.32
CA ALA B 270 -3.47 -77.96 56.55
C ALA B 270 -3.74 -76.75 55.67
N ALA B 271 -2.67 -76.18 55.12
CA ALA B 271 -2.75 -75.01 54.27
C ALA B 271 -2.98 -75.45 52.83
N GLN B 272 -4.11 -75.04 52.25
CA GLN B 272 -4.44 -75.32 50.86
C GLN B 272 -4.44 -74.01 50.08
N ASP B 273 -3.68 -73.98 48.99
CA ASP B 273 -3.59 -72.79 48.16
C ASP B 273 -4.79 -72.74 47.21
N VAL B 274 -5.56 -71.65 47.30
CA VAL B 274 -6.72 -71.45 46.44
C VAL B 274 -6.64 -70.07 45.82
N THR B 275 -7.04 -69.98 44.56
CA THR B 275 -7.06 -68.72 43.83
C THR B 275 -8.43 -68.55 43.18
N VAL B 276 -8.58 -67.46 42.42
CA VAL B 276 -9.85 -67.19 41.77
C VAL B 276 -10.14 -68.23 40.70
N ASP B 277 -9.10 -68.73 40.01
CA ASP B 277 -9.31 -69.78 39.03
C ASP B 277 -9.83 -71.05 39.68
N THR B 278 -9.29 -71.41 40.83
CA THR B 278 -9.76 -72.57 41.57
C THR B 278 -11.01 -72.28 42.39
N LEU B 279 -11.47 -71.02 42.39
CA LEU B 279 -12.66 -70.65 43.15
C LEU B 279 -13.88 -71.36 42.58
N ASP B 280 -14.51 -72.20 43.39
CA ASP B 280 -15.67 -72.95 42.98
C ASP B 280 -16.76 -72.77 44.03
N VAL B 281 -17.92 -72.32 43.59
CA VAL B 281 -19.08 -72.15 44.46
C VAL B 281 -20.18 -73.06 43.92
N THR B 282 -20.27 -74.26 44.49
CA THR B 282 -21.38 -75.16 44.23
C THR B 282 -22.09 -75.60 45.50
N THR B 283 -21.41 -75.54 46.64
CA THR B 283 -22.01 -75.74 47.95
C THR B 283 -21.83 -74.46 48.76
N VAL B 284 -22.64 -74.32 49.80
CA VAL B 284 -22.61 -73.08 50.60
C VAL B 284 -21.25 -72.90 51.25
N GLY B 285 -20.54 -73.99 51.51
CA GLY B 285 -19.18 -73.87 52.03
C GLY B 285 -18.24 -73.20 51.06
N GLY B 286 -18.31 -73.59 49.78
CA GLY B 286 -17.51 -72.92 48.77
C GLY B 286 -17.91 -71.46 48.59
N ALA B 287 -19.19 -71.16 48.79
CA ALA B 287 -19.66 -69.79 48.66
C ALA B 287 -19.00 -68.89 49.70
N GLN B 288 -18.89 -69.35 50.94
CA GLN B 288 -18.20 -68.56 51.96
C GLN B 288 -16.72 -68.42 51.65
N GLU B 289 -16.10 -69.47 51.13
CA GLU B 289 -14.69 -69.39 50.74
C GLU B 289 -14.48 -68.38 49.62
N SER B 290 -15.38 -68.35 48.65
CA SER B 290 -15.20 -67.52 47.47
C SER B 290 -15.26 -66.03 47.81
N VAL B 291 -16.07 -65.65 48.81
CA VAL B 291 -16.20 -64.23 49.15
C VAL B 291 -14.88 -63.68 49.63
N ALA B 292 -14.19 -64.42 50.50
CA ALA B 292 -12.89 -63.96 50.98
C ALA B 292 -11.85 -63.96 49.88
N ILE B 293 -11.89 -64.97 49.00
CA ILE B 293 -10.93 -65.05 47.91
C ILE B 293 -11.07 -63.84 46.99
N VAL B 294 -12.31 -63.48 46.65
CA VAL B 294 -12.54 -62.34 45.77
C VAL B 294 -12.08 -61.05 46.45
N ASP B 295 -12.25 -60.95 47.76
CA ASP B 295 -11.79 -59.76 48.47
C ASP B 295 -10.27 -59.61 48.37
N ALA B 296 -9.55 -60.72 48.47
CA ALA B 296 -8.10 -60.67 48.28
C ALA B 296 -7.76 -60.26 46.85
N ALA B 297 -8.50 -60.77 45.87
CA ALA B 297 -8.28 -60.38 44.48
C ALA B 297 -8.56 -58.90 44.28
N LEU B 298 -9.65 -58.41 44.85
CA LEU B 298 -10.01 -57.00 44.70
C LEU B 298 -8.98 -56.10 45.38
N LYS B 299 -8.50 -56.49 46.56
CA LYS B 299 -7.48 -55.70 47.24
C LYS B 299 -6.19 -55.68 46.43
N TYR B 300 -5.80 -56.82 45.87
CA TYR B 300 -4.58 -56.87 45.07
C TYR B 300 -4.71 -56.03 43.81
N VAL B 301 -5.86 -56.11 43.14
CA VAL B 301 -6.07 -55.34 41.92
C VAL B 301 -6.08 -53.84 42.24
N ASP B 302 -6.78 -53.45 43.29
CA ASP B 302 -6.82 -52.04 43.66
C ASP B 302 -5.44 -51.52 44.05
N SER B 303 -4.66 -52.34 44.74
CA SER B 303 -3.30 -51.93 45.10
C SER B 303 -2.45 -51.69 43.85
N HIS B 304 -2.55 -52.57 42.86
CA HIS B 304 -1.81 -52.36 41.62
C HIS B 304 -2.36 -51.17 40.86
N ARG B 305 -3.66 -50.89 40.99
CA ARG B 305 -4.23 -49.69 40.36
C ARG B 305 -3.63 -48.43 40.96
N ALA B 306 -3.44 -48.41 42.28
CA ALA B 306 -2.81 -47.27 42.92
C ALA B 306 -1.36 -47.10 42.48
N GLU B 307 -0.64 -48.22 42.33
CA GLU B 307 0.74 -48.14 41.86
C GLU B 307 0.79 -47.59 40.44
N LEU B 308 -0.11 -48.03 39.57
CA LEU B 308 -0.16 -47.50 38.21
C LEU B 308 -0.59 -46.04 38.22
N GLY B 309 -1.50 -45.68 39.13
CA GLY B 309 -1.93 -44.30 39.22
C GLY B 309 -0.84 -43.36 39.67
N ALA B 310 -0.01 -43.81 40.63
CA ALA B 310 1.13 -43.01 41.06
C ALA B 310 2.12 -42.81 39.93
N PHE B 311 2.35 -43.85 39.14
CA PHE B 311 3.22 -43.73 37.97
C PHE B 311 2.63 -42.74 36.97
N GLN B 312 1.30 -42.75 36.82
CA GLN B 312 0.65 -41.74 35.99
C GLN B 312 0.84 -40.35 36.60
N ASN B 313 0.80 -40.25 37.92
CA ASN B 313 0.98 -38.99 38.61
C ASN B 313 2.43 -38.58 38.72
N ARG B 314 3.35 -39.37 38.20
CA ARG B 314 4.76 -38.96 38.11
C ARG B 314 5.06 -38.34 36.75
N PHE B 315 4.59 -38.97 35.67
CA PHE B 315 5.00 -38.54 34.34
C PHE B 315 4.32 -37.24 33.91
N ASN B 316 3.16 -36.92 34.49
CA ASN B 316 2.54 -35.63 34.17
C ASN B 316 3.37 -34.49 34.72
N HIS B 317 3.87 -34.63 35.96
CA HIS B 317 4.78 -33.63 36.50
C HIS B 317 6.11 -33.63 35.77
N ALA B 318 6.62 -34.82 35.42
CA ALA B 318 7.85 -34.89 34.64
C ALA B 318 7.67 -34.23 33.28
N ILE B 319 6.48 -34.36 32.68
CA ILE B 319 6.19 -33.72 31.41
C ILE B 319 6.28 -32.21 31.55
N ASN B 320 5.68 -31.67 32.60
CA ASN B 320 5.71 -30.22 32.81
C ASN B 320 7.13 -29.73 33.10
N ASN B 321 7.90 -30.51 33.88
CA ASN B 321 9.27 -30.14 34.16
C ASN B 321 10.11 -30.12 32.90
N LEU B 322 9.97 -31.15 32.06
CA LEU B 322 10.73 -31.19 30.81
C LEU B 322 10.29 -30.07 29.88
N ASP B 323 9.00 -29.78 29.81
CA ASP B 323 8.51 -28.68 28.98
C ASP B 323 9.07 -27.35 29.46
N ASN B 324 9.07 -27.13 30.77
CA ASN B 324 9.60 -25.87 31.31
C ASN B 324 11.09 -25.74 31.03
N ILE B 325 11.84 -26.82 31.21
CA ILE B 325 13.28 -26.78 30.91
C ILE B 325 13.50 -26.55 29.43
N ASN B 326 12.71 -27.22 28.58
CA ASN B 326 12.87 -27.07 27.14
C ASN B 326 12.61 -25.63 26.72
N GLU B 327 11.59 -24.99 27.30
CA GLU B 327 11.32 -23.59 26.99
C GLU B 327 12.49 -22.71 27.41
N ASN B 328 13.07 -22.98 28.59
CA ASN B 328 14.16 -22.15 29.09
C ASN B 328 15.44 -22.36 28.29
N VAL B 329 15.77 -23.61 27.97
CA VAL B 329 16.99 -23.87 27.22
C VAL B 329 16.88 -23.38 25.79
N ASN B 330 15.65 -23.25 25.28
CA ASN B 330 15.47 -22.62 23.97
C ASN B 330 15.72 -21.12 24.07
N ALA B 331 15.32 -20.50 25.18
CA ALA B 331 15.68 -19.10 25.41
C ALA B 331 17.19 -18.94 25.52
N SER B 332 17.85 -19.86 26.21
CA SER B 332 19.31 -19.84 26.26
C SER B 332 19.93 -20.12 24.90
N LYS B 333 19.28 -20.93 24.07
CA LYS B 333 19.73 -21.14 22.69
C LYS B 333 19.17 -20.05 21.78
N SER B 334 19.36 -18.81 22.23
CA SER B 334 19.00 -17.62 21.48
C SER B 334 19.76 -16.47 22.13
N ARG B 335 20.32 -15.60 21.29
CA ARG B 335 21.38 -14.64 21.60
C ARG B 335 22.71 -15.34 21.85
N ILE B 336 22.73 -16.67 21.88
CA ILE B 336 23.94 -17.45 21.72
C ILE B 336 24.11 -17.90 20.28
N LYS B 337 23.01 -18.35 19.66
CA LYS B 337 22.97 -18.72 18.26
C LYS B 337 22.08 -17.81 17.43
N ASP B 338 20.83 -17.63 17.86
CA ASP B 338 19.86 -16.88 17.08
C ASP B 338 20.26 -15.40 17.05
N THR B 339 20.23 -14.80 15.87
CA THR B 339 20.58 -13.40 15.69
C THR B 339 19.34 -12.53 15.80
N ASP B 340 19.50 -11.35 16.42
CA ASP B 340 18.45 -10.36 16.43
C ASP B 340 18.56 -9.53 15.15
N PHE B 341 17.45 -9.44 14.41
CA PHE B 341 17.48 -8.79 13.11
C PHE B 341 17.67 -7.29 13.23
N ALA B 342 17.58 -6.73 14.43
CA ALA B 342 17.69 -5.29 14.59
C ALA B 342 19.13 -4.82 14.40
N LYS B 343 20.05 -5.29 15.24
CA LYS B 343 21.43 -4.82 15.16
C LYS B 343 22.16 -5.44 13.97
N GLU B 344 21.72 -6.62 13.53
CA GLU B 344 22.33 -7.22 12.35
C GLU B 344 22.05 -6.39 11.11
N THR B 345 20.82 -5.87 10.99
CA THR B 345 20.47 -5.04 9.84
C THR B 345 21.27 -3.75 9.83
N THR B 346 21.41 -3.10 10.99
CA THR B 346 22.17 -1.86 11.05
C THR B 346 23.64 -2.09 10.71
N ALA B 347 24.21 -3.18 11.19
CA ALA B 347 25.59 -3.52 10.81
C ALA B 347 25.69 -3.80 9.33
N LEU B 348 24.69 -4.46 8.75
CA LEU B 348 24.67 -4.67 7.32
C LEU B 348 24.59 -3.35 6.57
N THR B 349 23.73 -2.44 7.03
CA THR B 349 23.59 -1.14 6.38
C THR B 349 24.91 -0.38 6.43
N LYS B 350 25.51 -0.28 7.63
CA LYS B 350 26.75 0.46 7.79
C LYS B 350 27.83 -0.05 6.84
N ALA B 351 27.85 -1.36 6.60
CA ALA B 351 28.81 -1.91 5.65
C ALA B 351 28.51 -1.45 4.22
N GLN B 352 27.22 -1.28 3.89
CA GLN B 352 26.86 -0.86 2.54
C GLN B 352 27.36 0.54 2.24
N ILE B 353 27.18 1.49 3.17
CA ILE B 353 27.75 2.82 2.96
C ILE B 353 29.26 2.76 2.95
N LEU B 354 29.85 1.88 3.77
CA LEU B 354 31.30 1.73 3.77
C LEU B 354 31.81 1.33 2.40
N SER B 355 31.17 0.33 1.78
CA SER B 355 31.60 -0.10 0.46
C SER B 355 31.38 0.99 -0.58
N GLN B 356 30.24 1.69 -0.49
CA GLN B 356 29.94 2.75 -1.45
C GLN B 356 30.92 3.90 -1.34
N ALA B 357 31.29 4.26 -0.11
CA ALA B 357 32.25 5.34 0.10
C ALA B 357 33.61 4.98 -0.47
N SER B 358 34.06 3.75 -0.25
CA SER B 358 35.36 3.34 -0.76
C SER B 358 35.36 3.28 -2.29
N SER B 359 34.28 2.79 -2.89
CA SER B 359 34.23 2.71 -4.35
C SER B 359 34.27 4.10 -4.97
N SER B 360 33.59 5.07 -4.37
CA SER B 360 33.68 6.44 -4.87
C SER B 360 35.08 7.00 -4.68
N VAL B 361 35.74 6.64 -3.58
CA VAL B 361 37.13 7.06 -3.37
C VAL B 361 38.04 6.41 -4.40
N LEU B 362 37.74 5.16 -4.77
CA LEU B 362 38.49 4.50 -5.84
C LEU B 362 38.49 5.34 -7.11
N ALA B 363 37.30 5.75 -7.56
CA ALA B 363 37.21 6.55 -8.76
C ALA B 363 37.89 7.91 -8.60
N GLN B 364 37.93 8.44 -7.38
CA GLN B 364 38.61 9.70 -7.11
C GLN B 364 40.12 9.58 -7.10
N ALA B 365 40.66 8.46 -6.65
CA ALA B 365 42.10 8.22 -6.65
C ALA B 365 42.59 7.66 -7.98
N LYS B 366 41.69 7.42 -8.93
CA LYS B 366 42.11 6.95 -10.24
C LYS B 366 42.88 8.01 -10.99
N GLN B 367 42.47 9.27 -10.87
CA GLN B 367 43.08 10.35 -11.64
C GLN B 367 44.28 10.98 -10.95
N ALA B 368 44.69 10.47 -9.79
CA ALA B 368 45.93 10.94 -9.19
C ALA B 368 47.12 10.75 -10.11
N PRO B 369 47.32 9.59 -10.75
CA PRO B 369 48.34 9.52 -11.81
C PRO B 369 48.04 10.43 -12.98
N ASN B 370 46.77 10.65 -13.29
CA ASN B 370 46.42 11.45 -14.46
C ASN B 370 46.90 12.88 -14.31
N SER B 371 46.81 13.43 -13.09
CA SER B 371 47.30 14.79 -12.86
C SER B 371 48.80 14.89 -13.09
N ALA B 372 49.56 13.84 -12.75
CA ALA B 372 51.00 13.87 -12.97
C ALA B 372 51.33 13.97 -14.45
N LEU B 373 50.59 13.25 -15.29
CA LEU B 373 50.82 13.32 -16.73
C LEU B 373 50.36 14.66 -17.29
N ALA B 374 49.41 15.31 -16.63
CA ALA B 374 48.85 16.57 -17.13
C ALA B 374 49.88 17.69 -17.15
N LEU B 375 50.93 17.60 -16.34
CA LEU B 375 51.92 18.68 -16.31
C LEU B 375 52.95 18.56 -17.43
N LEU B 376 52.93 17.45 -18.18
CA LEU B 376 53.81 17.28 -19.33
C LEU B 376 52.95 17.17 -20.58
N GLY B 377 53.43 17.77 -21.67
CA GLY B 377 52.69 17.77 -22.92
C GLY B 377 52.58 16.39 -23.56
N MET C 1 27.98 18.11 14.68
CA MET C 1 28.11 16.73 15.11
C MET C 1 29.19 16.03 14.30
N ALA C 2 29.45 14.77 14.60
CA ALA C 2 30.28 13.91 13.75
C ALA C 2 29.33 13.18 12.81
N VAL C 3 29.20 13.67 11.57
CA VAL C 3 28.37 13.01 10.58
C VAL C 3 29.20 11.86 10.00
N ASN C 4 29.07 10.68 10.62
CA ASN C 4 29.91 9.55 10.28
C ASN C 4 29.02 8.36 9.94
N VAL C 5 29.66 7.26 9.58
CA VAL C 5 28.94 6.05 9.22
C VAL C 5 29.36 4.92 10.16
N ASN C 6 30.57 5.03 10.71
CA ASN C 6 31.11 3.93 11.52
C ASN C 6 30.36 3.78 12.83
N THR C 7 29.84 4.86 13.39
CA THR C 7 29.08 4.82 14.64
C THR C 7 27.71 5.44 14.43
N ASN C 8 26.67 4.72 14.87
CA ASN C 8 25.29 5.18 14.80
C ASN C 8 24.76 5.22 16.22
N VAL C 9 24.99 6.34 16.91
CA VAL C 9 24.53 6.46 18.30
C VAL C 9 23.01 6.46 18.35
N SER C 10 22.36 7.13 17.40
CA SER C 10 20.90 7.19 17.39
C SER C 10 20.29 5.80 17.24
N ALA C 11 20.90 4.95 16.41
CA ALA C 11 20.43 3.58 16.31
C ALA C 11 20.61 2.84 17.63
N MET C 12 21.75 3.05 18.30
CA MET C 12 22.05 2.30 19.51
C MET C 12 21.03 2.57 20.61
N THR C 13 20.68 3.83 20.83
CA THR C 13 19.72 4.15 21.88
C THR C 13 18.34 3.62 21.55
N ALA C 14 17.92 3.72 20.28
CA ALA C 14 16.64 3.16 19.87
C ALA C 14 16.64 1.64 20.02
N GLN C 15 17.82 1.02 19.89
CA GLN C 15 17.93 -0.41 20.10
C GLN C 15 17.64 -0.77 21.55
N ARG C 16 18.19 0.01 22.48
CA ARG C 16 17.99 -0.27 23.90
C ARG C 16 16.53 -0.14 24.27
N TYR C 17 15.83 0.85 23.72
CA TYR C 17 14.42 1.02 24.04
C TYR C 17 13.56 -0.02 23.34
N LEU C 18 13.97 -0.44 22.13
CA LEU C 18 13.26 -1.52 21.46
C LEU C 18 13.35 -2.82 22.25
N THR C 19 14.56 -3.16 22.72
CA THR C 19 14.73 -4.37 23.51
C THR C 19 13.98 -4.28 24.84
N SER C 20 14.03 -3.12 25.49
CA SER C 20 13.33 -2.96 26.76
C SER C 20 11.83 -3.10 26.58
N ALA C 21 11.30 -2.58 25.48
CA ALA C 21 9.86 -2.70 25.23
C ALA C 21 9.49 -4.11 24.82
N THR C 22 10.34 -4.77 24.02
CA THR C 22 10.04 -6.13 23.60
C THR C 22 10.06 -7.09 24.79
N ASN C 23 11.04 -6.95 25.68
CA ASN C 23 11.07 -7.80 26.86
C ASN C 23 9.95 -7.46 27.82
N ALA C 24 9.48 -6.22 27.82
CA ALA C 24 8.30 -5.87 28.61
C ALA C 24 7.05 -6.50 28.03
N GLN C 25 6.92 -6.50 26.70
CA GLN C 25 5.82 -7.21 26.06
C GLN C 25 5.91 -8.70 26.31
N GLN C 26 7.12 -9.26 26.26
CA GLN C 26 7.32 -10.67 26.56
C GLN C 26 7.09 -10.98 28.04
N SER C 27 7.26 -9.98 28.92
CA SER C 27 6.84 -10.16 30.30
C SER C 27 5.33 -10.36 30.38
N SER C 28 4.58 -9.59 29.60
CA SER C 28 3.19 -9.89 29.34
C SER C 28 3.11 -11.05 28.35
N MET C 29 1.90 -11.38 27.90
CA MET C 29 1.63 -12.51 27.04
C MET C 29 1.97 -13.85 27.69
N GLU C 30 2.42 -13.83 28.95
CA GLU C 30 2.65 -15.05 29.70
C GLU C 30 1.92 -14.92 31.04
N ARG C 31 1.67 -13.67 31.45
CA ARG C 31 0.73 -13.45 32.55
C ARG C 31 -0.71 -13.60 32.07
N LEU C 32 -0.98 -13.29 30.81
CA LEU C 32 -2.29 -13.55 30.24
C LEU C 32 -2.54 -15.04 30.08
N SER C 33 -1.57 -15.77 29.52
CA SER C 33 -1.77 -17.20 29.27
C SER C 33 -1.84 -17.98 30.57
N SER C 34 -0.93 -17.70 31.51
CA SER C 34 -0.92 -18.47 32.75
C SER C 34 -2.06 -18.08 33.67
N GLY C 35 -2.58 -16.86 33.53
CA GLY C 35 -3.61 -16.37 34.42
C GLY C 35 -3.09 -15.80 35.73
N TYR C 36 -1.78 -15.75 35.92
CA TYR C 36 -1.18 -15.17 37.11
C TYR C 36 -0.23 -14.06 36.73
N LYS C 37 -0.23 -12.98 37.51
CA LYS C 37 0.73 -11.91 37.31
C LYS C 37 2.10 -12.23 37.90
N ILE C 38 2.22 -13.33 38.63
CA ILE C 38 3.49 -13.80 39.18
C ILE C 38 3.61 -15.28 38.92
N ASN C 39 4.50 -15.67 38.00
CA ASN C 39 4.82 -17.07 37.77
C ASN C 39 6.29 -17.39 37.96
N SER C 40 7.16 -16.39 38.00
CA SER C 40 8.57 -16.59 38.30
C SER C 40 8.93 -15.72 39.50
N ALA C 41 9.94 -16.17 40.25
CA ALA C 41 10.32 -15.47 41.46
C ALA C 41 10.78 -14.04 41.20
N LYS C 42 11.34 -13.77 40.02
CA LYS C 42 11.82 -12.43 39.70
C LYS C 42 10.70 -11.42 39.59
N ASP C 43 9.46 -11.86 39.34
CA ASP C 43 8.34 -10.93 39.24
C ASP C 43 8.03 -10.30 40.60
N ASP C 44 7.92 -11.13 41.64
CA ASP C 44 7.63 -10.62 42.98
C ASP C 44 8.15 -11.64 43.99
N ALA C 45 9.31 -11.32 44.59
CA ALA C 45 9.86 -12.21 45.61
C ALA C 45 8.93 -12.29 46.82
N ALA C 46 8.40 -11.14 47.26
CA ALA C 46 7.48 -11.15 48.39
C ALA C 46 6.22 -11.95 48.08
N GLY C 47 5.65 -11.74 46.89
CA GLY C 47 4.40 -12.38 46.54
C GLY C 47 4.51 -13.89 46.46
N LEU C 48 5.66 -14.40 46.01
CA LEU C 48 5.80 -15.84 45.83
C LEU C 48 5.71 -16.58 47.17
N GLN C 49 6.40 -16.06 48.20
CA GLN C 49 6.40 -16.75 49.49
C GLN C 49 5.01 -16.74 50.12
N ILE C 50 4.36 -15.58 50.12
CA ILE C 50 3.06 -15.48 50.79
C ILE C 50 2.01 -16.26 50.01
N SER C 51 2.02 -16.14 48.68
CA SER C 51 0.97 -16.78 47.88
C SER C 51 1.03 -18.30 47.99
N ASN C 52 2.24 -18.88 48.04
CA ASN C 52 2.35 -20.31 48.22
C ASN C 52 1.76 -20.75 49.56
N ARG C 53 1.85 -19.90 50.58
CA ARG C 53 1.32 -20.27 51.88
C ARG C 53 -0.22 -20.25 51.88
N LEU C 54 -0.83 -19.25 51.24
CA LEU C 54 -2.28 -19.31 51.08
C LEU C 54 -2.70 -20.43 50.13
N ASN C 55 -1.88 -20.73 49.12
CA ASN C 55 -2.17 -21.88 48.27
C ASN C 55 -2.10 -23.18 49.07
N VAL C 56 -1.10 -23.30 49.95
CA VAL C 56 -1.01 -24.45 50.83
C VAL C 56 -2.23 -24.52 51.74
N GLN C 57 -2.61 -23.37 52.30
CA GLN C 57 -3.77 -23.32 53.18
C GLN C 57 -5.06 -23.65 52.42
N SER C 58 -5.18 -23.13 51.19
CA SER C 58 -6.39 -23.37 50.40
C SER C 58 -6.56 -24.85 50.09
N ARG C 59 -5.49 -25.50 49.62
CA ARG C 59 -5.56 -26.93 49.37
C ARG C 59 -5.75 -27.70 50.67
N GLY C 60 -5.10 -27.26 51.74
CA GLY C 60 -5.25 -27.92 53.02
C GLY C 60 -6.69 -27.88 53.52
N LEU C 61 -7.36 -26.76 53.33
CA LEU C 61 -8.78 -26.68 53.68
C LEU C 61 -9.62 -27.57 52.79
N GLY C 62 -9.23 -27.69 51.52
CA GLY C 62 -9.99 -28.53 50.60
C GLY C 62 -10.03 -29.98 51.04
N VAL C 63 -8.89 -30.50 51.49
CA VAL C 63 -8.88 -31.86 52.03
C VAL C 63 -9.40 -31.88 53.46
N ALA C 64 -9.38 -30.73 54.14
CA ALA C 64 -9.89 -30.68 55.51
C ALA C 64 -11.38 -30.90 55.57
N VAL C 65 -12.13 -30.27 54.65
CA VAL C 65 -13.57 -30.51 54.60
C VAL C 65 -13.86 -31.94 54.16
N ARG C 66 -12.98 -32.52 53.33
CA ARG C 66 -13.11 -33.92 52.98
C ARG C 66 -12.94 -34.81 54.20
N ASN C 67 -11.93 -34.53 55.02
CA ASN C 67 -11.67 -35.35 56.19
C ASN C 67 -12.82 -35.28 57.19
N ALA C 68 -13.35 -34.08 57.41
CA ALA C 68 -14.49 -33.94 58.30
C ALA C 68 -15.74 -34.57 57.71
N ASN C 69 -15.83 -34.64 56.38
CA ASN C 69 -16.93 -35.38 55.76
C ASN C 69 -16.79 -36.88 56.01
N ASP C 70 -15.56 -37.39 56.04
CA ASP C 70 -15.35 -38.78 56.44
C ASP C 70 -15.74 -39.00 57.88
N GLY C 71 -15.38 -38.07 58.76
CA GLY C 71 -15.76 -38.21 60.16
C GLY C 71 -17.25 -38.13 60.37
N ILE C 72 -17.93 -37.24 59.64
CA ILE C 72 -19.37 -37.13 59.78
C ILE C 72 -20.07 -38.36 59.20
N SER C 73 -19.46 -38.99 58.19
CA SER C 73 -20.05 -40.21 57.63
C SER C 73 -19.89 -41.39 58.58
N MET C 74 -18.73 -41.51 59.22
CA MET C 74 -18.53 -42.59 60.18
C MET C 74 -19.43 -42.40 61.39
N ALA C 75 -19.64 -41.16 61.82
CA ALA C 75 -20.49 -40.91 62.97
C ALA C 75 -21.94 -41.30 62.70
N GLN C 76 -22.44 -41.00 61.50
CA GLN C 76 -23.84 -41.33 61.20
C GLN C 76 -24.02 -42.81 60.90
N THR C 77 -23.00 -43.48 60.36
CA THR C 77 -23.12 -44.92 60.13
C THR C 77 -23.16 -45.68 61.44
N ALA C 78 -22.39 -45.24 62.44
CA ALA C 78 -22.56 -45.79 63.78
C ALA C 78 -23.93 -45.44 64.34
N GLU C 79 -24.43 -44.24 64.02
CA GLU C 79 -25.76 -43.85 64.46
C GLU C 79 -26.83 -44.69 63.79
N GLY C 80 -26.57 -45.19 62.59
CA GLY C 80 -27.53 -46.10 61.96
C GLY C 80 -27.69 -47.39 62.75
N ALA C 81 -26.57 -47.98 63.16
CA ALA C 81 -26.62 -49.17 63.99
C ALA C 81 -27.10 -48.83 65.40
N MET C 82 -27.04 -47.55 65.78
CA MET C 82 -27.57 -47.14 67.08
C MET C 82 -29.06 -47.42 67.17
N LYS C 83 -29.81 -47.07 66.13
CA LYS C 83 -31.26 -47.24 66.15
C LYS C 83 -31.64 -48.72 66.17
N GLU C 84 -30.92 -49.54 65.39
CA GLU C 84 -31.20 -50.97 65.39
C GLU C 84 -31.00 -51.58 66.77
N THR C 85 -30.00 -51.08 67.51
CA THR C 85 -29.78 -51.57 68.87
C THR C 85 -30.85 -51.08 69.82
N THR C 86 -31.18 -49.78 69.75
CA THR C 86 -32.16 -49.22 70.67
C THR C 86 -33.54 -49.85 70.49
N ASN C 87 -33.94 -50.08 69.24
CA ASN C 87 -35.23 -50.69 68.99
C ASN C 87 -35.29 -52.12 69.53
N ILE C 88 -34.19 -52.86 69.39
CA ILE C 88 -34.12 -54.21 69.94
C ILE C 88 -34.22 -54.17 71.46
N LEU C 89 -33.50 -53.24 72.09
CA LEU C 89 -33.53 -53.12 73.54
C LEU C 89 -34.93 -52.80 74.04
N GLN C 90 -35.64 -51.91 73.34
CA GLN C 90 -37.01 -51.59 73.72
C GLN C 90 -37.90 -52.82 73.66
N ARG C 91 -37.71 -53.66 72.64
CA ARG C 91 -38.53 -54.86 72.51
C ARG C 91 -38.31 -55.80 73.69
N MET C 92 -37.06 -55.96 74.13
CA MET C 92 -36.80 -56.81 75.28
C MET C 92 -37.46 -56.26 76.53
N ARG C 93 -37.36 -54.95 76.76
CA ARG C 93 -37.96 -54.35 77.95
C ARG C 93 -39.48 -54.51 77.93
N ASP C 94 -40.09 -54.30 76.77
CA ASP C 94 -41.54 -54.42 76.67
C ASP C 94 -42.01 -55.84 76.96
N LEU C 95 -41.30 -56.84 76.42
CA LEU C 95 -41.72 -58.21 76.60
C LEU C 95 -41.30 -58.76 77.96
N SER C 96 -40.30 -58.15 78.60
CA SER C 96 -39.95 -58.54 79.96
C SER C 96 -41.08 -58.22 80.93
N LEU C 97 -41.74 -57.07 80.75
CA LEU C 97 -42.91 -56.76 81.55
C LEU C 97 -44.03 -57.76 81.28
N GLN C 98 -44.15 -58.20 80.03
CA GLN C 98 -45.17 -59.20 79.69
C GLN C 98 -44.92 -60.51 80.41
N SER C 99 -43.65 -60.93 80.49
CA SER C 99 -43.32 -62.16 81.19
C SER C 99 -43.43 -62.02 82.70
N ALA C 100 -43.23 -60.81 83.22
CA ALA C 100 -43.24 -60.60 84.66
C ALA C 100 -44.61 -60.85 85.26
N ASN C 101 -45.68 -60.79 84.47
CA ASN C 101 -47.01 -61.05 84.96
C ASN C 101 -47.12 -62.50 85.45
N GLY C 102 -47.82 -62.69 86.56
CA GLY C 102 -47.98 -64.02 87.13
C GLY C 102 -49.06 -64.86 86.50
N SER C 103 -49.74 -64.36 85.48
CA SER C 103 -50.83 -65.12 84.87
C SER C 103 -50.28 -66.28 84.04
N ASN C 104 -49.23 -66.05 83.26
CA ASN C 104 -48.70 -67.11 82.40
C ASN C 104 -47.93 -68.13 83.22
N SER C 105 -47.85 -69.35 82.68
CA SER C 105 -47.17 -70.45 83.33
C SER C 105 -45.71 -70.48 82.87
N LYS C 106 -44.96 -71.49 83.31
CA LYS C 106 -43.54 -71.57 82.98
C LYS C 106 -43.32 -71.84 81.50
N ALA C 107 -44.25 -72.52 80.85
CA ALA C 107 -44.10 -72.81 79.43
C ALA C 107 -44.09 -71.53 78.61
N ASP C 108 -44.93 -70.56 78.96
CA ASP C 108 -44.94 -69.27 78.27
C ASP C 108 -43.62 -68.54 78.48
N ARG C 109 -43.08 -68.58 79.70
CA ARG C 109 -41.79 -67.96 79.95
C ARG C 109 -40.67 -68.64 79.17
N VAL C 110 -40.81 -69.93 78.88
CA VAL C 110 -39.81 -70.61 78.06
C VAL C 110 -39.80 -70.06 76.65
N ALA C 111 -40.98 -69.91 76.05
CA ALA C 111 -41.06 -69.32 74.72
C ALA C 111 -40.62 -67.86 74.73
N ILE C 112 -40.97 -67.13 75.78
CA ILE C 112 -40.55 -65.74 75.91
C ILE C 112 -39.03 -65.65 76.02
N GLN C 113 -38.42 -66.54 76.79
CA GLN C 113 -36.96 -66.57 76.88
C GLN C 113 -36.33 -66.89 75.53
N GLU C 114 -36.99 -67.75 74.75
CA GLU C 114 -36.48 -68.05 73.42
C GLU C 114 -36.42 -66.80 72.55
N GLU C 115 -37.44 -65.94 72.66
CA GLU C 115 -37.39 -64.67 71.94
C GLU C 115 -36.28 -63.77 72.47
N ILE C 116 -36.07 -63.77 73.78
CA ILE C 116 -35.03 -62.92 74.37
C ILE C 116 -33.65 -63.35 73.87
N THR C 117 -33.37 -64.65 73.90
CA THR C 117 -32.07 -65.12 73.44
C THR C 117 -31.94 -64.99 71.92
N ALA C 118 -33.07 -64.95 71.20
CA ALA C 118 -33.03 -64.69 69.77
C ALA C 118 -32.61 -63.26 69.49
N LEU C 119 -33.20 -62.30 70.22
CA LEU C 119 -32.79 -60.92 70.08
C LEU C 119 -31.38 -60.68 70.62
N ASN C 120 -30.98 -61.44 71.63
CA ASN C 120 -29.65 -61.29 72.20
C ASN C 120 -28.57 -61.59 71.16
N ASP C 121 -28.76 -62.66 70.37
CA ASP C 121 -27.79 -62.99 69.35
C ASP C 121 -27.76 -61.93 68.26
N GLU C 122 -28.92 -61.38 67.90
CA GLU C 122 -28.94 -60.32 66.90
C GLU C 122 -28.30 -59.04 67.41
N LEU C 123 -28.46 -58.76 68.72
CA LEU C 123 -27.80 -57.60 69.30
C LEU C 123 -26.29 -57.76 69.28
N ASN C 124 -25.80 -58.96 69.55
CA ASN C 124 -24.36 -59.20 69.43
C ASN C 124 -23.88 -59.12 68.00
N ARG C 125 -24.68 -59.62 67.05
CA ARG C 125 -24.26 -59.64 65.66
C ARG C 125 -24.09 -58.22 65.11
N VAL C 126 -25.04 -57.33 65.42
CA VAL C 126 -24.96 -55.98 64.89
C VAL C 126 -23.74 -55.25 65.46
N ALA C 127 -23.29 -55.64 66.65
CA ALA C 127 -22.07 -55.05 67.20
C ALA C 127 -20.85 -55.42 66.36
N GLU C 128 -20.81 -56.65 65.87
CA GLU C 128 -19.68 -57.14 65.09
C GLU C 128 -19.86 -56.99 63.59
N THR C 129 -21.02 -56.50 63.14
CA THR C 129 -21.29 -56.43 61.71
C THR C 129 -21.05 -55.03 61.15
N THR C 130 -21.46 -54.00 61.88
CA THR C 130 -21.27 -52.62 61.43
C THR C 130 -19.80 -52.35 61.15
N SER C 131 -19.46 -52.12 59.89
CA SER C 131 -18.06 -52.12 59.47
C SER C 131 -17.61 -50.78 58.89
N PHE C 132 -18.39 -50.20 57.98
CA PHE C 132 -17.97 -49.04 57.19
C PHE C 132 -16.68 -49.35 56.41
N GLY C 133 -16.84 -50.26 55.46
CA GLY C 133 -15.77 -50.59 54.55
C GLY C 133 -14.55 -51.23 55.18
N GLY C 134 -14.76 -52.28 55.98
CA GLY C 134 -13.68 -53.07 56.52
C GLY C 134 -13.27 -52.71 57.94
N ASN C 135 -13.74 -51.58 58.48
CA ASN C 135 -13.45 -51.23 59.85
C ASN C 135 -14.41 -51.99 60.76
N LYS C 136 -14.43 -51.64 62.05
CA LYS C 136 -15.35 -52.26 63.01
C LYS C 136 -15.82 -51.16 63.95
N LEU C 137 -17.00 -50.60 63.66
CA LEU C 137 -17.45 -49.41 64.37
C LEU C 137 -17.81 -49.74 65.82
N LEU C 138 -18.61 -50.79 66.04
CA LEU C 138 -19.18 -51.04 67.35
C LEU C 138 -18.62 -52.28 68.03
N ASN C 139 -17.60 -52.92 67.45
CA ASN C 139 -17.02 -54.10 68.10
C ASN C 139 -16.17 -53.76 69.31
N GLY C 140 -15.76 -52.50 69.46
CA GLY C 140 -14.83 -52.11 70.49
C GLY C 140 -13.39 -52.04 70.06
N THR C 141 -13.04 -52.67 68.94
CA THR C 141 -11.70 -52.52 68.37
C THR C 141 -11.48 -51.12 67.83
N PHE C 142 -12.53 -50.34 67.64
CA PHE C 142 -12.41 -48.94 67.21
C PHE C 142 -12.07 -48.10 68.43
N ALA C 143 -10.77 -47.96 68.70
CA ALA C 143 -10.31 -47.16 69.82
C ALA C 143 -10.38 -45.69 69.44
N THR C 144 -9.75 -44.83 70.25
CA THR C 144 -9.76 -43.39 69.98
C THR C 144 -9.06 -43.12 68.66
N LYS C 145 -9.84 -42.70 67.66
CA LYS C 145 -9.32 -42.34 66.35
C LYS C 145 -9.48 -40.84 66.15
N SER C 146 -8.37 -40.18 65.81
CA SER C 146 -8.35 -38.73 65.66
C SER C 146 -8.52 -38.35 64.20
N PHE C 147 -9.44 -37.42 63.94
CA PHE C 147 -9.71 -36.94 62.60
C PHE C 147 -9.06 -35.56 62.42
N GLN C 148 -8.25 -35.43 61.39
CA GLN C 148 -7.53 -34.19 61.12
C GLN C 148 -8.44 -33.25 60.35
N ILE C 149 -8.96 -32.24 61.03
CA ILE C 149 -9.92 -31.32 60.42
C ILE C 149 -9.35 -29.92 60.36
N GLY C 150 -8.03 -29.81 60.23
CA GLY C 150 -7.38 -28.52 60.16
C GLY C 150 -6.49 -28.42 58.93
N ALA C 151 -6.21 -27.18 58.54
CA ALA C 151 -5.31 -26.95 57.42
C ALA C 151 -3.91 -27.47 57.71
N ASP C 152 -3.42 -27.22 58.92
CA ASP C 152 -2.11 -27.67 59.36
C ASP C 152 -2.26 -28.82 60.35
N ASN C 153 -1.17 -29.52 60.59
CA ASN C 153 -1.20 -30.65 61.51
C ASN C 153 -1.39 -30.18 62.95
N GLY C 154 -1.80 -31.11 63.80
CA GLY C 154 -2.00 -30.86 65.20
C GLY C 154 -3.42 -30.52 65.59
N GLU C 155 -4.15 -29.81 64.73
CA GLU C 155 -5.52 -29.44 65.01
C GLU C 155 -6.50 -30.53 64.55
N ALA C 156 -6.49 -31.62 65.30
CA ALA C 156 -7.38 -32.75 65.07
C ALA C 156 -8.32 -32.92 66.26
N VAL C 157 -9.35 -33.74 66.08
CA VAL C 157 -10.35 -34.00 67.09
C VAL C 157 -10.46 -35.51 67.29
N MET C 158 -10.43 -35.95 68.54
CA MET C 158 -10.48 -37.37 68.84
C MET C 158 -11.92 -37.83 69.04
N LEU C 159 -12.24 -38.97 68.42
CA LEU C 159 -13.55 -39.59 68.55
C LEU C 159 -13.37 -41.04 68.91
N ASN C 160 -14.09 -41.50 69.93
CA ASN C 160 -14.04 -42.89 70.36
C ASN C 160 -15.45 -43.45 70.41
N ILE C 161 -15.59 -44.70 69.99
CA ILE C 161 -16.88 -45.40 69.99
C ILE C 161 -16.77 -46.59 70.92
N LYS C 162 -17.64 -46.64 71.91
CA LYS C 162 -17.61 -47.70 72.91
C LYS C 162 -18.29 -48.96 72.39
N ASP C 163 -17.77 -50.11 72.81
CA ASP C 163 -18.35 -51.38 72.40
C ASP C 163 -19.74 -51.56 73.01
N MET C 164 -20.60 -52.31 72.31
CA MET C 164 -21.94 -52.60 72.79
C MET C 164 -22.29 -54.07 72.54
N ARG C 165 -21.31 -54.94 72.73
CA ARG C 165 -21.64 -56.35 72.87
C ARG C 165 -22.51 -56.51 74.12
N SER C 166 -23.49 -57.41 74.05
CA SER C 166 -24.46 -57.52 75.12
C SER C 166 -23.84 -57.94 76.44
N ASP C 167 -22.62 -58.44 76.45
CA ASP C 167 -21.93 -58.82 77.67
C ASP C 167 -21.10 -57.68 78.27
N ASN C 168 -21.16 -56.49 77.69
CA ASN C 168 -20.36 -55.37 78.17
C ASN C 168 -20.71 -55.03 79.61
N ALA C 169 -19.68 -54.80 80.43
CA ALA C 169 -19.89 -54.46 81.82
C ALA C 169 -20.61 -53.12 81.96
N LEU C 170 -20.27 -52.16 81.11
CA LEU C 170 -20.88 -50.83 81.20
C LEU C 170 -22.38 -50.89 80.93
N MET C 171 -22.84 -51.88 80.17
CA MET C 171 -24.24 -52.00 79.83
C MET C 171 -25.03 -52.81 80.85
N GLY C 172 -24.35 -53.43 81.81
CA GLY C 172 -25.04 -54.19 82.84
C GLY C 172 -25.13 -53.46 84.16
N GLY C 173 -24.82 -54.14 85.26
CA GLY C 173 -24.88 -53.52 86.56
C GLY C 173 -24.84 -54.56 87.65
N LYS C 174 -24.87 -54.06 88.89
CA LYS C 174 -24.86 -54.90 90.08
C LYS C 174 -26.27 -55.27 90.48
N THR C 175 -26.39 -56.39 91.20
CA THR C 175 -27.66 -56.83 91.75
C THR C 175 -27.43 -57.55 93.06
N TYR C 176 -28.45 -57.51 93.92
CA TYR C 176 -28.36 -58.10 95.26
C TYR C 176 -29.68 -58.76 95.59
N GLN C 177 -29.63 -59.88 96.29
CA GLN C 177 -30.81 -60.67 96.62
C GLN C 177 -30.96 -60.78 98.12
N ALA C 178 -32.17 -60.56 98.62
CA ALA C 178 -32.43 -60.76 100.04
C ALA C 178 -32.32 -62.24 100.39
N ALA C 179 -31.58 -62.53 101.47
CA ALA C 179 -31.34 -63.90 101.86
C ALA C 179 -32.63 -64.63 102.22
N ASN C 180 -33.52 -63.96 102.95
CA ASN C 180 -34.78 -64.54 103.38
C ASN C 180 -35.92 -63.72 102.81
N GLY C 181 -36.93 -64.40 102.28
CA GLY C 181 -38.09 -63.73 101.74
C GLY C 181 -39.20 -63.54 102.76
N LYS C 182 -40.13 -62.66 102.43
CA LYS C 182 -41.30 -62.39 103.26
C LYS C 182 -42.56 -62.70 102.47
N ASP C 183 -43.46 -63.46 103.07
CA ASP C 183 -44.67 -63.88 102.37
C ASP C 183 -45.66 -62.73 102.27
N LYS C 184 -46.83 -63.02 101.71
CA LYS C 184 -47.84 -61.98 101.50
C LYS C 184 -48.34 -61.42 102.82
N ASN C 185 -48.58 -62.28 103.80
CA ASN C 185 -49.11 -61.82 105.07
C ASN C 185 -48.11 -60.98 105.86
N TRP C 186 -46.82 -61.10 105.56
CA TRP C 186 -45.81 -60.32 106.25
C TRP C 186 -45.93 -58.85 105.91
N GLY C 187 -45.66 -57.99 106.89
CA GLY C 187 -45.66 -56.57 106.68
C GLY C 187 -44.53 -55.91 107.45
N VAL C 188 -44.35 -54.61 107.18
CA VAL C 188 -43.31 -53.85 107.86
C VAL C 188 -43.76 -53.61 109.30
N GLU C 189 -42.93 -54.04 110.25
CA GLU C 189 -43.24 -53.87 111.67
C GLU C 189 -42.62 -52.59 112.20
N ALA C 190 -43.24 -52.05 113.25
CA ALA C 190 -42.77 -50.80 113.84
C ALA C 190 -41.39 -50.99 114.46
N GLY C 191 -40.57 -49.95 114.36
CA GLY C 191 -39.23 -49.99 114.89
C GLY C 191 -38.22 -50.70 114.00
N LYS C 192 -38.64 -51.17 112.82
CA LYS C 192 -37.75 -51.87 111.91
C LYS C 192 -37.97 -51.39 110.48
N THR C 193 -38.19 -50.08 110.32
CA THR C 193 -38.47 -49.50 109.02
C THR C 193 -37.32 -48.71 108.43
N ASP C 194 -36.21 -48.57 109.16
CA ASP C 194 -35.08 -47.79 108.66
C ASP C 194 -34.27 -48.59 107.66
N LEU C 195 -33.95 -47.97 106.53
CA LEU C 195 -33.19 -48.61 105.47
C LEU C 195 -32.24 -47.58 104.88
N THR C 196 -30.96 -47.66 105.25
CA THR C 196 -29.95 -46.72 104.80
C THR C 196 -29.05 -47.42 103.77
N ILE C 197 -28.87 -46.77 102.62
CA ILE C 197 -28.04 -47.31 101.55
C ILE C 197 -26.91 -46.32 101.31
N THR C 198 -25.71 -46.69 101.75
CA THR C 198 -24.51 -45.88 101.51
C THR C 198 -23.92 -46.29 100.16
N LEU C 199 -23.98 -45.38 99.20
CA LEU C 199 -23.70 -45.69 97.80
C LEU C 199 -22.58 -44.81 97.28
N LYS C 200 -21.77 -45.37 96.38
CA LYS C 200 -20.75 -44.61 95.68
C LYS C 200 -21.24 -44.25 94.28
N ASP C 201 -21.09 -42.99 93.92
CA ASP C 201 -21.61 -42.47 92.66
C ASP C 201 -20.47 -41.93 91.82
N LYS C 202 -20.59 -42.09 90.49
CA LYS C 202 -19.59 -41.55 89.59
C LYS C 202 -19.49 -40.04 89.72
N ARG C 203 -20.62 -39.35 89.78
CA ARG C 203 -20.67 -37.93 90.04
C ARG C 203 -21.33 -37.70 91.40
N GLU C 204 -20.87 -36.69 92.11
CA GLU C 204 -21.27 -36.39 93.49
C GLU C 204 -21.39 -37.68 94.31
N GLY C 205 -20.26 -38.38 94.40
CA GLY C 205 -20.23 -39.69 95.03
C GLY C 205 -20.48 -39.63 96.52
N ASP C 206 -20.57 -40.81 97.11
CA ASP C 206 -20.84 -41.00 98.55
C ASP C 206 -22.16 -40.35 98.94
N VAL C 207 -23.24 -40.88 98.37
CA VAL C 207 -24.59 -40.41 98.65
C VAL C 207 -25.30 -41.49 99.47
N THR C 208 -25.82 -41.09 100.63
CA THR C 208 -26.54 -41.99 101.53
C THR C 208 -28.03 -41.72 101.38
N ILE C 209 -28.79 -42.77 101.10
CA ILE C 209 -30.24 -42.67 100.94
C ILE C 209 -30.88 -43.35 102.14
N SER C 210 -31.68 -42.61 102.90
CA SER C 210 -32.39 -43.14 104.04
C SER C 210 -33.86 -43.29 103.66
N ILE C 211 -34.37 -44.51 103.71
CA ILE C 211 -35.74 -44.82 103.36
C ILE C 211 -36.43 -45.39 104.59
N ASN C 212 -37.51 -44.76 105.00
CA ASN C 212 -38.30 -45.20 106.14
C ASN C 212 -39.64 -45.71 105.59
N ALA C 213 -39.72 -47.01 105.36
CA ALA C 213 -40.92 -47.61 104.78
C ALA C 213 -42.10 -47.43 105.73
N LYS C 214 -43.26 -47.12 105.16
CA LYS C 214 -44.46 -46.95 105.95
C LYS C 214 -44.85 -48.25 106.62
N GLU C 215 -45.24 -48.17 107.90
CA GLU C 215 -45.59 -49.35 108.66
C GLU C 215 -46.86 -49.99 108.09
N GLY C 216 -46.86 -51.31 108.02
CA GLY C 216 -47.99 -52.06 107.51
C GLY C 216 -47.92 -52.44 106.05
N ASP C 217 -47.03 -51.81 105.28
CA ASP C 217 -46.87 -52.16 103.88
C ASP C 217 -46.27 -53.56 103.75
N ASP C 218 -46.80 -54.35 102.82
CA ASP C 218 -46.30 -55.70 102.61
C ASP C 218 -45.03 -55.64 101.78
N ILE C 219 -44.54 -56.80 101.34
CA ILE C 219 -43.25 -56.85 100.67
C ILE C 219 -43.34 -56.30 99.25
N GLU C 220 -44.50 -56.41 98.61
CA GLU C 220 -44.63 -55.93 97.23
C GLU C 220 -44.64 -54.41 97.16
N GLU C 221 -45.41 -53.78 98.05
CA GLU C 221 -45.46 -52.32 98.06
C GLU C 221 -44.16 -51.71 98.59
N LEU C 222 -43.39 -52.46 99.38
CA LEU C 222 -42.10 -51.96 99.84
C LEU C 222 -41.16 -51.72 98.67
N ALA C 223 -41.15 -52.64 97.70
CA ALA C 223 -40.31 -52.46 96.51
C ALA C 223 -40.75 -51.23 95.72
N THR C 224 -42.06 -51.00 95.62
CA THR C 224 -42.55 -49.81 94.94
C THR C 224 -42.11 -48.54 95.65
N TYR C 225 -42.16 -48.54 96.98
CA TYR C 225 -41.80 -47.35 97.74
C TYR C 225 -40.33 -46.98 97.53
N ILE C 226 -39.45 -47.97 97.51
CA ILE C 226 -38.03 -47.69 97.27
C ILE C 226 -37.84 -47.09 95.89
N ASN C 227 -38.55 -47.62 94.88
CA ASN C 227 -38.44 -47.08 93.53
C ASN C 227 -38.87 -45.62 93.48
N GLY C 228 -39.97 -45.29 94.16
CA GLY C 228 -40.45 -43.92 94.13
C GLY C 228 -39.52 -42.95 94.84
N GLN C 229 -38.93 -43.37 95.96
CA GLN C 229 -38.11 -42.48 96.75
C GLN C 229 -36.85 -42.05 96.01
N THR C 230 -36.21 -42.98 95.31
CA THR C 230 -34.97 -42.68 94.62
C THR C 230 -34.88 -43.44 93.31
N ASP C 231 -34.37 -42.76 92.28
CA ASP C 231 -34.09 -43.39 91.00
C ASP C 231 -32.72 -44.06 90.94
N MET C 232 -31.91 -43.88 91.99
CA MET C 232 -30.59 -44.49 92.06
C MET C 232 -30.66 -46.00 92.28
N ILE C 233 -31.81 -46.53 92.64
CA ILE C 233 -31.96 -47.92 93.03
C ILE C 233 -33.24 -48.48 92.43
N LYS C 234 -33.18 -49.69 91.89
CA LYS C 234 -34.34 -50.39 91.38
C LYS C 234 -34.59 -51.64 92.23
N ALA C 235 -35.81 -51.79 92.72
CA ALA C 235 -36.16 -52.87 93.62
C ALA C 235 -37.36 -53.63 93.09
N SER C 236 -37.40 -54.93 93.40
CA SER C 236 -38.50 -55.79 93.00
C SER C 236 -38.50 -57.04 93.88
N VAL C 237 -39.59 -57.78 93.81
CA VAL C 237 -39.75 -59.03 94.56
C VAL C 237 -39.94 -60.17 93.57
N ASP C 238 -39.28 -61.29 93.82
CA ASP C 238 -39.19 -62.36 92.81
C ASP C 238 -40.28 -63.41 92.95
N GLU C 239 -40.23 -64.21 94.01
CA GLU C 239 -41.26 -65.22 94.25
C GLU C 239 -41.67 -65.39 95.70
N GLU C 240 -40.87 -64.90 96.66
CA GLU C 240 -41.13 -65.15 98.07
C GLU C 240 -40.92 -63.92 98.94
N GLY C 241 -40.73 -62.74 98.35
CA GLY C 241 -40.45 -61.54 99.09
C GLY C 241 -39.00 -61.10 99.05
N LYS C 242 -38.10 -61.95 98.56
CA LYS C 242 -36.70 -61.56 98.46
C LYS C 242 -36.54 -60.42 97.46
N LEU C 243 -35.92 -59.33 97.89
CA LEU C 243 -35.77 -58.15 97.07
C LEU C 243 -34.60 -58.30 96.11
N GLN C 244 -34.84 -58.01 94.84
CA GLN C 244 -33.78 -57.99 93.84
C GLN C 244 -33.33 -56.55 93.67
N LEU C 245 -32.53 -56.09 94.62
CA LEU C 245 -31.91 -54.78 94.53
C LEU C 245 -31.06 -54.69 93.29
N PHE C 246 -31.11 -53.55 92.60
CA PHE C 246 -30.36 -53.35 91.37
C PHE C 246 -29.57 -52.05 91.45
N THR C 247 -28.48 -51.99 90.68
CA THR C 247 -27.57 -50.86 90.69
C THR C 247 -27.04 -50.67 89.28
N ASP C 248 -27.11 -49.44 88.77
CA ASP C 248 -26.61 -49.16 87.43
C ASP C 248 -25.10 -49.07 87.44
N ASN C 249 -24.45 -49.76 86.51
CA ASN C 249 -22.99 -49.82 86.51
C ASN C 249 -22.36 -48.53 86.00
N ASN C 250 -23.00 -47.89 85.02
CA ASN C 250 -22.38 -46.74 84.36
C ASN C 250 -22.37 -45.48 85.21
N ARG C 251 -23.08 -45.46 86.33
CA ARG C 251 -23.15 -44.27 87.17
C ARG C 251 -22.99 -44.52 88.66
N ILE C 252 -23.10 -45.78 89.12
CA ILE C 252 -23.08 -46.06 90.56
C ILE C 252 -21.95 -47.03 90.88
N ASP C 253 -20.81 -46.85 90.19
CA ASP C 253 -19.64 -47.70 90.41
C ASP C 253 -19.35 -47.89 91.89
N GLY C 254 -18.89 -49.10 92.24
CA GLY C 254 -18.62 -49.45 93.60
C GLY C 254 -19.70 -50.33 94.21
N ALA C 255 -19.35 -50.96 95.32
CA ALA C 255 -20.29 -51.85 96.00
C ALA C 255 -21.35 -51.05 96.74
N ALA C 256 -22.41 -51.74 97.13
CA ALA C 256 -23.52 -51.14 97.86
C ALA C 256 -23.47 -51.56 99.31
N THR C 257 -23.59 -50.59 100.21
CA THR C 257 -23.60 -50.84 101.65
C THR C 257 -25.01 -50.66 102.18
N PHE C 258 -25.52 -51.66 102.88
CA PHE C 258 -26.87 -51.64 103.43
C PHE C 258 -26.83 -51.59 104.94
N GLY C 259 -27.73 -50.81 105.52
CA GLY C 259 -27.78 -50.66 106.97
C GLY C 259 -29.18 -50.32 107.42
N GLY C 260 -29.35 -50.30 108.73
CA GLY C 260 -30.64 -50.04 109.33
C GLY C 260 -31.31 -51.31 109.80
N ALA C 261 -32.38 -51.12 110.57
CA ALA C 261 -33.11 -52.26 111.12
C ALA C 261 -33.76 -53.09 110.02
N LEU C 262 -34.34 -52.45 109.01
CA LEU C 262 -34.97 -53.18 107.93
C LEU C 262 -33.95 -53.97 107.13
N ALA C 263 -32.75 -53.42 106.92
CA ALA C 263 -31.71 -54.15 106.21
C ALA C 263 -31.33 -55.42 106.96
N GLY C 264 -31.21 -55.34 108.29
CA GLY C 264 -30.95 -56.54 109.06
C GLY C 264 -32.11 -57.52 109.04
N GLU C 265 -33.33 -57.00 109.00
CA GLU C 265 -34.50 -57.87 108.92
C GLU C 265 -34.50 -58.68 107.63
N LEU C 266 -34.17 -58.05 106.52
CA LEU C 266 -34.02 -58.74 105.25
C LEU C 266 -32.57 -59.25 105.12
N GLY C 267 -32.20 -59.70 103.93
CA GLY C 267 -30.84 -60.15 103.67
C GLY C 267 -30.08 -59.08 102.91
N ILE C 268 -28.86 -58.81 103.38
CA ILE C 268 -28.02 -57.82 102.72
C ILE C 268 -27.63 -58.31 101.33
N GLY C 269 -27.16 -59.55 101.23
CA GLY C 269 -26.79 -60.13 99.95
C GLY C 269 -25.49 -59.61 99.39
N ALA C 270 -24.90 -60.36 98.47
CA ALA C 270 -23.67 -59.96 97.82
C ALA C 270 -23.96 -59.34 96.45
N ALA C 271 -22.93 -58.73 95.87
CA ALA C 271 -23.05 -58.04 94.59
C ALA C 271 -22.78 -59.04 93.47
N GLN C 272 -23.80 -59.27 92.65
CA GLN C 272 -23.68 -60.11 91.47
C GLN C 272 -23.67 -59.22 90.23
N ASP C 273 -22.68 -59.43 89.36
CA ASP C 273 -22.58 -58.65 88.14
C ASP C 273 -23.41 -59.31 87.04
N VAL C 274 -24.40 -58.58 86.54
CA VAL C 274 -25.32 -59.09 85.53
C VAL C 274 -25.36 -58.11 84.36
N THR C 275 -25.37 -58.65 83.14
CA THR C 275 -25.46 -57.82 81.95
C THR C 275 -26.58 -58.33 81.06
N VAL C 276 -26.69 -57.79 79.85
CA VAL C 276 -27.74 -58.24 78.93
C VAL C 276 -27.48 -59.66 78.48
N ASP C 277 -26.21 -60.02 78.25
CA ASP C 277 -25.90 -61.39 77.86
C ASP C 277 -26.28 -62.39 78.93
N THR C 278 -26.02 -62.06 80.19
CA THR C 278 -26.42 -62.90 81.30
C THR C 278 -27.87 -62.72 81.69
N LEU C 279 -28.58 -61.80 81.05
CA LEU C 279 -29.99 -61.58 81.35
C LEU C 279 -30.81 -62.75 80.83
N ASP C 280 -31.53 -63.40 81.73
CA ASP C 280 -32.45 -64.47 81.35
C ASP C 280 -33.77 -64.25 82.07
N VAL C 281 -34.86 -64.66 81.43
CA VAL C 281 -36.20 -64.57 81.99
C VAL C 281 -36.85 -65.94 81.81
N THR C 282 -36.75 -66.78 82.85
CA THR C 282 -37.47 -68.04 82.90
C THR C 282 -38.36 -68.14 84.13
N THR C 283 -38.02 -67.45 85.21
CA THR C 283 -38.88 -67.28 86.36
C THR C 283 -39.27 -65.81 86.46
N VAL C 284 -40.34 -65.54 87.22
CA VAL C 284 -40.82 -64.17 87.34
C VAL C 284 -39.75 -63.27 87.93
N GLY C 285 -38.92 -63.82 88.82
CA GLY C 285 -37.84 -63.02 89.39
C GLY C 285 -36.86 -62.53 88.35
N GLY C 286 -36.49 -63.39 87.41
CA GLY C 286 -35.61 -62.96 86.33
C GLY C 286 -36.22 -61.86 85.49
N ALA C 287 -37.55 -61.91 85.31
CA ALA C 287 -38.22 -60.87 84.56
C ALA C 287 -38.14 -59.52 85.26
N GLN C 288 -38.33 -59.51 86.58
CA GLN C 288 -38.23 -58.26 87.32
C GLN C 288 -36.80 -57.70 87.30
N GLU C 289 -35.81 -58.58 87.26
CA GLU C 289 -34.42 -58.13 87.16
C GLU C 289 -34.11 -57.64 85.75
N SER C 290 -34.70 -58.25 84.73
CA SER C 290 -34.33 -57.95 83.35
C SER C 290 -34.74 -56.55 82.94
N VAL C 291 -35.92 -56.08 83.37
CA VAL C 291 -36.38 -54.75 82.97
C VAL C 291 -35.41 -53.68 83.49
N ALA C 292 -34.95 -53.84 84.74
CA ALA C 292 -33.98 -52.90 85.28
C ALA C 292 -32.67 -52.95 84.49
N ILE C 293 -32.23 -54.15 84.12
CA ILE C 293 -30.99 -54.29 83.35
C ILE C 293 -31.13 -53.60 81.99
N VAL C 294 -32.26 -53.82 81.32
CA VAL C 294 -32.46 -53.23 80.00
C VAL C 294 -32.54 -51.71 80.08
N ASP C 295 -33.14 -51.18 81.15
CA ASP C 295 -33.18 -49.73 81.30
C ASP C 295 -31.78 -49.15 81.42
N ALA C 296 -30.89 -49.85 82.13
CA ALA C 296 -29.49 -49.43 82.15
C ALA C 296 -28.88 -49.52 80.77
N ALA C 297 -29.23 -50.56 80.00
CA ALA C 297 -28.75 -50.68 78.64
C ALA C 297 -29.24 -49.52 77.78
N LEU C 298 -30.52 -49.18 77.89
CA LEU C 298 -31.08 -48.10 77.08
C LEU C 298 -30.45 -46.76 77.44
N LYS C 299 -30.24 -46.50 78.73
CA LYS C 299 -29.63 -45.25 79.14
C LYS C 299 -28.20 -45.16 78.62
N TYR C 300 -27.43 -46.24 78.72
CA TYR C 300 -26.06 -46.23 78.23
C TYR C 300 -26.02 -46.07 76.72
N VAL C 301 -26.93 -46.75 76.01
CA VAL C 301 -26.99 -46.62 74.56
C VAL C 301 -27.36 -45.19 74.16
N ASP C 302 -28.36 -44.61 74.83
CA ASP C 302 -28.77 -43.24 74.53
C ASP C 302 -27.64 -42.26 74.84
N SER C 303 -26.91 -42.49 75.93
CA SER C 303 -25.83 -41.58 76.29
C SER C 303 -24.76 -41.54 75.22
N HIS C 304 -24.38 -42.70 74.67
CA HIS C 304 -23.39 -42.71 73.61
C HIS C 304 -23.98 -42.20 72.30
N ARG C 305 -25.29 -42.33 72.11
CA ARG C 305 -25.92 -41.70 70.95
C ARG C 305 -25.84 -40.19 71.06
N ALA C 306 -26.02 -39.66 72.27
CA ALA C 306 -25.87 -38.22 72.48
C ALA C 306 -24.43 -37.77 72.25
N GLU C 307 -23.46 -38.56 72.71
CA GLU C 307 -22.06 -38.19 72.52
C GLU C 307 -21.69 -38.22 71.04
N LEU C 308 -22.21 -39.20 70.30
CA LEU C 308 -22.03 -39.19 68.85
C LEU C 308 -22.76 -38.02 68.21
N GLY C 309 -23.92 -37.66 68.76
CA GLY C 309 -24.65 -36.52 68.22
C GLY C 309 -23.91 -35.21 68.42
N ALA C 310 -23.31 -35.03 69.59
CA ALA C 310 -22.52 -33.83 69.83
C ALA C 310 -21.32 -33.76 68.91
N PHE C 311 -20.66 -34.91 68.69
CA PHE C 311 -19.57 -34.96 67.71
C PHE C 311 -20.07 -34.63 66.31
N GLN C 312 -21.27 -35.13 65.97
CA GLN C 312 -21.86 -34.80 64.69
C GLN C 312 -22.13 -33.30 64.57
N ASN C 313 -22.64 -32.70 65.64
CA ASN C 313 -22.98 -31.29 65.63
C ASN C 313 -21.75 -30.39 65.68
N ARG C 314 -20.57 -30.94 65.92
CA ARG C 314 -19.34 -30.15 65.85
C ARG C 314 -18.83 -30.05 64.42
N PHE C 315 -18.92 -31.13 63.65
CA PHE C 315 -18.26 -31.18 62.35
C PHE C 315 -19.00 -30.39 61.28
N ASN C 316 -20.32 -30.26 61.36
CA ASN C 316 -21.02 -29.42 60.39
C ASN C 316 -20.63 -27.97 60.57
N HIS C 317 -20.49 -27.52 61.83
CA HIS C 317 -19.94 -26.19 62.06
C HIS C 317 -18.50 -26.10 61.59
N ALA C 318 -17.75 -27.21 61.64
CA ALA C 318 -16.40 -27.20 61.12
C ALA C 318 -16.39 -27.10 59.60
N ILE C 319 -17.41 -27.65 58.95
CA ILE C 319 -17.48 -27.59 57.48
C ILE C 319 -17.57 -26.14 57.01
N ASN C 320 -18.63 -25.44 57.41
CA ASN C 320 -18.83 -24.08 56.94
C ASN C 320 -17.83 -23.10 57.53
N ASN C 321 -17.24 -23.42 58.70
CA ASN C 321 -16.16 -22.60 59.21
C ASN C 321 -14.95 -22.66 58.29
N LEU C 322 -14.51 -23.88 57.97
CA LEU C 322 -13.39 -24.03 57.03
C LEU C 322 -13.77 -23.53 55.64
N ASP C 323 -15.05 -23.61 55.29
CA ASP C 323 -15.50 -23.05 54.02
C ASP C 323 -15.35 -21.53 54.00
N ASN C 324 -15.71 -20.87 55.10
CA ASN C 324 -15.60 -19.41 55.15
C ASN C 324 -14.14 -18.97 55.06
N ILE C 325 -13.25 -19.70 55.73
CA ILE C 325 -11.83 -19.41 55.59
C ILE C 325 -11.37 -19.70 54.17
N ASN C 326 -11.83 -20.81 53.60
CA ASN C 326 -11.39 -21.20 52.26
C ASN C 326 -11.81 -20.17 51.21
N GLU C 327 -13.03 -19.66 51.30
CA GLU C 327 -13.46 -18.62 50.37
C GLU C 327 -12.60 -17.37 50.51
N ASN C 328 -12.28 -16.99 51.75
CA ASN C 328 -11.56 -15.75 51.98
C ASN C 328 -10.09 -15.87 51.60
N VAL C 329 -9.45 -17.00 51.89
CA VAL C 329 -8.06 -17.17 51.50
C VAL C 329 -7.93 -17.28 49.98
N ASN C 330 -8.95 -17.83 49.31
CA ASN C 330 -8.95 -17.81 47.85
C ASN C 330 -9.17 -16.41 47.31
N ALA C 331 -9.99 -15.61 47.98
CA ALA C 331 -10.13 -14.21 47.61
C ALA C 331 -8.82 -13.46 47.78
N SER C 332 -8.11 -13.73 48.89
CA SER C 332 -6.78 -13.17 49.06
C SER C 332 -5.77 -13.80 48.12
N LYS C 333 -6.07 -14.97 47.57
CA LYS C 333 -5.28 -15.57 46.51
C LYS C 333 -5.66 -14.99 45.15
N SER C 334 -5.70 -13.67 45.10
CA SER C 334 -5.96 -12.91 43.89
C SER C 334 -5.49 -11.49 44.16
N ARG C 335 -4.87 -10.87 43.15
CA ARG C 335 -4.05 -9.67 43.23
C ARG C 335 -2.74 -9.95 43.97
N ILE C 336 -2.59 -11.15 44.54
CA ILE C 336 -1.30 -11.65 44.98
C ILE C 336 -0.71 -12.60 43.94
N LYS C 337 -1.54 -13.48 43.39
CA LYS C 337 -1.19 -14.30 42.23
C LYS C 337 -2.04 -13.96 41.02
N ASP C 338 -3.36 -14.02 41.14
CA ASP C 338 -4.24 -13.84 39.98
C ASP C 338 -4.08 -12.45 39.40
N THR C 339 -3.97 -12.37 38.08
CA THR C 339 -3.83 -11.11 37.38
C THR C 339 -5.19 -10.64 36.88
N ASP C 340 -5.46 -9.35 37.04
CA ASP C 340 -6.65 -8.75 36.46
C ASP C 340 -6.34 -8.40 35.00
N PHE C 341 -7.22 -8.85 34.11
CA PHE C 341 -6.96 -8.67 32.68
C PHE C 341 -7.17 -7.23 32.22
N ALA C 342 -7.79 -6.40 33.05
CA ALA C 342 -8.03 -5.01 32.66
C ALA C 342 -6.72 -4.27 32.46
N LYS C 343 -5.95 -4.10 33.55
CA LYS C 343 -4.71 -3.33 33.44
C LYS C 343 -3.58 -4.15 32.81
N GLU C 344 -3.73 -5.47 32.79
CA GLU C 344 -2.70 -6.30 32.17
C GLU C 344 -2.75 -6.20 30.65
N THR C 345 -3.95 -6.17 30.08
CA THR C 345 -4.08 -6.02 28.63
C THR C 345 -3.57 -4.66 28.17
N THR C 346 -3.88 -3.60 28.92
CA THR C 346 -3.41 -2.26 28.54
C THR C 346 -1.89 -2.18 28.60
N ALA C 347 -1.27 -2.86 29.56
CA ALA C 347 0.18 -2.91 29.61
C ALA C 347 0.75 -3.61 28.37
N LEU C 348 0.11 -4.69 27.93
CA LEU C 348 0.55 -5.37 26.72
C LEU C 348 0.37 -4.48 25.50
N THR C 349 -0.79 -3.81 25.40
CA THR C 349 -1.04 -2.95 24.25
C THR C 349 -0.06 -1.78 24.21
N LYS C 350 0.22 -1.18 25.36
CA LYS C 350 1.19 -0.10 25.41
C LYS C 350 2.58 -0.59 25.01
N ALA C 351 2.94 -1.80 25.41
CA ALA C 351 4.21 -2.38 24.99
C ALA C 351 4.24 -2.61 23.49
N GLN C 352 3.11 -2.99 22.90
CA GLN C 352 3.07 -3.28 21.47
C GLN C 352 3.31 -2.02 20.65
N ILE C 353 2.59 -0.94 20.96
CA ILE C 353 2.75 0.30 20.20
C ILE C 353 4.14 0.86 20.42
N LEU C 354 4.67 0.74 21.64
CA LEU C 354 6.03 1.20 21.91
C LEU C 354 7.05 0.47 21.04
N SER C 355 6.87 -0.84 20.88
CA SER C 355 7.79 -1.60 20.03
C SER C 355 7.68 -1.16 18.56
N GLN C 356 6.47 -0.87 18.10
CA GLN C 356 6.30 -0.39 16.73
C GLN C 356 6.94 0.98 16.55
N ALA C 357 6.81 1.84 17.56
CA ALA C 357 7.42 3.17 17.48
C ALA C 357 8.93 3.07 17.42
N SER C 358 9.54 2.24 18.26
CA SER C 358 10.99 2.09 18.24
C SER C 358 11.45 1.47 16.93
N SER C 359 10.72 0.47 16.43
CA SER C 359 11.10 -0.15 15.17
C SER C 359 11.01 0.83 14.01
N SER C 360 9.99 1.68 14.00
CA SER C 360 9.91 2.71 12.97
C SER C 360 11.03 3.71 13.08
N VAL C 361 11.44 4.07 14.30
CA VAL C 361 12.59 4.95 14.49
C VAL C 361 13.86 4.28 14.03
N LEU C 362 13.96 2.95 14.20
CA LEU C 362 15.11 2.22 13.69
C LEU C 362 15.31 2.47 12.19
N ALA C 363 14.23 2.39 11.42
CA ALA C 363 14.32 2.67 9.99
C ALA C 363 14.75 4.11 9.74
N GLN C 364 14.20 5.05 10.50
CA GLN C 364 14.58 6.45 10.35
C GLN C 364 16.00 6.74 10.77
N ALA C 365 16.62 5.85 11.56
CA ALA C 365 18.01 6.01 11.98
C ALA C 365 18.98 5.21 11.15
N LYS C 366 18.53 4.14 10.49
CA LYS C 366 19.39 3.39 9.57
C LYS C 366 19.83 4.21 8.38
N GLN C 367 19.00 5.17 7.94
CA GLN C 367 19.32 6.00 6.80
C GLN C 367 20.18 7.21 7.15
N ALA C 368 20.46 7.42 8.44
CA ALA C 368 21.33 8.54 8.82
C ALA C 368 22.72 8.44 8.20
N PRO C 369 23.42 7.30 8.25
CA PRO C 369 24.72 7.23 7.55
C PRO C 369 24.60 7.39 6.06
N ASN C 370 23.45 7.08 5.48
CA ASN C 370 23.27 7.24 4.04
C ASN C 370 23.38 8.71 3.65
N SER C 371 22.78 9.60 4.45
CA SER C 371 22.88 11.03 4.17
C SER C 371 24.32 11.51 4.27
N ALA C 372 25.14 10.85 5.09
CA ALA C 372 26.55 11.21 5.18
C ALA C 372 27.25 11.00 3.85
N LEU C 373 26.97 9.88 3.18
CA LEU C 373 27.59 9.61 1.89
C LEU C 373 26.94 10.45 0.79
N ALA C 374 25.73 10.94 1.02
CA ALA C 374 25.03 11.72 0.01
C ALA C 374 25.79 12.98 -0.38
N LEU C 375 26.52 13.59 0.56
CA LEU C 375 27.25 14.81 0.24
C LEU C 375 28.44 14.53 -0.68
N LEU C 376 29.10 13.39 -0.50
CA LEU C 376 30.28 13.03 -1.28
C LEU C 376 29.87 11.98 -2.30
N GLY C 377 29.83 12.37 -3.57
CA GLY C 377 29.41 11.48 -4.63
C GLY C 377 30.32 10.29 -4.83
N MET D 1 91.95 53.45 -94.53
CA MET D 1 92.87 54.13 -93.63
C MET D 1 92.85 55.63 -93.89
N ALA D 2 92.07 56.35 -93.11
CA ALA D 2 91.96 57.80 -93.24
C ALA D 2 92.02 58.45 -91.86
N VAL D 3 92.48 59.70 -91.83
CA VAL D 3 92.61 60.47 -90.60
C VAL D 3 91.89 61.81 -90.78
N ASN D 4 91.08 62.17 -89.79
CA ASN D 4 90.36 63.44 -89.83
C ASN D 4 89.95 63.81 -88.41
N VAL D 5 89.78 65.11 -88.19
CA VAL D 5 89.38 65.63 -86.89
C VAL D 5 88.23 66.62 -87.07
N ASN D 6 87.98 67.01 -88.32
CA ASN D 6 86.94 68.01 -88.59
C ASN D 6 85.57 67.49 -88.23
N THR D 7 85.25 66.25 -88.60
CA THR D 7 83.97 65.64 -88.32
C THR D 7 84.16 64.21 -87.87
N ASN D 8 83.19 63.70 -87.10
CA ASN D 8 83.22 62.32 -86.61
C ASN D 8 81.87 61.69 -86.93
N VAL D 9 81.77 61.08 -88.12
CA VAL D 9 80.55 60.38 -88.51
C VAL D 9 80.33 59.17 -87.61
N SER D 10 81.42 58.50 -87.21
CA SER D 10 81.29 57.32 -86.36
C SER D 10 80.65 57.67 -85.03
N ALA D 11 81.03 58.81 -84.44
CA ALA D 11 80.35 59.26 -83.23
C ALA D 11 78.95 59.77 -83.53
N MET D 12 78.73 60.29 -84.74
CA MET D 12 77.41 60.79 -85.10
C MET D 12 76.38 59.66 -85.14
N THR D 13 76.74 58.53 -85.74
CA THR D 13 75.82 57.39 -85.74
C THR D 13 75.78 56.72 -84.38
N ALA D 14 76.85 56.82 -83.61
CA ALA D 14 76.83 56.32 -82.23
C ALA D 14 75.82 57.09 -81.40
N GLN D 15 75.76 58.41 -81.57
CA GLN D 15 74.77 59.21 -80.87
C GLN D 15 73.35 58.89 -81.35
N ARG D 16 73.19 58.64 -82.65
CA ARG D 16 71.89 58.22 -83.16
C ARG D 16 71.47 56.88 -82.58
N TYR D 17 72.42 55.95 -82.45
CA TYR D 17 72.16 54.68 -81.78
C TYR D 17 71.78 54.90 -80.33
N LEU D 18 72.47 55.82 -79.65
CA LEU D 18 72.15 56.15 -78.26
C LEU D 18 70.73 56.66 -78.14
N THR D 19 70.38 57.68 -78.92
CA THR D 19 69.07 58.31 -78.80
C THR D 19 67.95 57.34 -79.14
N SER D 20 68.12 56.55 -80.22
CA SER D 20 67.06 55.65 -80.65
C SER D 20 66.78 54.60 -79.58
N ALA D 21 67.83 54.04 -78.97
CA ALA D 21 67.64 53.00 -77.98
C ALA D 21 67.09 53.57 -76.68
N THR D 22 67.65 54.68 -76.20
CA THR D 22 67.28 55.21 -74.90
C THR D 22 65.94 55.94 -74.89
N ASN D 23 65.44 56.41 -76.03
CA ASN D 23 64.10 56.98 -76.04
C ASN D 23 63.04 55.92 -75.75
N ALA D 24 63.31 54.67 -76.07
CA ALA D 24 62.46 53.56 -75.65
C ALA D 24 62.84 53.04 -74.29
N GLN D 25 64.07 53.29 -73.84
CA GLN D 25 64.44 52.94 -72.48
C GLN D 25 63.64 53.75 -71.48
N GLN D 26 63.62 55.08 -71.64
CA GLN D 26 62.80 55.91 -70.78
C GLN D 26 61.31 55.79 -71.07
N SER D 27 60.94 55.13 -72.18
CA SER D 27 59.55 54.70 -72.31
C SER D 27 59.18 53.69 -71.24
N SER D 28 60.18 53.02 -70.66
CA SER D 28 60.00 52.15 -69.51
C SER D 28 60.12 52.98 -68.24
N MET D 29 60.30 52.31 -67.09
CA MET D 29 60.30 52.87 -65.74
C MET D 29 59.15 53.85 -65.51
N GLU D 30 58.08 53.70 -66.29
CA GLU D 30 56.79 54.31 -65.97
C GLU D 30 55.66 53.31 -66.03
N ARG D 31 55.72 52.37 -66.97
CA ARG D 31 54.79 51.24 -66.96
C ARG D 31 55.01 50.35 -65.75
N LEU D 32 56.18 50.43 -65.12
CA LEU D 32 56.42 49.70 -63.88
C LEU D 32 55.81 50.45 -62.69
N SER D 33 56.09 51.75 -62.59
CA SER D 33 55.58 52.53 -61.46
C SER D 33 54.06 52.67 -61.52
N SER D 34 53.53 53.03 -62.69
CA SER D 34 52.09 53.18 -62.82
C SER D 34 51.40 51.83 -62.94
N GLY D 35 52.06 50.84 -63.53
CA GLY D 35 51.47 49.53 -63.71
C GLY D 35 50.68 49.35 -64.99
N TYR D 36 50.65 50.35 -65.86
CA TYR D 36 49.94 50.28 -67.13
C TYR D 36 50.95 50.44 -68.27
N LYS D 37 50.84 49.58 -69.28
CA LYS D 37 51.72 49.71 -70.43
C LYS D 37 51.27 50.79 -71.41
N ILE D 38 50.08 51.35 -71.22
CA ILE D 38 49.63 52.51 -71.98
C ILE D 38 49.37 53.63 -70.97
N ASN D 39 49.97 54.80 -71.23
CA ASN D 39 49.74 55.98 -70.41
C ASN D 39 49.39 57.22 -71.22
N SER D 40 49.80 57.30 -72.48
CA SER D 40 49.54 58.44 -73.34
C SER D 40 49.01 57.96 -74.67
N ALA D 41 48.23 58.82 -75.33
CA ALA D 41 47.66 58.47 -76.62
C ALA D 41 48.74 58.20 -77.68
N LYS D 42 49.94 58.76 -77.50
CA LYS D 42 51.03 58.49 -78.43
C LYS D 42 51.50 57.05 -78.38
N ASP D 43 51.23 56.33 -77.29
CA ASP D 43 51.66 54.94 -77.17
C ASP D 43 50.73 54.02 -77.96
N ASP D 44 49.46 53.97 -77.57
CA ASP D 44 48.46 53.14 -78.25
C ASP D 44 47.15 53.91 -78.28
N ALA D 45 46.94 54.67 -79.37
CA ALA D 45 45.69 55.42 -79.52
C ALA D 45 44.50 54.48 -79.66
N ALA D 46 44.66 53.39 -80.43
CA ALA D 46 43.56 52.46 -80.64
C ALA D 46 43.17 51.77 -79.34
N GLY D 47 44.16 51.28 -78.59
CA GLY D 47 43.88 50.62 -77.33
C GLY D 47 43.38 51.55 -76.25
N LEU D 48 43.70 52.83 -76.34
CA LEU D 48 43.26 53.78 -75.32
C LEU D 48 41.74 53.93 -75.33
N GLN D 49 41.13 54.05 -76.51
CA GLN D 49 39.69 54.26 -76.60
C GLN D 49 38.93 53.06 -76.04
N ILE D 50 39.37 51.85 -76.39
CA ILE D 50 38.73 50.65 -75.84
C ILE D 50 38.97 50.56 -74.34
N SER D 51 40.18 50.87 -73.88
CA SER D 51 40.49 50.77 -72.46
C SER D 51 39.64 51.72 -71.63
N ASN D 52 39.43 52.95 -72.12
CA ASN D 52 38.58 53.89 -71.40
C ASN D 52 37.12 53.42 -71.40
N ARG D 53 36.66 52.86 -72.52
CA ARG D 53 35.30 52.31 -72.55
C ARG D 53 35.17 51.16 -71.56
N LEU D 54 36.20 50.34 -71.44
CA LEU D 54 36.19 49.28 -70.44
C LEU D 54 36.19 49.85 -69.03
N ASN D 55 36.96 50.92 -68.82
CA ASN D 55 37.07 51.51 -67.48
C ASN D 55 35.73 52.09 -67.02
N VAL D 56 35.08 52.87 -67.89
CA VAL D 56 33.79 53.44 -67.53
C VAL D 56 32.75 52.34 -67.35
N GLN D 57 32.85 51.27 -68.16
CA GLN D 57 31.95 50.14 -67.98
C GLN D 57 32.16 49.46 -66.63
N SER D 58 33.42 49.27 -66.24
CA SER D 58 33.70 48.61 -64.97
C SER D 58 33.23 49.45 -63.79
N ARG D 59 33.55 50.74 -63.80
CA ARG D 59 33.09 51.61 -62.73
C ARG D 59 31.56 51.71 -62.71
N GLY D 60 30.96 51.77 -63.89
CA GLY D 60 29.50 51.79 -63.95
C GLY D 60 28.88 50.53 -63.36
N LEU D 61 29.55 49.39 -63.55
CA LEU D 61 29.10 48.16 -62.91
C LEU D 61 29.20 48.25 -61.40
N GLY D 62 30.26 48.91 -60.89
CA GLY D 62 30.40 49.06 -59.46
C GLY D 62 29.27 49.84 -58.84
N VAL D 63 28.87 50.93 -59.48
CA VAL D 63 27.74 51.71 -58.98
C VAL D 63 26.42 51.04 -59.36
N ALA D 64 26.45 50.11 -60.31
CA ALA D 64 25.23 49.39 -60.67
C ALA D 64 24.80 48.45 -59.56
N VAL D 65 25.75 47.68 -59.01
CA VAL D 65 25.41 46.78 -57.91
C VAL D 65 25.08 47.59 -56.65
N ARG D 66 25.68 48.77 -56.49
CA ARG D 66 25.34 49.61 -55.34
C ARG D 66 23.90 50.10 -55.42
N ASN D 67 23.50 50.62 -56.58
CA ASN D 67 22.13 51.07 -56.75
C ASN D 67 21.16 49.91 -56.64
N ALA D 68 21.50 48.76 -57.24
CA ALA D 68 20.61 47.61 -57.19
C ALA D 68 20.44 47.10 -55.77
N ASN D 69 21.53 47.07 -54.99
CA ASN D 69 21.42 46.63 -53.60
C ASN D 69 20.53 47.55 -52.80
N ASP D 70 20.59 48.85 -53.07
CA ASP D 70 19.65 49.78 -52.42
C ASP D 70 18.21 49.44 -52.78
N GLY D 71 17.98 49.02 -54.02
CA GLY D 71 16.65 48.57 -54.39
C GLY D 71 16.21 47.37 -53.59
N ILE D 72 17.12 46.43 -53.34
CA ILE D 72 16.79 45.26 -52.52
C ILE D 72 16.46 45.69 -51.10
N SER D 73 17.25 46.60 -50.54
CA SER D 73 17.01 47.06 -49.17
C SER D 73 15.66 47.75 -49.06
N MET D 74 15.31 48.58 -50.05
CA MET D 74 14.00 49.22 -50.05
C MET D 74 12.89 48.18 -50.15
N ALA D 75 13.11 47.11 -50.92
CA ALA D 75 12.10 46.06 -51.04
C ALA D 75 11.89 45.34 -49.72
N GLN D 76 12.98 44.99 -49.01
CA GLN D 76 12.82 44.20 -47.80
C GLN D 76 12.35 45.05 -46.62
N THR D 77 12.69 46.34 -46.61
CA THR D 77 12.16 47.22 -45.56
C THR D 77 10.65 47.28 -45.61
N ALA D 78 10.08 47.37 -46.81
CA ALA D 78 8.63 47.26 -46.95
C ALA D 78 8.15 45.89 -46.50
N GLU D 79 8.92 44.84 -46.83
CA GLU D 79 8.56 43.50 -46.40
C GLU D 79 8.58 43.37 -44.88
N GLY D 80 9.40 44.16 -44.20
CA GLY D 80 9.40 44.15 -42.75
C GLY D 80 8.07 44.59 -42.18
N ALA D 81 7.50 45.65 -42.73
CA ALA D 81 6.16 46.06 -42.34
C ALA D 81 5.11 45.10 -42.88
N MET D 82 5.43 44.35 -43.92
CA MET D 82 4.48 43.40 -44.49
C MET D 82 4.13 42.30 -43.49
N LYS D 83 5.14 41.78 -42.79
CA LYS D 83 4.89 40.71 -41.84
C LYS D 83 4.02 41.19 -40.67
N GLU D 84 4.17 42.46 -40.28
CA GLU D 84 3.34 42.98 -39.21
C GLU D 84 1.92 43.25 -39.69
N THR D 85 1.76 43.82 -40.88
CA THR D 85 0.42 44.02 -41.44
C THR D 85 -0.29 42.70 -41.61
N THR D 86 0.42 41.68 -42.12
CA THR D 86 -0.15 40.35 -42.23
C THR D 86 -0.53 39.80 -40.86
N ASN D 87 0.33 40.00 -39.85
CA ASN D 87 0.05 39.49 -38.52
C ASN D 87 -1.18 40.14 -37.91
N ILE D 88 -1.31 41.46 -38.06
CA ILE D 88 -2.48 42.15 -37.50
C ILE D 88 -3.75 41.68 -38.17
N LEU D 89 -3.71 41.51 -39.50
CA LEU D 89 -4.91 41.11 -40.23
C LEU D 89 -5.41 39.75 -39.76
N GLN D 90 -4.48 38.82 -39.49
CA GLN D 90 -4.89 37.55 -38.92
C GLN D 90 -5.54 37.73 -37.55
N ARG D 91 -5.01 38.65 -36.74
CA ARG D 91 -5.59 38.88 -35.43
C ARG D 91 -7.00 39.44 -35.54
N MET D 92 -7.23 40.36 -36.48
CA MET D 92 -8.56 40.88 -36.70
C MET D 92 -9.53 39.78 -37.12
N ARG D 93 -9.12 38.96 -38.08
CA ARG D 93 -9.97 37.86 -38.54
C ARG D 93 -10.18 36.83 -37.44
N ASP D 94 -9.16 36.65 -36.58
CA ASP D 94 -9.26 35.67 -35.52
C ASP D 94 -10.37 36.00 -34.54
N LEU D 95 -10.48 37.27 -34.14
CA LEU D 95 -11.43 37.64 -33.12
C LEU D 95 -12.76 38.12 -33.68
N SER D 96 -12.82 38.47 -34.97
CA SER D 96 -14.12 38.71 -35.59
C SER D 96 -14.91 37.42 -35.66
N LEU D 97 -14.23 36.31 -35.94
CA LEU D 97 -14.88 34.99 -35.89
C LEU D 97 -15.40 34.71 -34.49
N GLN D 98 -14.66 35.13 -33.47
CA GLN D 98 -15.12 34.99 -32.09
C GLN D 98 -16.39 35.79 -31.86
N SER D 99 -16.46 37.00 -32.41
CA SER D 99 -17.61 37.86 -32.23
C SER D 99 -18.82 37.43 -33.07
N ALA D 100 -18.62 36.56 -34.06
CA ALA D 100 -19.74 36.12 -34.88
C ALA D 100 -20.64 35.14 -34.16
N ASN D 101 -20.41 34.99 -32.86
CA ASN D 101 -21.20 34.12 -32.00
C ASN D 101 -22.54 34.74 -31.67
N GLY D 102 -23.44 33.90 -31.19
CA GLY D 102 -24.59 34.35 -30.45
C GLY D 102 -24.29 34.19 -28.98
N SER D 103 -23.08 33.70 -28.69
CA SER D 103 -22.69 33.42 -27.31
C SER D 103 -22.55 34.70 -26.50
N ASN D 104 -21.90 35.71 -27.07
CA ASN D 104 -21.59 36.91 -26.32
C ASN D 104 -22.71 37.95 -26.45
N SER D 105 -22.86 38.75 -25.41
CA SER D 105 -23.86 39.81 -25.38
C SER D 105 -23.32 41.04 -26.10
N LYS D 106 -24.07 42.15 -26.06
CA LYS D 106 -23.64 43.36 -26.74
C LYS D 106 -22.38 43.95 -26.11
N ALA D 107 -22.24 43.84 -24.79
CA ALA D 107 -21.09 44.41 -24.12
C ALA D 107 -19.78 43.78 -24.59
N ASP D 108 -19.77 42.46 -24.78
CA ASP D 108 -18.57 41.79 -25.24
C ASP D 108 -18.17 42.27 -26.63
N ARG D 109 -19.14 42.41 -27.53
CA ARG D 109 -18.84 42.92 -28.86
C ARG D 109 -18.38 44.36 -28.81
N VAL D 110 -18.82 45.13 -27.81
CA VAL D 110 -18.30 46.49 -27.65
C VAL D 110 -16.81 46.45 -27.32
N ALA D 111 -16.42 45.56 -26.41
CA ALA D 111 -15.00 45.41 -26.09
C ALA D 111 -14.21 44.93 -27.31
N ILE D 112 -14.79 44.00 -28.08
CA ILE D 112 -14.15 43.55 -29.30
C ILE D 112 -14.00 44.70 -30.28
N GLN D 113 -15.03 45.53 -30.41
CA GLN D 113 -14.97 46.67 -31.33
C GLN D 113 -13.87 47.63 -30.92
N GLU D 114 -13.67 47.83 -29.61
CA GLU D 114 -12.58 48.67 -29.14
C GLU D 114 -11.23 48.09 -29.56
N GLU D 115 -11.08 46.77 -29.46
CA GLU D 115 -9.84 46.14 -29.92
C GLU D 115 -9.65 46.31 -31.42
N ILE D 116 -10.74 46.21 -32.20
CA ILE D 116 -10.64 46.34 -33.64
C ILE D 116 -10.19 47.74 -34.03
N THR D 117 -10.78 48.77 -33.41
CA THR D 117 -10.36 50.13 -33.69
C THR D 117 -8.91 50.37 -33.26
N ALA D 118 -8.48 49.67 -32.22
CA ALA D 118 -7.08 49.76 -31.82
C ALA D 118 -6.16 49.22 -32.90
N LEU D 119 -6.50 48.05 -33.45
CA LEU D 119 -5.68 47.48 -34.52
C LEU D 119 -5.84 48.24 -35.83
N ASN D 120 -7.01 48.84 -36.05
CA ASN D 120 -7.22 49.63 -37.25
C ASN D 120 -6.28 50.83 -37.30
N ASP D 121 -6.10 51.50 -36.16
CA ASP D 121 -5.16 52.62 -36.11
C ASP D 121 -3.73 52.14 -36.28
N GLU D 122 -3.47 50.86 -35.99
CA GLU D 122 -2.14 50.32 -36.19
C GLU D 122 -1.80 50.22 -37.67
N LEU D 123 -2.74 49.76 -38.49
CA LEU D 123 -2.50 49.70 -39.93
C LEU D 123 -2.26 51.10 -40.49
N ASN D 124 -3.06 52.07 -40.04
CA ASN D 124 -2.85 53.45 -40.46
C ASN D 124 -1.51 53.99 -39.99
N ARG D 125 -1.06 53.59 -38.80
CA ARG D 125 0.23 54.07 -38.29
C ARG D 125 1.38 53.44 -39.06
N VAL D 126 1.34 52.11 -39.26
CA VAL D 126 2.45 51.43 -39.92
C VAL D 126 2.57 51.87 -41.37
N ALA D 127 1.44 52.13 -42.04
CA ALA D 127 1.49 52.61 -43.42
C ALA D 127 2.10 54.00 -43.53
N GLU D 128 2.20 54.73 -42.42
CA GLU D 128 2.77 56.06 -42.41
C GLU D 128 4.12 56.16 -41.74
N THR D 129 4.51 55.16 -40.94
CA THR D 129 5.76 55.23 -40.19
C THR D 129 6.92 54.59 -40.93
N THR D 130 6.68 53.56 -41.74
CA THR D 130 7.73 52.94 -42.52
C THR D 130 8.33 53.96 -43.48
N SER D 131 9.57 54.37 -43.24
CA SER D 131 10.14 55.51 -43.94
C SER D 131 11.35 55.17 -44.79
N PHE D 132 12.32 54.44 -44.24
CA PHE D 132 13.59 54.19 -44.91
C PHE D 132 14.27 55.50 -45.30
N GLY D 133 14.63 56.27 -44.28
CA GLY D 133 15.36 57.50 -44.46
C GLY D 133 14.56 58.59 -45.17
N GLY D 134 13.47 59.02 -44.53
CA GLY D 134 12.71 60.15 -45.02
C GLY D 134 11.74 59.84 -46.13
N ASN D 135 11.79 58.64 -46.72
CA ASN D 135 10.84 58.27 -47.75
C ASN D 135 9.54 57.80 -47.09
N LYS D 136 8.60 57.32 -47.90
CA LYS D 136 7.33 56.80 -47.39
C LYS D 136 7.00 55.56 -48.23
N LEU D 137 7.28 54.38 -47.68
CA LEU D 137 7.16 53.16 -48.47
C LEU D 137 5.70 52.79 -48.71
N LEU D 138 4.88 52.86 -47.67
CA LEU D 138 3.51 52.35 -47.74
C LEU D 138 2.46 53.45 -47.66
N ASN D 139 2.86 54.72 -47.57
CA ASN D 139 1.88 55.80 -47.51
C ASN D 139 1.20 56.06 -48.85
N GLY D 140 1.69 55.48 -49.94
CA GLY D 140 1.17 55.73 -51.26
C GLY D 140 1.91 56.82 -52.01
N THR D 141 2.68 57.65 -51.31
CA THR D 141 3.48 58.67 -51.96
C THR D 141 4.68 58.08 -52.71
N PHE D 142 4.95 56.79 -52.54
CA PHE D 142 6.02 56.12 -53.27
C PHE D 142 5.47 55.68 -54.61
N ALA D 143 5.67 56.50 -55.63
CA ALA D 143 5.22 56.19 -56.98
C ALA D 143 6.21 55.22 -57.63
N THR D 144 6.09 55.04 -58.94
CA THR D 144 6.99 54.15 -59.67
C THR D 144 8.40 54.74 -59.67
N LYS D 145 9.34 54.02 -59.07
CA LYS D 145 10.73 54.41 -59.06
C LYS D 145 11.56 53.42 -59.85
N SER D 146 12.46 53.94 -60.69
CA SER D 146 13.30 53.12 -61.55
C SER D 146 14.71 53.07 -61.00
N PHE D 147 15.25 51.87 -60.87
CA PHE D 147 16.59 51.65 -60.35
C PHE D 147 17.53 51.35 -61.51
N GLN D 148 18.52 52.22 -61.71
CA GLN D 148 19.50 52.06 -62.77
C GLN D 148 20.49 50.97 -62.35
N ILE D 149 20.47 49.84 -63.05
CA ILE D 149 21.26 48.68 -62.65
C ILE D 149 22.12 48.19 -63.80
N GLY D 150 22.50 49.10 -64.69
CA GLY D 150 23.34 48.75 -65.81
C GLY D 150 24.49 49.73 -65.97
N ALA D 151 25.48 49.30 -66.75
CA ALA D 151 26.65 50.15 -66.99
C ALA D 151 26.26 51.42 -67.71
N ASP D 152 25.37 51.33 -68.68
CA ASP D 152 24.90 52.48 -69.43
C ASP D 152 23.59 52.97 -68.85
N ASN D 153 22.98 53.97 -69.50
CA ASN D 153 21.76 54.59 -69.03
C ASN D 153 20.55 53.99 -69.74
N GLY D 154 19.43 53.92 -69.00
CA GLY D 154 18.17 53.45 -69.53
C GLY D 154 17.82 52.03 -69.19
N GLU D 155 18.80 51.21 -68.79
CA GLU D 155 18.53 49.83 -68.41
C GLU D 155 18.17 49.77 -66.92
N ALA D 156 16.98 50.28 -66.63
CA ALA D 156 16.46 50.34 -65.27
C ALA D 156 15.27 49.41 -65.11
N VAL D 157 14.83 49.25 -63.87
CA VAL D 157 13.67 48.43 -63.53
C VAL D 157 12.73 49.26 -62.69
N MET D 158 11.47 49.36 -63.10
CA MET D 158 10.48 50.13 -62.38
C MET D 158 9.90 49.30 -61.22
N LEU D 159 9.47 50.02 -60.19
CA LEU D 159 8.90 49.38 -59.01
C LEU D 159 7.88 50.32 -58.39
N ASN D 160 6.70 49.79 -58.08
CA ASN D 160 5.66 50.53 -57.39
C ASN D 160 5.22 49.77 -56.16
N ILE D 161 4.98 50.50 -55.08
CA ILE D 161 4.50 49.92 -53.82
C ILE D 161 3.12 50.52 -53.56
N LYS D 162 2.10 49.68 -53.63
CA LYS D 162 0.73 50.15 -53.47
C LYS D 162 0.46 50.61 -52.05
N ASP D 163 -0.34 51.66 -51.92
CA ASP D 163 -0.68 52.19 -50.61
C ASP D 163 -1.44 51.16 -49.80
N MET D 164 -1.20 51.14 -48.50
CA MET D 164 -1.78 50.14 -47.61
C MET D 164 -2.44 50.77 -46.40
N ARG D 165 -3.04 51.95 -46.57
CA ARG D 165 -3.93 52.46 -45.55
C ARG D 165 -5.12 51.52 -45.41
N SER D 166 -5.65 51.43 -44.19
CA SER D 166 -6.73 50.50 -43.92
C SER D 166 -8.00 50.84 -44.71
N ASP D 167 -8.11 52.04 -45.26
CA ASP D 167 -9.26 52.44 -46.05
C ASP D 167 -9.02 52.30 -47.55
N ASN D 168 -8.00 51.57 -47.96
CA ASN D 168 -7.70 51.43 -49.39
C ASN D 168 -8.83 50.70 -50.10
N ALA D 169 -9.11 51.12 -51.33
CA ALA D 169 -10.21 50.54 -52.10
C ALA D 169 -9.97 49.07 -52.39
N LEU D 170 -8.75 48.72 -52.82
CA LEU D 170 -8.45 47.33 -53.13
C LEU D 170 -8.35 46.46 -51.88
N MET D 171 -8.32 47.07 -50.70
CA MET D 171 -8.22 46.32 -49.46
C MET D 171 -9.57 45.88 -48.92
N GLY D 172 -10.67 46.29 -49.56
CA GLY D 172 -11.99 45.89 -49.13
C GLY D 172 -12.80 45.24 -50.24
N GLY D 173 -14.05 45.64 -50.37
CA GLY D 173 -14.90 45.10 -51.40
C GLY D 173 -16.31 45.64 -51.28
N LYS D 174 -17.19 45.12 -52.14
CA LYS D 174 -18.59 45.49 -52.16
C LYS D 174 -19.42 44.47 -51.37
N THR D 175 -20.55 44.93 -50.86
CA THR D 175 -21.44 44.07 -50.09
C THR D 175 -22.88 44.31 -50.55
N TYR D 176 -23.70 43.27 -50.45
CA TYR D 176 -25.10 43.30 -50.83
C TYR D 176 -25.92 42.64 -49.74
N GLN D 177 -27.02 43.29 -49.36
CA GLN D 177 -27.83 42.84 -48.22
C GLN D 177 -29.24 42.51 -48.69
N ALA D 178 -29.74 41.36 -48.25
CA ALA D 178 -31.11 41.00 -48.57
C ALA D 178 -32.09 41.92 -47.85
N ALA D 179 -33.11 42.38 -48.58
CA ALA D 179 -34.06 43.33 -48.01
C ALA D 179 -34.90 42.69 -46.92
N ASN D 180 -35.39 41.48 -47.15
CA ASN D 180 -36.28 40.80 -46.21
C ASN D 180 -35.59 39.59 -45.62
N GLY D 181 -35.73 39.41 -44.31
CA GLY D 181 -35.12 38.29 -43.64
C GLY D 181 -36.07 37.11 -43.50
N LYS D 182 -35.48 35.92 -43.36
CA LYS D 182 -36.22 34.68 -43.20
C LYS D 182 -35.84 34.04 -41.87
N ASP D 183 -36.84 33.70 -41.06
CA ASP D 183 -36.60 33.16 -39.74
C ASP D 183 -36.20 31.69 -39.81
N LYS D 184 -36.09 31.06 -38.65
CA LYS D 184 -35.63 29.67 -38.58
C LYS D 184 -36.61 28.72 -39.27
N ASN D 185 -37.91 28.92 -39.05
CA ASN D 185 -38.91 28.02 -39.63
C ASN D 185 -38.93 28.07 -41.15
N TRP D 186 -38.48 29.18 -41.75
CA TRP D 186 -38.48 29.30 -43.19
C TRP D 186 -37.46 28.36 -43.82
N GLY D 187 -37.83 27.77 -44.95
CA GLY D 187 -36.92 26.94 -45.70
C GLY D 187 -37.07 27.20 -47.19
N VAL D 188 -36.09 26.73 -47.95
CA VAL D 188 -36.12 26.92 -49.39
C VAL D 188 -37.24 26.07 -49.98
N GLU D 189 -38.15 26.72 -50.69
CA GLU D 189 -39.30 26.05 -51.27
C GLU D 189 -39.01 25.62 -52.70
N ALA D 190 -39.63 24.53 -53.11
CA ALA D 190 -39.43 24.00 -54.46
C ALA D 190 -39.99 24.97 -55.49
N GLY D 191 -39.31 25.04 -56.64
CA GLY D 191 -39.70 25.96 -57.68
C GLY D 191 -39.18 27.37 -57.52
N LYS D 192 -38.48 27.66 -56.43
CA LYS D 192 -37.93 28.99 -56.17
C LYS D 192 -36.51 28.88 -55.63
N THR D 193 -35.70 28.02 -56.24
CA THR D 193 -34.34 27.77 -55.78
C THR D 193 -33.26 28.25 -56.74
N ASP D 194 -33.63 28.73 -57.92
CA ASP D 194 -32.64 29.19 -58.89
C ASP D 194 -32.08 30.53 -58.47
N LEU D 195 -30.75 30.64 -58.47
CA LEU D 195 -30.07 31.89 -58.08
C LEU D 195 -28.86 32.05 -58.99
N THR D 196 -29.03 32.81 -60.06
CA THR D 196 -27.96 33.07 -61.02
C THR D 196 -27.43 34.48 -60.80
N ILE D 197 -26.11 34.59 -60.63
CA ILE D 197 -25.45 35.86 -60.36
C ILE D 197 -24.52 36.18 -61.52
N THR D 198 -24.86 37.21 -62.28
CA THR D 198 -23.96 37.74 -63.31
C THR D 198 -22.87 38.56 -62.63
N LEU D 199 -21.65 38.42 -63.14
CA LEU D 199 -20.49 38.94 -62.42
C LEU D 199 -19.45 39.43 -63.41
N LYS D 200 -18.62 40.36 -62.97
CA LYS D 200 -17.51 40.88 -63.77
C LYS D 200 -16.20 40.68 -63.02
N ASP D 201 -15.19 40.21 -63.74
CA ASP D 201 -13.89 39.90 -63.15
C ASP D 201 -12.78 40.58 -63.92
N LYS D 202 -11.72 40.93 -63.19
CA LYS D 202 -10.54 41.52 -63.84
C LYS D 202 -9.93 40.58 -64.87
N ARG D 203 -9.79 39.31 -64.51
CA ARG D 203 -9.33 38.27 -65.41
C ARG D 203 -10.49 37.31 -65.68
N GLU D 204 -10.52 36.77 -66.90
CA GLU D 204 -11.61 35.94 -67.40
C GLU D 204 -12.97 36.49 -66.97
N GLY D 205 -13.18 37.76 -67.29
CA GLY D 205 -14.36 38.47 -66.86
C GLY D 205 -15.63 37.95 -67.51
N ASP D 206 -16.75 38.53 -67.09
CA ASP D 206 -18.08 38.15 -67.55
C ASP D 206 -18.34 36.66 -67.28
N VAL D 207 -18.33 36.31 -66.00
CA VAL D 207 -18.59 34.96 -65.53
C VAL D 207 -19.89 34.97 -64.75
N THR D 208 -20.83 34.12 -65.16
CA THR D 208 -22.09 33.95 -64.46
C THR D 208 -22.16 32.54 -63.89
N ILE D 209 -22.57 32.43 -62.63
CA ILE D 209 -22.71 31.13 -61.97
C ILE D 209 -24.13 30.99 -61.46
N SER D 210 -24.60 29.75 -61.40
CA SER D 210 -25.97 29.44 -60.98
C SER D 210 -25.93 28.57 -59.74
N ILE D 211 -26.72 28.93 -58.74
CA ILE D 211 -26.81 28.20 -57.48
C ILE D 211 -28.22 27.67 -57.34
N ASN D 212 -28.34 26.35 -57.23
CA ASN D 212 -29.63 25.68 -57.04
C ASN D 212 -29.64 25.13 -55.61
N ALA D 213 -30.15 25.94 -54.69
CA ALA D 213 -30.16 25.54 -53.29
C ALA D 213 -31.06 24.33 -53.08
N LYS D 214 -30.60 23.41 -52.25
CA LYS D 214 -31.37 22.21 -51.96
C LYS D 214 -32.62 22.57 -51.17
N GLU D 215 -33.74 21.94 -51.55
CA GLU D 215 -35.00 22.21 -50.87
C GLU D 215 -34.95 21.75 -49.43
N GLY D 216 -35.58 22.53 -48.55
CA GLY D 216 -35.62 22.21 -47.14
C GLY D 216 -34.52 22.85 -46.32
N ASP D 217 -33.46 23.34 -46.94
CA ASP D 217 -32.41 24.04 -46.21
C ASP D 217 -32.94 25.36 -45.68
N ASP D 218 -32.58 25.68 -44.45
CA ASP D 218 -33.02 26.93 -43.84
C ASP D 218 -32.13 28.07 -44.35
N ILE D 219 -32.24 29.24 -43.73
CA ILE D 219 -31.50 30.39 -44.21
C ILE D 219 -30.01 30.24 -43.95
N GLU D 220 -29.64 29.55 -42.86
CA GLU D 220 -28.24 29.43 -42.51
C GLU D 220 -27.50 28.48 -43.44
N GLU D 221 -28.09 27.32 -43.73
CA GLU D 221 -27.45 26.38 -44.64
C GLU D 221 -27.42 26.89 -46.06
N LEU D 222 -28.32 27.81 -46.43
CA LEU D 222 -28.24 28.43 -47.74
C LEU D 222 -26.95 29.22 -47.91
N ALA D 223 -26.54 29.94 -46.87
CA ALA D 223 -25.28 30.67 -46.91
C ALA D 223 -24.10 29.71 -47.04
N THR D 224 -24.14 28.60 -46.30
CA THR D 224 -23.06 27.62 -46.39
C THR D 224 -22.97 27.02 -47.78
N TYR D 225 -24.12 26.73 -48.39
CA TYR D 225 -24.11 26.15 -49.73
C TYR D 225 -23.50 27.10 -50.75
N ILE D 226 -23.83 28.39 -50.67
CA ILE D 226 -23.25 29.36 -51.59
C ILE D 226 -21.74 29.45 -51.40
N ASN D 227 -21.29 29.47 -50.15
CA ASN D 227 -19.85 29.56 -49.89
C ASN D 227 -19.12 28.36 -50.46
N GLY D 228 -19.67 27.16 -50.28
CA GLY D 228 -19.01 25.97 -50.78
C GLY D 228 -19.00 25.90 -52.30
N GLN D 229 -20.10 26.33 -52.93
CA GLN D 229 -20.21 26.17 -54.38
C GLN D 229 -19.17 27.00 -55.12
N THR D 230 -18.94 28.24 -54.69
CA THR D 230 -18.00 29.12 -55.36
C THR D 230 -17.15 29.85 -54.34
N ASP D 231 -15.88 30.06 -54.68
CA ASP D 231 -14.97 30.85 -53.87
C ASP D 231 -14.99 32.32 -54.27
N MET D 232 -15.79 32.68 -55.27
CA MET D 232 -15.83 34.03 -55.81
C MET D 232 -16.78 34.94 -55.04
N ILE D 233 -17.45 34.41 -54.02
CA ILE D 233 -18.53 35.10 -53.33
C ILE D 233 -18.61 34.57 -51.91
N LYS D 234 -18.89 35.45 -50.95
CA LYS D 234 -19.04 35.09 -49.55
C LYS D 234 -20.42 35.46 -49.07
N ALA D 235 -21.09 34.54 -48.38
CA ALA D 235 -22.45 34.75 -47.90
C ALA D 235 -22.54 34.48 -46.42
N SER D 236 -23.41 35.23 -45.74
CA SER D 236 -23.58 35.10 -44.30
C SER D 236 -24.98 35.59 -43.92
N VAL D 237 -25.40 35.25 -42.71
CA VAL D 237 -26.70 35.64 -42.17
C VAL D 237 -26.47 36.46 -40.91
N ASP D 238 -27.13 37.62 -40.82
CA ASP D 238 -26.80 38.59 -39.77
C ASP D 238 -27.66 38.46 -38.52
N GLU D 239 -28.95 38.79 -38.62
CA GLU D 239 -29.83 38.69 -37.45
C GLU D 239 -31.20 38.09 -37.76
N GLU D 240 -31.70 38.19 -38.98
CA GLU D 240 -33.06 37.77 -39.29
C GLU D 240 -33.20 36.96 -40.56
N GLY D 241 -32.12 36.77 -41.33
CA GLY D 241 -32.21 36.08 -42.61
C GLY D 241 -31.69 36.88 -43.79
N LYS D 242 -31.14 38.08 -43.58
CA LYS D 242 -30.63 38.88 -44.68
C LYS D 242 -29.21 38.44 -45.00
N LEU D 243 -29.01 38.00 -46.24
CA LEU D 243 -27.70 37.54 -46.68
C LEU D 243 -26.75 38.71 -46.90
N GLN D 244 -25.57 38.64 -46.30
CA GLN D 244 -24.54 39.66 -46.48
C GLN D 244 -23.58 39.16 -47.56
N LEU D 245 -24.05 39.22 -48.80
CA LEU D 245 -23.22 38.89 -49.95
C LEU D 245 -22.00 39.80 -49.97
N PHE D 246 -20.84 39.22 -50.25
CA PHE D 246 -19.60 39.97 -50.29
C PHE D 246 -18.87 39.69 -51.59
N THR D 247 -18.13 40.69 -52.07
CA THR D 247 -17.43 40.62 -53.35
C THR D 247 -16.09 41.31 -53.20
N ASP D 248 -15.01 40.58 -53.45
CA ASP D 248 -13.67 41.13 -53.29
C ASP D 248 -13.41 42.19 -54.36
N ASN D 249 -12.92 43.36 -53.94
CA ASN D 249 -12.74 44.47 -54.87
C ASN D 249 -11.51 44.29 -55.75
N ASN D 250 -10.52 43.51 -55.32
CA ASN D 250 -9.27 43.44 -56.06
C ASN D 250 -9.33 42.51 -57.28
N ARG D 251 -10.37 41.71 -57.41
CA ARG D 251 -10.46 40.78 -58.54
C ARG D 251 -11.84 40.74 -59.19
N ILE D 252 -12.88 41.25 -58.54
CA ILE D 252 -14.25 41.10 -59.04
C ILE D 252 -14.85 42.50 -59.25
N ASP D 253 -14.02 43.44 -59.70
CA ASP D 253 -14.46 44.80 -59.97
C ASP D 253 -15.73 44.80 -60.80
N GLY D 254 -16.53 45.86 -60.62
CA GLY D 254 -17.81 45.98 -61.30
C GLY D 254 -18.96 45.50 -60.45
N ALA D 255 -20.14 46.01 -60.76
CA ALA D 255 -21.33 45.66 -60.00
C ALA D 255 -21.73 44.21 -60.25
N ALA D 256 -22.38 43.62 -59.26
CA ALA D 256 -22.87 42.25 -59.33
C ALA D 256 -24.37 42.27 -59.54
N THR D 257 -24.83 41.62 -60.60
CA THR D 257 -26.24 41.55 -60.94
C THR D 257 -26.83 40.23 -60.48
N PHE D 258 -27.98 40.28 -59.82
CA PHE D 258 -28.64 39.10 -59.29
C PHE D 258 -29.82 38.72 -60.16
N GLY D 259 -30.21 37.46 -60.09
CA GLY D 259 -31.33 36.97 -60.86
C GLY D 259 -31.76 35.60 -60.40
N GLY D 260 -32.89 35.17 -60.92
CA GLY D 260 -33.47 33.88 -60.58
C GLY D 260 -34.64 34.02 -59.62
N ALA D 261 -35.31 32.88 -59.42
CA ALA D 261 -36.47 32.86 -58.54
C ALA D 261 -36.08 33.17 -57.09
N LEU D 262 -34.97 32.61 -56.63
CA LEU D 262 -34.54 32.84 -55.24
C LEU D 262 -34.15 34.30 -55.04
N ALA D 263 -33.55 34.93 -56.05
CA ALA D 263 -33.19 36.34 -55.92
C ALA D 263 -34.43 37.21 -55.70
N GLY D 264 -35.51 36.94 -56.44
CA GLY D 264 -36.74 37.65 -56.19
C GLY D 264 -37.34 37.34 -54.84
N GLU D 265 -37.19 36.09 -54.38
CA GLU D 265 -37.67 35.71 -53.06
C GLU D 265 -36.97 36.51 -51.96
N LEU D 266 -35.66 36.68 -52.10
CA LEU D 266 -34.88 37.50 -51.18
C LEU D 266 -34.81 38.93 -51.71
N GLY D 267 -33.94 39.75 -51.13
CA GLY D 267 -33.72 41.09 -51.60
C GLY D 267 -32.40 41.19 -52.34
N ILE D 268 -32.43 41.87 -53.48
CA ILE D 268 -31.22 42.03 -54.28
C ILE D 268 -30.20 42.88 -53.53
N GLY D 269 -30.63 44.02 -53.00
CA GLY D 269 -29.74 44.89 -52.25
C GLY D 269 -28.91 45.80 -53.11
N ALA D 270 -28.31 46.81 -52.50
CA ALA D 270 -27.46 47.76 -53.22
C ALA D 270 -25.99 47.40 -53.02
N ALA D 271 -25.15 47.99 -53.87
CA ALA D 271 -23.70 47.77 -53.82
C ALA D 271 -23.08 48.80 -52.89
N GLN D 272 -22.74 48.39 -51.68
CA GLN D 272 -22.14 49.26 -50.69
C GLN D 272 -20.66 48.96 -50.58
N ASP D 273 -19.83 49.99 -50.76
CA ASP D 273 -18.39 49.83 -50.68
C ASP D 273 -17.96 49.85 -49.22
N VAL D 274 -17.28 48.79 -48.78
CA VAL D 274 -16.80 48.67 -47.41
C VAL D 274 -15.34 48.26 -47.45
N THR D 275 -14.54 48.88 -46.58
CA THR D 275 -13.12 48.58 -46.46
C THR D 275 -12.81 48.21 -45.02
N VAL D 276 -11.52 47.97 -44.73
CA VAL D 276 -11.12 47.63 -43.38
C VAL D 276 -11.34 48.79 -42.43
N ASP D 277 -11.14 50.03 -42.90
CA ASP D 277 -11.38 51.19 -42.05
C ASP D 277 -12.85 51.29 -41.65
N THR D 278 -13.75 51.04 -42.59
CA THR D 278 -15.17 51.03 -42.30
C THR D 278 -15.63 49.71 -41.71
N LEU D 279 -14.73 48.74 -41.56
CA LEU D 279 -15.07 47.47 -40.94
C LEU D 279 -15.36 47.68 -39.47
N ASP D 280 -16.59 47.40 -39.06
CA ASP D 280 -16.99 47.52 -37.66
C ASP D 280 -17.70 46.24 -37.24
N VAL D 281 -17.48 45.86 -35.99
CA VAL D 281 -18.11 44.66 -35.45
C VAL D 281 -18.67 44.99 -34.07
N THR D 282 -19.98 45.27 -34.02
CA THR D 282 -20.68 45.47 -32.77
C THR D 282 -21.89 44.56 -32.62
N THR D 283 -22.46 44.08 -33.73
CA THR D 283 -23.46 43.04 -33.74
C THR D 283 -22.90 41.84 -34.48
N VAL D 284 -23.56 40.68 -34.30
CA VAL D 284 -23.09 39.48 -34.97
C VAL D 284 -23.11 39.65 -36.49
N GLY D 285 -24.07 40.43 -37.00
CA GLY D 285 -24.10 40.70 -38.42
C GLY D 285 -22.86 41.41 -38.92
N GLY D 286 -22.41 42.42 -38.18
CA GLY D 286 -21.16 43.07 -38.54
C GLY D 286 -19.98 42.12 -38.50
N ALA D 287 -20.01 41.16 -37.59
CA ALA D 287 -18.91 40.20 -37.47
C ALA D 287 -18.84 39.27 -38.67
N GLN D 288 -20.00 38.94 -39.25
CA GLN D 288 -20.01 37.93 -40.30
C GLN D 288 -19.45 38.44 -41.63
N GLU D 289 -19.53 39.75 -41.90
CA GLU D 289 -18.94 40.25 -43.13
C GLU D 289 -17.54 40.82 -42.90
N SER D 290 -17.19 41.15 -41.66
CA SER D 290 -15.86 41.64 -41.38
C SER D 290 -14.80 40.60 -41.66
N VAL D 291 -15.05 39.35 -41.30
CA VAL D 291 -14.11 38.27 -41.60
C VAL D 291 -13.91 38.14 -43.10
N ALA D 292 -14.99 38.28 -43.86
CA ALA D 292 -14.88 38.27 -45.32
C ALA D 292 -14.04 39.44 -45.82
N ILE D 293 -14.22 40.61 -45.20
CA ILE D 293 -13.43 41.78 -45.59
C ILE D 293 -11.96 41.54 -45.31
N VAL D 294 -11.64 40.97 -44.14
CA VAL D 294 -10.25 40.73 -43.77
C VAL D 294 -9.61 39.73 -44.71
N ASP D 295 -10.36 38.70 -45.14
CA ASP D 295 -9.81 37.74 -46.09
C ASP D 295 -9.43 38.42 -47.40
N ALA D 296 -10.24 39.37 -47.84
CA ALA D 296 -9.88 40.15 -49.01
C ALA D 296 -8.63 40.98 -48.75
N ALA D 297 -8.52 41.57 -47.56
CA ALA D 297 -7.35 42.37 -47.23
C ALA D 297 -6.10 41.51 -47.17
N LEU D 298 -6.20 40.32 -46.57
CA LEU D 298 -5.05 39.44 -46.47
C LEU D 298 -4.59 38.98 -47.86
N LYS D 299 -5.54 38.66 -48.73
CA LYS D 299 -5.19 38.28 -50.09
C LYS D 299 -4.51 39.42 -50.83
N TYR D 300 -5.03 40.64 -50.66
CA TYR D 300 -4.40 41.81 -51.30
C TYR D 300 -3.00 42.03 -50.78
N VAL D 301 -2.80 41.88 -49.46
CA VAL D 301 -1.48 42.06 -48.87
C VAL D 301 -0.53 40.98 -49.38
N ASP D 302 -0.99 39.72 -49.40
CA ASP D 302 -0.13 38.63 -49.84
C ASP D 302 0.25 38.77 -51.30
N SER D 303 -0.71 39.18 -52.14
CA SER D 303 -0.44 39.31 -53.58
C SER D 303 0.66 40.34 -53.83
N HIS D 304 0.66 41.44 -53.09
CA HIS D 304 1.73 42.41 -53.24
C HIS D 304 3.02 41.93 -52.61
N ARG D 305 2.94 41.16 -51.52
CA ARG D 305 4.15 40.63 -50.90
C ARG D 305 4.91 39.75 -51.87
N ALA D 306 4.20 38.93 -52.64
CA ALA D 306 4.85 38.11 -53.66
C ALA D 306 5.51 38.98 -54.73
N GLU D 307 4.86 40.10 -55.08
CA GLU D 307 5.45 40.98 -56.09
C GLU D 307 6.77 41.55 -55.63
N LEU D 308 6.86 41.98 -54.37
CA LEU D 308 8.15 42.40 -53.83
C LEU D 308 9.11 41.23 -53.71
N GLY D 309 8.60 40.02 -53.47
CA GLY D 309 9.48 38.86 -53.44
C GLY D 309 10.12 38.58 -54.78
N ALA D 310 9.32 38.59 -55.85
CA ALA D 310 9.87 38.40 -57.19
C ALA D 310 10.78 39.56 -57.57
N PHE D 311 10.49 40.75 -57.05
CA PHE D 311 11.38 41.88 -57.24
C PHE D 311 12.74 41.62 -56.59
N GLN D 312 12.74 41.04 -55.39
CA GLN D 312 13.99 40.73 -54.72
C GLN D 312 14.77 39.64 -55.44
N ASN D 313 14.09 38.59 -55.92
CA ASN D 313 14.76 37.52 -56.63
C ASN D 313 15.26 37.94 -58.00
N ARG D 314 14.55 38.83 -58.69
CA ARG D 314 15.07 39.38 -59.94
C ARG D 314 16.37 40.13 -59.72
N PHE D 315 16.49 40.78 -58.57
CA PHE D 315 17.70 41.55 -58.28
C PHE D 315 18.80 40.65 -57.71
N ASN D 316 18.44 39.58 -57.00
CA ASN D 316 19.47 38.65 -56.54
C ASN D 316 20.15 37.98 -57.72
N HIS D 317 19.38 37.57 -58.73
CA HIS D 317 19.98 37.10 -59.97
C HIS D 317 20.66 38.22 -60.73
N ALA D 318 20.31 39.48 -60.47
CA ALA D 318 20.99 40.59 -61.13
C ALA D 318 22.36 40.83 -60.53
N ILE D 319 22.49 40.75 -59.21
CA ILE D 319 23.75 41.11 -58.56
C ILE D 319 24.87 40.19 -59.02
N ASN D 320 24.66 38.88 -58.95
CA ASN D 320 25.69 37.96 -59.41
C ASN D 320 25.83 37.99 -60.92
N ASN D 321 24.80 38.48 -61.64
CA ASN D 321 24.95 38.70 -63.07
C ASN D 321 25.93 39.83 -63.36
N LEU D 322 25.64 41.03 -62.83
CA LEU D 322 26.50 42.18 -63.09
C LEU D 322 27.93 41.93 -62.62
N ASP D 323 28.10 41.08 -61.60
CA ASP D 323 29.44 40.75 -61.15
C ASP D 323 30.18 39.88 -62.17
N ASN D 324 29.45 39.05 -62.92
CA ASN D 324 30.08 38.20 -63.91
C ASN D 324 30.67 39.01 -65.06
N ILE D 325 29.90 39.97 -65.59
CA ILE D 325 30.47 40.88 -66.58
C ILE D 325 31.55 41.74 -65.94
N ASN D 326 31.34 42.17 -64.70
CA ASN D 326 32.34 42.99 -64.03
C ASN D 326 33.67 42.27 -63.91
N GLU D 327 33.63 40.97 -63.57
CA GLU D 327 34.85 40.17 -63.54
C GLU D 327 35.46 40.06 -64.92
N ASN D 328 34.63 39.84 -65.95
CA ASN D 328 35.15 39.62 -67.30
C ASN D 328 35.74 40.89 -67.87
N VAL D 329 35.07 42.03 -67.69
CA VAL D 329 35.58 43.28 -68.23
C VAL D 329 36.86 43.69 -67.54
N ASN D 330 36.98 43.41 -66.24
CA ASN D 330 38.24 43.67 -65.55
C ASN D 330 39.34 42.74 -66.04
N ALA D 331 39.00 41.50 -66.38
CA ALA D 331 39.96 40.62 -67.03
C ALA D 331 40.35 41.18 -68.40
N SER D 332 39.38 41.71 -69.14
CA SER D 332 39.69 42.39 -70.39
C SER D 332 40.47 43.68 -70.17
N LYS D 333 40.44 44.23 -68.95
CA LYS D 333 41.28 45.36 -68.61
C LYS D 333 42.66 44.83 -68.20
N SER D 334 43.21 43.97 -69.04
CA SER D 334 44.54 43.38 -68.86
C SER D 334 45.00 42.98 -70.24
N ARG D 335 46.28 43.23 -70.52
CA ARG D 335 46.91 43.15 -71.84
C ARG D 335 46.38 44.23 -72.78
N ILE D 336 45.39 45.00 -72.35
CA ILE D 336 44.91 46.17 -73.08
C ILE D 336 45.36 47.46 -72.39
N LYS D 337 45.26 47.49 -71.07
CA LYS D 337 45.80 48.58 -70.26
C LYS D 337 46.89 48.12 -69.31
N ASP D 338 46.63 47.08 -68.53
CA ASP D 338 47.61 46.60 -67.56
C ASP D 338 48.82 46.00 -68.27
N THR D 339 49.98 46.15 -67.64
CA THR D 339 51.22 45.57 -68.15
C THR D 339 51.65 44.40 -67.28
N ASP D 340 52.26 43.40 -67.93
CA ASP D 340 52.84 42.28 -67.20
C ASP D 340 54.31 42.59 -66.93
N PHE D 341 54.71 42.45 -65.66
CA PHE D 341 56.06 42.84 -65.26
C PHE D 341 57.12 41.92 -65.86
N ALA D 342 56.75 40.74 -66.31
CA ALA D 342 57.74 39.80 -66.83
C ALA D 342 58.37 40.32 -68.13
N LYS D 343 57.54 40.68 -69.11
CA LYS D 343 58.07 41.12 -70.39
C LYS D 343 58.47 42.59 -70.38
N GLU D 344 57.90 43.38 -69.46
CA GLU D 344 58.27 44.79 -69.39
C GLU D 344 59.64 44.97 -68.76
N THR D 345 59.93 44.21 -67.69
CA THR D 345 61.19 44.38 -67.00
C THR D 345 62.37 43.93 -67.86
N THR D 346 62.20 42.84 -68.61
CA THR D 346 63.30 42.40 -69.48
C THR D 346 63.56 43.40 -70.59
N ALA D 347 62.51 44.06 -71.09
CA ALA D 347 62.71 45.17 -72.01
C ALA D 347 63.43 46.32 -71.33
N LEU D 348 63.11 46.56 -70.05
CA LEU D 348 63.79 47.60 -69.29
C LEU D 348 65.27 47.31 -69.14
N THR D 349 65.61 46.10 -68.67
CA THR D 349 67.00 45.74 -68.45
C THR D 349 67.76 45.65 -69.77
N LYS D 350 67.13 45.10 -70.81
CA LYS D 350 67.78 45.03 -72.11
C LYS D 350 68.13 46.41 -72.63
N ALA D 351 67.14 47.32 -72.63
CA ALA D 351 67.39 48.68 -73.08
C ALA D 351 68.44 49.38 -72.22
N GLN D 352 68.54 48.99 -70.94
CA GLN D 352 69.61 49.52 -70.09
C GLN D 352 70.97 49.10 -70.62
N ILE D 353 71.10 47.84 -71.05
CA ILE D 353 72.39 47.36 -71.54
C ILE D 353 72.78 48.10 -72.81
N LEU D 354 71.83 48.31 -73.73
CA LEU D 354 72.13 49.13 -74.90
C LEU D 354 72.48 50.55 -74.51
N SER D 355 71.87 51.08 -73.45
CA SER D 355 72.23 52.41 -72.98
C SER D 355 73.68 52.43 -72.50
N GLN D 356 74.11 51.39 -71.78
CA GLN D 356 75.49 51.31 -71.34
C GLN D 356 76.44 51.12 -72.51
N ALA D 357 76.05 50.29 -73.49
CA ALA D 357 76.93 50.03 -74.63
C ALA D 357 77.02 51.24 -75.55
N SER D 358 75.89 51.89 -75.83
CA SER D 358 75.90 53.07 -76.68
C SER D 358 76.64 54.23 -76.02
N SER D 359 76.49 54.38 -74.71
CA SER D 359 77.27 55.38 -73.99
C SER D 359 78.75 55.02 -73.94
N SER D 360 79.06 53.72 -73.85
CA SER D 360 80.46 53.30 -73.79
C SER D 360 81.15 53.46 -75.14
N VAL D 361 80.45 53.21 -76.24
CA VAL D 361 81.07 53.30 -77.55
C VAL D 361 81.53 54.71 -77.86
N LEU D 362 80.97 55.71 -77.17
CA LEU D 362 81.47 57.08 -77.32
C LEU D 362 82.90 57.20 -76.80
N ALA D 363 83.27 56.41 -75.80
CA ALA D 363 84.62 56.49 -75.25
C ALA D 363 85.66 56.03 -76.26
N GLN D 364 85.42 54.90 -76.93
CA GLN D 364 86.31 54.40 -77.95
C GLN D 364 86.08 55.06 -79.31
N ALA D 365 85.20 56.06 -79.37
CA ALA D 365 85.05 56.88 -80.55
C ALA D 365 85.56 58.31 -80.34
N LYS D 366 85.63 58.78 -79.09
CA LYS D 366 86.10 60.13 -78.83
C LYS D 366 87.61 60.27 -79.04
N GLN D 367 88.37 59.23 -78.71
CA GLN D 367 89.82 59.30 -78.83
C GLN D 367 90.30 59.10 -80.26
N ALA D 368 89.45 58.59 -81.15
CA ALA D 368 89.86 58.39 -82.54
C ALA D 368 90.29 59.68 -83.24
N PRO D 369 89.56 60.80 -83.14
CA PRO D 369 90.07 62.04 -83.74
C PRO D 369 91.42 62.48 -83.18
N ASN D 370 91.66 62.29 -81.88
CA ASN D 370 92.94 62.69 -81.31
C ASN D 370 94.08 61.83 -81.84
N SER D 371 93.85 60.52 -81.97
CA SER D 371 94.86 59.65 -82.55
C SER D 371 95.06 59.97 -84.02
N ALA D 372 93.99 60.40 -84.71
CA ALA D 372 94.12 60.82 -86.11
C ALA D 372 95.01 62.05 -86.21
N LEU D 373 94.85 63.01 -85.30
CA LEU D 373 95.72 64.19 -85.30
C LEU D 373 97.12 63.85 -84.82
N ALA D 374 97.29 62.75 -84.10
CA ALA D 374 98.58 62.38 -83.55
C ALA D 374 99.60 61.99 -84.61
N LEU D 375 99.18 61.79 -85.87
CA LEU D 375 100.14 61.43 -86.90
C LEU D 375 101.15 62.55 -87.16
N LEU D 376 100.72 63.80 -86.99
CA LEU D 376 101.58 64.97 -87.15
C LEU D 376 101.58 65.77 -85.87
N GLY D 377 102.76 66.20 -85.43
CA GLY D 377 102.90 66.97 -84.21
C GLY D 377 102.22 68.32 -84.25
N MET E 1 27.93 39.00 -49.61
CA MET E 1 27.72 40.21 -48.82
C MET E 1 29.02 40.92 -48.53
N ALA E 2 28.91 42.12 -47.96
CA ALA E 2 30.08 42.87 -47.50
C ALA E 2 30.56 42.25 -46.19
N VAL E 3 31.64 41.48 -46.26
CA VAL E 3 32.16 40.81 -45.08
C VAL E 3 32.80 41.85 -44.16
N ASN E 4 32.05 42.25 -43.13
CA ASN E 4 32.41 43.41 -42.33
C ASN E 4 32.24 43.09 -40.86
N VAL E 5 32.58 44.06 -40.02
CA VAL E 5 32.61 43.83 -38.58
C VAL E 5 31.65 44.78 -37.87
N ASN E 6 31.41 45.96 -38.46
CA ASN E 6 30.63 46.97 -37.77
C ASN E 6 29.18 46.56 -37.59
N THR E 7 28.56 46.04 -38.64
CA THR E 7 27.16 45.63 -38.59
C THR E 7 27.06 44.12 -38.73
N ASN E 8 26.32 43.50 -37.82
CA ASN E 8 26.09 42.05 -37.82
C ASN E 8 24.59 41.83 -37.97
N VAL E 9 24.12 41.79 -39.22
CA VAL E 9 22.71 41.61 -39.47
C VAL E 9 22.24 40.25 -39.00
N SER E 10 23.10 39.23 -39.14
CA SER E 10 22.74 37.89 -38.67
C SER E 10 22.50 37.88 -37.17
N ALA E 11 23.33 38.60 -36.41
CA ALA E 11 23.13 38.68 -34.96
C ALA E 11 21.80 39.35 -34.63
N MET E 12 21.45 40.41 -35.36
CA MET E 12 20.18 41.08 -35.10
C MET E 12 19.00 40.17 -35.38
N THR E 13 19.07 39.39 -36.47
CA THR E 13 17.98 38.49 -36.80
C THR E 13 17.82 37.39 -35.75
N ALA E 14 18.93 36.82 -35.29
CA ALA E 14 18.85 35.78 -34.26
C ALA E 14 18.35 36.35 -32.94
N GLN E 15 18.80 37.55 -32.58
CA GLN E 15 18.34 38.19 -31.36
C GLN E 15 16.84 38.48 -31.43
N ARG E 16 16.36 38.94 -32.59
CA ARG E 16 14.94 39.26 -32.71
C ARG E 16 14.07 38.03 -32.52
N TYR E 17 14.48 36.90 -33.09
CA TYR E 17 13.72 35.67 -32.89
C TYR E 17 13.94 35.10 -31.49
N LEU E 18 15.05 35.45 -30.84
CA LEU E 18 15.25 35.03 -29.46
C LEU E 18 14.22 35.68 -28.54
N THR E 19 13.96 36.97 -28.72
CA THR E 19 12.96 37.63 -27.88
C THR E 19 11.56 37.17 -28.22
N SER E 20 11.31 36.85 -29.49
CA SER E 20 10.00 36.29 -29.85
C SER E 20 9.78 34.94 -29.18
N ALA E 21 10.87 34.28 -28.77
CA ALA E 21 10.75 33.01 -28.07
C ALA E 21 10.67 33.22 -26.57
N THR E 22 11.57 34.03 -26.00
CA THR E 22 11.55 34.27 -24.56
C THR E 22 10.29 35.01 -24.11
N ASN E 23 9.69 35.81 -24.98
CA ASN E 23 8.42 36.44 -24.63
C ASN E 23 7.31 35.40 -24.54
N ALA E 24 7.28 34.46 -25.49
CA ALA E 24 6.34 33.34 -25.39
C ALA E 24 6.62 32.49 -24.16
N GLN E 25 7.91 32.29 -23.85
CA GLN E 25 8.27 31.60 -22.62
C GLN E 25 7.85 32.39 -21.40
N GLN E 26 7.92 33.72 -21.48
CA GLN E 26 7.51 34.56 -20.35
C GLN E 26 6.01 34.52 -20.15
N SER E 27 5.26 34.56 -21.25
CA SER E 27 3.80 34.40 -21.16
C SER E 27 3.43 33.04 -20.61
N SER E 28 4.13 31.99 -21.05
CA SER E 28 4.04 30.70 -20.41
C SER E 28 4.75 30.75 -19.05
N MET E 29 4.68 29.65 -18.31
CA MET E 29 5.25 29.56 -16.95
C MET E 29 4.54 30.51 -16.00
N GLU E 30 3.56 31.26 -16.49
CA GLU E 30 2.66 32.03 -15.65
C GLU E 30 1.20 31.65 -15.84
N ARG E 31 0.85 31.09 -17.00
CA ARG E 31 -0.43 30.42 -17.13
C ARG E 31 -0.41 29.06 -16.45
N LEU E 32 0.74 28.41 -16.41
CA LEU E 32 0.86 27.15 -15.68
C LEU E 32 0.74 27.37 -14.17
N SER E 33 1.48 28.34 -13.63
CA SER E 33 1.45 28.58 -12.20
C SER E 33 0.10 29.11 -11.75
N SER E 34 -0.47 30.07 -12.50
CA SER E 34 -1.78 30.59 -12.14
C SER E 34 -2.88 29.57 -12.38
N GLY E 35 -2.73 28.73 -13.40
CA GLY E 35 -3.79 27.86 -13.85
C GLY E 35 -4.77 28.49 -14.81
N TYR E 36 -4.62 29.78 -15.10
CA TYR E 36 -5.49 30.50 -16.03
C TYR E 36 -4.71 30.89 -17.27
N LYS E 37 -5.25 30.56 -18.44
CA LYS E 37 -4.73 31.11 -19.68
C LYS E 37 -5.10 32.58 -19.87
N ILE E 38 -5.99 33.11 -19.03
CA ILE E 38 -6.39 34.51 -19.07
C ILE E 38 -6.02 35.12 -17.73
N ASN E 39 -5.01 35.99 -17.74
CA ASN E 39 -4.61 36.73 -16.55
C ASN E 39 -4.47 38.22 -16.77
N SER E 40 -4.35 38.67 -18.02
CA SER E 40 -4.34 40.08 -18.35
C SER E 40 -5.23 40.30 -19.56
N ALA E 41 -5.76 41.51 -19.69
CA ALA E 41 -6.67 41.82 -20.78
C ALA E 41 -6.01 41.68 -22.15
N LYS E 42 -4.69 41.82 -22.23
CA LYS E 42 -4.00 41.72 -23.50
C LYS E 42 -4.09 40.32 -24.10
N ASP E 43 -4.29 39.29 -23.27
CA ASP E 43 -4.38 37.94 -23.79
C ASP E 43 -5.69 37.72 -24.56
N ASP E 44 -6.81 38.15 -23.98
CA ASP E 44 -8.10 38.08 -24.68
C ASP E 44 -9.00 39.14 -24.06
N ALA E 45 -9.16 40.26 -24.75
CA ALA E 45 -10.03 41.33 -24.24
C ALA E 45 -11.47 40.86 -24.15
N ALA E 46 -11.96 40.17 -25.19
CA ALA E 46 -13.32 39.66 -25.15
C ALA E 46 -13.48 38.60 -24.07
N GLY E 47 -12.50 37.71 -23.93
CA GLY E 47 -12.60 36.65 -22.95
C GLY E 47 -12.67 37.17 -21.52
N LEU E 48 -11.96 38.26 -21.24
CA LEU E 48 -11.96 38.80 -19.88
C LEU E 48 -13.35 39.25 -19.45
N GLN E 49 -14.06 39.97 -20.34
CA GLN E 49 -15.38 40.49 -19.97
C GLN E 49 -16.35 39.37 -19.68
N ILE E 50 -16.47 38.41 -20.59
CA ILE E 50 -17.44 37.33 -20.40
C ILE E 50 -17.03 36.44 -19.24
N SER E 51 -15.73 36.20 -19.06
CA SER E 51 -15.29 35.32 -17.97
C SER E 51 -15.54 35.95 -16.61
N ASN E 52 -15.30 37.25 -16.46
CA ASN E 52 -15.61 37.91 -15.19
C ASN E 52 -17.10 37.91 -14.93
N ARG E 53 -17.91 38.06 -15.99
CA ARG E 53 -19.35 37.93 -15.83
C ARG E 53 -19.74 36.53 -15.37
N LEU E 54 -19.07 35.52 -15.94
CA LEU E 54 -19.32 34.14 -15.51
C LEU E 54 -18.91 33.93 -14.06
N ASN E 55 -17.76 34.49 -13.67
CA ASN E 55 -17.31 34.36 -12.29
C ASN E 55 -18.25 35.09 -11.33
N VAL E 56 -18.75 36.26 -11.74
CA VAL E 56 -19.72 36.98 -10.92
C VAL E 56 -20.97 36.15 -10.71
N GLN E 57 -21.46 35.52 -11.77
CA GLN E 57 -22.63 34.65 -11.64
C GLN E 57 -22.31 33.44 -10.77
N SER E 58 -21.12 32.88 -10.92
CA SER E 58 -20.75 31.69 -10.14
C SER E 58 -20.72 32.00 -8.65
N ARG E 59 -20.08 33.10 -8.26
CA ARG E 59 -20.08 33.50 -6.86
C ARG E 59 -21.47 33.91 -6.40
N GLY E 60 -22.23 34.56 -7.29
CA GLY E 60 -23.58 34.96 -6.93
C GLY E 60 -24.46 33.77 -6.61
N LEU E 61 -24.34 32.69 -7.40
CA LEU E 61 -25.08 31.47 -7.09
C LEU E 61 -24.59 30.85 -5.80
N GLY E 62 -23.29 30.99 -5.50
CA GLY E 62 -22.77 30.45 -4.26
C GLY E 62 -23.41 31.07 -3.04
N VAL E 63 -23.60 32.40 -3.06
CA VAL E 63 -24.29 33.04 -1.95
C VAL E 63 -25.80 32.90 -2.10
N ALA E 64 -26.28 32.60 -3.31
CA ALA E 64 -27.71 32.43 -3.51
C ALA E 64 -28.22 31.17 -2.84
N VAL E 65 -27.48 30.06 -2.97
CA VAL E 65 -27.86 28.84 -2.28
C VAL E 65 -27.72 29.00 -0.78
N ARG E 66 -26.74 29.80 -0.33
CA ARG E 66 -26.61 30.09 1.09
C ARG E 66 -27.80 30.90 1.59
N ASN E 67 -28.21 31.92 0.82
CA ASN E 67 -29.36 32.73 1.20
C ASN E 67 -30.64 31.90 1.24
N ALA E 68 -30.83 31.05 0.22
CA ALA E 68 -32.02 30.22 0.16
C ALA E 68 -32.01 29.15 1.24
N ASN E 69 -30.83 28.67 1.64
CA ASN E 69 -30.75 27.74 2.75
C ASN E 69 -31.08 28.43 4.06
N ASP E 70 -30.75 29.72 4.18
CA ASP E 70 -31.20 30.48 5.34
C ASP E 70 -32.72 30.62 5.33
N GLY E 71 -33.31 30.82 4.16
CA GLY E 71 -34.75 30.93 4.07
C GLY E 71 -35.45 29.64 4.44
N ILE E 72 -34.92 28.50 3.99
CA ILE E 72 -35.56 27.22 4.30
C ILE E 72 -35.44 26.91 5.79
N SER E 73 -34.33 27.34 6.41
CA SER E 73 -34.15 27.08 7.84
C SER E 73 -35.18 27.86 8.67
N MET E 74 -35.43 29.11 8.32
CA MET E 74 -36.42 29.89 9.05
C MET E 74 -37.83 29.36 8.80
N ALA E 75 -38.01 28.62 7.70
CA ALA E 75 -39.31 28.02 7.44
C ALA E 75 -39.57 26.82 8.35
N GLN E 76 -38.56 25.97 8.56
CA GLN E 76 -38.77 24.80 9.40
C GLN E 76 -38.80 25.17 10.88
N THR E 77 -38.07 26.23 11.26
CA THR E 77 -38.11 26.66 12.66
C THR E 77 -39.50 27.10 13.05
N ALA E 78 -40.17 27.86 12.19
CA ALA E 78 -41.57 28.18 12.43
C ALA E 78 -42.42 26.92 12.42
N GLU E 79 -42.12 25.99 11.51
CA GLU E 79 -42.88 24.75 11.44
C GLU E 79 -42.72 23.91 12.70
N GLY E 80 -41.55 23.98 13.34
CA GLY E 80 -41.36 23.24 14.59
C GLY E 80 -42.30 23.73 15.67
N ALA E 81 -42.38 25.05 15.85
CA ALA E 81 -43.36 25.61 16.78
C ALA E 81 -44.78 25.38 16.30
N MET E 82 -44.96 25.21 14.99
CA MET E 82 -46.30 24.97 14.45
C MET E 82 -46.86 23.66 15.00
N LYS E 83 -46.03 22.62 15.05
CA LYS E 83 -46.49 21.31 15.50
C LYS E 83 -46.99 21.37 16.94
N GLU E 84 -46.25 22.05 17.82
CA GLU E 84 -46.68 22.17 19.20
C GLU E 84 -47.96 22.97 19.31
N THR E 85 -48.06 24.07 18.54
CA THR E 85 -49.30 24.84 18.52
C THR E 85 -50.48 23.97 18.13
N THR E 86 -50.29 23.08 17.16
CA THR E 86 -51.33 22.12 16.82
C THR E 86 -51.62 21.20 17.99
N ASN E 87 -50.57 20.72 18.66
CA ASN E 87 -50.75 19.72 19.71
C ASN E 87 -51.56 20.26 20.87
N ILE E 88 -51.26 21.48 21.31
CA ILE E 88 -52.03 22.06 22.42
C ILE E 88 -53.45 22.36 21.96
N LEU E 89 -53.62 22.81 20.71
CA LEU E 89 -54.96 23.07 20.20
C LEU E 89 -55.80 21.81 20.19
N GLN E 90 -55.22 20.68 19.75
CA GLN E 90 -55.94 19.42 19.79
C GLN E 90 -56.29 19.04 21.22
N ARG E 91 -55.32 19.16 22.13
CA ARG E 91 -55.56 18.79 23.52
C ARG E 91 -56.63 19.67 24.15
N MET E 92 -56.68 20.95 23.78
CA MET E 92 -57.74 21.83 24.24
C MET E 92 -59.10 21.31 23.79
N ARG E 93 -59.16 20.77 22.57
CA ARG E 93 -60.44 20.39 21.98
C ARG E 93 -61.02 19.15 22.64
N ASP E 94 -60.17 18.17 22.96
CA ASP E 94 -60.69 16.91 23.50
C ASP E 94 -61.34 17.12 24.86
N LEU E 95 -60.69 17.87 25.74
CA LEU E 95 -61.23 18.01 27.09
C LEU E 95 -62.40 18.98 27.14
N SER E 96 -62.48 19.93 26.21
CA SER E 96 -63.68 20.75 26.12
C SER E 96 -64.87 19.90 25.70
N LEU E 97 -64.64 18.92 24.83
CA LEU E 97 -65.67 17.93 24.54
C LEU E 97 -66.01 17.14 25.80
N GLN E 98 -65.00 16.83 26.62
CA GLN E 98 -65.24 16.14 27.88
C GLN E 98 -66.14 16.96 28.79
N SER E 99 -65.88 18.28 28.87
CA SER E 99 -66.68 19.15 29.71
C SER E 99 -68.07 19.39 29.14
N ALA E 100 -68.29 19.07 27.86
CA ALA E 100 -69.57 19.33 27.22
C ALA E 100 -70.71 18.49 27.78
N ASN E 101 -70.41 17.42 28.52
CA ASN E 101 -71.47 16.61 29.09
C ASN E 101 -72.15 17.34 30.24
N GLY E 102 -73.33 16.84 30.60
CA GLY E 102 -73.94 17.21 31.85
C GLY E 102 -73.54 16.36 33.02
N SER E 103 -72.63 15.39 32.79
CA SER E 103 -72.23 14.48 33.86
C SER E 103 -71.41 15.20 34.93
N ASN E 104 -70.50 16.07 34.50
CA ASN E 104 -69.61 16.74 35.45
C ASN E 104 -70.27 18.00 36.01
N SER E 105 -70.16 18.16 37.32
CA SER E 105 -70.75 19.31 38.01
C SER E 105 -69.88 20.54 37.78
N LYS E 106 -70.27 21.66 38.39
CA LYS E 106 -69.56 22.92 38.15
C LYS E 106 -68.12 22.88 38.64
N ALA E 107 -67.84 22.15 39.72
CA ALA E 107 -66.48 22.07 40.23
C ALA E 107 -65.55 21.42 39.21
N ASP E 108 -66.01 20.36 38.55
CA ASP E 108 -65.18 19.68 37.57
C ASP E 108 -64.87 20.59 36.39
N ARG E 109 -65.86 21.35 35.92
CA ARG E 109 -65.62 22.28 34.82
C ARG E 109 -64.66 23.38 35.21
N VAL E 110 -64.65 23.79 36.48
CA VAL E 110 -63.69 24.78 36.94
C VAL E 110 -62.27 24.22 36.82
N ALA E 111 -62.08 22.96 37.21
CA ALA E 111 -60.76 22.34 37.10
C ALA E 111 -60.33 22.24 35.64
N ILE E 112 -61.26 21.89 34.75
CA ILE E 112 -60.94 21.84 33.32
C ILE E 112 -60.57 23.23 32.82
N GLN E 113 -61.31 24.25 33.26
CA GLN E 113 -61.00 25.62 32.85
C GLN E 113 -59.60 26.03 33.29
N GLU E 114 -59.14 25.55 34.45
CA GLU E 114 -57.79 25.86 34.89
C GLU E 114 -56.77 25.28 33.90
N GLU E 115 -57.07 24.11 33.34
CA GLU E 115 -56.21 23.56 32.30
C GLU E 115 -56.23 24.43 31.05
N ILE E 116 -57.39 24.98 30.71
CA ILE E 116 -57.49 25.87 29.55
C ILE E 116 -56.67 27.13 29.76
N THR E 117 -56.83 27.78 30.92
CA THR E 117 -56.08 29.01 31.14
C THR E 117 -54.58 28.74 31.26
N ALA E 118 -54.20 27.51 31.61
CA ALA E 118 -52.80 27.15 31.62
C ALA E 118 -52.29 26.95 30.20
N LEU E 119 -53.03 26.19 29.38
CA LEU E 119 -52.61 25.93 28.02
C LEU E 119 -52.73 27.17 27.15
N ASN E 120 -53.67 28.07 27.47
CA ASN E 120 -53.81 29.30 26.72
C ASN E 120 -52.57 30.16 26.82
N ASP E 121 -51.97 30.23 28.01
CA ASP E 121 -50.74 30.98 28.17
C ASP E 121 -49.60 30.34 27.39
N GLU E 122 -49.72 29.05 27.06
CA GLU E 122 -48.69 28.39 26.27
C GLU E 122 -48.73 28.87 24.82
N LEU E 123 -49.93 29.04 24.26
CA LEU E 123 -50.04 29.57 22.91
C LEU E 123 -49.47 30.99 22.84
N ASN E 124 -49.79 31.80 23.84
CA ASN E 124 -49.25 33.17 23.87
C ASN E 124 -47.75 33.16 24.08
N ARG E 125 -47.23 32.23 24.87
CA ARG E 125 -45.79 32.19 25.13
C ARG E 125 -45.03 31.70 23.91
N VAL E 126 -45.51 30.64 23.27
CA VAL E 126 -44.78 30.08 22.12
C VAL E 126 -44.74 31.08 20.98
N ALA E 127 -45.78 31.91 20.82
CA ALA E 127 -45.76 32.91 19.78
C ALA E 127 -44.73 33.99 20.04
N GLU E 128 -44.36 34.19 21.31
CA GLU E 128 -43.39 35.22 21.68
C GLU E 128 -42.04 34.64 22.08
N THR E 129 -41.85 33.33 22.03
CA THR E 129 -40.60 32.70 22.43
C THR E 129 -39.74 32.29 21.24
N THR E 130 -40.33 31.62 20.25
CA THR E 130 -39.58 31.20 19.08
C THR E 130 -39.01 32.40 18.35
N SER E 131 -37.69 32.47 18.24
CA SER E 131 -37.03 33.69 17.81
C SER E 131 -36.17 33.54 16.57
N PHE E 132 -35.38 32.47 16.47
CA PHE E 132 -34.36 32.32 15.43
C PHE E 132 -33.42 33.52 15.45
N GLY E 133 -32.69 33.64 16.55
CA GLY E 133 -31.70 34.69 16.69
C GLY E 133 -32.27 36.08 16.80
N GLY E 134 -32.94 36.37 17.92
CA GLY E 134 -33.42 37.70 18.19
C GLY E 134 -34.61 38.14 17.37
N ASN E 135 -34.96 37.44 16.30
CA ASN E 135 -36.13 37.76 15.50
C ASN E 135 -37.38 37.26 16.25
N LYS E 136 -38.53 37.34 15.59
CA LYS E 136 -39.79 36.87 16.17
C LYS E 136 -40.60 36.25 15.03
N LEU E 137 -40.71 34.92 15.03
CA LEU E 137 -41.34 34.24 13.91
C LEU E 137 -42.86 34.33 13.98
N LEU E 138 -43.45 33.86 15.08
CA LEU E 138 -44.89 33.76 15.20
C LEU E 138 -45.53 34.92 15.94
N ASN E 139 -44.74 35.90 16.38
CA ASN E 139 -45.30 37.02 17.11
C ASN E 139 -46.14 37.94 16.24
N GLY E 140 -45.95 37.92 14.92
CA GLY E 140 -46.60 38.83 14.02
C GLY E 140 -45.76 40.02 13.63
N THR E 141 -44.69 40.30 14.37
CA THR E 141 -43.76 41.35 13.98
C THR E 141 -42.93 40.98 12.75
N PHE E 142 -42.96 39.70 12.36
CA PHE E 142 -42.30 39.24 11.14
C PHE E 142 -43.20 39.57 9.96
N ALA E 143 -42.94 40.72 9.35
CA ALA E 143 -43.73 41.16 8.21
C ALA E 143 -43.23 40.45 6.95
N THR E 144 -43.67 40.92 5.79
CA THR E 144 -43.26 40.32 4.52
C THR E 144 -41.76 40.48 4.31
N LYS E 145 -41.04 39.35 4.31
CA LYS E 145 -39.59 39.33 4.14
C LYS E 145 -39.26 38.64 2.83
N SER E 146 -38.41 39.26 2.03
CA SER E 146 -38.03 38.74 0.72
C SER E 146 -36.65 38.11 0.80
N PHE E 147 -36.54 36.87 0.33
CA PHE E 147 -35.28 36.14 0.33
C PHE E 147 -34.69 36.16 -1.08
N GLN E 148 -33.50 36.75 -1.19
CA GLN E 148 -32.83 36.88 -2.48
C GLN E 148 -32.19 35.55 -2.84
N ILE E 149 -32.72 34.90 -3.86
CA ILE E 149 -32.28 33.55 -4.22
C ILE E 149 -31.83 33.52 -5.68
N GLY E 150 -31.47 34.68 -6.22
CA GLY E 150 -31.04 34.76 -7.59
C GLY E 150 -29.61 35.24 -7.67
N ALA E 151 -28.97 34.91 -8.80
CA ALA E 151 -27.61 35.38 -9.03
C ALA E 151 -27.55 36.89 -9.10
N ASP E 152 -28.52 37.50 -9.78
CA ASP E 152 -28.62 38.95 -9.86
C ASP E 152 -29.63 39.43 -8.83
N ASN E 153 -29.99 40.70 -8.90
CA ASN E 153 -30.94 41.29 -7.96
C ASN E 153 -32.36 41.24 -8.52
N GLY E 154 -33.32 41.43 -7.62
CA GLY E 154 -34.72 41.43 -7.99
C GLY E 154 -35.35 40.06 -8.08
N GLU E 155 -34.56 39.00 -8.03
CA GLU E 155 -35.09 37.64 -8.10
C GLU E 155 -35.23 37.06 -6.69
N ALA E 156 -36.12 37.67 -5.93
CA ALA E 156 -36.41 37.27 -4.56
C ALA E 156 -37.78 36.62 -4.46
N VAL E 157 -38.09 36.13 -3.27
CA VAL E 157 -39.37 35.50 -2.97
C VAL E 157 -39.85 36.01 -1.62
N MET E 158 -41.08 36.49 -1.57
CA MET E 158 -41.62 37.07 -0.35
C MET E 158 -42.35 36.01 0.47
N LEU E 159 -42.05 36.00 1.77
CA LEU E 159 -42.66 35.07 2.70
C LEU E 159 -43.24 35.85 3.87
N ASN E 160 -44.46 35.51 4.26
CA ASN E 160 -45.12 36.13 5.39
C ASN E 160 -45.50 35.05 6.39
N ILE E 161 -45.15 35.27 7.65
CA ILE E 161 -45.53 34.38 8.75
C ILE E 161 -46.55 35.12 9.59
N LYS E 162 -47.76 34.57 9.68
CA LYS E 162 -48.87 35.26 10.31
C LYS E 162 -48.81 35.10 11.83
N ASP E 163 -49.32 36.12 12.52
CA ASP E 163 -49.34 36.11 13.98
C ASP E 163 -50.28 35.02 14.49
N MET E 164 -49.84 34.29 15.51
CA MET E 164 -50.64 33.24 16.12
C MET E 164 -50.65 33.38 17.63
N ARG E 165 -50.84 34.60 18.10
CA ARG E 165 -51.28 34.79 19.47
C ARG E 165 -52.70 34.25 19.61
N SER E 166 -53.04 33.83 20.83
CA SER E 166 -54.35 33.22 21.04
C SER E 166 -55.50 34.19 20.81
N ASP E 167 -55.23 35.49 20.73
CA ASP E 167 -56.25 36.50 20.52
C ASP E 167 -56.34 36.99 19.08
N ASN E 168 -55.68 36.29 18.15
CA ASN E 168 -55.71 36.71 16.75
C ASN E 168 -57.13 36.63 16.20
N ALA E 169 -57.45 37.57 15.31
CA ALA E 169 -58.81 37.64 14.77
C ALA E 169 -59.15 36.40 13.96
N LEU E 170 -58.22 35.93 13.13
CA LEU E 170 -58.48 34.76 12.29
C LEU E 170 -58.51 33.47 13.09
N MET E 171 -58.00 33.47 14.32
CA MET E 171 -57.96 32.25 15.12
C MET E 171 -59.31 31.92 15.74
N GLY E 172 -60.28 32.83 15.68
CA GLY E 172 -61.59 32.58 16.22
C GLY E 172 -62.70 32.80 15.22
N GLY E 173 -63.70 33.59 15.59
CA GLY E 173 -64.78 33.89 14.68
C GLY E 173 -65.97 34.47 15.41
N LYS E 174 -67.01 34.77 14.64
CA LYS E 174 -68.24 35.32 15.19
C LYS E 174 -69.12 34.21 15.77
N THR E 175 -70.11 34.62 16.54
CA THR E 175 -71.09 33.68 17.10
C THR E 175 -72.41 34.40 17.34
N TYR E 176 -73.47 33.60 17.46
CA TYR E 176 -74.82 34.12 17.62
C TYR E 176 -75.57 33.26 18.62
N GLN E 177 -76.29 33.90 19.54
CA GLN E 177 -76.99 33.22 20.62
C GLN E 177 -78.49 33.46 20.48
N ALA E 178 -79.26 32.39 20.59
CA ALA E 178 -80.71 32.51 20.54
C ALA E 178 -81.22 33.27 21.77
N ALA E 179 -82.21 34.13 21.56
CA ALA E 179 -82.72 34.95 22.65
C ALA E 179 -83.53 34.12 23.64
N ASN E 180 -84.40 33.24 23.13
CA ASN E 180 -85.28 32.45 23.97
C ASN E 180 -84.95 30.97 23.80
N GLY E 181 -85.02 30.22 24.90
CA GLY E 181 -84.70 28.81 24.89
C GLY E 181 -85.93 27.93 24.69
N LYS E 182 -85.66 26.69 24.28
CA LYS E 182 -86.69 25.68 24.08
C LYS E 182 -86.40 24.50 24.98
N ASP E 183 -87.43 23.99 25.64
CA ASP E 183 -87.26 22.97 26.68
C ASP E 183 -87.25 21.57 26.07
N LYS E 184 -87.34 20.56 26.93
CA LYS E 184 -87.35 19.17 26.47
C LYS E 184 -88.56 18.88 25.61
N ASN E 185 -89.75 19.21 26.10
CA ASN E 185 -90.98 18.85 25.40
C ASN E 185 -91.17 19.62 24.11
N TRP E 186 -90.45 20.71 23.91
CA TRP E 186 -90.62 21.52 22.72
C TRP E 186 -90.14 20.76 21.49
N GLY E 187 -90.86 20.96 20.38
CA GLY E 187 -90.47 20.38 19.11
C GLY E 187 -90.76 21.34 17.98
N VAL E 188 -90.19 21.03 16.81
CA VAL E 188 -90.40 21.87 15.64
C VAL E 188 -91.83 21.67 15.15
N GLU E 189 -92.56 22.78 15.02
CA GLU E 189 -93.95 22.73 14.60
C GLU E 189 -94.08 22.95 13.10
N ALA E 190 -95.08 22.30 12.51
CA ALA E 190 -95.29 22.39 11.08
C ALA E 190 -95.63 23.82 10.68
N GLY E 191 -95.10 24.25 9.53
CA GLY E 191 -95.28 25.61 9.07
C GLY E 191 -94.27 26.60 9.62
N LYS E 192 -93.41 26.16 10.54
CA LYS E 192 -92.36 27.00 11.12
C LYS E 192 -91.04 26.24 11.11
N THR E 193 -90.77 25.54 10.00
CA THR E 193 -89.55 24.75 9.85
C THR E 193 -88.54 25.40 8.90
N ASP E 194 -88.90 26.51 8.27
CA ASP E 194 -88.00 27.15 7.31
C ASP E 194 -87.01 28.05 8.05
N LEU E 195 -85.72 27.83 7.78
CA LEU E 195 -84.65 28.60 8.41
C LEU E 195 -83.60 28.88 7.34
N THR E 196 -83.52 30.13 6.90
CA THR E 196 -82.61 30.53 5.84
C THR E 196 -81.50 31.39 6.44
N ILE E 197 -80.26 31.06 6.10
CA ILE E 197 -79.08 31.80 6.57
C ILE E 197 -78.40 32.40 5.36
N THR E 198 -78.17 33.71 5.39
CA THR E 198 -77.46 34.41 4.33
C THR E 198 -76.05 34.75 4.83
N LEU E 199 -75.05 34.38 4.04
CA LEU E 199 -73.66 34.45 4.47
C LEU E 199 -72.83 35.23 3.47
N LYS E 200 -71.78 35.87 3.95
CA LYS E 200 -70.74 36.43 3.10
C LYS E 200 -69.48 35.60 3.26
N ASP E 201 -68.99 35.07 2.13
CA ASP E 201 -67.86 34.15 2.13
C ASP E 201 -66.66 34.82 1.49
N LYS E 202 -65.46 34.52 2.02
CA LYS E 202 -64.25 35.09 1.46
C LYS E 202 -64.08 34.68 0.00
N ARG E 203 -64.37 33.44 -0.32
CA ARG E 203 -64.39 32.95 -1.70
C ARG E 203 -65.78 32.43 -2.01
N GLU E 204 -66.19 32.57 -3.27
CA GLU E 204 -67.56 32.33 -3.72
C GLU E 204 -68.57 32.87 -2.71
N GLY E 205 -68.46 34.17 -2.45
CA GLY E 205 -69.25 34.82 -1.44
C GLY E 205 -70.73 34.88 -1.80
N ASP E 206 -71.51 35.41 -0.85
CA ASP E 206 -72.96 35.54 -0.97
C ASP E 206 -73.61 34.18 -1.21
N VAL E 207 -73.45 33.30 -0.22
CA VAL E 207 -74.02 31.96 -0.25
C VAL E 207 -75.17 31.92 0.73
N THR E 208 -76.35 31.53 0.25
CA THR E 208 -77.54 31.38 1.07
C THR E 208 -77.86 29.90 1.19
N ILE E 209 -77.95 29.41 2.42
CA ILE E 209 -78.27 28.02 2.71
C ILE E 209 -79.61 27.97 3.41
N SER E 210 -80.46 27.04 2.98
CA SER E 210 -81.80 26.89 3.54
C SER E 210 -81.89 25.57 4.28
N ILE E 211 -82.33 25.63 5.53
CA ILE E 211 -82.44 24.46 6.40
C ILE E 211 -83.91 24.26 6.73
N ASN E 212 -84.43 23.07 6.42
CA ASN E 212 -85.81 22.71 6.71
C ASN E 212 -85.80 21.63 7.77
N ALA E 213 -85.87 22.05 9.03
CA ALA E 213 -85.86 21.10 10.15
C ALA E 213 -87.09 20.21 10.10
N LYS E 214 -86.88 18.92 10.33
CA LYS E 214 -87.98 17.98 10.31
C LYS E 214 -88.93 18.24 11.47
N GLU E 215 -90.22 18.13 11.21
CA GLU E 215 -91.23 18.40 12.23
C GLU E 215 -91.14 17.37 13.35
N GLY E 216 -91.30 17.85 14.59
CA GLY E 216 -91.17 17.01 15.76
C GLY E 216 -89.78 16.95 16.36
N ASP E 217 -88.79 17.51 15.68
CA ASP E 217 -87.42 17.50 16.19
C ASP E 217 -87.32 18.42 17.41
N ASP E 218 -86.69 17.93 18.48
CA ASP E 218 -86.48 18.74 19.67
C ASP E 218 -85.34 19.74 19.40
N ILE E 219 -84.92 20.45 20.45
CA ILE E 219 -83.96 21.53 20.26
C ILE E 219 -82.56 20.98 20.07
N GLU E 220 -82.30 19.75 20.55
CA GLU E 220 -80.95 19.22 20.48
C GLU E 220 -80.67 18.63 19.10
N GLU E 221 -81.50 17.69 18.64
CA GLU E 221 -81.27 17.10 17.32
C GLU E 221 -81.45 18.11 16.20
N LEU E 222 -82.13 19.24 16.46
CA LEU E 222 -82.14 20.32 15.48
C LEU E 222 -80.74 20.87 15.26
N ALA E 223 -79.97 21.03 16.35
CA ALA E 223 -78.59 21.48 16.21
C ALA E 223 -77.75 20.48 15.44
N THR E 224 -77.97 19.18 15.67
CA THR E 224 -77.26 18.17 14.92
C THR E 224 -77.65 18.21 13.44
N TYR E 225 -78.92 18.48 13.15
CA TYR E 225 -79.36 18.56 11.76
C TYR E 225 -78.66 19.68 11.02
N ILE E 226 -78.53 20.85 11.65
CA ILE E 226 -77.86 21.98 11.02
C ILE E 226 -76.39 21.63 10.74
N ASN E 227 -75.72 20.99 11.70
CA ASN E 227 -74.33 20.64 11.52
C ASN E 227 -74.14 19.70 10.34
N GLY E 228 -75.02 18.72 10.20
CA GLY E 228 -74.91 17.78 9.09
C GLY E 228 -75.17 18.42 7.75
N GLN E 229 -76.15 19.33 7.69
CA GLN E 229 -76.55 19.90 6.40
C GLN E 229 -75.44 20.73 5.78
N THR E 230 -74.77 21.56 6.58
CA THR E 230 -73.76 22.47 6.07
C THR E 230 -72.55 22.48 6.99
N ASP E 231 -71.37 22.65 6.39
CA ASP E 231 -70.12 22.75 7.13
C ASP E 231 -69.71 24.19 7.42
N MET E 232 -70.50 25.17 6.96
CA MET E 232 -70.18 26.58 7.20
C MET E 232 -70.67 27.07 8.54
N ILE E 233 -71.53 26.32 9.23
CA ILE E 233 -72.19 26.76 10.44
C ILE E 233 -72.12 25.65 11.47
N LYS E 234 -71.77 25.98 12.70
CA LYS E 234 -71.72 25.02 13.80
C LYS E 234 -72.72 25.44 14.87
N ALA E 235 -73.70 24.57 15.15
CA ALA E 235 -74.79 24.90 16.04
C ALA E 235 -74.86 23.89 17.18
N SER E 236 -75.16 24.41 18.38
CA SER E 236 -75.32 23.57 19.56
C SER E 236 -76.13 24.35 20.59
N VAL E 237 -76.73 23.62 21.52
CA VAL E 237 -77.55 24.22 22.57
C VAL E 237 -76.73 24.27 23.86
N ASP E 238 -76.97 25.31 24.65
CA ASP E 238 -76.14 25.51 25.83
C ASP E 238 -76.72 24.95 27.12
N GLU E 239 -77.80 25.53 27.63
CA GLU E 239 -78.46 25.02 28.83
C GLU E 239 -79.97 25.06 28.78
N GLU E 240 -80.58 25.81 27.88
CA GLU E 240 -82.03 25.98 27.85
C GLU E 240 -82.62 25.87 26.46
N GLY E 241 -81.81 25.54 25.45
CA GLY E 241 -82.28 25.50 24.08
C GLY E 241 -81.76 26.61 23.21
N LYS E 242 -81.00 27.56 23.77
CA LYS E 242 -80.44 28.63 22.97
C LYS E 242 -79.37 28.08 22.04
N LEU E 243 -79.53 28.35 20.75
CA LEU E 243 -78.60 27.86 19.75
C LEU E 243 -77.38 28.77 19.66
N GLN E 244 -76.20 28.18 19.69
CA GLN E 244 -74.95 28.92 19.53
C GLN E 244 -74.44 28.70 18.11
N LEU E 245 -74.97 29.48 17.19
CA LEU E 245 -74.49 29.44 15.82
C LEU E 245 -73.07 29.99 15.78
N PHE E 246 -72.17 29.26 15.13
CA PHE E 246 -70.77 29.64 15.06
C PHE E 246 -70.37 29.91 13.62
N THR E 247 -69.46 30.87 13.45
CA THR E 247 -69.00 31.26 12.12
C THR E 247 -67.52 31.58 12.23
N ASP E 248 -66.68 30.70 11.70
CA ASP E 248 -65.24 30.93 11.72
C ASP E 248 -64.88 32.13 10.86
N ASN E 249 -64.01 33.00 11.38
CA ASN E 249 -63.73 34.27 10.74
C ASN E 249 -62.85 34.14 9.51
N ASN E 250 -62.24 32.97 9.29
CA ASN E 250 -61.26 32.88 8.22
C ASN E 250 -61.88 32.68 6.84
N ARG E 251 -63.17 32.31 6.76
CA ARG E 251 -63.78 32.15 5.45
C ARG E 251 -65.22 32.67 5.34
N ILE E 252 -65.84 33.13 6.43
CA ILE E 252 -67.19 33.67 6.35
C ILE E 252 -67.21 35.09 6.90
N ASP E 253 -66.15 35.84 6.61
CA ASP E 253 -66.06 37.24 7.03
C ASP E 253 -67.36 37.98 6.75
N GLY E 254 -67.66 38.96 7.60
CA GLY E 254 -68.89 39.71 7.50
C GLY E 254 -69.99 39.13 8.36
N ALA E 255 -71.00 39.96 8.61
CA ALA E 255 -72.11 39.55 9.45
C ALA E 255 -72.98 38.52 8.75
N ALA E 256 -73.70 37.74 9.56
CA ALA E 256 -74.64 36.74 9.07
C ALA E 256 -76.05 37.15 9.42
N THR E 257 -76.93 37.14 8.43
CA THR E 257 -78.33 37.48 8.62
C THR E 257 -79.19 36.23 8.53
N PHE E 258 -80.10 36.08 9.49
CA PHE E 258 -80.98 34.93 9.56
C PHE E 258 -82.38 35.30 9.07
N GLY E 259 -83.16 34.28 8.74
CA GLY E 259 -84.51 34.51 8.25
C GLY E 259 -85.30 33.23 8.28
N GLY E 260 -86.59 33.37 7.99
CA GLY E 260 -87.52 32.26 7.98
C GLY E 260 -88.34 32.20 9.26
N ALA E 261 -89.36 31.34 9.22
CA ALA E 261 -90.25 31.20 10.37
C ALA E 261 -89.52 30.64 11.57
N LEU E 262 -88.62 29.68 11.35
CA LEU E 262 -87.87 29.10 12.47
C LEU E 262 -86.96 30.14 13.11
N ALA E 263 -86.32 30.99 12.30
CA ALA E 263 -85.47 32.03 12.85
C ALA E 263 -86.27 32.99 13.73
N GLY E 264 -87.46 33.37 13.27
CA GLY E 264 -88.33 34.18 14.11
C GLY E 264 -88.81 33.45 15.35
N GLU E 265 -89.00 32.13 15.25
CA GLU E 265 -89.39 31.34 16.41
C GLU E 265 -88.30 31.37 17.47
N LEU E 266 -87.05 31.25 17.06
CA LEU E 266 -85.91 31.38 17.97
C LEU E 266 -85.48 32.85 18.01
N GLY E 267 -84.31 33.10 18.59
CA GLY E 267 -83.73 34.44 18.59
C GLY E 267 -82.63 34.53 17.54
N ILE E 268 -82.65 35.61 16.78
CA ILE E 268 -81.63 35.82 15.74
C ILE E 268 -80.26 35.97 16.38
N GLY E 269 -80.16 36.80 17.42
CA GLY E 269 -78.90 37.01 18.10
C GLY E 269 -78.01 38.02 17.40
N ALA E 270 -77.09 38.62 18.14
CA ALA E 270 -76.15 39.58 17.59
C ALA E 270 -74.81 38.91 17.32
N ALA E 271 -74.04 39.53 16.42
CA ALA E 271 -72.73 39.00 16.04
C ALA E 271 -71.73 39.34 17.13
N GLN E 272 -71.26 38.33 17.84
CA GLN E 272 -70.31 38.49 18.93
C GLN E 272 -68.98 37.84 18.54
N ASP E 273 -67.89 38.59 18.64
CA ASP E 273 -66.57 38.12 18.25
C ASP E 273 -65.91 37.41 19.40
N VAL E 274 -65.49 36.16 19.17
CA VAL E 274 -64.79 35.37 20.17
C VAL E 274 -63.56 34.74 19.52
N THR E 275 -62.53 34.51 20.34
CA THR E 275 -61.30 33.90 19.89
C THR E 275 -60.90 32.84 20.90
N VAL E 276 -59.71 32.24 20.69
CA VAL E 276 -59.20 31.26 21.64
C VAL E 276 -58.87 31.91 22.97
N ASP E 277 -58.38 33.16 22.94
CA ASP E 277 -58.08 33.86 24.18
C ASP E 277 -59.35 34.07 25.00
N THR E 278 -60.44 34.49 24.35
CA THR E 278 -61.72 34.65 25.03
C THR E 278 -62.42 33.33 25.27
N LEU E 279 -61.89 32.24 24.74
CA LEU E 279 -62.51 30.93 24.91
C LEU E 279 -62.47 30.53 26.38
N ASP E 280 -63.64 30.29 26.96
CA ASP E 280 -63.76 29.90 28.36
C ASP E 280 -64.70 28.72 28.46
N VAL E 281 -64.25 27.66 29.11
CA VAL E 281 -65.05 26.46 29.32
C VAL E 281 -65.28 26.32 30.83
N THR E 282 -66.45 26.77 31.28
CA THR E 282 -66.89 26.58 32.65
C THR E 282 -68.33 26.13 32.74
N THR E 283 -69.13 26.38 31.71
CA THR E 283 -70.49 25.85 31.59
C THR E 283 -70.57 25.03 30.32
N VAL E 284 -71.60 24.18 30.26
CA VAL E 284 -71.75 23.29 29.11
C VAL E 284 -71.88 24.09 27.81
N GLY E 285 -72.56 25.24 27.86
CA GLY E 285 -72.63 26.09 26.69
C GLY E 285 -71.28 26.59 26.24
N GLY E 286 -70.43 26.97 27.19
CA GLY E 286 -69.08 27.38 26.83
C GLY E 286 -68.28 26.25 26.21
N ALA E 287 -68.59 25.00 26.60
CA ALA E 287 -67.90 23.86 26.03
C ALA E 287 -68.24 23.67 24.56
N GLN E 288 -69.53 23.70 24.22
CA GLN E 288 -69.94 23.61 22.82
C GLN E 288 -69.40 24.79 22.03
N GLU E 289 -69.32 25.96 22.67
CA GLU E 289 -68.66 27.11 22.06
C GLU E 289 -67.20 26.81 21.77
N SER E 290 -66.51 26.21 22.74
CA SER E 290 -65.06 26.09 22.67
C SER E 290 -64.62 25.14 21.56
N VAL E 291 -65.28 23.98 21.46
CA VAL E 291 -64.87 22.99 20.46
C VAL E 291 -65.01 23.55 19.05
N ALA E 292 -66.07 24.33 18.81
CA ALA E 292 -66.23 24.97 17.52
C ALA E 292 -65.12 25.99 17.27
N ILE E 293 -64.76 26.77 18.29
CA ILE E 293 -63.72 27.78 18.13
C ILE E 293 -62.38 27.11 17.83
N VAL E 294 -62.06 26.03 18.55
CA VAL E 294 -60.78 25.37 18.38
C VAL E 294 -60.66 24.78 16.97
N ASP E 295 -61.76 24.28 16.41
CA ASP E 295 -61.72 23.77 15.04
C ASP E 295 -61.32 24.87 14.07
N ALA E 296 -61.85 26.08 14.27
CA ALA E 296 -61.44 27.21 13.44
C ALA E 296 -59.96 27.51 13.63
N ALA E 297 -59.47 27.46 14.86
CA ALA E 297 -58.05 27.70 15.11
C ALA E 297 -57.18 26.65 14.45
N LEU E 298 -57.59 25.38 14.55
CA LEU E 298 -56.81 24.31 13.93
C LEU E 298 -56.82 24.43 12.41
N LYS E 299 -57.95 24.82 11.83
CA LYS E 299 -58.01 25.01 10.38
C LYS E 299 -57.06 26.13 9.94
N TYR E 300 -57.06 27.24 10.68
CA TYR E 300 -56.17 28.34 10.35
C TYR E 300 -54.71 27.94 10.56
N VAL E 301 -54.42 27.20 11.62
CA VAL E 301 -53.07 26.74 11.88
C VAL E 301 -52.60 25.79 10.77
N ASP E 302 -53.45 24.84 10.39
CA ASP E 302 -53.07 23.89 9.35
C ASP E 302 -52.92 24.56 8.00
N SER E 303 -53.78 25.54 7.71
CA SER E 303 -53.71 26.23 6.42
C SER E 303 -52.38 26.94 6.25
N HIS E 304 -51.91 27.64 7.29
CA HIS E 304 -50.63 28.32 7.17
C HIS E 304 -49.46 27.34 7.24
N ARG E 305 -49.64 26.19 7.90
CA ARG E 305 -48.62 25.17 7.85
C ARG E 305 -48.45 24.64 6.43
N ALA E 306 -49.56 24.46 5.71
CA ALA E 306 -49.49 24.05 4.31
C ALA E 306 -48.82 25.12 3.46
N GLU E 307 -49.16 26.39 3.71
CA GLU E 307 -48.53 27.47 2.97
C GLU E 307 -47.03 27.52 3.22
N LEU E 308 -46.62 27.29 4.47
CA LEU E 308 -45.20 27.19 4.77
C LEU E 308 -44.58 25.97 4.09
N GLY E 309 -45.31 24.87 4.02
CA GLY E 309 -44.79 23.68 3.37
C GLY E 309 -44.57 23.86 1.88
N ALA E 310 -45.55 24.49 1.21
CA ALA E 310 -45.38 24.80 -0.21
C ALA E 310 -44.21 25.74 -0.44
N PHE E 311 -44.06 26.74 0.44
CA PHE E 311 -42.88 27.60 0.40
C PHE E 311 -41.61 26.79 0.64
N GLN E 312 -41.70 25.74 1.45
CA GLN E 312 -40.53 24.93 1.74
C GLN E 312 -40.12 24.10 0.53
N ASN E 313 -41.08 23.55 -0.20
CA ASN E 313 -40.80 22.76 -1.39
C ASN E 313 -40.33 23.60 -2.57
N ARG E 314 -40.76 24.87 -2.65
CA ARG E 314 -40.23 25.76 -3.67
C ARG E 314 -38.73 25.94 -3.50
N PHE E 315 -38.29 26.11 -2.25
CA PHE E 315 -36.87 26.36 -1.99
C PHE E 315 -36.03 25.12 -2.17
N ASN E 316 -36.58 23.94 -1.88
CA ASN E 316 -35.84 22.70 -2.14
C ASN E 316 -35.59 22.53 -3.62
N HIS E 317 -36.59 22.83 -4.46
CA HIS E 317 -36.36 22.86 -5.89
C HIS E 317 -35.50 24.03 -6.32
N ALA E 318 -35.43 25.09 -5.52
CA ALA E 318 -34.60 26.23 -5.86
C ALA E 318 -33.12 25.90 -5.67
N ILE E 319 -32.81 25.08 -4.66
CA ILE E 319 -31.40 24.77 -4.37
C ILE E 319 -30.78 24.00 -5.53
N ASN E 320 -31.32 22.82 -5.83
CA ASN E 320 -30.72 21.98 -6.86
C ASN E 320 -30.83 22.61 -8.24
N ASN E 321 -31.79 23.52 -8.44
CA ASN E 321 -31.81 24.28 -9.68
C ASN E 321 -30.61 25.20 -9.78
N LEU E 322 -30.36 25.99 -8.73
CA LEU E 322 -29.20 26.86 -8.71
C LEU E 322 -27.91 26.07 -8.77
N ASP E 323 -27.90 24.86 -8.17
CA ASP E 323 -26.73 24.00 -8.28
C ASP E 323 -26.50 23.56 -9.73
N ASN E 324 -27.58 23.25 -10.44
CA ASN E 324 -27.45 22.84 -11.83
C ASN E 324 -26.91 23.98 -12.69
N ILE E 325 -27.40 25.20 -12.48
CA ILE E 325 -26.87 26.34 -13.21
C ILE E 325 -25.43 26.59 -12.82
N ASN E 326 -25.13 26.58 -11.53
CA ASN E 326 -23.77 26.87 -11.08
C ASN E 326 -22.79 25.84 -11.61
N GLU E 327 -23.22 24.59 -11.74
CA GLU E 327 -22.37 23.57 -12.33
C GLU E 327 -22.04 23.90 -13.78
N ASN E 328 -23.04 24.33 -14.55
CA ASN E 328 -22.84 24.55 -15.97
C ASN E 328 -22.10 25.85 -16.25
N VAL E 329 -22.42 26.92 -15.52
CA VAL E 329 -21.73 28.18 -15.75
C VAL E 329 -20.29 28.09 -15.30
N ASN E 330 -19.99 27.24 -14.31
CA ASN E 330 -18.60 27.01 -13.96
C ASN E 330 -17.89 26.21 -15.04
N ALA E 331 -18.59 25.27 -15.68
CA ALA E 331 -18.04 24.60 -16.84
C ALA E 331 -17.79 25.58 -17.98
N SER E 332 -18.72 26.53 -18.18
CA SER E 332 -18.48 27.60 -19.14
C SER E 332 -17.36 28.51 -18.69
N LYS E 333 -17.11 28.64 -17.39
CA LYS E 333 -15.93 29.32 -16.89
C LYS E 333 -14.75 28.36 -16.83
N SER E 334 -14.54 27.67 -17.94
CA SER E 334 -13.40 26.79 -18.14
C SER E 334 -13.22 26.65 -19.64
N ARG E 335 -11.96 26.61 -20.07
CA ARG E 335 -11.51 26.83 -21.44
C ARG E 335 -11.69 28.27 -21.88
N ILE E 336 -12.29 29.10 -21.03
CA ILE E 336 -12.32 30.55 -21.24
C ILE E 336 -11.33 31.25 -20.33
N LYS E 337 -11.21 30.79 -19.08
CA LYS E 337 -10.26 31.34 -18.13
C LYS E 337 -9.10 30.38 -17.85
N ASP E 338 -9.40 29.16 -17.41
CA ASP E 338 -8.35 28.24 -17.00
C ASP E 338 -7.69 27.59 -18.20
N THR E 339 -6.39 27.40 -18.11
CA THR E 339 -5.62 26.79 -19.18
C THR E 339 -5.58 25.27 -19.00
N ASP E 340 -5.66 24.56 -20.12
CA ASP E 340 -5.38 23.13 -20.12
C ASP E 340 -3.88 22.91 -20.22
N PHE E 341 -3.35 22.08 -19.32
CA PHE E 341 -1.91 21.90 -19.25
C PHE E 341 -1.38 21.07 -20.41
N ALA E 342 -2.26 20.44 -21.19
CA ALA E 342 -1.80 19.64 -22.32
C ALA E 342 -1.10 20.52 -23.35
N LYS E 343 -1.83 21.44 -23.97
CA LYS E 343 -1.23 22.28 -24.99
C LYS E 343 -0.37 23.38 -24.39
N GLU E 344 -0.65 23.78 -23.15
CA GLU E 344 0.14 24.82 -22.52
C GLU E 344 1.58 24.37 -22.30
N THR E 345 1.75 23.13 -21.84
CA THR E 345 3.10 22.61 -21.60
C THR E 345 3.86 22.45 -22.92
N THR E 346 3.21 21.94 -23.95
CA THR E 346 3.87 21.77 -25.25
C THR E 346 4.29 23.11 -25.82
N ALA E 347 3.47 24.14 -25.63
CA ALA E 347 3.87 25.49 -26.06
C ALA E 347 5.09 25.96 -25.29
N LEU E 348 5.16 25.66 -24.00
CA LEU E 348 6.33 26.01 -23.22
C LEU E 348 7.56 25.25 -23.70
N THR E 349 7.42 23.96 -23.98
CA THR E 349 8.54 23.18 -24.47
C THR E 349 9.02 23.67 -25.82
N LYS E 350 8.08 24.02 -26.70
CA LYS E 350 8.46 24.58 -28.00
C LYS E 350 9.19 25.91 -27.82
N ALA E 351 8.74 26.73 -26.85
CA ALA E 351 9.42 27.98 -26.58
C ALA E 351 10.82 27.75 -26.05
N GLN E 352 11.00 26.76 -25.17
CA GLN E 352 12.32 26.47 -24.62
C GLN E 352 13.27 26.01 -25.71
N ILE E 353 12.81 25.12 -26.59
CA ILE E 353 13.65 24.65 -27.69
C ILE E 353 13.95 25.79 -28.65
N LEU E 354 12.95 26.62 -28.94
CA LEU E 354 13.15 27.76 -29.83
C LEU E 354 14.18 28.71 -29.27
N SER E 355 14.07 29.03 -27.98
CA SER E 355 15.03 29.93 -27.34
C SER E 355 16.42 29.34 -27.33
N GLN E 356 16.53 28.04 -27.06
CA GLN E 356 17.84 27.40 -27.05
C GLN E 356 18.46 27.40 -28.44
N ALA E 357 17.64 27.21 -29.48
CA ALA E 357 18.15 27.24 -30.84
C ALA E 357 18.62 28.63 -31.23
N SER E 358 17.78 29.64 -30.98
CA SER E 358 18.14 31.00 -31.35
C SER E 358 19.37 31.48 -30.58
N SER E 359 19.44 31.15 -29.28
CA SER E 359 20.60 31.52 -28.49
C SER E 359 21.86 30.85 -29.02
N SER E 360 21.75 29.59 -29.45
CA SER E 360 22.90 28.92 -30.02
C SER E 360 23.28 29.50 -31.38
N VAL E 361 22.30 30.08 -32.10
CA VAL E 361 22.62 30.71 -33.38
C VAL E 361 23.55 31.89 -33.17
N LEU E 362 23.32 32.67 -32.11
CA LEU E 362 24.24 33.76 -31.77
C LEU E 362 25.66 33.23 -31.57
N ALA E 363 25.80 31.98 -31.14
CA ALA E 363 27.13 31.45 -30.85
C ALA E 363 28.03 31.43 -32.08
N GLN E 364 27.55 30.94 -33.23
CA GLN E 364 28.35 31.00 -34.44
C GLN E 364 28.02 32.23 -35.28
N ALA E 365 27.16 33.12 -34.80
CA ALA E 365 26.92 34.38 -35.46
C ALA E 365 27.84 35.49 -34.97
N LYS E 366 28.42 35.36 -33.78
CA LYS E 366 29.29 36.39 -33.26
C LYS E 366 30.68 36.35 -33.88
N GLN E 367 31.15 35.18 -34.30
CA GLN E 367 32.47 35.08 -34.93
C GLN E 367 32.41 35.28 -36.43
N ALA E 368 31.25 35.61 -36.99
CA ALA E 368 31.19 35.99 -38.40
C ALA E 368 32.09 37.18 -38.70
N PRO E 369 32.10 38.27 -37.93
CA PRO E 369 33.12 39.30 -38.16
C PRO E 369 34.53 38.82 -37.87
N ASN E 370 34.69 37.80 -37.02
CA ASN E 370 36.02 37.30 -36.71
C ASN E 370 36.68 36.72 -37.96
N SER E 371 35.91 35.98 -38.75
CA SER E 371 36.44 35.45 -40.01
C SER E 371 36.83 36.57 -40.97
N ALA E 372 36.15 37.71 -40.89
CA ALA E 372 36.54 38.86 -41.71
C ALA E 372 37.94 39.34 -41.35
N LEU E 373 38.24 39.40 -40.05
CA LEU E 373 39.57 39.83 -39.62
C LEU E 373 40.63 38.78 -39.97
N ALA E 374 40.26 37.49 -39.94
CA ALA E 374 41.22 36.43 -40.19
C ALA E 374 41.84 36.48 -41.58
N LEU E 375 41.19 37.14 -42.54
CA LEU E 375 41.74 37.17 -43.90
C LEU E 375 43.03 37.98 -43.94
N LEU E 376 43.10 39.06 -43.17
CA LEU E 376 44.31 39.87 -43.06
C LEU E 376 44.68 40.00 -41.59
N GLY E 377 45.79 39.41 -41.20
CA GLY E 377 46.22 39.38 -39.82
C GLY E 377 46.36 40.75 -39.17
N MET F 1 76.41 30.03 -80.25
CA MET F 1 75.38 31.00 -80.61
C MET F 1 76.02 32.33 -80.97
N ALA F 2 75.68 33.36 -80.21
CA ALA F 2 76.27 34.68 -80.35
C ALA F 2 76.21 35.39 -79.01
N VAL F 3 77.23 36.19 -78.74
CA VAL F 3 77.30 36.99 -77.51
C VAL F 3 76.62 38.33 -77.81
N ASN F 4 75.30 38.34 -77.68
CA ASN F 4 74.49 39.48 -78.07
C ASN F 4 73.50 39.83 -76.98
N VAL F 5 72.83 40.97 -77.18
CA VAL F 5 71.78 41.43 -76.28
C VAL F 5 70.47 41.70 -76.99
N ASN F 6 70.49 42.02 -78.28
CA ASN F 6 69.27 42.42 -78.99
C ASN F 6 68.21 41.32 -79.00
N THR F 7 68.60 40.06 -78.79
CA THR F 7 67.65 38.96 -78.75
C THR F 7 67.96 38.09 -77.55
N ASN F 8 66.94 37.82 -76.74
CA ASN F 8 67.04 36.93 -75.58
C ASN F 8 66.05 35.78 -75.80
N VAL F 9 66.50 34.75 -76.51
CA VAL F 9 65.64 33.60 -76.77
C VAL F 9 65.36 32.85 -75.48
N SER F 10 66.29 32.89 -74.52
CA SER F 10 66.06 32.24 -73.25
C SER F 10 64.91 32.88 -72.49
N ALA F 11 64.88 34.21 -72.45
CA ALA F 11 63.79 34.91 -71.76
C ALA F 11 62.48 34.72 -72.50
N MET F 12 62.51 34.70 -73.83
CA MET F 12 61.29 34.57 -74.61
C MET F 12 60.62 33.22 -74.37
N THR F 13 61.38 32.13 -74.43
CA THR F 13 60.79 30.80 -74.29
C THR F 13 60.47 30.50 -72.83
N ALA F 14 61.30 30.98 -71.90
CA ALA F 14 60.96 30.84 -70.49
C ALA F 14 59.70 31.62 -70.16
N GLN F 15 59.43 32.69 -70.90
CA GLN F 15 58.17 33.40 -70.75
C GLN F 15 56.99 32.53 -71.17
N ARG F 16 57.13 31.82 -72.29
CA ARG F 16 56.03 30.98 -72.77
C ARG F 16 55.69 29.89 -71.77
N TYR F 17 56.71 29.31 -71.13
CA TYR F 17 56.45 28.33 -70.08
C TYR F 17 55.89 28.99 -68.82
N LEU F 18 56.28 30.24 -68.56
CA LEU F 18 55.73 30.97 -67.43
C LEU F 18 54.24 31.24 -67.63
N THR F 19 53.85 31.64 -68.84
CA THR F 19 52.45 31.93 -69.11
C THR F 19 51.59 30.68 -68.98
N SER F 20 52.06 29.56 -69.53
CA SER F 20 51.31 28.32 -69.44
C SER F 20 51.32 27.76 -68.02
N ALA F 21 52.32 28.14 -67.21
CA ALA F 21 52.46 27.59 -65.88
C ALA F 21 51.32 28.01 -64.97
N THR F 22 51.04 29.31 -64.91
CA THR F 22 50.09 29.83 -63.93
C THR F 22 48.77 30.26 -64.58
N ASN F 23 48.59 29.99 -65.87
CA ASN F 23 47.25 30.11 -66.44
C ASN F 23 46.38 28.95 -66.01
N ALA F 24 46.98 27.77 -65.83
CA ALA F 24 46.29 26.63 -65.23
C ALA F 24 46.20 26.79 -63.71
N GLN F 25 47.20 27.42 -63.10
CA GLN F 25 47.10 27.81 -61.70
C GLN F 25 45.98 28.84 -61.52
N GLN F 26 45.84 29.75 -62.48
CA GLN F 26 44.70 30.66 -62.46
C GLN F 26 43.40 29.91 -62.73
N SER F 27 43.45 28.85 -63.53
CA SER F 27 42.31 27.95 -63.66
C SER F 27 41.99 27.27 -62.34
N SER F 28 43.00 27.08 -61.49
CA SER F 28 42.78 26.69 -60.11
C SER F 28 42.45 27.94 -59.31
N MET F 29 42.37 27.81 -57.98
CA MET F 29 42.08 28.92 -57.07
C MET F 29 40.67 29.45 -57.26
N GLU F 30 39.93 28.90 -58.22
CA GLU F 30 38.50 29.12 -58.32
C GLU F 30 37.70 27.84 -58.23
N ARG F 31 38.27 26.70 -58.61
CA ARG F 31 37.64 25.43 -58.30
C ARG F 31 37.59 25.17 -56.80
N LEU F 32 38.60 25.63 -56.06
CA LEU F 32 38.57 25.52 -54.60
C LEU F 32 37.50 26.42 -53.99
N SER F 33 37.47 27.69 -54.40
CA SER F 33 36.53 28.63 -53.79
C SER F 33 35.09 28.30 -54.17
N SER F 34 34.85 28.00 -55.44
CA SER F 34 33.50 27.65 -55.88
C SER F 34 33.09 26.28 -55.38
N GLY F 35 34.04 25.36 -55.23
CA GLY F 35 33.74 24.00 -54.88
C GLY F 35 33.38 23.11 -56.05
N TYR F 36 33.39 23.63 -57.27
CA TYR F 36 33.11 22.87 -58.47
C TYR F 36 34.36 22.81 -59.36
N LYS F 37 34.59 21.65 -59.95
CA LYS F 37 35.63 21.54 -60.97
C LYS F 37 35.16 22.02 -62.34
N ILE F 38 33.85 22.22 -62.51
CA ILE F 38 33.29 22.71 -63.77
C ILE F 38 32.52 23.99 -63.45
N ASN F 39 32.97 25.09 -64.02
CA ASN F 39 32.26 26.37 -63.90
C ASN F 39 32.11 27.10 -65.22
N SER F 40 32.91 26.80 -66.24
CA SER F 40 32.79 27.41 -67.55
C SER F 40 32.80 26.31 -68.60
N ALA F 41 32.11 26.56 -69.71
CA ALA F 41 32.05 25.58 -70.79
C ALA F 41 33.42 25.33 -71.41
N LYS F 42 34.36 26.26 -71.27
CA LYS F 42 35.67 26.10 -71.87
C LYS F 42 36.45 24.94 -71.26
N ASP F 43 36.09 24.49 -70.06
CA ASP F 43 36.81 23.41 -69.41
C ASP F 43 36.37 22.05 -69.96
N ASP F 44 35.10 21.70 -69.77
CA ASP F 44 34.55 20.43 -70.24
C ASP F 44 33.14 20.72 -70.79
N ALA F 45 33.07 20.94 -72.10
CA ALA F 45 31.77 21.23 -72.71
C ALA F 45 30.83 20.04 -72.58
N ALA F 46 31.33 18.83 -72.80
CA ALA F 46 30.48 17.64 -72.66
C ALA F 46 30.05 17.47 -71.21
N GLY F 47 30.95 17.73 -70.26
CA GLY F 47 30.59 17.57 -68.86
C GLY F 47 29.59 18.60 -68.38
N LEU F 48 29.54 19.77 -69.02
CA LEU F 48 28.60 20.80 -68.62
C LEU F 48 27.16 20.42 -68.96
N GLN F 49 26.95 19.86 -70.15
CA GLN F 49 25.59 19.50 -70.57
C GLN F 49 25.01 18.44 -69.66
N ILE F 50 25.79 17.40 -69.34
CA ILE F 50 25.29 16.32 -68.50
C ILE F 50 25.07 16.81 -67.06
N SER F 51 25.94 17.70 -66.58
CA SER F 51 25.82 18.17 -65.21
C SER F 51 24.59 19.04 -65.03
N ASN F 52 24.32 19.95 -65.98
CA ASN F 52 23.14 20.79 -65.88
C ASN F 52 21.87 19.96 -65.93
N ARG F 53 21.84 18.94 -66.80
CA ARG F 53 20.68 18.06 -66.84
C ARG F 53 20.51 17.32 -65.52
N LEU F 54 21.61 16.86 -64.93
CA LEU F 54 21.53 16.21 -63.62
C LEU F 54 21.02 17.17 -62.55
N ASN F 55 21.51 18.41 -62.56
CA ASN F 55 21.08 19.39 -61.57
C ASN F 55 19.62 19.74 -61.75
N VAL F 56 19.17 19.86 -63.01
CA VAL F 56 17.75 20.14 -63.27
C VAL F 56 16.89 19.01 -62.74
N GLN F 57 17.31 17.76 -62.97
CA GLN F 57 16.58 16.62 -62.44
C GLN F 57 16.57 16.63 -60.92
N SER F 58 17.71 16.95 -60.29
CA SER F 58 17.77 16.96 -58.84
C SER F 58 16.83 18.00 -58.25
N ARG F 59 16.82 19.21 -58.82
CA ARG F 59 15.89 20.23 -58.37
C ARG F 59 14.45 19.80 -58.62
N GLY F 60 14.19 19.19 -59.77
CA GLY F 60 12.85 18.72 -60.07
C GLY F 60 12.36 17.69 -59.07
N LEU F 61 13.27 16.83 -58.59
CA LEU F 61 12.90 15.86 -57.56
C LEU F 61 12.63 16.56 -56.24
N GLY F 62 13.38 17.61 -55.92
CA GLY F 62 13.13 18.36 -54.70
C GLY F 62 11.75 18.99 -54.70
N VAL F 63 11.34 19.56 -55.85
CA VAL F 63 9.98 20.06 -55.98
C VAL F 63 8.99 18.89 -55.98
N ALA F 64 9.38 17.75 -56.55
CA ALA F 64 8.47 16.63 -56.69
C ALA F 64 8.04 16.09 -55.34
N VAL F 65 8.96 15.97 -54.38
CA VAL F 65 8.59 15.50 -53.05
C VAL F 65 7.71 16.53 -52.37
N ARG F 66 7.94 17.82 -52.65
CA ARG F 66 7.07 18.86 -52.09
C ARG F 66 5.66 18.75 -52.64
N ASN F 67 5.53 18.58 -53.96
CA ASN F 67 4.21 18.46 -54.56
C ASN F 67 3.51 17.19 -54.09
N ALA F 68 4.26 16.08 -54.02
CA ALA F 68 3.66 14.82 -53.61
C ALA F 68 3.20 14.85 -52.16
N ASN F 69 4.01 15.48 -51.28
CA ASN F 69 3.60 15.62 -49.89
C ASN F 69 2.34 16.47 -49.77
N ASP F 70 2.22 17.50 -50.61
CA ASP F 70 0.99 18.29 -50.64
C ASP F 70 -0.20 17.42 -51.04
N GLY F 71 0.00 16.50 -51.98
CA GLY F 71 -1.06 15.58 -52.34
C GLY F 71 -1.44 14.68 -51.18
N ILE F 72 -0.46 14.24 -50.39
CA ILE F 72 -0.76 13.43 -49.21
C ILE F 72 -1.57 14.22 -48.21
N SER F 73 -1.20 15.48 -47.97
CA SER F 73 -1.90 16.29 -46.97
C SER F 73 -3.36 16.49 -47.35
N MET F 74 -3.65 16.69 -48.63
CA MET F 74 -5.03 16.77 -49.08
C MET F 74 -5.76 15.47 -48.83
N ALA F 75 -5.05 14.34 -48.95
CA ALA F 75 -5.68 13.04 -48.75
C ALA F 75 -6.10 12.84 -47.30
N GLN F 76 -5.18 13.12 -46.36
CA GLN F 76 -5.53 12.92 -44.95
C GLN F 76 -6.55 13.94 -44.47
N THR F 77 -6.51 15.16 -45.04
CA THR F 77 -7.52 16.16 -44.67
C THR F 77 -8.92 15.67 -45.02
N ALA F 78 -9.08 15.08 -46.20
CA ALA F 78 -10.35 14.43 -46.53
C ALA F 78 -10.62 13.27 -45.58
N GLU F 79 -9.57 12.51 -45.24
CA GLU F 79 -9.74 11.40 -44.31
C GLU F 79 -10.15 11.86 -42.92
N GLY F 80 -9.81 13.10 -42.55
CA GLY F 80 -10.24 13.60 -41.26
C GLY F 80 -11.74 13.71 -41.15
N ALA F 81 -12.37 14.28 -42.18
CA ALA F 81 -13.83 14.30 -42.22
C ALA F 81 -14.40 12.92 -42.51
N MET F 82 -13.63 12.07 -43.16
CA MET F 82 -14.09 10.71 -43.46
C MET F 82 -14.42 9.95 -42.20
N LYS F 83 -13.56 10.07 -41.18
CA LYS F 83 -13.82 9.38 -39.92
C LYS F 83 -15.11 9.87 -39.28
N GLU F 84 -15.34 11.18 -39.31
CA GLU F 84 -16.50 11.72 -38.62
C GLU F 84 -17.80 11.35 -39.33
N THR F 85 -17.85 11.51 -40.65
CA THR F 85 -19.09 11.20 -41.36
C THR F 85 -19.46 9.74 -41.19
N THR F 86 -18.46 8.85 -41.15
CA THR F 86 -18.72 7.46 -40.82
C THR F 86 -19.28 7.34 -39.40
N ASN F 87 -18.70 8.08 -38.45
CA ASN F 87 -19.11 7.98 -37.05
C ASN F 87 -20.56 8.39 -36.87
N ILE F 88 -20.95 9.52 -37.47
CA ILE F 88 -22.32 10.00 -37.29
C ILE F 88 -23.30 9.14 -38.07
N LEU F 89 -22.86 8.60 -39.21
CA LEU F 89 -23.70 7.65 -39.95
C LEU F 89 -23.98 6.42 -39.11
N GLN F 90 -22.97 5.91 -38.40
CA GLN F 90 -23.20 4.80 -37.49
C GLN F 90 -24.20 5.19 -36.40
N ARG F 91 -24.12 6.43 -35.92
CA ARG F 91 -25.10 6.92 -34.96
C ARG F 91 -26.50 6.94 -35.57
N MET F 92 -26.61 7.37 -36.83
CA MET F 92 -27.90 7.39 -37.51
C MET F 92 -28.49 6.00 -37.59
N ARG F 93 -27.66 5.01 -37.91
CA ARG F 93 -28.15 3.64 -38.03
C ARG F 93 -28.59 3.08 -36.68
N ASP F 94 -27.89 3.46 -35.61
CA ASP F 94 -28.18 2.88 -34.30
C ASP F 94 -29.57 3.25 -33.81
N LEU F 95 -29.89 4.54 -33.79
CA LEU F 95 -31.16 4.96 -33.22
C LEU F 95 -32.33 4.78 -34.18
N SER F 96 -32.08 4.64 -35.47
CA SER F 96 -33.16 4.23 -36.37
C SER F 96 -33.62 2.82 -36.05
N LEU F 97 -32.68 1.93 -35.72
CA LEU F 97 -33.04 0.62 -35.22
C LEU F 97 -33.79 0.73 -33.90
N GLN F 98 -33.48 1.76 -33.11
CA GLN F 98 -34.19 1.97 -31.86
C GLN F 98 -35.64 2.37 -32.11
N SER F 99 -35.89 3.09 -33.19
CA SER F 99 -37.25 3.47 -33.56
C SER F 99 -37.93 2.43 -34.45
N ALA F 100 -37.23 1.39 -34.86
CA ALA F 100 -37.78 0.39 -35.78
C ALA F 100 -38.71 -0.58 -35.10
N ASN F 101 -38.94 -0.43 -33.80
CA ASN F 101 -39.78 -1.34 -33.06
C ASN F 101 -41.11 -0.69 -32.70
N GLY F 102 -42.10 -1.51 -32.37
CA GLY F 102 -43.43 -1.05 -32.05
C GLY F 102 -43.67 -0.69 -30.60
N SER F 103 -42.67 -0.83 -29.73
CA SER F 103 -42.87 -0.51 -28.32
C SER F 103 -43.05 0.98 -28.10
N ASN F 104 -42.23 1.79 -28.75
CA ASN F 104 -42.30 3.23 -28.55
C ASN F 104 -43.52 3.82 -29.25
N SER F 105 -43.98 4.95 -28.72
CA SER F 105 -45.13 5.64 -29.27
C SER F 105 -44.70 6.61 -30.36
N LYS F 106 -45.68 7.30 -30.96
CA LYS F 106 -45.38 8.21 -32.06
C LYS F 106 -44.50 9.37 -31.62
N ALA F 107 -44.67 9.84 -30.38
CA ALA F 107 -43.86 10.95 -29.90
C ALA F 107 -42.38 10.57 -29.84
N ASP F 108 -42.09 9.32 -29.47
CA ASP F 108 -40.70 8.88 -29.45
C ASP F 108 -40.08 8.91 -30.83
N ARG F 109 -40.82 8.43 -31.84
CA ARG F 109 -40.31 8.52 -33.21
C ARG F 109 -40.15 9.95 -33.66
N VAL F 110 -41.02 10.85 -33.19
CA VAL F 110 -40.86 12.26 -33.49
C VAL F 110 -39.55 12.79 -32.91
N ALA F 111 -39.25 12.39 -31.66
CA ALA F 111 -37.99 12.81 -31.05
C ALA F 111 -36.80 12.25 -31.82
N ILE F 112 -36.87 11.00 -32.25
CA ILE F 112 -35.78 10.41 -33.01
C ILE F 112 -35.63 11.12 -34.35
N GLN F 113 -36.74 11.42 -35.01
CA GLN F 113 -36.67 12.12 -36.29
C GLN F 113 -36.03 13.50 -36.12
N GLU F 114 -36.27 14.15 -34.97
CA GLU F 114 -35.62 15.42 -34.71
C GLU F 114 -34.10 15.26 -34.64
N GLU F 115 -33.63 14.16 -34.05
CA GLU F 115 -32.20 13.88 -34.04
C GLU F 115 -31.71 13.52 -35.44
N ILE F 116 -32.54 12.84 -36.23
CA ILE F 116 -32.14 12.46 -37.58
C ILE F 116 -31.92 13.69 -38.44
N THR F 117 -32.88 14.63 -38.42
CA THR F 117 -32.72 15.83 -39.23
C THR F 117 -31.62 16.73 -38.70
N ALA F 118 -31.32 16.64 -37.39
CA ALA F 118 -30.20 17.38 -36.84
C ALA F 118 -28.88 16.82 -37.35
N LEU F 119 -28.72 15.49 -37.30
CA LEU F 119 -27.51 14.87 -37.81
C LEU F 119 -27.44 14.97 -39.33
N ASN F 120 -28.59 15.03 -40.01
CA ASN F 120 -28.60 15.21 -41.45
C ASN F 120 -27.94 16.52 -41.85
N ASP F 121 -28.24 17.60 -41.13
CA ASP F 121 -27.60 18.87 -41.41
C ASP F 121 -26.10 18.79 -41.17
N GLU F 122 -25.67 17.96 -40.23
CA GLU F 122 -24.25 17.78 -39.99
C GLU F 122 -23.56 17.15 -41.20
N LEU F 123 -24.20 16.16 -41.81
CA LEU F 123 -23.64 15.55 -43.02
C LEU F 123 -23.47 16.58 -44.13
N ASN F 124 -24.49 17.41 -44.34
CA ASN F 124 -24.39 18.43 -45.37
C ASN F 124 -23.42 19.53 -44.99
N ARG F 125 -23.21 19.77 -43.69
CA ARG F 125 -22.31 20.84 -43.29
C ARG F 125 -20.86 20.41 -43.38
N VAL F 126 -20.54 19.19 -42.93
CA VAL F 126 -19.16 18.71 -42.99
C VAL F 126 -18.70 18.60 -44.43
N ALA F 127 -19.60 18.24 -45.34
CA ALA F 127 -19.25 18.16 -46.75
C ALA F 127 -19.02 19.54 -47.37
N GLU F 128 -19.45 20.60 -46.69
CA GLU F 128 -19.31 21.96 -47.21
C GLU F 128 -18.34 22.82 -46.41
N THR F 129 -17.80 22.32 -45.30
CA THR F 129 -16.90 23.10 -44.47
C THR F 129 -15.43 22.74 -44.68
N THR F 130 -15.12 21.46 -44.88
CA THR F 130 -13.74 21.05 -45.09
C THR F 130 -13.18 21.73 -46.34
N SER F 131 -12.18 22.59 -46.15
CA SER F 131 -11.74 23.48 -47.21
C SER F 131 -10.30 23.25 -47.64
N PHE F 132 -9.37 23.16 -46.69
CA PHE F 132 -7.93 23.09 -47.00
C PHE F 132 -7.50 24.31 -47.83
N GLY F 133 -7.57 25.46 -47.17
CA GLY F 133 -7.13 26.70 -47.77
C GLY F 133 -7.97 27.18 -48.93
N GLY F 134 -9.29 27.17 -48.77
CA GLY F 134 -10.20 27.72 -49.76
C GLY F 134 -10.70 26.74 -50.79
N ASN F 135 -10.18 25.52 -50.82
CA ASN F 135 -10.70 24.50 -51.72
C ASN F 135 -11.96 23.90 -51.12
N LYS F 136 -12.46 22.81 -51.70
CA LYS F 136 -13.64 22.13 -51.18
C LYS F 136 -13.43 20.63 -51.42
N LEU F 137 -13.05 19.90 -50.37
CA LEU F 137 -12.70 18.50 -50.53
C LEU F 137 -13.93 17.65 -50.84
N LEU F 138 -14.99 17.82 -50.07
CA LEU F 138 -16.12 16.89 -50.11
C LEU F 138 -17.40 17.49 -50.66
N ASN F 139 -17.38 18.74 -51.09
CA ASN F 139 -18.58 19.34 -51.66
C ASN F 139 -18.90 18.82 -53.06
N GLY F 140 -17.99 18.06 -53.68
CA GLY F 140 -18.15 17.62 -55.04
C GLY F 140 -17.62 18.56 -56.08
N THR F 141 -17.25 19.78 -55.69
CA THR F 141 -16.63 20.72 -56.62
C THR F 141 -15.19 20.34 -56.94
N PHE F 142 -14.59 19.43 -56.19
CA PHE F 142 -13.22 19.00 -56.42
C PHE F 142 -13.23 17.93 -57.50
N ALA F 143 -12.90 18.32 -58.73
CA ALA F 143 -12.82 17.39 -59.84
C ALA F 143 -11.48 16.63 -59.76
N THR F 144 -11.14 15.92 -60.83
CA THR F 144 -9.88 15.19 -60.88
C THR F 144 -8.72 16.18 -60.87
N LYS F 145 -7.92 16.12 -59.81
CA LYS F 145 -6.73 16.96 -59.69
C LYS F 145 -5.49 16.12 -59.93
N SER F 146 -4.59 16.62 -60.75
CA SER F 146 -3.37 15.90 -61.12
C SER F 146 -2.21 16.43 -60.30
N PHE F 147 -1.50 15.53 -59.63
CA PHE F 147 -0.36 15.88 -58.80
C PHE F 147 0.94 15.49 -59.51
N GLN F 148 1.76 16.48 -59.83
CA GLN F 148 3.02 16.26 -60.53
C GLN F 148 4.04 15.73 -59.53
N ILE F 149 4.37 14.44 -59.63
CA ILE F 149 5.25 13.80 -58.65
C ILE F 149 6.47 13.23 -59.36
N GLY F 150 6.84 13.81 -60.50
CA GLY F 150 7.99 13.34 -61.24
C GLY F 150 8.92 14.48 -61.58
N ALA F 151 10.17 14.11 -61.87
CA ALA F 151 11.17 15.11 -62.22
C ALA F 151 10.81 15.84 -63.51
N ASP F 152 10.32 15.11 -64.50
CA ASP F 152 9.93 15.70 -65.77
C ASP F 152 8.44 16.05 -65.73
N ASN F 153 7.88 16.40 -66.89
CA ASN F 153 6.49 16.80 -67.01
C ASN F 153 5.68 15.69 -67.64
N GLY F 154 4.42 15.59 -67.22
CA GLY F 154 3.47 14.65 -67.79
C GLY F 154 3.17 13.45 -66.92
N GLU F 155 4.16 12.93 -66.20
CA GLU F 155 3.96 11.77 -65.33
C GLU F 155 3.43 12.20 -63.96
N ALA F 156 2.15 12.56 -63.96
CA ALA F 156 1.42 12.91 -62.75
C ALA F 156 0.45 11.79 -62.40
N VAL F 157 -0.19 11.93 -61.23
CA VAL F 157 -1.17 10.97 -60.75
C VAL F 157 -2.48 11.71 -60.50
N MET F 158 -3.55 11.24 -61.14
CA MET F 158 -4.86 11.85 -60.99
C MET F 158 -5.55 11.32 -59.74
N LEU F 159 -6.35 12.18 -59.12
CA LEU F 159 -7.08 11.84 -57.91
C LEU F 159 -8.44 12.53 -57.93
N ASN F 160 -9.48 11.76 -57.61
CA ASN F 160 -10.84 12.28 -57.56
C ASN F 160 -11.44 12.00 -56.20
N ILE F 161 -12.11 13.01 -55.65
CA ILE F 161 -12.88 12.87 -54.40
C ILE F 161 -14.35 13.08 -54.74
N LYS F 162 -15.16 12.05 -54.51
CA LYS F 162 -16.56 12.10 -54.89
C LYS F 162 -17.36 12.95 -53.90
N ASP F 163 -18.45 13.52 -54.41
CA ASP F 163 -19.35 14.31 -53.57
C ASP F 163 -19.97 13.43 -52.50
N MET F 164 -20.03 13.93 -51.28
CA MET F 164 -20.61 13.18 -50.17
C MET F 164 -21.64 14.01 -49.43
N ARG F 165 -22.43 14.78 -50.16
CA ARG F 165 -23.63 15.36 -49.56
C ARG F 165 -24.63 14.25 -49.24
N SER F 166 -25.45 14.49 -48.21
CA SER F 166 -26.40 13.47 -47.79
C SER F 166 -27.44 13.15 -48.86
N ASP F 167 -27.58 13.99 -49.88
CA ASP F 167 -28.54 13.76 -50.95
C ASP F 167 -27.89 13.17 -52.19
N ASN F 168 -26.64 12.71 -52.09
CA ASN F 168 -25.97 12.13 -53.24
C ASN F 168 -26.69 10.87 -53.70
N ALA F 169 -26.75 10.68 -55.03
CA ALA F 169 -27.47 9.54 -55.58
C ALA F 169 -26.86 8.22 -55.14
N LEU F 170 -25.53 8.14 -55.15
CA LEU F 170 -24.85 6.91 -54.73
C LEU F 170 -25.02 6.64 -53.24
N MET F 171 -25.37 7.66 -52.47
CA MET F 171 -25.47 7.49 -51.02
C MET F 171 -26.72 6.73 -50.61
N GLY F 172 -27.73 6.67 -51.47
CA GLY F 172 -28.96 5.98 -51.13
C GLY F 172 -29.22 4.77 -52.00
N GLY F 173 -30.44 4.64 -52.49
CA GLY F 173 -30.78 3.51 -53.35
C GLY F 173 -32.26 3.49 -53.68
N LYS F 174 -32.64 2.46 -54.42
CA LYS F 174 -34.03 2.26 -54.83
C LYS F 174 -34.80 1.55 -53.73
N THR F 175 -36.13 1.68 -53.78
CA THR F 175 -37.00 1.00 -52.83
C THR F 175 -38.26 0.53 -53.55
N TYR F 176 -38.89 -0.50 -52.98
CA TYR F 176 -40.10 -1.10 -53.53
C TYR F 176 -41.03 -1.43 -52.39
N GLN F 177 -42.32 -1.18 -52.58
CA GLN F 177 -43.33 -1.42 -51.56
C GLN F 177 -44.43 -2.29 -52.13
N ALA F 178 -44.82 -3.32 -51.38
CA ALA F 178 -45.92 -4.19 -51.79
C ALA F 178 -47.24 -3.42 -51.70
N ALA F 179 -48.07 -3.57 -52.73
CA ALA F 179 -49.32 -2.83 -52.78
C ALA F 179 -50.27 -3.24 -51.66
N ASN F 180 -50.37 -4.53 -51.38
CA ASN F 180 -51.29 -5.05 -50.38
C ASN F 180 -50.50 -5.72 -49.27
N GLY F 181 -50.85 -5.39 -48.03
CA GLY F 181 -50.18 -5.99 -46.89
C GLY F 181 -50.87 -7.24 -46.39
N LYS F 182 -50.09 -8.11 -45.76
CA LYS F 182 -50.57 -9.36 -45.19
C LYS F 182 -50.47 -9.31 -43.67
N ASP F 183 -51.56 -9.63 -42.99
CA ASP F 183 -51.61 -9.53 -41.54
C ASP F 183 -50.89 -10.72 -40.90
N LYS F 184 -51.01 -10.80 -39.57
CA LYS F 184 -50.29 -11.83 -38.83
C LYS F 184 -50.79 -13.23 -39.18
N ASN F 185 -52.12 -13.41 -39.24
CA ASN F 185 -52.69 -14.72 -39.50
C ASN F 185 -52.30 -15.26 -40.87
N TRP F 186 -52.02 -14.39 -41.83
CA TRP F 186 -51.64 -14.82 -43.17
C TRP F 186 -50.31 -15.54 -43.15
N GLY F 187 -50.21 -16.60 -43.94
CA GLY F 187 -48.96 -17.31 -44.11
C GLY F 187 -48.78 -17.70 -45.56
N VAL F 188 -47.53 -18.02 -45.91
CA VAL F 188 -47.21 -18.42 -47.27
C VAL F 188 -47.88 -19.76 -47.56
N GLU F 189 -48.74 -19.78 -48.57
CA GLU F 189 -49.46 -20.99 -48.94
C GLU F 189 -48.68 -21.80 -49.96
N ALA F 190 -48.95 -23.10 -49.99
CA ALA F 190 -48.25 -23.99 -50.91
C ALA F 190 -48.60 -23.64 -52.35
N GLY F 191 -47.61 -23.83 -53.24
CA GLY F 191 -47.79 -23.50 -54.64
C GLY F 191 -47.61 -22.03 -54.97
N LYS F 192 -47.33 -21.19 -53.98
CA LYS F 192 -47.15 -19.76 -54.18
C LYS F 192 -45.98 -19.26 -53.36
N THR F 193 -44.88 -20.02 -53.36
CA THR F 193 -43.69 -19.68 -52.59
C THR F 193 -42.53 -19.20 -53.46
N ASP F 194 -42.59 -19.41 -54.77
CA ASP F 194 -41.51 -19.00 -55.65
C ASP F 194 -41.48 -17.49 -55.79
N LEU F 195 -40.28 -16.91 -55.66
CA LEU F 195 -40.09 -15.47 -55.79
C LEU F 195 -38.74 -15.25 -56.45
N THR F 196 -38.75 -14.84 -57.71
CA THR F 196 -37.54 -14.63 -58.48
C THR F 196 -37.33 -13.14 -58.69
N ILE F 197 -36.13 -12.65 -58.39
CA ILE F 197 -35.77 -11.25 -58.53
C ILE F 197 -34.73 -11.14 -59.64
N THR F 198 -35.12 -10.52 -60.76
CA THR F 198 -34.20 -10.20 -61.83
C THR F 198 -33.49 -8.91 -61.49
N LEU F 199 -32.15 -8.93 -61.55
CA LEU F 199 -31.35 -7.85 -61.02
C LEU F 199 -30.27 -7.45 -62.01
N LYS F 200 -29.94 -6.16 -62.03
CA LYS F 200 -28.78 -5.66 -62.75
C LYS F 200 -27.69 -5.29 -61.75
N ASP F 201 -26.43 -5.43 -62.17
CA ASP F 201 -25.31 -5.23 -61.28
C ASP F 201 -24.21 -4.44 -61.98
N LYS F 202 -23.51 -3.61 -61.21
CA LYS F 202 -22.36 -2.90 -61.76
C LYS F 202 -21.26 -3.86 -62.19
N ARG F 203 -21.00 -4.88 -61.38
CA ARG F 203 -20.07 -5.94 -61.72
C ARG F 203 -20.82 -7.25 -61.83
N GLU F 204 -20.40 -8.09 -62.78
CA GLU F 204 -21.08 -9.35 -63.13
C GLU F 204 -22.59 -9.17 -63.13
N GLY F 205 -23.04 -8.26 -64.00
CA GLY F 205 -24.43 -7.87 -64.05
C GLY F 205 -25.33 -8.96 -64.60
N ASP F 206 -26.63 -8.63 -64.63
CA ASP F 206 -27.67 -9.54 -65.10
C ASP F 206 -27.68 -10.84 -64.30
N VAL F 207 -27.97 -10.70 -63.01
CA VAL F 207 -28.05 -11.82 -62.09
C VAL F 207 -29.50 -11.98 -61.66
N THR F 208 -30.02 -13.20 -61.81
CA THR F 208 -31.36 -13.56 -61.34
C THR F 208 -31.23 -14.48 -60.14
N ILE F 209 -31.98 -14.18 -59.08
CA ILE F 209 -31.93 -14.93 -57.84
C ILE F 209 -33.31 -15.48 -57.54
N SER F 210 -33.37 -16.74 -57.14
CA SER F 210 -34.62 -17.41 -56.82
C SER F 210 -34.70 -17.64 -55.33
N ILE F 211 -35.84 -17.28 -54.74
CA ILE F 211 -36.08 -17.46 -53.31
C ILE F 211 -37.34 -18.30 -53.16
N ASN F 212 -37.22 -19.41 -52.44
CA ASN F 212 -38.34 -20.31 -52.19
C ASN F 212 -38.70 -20.20 -50.71
N ALA F 213 -39.71 -19.38 -50.42
CA ALA F 213 -40.12 -19.15 -49.04
C ALA F 213 -40.68 -20.44 -48.44
N LYS F 214 -40.36 -20.67 -47.17
CA LYS F 214 -40.87 -21.84 -46.47
C LYS F 214 -42.38 -21.70 -46.28
N GLU F 215 -43.10 -22.78 -46.55
CA GLU F 215 -44.56 -22.75 -46.42
C GLU F 215 -44.96 -22.60 -44.96
N GLY F 216 -45.97 -21.76 -44.72
CA GLY F 216 -46.45 -21.49 -43.39
C GLY F 216 -45.79 -20.32 -42.71
N ASP F 217 -44.71 -19.78 -43.26
CA ASP F 217 -44.06 -18.62 -42.67
C ASP F 217 -44.96 -17.40 -42.80
N ASP F 218 -45.02 -16.61 -41.73
CA ASP F 218 -45.82 -15.40 -41.75
C ASP F 218 -45.12 -14.31 -42.55
N ILE F 219 -45.71 -13.11 -42.56
CA ILE F 219 -45.21 -12.06 -43.43
C ILE F 219 -43.84 -11.57 -43.00
N GLU F 220 -43.58 -11.53 -41.69
CA GLU F 220 -42.33 -10.94 -41.22
C GLU F 220 -41.18 -11.93 -41.34
N GLU F 221 -41.41 -13.20 -41.01
CA GLU F 221 -40.37 -14.20 -41.17
C GLU F 221 -40.01 -14.42 -42.64
N LEU F 222 -40.91 -14.06 -43.56
CA LEU F 222 -40.56 -14.05 -44.97
C LEU F 222 -39.46 -13.03 -45.25
N ALA F 223 -39.56 -11.84 -44.63
CA ALA F 223 -38.55 -10.82 -44.83
C ALA F 223 -37.19 -11.28 -44.30
N THR F 224 -37.18 -11.95 -43.14
CA THR F 224 -35.93 -12.47 -42.60
C THR F 224 -35.32 -13.51 -43.53
N TYR F 225 -36.16 -14.36 -44.13
CA TYR F 225 -35.65 -15.36 -45.06
C TYR F 225 -34.99 -14.72 -46.27
N ILE F 226 -35.60 -13.67 -46.82
CA ILE F 226 -35.02 -12.98 -47.96
C ILE F 226 -33.67 -12.36 -47.59
N ASN F 227 -33.60 -11.74 -46.41
CA ASN F 227 -32.35 -11.12 -45.98
C ASN F 227 -31.24 -12.15 -45.85
N GLY F 228 -31.55 -13.31 -45.26
CA GLY F 228 -30.53 -14.33 -45.10
C GLY F 228 -30.09 -14.94 -46.42
N GLN F 229 -31.03 -15.11 -47.36
CA GLN F 229 -30.72 -15.79 -48.61
C GLN F 229 -29.73 -14.98 -49.45
N THR F 230 -29.89 -13.66 -49.50
CA THR F 230 -29.04 -12.84 -50.34
C THR F 230 -28.63 -11.58 -49.59
N ASP F 231 -27.38 -11.17 -49.80
CA ASP F 231 -26.88 -9.93 -49.24
C ASP F 231 -27.04 -8.75 -50.19
N MET F 232 -27.55 -8.98 -51.40
CA MET F 232 -27.76 -7.92 -52.37
C MET F 232 -29.09 -7.22 -52.20
N ILE F 233 -29.94 -7.71 -51.31
CA ILE F 233 -31.32 -7.24 -51.16
C ILE F 233 -31.64 -7.14 -49.68
N LYS F 234 -32.30 -6.05 -49.29
CA LYS F 234 -32.77 -5.86 -47.93
C LYS F 234 -34.30 -5.82 -47.94
N ALA F 235 -34.92 -6.57 -47.03
CA ALA F 235 -36.37 -6.68 -46.97
C ALA F 235 -36.85 -6.40 -45.56
N SER F 236 -38.07 -5.90 -45.46
CA SER F 236 -38.66 -5.57 -44.17
C SER F 236 -40.17 -5.45 -44.32
N VAL F 237 -40.85 -5.35 -43.18
CA VAL F 237 -42.30 -5.19 -43.13
C VAL F 237 -42.60 -3.95 -42.30
N ASP F 238 -43.50 -3.09 -42.81
CA ASP F 238 -43.64 -1.75 -42.22
C ASP F 238 -44.74 -1.66 -41.17
N GLU F 239 -46.00 -1.80 -41.58
CA GLU F 239 -47.10 -1.84 -40.61
C GLU F 239 -48.19 -2.84 -40.92
N GLU F 240 -48.30 -3.34 -42.14
CA GLU F 240 -49.45 -4.16 -42.52
C GLU F 240 -49.07 -5.39 -43.33
N GLY F 241 -47.81 -5.58 -43.67
CA GLY F 241 -47.38 -6.68 -44.51
C GLY F 241 -46.72 -6.28 -45.80
N LYS F 242 -46.67 -4.99 -46.13
CA LYS F 242 -45.98 -4.55 -47.33
C LYS F 242 -44.48 -4.74 -47.15
N LEU F 243 -43.83 -5.32 -48.15
CA LEU F 243 -42.39 -5.56 -48.10
C LEU F 243 -41.66 -4.34 -48.62
N GLN F 244 -40.77 -3.77 -47.79
CA GLN F 244 -39.96 -2.64 -48.19
C GLN F 244 -38.64 -3.16 -48.76
N LEU F 245 -38.73 -3.67 -49.98
CA LEU F 245 -37.55 -4.10 -50.70
C LEU F 245 -36.61 -2.92 -50.91
N PHE F 246 -35.32 -3.14 -50.67
CA PHE F 246 -34.32 -2.09 -50.80
C PHE F 246 -33.23 -2.53 -51.75
N THR F 247 -32.71 -1.56 -52.51
CA THR F 247 -31.70 -1.81 -53.53
C THR F 247 -30.59 -0.78 -53.35
N ASP F 248 -29.38 -1.25 -53.08
CA ASP F 248 -28.27 -0.35 -52.88
C ASP F 248 -27.86 0.21 -54.24
N ASN F 249 -27.74 1.54 -54.32
CA ASN F 249 -27.57 2.21 -55.60
C ASN F 249 -26.19 2.07 -56.20
N ASN F 250 -25.17 1.72 -55.42
CA ASN F 250 -23.81 1.70 -55.97
C ASN F 250 -23.41 0.35 -56.54
N ARG F 251 -24.23 -0.68 -56.37
CA ARG F 251 -23.91 -1.97 -56.99
C ARG F 251 -25.10 -2.72 -57.58
N ILE F 252 -26.33 -2.20 -57.50
CA ILE F 252 -27.46 -2.82 -58.19
C ILE F 252 -28.00 -1.76 -59.14
N ASP F 253 -27.11 -1.00 -59.76
CA ASP F 253 -27.52 0.05 -60.70
C ASP F 253 -28.54 -0.49 -61.71
N GLY F 254 -29.52 0.34 -62.03
CA GLY F 254 -30.61 -0.05 -62.91
C GLY F 254 -31.81 -0.58 -62.13
N ALA F 255 -32.91 -0.74 -62.86
CA ALA F 255 -34.16 -1.18 -62.27
C ALA F 255 -34.14 -2.69 -62.01
N ALA F 256 -35.00 -3.11 -61.10
CA ALA F 256 -35.15 -4.50 -60.73
C ALA F 256 -36.52 -5.02 -61.15
N THR F 257 -36.54 -6.23 -61.71
CA THR F 257 -37.76 -6.87 -62.18
C THR F 257 -38.17 -7.96 -61.19
N PHE F 258 -39.44 -7.98 -60.83
CA PHE F 258 -39.97 -8.93 -59.86
C PHE F 258 -40.85 -9.96 -60.56
N GLY F 259 -40.65 -11.23 -60.21
CA GLY F 259 -41.42 -12.30 -60.81
C GLY F 259 -41.64 -13.42 -59.80
N GLY F 260 -42.45 -14.38 -60.21
CA GLY F 260 -42.78 -15.52 -59.38
C GLY F 260 -44.18 -15.43 -58.82
N ALA F 261 -44.67 -16.59 -58.35
CA ALA F 261 -46.01 -16.67 -57.81
C ALA F 261 -46.17 -15.80 -56.56
N LEU F 262 -45.16 -15.81 -55.69
CA LEU F 262 -45.22 -14.98 -54.48
C LEU F 262 -45.23 -13.50 -54.83
N ALA F 263 -44.44 -13.10 -55.83
CA ALA F 263 -44.41 -11.70 -56.23
C ALA F 263 -45.78 -11.25 -56.74
N GLY F 264 -46.45 -12.11 -57.52
CA GLY F 264 -47.80 -11.80 -57.96
C GLY F 264 -48.78 -11.74 -56.81
N GLU F 265 -48.58 -12.60 -55.80
CA GLU F 265 -49.42 -12.57 -54.61
C GLU F 265 -49.27 -11.24 -53.88
N LEU F 266 -48.05 -10.75 -53.75
CA LEU F 266 -47.80 -9.46 -53.14
C LEU F 266 -47.88 -8.37 -54.21
N GLY F 267 -47.45 -7.16 -53.86
CA GLY F 267 -47.39 -6.06 -54.81
C GLY F 267 -45.98 -5.90 -55.35
N ILE F 268 -45.87 -5.81 -56.67
CA ILE F 268 -44.57 -5.62 -57.30
C ILE F 268 -43.97 -4.29 -56.90
N GLY F 269 -44.78 -3.23 -56.97
CA GLY F 269 -44.32 -1.91 -56.58
C GLY F 269 -43.40 -1.26 -57.61
N ALA F 270 -43.33 0.06 -57.59
CA ALA F 270 -42.47 0.81 -58.50
C ALA F 270 -41.20 1.23 -57.78
N ALA F 271 -40.15 1.46 -58.58
CA ALA F 271 -38.84 1.83 -58.04
C ALA F 271 -38.86 3.30 -57.64
N GLN F 272 -38.75 3.56 -56.34
CA GLN F 272 -38.70 4.91 -55.81
C GLN F 272 -37.29 5.18 -55.29
N ASP F 273 -36.73 6.32 -55.65
CA ASP F 273 -35.36 6.67 -55.30
C ASP F 273 -35.34 7.41 -53.97
N VAL F 274 -34.54 6.92 -53.02
CA VAL F 274 -34.40 7.54 -51.71
C VAL F 274 -32.93 7.70 -51.39
N THR F 275 -32.63 8.68 -50.54
CA THR F 275 -31.27 8.96 -50.10
C THR F 275 -31.30 9.25 -48.61
N VAL F 276 -30.13 9.55 -48.05
CA VAL F 276 -30.05 9.88 -46.63
C VAL F 276 -30.76 11.21 -46.35
N ASP F 277 -30.67 12.16 -47.28
CA ASP F 277 -31.35 13.44 -47.09
C ASP F 277 -32.85 13.26 -46.98
N THR F 278 -33.43 12.42 -47.84
CA THR F 278 -34.85 12.11 -47.77
C THR F 278 -35.15 11.01 -46.76
N LEU F 279 -34.14 10.47 -46.10
CA LEU F 279 -34.35 9.44 -45.09
C LEU F 279 -35.02 10.05 -43.88
N ASP F 280 -36.23 9.60 -43.59
CA ASP F 280 -36.96 10.04 -42.41
C ASP F 280 -37.54 8.84 -41.68
N VAL F 281 -37.65 8.96 -40.38
CA VAL F 281 -38.26 7.93 -39.54
C VAL F 281 -39.26 8.63 -38.63
N THR F 282 -40.53 8.60 -39.02
CA THR F 282 -41.61 9.01 -38.15
C THR F 282 -42.51 7.85 -37.77
N THR F 283 -42.51 6.77 -38.54
CA THR F 283 -43.22 5.55 -38.22
C THR F 283 -42.26 4.38 -38.40
N VAL F 284 -42.70 3.20 -37.95
CA VAL F 284 -41.83 2.02 -37.98
C VAL F 284 -41.41 1.68 -39.41
N GLY F 285 -42.30 1.96 -40.37
CA GLY F 285 -41.97 1.64 -41.75
C GLY F 285 -40.76 2.40 -42.27
N GLY F 286 -40.72 3.71 -42.02
CA GLY F 286 -39.57 4.49 -42.46
C GLY F 286 -38.30 4.10 -41.74
N ALA F 287 -38.42 3.55 -40.54
CA ALA F 287 -37.24 3.16 -39.77
C ALA F 287 -36.55 1.95 -40.39
N GLN F 288 -37.31 0.92 -40.75
CA GLN F 288 -36.71 -0.28 -41.33
C GLN F 288 -36.06 0.02 -42.67
N GLU F 289 -36.67 0.90 -43.46
CA GLU F 289 -36.04 1.31 -44.71
C GLU F 289 -34.79 2.16 -44.44
N SER F 290 -34.85 3.02 -43.42
CA SER F 290 -33.76 3.95 -43.16
C SER F 290 -32.47 3.24 -42.79
N VAL F 291 -32.56 2.22 -41.93
CA VAL F 291 -31.36 1.49 -41.51
C VAL F 291 -30.73 0.79 -42.70
N ALA F 292 -31.55 0.31 -43.64
CA ALA F 292 -31.00 -0.25 -44.87
C ALA F 292 -30.29 0.81 -45.69
N ILE F 293 -30.85 2.03 -45.73
CA ILE F 293 -30.22 3.11 -46.49
C ILE F 293 -28.85 3.45 -45.90
N VAL F 294 -28.77 3.51 -44.57
CA VAL F 294 -27.53 3.88 -43.93
C VAL F 294 -26.43 2.85 -44.20
N ASP F 295 -26.81 1.58 -44.29
CA ASP F 295 -25.83 0.55 -44.63
C ASP F 295 -25.25 0.79 -46.01
N ALA F 296 -26.08 1.18 -46.97
CA ALA F 296 -25.59 1.53 -48.29
C ALA F 296 -24.69 2.75 -48.24
N ALA F 297 -25.06 3.76 -47.45
CA ALA F 297 -24.23 4.95 -47.32
C ALA F 297 -22.89 4.62 -46.67
N LEU F 298 -22.92 3.80 -45.63
CA LEU F 298 -21.67 3.42 -44.95
C LEU F 298 -20.76 2.64 -45.88
N LYS F 299 -21.32 1.73 -46.67
CA LYS F 299 -20.51 0.98 -47.63
C LYS F 299 -19.89 1.91 -48.66
N TYR F 300 -20.67 2.88 -49.15
CA TYR F 300 -20.15 3.82 -50.13
C TYR F 300 -19.04 4.67 -49.55
N VAL F 301 -19.23 5.16 -48.32
CA VAL F 301 -18.20 5.98 -47.68
C VAL F 301 -16.95 5.16 -47.42
N ASP F 302 -17.12 3.93 -46.93
CA ASP F 302 -15.96 3.09 -46.64
C ASP F 302 -15.19 2.77 -47.91
N SER F 303 -15.90 2.52 -49.01
CA SER F 303 -15.23 2.24 -50.28
C SER F 303 -14.41 3.45 -50.73
N HIS F 304 -14.96 4.65 -50.55
CA HIS F 304 -14.20 5.85 -50.88
C HIS F 304 -13.03 6.06 -49.93
N ARG F 305 -13.20 5.70 -48.65
CA ARG F 305 -12.11 5.83 -47.70
C ARG F 305 -10.94 4.92 -48.08
N ALA F 306 -11.24 3.68 -48.49
CA ALA F 306 -10.19 2.77 -48.91
C ALA F 306 -9.47 3.28 -50.14
N GLU F 307 -10.21 3.87 -51.08
CA GLU F 307 -9.59 4.43 -52.28
C GLU F 307 -8.63 5.56 -51.92
N LEU F 308 -9.02 6.41 -50.97
CA LEU F 308 -8.13 7.48 -50.53
C LEU F 308 -6.92 6.92 -49.79
N GLY F 309 -7.14 5.85 -49.01
CA GLY F 309 -6.03 5.23 -48.31
C GLY F 309 -5.01 4.63 -49.26
N ALA F 310 -5.48 3.96 -50.31
CA ALA F 310 -4.57 3.45 -51.33
C ALA F 310 -3.81 4.58 -52.00
N PHE F 311 -4.49 5.70 -52.23
CA PHE F 311 -3.81 6.88 -52.78
C PHE F 311 -2.72 7.36 -51.85
N GLN F 312 -2.94 7.25 -50.53
CA GLN F 312 -1.91 7.61 -49.57
C GLN F 312 -0.72 6.67 -49.64
N ASN F 313 -0.98 5.37 -49.69
CA ASN F 313 0.09 4.38 -49.77
C ASN F 313 0.90 4.47 -51.07
N ARG F 314 0.23 4.69 -52.20
CA ARG F 314 0.95 4.96 -53.44
C ARG F 314 1.92 6.11 -53.26
N PHE F 315 1.45 7.18 -52.62
CA PHE F 315 2.23 8.40 -52.52
C PHE F 315 3.34 8.29 -51.50
N ASN F 316 3.15 7.48 -50.46
CA ASN F 316 4.21 7.28 -49.47
C ASN F 316 5.41 6.58 -50.10
N HIS F 317 5.17 5.52 -50.88
CA HIS F 317 6.24 4.87 -51.62
C HIS F 317 6.78 5.76 -52.73
N ALA F 318 5.95 6.64 -53.29
CA ALA F 318 6.46 7.60 -54.28
C ALA F 318 7.44 8.57 -53.64
N ILE F 319 7.28 8.84 -52.35
CA ILE F 319 8.17 9.77 -51.66
C ILE F 319 9.58 9.21 -51.60
N ASN F 320 9.76 8.07 -50.95
CA ASN F 320 11.09 7.51 -50.77
C ASN F 320 11.67 6.92 -52.05
N ASN F 321 10.83 6.63 -53.05
CA ASN F 321 11.35 6.30 -54.36
C ASN F 321 12.03 7.49 -55.00
N LEU F 322 11.35 8.65 -54.96
CA LEU F 322 11.98 9.88 -55.44
C LEU F 322 13.20 10.24 -54.60
N ASP F 323 13.15 9.95 -53.30
CA ASP F 323 14.30 10.22 -52.45
C ASP F 323 15.50 9.37 -52.84
N ASN F 324 15.27 8.10 -53.17
CA ASN F 324 16.37 7.24 -53.59
C ASN F 324 17.00 7.74 -54.88
N ILE F 325 16.17 8.13 -55.85
CA ILE F 325 16.70 8.65 -57.11
C ILE F 325 17.40 9.99 -56.87
N ASN F 326 16.78 10.87 -56.09
CA ASN F 326 17.39 12.17 -55.82
C ASN F 326 18.71 12.03 -55.10
N GLU F 327 18.79 11.08 -54.17
CA GLU F 327 20.04 10.81 -53.47
C GLU F 327 21.14 10.38 -54.43
N ASN F 328 20.81 9.49 -55.35
CA ASN F 328 21.83 8.92 -56.24
C ASN F 328 22.21 9.87 -57.36
N VAL F 329 21.26 10.65 -57.89
CA VAL F 329 21.63 11.61 -58.93
C VAL F 329 22.50 12.71 -58.37
N ASN F 330 22.35 13.03 -57.08
CA ASN F 330 23.27 13.97 -56.44
C ASN F 330 24.66 13.39 -56.35
N ALA F 331 24.76 12.08 -56.10
CA ALA F 331 26.06 11.41 -56.14
C ALA F 331 26.67 11.50 -57.53
N SER F 332 25.85 11.31 -58.57
CA SER F 332 26.33 11.48 -59.93
C SER F 332 26.64 12.94 -60.25
N LYS F 333 26.04 13.88 -59.53
CA LYS F 333 26.43 15.28 -59.65
C LYS F 333 27.62 15.54 -58.73
N SER F 334 28.62 14.66 -58.82
CA SER F 334 29.86 14.77 -58.08
C SER F 334 30.90 14.01 -58.88
N ARG F 335 32.09 14.58 -59.01
CA ARG F 335 33.16 14.14 -59.91
C ARG F 335 32.74 14.39 -61.36
N ILE F 336 31.51 14.85 -61.55
CA ILE F 336 31.06 15.43 -62.81
C ILE F 336 31.10 16.94 -62.75
N LYS F 337 30.55 17.52 -61.70
CA LYS F 337 30.61 18.95 -61.42
C LYS F 337 31.44 19.28 -60.19
N ASP F 338 31.28 18.51 -59.11
CA ASP F 338 32.01 18.77 -57.88
C ASP F 338 33.50 18.48 -58.06
N THR F 339 34.32 19.26 -57.37
CA THR F 339 35.76 19.04 -57.33
C THR F 339 36.15 18.43 -55.99
N ASP F 340 37.09 17.49 -56.03
CA ASP F 340 37.66 16.95 -54.82
C ASP F 340 38.87 17.80 -54.43
N PHE F 341 38.88 18.26 -53.18
CA PHE F 341 39.90 19.20 -52.75
C PHE F 341 41.29 18.55 -52.70
N ALA F 342 41.34 17.22 -52.61
CA ALA F 342 42.61 16.54 -52.39
C ALA F 342 43.50 16.62 -53.64
N LYS F 343 43.03 16.07 -54.75
CA LYS F 343 43.86 16.05 -55.97
C LYS F 343 43.94 17.44 -56.60
N GLU F 344 43.02 18.33 -56.24
CA GLU F 344 43.00 19.64 -56.88
C GLU F 344 44.00 20.57 -56.20
N THR F 345 44.04 20.55 -54.86
CA THR F 345 44.96 21.42 -54.15
C THR F 345 46.41 21.08 -54.46
N THR F 346 46.75 19.79 -54.55
CA THR F 346 48.12 19.42 -54.92
C THR F 346 48.45 19.87 -56.33
N ALA F 347 47.46 19.91 -57.23
CA ALA F 347 47.69 20.50 -58.54
C ALA F 347 47.93 21.99 -58.43
N LEU F 348 47.19 22.66 -57.53
CA LEU F 348 47.44 24.08 -57.29
C LEU F 348 48.83 24.29 -56.70
N THR F 349 49.21 23.47 -55.74
CA THR F 349 50.53 23.59 -55.13
C THR F 349 51.63 23.35 -56.17
N LYS F 350 51.50 22.27 -56.95
CA LYS F 350 52.49 21.99 -58.00
C LYS F 350 52.65 23.19 -58.92
N ALA F 351 51.56 23.90 -59.19
CA ALA F 351 51.64 25.08 -60.05
C ALA F 351 52.25 26.26 -59.32
N GLN F 352 52.09 26.34 -58.00
CA GLN F 352 52.70 27.43 -57.25
C GLN F 352 54.22 27.35 -57.26
N ILE F 353 54.77 26.18 -56.94
CA ILE F 353 56.21 25.99 -57.08
C ILE F 353 56.63 26.09 -58.54
N LEU F 354 55.78 25.65 -59.47
CA LEU F 354 56.12 25.82 -60.88
C LEU F 354 56.25 27.29 -61.23
N SER F 355 55.37 28.14 -60.71
CA SER F 355 55.50 29.58 -60.94
C SER F 355 56.72 30.14 -60.25
N GLN F 356 56.97 29.73 -59.00
CA GLN F 356 58.11 30.24 -58.26
C GLN F 356 59.42 29.84 -58.92
N ALA F 357 59.51 28.59 -59.39
CA ALA F 357 60.71 28.15 -60.09
C ALA F 357 60.88 28.89 -61.40
N SER F 358 59.81 28.93 -62.22
CA SER F 358 59.91 29.55 -63.53
C SER F 358 60.27 31.03 -63.43
N SER F 359 59.71 31.73 -62.45
CA SER F 359 60.05 33.13 -62.26
C SER F 359 61.52 33.31 -61.92
N SER F 360 62.07 32.43 -61.08
CA SER F 360 63.48 32.53 -60.73
C SER F 360 64.37 32.23 -61.92
N VAL F 361 63.87 31.47 -62.90
CA VAL F 361 64.63 31.30 -64.14
C VAL F 361 64.78 32.62 -64.87
N LEU F 362 63.71 33.42 -64.92
CA LEU F 362 63.81 34.74 -65.53
C LEU F 362 64.86 35.58 -64.83
N ALA F 363 64.82 35.62 -63.50
CA ALA F 363 65.76 36.44 -62.74
C ALA F 363 67.21 36.03 -63.02
N GLN F 364 67.46 34.74 -63.16
CA GLN F 364 68.80 34.25 -63.51
C GLN F 364 69.15 34.52 -64.96
N ALA F 365 68.15 34.70 -65.83
CA ALA F 365 68.38 34.92 -67.25
C ALA F 365 68.49 36.40 -67.62
N LYS F 366 68.28 37.31 -66.66
CA LYS F 366 68.43 38.73 -66.96
C LYS F 366 69.89 39.10 -67.15
N GLN F 367 70.79 38.42 -66.45
CA GLN F 367 72.21 38.76 -66.49
C GLN F 367 72.95 38.14 -67.67
N ALA F 368 72.29 37.30 -68.46
CA ALA F 368 72.93 36.78 -69.66
C ALA F 368 73.30 37.89 -70.64
N PRO F 369 72.42 38.84 -70.97
CA PRO F 369 72.89 40.01 -71.74
C PRO F 369 73.91 40.84 -71.00
N ASN F 370 73.81 40.92 -69.67
CA ASN F 370 74.75 41.73 -68.90
C ASN F 370 76.17 41.19 -69.02
N SER F 371 76.33 39.88 -68.77
CA SER F 371 77.64 39.27 -68.95
C SER F 371 78.04 39.25 -70.41
N ALA F 372 77.06 39.30 -71.32
CA ALA F 372 77.38 39.40 -72.74
C ALA F 372 78.06 40.72 -73.06
N LEU F 373 77.63 41.80 -72.39
CA LEU F 373 78.23 43.11 -72.62
C LEU F 373 79.64 43.20 -72.05
N ALA F 374 79.90 42.47 -70.95
CA ALA F 374 81.12 42.66 -70.18
C ALA F 374 82.39 42.30 -70.94
N LEU F 375 82.29 41.59 -72.07
CA LEU F 375 83.50 41.20 -72.79
C LEU F 375 84.24 42.41 -73.36
N LEU F 376 83.51 43.46 -73.73
CA LEU F 376 84.09 44.72 -74.16
C LEU F 376 83.57 45.85 -73.28
N GLY F 377 84.45 46.77 -72.91
CA GLY F 377 84.09 47.88 -72.05
C GLY F 377 83.03 48.79 -72.63
N MET G 1 111.17 86.06 -57.34
CA MET G 1 111.77 84.99 -58.13
C MET G 1 113.19 84.67 -57.63
N ALA G 2 113.30 83.67 -56.77
CA ALA G 2 114.58 83.26 -56.21
C ALA G 2 114.77 81.77 -56.43
N VAL G 3 116.02 81.37 -56.71
CA VAL G 3 116.37 79.98 -56.97
C VAL G 3 117.55 79.60 -56.09
N ASN G 4 117.46 78.46 -55.43
CA ASN G 4 118.54 77.97 -54.59
C ASN G 4 118.38 76.46 -54.40
N VAL G 5 119.47 75.81 -54.02
CA VAL G 5 119.47 74.37 -53.79
C VAL G 5 120.15 74.06 -52.46
N ASN G 6 120.84 75.06 -51.90
CA ASN G 6 121.55 74.86 -50.63
C ASN G 6 120.57 74.54 -49.50
N THR G 7 119.46 75.27 -49.42
CA THR G 7 118.47 75.07 -48.38
C THR G 7 117.07 75.16 -48.99
N ASN G 8 116.12 74.50 -48.33
CA ASN G 8 114.73 74.51 -48.75
C ASN G 8 113.89 75.14 -47.65
N VAL G 9 113.06 76.12 -48.02
CA VAL G 9 112.19 76.78 -47.05
C VAL G 9 110.77 76.22 -47.12
N SER G 10 110.20 76.13 -48.33
CA SER G 10 108.87 75.58 -48.47
C SER G 10 108.84 74.11 -48.06
N ALA G 11 109.87 73.34 -48.45
CA ALA G 11 109.93 71.94 -48.06
C ALA G 11 110.12 71.77 -46.57
N MET G 12 110.97 72.60 -45.94
CA MET G 12 111.20 72.47 -44.50
C MET G 12 109.95 72.78 -43.70
N THR G 13 109.24 73.86 -44.06
CA THR G 13 107.99 74.17 -43.37
C THR G 13 106.94 73.11 -43.63
N ALA G 14 106.92 72.55 -44.84
CA ALA G 14 106.01 71.44 -45.13
C ALA G 14 106.33 70.25 -44.25
N GLN G 15 107.61 70.00 -43.98
CA GLN G 15 107.99 68.91 -43.09
C GLN G 15 107.48 69.16 -41.68
N ARG G 16 107.42 70.41 -41.25
CA ARG G 16 106.82 70.73 -39.96
C ARG G 16 105.34 70.38 -39.94
N TYR G 17 104.64 70.61 -41.06
CA TYR G 17 103.23 70.24 -41.13
C TYR G 17 103.06 68.73 -41.22
N LEU G 18 104.09 68.02 -41.69
CA LEU G 18 104.05 66.56 -41.68
C LEU G 18 103.94 66.04 -40.25
N THR G 19 104.82 66.50 -39.37
CA THR G 19 104.83 66.01 -38.00
C THR G 19 103.55 66.40 -37.27
N SER G 20 103.07 67.63 -37.48
CA SER G 20 101.87 68.08 -36.78
C SER G 20 100.65 67.26 -37.18
N ALA G 21 100.55 66.90 -38.45
CA ALA G 21 99.38 66.16 -38.93
C ALA G 21 99.37 64.74 -38.35
N THR G 22 100.54 64.10 -38.24
CA THR G 22 100.57 62.70 -37.86
C THR G 22 100.62 62.48 -36.35
N ASN G 23 101.14 63.44 -35.57
CA ASN G 23 101.13 63.24 -34.12
C ASN G 23 99.72 63.27 -33.55
N ALA G 24 98.78 63.91 -34.25
CA ALA G 24 97.38 63.85 -33.85
C ALA G 24 96.62 62.73 -34.55
N GLN G 25 97.00 62.41 -35.79
CA GLN G 25 96.40 61.27 -36.48
C GLN G 25 96.72 59.96 -35.76
N GLN G 26 97.96 59.80 -35.32
CA GLN G 26 98.35 58.60 -34.59
C GLN G 26 97.62 58.47 -33.27
N SER G 27 97.12 59.58 -32.71
CA SER G 27 96.29 59.49 -31.52
C SER G 27 94.98 58.78 -31.79
N SER G 28 94.64 58.57 -33.05
CA SER G 28 93.47 57.79 -33.44
C SER G 28 93.93 56.40 -33.89
N MET G 29 92.98 55.57 -34.31
CA MET G 29 93.15 54.15 -34.60
C MET G 29 93.60 53.32 -33.40
N GLU G 30 93.57 53.87 -32.18
CA GLU G 30 93.42 53.03 -31.01
C GLU G 30 92.21 53.39 -30.17
N ARG G 31 91.65 54.59 -30.35
CA ARG G 31 90.35 54.90 -29.77
C ARG G 31 89.25 54.04 -30.38
N LEU G 32 89.50 53.43 -31.54
CA LEU G 32 88.56 52.46 -32.09
C LEU G 32 88.71 51.11 -31.42
N SER G 33 89.94 50.58 -31.41
CA SER G 33 90.17 49.25 -30.85
C SER G 33 89.85 49.21 -29.37
N SER G 34 90.30 50.22 -28.61
CA SER G 34 90.00 50.27 -27.19
C SER G 34 88.58 50.74 -26.92
N GLY G 35 88.05 51.62 -27.78
CA GLY G 35 86.75 52.22 -27.53
C GLY G 35 86.76 53.32 -26.52
N TYR G 36 87.92 53.78 -26.08
CA TYR G 36 88.07 54.85 -25.10
C TYR G 36 88.69 56.08 -25.76
N LYS G 37 88.15 57.25 -25.45
CA LYS G 37 88.76 58.49 -25.93
C LYS G 37 89.93 58.94 -25.07
N ILE G 38 90.12 58.34 -23.89
CA ILE G 38 91.28 58.59 -23.06
C ILE G 38 91.99 57.27 -22.83
N ASN G 39 93.31 57.27 -23.04
CA ASN G 39 94.14 56.11 -22.77
C ASN G 39 95.45 56.44 -22.07
N SER G 40 95.93 57.67 -22.17
CA SER G 40 97.14 58.11 -21.49
C SER G 40 96.87 59.44 -20.81
N ALA G 41 97.57 59.66 -19.69
CA ALA G 41 97.38 60.89 -18.92
C ALA G 41 97.74 62.15 -19.70
N LYS G 42 98.60 62.03 -20.72
CA LYS G 42 99.04 63.20 -21.46
C LYS G 42 97.92 63.83 -22.27
N ASP G 43 96.84 63.10 -22.55
CA ASP G 43 95.71 63.68 -23.28
C ASP G 43 94.81 64.47 -22.34
N ASP G 44 94.23 63.81 -21.33
CA ASP G 44 93.37 64.46 -20.34
C ASP G 44 93.76 63.91 -18.97
N ALA G 45 94.72 64.56 -18.32
CA ALA G 45 95.13 64.14 -16.99
C ALA G 45 94.00 64.31 -15.99
N ALA G 46 93.27 65.43 -16.07
CA ALA G 46 92.13 65.64 -15.18
C ALA G 46 91.06 64.59 -15.41
N GLY G 47 90.80 64.25 -16.68
CA GLY G 47 89.82 63.23 -16.97
C GLY G 47 90.22 61.85 -16.48
N LEU G 48 91.50 61.52 -16.54
CA LEU G 48 91.96 60.20 -16.12
C LEU G 48 91.69 59.98 -14.63
N GLN G 49 91.94 60.99 -13.81
CA GLN G 49 91.75 60.84 -12.37
C GLN G 49 90.30 60.52 -12.03
N ILE G 50 89.37 61.32 -12.54
CA ILE G 50 87.97 61.14 -12.15
C ILE G 50 87.36 59.93 -12.86
N SER G 51 87.86 59.59 -14.04
CA SER G 51 87.31 58.44 -14.76
C SER G 51 87.53 57.15 -13.97
N ASN G 52 88.69 57.01 -13.35
CA ASN G 52 88.92 55.84 -12.50
C ASN G 52 88.03 55.87 -11.27
N ARG G 53 87.56 57.05 -10.86
CA ARG G 53 86.68 57.13 -9.70
C ARG G 53 85.34 56.45 -9.99
N LEU G 54 84.73 56.74 -11.14
CA LEU G 54 83.51 56.02 -11.51
C LEU G 54 83.81 54.56 -11.82
N ASN G 55 84.98 54.27 -12.39
CA ASN G 55 85.33 52.89 -12.70
C ASN G 55 85.43 52.06 -11.42
N VAL G 56 86.09 52.59 -10.39
CA VAL G 56 86.16 51.89 -9.11
C VAL G 56 84.79 51.84 -8.46
N GLN G 57 84.04 52.95 -8.52
CA GLN G 57 82.72 52.98 -7.90
C GLN G 57 81.78 51.98 -8.57
N SER G 58 81.82 51.88 -9.90
CA SER G 58 81.00 50.90 -10.60
C SER G 58 81.40 49.47 -10.23
N ARG G 59 82.70 49.21 -10.16
CA ARG G 59 83.16 47.88 -9.76
C ARG G 59 82.72 47.56 -8.33
N GLY G 60 82.88 48.52 -7.41
CA GLY G 60 82.42 48.32 -6.06
C GLY G 60 80.92 48.17 -5.95
N LEU G 61 80.18 48.87 -6.82
CA LEU G 61 78.73 48.72 -6.84
C LEU G 61 78.32 47.32 -7.26
N GLY G 62 78.99 46.77 -8.28
CA GLY G 62 78.71 45.41 -8.69
C GLY G 62 79.02 44.40 -7.61
N VAL G 63 80.11 44.62 -6.88
CA VAL G 63 80.41 43.77 -5.72
C VAL G 63 79.37 44.00 -4.62
N ALA G 64 78.92 45.24 -4.46
CA ALA G 64 77.99 45.58 -3.39
C ALA G 64 76.68 44.83 -3.54
N VAL G 65 76.13 44.76 -4.75
CA VAL G 65 74.91 44.00 -4.96
C VAL G 65 75.16 42.52 -4.76
N ARG G 66 76.38 42.05 -5.03
CA ARG G 66 76.71 40.64 -4.80
C ARG G 66 76.70 40.32 -3.31
N ASN G 67 77.41 41.13 -2.52
CA ASN G 67 77.44 40.91 -1.08
C ASN G 67 76.07 41.11 -0.45
N ALA G 68 75.34 42.13 -0.89
CA ALA G 68 74.02 42.39 -0.33
C ALA G 68 73.06 41.26 -0.63
N ASN G 69 73.14 40.70 -1.83
CA ASN G 69 72.30 39.55 -2.17
C ASN G 69 72.60 38.37 -1.25
N ASP G 70 73.88 38.15 -0.93
CA ASP G 70 74.23 37.13 0.05
C ASP G 70 73.61 37.44 1.40
N GLY G 71 73.43 38.72 1.71
CA GLY G 71 72.72 39.08 2.92
C GLY G 71 71.27 38.64 2.90
N ILE G 72 70.60 38.83 1.76
CA ILE G 72 69.22 38.36 1.63
C ILE G 72 69.16 36.85 1.71
N SER G 73 70.12 36.16 1.07
CA SER G 73 70.13 34.70 1.11
C SER G 73 70.37 34.19 2.53
N MET G 74 71.28 34.82 3.26
CA MET G 74 71.53 34.42 4.64
C MET G 74 70.27 34.56 5.50
N ALA G 75 69.58 35.69 5.37
CA ALA G 75 68.37 35.90 6.14
C ALA G 75 67.25 34.99 5.69
N GLN G 76 67.14 34.75 4.37
CA GLN G 76 66.07 33.90 3.85
C GLN G 76 66.23 32.47 4.33
N THR G 77 67.44 31.92 4.31
CA THR G 77 67.66 30.56 4.79
C THR G 77 67.33 30.44 6.26
N ALA G 78 67.66 31.46 7.06
CA ALA G 78 67.23 31.48 8.45
C ALA G 78 65.71 31.52 8.54
N GLU G 79 65.06 32.31 7.68
CA GLU G 79 63.61 32.36 7.65
C GLU G 79 63.01 31.01 7.27
N GLY G 80 63.73 30.20 6.49
CA GLY G 80 63.23 28.89 6.15
C GLY G 80 63.05 28.00 7.36
N ALA G 81 64.05 27.98 8.24
CA ALA G 81 63.90 27.23 9.49
C ALA G 81 62.95 27.93 10.45
N MET G 82 62.69 29.23 10.23
CA MET G 82 61.80 29.97 11.12
C MET G 82 60.39 29.40 11.07
N LYS G 83 59.82 29.25 9.88
CA LYS G 83 58.44 28.81 9.76
C LYS G 83 58.26 27.38 10.25
N GLU G 84 59.29 26.55 10.14
CA GLU G 84 59.23 25.22 10.73
C GLU G 84 59.26 25.29 12.24
N THR G 85 60.05 26.21 12.80
CA THR G 85 60.11 26.36 14.24
C THR G 85 58.77 26.80 14.80
N THR G 86 58.09 27.73 14.11
CA THR G 86 56.74 28.08 14.52
C THR G 86 55.80 26.88 14.39
N ASN G 87 55.91 26.14 13.28
CA ASN G 87 54.99 25.05 13.02
C ASN G 87 55.08 23.97 14.10
N ILE G 88 56.29 23.69 14.57
CA ILE G 88 56.44 22.80 15.71
C ILE G 88 55.77 23.41 16.94
N LEU G 89 56.02 24.69 17.19
CA LEU G 89 55.56 25.31 18.43
C LEU G 89 54.04 25.29 18.55
N GLN G 90 53.33 25.60 17.46
CA GLN G 90 51.88 25.50 17.50
C GLN G 90 51.44 24.06 17.75
N ARG G 91 52.11 23.10 17.10
CA ARG G 91 51.73 21.70 17.27
C ARG G 91 51.87 21.26 18.72
N MET G 92 52.96 21.65 19.38
CA MET G 92 53.08 21.39 20.82
C MET G 92 51.96 22.09 21.59
N ARG G 93 51.57 23.29 21.15
CA ARG G 93 50.58 24.05 21.89
C ARG G 93 49.20 23.39 21.84
N ASP G 94 48.82 22.85 20.69
CA ASP G 94 47.51 22.21 20.60
C ASP G 94 47.44 20.97 21.48
N LEU G 95 48.48 20.14 21.47
CA LEU G 95 48.43 18.91 22.23
C LEU G 95 48.59 19.16 23.73
N SER G 96 49.27 20.24 24.11
CA SER G 96 49.29 20.61 25.52
C SER G 96 47.91 21.08 25.98
N LEU G 97 47.18 21.76 25.10
CA LEU G 97 45.78 22.05 25.36
C LEU G 97 44.96 20.77 25.46
N GLN G 98 45.31 19.79 24.63
CA GLN G 98 44.64 18.49 24.70
C GLN G 98 44.89 17.82 26.05
N SER G 99 46.12 17.87 26.54
CA SER G 99 46.45 17.22 27.81
C SER G 99 45.90 17.99 29.00
N ALA G 100 45.61 19.28 28.85
CA ALA G 100 45.05 20.06 29.95
C ALA G 100 43.68 19.57 30.38
N ASN G 101 43.02 18.75 29.57
CA ASN G 101 41.72 18.21 29.93
C ASN G 101 41.85 17.26 31.12
N GLY G 102 40.74 17.07 31.82
CA GLY G 102 40.66 16.04 32.82
C GLY G 102 40.30 14.67 32.29
N SER G 103 40.04 14.57 30.98
CA SER G 103 39.59 13.31 30.40
C SER G 103 40.74 12.31 30.32
N ASN G 104 41.91 12.73 29.87
CA ASN G 104 43.01 11.82 29.67
C ASN G 104 43.61 11.37 31.00
N SER G 105 43.79 10.06 31.14
CA SER G 105 44.43 9.50 32.32
C SER G 105 45.93 9.72 32.24
N LYS G 106 46.66 9.21 33.23
CA LYS G 106 48.11 9.39 33.25
C LYS G 106 48.77 8.71 32.06
N ALA G 107 48.19 7.60 31.59
CA ALA G 107 48.76 6.89 30.45
C ALA G 107 48.72 7.75 29.19
N ASP G 108 47.64 8.51 29.00
CA ASP G 108 47.56 9.38 27.84
C ASP G 108 48.54 10.53 27.96
N ARG G 109 48.69 11.09 29.16
CA ARG G 109 49.57 12.24 29.34
C ARG G 109 51.04 11.86 29.18
N VAL G 110 51.45 10.69 29.64
CA VAL G 110 52.84 10.27 29.44
C VAL G 110 53.09 10.05 27.96
N ALA G 111 52.09 9.55 27.22
CA ALA G 111 52.22 9.47 25.77
C ALA G 111 52.37 10.85 25.16
N ILE G 112 51.61 11.82 25.67
CA ILE G 112 51.75 13.21 25.23
C ILE G 112 53.16 13.71 25.52
N GLN G 113 53.68 13.42 26.71
CA GLN G 113 55.02 13.87 27.07
C GLN G 113 56.07 13.24 26.16
N GLU G 114 55.89 11.96 25.82
CA GLU G 114 56.82 11.31 24.90
C GLU G 114 56.77 11.98 23.53
N GLU G 115 55.59 12.38 23.08
CA GLU G 115 55.48 13.16 21.87
C GLU G 115 56.17 14.51 22.02
N ILE G 116 56.03 15.13 23.19
CA ILE G 116 56.64 16.43 23.43
C ILE G 116 58.16 16.35 23.35
N THR G 117 58.75 15.34 23.99
CA THR G 117 60.19 15.19 23.93
C THR G 117 60.66 14.93 22.51
N ALA G 118 59.82 14.27 21.71
CA ALA G 118 60.15 14.06 20.30
C ALA G 118 60.25 15.39 19.56
N LEU G 119 59.28 16.29 19.79
CA LEU G 119 59.34 17.59 19.14
C LEU G 119 60.39 18.49 19.79
N ASN G 120 60.62 18.33 21.09
CA ASN G 120 61.61 19.15 21.77
C ASN G 120 63.01 18.93 21.20
N ASP G 121 63.34 17.67 20.91
CA ASP G 121 64.62 17.39 20.27
C ASP G 121 64.68 17.98 18.87
N GLU G 122 63.51 18.20 18.25
CA GLU G 122 63.49 18.78 16.92
C GLU G 122 63.95 20.23 16.93
N LEU G 123 63.47 21.03 17.88
CA LEU G 123 63.92 22.41 17.99
C LEU G 123 65.41 22.47 18.25
N ASN G 124 65.90 21.62 19.16
CA ASN G 124 67.33 21.57 19.42
C ASN G 124 68.12 21.07 18.22
N ARG G 125 67.50 20.29 17.34
CA ARG G 125 68.21 19.81 16.17
C ARG G 125 68.31 20.88 15.10
N VAL G 126 67.18 21.48 14.72
CA VAL G 126 67.19 22.52 13.70
C VAL G 126 68.06 23.70 14.12
N ALA G 127 68.13 23.96 15.43
CA ALA G 127 69.00 25.03 15.92
C ALA G 127 70.45 24.76 15.60
N GLU G 128 70.90 23.51 15.77
CA GLU G 128 72.29 23.14 15.54
C GLU G 128 72.55 22.61 14.14
N THR G 129 71.54 22.52 13.29
CA THR G 129 71.69 21.93 11.96
C THR G 129 71.74 22.96 10.84
N THR G 130 70.84 23.95 10.87
CA THR G 130 70.80 24.98 9.83
C THR G 130 72.16 25.64 9.68
N SER G 131 72.80 25.44 8.53
CA SER G 131 74.21 25.79 8.37
C SER G 131 74.47 26.88 7.35
N PHE G 132 74.03 26.70 6.11
CA PHE G 132 74.38 27.58 4.99
C PHE G 132 75.90 27.62 4.82
N GLY G 133 76.44 26.49 4.37
CA GLY G 133 77.84 26.40 4.04
C GLY G 133 78.79 26.47 5.22
N GLY G 134 78.49 25.71 6.28
CA GLY G 134 79.37 25.61 7.42
C GLY G 134 79.14 26.65 8.50
N ASN G 135 78.29 27.63 8.26
CA ASN G 135 77.94 28.60 9.29
C ASN G 135 76.92 27.96 10.23
N LYS G 136 76.40 28.72 11.19
CA LYS G 136 75.39 28.23 12.11
C LYS G 136 74.38 29.35 12.31
N LEU G 137 73.24 29.27 11.61
CA LEU G 137 72.30 30.37 11.59
C LEU G 137 71.57 30.51 12.93
N LEU G 138 71.11 29.41 13.50
CA LEU G 138 70.28 29.45 14.68
C LEU G 138 70.95 28.84 15.91
N ASN G 139 72.20 28.41 15.81
CA ASN G 139 72.89 27.83 16.95
C ASN G 139 73.31 28.87 17.98
N GLY G 140 73.24 30.16 17.65
CA GLY G 140 73.67 31.21 18.54
C GLY G 140 75.10 31.66 18.33
N THR G 141 75.92 30.86 17.65
CA THR G 141 77.29 31.26 17.35
C THR G 141 77.37 32.34 16.28
N PHE G 142 76.27 32.60 15.57
CA PHE G 142 76.24 33.65 14.56
C PHE G 142 76.03 34.98 15.25
N ALA G 143 77.13 35.68 15.54
CA ALA G 143 77.06 36.99 16.17
C ALA G 143 76.72 38.03 15.11
N THR G 144 76.88 39.31 15.46
CA THR G 144 76.59 40.39 14.53
C THR G 144 77.55 40.32 13.35
N LYS G 145 77.02 40.02 12.16
CA LYS G 145 77.80 39.99 10.94
C LYS G 145 77.39 41.15 10.05
N SER G 146 78.38 41.85 9.52
CA SER G 146 78.16 43.06 8.72
C SER G 146 78.33 42.75 7.24
N PHE G 147 77.36 43.19 6.44
CA PHE G 147 77.40 43.01 4.99
C PHE G 147 77.75 44.34 4.34
N GLN G 148 78.86 44.37 3.60
CA GLN G 148 79.29 45.57 2.89
C GLN G 148 78.40 45.73 1.66
N ILE G 149 77.53 46.75 1.68
CA ILE G 149 76.56 46.96 0.62
C ILE G 149 76.78 48.29 -0.09
N GLY G 150 77.98 48.86 0.01
CA GLY G 150 78.27 50.13 -0.60
C GLY G 150 79.53 50.09 -1.43
N ALA G 151 79.66 51.09 -2.32
CA ALA G 151 80.83 51.18 -3.18
C ALA G 151 82.09 51.42 -2.36
N ASP G 152 82.02 52.27 -1.34
CA ASP G 152 83.15 52.56 -0.49
C ASP G 152 83.19 51.56 0.66
N ASN G 153 84.02 51.83 1.66
CA ASN G 153 84.18 50.94 2.80
C ASN G 153 83.57 51.54 4.05
N GLY G 154 82.98 50.68 4.88
CA GLY G 154 82.41 51.07 6.15
C GLY G 154 80.90 51.22 6.16
N GLU G 155 80.27 51.34 4.99
CA GLU G 155 78.82 51.48 4.93
C GLU G 155 78.14 50.11 4.90
N ALA G 156 78.34 49.37 5.98
CA ALA G 156 77.73 48.07 6.16
C ALA G 156 76.56 48.15 7.14
N VAL G 157 75.77 47.09 7.17
CA VAL G 157 74.64 46.99 8.09
C VAL G 157 74.77 45.68 8.86
N MET G 158 74.67 45.78 10.19
CA MET G 158 74.85 44.63 11.06
C MET G 158 73.61 43.75 11.05
N LEU G 159 73.83 42.45 11.25
CA LEU G 159 72.75 41.47 11.33
C LEU G 159 72.99 40.56 12.51
N ASN G 160 71.98 40.43 13.36
CA ASN G 160 72.05 39.58 14.55
C ASN G 160 70.94 38.56 14.47
N ILE G 161 71.31 37.28 14.40
CA ILE G 161 70.36 36.18 14.42
C ILE G 161 70.45 35.54 15.79
N LYS G 162 69.37 35.64 16.56
CA LYS G 162 69.39 35.22 17.95
C LYS G 162 69.36 33.70 18.08
N ASP G 163 69.96 33.20 19.15
CA ASP G 163 69.97 31.78 19.42
C ASP G 163 68.56 31.28 19.67
N MET G 164 68.24 30.11 19.09
CA MET G 164 66.91 29.52 19.24
C MET G 164 66.97 28.06 19.66
N ARG G 165 67.96 27.67 20.43
CA ARG G 165 67.89 26.40 21.13
C ARG G 165 66.71 26.43 22.09
N SER G 166 66.05 25.30 22.26
CA SER G 166 64.81 25.26 23.03
C SER G 166 65.03 25.63 24.49
N ASP G 167 66.27 25.63 24.97
CA ASP G 167 66.59 26.01 26.34
C ASP G 167 66.90 27.49 26.49
N ASN G 168 66.69 28.29 25.45
CA ASN G 168 67.03 29.71 25.50
C ASN G 168 66.20 30.42 26.56
N ALA G 169 66.82 31.39 27.24
CA ALA G 169 66.13 32.10 28.32
C ALA G 169 64.93 32.88 27.79
N LEU G 170 65.09 33.55 26.65
CA LEU G 170 63.98 34.29 26.06
C LEU G 170 62.88 33.39 25.53
N MET G 171 63.13 32.09 25.41
CA MET G 171 62.12 31.16 24.93
C MET G 171 61.11 30.77 25.99
N GLY G 172 61.33 31.18 27.24
CA GLY G 172 60.42 30.85 28.32
C GLY G 172 60.13 32.04 29.23
N GLY G 173 60.17 31.81 30.53
CA GLY G 173 59.94 32.89 31.47
C GLY G 173 59.80 32.38 32.88
N LYS G 174 59.49 33.31 33.77
CA LYS G 174 59.33 33.04 35.19
C LYS G 174 57.97 32.42 35.46
N THR G 175 57.82 31.85 36.66
CA THR G 175 56.55 31.31 37.10
C THR G 175 56.45 31.38 38.61
N TYR G 176 55.22 31.33 39.11
CA TYR G 176 54.94 31.42 40.54
C TYR G 176 53.82 30.46 40.90
N GLN G 177 53.89 29.91 42.10
CA GLN G 177 52.97 28.87 42.55
C GLN G 177 52.32 29.29 43.85
N ALA G 178 51.03 29.02 43.99
CA ALA G 178 50.35 29.27 45.25
C ALA G 178 50.61 28.13 46.22
N ALA G 179 51.02 28.47 47.44
CA ALA G 179 51.38 27.45 48.41
C ALA G 179 50.18 26.59 48.80
N ASN G 180 49.03 27.21 49.01
CA ASN G 180 47.83 26.51 49.46
C ASN G 180 46.79 26.52 48.35
N GLY G 181 46.19 25.36 48.10
CA GLY G 181 45.15 25.26 47.10
C GLY G 181 43.76 25.49 47.65
N LYS G 182 42.83 25.74 46.73
CA LYS G 182 41.44 25.99 47.08
C LYS G 182 40.55 25.03 46.32
N ASP G 183 39.64 24.36 47.03
CA ASP G 183 38.81 23.33 46.43
C ASP G 183 37.61 23.96 45.72
N LYS G 184 36.68 23.11 45.29
CA LYS G 184 35.49 23.57 44.57
C LYS G 184 34.60 24.41 45.48
N ASN G 185 34.32 23.91 46.69
CA ASN G 185 33.43 24.62 47.60
C ASN G 185 33.98 25.99 47.98
N TRP G 186 35.29 26.19 47.94
CA TRP G 186 35.87 27.47 48.31
C TRP G 186 35.49 28.54 47.29
N GLY G 187 35.32 29.76 47.78
CA GLY G 187 35.07 30.90 46.92
C GLY G 187 35.80 32.13 47.44
N VAL G 188 35.82 33.16 46.61
CA VAL G 188 36.47 34.40 46.98
C VAL G 188 35.58 35.13 47.97
N GLU G 189 35.98 35.14 49.24
CA GLU G 189 35.19 35.79 50.28
C GLU G 189 35.36 37.30 50.22
N ALA G 190 34.30 38.01 50.62
CA ALA G 190 34.33 39.46 50.59
C ALA G 190 35.35 39.99 51.59
N GLY G 191 35.96 41.13 51.24
CA GLY G 191 36.99 41.73 52.04
C GLY G 191 38.38 41.18 51.81
N LYS G 192 38.53 40.17 50.95
CA LYS G 192 39.82 39.57 50.64
C LYS G 192 39.95 39.35 49.15
N THR G 193 39.48 40.32 48.36
CA THR G 193 39.47 40.22 46.91
C THR G 193 40.51 41.09 46.24
N ASP G 194 41.38 41.76 47.00
CA ASP G 194 42.35 42.69 46.45
C ASP G 194 43.62 41.93 46.08
N LEU G 195 44.05 42.05 44.83
CA LEU G 195 45.27 41.42 44.35
C LEU G 195 46.02 42.42 43.49
N THR G 196 47.09 42.99 44.04
CA THR G 196 47.90 43.99 43.35
C THR G 196 49.25 43.38 43.01
N ILE G 197 49.64 43.46 41.75
CA ILE G 197 50.88 42.87 41.26
C ILE G 197 51.81 43.99 40.81
N THR G 198 52.98 44.07 41.43
CA THR G 198 54.02 45.00 41.01
C THR G 198 54.93 44.30 40.00
N LEU G 199 55.19 44.96 38.88
CA LEU G 199 55.83 44.31 37.75
C LEU G 199 56.88 45.23 37.15
N LYS G 200 57.85 44.60 36.48
CA LYS G 200 58.86 45.32 35.70
C LYS G 200 58.76 44.91 34.24
N ASP G 201 58.76 45.89 33.35
CA ASP G 201 58.57 45.65 31.93
C ASP G 201 59.73 46.23 31.15
N LYS G 202 60.09 45.56 30.06
CA LYS G 202 61.17 46.05 29.19
C LYS G 202 60.84 47.41 28.63
N ARG G 203 59.61 47.59 28.14
CA ARG G 203 59.11 48.87 27.69
C ARG G 203 58.01 49.34 28.65
N GLU G 204 57.94 50.64 28.86
CA GLU G 204 57.03 51.27 29.84
C GLU G 204 57.00 50.46 31.14
N GLY G 205 58.17 50.33 31.75
CA GLY G 205 58.32 49.51 32.92
C GLY G 205 57.63 50.08 34.14
N ASP G 206 57.74 49.34 35.24
CA ASP G 206 57.10 49.68 36.52
C ASP G 206 55.59 49.81 36.35
N VAL G 207 54.97 48.72 35.95
CA VAL G 207 53.53 48.65 35.76
C VAL G 207 52.92 47.90 36.94
N THR G 208 51.91 48.50 37.55
CA THR G 208 51.18 47.88 38.66
C THR G 208 49.78 47.54 38.18
N ILE G 209 49.38 46.29 38.37
CA ILE G 209 48.07 45.80 37.93
C ILE G 209 47.24 45.50 39.17
N SER G 210 46.05 46.09 39.24
CA SER G 210 45.14 45.88 40.35
C SER G 210 43.98 45.01 39.86
N ILE G 211 43.78 43.88 40.52
CA ILE G 211 42.74 42.92 40.17
C ILE G 211 41.81 42.77 41.37
N ASN G 212 40.52 42.96 41.14
CA ASN G 212 39.50 42.80 42.17
C ASN G 212 38.58 41.66 41.74
N ALA G 213 38.82 40.48 42.28
CA ALA G 213 38.00 39.32 41.95
C ALA G 213 36.58 39.51 42.49
N LYS G 214 35.60 39.11 41.70
CA LYS G 214 34.21 39.16 42.13
C LYS G 214 33.98 38.19 43.27
N GLU G 215 33.20 38.63 44.26
CA GLU G 215 32.90 37.77 45.40
C GLU G 215 32.07 36.57 44.96
N GLY G 216 32.43 35.40 45.46
CA GLY G 216 31.73 34.17 45.17
C GLY G 216 32.36 33.34 44.07
N ASP G 217 33.21 33.93 43.24
CA ASP G 217 33.88 33.17 42.19
C ASP G 217 34.81 32.13 42.81
N ASP G 218 34.79 30.92 42.26
CA ASP G 218 35.60 29.83 42.80
C ASP G 218 37.03 29.98 42.29
N ILE G 219 37.86 28.98 42.59
CA ILE G 219 39.28 29.09 42.31
C ILE G 219 39.54 29.13 40.80
N GLU G 220 38.82 28.30 40.04
CA GLU G 220 39.05 28.24 38.60
C GLU G 220 38.58 29.51 37.91
N GLU G 221 37.39 29.99 38.25
CA GLU G 221 36.88 31.21 37.63
C GLU G 221 37.68 32.44 38.03
N LEU G 222 38.43 32.36 39.14
CA LEU G 222 39.39 33.43 39.45
C LEU G 222 40.50 33.47 38.42
N ALA G 223 40.99 32.31 37.99
CA ALA G 223 42.10 32.25 37.05
C ALA G 223 41.72 32.88 35.71
N THR G 224 40.51 32.59 35.21
CA THR G 224 40.11 33.16 33.93
C THR G 224 39.82 34.65 34.04
N TYR G 225 39.56 35.14 35.26
CA TYR G 225 39.32 36.57 35.43
C TYR G 225 40.61 37.36 35.25
N ILE G 226 41.72 36.86 35.81
CA ILE G 226 42.99 37.56 35.68
C ILE G 226 43.46 37.54 34.24
N ASN G 227 43.23 36.42 33.54
CA ASN G 227 43.65 36.33 32.14
C ASN G 227 42.95 37.37 31.29
N GLY G 228 41.64 37.55 31.51
CA GLY G 228 40.91 38.56 30.74
C GLY G 228 41.35 39.97 31.05
N GLN G 229 41.70 40.24 32.31
CA GLN G 229 42.03 41.61 32.70
C GLN G 229 43.29 42.12 32.01
N THR G 230 44.33 41.28 31.94
CA THR G 230 45.60 41.71 31.37
C THR G 230 46.23 40.57 30.60
N ASP G 231 46.94 40.91 29.53
CA ASP G 231 47.69 39.95 28.74
C ASP G 231 49.13 39.77 29.22
N MET G 232 49.59 40.60 30.16
CA MET G 232 50.95 40.50 30.67
C MET G 232 51.10 39.37 31.68
N ILE G 233 50.00 38.74 32.10
CA ILE G 233 50.00 37.74 33.14
C ILE G 233 49.11 36.58 32.70
N LYS G 234 49.58 35.36 32.89
CA LYS G 234 48.82 34.16 32.57
C LYS G 234 48.64 33.34 33.83
N ALA G 235 47.39 32.99 34.15
CA ALA G 235 47.07 32.28 35.37
C ALA G 235 46.30 31.00 35.06
N SER G 236 46.45 30.01 35.93
CA SER G 236 45.81 28.72 35.76
C SER G 236 45.78 28.00 37.09
N VAL G 237 45.02 26.90 37.13
CA VAL G 237 44.89 26.05 38.31
C VAL G 237 45.32 24.64 37.93
N ASP G 238 46.17 24.03 38.75
CA ASP G 238 46.81 22.77 38.35
C ASP G 238 46.05 21.53 38.82
N GLU G 239 46.02 21.30 40.14
CA GLU G 239 45.30 20.13 40.65
C GLU G 239 44.49 20.38 41.91
N GLU G 240 44.81 21.40 42.71
CA GLU G 240 44.10 21.62 43.96
C GLU G 240 43.70 23.08 44.19
N GLY G 241 44.14 24.01 43.36
CA GLY G 241 43.86 25.42 43.57
C GLY G 241 45.07 26.33 43.47
N LYS G 242 46.28 25.80 43.34
CA LYS G 242 47.45 26.65 43.21
C LYS G 242 47.41 27.42 41.89
N LEU G 243 47.66 28.72 41.96
CA LEU G 243 47.71 29.54 40.77
C LEU G 243 49.09 29.41 40.11
N GLN G 244 49.10 29.10 38.82
CA GLN G 244 50.34 29.03 38.05
C GLN G 244 50.52 30.36 37.34
N LEU G 245 50.93 31.37 38.11
CA LEU G 245 51.25 32.66 37.53
C LEU G 245 52.42 32.51 36.58
N PHE G 246 52.34 33.18 35.44
CA PHE G 246 53.38 33.11 34.42
C PHE G 246 53.84 34.50 34.03
N THR G 247 55.12 34.60 33.72
CA THR G 247 55.73 35.87 33.32
C THR G 247 56.64 35.58 32.14
N ASP G 248 56.32 36.15 30.98
CA ASP G 248 57.11 35.93 29.78
C ASP G 248 58.43 36.67 29.91
N ASN G 249 59.54 35.97 29.66
CA ASN G 249 60.86 36.50 29.98
C ASN G 249 61.23 37.70 29.12
N ASN G 250 60.77 37.76 27.88
CA ASN G 250 61.30 38.76 26.96
C ASN G 250 60.64 40.13 27.10
N ARG G 251 59.58 40.26 27.90
CA ARG G 251 58.90 41.54 28.03
C ARG G 251 58.59 41.93 29.47
N ILE G 252 58.51 40.98 30.40
CA ILE G 252 58.24 41.29 31.80
C ILE G 252 59.47 40.93 32.63
N ASP G 253 60.65 41.17 32.07
CA ASP G 253 61.91 40.89 32.76
C ASP G 253 61.89 41.43 34.18
N GLY G 254 62.60 40.74 35.07
CA GLY G 254 62.62 41.07 36.48
C GLY G 254 61.69 40.19 37.28
N ALA G 255 61.69 40.44 38.59
CA ALA G 255 60.86 39.67 39.50
C ALA G 255 59.48 40.33 39.64
N ALA G 256 58.52 39.54 40.11
CA ALA G 256 57.15 40.00 40.33
C ALA G 256 56.83 40.00 41.82
N THR G 257 56.19 41.09 42.26
CA THR G 257 55.78 41.24 43.64
C THR G 257 54.27 41.12 43.74
N PHE G 258 53.79 40.43 44.77
CA PHE G 258 52.37 40.23 44.97
C PHE G 258 51.95 40.85 46.30
N GLY G 259 50.79 41.52 46.29
CA GLY G 259 50.28 42.15 47.49
C GLY G 259 48.77 42.10 47.48
N GLY G 260 48.19 42.58 48.59
CA GLY G 260 46.76 42.58 48.78
C GLY G 260 46.30 41.41 49.63
N ALA G 261 45.05 41.50 50.07
CA ALA G 261 44.49 40.48 50.93
C ALA G 261 44.41 39.13 50.22
N LEU G 262 44.00 39.13 48.95
CA LEU G 262 43.87 37.88 48.22
C LEU G 262 45.23 37.21 48.03
N ALA G 263 46.27 38.00 47.77
CA ALA G 263 47.61 37.43 47.62
C ALA G 263 48.06 36.76 48.90
N GLY G 264 47.79 37.38 50.05
CA GLY G 264 48.09 36.75 51.32
C GLY G 264 47.26 35.51 51.56
N GLU G 265 46.01 35.50 51.11
CA GLU G 265 45.16 34.33 51.25
C GLU G 265 45.74 33.14 50.49
N LEU G 266 46.23 33.38 49.28
CA LEU G 266 46.92 32.36 48.52
C LEU G 266 48.40 32.37 48.89
N GLY G 267 49.22 31.64 48.13
CA GLY G 267 50.66 31.63 48.32
C GLY G 267 51.32 32.56 47.32
N ILE G 268 52.20 33.42 47.83
CA ILE G 268 52.91 34.36 46.96
C ILE G 268 53.78 33.60 45.97
N GLY G 269 54.54 32.62 46.45
CA GLY G 269 55.37 31.81 45.60
C GLY G 269 56.64 32.50 45.11
N ALA G 270 57.67 31.71 44.84
CA ALA G 270 58.92 32.24 44.33
C ALA G 270 58.92 32.24 42.81
N ALA G 271 59.98 32.81 42.23
CA ALA G 271 60.14 32.92 40.79
C ALA G 271 60.96 31.73 40.29
N GLN G 272 60.34 30.85 39.52
CA GLN G 272 61.01 29.69 38.94
C GLN G 272 61.16 29.90 37.44
N ASP G 273 62.39 29.78 36.95
CA ASP G 273 62.68 29.97 35.54
C ASP G 273 62.41 28.67 34.80
N VAL G 274 61.53 28.72 33.79
CA VAL G 274 61.18 27.56 32.99
C VAL G 274 61.22 27.95 31.52
N THR G 275 61.76 27.06 30.70
CA THR G 275 61.84 27.25 29.25
C THR G 275 61.16 26.07 28.56
N VAL G 276 61.19 26.08 27.22
CA VAL G 276 60.57 25.00 26.47
C VAL G 276 61.32 23.69 26.68
N ASP G 277 62.64 23.76 26.83
CA ASP G 277 63.42 22.55 27.09
C ASP G 277 63.00 21.92 28.41
N THR G 278 62.78 22.74 29.44
CA THR G 278 62.31 22.26 30.72
C THR G 278 60.79 22.05 30.76
N LEU G 279 60.11 22.36 29.66
CA LEU G 279 58.66 22.19 29.61
C LEU G 279 58.32 20.71 29.68
N ASP G 280 57.53 20.34 30.69
CA ASP G 280 57.12 18.95 30.88
C ASP G 280 55.62 18.93 31.12
N VAL G 281 54.90 18.13 30.34
CA VAL G 281 53.46 17.98 30.48
C VAL G 281 53.20 16.50 30.75
N THR G 282 53.10 16.15 32.02
CA THR G 282 52.72 14.80 32.44
C THR G 282 51.50 14.81 33.33
N THR G 283 51.29 15.86 34.12
CA THR G 283 50.07 16.07 34.87
C THR G 283 49.34 17.27 34.28
N VAL G 284 48.08 17.46 34.68
CA VAL G 284 47.26 18.52 34.11
C VAL G 284 47.88 19.88 34.37
N GLY G 285 48.48 20.06 35.54
CA GLY G 285 49.12 21.34 35.84
C GLY G 285 50.25 21.68 34.90
N GLY G 286 51.07 20.69 34.53
CA GLY G 286 52.11 20.94 33.55
C GLY G 286 51.55 21.36 32.21
N ALA G 287 50.36 20.86 31.85
CA ALA G 287 49.75 21.22 30.60
C ALA G 287 49.30 22.67 30.59
N GLN G 288 48.66 23.13 31.67
CA GLN G 288 48.25 24.52 31.75
C GLN G 288 49.46 25.46 31.73
N GLU G 289 50.56 25.04 32.36
CA GLU G 289 51.79 25.80 32.31
C GLU G 289 52.43 25.79 30.93
N SER G 290 52.41 24.64 30.25
CA SER G 290 53.17 24.48 29.02
C SER G 290 52.66 25.38 27.91
N VAL G 291 51.34 25.55 27.80
CA VAL G 291 50.79 26.37 26.73
C VAL G 291 51.25 27.81 26.87
N ALA G 292 51.24 28.34 28.09
CA ALA G 292 51.71 29.70 28.29
C ALA G 292 53.19 29.84 27.93
N ILE G 293 53.99 28.84 28.28
CA ILE G 293 55.40 28.85 27.91
C ILE G 293 55.54 28.84 26.40
N VAL G 294 54.76 28.00 25.72
CA VAL G 294 54.81 27.92 24.26
C VAL G 294 54.42 29.25 23.65
N ASP G 295 53.39 29.90 24.20
CA ASP G 295 52.95 31.19 23.66
C ASP G 295 54.05 32.23 23.74
N ALA G 296 54.79 32.25 24.86
CA ALA G 296 55.92 33.17 24.97
C ALA G 296 56.99 32.83 23.94
N ALA G 297 57.25 31.55 23.72
CA ALA G 297 58.22 31.15 22.70
C ALA G 297 57.75 31.57 21.30
N LEU G 298 56.46 31.38 21.01
CA LEU G 298 55.94 31.75 19.70
C LEU G 298 56.04 33.25 19.46
N LYS G 299 55.74 34.05 20.48
CA LYS G 299 55.86 35.49 20.35
C LYS G 299 57.30 35.90 20.09
N TYR G 300 58.24 35.32 20.84
CA TYR G 300 59.65 35.63 20.65
C TYR G 300 60.13 35.19 19.28
N VAL G 301 59.72 34.00 18.84
CA VAL G 301 60.13 33.49 17.54
C VAL G 301 59.57 34.38 16.43
N ASP G 302 58.30 34.75 16.52
CA ASP G 302 57.70 35.62 15.51
C ASP G 302 58.38 36.98 15.50
N SER G 303 58.72 37.51 16.68
CA SER G 303 59.33 38.83 16.75
C SER G 303 60.65 38.88 15.98
N HIS G 304 61.46 37.83 16.09
CA HIS G 304 62.70 37.80 15.33
C HIS G 304 62.44 37.54 13.85
N ARG G 305 61.33 36.86 13.53
CA ARG G 305 60.94 36.73 12.14
C ARG G 305 60.61 38.09 11.54
N ALA G 306 59.90 38.93 12.27
CA ALA G 306 59.58 40.27 11.78
C ALA G 306 60.84 41.11 11.61
N GLU G 307 61.76 41.03 12.57
CA GLU G 307 63.01 41.77 12.44
C GLU G 307 63.84 41.27 11.27
N LEU G 308 63.83 39.96 11.04
CA LEU G 308 64.50 39.41 9.87
C LEU G 308 63.82 39.86 8.58
N GLY G 309 62.50 39.92 8.59
CA GLY G 309 61.77 40.37 7.41
C GLY G 309 62.03 41.83 7.08
N ALA G 310 62.06 42.68 8.11
CA ALA G 310 62.40 44.08 7.89
C ALA G 310 63.81 44.22 7.37
N PHE G 311 64.74 43.40 7.86
CA PHE G 311 66.09 43.37 7.33
C PHE G 311 66.09 42.97 5.86
N GLN G 312 65.29 41.96 5.51
CA GLN G 312 65.20 41.56 4.11
C GLN G 312 64.62 42.68 3.25
N ASN G 313 63.59 43.37 3.75
CA ASN G 313 62.98 44.48 3.03
C ASN G 313 63.95 45.62 2.76
N ARG G 314 64.91 45.86 3.66
CA ARG G 314 65.87 46.93 3.45
C ARG G 314 66.74 46.66 2.23
N PHE G 315 67.09 45.39 1.99
CA PHE G 315 67.95 45.06 0.87
C PHE G 315 67.23 45.09 -0.47
N ASN G 316 65.93 44.80 -0.52
CA ASN G 316 65.20 45.00 -1.76
C ASN G 316 65.21 46.47 -2.17
N HIS G 317 65.02 47.36 -1.19
CA HIS G 317 65.19 48.78 -1.47
C HIS G 317 66.65 49.16 -1.68
N ALA G 318 67.58 48.39 -1.12
CA ALA G 318 69.00 48.70 -1.31
C ALA G 318 69.47 48.31 -2.71
N ILE G 319 69.07 47.14 -3.20
CA ILE G 319 69.57 46.63 -4.47
C ILE G 319 69.14 47.53 -5.62
N ASN G 320 67.84 47.82 -5.71
CA ASN G 320 67.38 48.68 -6.80
C ASN G 320 67.87 50.11 -6.63
N ASN G 321 68.16 50.52 -5.39
CA ASN G 321 68.82 51.80 -5.19
C ASN G 321 70.23 51.77 -5.77
N LEU G 322 71.02 50.77 -5.39
CA LEU G 322 72.41 50.71 -5.85
C LEU G 322 72.48 50.57 -7.37
N ASP G 323 71.47 49.94 -7.97
CA ASP G 323 71.44 49.86 -9.43
C ASP G 323 71.26 51.23 -10.05
N ASN G 324 70.58 52.14 -9.34
CA ASN G 324 70.34 53.47 -9.89
C ASN G 324 71.64 54.28 -9.97
N ILE G 325 72.42 54.31 -8.89
CA ILE G 325 73.71 54.99 -8.99
C ILE G 325 74.63 54.23 -9.93
N ASN G 326 74.55 52.90 -9.95
CA ASN G 326 75.38 52.13 -10.87
C ASN G 326 75.08 52.50 -12.32
N GLU G 327 73.80 52.67 -12.65
CA GLU G 327 73.44 53.13 -13.99
C GLU G 327 73.93 54.54 -14.23
N ASN G 328 73.82 55.42 -13.23
CA ASN G 328 74.20 56.81 -13.41
C ASN G 328 75.71 56.97 -13.58
N VAL G 329 76.50 56.26 -12.75
CA VAL G 329 77.95 56.33 -12.88
C VAL G 329 78.44 55.69 -14.16
N ASN G 330 77.72 54.69 -14.68
CA ASN G 330 78.07 54.14 -15.99
C ASN G 330 77.71 55.11 -17.11
N ALA G 331 76.60 55.84 -16.96
CA ALA G 331 76.26 56.88 -17.91
C ALA G 331 77.30 58.00 -17.88
N SER G 332 77.76 58.37 -16.68
CA SER G 332 78.85 59.33 -16.58
C SER G 332 80.17 58.73 -17.03
N LYS G 333 80.28 57.40 -17.07
CA LYS G 333 81.44 56.73 -17.63
C LYS G 333 81.32 56.58 -19.13
N SER G 334 81.01 57.71 -19.77
CA SER G 334 80.85 57.81 -21.22
C SER G 334 80.81 59.29 -21.55
N ARG G 335 81.45 59.65 -22.67
CA ARG G 335 81.74 61.03 -23.05
C ARG G 335 82.79 61.61 -22.10
N ILE G 336 83.17 60.84 -21.09
CA ILE G 336 84.29 61.15 -20.22
C ILE G 336 85.46 60.21 -20.49
N LYS G 337 85.18 58.90 -20.55
CA LYS G 337 86.16 57.90 -20.90
C LYS G 337 85.82 57.18 -22.20
N ASP G 338 84.57 56.75 -22.36
CA ASP G 338 84.14 56.09 -23.59
C ASP G 338 84.15 57.09 -24.74
N THR G 339 84.71 56.68 -25.87
CA THR G 339 84.77 57.52 -27.05
C THR G 339 83.49 57.38 -27.87
N ASP G 340 83.22 58.38 -28.69
CA ASP G 340 82.16 58.27 -29.67
C ASP G 340 82.74 58.03 -31.06
N PHE G 341 81.88 57.62 -31.98
CA PHE G 341 82.32 57.33 -33.34
C PHE G 341 81.89 58.40 -34.33
N ALA G 342 80.90 59.21 -33.98
CA ALA G 342 80.40 60.23 -34.88
C ALA G 342 81.43 61.30 -35.18
N LYS G 343 81.84 62.05 -34.14
CA LYS G 343 82.72 63.19 -34.37
C LYS G 343 84.19 62.78 -34.45
N GLU G 344 84.54 61.62 -33.89
CA GLU G 344 85.95 61.24 -33.87
C GLU G 344 86.37 60.64 -35.20
N THR G 345 85.46 59.94 -35.88
CA THR G 345 85.82 59.33 -37.16
C THR G 345 86.05 60.37 -38.24
N THR G 346 85.21 61.41 -38.30
CA THR G 346 85.47 62.47 -39.25
C THR G 346 86.77 63.20 -38.94
N ALA G 347 87.19 63.19 -37.67
CA ALA G 347 88.50 63.71 -37.33
C ALA G 347 89.60 62.77 -37.82
N LEU G 348 89.36 61.45 -37.73
CA LEU G 348 90.32 60.49 -38.26
C LEU G 348 90.44 60.61 -39.77
N THR G 349 89.31 60.71 -40.47
CA THR G 349 89.34 60.85 -41.92
C THR G 349 89.94 62.18 -42.33
N LYS G 350 89.62 63.25 -41.60
CA LYS G 350 90.24 64.55 -41.87
C LYS G 350 91.74 64.49 -41.69
N ALA G 351 92.20 63.84 -40.62
CA ALA G 351 93.63 63.68 -40.40
C ALA G 351 94.26 62.83 -41.48
N GLN G 352 93.59 61.75 -41.88
CA GLN G 352 94.13 60.88 -42.94
C GLN G 352 94.20 61.62 -44.26
N ILE G 353 93.17 62.39 -44.60
CA ILE G 353 93.21 63.19 -45.81
C ILE G 353 94.30 64.25 -45.72
N LEU G 354 94.45 64.86 -44.54
CA LEU G 354 95.52 65.83 -44.34
C LEU G 354 96.88 65.19 -44.52
N SER G 355 97.06 63.97 -44.02
CA SER G 355 98.32 63.27 -44.23
C SER G 355 98.54 62.94 -45.70
N GLN G 356 97.47 62.62 -46.42
CA GLN G 356 97.58 62.36 -47.85
C GLN G 356 98.03 63.61 -48.59
N ALA G 357 97.44 64.76 -48.26
CA ALA G 357 97.85 66.02 -48.88
C ALA G 357 99.26 66.40 -48.46
N SER G 358 99.61 66.14 -47.20
CA SER G 358 100.95 66.49 -46.72
C SER G 358 102.02 65.62 -47.37
N SER G 359 101.72 64.36 -47.62
CA SER G 359 102.67 63.51 -48.34
C SER G 359 102.75 63.88 -49.81
N SER G 360 101.65 64.35 -50.39
CA SER G 360 101.65 64.73 -51.80
C SER G 360 102.32 66.07 -52.03
N VAL G 361 102.28 66.98 -51.05
CA VAL G 361 102.80 68.32 -51.26
C VAL G 361 104.33 68.29 -51.43
N LEU G 362 105.02 67.37 -50.76
CA LEU G 362 106.46 67.25 -50.97
C LEU G 362 106.78 66.61 -52.31
N ALA G 363 105.88 65.80 -52.85
CA ALA G 363 106.07 65.25 -54.19
C ALA G 363 106.05 66.33 -55.26
N GLN G 364 105.45 67.48 -54.97
CA GLN G 364 105.48 68.64 -55.85
C GLN G 364 106.53 69.65 -55.45
N ALA G 365 107.32 69.37 -54.40
CA ALA G 365 108.36 70.27 -53.95
C ALA G 365 109.76 69.69 -54.09
N LYS G 366 109.89 68.38 -54.31
CA LYS G 366 111.22 67.78 -54.45
C LYS G 366 111.88 68.20 -55.75
N GLN G 367 111.09 68.37 -56.82
CA GLN G 367 111.65 68.77 -58.10
C GLN G 367 111.90 70.27 -58.20
N ALA G 368 111.39 71.06 -57.25
CA ALA G 368 111.62 72.50 -57.29
C ALA G 368 113.10 72.86 -57.20
N PRO G 369 113.90 72.30 -56.27
CA PRO G 369 115.34 72.58 -56.33
C PRO G 369 116.00 72.09 -57.61
N ASN G 370 115.53 70.97 -58.15
CA ASN G 370 116.10 70.45 -59.39
C ASN G 370 115.82 71.40 -60.56
N SER G 371 114.59 71.92 -60.63
CA SER G 371 114.25 72.87 -61.68
C SER G 371 115.01 74.18 -61.48
N ALA G 372 115.24 74.58 -60.22
CA ALA G 372 116.02 75.78 -59.96
C ALA G 372 117.45 75.62 -60.47
N LEU G 373 118.05 74.44 -60.28
CA LEU G 373 119.40 74.19 -60.77
C LEU G 373 119.43 74.06 -62.29
N ALA G 374 118.28 73.76 -62.90
CA ALA G 374 118.22 73.46 -64.33
C ALA G 374 118.53 74.67 -65.20
N LEU G 375 118.58 75.89 -64.64
CA LEU G 375 118.87 77.06 -65.47
C LEU G 375 120.27 77.00 -66.05
N LEU G 376 121.20 76.36 -65.35
CA LEU G 376 122.58 76.22 -65.80
C LEU G 376 122.99 74.76 -65.72
N GLY G 377 123.71 74.29 -66.73
CA GLY G 377 124.15 72.91 -66.78
C GLY G 377 125.20 72.57 -65.74
N MET H 1 -2.08 -12.72 -25.66
CA MET H 1 -2.96 -12.75 -26.81
C MET H 1 -3.02 -11.35 -27.42
N ALA H 2 -3.38 -10.37 -26.62
CA ALA H 2 -3.27 -8.95 -26.99
C ALA H 2 -3.41 -8.15 -25.70
N VAL H 3 -2.33 -7.49 -25.29
CA VAL H 3 -2.41 -6.61 -24.13
C VAL H 3 -2.99 -5.27 -24.58
N ASN H 4 -4.32 -5.18 -24.58
CA ASN H 4 -5.02 -4.04 -25.14
C ASN H 4 -5.96 -3.48 -24.07
N VAL H 5 -6.45 -2.27 -24.33
CA VAL H 5 -7.23 -1.54 -23.35
C VAL H 5 -8.60 -1.20 -23.91
N ASN H 6 -8.75 -1.26 -25.23
CA ASN H 6 -9.98 -0.81 -25.85
C ASN H 6 -11.11 -1.83 -25.68
N THR H 7 -10.78 -3.12 -25.71
CA THR H 7 -11.77 -4.17 -25.57
C THR H 7 -11.37 -5.09 -24.43
N ASN H 8 -12.31 -5.33 -23.51
CA ASN H 8 -12.10 -6.23 -22.38
C ASN H 8 -13.06 -7.41 -22.58
N VAL H 9 -12.61 -8.40 -23.34
CA VAL H 9 -13.47 -9.54 -23.64
C VAL H 9 -13.79 -10.34 -22.38
N SER H 10 -12.81 -10.46 -21.48
CA SER H 10 -13.06 -11.14 -20.22
C SER H 10 -14.11 -10.42 -19.39
N ALA H 11 -14.16 -9.10 -19.48
CA ALA H 11 -15.21 -8.35 -18.79
C ALA H 11 -16.58 -8.66 -19.39
N MET H 12 -16.66 -8.75 -20.72
CA MET H 12 -17.96 -8.97 -21.36
C MET H 12 -18.55 -10.32 -20.97
N THR H 13 -17.74 -11.38 -20.98
CA THR H 13 -18.27 -12.70 -20.62
C THR H 13 -18.62 -12.77 -19.15
N ALA H 14 -17.82 -12.16 -18.28
CA ALA H 14 -18.14 -12.13 -16.86
C ALA H 14 -19.41 -11.33 -16.61
N GLN H 15 -19.61 -10.23 -17.34
CA GLN H 15 -20.83 -9.45 -17.21
C GLN H 15 -22.04 -10.27 -17.64
N ARG H 16 -21.92 -11.01 -18.75
CA ARG H 16 -23.04 -11.79 -19.24
C ARG H 16 -23.45 -12.87 -18.24
N TYR H 17 -22.47 -13.57 -17.67
CA TYR H 17 -22.80 -14.57 -16.67
C TYR H 17 -23.28 -13.95 -15.38
N LEU H 18 -22.83 -12.73 -15.07
CA LEU H 18 -23.38 -12.01 -13.93
C LEU H 18 -24.84 -11.69 -14.13
N THR H 19 -25.20 -11.22 -15.33
CA THR H 19 -26.59 -10.89 -15.61
C THR H 19 -27.48 -12.13 -15.57
N SER H 20 -27.00 -13.23 -16.15
CA SER H 20 -27.78 -14.47 -16.13
C SER H 20 -27.97 -14.97 -14.69
N ALA H 21 -26.92 -14.88 -13.88
CA ALA H 21 -27.03 -15.29 -12.49
C ALA H 21 -27.93 -14.35 -11.71
N THR H 22 -27.82 -13.04 -11.95
CA THR H 22 -28.65 -12.08 -11.24
C THR H 22 -30.12 -12.25 -11.59
N ASN H 23 -30.43 -12.45 -12.87
CA ASN H 23 -31.81 -12.70 -13.25
C ASN H 23 -32.31 -14.05 -12.75
N ALA H 24 -31.41 -15.02 -12.60
CA ALA H 24 -31.79 -16.26 -11.93
C ALA H 24 -32.10 -16.02 -10.45
N GLN H 25 -31.30 -15.17 -9.80
CA GLN H 25 -31.58 -14.80 -8.42
C GLN H 25 -32.89 -14.01 -8.33
N GLN H 26 -33.13 -13.11 -9.28
CA GLN H 26 -34.38 -12.36 -9.31
C GLN H 26 -35.56 -13.26 -9.63
N SER H 27 -35.34 -14.34 -10.39
CA SER H 27 -36.37 -15.35 -10.56
C SER H 27 -36.73 -15.98 -9.22
N SER H 28 -35.73 -16.26 -8.40
CA SER H 28 -35.95 -16.61 -7.01
C SER H 28 -36.24 -15.32 -6.22
N MET H 29 -36.38 -15.45 -4.90
CA MET H 29 -36.77 -14.36 -4.02
C MET H 29 -38.15 -13.82 -4.38
N GLU H 30 -38.80 -14.44 -5.35
CA GLU H 30 -40.17 -14.15 -5.72
C GLU H 30 -41.06 -15.38 -5.64
N ARG H 31 -40.53 -16.56 -5.98
CA ARG H 31 -41.27 -17.79 -5.74
C ARG H 31 -41.33 -18.12 -4.26
N LEU H 32 -40.33 -17.69 -3.49
CA LEU H 32 -40.41 -17.80 -2.04
C LEU H 32 -41.49 -16.88 -1.48
N SER H 33 -41.45 -15.60 -1.86
CA SER H 33 -42.39 -14.63 -1.30
C SER H 33 -43.82 -14.95 -1.71
N SER H 34 -44.03 -15.30 -2.98
CA SER H 34 -45.37 -15.60 -3.45
C SER H 34 -45.90 -16.91 -2.88
N GLY H 35 -45.03 -17.89 -2.71
CA GLY H 35 -45.45 -19.21 -2.32
C GLY H 35 -45.79 -20.13 -3.47
N TYR H 36 -45.77 -19.62 -4.70
CA TYR H 36 -45.99 -20.42 -5.89
C TYR H 36 -44.79 -20.29 -6.81
N LYS H 37 -44.35 -21.42 -7.37
CA LYS H 37 -43.25 -21.41 -8.32
C LYS H 37 -43.65 -20.91 -9.71
N ILE H 38 -44.94 -20.85 -10.00
CA ILE H 38 -45.43 -20.31 -11.26
C ILE H 38 -46.34 -19.13 -10.93
N ASN H 39 -45.86 -17.93 -11.21
CA ASN H 39 -46.68 -16.73 -11.11
C ASN H 39 -46.81 -15.98 -12.43
N SER H 40 -46.03 -16.33 -13.44
CA SER H 40 -46.17 -15.78 -14.78
C SER H 40 -46.16 -16.93 -15.77
N ALA H 41 -46.69 -16.68 -16.96
CA ALA H 41 -46.76 -17.72 -17.98
C ALA H 41 -45.38 -18.15 -18.48
N LYS H 42 -44.33 -17.39 -18.16
CA LYS H 42 -42.98 -17.78 -18.58
C LYS H 42 -42.56 -19.10 -17.97
N ASP H 43 -42.83 -19.27 -16.66
CA ASP H 43 -42.30 -20.43 -15.95
C ASP H 43 -42.90 -21.73 -16.49
N ASP H 44 -44.22 -21.80 -16.60
CA ASP H 44 -44.87 -22.99 -17.14
C ASP H 44 -46.15 -22.54 -17.83
N ALA H 45 -46.06 -22.31 -19.15
CA ALA H 45 -47.24 -21.96 -19.92
C ALA H 45 -48.25 -23.09 -19.90
N ALA H 46 -47.79 -24.33 -20.07
CA ALA H 46 -48.68 -25.47 -19.99
C ALA H 46 -49.28 -25.61 -18.59
N GLY H 47 -48.44 -25.44 -17.56
CA GLY H 47 -48.91 -25.57 -16.20
C GLY H 47 -49.92 -24.52 -15.80
N LEU H 48 -49.89 -23.35 -16.45
CA LEU H 48 -50.84 -22.29 -16.12
C LEU H 48 -52.27 -22.74 -16.43
N GLN H 49 -52.48 -23.40 -17.57
CA GLN H 49 -53.83 -23.83 -17.94
C GLN H 49 -54.36 -24.86 -16.95
N ILE H 50 -53.58 -25.91 -16.67
CA ILE H 50 -54.06 -26.96 -15.78
C ILE H 50 -54.18 -26.46 -14.35
N SER H 51 -53.26 -25.59 -13.92
CA SER H 51 -53.30 -25.11 -12.54
C SER H 51 -54.50 -24.20 -12.31
N ASN H 52 -54.77 -23.30 -13.25
CA ASN H 52 -55.96 -22.45 -13.12
C ASN H 52 -57.22 -23.30 -13.16
N ARG H 53 -57.28 -24.28 -14.06
CA ARG H 53 -58.45 -25.15 -14.13
C ARG H 53 -58.64 -25.91 -12.82
N LEU H 54 -57.55 -26.38 -12.23
CA LEU H 54 -57.63 -27.01 -10.91
C LEU H 54 -58.10 -26.02 -9.86
N ASN H 55 -57.60 -24.79 -9.92
CA ASN H 55 -58.01 -23.76 -8.97
C ASN H 55 -59.50 -23.46 -9.12
N VAL H 56 -60.00 -23.44 -10.36
CA VAL H 56 -61.44 -23.28 -10.59
C VAL H 56 -62.21 -24.41 -9.93
N GLN H 57 -61.73 -25.65 -10.06
CA GLN H 57 -62.44 -26.77 -9.48
C GLN H 57 -62.44 -26.69 -7.95
N SER H 58 -61.32 -26.32 -7.35
CA SER H 58 -61.25 -26.26 -5.89
C SER H 58 -62.19 -25.21 -5.32
N ARG H 59 -62.18 -24.00 -5.91
CA ARG H 59 -63.12 -22.97 -5.47
C ARG H 59 -64.55 -23.38 -5.77
N GLY H 60 -64.77 -24.03 -6.92
CA GLY H 60 -66.11 -24.50 -7.25
C GLY H 60 -66.63 -25.51 -6.26
N LEU H 61 -65.77 -26.42 -5.80
CA LEU H 61 -66.18 -27.38 -4.77
C LEU H 61 -66.45 -26.68 -3.45
N GLY H 62 -65.65 -25.66 -3.12
CA GLY H 62 -65.90 -24.92 -1.90
C GLY H 62 -67.26 -24.26 -1.88
N VAL H 63 -67.68 -23.72 -3.02
CA VAL H 63 -69.04 -23.20 -3.13
C VAL H 63 -70.04 -24.34 -3.19
N ALA H 64 -69.68 -25.45 -3.81
CA ALA H 64 -70.61 -26.57 -3.97
C ALA H 64 -71.02 -27.16 -2.63
N VAL H 65 -70.06 -27.33 -1.71
CA VAL H 65 -70.41 -27.84 -0.39
C VAL H 65 -71.26 -26.82 0.36
N ARG H 66 -71.02 -25.54 0.13
CA ARG H 66 -71.89 -24.50 0.71
C ARG H 66 -73.30 -24.62 0.16
N ASN H 67 -73.43 -24.89 -1.13
CA ASN H 67 -74.75 -25.00 -1.75
C ASN H 67 -75.50 -26.21 -1.23
N ALA H 68 -74.83 -27.36 -1.16
CA ALA H 68 -75.49 -28.57 -0.71
C ALA H 68 -75.85 -28.51 0.77
N ASN H 69 -75.06 -27.79 1.57
CA ASN H 69 -75.44 -27.58 2.96
C ASN H 69 -76.70 -26.76 3.08
N ASP H 70 -76.87 -25.76 2.21
CA ASP H 70 -78.11 -24.99 2.19
C ASP H 70 -79.30 -25.86 1.84
N GLY H 71 -79.11 -26.79 0.91
CA GLY H 71 -80.17 -27.75 0.61
C GLY H 71 -80.49 -28.64 1.80
N ILE H 72 -79.46 -29.00 2.57
CA ILE H 72 -79.68 -29.80 3.77
C ILE H 72 -80.50 -29.02 4.79
N SER H 73 -80.13 -27.76 5.03
CA SER H 73 -80.84 -26.97 6.02
C SER H 73 -82.28 -26.74 5.63
N MET H 74 -82.55 -26.50 4.34
CA MET H 74 -83.94 -26.35 3.90
C MET H 74 -84.71 -27.64 4.08
N ALA H 75 -84.08 -28.79 3.81
CA ALA H 75 -84.77 -30.07 3.98
C ALA H 75 -85.13 -30.32 5.43
N GLN H 76 -84.22 -30.02 6.36
CA GLN H 76 -84.49 -30.31 7.76
C GLN H 76 -85.45 -29.30 8.38
N THR H 77 -85.46 -28.05 7.90
CA THR H 77 -86.43 -27.09 8.39
C THR H 77 -87.85 -27.48 7.99
N ALA H 78 -88.03 -27.98 6.78
CA ALA H 78 -89.32 -28.57 6.41
C ALA H 78 -89.61 -29.80 7.25
N GLU H 79 -88.57 -30.60 7.52
CA GLU H 79 -88.74 -31.78 8.36
C GLU H 79 -89.12 -31.40 9.79
N GLY H 80 -88.71 -30.22 10.25
CA GLY H 80 -89.11 -29.78 11.57
C GLY H 80 -90.61 -29.59 11.68
N ALA H 81 -91.20 -28.93 10.69
CA ALA H 81 -92.66 -28.77 10.68
C ALA H 81 -93.35 -30.09 10.37
N MET H 82 -92.63 -31.05 9.80
CA MET H 82 -93.22 -32.35 9.52
C MET H 82 -93.69 -33.00 10.81
N LYS H 83 -92.85 -32.95 11.86
CA LYS H 83 -93.17 -33.57 13.12
C LYS H 83 -94.39 -32.92 13.77
N GLU H 84 -94.47 -31.59 13.69
CA GLU H 84 -95.65 -30.91 14.23
C GLU H 84 -96.91 -31.34 13.50
N THR H 85 -96.84 -31.45 12.17
CA THR H 85 -97.99 -31.88 11.39
C THR H 85 -98.42 -33.30 11.76
N THR H 86 -97.46 -34.22 11.85
CA THR H 86 -97.79 -35.59 12.20
C THR H 86 -98.32 -35.68 13.63
N ASN H 87 -97.74 -34.91 14.54
CA ASN H 87 -98.19 -34.97 15.93
C ASN H 87 -99.64 -34.51 16.07
N ILE H 88 -99.99 -33.40 15.41
CA ILE H 88 -101.36 -32.94 15.47
C ILE H 88 -102.29 -33.89 14.72
N LEU H 89 -101.83 -34.45 13.60
CA LEU H 89 -102.64 -35.42 12.87
C LEU H 89 -102.93 -36.65 13.72
N GLN H 90 -101.92 -37.14 14.44
CA GLN H 90 -102.13 -38.27 15.34
C GLN H 90 -103.12 -37.90 16.43
N ARG H 91 -103.05 -36.67 16.94
CA ARG H 91 -104.02 -36.21 17.92
C ARG H 91 -105.42 -36.19 17.33
N MET H 92 -105.55 -35.83 16.05
CA MET H 92 -106.85 -35.86 15.40
C MET H 92 -107.41 -37.28 15.35
N ARG H 93 -106.57 -38.25 14.99
CA ARG H 93 -107.05 -39.60 14.76
C ARG H 93 -107.58 -40.23 16.05
N ASP H 94 -106.78 -40.22 17.12
CA ASP H 94 -107.21 -40.88 18.35
C ASP H 94 -108.32 -40.12 19.05
N LEU H 95 -108.42 -38.81 18.80
CA LEU H 95 -109.55 -38.06 19.32
C LEU H 95 -110.81 -38.38 18.54
N SER H 96 -110.67 -38.67 17.24
CA SER H 96 -111.82 -39.10 16.46
C SER H 96 -112.33 -40.45 16.92
N LEU H 97 -111.43 -41.36 17.26
CA LEU H 97 -111.85 -42.66 17.78
C LEU H 97 -112.63 -42.51 19.07
N GLN H 98 -112.27 -41.50 19.87
CA GLN H 98 -113.00 -41.23 21.10
C GLN H 98 -114.44 -40.83 20.81
N SER H 99 -114.66 -39.99 19.80
CA SER H 99 -116.01 -39.56 19.46
C SER H 99 -116.83 -40.66 18.81
N ALA H 100 -116.16 -41.60 18.14
CA ALA H 100 -116.89 -42.66 17.44
C ALA H 100 -117.64 -43.57 18.39
N ASN H 101 -117.26 -43.62 19.66
CA ASN H 101 -118.00 -44.40 20.64
C ASN H 101 -119.40 -43.85 20.81
N GLY H 102 -120.37 -44.73 21.00
CA GLY H 102 -121.75 -44.33 21.16
C GLY H 102 -122.13 -43.86 22.55
N SER H 103 -121.19 -43.87 23.49
CA SER H 103 -121.51 -43.48 24.86
C SER H 103 -121.76 -41.98 24.97
N ASN H 104 -120.95 -41.18 24.29
CA ASN H 104 -121.08 -39.73 24.39
C ASN H 104 -122.33 -39.24 23.64
N SER H 105 -122.84 -38.10 24.09
CA SER H 105 -124.04 -37.52 23.50
C SER H 105 -123.65 -36.54 22.40
N LYS H 106 -124.63 -35.80 21.89
CA LYS H 106 -124.36 -34.82 20.85
C LYS H 106 -123.52 -33.66 21.38
N ALA H 107 -123.71 -33.29 22.64
CA ALA H 107 -122.94 -32.18 23.22
C ALA H 107 -121.45 -32.50 23.27
N ASP H 108 -121.10 -33.73 23.66
CA ASP H 108 -119.70 -34.11 23.70
C ASP H 108 -119.08 -34.11 22.30
N ARG H 109 -119.83 -34.59 21.31
CA ARG H 109 -119.34 -34.55 19.94
C ARG H 109 -119.15 -33.11 19.47
N VAL H 110 -120.05 -32.21 19.88
CA VAL H 110 -119.92 -30.80 19.51
C VAL H 110 -118.64 -30.21 20.08
N ALA H 111 -118.38 -30.47 21.36
CA ALA H 111 -117.15 -29.98 21.99
C ALA H 111 -115.92 -30.58 21.32
N ILE H 112 -116.00 -31.86 20.96
CA ILE H 112 -114.89 -32.51 20.25
C ILE H 112 -114.66 -31.84 18.90
N GLN H 113 -115.74 -31.46 18.22
CA GLN H 113 -115.60 -30.78 16.94
C GLN H 113 -114.89 -29.45 17.09
N GLU H 114 -115.13 -28.73 18.20
CA GLU H 114 -114.42 -27.48 18.43
C GLU H 114 -112.93 -27.71 18.57
N GLU H 115 -112.54 -28.81 19.23
CA GLU H 115 -111.14 -29.19 19.27
C GLU H 115 -110.63 -29.51 17.86
N ILE H 116 -111.44 -30.21 17.07
CA ILE H 116 -111.03 -30.61 15.73
C ILE H 116 -110.76 -29.39 14.86
N THR H 117 -111.68 -28.44 14.85
CA THR H 117 -111.51 -27.25 14.02
C THR H 117 -110.40 -26.35 14.56
N ALA H 118 -110.11 -26.43 15.86
CA ALA H 118 -109.00 -25.68 16.41
C ALA H 118 -107.68 -26.19 15.87
N LEU H 119 -107.50 -27.52 15.87
CA LEU H 119 -106.29 -28.11 15.31
C LEU H 119 -106.26 -27.96 13.78
N ASN H 120 -107.43 -28.02 13.14
CA ASN H 120 -107.48 -27.90 11.69
C ASN H 120 -106.94 -26.54 11.24
N ASP H 121 -107.31 -25.47 11.94
CA ASP H 121 -106.79 -24.15 11.60
C ASP H 121 -105.28 -24.09 11.83
N GLU H 122 -104.79 -24.80 12.84
CA GLU H 122 -103.36 -24.79 13.12
C GLU H 122 -102.59 -25.55 12.05
N LEU H 123 -103.20 -26.58 11.46
CA LEU H 123 -102.58 -27.26 10.32
C LEU H 123 -102.38 -26.30 9.15
N ASN H 124 -103.40 -25.51 8.86
CA ASN H 124 -103.27 -24.53 7.78
C ASN H 124 -102.23 -23.47 8.12
N ARG H 125 -102.21 -23.01 9.37
CA ARG H 125 -101.26 -21.98 9.76
C ARG H 125 -99.83 -22.48 9.63
N VAL H 126 -99.55 -23.68 10.13
CA VAL H 126 -98.19 -24.22 10.06
C VAL H 126 -97.79 -24.51 8.63
N ALA H 127 -98.76 -24.67 7.72
CA ALA H 127 -98.43 -24.83 6.31
C ALA H 127 -97.95 -23.53 5.70
N GLU H 128 -98.36 -22.38 6.25
CA GLU H 128 -98.01 -21.09 5.70
C GLU H 128 -96.93 -20.35 6.48
N THR H 129 -96.70 -20.71 7.74
CA THR H 129 -95.78 -19.95 8.58
C THR H 129 -94.32 -20.34 8.39
N THR H 130 -94.06 -21.61 8.07
CA THR H 130 -92.68 -22.03 7.86
C THR H 130 -92.11 -21.33 6.64
N SER H 131 -91.05 -20.55 6.85
CA SER H 131 -90.56 -19.64 5.82
C SER H 131 -89.14 -19.93 5.38
N PHE H 132 -88.21 -20.10 6.31
CA PHE H 132 -86.78 -20.18 6.01
C PHE H 132 -86.33 -18.94 5.25
N GLY H 133 -86.41 -17.81 5.95
CA GLY H 133 -85.96 -16.55 5.39
C GLY H 133 -86.77 -16.04 4.22
N GLY H 134 -88.10 -16.10 4.31
CA GLY H 134 -88.97 -15.52 3.32
C GLY H 134 -89.54 -16.49 2.30
N ASN H 135 -88.99 -17.70 2.22
CA ASN H 135 -89.52 -18.70 1.30
C ASN H 135 -90.81 -19.28 1.87
N LYS H 136 -91.36 -20.31 1.21
CA LYS H 136 -92.58 -20.95 1.67
C LYS H 136 -92.43 -22.44 1.44
N LEU H 137 -91.95 -23.16 2.46
CA LEU H 137 -91.63 -24.58 2.30
C LEU H 137 -92.89 -25.41 2.06
N LEU H 138 -93.90 -25.25 2.92
CA LEU H 138 -95.08 -26.11 2.88
C LEU H 138 -96.32 -25.42 2.37
N ASN H 139 -96.24 -24.14 2.01
CA ASN H 139 -97.40 -23.43 1.50
C ASN H 139 -97.87 -23.99 0.17
N GLY H 140 -96.96 -24.52 -0.65
CA GLY H 140 -97.27 -25.03 -1.97
C GLY H 140 -96.69 -24.21 -3.09
N THR H 141 -96.24 -22.99 -2.83
CA THR H 141 -95.58 -22.19 -3.85
C THR H 141 -94.16 -22.65 -4.13
N PHE H 142 -93.62 -23.55 -3.31
CA PHE H 142 -92.27 -24.07 -3.50
C PHE H 142 -92.31 -25.13 -4.58
N ALA H 143 -92.09 -24.72 -5.82
CA ALA H 143 -92.11 -25.64 -6.95
C ALA H 143 -90.78 -26.40 -7.01
N THR H 144 -90.53 -27.07 -8.13
CA THR H 144 -89.29 -27.83 -8.31
C THR H 144 -88.09 -26.91 -8.17
N LYS H 145 -87.29 -27.13 -7.14
CA LYS H 145 -86.12 -26.32 -6.85
C LYS H 145 -84.86 -27.16 -7.04
N SER H 146 -83.92 -26.65 -7.83
CA SER H 146 -82.70 -27.37 -8.15
C SER H 146 -81.52 -26.74 -7.42
N PHE H 147 -80.68 -27.56 -6.81
CA PHE H 147 -79.51 -27.11 -6.09
C PHE H 147 -78.26 -27.54 -6.83
N GLN H 148 -77.43 -26.56 -7.19
CA GLN H 148 -76.18 -26.83 -7.91
C GLN H 148 -75.14 -27.32 -6.90
N ILE H 149 -74.83 -28.60 -6.93
CA ILE H 149 -73.96 -29.20 -5.93
C ILE H 149 -72.75 -29.84 -6.59
N GLY H 150 -72.30 -29.27 -7.71
CA GLY H 150 -71.16 -29.80 -8.42
C GLY H 150 -70.13 -28.72 -8.70
N ALA H 151 -68.93 -29.18 -9.05
CA ALA H 151 -67.85 -28.25 -9.38
C ALA H 151 -68.20 -27.42 -10.62
N ASP H 152 -68.71 -28.07 -11.66
CA ASP H 152 -69.12 -27.40 -12.88
C ASP H 152 -70.63 -27.18 -12.84
N ASN H 153 -71.19 -26.73 -13.95
CA ASN H 153 -72.62 -26.48 -14.06
C ASN H 153 -73.34 -27.69 -14.63
N GLY H 154 -74.66 -27.70 -14.46
CA GLY H 154 -75.50 -28.74 -14.98
C GLY H 154 -75.70 -29.92 -14.06
N GLU H 155 -74.85 -30.09 -13.05
CA GLU H 155 -74.98 -31.20 -12.11
C GLU H 155 -75.72 -30.75 -10.85
N ALA H 156 -77.01 -30.48 -11.02
CA ALA H 156 -77.89 -30.11 -9.94
C ALA H 156 -78.86 -31.25 -9.63
N VAL H 157 -79.53 -31.12 -8.49
CA VAL H 157 -80.49 -32.12 -8.03
C VAL H 157 -81.81 -31.42 -7.74
N MET H 158 -82.90 -31.97 -8.26
CA MET H 158 -84.21 -31.37 -8.10
C MET H 158 -84.91 -31.89 -6.85
N LEU H 159 -85.47 -30.96 -6.09
CA LEU H 159 -86.20 -31.27 -4.86
C LEU H 159 -87.55 -30.57 -4.91
N ASN H 160 -88.61 -31.33 -4.61
CA ASN H 160 -89.97 -30.80 -4.61
C ASN H 160 -90.61 -31.03 -3.25
N ILE H 161 -91.20 -29.98 -2.70
CA ILE H 161 -91.91 -30.05 -1.44
C ILE H 161 -93.39 -29.83 -1.73
N LYS H 162 -94.21 -30.81 -1.39
CA LYS H 162 -95.63 -30.78 -1.74
C LYS H 162 -96.42 -29.91 -0.77
N ASP H 163 -97.52 -29.36 -1.27
CA ASP H 163 -98.41 -28.56 -0.44
C ASP H 163 -99.17 -29.45 0.54
N MET H 164 -99.17 -29.05 1.80
CA MET H 164 -99.83 -29.80 2.86
C MET H 164 -100.77 -28.90 3.66
N ARG H 165 -101.50 -28.04 2.96
CA ARG H 165 -102.68 -27.43 3.55
C ARG H 165 -103.71 -28.53 3.79
N SER H 166 -104.58 -28.29 4.77
CA SER H 166 -105.56 -29.30 5.13
C SER H 166 -106.57 -29.56 4.02
N ASP H 167 -106.63 -28.70 3.00
CA ASP H 167 -107.58 -28.84 1.91
C ASP H 167 -106.99 -29.51 0.69
N ASN H 168 -105.75 -30.00 0.75
CA ASN H 168 -105.13 -30.62 -0.41
C ASN H 168 -105.89 -31.88 -0.81
N ALA H 169 -106.13 -32.02 -2.12
CA ALA H 169 -106.87 -33.17 -2.60
C ALA H 169 -106.13 -34.47 -2.33
N LEU H 170 -104.81 -34.47 -2.54
CA LEU H 170 -104.01 -35.66 -2.25
C LEU H 170 -104.00 -35.99 -0.76
N MET H 171 -104.31 -35.02 0.10
CA MET H 171 -104.30 -35.26 1.54
C MET H 171 -105.52 -36.06 1.99
N GLY H 172 -106.62 -35.97 1.26
CA GLY H 172 -107.83 -36.69 1.61
C GLY H 172 -108.10 -37.90 0.73
N GLY H 173 -109.33 -38.03 0.25
CA GLY H 173 -109.68 -39.17 -0.57
C GLY H 173 -111.15 -39.15 -0.92
N LYS H 174 -111.63 -40.28 -1.43
CA LYS H 174 -113.02 -40.44 -1.84
C LYS H 174 -113.82 -41.16 -0.75
N THR H 175 -115.13 -40.95 -0.78
CA THR H 175 -116.04 -41.63 0.13
C THR H 175 -117.31 -42.01 -0.60
N TYR H 176 -117.99 -43.05 -0.10
CA TYR H 176 -119.22 -43.56 -0.68
C TYR H 176 -120.16 -43.95 0.44
N GLN H 177 -121.45 -43.69 0.26
CA GLN H 177 -122.45 -43.94 1.29
C GLN H 177 -123.52 -44.87 0.75
N ALA H 178 -123.89 -45.88 1.54
CA ALA H 178 -124.96 -46.77 1.15
C ALA H 178 -126.30 -46.04 1.18
N ALA H 179 -127.14 -46.31 0.17
CA ALA H 179 -128.42 -45.64 0.09
C ALA H 179 -129.38 -46.07 1.19
N ASN H 180 -129.47 -47.38 1.43
CA ASN H 180 -130.39 -47.93 2.41
C ASN H 180 -129.62 -48.56 3.55
N GLY H 181 -130.04 -48.26 4.78
CA GLY H 181 -129.41 -48.85 5.94
C GLY H 181 -130.02 -50.18 6.34
N LYS H 182 -129.25 -50.95 7.10
CA LYS H 182 -129.69 -52.24 7.62
C LYS H 182 -129.68 -52.19 9.13
N ASP H 183 -130.81 -52.55 9.74
CA ASP H 183 -130.95 -52.48 11.19
C ASP H 183 -130.11 -53.57 11.85
N LYS H 184 -130.13 -53.57 13.19
CA LYS H 184 -129.36 -54.55 13.94
C LYS H 184 -129.84 -55.97 13.65
N ASN H 185 -131.15 -56.18 13.60
CA ASN H 185 -131.69 -57.51 13.36
C ASN H 185 -131.34 -58.04 11.97
N TRP H 186 -131.00 -57.15 11.04
CA TRP H 186 -130.68 -57.60 9.69
C TRP H 186 -129.36 -58.37 9.68
N GLY H 187 -129.30 -59.37 8.80
CA GLY H 187 -128.07 -60.12 8.60
C GLY H 187 -127.86 -60.41 7.13
N VAL H 188 -126.67 -60.92 6.83
CA VAL H 188 -126.34 -61.26 5.44
C VAL H 188 -127.12 -62.51 5.06
N GLU H 189 -127.97 -62.39 4.04
CA GLU H 189 -128.83 -63.48 3.61
C GLU H 189 -128.13 -64.34 2.58
N ALA H 190 -128.56 -65.59 2.49
CA ALA H 190 -127.93 -66.54 1.58
C ALA H 190 -128.13 -66.14 0.14
N GLY H 191 -127.08 -66.30 -0.67
CA GLY H 191 -127.13 -65.99 -2.08
C GLY H 191 -126.82 -64.55 -2.43
N LYS H 192 -126.67 -63.68 -1.43
CA LYS H 192 -126.36 -62.27 -1.64
C LYS H 192 -125.14 -61.87 -0.83
N THR H 193 -124.10 -62.71 -0.87
CA THR H 193 -122.86 -62.46 -0.17
C THR H 193 -121.75 -61.93 -1.06
N ASP H 194 -121.92 -61.98 -2.38
CA ASP H 194 -120.88 -61.55 -3.30
C ASP H 194 -120.76 -60.03 -3.32
N LEU H 195 -119.52 -59.55 -3.27
CA LEU H 195 -119.24 -58.12 -3.32
C LEU H 195 -117.92 -57.94 -4.06
N THR H 196 -117.99 -57.59 -5.34
CA THR H 196 -116.81 -57.40 -6.17
C THR H 196 -116.60 -55.92 -6.40
N ILE H 197 -115.39 -55.43 -6.12
CA ILE H 197 -115.05 -54.02 -6.23
C ILE H 197 -113.96 -53.86 -7.28
N THR H 198 -114.23 -53.05 -8.29
CA THR H 198 -113.24 -52.71 -9.31
C THR H 198 -112.59 -51.39 -8.96
N LEU H 199 -111.27 -51.38 -8.93
CA LEU H 199 -110.52 -50.24 -8.41
C LEU H 199 -109.33 -49.92 -9.30
N LYS H 200 -109.13 -48.65 -9.58
CA LYS H 200 -107.92 -48.18 -10.23
C LYS H 200 -106.86 -47.91 -9.17
N ASP H 201 -105.60 -48.05 -9.57
CA ASP H 201 -104.49 -47.91 -8.63
C ASP H 201 -103.35 -47.17 -9.30
N LYS H 202 -102.66 -46.33 -8.52
CA LYS H 202 -101.49 -45.63 -9.03
C LYS H 202 -100.42 -46.61 -9.48
N ARG H 203 -100.21 -47.66 -8.69
CA ARG H 203 -99.26 -48.72 -9.01
C ARG H 203 -100.03 -50.04 -9.09
N GLU H 204 -99.61 -50.90 -10.01
CA GLU H 204 -100.29 -52.14 -10.37
C GLU H 204 -101.81 -51.93 -10.43
N GLY H 205 -102.21 -51.04 -11.33
CA GLY H 205 -103.59 -50.61 -11.42
C GLY H 205 -104.52 -51.70 -11.93
N ASP H 206 -105.82 -51.36 -11.94
CA ASP H 206 -106.88 -52.26 -12.38
C ASP H 206 -106.88 -53.55 -11.56
N VAL H 207 -107.14 -53.39 -10.26
CA VAL H 207 -107.25 -54.51 -9.34
C VAL H 207 -108.72 -54.69 -8.97
N THR H 208 -109.18 -55.93 -9.00
CA THR H 208 -110.54 -56.29 -8.63
C THR H 208 -110.48 -57.22 -7.42
N ILE H 209 -111.16 -56.85 -6.34
CA ILE H 209 -111.18 -57.62 -5.10
C ILE H 209 -112.57 -58.20 -4.92
N SER H 210 -112.64 -59.46 -4.52
CA SER H 210 -113.90 -60.16 -4.30
C SER H 210 -114.04 -60.47 -2.82
N ILE H 211 -115.16 -60.04 -2.23
CA ILE H 211 -115.43 -60.23 -0.82
C ILE H 211 -116.72 -61.04 -0.69
N ASN H 212 -116.66 -62.16 0.01
CA ASN H 212 -117.80 -63.02 0.26
C ASN H 212 -118.11 -62.96 1.75
N ALA H 213 -119.12 -62.14 2.09
CA ALA H 213 -119.49 -61.98 3.49
C ALA H 213 -120.04 -63.27 4.06
N LYS H 214 -119.69 -63.55 5.32
CA LYS H 214 -120.20 -64.74 5.98
C LYS H 214 -121.71 -64.62 6.19
N GLU H 215 -122.41 -65.74 6.01
CA GLU H 215 -123.85 -65.76 6.20
C GLU H 215 -124.21 -65.51 7.65
N GLY H 216 -125.22 -64.66 7.87
CA GLY H 216 -125.71 -64.38 9.20
C GLY H 216 -125.01 -63.23 9.92
N ASP H 217 -123.95 -62.69 9.35
CA ASP H 217 -123.27 -61.56 9.98
C ASP H 217 -124.16 -60.33 9.93
N ASP H 218 -124.17 -59.58 11.03
CA ASP H 218 -124.94 -58.34 11.10
C ASP H 218 -124.21 -57.26 10.33
N ILE H 219 -124.73 -56.03 10.38
CA ILE H 219 -124.17 -54.97 9.56
C ILE H 219 -122.79 -54.56 10.07
N GLU H 220 -122.60 -54.51 11.40
CA GLU H 220 -121.32 -54.09 11.95
C GLU H 220 -120.21 -55.09 11.64
N GLU H 221 -120.48 -56.38 11.83
CA GLU H 221 -119.48 -57.40 11.53
C GLU H 221 -119.15 -57.44 10.04
N LEU H 222 -120.11 -57.05 9.19
CA LEU H 222 -119.82 -56.95 7.77
C LEU H 222 -118.78 -55.88 7.48
N ALA H 223 -118.88 -54.75 8.17
CA ALA H 223 -117.89 -53.68 7.97
C ALA H 223 -116.51 -54.10 8.44
N THR H 224 -116.44 -54.81 9.57
CA THR H 224 -115.14 -55.28 10.06
C THR H 224 -114.53 -56.30 9.11
N TYR H 225 -115.36 -57.16 8.52
CA TYR H 225 -114.85 -58.19 7.63
C TYR H 225 -114.16 -57.57 6.41
N ILE H 226 -114.74 -56.52 5.84
CA ILE H 226 -114.15 -55.88 4.67
C ILE H 226 -112.78 -55.32 4.99
N ASN H 227 -112.64 -54.68 6.16
CA ASN H 227 -111.35 -54.13 6.55
C ASN H 227 -110.29 -55.21 6.67
N GLY H 228 -110.66 -56.36 7.24
CA GLY H 228 -109.71 -57.46 7.36
C GLY H 228 -109.30 -58.04 6.02
N GLN H 229 -110.24 -58.07 5.06
CA GLN H 229 -109.95 -58.69 3.77
C GLN H 229 -108.91 -57.90 2.99
N THR H 230 -108.97 -56.57 3.05
CA THR H 230 -108.05 -55.75 2.28
C THR H 230 -107.82 -54.42 2.99
N ASP H 231 -106.62 -53.88 2.83
CA ASP H 231 -106.28 -52.56 3.36
C ASP H 231 -106.50 -51.45 2.36
N MET H 232 -106.82 -51.78 1.11
CA MET H 232 -107.05 -50.75 0.10
C MET H 232 -108.38 -50.04 0.28
N ILE H 233 -109.30 -50.62 1.05
CA ILE H 233 -110.63 -50.08 1.27
C ILE H 233 -110.90 -50.05 2.76
N LYS H 234 -111.37 -48.92 3.26
CA LYS H 234 -111.76 -48.76 4.66
C LYS H 234 -113.27 -48.60 4.72
N ALA H 235 -113.94 -49.50 5.44
CA ALA H 235 -115.39 -49.52 5.51
C ALA H 235 -115.84 -49.31 6.95
N SER H 236 -117.06 -48.80 7.11
CA SER H 236 -117.60 -48.52 8.43
C SER H 236 -119.12 -48.41 8.32
N VAL H 237 -119.76 -48.18 9.47
CA VAL H 237 -121.20 -48.03 9.57
C VAL H 237 -121.51 -46.82 10.43
N ASP H 238 -122.50 -46.02 10.02
CA ASP H 238 -122.73 -44.76 10.71
C ASP H 238 -123.81 -44.79 11.78
N GLU H 239 -125.08 -44.90 11.39
CA GLU H 239 -126.16 -44.88 12.37
C GLU H 239 -127.30 -45.84 12.09
N GLU H 240 -127.45 -46.36 10.87
CA GLU H 240 -128.61 -47.16 10.51
C GLU H 240 -128.25 -48.40 9.70
N GLY H 241 -126.96 -48.68 9.49
CA GLY H 241 -126.54 -49.77 8.64
C GLY H 241 -125.92 -49.34 7.33
N LYS H 242 -125.94 -48.05 7.02
CA LYS H 242 -125.33 -47.57 5.78
C LYS H 242 -123.82 -47.72 5.85
N LEU H 243 -123.24 -48.32 4.82
CA LEU H 243 -121.80 -48.46 4.75
C LEU H 243 -121.15 -47.16 4.29
N GLN H 244 -120.01 -46.85 4.88
CA GLN H 244 -119.22 -45.68 4.49
C GLN H 244 -117.90 -46.17 3.93
N LEU H 245 -117.88 -46.44 2.63
CA LEU H 245 -116.66 -46.87 1.96
C LEU H 245 -115.72 -45.68 1.80
N PHE H 246 -114.45 -45.88 2.14
CA PHE H 246 -113.43 -44.85 2.01
C PHE H 246 -112.36 -45.31 1.04
N THR H 247 -111.69 -44.33 0.43
CA THR H 247 -110.69 -44.61 -0.60
C THR H 247 -109.59 -43.58 -0.49
N ASP H 248 -108.34 -44.04 -0.41
CA ASP H 248 -107.20 -43.14 -0.30
C ASP H 248 -106.87 -42.59 -1.67
N ASN H 249 -106.76 -41.26 -1.78
CA ASN H 249 -106.56 -40.63 -3.08
C ASN H 249 -105.15 -40.77 -3.60
N ASN H 250 -104.18 -41.11 -2.73
CA ASN H 250 -102.80 -41.15 -3.17
C ASN H 250 -102.41 -42.46 -3.86
N ARG H 251 -103.22 -43.51 -3.73
CA ARG H 251 -102.92 -44.76 -4.40
C ARG H 251 -104.11 -45.49 -5.00
N ILE H 252 -105.33 -44.98 -4.84
CA ILE H 252 -106.49 -45.59 -5.50
C ILE H 252 -107.14 -44.51 -6.36
N ASP H 253 -106.30 -43.66 -6.97
CA ASP H 253 -106.78 -42.60 -7.85
C ASP H 253 -107.83 -43.12 -8.82
N GLY H 254 -108.84 -42.30 -9.08
CA GLY H 254 -109.95 -42.68 -9.94
C GLY H 254 -111.17 -43.11 -9.15
N ALA H 255 -112.24 -43.35 -9.89
CA ALA H 255 -113.51 -43.72 -9.30
C ALA H 255 -113.52 -45.21 -8.93
N ALA H 256 -114.53 -45.59 -8.16
CA ALA H 256 -114.71 -46.97 -7.72
C ALA H 256 -115.97 -47.54 -8.35
N THR H 257 -115.93 -48.82 -8.70
CA THR H 257 -117.05 -49.53 -9.27
C THR H 257 -117.48 -50.64 -8.32
N PHE H 258 -118.78 -50.74 -8.07
CA PHE H 258 -119.34 -51.71 -7.16
C PHE H 258 -120.14 -52.75 -7.95
N GLY H 259 -120.02 -54.02 -7.53
CA GLY H 259 -120.73 -55.09 -8.20
C GLY H 259 -121.01 -56.22 -7.21
N GLY H 260 -121.84 -57.14 -7.66
CA GLY H 260 -122.22 -58.29 -6.85
C GLY H 260 -123.61 -58.13 -6.26
N ALA H 261 -124.13 -59.26 -5.78
CA ALA H 261 -125.48 -59.27 -5.20
C ALA H 261 -125.57 -58.39 -3.97
N LEU H 262 -124.57 -58.45 -3.09
CA LEU H 262 -124.59 -57.61 -1.89
C LEU H 262 -124.56 -56.13 -2.24
N ALA H 263 -123.81 -55.76 -3.28
CA ALA H 263 -123.78 -54.37 -3.72
C ALA H 263 -125.16 -53.91 -4.16
N GLY H 264 -125.89 -54.76 -4.87
CA GLY H 264 -127.26 -54.43 -5.22
C GLY H 264 -128.17 -54.35 -4.01
N GLU H 265 -127.92 -55.20 -3.01
CA GLU H 265 -128.70 -55.16 -1.78
C GLU H 265 -128.51 -53.82 -1.06
N LEU H 266 -127.28 -53.34 -0.99
CA LEU H 266 -126.98 -52.05 -0.38
C LEU H 266 -127.08 -50.96 -1.45
N GLY H 267 -126.65 -49.75 -1.10
CA GLY H 267 -126.61 -48.65 -2.05
C GLY H 267 -125.19 -48.44 -2.55
N ILE H 268 -125.07 -48.31 -3.87
CA ILE H 268 -123.76 -48.09 -4.48
C ILE H 268 -123.16 -46.77 -4.01
N GLY H 269 -123.96 -45.70 -4.03
CA GLY H 269 -123.50 -44.41 -3.58
C GLY H 269 -122.67 -43.67 -4.61
N ALA H 270 -122.52 -42.36 -4.41
CA ALA H 270 -121.71 -41.54 -5.30
C ALA H 270 -120.33 -41.28 -4.69
N ALA H 271 -119.37 -40.99 -5.56
CA ALA H 271 -118.00 -40.72 -5.15
C ALA H 271 -117.90 -39.27 -4.70
N GLN H 272 -117.80 -39.04 -3.41
CA GLN H 272 -117.69 -37.71 -2.84
C GLN H 272 -116.25 -37.47 -2.38
N ASP H 273 -115.67 -36.35 -2.80
CA ASP H 273 -114.30 -36.04 -2.43
C ASP H 273 -114.29 -35.34 -1.08
N VAL H 274 -113.56 -35.90 -0.13
CA VAL H 274 -113.47 -35.37 1.23
C VAL H 274 -112.01 -35.22 1.60
N THR H 275 -111.69 -34.15 2.33
CA THR H 275 -110.34 -33.87 2.79
C THR H 275 -110.39 -33.52 4.26
N VAL H 276 -109.22 -33.23 4.83
CA VAL H 276 -109.16 -32.86 6.25
C VAL H 276 -109.84 -31.53 6.49
N ASP H 277 -109.75 -30.60 5.53
CA ASP H 277 -110.43 -29.32 5.69
C ASP H 277 -111.93 -29.49 5.79
N THR H 278 -112.50 -30.36 4.96
CA THR H 278 -113.92 -30.67 5.02
C THR H 278 -114.24 -31.73 6.06
N LEU H 279 -113.23 -32.24 6.75
CA LEU H 279 -113.44 -33.26 7.77
C LEU H 279 -114.21 -32.68 8.94
N ASP H 280 -115.32 -33.31 9.29
CA ASP H 280 -116.14 -32.88 10.42
C ASP H 280 -116.56 -34.11 11.23
N VAL H 281 -116.68 -33.92 12.53
CA VAL H 281 -117.17 -34.96 13.44
C VAL H 281 -118.18 -34.31 14.36
N THR H 282 -119.47 -34.48 14.04
CA THR H 282 -120.56 -34.14 14.94
C THR H 282 -121.50 -35.30 15.18
N THR H 283 -121.61 -36.22 14.23
CA THR H 283 -122.26 -37.50 14.41
C THR H 283 -121.21 -38.59 14.29
N VAL H 284 -121.51 -39.76 14.83
CA VAL H 284 -120.54 -40.85 14.83
C VAL H 284 -120.21 -41.29 13.41
N GLY H 285 -121.10 -41.02 12.46
CA GLY H 285 -120.79 -41.32 11.07
C GLY H 285 -119.63 -40.53 10.54
N GLY H 286 -119.59 -39.23 10.85
CA GLY H 286 -118.46 -38.41 10.46
C GLY H 286 -117.18 -38.83 11.15
N ALA H 287 -117.30 -39.36 12.37
CA ALA H 287 -116.13 -39.86 13.08
C ALA H 287 -115.48 -41.02 12.34
N GLN H 288 -116.30 -41.93 11.81
CA GLN H 288 -115.74 -43.05 11.06
C GLN H 288 -115.04 -42.60 9.79
N GLU H 289 -115.60 -41.62 9.09
CA GLU H 289 -114.90 -41.07 7.93
C GLU H 289 -113.60 -40.41 8.34
N SER H 290 -113.63 -39.65 9.44
CA SER H 290 -112.49 -38.84 9.84
C SER H 290 -111.30 -39.70 10.22
N VAL H 291 -111.50 -40.81 10.94
CA VAL H 291 -110.37 -41.64 11.32
C VAL H 291 -109.73 -42.26 10.08
N ALA H 292 -110.54 -42.58 9.07
CA ALA H 292 -109.99 -43.08 7.82
C ALA H 292 -109.27 -41.98 7.05
N ILE H 293 -109.85 -40.76 7.05
CA ILE H 293 -109.24 -39.65 6.34
C ILE H 293 -107.89 -39.30 6.94
N VAL H 294 -107.81 -39.27 8.27
CA VAL H 294 -106.55 -38.95 8.93
C VAL H 294 -105.51 -40.02 8.65
N ASP H 295 -105.93 -41.28 8.57
CA ASP H 295 -105.00 -42.36 8.24
C ASP H 295 -104.40 -42.14 6.85
N ALA H 296 -105.23 -41.75 5.89
CA ALA H 296 -104.73 -41.42 4.56
C ALA H 296 -103.80 -40.21 4.61
N ALA H 297 -104.17 -39.21 5.41
CA ALA H 297 -103.32 -38.03 5.54
C ALA H 297 -101.97 -38.37 6.15
N LEU H 298 -101.97 -39.19 7.20
CA LEU H 298 -100.72 -39.57 7.84
C LEU H 298 -99.83 -40.36 6.91
N LYS H 299 -100.41 -41.29 6.14
CA LYS H 299 -99.62 -42.05 5.19
C LYS H 299 -99.03 -41.15 4.12
N TYR H 300 -99.81 -40.18 3.63
CA TYR H 300 -99.29 -39.25 2.63
C TYR H 300 -98.16 -38.40 3.18
N VAL H 301 -98.32 -37.88 4.40
CA VAL H 301 -97.27 -37.07 5.01
C VAL H 301 -96.03 -37.90 5.25
N ASP H 302 -96.19 -39.11 5.77
CA ASP H 302 -95.04 -39.98 6.02
C ASP H 302 -94.32 -40.33 4.73
N SER H 303 -95.06 -40.50 3.64
CA SER H 303 -94.43 -40.79 2.36
C SER H 303 -93.52 -39.66 1.93
N HIS H 304 -93.96 -38.41 2.11
CA HIS H 304 -93.11 -37.28 1.76
C HIS H 304 -91.97 -37.10 2.76
N ARG H 305 -92.21 -37.46 4.03
CA ARG H 305 -91.14 -37.39 5.02
C ARG H 305 -90.00 -38.33 4.65
N ALA H 306 -90.34 -39.53 4.17
CA ALA H 306 -89.31 -40.46 3.72
C ALA H 306 -88.58 -39.90 2.49
N GLU H 307 -89.30 -39.26 1.59
CA GLU H 307 -88.67 -38.69 0.40
C GLU H 307 -87.67 -37.61 0.78
N LEU H 308 -88.04 -36.74 1.73
CA LEU H 308 -87.12 -35.73 2.20
C LEU H 308 -85.93 -36.36 2.92
N GLY H 309 -86.19 -37.42 3.70
CA GLY H 309 -85.09 -38.09 4.38
C GLY H 309 -84.09 -38.69 3.41
N ALA H 310 -84.58 -39.26 2.31
CA ALA H 310 -83.68 -39.75 1.27
C ALA H 310 -82.90 -38.61 0.65
N PHE H 311 -83.54 -37.44 0.50
CA PHE H 311 -82.85 -36.28 -0.04
C PHE H 311 -81.71 -35.84 0.86
N GLN H 312 -81.94 -35.83 2.18
CA GLN H 312 -80.87 -35.50 3.11
C GLN H 312 -79.77 -36.56 3.07
N ASN H 313 -80.15 -37.83 3.07
CA ASN H 313 -79.18 -38.92 3.04
C ASN H 313 -78.44 -39.01 1.71
N ARG H 314 -78.91 -38.32 0.68
CA ARG H 314 -78.11 -38.15 -0.53
C ARG H 314 -77.08 -37.05 -0.37
N PHE H 315 -77.49 -35.93 0.22
CA PHE H 315 -76.65 -34.74 0.22
C PHE H 315 -75.49 -34.86 1.21
N ASN H 316 -75.67 -35.57 2.32
CA ASN H 316 -74.55 -35.75 3.24
C ASN H 316 -73.47 -36.62 2.62
N HIS H 317 -73.86 -37.59 1.78
CA HIS H 317 -72.87 -38.29 0.97
C HIS H 317 -72.27 -37.38 -0.09
N ALA H 318 -73.05 -36.39 -0.57
CA ALA H 318 -72.51 -35.45 -1.54
C ALA H 318 -71.44 -34.56 -0.91
N ILE H 319 -71.62 -34.20 0.37
CA ILE H 319 -70.64 -33.35 1.05
C ILE H 319 -69.28 -34.01 1.08
N ASN H 320 -69.20 -35.17 1.73
CA ASN H 320 -67.89 -35.81 1.91
C ASN H 320 -67.35 -36.35 0.60
N ASN H 321 -68.21 -36.56 -0.41
CA ASN H 321 -67.71 -36.87 -1.74
C ASN H 321 -66.97 -35.68 -2.33
N LEU H 322 -67.58 -34.50 -2.29
CA LEU H 322 -66.93 -33.30 -2.79
C LEU H 322 -65.73 -32.93 -1.94
N ASP H 323 -65.79 -33.21 -0.64
CA ASP H 323 -64.67 -32.94 0.25
C ASP H 323 -63.48 -33.83 -0.09
N ASN H 324 -63.74 -35.11 -0.38
CA ASN H 324 -62.66 -36.01 -0.78
C ASN H 324 -62.02 -35.55 -2.08
N ILE H 325 -62.83 -35.13 -3.04
CA ILE H 325 -62.28 -34.60 -4.29
C ILE H 325 -61.54 -33.30 -4.02
N ASN H 326 -62.07 -32.46 -3.13
CA ASN H 326 -61.43 -31.19 -2.82
C ASN H 326 -60.05 -31.39 -2.21
N GLU H 327 -59.93 -32.39 -1.32
CA GLU H 327 -58.62 -32.70 -0.76
C GLU H 327 -57.64 -33.12 -1.85
N ASN H 328 -58.10 -33.92 -2.81
CA ASN H 328 -57.21 -34.44 -3.83
C ASN H 328 -56.83 -33.38 -4.86
N VAL H 329 -57.80 -32.56 -5.27
CA VAL H 329 -57.50 -31.52 -6.26
C VAL H 329 -56.60 -30.46 -5.66
N ASN H 330 -56.70 -30.20 -4.36
CA ASN H 330 -55.76 -29.30 -3.71
C ASN H 330 -54.35 -29.87 -3.73
N ALA H 331 -54.23 -31.19 -3.52
CA ALA H 331 -52.92 -31.83 -3.64
C ALA H 331 -52.39 -31.71 -5.06
N SER H 332 -53.25 -31.92 -6.06
CA SER H 332 -52.84 -31.73 -7.44
C SER H 332 -52.53 -30.28 -7.76
N LYS H 333 -53.11 -29.34 -7.01
CA LYS H 333 -52.77 -27.93 -7.13
C LYS H 333 -51.60 -27.58 -6.22
N SER H 334 -50.55 -28.41 -6.31
CA SER H 334 -49.32 -28.22 -5.57
C SER H 334 -48.27 -29.09 -6.25
N ARG H 335 -47.04 -28.57 -6.31
CA ARG H 335 -45.96 -29.06 -7.16
C ARG H 335 -46.28 -28.75 -8.62
N ILE H 336 -47.48 -28.23 -8.86
CA ILE H 336 -47.82 -27.56 -10.10
C ILE H 336 -47.83 -26.04 -9.93
N LYS H 337 -48.37 -25.58 -8.81
CA LYS H 337 -48.27 -24.19 -8.39
C LYS H 337 -47.42 -24.02 -7.15
N ASP H 338 -47.77 -24.71 -6.06
CA ASP H 338 -47.05 -24.53 -4.80
C ASP H 338 -45.61 -24.95 -4.95
N THR H 339 -44.69 -24.09 -4.50
CA THR H 339 -43.27 -24.35 -4.59
C THR H 339 -42.77 -24.98 -3.30
N ASP H 340 -41.95 -26.01 -3.44
CA ASP H 340 -41.30 -26.61 -2.28
C ASP H 340 -40.10 -25.75 -1.89
N PHE H 341 -40.03 -25.39 -0.61
CA PHE H 341 -39.01 -24.46 -0.17
C PHE H 341 -37.63 -25.10 -0.07
N ALA H 342 -37.56 -26.44 -0.05
CA ALA H 342 -36.28 -27.11 0.07
C ALA H 342 -35.38 -26.82 -1.13
N LYS H 343 -35.80 -27.28 -2.32
CA LYS H 343 -34.95 -27.12 -3.49
C LYS H 343 -34.97 -25.69 -4.02
N GLU H 344 -36.03 -24.94 -3.73
CA GLU H 344 -36.08 -23.54 -4.17
C GLU H 344 -35.07 -22.69 -3.42
N THR H 345 -34.92 -22.93 -2.11
CA THR H 345 -33.94 -22.19 -1.34
C THR H 345 -32.52 -22.49 -1.81
N THR H 346 -32.22 -23.75 -2.09
CA THR H 346 -30.90 -24.10 -2.61
C THR H 346 -30.67 -23.48 -3.98
N ALA H 347 -31.72 -23.37 -4.78
CA ALA H 347 -31.60 -22.67 -6.06
C ALA H 347 -31.25 -21.21 -5.84
N LEU H 348 -31.87 -20.58 -4.84
CA LEU H 348 -31.52 -19.21 -4.51
C LEU H 348 -30.09 -19.12 -4.01
N THR H 349 -29.68 -20.07 -3.17
CA THR H 349 -28.31 -20.05 -2.65
C THR H 349 -27.30 -20.20 -3.78
N LYS H 350 -27.53 -21.17 -4.68
CA LYS H 350 -26.60 -21.40 -5.78
C LYS H 350 -26.48 -20.15 -6.65
N ALA H 351 -27.57 -19.41 -6.81
CA ALA H 351 -27.52 -18.16 -7.55
C ALA H 351 -26.65 -17.13 -6.83
N GLN H 352 -26.72 -17.10 -5.49
CA GLN H 352 -26.02 -16.07 -4.73
C GLN H 352 -24.51 -16.22 -4.86
N ILE H 353 -23.99 -17.45 -4.69
CA ILE H 353 -22.57 -17.67 -4.86
C ILE H 353 -22.15 -17.44 -6.31
N LEU H 354 -22.95 -17.91 -7.26
CA LEU H 354 -22.59 -17.71 -8.67
C LEU H 354 -22.52 -16.23 -9.01
N SER H 355 -23.47 -15.43 -8.52
CA SER H 355 -23.42 -14.00 -8.76
C SER H 355 -22.23 -13.37 -8.04
N GLN H 356 -21.94 -13.83 -6.83
CA GLN H 356 -20.82 -13.27 -6.08
C GLN H 356 -19.48 -13.63 -6.73
N ALA H 357 -19.34 -14.87 -7.20
CA ALA H 357 -18.10 -15.27 -7.86
C ALA H 357 -17.89 -14.52 -9.17
N SER H 358 -18.95 -14.39 -9.96
CA SER H 358 -18.84 -13.67 -11.22
C SER H 358 -18.55 -12.19 -10.98
N SER H 359 -19.19 -11.60 -9.98
CA SER H 359 -18.93 -10.20 -9.66
C SER H 359 -17.49 -9.99 -9.23
N SER H 360 -16.95 -10.90 -8.41
CA SER H 360 -15.54 -10.81 -8.05
C SER H 360 -14.63 -11.02 -9.25
N VAL H 361 -15.09 -11.81 -10.23
CA VAL H 361 -14.29 -12.02 -11.44
C VAL H 361 -14.13 -10.72 -12.21
N LEU H 362 -15.17 -9.88 -12.23
CA LEU H 362 -15.03 -8.55 -12.82
C LEU H 362 -13.90 -7.77 -12.17
N ALA H 363 -13.76 -7.90 -10.85
CA ALA H 363 -12.66 -7.23 -10.17
C ALA H 363 -11.30 -7.73 -10.64
N GLN H 364 -11.16 -9.04 -10.86
CA GLN H 364 -9.91 -9.61 -11.34
C GLN H 364 -9.71 -9.42 -12.83
N ALA H 365 -10.72 -8.97 -13.56
CA ALA H 365 -10.60 -8.75 -14.99
C ALA H 365 -10.66 -7.27 -15.38
N LYS H 366 -10.95 -6.38 -14.43
CA LYS H 366 -11.06 -4.96 -14.74
C LYS H 366 -9.70 -4.31 -14.91
N GLN H 367 -8.68 -4.75 -14.17
CA GLN H 367 -7.34 -4.21 -14.30
C GLN H 367 -6.49 -4.98 -15.31
N ALA H 368 -7.08 -5.92 -16.04
CA ALA H 368 -6.37 -6.55 -17.15
C ALA H 368 -5.82 -5.54 -18.15
N PRO H 369 -6.59 -4.53 -18.59
CA PRO H 369 -5.97 -3.48 -19.41
C PRO H 369 -4.90 -2.69 -18.67
N ASN H 370 -5.01 -2.58 -17.34
CA ASN H 370 -4.01 -1.85 -16.58
C ASN H 370 -2.64 -2.51 -16.70
N SER H 371 -2.61 -3.85 -16.65
CA SER H 371 -1.34 -4.55 -16.84
C SER H 371 -0.76 -4.27 -18.22
N ALA H 372 -1.61 -4.07 -19.23
CA ALA H 372 -1.11 -3.69 -20.55
C ALA H 372 -0.42 -2.34 -20.51
N LEU H 373 -0.99 -1.38 -19.76
CA LEU H 373 -0.38 -0.07 -19.66
C LEU H 373 0.90 -0.12 -18.84
N ALA H 374 1.05 -1.13 -17.97
CA ALA H 374 2.22 -1.20 -17.10
C ALA H 374 3.52 -1.35 -17.87
N LEU H 375 3.49 -1.97 -19.05
CA LEU H 375 4.72 -2.20 -19.79
C LEU H 375 5.24 -0.90 -20.42
N LEU H 376 4.37 0.07 -20.66
CA LEU H 376 4.75 1.33 -21.25
C LEU H 376 4.69 2.42 -20.18
N GLY H 377 5.83 3.08 -19.95
CA GLY H 377 5.91 4.09 -18.92
C GLY H 377 5.04 5.30 -19.18
N MET I 1 1.46 27.81 -1.73
CA MET I 1 2.81 27.29 -1.54
C MET I 1 3.59 28.17 -0.56
N ALA I 2 3.59 27.80 0.71
CA ALA I 2 4.28 28.57 1.74
C ALA I 2 5.65 27.91 1.95
N VAL I 3 6.66 28.42 1.25
CA VAL I 3 8.03 27.94 1.43
C VAL I 3 8.61 28.76 2.58
N ASN I 4 8.39 28.25 3.79
CA ASN I 4 8.98 28.79 5.00
C ASN I 4 9.18 27.61 5.94
N VAL I 5 10.39 27.07 5.96
CA VAL I 5 10.60 25.71 6.42
C VAL I 5 10.97 25.61 7.90
N ASN I 6 11.39 26.70 8.53
CA ASN I 6 11.73 26.63 9.95
C ASN I 6 10.50 26.60 10.84
N THR I 7 9.43 27.27 10.45
CA THR I 7 8.19 27.30 11.22
C THR I 7 7.06 26.75 10.38
N ASN I 8 6.13 26.05 11.03
CA ASN I 8 5.01 25.40 10.34
C ASN I 8 3.75 25.72 11.14
N VAL I 9 3.01 26.73 10.70
CA VAL I 9 1.84 27.17 11.45
C VAL I 9 0.65 26.25 11.24
N SER I 10 0.53 25.63 10.05
CA SER I 10 -0.61 24.77 9.77
C SER I 10 -0.65 23.58 10.72
N ALA I 11 0.50 22.95 10.94
CA ALA I 11 0.57 21.84 11.89
C ALA I 11 0.28 22.30 13.31
N MET I 12 0.73 23.49 13.69
CA MET I 12 0.44 24.01 15.03
C MET I 12 -1.06 24.22 15.21
N THR I 13 -1.73 24.78 14.19
CA THR I 13 -3.17 25.02 14.31
C THR I 13 -3.93 23.71 14.43
N ALA I 14 -3.60 22.72 13.61
CA ALA I 14 -4.29 21.44 13.69
C ALA I 14 -3.89 20.67 14.94
N GLN I 15 -2.75 21.01 15.54
CA GLN I 15 -2.35 20.38 16.80
C GLN I 15 -3.23 20.86 17.95
N ARG I 16 -3.55 22.16 17.97
CA ARG I 16 -4.46 22.69 18.98
C ARG I 16 -5.83 22.05 18.85
N TYR I 17 -6.30 21.86 17.62
CA TYR I 17 -7.58 21.19 17.41
C TYR I 17 -7.49 19.72 17.74
N LEU I 18 -6.32 19.11 17.56
CA LEU I 18 -6.12 17.73 17.97
C LEU I 18 -6.21 17.58 19.48
N THR I 19 -5.58 18.50 20.21
CA THR I 19 -5.63 18.44 21.68
C THR I 19 -7.05 18.66 22.19
N SER I 20 -7.77 19.62 21.61
CA SER I 20 -9.14 19.85 22.03
C SER I 20 -10.03 18.67 21.69
N ALA I 21 -9.79 18.02 20.56
CA ALA I 21 -10.56 16.83 20.19
C ALA I 21 -10.30 15.69 21.16
N THR I 22 -9.04 15.41 21.48
CA THR I 22 -8.72 14.35 22.42
C THR I 22 -9.15 14.71 23.84
N ASN I 23 -9.19 16.00 24.16
CA ASN I 23 -9.68 16.41 25.48
C ASN I 23 -11.17 16.16 25.61
N ALA I 24 -11.95 16.46 24.56
CA ALA I 24 -13.36 16.14 24.57
C ALA I 24 -13.58 14.62 24.56
N GLN I 25 -12.75 13.91 23.80
CA GLN I 25 -12.81 12.45 23.80
C GLN I 25 -12.49 11.89 25.17
N GLN I 26 -11.48 12.44 25.84
CA GLN I 26 -11.15 12.01 27.19
C GLN I 26 -12.21 12.43 28.19
N SER I 27 -12.91 13.55 27.92
CA SER I 27 -14.08 13.89 28.72
C SER I 27 -15.17 12.84 28.57
N SER I 28 -15.32 12.30 27.36
CA SER I 28 -16.12 11.11 27.14
C SER I 28 -15.29 9.89 27.54
N MET I 29 -15.85 8.70 27.35
CA MET I 29 -15.26 7.44 27.82
C MET I 29 -15.08 7.47 29.34
N GLU I 30 -15.55 8.53 29.97
CA GLU I 30 -15.54 8.67 31.42
C GLU I 30 -16.92 8.98 31.98
N ARG I 31 -17.74 9.73 31.25
CA ARG I 31 -19.16 9.79 31.58
C ARG I 31 -19.84 8.46 31.29
N LEU I 32 -19.39 7.76 30.25
CA LEU I 32 -19.95 6.44 29.95
C LEU I 32 -19.64 5.45 31.05
N SER I 33 -18.37 5.34 31.43
CA SER I 33 -17.97 4.32 32.40
C SER I 33 -18.51 4.63 33.79
N SER I 34 -18.44 5.89 34.21
CA SER I 34 -18.91 6.24 35.55
C SER I 34 -20.42 6.17 35.65
N GLY I 35 -21.13 6.38 34.54
CA GLY I 35 -22.57 6.44 34.57
C GLY I 35 -23.14 7.78 34.97
N TYR I 36 -22.31 8.76 35.29
CA TYR I 36 -22.73 10.11 35.62
C TYR I 36 -22.01 11.09 34.73
N LYS I 37 -22.72 12.12 34.27
CA LYS I 37 -22.11 13.14 33.43
C LYS I 37 -21.46 14.25 34.24
N ILE I 38 -21.64 14.27 35.55
CA ILE I 38 -20.99 15.23 36.44
C ILE I 38 -20.27 14.42 37.51
N ASN I 39 -18.97 14.20 37.33
CA ASN I 39 -18.16 13.54 38.32
C ASN I 39 -17.10 14.44 38.94
N SER I 40 -16.88 15.63 38.38
CA SER I 40 -16.01 16.63 38.97
C SER I 40 -16.71 17.98 38.91
N ALA I 41 -16.36 18.87 39.84
CA ALA I 41 -16.96 20.19 39.87
C ALA I 41 -16.64 21.00 38.63
N LYS I 42 -15.55 20.68 37.93
CA LYS I 42 -15.21 21.39 36.71
C LYS I 42 -16.24 21.17 35.61
N ASP I 43 -17.02 20.09 35.69
CA ASP I 43 -18.07 19.86 34.70
C ASP I 43 -19.25 20.81 34.93
N ASP I 44 -19.86 20.75 36.10
CA ASP I 44 -20.98 21.62 36.47
C ASP I 44 -20.84 21.95 37.94
N ALA I 45 -20.18 23.07 38.23
CA ALA I 45 -20.00 23.48 39.62
C ALA I 45 -21.34 23.71 40.30
N ALA I 46 -22.28 24.34 39.59
CA ALA I 46 -23.61 24.55 40.15
C ALA I 46 -24.33 23.22 40.40
N GLY I 47 -24.39 22.38 39.38
CA GLY I 47 -25.16 21.14 39.48
C GLY I 47 -24.63 20.18 40.52
N LEU I 48 -23.36 20.31 40.91
CA LEU I 48 -22.81 19.43 41.93
C LEU I 48 -23.52 19.64 43.27
N GLN I 49 -23.81 20.89 43.63
CA GLN I 49 -24.44 21.17 44.91
C GLN I 49 -25.85 20.61 44.96
N ILE I 50 -26.62 20.82 43.89
CA ILE I 50 -27.98 20.27 43.86
C ILE I 50 -27.93 18.75 43.85
N SER I 51 -26.99 18.18 43.08
CA SER I 51 -26.93 16.72 42.96
C SER I 51 -26.57 16.08 44.29
N ASN I 52 -25.60 16.64 45.02
CA ASN I 52 -25.22 16.07 46.30
C ASN I 52 -26.33 16.25 47.33
N ARG I 53 -27.02 17.38 47.30
CA ARG I 53 -28.15 17.59 48.21
C ARG I 53 -29.27 16.61 47.91
N LEU I 54 -29.55 16.38 46.62
CA LEU I 54 -30.57 15.40 46.25
C LEU I 54 -30.14 13.99 46.62
N ASN I 55 -28.85 13.68 46.43
CA ASN I 55 -28.33 12.38 46.84
C ASN I 55 -28.47 12.21 48.35
N VAL I 56 -28.16 13.26 49.11
CA VAL I 56 -28.29 13.22 50.56
C VAL I 56 -29.74 12.95 50.94
N GLN I 57 -30.69 13.59 50.25
CA GLN I 57 -32.09 13.36 50.53
C GLN I 57 -32.48 11.92 50.22
N SER I 58 -31.97 11.37 49.12
CA SER I 58 -32.31 9.99 48.75
C SER I 58 -31.82 9.00 49.80
N ARG I 59 -30.57 9.16 50.25
CA ARG I 59 -30.04 8.27 51.28
C ARG I 59 -30.78 8.46 52.59
N GLY I 60 -31.09 9.71 52.94
CA GLY I 60 -31.85 9.95 54.16
C GLY I 60 -33.23 9.32 54.13
N LEU I 61 -33.90 9.40 52.98
CA LEU I 61 -35.21 8.77 52.86
C LEU I 61 -35.10 7.26 53.00
N GLY I 62 -34.06 6.66 52.41
CA GLY I 62 -33.87 5.22 52.54
C GLY I 62 -33.67 4.80 53.98
N VAL I 63 -32.94 5.60 54.75
CA VAL I 63 -32.77 5.31 56.17
C VAL I 63 -34.08 5.52 56.91
N ALA I 64 -34.83 6.55 56.54
CA ALA I 64 -36.04 6.91 57.27
C ALA I 64 -37.17 5.91 57.05
N VAL I 65 -37.27 5.32 55.86
CA VAL I 65 -38.28 4.29 55.65
C VAL I 65 -37.95 3.03 56.45
N ARG I 66 -36.67 2.72 56.59
CA ARG I 66 -36.26 1.69 57.53
C ARG I 66 -36.61 2.09 58.95
N ASN I 67 -36.47 3.38 59.26
CA ASN I 67 -36.79 3.87 60.60
C ASN I 67 -38.26 3.66 60.94
N ALA I 68 -39.16 4.03 60.03
CA ALA I 68 -40.58 3.86 60.29
C ALA I 68 -40.97 2.39 60.27
N ASN I 69 -40.21 1.55 59.56
CA ASN I 69 -40.45 0.12 59.62
C ASN I 69 -40.07 -0.44 60.98
N ASP I 70 -39.01 0.10 61.60
CA ASP I 70 -38.68 -0.28 62.96
C ASP I 70 -39.74 0.22 63.94
N GLY I 71 -40.24 1.43 63.73
CA GLY I 71 -41.26 1.97 64.61
C GLY I 71 -42.55 1.18 64.53
N ILE I 72 -42.96 0.78 63.32
CA ILE I 72 -44.18 0.00 63.18
C ILE I 72 -43.99 -1.40 63.74
N SER I 73 -42.77 -1.94 63.66
CA SER I 73 -42.52 -3.27 64.21
C SER I 73 -42.63 -3.27 65.72
N MET I 74 -42.14 -2.22 66.39
CA MET I 74 -42.28 -2.15 67.84
C MET I 74 -43.73 -1.92 68.24
N ALA I 75 -44.48 -1.19 67.41
CA ALA I 75 -45.90 -0.98 67.71
C ALA I 75 -46.67 -2.28 67.64
N GLN I 76 -46.37 -3.13 66.65
CA GLN I 76 -47.12 -4.37 66.51
C GLN I 76 -46.68 -5.42 67.53
N THR I 77 -45.41 -5.40 67.94
CA THR I 77 -44.98 -6.31 68.99
C THR I 77 -45.64 -5.95 70.32
N ALA I 78 -45.75 -4.65 70.61
CA ALA I 78 -46.52 -4.23 71.77
C ALA I 78 -47.99 -4.59 71.61
N GLU I 79 -48.49 -4.52 70.37
CA GLU I 79 -49.87 -4.93 70.11
C GLU I 79 -50.04 -6.44 70.26
N GLY I 80 -48.97 -7.21 70.06
CA GLY I 80 -49.07 -8.65 70.23
C GLY I 80 -49.37 -9.04 71.66
N ALA I 81 -48.66 -8.43 72.61
CA ALA I 81 -48.95 -8.66 74.01
C ALA I 81 -50.26 -8.01 74.42
N MET I 82 -50.74 -7.04 73.63
CA MET I 82 -52.01 -6.40 73.94
C MET I 82 -53.15 -7.41 73.91
N LYS I 83 -53.13 -8.29 72.90
CA LYS I 83 -54.16 -9.33 72.80
C LYS I 83 -54.06 -10.32 73.95
N GLU I 84 -52.84 -10.70 74.34
CA GLU I 84 -52.67 -11.66 75.43
C GLU I 84 -53.22 -11.10 76.73
N THR I 85 -52.96 -9.82 77.00
CA THR I 85 -53.44 -9.22 78.24
C THR I 85 -54.96 -9.12 78.27
N THR I 86 -55.56 -8.59 77.21
CA THR I 86 -57.01 -8.39 77.22
C THR I 86 -57.76 -9.71 77.25
N ASN I 87 -57.17 -10.79 76.72
CA ASN I 87 -57.80 -12.09 76.81
C ASN I 87 -57.87 -12.57 78.26
N ILE I 88 -56.80 -12.36 79.01
CA ILE I 88 -56.80 -12.74 80.41
C ILE I 88 -57.75 -11.85 81.20
N LEU I 89 -57.79 -10.56 80.87
CA LEU I 89 -58.72 -9.66 81.56
C LEU I 89 -60.16 -10.08 81.33
N GLN I 90 -60.51 -10.45 80.10
CA GLN I 90 -61.87 -10.92 79.83
C GLN I 90 -62.14 -12.22 80.58
N ARG I 91 -61.16 -13.11 80.66
CA ARG I 91 -61.32 -14.33 81.44
C ARG I 91 -61.51 -14.00 82.92
N MET I 92 -60.78 -13.00 83.42
CA MET I 92 -60.96 -12.57 84.80
C MET I 92 -62.38 -12.08 85.04
N ARG I 93 -62.89 -11.25 84.13
CA ARG I 93 -64.24 -10.72 84.28
C ARG I 93 -65.28 -11.83 84.21
N ASP I 94 -65.09 -12.79 83.30
CA ASP I 94 -66.08 -13.84 83.10
C ASP I 94 -66.27 -14.66 84.37
N LEU I 95 -65.18 -15.15 84.94
CA LEU I 95 -65.31 -16.02 86.11
C LEU I 95 -65.61 -15.23 87.39
N SER I 96 -65.32 -13.94 87.41
CA SER I 96 -65.73 -13.12 88.55
C SER I 96 -67.25 -13.08 88.67
N LEU I 97 -67.94 -12.99 87.54
CA LEU I 97 -69.40 -13.08 87.55
C LEU I 97 -69.85 -14.46 88.00
N GLN I 98 -69.10 -15.50 87.63
CA GLN I 98 -69.45 -16.85 88.05
C GLN I 98 -69.40 -17.00 89.57
N SER I 99 -68.37 -16.43 90.19
CA SER I 99 -68.27 -16.47 91.64
C SER I 99 -69.25 -15.50 92.31
N ALA I 100 -69.76 -14.52 91.57
CA ALA I 100 -70.69 -13.55 92.15
C ALA I 100 -72.03 -14.19 92.51
N ASN I 101 -72.35 -15.34 91.92
CA ASN I 101 -73.60 -16.02 92.25
C ASN I 101 -73.59 -16.44 93.71
N GLY I 102 -74.75 -16.36 94.35
CA GLY I 102 -74.86 -16.74 95.74
C GLY I 102 -74.97 -18.22 96.00
N SER I 103 -75.00 -19.04 94.95
CA SER I 103 -75.17 -20.48 95.13
C SER I 103 -73.88 -21.13 95.62
N ASN I 104 -72.73 -20.71 95.11
CA ASN I 104 -71.48 -21.35 95.47
C ASN I 104 -71.07 -20.99 96.90
N SER I 105 -70.45 -21.95 97.58
CA SER I 105 -70.01 -21.77 98.94
C SER I 105 -68.61 -21.18 98.96
N LYS I 106 -68.02 -21.05 100.15
CA LYS I 106 -66.68 -20.49 100.27
C LYS I 106 -65.65 -21.37 99.59
N ALA I 107 -65.82 -22.69 99.64
CA ALA I 107 -64.84 -23.60 99.04
C ALA I 107 -64.72 -23.37 97.54
N ASP I 108 -65.82 -22.97 96.89
CA ASP I 108 -65.73 -22.66 95.46
C ASP I 108 -65.09 -21.30 95.23
N ARG I 109 -65.36 -20.34 96.12
CA ARG I 109 -64.81 -19.00 95.93
C ARG I 109 -63.29 -18.99 96.10
N VAL I 110 -62.76 -19.75 97.06
CA VAL I 110 -61.31 -19.79 97.23
C VAL I 110 -60.65 -20.47 96.03
N ALA I 111 -61.31 -21.48 95.46
CA ALA I 111 -60.80 -22.09 94.24
C ALA I 111 -60.78 -21.09 93.09
N ILE I 112 -61.82 -20.25 93.00
CA ILE I 112 -61.84 -19.18 92.01
C ILE I 112 -60.72 -18.18 92.27
N GLN I 113 -60.55 -17.79 93.53
CA GLN I 113 -59.59 -16.74 93.87
C GLN I 113 -58.16 -17.17 93.57
N GLU I 114 -57.81 -18.41 93.91
CA GLU I 114 -56.44 -18.87 93.65
C GLU I 114 -56.19 -19.02 92.17
N GLU I 115 -57.25 -19.21 91.38
CA GLU I 115 -57.11 -19.16 89.92
C GLU I 115 -56.83 -17.74 89.48
N ILE I 116 -57.47 -16.76 90.12
CA ILE I 116 -57.25 -15.36 89.77
C ILE I 116 -55.80 -14.97 90.01
N THR I 117 -55.23 -15.39 91.13
CA THR I 117 -53.83 -15.06 91.41
C THR I 117 -52.91 -15.66 90.35
N ALA I 118 -53.26 -16.83 89.84
CA ALA I 118 -52.47 -17.44 88.77
C ALA I 118 -52.49 -16.56 87.53
N LEU I 119 -53.66 -16.06 87.16
CA LEU I 119 -53.75 -15.17 86.00
C LEU I 119 -53.10 -13.82 86.27
N ASN I 120 -53.20 -13.33 87.51
CA ASN I 120 -52.60 -12.03 87.84
C ASN I 120 -51.08 -12.07 87.68
N ASP I 121 -50.45 -13.16 88.09
CA ASP I 121 -49.01 -13.30 87.89
C ASP I 121 -48.67 -13.32 86.40
N GLU I 122 -49.58 -13.84 85.57
CA GLU I 122 -49.36 -13.80 84.14
C GLU I 122 -49.41 -12.37 83.60
N LEU I 123 -50.30 -11.55 84.16
CA LEU I 123 -50.34 -10.14 83.77
C LEU I 123 -49.02 -9.45 84.10
N ASN I 124 -48.55 -9.62 85.34
CA ASN I 124 -47.29 -9.00 85.74
C ASN I 124 -46.10 -9.60 85.02
N ARG I 125 -46.22 -10.83 84.53
CA ARG I 125 -45.10 -11.44 83.81
C ARG I 125 -45.02 -10.91 82.39
N VAL I 126 -46.14 -10.90 81.67
CA VAL I 126 -46.14 -10.44 80.28
C VAL I 126 -45.77 -8.95 80.21
N ALA I 127 -46.03 -8.20 81.29
CA ALA I 127 -45.60 -6.80 81.32
C ALA I 127 -44.09 -6.67 81.39
N GLU I 128 -43.43 -7.63 82.05
CA GLU I 128 -41.98 -7.61 82.21
C GLU I 128 -41.25 -8.56 81.28
N THR I 129 -41.95 -9.24 80.38
CA THR I 129 -41.34 -10.22 79.50
C THR I 129 -41.16 -9.72 78.07
N THR I 130 -42.20 -9.11 77.49
CA THR I 130 -42.13 -8.60 76.13
C THR I 130 -41.00 -7.59 76.00
N SER I 131 -39.98 -7.92 75.23
CA SER I 131 -38.74 -7.17 75.23
C SER I 131 -38.39 -6.53 73.89
N PHE I 132 -38.63 -7.21 72.78
CA PHE I 132 -38.20 -6.77 71.46
C PHE I 132 -36.67 -6.58 71.44
N GLY I 133 -35.97 -7.69 71.62
CA GLY I 133 -34.53 -7.69 71.57
C GLY I 133 -33.83 -6.91 72.65
N GLY I 134 -34.24 -7.07 73.91
CA GLY I 134 -33.55 -6.48 75.03
C GLY I 134 -34.19 -5.25 75.62
N ASN I 135 -35.14 -4.64 74.93
CA ASN I 135 -35.84 -3.48 75.47
C ASN I 135 -36.92 -3.95 76.43
N LYS I 136 -37.81 -3.05 76.84
CA LYS I 136 -38.92 -3.40 77.71
C LYS I 136 -40.14 -2.62 77.23
N LEU I 137 -41.06 -3.32 76.55
CA LEU I 137 -42.17 -2.63 75.90
C LEU I 137 -43.22 -2.18 76.91
N LEU I 138 -43.58 -3.06 77.85
CA LEU I 138 -44.72 -2.82 78.73
C LEU I 138 -44.36 -2.68 80.19
N ASN I 139 -43.08 -2.75 80.55
CA ASN I 139 -42.68 -2.60 81.94
C ASN I 139 -42.94 -1.20 82.48
N GLY I 140 -43.10 -0.22 81.61
CA GLY I 140 -43.20 1.17 82.01
C GLY I 140 -41.90 1.92 81.96
N THR I 141 -40.77 1.22 81.88
CA THR I 141 -39.49 1.87 81.68
C THR I 141 -39.35 2.48 80.29
N PHE I 142 -40.22 2.10 79.36
CA PHE I 142 -40.23 2.65 78.02
C PHE I 142 -40.90 4.02 78.08
N ALA I 143 -40.10 5.05 78.31
CA ALA I 143 -40.60 6.41 78.38
C ALA I 143 -40.80 6.94 76.96
N THR I 144 -41.01 8.24 76.83
CA THR I 144 -41.25 8.86 75.53
C THR I 144 -40.03 8.65 74.64
N LYS I 145 -40.19 7.85 73.60
CA LYS I 145 -39.14 7.61 72.61
C LYS I 145 -39.60 8.15 71.27
N SER I 146 -38.73 8.93 70.63
CA SER I 146 -39.05 9.57 69.36
C SER I 146 -38.37 8.83 68.22
N PHE I 147 -39.09 8.68 67.11
CA PHE I 147 -38.59 8.00 65.93
C PHE I 147 -38.38 9.01 64.81
N GLN I 148 -37.14 9.10 64.33
CA GLN I 148 -36.78 10.02 63.26
C GLN I 148 -37.23 9.42 61.93
N ILE I 149 -38.33 9.94 61.38
CA ILE I 149 -38.91 9.38 60.17
C ILE I 149 -38.87 10.41 59.04
N GLY I 150 -37.88 11.28 59.06
CA GLY I 150 -37.74 12.29 58.04
C GLY I 150 -36.35 12.29 57.43
N ALA I 151 -36.27 12.82 56.22
CA ALA I 151 -35.00 12.89 55.53
C ALA I 151 -34.01 13.77 56.27
N ASP I 152 -34.44 14.92 56.74
CA ASP I 152 -33.59 15.81 57.52
C ASP I 152 -33.76 15.49 59.01
N ASN I 153 -33.22 16.34 59.87
CA ASN I 153 -33.29 16.13 61.31
C ASN I 153 -34.44 16.92 61.92
N GLY I 154 -34.85 16.47 63.12
CA GLY I 154 -35.85 17.16 63.89
C GLY I 154 -37.28 16.75 63.61
N GLU I 155 -37.54 16.08 62.49
CA GLU I 155 -38.90 15.64 62.16
C GLU I 155 -39.12 14.22 62.65
N ALA I 156 -39.18 14.09 63.97
CA ALA I 156 -39.46 12.82 64.63
C ALA I 156 -40.85 12.85 65.24
N VAL I 157 -41.35 11.66 65.58
CA VAL I 157 -42.67 11.49 66.16
C VAL I 157 -42.52 10.75 67.48
N MET I 158 -43.07 11.32 68.54
CA MET I 158 -42.95 10.73 69.86
C MET I 158 -43.97 9.63 70.07
N LEU I 159 -43.50 8.52 70.63
CA LEU I 159 -44.37 7.40 70.97
C LEU I 159 -43.96 6.88 72.34
N ASN I 160 -44.93 6.67 73.22
CA ASN I 160 -44.69 6.13 74.54
C ASN I 160 -45.70 5.02 74.81
N ILE I 161 -45.28 4.01 75.56
CA ILE I 161 -46.13 2.89 75.93
C ILE I 161 -46.30 2.92 77.45
N LYS I 162 -47.55 3.02 77.90
CA LYS I 162 -47.84 3.12 79.31
C LYS I 162 -47.62 1.77 80.00
N ASP I 163 -47.28 1.83 81.29
CA ASP I 163 -47.06 0.63 82.07
C ASP I 163 -48.38 -0.13 82.25
N MET I 164 -48.33 -1.45 82.03
CA MET I 164 -49.48 -2.31 82.26
C MET I 164 -49.15 -3.47 83.19
N ARG I 165 -48.42 -3.19 84.26
CA ARG I 165 -48.45 -4.08 85.41
C ARG I 165 -49.83 -4.02 86.05
N SER I 166 -50.22 -5.12 86.68
CA SER I 166 -51.55 -5.20 87.27
C SER I 166 -51.76 -4.21 88.41
N ASP I 167 -50.70 -3.60 88.93
CA ASP I 167 -50.81 -2.66 90.04
C ASP I 167 -50.76 -1.20 89.59
N ASN I 168 -50.88 -0.94 88.30
CA ASN I 168 -50.85 0.43 87.81
C ASN I 168 -52.05 1.21 88.34
N ALA I 169 -51.83 2.47 88.68
CA ALA I 169 -52.90 3.29 89.25
C ALA I 169 -54.04 3.48 88.25
N LEU I 170 -53.71 3.74 86.98
CA LEU I 170 -54.74 3.91 85.97
C LEU I 170 -55.48 2.61 85.67
N MET I 171 -54.88 1.46 86.00
CA MET I 171 -55.52 0.18 85.74
C MET I 171 -56.63 -0.14 86.73
N GLY I 172 -56.72 0.60 87.84
CA GLY I 172 -57.76 0.38 88.81
C GLY I 172 -58.68 1.58 88.97
N GLY I 173 -59.06 1.87 90.20
CA GLY I 173 -59.91 3.02 90.46
C GLY I 173 -60.26 3.12 91.92
N LYS I 174 -61.05 4.13 92.25
CA LYS I 174 -61.52 4.33 93.61
C LYS I 174 -62.72 3.43 93.89
N THR I 175 -62.97 3.19 95.18
CA THR I 175 -64.13 2.43 95.60
C THR I 175 -64.63 2.97 96.94
N TYR I 176 -65.92 2.81 97.17
CA TYR I 176 -66.58 3.31 98.37
C TYR I 176 -67.49 2.23 98.92
N GLN I 177 -67.69 2.24 100.24
CA GLN I 177 -68.51 1.25 100.92
C GLN I 177 -69.48 1.95 101.86
N ALA I 178 -70.72 1.51 101.87
CA ALA I 178 -71.69 2.05 102.81
C ALA I 178 -71.37 1.59 104.23
N ALA I 179 -71.48 2.52 105.18
CA ALA I 179 -71.13 2.22 106.56
C ALA I 179 -72.06 1.17 107.15
N ASN I 180 -73.36 1.28 106.89
CA ASN I 180 -74.35 0.37 107.44
C ASN I 180 -75.17 -0.23 106.31
N GLY I 181 -75.35 -1.54 106.34
CA GLY I 181 -76.12 -2.22 105.32
C GLY I 181 -77.62 -2.19 105.63
N LYS I 182 -78.40 -2.43 104.57
CA LYS I 182 -79.86 -2.50 104.67
C LYS I 182 -80.30 -3.92 104.33
N ASP I 183 -81.12 -4.50 105.19
CA ASP I 183 -81.56 -5.88 105.02
C ASP I 183 -82.52 -6.00 103.84
N LYS I 184 -82.95 -7.23 103.57
CA LYS I 184 -83.86 -7.48 102.45
C LYS I 184 -85.20 -6.78 102.67
N ASN I 185 -85.74 -6.84 103.88
CA ASN I 185 -87.03 -6.24 104.16
C ASN I 185 -87.00 -4.71 104.05
N TRP I 186 -85.82 -4.12 104.16
CA TRP I 186 -85.71 -2.66 104.06
C TRP I 186 -85.99 -2.20 102.63
N GLY I 187 -86.61 -1.03 102.51
CA GLY I 187 -86.85 -0.42 101.22
C GLY I 187 -86.68 1.09 101.31
N VAL I 188 -86.70 1.72 100.14
CA VAL I 188 -86.58 3.17 100.06
C VAL I 188 -87.95 3.78 100.32
N GLU I 189 -88.03 4.62 101.34
CA GLU I 189 -89.27 5.27 101.72
C GLU I 189 -89.32 6.68 101.15
N ALA I 190 -90.54 7.20 101.00
CA ALA I 190 -90.71 8.52 100.43
C ALA I 190 -90.16 9.58 101.38
N GLY I 191 -89.37 10.50 100.83
CA GLY I 191 -88.77 11.58 101.58
C GLY I 191 -87.25 11.60 101.55
N LYS I 192 -86.62 10.43 101.47
CA LYS I 192 -85.16 10.32 101.40
C LYS I 192 -84.77 9.48 100.19
N THR I 193 -85.38 9.77 99.04
CA THR I 193 -85.11 9.06 97.81
C THR I 193 -84.10 9.78 96.92
N ASP I 194 -83.57 10.92 97.36
CA ASP I 194 -82.65 11.70 96.54
C ASP I 194 -81.21 11.38 96.89
N LEU I 195 -80.38 11.23 95.87
CA LEU I 195 -78.97 10.91 96.02
C LEU I 195 -78.19 11.69 94.98
N THR I 196 -77.41 12.67 95.41
CA THR I 196 -76.62 13.52 94.53
C THR I 196 -75.14 13.21 94.74
N ILE I 197 -74.45 12.90 93.65
CA ILE I 197 -73.02 12.58 93.68
C ILE I 197 -72.31 13.59 92.79
N THR I 198 -71.43 14.39 93.39
CA THR I 198 -70.57 15.29 92.63
C THR I 198 -69.30 14.55 92.25
N LEU I 199 -68.74 14.90 91.09
CA LEU I 199 -67.65 14.13 90.51
C LEU I 199 -66.66 15.06 89.84
N LYS I 200 -65.44 14.56 89.64
CA LYS I 200 -64.41 15.29 88.92
C LYS I 200 -63.95 14.44 87.74
N ASP I 201 -64.37 14.82 86.54
CA ASP I 201 -64.07 14.08 85.32
C ASP I 201 -63.01 14.82 84.53
N LYS I 202 -62.10 14.06 83.89
CA LYS I 202 -61.02 14.66 83.12
C LYS I 202 -61.55 15.57 82.03
N ARG I 203 -62.50 15.06 81.24
CA ARG I 203 -62.99 15.80 80.09
C ARG I 203 -63.86 16.97 80.52
N GLU I 204 -64.97 16.70 81.19
CA GLU I 204 -65.82 17.73 81.78
C GLU I 204 -65.98 17.44 83.27
N GLY I 205 -65.30 18.21 84.09
CA GLY I 205 -65.36 18.04 85.54
C GLY I 205 -66.63 18.61 86.13
N ASP I 206 -66.74 18.47 87.46
CA ASP I 206 -67.85 19.01 88.23
C ASP I 206 -69.20 18.51 87.72
N VAL I 207 -69.27 17.23 87.35
CA VAL I 207 -70.53 16.64 86.93
C VAL I 207 -71.30 16.18 88.17
N THR I 208 -72.55 16.61 88.30
CA THR I 208 -73.39 16.31 89.45
C THR I 208 -74.46 15.30 89.05
N ILE I 209 -74.18 14.03 89.34
CA ILE I 209 -75.16 12.97 89.11
C ILE I 209 -76.26 13.09 90.16
N SER I 210 -77.51 12.93 89.71
CA SER I 210 -78.66 13.23 90.56
C SER I 210 -79.64 12.06 90.64
N ILE I 211 -79.14 10.86 90.95
CA ILE I 211 -80.00 9.68 91.05
C ILE I 211 -81.17 9.97 91.97
N ASN I 212 -82.37 9.58 91.54
CA ASN I 212 -83.58 9.69 92.34
C ASN I 212 -84.20 8.29 92.41
N ALA I 213 -83.86 7.56 93.46
CA ALA I 213 -84.33 6.19 93.59
C ALA I 213 -85.85 6.14 93.72
N LYS I 214 -86.44 5.14 93.08
CA LYS I 214 -87.88 4.96 93.12
C LYS I 214 -88.34 4.47 94.50
N GLU I 215 -89.53 4.88 94.89
CA GLU I 215 -90.08 4.48 96.17
C GLU I 215 -90.45 3.00 96.16
N GLY I 216 -90.37 2.38 97.33
CA GLY I 216 -90.73 0.99 97.47
C GLY I 216 -89.69 0.04 96.92
N ASP I 217 -88.51 0.58 96.59
CA ASP I 217 -87.45 -0.19 95.99
C ASP I 217 -86.53 -0.75 97.06
N ASP I 218 -86.19 -2.04 96.94
CA ASP I 218 -85.34 -2.69 97.94
C ASP I 218 -83.87 -2.32 97.68
N ILE I 219 -82.97 -2.92 98.46
CA ILE I 219 -81.56 -2.55 98.40
C ILE I 219 -80.92 -3.06 97.11
N GLU I 220 -81.24 -4.28 96.71
CA GLU I 220 -80.55 -4.90 95.58
C GLU I 220 -80.90 -4.20 94.26
N GLU I 221 -82.18 -3.97 94.02
CA GLU I 221 -82.58 -3.30 92.79
C GLU I 221 -82.13 -1.86 92.73
N LEU I 222 -81.89 -1.23 93.88
CA LEU I 222 -81.36 0.13 93.88
C LEU I 222 -79.98 0.18 93.26
N ALA I 223 -79.18 -0.87 93.45
CA ALA I 223 -77.89 -0.94 92.78
C ALA I 223 -78.06 -1.00 91.28
N THR I 224 -79.06 -1.75 90.80
CA THR I 224 -79.33 -1.81 89.37
C THR I 224 -79.77 -0.44 88.84
N TYR I 225 -80.58 0.28 89.62
CA TYR I 225 -81.09 1.57 89.15
C TYR I 225 -79.96 2.56 88.92
N ILE I 226 -78.98 2.62 89.83
CA ILE I 226 -77.88 3.56 89.67
C ILE I 226 -77.06 3.20 88.44
N ASN I 227 -76.82 1.91 88.21
CA ASN I 227 -76.07 1.50 87.04
C ASN I 227 -76.77 1.91 85.75
N GLY I 228 -78.09 1.75 85.70
CA GLY I 228 -78.83 2.13 84.50
C GLY I 228 -78.83 3.63 84.26
N GLN I 229 -78.90 4.42 85.32
CA GLN I 229 -79.01 5.87 85.16
C GLN I 229 -77.74 6.46 84.58
N THR I 230 -76.57 6.02 85.03
CA THR I 230 -75.32 6.61 84.59
C THR I 230 -74.29 5.53 84.35
N ASP I 231 -73.43 5.77 83.36
CA ASP I 231 -72.33 4.87 83.05
C ASP I 231 -71.03 5.26 83.74
N MET I 232 -70.99 6.42 84.40
CA MET I 232 -69.79 6.87 85.10
C MET I 232 -69.61 6.21 86.46
N ILE I 233 -70.62 5.53 86.97
CA ILE I 233 -70.63 5.01 88.33
C ILE I 233 -71.11 3.56 88.29
N LYS I 234 -70.40 2.70 89.01
CA LYS I 234 -70.77 1.29 89.15
C LYS I 234 -71.15 1.01 90.59
N ALA I 235 -72.34 0.44 90.79
CA ALA I 235 -72.87 0.20 92.12
C ALA I 235 -73.26 -1.26 92.28
N SER I 236 -73.18 -1.75 93.51
CA SER I 236 -73.55 -3.13 93.83
C SER I 236 -73.75 -3.24 95.33
N VAL I 237 -74.13 -4.43 95.77
CA VAL I 237 -74.38 -4.75 97.17
C VAL I 237 -73.62 -6.02 97.52
N ASP I 238 -72.97 -6.05 98.68
CA ASP I 238 -72.06 -7.16 98.99
C ASP I 238 -72.72 -8.29 99.78
N GLU I 239 -73.07 -8.04 101.04
CA GLU I 239 -73.71 -9.09 101.84
C GLU I 239 -74.80 -8.59 102.79
N GLU I 240 -74.88 -7.30 103.08
CA GLU I 240 -75.82 -6.82 104.09
C GLU I 240 -76.60 -5.60 103.64
N GLY I 241 -76.39 -5.12 102.41
CA GLY I 241 -76.98 -3.88 101.95
C GLY I 241 -75.99 -2.74 101.82
N LYS I 242 -74.70 -2.99 102.03
CA LYS I 242 -73.70 -1.95 101.88
C LYS I 242 -73.33 -1.79 100.42
N LEU I 243 -73.56 -0.60 99.88
CA LEU I 243 -73.25 -0.33 98.48
C LEU I 243 -71.75 -0.28 98.27
N GLN I 244 -71.27 -1.00 97.25
CA GLN I 244 -69.87 -0.92 96.84
C GLN I 244 -69.78 -0.01 95.63
N LEU I 245 -69.77 1.29 95.90
CA LEU I 245 -69.61 2.28 94.85
C LEU I 245 -68.23 2.13 94.21
N PHE I 246 -68.18 2.33 92.90
CA PHE I 246 -66.94 2.23 92.16
C PHE I 246 -66.73 3.48 91.31
N THR I 247 -65.47 3.81 91.10
CA THR I 247 -65.10 4.99 90.32
C THR I 247 -63.90 4.64 89.47
N ASP I 248 -64.04 4.73 88.16
CA ASP I 248 -62.96 4.37 87.26
C ASP I 248 -61.91 5.48 87.34
N ASN I 249 -60.66 5.11 87.55
CA ASN I 249 -59.63 6.09 87.87
C ASN I 249 -59.31 7.02 86.70
N ASN I 250 -59.20 6.48 85.48
CA ASN I 250 -58.61 7.26 84.41
C ASN I 250 -59.53 8.38 83.91
N ARG I 251 -60.79 8.40 84.36
CA ARG I 251 -61.72 9.42 83.88
C ARG I 251 -62.56 10.09 84.96
N ILE I 252 -62.63 9.55 86.18
CA ILE I 252 -63.33 10.21 87.29
C ILE I 252 -62.29 10.45 88.39
N ASP I 253 -61.09 10.86 87.99
CA ASP I 253 -60.01 11.11 88.95
C ASP I 253 -60.50 11.97 90.10
N GLY I 254 -59.85 11.81 91.26
CA GLY I 254 -60.13 12.63 92.41
C GLY I 254 -61.22 12.05 93.30
N ALA I 255 -61.28 12.59 94.52
CA ALA I 255 -62.26 12.15 95.50
C ALA I 255 -63.67 12.55 95.09
N ALA I 256 -64.63 11.71 95.45
CA ALA I 256 -66.04 11.96 95.16
C ALA I 256 -66.77 12.28 96.46
N THR I 257 -67.64 13.29 96.41
CA THR I 257 -68.42 13.71 97.55
C THR I 257 -69.88 13.33 97.35
N PHE I 258 -70.48 12.74 98.38
CA PHE I 258 -71.85 12.27 98.34
C PHE I 258 -72.76 13.28 99.02
N GLY I 259 -74.03 13.26 98.60
CA GLY I 259 -75.01 14.18 99.15
C GLY I 259 -76.41 13.63 98.95
N GLY I 260 -77.36 14.29 99.58
CA GLY I 260 -78.75 13.87 99.54
C GLY I 260 -79.13 13.09 100.79
N ALA I 261 -80.44 13.04 101.04
CA ALA I 261 -80.95 12.35 102.22
C ALA I 261 -80.66 10.85 102.16
N LEU I 262 -80.75 10.26 100.96
CA LEU I 262 -80.45 8.84 100.82
C LEU I 262 -78.98 8.57 101.15
N ALA I 263 -78.09 9.46 100.74
CA ALA I 263 -76.68 9.30 101.07
C ALA I 263 -76.46 9.32 102.58
N GLY I 264 -77.15 10.22 103.28
CA GLY I 264 -77.09 10.23 104.72
C GLY I 264 -77.69 8.99 105.35
N GLU I 265 -78.76 8.46 104.73
CA GLU I 265 -79.37 7.23 105.24
C GLU I 265 -78.40 6.06 105.14
N LEU I 266 -77.66 5.98 104.04
CA LEU I 266 -76.61 4.98 103.89
C LEU I 266 -75.30 5.55 104.44
N GLY I 267 -74.19 4.88 104.17
CA GLY I 267 -72.87 5.34 104.56
C GLY I 267 -72.14 5.95 103.39
N ILE I 268 -71.55 7.13 103.63
CA ILE I 268 -70.84 7.83 102.56
C ILE I 268 -69.62 7.02 102.13
N GLY I 269 -68.84 6.54 103.09
CA GLY I 269 -67.65 5.77 102.79
C GLY I 269 -66.48 6.61 102.32
N ALA I 270 -65.27 6.15 102.62
CA ALA I 270 -64.05 6.86 102.23
C ALA I 270 -63.53 6.32 100.91
N ALA I 271 -62.75 7.16 100.23
CA ALA I 271 -62.18 6.80 98.94
C ALA I 271 -61.06 5.79 99.16
N GLN I 272 -61.31 4.53 98.81
CA GLN I 272 -60.34 3.46 98.95
C GLN I 272 -59.80 3.11 97.58
N ASP I 273 -58.47 3.06 97.45
CA ASP I 273 -57.83 2.81 96.17
C ASP I 273 -57.68 1.32 95.95
N VAL I 274 -58.19 0.82 94.82
CA VAL I 274 -58.08 -0.58 94.46
C VAL I 274 -57.63 -0.68 93.00
N THR I 275 -56.92 -1.77 92.70
CA THR I 275 -56.44 -2.06 91.36
C THR I 275 -56.64 -3.54 91.09
N VAL I 276 -56.12 -4.00 89.96
CA VAL I 276 -56.21 -5.42 89.62
C VAL I 276 -55.29 -6.25 90.49
N ASP I 277 -54.13 -5.70 90.88
CA ASP I 277 -53.19 -6.45 91.70
C ASP I 277 -53.80 -6.82 93.04
N THR I 278 -54.44 -5.85 93.69
CA THR I 278 -55.09 -6.08 94.98
C THR I 278 -56.50 -6.62 94.83
N LEU I 279 -56.97 -6.80 93.59
CA LEU I 279 -58.29 -7.37 93.36
C LEU I 279 -58.38 -8.75 94.00
N ASP I 280 -59.45 -8.97 94.76
CA ASP I 280 -59.64 -10.23 95.47
C ASP I 280 -61.12 -10.57 95.47
N VAL I 281 -61.44 -11.81 95.13
CA VAL I 281 -62.81 -12.33 95.17
C VAL I 281 -62.78 -13.57 96.05
N THR I 282 -63.07 -13.39 97.34
CA THR I 282 -63.29 -14.49 98.26
C THR I 282 -64.69 -14.49 98.84
N THR I 283 -65.36 -13.35 98.88
CA THR I 283 -66.77 -13.24 99.22
C THR I 283 -67.50 -12.68 98.02
N VAL I 284 -68.83 -12.77 98.06
CA VAL I 284 -69.64 -12.27 96.95
C VAL I 284 -69.44 -10.77 96.75
N GLY I 285 -69.13 -10.05 97.84
CA GLY I 285 -68.85 -8.63 97.71
C GLY I 285 -67.60 -8.35 96.90
N GLY I 286 -66.55 -9.14 97.12
CA GLY I 286 -65.33 -8.98 96.34
C GLY I 286 -65.58 -9.21 94.86
N ALA I 287 -66.48 -10.12 94.53
CA ALA I 287 -66.81 -10.38 93.13
C ALA I 287 -67.46 -9.16 92.49
N GLN I 288 -68.36 -8.49 93.21
CA GLN I 288 -69.01 -7.31 92.64
C GLN I 288 -68.02 -6.18 92.39
N GLU I 289 -67.06 -5.99 93.29
CA GLU I 289 -66.01 -5.00 93.04
C GLU I 289 -65.13 -5.44 91.88
N SER I 290 -64.80 -6.73 91.81
CA SER I 290 -63.80 -7.19 90.85
C SER I 290 -64.27 -7.01 89.41
N VAL I 291 -65.54 -7.28 89.12
CA VAL I 291 -66.02 -7.15 87.75
C VAL I 291 -65.92 -5.69 87.29
N ALA I 292 -66.29 -4.76 88.15
CA ALA I 292 -66.15 -3.35 87.82
C ALA I 292 -64.69 -2.96 87.65
N ILE I 293 -63.81 -3.49 88.52
CA ILE I 293 -62.39 -3.16 88.44
C ILE I 293 -61.82 -3.67 87.12
N VAL I 294 -62.18 -4.90 86.73
CA VAL I 294 -61.68 -5.46 85.48
C VAL I 294 -62.21 -4.66 84.29
N ASP I 295 -63.45 -4.16 84.38
CA ASP I 295 -63.99 -3.35 83.29
C ASP I 295 -63.18 -2.07 83.10
N ALA I 296 -62.78 -1.44 84.21
CA ALA I 296 -61.95 -0.25 84.11
C ALA I 296 -60.59 -0.58 83.50
N ALA I 297 -60.00 -1.71 83.90
CA ALA I 297 -58.74 -2.13 83.32
C ALA I 297 -58.89 -2.43 81.83
N LEU I 298 -59.98 -3.09 81.45
CA LEU I 298 -60.21 -3.40 80.05
C LEU I 298 -60.36 -2.14 79.22
N LYS I 299 -61.09 -1.15 79.74
CA LYS I 299 -61.24 0.11 79.03
C LYS I 299 -59.90 0.81 78.86
N TYR I 300 -59.07 0.80 79.90
CA TYR I 300 -57.76 1.43 79.82
C TYR I 300 -56.87 0.71 78.81
N VAL I 301 -56.89 -0.62 78.82
CA VAL I 301 -56.07 -1.39 77.89
C VAL I 301 -56.50 -1.12 76.46
N ASP I 302 -57.81 -1.12 76.21
CA ASP I 302 -58.31 -0.85 74.87
C ASP I 302 -57.99 0.57 74.44
N SER I 303 -57.94 1.51 75.39
CA SER I 303 -57.59 2.89 75.07
C SER I 303 -56.17 2.97 74.53
N HIS I 304 -55.24 2.26 75.15
CA HIS I 304 -53.86 2.27 74.67
C HIS I 304 -53.71 1.46 73.39
N ARG I 305 -54.56 0.45 73.21
CA ARG I 305 -54.57 -0.28 71.95
C ARG I 305 -54.99 0.62 70.80
N ALA I 306 -55.99 1.48 71.04
CA ALA I 306 -56.40 2.43 70.02
C ALA I 306 -55.30 3.47 69.77
N GLU I 307 -54.65 3.96 70.83
CA GLU I 307 -53.58 4.92 70.65
C GLU I 307 -52.42 4.33 69.89
N LEU I 308 -52.04 3.08 70.21
CA LEU I 308 -51.02 2.39 69.43
C LEU I 308 -51.49 2.16 68.00
N GLY I 309 -52.76 1.78 67.82
CA GLY I 309 -53.27 1.57 66.48
C GLY I 309 -53.24 2.82 65.63
N ALA I 310 -53.47 3.98 66.25
CA ALA I 310 -53.31 5.24 65.54
C ALA I 310 -51.87 5.44 65.10
N PHE I 311 -50.92 5.09 65.98
CA PHE I 311 -49.51 5.12 65.60
C PHE I 311 -49.22 4.13 64.48
N GLN I 312 -49.93 2.99 64.48
CA GLN I 312 -49.78 2.03 63.40
C GLN I 312 -50.23 2.62 62.07
N ASN I 313 -51.38 3.30 62.07
CA ASN I 313 -51.95 3.84 60.85
C ASN I 313 -51.37 5.21 60.49
N ARG I 314 -50.45 5.73 61.28
CA ARG I 314 -49.71 6.93 60.89
C ARG I 314 -48.46 6.57 60.08
N PHE I 315 -47.74 5.55 60.50
CA PHE I 315 -46.45 5.25 59.90
C PHE I 315 -46.58 4.57 58.55
N ASN I 316 -47.67 3.84 58.31
CA ASN I 316 -47.85 3.26 56.99
C ASN I 316 -48.07 4.33 55.93
N HIS I 317 -48.81 5.39 56.28
CA HIS I 317 -48.91 6.53 55.37
C HIS I 317 -47.56 7.20 55.17
N ALA I 318 -46.78 7.36 56.24
CA ALA I 318 -45.47 7.98 56.11
C ALA I 318 -44.53 7.11 55.28
N ILE I 319 -44.68 5.80 55.36
CA ILE I 319 -43.81 4.89 54.62
C ILE I 319 -43.95 5.11 53.13
N ASN I 320 -45.19 5.10 52.63
CA ASN I 320 -45.39 5.26 51.19
C ASN I 320 -45.37 6.72 50.76
N ASN I 321 -45.48 7.65 51.72
CA ASN I 321 -45.26 9.05 51.39
C ASN I 321 -43.78 9.33 51.16
N LEU I 322 -42.93 8.81 52.04
CA LEU I 322 -41.49 8.97 51.86
C LEU I 322 -40.98 8.17 50.68
N ASP I 323 -41.56 6.98 50.44
CA ASP I 323 -41.19 6.21 49.26
C ASP I 323 -41.55 6.97 47.99
N ASN I 324 -42.74 7.57 47.94
CA ASN I 324 -43.16 8.31 46.77
C ASN I 324 -42.25 9.52 46.56
N ILE I 325 -41.93 10.23 47.64
CA ILE I 325 -41.00 11.34 47.54
C ILE I 325 -39.64 10.86 47.07
N ASN I 326 -39.22 9.68 47.53
CA ASN I 326 -37.94 9.11 47.10
C ASN I 326 -37.96 8.82 45.60
N GLU I 327 -39.09 8.33 45.08
CA GLU I 327 -39.19 8.05 43.65
C GLU I 327 -39.01 9.32 42.83
N ASN I 328 -39.61 10.42 43.28
CA ASN I 328 -39.48 11.67 42.56
C ASN I 328 -38.11 12.31 42.77
N VAL I 329 -37.57 12.21 43.99
CA VAL I 329 -36.26 12.77 44.28
C VAL I 329 -35.18 12.08 43.47
N ASN I 330 -35.25 10.74 43.39
CA ASN I 330 -34.29 10.01 42.56
C ASN I 330 -34.44 10.40 41.09
N ALA I 331 -35.67 10.62 40.63
CA ALA I 331 -35.88 11.05 39.26
C ALA I 331 -35.23 12.40 39.00
N SER I 332 -35.39 13.33 39.93
CA SER I 332 -34.71 14.62 39.80
C SER I 332 -33.21 14.49 39.96
N LYS I 333 -32.74 13.43 40.60
CA LYS I 333 -31.32 13.10 40.60
C LYS I 333 -30.97 12.25 39.39
N SER I 334 -31.44 12.73 38.24
CA SER I 334 -31.20 12.14 36.93
C SER I 334 -31.43 13.24 35.92
N ARG I 335 -30.59 13.27 34.89
CA ARG I 335 -30.41 14.38 33.96
C ARG I 335 -29.75 15.57 34.63
N ILE I 336 -29.54 15.51 35.94
CA ILE I 336 -28.65 16.42 36.65
C ILE I 336 -27.33 15.73 36.98
N LYS I 337 -27.40 14.46 37.36
CA LYS I 337 -26.22 13.62 37.56
C LYS I 337 -26.14 12.48 36.56
N ASP I 338 -27.20 11.68 36.44
CA ASP I 338 -27.19 10.56 35.51
C ASP I 338 -27.03 11.05 34.08
N THR I 339 -26.14 10.41 33.33
CA THR I 339 -25.90 10.74 31.94
C THR I 339 -26.76 9.87 31.05
N ASP I 340 -27.37 10.49 30.04
CA ASP I 340 -28.12 9.75 29.04
C ASP I 340 -27.15 9.26 27.97
N PHE I 341 -27.22 7.96 27.66
CA PHE I 341 -26.26 7.39 26.73
C PHE I 341 -26.59 7.73 25.29
N ALA I 342 -27.79 8.28 25.04
CA ALA I 342 -28.20 8.62 23.69
C ALA I 342 -27.29 9.69 23.09
N LYS I 343 -27.31 10.89 23.67
CA LYS I 343 -26.53 11.99 23.11
C LYS I 343 -25.07 11.93 23.54
N GLU I 344 -24.76 11.17 24.58
CA GLU I 344 -23.38 11.13 25.07
C GLU I 344 -22.50 10.29 24.17
N THR I 345 -23.00 9.14 23.72
CA THR I 345 -22.22 8.31 22.80
C THR I 345 -22.01 8.99 21.45
N THR I 346 -23.03 9.72 20.96
CA THR I 346 -22.87 10.44 19.71
C THR I 346 -21.79 11.52 19.84
N ALA I 347 -21.68 12.13 21.02
CA ALA I 347 -20.59 13.07 21.26
C ALA I 347 -19.24 12.36 21.22
N LEU I 348 -19.18 11.14 21.76
CA LEU I 348 -17.94 10.37 21.72
C LEU I 348 -17.55 10.03 20.29
N THR I 349 -18.51 9.59 19.48
CA THR I 349 -18.22 9.27 18.08
C THR I 349 -17.83 10.51 17.31
N LYS I 350 -18.50 11.64 17.58
CA LYS I 350 -18.14 12.90 16.94
C LYS I 350 -16.72 13.30 17.30
N ALA I 351 -16.34 13.13 18.57
CA ALA I 351 -14.98 13.42 18.99
C ALA I 351 -13.99 12.48 18.31
N GLN I 352 -14.35 11.20 18.19
CA GLN I 352 -13.45 10.23 17.56
C GLN I 352 -13.21 10.58 16.10
N ILE I 353 -14.27 10.88 15.37
CA ILE I 353 -14.12 11.21 13.95
C ILE I 353 -13.37 12.53 13.79
N LEU I 354 -13.48 13.42 14.76
CA LEU I 354 -12.76 14.69 14.70
C LEU I 354 -11.27 14.49 14.95
N SER I 355 -10.93 13.65 15.92
CA SER I 355 -9.52 13.40 16.22
C SER I 355 -8.83 12.69 15.06
N GLN I 356 -9.52 11.73 14.44
CA GLN I 356 -8.95 11.05 13.28
C GLN I 356 -8.72 12.02 12.13
N ALA I 357 -9.68 12.91 11.89
CA ALA I 357 -9.53 13.90 10.82
C ALA I 357 -8.38 14.86 11.11
N SER I 358 -8.29 15.34 12.36
CA SER I 358 -7.22 16.25 12.72
C SER I 358 -5.87 15.55 12.70
N SER I 359 -5.83 14.27 13.06
CA SER I 359 -4.57 13.53 12.98
C SER I 359 -4.15 13.34 11.53
N SER I 360 -5.11 13.13 10.62
CA SER I 360 -4.77 12.93 9.23
C SER I 360 -4.20 14.20 8.60
N VAL I 361 -4.76 15.37 8.93
CA VAL I 361 -4.23 16.60 8.38
C VAL I 361 -2.88 16.94 9.00
N LEU I 362 -2.61 16.47 10.21
CA LEU I 362 -1.26 16.55 10.76
C LEU I 362 -0.25 15.90 9.80
N ALA I 363 -0.52 14.66 9.40
CA ALA I 363 0.33 14.01 8.41
C ALA I 363 0.28 14.72 7.07
N GLN I 364 -0.86 15.32 6.72
CA GLN I 364 -1.00 16.09 5.50
C GLN I 364 -0.10 17.31 5.46
N ALA I 365 0.18 17.93 6.60
CA ALA I 365 1.04 19.10 6.68
C ALA I 365 2.49 18.74 7.00
N LYS I 366 2.82 17.47 7.11
CA LYS I 366 4.20 17.09 7.39
C LYS I 366 5.08 17.27 6.17
N GLN I 367 4.56 16.97 4.99
CA GLN I 367 5.34 17.07 3.76
C GLN I 367 5.32 18.47 3.18
N ALA I 368 4.61 19.41 3.79
CA ALA I 368 4.71 20.80 3.33
C ALA I 368 6.13 21.33 3.46
N PRO I 369 6.84 21.17 4.58
CA PRO I 369 8.27 21.50 4.57
C PRO I 369 9.07 20.64 3.61
N ASN I 370 8.65 19.38 3.41
CA ASN I 370 9.39 18.49 2.52
C ASN I 370 9.38 19.01 1.09
N SER I 371 8.20 19.35 0.58
CA SER I 371 8.11 19.96 -0.74
C SER I 371 8.75 21.33 -0.75
N ALA I 372 8.81 22.00 0.40
CA ALA I 372 9.52 23.27 0.49
C ALA I 372 10.99 23.11 0.18
N LEU I 373 11.60 22.03 0.69
CA LEU I 373 13.00 21.74 0.38
C LEU I 373 13.15 21.23 -1.06
N ALA I 374 12.08 20.67 -1.63
CA ALA I 374 12.18 20.01 -2.93
C ALA I 374 12.60 20.94 -4.05
N LEU I 375 12.43 22.26 -3.87
CA LEU I 375 12.73 23.17 -4.96
C LEU I 375 14.22 23.23 -5.26
N LEU I 376 15.08 23.20 -4.24
CA LEU I 376 16.52 23.18 -4.42
C LEU I 376 17.03 21.77 -4.13
N GLY I 377 17.96 21.30 -4.96
CA GLY I 377 18.50 19.97 -4.81
C GLY I 377 19.71 19.91 -3.89
N MET J 1 91.17 81.41 -81.24
CA MET J 1 92.35 80.70 -80.76
C MET J 1 93.24 81.62 -79.94
N ALA J 2 92.95 81.73 -78.65
CA ALA J 2 93.70 82.59 -77.74
C ALA J 2 94.47 81.73 -76.74
N VAL J 3 95.76 82.01 -76.62
CA VAL J 3 96.64 81.29 -75.71
C VAL J 3 97.25 82.30 -74.74
N ASN J 4 97.11 82.04 -73.44
CA ASN J 4 97.62 82.95 -72.43
C ASN J 4 97.75 82.20 -71.11
N VAL J 5 98.54 82.80 -70.21
CA VAL J 5 98.76 82.27 -68.87
C VAL J 5 98.52 83.33 -67.80
N ASN J 6 98.27 84.58 -68.21
CA ASN J 6 98.08 85.66 -67.25
C ASN J 6 96.87 85.41 -66.36
N THR J 7 95.75 84.98 -66.94
CA THR J 7 94.55 84.72 -66.19
C THR J 7 93.85 83.50 -66.77
N ASN J 8 92.98 82.89 -65.95
CA ASN J 8 92.20 81.72 -66.33
C ASN J 8 90.73 82.05 -66.16
N VAL J 9 90.13 82.64 -67.19
CA VAL J 9 88.71 82.94 -67.16
C VAL J 9 87.89 81.66 -67.12
N SER J 10 88.35 80.62 -67.81
CA SER J 10 87.64 79.34 -67.80
C SER J 10 87.59 78.76 -66.40
N ALA J 11 88.69 78.86 -65.65
CA ALA J 11 88.69 78.40 -64.27
C ALA J 11 87.80 79.25 -63.39
N MET J 12 87.68 80.55 -63.71
CA MET J 12 86.80 81.41 -62.92
C MET J 12 85.33 81.02 -63.08
N THR J 13 84.89 80.80 -64.32
CA THR J 13 83.51 80.37 -64.54
C THR J 13 83.28 78.97 -63.98
N ALA J 14 84.28 78.09 -64.10
CA ALA J 14 84.17 76.76 -63.53
C ALA J 14 84.03 76.81 -62.02
N GLN J 15 84.75 77.74 -61.38
CA GLN J 15 84.61 77.91 -59.94
C GLN J 15 83.24 78.48 -59.58
N ARG J 16 82.74 79.42 -60.39
CA ARG J 16 81.42 79.98 -60.14
C ARG J 16 80.33 78.91 -60.29
N TYR J 17 80.45 78.05 -61.30
CA TYR J 17 79.54 76.91 -61.41
C TYR J 17 79.70 75.97 -60.24
N LEU J 18 80.94 75.76 -59.78
CA LEU J 18 81.19 74.91 -58.63
C LEU J 18 80.52 75.47 -57.38
N THR J 19 80.68 76.77 -57.13
CA THR J 19 80.16 77.36 -55.90
C THR J 19 78.64 77.34 -55.88
N SER J 20 78.01 77.79 -56.97
CA SER J 20 76.55 77.88 -56.99
C SER J 20 75.90 76.51 -56.86
N ALA J 21 76.46 75.50 -57.54
CA ALA J 21 75.87 74.17 -57.51
C ALA J 21 76.03 73.50 -56.16
N THR J 22 77.23 73.58 -55.58
CA THR J 22 77.53 72.84 -54.37
C THR J 22 77.09 73.54 -53.09
N ASN J 23 76.92 74.86 -53.09
CA ASN J 23 76.39 75.49 -51.90
C ASN J 23 74.94 75.10 -51.68
N ALA J 24 74.18 74.89 -52.76
CA ALA J 24 72.85 74.31 -52.65
C ALA J 24 72.92 72.83 -52.31
N GLN J 25 74.01 72.17 -52.69
CA GLN J 25 74.23 70.80 -52.24
C GLN J 25 74.40 70.75 -50.72
N GLN J 26 75.12 71.73 -50.17
CA GLN J 26 75.28 71.82 -48.73
C GLN J 26 73.95 71.97 -48.01
N SER J 27 72.95 72.57 -48.67
CA SER J 27 71.61 72.64 -48.08
C SER J 27 71.03 71.26 -47.84
N SER J 28 71.41 70.27 -48.64
CA SER J 28 71.00 68.90 -48.42
C SER J 28 71.93 68.28 -47.36
N MET J 29 71.72 67.00 -47.06
CA MET J 29 72.38 66.25 -45.99
C MET J 29 72.17 66.87 -44.61
N GLU J 30 71.25 67.83 -44.46
CA GLU J 30 70.61 68.06 -43.17
C GLU J 30 69.09 68.04 -43.25
N ARG J 31 68.52 68.27 -44.43
CA ARG J 31 67.09 68.02 -44.58
C ARG J 31 66.76 66.55 -44.39
N LEU J 32 67.62 65.66 -44.87
CA LEU J 32 67.41 64.24 -44.64
C LEU J 32 67.71 63.87 -43.19
N SER J 33 68.81 64.40 -42.63
CA SER J 33 69.18 64.06 -41.26
C SER J 33 68.14 64.56 -40.26
N SER J 34 67.65 65.78 -40.45
CA SER J 34 66.63 66.32 -39.56
C SER J 34 65.26 65.73 -39.85
N GLY J 35 64.98 65.45 -41.12
CA GLY J 35 63.64 65.10 -41.54
C GLY J 35 62.73 66.28 -41.79
N TYR J 36 63.23 67.50 -41.64
CA TYR J 36 62.49 68.72 -41.96
C TYR J 36 63.18 69.41 -43.14
N LYS J 37 62.38 69.89 -44.10
CA LYS J 37 62.92 70.70 -45.16
C LYS J 37 63.04 72.17 -44.78
N ILE J 38 62.59 72.53 -43.58
CA ILE J 38 62.71 73.89 -43.06
C ILE J 38 63.43 73.82 -41.72
N ASN J 39 64.63 74.40 -41.67
CA ASN J 39 65.40 74.46 -40.44
C ASN J 39 65.98 75.84 -40.16
N SER J 40 66.06 76.71 -41.16
CA SER J 40 66.52 78.09 -40.98
C SER J 40 65.53 79.03 -41.65
N ALA J 41 65.38 80.22 -41.06
CA ALA J 41 64.47 81.21 -41.64
C ALA J 41 64.90 81.67 -43.01
N LYS J 42 66.19 81.51 -43.36
CA LYS J 42 66.67 81.93 -44.67
C LYS J 42 66.10 81.08 -45.80
N ASP J 43 65.56 79.90 -45.48
CA ASP J 43 64.99 79.04 -46.52
C ASP J 43 63.59 79.50 -46.90
N ASP J 44 62.66 79.53 -45.93
CA ASP J 44 61.29 79.95 -46.15
C ASP J 44 60.81 80.63 -44.87
N ALA J 45 60.91 81.96 -44.83
CA ALA J 45 60.45 82.70 -43.66
C ALA J 45 58.95 82.57 -43.47
N ALA J 46 58.18 82.68 -44.56
CA ALA J 46 56.73 82.58 -44.46
C ALA J 46 56.30 81.19 -43.98
N GLY J 47 56.94 80.15 -44.50
CA GLY J 47 56.63 78.80 -44.04
C GLY J 47 57.10 78.55 -42.63
N LEU J 48 58.13 79.26 -42.18
CA LEU J 48 58.63 79.08 -40.82
C LEU J 48 57.63 79.63 -39.80
N GLN J 49 57.06 80.81 -40.06
CA GLN J 49 56.13 81.41 -39.11
C GLN J 49 54.88 80.55 -38.96
N ILE J 50 54.32 80.07 -40.07
CA ILE J 50 53.12 79.25 -39.99
C ILE J 50 53.42 77.90 -39.36
N SER J 51 54.60 77.36 -39.61
CA SER J 51 54.94 76.04 -39.08
C SER J 51 55.00 76.06 -37.55
N ASN J 52 55.60 77.10 -36.97
CA ASN J 52 55.70 77.17 -35.52
C ASN J 52 54.33 77.30 -34.87
N ARG J 53 53.43 78.09 -35.47
CA ARG J 53 52.09 78.18 -34.93
C ARG J 53 51.38 76.84 -35.02
N LEU J 54 51.61 76.10 -36.11
CA LEU J 54 51.02 74.77 -36.23
C LEU J 54 51.56 73.83 -35.16
N ASN J 55 52.88 73.87 -34.92
CA ASN J 55 53.46 73.02 -33.90
C ASN J 55 52.97 73.40 -32.51
N VAL J 56 52.88 74.70 -32.23
CA VAL J 56 52.37 75.17 -30.95
C VAL J 56 50.94 74.68 -30.76
N GLN J 57 50.13 74.73 -31.83
CA GLN J 57 48.77 74.20 -31.74
C GLN J 57 48.78 72.70 -31.49
N SER J 58 49.69 71.96 -32.13
CA SER J 58 49.75 70.52 -31.95
C SER J 58 50.11 70.15 -30.51
N ARG J 59 51.14 70.80 -29.96
CA ARG J 59 51.50 70.54 -28.57
C ARG J 59 50.40 71.00 -27.63
N GLY J 60 49.77 72.14 -27.93
CA GLY J 60 48.65 72.60 -27.12
C GLY J 60 47.50 71.62 -27.11
N LEU J 61 47.22 71.00 -28.25
CA LEU J 61 46.18 69.98 -28.31
C LEU J 61 46.55 68.77 -27.47
N GLY J 62 47.82 68.35 -27.50
CA GLY J 62 48.26 67.24 -26.68
C GLY J 62 48.11 67.53 -25.20
N VAL J 63 48.40 68.77 -24.80
CA VAL J 63 48.16 69.18 -23.42
C VAL J 63 46.67 69.25 -23.14
N ALA J 64 45.89 69.72 -24.13
CA ALA J 64 44.46 69.90 -23.93
C ALA J 64 43.76 68.56 -23.67
N VAL J 65 44.12 67.52 -24.41
CA VAL J 65 43.52 66.21 -24.16
C VAL J 65 43.97 65.67 -22.81
N ARG J 66 45.19 66.01 -22.38
CA ARG J 66 45.65 65.58 -21.05
C ARG J 66 44.84 66.24 -19.94
N ASN J 67 44.70 67.57 -20.01
CA ASN J 67 43.93 68.27 -19.00
C ASN J 67 42.46 67.87 -19.04
N ALA J 68 41.91 67.70 -20.24
CA ALA J 68 40.52 67.30 -20.36
C ALA J 68 40.29 65.91 -19.78
N ASN J 69 41.20 64.98 -20.02
CA ASN J 69 41.07 63.65 -19.44
C ASN J 69 41.12 63.71 -17.92
N ASP J 70 41.99 64.56 -17.37
CA ASP J 70 41.98 64.80 -15.93
C ASP J 70 40.63 65.37 -15.48
N GLY J 71 39.98 66.14 -16.35
CA GLY J 71 38.65 66.62 -16.04
C GLY J 71 37.63 65.49 -15.93
N ILE J 72 37.71 64.51 -16.83
CA ILE J 72 36.84 63.35 -16.73
C ILE J 72 37.16 62.56 -15.46
N SER J 73 38.44 62.39 -15.16
CA SER J 73 38.82 61.61 -13.99
C SER J 73 38.30 62.24 -12.71
N MET J 74 38.38 63.57 -12.60
CA MET J 74 37.80 64.24 -11.44
C MET J 74 36.29 64.04 -11.40
N ALA J 75 35.66 63.90 -12.56
CA ALA J 75 34.21 63.71 -12.60
C ALA J 75 33.81 62.31 -12.12
N GLN J 76 34.52 61.28 -12.57
CA GLN J 76 34.12 59.92 -12.22
C GLN J 76 34.45 59.57 -10.78
N THR J 77 35.49 60.19 -10.20
CA THR J 77 35.74 59.99 -8.78
C THR J 77 34.59 60.52 -7.95
N ALA J 78 34.08 61.69 -8.29
CA ALA J 78 32.89 62.21 -7.62
C ALA J 78 31.67 61.34 -7.91
N GLU J 79 31.55 60.86 -9.16
CA GLU J 79 30.45 59.98 -9.50
C GLU J 79 30.52 58.65 -8.76
N GLY J 80 31.72 58.21 -8.41
CA GLY J 80 31.84 56.99 -7.62
C GLY J 80 31.26 57.15 -6.24
N ALA J 81 31.59 58.26 -5.56
CA ALA J 81 30.98 58.55 -4.28
C ALA J 81 29.50 58.91 -4.44
N MET J 82 29.10 59.31 -5.64
CA MET J 82 27.69 59.54 -5.91
C MET J 82 26.89 58.26 -5.71
N LYS J 83 27.42 57.14 -6.19
CA LYS J 83 26.72 55.87 -6.07
C LYS J 83 26.55 55.48 -4.60
N GLU J 84 27.60 55.61 -3.80
CA GLU J 84 27.51 55.22 -2.40
C GLU J 84 26.59 56.16 -1.63
N THR J 85 26.68 57.47 -1.89
CA THR J 85 25.77 58.41 -1.24
C THR J 85 24.33 58.09 -1.58
N THR J 86 24.05 57.78 -2.85
CA THR J 86 22.70 57.38 -3.24
C THR J 86 22.28 56.10 -2.54
N ASN J 87 23.14 55.07 -2.56
CA ASN J 87 22.78 53.78 -2.00
C ASN J 87 22.51 53.87 -0.50
N ILE J 88 23.30 54.67 0.22
CA ILE J 88 23.02 54.90 1.63
C ILE J 88 21.67 55.59 1.78
N LEU J 89 21.36 56.52 0.88
CA LEU J 89 20.11 57.27 0.98
C LEU J 89 18.89 56.36 0.82
N GLN J 90 18.93 55.41 -0.12
CA GLN J 90 17.83 54.46 -0.22
C GLN J 90 17.69 53.66 1.06
N ARG J 91 18.82 53.23 1.64
CA ARG J 91 18.76 52.35 2.80
C ARG J 91 18.01 52.99 3.96
N MET J 92 18.26 54.28 4.22
CA MET J 92 17.51 54.96 5.27
C MET J 92 16.03 54.98 4.97
N ARG J 93 15.66 55.22 3.71
CA ARG J 93 14.25 55.34 3.36
C ARG J 93 13.51 54.04 3.62
N ASP J 94 14.09 52.90 3.24
CA ASP J 94 13.39 51.63 3.42
C ASP J 94 13.15 51.36 4.90
N LEU J 95 14.14 51.64 5.74
CA LEU J 95 13.96 51.44 7.18
C LEU J 95 13.16 52.57 7.81
N SER J 96 13.08 53.73 7.16
CA SER J 96 12.15 54.76 7.60
C SER J 96 10.70 54.34 7.34
N LEU J 97 10.47 53.68 6.21
CA LEU J 97 9.17 53.06 5.97
C LEU J 97 8.87 52.01 7.03
N GLN J 98 9.89 51.22 7.40
CA GLN J 98 9.73 50.20 8.42
C GLN J 98 9.41 50.82 9.78
N SER J 99 10.07 51.91 10.14
CA SER J 99 9.84 52.56 11.43
C SER J 99 8.50 53.28 11.49
N ALA J 100 7.89 53.58 10.35
CA ALA J 100 6.57 54.21 10.32
C ALA J 100 5.45 53.22 10.65
N ASN J 101 5.80 51.98 10.98
CA ASN J 101 4.81 50.98 11.34
C ASN J 101 4.11 51.35 12.64
N GLY J 102 2.89 50.84 12.80
CA GLY J 102 2.20 50.93 14.06
C GLY J 102 2.48 49.70 14.90
N SER J 103 3.25 48.76 14.34
CA SER J 103 3.52 47.51 15.03
C SER J 103 4.70 47.65 16.00
N ASN J 104 5.79 48.26 15.55
CA ASN J 104 6.97 48.36 16.38
C ASN J 104 6.74 49.30 17.55
N SER J 105 7.34 48.95 18.69
CA SER J 105 7.21 49.74 19.91
C SER J 105 8.33 50.78 19.97
N LYS J 106 8.43 51.48 21.10
CA LYS J 106 9.45 52.52 21.25
C LYS J 106 10.85 51.95 21.23
N ALA J 107 11.04 50.76 21.81
CA ALA J 107 12.37 50.16 21.85
C ALA J 107 12.89 49.88 20.45
N ASP J 108 12.02 49.42 19.56
CA ASP J 108 12.44 49.16 18.18
C ASP J 108 12.88 50.45 17.49
N ARG J 109 12.07 51.51 17.60
CA ARG J 109 12.42 52.78 16.97
C ARG J 109 13.73 53.34 17.51
N VAL J 110 14.08 53.01 18.75
CA VAL J 110 15.37 53.42 19.28
C VAL J 110 16.50 52.77 18.48
N ALA J 111 16.36 51.48 18.19
CA ALA J 111 17.35 50.79 17.37
C ALA J 111 17.39 51.35 15.96
N ILE J 112 16.22 51.65 15.38
CA ILE J 112 16.18 52.19 14.03
C ILE J 112 16.87 53.55 13.98
N GLN J 113 16.63 54.41 14.98
CA GLN J 113 17.31 55.69 15.03
C GLN J 113 18.82 55.51 15.19
N GLU J 114 19.23 54.44 15.88
CA GLU J 114 20.66 54.18 16.01
C GLU J 114 21.30 53.90 14.65
N GLU J 115 20.57 53.20 13.77
CA GLU J 115 21.08 52.99 12.42
C GLU J 115 21.03 54.27 11.59
N ILE J 116 20.03 55.11 11.85
CA ILE J 116 19.92 56.38 11.13
C ILE J 116 21.11 57.28 11.45
N THR J 117 21.42 57.44 12.74
CA THR J 117 22.57 58.26 13.09
C THR J 117 23.88 57.61 12.68
N ALA J 118 23.92 56.27 12.59
CA ALA J 118 25.11 55.60 12.10
C ALA J 118 25.33 55.90 10.62
N LEU J 119 24.29 55.72 9.80
CA LEU J 119 24.42 55.98 8.38
C LEU J 119 24.55 57.47 8.09
N ASN J 120 24.02 58.32 8.97
CA ASN J 120 24.21 59.76 8.82
C ASN J 120 25.68 60.12 8.92
N ASP J 121 26.41 59.49 9.85
CA ASP J 121 27.85 59.69 9.92
C ASP J 121 28.53 59.25 8.64
N GLU J 122 27.99 58.21 7.98
CA GLU J 122 28.57 57.74 6.73
C GLU J 122 28.45 58.78 5.63
N LEU J 123 27.27 59.42 5.51
CA LEU J 123 27.10 60.44 4.49
C LEU J 123 28.01 61.63 4.75
N ASN J 124 28.12 62.05 6.02
CA ASN J 124 29.03 63.14 6.34
C ASN J 124 30.47 62.74 6.09
N ARG J 125 30.86 61.52 6.44
CA ARG J 125 32.25 61.10 6.27
C ARG J 125 32.61 61.03 4.79
N VAL J 126 31.73 60.45 3.96
CA VAL J 126 32.04 60.36 2.54
C VAL J 126 32.10 61.75 1.91
N ALA J 127 31.38 62.72 2.46
CA ALA J 127 31.47 64.09 1.98
C ALA J 127 32.80 64.73 2.33
N GLU J 128 33.54 64.15 3.28
CA GLU J 128 34.81 64.70 3.72
C GLU J 128 36.01 63.85 3.33
N THR J 129 35.80 62.62 2.85
CA THR J 129 36.91 61.72 2.59
C THR J 129 37.37 61.74 1.14
N THR J 130 36.44 61.84 0.18
CA THR J 130 36.81 61.84 -1.22
C THR J 130 37.77 62.98 -1.52
N SER J 131 38.97 62.64 -1.97
CA SER J 131 40.06 63.61 -2.05
C SER J 131 40.57 63.83 -3.46
N PHE J 132 40.88 62.75 -4.20
CA PHE J 132 41.55 62.85 -5.49
C PHE J 132 42.86 63.62 -5.34
N GLY J 133 43.78 63.00 -4.60
CA GLY J 133 45.09 63.58 -4.40
C GLY J 133 45.09 64.87 -3.62
N GLY J 134 44.38 64.90 -2.49
CA GLY J 134 44.44 66.00 -1.57
C GLY J 134 43.39 67.08 -1.75
N ASN J 135 42.59 67.01 -2.82
CA ASN J 135 41.50 67.97 -3.00
C ASN J 135 40.32 67.54 -2.13
N LYS J 136 39.17 68.17 -2.34
CA LYS J 136 37.95 67.83 -1.61
C LYS J 136 36.79 67.94 -2.59
N LEU J 137 36.36 66.80 -3.12
CA LEU J 137 35.34 66.82 -4.18
C LEU J 137 33.99 67.23 -3.62
N LEU J 138 33.57 66.62 -2.51
CA LEU J 138 32.21 66.77 -2.03
C LEU J 138 32.08 67.65 -0.79
N ASN J 139 33.19 68.14 -0.25
CA ASN J 139 33.15 68.99 0.94
C ASN J 139 32.44 70.31 0.69
N GLY J 140 32.35 70.76 -0.55
CA GLY J 140 31.89 72.10 -0.86
C GLY J 140 33.01 73.10 -1.05
N THR J 141 34.23 72.78 -0.60
CA THR J 141 35.38 73.62 -0.86
C THR J 141 35.75 73.66 -2.33
N PHE J 142 35.26 72.70 -3.12
CA PHE J 142 35.52 72.66 -4.55
C PHE J 142 34.67 73.73 -5.22
N ALA J 143 35.28 74.85 -5.55
CA ALA J 143 34.58 75.95 -6.22
C ALA J 143 34.45 75.62 -7.70
N THR J 144 34.07 76.61 -8.50
CA THR J 144 33.93 76.42 -9.94
C THR J 144 35.33 76.34 -10.56
N LYS J 145 35.85 75.12 -10.70
CA LYS J 145 37.14 74.90 -11.32
C LYS J 145 36.98 74.85 -12.83
N SER J 146 37.82 75.60 -13.53
CA SER J 146 37.76 75.70 -14.98
C SER J 146 38.90 74.90 -15.59
N PHE J 147 38.57 74.06 -16.57
CA PHE J 147 39.55 73.20 -17.23
C PHE J 147 39.87 73.75 -18.61
N GLN J 148 41.16 73.98 -18.87
CA GLN J 148 41.63 74.48 -20.16
C GLN J 148 41.70 73.31 -21.12
N ILE J 149 40.80 73.27 -22.10
CA ILE J 149 40.70 72.14 -23.01
C ILE J 149 40.82 72.60 -24.45
N GLY J 150 41.54 73.68 -24.68
CA GLY J 150 41.71 74.21 -26.01
C GLY J 150 43.18 74.42 -26.35
N ALA J 151 43.43 74.57 -27.65
CA ALA J 151 44.80 74.80 -28.10
C ALA J 151 45.34 76.12 -27.56
N ASP J 152 44.52 77.16 -27.55
CA ASP J 152 44.92 78.47 -27.05
C ASP J 152 44.35 78.67 -25.65
N ASN J 153 44.50 79.88 -25.12
CA ASN J 153 44.07 80.21 -23.77
C ASN J 153 42.73 80.94 -23.80
N GLY J 154 41.85 80.57 -22.86
CA GLY J 154 40.57 81.20 -22.68
C GLY J 154 39.38 80.27 -22.90
N GLU J 155 39.56 79.24 -23.72
CA GLU J 155 38.46 78.31 -24.02
C GLU J 155 38.43 77.20 -22.97
N ALA J 156 37.96 77.57 -21.79
CA ALA J 156 37.81 76.66 -20.67
C ALA J 156 36.33 76.33 -20.43
N VAL J 157 36.10 75.36 -19.55
CA VAL J 157 34.75 74.94 -19.18
C VAL J 157 34.66 74.91 -17.67
N MET J 158 33.62 75.53 -17.13
CA MET J 158 33.44 75.63 -15.69
C MET J 158 32.71 74.40 -15.14
N LEU J 159 33.22 73.89 -14.03
CA LEU J 159 32.62 72.75 -13.34
C LEU J 159 32.55 73.06 -11.85
N ASN J 160 31.39 72.83 -11.25
CA ASN J 160 31.23 72.95 -9.81
C ASN J 160 30.60 71.68 -9.26
N ILE J 161 30.99 71.32 -8.03
CA ILE J 161 30.45 70.16 -7.34
C ILE J 161 29.83 70.66 -6.05
N LYS J 162 28.50 70.63 -5.98
CA LYS J 162 27.80 71.12 -4.81
C LYS J 162 28.11 70.28 -3.58
N ASP J 163 28.18 70.96 -2.44
CA ASP J 163 28.41 70.28 -1.17
C ASP J 163 27.27 69.31 -0.89
N MET J 164 27.62 68.09 -0.46
CA MET J 164 26.61 67.08 -0.15
C MET J 164 26.74 66.59 1.28
N ARG J 165 27.16 67.46 2.20
CA ARG J 165 27.04 67.14 3.61
C ARG J 165 25.57 66.98 3.97
N SER J 166 25.30 66.09 4.93
CA SER J 166 23.93 65.76 5.25
C SER J 166 23.16 66.94 5.83
N ASP J 167 23.84 68.01 6.22
CA ASP J 167 23.21 69.19 6.79
C ASP J 167 22.99 70.31 5.78
N ASN J 168 23.21 70.05 4.50
CA ASN J 168 23.09 71.09 3.48
C ASN J 168 21.65 71.57 3.37
N ALA J 169 21.49 72.84 2.98
CA ALA J 169 20.15 73.41 2.87
C ALA J 169 19.33 72.71 1.81
N LEU J 170 19.90 72.48 0.63
CA LEU J 170 19.20 71.75 -0.43
C LEU J 170 19.05 70.27 -0.11
N MET J 171 19.71 69.79 0.94
CA MET J 171 19.74 68.36 1.21
C MET J 171 18.40 67.90 1.78
N GLY J 172 17.59 68.82 2.32
CA GLY J 172 16.29 68.50 2.86
C GLY J 172 15.21 69.46 2.38
N GLY J 173 14.43 70.01 3.30
CA GLY J 173 13.40 70.96 2.92
C GLY J 173 12.61 71.46 4.12
N LYS J 174 11.58 72.24 3.82
CA LYS J 174 10.70 72.82 4.83
C LYS J 174 9.68 71.80 5.32
N THR J 175 9.02 72.11 6.43
CA THR J 175 7.96 71.27 6.95
C THR J 175 6.95 72.14 7.72
N TYR J 176 5.71 71.64 7.80
CA TYR J 176 4.63 72.34 8.47
C TYR J 176 3.80 71.32 9.24
N GLN J 177 3.44 71.65 10.47
CA GLN J 177 2.70 70.75 11.35
C GLN J 177 1.38 71.38 11.74
N ALA J 178 0.30 70.60 11.66
CA ALA J 178 -1.00 71.08 12.09
C ALA J 178 -1.03 71.29 13.60
N ALA J 179 -1.66 72.38 14.03
CA ALA J 179 -1.68 72.72 15.44
C ALA J 179 -2.48 71.70 16.25
N ASN J 180 -3.67 71.34 15.78
CA ASN J 180 -4.56 70.45 16.49
C ASN J 180 -4.75 69.16 15.71
N GLY J 181 -4.65 68.03 16.39
CA GLY J 181 -4.87 66.76 15.75
C GLY J 181 -6.33 66.38 15.69
N LYS J 182 -6.64 65.45 14.79
CA LYS J 182 -7.99 64.93 14.60
C LYS J 182 -7.97 63.42 14.78
N ASP J 183 -8.85 62.93 15.64
CA ASP J 183 -8.86 61.52 16.02
C ASP J 183 -9.54 60.68 14.94
N LYS J 184 -9.79 59.41 15.25
CA LYS J 184 -10.42 58.50 14.29
C LYS J 184 -11.85 58.94 13.98
N ASN J 185 -12.64 59.19 15.03
CA ASN J 185 -14.04 59.54 14.84
C ASN J 185 -14.22 60.80 14.02
N TRP J 186 -13.23 61.70 14.01
CA TRP J 186 -13.33 62.92 13.23
C TRP J 186 -13.31 62.61 11.74
N GLY J 187 -14.08 63.38 10.98
CA GLY J 187 -14.09 63.25 9.54
C GLY J 187 -14.23 64.61 8.89
N VAL J 188 -13.88 64.66 7.61
CA VAL J 188 -13.94 65.90 6.86
C VAL J 188 -15.41 66.26 6.66
N GLU J 189 -15.87 67.29 7.37
CA GLU J 189 -17.25 67.73 7.30
C GLU J 189 -17.48 68.52 6.02
N ALA J 190 -18.69 68.38 5.48
CA ALA J 190 -19.04 69.09 4.25
C ALA J 190 -19.09 70.58 4.48
N GLY J 191 -18.75 71.33 3.43
CA GLY J 191 -18.70 72.78 3.51
C GLY J 191 -17.43 73.34 4.10
N LYS J 192 -16.50 72.49 4.54
CA LYS J 192 -15.23 72.92 5.10
C LYS J 192 -14.10 72.08 4.53
N THR J 193 -14.18 71.76 3.24
CA THR J 193 -13.22 70.88 2.60
C THR J 193 -12.23 71.63 1.71
N ASP J 194 -12.38 72.94 1.54
CA ASP J 194 -11.47 73.70 0.69
C ASP J 194 -10.13 73.88 1.37
N LEU J 195 -9.06 73.61 0.63
CA LEU J 195 -7.71 73.77 1.14
C LEU J 195 -6.84 74.24 -0.02
N THR J 196 -6.46 75.52 0.01
CA THR J 196 -5.67 76.13 -1.05
C THR J 196 -4.25 76.35 -0.56
N ILE J 197 -3.28 75.90 -1.35
CA ILE J 197 -1.87 76.00 -1.01
C ILE J 197 -1.21 76.91 -2.03
N THR J 198 -0.60 78.00 -1.56
CA THR J 198 0.10 78.93 -2.42
C THR J 198 1.60 78.69 -2.25
N LEU J 199 2.29 78.43 -3.36
CA LEU J 199 3.69 78.05 -3.35
C LEU J 199 4.50 78.93 -4.28
N LYS J 200 5.73 79.19 -3.90
CA LYS J 200 6.72 79.77 -4.79
C LYS J 200 7.64 78.67 -5.32
N ASP J 201 7.72 78.58 -6.65
CA ASP J 201 8.46 77.50 -7.29
C ASP J 201 9.69 78.08 -7.99
N LYS J 202 10.78 77.31 -7.97
CA LYS J 202 12.00 77.76 -8.64
C LYS J 202 11.76 77.94 -10.13
N ARG J 203 11.03 77.03 -10.75
CA ARG J 203 10.60 77.15 -12.14
C ARG J 203 9.09 77.34 -12.18
N GLU J 204 8.62 78.22 -13.06
CA GLU J 204 7.23 78.63 -13.17
C GLU J 204 6.61 78.83 -11.79
N GLY J 205 7.18 79.77 -11.04
CA GLY J 205 6.80 80.02 -9.67
C GLY J 205 5.41 80.60 -9.54
N ASP J 206 5.03 80.85 -8.29
CA ASP J 206 3.71 81.36 -7.92
C ASP J 206 2.62 80.43 -8.45
N VAL J 207 2.63 79.20 -7.95
CA VAL J 207 1.66 78.17 -8.32
C VAL J 207 0.73 77.95 -7.15
N THR J 208 -0.57 78.08 -7.39
CA THR J 208 -1.60 77.84 -6.38
C THR J 208 -2.33 76.56 -6.72
N ILE J 209 -2.30 75.60 -5.79
CA ILE J 209 -2.97 74.31 -5.96
C ILE J 209 -4.11 74.24 -4.96
N SER J 210 -5.29 73.86 -5.44
CA SER J 210 -6.48 73.77 -4.61
C SER J 210 -6.90 72.32 -4.47
N ILE J 211 -7.09 71.87 -3.23
CA ILE J 211 -7.46 70.51 -2.92
C ILE J 211 -8.82 70.52 -2.24
N ASN J 212 -9.75 69.74 -2.78
CA ASN J 212 -11.10 69.62 -2.22
C ASN J 212 -11.28 68.19 -1.74
N ALA J 213 -11.13 67.99 -0.44
CA ALA J 213 -11.25 66.66 0.13
C ALA J 213 -12.69 66.17 0.04
N LYS J 214 -12.85 64.87 -0.21
CA LYS J 214 -14.17 64.28 -0.29
C LYS J 214 -14.82 64.26 1.09
N GLU J 215 -16.12 64.53 1.13
CA GLU J 215 -16.83 64.56 2.40
C GLU J 215 -16.85 63.19 3.06
N GLY J 216 -16.68 63.18 4.38
CA GLY J 216 -16.65 61.95 5.14
C GLY J 216 -15.29 61.27 5.20
N ASP J 217 -14.29 61.82 4.51
CA ASP J 217 -12.96 61.23 4.53
C ASP J 217 -12.33 61.40 5.90
N ASP J 218 -11.73 60.34 6.42
CA ASP J 218 -11.10 60.42 7.73
C ASP J 218 -9.79 61.20 7.63
N ILE J 219 -9.11 61.33 8.77
CA ILE J 219 -7.90 62.15 8.81
C ILE J 219 -6.77 61.50 8.04
N GLU J 220 -6.63 60.18 8.14
CA GLU J 220 -5.47 59.50 7.57
C GLU J 220 -5.54 59.47 6.04
N GLU J 221 -6.70 59.13 5.49
CA GLU J 221 -6.82 59.08 4.03
C GLU J 221 -6.85 60.47 3.42
N LEU J 222 -7.02 61.51 4.24
CA LEU J 222 -6.87 62.87 3.72
C LEU J 222 -5.44 63.11 3.25
N ALA J 223 -4.46 62.63 4.01
CA ALA J 223 -3.07 62.76 3.60
C ALA J 223 -2.80 62.02 2.31
N THR J 224 -3.39 60.83 2.16
CA THR J 224 -3.25 60.09 0.90
C THR J 224 -3.85 60.86 -0.27
N TYR J 225 -5.00 61.49 -0.04
CA TYR J 225 -5.62 62.29 -1.10
C TYR J 225 -4.73 63.45 -1.51
N ILE J 226 -4.16 64.16 -0.54
CA ILE J 226 -3.31 65.30 -0.86
C ILE J 226 -2.08 64.85 -1.64
N ASN J 227 -1.49 63.72 -1.24
CA ASN J 227 -0.31 63.21 -1.94
C ASN J 227 -0.64 62.86 -3.38
N GLY J 228 -1.80 62.24 -3.61
CA GLY J 228 -2.17 61.87 -4.96
C GLY J 228 -2.43 63.07 -5.85
N GLN J 229 -3.01 64.14 -5.28
CA GLN J 229 -3.44 65.28 -6.10
C GLN J 229 -2.24 66.00 -6.71
N THR J 230 -1.16 66.19 -5.94
CA THR J 230 -0.01 66.93 -6.43
C THR J 230 1.26 66.25 -5.97
N ASP J 231 2.31 66.38 -6.79
CA ASP J 231 3.62 65.81 -6.47
C ASP J 231 4.57 66.81 -5.82
N MET J 232 4.14 68.07 -5.67
CA MET J 232 4.98 69.09 -5.05
C MET J 232 4.77 69.20 -3.55
N ILE J 233 3.91 68.36 -2.97
CA ILE J 233 3.58 68.42 -1.55
C ILE J 233 3.48 67.00 -1.02
N LYS J 234 4.04 66.79 0.18
CA LYS J 234 3.98 65.50 0.86
C LYS J 234 3.29 65.70 2.20
N ALA J 235 2.39 64.78 2.55
CA ALA J 235 1.60 64.90 3.76
C ALA J 235 1.55 63.57 4.49
N SER J 236 1.32 63.63 5.80
CA SER J 236 1.27 62.44 6.63
C SER J 236 0.61 62.78 7.96
N VAL J 237 0.37 61.75 8.76
CA VAL J 237 -0.24 61.88 10.08
C VAL J 237 0.69 61.23 11.10
N ASP J 238 0.94 61.93 12.22
CA ASP J 238 1.98 61.48 13.14
C ASP J 238 1.44 60.61 14.28
N GLU J 239 0.68 61.19 15.20
CA GLU J 239 0.14 60.43 16.32
C GLU J 239 -1.27 60.79 16.72
N GLU J 240 -1.80 61.94 16.32
CA GLU J 240 -3.11 62.38 16.78
C GLU J 240 -3.97 62.99 15.69
N GLY J 241 -3.47 63.05 14.45
CA GLY J 241 -4.21 63.69 13.37
C GLY J 241 -3.53 64.90 12.78
N LYS J 242 -2.45 65.40 13.38
CA LYS J 242 -1.75 66.55 12.83
C LYS J 242 -1.07 66.16 11.53
N LEU J 243 -1.11 67.07 10.55
CA LEU J 243 -0.56 66.81 9.24
C LEU J 243 0.88 67.30 9.16
N GLN J 244 1.77 66.44 8.68
CA GLN J 244 3.18 66.79 8.51
C GLN J 244 3.41 67.16 7.05
N LEU J 245 2.99 68.37 6.71
CA LEU J 245 3.24 68.90 5.38
C LEU J 245 4.75 69.01 5.15
N PHE J 246 5.18 68.72 3.93
CA PHE J 246 6.59 68.77 3.57
C PHE J 246 6.75 69.58 2.28
N THR J 247 7.89 70.23 2.15
CA THR J 247 8.21 71.04 0.98
C THR J 247 9.67 70.83 0.64
N ASP J 248 9.93 70.38 -0.58
CA ASP J 248 11.30 70.11 -0.99
C ASP J 248 11.99 71.45 -1.27
N ASN J 249 13.19 71.62 -0.73
CA ASN J 249 13.81 72.94 -0.67
C ASN J 249 14.33 73.42 -2.02
N ASN J 250 14.65 72.51 -2.94
CA ASN J 250 15.30 72.94 -4.17
C ASN J 250 14.33 73.29 -5.29
N ARG J 251 13.02 73.15 -5.06
CA ARG J 251 12.04 73.50 -6.08
C ARG J 251 10.80 74.24 -5.58
N ILE J 252 10.55 74.28 -4.27
CA ILE J 252 9.42 75.05 -3.74
C ILE J 252 9.99 76.09 -2.78
N ASP J 253 11.15 76.65 -3.12
CA ASP J 253 11.78 77.66 -2.27
C ASP J 253 10.79 78.74 -1.87
N GLY J 254 10.97 79.24 -0.65
CA GLY J 254 10.04 80.20 -0.07
C GLY J 254 8.97 79.53 0.76
N ALA J 255 8.43 80.31 1.71
CA ALA J 255 7.43 79.78 2.62
C ALA J 255 6.12 79.49 1.90
N ALA J 256 5.39 78.51 2.43
CA ALA J 256 4.11 78.09 1.86
C ALA J 256 2.96 78.77 2.59
N THR J 257 2.03 79.31 1.81
CA THR J 257 0.84 79.97 2.35
C THR J 257 -0.34 79.01 2.31
N PHE J 258 -1.09 78.96 3.41
CA PHE J 258 -2.23 78.07 3.53
C PHE J 258 -3.52 78.88 3.54
N GLY J 259 -4.58 78.29 3.00
CA GLY J 259 -5.88 78.95 2.95
C GLY J 259 -6.98 77.93 2.80
N GLY J 260 -8.20 78.43 2.88
CA GLY J 260 -9.39 77.60 2.78
C GLY J 260 -9.96 77.25 4.14
N ALA J 261 -11.19 76.77 4.11
CA ALA J 261 -11.88 76.42 5.35
C ALA J 261 -11.19 75.27 6.07
N LEU J 262 -10.69 74.29 5.33
CA LEU J 262 -9.99 73.17 5.95
C LEU J 262 -8.70 73.62 6.62
N ALA J 263 -7.98 74.56 6.00
CA ALA J 263 -6.75 75.07 6.61
C ALA J 263 -7.03 75.74 7.94
N GLY J 264 -8.10 76.54 8.01
CA GLY J 264 -8.49 77.12 9.28
C GLY J 264 -8.95 76.08 10.28
N GLU J 265 -9.62 75.04 9.79
CA GLU J 265 -10.03 73.94 10.67
C GLU J 265 -8.83 73.24 11.27
N LEU J 266 -7.80 73.00 10.47
CA LEU J 266 -6.54 72.45 10.94
C LEU J 266 -5.65 73.60 11.41
N GLY J 267 -4.37 73.30 11.64
CA GLY J 267 -3.40 74.32 12.01
C GLY J 267 -2.50 74.65 10.83
N ILE J 268 -2.29 75.95 10.63
CA ILE J 268 -1.42 76.39 9.54
C ILE J 268 0.03 75.96 9.80
N GLY J 269 0.52 76.21 11.00
CA GLY J 269 1.87 75.83 11.37
C GLY J 269 2.93 76.73 10.76
N ALA J 270 4.09 76.80 11.41
CA ALA J 270 5.19 77.61 10.92
C ALA J 270 6.14 76.76 10.09
N ALA J 271 6.93 77.44 9.24
CA ALA J 271 7.87 76.76 8.37
C ALA J 271 9.13 76.42 9.18
N GLN J 272 9.38 75.13 9.37
CA GLN J 272 10.55 74.65 10.09
C GLN J 272 11.51 74.00 9.11
N ASP J 273 12.77 74.37 9.17
CA ASP J 273 13.79 73.84 8.27
C ASP J 273 14.34 72.54 8.84
N VAL J 274 14.20 71.46 8.07
CA VAL J 274 14.70 70.14 8.47
C VAL J 274 15.47 69.54 7.31
N THR J 275 16.58 68.88 7.60
CA THR J 275 17.40 68.22 6.62
C THR J 275 17.64 66.78 7.04
N VAL J 276 18.50 66.09 6.31
CA VAL J 276 18.83 64.71 6.67
C VAL J 276 19.61 64.66 7.97
N ASP J 277 20.50 65.64 8.19
CA ASP J 277 21.27 65.67 9.43
C ASP J 277 20.36 65.83 10.64
N THR J 278 19.41 66.77 10.58
CA THR J 278 18.43 66.96 11.63
C THR J 278 17.33 65.91 11.61
N LEU J 279 17.31 65.06 10.59
CA LEU J 279 16.31 64.02 10.50
C LEU J 279 16.52 62.97 11.58
N ASP J 280 15.46 62.65 12.31
CA ASP J 280 15.50 61.59 13.31
C ASP J 280 14.15 60.89 13.34
N VAL J 281 14.16 59.64 13.75
CA VAL J 281 12.95 58.83 13.84
C VAL J 281 12.96 58.13 15.20
N THR J 282 12.23 58.70 16.17
CA THR J 282 11.96 58.03 17.42
C THR J 282 10.49 57.72 17.62
N THR J 283 9.62 58.44 16.93
CA THR J 283 8.18 58.21 16.95
C THR J 283 7.72 57.94 15.53
N VAL J 284 6.47 57.47 15.40
CA VAL J 284 5.92 57.16 14.09
C VAL J 284 5.91 58.39 13.20
N GLY J 285 5.57 59.54 13.76
CA GLY J 285 5.50 60.76 12.97
C GLY J 285 6.84 61.17 12.39
N GLY J 286 7.91 61.06 13.17
CA GLY J 286 9.22 61.40 12.66
C GLY J 286 9.62 60.52 11.48
N ALA J 287 9.17 59.27 11.49
CA ALA J 287 9.43 58.38 10.35
C ALA J 287 8.74 58.88 9.09
N GLN J 288 7.51 59.37 9.23
CA GLN J 288 6.78 59.85 8.05
C GLN J 288 7.46 61.04 7.40
N GLU J 289 7.98 61.98 8.20
CA GLU J 289 8.78 63.05 7.65
C GLU J 289 10.16 62.57 7.21
N SER J 290 10.64 61.47 7.78
CA SER J 290 11.95 60.96 7.43
C SER J 290 12.02 60.55 5.96
N VAL J 291 11.04 59.75 5.53
CA VAL J 291 11.02 59.30 4.13
C VAL J 291 10.78 60.48 3.20
N ALA J 292 9.95 61.43 3.62
CA ALA J 292 9.70 62.61 2.79
C ALA J 292 10.98 63.41 2.58
N ILE J 293 11.77 63.59 3.64
CA ILE J 293 13.03 64.30 3.51
C ILE J 293 13.98 63.51 2.62
N VAL J 294 14.01 62.19 2.78
CA VAL J 294 14.93 61.35 2.00
C VAL J 294 14.57 61.42 0.52
N ASP J 295 13.27 61.48 0.19
CA ASP J 295 12.88 61.58 -1.20
C ASP J 295 13.41 62.85 -1.85
N ALA J 296 13.30 63.98 -1.14
CA ALA J 296 13.94 65.20 -1.63
C ALA J 296 15.45 65.04 -1.66
N ALA J 297 16.00 64.31 -0.70
CA ALA J 297 17.44 64.07 -0.67
C ALA J 297 17.90 63.31 -1.90
N LEU J 298 17.18 62.25 -2.27
CA LEU J 298 17.56 61.45 -3.43
C LEU J 298 17.44 62.24 -4.71
N LYS J 299 16.37 63.04 -4.84
CA LYS J 299 16.20 63.85 -6.03
C LYS J 299 17.34 64.84 -6.21
N TYR J 300 17.76 65.48 -5.12
CA TYR J 300 18.87 66.43 -5.20
C TYR J 300 20.15 65.74 -5.61
N VAL J 301 20.43 64.57 -5.04
CA VAL J 301 21.65 63.84 -5.39
C VAL J 301 21.60 63.40 -6.84
N ASP J 302 20.46 62.87 -7.29
CA ASP J 302 20.33 62.43 -8.68
C ASP J 302 20.47 63.59 -9.64
N SER J 303 19.94 64.77 -9.28
CA SER J 303 20.11 65.94 -10.14
C SER J 303 21.59 66.30 -10.28
N HIS J 304 22.35 66.20 -9.19
CA HIS J 304 23.78 66.45 -9.26
C HIS J 304 24.49 65.36 -10.05
N ARG J 305 24.02 64.11 -9.95
CA ARG J 305 24.61 63.03 -10.74
C ARG J 305 24.40 63.26 -12.23
N ALA J 306 23.21 63.70 -12.63
CA ALA J 306 22.94 63.93 -14.04
C ALA J 306 23.80 65.07 -14.59
N GLU J 307 23.97 66.14 -13.81
CA GLU J 307 24.84 67.22 -14.25
C GLU J 307 26.28 66.75 -14.41
N LEU J 308 26.74 65.91 -13.49
CA LEU J 308 28.08 65.33 -13.64
C LEU J 308 28.16 64.42 -14.85
N GLY J 309 27.10 63.66 -15.13
CA GLY J 309 27.10 62.78 -16.28
C GLY J 309 27.18 63.52 -17.60
N ALA J 310 26.35 64.57 -17.75
CA ALA J 310 26.42 65.39 -18.95
C ALA J 310 27.78 66.08 -19.06
N PHE J 311 28.39 66.38 -17.91
CA PHE J 311 29.74 66.92 -17.92
C PHE J 311 30.73 65.93 -18.51
N GLN J 312 30.58 64.65 -18.18
CA GLN J 312 31.48 63.64 -18.72
C GLN J 312 31.29 63.46 -20.22
N ASN J 313 30.03 63.42 -20.68
CA ASN J 313 29.76 63.26 -22.09
C ASN J 313 30.22 64.44 -22.93
N ARG J 314 30.23 65.65 -22.37
CA ARG J 314 30.79 66.79 -23.09
C ARG J 314 32.25 66.58 -23.43
N PHE J 315 33.03 66.06 -22.46
CA PHE J 315 34.44 65.83 -22.72
C PHE J 315 34.66 64.59 -23.58
N ASN J 316 33.73 63.64 -23.57
CA ASN J 316 33.87 62.49 -24.46
C ASN J 316 33.82 62.93 -25.91
N HIS J 317 32.93 63.86 -26.25
CA HIS J 317 32.93 64.45 -27.58
C HIS J 317 34.05 65.47 -27.76
N ALA J 318 34.60 65.99 -26.65
CA ALA J 318 35.68 66.97 -26.77
C ALA J 318 37.00 66.29 -27.12
N ILE J 319 37.25 65.10 -26.58
CA ILE J 319 38.52 64.42 -26.82
C ILE J 319 38.65 64.07 -28.30
N ASN J 320 37.64 63.43 -28.88
CA ASN J 320 37.75 63.01 -30.27
C ASN J 320 37.68 64.21 -31.21
N ASN J 321 37.00 65.28 -30.82
CA ASN J 321 37.05 66.50 -31.62
C ASN J 321 38.44 67.11 -31.60
N LEU J 322 39.07 67.16 -30.44
CA LEU J 322 40.44 67.66 -30.35
C LEU J 322 41.40 66.78 -31.12
N ASP J 323 41.18 65.46 -31.07
CA ASP J 323 42.05 64.54 -31.79
C ASP J 323 41.88 64.68 -33.30
N ASN J 324 40.66 64.98 -33.76
CA ASN J 324 40.46 65.20 -35.19
C ASN J 324 41.22 66.44 -35.66
N ILE J 325 41.17 67.53 -34.89
CA ILE J 325 41.93 68.72 -35.24
C ILE J 325 43.43 68.44 -35.15
N ASN J 326 43.86 67.73 -34.11
CA ASN J 326 45.27 67.39 -33.97
C ASN J 326 45.73 66.51 -35.13
N GLU J 327 44.85 65.63 -35.60
CA GLU J 327 45.17 64.80 -36.76
C GLU J 327 45.37 65.67 -38.00
N ASN J 328 44.51 66.68 -38.18
CA ASN J 328 44.59 67.52 -39.36
C ASN J 328 45.79 68.45 -39.31
N VAL J 329 46.04 69.08 -38.15
CA VAL J 329 47.13 70.04 -38.06
C VAL J 329 48.47 69.34 -38.20
N ASN J 330 48.56 68.07 -37.79
CA ASN J 330 49.80 67.33 -38.01
C ASN J 330 49.95 66.94 -39.48
N ALA J 331 48.84 66.65 -40.16
CA ALA J 331 48.91 66.43 -41.60
C ALA J 331 49.36 67.69 -42.33
N SER J 332 48.85 68.85 -41.92
CA SER J 332 49.35 70.11 -42.45
C SER J 332 50.75 70.42 -41.95
N LYS J 333 51.19 69.77 -40.88
CA LYS J 333 52.58 69.85 -40.43
C LYS J 333 53.43 68.85 -41.18
N SER J 334 53.29 68.87 -42.50
CA SER J 334 54.03 68.03 -43.42
C SER J 334 53.76 68.59 -44.81
N ARG J 335 54.81 68.65 -45.63
CA ARG J 335 54.92 69.43 -46.86
C ARG J 335 54.99 70.93 -46.56
N ILE J 336 54.82 71.32 -45.30
CA ILE J 336 55.12 72.66 -44.85
C ILE J 336 56.41 72.71 -44.04
N LYS J 337 56.61 71.72 -43.15
CA LYS J 337 57.86 71.55 -42.42
C LYS J 337 58.54 70.23 -42.74
N ASP J 338 57.79 69.12 -42.75
CA ASP J 338 58.37 67.83 -43.05
C ASP J 338 58.81 67.76 -44.50
N THR J 339 59.83 66.94 -44.76
CA THR J 339 60.36 66.76 -46.11
C THR J 339 60.10 65.34 -46.60
N ASP J 340 59.76 65.24 -47.88
CA ASP J 340 59.69 63.94 -48.54
C ASP J 340 61.09 63.48 -48.93
N PHE J 341 61.31 62.17 -48.86
CA PHE J 341 62.61 61.61 -49.20
C PHE J 341 62.72 61.30 -50.68
N ALA J 342 61.62 61.34 -51.43
CA ALA J 342 61.69 61.12 -52.86
C ALA J 342 62.30 62.33 -53.58
N LYS J 343 61.69 63.49 -53.41
CA LYS J 343 62.09 64.67 -54.18
C LYS J 343 63.43 65.24 -53.68
N GLU J 344 63.69 65.13 -52.37
CA GLU J 344 64.93 65.70 -51.85
C GLU J 344 66.14 64.84 -52.18
N THR J 345 65.96 63.51 -52.20
CA THR J 345 67.09 62.64 -52.50
C THR J 345 67.55 62.80 -53.95
N THR J 346 66.60 62.92 -54.90
CA THR J 346 67.00 63.09 -56.29
C THR J 346 67.67 64.44 -56.52
N ALA J 347 67.21 65.49 -55.82
CA ALA J 347 67.90 66.76 -55.86
C ALA J 347 69.29 66.65 -55.23
N LEU J 348 69.40 65.85 -54.16
CA LEU J 348 70.69 65.62 -53.53
C LEU J 348 71.63 64.89 -54.49
N THR J 349 71.14 63.84 -55.15
CA THR J 349 71.96 63.12 -56.10
C THR J 349 72.34 64.01 -57.28
N LYS J 350 71.37 64.74 -57.84
CA LYS J 350 71.65 65.65 -58.93
C LYS J 350 72.73 66.65 -58.55
N ALA J 351 72.72 67.09 -57.28
CA ALA J 351 73.73 68.03 -56.82
C ALA J 351 75.12 67.40 -56.76
N GLN J 352 75.21 66.12 -56.36
CA GLN J 352 76.51 65.48 -56.28
C GLN J 352 77.14 65.30 -57.64
N ILE J 353 76.38 64.84 -58.64
CA ILE J 353 76.92 64.74 -59.99
C ILE J 353 77.31 66.12 -60.50
N LEU J 354 76.56 67.16 -60.12
CA LEU J 354 76.99 68.51 -60.43
C LEU J 354 78.32 68.83 -59.76
N SER J 355 78.49 68.41 -58.51
CA SER J 355 79.76 68.64 -57.80
C SER J 355 80.91 67.87 -58.44
N GLN J 356 80.65 66.62 -58.83
CA GLN J 356 81.70 65.82 -59.46
C GLN J 356 82.09 66.40 -60.81
N ALA J 357 81.11 66.84 -61.60
CA ALA J 357 81.41 67.45 -62.88
C ALA J 357 82.15 68.77 -62.69
N SER J 358 81.72 69.59 -61.73
CA SER J 358 82.37 70.86 -61.49
C SER J 358 83.79 70.69 -60.96
N SER J 359 84.04 69.62 -60.22
CA SER J 359 85.41 69.32 -59.81
C SER J 359 86.23 68.72 -60.95
N SER J 360 85.59 67.94 -61.82
CA SER J 360 86.31 67.29 -62.91
C SER J 360 86.71 68.27 -64.00
N VAL J 361 85.88 69.28 -64.28
CA VAL J 361 86.21 70.24 -65.33
C VAL J 361 87.46 71.02 -64.95
N LEU J 362 87.72 71.17 -63.64
CA LEU J 362 88.97 71.78 -63.20
C LEU J 362 90.17 70.97 -63.68
N ALA J 363 90.06 69.64 -63.67
CA ALA J 363 91.12 68.81 -64.24
C ALA J 363 91.25 69.02 -65.74
N GLN J 364 90.13 69.30 -66.42
CA GLN J 364 90.15 69.57 -67.85
C GLN J 364 90.44 71.02 -68.18
N ALA J 365 90.68 71.85 -67.17
CA ALA J 365 91.01 73.26 -67.39
C ALA J 365 92.33 73.68 -66.77
N LYS J 366 92.86 72.91 -65.79
CA LYS J 366 94.13 73.27 -65.17
C LYS J 366 95.31 73.01 -66.09
N GLN J 367 95.16 72.14 -67.09
CA GLN J 367 96.22 71.91 -68.05
C GLN J 367 96.24 72.94 -69.17
N ALA J 368 95.18 73.75 -69.28
CA ALA J 368 95.15 74.78 -70.33
C ALA J 368 96.27 75.81 -70.21
N PRO J 369 96.57 76.41 -69.06
CA PRO J 369 97.63 77.44 -69.04
C PRO J 369 99.00 76.90 -69.43
N ASN J 370 99.34 75.67 -69.04
CA ASN J 370 100.64 75.12 -69.41
C ASN J 370 100.65 74.67 -70.88
N SER J 371 99.53 74.17 -71.39
CA SER J 371 99.46 73.82 -72.80
C SER J 371 99.58 75.07 -73.67
N ALA J 372 98.95 76.17 -73.24
CA ALA J 372 99.09 77.43 -73.97
C ALA J 372 100.51 77.95 -73.90
N LEU J 373 101.16 77.80 -72.75
CA LEU J 373 102.51 78.30 -72.58
C LEU J 373 103.53 77.41 -73.29
N ALA J 374 103.15 76.17 -73.60
CA ALA J 374 104.08 75.20 -74.17
C ALA J 374 104.55 75.56 -75.57
N LEU J 375 103.91 76.53 -76.23
CA LEU J 375 104.30 76.87 -77.59
C LEU J 375 105.72 77.44 -77.66
N LEU J 376 106.14 78.15 -76.61
CA LEU J 376 107.52 78.61 -76.48
C LEU J 376 108.04 78.26 -75.10
N GLY J 377 109.29 77.82 -75.04
CA GLY J 377 109.91 77.44 -73.78
C GLY J 377 110.07 78.60 -72.81
N MET K 1 29.91 -10.45 -31.81
CA MET K 1 29.71 -10.47 -33.26
C MET K 1 28.34 -9.91 -33.65
N ALA K 2 27.40 -9.86 -32.71
CA ALA K 2 26.03 -9.52 -33.05
C ALA K 2 25.34 -8.84 -31.88
N VAL K 3 25.15 -7.53 -31.99
CA VAL K 3 24.17 -6.80 -31.18
C VAL K 3 23.48 -5.80 -32.09
N ASN K 4 22.15 -5.92 -32.21
CA ASN K 4 21.42 -5.22 -33.24
C ASN K 4 20.14 -4.63 -32.66
N VAL K 5 19.59 -3.67 -33.38
CA VAL K 5 18.44 -2.90 -32.92
C VAL K 5 17.18 -3.19 -33.75
N ASN K 6 17.34 -3.47 -35.04
CA ASN K 6 16.18 -3.66 -35.91
C ASN K 6 15.35 -4.87 -35.49
N THR K 7 16.01 -5.96 -35.12
CA THR K 7 15.33 -7.17 -34.67
C THR K 7 15.61 -7.41 -33.20
N ASN K 8 14.54 -7.67 -32.43
CA ASN K 8 14.65 -7.96 -31.01
C ASN K 8 14.04 -9.34 -30.79
N VAL K 9 14.84 -10.39 -30.98
CA VAL K 9 14.34 -11.75 -30.85
C VAL K 9 13.91 -12.03 -29.41
N SER K 10 14.66 -11.50 -28.44
CA SER K 10 14.32 -11.73 -27.04
C SER K 10 12.98 -11.12 -26.69
N ALA K 11 12.63 -10.00 -27.33
CA ALA K 11 11.32 -9.40 -27.11
C ALA K 11 10.21 -10.28 -27.68
N MET K 12 10.44 -10.87 -28.86
CA MET K 12 9.39 -11.66 -29.50
C MET K 12 9.11 -12.94 -28.75
N THR K 13 10.15 -13.61 -28.23
CA THR K 13 9.92 -14.85 -27.50
C THR K 13 9.22 -14.58 -26.18
N ALA K 14 9.56 -13.48 -25.50
CA ALA K 14 8.82 -13.08 -24.31
C ALA K 14 7.38 -12.75 -24.66
N GLN K 15 7.16 -12.18 -25.85
CA GLN K 15 5.81 -11.89 -26.29
C GLN K 15 4.99 -13.15 -26.49
N ARG K 16 5.59 -14.16 -27.13
CA ARG K 16 4.86 -15.40 -27.39
C ARG K 16 4.46 -16.10 -26.11
N TYR K 17 5.37 -16.14 -25.13
CA TYR K 17 5.04 -16.77 -23.85
C TYR K 17 4.08 -15.89 -23.05
N LEU K 18 4.10 -14.58 -23.29
CA LEU K 18 3.04 -13.71 -22.77
C LEU K 18 1.70 -14.07 -23.39
N THR K 19 1.69 -14.31 -24.70
CA THR K 19 0.45 -14.70 -25.37
C THR K 19 -0.06 -16.04 -24.85
N SER K 20 0.83 -17.03 -24.73
CA SER K 20 0.44 -18.31 -24.16
C SER K 20 0.02 -18.17 -22.71
N ALA K 21 0.48 -17.11 -22.04
CA ALA K 21 0.09 -16.89 -20.65
C ALA K 21 -1.33 -16.36 -20.54
N THR K 22 -1.57 -15.18 -21.11
CA THR K 22 -2.85 -14.50 -20.95
C THR K 22 -3.96 -15.06 -21.82
N ASN K 23 -3.63 -15.88 -22.82
CA ASN K 23 -4.69 -16.54 -23.58
C ASN K 23 -5.20 -17.78 -22.87
N ALA K 24 -4.30 -18.63 -22.38
CA ALA K 24 -4.71 -19.74 -21.52
C ALA K 24 -5.32 -19.21 -20.22
N GLN K 25 -4.78 -18.09 -19.72
CA GLN K 25 -5.41 -17.42 -18.59
C GLN K 25 -6.79 -16.90 -18.96
N GLN K 26 -6.96 -16.40 -20.20
CA GLN K 26 -8.27 -15.94 -20.64
C GLN K 26 -9.30 -17.05 -20.61
N SER K 27 -8.87 -18.31 -20.79
CA SER K 27 -9.78 -19.42 -20.62
C SER K 27 -10.30 -19.52 -19.20
N SER K 28 -9.60 -18.92 -18.25
CA SER K 28 -10.08 -18.80 -16.89
C SER K 28 -10.84 -17.47 -16.74
N MET K 29 -11.35 -17.23 -15.53
CA MET K 29 -12.35 -16.22 -15.23
C MET K 29 -13.57 -16.32 -16.14
N GLU K 30 -13.74 -17.45 -16.84
CA GLU K 30 -14.94 -17.68 -17.61
C GLU K 30 -15.48 -19.05 -17.24
N ARG K 31 -14.60 -19.94 -16.76
CA ARG K 31 -15.06 -21.13 -16.06
C ARG K 31 -15.42 -20.81 -14.62
N LEU K 32 -14.77 -19.80 -14.04
CA LEU K 32 -15.17 -19.33 -12.71
C LEU K 32 -16.54 -18.66 -12.76
N SER K 33 -16.75 -17.77 -13.72
CA SER K 33 -18.03 -17.07 -13.81
C SER K 33 -19.16 -18.01 -14.21
N SER K 34 -18.93 -18.86 -15.21
CA SER K 34 -19.97 -19.78 -15.65
C SER K 34 -20.24 -20.86 -14.62
N GLY K 35 -19.21 -21.28 -13.89
CA GLY K 35 -19.35 -22.41 -13.01
C GLY K 35 -19.15 -23.76 -13.67
N TYR K 36 -18.92 -23.78 -14.99
CA TYR K 36 -18.64 -25.00 -15.72
C TYR K 36 -17.30 -24.85 -16.43
N LYS K 37 -16.48 -25.91 -16.40
CA LYS K 37 -15.26 -25.91 -17.18
C LYS K 37 -15.51 -26.31 -18.63
N ILE K 38 -16.71 -26.77 -18.96
CA ILE K 38 -17.08 -27.11 -20.32
C ILE K 38 -18.17 -26.14 -20.74
N ASN K 39 -17.77 -25.08 -21.44
CA ASN K 39 -18.71 -24.12 -22.00
C ASN K 39 -18.61 -23.98 -23.51
N SER K 40 -17.67 -24.67 -24.15
CA SER K 40 -17.58 -24.71 -25.60
C SER K 40 -16.88 -26.01 -25.98
N ALA K 41 -17.06 -26.41 -27.24
CA ALA K 41 -16.45 -27.65 -27.71
C ALA K 41 -14.93 -27.58 -27.74
N LYS K 42 -14.35 -26.39 -27.62
CA LYS K 42 -12.90 -26.26 -27.68
C LYS K 42 -12.22 -26.96 -26.51
N ASP K 43 -12.81 -26.83 -25.32
CA ASP K 43 -12.20 -27.42 -24.13
C ASP K 43 -12.24 -28.94 -24.20
N ASP K 44 -13.40 -29.51 -24.51
CA ASP K 44 -13.54 -30.96 -24.62
C ASP K 44 -14.71 -31.25 -25.54
N ALA K 45 -14.40 -31.65 -26.78
CA ALA K 45 -15.45 -31.96 -27.75
C ALA K 45 -16.29 -33.15 -27.27
N ALA K 46 -15.65 -34.25 -26.90
CA ALA K 46 -16.39 -35.41 -26.41
C ALA K 46 -17.06 -35.12 -25.09
N GLY K 47 -16.42 -34.31 -24.24
CA GLY K 47 -17.04 -33.92 -22.98
C GLY K 47 -18.33 -33.17 -23.19
N LEU K 48 -18.45 -32.43 -24.30
CA LEU K 48 -19.68 -31.72 -24.58
C LEU K 48 -20.83 -32.68 -24.85
N GLN K 49 -20.59 -33.70 -25.69
CA GLN K 49 -21.66 -34.62 -26.06
C GLN K 49 -22.17 -35.38 -24.85
N ILE K 50 -21.26 -35.89 -24.01
CA ILE K 50 -21.68 -36.67 -22.86
C ILE K 50 -22.33 -35.78 -21.82
N SER K 51 -21.80 -34.57 -21.62
CA SER K 51 -22.40 -33.65 -20.64
C SER K 51 -23.80 -33.24 -21.07
N ASN K 52 -24.00 -32.98 -22.36
CA ASN K 52 -25.34 -32.68 -22.84
C ASN K 52 -26.27 -33.87 -22.66
N ARG K 53 -25.78 -35.07 -22.96
CA ARG K 53 -26.61 -36.27 -22.83
C ARG K 53 -27.03 -36.50 -21.38
N LEU K 54 -26.12 -36.25 -20.44
CA LEU K 54 -26.50 -36.32 -19.03
C LEU K 54 -27.44 -35.17 -18.67
N ASN K 55 -27.22 -34.00 -19.25
CA ASN K 55 -28.05 -32.84 -18.93
C ASN K 55 -29.49 -33.05 -19.39
N VAL K 56 -29.68 -33.57 -20.61
CA VAL K 56 -31.04 -33.80 -21.10
C VAL K 56 -31.72 -34.88 -20.27
N GLN K 57 -30.96 -35.89 -19.84
CA GLN K 57 -31.53 -36.93 -19.00
C GLN K 57 -32.02 -36.36 -17.68
N SER K 58 -31.22 -35.52 -17.02
CA SER K 58 -31.61 -34.98 -15.73
C SER K 58 -32.88 -34.13 -15.85
N ARG K 59 -32.97 -33.31 -16.91
CA ARG K 59 -34.21 -32.60 -17.16
C ARG K 59 -35.36 -33.56 -17.45
N GLY K 60 -35.08 -34.63 -18.19
CA GLY K 60 -36.11 -35.62 -18.46
C GLY K 60 -36.64 -36.26 -17.19
N LEU K 61 -35.75 -36.57 -16.25
CA LEU K 61 -36.20 -37.06 -14.95
C LEU K 61 -37.01 -36.00 -14.22
N GLY K 62 -36.63 -34.73 -14.36
CA GLY K 62 -37.35 -33.67 -13.69
C GLY K 62 -38.81 -33.61 -14.12
N VAL K 63 -39.07 -33.76 -15.42
CA VAL K 63 -40.45 -33.79 -15.87
C VAL K 63 -41.04 -35.18 -15.69
N ALA K 64 -40.20 -36.20 -15.55
CA ALA K 64 -40.72 -37.56 -15.36
C ALA K 64 -41.38 -37.70 -14.00
N VAL K 65 -40.75 -37.19 -12.94
CA VAL K 65 -41.36 -37.22 -11.62
C VAL K 65 -42.61 -36.36 -11.60
N ARG K 66 -42.60 -35.26 -12.36
CA ARG K 66 -43.81 -34.45 -12.49
C ARG K 66 -44.94 -35.24 -13.14
N ASN K 67 -44.62 -36.01 -14.19
CA ASN K 67 -45.65 -36.79 -14.87
C ASN K 67 -46.18 -37.90 -13.97
N ALA K 68 -45.29 -38.61 -13.28
CA ALA K 68 -45.73 -39.66 -12.38
C ALA K 68 -46.54 -39.09 -11.22
N ASN K 69 -46.15 -37.93 -10.70
CA ASN K 69 -46.94 -37.27 -9.67
C ASN K 69 -48.28 -36.81 -10.22
N ASP K 70 -48.33 -36.43 -11.49
CA ASP K 70 -49.61 -36.11 -12.11
C ASP K 70 -50.48 -37.35 -12.22
N GLY K 71 -49.88 -38.49 -12.57
CA GLY K 71 -50.65 -39.72 -12.62
C GLY K 71 -51.14 -40.17 -11.27
N ILE K 72 -50.30 -40.05 -10.24
CA ILE K 72 -50.71 -40.47 -8.90
C ILE K 72 -51.80 -39.56 -8.37
N SER K 73 -51.92 -38.35 -8.92
CA SER K 73 -52.94 -37.42 -8.44
C SER K 73 -54.34 -37.90 -8.80
N MET K 74 -54.58 -38.29 -10.05
CA MET K 74 -55.90 -38.83 -10.38
C MET K 74 -56.02 -40.29 -10.00
N ALA K 75 -54.92 -40.92 -9.56
CA ALA K 75 -55.03 -42.23 -8.95
C ALA K 75 -55.83 -42.15 -7.65
N GLN K 76 -55.68 -41.04 -6.93
CA GLN K 76 -56.40 -40.90 -5.66
C GLN K 76 -57.73 -40.15 -5.83
N THR K 77 -57.85 -39.29 -6.85
CA THR K 77 -59.13 -38.63 -7.07
C THR K 77 -60.21 -39.66 -7.41
N ALA K 78 -59.88 -40.62 -8.28
CA ALA K 78 -60.80 -41.71 -8.54
C ALA K 78 -61.03 -42.53 -7.29
N GLU K 79 -59.97 -42.74 -6.49
CA GLU K 79 -60.11 -43.47 -5.24
C GLU K 79 -61.03 -42.75 -4.27
N GLY K 80 -61.10 -41.42 -4.37
CA GLY K 80 -62.04 -40.69 -3.52
C GLY K 80 -63.47 -41.06 -3.81
N ALA K 81 -63.83 -41.13 -5.09
CA ALA K 81 -65.17 -41.54 -5.47
C ALA K 81 -65.38 -43.04 -5.25
N MET K 82 -64.30 -43.82 -5.23
CA MET K 82 -64.40 -45.21 -4.81
C MET K 82 -64.98 -45.33 -3.42
N LYS K 83 -64.43 -44.56 -2.47
CA LYS K 83 -64.89 -44.66 -1.09
C LYS K 83 -66.36 -44.27 -0.96
N GLU K 84 -66.78 -43.26 -1.71
CA GLU K 84 -68.20 -42.88 -1.68
C GLU K 84 -69.07 -43.93 -2.34
N THR K 85 -68.60 -44.52 -3.44
CA THR K 85 -69.39 -45.53 -4.14
C THR K 85 -69.64 -46.74 -3.25
N THR K 86 -68.60 -47.20 -2.54
CA THR K 86 -68.78 -48.32 -1.62
C THR K 86 -69.74 -47.95 -0.50
N ASN K 87 -69.65 -46.72 0.00
CA ASN K 87 -70.56 -46.28 1.06
C ASN K 87 -72.00 -46.28 0.58
N ILE K 88 -72.23 -45.80 -0.64
CA ILE K 88 -73.59 -45.80 -1.19
C ILE K 88 -74.08 -47.23 -1.40
N LEU K 89 -73.22 -48.08 -1.96
CA LEU K 89 -73.62 -49.46 -2.24
C LEU K 89 -73.90 -50.22 -0.95
N GLN K 90 -73.06 -50.03 0.07
CA GLN K 90 -73.27 -50.72 1.34
C GLN K 90 -74.57 -50.29 1.99
N ARG K 91 -74.93 -49.02 1.86
CA ARG K 91 -76.18 -48.54 2.43
C ARG K 91 -77.38 -49.24 1.79
N MET K 92 -77.35 -49.41 0.47
CA MET K 92 -78.43 -50.14 -0.19
C MET K 92 -78.50 -51.57 0.29
N ARG K 93 -77.36 -52.24 0.41
CA ARG K 93 -77.34 -53.62 0.84
C ARG K 93 -77.91 -53.77 2.25
N ASP K 94 -77.50 -52.89 3.16
CA ASP K 94 -77.96 -52.99 4.55
C ASP K 94 -79.48 -52.83 4.64
N LEU K 95 -80.03 -51.86 3.90
CA LEU K 95 -81.46 -51.62 4.00
C LEU K 95 -82.27 -52.57 3.13
N SER K 96 -81.62 -53.24 2.17
CA SER K 96 -82.31 -54.28 1.42
C SER K 96 -82.61 -55.49 2.31
N LEU K 97 -81.71 -55.79 3.25
CA LEU K 97 -82.01 -56.80 4.25
C LEU K 97 -83.19 -56.37 5.11
N GLN K 98 -83.27 -55.08 5.43
CA GLN K 98 -84.40 -54.58 6.21
C GLN K 98 -85.71 -54.77 5.46
N SER K 99 -85.71 -54.48 4.16
CA SER K 99 -86.93 -54.68 3.37
C SER K 99 -87.20 -56.14 3.10
N ALA K 100 -86.17 -56.98 3.14
CA ALA K 100 -86.35 -58.41 2.91
C ALA K 100 -87.18 -59.06 3.99
N ASN K 101 -87.21 -58.49 5.20
CA ASN K 101 -88.05 -59.02 6.26
C ASN K 101 -89.52 -58.97 5.85
N GLY K 102 -90.25 -60.00 6.21
CA GLY K 102 -91.67 -60.04 5.90
C GLY K 102 -92.55 -59.27 6.84
N SER K 103 -91.97 -58.63 7.86
CA SER K 103 -92.77 -57.88 8.83
C SER K 103 -93.41 -56.66 8.19
N ASN K 104 -92.68 -55.94 7.35
CA ASN K 104 -93.19 -54.72 6.77
C ASN K 104 -94.14 -55.02 5.61
N SER K 105 -95.17 -54.18 5.48
CA SER K 105 -96.15 -54.32 4.42
C SER K 105 -95.68 -53.57 3.18
N LYS K 106 -96.57 -53.43 2.20
CA LYS K 106 -96.19 -52.78 0.95
C LYS K 106 -95.89 -51.30 1.15
N ALA K 107 -96.58 -50.65 2.08
CA ALA K 107 -96.37 -49.21 2.28
C ALA K 107 -94.94 -48.92 2.72
N ASP K 108 -94.41 -49.71 3.65
CA ASP K 108 -93.03 -49.50 4.09
C ASP K 108 -92.05 -49.80 2.98
N ARG K 109 -92.29 -50.85 2.19
CA ARG K 109 -91.41 -51.17 1.08
C ARG K 109 -91.40 -50.06 0.03
N VAL K 110 -92.50 -49.33 -0.10
CA VAL K 110 -92.52 -48.19 -1.03
C VAL K 110 -91.57 -47.11 -0.55
N ALA K 111 -91.62 -46.80 0.75
CA ALA K 111 -90.68 -45.81 1.30
C ALA K 111 -89.25 -46.30 1.19
N ILE K 112 -89.03 -47.60 1.42
CA ILE K 112 -87.70 -48.19 1.26
C ILE K 112 -87.20 -48.02 -0.17
N GLN K 113 -88.08 -48.28 -1.15
CA GLN K 113 -87.69 -48.11 -2.54
C GLN K 113 -87.37 -46.67 -2.87
N GLU K 114 -88.08 -45.72 -2.24
CA GLU K 114 -87.82 -44.31 -2.53
C GLU K 114 -86.40 -43.91 -2.12
N GLU K 115 -85.90 -44.48 -1.02
CA GLU K 115 -84.51 -44.23 -0.66
C GLU K 115 -83.55 -44.83 -1.67
N ILE K 116 -83.86 -46.04 -2.15
CA ILE K 116 -82.98 -46.71 -3.11
C ILE K 116 -82.93 -45.94 -4.42
N THR K 117 -84.09 -45.53 -4.93
CA THR K 117 -84.10 -44.79 -6.19
C THR K 117 -83.43 -43.43 -6.05
N ALA K 118 -83.41 -42.88 -4.83
CA ALA K 118 -82.65 -41.65 -4.59
C ALA K 118 -81.15 -41.93 -4.65
N LEU K 119 -80.70 -42.97 -3.95
CA LEU K 119 -79.28 -43.32 -3.96
C LEU K 119 -78.83 -43.78 -5.34
N ASN K 120 -79.74 -44.37 -6.12
CA ASN K 120 -79.40 -44.77 -7.47
C ASN K 120 -79.02 -43.57 -8.32
N ASP K 121 -79.78 -42.47 -8.21
CA ASP K 121 -79.42 -41.25 -8.91
C ASP K 121 -78.13 -40.67 -8.35
N GLU K 122 -77.84 -40.94 -7.08
CA GLU K 122 -76.58 -40.47 -6.49
C GLU K 122 -75.39 -41.20 -7.08
N LEU K 123 -75.50 -42.52 -7.24
CA LEU K 123 -74.41 -43.29 -7.83
C LEU K 123 -74.16 -42.87 -9.27
N ASN K 124 -75.22 -42.60 -10.02
CA ASN K 124 -75.04 -42.11 -11.38
C ASN K 124 -74.43 -40.72 -11.39
N ARG K 125 -74.83 -39.86 -10.45
CA ARG K 125 -74.33 -38.49 -10.44
C ARG K 125 -72.83 -38.44 -10.20
N VAL K 126 -72.34 -39.22 -9.23
CA VAL K 126 -70.91 -39.20 -8.93
C VAL K 126 -70.11 -39.73 -10.11
N ALA K 127 -70.65 -40.71 -10.84
CA ALA K 127 -69.97 -41.23 -12.02
C ALA K 127 -69.79 -40.15 -13.10
N GLU K 128 -70.61 -39.11 -13.09
CA GLU K 128 -70.49 -38.02 -14.05
C GLU K 128 -70.00 -36.73 -13.41
N THR K 129 -69.74 -36.72 -12.10
CA THR K 129 -69.31 -35.50 -11.42
C THR K 129 -67.80 -35.38 -11.33
N THR K 130 -67.11 -36.46 -10.96
CA THR K 130 -65.66 -36.42 -10.83
C THR K 130 -65.02 -35.99 -12.13
N SER K 131 -64.32 -34.86 -12.09
CA SER K 131 -63.83 -34.22 -13.32
C SER K 131 -62.31 -34.16 -13.39
N PHE K 132 -61.65 -33.61 -12.36
CA PHE K 132 -60.21 -33.33 -12.39
C PHE K 132 -59.86 -32.44 -13.59
N GLY K 133 -60.37 -31.21 -13.52
CA GLY K 133 -60.06 -30.22 -14.53
C GLY K 133 -60.63 -30.51 -15.90
N GLY K 134 -61.89 -30.90 -15.96
CA GLY K 134 -62.58 -31.09 -17.21
C GLY K 134 -62.54 -32.50 -17.78
N ASN K 135 -61.77 -33.40 -17.19
CA ASN K 135 -61.75 -34.79 -17.61
C ASN K 135 -62.98 -35.49 -17.04
N LYS K 136 -63.05 -36.81 -17.19
CA LYS K 136 -64.17 -37.60 -16.67
C LYS K 136 -63.60 -38.95 -16.22
N LEU K 137 -63.28 -39.05 -14.93
CA LEU K 137 -62.56 -40.22 -14.43
C LEU K 137 -63.42 -41.48 -14.51
N LEU K 138 -64.63 -41.44 -13.96
CA LEU K 138 -65.45 -42.63 -13.83
C LEU K 138 -66.58 -42.70 -14.86
N ASN K 139 -66.68 -41.73 -15.76
CA ASN K 139 -67.77 -41.74 -16.74
C ASN K 139 -67.63 -42.85 -17.77
N GLY K 140 -66.45 -43.46 -17.90
CA GLY K 140 -66.17 -44.41 -18.94
C GLY K 140 -65.54 -43.80 -20.18
N THR K 141 -65.66 -42.48 -20.34
CA THR K 141 -64.97 -41.79 -21.42
C THR K 141 -63.46 -41.73 -21.20
N PHE K 142 -63.00 -42.01 -19.99
CA PHE K 142 -61.57 -42.10 -19.70
C PHE K 142 -61.08 -43.45 -20.17
N ALA K 143 -60.67 -43.50 -21.44
CA ALA K 143 -60.16 -44.73 -22.02
C ALA K 143 -58.73 -44.97 -21.53
N THR K 144 -58.05 -45.95 -22.11
CA THR K 144 -56.69 -46.27 -21.71
C THR K 144 -55.77 -45.09 -22.04
N LYS K 145 -55.23 -44.47 -21.01
CA LYS K 145 -54.29 -43.37 -21.16
C LYS K 145 -52.96 -43.76 -20.52
N SER K 146 -51.87 -43.48 -21.24
CA SER K 146 -50.54 -43.87 -20.80
C SER K 146 -49.79 -42.64 -20.28
N PHE K 147 -49.16 -42.79 -19.12
CA PHE K 147 -48.39 -41.72 -18.50
C PHE K 147 -46.90 -41.98 -18.72
N GLN K 148 -46.22 -41.03 -19.35
CA GLN K 148 -44.79 -41.16 -19.63
C GLN K 148 -44.01 -40.87 -18.36
N ILE K 149 -43.41 -41.91 -17.77
CA ILE K 149 -42.70 -41.77 -16.51
C ILE K 149 -41.23 -42.12 -16.70
N GLY K 150 -40.71 -41.86 -17.90
CA GLY K 150 -39.33 -42.16 -18.20
C GLY K 150 -38.64 -41.00 -18.87
N ALA K 151 -37.30 -40.99 -18.74
CA ALA K 151 -36.51 -39.94 -19.37
C ALA K 151 -36.63 -39.99 -20.88
N ASP K 152 -36.62 -41.18 -21.46
CA ASP K 152 -36.76 -41.36 -22.90
C ASP K 152 -38.22 -41.61 -23.25
N ASN K 153 -38.53 -41.48 -24.54
CA ASN K 153 -39.88 -41.75 -25.00
C ASN K 153 -40.13 -43.25 -25.04
N GLY K 154 -41.41 -43.62 -24.94
CA GLY K 154 -41.82 -45.00 -25.06
C GLY K 154 -41.93 -45.76 -23.75
N GLU K 155 -41.32 -45.27 -22.68
CA GLU K 155 -41.41 -45.93 -21.37
C GLU K 155 -42.53 -45.33 -20.53
N ALA K 156 -43.76 -45.62 -20.95
CA ALA K 156 -44.96 -45.18 -20.25
C ALA K 156 -45.69 -46.37 -19.68
N VAL K 157 -46.69 -46.09 -18.85
CA VAL K 157 -47.52 -47.11 -18.22
C VAL K 157 -48.98 -46.77 -18.48
N MET K 158 -49.73 -47.76 -18.98
CA MET K 158 -51.13 -47.55 -19.31
C MET K 158 -52.01 -47.74 -18.09
N LEU K 159 -52.88 -46.76 -17.85
CA LEU K 159 -53.86 -46.84 -16.78
C LEU K 159 -55.25 -46.63 -17.38
N ASN K 160 -56.17 -47.52 -17.04
CA ASN K 160 -57.54 -47.44 -17.52
C ASN K 160 -58.48 -47.42 -16.33
N ILE K 161 -59.54 -46.62 -16.44
CA ILE K 161 -60.56 -46.48 -15.41
C ILE K 161 -61.88 -46.96 -16.00
N LYS K 162 -62.51 -47.92 -15.33
CA LYS K 162 -63.71 -48.54 -15.87
C LYS K 162 -64.94 -47.68 -15.59
N ASP K 163 -65.90 -47.76 -16.51
CA ASP K 163 -67.15 -47.03 -16.37
C ASP K 163 -67.92 -47.58 -15.18
N MET K 164 -68.37 -46.70 -14.29
CA MET K 164 -69.08 -47.12 -13.07
C MET K 164 -70.37 -46.34 -12.89
N ARG K 165 -71.14 -46.21 -13.96
CA ARG K 165 -72.54 -45.89 -13.81
C ARG K 165 -73.28 -47.09 -13.22
N SER K 166 -74.42 -46.82 -12.59
CA SER K 166 -75.16 -47.89 -11.94
C SER K 166 -75.71 -48.91 -12.92
N ASP K 167 -75.71 -48.62 -14.21
CA ASP K 167 -76.21 -49.53 -15.23
C ASP K 167 -75.11 -50.30 -15.95
N ASN K 168 -73.88 -50.26 -15.43
CA ASN K 168 -72.77 -50.95 -16.08
C ASN K 168 -73.02 -52.46 -16.12
N ALA K 169 -72.57 -53.10 -17.19
CA ALA K 169 -72.80 -54.53 -17.36
C ALA K 169 -72.15 -55.34 -16.26
N LEU K 170 -70.90 -55.01 -15.90
CA LEU K 170 -70.21 -55.72 -14.84
C LEU K 170 -70.74 -55.40 -13.46
N MET K 171 -71.56 -54.36 -13.33
CA MET K 171 -72.09 -53.98 -12.02
C MET K 171 -73.24 -54.87 -11.58
N GLY K 172 -73.78 -55.69 -12.48
CA GLY K 172 -74.87 -56.58 -12.14
C GLY K 172 -74.60 -58.03 -12.48
N GLY K 173 -75.54 -58.69 -13.12
CA GLY K 173 -75.37 -60.07 -13.50
C GLY K 173 -76.66 -60.67 -14.01
N LYS K 174 -76.63 -61.97 -14.25
CA LYS K 174 -77.78 -62.72 -14.73
C LYS K 174 -78.62 -63.21 -13.56
N THR K 175 -79.88 -63.52 -13.84
CA THR K 175 -80.77 -64.06 -12.83
C THR K 175 -81.74 -65.04 -13.48
N TYR K 176 -82.22 -65.98 -12.68
CA TYR K 176 -83.14 -67.02 -13.14
C TYR K 176 -84.26 -67.17 -12.12
N GLN K 177 -85.44 -67.53 -12.61
CA GLN K 177 -86.63 -67.65 -11.79
C GLN K 177 -87.26 -69.02 -11.96
N ALA K 178 -87.68 -69.64 -10.86
CA ALA K 178 -88.38 -70.90 -10.96
C ALA K 178 -89.75 -70.71 -11.58
N ALA K 179 -90.11 -71.61 -12.48
CA ALA K 179 -91.40 -71.50 -13.18
C ALA K 179 -92.56 -71.63 -12.22
N ASN K 180 -92.49 -72.59 -11.30
CA ASN K 180 -93.56 -72.85 -10.35
C ASN K 180 -93.02 -72.81 -8.94
N GLY K 181 -93.77 -72.21 -8.02
CA GLY K 181 -93.37 -72.13 -6.64
C GLY K 181 -93.77 -73.36 -5.84
N LYS K 182 -93.18 -73.48 -4.66
CA LYS K 182 -93.47 -74.57 -3.73
C LYS K 182 -93.93 -73.96 -2.41
N ASP K 183 -95.02 -74.51 -1.86
CA ASP K 183 -95.62 -73.95 -0.66
C ASP K 183 -94.78 -74.30 0.57
N LYS K 184 -95.25 -73.84 1.74
CA LYS K 184 -94.54 -74.09 2.98
C LYS K 184 -94.48 -75.58 3.30
N ASN K 185 -95.58 -76.30 3.10
CA ASN K 185 -95.62 -77.72 3.43
C ASN K 185 -94.82 -78.56 2.46
N TRP K 186 -94.44 -78.02 1.30
CA TRP K 186 -93.66 -78.79 0.34
C TRP K 186 -92.25 -79.05 0.88
N GLY K 187 -91.73 -80.23 0.55
CA GLY K 187 -90.38 -80.58 0.93
C GLY K 187 -89.67 -81.29 -0.22
N VAL K 188 -88.37 -81.46 -0.05
CA VAL K 188 -87.57 -82.15 -1.05
C VAL K 188 -87.87 -83.64 -0.98
N GLU K 189 -88.36 -84.20 -2.08
CA GLU K 189 -88.74 -85.60 -2.13
C GLU K 189 -87.52 -86.47 -2.41
N ALA K 190 -87.57 -87.70 -1.90
CA ALA K 190 -86.49 -88.65 -2.13
C ALA K 190 -86.44 -89.04 -3.60
N GLY K 191 -85.21 -89.21 -4.11
CA GLY K 191 -85.01 -89.55 -5.50
C GLY K 191 -85.08 -88.37 -6.45
N LYS K 192 -85.32 -87.16 -5.96
CA LYS K 192 -85.39 -85.97 -6.80
C LYS K 192 -84.64 -84.83 -6.13
N THR K 193 -83.46 -85.12 -5.58
CA THR K 193 -82.66 -84.13 -4.87
C THR K 193 -81.41 -83.72 -5.62
N ASP K 194 -81.19 -84.24 -6.82
CA ASP K 194 -79.98 -83.93 -7.57
C ASP K 194 -80.18 -82.62 -8.34
N LEU K 195 -79.20 -81.73 -8.24
CA LEU K 195 -79.25 -80.42 -8.89
C LEU K 195 -77.86 -80.10 -9.41
N THR K 196 -77.65 -80.31 -10.70
CA THR K 196 -76.37 -80.01 -11.34
C THR K 196 -76.50 -78.72 -12.14
N ILE K 197 -75.45 -77.90 -12.09
CA ILE K 197 -75.41 -76.62 -12.79
C ILE K 197 -74.11 -76.56 -13.59
N THR K 198 -74.21 -76.46 -14.91
CA THR K 198 -73.05 -76.22 -15.75
C THR K 198 -72.80 -74.72 -15.81
N LEU K 199 -71.56 -74.32 -15.56
CA LEU K 199 -71.24 -72.91 -15.35
C LEU K 199 -69.99 -72.54 -16.14
N LYS K 200 -70.00 -71.34 -16.71
CA LYS K 200 -68.83 -70.79 -17.39
C LYS K 200 -68.21 -69.69 -16.55
N ASP K 201 -66.89 -69.63 -16.57
CA ASP K 201 -66.14 -68.70 -15.74
C ASP K 201 -65.11 -67.96 -16.57
N LYS K 202 -64.80 -66.73 -16.14
CA LYS K 202 -63.72 -65.97 -16.76
C LYS K 202 -62.38 -66.68 -16.58
N ARG K 203 -62.14 -67.24 -15.40
CA ARG K 203 -60.97 -68.03 -15.10
C ARG K 203 -61.38 -69.45 -14.75
N GLU K 204 -60.60 -70.42 -15.20
CA GLU K 204 -60.88 -71.85 -15.04
C GLU K 204 -62.36 -72.16 -15.27
N GLY K 205 -62.81 -71.85 -16.47
CA GLY K 205 -64.21 -72.00 -16.82
C GLY K 205 -64.64 -73.44 -16.92
N ASP K 206 -65.92 -73.62 -17.29
CA ASP K 206 -66.56 -74.93 -17.41
C ASP K 206 -66.48 -75.70 -16.10
N VAL K 207 -67.11 -75.14 -15.07
CA VAL K 207 -67.19 -75.74 -13.74
C VAL K 207 -68.60 -76.23 -13.52
N THR K 208 -68.74 -77.50 -13.20
CA THR K 208 -70.03 -78.11 -12.92
C THR K 208 -70.19 -78.27 -11.42
N ILE K 209 -71.27 -77.70 -10.88
CA ILE K 209 -71.56 -77.74 -9.45
C ILE K 209 -72.74 -78.68 -9.24
N SER K 210 -72.50 -79.77 -8.51
CA SER K 210 -73.54 -80.74 -8.18
C SER K 210 -73.97 -80.52 -6.73
N ILE K 211 -75.26 -80.31 -6.52
CA ILE K 211 -75.82 -80.04 -5.21
C ILE K 211 -76.89 -81.08 -4.93
N ASN K 212 -76.77 -81.78 -3.81
CA ASN K 212 -77.74 -82.79 -3.39
C ASN K 212 -78.47 -82.26 -2.16
N ALA K 213 -79.67 -81.73 -2.39
CA ALA K 213 -80.45 -81.18 -1.30
C ALA K 213 -80.87 -82.28 -0.32
N LYS K 214 -80.82 -81.96 0.96
CA LYS K 214 -81.22 -82.93 1.98
C LYS K 214 -82.71 -83.20 1.89
N GLU K 215 -83.09 -84.46 2.08
CA GLU K 215 -84.49 -84.85 2.01
C GLU K 215 -85.28 -84.24 3.16
N GLY K 216 -86.47 -83.75 2.84
CA GLY K 216 -87.36 -83.19 3.83
C GLY K 216 -87.24 -81.69 4.04
N ASP K 217 -86.19 -81.06 3.53
CA ASP K 217 -86.04 -79.62 3.68
C ASP K 217 -87.10 -78.88 2.89
N ASP K 218 -87.62 -77.81 3.47
CA ASP K 218 -88.64 -77.01 2.79
C ASP K 218 -87.95 -76.13 1.74
N ILE K 219 -88.72 -75.22 1.14
CA ILE K 219 -88.18 -74.43 0.03
C ILE K 219 -87.16 -73.41 0.53
N GLU K 220 -87.36 -72.88 1.73
CA GLU K 220 -86.44 -71.87 2.25
C GLU K 220 -85.11 -72.49 2.67
N GLU K 221 -85.15 -73.66 3.29
CA GLU K 221 -83.93 -74.34 3.69
C GLU K 221 -83.12 -74.79 2.47
N LEU K 222 -83.80 -75.12 1.37
CA LEU K 222 -83.09 -75.46 0.14
C LEU K 222 -82.28 -74.27 -0.37
N ALA K 223 -82.85 -73.07 -0.34
CA ALA K 223 -82.14 -71.89 -0.79
C ALA K 223 -80.91 -71.63 0.07
N THR K 224 -81.03 -71.83 1.39
CA THR K 224 -79.89 -71.67 2.27
C THR K 224 -78.81 -72.70 1.96
N TYR K 225 -79.22 -73.93 1.64
CA TYR K 225 -78.25 -74.98 1.34
C TYR K 225 -77.43 -74.63 0.11
N ILE K 226 -78.07 -74.07 -0.92
CA ILE K 226 -77.34 -73.72 -2.15
C ILE K 226 -76.28 -72.68 -1.87
N ASN K 227 -76.61 -71.68 -1.05
CA ASN K 227 -75.64 -70.62 -0.74
C ASN K 227 -74.42 -71.19 -0.01
N GLY K 228 -74.65 -72.08 0.95
CA GLY K 228 -73.54 -72.63 1.71
C GLY K 228 -72.64 -73.54 0.88
N GLN K 229 -73.24 -74.35 0.00
CA GLN K 229 -72.46 -75.32 -0.77
C GLN K 229 -71.48 -74.63 -1.70
N THR K 230 -71.91 -73.56 -2.36
CA THR K 230 -71.08 -72.89 -3.34
C THR K 230 -71.15 -71.38 -3.16
N ASP K 231 -70.02 -70.72 -3.33
CA ASP K 231 -69.95 -69.26 -3.36
C ASP K 231 -70.16 -68.71 -4.77
N MET K 232 -70.33 -69.59 -5.75
CA MET K 232 -70.49 -69.22 -7.15
C MET K 232 -71.91 -68.79 -7.48
N ILE K 233 -72.85 -68.97 -6.56
CA ILE K 233 -74.27 -68.88 -6.85
C ILE K 233 -74.99 -68.37 -5.61
N LYS K 234 -75.97 -67.48 -5.82
CA LYS K 234 -76.80 -66.96 -4.74
C LYS K 234 -78.24 -67.30 -5.04
N ALA K 235 -78.93 -67.92 -4.07
CA ALA K 235 -80.28 -68.40 -4.26
C ALA K 235 -81.17 -67.95 -3.11
N SER K 236 -82.45 -67.72 -3.42
CA SER K 236 -83.43 -67.29 -2.44
C SER K 236 -84.82 -67.57 -2.99
N VAL K 237 -85.83 -67.31 -2.16
CA VAL K 237 -87.23 -67.51 -2.53
C VAL K 237 -87.94 -66.17 -2.43
N ASP K 238 -88.85 -65.91 -3.37
CA ASP K 238 -89.44 -64.57 -3.49
C ASP K 238 -90.76 -64.42 -2.74
N GLU K 239 -91.80 -65.10 -3.20
CA GLU K 239 -93.10 -65.05 -2.52
C GLU K 239 -93.83 -66.37 -2.45
N GLU K 240 -93.48 -67.36 -3.26
CA GLU K 240 -94.24 -68.60 -3.36
C GLU K 240 -93.37 -69.83 -3.43
N GLY K 241 -92.06 -69.71 -3.20
CA GLY K 241 -91.15 -70.82 -3.37
C GLY K 241 -90.36 -70.79 -4.66
N LYS K 242 -90.53 -69.76 -5.49
CA LYS K 242 -89.76 -69.65 -6.72
C LYS K 242 -88.33 -69.21 -6.39
N LEU K 243 -87.37 -69.98 -6.88
CA LEU K 243 -85.97 -69.68 -6.61
C LEU K 243 -85.45 -68.59 -7.52
N GLN K 244 -84.79 -67.60 -6.94
CA GLN K 244 -84.15 -66.53 -7.71
C GLN K 244 -82.66 -66.80 -7.75
N LEU K 245 -82.26 -67.67 -8.67
CA LEU K 245 -80.85 -67.99 -8.85
C LEU K 245 -80.13 -66.79 -9.43
N PHE K 246 -78.98 -66.44 -8.85
CA PHE K 246 -78.23 -65.28 -9.28
C PHE K 246 -76.87 -65.67 -9.81
N THR K 247 -76.40 -64.92 -10.81
CA THR K 247 -75.12 -65.16 -11.45
C THR K 247 -74.39 -63.84 -11.53
N ASP K 248 -73.16 -63.79 -10.99
CA ASP K 248 -72.41 -62.55 -10.99
C ASP K 248 -71.71 -62.40 -12.34
N ASN K 249 -71.90 -61.23 -12.97
CA ASN K 249 -71.49 -61.08 -14.37
C ASN K 249 -69.98 -61.09 -14.54
N ASN K 250 -69.24 -60.43 -13.64
CA ASN K 250 -67.82 -60.19 -13.90
C ASN K 250 -66.98 -61.45 -13.78
N ARG K 251 -67.53 -62.56 -13.29
CA ARG K 251 -66.78 -63.79 -13.15
C ARG K 251 -67.50 -65.03 -13.67
N ILE K 252 -68.78 -64.94 -14.00
CA ILE K 252 -69.56 -66.10 -14.44
C ILE K 252 -70.12 -65.82 -15.83
N ASP K 253 -69.34 -65.12 -16.65
CA ASP K 253 -69.73 -64.82 -18.02
C ASP K 253 -70.26 -66.07 -18.74
N GLY K 254 -71.26 -65.87 -19.58
CA GLY K 254 -71.89 -66.97 -20.28
C GLY K 254 -73.12 -67.49 -19.55
N ALA K 255 -74.01 -68.10 -20.32
CA ALA K 255 -75.26 -68.60 -19.77
C ALA K 255 -75.03 -69.83 -18.90
N ALA K 256 -75.94 -70.04 -17.97
CA ALA K 256 -75.92 -71.21 -17.09
C ALA K 256 -77.13 -72.08 -17.38
N THR K 257 -76.89 -73.38 -17.54
CA THR K 257 -77.94 -74.34 -17.82
C THR K 257 -78.15 -75.24 -16.61
N PHE K 258 -79.40 -75.58 -16.34
CA PHE K 258 -79.78 -76.33 -15.15
C PHE K 258 -80.08 -77.78 -15.53
N GLY K 259 -79.74 -78.70 -14.64
CA GLY K 259 -79.97 -80.11 -14.88
C GLY K 259 -80.20 -80.84 -13.57
N GLY K 260 -80.63 -82.09 -13.70
CA GLY K 260 -80.94 -82.92 -12.56
C GLY K 260 -82.44 -83.00 -12.31
N ALA K 261 -82.81 -83.96 -11.45
CA ALA K 261 -84.21 -84.17 -11.14
C ALA K 261 -84.81 -82.96 -10.43
N LEU K 262 -84.06 -82.36 -9.51
CA LEU K 262 -84.57 -81.18 -8.80
C LEU K 262 -84.78 -80.01 -9.75
N ALA K 263 -83.87 -79.83 -10.71
CA ALA K 263 -84.04 -78.75 -11.67
C ALA K 263 -85.31 -78.94 -12.49
N GLY K 264 -85.58 -80.18 -12.92
CA GLY K 264 -86.84 -80.45 -13.60
C GLY K 264 -88.04 -80.26 -12.68
N GLU K 265 -87.88 -80.56 -11.40
CA GLU K 265 -88.95 -80.36 -10.43
C GLU K 265 -89.31 -78.88 -10.33
N LEU K 266 -88.31 -78.01 -10.30
CA LEU K 266 -88.51 -76.57 -10.33
C LEU K 266 -88.53 -76.12 -11.78
N GLY K 267 -88.45 -74.81 -12.00
CA GLY K 267 -88.36 -74.24 -13.34
C GLY K 267 -86.91 -73.88 -13.67
N ILE K 268 -86.53 -74.16 -14.92
CA ILE K 268 -85.17 -73.82 -15.36
C ILE K 268 -84.96 -72.32 -15.34
N GLY K 269 -85.93 -71.57 -15.89
CA GLY K 269 -85.83 -70.13 -15.91
C GLY K 269 -85.01 -69.59 -17.06
N ALA K 270 -85.24 -68.33 -17.42
CA ALA K 270 -84.50 -67.69 -18.49
C ALA K 270 -83.48 -66.72 -17.92
N ALA K 271 -82.31 -66.69 -18.54
CA ALA K 271 -81.23 -65.81 -18.11
C ALA K 271 -81.63 -64.37 -18.41
N GLN K 272 -82.04 -63.64 -17.38
CA GLN K 272 -82.49 -62.27 -17.52
C GLN K 272 -81.45 -61.34 -16.88
N ASP K 273 -81.05 -60.31 -17.61
CA ASP K 273 -79.99 -59.42 -17.17
C ASP K 273 -80.53 -58.34 -16.24
N VAL K 274 -79.83 -58.12 -15.14
CA VAL K 274 -80.15 -57.06 -14.19
C VAL K 274 -78.88 -56.33 -13.79
N THR K 275 -79.04 -55.07 -13.40
CA THR K 275 -77.95 -54.25 -12.90
C THR K 275 -78.45 -53.49 -11.67
N VAL K 276 -77.57 -52.66 -11.11
CA VAL K 276 -77.98 -51.84 -9.98
C VAL K 276 -79.00 -50.79 -10.41
N ASP K 277 -78.90 -50.30 -11.64
CA ASP K 277 -79.88 -49.34 -12.14
C ASP K 277 -81.27 -49.95 -12.20
N THR K 278 -81.38 -51.18 -12.67
CA THR K 278 -82.66 -51.88 -12.71
C THR K 278 -83.02 -52.52 -11.38
N LEU K 279 -82.15 -52.41 -10.38
CA LEU K 279 -82.43 -52.96 -9.06
C LEU K 279 -83.63 -52.23 -8.46
N ASP K 280 -84.72 -52.96 -8.25
CA ASP K 280 -85.94 -52.39 -7.69
C ASP K 280 -86.43 -53.31 -6.59
N VAL K 281 -86.41 -52.81 -5.35
CA VAL K 281 -86.95 -53.57 -4.22
C VAL K 281 -88.34 -53.03 -3.91
N THR K 282 -89.36 -53.74 -4.35
CA THR K 282 -90.75 -53.43 -4.04
C THR K 282 -91.46 -54.55 -3.34
N THR K 283 -91.28 -55.79 -3.77
CA THR K 283 -91.75 -56.97 -3.06
C THR K 283 -90.57 -57.61 -2.35
N VAL K 284 -90.86 -58.57 -1.48
CA VAL K 284 -89.80 -59.24 -0.73
C VAL K 284 -88.83 -59.94 -1.68
N GLY K 285 -89.36 -60.51 -2.77
CA GLY K 285 -88.48 -61.14 -3.75
C GLY K 285 -87.52 -60.15 -4.37
N GLY K 286 -87.97 -58.93 -4.62
CA GLY K 286 -87.07 -57.92 -5.16
C GLY K 286 -85.91 -57.63 -4.23
N ALA K 287 -86.14 -57.69 -2.92
CA ALA K 287 -85.07 -57.47 -1.96
C ALA K 287 -84.04 -58.58 -2.01
N GLN K 288 -84.48 -59.84 -2.07
CA GLN K 288 -83.56 -60.96 -2.11
C GLN K 288 -82.68 -60.91 -3.35
N GLU K 289 -83.27 -60.59 -4.50
CA GLU K 289 -82.48 -60.39 -5.71
C GLU K 289 -81.57 -59.18 -5.58
N SER K 290 -82.05 -58.13 -4.91
CA SER K 290 -81.30 -56.88 -4.85
C SER K 290 -79.98 -57.05 -4.08
N VAL K 291 -80.00 -57.79 -2.97
CA VAL K 291 -78.80 -57.92 -2.15
C VAL K 291 -77.72 -58.68 -2.91
N ALA K 292 -78.12 -59.65 -3.73
CA ALA K 292 -77.14 -60.35 -4.57
C ALA K 292 -76.54 -59.41 -5.61
N ILE K 293 -77.36 -58.56 -6.23
CA ILE K 293 -76.85 -57.62 -7.22
C ILE K 293 -75.90 -56.64 -6.58
N VAL K 294 -76.26 -56.12 -5.40
CA VAL K 294 -75.40 -55.16 -4.72
C VAL K 294 -74.06 -55.80 -4.36
N ASP K 295 -74.09 -57.05 -3.87
CA ASP K 295 -72.84 -57.70 -3.49
C ASP K 295 -71.89 -57.82 -4.68
N ALA K 296 -72.43 -58.11 -5.86
CA ALA K 296 -71.59 -58.13 -7.05
C ALA K 296 -71.00 -56.76 -7.32
N ALA K 297 -71.72 -55.70 -6.96
CA ALA K 297 -71.23 -54.34 -7.18
C ALA K 297 -70.01 -54.05 -6.32
N LEU K 298 -70.06 -54.41 -5.03
CA LEU K 298 -68.87 -54.24 -4.19
C LEU K 298 -67.71 -55.08 -4.68
N LYS K 299 -67.97 -56.31 -5.12
CA LYS K 299 -66.89 -57.16 -5.63
C LYS K 299 -66.23 -56.51 -6.83
N TYR K 300 -67.03 -55.97 -7.75
CA TYR K 300 -66.45 -55.31 -8.92
C TYR K 300 -65.75 -54.01 -8.56
N VAL K 301 -66.38 -53.20 -7.71
CA VAL K 301 -65.81 -51.91 -7.34
C VAL K 301 -64.50 -52.10 -6.58
N ASP K 302 -64.49 -53.04 -5.62
CA ASP K 302 -63.28 -53.32 -4.87
C ASP K 302 -62.18 -53.88 -5.76
N SER K 303 -62.54 -54.61 -6.81
CA SER K 303 -61.55 -55.09 -7.77
C SER K 303 -60.84 -53.93 -8.43
N HIS K 304 -61.60 -52.90 -8.83
CA HIS K 304 -60.96 -51.74 -9.45
C HIS K 304 -60.25 -50.87 -8.40
N ARG K 305 -60.72 -50.90 -7.16
CA ARG K 305 -60.00 -50.20 -6.09
C ARG K 305 -58.64 -50.84 -5.86
N ALA K 306 -58.58 -52.17 -5.88
CA ALA K 306 -57.30 -52.85 -5.74
C ALA K 306 -56.38 -52.56 -6.93
N GLU K 307 -56.94 -52.57 -8.14
CA GLU K 307 -56.12 -52.28 -9.32
C GLU K 307 -55.57 -50.85 -9.27
N LEU K 308 -56.42 -49.89 -8.89
CA LEU K 308 -55.95 -48.52 -8.72
C LEU K 308 -54.94 -48.42 -7.60
N GLY K 309 -55.15 -49.16 -6.51
CA GLY K 309 -54.20 -49.14 -5.41
C GLY K 309 -52.85 -49.67 -5.81
N ALA K 310 -52.82 -50.76 -6.57
CA ALA K 310 -51.54 -51.27 -7.08
C ALA K 310 -50.89 -50.26 -8.00
N PHE K 311 -51.68 -49.60 -8.85
CA PHE K 311 -51.16 -48.52 -9.68
C PHE K 311 -50.62 -47.39 -8.84
N GLN K 312 -51.23 -47.13 -7.68
CA GLN K 312 -50.68 -46.15 -6.75
C GLN K 312 -49.36 -46.62 -6.17
N ASN K 313 -49.25 -47.91 -5.87
CA ASN K 313 -48.02 -48.47 -5.31
C ASN K 313 -46.98 -48.78 -6.37
N ARG K 314 -47.26 -48.48 -7.64
CA ARG K 314 -46.24 -48.56 -8.68
C ARG K 314 -45.53 -47.22 -8.85
N PHE K 315 -46.27 -46.13 -8.86
CA PHE K 315 -45.67 -44.82 -9.13
C PHE K 315 -44.87 -44.30 -7.95
N ASN K 316 -45.23 -44.67 -6.72
CA ASN K 316 -44.42 -44.23 -5.59
C ASN K 316 -43.04 -44.86 -5.61
N HIS K 317 -42.95 -46.13 -6.01
CA HIS K 317 -41.65 -46.75 -6.22
C HIS K 317 -40.98 -46.19 -7.47
N ALA K 318 -41.75 -45.82 -8.48
CA ALA K 318 -41.17 -45.21 -9.66
C ALA K 318 -40.58 -43.84 -9.34
N ILE K 319 -41.26 -43.07 -8.49
CA ILE K 319 -40.86 -41.69 -8.24
C ILE K 319 -39.49 -41.65 -7.57
N ASN K 320 -39.31 -42.42 -6.49
CA ASN K 320 -38.04 -42.37 -5.79
C ASN K 320 -36.94 -43.11 -6.55
N ASN K 321 -37.31 -44.06 -7.41
CA ASN K 321 -36.35 -44.65 -8.32
C ASN K 321 -35.84 -43.62 -9.31
N LEU K 322 -36.75 -42.82 -9.87
CA LEU K 322 -36.35 -41.74 -10.76
C LEU K 322 -35.54 -40.68 -10.03
N ASP K 323 -35.93 -40.37 -8.79
CA ASP K 323 -35.21 -39.37 -8.01
C ASP K 323 -33.77 -39.81 -7.76
N ASN K 324 -33.57 -41.07 -7.40
CA ASN K 324 -32.23 -41.56 -7.12
C ASN K 324 -31.36 -41.50 -8.38
N ILE K 325 -31.92 -41.87 -9.53
CA ILE K 325 -31.18 -41.77 -10.78
C ILE K 325 -30.84 -40.31 -11.07
N ASN K 326 -31.74 -39.40 -10.73
CA ASN K 326 -31.47 -37.98 -10.92
C ASN K 326 -30.32 -37.52 -10.03
N GLU K 327 -30.26 -38.02 -8.79
CA GLU K 327 -29.17 -37.67 -7.90
C GLU K 327 -27.83 -38.10 -8.48
N ASN K 328 -27.76 -39.33 -8.98
CA ASN K 328 -26.50 -39.84 -9.50
C ASN K 328 -26.16 -39.26 -10.86
N VAL K 329 -27.16 -39.01 -11.70
CA VAL K 329 -26.91 -38.39 -13.00
C VAL K 329 -26.37 -36.98 -12.81
N ASN K 330 -26.93 -36.21 -11.87
CA ASN K 330 -26.42 -34.88 -11.59
C ASN K 330 -24.99 -34.95 -11.07
N ALA K 331 -24.68 -35.94 -10.23
CA ALA K 331 -23.31 -36.14 -9.80
C ALA K 331 -22.40 -36.46 -10.98
N SER K 332 -22.89 -37.27 -11.93
CA SER K 332 -22.12 -37.54 -13.13
C SER K 332 -21.95 -36.29 -13.97
N LYS K 333 -22.92 -35.37 -13.94
CA LYS K 333 -22.80 -34.08 -14.61
C LYS K 333 -22.02 -33.09 -13.75
N SER K 334 -20.87 -33.55 -13.27
CA SER K 334 -19.93 -32.73 -12.52
C SER K 334 -18.59 -33.44 -12.61
N ARG K 335 -17.52 -32.65 -12.75
CA ARG K 335 -16.18 -33.09 -13.12
C ARG K 335 -16.17 -33.55 -14.58
N ILE K 336 -17.35 -33.56 -15.20
CA ILE K 336 -17.47 -33.65 -16.64
C ILE K 336 -17.85 -32.30 -17.25
N LYS K 337 -18.77 -31.59 -16.60
CA LYS K 337 -19.16 -30.23 -16.97
C LYS K 337 -18.82 -29.22 -15.88
N ASP K 338 -19.25 -29.49 -14.65
CA ASP K 338 -18.99 -28.57 -13.55
C ASP K 338 -17.50 -28.49 -13.25
N THR K 339 -17.00 -27.27 -13.07
CA THR K 339 -15.62 -27.05 -12.68
C THR K 339 -15.50 -27.02 -11.17
N ASP K 340 -14.36 -27.48 -10.66
CA ASP K 340 -14.06 -27.37 -9.25
C ASP K 340 -13.21 -26.14 -9.01
N PHE K 341 -13.63 -25.31 -8.05
CA PHE K 341 -12.95 -24.04 -7.82
C PHE K 341 -11.60 -24.22 -7.16
N ALA K 342 -11.32 -25.41 -6.62
CA ALA K 342 -10.04 -25.65 -5.97
C ALA K 342 -8.87 -25.53 -6.93
N LYS K 343 -8.81 -26.42 -7.92
CA LYS K 343 -7.68 -26.41 -8.84
C LYS K 343 -7.82 -25.36 -9.92
N GLU K 344 -9.05 -24.93 -10.22
CA GLU K 344 -9.24 -23.92 -11.26
C GLU K 344 -8.75 -22.55 -10.80
N THR K 345 -9.00 -22.21 -9.54
CA THR K 345 -8.52 -20.93 -9.02
C THR K 345 -7.01 -20.85 -9.03
N THR K 346 -6.33 -21.93 -8.62
CA THR K 346 -4.87 -21.94 -8.62
C THR K 346 -4.33 -21.80 -10.04
N ALA K 347 -5.02 -22.38 -11.02
CA ALA K 347 -4.61 -22.22 -12.41
C ALA K 347 -4.71 -20.76 -12.83
N LEU K 348 -5.75 -20.06 -12.39
CA LEU K 348 -5.89 -18.64 -12.71
C LEU K 348 -4.80 -17.82 -12.03
N THR K 349 -4.58 -18.04 -10.74
CA THR K 349 -3.56 -17.28 -10.02
C THR K 349 -2.18 -17.54 -10.58
N LYS K 350 -1.86 -18.80 -10.87
CA LYS K 350 -0.57 -19.12 -11.46
C LYS K 350 -0.40 -18.44 -12.81
N ALA K 351 -1.44 -18.48 -13.65
CA ALA K 351 -1.37 -17.84 -14.95
C ALA K 351 -1.17 -16.34 -14.83
N GLN K 352 -1.67 -15.74 -13.75
CA GLN K 352 -1.44 -14.32 -13.52
C GLN K 352 0.05 -14.05 -13.27
N ILE K 353 0.72 -14.95 -12.54
CA ILE K 353 2.14 -14.75 -12.27
C ILE K 353 2.95 -14.79 -13.56
N LEU K 354 2.63 -15.73 -14.46
CA LEU K 354 3.34 -15.79 -15.73
C LEU K 354 3.15 -14.50 -16.53
N SER K 355 1.94 -13.96 -16.54
CA SER K 355 1.69 -12.73 -17.27
C SER K 355 2.49 -11.56 -16.68
N GLN K 356 2.54 -11.48 -15.34
CA GLN K 356 3.30 -10.42 -14.70
C GLN K 356 4.79 -10.57 -14.92
N ALA K 357 5.30 -11.80 -14.74
CA ALA K 357 6.73 -12.04 -14.91
C ALA K 357 7.16 -11.80 -16.35
N SER K 358 6.37 -12.30 -17.31
CA SER K 358 6.74 -12.14 -18.71
C SER K 358 6.65 -10.68 -19.13
N SER K 359 5.67 -9.94 -18.61
CA SER K 359 5.57 -8.52 -18.93
C SER K 359 6.77 -7.75 -18.40
N SER K 360 7.23 -8.10 -17.19
CA SER K 360 8.43 -7.45 -16.65
C SER K 360 9.66 -7.86 -17.45
N VAL K 361 9.68 -9.07 -18.00
CA VAL K 361 10.78 -9.48 -18.86
C VAL K 361 10.72 -8.73 -20.19
N LEU K 362 9.51 -8.53 -20.72
CA LEU K 362 9.36 -7.75 -21.94
C LEU K 362 9.90 -6.34 -21.75
N ALA K 363 9.51 -5.69 -20.65
CA ALA K 363 10.08 -4.39 -20.32
C ALA K 363 11.57 -4.47 -20.06
N GLN K 364 12.06 -5.63 -19.62
CA GLN K 364 13.48 -5.83 -19.36
C GLN K 364 14.26 -6.10 -20.64
N ALA K 365 13.58 -6.32 -21.76
CA ALA K 365 14.24 -6.55 -23.04
C ALA K 365 13.98 -5.46 -24.06
N LYS K 366 13.14 -4.47 -23.74
CA LYS K 366 12.86 -3.40 -24.68
C LYS K 366 14.09 -2.53 -24.94
N GLN K 367 14.90 -2.29 -23.91
CA GLN K 367 16.08 -1.45 -24.05
C GLN K 367 17.33 -2.25 -24.38
N ALA K 368 17.19 -3.52 -24.75
CA ALA K 368 18.33 -4.26 -25.28
C ALA K 368 18.93 -3.58 -26.50
N PRO K 369 18.15 -3.11 -27.49
CA PRO K 369 18.75 -2.29 -28.54
C PRO K 369 19.39 -1.01 -28.03
N ASN K 370 18.85 -0.44 -26.95
CA ASN K 370 19.38 0.82 -26.42
C ASN K 370 20.83 0.66 -26.00
N SER K 371 21.17 -0.48 -25.37
CA SER K 371 22.55 -0.72 -24.99
C SER K 371 23.46 -0.79 -26.22
N ALA K 372 22.96 -1.36 -27.32
CA ALA K 372 23.74 -1.41 -28.55
C ALA K 372 24.02 -0.01 -29.07
N LEU K 373 23.03 0.88 -29.00
CA LEU K 373 23.25 2.26 -29.42
C LEU K 373 24.16 3.00 -28.45
N ALA K 374 24.24 2.54 -27.21
CA ALA K 374 24.98 3.27 -26.17
C ALA K 374 26.47 3.34 -26.45
N LEU K 375 27.04 2.36 -27.16
CA LEU K 375 28.48 2.36 -27.38
C LEU K 375 28.89 3.52 -28.28
N LEU K 376 28.07 3.85 -29.27
CA LEU K 376 28.32 4.99 -30.15
C LEU K 376 27.22 6.01 -29.92
N GLY K 377 27.54 7.08 -29.19
CA GLY K 377 26.56 8.10 -28.86
C GLY K 377 26.01 8.84 -30.07
N MET L 1 14.69 13.61 -43.90
CA MET L 1 14.34 14.96 -44.32
C MET L 1 13.86 15.83 -43.16
N ALA L 2 12.55 15.81 -42.92
CA ALA L 2 11.89 16.80 -42.09
C ALA L 2 11.85 16.38 -40.62
N VAL L 3 12.59 17.10 -39.79
CA VAL L 3 12.39 17.11 -38.35
C VAL L 3 12.29 18.58 -37.92
N ASN L 4 11.24 18.91 -37.19
CA ASN L 4 10.89 20.30 -36.98
C ASN L 4 10.66 20.58 -35.49
N VAL L 5 10.78 21.86 -35.14
CA VAL L 5 10.62 22.30 -33.77
C VAL L 5 9.45 23.27 -33.57
N ASN L 6 8.79 23.71 -34.64
CA ASN L 6 7.68 24.65 -34.50
C ASN L 6 6.34 23.94 -34.37
N THR L 7 6.08 22.95 -35.21
CA THR L 7 4.85 22.17 -35.12
C THR L 7 5.15 20.78 -34.59
N ASN L 8 4.21 20.25 -33.80
CA ASN L 8 4.34 18.92 -33.21
C ASN L 8 3.05 18.17 -33.53
N VAL L 9 3.03 17.51 -34.69
CA VAL L 9 1.84 16.76 -35.09
C VAL L 9 1.61 15.58 -34.17
N SER L 10 2.70 14.90 -33.77
CA SER L 10 2.58 13.75 -32.88
C SER L 10 1.98 14.15 -31.53
N ALA L 11 2.38 15.31 -31.02
CA ALA L 11 1.77 15.81 -29.78
C ALA L 11 0.31 16.17 -30.01
N MET L 12 -0.01 16.66 -31.20
CA MET L 12 -1.39 17.09 -31.47
C MET L 12 -2.35 15.91 -31.51
N THR L 13 -1.99 14.84 -32.22
CA THR L 13 -2.89 13.70 -32.34
C THR L 13 -3.09 13.02 -30.99
N ALA L 14 -2.03 12.91 -30.19
CA ALA L 14 -2.18 12.35 -28.85
C ALA L 14 -2.98 13.29 -27.95
N GLN L 15 -2.88 14.60 -28.20
CA GLN L 15 -3.69 15.56 -27.46
C GLN L 15 -5.16 15.38 -27.79
N ARG L 16 -5.48 15.23 -29.08
CA ARG L 16 -6.86 15.00 -29.49
C ARG L 16 -7.40 13.70 -28.94
N TYR L 17 -6.61 12.63 -29.02
CA TYR L 17 -7.05 11.33 -28.53
C TYR L 17 -7.15 11.32 -27.01
N LEU L 18 -6.33 12.14 -26.34
CA LEU L 18 -6.50 12.33 -24.90
C LEU L 18 -7.85 12.97 -24.61
N THR L 19 -8.15 14.09 -25.27
CA THR L 19 -9.36 14.85 -24.95
C THR L 19 -10.61 14.02 -25.18
N SER L 20 -10.66 13.30 -26.30
CA SER L 20 -11.83 12.45 -26.57
C SER L 20 -11.94 11.33 -25.55
N ALA L 21 -10.81 10.77 -25.13
CA ALA L 21 -10.83 9.64 -24.20
C ALA L 21 -11.38 10.06 -22.85
N THR L 22 -10.86 11.13 -22.26
CA THR L 22 -11.30 11.54 -20.94
C THR L 22 -12.56 12.39 -20.98
N ASN L 23 -13.00 12.84 -22.16
CA ASN L 23 -14.35 13.37 -22.26
C ASN L 23 -15.39 12.29 -22.03
N ALA L 24 -15.16 11.08 -22.58
CA ALA L 24 -16.02 9.95 -22.26
C ALA L 24 -15.86 9.55 -20.80
N GLN L 25 -14.64 9.65 -20.26
CA GLN L 25 -14.46 9.46 -18.82
C GLN L 25 -15.22 10.51 -18.03
N GLN L 26 -15.25 11.74 -18.55
CA GLN L 26 -16.05 12.78 -17.93
C GLN L 26 -17.54 12.45 -18.01
N SER L 27 -17.97 11.82 -19.11
CA SER L 27 -19.35 11.32 -19.18
C SER L 27 -19.60 10.25 -18.13
N SER L 28 -18.59 9.48 -17.77
CA SER L 28 -18.65 8.61 -16.60
C SER L 28 -18.50 9.45 -15.34
N MET L 29 -18.48 8.78 -14.19
CA MET L 29 -18.35 9.41 -12.87
C MET L 29 -19.50 10.36 -12.55
N GLU L 30 -20.53 10.41 -13.38
CA GLU L 30 -21.79 11.03 -12.99
C GLU L 30 -22.91 10.01 -13.15
N ARG L 31 -22.78 9.12 -14.15
CA ARG L 31 -23.69 7.99 -14.23
C ARG L 31 -23.44 7.00 -13.10
N LEU L 32 -22.24 7.00 -12.51
CA LEU L 32 -22.01 6.21 -11.31
C LEU L 32 -22.74 6.81 -10.12
N SER L 33 -22.60 8.13 -9.92
CA SER L 33 -23.17 8.76 -8.74
C SER L 33 -24.68 8.87 -8.83
N SER L 34 -25.19 9.29 -10.00
CA SER L 34 -26.63 9.47 -10.13
C SER L 34 -27.37 8.14 -10.13
N GLY L 35 -26.74 7.08 -10.61
CA GLY L 35 -27.44 5.83 -10.82
C GLY L 35 -28.26 5.79 -12.08
N TYR L 36 -28.26 6.85 -12.88
CA TYR L 36 -29.01 6.94 -14.13
C TYR L 36 -28.02 7.13 -15.28
N LYS L 37 -28.14 6.29 -16.30
CA LYS L 37 -27.36 6.51 -17.51
C LYS L 37 -27.96 7.59 -18.40
N ILE L 38 -29.13 8.10 -18.05
CA ILE L 38 -29.76 9.21 -18.76
C ILE L 38 -30.02 10.31 -17.75
N ASN L 39 -29.31 11.43 -17.91
CA ASN L 39 -29.52 12.59 -17.05
C ASN L 39 -29.62 13.85 -17.89
N SER L 40 -29.16 13.77 -19.14
CA SER L 40 -29.30 14.84 -20.10
C SER L 40 -29.73 14.24 -21.43
N ALA L 41 -30.44 15.04 -22.24
CA ALA L 41 -30.95 14.55 -23.51
C ALA L 41 -29.82 14.22 -24.49
N LYS L 42 -28.63 14.81 -24.32
CA LYS L 42 -27.53 14.53 -25.22
C LYS L 42 -27.09 13.07 -25.17
N ASP L 43 -27.34 12.38 -24.05
CA ASP L 43 -27.01 10.96 -23.96
C ASP L 43 -27.88 10.15 -24.91
N ASP L 44 -29.20 10.21 -24.71
CA ASP L 44 -30.14 9.56 -25.62
C ASP L 44 -31.47 10.30 -25.47
N ALA L 45 -31.78 11.16 -26.43
CA ALA L 45 -33.01 11.93 -26.37
C ALA L 45 -34.24 11.02 -26.44
N ALA L 46 -34.17 9.99 -27.27
CA ALA L 46 -35.30 9.05 -27.39
C ALA L 46 -35.58 8.37 -26.07
N GLY L 47 -34.53 7.94 -25.36
CA GLY L 47 -34.73 7.30 -24.08
C GLY L 47 -35.23 8.24 -23.01
N LEU L 48 -34.93 9.54 -23.14
CA LEU L 48 -35.37 10.51 -22.14
C LEU L 48 -36.89 10.65 -22.15
N GLN L 49 -37.48 10.79 -23.35
CA GLN L 49 -38.92 10.99 -23.43
C GLN L 49 -39.69 9.80 -22.87
N ILE L 50 -39.29 8.59 -23.26
CA ILE L 50 -40.00 7.41 -22.79
C ILE L 50 -39.77 7.18 -21.30
N SER L 51 -38.56 7.49 -20.82
CA SER L 51 -38.28 7.33 -19.39
C SER L 51 -39.12 8.28 -18.56
N ASN L 52 -39.28 9.53 -19.01
CA ASN L 52 -40.14 10.47 -18.31
C ASN L 52 -41.59 10.00 -18.32
N ARG L 53 -42.04 9.44 -19.45
CA ARG L 53 -43.40 8.91 -19.52
C ARG L 53 -43.58 7.75 -18.56
N LEU L 54 -42.60 6.85 -18.50
CA LEU L 54 -42.68 5.73 -17.56
C LEU L 54 -42.65 6.21 -16.12
N ASN L 55 -41.79 7.18 -15.82
CA ASN L 55 -41.74 7.73 -14.47
C ASN L 55 -43.04 8.42 -14.09
N VAL L 56 -43.63 9.17 -15.04
CA VAL L 56 -44.90 9.83 -14.79
C VAL L 56 -45.98 8.81 -14.47
N GLN L 57 -46.02 7.71 -15.23
CA GLN L 57 -46.97 6.65 -14.95
C GLN L 57 -46.70 6.02 -13.59
N SER L 58 -45.43 5.84 -13.24
CA SER L 58 -45.08 5.21 -11.98
C SER L 58 -45.56 6.04 -10.80
N ARG L 59 -45.27 7.34 -10.81
CA ARG L 59 -45.73 8.20 -9.73
C ARG L 59 -47.25 8.35 -9.75
N GLY L 60 -47.84 8.39 -10.94
CA GLY L 60 -49.29 8.42 -11.03
C GLY L 60 -49.93 7.18 -10.43
N LEU L 61 -49.31 6.02 -10.64
CA LEU L 61 -49.77 4.81 -9.98
C LEU L 61 -49.50 4.87 -8.48
N GLY L 62 -48.46 5.60 -8.08
CA GLY L 62 -48.17 5.75 -6.67
C GLY L 62 -49.29 6.48 -5.93
N VAL L 63 -49.80 7.55 -6.52
CA VAL L 63 -50.94 8.24 -5.92
C VAL L 63 -52.23 7.48 -6.21
N ALA L 64 -52.20 6.57 -7.17
CA ALA L 64 -53.41 5.81 -7.49
C ALA L 64 -53.71 4.78 -6.40
N VAL L 65 -52.71 4.05 -5.94
CA VAL L 65 -52.93 3.08 -4.87
C VAL L 65 -53.31 3.79 -3.58
N ARG L 66 -52.71 4.96 -3.33
CA ARG L 66 -53.16 5.80 -2.22
C ARG L 66 -54.60 6.25 -2.41
N ASN L 67 -54.96 6.60 -3.64
CA ASN L 67 -56.30 7.09 -3.92
C ASN L 67 -57.35 6.02 -3.67
N ALA L 68 -57.17 4.84 -4.26
CA ALA L 68 -58.17 3.79 -4.14
C ALA L 68 -58.30 3.29 -2.72
N ASN L 69 -57.23 3.40 -1.93
CA ASN L 69 -57.32 3.06 -0.51
C ASN L 69 -58.25 4.04 0.22
N ASP L 70 -58.16 5.32 -0.13
CA ASP L 70 -59.07 6.30 0.47
C ASP L 70 -60.51 6.03 0.08
N GLY L 71 -60.75 5.65 -1.17
CA GLY L 71 -62.09 5.24 -1.57
C GLY L 71 -62.56 4.02 -0.80
N ILE L 72 -61.63 3.11 -0.48
CA ILE L 72 -61.98 1.98 0.36
C ILE L 72 -62.34 2.44 1.77
N SER L 73 -61.66 3.48 2.26
CA SER L 73 -61.84 3.91 3.64
C SER L 73 -63.26 4.41 3.90
N MET L 74 -63.81 5.24 3.02
CA MET L 74 -65.21 5.63 3.17
C MET L 74 -66.15 4.44 3.02
N ALA L 75 -65.75 3.46 2.22
CA ALA L 75 -66.59 2.28 2.06
C ALA L 75 -66.74 1.52 3.37
N GLN L 76 -65.65 1.37 4.13
CA GLN L 76 -65.74 0.65 5.39
C GLN L 76 -66.34 1.51 6.49
N THR L 77 -66.06 2.82 6.48
CA THR L 77 -66.66 3.69 7.50
C THR L 77 -68.17 3.73 7.34
N ALA L 78 -68.65 3.85 6.10
CA ALA L 78 -70.09 3.78 5.87
C ALA L 78 -70.62 2.40 6.22
N GLU L 79 -69.86 1.35 5.89
CA GLU L 79 -70.28 -0.02 6.23
C GLU L 79 -70.37 -0.21 7.74
N GLY L 80 -69.54 0.50 8.50
CA GLY L 80 -69.63 0.40 9.95
C GLY L 80 -70.95 0.93 10.48
N ALA L 81 -71.35 2.11 10.03
CA ALA L 81 -72.65 2.65 10.42
C ALA L 81 -73.78 1.85 9.79
N MET L 82 -73.49 1.12 8.71
CA MET L 82 -74.48 0.21 8.14
C MET L 82 -74.89 -0.83 9.16
N LYS L 83 -73.89 -1.41 9.86
CA LYS L 83 -74.16 -2.50 10.79
C LYS L 83 -75.01 -2.05 11.96
N GLU L 84 -74.71 -0.88 12.51
CA GLU L 84 -75.47 -0.39 13.66
C GLU L 84 -76.88 0.00 13.27
N THR L 85 -77.06 0.53 12.05
CA THR L 85 -78.40 0.78 11.54
C THR L 85 -79.20 -0.52 11.45
N THR L 86 -78.56 -1.59 10.95
CA THR L 86 -79.21 -2.89 10.92
C THR L 86 -79.50 -3.39 12.32
N ASN L 87 -78.57 -3.19 13.25
CA ASN L 87 -78.75 -3.69 14.61
C ASN L 87 -79.95 -3.04 15.29
N ILE L 88 -80.11 -1.72 15.13
CA ILE L 88 -81.26 -1.05 15.70
C ILE L 88 -82.55 -1.52 15.02
N LEU L 89 -82.53 -1.65 13.69
CA LEU L 89 -83.73 -2.03 12.97
C LEU L 89 -84.19 -3.43 13.37
N GLN L 90 -83.25 -4.36 13.55
CA GLN L 90 -83.62 -5.70 14.00
C GLN L 90 -84.22 -5.64 15.40
N ARG L 91 -83.68 -4.77 16.26
CA ARG L 91 -84.28 -4.58 17.58
C ARG L 91 -85.68 -4.02 17.47
N MET L 92 -85.89 -3.09 16.52
CA MET L 92 -87.23 -2.55 16.30
C MET L 92 -88.20 -3.64 15.86
N ARG L 93 -87.76 -4.50 14.94
CA ARG L 93 -88.65 -5.55 14.42
C ARG L 93 -89.01 -6.55 15.52
N ASP L 94 -88.01 -6.99 16.29
CA ASP L 94 -88.28 -7.94 17.37
C ASP L 94 -89.19 -7.33 18.42
N LEU L 95 -88.98 -6.06 18.75
CA LEU L 95 -89.78 -5.40 19.76
C LEU L 95 -91.20 -5.15 19.26
N SER L 96 -91.35 -4.82 17.98
CA SER L 96 -92.69 -4.61 17.42
C SER L 96 -93.51 -5.88 17.45
N LEU L 97 -92.87 -7.02 17.17
CA LEU L 97 -93.58 -8.30 17.24
C LEU L 97 -94.07 -8.58 18.65
N GLN L 98 -93.26 -8.23 19.65
CA GLN L 98 -93.66 -8.44 21.04
C GLN L 98 -94.91 -7.63 21.38
N SER L 99 -94.96 -6.37 20.94
CA SER L 99 -96.10 -5.53 21.22
C SER L 99 -97.33 -5.94 20.41
N ALA L 100 -97.15 -6.66 19.31
CA ALA L 100 -98.29 -7.10 18.51
C ALA L 100 -99.15 -8.11 19.23
N ASN L 101 -98.62 -8.76 20.26
CA ASN L 101 -99.41 -9.72 21.03
C ASN L 101 -100.57 -9.01 21.71
N GLY L 102 -101.70 -9.69 21.80
CA GLY L 102 -102.86 -9.13 22.45
C GLY L 102 -102.87 -9.19 23.96
N SER L 103 -101.83 -9.77 24.57
CA SER L 103 -101.82 -9.91 26.02
C SER L 103 -101.55 -8.58 26.71
N ASN L 104 -100.62 -7.79 26.20
CA ASN L 104 -100.27 -6.53 26.85
C ASN L 104 -101.37 -5.49 26.64
N SER L 105 -101.54 -4.64 27.64
CA SER L 105 -102.55 -3.59 27.61
C SER L 105 -101.97 -2.32 26.97
N LYS L 106 -102.75 -1.24 27.01
CA LYS L 106 -102.30 0.01 26.40
C LYS L 106 -101.04 0.54 27.07
N ALA L 107 -100.98 0.47 28.41
CA ALA L 107 -99.83 1.04 29.13
C ALA L 107 -98.54 0.34 28.74
N ASP L 108 -98.57 -0.99 28.58
CA ASP L 108 -97.37 -1.71 28.16
C ASP L 108 -96.92 -1.27 26.78
N ARG L 109 -97.86 -1.06 25.86
CA ARG L 109 -97.50 -0.59 24.54
C ARG L 109 -96.97 0.84 24.58
N VAL L 110 -97.40 1.63 25.57
CA VAL L 110 -96.88 2.99 25.71
C VAL L 110 -95.40 2.95 26.05
N ALA L 111 -95.02 2.09 27.00
CA ALA L 111 -93.61 1.95 27.34
C ALA L 111 -92.81 1.41 26.16
N ILE L 112 -93.39 0.46 25.42
CA ILE L 112 -92.74 -0.07 24.22
C ILE L 112 -92.54 1.03 23.19
N GLN L 113 -93.56 1.87 23.00
CA GLN L 113 -93.46 2.97 22.05
C GLN L 113 -92.37 3.96 22.48
N GLU L 114 -92.17 4.13 23.78
CA GLU L 114 -91.12 5.03 24.25
C GLU L 114 -89.75 4.55 23.80
N GLU L 115 -89.51 3.24 23.85
CA GLU L 115 -88.26 2.70 23.34
C GLU L 115 -88.16 2.90 21.83
N ILE L 116 -89.29 2.85 21.14
CA ILE L 116 -89.28 3.04 19.69
C ILE L 116 -88.83 4.45 19.34
N THR L 117 -89.36 5.45 20.04
CA THR L 117 -88.93 6.83 19.78
C THR L 117 -87.45 7.02 20.09
N ALA L 118 -86.99 6.41 21.17
CA ALA L 118 -85.58 6.53 21.54
C ALA L 118 -84.68 5.94 20.45
N LEU L 119 -85.03 4.76 19.95
CA LEU L 119 -84.25 4.16 18.87
C LEU L 119 -84.46 4.91 17.56
N ASN L 120 -85.63 5.50 17.36
CA ASN L 120 -85.88 6.27 16.14
C ASN L 120 -84.96 7.47 16.04
N ASP L 121 -84.74 8.15 17.16
CA ASP L 121 -83.80 9.26 17.16
C ASP L 121 -82.37 8.79 16.91
N GLU L 122 -82.09 7.51 17.20
CA GLU L 122 -80.75 6.99 16.97
C GLU L 122 -80.45 6.84 15.48
N LEU L 123 -81.44 6.41 14.69
CA LEU L 123 -81.25 6.33 13.25
C LEU L 123 -80.93 7.71 12.68
N ASN L 124 -81.70 8.72 13.08
CA ASN L 124 -81.44 10.07 12.60
C ASN L 124 -80.10 10.59 13.07
N ARG L 125 -79.73 10.33 14.33
CA ARG L 125 -78.48 10.86 14.85
C ARG L 125 -77.27 10.23 14.16
N VAL L 126 -77.30 8.91 13.97
CA VAL L 126 -76.16 8.25 13.33
C VAL L 126 -76.04 8.68 11.88
N ALA L 127 -77.16 9.00 11.23
CA ALA L 127 -77.11 9.46 9.85
C ALA L 127 -76.45 10.83 9.73
N GLU L 128 -76.38 11.57 10.84
CA GLU L 128 -75.75 12.89 10.85
C GLU L 128 -74.46 12.92 11.66
N THR L 129 -74.11 11.84 12.35
CA THR L 129 -72.89 11.82 13.16
C THR L 129 -71.70 11.31 12.36
N THR L 130 -71.87 10.26 11.58
CA THR L 130 -70.78 9.72 10.76
C THR L 130 -70.25 10.80 9.83
N SER L 131 -69.00 11.20 10.04
CA SER L 131 -68.45 12.35 9.35
C SER L 131 -67.25 12.02 8.47
N PHE L 132 -66.28 11.28 9.00
CA PHE L 132 -65.03 11.00 8.30
C PHE L 132 -64.33 12.31 7.92
N GLY L 133 -63.91 13.03 8.96
CA GLY L 133 -63.18 14.26 8.77
C GLY L 133 -64.00 15.38 8.15
N GLY L 134 -65.19 15.61 8.69
CA GLY L 134 -66.00 16.75 8.29
C GLY L 134 -66.97 16.51 7.16
N ASN L 135 -66.92 15.35 6.51
CA ASN L 135 -67.89 15.03 5.47
C ASN L 135 -69.18 14.55 6.14
N LYS L 136 -70.12 14.03 5.34
CA LYS L 136 -71.38 13.51 5.85
C LYS L 136 -71.73 12.28 5.01
N LEU L 137 -71.42 11.10 5.54
CA LEU L 137 -71.51 9.89 4.73
C LEU L 137 -72.96 9.48 4.47
N LEU L 138 -73.80 9.47 5.51
CA LEU L 138 -75.15 8.95 5.39
C LEU L 138 -76.23 10.02 5.45
N ASN L 139 -75.85 11.29 5.59
CA ASN L 139 -76.84 12.35 5.66
C ASN L 139 -77.58 12.56 4.34
N GLY L 140 -77.06 12.05 3.23
CA GLY L 140 -77.61 12.28 1.93
C GLY L 140 -76.96 13.42 1.17
N THR L 141 -76.19 14.27 1.85
CA THR L 141 -75.44 15.31 1.17
C THR L 141 -74.28 14.75 0.36
N PHE L 142 -73.82 13.55 0.70
CA PHE L 142 -72.76 12.89 -0.05
C PHE L 142 -73.32 12.40 -1.37
N ALA L 143 -73.18 13.22 -2.41
CA ALA L 143 -73.67 12.87 -3.74
C ALA L 143 -72.69 11.92 -4.41
N THR L 144 -72.86 11.70 -5.71
CA THR L 144 -71.95 10.85 -6.46
C THR L 144 -70.57 11.48 -6.46
N LYS L 145 -69.61 10.82 -5.80
CA LYS L 145 -68.24 11.28 -5.74
C LYS L 145 -67.36 10.29 -6.51
N SER L 146 -66.52 10.83 -7.40
CA SER L 146 -65.69 10.02 -8.26
C SER L 146 -64.29 9.92 -7.67
N PHE L 147 -63.72 8.72 -7.68
CA PHE L 147 -62.39 8.46 -7.15
C PHE L 147 -61.46 8.15 -8.30
N GLN L 148 -60.48 9.03 -8.53
CA GLN L 148 -59.51 8.87 -9.59
C GLN L 148 -58.52 7.77 -9.19
N ILE L 149 -58.66 6.60 -9.80
CA ILE L 149 -57.85 5.44 -9.43
C ILE L 149 -57.02 4.98 -10.60
N GLY L 150 -56.63 5.90 -11.48
CA GLY L 150 -55.85 5.56 -12.65
C GLY L 150 -54.61 6.42 -12.76
N ALA L 151 -53.67 5.94 -13.58
CA ALA L 151 -52.44 6.69 -13.80
C ALA L 151 -52.72 8.01 -14.49
N ASP L 152 -53.59 8.02 -15.49
CA ASP L 152 -53.97 9.22 -16.19
C ASP L 152 -55.34 9.69 -15.69
N ASN L 153 -55.89 10.70 -16.35
CA ASN L 153 -57.22 11.20 -16.01
C ASN L 153 -58.29 10.43 -16.78
N GLY L 154 -59.51 10.49 -16.27
CA GLY L 154 -60.66 9.91 -16.92
C GLY L 154 -61.09 8.56 -16.39
N GLU L 155 -60.17 7.78 -15.83
CA GLU L 155 -60.52 6.46 -15.29
C GLU L 155 -60.78 6.54 -13.79
N ALA L 156 -61.87 7.21 -13.44
CA ALA L 156 -62.37 7.27 -12.07
C ALA L 156 -63.65 6.45 -11.96
N VAL L 157 -64.03 6.18 -10.71
CA VAL L 157 -65.18 5.34 -10.41
C VAL L 157 -66.14 6.13 -9.53
N MET L 158 -67.41 6.16 -9.91
CA MET L 158 -68.42 6.89 -9.15
C MET L 158 -69.01 6.02 -8.06
N LEU L 159 -69.01 6.55 -6.83
CA LEU L 159 -69.62 5.88 -5.70
C LEU L 159 -70.62 6.82 -5.07
N ASN L 160 -71.84 6.33 -4.84
CA ASN L 160 -72.90 7.12 -4.24
C ASN L 160 -73.41 6.42 -2.99
N ILE L 161 -73.67 7.20 -1.95
CA ILE L 161 -74.21 6.69 -0.69
C ILE L 161 -75.58 7.34 -0.49
N LYS L 162 -76.61 6.51 -0.34
CA LYS L 162 -77.97 7.00 -0.23
C LYS L 162 -78.27 7.44 1.20
N ASP L 163 -79.18 8.40 1.32
CA ASP L 163 -79.57 8.91 2.62
C ASP L 163 -80.33 7.84 3.42
N MET L 164 -79.99 7.71 4.69
CA MET L 164 -80.68 6.80 5.59
C MET L 164 -81.09 7.48 6.88
N ARG L 165 -81.72 8.64 6.77
CA ARG L 165 -82.56 9.12 7.85
C ARG L 165 -83.74 8.17 8.01
N SER L 166 -84.30 8.14 9.21
CA SER L 166 -85.42 7.25 9.47
C SER L 166 -86.66 7.66 8.68
N ASP L 167 -86.70 8.87 8.13
CA ASP L 167 -87.85 9.36 7.39
C ASP L 167 -87.64 9.32 5.88
N ASN L 168 -86.60 8.66 5.40
CA ASN L 168 -86.35 8.59 3.96
C ASN L 168 -87.51 7.88 3.27
N ALA L 169 -87.87 8.39 2.08
CA ALA L 169 -89.01 7.84 1.36
C ALA L 169 -88.79 6.37 0.99
N LEU L 170 -87.52 5.99 0.81
CA LEU L 170 -87.22 4.61 0.46
C LEU L 170 -87.21 3.68 1.67
N MET L 171 -87.22 4.25 2.88
CA MET L 171 -87.18 3.42 4.09
C MET L 171 -88.46 2.61 4.25
N GLY L 172 -89.61 3.26 4.10
CA GLY L 172 -90.88 2.57 4.30
C GLY L 172 -91.59 2.24 3.01
N GLY L 173 -92.87 2.59 2.91
CA GLY L 173 -93.62 2.32 1.71
C GLY L 173 -95.08 2.65 1.89
N LYS L 174 -95.87 2.27 0.89
CA LYS L 174 -97.30 2.53 0.89
C LYS L 174 -98.00 1.59 1.87
N THR L 175 -99.18 2.02 2.33
CA THR L 175 -100.03 1.18 3.15
C THR L 175 -101.48 1.44 2.78
N TYR L 176 -102.32 0.43 2.98
CA TYR L 176 -103.73 0.50 2.64
C TYR L 176 -104.54 -0.06 3.79
N GLN L 177 -105.69 0.55 4.07
CA GLN L 177 -106.51 0.20 5.21
C GLN L 177 -107.92 -0.10 4.75
N ALA L 178 -108.41 -1.29 5.07
CA ALA L 178 -109.78 -1.66 4.71
C ALA L 178 -110.77 -0.81 5.50
N ALA L 179 -111.80 -0.33 4.80
CA ALA L 179 -112.76 0.58 5.43
C ALA L 179 -113.62 -0.14 6.46
N ASN L 180 -114.15 -1.30 6.10
CA ASN L 180 -115.06 -2.05 6.96
C ASN L 180 -114.37 -3.29 7.50
N GLY L 181 -114.45 -3.49 8.82
CA GLY L 181 -113.84 -4.64 9.45
C GLY L 181 -114.79 -5.81 9.59
N LYS L 182 -114.22 -6.99 9.78
CA LYS L 182 -114.97 -8.22 9.94
C LYS L 182 -114.72 -8.80 11.33
N ASP L 183 -115.79 -9.19 12.01
CA ASP L 183 -115.67 -9.73 13.36
C ASP L 183 -115.08 -11.14 13.33
N LYS L 184 -114.95 -11.72 14.52
CA LYS L 184 -114.38 -13.06 14.63
C LYS L 184 -115.27 -14.09 13.94
N ASN L 185 -116.58 -14.01 14.13
CA ASN L 185 -117.48 -14.99 13.54
C ASN L 185 -117.50 -14.95 12.02
N TRP L 186 -117.12 -13.82 11.43
CA TRP L 186 -117.15 -13.69 9.98
C TRP L 186 -116.10 -14.59 9.33
N GLY L 187 -116.47 -15.15 8.18
CA GLY L 187 -115.55 -15.93 7.39
C GLY L 187 -115.72 -15.62 5.91
N VAL L 188 -114.82 -16.17 5.11
CA VAL L 188 -114.88 -15.96 3.67
C VAL L 188 -116.04 -16.75 3.11
N GLU L 189 -116.97 -16.06 2.45
CA GLU L 189 -118.17 -16.69 1.92
C GLU L 189 -117.92 -17.22 0.51
N ALA L 190 -118.78 -18.15 0.10
CA ALA L 190 -118.66 -18.76 -1.21
C ALA L 190 -118.99 -17.74 -2.31
N GLY L 191 -118.25 -17.83 -3.41
CA GLY L 191 -118.47 -16.98 -4.56
C GLY L 191 -117.87 -15.59 -4.46
N LYS L 192 -117.19 -15.27 -3.36
CA LYS L 192 -116.59 -13.95 -3.17
C LYS L 192 -115.19 -14.09 -2.63
N THR L 193 -114.48 -15.13 -3.07
CA THR L 193 -113.14 -15.42 -2.58
C THR L 193 -112.02 -14.88 -3.47
N ASP L 194 -112.35 -14.32 -4.63
CA ASP L 194 -111.33 -13.83 -5.54
C ASP L 194 -110.87 -12.44 -5.14
N LEU L 195 -109.56 -12.23 -5.24
CA LEU L 195 -108.93 -10.95 -4.88
C LEU L 195 -107.75 -10.74 -5.82
N THR L 196 -107.87 -9.81 -6.76
CA THR L 196 -106.85 -9.53 -7.74
C THR L 196 -106.21 -8.19 -7.43
N ILE L 197 -104.88 -8.16 -7.38
CA ILE L 197 -104.12 -6.95 -7.10
C ILE L 197 -103.23 -6.64 -8.30
N THR L 198 -103.36 -5.43 -8.82
CA THR L 198 -102.49 -4.96 -9.89
C THR L 198 -101.36 -4.13 -9.30
N LEU L 199 -100.12 -4.54 -9.58
CA LEU L 199 -98.95 -3.97 -8.94
C LEU L 199 -97.95 -3.52 -9.99
N LYS L 200 -97.38 -2.33 -9.79
CA LYS L 200 -96.26 -1.87 -10.59
C LYS L 200 -94.96 -2.22 -9.88
N ASP L 201 -93.94 -2.57 -10.65
CA ASP L 201 -92.68 -3.04 -10.10
C ASP L 201 -91.53 -2.32 -10.80
N LYS L 202 -90.45 -2.09 -10.04
CA LYS L 202 -89.26 -1.50 -10.62
C LYS L 202 -88.68 -2.39 -11.71
N ARG L 203 -88.61 -3.69 -11.45
CA ARG L 203 -88.19 -4.69 -12.43
C ARG L 203 -89.37 -5.59 -12.73
N GLU L 204 -89.47 -6.01 -13.99
CA GLU L 204 -90.61 -6.77 -14.52
C GLU L 204 -91.93 -6.23 -13.96
N GLY L 205 -92.18 -4.95 -14.24
CA GLY L 205 -93.33 -4.27 -13.72
C GLY L 205 -94.62 -4.73 -14.36
N ASP L 206 -95.72 -4.15 -13.88
CA ASP L 206 -97.07 -4.48 -14.33
C ASP L 206 -97.35 -5.98 -14.17
N VAL L 207 -97.26 -6.44 -12.93
CA VAL L 207 -97.52 -7.82 -12.58
C VAL L 207 -98.81 -7.86 -11.75
N THR L 208 -99.78 -8.64 -12.21
CA THR L 208 -101.05 -8.81 -11.53
C THR L 208 -101.14 -10.24 -11.03
N ILE L 209 -101.42 -10.40 -9.73
CA ILE L 209 -101.55 -11.71 -9.11
C ILE L 209 -102.97 -11.87 -8.59
N SER L 210 -103.44 -13.11 -8.53
CA SER L 210 -104.79 -13.42 -8.09
C SER L 210 -104.73 -14.32 -6.87
N ILE L 211 -105.51 -13.98 -5.84
CA ILE L 211 -105.56 -14.73 -4.59
C ILE L 211 -106.98 -15.24 -4.40
N ASN L 212 -107.12 -16.55 -4.24
CA ASN L 212 -108.41 -17.18 -3.99
C ASN L 212 -108.39 -17.74 -2.56
N ALA L 213 -108.94 -16.96 -1.63
CA ALA L 213 -108.97 -17.38 -0.24
C ALA L 213 -109.88 -18.59 -0.06
N LYS L 214 -109.45 -19.51 0.80
CA LYS L 214 -110.26 -20.69 1.07
C LYS L 214 -111.52 -20.31 1.81
N GLU L 215 -112.64 -20.91 1.40
CA GLU L 215 -113.92 -20.60 2.00
C GLU L 215 -113.95 -21.03 3.47
N GLY L 216 -114.49 -20.16 4.32
CA GLY L 216 -114.63 -20.42 5.74
C GLY L 216 -113.51 -19.88 6.60
N ASP L 217 -112.40 -19.45 6.00
CA ASP L 217 -111.30 -18.89 6.78
C ASP L 217 -111.71 -17.57 7.41
N ASP L 218 -111.31 -17.37 8.66
CA ASP L 218 -111.63 -16.14 9.37
C ASP L 218 -110.72 -15.00 8.87
N ILE L 219 -110.84 -13.85 9.51
CA ILE L 219 -110.13 -12.66 9.05
C ILE L 219 -108.63 -12.79 9.30
N GLU L 220 -108.25 -13.35 10.46
CA GLU L 220 -106.83 -13.45 10.79
C GLU L 220 -106.10 -14.39 9.83
N GLU L 221 -106.73 -15.52 9.50
CA GLU L 221 -106.11 -16.47 8.58
C GLU L 221 -106.17 -16.00 7.13
N LEU L 222 -107.07 -15.07 6.81
CA LEU L 222 -107.03 -14.45 5.49
C LEU L 222 -105.73 -13.69 5.28
N ALA L 223 -105.29 -12.95 6.31
CA ALA L 223 -104.02 -12.25 6.22
C ALA L 223 -102.86 -13.23 6.10
N THR L 224 -102.92 -14.36 6.80
CA THR L 224 -101.87 -15.36 6.70
C THR L 224 -101.82 -15.95 5.30
N TYR L 225 -102.98 -16.18 4.68
CA TYR L 225 -103.00 -16.73 3.34
C TYR L 225 -102.34 -15.79 2.34
N ILE L 226 -102.63 -14.49 2.44
CA ILE L 226 -102.05 -13.53 1.51
C ILE L 226 -100.54 -13.48 1.66
N ASN L 227 -100.06 -13.53 2.91
CA ASN L 227 -98.62 -13.51 3.14
C ASN L 227 -97.94 -14.73 2.53
N GLY L 228 -98.56 -15.90 2.67
CA GLY L 228 -97.97 -17.11 2.11
C GLY L 228 -97.96 -17.11 0.59
N GLN L 229 -99.01 -16.57 -0.03
CA GLN L 229 -99.13 -16.66 -1.49
C GLN L 229 -98.03 -15.87 -2.19
N THR L 230 -97.73 -14.66 -1.71
CA THR L 230 -96.76 -13.81 -2.39
C THR L 230 -95.92 -13.05 -1.36
N ASP L 231 -94.68 -12.77 -1.75
CA ASP L 231 -93.79 -11.93 -0.96
C ASP L 231 -93.84 -10.46 -1.35
N MET L 232 -94.58 -10.12 -2.41
CA MET L 232 -94.70 -8.74 -2.85
C MET L 232 -95.61 -7.92 -1.95
N ILE L 233 -96.42 -8.56 -1.11
CA ILE L 233 -97.48 -7.91 -0.36
C ILE L 233 -97.49 -8.45 1.05
N LYS L 234 -97.63 -7.56 2.03
CA LYS L 234 -97.74 -7.94 3.44
C LYS L 234 -99.13 -7.57 3.94
N ALA L 235 -99.84 -8.54 4.50
CA ALA L 235 -101.20 -8.36 4.97
C ALA L 235 -101.28 -8.62 6.46
N SER L 236 -102.22 -7.94 7.11
CA SER L 236 -102.42 -8.08 8.55
C SER L 236 -103.81 -7.56 8.90
N VAL L 237 -104.18 -7.71 10.17
CA VAL L 237 -105.45 -7.27 10.71
C VAL L 237 -105.18 -6.47 11.96
N ASP L 238 -105.87 -5.33 12.12
CA ASP L 238 -105.49 -4.36 13.16
C ASP L 238 -106.26 -4.56 14.46
N GLU L 239 -107.56 -4.28 14.47
CA GLU L 239 -108.37 -4.48 15.67
C GLU L 239 -109.77 -5.01 15.40
N GLU L 240 -110.29 -4.92 14.18
CA GLU L 240 -111.68 -5.23 13.92
C GLU L 240 -111.89 -6.02 12.64
N GLY L 241 -110.83 -6.53 12.03
CA GLY L 241 -110.92 -7.20 10.75
C GLY L 241 -110.45 -6.39 9.57
N LYS L 242 -110.16 -5.11 9.77
CA LYS L 242 -109.66 -4.28 8.68
C LYS L 242 -108.25 -4.69 8.31
N LEU L 243 -108.02 -4.91 7.03
CA LEU L 243 -106.71 -5.37 6.56
C LEU L 243 -105.77 -4.19 6.42
N GLN L 244 -104.55 -4.34 6.96
CA GLN L 244 -103.50 -3.35 6.77
C GLN L 244 -102.54 -3.87 5.71
N LEU L 245 -102.92 -3.65 4.46
CA LEU L 245 -102.07 -4.01 3.34
C LEU L 245 -100.81 -3.13 3.34
N PHE L 246 -99.69 -3.72 2.98
CA PHE L 246 -98.42 -3.00 2.95
C PHE L 246 -97.75 -3.17 1.59
N THR L 247 -96.95 -2.18 1.24
CA THR L 247 -96.27 -2.14 -0.05
C THR L 247 -94.86 -1.62 0.17
N ASP L 248 -93.87 -2.39 -0.26
CA ASP L 248 -92.47 -2.01 -0.09
C ASP L 248 -92.11 -1.02 -1.20
N ASN L 249 -91.74 0.20 -0.80
CA ASN L 249 -91.57 1.28 -1.77
C ASN L 249 -90.38 1.07 -2.71
N ASN L 250 -89.43 0.21 -2.35
CA ASN L 250 -88.24 0.10 -3.19
C ASN L 250 -88.44 -0.85 -4.37
N ARG L 251 -89.53 -1.62 -4.41
CA ARG L 251 -89.78 -2.47 -5.55
C ARG L 251 -91.24 -2.55 -5.99
N ILE L 252 -92.17 -1.90 -5.31
CA ILE L 252 -93.57 -1.87 -5.78
C ILE L 252 -93.95 -0.40 -5.98
N ASP L 253 -92.99 0.39 -6.48
CA ASP L 253 -93.25 1.81 -6.75
C ASP L 253 -94.56 2.01 -7.51
N GLY L 254 -95.28 3.05 -7.15
CA GLY L 254 -96.56 3.36 -7.76
C GLY L 254 -97.73 2.87 -6.92
N ALA L 255 -98.92 3.28 -7.34
CA ALA L 255 -100.13 2.92 -6.61
C ALA L 255 -100.51 1.47 -6.88
N ALA L 256 -101.39 0.95 -6.03
CA ALA L 256 -101.88 -0.41 -6.14
C ALA L 256 -103.38 -0.40 -6.46
N THR L 257 -103.82 -1.33 -7.28
CA THR L 257 -105.22 -1.46 -7.67
C THR L 257 -105.77 -2.77 -7.12
N PHE L 258 -106.93 -2.70 -6.48
CA PHE L 258 -107.58 -3.86 -5.90
C PHE L 258 -108.83 -4.20 -6.70
N GLY L 259 -109.13 -5.49 -6.78
CA GLY L 259 -110.26 -5.94 -7.57
C GLY L 259 -110.76 -7.30 -7.10
N GLY L 260 -111.88 -7.71 -7.67
CA GLY L 260 -112.53 -8.95 -7.30
C GLY L 260 -113.66 -8.71 -6.31
N ALA L 261 -114.47 -9.76 -6.14
CA ALA L 261 -115.61 -9.67 -5.22
C ALA L 261 -115.15 -9.44 -3.79
N LEU L 262 -114.06 -10.09 -3.38
CA LEU L 262 -113.56 -9.90 -2.02
C LEU L 262 -113.11 -8.47 -1.79
N ALA L 263 -112.48 -7.85 -2.79
CA ALA L 263 -112.05 -6.47 -2.65
C ALA L 263 -113.25 -5.54 -2.42
N GLY L 264 -114.33 -5.76 -3.16
CA GLY L 264 -115.54 -4.99 -2.91
C GLY L 264 -116.14 -5.28 -1.55
N GLU L 265 -116.03 -6.54 -1.10
CA GLU L 265 -116.52 -6.89 0.22
C GLU L 265 -115.77 -6.13 1.30
N LEU L 266 -114.46 -6.00 1.15
CA LEU L 266 -113.63 -5.23 2.08
C LEU L 266 -113.54 -3.80 1.58
N GLY L 267 -112.63 -3.01 2.17
CA GLY L 267 -112.40 -1.65 1.75
C GLY L 267 -111.13 -1.55 0.93
N ILE L 268 -111.22 -0.82 -0.18
CA ILE L 268 -110.06 -0.64 -1.04
C ILE L 268 -108.97 0.15 -0.32
N GLY L 269 -109.35 1.27 0.29
CA GLY L 269 -108.40 2.07 1.03
C GLY L 269 -107.50 2.92 0.15
N ALA L 270 -107.18 4.12 0.61
CA ALA L 270 -106.28 5.00 -0.11
C ALA L 270 -104.83 4.74 0.30
N ALA L 271 -103.92 5.01 -0.64
CA ALA L 271 -102.50 4.80 -0.42
C ALA L 271 -101.97 5.87 0.52
N GLN L 272 -101.39 5.46 1.64
CA GLN L 272 -100.76 6.37 2.59
C GLN L 272 -99.28 6.04 2.69
N ASP L 273 -98.44 7.06 2.58
CA ASP L 273 -97.00 6.87 2.64
C ASP L 273 -96.55 6.91 4.10
N VAL L 274 -95.86 5.85 4.52
CA VAL L 274 -95.35 5.75 5.88
C VAL L 274 -93.88 5.35 5.82
N THR L 275 -93.13 5.76 6.84
CA THR L 275 -91.71 5.47 6.95
C THR L 275 -91.40 5.07 8.38
N VAL L 276 -90.12 4.80 8.64
CA VAL L 276 -89.70 4.39 9.98
C VAL L 276 -89.88 5.54 10.97
N ASP L 277 -89.66 6.77 10.51
CA ASP L 277 -89.88 7.92 11.40
C ASP L 277 -91.34 8.01 11.81
N THR L 278 -92.26 7.79 10.88
CA THR L 278 -93.69 7.79 11.19
C THR L 278 -94.16 6.47 11.79
N LEU L 279 -93.27 5.51 11.97
CA LEU L 279 -93.63 4.23 12.56
C LEU L 279 -94.06 4.45 13.99
N ASP L 280 -95.34 4.20 14.27
CA ASP L 280 -95.88 4.30 15.61
C ASP L 280 -96.57 2.99 15.97
N VAL L 281 -96.23 2.45 17.14
CA VAL L 281 -96.85 1.24 17.66
C VAL L 281 -97.37 1.58 19.06
N THR L 282 -98.65 1.93 19.13
CA THR L 282 -99.37 2.06 20.39
C THR L 282 -100.59 1.18 20.46
N THR L 283 -101.16 0.78 19.32
CA THR L 283 -102.22 -0.19 19.24
C THR L 283 -101.68 -1.43 18.53
N VAL L 284 -102.40 -2.54 18.66
CA VAL L 284 -101.96 -3.80 18.06
C VAL L 284 -101.85 -3.65 16.54
N GLY L 285 -102.78 -2.92 15.93
CA GLY L 285 -102.71 -2.70 14.50
C GLY L 285 -101.48 -1.97 14.05
N GLY L 286 -101.06 -0.94 14.79
CA GLY L 286 -99.84 -0.25 14.45
C GLY L 286 -98.63 -1.16 14.45
N ALA L 287 -98.59 -2.11 15.38
CA ALA L 287 -97.46 -3.04 15.45
C ALA L 287 -97.35 -3.88 14.18
N GLN L 288 -98.48 -4.34 13.66
CA GLN L 288 -98.45 -5.14 12.43
C GLN L 288 -97.94 -4.32 11.25
N GLU L 289 -98.22 -3.01 11.24
CA GLU L 289 -97.60 -2.15 10.24
C GLU L 289 -96.11 -2.03 10.45
N SER L 290 -95.67 -1.93 11.71
CA SER L 290 -94.26 -1.67 12.00
C SER L 290 -93.37 -2.81 11.52
N VAL L 291 -93.78 -4.06 11.76
CA VAL L 291 -92.93 -5.19 11.39
C VAL L 291 -92.73 -5.23 9.89
N ALA L 292 -93.78 -4.92 9.12
CA ALA L 292 -93.64 -4.84 7.67
C ALA L 292 -92.76 -3.68 7.25
N ILE L 293 -92.92 -2.52 7.91
CA ILE L 293 -92.12 -1.34 7.57
C ILE L 293 -90.65 -1.60 7.82
N VAL L 294 -90.33 -2.23 8.96
CA VAL L 294 -88.94 -2.50 9.31
C VAL L 294 -88.33 -3.46 8.30
N ASP L 295 -89.11 -4.43 7.82
CA ASP L 295 -88.59 -5.36 6.82
C ASP L 295 -88.21 -4.63 5.55
N ALA L 296 -89.02 -3.66 5.13
CA ALA L 296 -88.67 -2.86 3.96
C ALA L 296 -87.41 -2.05 4.20
N ALA L 297 -87.29 -1.45 5.39
CA ALA L 297 -86.09 -0.67 5.69
C ALA L 297 -84.86 -1.57 5.77
N LEU L 298 -85.00 -2.75 6.38
CA LEU L 298 -83.87 -3.67 6.48
C LEU L 298 -83.43 -4.16 5.11
N LYS L 299 -84.40 -4.46 4.24
CA LYS L 299 -84.06 -4.90 2.90
C LYS L 299 -83.33 -3.81 2.13
N TYR L 300 -83.77 -2.56 2.29
CA TYR L 300 -83.07 -1.45 1.64
C TYR L 300 -81.67 -1.27 2.20
N VAL L 301 -81.53 -1.38 3.52
CA VAL L 301 -80.21 -1.23 4.13
C VAL L 301 -79.29 -2.35 3.66
N ASP L 302 -79.78 -3.59 3.66
CA ASP L 302 -78.97 -4.71 3.22
C ASP L 302 -78.59 -4.58 1.75
N SER L 303 -79.50 -4.08 0.92
CA SER L 303 -79.21 -3.93 -0.49
C SER L 303 -78.08 -2.93 -0.71
N HIS L 304 -78.09 -1.81 0.02
CA HIS L 304 -77.00 -0.85 -0.12
C HIS L 304 -75.73 -1.34 0.57
N ARG L 305 -75.86 -2.18 1.59
CA ARG L 305 -74.68 -2.81 2.17
C ARG L 305 -73.99 -3.70 1.15
N ALA L 306 -74.77 -4.43 0.36
CA ALA L 306 -74.19 -5.24 -0.72
C ALA L 306 -73.55 -4.36 -1.78
N GLU L 307 -74.16 -3.22 -2.09
CA GLU L 307 -73.58 -2.32 -3.08
C GLU L 307 -72.25 -1.75 -2.60
N LEU L 308 -72.17 -1.37 -1.33
CA LEU L 308 -70.89 -0.95 -0.77
C LEU L 308 -69.89 -2.10 -0.74
N GLY L 309 -70.36 -3.30 -0.43
CA GLY L 309 -69.48 -4.46 -0.45
C GLY L 309 -68.91 -4.74 -1.83
N ALA L 310 -69.74 -4.59 -2.86
CA ALA L 310 -69.25 -4.72 -4.24
C ALA L 310 -68.22 -3.65 -4.55
N PHE L 311 -68.45 -2.43 -4.06
CA PHE L 311 -67.46 -1.36 -4.24
C PHE L 311 -66.16 -1.70 -3.54
N GLN L 312 -66.24 -2.28 -2.34
CA GLN L 312 -65.04 -2.72 -1.64
C GLN L 312 -64.33 -3.82 -2.41
N ASN L 313 -65.09 -4.75 -2.99
CA ASN L 313 -64.53 -5.86 -3.75
C ASN L 313 -64.09 -5.46 -5.14
N ARG L 314 -64.36 -4.23 -5.57
CA ARG L 314 -63.78 -3.74 -6.82
C ARG L 314 -62.39 -3.17 -6.60
N PHE L 315 -62.25 -2.31 -5.59
CA PHE L 315 -60.99 -1.59 -5.41
C PHE L 315 -59.90 -2.48 -4.84
N ASN L 316 -60.24 -3.51 -4.07
CA ASN L 316 -59.19 -4.40 -3.57
C ASN L 316 -58.51 -5.14 -4.72
N HIS L 317 -59.22 -5.39 -5.81
CA HIS L 317 -58.57 -5.87 -7.01
C HIS L 317 -57.85 -4.75 -7.76
N ALA L 318 -58.22 -3.49 -7.51
CA ALA L 318 -57.56 -2.38 -8.18
C ALA L 318 -56.18 -2.12 -7.58
N ILE L 319 -56.01 -2.34 -6.27
CA ILE L 319 -54.71 -2.11 -5.64
C ILE L 319 -53.66 -3.01 -6.27
N ASN L 320 -53.86 -4.33 -6.17
CA ASN L 320 -52.85 -5.25 -6.68
C ASN L 320 -52.74 -5.21 -8.19
N ASN L 321 -53.81 -4.79 -8.89
CA ASN L 321 -53.71 -4.57 -10.32
C ASN L 321 -52.74 -3.42 -10.62
N LEU L 322 -52.97 -2.26 -9.99
CA LEU L 322 -52.09 -1.13 -10.20
C LEU L 322 -50.70 -1.39 -9.65
N ASP L 323 -50.60 -2.21 -8.61
CA ASP L 323 -49.28 -2.60 -8.10
C ASP L 323 -48.54 -3.47 -9.11
N ASN L 324 -49.26 -4.36 -9.79
CA ASN L 324 -48.63 -5.14 -10.85
C ASN L 324 -48.15 -4.24 -11.98
N ILE L 325 -48.96 -3.25 -12.35
CA ILE L 325 -48.55 -2.30 -13.38
C ILE L 325 -47.34 -1.50 -12.91
N ASN L 326 -47.37 -1.00 -11.67
CA ASN L 326 -46.28 -0.20 -11.17
C ASN L 326 -45.00 -1.00 -11.02
N GLU L 327 -45.10 -2.24 -10.54
CA GLU L 327 -43.93 -3.09 -10.40
C GLU L 327 -43.28 -3.34 -11.76
N ASN L 328 -44.10 -3.63 -12.78
CA ASN L 328 -43.56 -3.91 -14.09
C ASN L 328 -43.10 -2.63 -14.80
N VAL L 329 -43.75 -1.50 -14.52
CA VAL L 329 -43.33 -0.24 -15.10
C VAL L 329 -41.96 0.17 -14.59
N ASN L 330 -41.71 -0.04 -13.30
CA ASN L 330 -40.40 0.30 -12.74
C ASN L 330 -39.31 -0.54 -13.39
N ALA L 331 -39.61 -1.81 -13.69
CA ALA L 331 -38.66 -2.63 -14.43
C ALA L 331 -38.40 -2.03 -15.82
N SER L 332 -39.45 -1.52 -16.46
CA SER L 332 -39.26 -0.84 -17.74
C SER L 332 -38.48 0.45 -17.58
N LYS L 333 -38.64 1.13 -16.44
CA LYS L 333 -37.84 2.30 -16.10
C LYS L 333 -36.53 1.88 -15.45
N SER L 334 -35.86 0.94 -16.10
CA SER L 334 -34.56 0.45 -15.69
C SER L 334 -33.98 -0.30 -16.88
N ARG L 335 -32.69 -0.09 -17.14
CA ARG L 335 -31.99 -0.40 -18.38
C ARG L 335 -32.45 0.49 -19.53
N ILE L 336 -33.47 1.31 -19.31
CA ILE L 336 -33.77 2.45 -20.17
C ILE L 336 -33.23 3.74 -19.55
N LYS L 337 -33.42 3.91 -18.25
CA LYS L 337 -32.85 5.01 -17.49
C LYS L 337 -31.80 4.55 -16.50
N ASP L 338 -32.10 3.53 -15.69
CA ASP L 338 -31.14 3.04 -14.72
C ASP L 338 -29.92 2.45 -15.41
N THR L 339 -28.75 2.73 -14.85
CA THR L 339 -27.49 2.19 -15.36
C THR L 339 -27.07 0.99 -14.52
N ASP L 340 -26.55 -0.04 -15.19
CA ASP L 340 -26.00 -1.18 -14.50
C ASP L 340 -24.53 -0.90 -14.17
N PHE L 341 -24.17 -1.09 -12.91
CA PHE L 341 -22.82 -0.74 -12.46
C PHE L 341 -21.76 -1.69 -13.01
N ALA L 342 -22.17 -2.85 -13.50
CA ALA L 342 -21.21 -3.82 -14.01
C ALA L 342 -20.44 -3.27 -15.21
N LYS L 343 -21.17 -3.01 -16.31
CA LYS L 343 -20.51 -2.57 -17.53
C LYS L 343 -20.14 -1.10 -17.49
N GLU L 344 -20.80 -0.31 -16.62
CA GLU L 344 -20.50 1.11 -16.57
C GLU L 344 -19.17 1.35 -15.87
N THR L 345 -18.87 0.58 -14.83
CA THR L 345 -17.60 0.72 -14.14
C THR L 345 -16.43 0.32 -15.05
N THR L 346 -16.59 -0.76 -15.82
CA THR L 346 -15.53 -1.18 -16.73
C THR L 346 -15.26 -0.12 -17.78
N ALA L 347 -16.32 0.55 -18.26
CA ALA L 347 -16.12 1.66 -19.19
C ALA L 347 -15.33 2.79 -18.55
N LEU L 348 -15.61 3.07 -17.28
CA LEU L 348 -14.84 4.09 -16.57
C LEU L 348 -13.38 3.69 -16.44
N THR L 349 -13.12 2.44 -16.06
CA THR L 349 -11.74 1.99 -15.90
C THR L 349 -11.00 2.02 -17.22
N LYS L 350 -11.63 1.57 -18.29
CA LYS L 350 -11.01 1.61 -19.61
C LYS L 350 -10.69 3.04 -20.01
N ALA L 351 -11.60 3.98 -19.72
CA ALA L 351 -11.34 5.38 -20.01
C ALA L 351 -10.17 5.91 -19.20
N GLN L 352 -10.06 5.50 -17.94
CA GLN L 352 -8.96 5.95 -17.10
C GLN L 352 -7.61 5.48 -17.65
N ILE L 353 -7.55 4.22 -18.08
CA ILE L 353 -6.31 3.71 -18.68
C ILE L 353 -6.01 4.45 -19.98
N LEU L 354 -7.04 4.70 -20.79
CA LEU L 354 -6.84 5.40 -22.06
C LEU L 354 -6.26 6.79 -21.83
N SER L 355 -6.81 7.54 -20.88
CA SER L 355 -6.28 8.87 -20.58
C SER L 355 -4.88 8.80 -20.03
N GLN L 356 -4.60 7.79 -19.18
CA GLN L 356 -3.27 7.63 -18.62
C GLN L 356 -2.25 7.31 -19.71
N ALA L 357 -2.63 6.47 -20.67
CA ALA L 357 -1.70 6.09 -21.74
C ALA L 357 -1.38 7.28 -22.63
N SER L 358 -2.41 8.03 -23.04
CA SER L 358 -2.18 9.17 -23.92
C SER L 358 -1.36 10.24 -23.22
N SER L 359 -1.62 10.47 -21.93
CA SER L 359 -0.85 11.46 -21.18
C SER L 359 0.62 11.10 -21.12
N SER L 360 0.94 9.81 -20.98
CA SER L 360 2.34 9.40 -21.02
C SER L 360 2.95 9.60 -22.39
N VAL L 361 2.16 9.40 -23.46
CA VAL L 361 2.64 9.66 -24.80
C VAL L 361 2.90 11.15 -25.00
N LEU L 362 2.12 12.00 -24.32
CA LEU L 362 2.44 13.43 -24.32
C LEU L 362 3.82 13.67 -23.73
N ALA L 363 4.14 12.98 -22.63
CA ALA L 363 5.46 13.08 -22.05
C ALA L 363 6.54 12.45 -22.91
N GLN L 364 6.16 11.70 -23.94
CA GLN L 364 7.12 11.12 -24.87
C GLN L 364 7.28 11.91 -26.16
N ALA L 365 6.22 12.57 -26.63
CA ALA L 365 6.28 13.38 -27.83
C ALA L 365 6.68 14.82 -27.57
N LYS L 366 6.79 15.21 -26.29
CA LYS L 366 7.24 16.57 -25.99
C LYS L 366 8.72 16.75 -26.29
N GLN L 367 9.51 15.69 -26.21
CA GLN L 367 10.93 15.76 -26.51
C GLN L 367 11.24 15.52 -27.98
N ALA L 368 10.21 15.33 -28.81
CA ALA L 368 10.46 15.19 -30.25
C ALA L 368 11.16 16.40 -30.84
N PRO L 369 10.73 17.64 -30.59
CA PRO L 369 11.53 18.78 -31.07
C PRO L 369 12.89 18.87 -30.42
N ASN L 370 13.04 18.34 -29.20
CA ASN L 370 14.32 18.41 -28.50
C ASN L 370 15.39 17.65 -29.28
N SER L 371 15.05 16.48 -29.82
CA SER L 371 16.00 15.72 -30.61
C SER L 371 16.42 16.50 -31.86
N ALA L 372 15.49 17.26 -32.46
CA ALA L 372 15.84 18.09 -33.61
C ALA L 372 16.87 19.13 -33.23
N LEU L 373 16.74 19.72 -32.05
CA LEU L 373 17.73 20.68 -31.58
C LEU L 373 19.07 20.00 -31.28
N ALA L 374 19.03 18.74 -30.82
CA ALA L 374 20.24 18.08 -30.37
C ALA L 374 21.28 17.92 -31.46
N LEU L 375 20.87 17.89 -32.74
CA LEU L 375 21.85 17.72 -33.81
C LEU L 375 22.66 18.97 -34.03
N LEU L 376 22.19 20.12 -33.54
CA LEU L 376 22.89 21.39 -33.69
C LEU L 376 23.31 21.87 -32.30
N GLY L 377 24.61 22.13 -32.14
CA GLY L 377 25.14 22.54 -30.86
C GLY L 377 24.65 23.91 -30.41
N MET M 1 45.09 55.37 -29.08
CA MET M 1 45.88 56.41 -28.43
C MET M 1 46.53 55.90 -27.15
N ALA M 2 45.74 55.27 -26.29
CA ALA M 2 46.18 54.89 -24.95
C ALA M 2 45.87 53.43 -24.69
N VAL M 3 46.89 52.58 -24.78
CA VAL M 3 46.80 51.20 -24.31
C VAL M 3 47.93 50.98 -23.31
N ASN M 4 47.59 50.37 -22.17
CA ASN M 4 48.52 50.30 -21.06
C ASN M 4 48.59 48.87 -20.55
N VAL M 5 49.71 48.54 -19.89
CA VAL M 5 49.92 47.20 -19.36
C VAL M 5 50.07 47.27 -17.85
N ASN M 6 50.52 48.41 -17.34
CA ASN M 6 50.71 48.54 -15.89
C ASN M 6 49.38 48.58 -15.15
N THR M 7 48.40 49.32 -15.68
CA THR M 7 47.11 49.48 -15.03
C THR M 7 46.03 48.85 -15.90
N ASN M 8 45.23 47.98 -15.28
CA ASN M 8 44.13 47.29 -15.95
C ASN M 8 42.84 47.71 -15.25
N VAL M 9 42.28 48.83 -15.70
CA VAL M 9 41.07 49.36 -15.06
C VAL M 9 39.90 48.43 -15.27
N SER M 10 39.78 47.84 -16.47
CA SER M 10 38.68 46.94 -16.75
C SER M 10 38.71 45.72 -15.85
N ALA M 11 39.91 45.18 -15.59
CA ALA M 11 40.02 44.04 -14.68
C ALA M 11 39.58 44.41 -13.26
N MET M 12 39.99 45.59 -12.78
CA MET M 12 39.61 45.99 -11.44
C MET M 12 38.12 46.27 -11.33
N THR M 13 37.51 46.83 -12.38
CA THR M 13 36.08 47.10 -12.35
C THR M 13 35.28 45.81 -12.26
N ALA M 14 35.63 44.81 -13.08
CA ALA M 14 34.95 43.52 -12.99
C ALA M 14 35.24 42.83 -11.67
N GLN M 15 36.34 43.22 -11.01
CA GLN M 15 36.69 42.63 -9.73
C GLN M 15 35.78 43.14 -8.62
N ARG M 16 35.47 44.44 -8.63
CA ARG M 16 34.58 45.00 -7.63
C ARG M 16 33.20 44.37 -7.71
N TYR M 17 32.71 44.13 -8.92
CA TYR M 17 31.41 43.49 -9.07
C TYR M 17 31.48 42.01 -8.75
N LEU M 18 32.65 41.39 -8.96
CA LEU M 18 32.83 39.99 -8.56
C LEU M 18 32.73 39.85 -7.05
N THR M 19 33.41 40.73 -6.30
CA THR M 19 33.37 40.66 -4.84
C THR M 19 31.96 40.89 -4.33
N SER M 20 31.25 41.87 -4.88
CA SER M 20 29.88 42.12 -4.47
C SER M 20 28.97 40.94 -4.83
N ALA M 21 29.29 40.23 -5.91
CA ALA M 21 28.46 39.10 -6.32
C ALA M 21 28.54 37.98 -5.30
N THR M 22 29.75 37.57 -4.92
CA THR M 22 29.90 36.48 -3.96
C THR M 22 29.74 36.92 -2.51
N ASN M 23 29.74 38.23 -2.24
CA ASN M 23 29.35 38.68 -0.91
C ASN M 23 27.87 38.43 -0.68
N ALA M 24 27.04 38.73 -1.67
CA ALA M 24 25.62 38.39 -1.59
C ALA M 24 25.40 36.89 -1.65
N GLN M 25 26.22 36.19 -2.44
CA GLN M 25 26.12 34.73 -2.50
C GLN M 25 26.50 34.11 -1.16
N GLN M 26 27.55 34.61 -0.53
CA GLN M 26 27.94 34.11 0.79
C GLN M 26 26.93 34.51 1.85
N SER M 27 26.29 35.68 1.70
CA SER M 27 25.17 36.02 2.56
C SER M 27 24.02 35.05 2.37
N SER M 28 23.74 34.65 1.13
CA SER M 28 22.86 33.52 0.87
C SER M 28 23.63 32.24 1.19
N MET M 29 23.01 31.09 0.93
CA MET M 29 23.52 29.76 1.30
C MET M 29 23.94 29.70 2.76
N GLU M 30 23.48 30.66 3.56
CA GLU M 30 23.67 30.68 5.00
C GLU M 30 22.29 30.85 5.62
N ARG M 31 21.46 31.67 4.99
CA ARG M 31 20.05 31.74 5.34
C ARG M 31 19.33 30.46 4.95
N LEU M 32 19.73 29.85 3.83
CA LEU M 32 19.13 28.57 3.44
C LEU M 32 19.44 27.48 4.45
N SER M 33 20.69 27.42 4.91
CA SER M 33 21.06 26.38 5.87
C SER M 33 20.48 26.65 7.25
N SER M 34 20.57 27.90 7.71
CA SER M 34 20.07 28.23 9.04
C SER M 34 18.55 28.20 9.10
N GLY M 35 17.87 28.52 8.00
CA GLY M 35 16.45 28.68 8.00
C GLY M 35 15.96 30.05 8.41
N TYR M 36 16.86 30.94 8.82
CA TYR M 36 16.52 32.31 9.19
C TYR M 36 17.15 33.28 8.20
N LYS M 37 16.34 34.22 7.70
CA LYS M 37 16.89 35.35 6.98
C LYS M 37 17.51 36.39 7.90
N ILE M 38 17.33 36.24 9.22
CA ILE M 38 17.93 37.11 10.21
C ILE M 38 18.88 36.24 11.04
N ASN M 39 20.17 36.34 10.75
CA ASN M 39 21.19 35.64 11.53
C ASN M 39 22.10 36.58 12.28
N SER M 40 22.20 37.83 11.87
CA SER M 40 23.01 38.84 12.54
C SER M 40 22.30 40.18 12.39
N ALA M 41 22.73 41.15 13.21
CA ALA M 41 22.13 42.48 13.12
C ALA M 41 22.43 43.17 11.80
N LYS M 42 23.36 42.64 11.01
CA LYS M 42 23.63 43.22 9.69
C LYS M 42 22.40 43.19 8.81
N ASP M 43 21.68 42.08 8.80
CA ASP M 43 20.56 41.92 7.89
C ASP M 43 19.46 42.92 8.17
N ASP M 44 19.02 43.00 9.43
CA ASP M 44 18.01 43.97 9.83
C ASP M 44 18.19 44.22 11.33
N ALA M 45 18.82 45.34 11.67
CA ALA M 45 19.02 45.68 13.07
C ALA M 45 17.69 45.84 13.79
N ALA M 46 16.74 46.54 13.17
CA ALA M 46 15.42 46.72 13.79
C ALA M 46 14.71 45.38 13.96
N GLY M 47 14.81 44.50 12.97
CA GLY M 47 14.14 43.22 13.04
C GLY M 47 14.69 42.30 14.11
N LEU M 48 15.92 42.54 14.56
CA LEU M 48 16.52 41.66 15.56
C LEU M 48 15.81 41.80 16.91
N GLN M 49 15.57 43.04 17.35
CA GLN M 49 14.89 43.25 18.63
C GLN M 49 13.51 42.63 18.62
N ILE M 50 12.71 42.90 17.60
CA ILE M 50 11.33 42.43 17.58
C ILE M 50 11.27 40.92 17.41
N SER M 51 12.18 40.35 16.60
CA SER M 51 12.18 38.90 16.43
C SER M 51 12.56 38.20 17.73
N ASN M 52 13.53 38.74 18.46
CA ASN M 52 13.86 38.19 19.77
C ASN M 52 12.70 38.35 20.74
N ARG M 53 11.98 39.47 20.66
CA ARG M 53 10.85 39.70 21.55
C ARG M 53 9.74 38.69 21.29
N LEU M 54 9.43 38.43 20.02
CA LEU M 54 8.46 37.38 19.71
C LEU M 54 8.96 36.02 20.16
N ASN M 55 10.25 35.73 19.95
CA ASN M 55 10.82 34.46 20.39
C ASN M 55 10.72 34.32 21.90
N VAL M 56 11.00 35.40 22.62
CA VAL M 56 10.86 35.39 24.08
C VAL M 56 9.41 35.13 24.47
N GLN M 57 8.48 35.78 23.77
CA GLN M 57 7.06 35.58 24.08
C GLN M 57 6.63 34.15 23.79
N SER M 58 7.07 33.59 22.66
CA SER M 58 6.64 32.24 22.30
C SER M 58 7.19 31.21 23.27
N ARG M 59 8.48 31.31 23.62
CA ARG M 59 9.06 30.39 24.58
C ARG M 59 8.42 30.56 25.96
N GLY M 60 8.19 31.81 26.37
CA GLY M 60 7.48 32.04 27.61
C GLY M 60 6.07 31.51 27.57
N LEU M 61 5.44 31.56 26.39
CA LEU M 61 4.12 30.96 26.22
C LEU M 61 4.18 29.45 26.44
N GLY M 62 5.23 28.80 25.92
CA GLY M 62 5.33 27.36 26.04
C GLY M 62 5.36 26.89 27.48
N VAL M 63 6.18 27.55 28.32
CA VAL M 63 6.21 27.20 29.73
C VAL M 63 4.99 27.73 30.46
N ALA M 64 4.25 28.66 29.85
CA ALA M 64 3.00 29.11 30.47
C ALA M 64 1.91 28.06 30.35
N VAL M 65 1.87 27.34 29.24
CA VAL M 65 0.94 26.23 29.10
C VAL M 65 1.27 25.14 30.12
N ARG M 66 2.56 24.84 30.28
CA ARG M 66 2.97 23.87 31.30
C ARG M 66 2.62 24.36 32.70
N ASN M 67 2.88 25.64 32.97
CA ASN M 67 2.58 26.21 34.28
C ASN M 67 1.09 26.15 34.59
N ALA M 68 0.26 26.50 33.61
CA ALA M 68 -1.19 26.44 33.81
C ALA M 68 -1.66 25.01 33.99
N ASN M 69 -1.07 24.07 33.25
CA ASN M 69 -1.48 22.68 33.33
C ASN M 69 -1.20 22.11 34.72
N ASP M 70 -0.07 22.49 35.33
CA ASP M 70 0.20 22.08 36.70
C ASP M 70 -0.86 22.63 37.64
N GLY M 71 -1.42 23.80 37.32
CA GLY M 71 -2.50 24.34 38.13
C GLY M 71 -3.73 23.46 38.10
N ILE M 72 -4.11 22.98 36.91
CA ILE M 72 -5.25 22.09 36.81
C ILE M 72 -4.94 20.75 37.46
N SER M 73 -3.72 20.24 37.28
CA SER M 73 -3.37 18.93 37.83
C SER M 73 -3.48 18.93 39.35
N MET M 74 -2.99 19.98 39.99
CA MET M 74 -3.16 20.09 41.44
C MET M 74 -4.64 20.20 41.83
N ALA M 75 -5.41 20.95 41.03
CA ALA M 75 -6.81 21.15 41.36
C ALA M 75 -7.60 19.84 41.31
N GLN M 76 -7.32 18.99 40.31
CA GLN M 76 -8.05 17.74 40.21
C GLN M 76 -7.57 16.72 41.24
N THR M 77 -6.27 16.75 41.60
CA THR M 77 -5.80 15.89 42.67
C THR M 77 -6.45 16.25 44.00
N ALA M 78 -6.56 17.54 44.29
CA ALA M 78 -7.32 17.96 45.47
C ALA M 78 -8.78 17.57 45.34
N GLU M 79 -9.32 17.66 44.12
CA GLU M 79 -10.68 17.21 43.88
C GLU M 79 -10.81 15.69 44.06
N GLY M 80 -9.70 14.96 43.94
CA GLY M 80 -9.76 13.52 44.13
C GLY M 80 -10.12 13.15 45.55
N ALA M 81 -9.41 13.72 46.52
CA ALA M 81 -9.77 13.49 47.92
C ALA M 81 -11.05 14.20 48.27
N MET M 82 -11.48 15.17 47.45
CA MET M 82 -12.74 15.87 47.69
C MET M 82 -13.91 14.90 47.63
N LYS M 83 -13.93 14.07 46.60
CA LYS M 83 -15.05 13.13 46.41
C LYS M 83 -15.09 12.11 47.54
N GLU M 84 -13.93 11.59 47.94
CA GLU M 84 -13.92 10.62 49.03
C GLU M 84 -14.32 11.27 50.35
N THR M 85 -13.98 12.55 50.52
CA THR M 85 -14.38 13.25 51.74
C THR M 85 -15.89 13.35 51.85
N THR M 86 -16.54 13.87 50.81
CA THR M 86 -17.99 14.01 50.86
C THR M 86 -18.68 12.66 50.88
N ASN M 87 -18.05 11.64 50.29
CA ASN M 87 -18.60 10.29 50.39
C ASN M 87 -18.58 9.80 51.84
N ILE M 88 -17.53 10.14 52.59
CA ILE M 88 -17.47 9.78 54.00
C ILE M 88 -18.57 10.50 54.78
N LEU M 89 -18.67 11.83 54.59
CA LEU M 89 -19.66 12.60 55.35
C LEU M 89 -21.07 12.06 55.11
N GLN M 90 -21.36 11.60 53.90
CA GLN M 90 -22.70 11.10 53.63
C GLN M 90 -22.93 9.80 54.39
N ARG M 91 -21.91 8.93 54.46
CA ARG M 91 -22.03 7.70 55.25
C ARG M 91 -22.23 8.02 56.72
N MET M 92 -21.52 9.03 57.23
CA MET M 92 -21.72 9.42 58.62
C MET M 92 -23.13 9.96 58.83
N ARG M 93 -23.64 10.75 57.89
CA ARG M 93 -24.98 11.30 58.04
C ARG M 93 -26.03 10.22 58.06
N ASP M 94 -25.88 9.19 57.21
CA ASP M 94 -26.82 8.09 57.21
C ASP M 94 -26.80 7.35 58.54
N LEU M 95 -25.61 7.14 59.10
CA LEU M 95 -25.49 6.43 60.37
C LEU M 95 -26.16 7.20 61.51
N SER M 96 -25.95 8.52 61.56
CA SER M 96 -26.56 9.33 62.61
C SER M 96 -28.08 9.30 62.52
N LEU M 97 -28.62 9.33 61.30
CA LEU M 97 -30.06 9.17 61.14
C LEU M 97 -30.51 7.80 61.64
N GLN M 98 -29.72 6.77 61.37
CA GLN M 98 -30.08 5.42 61.79
C GLN M 98 -30.03 5.29 63.30
N SER M 99 -29.14 6.04 63.96
CA SER M 99 -28.99 5.94 65.40
C SER M 99 -29.89 6.90 66.16
N ALA M 100 -30.57 7.82 65.47
CA ALA M 100 -31.37 8.83 66.13
C ALA M 100 -32.76 8.31 66.47
N ASN M 101 -32.92 6.99 66.55
CA ASN M 101 -34.23 6.41 66.71
C ASN M 101 -34.51 6.14 68.19
N GLY M 102 -35.72 5.65 68.46
CA GLY M 102 -36.04 5.07 69.73
C GLY M 102 -36.01 3.55 69.73
N SER M 103 -35.87 2.94 68.55
CA SER M 103 -35.88 1.49 68.47
C SER M 103 -34.60 0.88 69.02
N ASN M 104 -33.45 1.42 68.63
CA ASN M 104 -32.17 0.85 69.03
C ASN M 104 -31.85 1.20 70.48
N SER M 105 -31.14 0.29 71.13
CA SER M 105 -30.75 0.45 72.53
C SER M 105 -29.37 1.11 72.60
N LYS M 106 -28.84 1.23 73.82
CA LYS M 106 -27.53 1.87 73.99
C LYS M 106 -26.42 1.03 73.37
N ALA M 107 -26.55 -0.29 73.40
CA ALA M 107 -25.51 -1.14 72.81
C ALA M 107 -25.40 -0.92 71.32
N ASP M 108 -26.54 -0.81 70.62
CA ASP M 108 -26.51 -0.58 69.19
C ASP M 108 -25.89 0.78 68.85
N ARG M 109 -26.25 1.82 69.61
CA ARG M 109 -25.66 3.14 69.37
C ARG M 109 -24.17 3.15 69.70
N VAL M 110 -23.75 2.30 70.65
CA VAL M 110 -22.32 2.17 70.93
C VAL M 110 -21.59 1.62 69.71
N ALA M 111 -22.17 0.58 69.09
CA ALA M 111 -21.55 0.00 67.91
C ALA M 111 -21.50 1.00 66.76
N ILE M 112 -22.57 1.79 66.59
CA ILE M 112 -22.56 2.82 65.55
C ILE M 112 -21.48 3.85 65.84
N GLN M 113 -21.27 4.17 67.12
CA GLN M 113 -20.28 5.16 67.49
C GLN M 113 -18.87 4.73 67.08
N GLU M 114 -18.55 3.44 67.23
CA GLU M 114 -17.24 2.96 66.81
C GLU M 114 -17.06 3.13 65.31
N GLU M 115 -18.09 2.85 64.53
CA GLU M 115 -18.01 3.08 63.09
C GLU M 115 -17.87 4.56 62.77
N ILE M 116 -18.58 5.41 63.50
CA ILE M 116 -18.52 6.85 63.25
C ILE M 116 -17.13 7.38 63.54
N THR M 117 -16.56 7.00 64.69
CA THR M 117 -15.22 7.47 65.02
C THR M 117 -14.17 6.81 64.14
N ALA M 118 -14.48 5.66 63.55
CA ALA M 118 -13.58 5.06 62.57
C ALA M 118 -13.52 5.91 61.31
N LEU M 119 -14.68 6.30 60.78
CA LEU M 119 -14.71 7.18 59.63
C LEU M 119 -14.18 8.56 59.96
N ASN M 120 -14.32 8.98 61.22
CA ASN M 120 -13.76 10.26 61.64
C ASN M 120 -12.25 10.26 61.48
N ASP M 121 -11.59 9.17 61.86
CA ASP M 121 -10.14 9.09 61.68
C ASP M 121 -9.79 9.02 60.20
N GLU M 122 -10.68 8.45 59.38
CA GLU M 122 -10.44 8.42 57.94
C GLU M 122 -10.45 9.82 57.35
N LEU M 123 -11.38 10.66 57.80
CA LEU M 123 -11.43 12.05 57.33
C LEU M 123 -10.16 12.79 57.73
N ASN M 124 -9.69 12.59 58.95
CA ASN M 124 -8.45 13.20 59.38
C ASN M 124 -7.26 12.68 58.59
N ARG M 125 -7.22 11.37 58.31
CA ARG M 125 -6.08 10.81 57.60
C ARG M 125 -6.02 11.31 56.16
N VAL M 126 -7.18 11.34 55.47
CA VAL M 126 -7.19 11.77 54.08
C VAL M 126 -6.78 13.23 53.94
N ALA M 127 -7.00 14.05 54.98
CA ALA M 127 -6.50 15.41 54.96
C ALA M 127 -4.98 15.48 55.06
N GLU M 128 -4.33 14.37 55.39
CA GLU M 128 -2.88 14.31 55.49
C GLU M 128 -2.23 13.36 54.50
N THR M 129 -3.01 12.56 53.76
CA THR M 129 -2.46 11.67 52.75
C THR M 129 -2.32 12.34 51.39
N THR M 130 -3.23 13.26 51.05
CA THR M 130 -3.14 13.96 49.78
C THR M 130 -1.86 14.77 49.72
N SER M 131 -0.92 14.34 48.89
CA SER M 131 0.43 14.89 48.91
C SER M 131 0.81 15.58 47.61
N PHE M 132 0.66 14.93 46.46
CA PHE M 132 1.13 15.43 45.17
C PHE M 132 2.63 15.72 45.23
N GLY M 133 3.39 14.63 45.41
CA GLY M 133 4.83 14.70 45.42
C GLY M 133 5.42 15.48 46.57
N GLY M 134 4.92 15.24 47.79
CA GLY M 134 5.49 15.81 48.98
C GLY M 134 4.82 17.07 49.49
N ASN M 135 3.88 17.63 48.75
CA ASN M 135 3.12 18.79 49.24
C ASN M 135 2.02 18.30 50.18
N LYS M 136 1.12 19.20 50.57
CA LYS M 136 0.02 18.85 51.46
C LYS M 136 -1.21 19.65 51.02
N LEU M 137 -2.08 19.01 50.25
CA LEU M 137 -3.19 19.75 49.64
C LEU M 137 -4.23 20.17 50.67
N LEU M 138 -4.66 19.25 51.52
CA LEU M 138 -5.79 19.49 52.42
C LEU M 138 -5.40 19.59 53.88
N ASN M 139 -4.10 19.53 54.20
CA ASN M 139 -3.67 19.65 55.58
C ASN M 139 -3.79 21.07 56.11
N GLY M 140 -3.99 22.06 55.24
CA GLY M 140 -4.03 23.45 55.63
C GLY M 140 -2.71 24.17 55.51
N THR M 141 -1.60 23.42 55.44
CA THR M 141 -0.30 24.04 55.22
C THR M 141 -0.19 24.64 53.83
N PHE M 142 -1.07 24.26 52.91
CA PHE M 142 -1.09 24.82 51.55
C PHE M 142 -1.72 26.21 51.63
N ALA M 143 -0.88 27.21 51.80
CA ALA M 143 -1.34 28.60 51.86
C ALA M 143 -1.61 29.09 50.44
N THR M 144 -1.81 30.39 50.30
CA THR M 144 -2.09 30.98 48.99
C THR M 144 -0.89 30.80 48.07
N LYS M 145 -1.06 29.99 47.03
CA LYS M 145 -0.03 29.75 46.04
C LYS M 145 -0.46 30.33 44.70
N SER M 146 0.46 31.02 44.04
CA SER M 146 0.18 31.71 42.79
C SER M 146 0.85 30.98 41.63
N PHE M 147 0.12 30.82 40.53
CA PHE M 147 0.61 30.15 39.34
C PHE M 147 0.83 31.16 38.24
N GLN M 148 2.07 31.24 37.73
CA GLN M 148 2.44 32.19 36.69
C GLN M 148 2.00 31.63 35.35
N ILE M 149 0.85 32.09 34.84
CA ILE M 149 0.26 31.53 33.63
C ILE M 149 0.31 32.55 32.51
N GLY M 150 1.30 33.44 32.53
CA GLY M 150 1.41 34.47 31.53
C GLY M 150 2.77 34.48 30.88
N ALA M 151 2.84 35.17 29.73
CA ALA M 151 4.09 35.29 29.02
C ALA M 151 5.14 36.01 29.84
N ASP M 152 4.80 37.18 30.38
CA ASP M 152 5.72 37.97 31.17
C ASP M 152 5.46 37.72 32.66
N ASN M 153 6.20 38.43 33.50
CA ASN M 153 6.09 38.26 34.93
C ASN M 153 4.94 39.10 35.49
N GLY M 154 4.37 38.63 36.60
CA GLY M 154 3.37 39.36 37.34
C GLY M 154 1.93 38.98 37.03
N GLU M 155 1.68 38.37 35.87
CA GLU M 155 0.32 37.94 35.52
C GLU M 155 0.09 36.50 35.97
N ALA M 156 -0.02 36.34 37.29
CA ALA M 156 -0.28 35.05 37.92
C ALA M 156 -1.69 35.04 38.50
N VAL M 157 -2.10 33.86 38.95
CA VAL M 157 -3.42 33.65 39.55
C VAL M 157 -3.24 32.92 40.87
N MET M 158 -3.87 33.43 41.92
CA MET M 158 -3.73 32.84 43.24
C MET M 158 -4.85 31.85 43.52
N LEU M 159 -4.46 30.70 44.08
CA LEU M 159 -5.40 29.66 44.46
C LEU M 159 -5.15 29.29 45.91
N ASN M 160 -6.22 29.13 46.68
CA ASN M 160 -6.13 28.78 48.09
C ASN M 160 -6.97 27.53 48.32
N ILE M 161 -6.39 26.54 48.99
CA ILE M 161 -7.07 25.30 49.36
C ILE M 161 -7.25 25.29 50.86
N LYS M 162 -8.50 25.29 51.31
CA LYS M 162 -8.81 25.41 52.73
C LYS M 162 -8.57 24.10 53.46
N ASP M 163 -8.27 24.22 54.75
CA ASP M 163 -8.01 23.05 55.59
C ASP M 163 -9.31 22.31 55.87
N MET M 164 -9.29 20.99 55.67
CA MET M 164 -10.42 20.13 56.00
C MET M 164 -9.99 18.94 56.83
N ARG M 165 -9.23 19.20 57.89
CA ARG M 165 -9.22 18.27 59.00
C ARG M 165 -10.58 18.29 59.68
N SER M 166 -10.94 17.18 60.32
CA SER M 166 -12.29 17.04 60.85
C SER M 166 -12.58 18.03 61.97
N ASP M 167 -11.56 18.68 62.53
CA ASP M 167 -11.75 19.63 63.61
C ASP M 167 -11.73 21.09 63.14
N ASN M 168 -11.87 21.33 61.84
CA ASN M 168 -11.87 22.68 61.34
C ASN M 168 -13.06 23.47 61.86
N ALA M 169 -12.85 24.75 62.14
CA ALA M 169 -13.94 25.59 62.64
C ALA M 169 -15.06 25.72 61.63
N LEU M 170 -14.71 25.90 60.36
CA LEU M 170 -15.72 26.04 59.31
C LEU M 170 -16.47 24.74 59.03
N MET M 171 -15.99 23.62 59.56
CA MET M 171 -16.64 22.33 59.33
C MET M 171 -17.76 22.06 60.32
N GLY M 172 -17.87 22.84 61.38
CA GLY M 172 -18.94 22.65 62.35
C GLY M 172 -19.78 23.89 62.56
N GLY M 173 -20.08 24.22 63.81
CA GLY M 173 -20.85 25.41 64.10
C GLY M 173 -21.27 25.45 65.55
N LYS M 174 -22.10 26.45 65.86
CA LYS M 174 -22.61 26.67 67.20
C LYS M 174 -23.76 25.71 67.50
N THR M 175 -24.02 25.52 68.80
CA THR M 175 -25.18 24.75 69.24
C THR M 175 -25.67 25.32 70.57
N TYR M 176 -26.96 25.13 70.82
CA TYR M 176 -27.59 25.66 72.03
C TYR M 176 -28.57 24.62 72.56
N GLN M 177 -28.65 24.51 73.88
CA GLN M 177 -29.44 23.49 74.54
C GLN M 177 -30.46 24.16 75.47
N ALA M 178 -31.71 23.71 75.39
CA ALA M 178 -32.73 24.22 76.29
C ALA M 178 -32.47 23.73 77.70
N ALA M 179 -32.49 24.65 78.67
CA ALA M 179 -32.19 24.28 80.04
C ALA M 179 -33.23 23.35 80.62
N ASN M 180 -34.51 23.64 80.39
CA ASN M 180 -35.61 22.85 80.93
C ASN M 180 -36.34 22.15 79.78
N GLY M 181 -36.51 20.83 79.90
CA GLY M 181 -37.21 20.07 78.89
C GLY M 181 -38.71 20.02 79.14
N LYS M 182 -39.44 19.61 78.11
CA LYS M 182 -40.88 19.47 78.15
C LYS M 182 -41.26 18.02 77.83
N ASP M 183 -42.18 17.47 78.63
CA ASP M 183 -42.61 16.10 78.44
C ASP M 183 -43.60 16.01 77.28
N LYS M 184 -44.12 14.80 77.05
CA LYS M 184 -45.03 14.57 75.93
C LYS M 184 -46.32 15.36 76.09
N ASN M 185 -46.90 15.36 77.30
CA ASN M 185 -48.18 16.02 77.51
C ASN M 185 -48.09 17.53 77.35
N TRP M 186 -46.89 18.10 77.47
CA TRP M 186 -46.75 19.55 77.36
C TRP M 186 -47.06 20.02 75.94
N GLY M 187 -47.69 21.19 75.85
CA GLY M 187 -47.97 21.79 74.57
C GLY M 187 -47.73 23.29 74.62
N VAL M 188 -47.70 23.89 73.44
CA VAL M 188 -47.47 25.33 73.35
C VAL M 188 -48.73 26.06 73.80
N GLU M 189 -48.66 26.70 74.95
CA GLU M 189 -49.82 27.39 75.51
C GLU M 189 -50.04 28.73 74.83
N ALA M 190 -51.28 29.18 74.83
CA ALA M 190 -51.63 30.44 74.19
C ALA M 190 -50.98 31.61 74.91
N GLY M 191 -50.50 32.59 74.13
CA GLY M 191 -49.85 33.76 74.65
C GLY M 191 -48.36 33.60 74.86
N LYS M 192 -47.81 32.41 74.68
CA LYS M 192 -46.38 32.14 74.82
C LYS M 192 -45.88 31.34 73.64
N THR M 193 -46.31 31.74 72.44
CA THR M 193 -45.98 31.01 71.22
C THR M 193 -44.95 31.72 70.35
N ASP M 194 -44.56 32.95 70.69
CA ASP M 194 -43.63 33.69 69.87
C ASP M 194 -42.18 33.38 70.25
N LEU M 195 -41.34 33.24 69.23
CA LEU M 195 -39.92 32.93 69.44
C LEU M 195 -39.13 33.73 68.41
N THR M 196 -38.37 34.72 68.89
CA THR M 196 -37.60 35.60 68.03
C THR M 196 -36.12 35.24 68.14
N ILE M 197 -35.48 35.05 66.99
CA ILE M 197 -34.06 34.68 66.92
C ILE M 197 -33.33 35.82 66.24
N THR M 198 -32.38 36.43 66.93
CA THR M 198 -31.52 37.44 66.35
C THR M 198 -30.23 36.78 65.86
N LEU M 199 -29.87 37.04 64.61
CA LEU M 199 -28.83 36.28 63.94
C LEU M 199 -27.87 37.23 63.24
N LYS M 200 -26.60 36.82 63.18
CA LYS M 200 -25.59 37.54 62.41
C LYS M 200 -25.12 36.65 61.26
N ASP M 201 -25.12 37.20 60.05
CA ASP M 201 -24.84 36.43 58.86
C ASP M 201 -23.65 37.03 58.12
N LYS M 202 -22.86 36.16 57.48
CA LYS M 202 -21.74 36.63 56.68
C LYS M 202 -22.23 37.50 55.52
N ARG M 203 -23.30 37.07 54.85
CA ARG M 203 -23.93 37.85 53.79
C ARG M 203 -25.33 38.24 54.24
N GLU M 204 -25.78 39.41 53.81
CA GLU M 204 -27.02 40.04 54.27
C GLU M 204 -27.21 39.83 55.78
N GLY M 205 -26.18 40.24 56.52
CA GLY M 205 -26.14 40.01 57.94
C GLY M 205 -27.19 40.80 58.70
N ASP M 206 -27.24 40.53 60.00
CA ASP M 206 -28.22 41.14 60.91
C ASP M 206 -29.65 40.84 60.45
N VAL M 207 -29.98 39.55 60.47
CA VAL M 207 -31.30 39.06 60.08
C VAL M 207 -31.98 38.50 61.32
N THR M 208 -33.20 38.97 61.59
CA THR M 208 -34.00 38.47 62.69
C THR M 208 -35.11 37.58 62.13
N ILE M 209 -35.47 36.55 62.90
CA ILE M 209 -36.47 35.58 62.50
C ILE M 209 -37.58 35.59 63.54
N SER M 210 -38.82 35.71 63.09
CA SER M 210 -39.98 35.68 63.96
C SER M 210 -40.71 34.36 63.76
N ILE M 211 -40.93 33.63 64.84
CA ILE M 211 -41.58 32.33 64.81
C ILE M 211 -42.82 32.39 65.69
N ASN M 212 -43.93 31.89 65.16
CA ASN M 212 -45.18 31.80 65.91
C ASN M 212 -45.65 30.35 65.85
N ALA M 213 -45.25 29.56 66.84
CA ALA M 213 -45.62 28.15 66.88
C ALA M 213 -47.12 27.98 67.10
N LYS M 214 -47.69 26.97 66.47
CA LYS M 214 -49.13 26.73 66.60
C LYS M 214 -49.47 26.28 68.01
N GLU M 215 -50.64 26.70 68.48
CA GLU M 215 -51.08 26.34 69.82
C GLU M 215 -51.35 24.85 69.92
N GLY M 216 -51.01 24.26 71.07
CA GLY M 216 -51.21 22.85 71.31
C GLY M 216 -50.10 21.97 70.75
N ASP M 217 -49.12 22.55 70.08
CA ASP M 217 -48.02 21.78 69.52
C ASP M 217 -47.13 21.24 70.63
N ASP M 218 -46.73 19.97 70.49
CA ASP M 218 -45.84 19.38 71.48
C ASP M 218 -44.40 19.77 71.20
N ILE M 219 -43.46 19.14 71.90
CA ILE M 219 -42.07 19.58 71.83
C ILE M 219 -41.40 19.10 70.54
N GLU M 220 -41.87 17.99 69.97
CA GLU M 220 -41.19 17.46 68.79
C GLU M 220 -41.69 18.11 67.51
N GLU M 221 -43.01 18.24 67.34
CA GLU M 221 -43.54 18.91 66.17
C GLU M 221 -43.15 20.39 66.14
N LEU M 222 -42.85 20.97 67.30
CA LEU M 222 -42.32 22.33 67.32
C LEU M 222 -40.95 22.40 66.64
N ALA M 223 -40.11 21.38 66.89
CA ALA M 223 -38.81 21.33 66.22
C ALA M 223 -38.97 21.21 64.71
N THR M 224 -39.96 20.44 64.26
CA THR M 224 -40.24 20.36 62.83
C THR M 224 -40.69 21.72 62.29
N TYR M 225 -41.48 22.45 63.08
CA TYR M 225 -41.91 23.78 62.65
C TYR M 225 -40.72 24.73 62.52
N ILE M 226 -39.77 24.66 63.46
CA ILE M 226 -38.60 25.52 63.40
C ILE M 226 -37.79 25.22 62.14
N ASN M 227 -37.60 23.93 61.83
CA ASN M 227 -36.83 23.57 60.65
C ASN M 227 -37.54 24.03 59.38
N GLY M 228 -38.86 23.89 59.33
CA GLY M 228 -39.59 24.29 58.13
C GLY M 228 -39.58 25.78 57.88
N GLN M 229 -39.69 26.58 58.94
CA GLN M 229 -39.82 28.02 58.77
C GLN M 229 -38.57 28.63 58.16
N THR M 230 -37.38 28.20 58.60
CA THR M 230 -36.15 28.77 58.11
C THR M 230 -35.09 27.67 57.97
N ASP M 231 -34.21 27.86 56.99
CA ASP M 231 -33.08 26.96 56.77
C ASP M 231 -31.83 27.41 57.52
N MET M 232 -31.88 28.56 58.19
CA MET M 232 -30.72 29.10 58.90
C MET M 232 -30.51 28.45 60.25
N ILE M 233 -31.49 27.69 60.74
CA ILE M 233 -31.45 27.12 62.08
C ILE M 233 -32.00 25.70 62.02
N LYS M 234 -31.35 24.78 62.71
CA LYS M 234 -31.78 23.40 62.80
C LYS M 234 -32.13 23.07 64.24
N ALA M 235 -33.34 22.53 64.45
CA ALA M 235 -33.84 22.26 65.79
C ALA M 235 -34.24 20.80 65.91
N SER M 236 -34.10 20.27 67.12
CA SER M 236 -34.45 18.87 67.39
C SER M 236 -34.61 18.70 68.90
N VAL M 237 -35.18 17.57 69.28
CA VAL M 237 -35.41 17.23 70.69
C VAL M 237 -34.51 16.06 71.05
N ASP M 238 -33.90 16.10 72.24
CA ASP M 238 -32.90 15.10 72.59
C ASP M 238 -33.48 13.91 73.36
N GLU M 239 -33.88 14.12 74.61
CA GLU M 239 -34.51 13.05 75.39
C GLU M 239 -35.64 13.50 76.30
N GLU M 240 -35.76 14.79 76.62
CA GLU M 240 -36.73 15.23 77.60
C GLU M 240 -37.46 16.51 77.20
N GLY M 241 -37.27 16.99 75.97
CA GLY M 241 -37.84 18.26 75.56
C GLY M 241 -36.84 19.37 75.34
N LYS M 242 -35.55 19.14 75.60
CA LYS M 242 -34.55 20.17 75.36
C LYS M 242 -34.31 20.29 73.86
N LEU M 243 -34.43 21.51 73.35
CA LEU M 243 -34.21 21.78 71.93
C LEU M 243 -32.73 22.00 71.67
N GLN M 244 -32.20 21.32 70.65
CA GLN M 244 -30.81 21.48 70.24
C GLN M 244 -30.77 22.39 69.02
N LEU M 245 -30.79 23.68 69.28
CA LEU M 245 -30.66 24.67 68.21
C LEU M 245 -29.26 24.59 67.63
N PHE M 246 -29.16 24.54 66.31
CA PHE M 246 -27.88 24.41 65.64
C PHE M 246 -27.68 25.57 64.67
N THR M 247 -26.45 26.07 64.64
CA THR M 247 -26.08 27.19 63.79
C THR M 247 -24.84 26.79 62.99
N ASP M 248 -24.90 26.92 61.67
CA ASP M 248 -23.76 26.54 60.84
C ASP M 248 -22.75 27.69 60.87
N ASN M 249 -21.48 27.34 61.10
CA ASN M 249 -20.48 28.37 61.38
C ASN M 249 -20.21 29.26 60.17
N ASN M 250 -20.12 28.69 58.98
CA ASN M 250 -19.56 29.43 57.85
C ASN M 250 -20.49 30.52 57.33
N ARG M 251 -21.75 30.56 57.77
CA ARG M 251 -22.66 31.61 57.30
C ARG M 251 -23.51 32.26 58.38
N ILE M 252 -23.55 31.72 59.60
CA ILE M 252 -24.26 32.37 60.70
C ILE M 252 -23.26 32.67 61.82
N ASP M 253 -22.04 33.04 61.44
CA ASP M 253 -21.01 33.39 62.42
C ASP M 253 -21.55 34.36 63.46
N GLY M 254 -21.01 34.24 64.68
CA GLY M 254 -21.44 35.05 65.79
C GLY M 254 -22.49 34.35 66.64
N ALA M 255 -22.71 34.90 67.83
CA ALA M 255 -23.67 34.33 68.77
C ALA M 255 -25.09 34.65 68.33
N ALA M 256 -26.02 33.82 68.79
CA ALA M 256 -27.44 33.98 68.50
C ALA M 256 -28.16 34.43 69.76
N THR M 257 -29.02 35.45 69.63
CA THR M 257 -29.79 35.98 70.74
C THR M 257 -31.21 35.45 70.67
N PHE M 258 -31.74 35.02 71.81
CA PHE M 258 -33.07 34.42 71.89
C PHE M 258 -34.01 35.36 72.64
N GLY M 259 -35.21 35.53 72.09
CA GLY M 259 -36.19 36.40 72.69
C GLY M 259 -37.59 35.87 72.47
N GLY M 260 -38.54 36.47 73.16
CA GLY M 260 -39.94 36.07 73.10
C GLY M 260 -40.34 35.26 74.31
N ALA M 261 -41.67 35.13 74.46
CA ALA M 261 -42.21 34.39 75.59
C ALA M 261 -41.83 32.91 75.53
N LEU M 262 -41.84 32.32 74.34
CA LEU M 262 -41.46 30.92 74.21
C LEU M 262 -39.99 30.71 74.55
N ALA M 263 -39.13 31.64 74.13
CA ALA M 263 -37.71 31.51 74.44
C ALA M 263 -37.46 31.56 75.94
N GLY M 264 -38.10 32.50 76.64
CA GLY M 264 -37.98 32.54 78.09
C GLY M 264 -38.60 31.33 78.76
N GLU M 265 -39.70 30.82 78.19
CA GLU M 265 -40.32 29.61 78.72
C GLU M 265 -39.37 28.43 78.59
N LEU M 266 -38.68 28.32 77.47
CA LEU M 266 -37.66 27.31 77.27
C LEU M 266 -36.35 27.81 77.88
N GLY M 267 -35.25 27.10 77.60
CA GLY M 267 -33.93 27.51 78.05
C GLY M 267 -33.19 28.23 76.95
N ILE M 268 -32.59 29.36 77.29
CA ILE M 268 -31.82 30.12 76.32
C ILE M 268 -30.59 29.33 75.88
N GLY M 269 -29.85 28.80 76.84
CA GLY M 269 -28.67 28.01 76.54
C GLY M 269 -27.49 28.82 76.06
N ALA M 270 -26.29 28.31 76.28
CA ALA M 270 -25.07 28.96 75.83
C ALA M 270 -24.61 28.38 74.50
N ALA M 271 -23.78 29.16 73.80
CA ALA M 271 -23.25 28.76 72.50
C ALA M 271 -22.06 27.83 72.71
N GLN M 272 -22.17 26.60 72.22
CA GLN M 272 -21.11 25.61 72.31
C GLN M 272 -20.59 25.30 70.91
N ASP M 273 -19.27 25.24 70.78
CA ASP M 273 -18.64 24.95 69.49
C ASP M 273 -18.51 23.44 69.30
N VAL M 274 -19.10 22.93 68.23
CA VAL M 274 -19.04 21.50 67.91
C VAL M 274 -18.69 21.35 66.43
N THR M 275 -17.80 20.41 66.13
CA THR M 275 -17.40 20.10 64.78
C THR M 275 -17.52 18.59 64.56
N VAL M 276 -17.05 18.13 63.40
CA VAL M 276 -17.12 16.70 63.10
C VAL M 276 -16.16 15.90 63.99
N ASP M 277 -15.05 16.51 64.41
CA ASP M 277 -14.10 15.81 65.26
C ASP M 277 -14.73 15.45 66.60
N THR M 278 -15.34 16.42 67.26
CA THR M 278 -16.00 16.18 68.54
C THR M 278 -17.40 15.58 68.37
N LEU M 279 -17.87 15.46 67.12
CA LEU M 279 -19.16 14.86 66.83
C LEU M 279 -19.27 13.47 67.44
N ASP M 280 -20.16 13.31 68.41
CA ASP M 280 -20.33 12.04 69.10
C ASP M 280 -21.81 11.65 69.03
N VAL M 281 -22.06 10.46 68.50
CA VAL M 281 -23.42 9.94 68.39
C VAL M 281 -23.47 8.69 69.26
N THR M 282 -23.90 8.87 70.51
CA THR M 282 -24.12 7.77 71.44
C THR M 282 -25.51 7.79 72.05
N THR M 283 -26.04 8.96 72.35
CA THR M 283 -27.43 9.14 72.73
C THR M 283 -28.21 9.70 71.54
N VAL M 284 -29.53 9.56 71.61
CA VAL M 284 -30.38 10.01 70.50
C VAL M 284 -30.23 11.51 70.30
N GLY M 285 -30.08 12.27 71.39
CA GLY M 285 -29.90 13.70 71.25
C GLY M 285 -28.63 14.07 70.50
N GLY M 286 -27.53 13.40 70.81
CA GLY M 286 -26.30 13.63 70.07
C GLY M 286 -26.44 13.24 68.61
N ALA M 287 -27.28 12.25 68.32
CA ALA M 287 -27.52 11.84 66.94
C ALA M 287 -28.24 12.94 66.17
N GLN M 288 -29.23 13.57 66.78
CA GLN M 288 -29.91 14.68 66.12
C GLN M 288 -28.96 15.84 65.87
N GLU M 289 -28.08 16.14 66.83
CA GLU M 289 -27.06 17.17 66.62
C GLU M 289 -26.09 16.77 65.53
N SER M 290 -25.65 15.51 65.52
CA SER M 290 -24.59 15.08 64.62
C SER M 290 -25.01 15.18 63.16
N VAL M 291 -26.24 14.76 62.85
CA VAL M 291 -26.71 14.82 61.46
C VAL M 291 -26.79 16.28 61.00
N ALA M 292 -27.17 17.19 61.90
CA ALA M 292 -27.15 18.61 61.55
C ALA M 292 -25.72 19.09 61.30
N ILE M 293 -24.76 18.63 62.11
CA ILE M 293 -23.38 19.03 61.93
C ILE M 293 -22.85 18.57 60.58
N VAL M 294 -23.17 17.31 60.21
CA VAL M 294 -22.66 16.77 58.96
C VAL M 294 -23.20 17.54 57.77
N ASP M 295 -24.44 18.02 57.84
CA ASP M 295 -24.97 18.85 56.76
C ASP M 295 -24.17 20.14 56.61
N ALA M 296 -23.76 20.74 57.73
CA ALA M 296 -22.91 21.92 57.67
C ALA M 296 -21.56 21.58 57.03
N ALA M 297 -20.99 20.43 57.39
CA ALA M 297 -19.73 20.01 56.78
C ALA M 297 -19.90 19.74 55.30
N LEU M 298 -21.00 19.11 54.90
CA LEU M 298 -21.24 18.80 53.50
C LEU M 298 -21.37 20.08 52.68
N LYS M 299 -22.05 21.08 53.23
CA LYS M 299 -22.14 22.37 52.54
C LYS M 299 -20.76 22.99 52.38
N TYR M 300 -19.94 22.93 53.44
CA TYR M 300 -18.61 23.52 53.37
C TYR M 300 -17.73 22.81 52.35
N VAL M 301 -17.79 21.48 52.33
CA VAL M 301 -16.98 20.72 51.37
C VAL M 301 -17.42 21.01 49.95
N ASP M 302 -18.74 21.00 49.71
CA ASP M 302 -19.24 21.27 48.37
C ASP M 302 -18.94 22.70 47.92
N SER M 303 -19.00 23.65 48.85
CA SER M 303 -18.71 25.04 48.50
C SER M 303 -17.29 25.19 47.99
N HIS M 304 -16.32 24.57 48.67
CA HIS M 304 -14.95 24.67 48.19
C HIS M 304 -14.71 23.80 46.96
N ARG M 305 -15.47 22.72 46.81
CA ARG M 305 -15.36 21.93 45.59
C ARG M 305 -15.78 22.74 44.38
N ALA M 306 -16.85 23.54 44.51
CA ALA M 306 -17.26 24.42 43.44
C ALA M 306 -16.18 25.46 43.14
N GLU M 307 -15.54 26.00 44.19
CA GLU M 307 -14.48 26.97 43.98
C GLU M 307 -13.30 26.34 43.26
N LEU M 308 -12.94 25.10 43.61
CA LEU M 308 -11.89 24.40 42.89
C LEU M 308 -12.31 24.11 41.45
N GLY M 309 -13.58 23.75 41.24
CA GLY M 309 -14.05 23.52 39.89
C GLY M 309 -14.01 24.78 39.04
N ALA M 310 -14.36 25.92 39.64
CA ALA M 310 -14.25 27.19 38.92
C ALA M 310 -12.80 27.50 38.60
N PHE M 311 -11.88 27.18 39.52
CA PHE M 311 -10.46 27.35 39.24
C PHE M 311 -10.03 26.46 38.08
N GLN M 312 -10.55 25.23 38.03
CA GLN M 312 -10.30 24.37 36.87
C GLN M 312 -10.86 24.98 35.60
N ASN M 313 -12.06 25.55 35.68
CA ASN M 313 -12.71 26.15 34.52
C ASN M 313 -12.14 27.50 34.15
N ARG M 314 -11.22 28.05 34.94
CA ARG M 314 -10.50 29.24 34.50
C ARG M 314 -9.29 28.86 33.64
N PHE M 315 -8.53 27.87 34.08
CA PHE M 315 -7.26 27.57 33.44
C PHE M 315 -7.41 26.83 32.12
N ASN M 316 -8.48 26.05 31.94
CA ASN M 316 -8.68 25.42 30.64
C ASN M 316 -8.94 26.48 29.57
N HIS M 317 -9.71 27.51 29.91
CA HIS M 317 -9.88 28.65 29.02
C HIS M 317 -8.60 29.47 28.87
N ALA M 318 -7.74 29.46 29.89
CA ALA M 318 -6.45 30.13 29.75
C ALA M 318 -5.51 29.32 28.88
N ILE M 319 -5.62 27.98 28.91
CA ILE M 319 -4.69 27.14 28.17
C ILE M 319 -4.85 27.34 26.67
N ASN M 320 -6.09 27.26 26.18
CA ASN M 320 -6.31 27.42 24.74
C ASN M 320 -6.19 28.86 24.30
N ASN M 321 -6.45 29.82 25.20
CA ASN M 321 -6.16 31.21 24.89
C ASN M 321 -4.67 31.43 24.71
N LEU M 322 -3.87 30.86 25.60
CA LEU M 322 -2.41 30.95 25.45
C LEU M 322 -1.95 30.22 24.21
N ASP M 323 -2.53 29.05 23.92
CA ASP M 323 -2.14 28.30 22.73
C ASP M 323 -2.46 29.09 21.47
N ASN M 324 -3.62 29.73 21.43
CA ASN M 324 -3.99 30.51 20.26
C ASN M 324 -3.05 31.70 20.08
N ILE M 325 -2.71 32.38 21.18
CA ILE M 325 -1.74 33.47 21.10
C ILE M 325 -0.38 32.94 20.64
N ASN M 326 0.00 31.75 21.12
CA ASN M 326 1.29 31.17 20.73
C ASN M 326 1.33 30.89 19.23
N GLU M 327 0.23 30.42 18.67
CA GLU M 327 0.17 30.19 17.23
C GLU M 327 0.34 31.50 16.47
N ASN M 328 -0.31 32.56 16.94
CA ASN M 328 -0.29 33.82 16.21
C ASN M 328 1.04 34.55 16.36
N VAL M 329 1.72 34.38 17.49
CA VAL M 329 3.03 35.01 17.64
C VAL M 329 4.12 34.19 16.96
N ASN M 330 3.92 32.88 16.78
CA ASN M 330 4.85 32.11 15.97
C ASN M 330 4.67 32.41 14.49
N ALA M 331 3.42 32.55 14.05
CA ALA M 331 3.17 33.01 12.69
C ALA M 331 3.69 34.43 12.50
N SER M 332 3.53 35.27 13.52
CA SER M 332 4.11 36.61 13.48
C SER M 332 5.63 36.56 13.43
N LYS M 333 6.23 35.58 14.11
CA LYS M 333 7.68 35.37 14.02
C LYS M 333 7.99 34.56 12.76
N SER M 334 7.45 35.00 11.63
CA SER M 334 7.69 34.37 10.34
C SER M 334 7.63 35.44 9.29
N ARG M 335 8.47 35.30 8.25
CA ARG M 335 8.73 36.28 7.21
C ARG M 335 9.47 37.50 7.77
N ILE M 336 9.69 37.55 9.08
CA ILE M 336 10.48 38.60 9.71
C ILE M 336 11.82 38.07 10.19
N LYS M 337 11.84 36.85 10.70
CA LYS M 337 13.07 36.19 11.12
C LYS M 337 13.47 35.05 10.20
N ASP M 338 12.57 34.10 9.95
CA ASP M 338 12.93 32.95 9.13
C ASP M 338 12.84 33.31 7.64
N THR M 339 13.73 32.72 6.86
CA THR M 339 13.80 32.98 5.44
C THR M 339 12.75 32.18 4.68
N ASP M 340 12.33 32.71 3.54
CA ASP M 340 11.52 31.95 2.60
C ASP M 340 12.42 31.49 1.47
N PHE M 341 12.38 30.19 1.17
CA PHE M 341 13.37 29.60 0.28
C PHE M 341 13.16 30.05 -1.17
N ALA M 342 11.96 30.50 -1.51
CA ALA M 342 11.66 30.83 -2.89
C ALA M 342 12.54 31.98 -3.38
N LYS M 343 12.39 33.17 -2.78
CA LYS M 343 13.22 34.29 -3.19
C LYS M 343 14.66 34.12 -2.73
N GLU M 344 14.90 33.23 -1.77
CA GLU M 344 16.26 33.02 -1.29
C GLU M 344 17.09 32.26 -2.31
N THR M 345 16.53 31.18 -2.88
CA THR M 345 17.27 30.43 -3.88
C THR M 345 17.37 31.17 -5.21
N THR M 346 16.31 31.89 -5.59
CA THR M 346 16.39 32.67 -6.83
C THR M 346 17.47 33.74 -6.72
N ALA M 347 17.58 34.38 -5.56
CA ALA M 347 18.69 35.30 -5.33
C ALA M 347 20.02 34.55 -5.24
N LEU M 348 19.99 33.30 -4.80
CA LEU M 348 21.22 32.51 -4.72
C LEU M 348 21.74 32.17 -6.12
N THR M 349 20.86 31.67 -6.99
CA THR M 349 21.26 31.39 -8.36
C THR M 349 21.60 32.67 -9.11
N LYS M 350 20.85 33.74 -8.87
CA LYS M 350 21.19 35.03 -9.46
C LYS M 350 22.60 35.46 -9.08
N ALA M 351 22.98 35.19 -7.83
CA ALA M 351 24.35 35.48 -7.41
C ALA M 351 25.35 34.53 -8.07
N GLN M 352 24.97 33.26 -8.27
CA GLN M 352 25.87 32.30 -8.89
C GLN M 352 26.15 32.67 -10.34
N ILE M 353 25.12 33.07 -11.08
CA ILE M 353 25.32 33.52 -12.45
C ILE M 353 26.16 34.79 -12.48
N LEU M 354 25.91 35.71 -11.54
CA LEU M 354 26.71 36.93 -11.48
C LEU M 354 28.18 36.63 -11.25
N SER M 355 28.48 35.74 -10.29
CA SER M 355 29.87 35.40 -10.01
C SER M 355 30.52 34.70 -11.19
N GLN M 356 29.78 33.79 -11.83
CA GLN M 356 30.31 33.10 -13.01
C GLN M 356 30.56 34.08 -14.14
N ALA M 357 29.64 35.03 -14.34
CA ALA M 357 29.79 36.00 -15.41
C ALA M 357 30.97 36.92 -15.16
N SER M 358 31.11 37.43 -13.93
CA SER M 358 32.23 38.31 -13.61
C SER M 358 33.56 37.58 -13.74
N SER M 359 33.62 36.35 -13.26
CA SER M 359 34.84 35.57 -13.38
C SER M 359 35.18 35.29 -14.84
N SER M 360 34.17 35.02 -15.67
CA SER M 360 34.41 34.84 -17.09
C SER M 360 34.79 36.14 -17.77
N VAL M 361 34.35 37.28 -17.23
CA VAL M 361 34.80 38.57 -17.74
C VAL M 361 36.27 38.78 -17.42
N LEU M 362 36.72 38.32 -16.25
CA LEU M 362 38.13 38.38 -15.93
C LEU M 362 38.98 37.67 -16.97
N ALA M 363 38.44 36.63 -17.60
CA ALA M 363 39.21 35.83 -18.55
C ALA M 363 39.77 36.70 -19.68
N GLN M 364 38.90 37.49 -20.31
CA GLN M 364 39.36 38.38 -21.38
C GLN M 364 39.74 39.77 -20.87
N ALA M 365 39.55 40.04 -19.59
CA ALA M 365 40.09 41.27 -19.01
C ALA M 365 41.60 41.21 -18.84
N LYS M 366 42.15 40.01 -18.61
CA LYS M 366 43.59 39.83 -18.53
C LYS M 366 44.24 39.80 -19.90
N GLN M 367 43.45 39.67 -20.96
CA GLN M 367 44.01 39.61 -22.30
C GLN M 367 44.26 40.97 -22.91
N ALA M 368 43.87 42.05 -22.25
CA ALA M 368 44.20 43.38 -22.74
C ALA M 368 45.71 43.64 -22.79
N PRO M 369 46.50 43.33 -21.76
CA PRO M 369 47.93 43.65 -21.85
C PRO M 369 48.67 42.97 -23.00
N ASN M 370 48.39 41.70 -23.26
CA ASN M 370 49.13 41.00 -24.31
C ASN M 370 48.77 41.53 -25.70
N SER M 371 47.55 42.03 -25.86
CA SER M 371 47.21 42.71 -27.11
C SER M 371 48.02 44.00 -27.26
N ALA M 372 48.31 44.68 -26.15
CA ALA M 372 49.22 45.82 -26.19
C ALA M 372 50.63 45.36 -26.54
N LEU M 373 51.07 44.23 -26.00
CA LEU M 373 52.40 43.72 -26.30
C LEU M 373 52.51 43.30 -27.75
N ALA M 374 51.45 42.73 -28.32
CA ALA M 374 51.51 42.19 -29.68
C ALA M 374 51.88 43.23 -30.71
N LEU M 375 51.64 44.52 -30.44
CA LEU M 375 52.01 45.56 -31.40
C LEU M 375 53.52 45.69 -31.51
N LEU M 376 54.24 45.49 -30.40
CA LEU M 376 55.69 45.56 -30.37
C LEU M 376 56.22 44.20 -29.92
N GLY M 377 56.70 43.41 -30.87
CA GLY M 377 57.18 42.07 -30.58
C GLY M 377 58.41 42.03 -29.71
N MET N 1 102.92 63.63 -42.40
CA MET N 1 103.35 62.31 -42.85
C MET N 1 104.74 61.98 -42.33
N ALA N 2 104.83 60.89 -41.57
CA ALA N 2 106.11 60.37 -41.07
C ALA N 2 106.32 59.01 -41.70
N VAL N 3 107.29 58.92 -42.62
CA VAL N 3 107.53 57.70 -43.37
C VAL N 3 108.29 56.71 -42.50
N ASN N 4 107.78 55.47 -42.42
CA ASN N 4 108.44 54.40 -41.70
C ASN N 4 107.77 53.07 -42.04
N VAL N 5 108.57 52.05 -42.31
CA VAL N 5 108.02 50.72 -42.59
C VAL N 5 108.69 49.61 -41.78
N ASN N 6 109.89 49.83 -41.23
CA ASN N 6 110.52 48.79 -40.41
C ASN N 6 109.76 48.54 -39.13
N THR N 7 108.91 49.47 -38.70
CA THR N 7 108.07 49.30 -37.53
C THR N 7 106.70 49.90 -37.82
N ASN N 8 105.68 49.35 -37.16
CA ASN N 8 104.31 49.86 -37.26
C ASN N 8 103.72 49.84 -35.85
N VAL N 9 103.91 50.94 -35.11
CA VAL N 9 103.41 51.00 -33.75
C VAL N 9 101.88 51.05 -33.73
N SER N 10 101.27 51.61 -34.78
CA SER N 10 99.81 51.66 -34.83
C SER N 10 99.22 50.25 -34.90
N ALA N 11 99.83 49.37 -35.71
CA ALA N 11 99.36 48.00 -35.77
C ALA N 11 99.61 47.26 -34.46
N MET N 12 100.75 47.53 -33.81
CA MET N 12 101.05 46.86 -32.55
C MET N 12 100.07 47.27 -31.46
N THR N 13 99.74 48.56 -31.37
CA THR N 13 98.75 49.00 -30.40
C THR N 13 97.37 48.44 -30.71
N ALA N 14 97.00 48.42 -32.00
CA ALA N 14 95.72 47.85 -32.39
C ALA N 14 95.65 46.37 -32.06
N GLN N 15 96.77 45.65 -32.23
CA GLN N 15 96.80 44.24 -31.87
C GLN N 15 96.69 44.05 -30.37
N ARG N 16 97.30 44.94 -29.59
CA ARG N 16 97.24 44.81 -28.13
C ARG N 16 95.81 44.94 -27.63
N TYR N 17 95.04 45.87 -28.21
CA TYR N 17 93.64 45.99 -27.83
C TYR N 17 92.81 44.87 -28.47
N LEU N 18 93.24 44.38 -29.64
CA LEU N 18 92.58 43.26 -30.27
C LEU N 18 92.66 42.02 -29.37
N THR N 19 93.85 41.73 -28.85
CA THR N 19 94.02 40.53 -28.02
C THR N 19 93.18 40.62 -26.76
N SER N 20 93.21 41.77 -26.09
CA SER N 20 92.48 41.90 -24.83
C SER N 20 90.97 41.87 -25.04
N ALA N 21 90.49 42.41 -26.16
CA ALA N 21 89.05 42.55 -26.35
C ALA N 21 88.37 41.18 -26.47
N THR N 22 88.88 40.31 -27.32
CA THR N 22 88.26 39.01 -27.55
C THR N 22 88.86 37.91 -26.69
N ASN N 23 89.85 38.22 -25.85
CA ASN N 23 90.18 37.30 -24.75
C ASN N 23 89.02 37.21 -23.77
N ALA N 24 88.45 38.36 -23.39
CA ALA N 24 87.25 38.35 -22.56
C ALA N 24 86.06 37.79 -23.32
N GLN N 25 85.98 38.06 -24.63
CA GLN N 25 84.93 37.47 -25.45
C GLN N 25 85.08 35.95 -25.52
N GLN N 26 86.32 35.46 -25.52
CA GLN N 26 86.55 34.03 -25.46
C GLN N 26 86.09 33.45 -24.12
N SER N 27 86.19 34.24 -23.04
CA SER N 27 85.57 33.84 -21.78
C SER N 27 84.06 33.72 -21.92
N SER N 28 83.46 34.46 -22.85
CA SER N 28 82.07 34.26 -23.21
C SER N 28 81.98 33.09 -24.19
N MET N 29 80.77 32.81 -24.67
CA MET N 29 80.48 31.63 -25.50
C MET N 29 80.69 30.34 -24.73
N GLU N 30 81.11 30.44 -23.48
CA GLU N 30 81.25 29.29 -22.60
C GLU N 30 80.39 29.40 -21.36
N ARG N 31 80.30 30.60 -20.78
CA ARG N 31 79.32 30.85 -19.74
C ARG N 31 77.90 30.71 -20.27
N LEU N 32 77.67 31.11 -21.52
CA LEU N 32 76.36 30.96 -22.13
C LEU N 32 76.00 29.49 -22.27
N SER N 33 76.91 28.69 -22.82
CA SER N 33 76.61 27.28 -23.07
C SER N 33 76.54 26.48 -21.78
N SER N 34 77.50 26.70 -20.88
CA SER N 34 77.50 25.96 -19.62
C SER N 34 76.36 26.38 -18.71
N GLY N 35 75.94 27.63 -18.80
CA GLY N 35 74.97 28.17 -17.87
C GLY N 35 75.55 28.61 -16.55
N TYR N 36 76.86 28.56 -16.38
CA TYR N 36 77.54 28.94 -15.15
C TYR N 36 78.49 30.09 -15.45
N LYS N 37 78.48 31.11 -14.59
CA LYS N 37 79.45 32.19 -14.72
C LYS N 37 80.78 31.86 -14.05
N ILE N 38 80.88 30.70 -13.41
CA ILE N 38 82.13 30.24 -12.81
C ILE N 38 82.42 28.86 -13.38
N ASN N 39 83.57 28.74 -14.05
CA ASN N 39 83.96 27.47 -14.66
C ASN N 39 85.38 27.11 -14.29
N SER N 40 86.21 28.12 -14.00
CA SER N 40 87.59 27.92 -13.62
C SER N 40 87.93 28.80 -12.44
N ALA N 41 88.86 28.33 -11.61
CA ALA N 41 89.29 29.09 -10.44
C ALA N 41 89.94 30.41 -10.83
N LYS N 42 90.49 30.51 -12.05
CA LYS N 42 91.13 31.76 -12.48
C LYS N 42 90.13 32.89 -12.65
N ASP N 43 88.83 32.58 -12.69
CA ASP N 43 87.81 33.62 -12.84
C ASP N 43 87.50 34.28 -11.51
N ASP N 44 87.02 33.49 -10.54
CA ASP N 44 86.70 34.00 -9.21
C ASP N 44 87.03 32.89 -8.21
N ALA N 45 88.22 32.96 -7.62
CA ALA N 45 88.65 31.92 -6.69
C ALA N 45 87.75 31.85 -5.47
N ALA N 46 87.38 33.01 -4.92
CA ALA N 46 86.52 33.02 -3.74
C ALA N 46 85.14 32.45 -4.08
N GLY N 47 84.62 32.77 -5.27
CA GLY N 47 83.33 32.25 -5.67
C GLY N 47 83.32 30.74 -5.83
N LEU N 48 84.43 30.17 -6.30
CA LEU N 48 84.48 28.72 -6.50
C LEU N 48 84.36 27.97 -5.18
N GLN N 49 85.05 28.44 -4.14
CA GLN N 49 85.02 27.75 -2.85
C GLN N 49 83.60 27.73 -2.28
N ILE N 50 82.95 28.89 -2.26
CA ILE N 50 81.61 28.97 -1.67
C ILE N 50 80.60 28.24 -2.53
N SER N 51 80.75 28.31 -3.86
CA SER N 51 79.80 27.63 -4.75
C SER N 51 79.87 26.11 -4.58
N ASN N 52 81.08 25.56 -4.46
CA ASN N 52 81.21 24.12 -4.24
C ASN N 52 80.63 23.71 -2.89
N ARG N 53 80.85 24.53 -1.85
CA ARG N 53 80.27 24.23 -0.54
C ARG N 53 78.75 24.25 -0.60
N LEU N 54 78.19 25.25 -1.29
CA LEU N 54 76.74 25.31 -1.43
C LEU N 54 76.20 24.13 -2.22
N ASN N 55 76.90 23.75 -3.29
CA ASN N 55 76.48 22.61 -4.09
C ASN N 55 76.53 21.33 -3.28
N VAL N 56 77.57 21.16 -2.45
CA VAL N 56 77.66 19.98 -1.59
C VAL N 56 76.49 19.93 -0.63
N GLN N 57 76.14 21.08 -0.04
CA GLN N 57 74.99 21.12 0.87
C GLN N 57 73.70 20.80 0.14
N SER N 58 73.52 21.34 -1.07
CA SER N 58 72.30 21.08 -1.82
C SER N 58 72.16 19.59 -2.15
N ARG N 59 73.25 18.98 -2.61
CA ARG N 59 73.22 17.54 -2.88
C ARG N 59 73.00 16.75 -1.59
N GLY N 60 73.66 17.16 -0.51
CA GLY N 60 73.48 16.48 0.76
C GLY N 60 72.04 16.53 1.25
N LEU N 61 71.37 17.66 1.04
CA LEU N 61 69.95 17.74 1.37
C LEU N 61 69.12 16.83 0.49
N GLY N 62 69.52 16.68 -0.78
CA GLY N 62 68.78 15.80 -1.67
C GLY N 62 68.78 14.37 -1.20
N VAL N 63 69.93 13.89 -0.73
CA VAL N 63 70.00 12.53 -0.19
C VAL N 63 69.47 12.51 1.24
N ALA N 64 69.40 13.67 1.90
CA ALA N 64 68.87 13.73 3.25
C ALA N 64 67.38 13.44 3.28
N VAL N 65 66.63 14.03 2.36
CA VAL N 65 65.20 13.74 2.30
C VAL N 65 64.96 12.30 1.87
N ARG N 66 65.89 11.71 1.11
CA ARG N 66 65.75 10.31 0.73
C ARG N 66 65.89 9.41 1.95
N ASN N 67 66.96 9.61 2.73
CA ASN N 67 67.17 8.80 3.92
C ASN N 67 66.07 9.04 4.95
N ALA N 68 65.65 10.30 5.11
CA ALA N 68 64.60 10.61 6.07
C ALA N 68 63.28 9.98 5.66
N ASN N 69 62.96 9.99 4.36
CA ASN N 69 61.74 9.34 3.91
C ASN N 69 61.78 7.84 4.17
N ASP N 70 62.95 7.22 3.99
CA ASP N 70 63.08 5.80 4.30
C ASP N 70 62.83 5.54 5.78
N GLY N 71 63.28 6.46 6.63
CA GLY N 71 62.97 6.33 8.05
C GLY N 71 61.48 6.36 8.33
N ILE N 72 60.76 7.22 7.61
CA ILE N 72 59.31 7.26 7.74
C ILE N 72 58.70 5.95 7.25
N SER N 73 59.21 5.44 6.12
CA SER N 73 58.67 4.20 5.56
C SER N 73 58.87 3.03 6.50
N MET N 74 60.05 2.94 7.13
CA MET N 74 60.27 1.90 8.12
C MET N 74 59.32 2.04 9.30
N ALA N 75 58.96 3.28 9.65
CA ALA N 75 58.06 3.51 10.77
C ALA N 75 56.66 3.00 10.47
N GLN N 76 56.16 3.25 9.26
CA GLN N 76 54.78 2.84 8.97
C GLN N 76 54.67 1.33 8.75
N THR N 77 55.71 0.68 8.25
CA THR N 77 55.66 -0.77 8.11
C THR N 77 55.51 -1.44 9.47
N ALA N 78 56.22 -0.95 10.47
CA ALA N 78 56.00 -1.41 11.83
C ALA N 78 54.58 -1.06 12.29
N GLU N 79 54.11 0.13 11.91
CA GLU N 79 52.75 0.54 12.27
C GLU N 79 51.70 -0.37 11.64
N GLY N 80 51.98 -0.91 10.45
CA GLY N 80 51.03 -1.82 9.84
C GLY N 80 50.83 -3.08 10.67
N ALA N 81 51.92 -3.68 11.13
CA ALA N 81 51.82 -4.80 12.05
C ALA N 81 51.30 -4.36 13.40
N MET N 82 51.46 -3.08 13.73
CA MET N 82 50.99 -2.57 15.01
C MET N 82 49.47 -2.71 15.13
N LYS N 83 48.76 -2.35 14.06
CA LYS N 83 47.31 -2.43 14.08
C LYS N 83 46.83 -3.87 14.20
N GLU N 84 47.56 -4.80 13.60
CA GLU N 84 47.13 -6.20 13.66
C GLU N 84 47.36 -6.80 15.03
N THR N 85 48.54 -6.61 15.60
CA THR N 85 48.85 -7.23 16.89
C THR N 85 47.95 -6.70 17.99
N THR N 86 47.62 -5.41 17.95
CA THR N 86 46.66 -4.90 18.92
C THR N 86 45.26 -5.43 18.65
N ASN N 87 44.90 -5.65 17.38
CA ASN N 87 43.59 -6.20 17.06
C ASN N 87 43.44 -7.60 17.61
N ILE N 88 44.49 -8.42 17.48
CA ILE N 88 44.44 -9.76 18.04
C ILE N 88 44.40 -9.70 19.56
N LEU N 89 45.11 -8.75 20.15
CA LEU N 89 45.07 -8.58 21.60
C LEU N 89 43.68 -8.22 22.07
N GLN N 90 42.97 -7.37 21.31
CA GLN N 90 41.57 -7.10 21.61
C GLN N 90 40.74 -8.37 21.55
N ARG N 91 40.97 -9.20 20.53
CA ARG N 91 40.21 -10.44 20.40
C ARG N 91 40.50 -11.39 21.56
N MET N 92 41.77 -11.48 21.97
CA MET N 92 42.10 -12.31 23.12
C MET N 92 41.37 -11.83 24.36
N ARG N 93 41.38 -10.52 24.60
CA ARG N 93 40.75 -9.98 25.80
C ARG N 93 39.24 -10.22 25.80
N ASP N 94 38.59 -10.01 24.64
CA ASP N 94 37.14 -10.13 24.59
C ASP N 94 36.68 -11.54 24.92
N LEU N 95 37.34 -12.55 24.35
CA LEU N 95 36.91 -13.92 24.59
C LEU N 95 37.43 -14.46 25.93
N SER N 96 38.46 -13.84 26.52
CA SER N 96 38.82 -14.17 27.89
C SER N 96 37.70 -13.78 28.85
N LEU N 97 37.06 -12.64 28.61
CA LEU N 97 35.86 -12.29 29.35
C LEU N 97 34.77 -13.33 29.13
N GLN N 98 34.65 -13.82 27.89
CA GLN N 98 33.64 -14.82 27.57
C GLN N 98 33.90 -16.13 28.31
N SER N 99 35.18 -16.48 28.49
CA SER N 99 35.53 -17.72 29.16
C SER N 99 35.51 -17.61 30.68
N ALA N 100 35.37 -16.40 31.23
CA ALA N 100 35.38 -16.20 32.67
C ALA N 100 34.01 -16.37 33.31
N ASN N 101 33.09 -17.06 32.65
CA ASN N 101 31.74 -17.21 33.18
C ASN N 101 31.65 -18.43 34.07
N GLY N 102 30.60 -18.47 34.88
CA GLY N 102 30.22 -19.70 35.54
C GLY N 102 29.31 -20.57 34.71
N SER N 103 28.84 -20.06 33.58
CA SER N 103 27.90 -20.80 32.75
C SER N 103 28.57 -21.93 32.00
N ASN N 104 29.74 -21.68 31.40
CA ASN N 104 30.39 -22.67 30.57
C ASN N 104 31.11 -23.71 31.44
N SER N 105 31.19 -24.92 30.91
CA SER N 105 31.89 -26.01 31.59
C SER N 105 33.35 -26.02 31.14
N LYS N 106 34.09 -27.06 31.55
CA LYS N 106 35.51 -27.14 31.20
C LYS N 106 35.70 -27.37 29.70
N ALA N 107 34.74 -28.04 29.05
CA ALA N 107 34.87 -28.31 27.63
C ALA N 107 34.90 -27.03 26.81
N ASP N 108 34.05 -26.05 27.16
CA ASP N 108 34.03 -24.79 26.44
C ASP N 108 35.35 -24.05 26.57
N ARG N 109 35.91 -24.02 27.79
CA ARG N 109 37.17 -23.33 28.01
C ARG N 109 38.32 -24.03 27.29
N VAL N 110 38.19 -25.32 27.02
CA VAL N 110 39.18 -26.02 26.21
C VAL N 110 39.20 -25.46 24.80
N ALA N 111 38.02 -25.24 24.22
CA ALA N 111 37.95 -24.58 22.92
C ALA N 111 38.48 -23.16 22.99
N ILE N 112 38.26 -22.49 24.13
CA ILE N 112 38.79 -21.14 24.32
C ILE N 112 40.31 -21.16 24.29
N GLN N 113 40.92 -22.08 25.05
CA GLN N 113 42.37 -22.12 25.13
C GLN N 113 42.99 -22.47 23.78
N GLU N 114 42.38 -23.39 23.05
CA GLU N 114 42.91 -23.75 21.73
C GLU N 114 42.76 -22.61 20.74
N GLU N 115 41.81 -21.70 20.99
CA GLU N 115 41.75 -20.48 20.20
C GLU N 115 42.83 -19.49 20.61
N ILE N 116 43.07 -19.37 21.92
CA ILE N 116 44.11 -18.45 22.40
C ILE N 116 45.48 -18.89 21.91
N THR N 117 45.78 -20.19 22.00
CA THR N 117 47.07 -20.65 21.53
C THR N 117 47.20 -20.50 20.01
N ALA N 118 46.07 -20.49 19.30
CA ALA N 118 46.12 -20.22 17.87
C ALA N 118 46.51 -18.77 17.61
N LEU N 119 45.84 -17.83 18.27
CA LEU N 119 46.18 -16.42 18.10
C LEU N 119 47.55 -16.10 18.69
N ASN N 120 47.96 -16.84 19.72
CA ASN N 120 49.28 -16.63 20.31
C ASN N 120 50.39 -16.90 19.29
N ASP N 121 50.23 -17.97 18.50
CA ASP N 121 51.20 -18.23 17.45
C ASP N 121 51.18 -17.13 16.39
N GLU N 122 50.05 -16.45 16.23
CA GLU N 122 49.98 -15.36 15.27
C GLU N 122 50.85 -14.18 15.70
N LEU N 123 50.82 -13.84 16.99
CA LEU N 123 51.68 -12.78 17.50
C LEU N 123 53.14 -13.14 17.33
N ASN N 124 53.49 -14.39 17.62
CA ASN N 124 54.87 -14.83 17.45
C ASN N 124 55.27 -14.85 15.97
N ARG N 125 54.33 -15.18 15.09
CA ARG N 125 54.63 -15.19 13.66
C ARG N 125 54.82 -13.78 13.11
N VAL N 126 53.91 -12.87 13.46
CA VAL N 126 53.99 -11.51 12.92
C VAL N 126 55.23 -10.81 13.47
N ALA N 127 55.65 -11.13 14.70
CA ALA N 127 56.86 -10.53 15.24
C ALA N 127 58.09 -10.95 14.46
N GLU N 128 58.04 -12.11 13.80
CA GLU N 128 59.17 -12.61 13.02
C GLU N 128 58.92 -12.54 11.52
N THR N 129 57.76 -12.05 11.08
CA THR N 129 57.44 -11.98 9.67
C THR N 129 57.75 -10.61 9.08
N THR N 130 57.40 -9.53 9.78
CA THR N 130 57.65 -8.18 9.31
C THR N 130 59.13 -7.97 9.02
N SER N 131 59.47 -7.74 7.77
CA SER N 131 60.85 -7.75 7.33
C SER N 131 61.32 -6.41 6.76
N PHE N 132 60.54 -5.80 5.88
CA PHE N 132 60.95 -4.60 5.15
C PHE N 132 62.24 -4.87 4.36
N GLY N 133 62.09 -5.77 3.39
CA GLY N 133 63.18 -6.08 2.50
C GLY N 133 64.39 -6.73 3.15
N GLY N 134 64.15 -7.74 3.99
CA GLY N 134 65.23 -8.52 4.57
C GLY N 134 65.62 -8.15 5.98
N ASN N 135 65.18 -7.01 6.49
CA ASN N 135 65.44 -6.63 7.87
C ASN N 135 64.47 -7.38 8.79
N LYS N 136 64.41 -6.98 10.05
CA LYS N 136 63.45 -7.54 11.01
C LYS N 136 63.00 -6.41 11.91
N LEU N 137 61.69 -6.15 11.97
CA LEU N 137 61.20 -5.00 12.69
C LEU N 137 60.85 -5.34 14.14
N LEU N 138 59.90 -6.24 14.33
CA LEU N 138 59.37 -6.53 15.65
C LEU N 138 60.04 -7.72 16.32
N ASN N 139 61.03 -8.35 15.68
CA ASN N 139 61.71 -9.49 16.27
C ASN N 139 62.56 -9.11 17.46
N GLY N 140 62.96 -7.85 17.58
CA GLY N 140 63.85 -7.39 18.60
C GLY N 140 65.30 -7.30 18.16
N THR N 141 65.67 -7.94 17.05
CA THR N 141 67.01 -7.81 16.51
C THR N 141 67.29 -6.42 15.96
N PHE N 142 66.25 -5.61 15.74
CA PHE N 142 66.42 -4.24 15.27
C PHE N 142 66.78 -3.36 16.46
N ALA N 143 68.08 -3.14 16.66
CA ALA N 143 68.54 -2.28 17.73
C ALA N 143 68.40 -0.82 17.31
N THR N 144 69.00 0.09 18.07
CA THR N 144 68.95 1.51 17.74
C THR N 144 69.61 1.77 16.39
N LYS N 145 68.82 2.17 15.40
CA LYS N 145 69.34 2.53 14.09
C LYS N 145 69.31 4.05 13.94
N SER N 146 70.44 4.61 13.52
CA SER N 146 70.58 6.06 13.38
C SER N 146 70.33 6.45 11.94
N PHE N 147 69.44 7.41 11.73
CA PHE N 147 69.08 7.88 10.40
C PHE N 147 69.75 9.22 10.12
N GLN N 148 70.57 9.27 9.09
CA GLN N 148 71.26 10.49 8.69
C GLN N 148 70.30 11.39 7.93
N ILE N 149 69.88 12.48 8.55
CA ILE N 149 68.83 13.33 8.00
C ILE N 149 69.32 14.76 7.82
N GLY N 150 70.60 14.93 7.52
CA GLY N 150 71.14 16.26 7.32
C GLY N 150 72.23 16.28 6.26
N ALA N 151 72.51 17.49 5.77
CA ALA N 151 73.55 17.64 4.75
C ALA N 151 74.90 17.24 5.29
N ASP N 152 75.22 17.64 6.52
CA ASP N 152 76.47 17.24 7.15
C ASP N 152 76.27 15.92 7.89
N ASN N 153 77.32 15.45 8.55
CA ASN N 153 77.29 14.18 9.26
C ASN N 153 77.27 14.40 10.76
N GLY N 154 76.88 13.34 11.49
CA GLY N 154 76.90 13.32 12.93
C GLY N 154 75.56 13.55 13.58
N GLU N 155 74.70 14.39 13.00
CA GLU N 155 73.43 14.74 13.60
C GLU N 155 72.30 13.82 13.15
N ALA N 156 72.50 12.52 13.32
CA ALA N 156 71.47 11.54 13.02
C ALA N 156 70.43 11.49 14.15
N VAL N 157 69.38 10.70 13.94
CA VAL N 157 68.34 10.50 14.93
C VAL N 157 68.19 9.00 15.18
N MET N 158 68.26 8.61 16.45
CA MET N 158 68.16 7.21 16.82
C MET N 158 66.70 6.79 16.93
N LEU N 159 66.43 5.57 16.44
CA LEU N 159 65.11 4.97 16.54
C LEU N 159 65.25 3.55 17.03
N ASN N 160 64.44 3.18 18.01
CA ASN N 160 64.47 1.85 18.60
C ASN N 160 63.09 1.22 18.54
N ILE N 161 63.03 -0.03 18.09
CA ILE N 161 61.81 -0.81 18.05
C ILE N 161 61.98 -1.99 18.99
N LYS N 162 61.20 -2.03 20.05
CA LYS N 162 61.33 -3.08 21.05
C LYS N 162 60.79 -4.40 20.52
N ASP N 163 61.31 -5.49 21.07
CA ASP N 163 60.82 -6.81 20.71
C ASP N 163 59.37 -6.96 21.13
N MET N 164 58.61 -7.72 20.32
CA MET N 164 57.18 -7.86 20.58
C MET N 164 56.72 -9.30 20.42
N ARG N 165 57.61 -10.25 20.71
CA ARG N 165 57.17 -11.62 20.89
C ARG N 165 56.23 -11.70 22.08
N SER N 166 55.31 -12.67 22.04
CA SER N 166 54.32 -12.80 23.10
C SER N 166 54.92 -13.14 24.45
N ASP N 167 56.19 -13.55 24.49
CA ASP N 167 56.86 -13.88 25.74
C ASP N 167 57.71 -12.74 26.28
N ASN N 168 57.58 -11.54 25.72
CA ASN N 168 58.37 -10.41 26.19
C ASN N 168 58.03 -10.07 27.63
N ALA N 169 59.05 -9.75 28.42
CA ALA N 169 58.84 -9.49 29.84
C ALA N 169 57.96 -8.26 30.05
N LEU N 170 58.22 -7.19 29.31
CA LEU N 170 57.43 -5.96 29.47
C LEU N 170 56.00 -6.12 29.00
N MET N 171 55.68 -7.18 28.27
CA MET N 171 54.32 -7.38 27.79
C MET N 171 53.46 -8.12 28.80
N GLY N 172 54.09 -8.78 29.78
CA GLY N 172 53.34 -9.47 30.81
C GLY N 172 53.33 -8.74 32.13
N GLY N 173 53.64 -9.43 33.22
CA GLY N 173 53.69 -8.78 34.51
C GLY N 173 53.77 -9.81 35.63
N LYS N 174 53.78 -9.29 36.85
CA LYS N 174 53.81 -10.11 38.05
C LYS N 174 52.40 -10.50 38.45
N THR N 175 52.30 -11.58 39.23
CA THR N 175 51.01 -12.02 39.76
C THR N 175 51.20 -12.57 41.17
N TYR N 176 50.13 -12.57 41.94
CA TYR N 176 50.13 -13.05 43.31
C TYR N 176 48.83 -13.80 43.57
N GLN N 177 48.90 -14.83 44.40
CA GLN N 177 47.76 -15.69 44.69
C GLN N 177 47.61 -15.86 46.19
N ALA N 178 46.39 -15.70 46.69
CA ALA N 178 46.12 -15.94 48.11
C ALA N 178 46.23 -17.44 48.42
N ALA N 179 46.87 -17.74 49.55
CA ALA N 179 47.10 -19.13 49.90
C ALA N 179 45.80 -19.85 50.25
N ASN N 180 44.95 -19.22 51.06
CA ASN N 180 43.71 -19.81 51.52
C ASN N 180 42.52 -19.07 50.91
N GLY N 181 41.55 -19.84 50.42
CA GLY N 181 40.37 -19.24 49.83
C GLY N 181 39.24 -19.03 50.82
N LYS N 182 38.35 -18.13 50.47
CA LYS N 182 37.18 -17.80 51.27
C LYS N 182 35.92 -18.11 50.49
N ASP N 183 35.02 -18.88 51.10
CA ASP N 183 33.80 -19.31 50.42
C ASP N 183 32.79 -18.17 50.39
N LYS N 184 31.56 -18.47 49.97
CA LYS N 184 30.55 -17.42 49.80
C LYS N 184 30.10 -16.83 51.14
N ASN N 185 30.07 -17.65 52.19
CA ASN N 185 29.58 -17.16 53.48
C ASN N 185 30.60 -16.25 54.17
N TRP N 186 31.86 -16.32 53.78
CA TRP N 186 32.89 -15.52 54.42
C TRP N 186 32.70 -14.04 54.10
N GLY N 187 32.98 -13.19 55.08
CA GLY N 187 32.96 -11.76 54.87
C GLY N 187 34.03 -11.10 55.71
N VAL N 188 34.42 -9.90 55.29
CA VAL N 188 35.46 -9.15 56.00
C VAL N 188 34.90 -8.76 57.36
N GLU N 189 35.59 -9.20 58.42
CA GLU N 189 35.14 -8.90 59.78
C GLU N 189 35.68 -7.54 60.24
N ALA N 190 35.03 -6.98 61.24
CA ALA N 190 35.42 -5.68 61.77
C ALA N 190 36.80 -5.75 62.39
N GLY N 191 37.60 -4.71 62.18
CA GLY N 191 38.94 -4.64 62.71
C GLY N 191 39.98 -5.38 61.91
N LYS N 192 39.60 -6.02 60.81
CA LYS N 192 40.51 -6.75 59.93
C LYS N 192 40.23 -6.41 58.48
N THR N 193 40.07 -5.12 58.20
CA THR N 193 39.76 -4.64 56.87
C THR N 193 40.89 -3.81 56.26
N ASP N 194 42.04 -3.72 56.92
CA ASP N 194 43.14 -2.92 56.42
C ASP N 194 44.01 -3.73 55.48
N LEU N 195 44.37 -3.14 54.35
CA LEU N 195 45.22 -3.77 53.34
C LEU N 195 46.14 -2.72 52.76
N THR N 196 47.40 -2.73 53.19
CA THR N 196 48.39 -1.76 52.74
C THR N 196 49.34 -2.43 51.77
N ILE N 197 49.50 -1.84 50.59
CA ILE N 197 50.37 -2.37 49.55
C ILE N 197 51.51 -1.39 49.34
N THR N 198 52.73 -1.80 49.68
CA THR N 198 53.93 -1.04 49.37
C THR N 198 54.40 -1.41 47.98
N LEU N 199 54.55 -0.42 47.12
CA LEU N 199 54.72 -0.64 45.69
C LEU N 199 55.89 0.17 45.16
N LYS N 200 56.52 -0.34 44.11
CA LYS N 200 57.59 0.35 43.42
C LYS N 200 57.16 0.67 42.00
N ASP N 201 57.37 1.91 41.58
CA ASP N 201 56.88 2.39 40.29
C ASP N 201 58.05 2.89 39.47
N LYS N 202 57.97 2.71 38.15
CA LYS N 202 59.00 3.22 37.26
C LYS N 202 59.12 4.73 37.37
N ARG N 203 57.98 5.43 37.36
CA ARG N 203 57.94 6.86 37.59
C ARG N 203 57.25 7.11 38.93
N GLU N 204 57.71 8.15 39.63
CA GLU N 204 57.27 8.48 41.00
C GLU N 204 57.11 7.21 41.84
N GLY N 205 58.21 6.50 41.99
CA GLY N 205 58.21 5.22 42.66
C GLY N 205 57.96 5.35 44.15
N ASP N 206 57.98 4.18 44.81
CA ASP N 206 57.72 4.06 46.25
C ASP N 206 56.35 4.64 46.60
N VAL N 207 55.32 4.02 46.05
CA VAL N 207 53.93 4.43 46.26
C VAL N 207 53.28 3.43 47.21
N THR N 208 52.67 3.92 48.28
CA THR N 208 51.95 3.10 49.23
C THR N 208 50.47 3.42 49.12
N ILE N 209 49.66 2.39 48.86
CA ILE N 209 48.22 2.54 48.70
C ILE N 209 47.54 1.72 49.78
N SER N 210 46.63 2.35 50.52
CA SER N 210 45.92 1.72 51.62
C SER N 210 44.46 1.52 51.23
N ILE N 211 43.95 0.31 51.41
CA ILE N 211 42.58 -0.04 51.07
C ILE N 211 41.87 -0.51 52.34
N ASN N 212 40.73 0.10 52.63
CA ASN N 212 39.91 -0.26 53.77
C ASN N 212 38.59 -0.79 53.23
N ALA N 213 38.48 -2.11 53.14
CA ALA N 213 37.26 -2.72 52.63
C ALA N 213 36.11 -2.51 53.60
N LYS N 214 34.93 -2.26 53.05
CA LYS N 214 33.74 -2.09 53.87
C LYS N 214 33.38 -3.41 54.54
N GLU N 215 33.06 -3.34 55.83
CA GLU N 215 32.79 -4.53 56.60
C GLU N 215 31.56 -5.27 56.06
N GLY N 216 31.62 -6.60 56.09
CA GLY N 216 30.55 -7.43 55.58
C GLY N 216 30.66 -7.78 54.11
N ASP N 217 31.63 -7.22 53.40
CA ASP N 217 31.80 -7.52 51.98
C ASP N 217 32.31 -8.94 51.81
N ASP N 218 31.73 -9.67 50.87
CA ASP N 218 32.18 -11.03 50.57
C ASP N 218 33.44 -10.98 49.70
N ILE N 219 33.92 -12.14 49.28
CA ILE N 219 35.24 -12.22 48.66
C ILE N 219 35.25 -11.59 47.27
N GLU N 220 34.19 -11.81 46.49
CA GLU N 220 34.21 -11.38 45.09
C GLU N 220 34.14 -9.86 44.98
N GLU N 221 33.20 -9.23 45.71
CA GLU N 221 33.11 -7.78 45.66
C GLU N 221 34.24 -7.11 46.43
N LEU N 222 35.01 -7.86 47.22
CA LEU N 222 36.26 -7.32 47.74
C LEU N 222 37.22 -7.01 46.59
N ALA N 223 37.31 -7.91 45.61
CA ALA N 223 38.14 -7.66 44.45
C ALA N 223 37.64 -6.45 43.67
N THR N 224 36.33 -6.30 43.56
CA THR N 224 35.77 -5.15 42.85
C THR N 224 36.15 -3.84 43.54
N TYR N 225 36.13 -3.83 44.87
CA TYR N 225 36.51 -2.62 45.60
C TYR N 225 37.97 -2.28 45.35
N ILE N 226 38.85 -3.28 45.36
CA ILE N 226 40.27 -3.02 45.12
C ILE N 226 40.49 -2.46 43.73
N ASN N 227 39.80 -3.02 42.73
CA ASN N 227 39.96 -2.54 41.36
C ASN N 227 39.54 -1.08 41.24
N GLY N 228 38.44 -0.69 41.88
CA GLY N 228 38.00 0.69 41.81
C GLY N 228 38.94 1.65 42.51
N GLN N 229 39.52 1.23 43.63
CA GLN N 229 40.33 2.14 44.44
C GLN N 229 41.59 2.58 43.69
N THR N 230 42.27 1.65 43.02
CA THR N 230 43.51 1.96 42.34
C THR N 230 43.55 1.32 40.97
N ASP N 231 44.13 2.03 40.00
CA ASP N 231 44.32 1.51 38.66
C ASP N 231 45.66 0.80 38.47
N MET N 232 46.53 0.83 39.49
CA MET N 232 47.82 0.19 39.42
C MET N 232 47.78 -1.27 39.85
N ILE N 233 46.62 -1.77 40.25
CA ILE N 233 46.47 -3.13 40.76
C ILE N 233 45.18 -3.72 40.19
N LYS N 234 45.25 -4.97 39.74
CA LYS N 234 44.09 -5.69 39.23
C LYS N 234 43.91 -6.98 40.03
N ALA N 235 42.73 -7.15 40.61
CA ALA N 235 42.46 -8.28 41.49
C ALA N 235 41.18 -8.99 41.07
N SER N 236 41.12 -10.29 41.36
CA SER N 236 39.97 -11.11 41.02
C SER N 236 40.01 -12.39 41.84
N VAL N 237 38.92 -13.16 41.74
CA VAL N 237 38.76 -14.40 42.49
C VAL N 237 38.65 -15.55 41.49
N ASP N 238 39.32 -16.67 41.78
CA ASP N 238 39.41 -17.75 40.80
C ASP N 238 38.33 -18.81 40.99
N GLU N 239 38.41 -19.60 42.06
CA GLU N 239 37.39 -20.62 42.32
C GLU N 239 37.02 -20.80 43.77
N GLU N 240 37.82 -20.34 44.73
CA GLU N 240 37.58 -20.64 46.14
C GLU N 240 37.68 -19.43 47.05
N GLY N 241 38.00 -18.26 46.51
CA GLY N 241 38.22 -17.08 47.33
C GLY N 241 39.64 -16.54 47.28
N LYS N 242 40.56 -17.19 46.59
CA LYS N 242 41.91 -16.71 46.49
C LYS N 242 41.97 -15.54 45.51
N LEU N 243 42.65 -14.47 45.92
CA LEU N 243 42.78 -13.28 45.09
C LEU N 243 43.96 -13.43 44.14
N GLN N 244 43.72 -13.13 42.86
CA GLN N 244 44.77 -13.15 41.85
C GLN N 244 45.21 -11.71 41.61
N LEU N 245 46.07 -11.22 42.50
CA LEU N 245 46.64 -9.89 42.35
C LEU N 245 47.50 -9.84 41.10
N PHE N 246 47.47 -8.71 40.40
CA PHE N 246 48.24 -8.53 39.18
C PHE N 246 49.05 -7.24 39.25
N THR N 247 50.19 -7.24 38.58
CA THR N 247 51.09 -6.09 38.58
C THR N 247 51.67 -5.95 37.18
N ASP N 248 51.35 -4.87 36.50
CA ASP N 248 51.78 -4.69 35.12
C ASP N 248 53.28 -4.40 35.11
N ASN N 249 54.02 -5.11 34.27
CA ASN N 249 55.48 -5.11 34.38
C ASN N 249 56.11 -3.79 33.98
N ASN N 250 55.51 -3.03 33.06
CA ASN N 250 56.22 -1.91 32.48
C ASN N 250 56.18 -0.65 33.33
N ARG N 251 55.37 -0.61 34.38
CA ARG N 251 55.31 0.58 35.23
C ARG N 251 55.31 0.29 36.73
N ILE N 252 55.15 -0.95 37.16
CA ILE N 252 55.21 -1.29 38.58
C ILE N 252 56.35 -2.27 38.80
N ASP N 253 57.45 -2.06 38.08
CA ASP N 253 58.63 -2.91 38.18
C ASP N 253 59.02 -3.14 39.63
N GLY N 254 59.62 -4.29 39.90
CA GLY N 254 60.00 -4.68 41.24
C GLY N 254 58.93 -5.49 41.94
N ALA N 255 59.28 -6.00 43.11
CA ALA N 255 58.37 -6.82 43.88
C ALA N 255 57.38 -5.94 44.64
N ALA N 256 56.30 -6.56 45.11
CA ALA N 256 55.26 -5.89 45.87
C ALA N 256 55.24 -6.41 47.30
N THR N 257 55.10 -5.49 48.25
CA THR N 257 55.03 -5.81 49.67
C THR N 257 53.59 -5.68 50.13
N PHE N 258 53.12 -6.69 50.86
CA PHE N 258 51.74 -6.73 51.34
C PHE N 258 51.73 -6.58 52.85
N GLY N 259 50.70 -5.89 53.36
CA GLY N 259 50.59 -5.67 54.79
C GLY N 259 49.15 -5.39 55.17
N GLY N 260 48.95 -5.29 56.48
CA GLY N 260 47.63 -5.06 57.04
C GLY N 260 47.00 -6.35 57.56
N ALA N 261 45.91 -6.16 58.31
CA ALA N 261 45.21 -7.29 58.89
C ALA N 261 44.63 -8.20 57.82
N LEU N 262 44.05 -7.62 56.77
CA LEU N 262 43.46 -8.43 55.70
C LEU N 262 44.52 -9.24 54.98
N ALA N 263 45.71 -8.67 54.77
CA ALA N 263 46.78 -9.40 54.10
C ALA N 263 47.18 -10.63 54.89
N GLY N 264 47.29 -10.50 56.21
CA GLY N 264 47.57 -11.67 57.03
C GLY N 264 46.43 -12.67 57.03
N GLU N 265 45.19 -12.17 56.97
CA GLU N 265 44.04 -13.08 56.92
C GLU N 265 44.05 -13.91 55.65
N LEU N 266 44.40 -13.29 54.51
CA LEU N 266 44.55 -14.00 53.26
C LEU N 266 45.98 -14.50 53.13
N GLY N 267 46.35 -14.98 51.94
CA GLY N 267 47.72 -15.39 51.66
C GLY N 267 48.43 -14.32 50.87
N ILE N 268 49.64 -13.99 51.31
CA ILE N 268 50.43 -12.95 50.65
C ILE N 268 50.78 -13.38 49.23
N GLY N 269 51.27 -14.61 49.08
CA GLY N 269 51.62 -15.12 47.77
C GLY N 269 52.94 -14.59 47.26
N ALA N 270 53.61 -15.37 46.42
CA ALA N 270 54.88 -14.96 45.84
C ALA N 270 54.65 -14.31 44.47
N ALA N 271 55.70 -13.67 43.96
CA ALA N 271 55.65 -12.99 42.68
C ALA N 271 55.96 -13.97 41.57
N GLN N 272 54.97 -14.26 40.73
CA GLN N 272 55.13 -15.16 39.59
C GLN N 272 55.04 -14.35 38.31
N ASP N 273 56.10 -14.41 37.50
CA ASP N 273 56.13 -13.66 36.25
C ASP N 273 55.36 -14.41 35.18
N VAL N 274 54.27 -13.80 34.70
CA VAL N 274 53.43 -14.39 33.67
C VAL N 274 53.29 -13.40 32.52
N THR N 275 53.45 -13.90 31.30
CA THR N 275 53.33 -13.10 30.09
C THR N 275 52.18 -13.64 29.25
N VAL N 276 51.98 -13.02 28.08
CA VAL N 276 50.92 -13.47 27.18
C VAL N 276 51.24 -14.86 26.62
N ASP N 277 52.52 -15.15 26.38
CA ASP N 277 52.89 -16.48 25.92
C ASP N 277 52.53 -17.54 26.94
N THR N 278 52.78 -17.27 28.22
CA THR N 278 52.40 -18.17 29.30
C THR N 278 50.95 -17.99 29.71
N LEU N 279 50.23 -17.07 29.08
CA LEU N 279 48.83 -16.85 29.41
C LEU N 279 48.01 -18.04 28.97
N ASP N 280 47.33 -18.69 29.91
CA ASP N 280 46.54 -19.87 29.63
C ASP N 280 45.20 -19.71 30.35
N VAL N 281 44.12 -19.83 29.58
CA VAL N 281 42.77 -19.74 30.11
C VAL N 281 42.09 -21.08 29.82
N THR N 282 42.10 -21.97 30.81
CA THR N 282 41.32 -23.20 30.75
C THR N 282 40.40 -23.35 31.95
N THR N 283 40.70 -22.68 33.07
CA THR N 283 39.81 -22.57 34.21
C THR N 283 39.44 -21.11 34.38
N VAL N 284 38.31 -20.88 35.07
CA VAL N 284 37.81 -19.52 35.21
C VAL N 284 38.80 -18.63 35.93
N GLY N 285 39.66 -19.23 36.76
CA GLY N 285 40.69 -18.45 37.42
C GLY N 285 41.71 -17.90 36.46
N GLY N 286 42.17 -18.73 35.52
CA GLY N 286 43.10 -18.25 34.50
C GLY N 286 42.48 -17.18 33.63
N ALA N 287 41.17 -17.23 33.43
CA ALA N 287 40.49 -16.21 32.64
C ALA N 287 40.58 -14.84 33.30
N GLN N 288 40.39 -14.79 34.63
CA GLN N 288 40.46 -13.51 35.32
C GLN N 288 41.87 -12.93 35.28
N GLU N 289 42.89 -13.77 35.40
CA GLU N 289 44.26 -13.30 35.30
C GLU N 289 44.63 -12.93 33.87
N SER N 290 44.11 -13.69 32.89
CA SER N 290 44.51 -13.47 31.51
C SER N 290 44.09 -12.10 31.00
N VAL N 291 42.89 -11.64 31.32
CA VAL N 291 42.44 -10.33 30.86
C VAL N 291 43.30 -9.23 31.47
N ALA N 292 43.73 -9.42 32.72
CA ALA N 292 44.67 -8.48 33.32
C ALA N 292 45.98 -8.45 32.55
N ILE N 293 46.47 -9.62 32.13
CA ILE N 293 47.70 -9.67 31.35
C ILE N 293 47.52 -8.96 30.02
N VAL N 294 46.39 -9.20 29.36
CA VAL N 294 46.16 -8.60 28.04
C VAL N 294 46.07 -7.08 28.15
N ASP N 295 45.49 -6.57 29.23
CA ASP N 295 45.44 -5.11 29.41
C ASP N 295 46.84 -4.52 29.50
N ALA N 296 47.75 -5.21 30.19
CA ALA N 296 49.14 -4.78 30.21
C ALA N 296 49.75 -4.84 28.82
N ALA N 297 49.46 -5.91 28.08
CA ALA N 297 49.98 -6.03 26.72
C ALA N 297 49.45 -4.93 25.82
N LEU N 298 48.16 -4.63 25.92
CA LEU N 298 47.57 -3.58 25.10
C LEU N 298 48.17 -2.22 25.43
N LYS N 299 48.37 -1.95 26.72
CA LYS N 299 48.99 -0.70 27.13
C LYS N 299 50.41 -0.59 26.59
N TYR N 300 51.18 -1.68 26.67
CA TYR N 300 52.54 -1.66 26.13
C TYR N 300 52.55 -1.49 24.62
N VAL N 301 51.64 -2.17 23.92
CA VAL N 301 51.58 -2.07 22.48
C VAL N 301 51.20 -0.65 22.06
N ASP N 302 50.17 -0.08 22.70
CA ASP N 302 49.76 1.27 22.36
C ASP N 302 50.85 2.28 22.66
N SER N 303 51.52 2.14 23.81
CA SER N 303 52.54 3.11 24.19
C SER N 303 53.68 3.13 23.17
N HIS N 304 54.10 1.95 22.69
CA HIS N 304 55.13 1.91 21.67
C HIS N 304 54.63 2.43 20.33
N ARG N 305 53.33 2.27 20.06
CA ARG N 305 52.76 2.87 18.85
C ARG N 305 52.85 4.39 18.89
N ALA N 306 52.56 4.99 20.05
CA ALA N 306 52.63 6.44 20.18
C ALA N 306 54.06 6.94 19.98
N GLU N 307 55.04 6.21 20.51
CA GLU N 307 56.43 6.60 20.29
C GLU N 307 56.80 6.52 18.82
N LEU N 308 56.34 5.47 18.13
CA LEU N 308 56.59 5.37 16.69
C LEU N 308 55.89 6.48 15.93
N GLY N 309 54.66 6.82 16.34
CA GLY N 309 53.96 7.91 15.70
C GLY N 309 54.64 9.25 15.90
N ALA N 310 55.14 9.50 17.11
CA ALA N 310 55.90 10.72 17.36
C ALA N 310 57.17 10.75 16.52
N PHE N 311 57.77 9.59 16.28
CA PHE N 311 58.93 9.53 15.39
C PHE N 311 58.53 9.94 13.98
N GLN N 312 57.34 9.53 13.53
CA GLN N 312 56.85 9.98 12.23
C GLN N 312 56.64 11.48 12.21
N ASN N 313 56.07 12.03 13.29
CA ASN N 313 55.81 13.46 13.36
C ASN N 313 57.09 14.29 13.50
N ARG N 314 58.17 13.72 14.01
CA ARG N 314 59.45 14.41 13.96
C ARG N 314 59.96 14.52 12.53
N PHE N 315 59.61 13.54 11.69
CA PHE N 315 60.33 13.35 10.45
C PHE N 315 59.68 14.09 9.28
N ASN N 316 58.35 14.14 9.23
CA ASN N 316 57.70 14.91 8.18
C ASN N 316 58.00 16.40 8.32
N HIS N 317 58.04 16.90 9.56
CA HIS N 317 58.52 18.26 9.79
C HIS N 317 59.99 18.40 9.40
N ALA N 318 60.78 17.33 9.50
CA ALA N 318 62.15 17.39 9.02
C ALA N 318 62.20 17.45 7.50
N ILE N 319 61.20 16.87 6.83
CA ILE N 319 61.20 16.85 5.37
C ILE N 319 61.08 18.27 4.83
N ASN N 320 59.98 18.96 5.14
CA ASN N 320 59.77 20.29 4.60
C ASN N 320 60.77 21.29 5.17
N ASN N 321 61.32 21.01 6.35
CA ASN N 321 62.41 21.84 6.86
C ASN N 321 63.63 21.73 5.97
N LEU N 322 64.08 20.50 5.69
CA LEU N 322 65.21 20.31 4.80
C LEU N 322 64.90 20.82 3.39
N ASP N 323 63.66 20.67 2.95
CA ASP N 323 63.26 21.16 1.64
C ASP N 323 63.33 22.68 1.58
N ASN N 324 63.01 23.36 2.68
CA ASN N 324 63.07 24.81 2.69
C ASN N 324 64.50 25.31 2.59
N ILE N 325 65.42 24.71 3.35
CA ILE N 325 66.83 25.06 3.21
C ILE N 325 67.34 24.70 1.82
N ASN N 326 66.96 23.52 1.32
CA ASN N 326 67.37 23.11 -0.02
C ASN N 326 66.87 24.10 -1.07
N GLU N 327 65.66 24.60 -0.87
CA GLU N 327 65.12 25.62 -1.76
C GLU N 327 65.98 26.88 -1.75
N ASN N 328 66.42 27.28 -0.55
CA ASN N 328 67.13 28.55 -0.42
C ASN N 328 68.60 28.45 -0.78
N VAL N 329 69.24 27.31 -0.49
CA VAL N 329 70.66 27.17 -0.83
C VAL N 329 70.85 27.11 -2.34
N ASN N 330 69.91 26.52 -3.07
CA ASN N 330 69.98 26.56 -4.52
C ASN N 330 69.75 27.97 -5.03
N ALA N 331 68.86 28.73 -4.39
CA ALA N 331 68.67 30.13 -4.75
C ALA N 331 69.94 30.92 -4.51
N SER N 332 70.62 30.66 -3.39
CA SER N 332 71.93 31.27 -3.15
C SER N 332 72.98 30.72 -4.10
N LYS N 333 72.78 29.51 -4.64
CA LYS N 333 73.64 28.98 -5.69
C LYS N 333 73.19 29.53 -7.03
N SER N 334 72.98 30.84 -7.08
CA SER N 334 72.57 31.56 -8.28
C SER N 334 73.01 32.99 -8.09
N ARG N 335 73.59 33.56 -9.15
CA ARG N 335 74.33 34.82 -9.15
C ARG N 335 75.65 34.70 -8.39
N ILE N 336 75.90 33.56 -7.74
CA ILE N 336 77.21 33.20 -7.24
C ILE N 336 77.92 32.26 -8.20
N LYS N 337 77.21 31.23 -8.67
CA LYS N 337 77.71 30.29 -9.67
C LYS N 337 76.97 30.40 -10.99
N ASP N 338 75.65 30.55 -10.96
CA ASP N 338 74.86 30.59 -12.19
C ASP N 338 75.00 31.95 -12.87
N THR N 339 75.08 31.92 -14.20
CA THR N 339 75.13 33.14 -14.99
C THR N 339 73.72 33.53 -15.42
N ASP N 340 73.50 34.84 -15.57
CA ASP N 340 72.24 35.35 -16.07
C ASP N 340 72.42 35.69 -17.55
N PHE N 341 71.50 35.18 -18.38
CA PHE N 341 71.66 35.32 -19.81
C PHE N 341 71.39 36.72 -20.30
N ALA N 342 70.75 37.56 -19.48
CA ALA N 342 70.41 38.91 -19.91
C ALA N 342 71.66 39.76 -20.06
N LYS N 343 72.39 39.98 -18.97
CA LYS N 343 73.54 40.88 -19.03
C LYS N 343 74.71 40.24 -19.75
N GLU N 344 74.78 38.90 -19.74
CA GLU N 344 75.95 38.24 -20.30
C GLU N 344 75.90 38.30 -21.83
N THR N 345 74.72 38.11 -22.41
CA THR N 345 74.60 38.16 -23.87
C THR N 345 74.96 39.54 -24.39
N THR N 346 74.55 40.61 -23.69
CA THR N 346 74.95 41.95 -24.09
C THR N 346 76.45 42.14 -23.98
N ALA N 347 77.09 41.51 -22.99
CA ALA N 347 78.55 41.56 -22.90
C ALA N 347 79.19 40.87 -24.10
N LEU N 348 78.60 39.75 -24.54
CA LEU N 348 79.12 39.06 -25.72
C LEU N 348 78.92 39.90 -26.98
N THR N 349 77.75 40.51 -27.13
CA THR N 349 77.49 41.34 -28.30
C THR N 349 78.40 42.56 -28.31
N LYS N 350 78.61 43.19 -27.16
CA LYS N 350 79.55 44.29 -27.07
C LYS N 350 80.95 43.86 -27.46
N ALA N 351 81.37 42.67 -26.99
CA ALA N 351 82.70 42.18 -27.31
C ALA N 351 82.83 41.81 -28.78
N GLN N 352 81.75 41.30 -29.38
CA GLN N 352 81.80 40.96 -30.81
C GLN N 352 82.02 42.21 -31.66
N ILE N 353 81.34 43.30 -31.33
CA ILE N 353 81.55 44.55 -32.06
C ILE N 353 82.95 45.07 -31.79
N LEU N 354 83.45 44.88 -30.57
CA LEU N 354 84.83 45.25 -30.27
C LEU N 354 85.79 44.49 -31.17
N SER N 355 85.58 43.19 -31.35
CA SER N 355 86.43 42.40 -32.24
C SER N 355 86.29 42.87 -33.68
N GLN N 356 85.06 43.18 -34.11
CA GLN N 356 84.85 43.61 -35.49
C GLN N 356 85.55 44.94 -35.77
N ALA N 357 85.45 45.89 -34.85
CA ALA N 357 86.10 47.18 -35.04
C ALA N 357 87.62 47.05 -34.98
N SER N 358 88.13 46.28 -34.02
CA SER N 358 89.57 46.11 -33.90
C SER N 358 90.15 45.35 -35.08
N SER N 359 89.45 44.33 -35.58
CA SER N 359 89.92 43.63 -36.77
C SER N 359 89.89 44.53 -38.00
N SER N 360 88.84 45.32 -38.15
CA SER N 360 88.72 46.20 -39.31
C SER N 360 89.74 47.33 -39.27
N VAL N 361 90.06 47.84 -38.08
CA VAL N 361 91.02 48.94 -37.98
C VAL N 361 92.42 48.48 -38.35
N LEU N 362 92.69 47.18 -38.33
CA LEU N 362 93.95 46.68 -38.86
C LEU N 362 94.09 46.99 -40.34
N ALA N 363 93.00 46.82 -41.10
CA ALA N 363 93.03 47.16 -42.52
C ALA N 363 93.26 48.65 -42.73
N GLN N 364 92.77 49.49 -41.82
CA GLN N 364 93.00 50.92 -41.90
C GLN N 364 94.36 51.33 -41.36
N ALA N 365 95.15 50.38 -40.86
CA ALA N 365 96.53 50.62 -40.48
C ALA N 365 97.56 49.93 -41.36
N LYS N 366 97.15 48.90 -42.12
CA LYS N 366 98.10 48.16 -42.94
C LYS N 366 98.46 48.91 -44.22
N GLN N 367 97.59 49.78 -44.71
CA GLN N 367 97.89 50.53 -45.92
C GLN N 367 98.72 51.77 -45.64
N ALA N 368 98.92 52.14 -44.37
CA ALA N 368 99.79 53.28 -44.05
C ALA N 368 101.21 53.06 -44.54
N PRO N 369 101.84 51.89 -44.37
CA PRO N 369 103.15 51.68 -45.00
C PRO N 369 103.11 51.79 -46.52
N ASN N 370 101.98 51.43 -47.16
CA ASN N 370 101.89 51.57 -48.61
C ASN N 370 101.99 53.03 -49.01
N SER N 371 101.29 53.92 -48.29
CA SER N 371 101.43 55.34 -48.56
C SER N 371 102.81 55.84 -48.17
N ALA N 372 103.46 55.20 -47.20
CA ALA N 372 104.81 55.59 -46.82
C ALA N 372 105.79 55.37 -47.96
N LEU N 373 105.65 54.26 -48.69
CA LEU N 373 106.53 54.01 -49.83
C LEU N 373 106.15 54.88 -51.02
N ALA N 374 104.90 55.33 -51.08
CA ALA N 374 104.39 56.03 -52.27
C ALA N 374 105.07 57.36 -52.51
N LEU N 375 105.81 57.91 -51.54
CA LEU N 375 106.45 59.20 -51.74
C LEU N 375 107.57 59.11 -52.77
N LEU N 376 108.17 57.93 -52.93
CA LEU N 376 109.24 57.72 -53.90
C LEU N 376 109.01 56.38 -54.58
N GLY N 377 109.01 56.38 -55.91
CA GLY N 377 108.75 55.17 -56.68
C GLY N 377 109.72 54.04 -56.41
N MET O 1 81.06 77.24 -52.68
CA MET O 1 81.65 77.19 -51.35
C MET O 1 83.17 77.17 -51.41
N ALA O 2 83.80 76.70 -50.34
CA ALA O 2 85.24 76.59 -50.26
C ALA O 2 85.65 75.12 -50.28
N VAL O 3 86.61 74.79 -51.13
CA VAL O 3 87.10 73.42 -51.26
C VAL O 3 88.24 73.27 -50.24
N ASN O 4 87.86 72.89 -49.02
CA ASN O 4 88.80 72.77 -47.91
C ASN O 4 88.60 71.45 -47.19
N VAL O 5 89.54 71.16 -46.29
CA VAL O 5 89.47 69.96 -45.46
C VAL O 5 89.69 70.37 -44.01
N ASN O 6 90.10 71.62 -43.80
CA ASN O 6 90.40 72.10 -42.45
C ASN O 6 89.16 72.17 -41.57
N THR O 7 87.97 72.22 -42.16
CA THR O 7 86.73 72.23 -41.40
C THR O 7 85.66 71.48 -42.17
N ASN O 8 84.71 70.91 -41.42
CA ASN O 8 83.59 70.16 -41.99
C ASN O 8 82.31 70.66 -41.33
N VAL O 9 81.72 71.71 -41.89
CA VAL O 9 80.50 72.27 -41.33
C VAL O 9 79.33 71.30 -41.51
N SER O 10 79.29 70.59 -42.64
CA SER O 10 78.21 69.66 -42.88
C SER O 10 78.21 68.54 -41.85
N ALA O 11 79.38 68.02 -41.50
CA ALA O 11 79.47 67.01 -40.46
C ALA O 11 79.05 67.57 -39.10
N MET O 12 79.48 68.80 -38.80
CA MET O 12 79.17 69.39 -37.50
C MET O 12 77.68 69.57 -37.31
N THR O 13 76.98 70.09 -38.34
CA THR O 13 75.54 70.25 -38.24
C THR O 13 74.84 68.90 -38.12
N ALA O 14 75.29 67.92 -38.89
CA ALA O 14 74.71 66.58 -38.80
C ALA O 14 74.91 65.99 -37.41
N GLN O 15 76.11 66.18 -36.83
CA GLN O 15 76.39 65.63 -35.51
C GLN O 15 75.48 66.25 -34.45
N ARG O 16 75.20 67.54 -34.57
CA ARG O 16 74.27 68.17 -33.64
C ARG O 16 72.89 67.53 -33.73
N TYR O 17 72.54 66.98 -34.89
CA TYR O 17 71.26 66.31 -35.03
C TYR O 17 71.32 64.89 -34.48
N LEU O 18 72.48 64.24 -34.56
CA LEU O 18 72.62 62.91 -33.99
C LEU O 18 72.40 62.94 -32.48
N THR O 19 73.01 63.90 -31.80
CA THR O 19 72.83 64.02 -30.36
C THR O 19 71.39 64.39 -30.02
N SER O 20 70.79 65.30 -30.78
CA SER O 20 69.43 65.75 -30.47
C SER O 20 68.43 64.62 -30.66
N ALA O 21 68.58 63.84 -31.72
CA ALA O 21 67.60 62.79 -32.00
C ALA O 21 67.67 61.66 -30.99
N THR O 22 68.85 61.42 -30.42
CA THR O 22 69.04 60.25 -29.57
C THR O 22 69.00 60.57 -28.08
N ASN O 23 69.13 61.83 -27.68
CA ASN O 23 68.83 62.15 -26.29
C ASN O 23 67.35 62.02 -25.99
N ALA O 24 66.51 62.10 -27.03
CA ALA O 24 65.09 61.80 -26.91
C ALA O 24 64.76 60.38 -27.33
N GLN O 25 65.53 59.79 -28.24
CA GLN O 25 65.38 58.38 -28.55
C GLN O 25 65.71 57.53 -27.33
N GLN O 26 66.75 57.89 -26.59
CA GLN O 26 67.14 57.13 -25.41
C GLN O 26 66.09 57.17 -24.32
N SER O 27 65.22 58.18 -24.32
CA SER O 27 64.08 58.18 -23.40
C SER O 27 63.15 57.00 -23.68
N SER O 28 63.11 56.53 -24.92
CA SER O 28 62.41 55.30 -25.26
C SER O 28 63.30 54.11 -24.91
N MET O 29 62.83 52.90 -25.24
CA MET O 29 63.43 51.65 -24.76
C MET O 29 63.55 51.64 -23.24
N GLU O 30 62.88 52.57 -22.58
CA GLU O 30 62.76 52.59 -21.13
C GLU O 30 61.32 52.73 -20.67
N ARG O 31 60.50 53.50 -21.38
CA ARG O 31 59.08 53.53 -21.10
C ARG O 31 58.40 52.20 -21.44
N LEU O 32 59.05 51.35 -22.23
CA LEU O 32 58.59 49.97 -22.37
C LEU O 32 58.91 49.15 -21.14
N SER O 33 60.20 49.02 -20.80
CA SER O 33 60.60 48.14 -19.71
C SER O 33 60.01 48.59 -18.38
N SER O 34 60.03 49.90 -18.12
CA SER O 34 59.40 50.42 -16.91
C SER O 34 57.87 50.34 -17.02
N GLY O 35 57.34 50.58 -18.21
CA GLY O 35 55.91 50.69 -18.38
C GLY O 35 55.32 52.01 -17.93
N TYR O 36 56.15 53.01 -17.63
CA TYR O 36 55.71 54.32 -17.19
C TYR O 36 56.26 55.37 -18.14
N LYS O 37 55.42 56.36 -18.47
CA LYS O 37 55.86 57.44 -19.35
C LYS O 37 56.68 58.49 -18.64
N ILE O 38 56.72 58.49 -17.31
CA ILE O 38 57.58 59.38 -16.54
C ILE O 38 58.38 58.55 -15.55
N ASN O 39 59.68 58.79 -15.49
CA ASN O 39 60.56 58.14 -14.54
C ASN O 39 61.46 59.10 -13.78
N SER O 40 61.70 60.30 -14.30
CA SER O 40 62.49 61.32 -13.63
C SER O 40 61.78 62.65 -13.76
N ALA O 41 62.09 63.57 -12.84
CA ALA O 41 61.48 64.89 -12.89
C ALA O 41 61.86 65.64 -14.16
N LYS O 42 62.95 65.24 -14.82
CA LYS O 42 63.38 65.91 -16.04
C LYS O 42 62.40 65.71 -17.19
N ASP O 43 61.48 64.75 -17.08
CA ASP O 43 60.51 64.53 -18.14
C ASP O 43 59.27 65.40 -17.94
N ASP O 44 58.64 65.31 -16.77
CA ASP O 44 57.46 66.11 -16.45
C ASP O 44 57.45 66.33 -14.94
N ALA O 45 57.92 67.50 -14.50
CA ALA O 45 57.94 67.81 -13.08
C ALA O 45 56.53 67.91 -12.53
N ALA O 46 55.63 68.58 -13.26
CA ALA O 46 54.26 68.72 -12.80
C ALA O 46 53.56 67.36 -12.74
N GLY O 47 53.81 66.51 -13.73
CA GLY O 47 53.18 65.20 -13.73
C GLY O 47 53.73 64.28 -12.67
N LEU O 48 54.96 64.51 -12.21
CA LEU O 48 55.56 63.64 -11.21
C LEU O 48 54.89 63.82 -9.85
N GLN O 49 54.71 65.07 -9.43
CA GLN O 49 54.14 65.34 -8.11
C GLN O 49 52.72 64.81 -8.01
N ILE O 50 51.90 65.06 -9.03
CA ILE O 50 50.52 64.61 -8.99
C ILE O 50 50.44 63.09 -9.04
N SER O 51 51.33 62.46 -9.80
CA SER O 51 51.33 61.01 -9.89
C SER O 51 51.75 60.36 -8.57
N ASN O 52 52.75 60.93 -7.90
CA ASN O 52 53.17 60.38 -6.60
C ASN O 52 52.06 60.54 -5.56
N ARG O 53 51.41 61.70 -5.52
CA ARG O 53 50.31 61.89 -4.59
C ARG O 53 49.16 60.94 -4.87
N LEU O 54 48.83 60.75 -6.16
CA LEU O 54 47.79 59.80 -6.52
C LEU O 54 48.20 58.37 -6.15
N ASN O 55 49.46 58.02 -6.38
CA ASN O 55 49.94 56.69 -6.02
C ASN O 55 49.86 56.47 -4.52
N VAL O 56 50.26 57.47 -3.73
CA VAL O 56 50.15 57.37 -2.28
C VAL O 56 48.70 57.18 -1.86
N GLN O 57 47.78 57.88 -2.55
CA GLN O 57 46.36 57.69 -2.26
C GLN O 57 45.92 56.27 -2.59
N SER O 58 46.43 55.70 -3.68
CA SER O 58 46.07 54.33 -4.04
C SER O 58 46.53 53.34 -2.97
N ARG O 59 47.78 53.48 -2.52
CA ARG O 59 48.27 52.61 -1.45
C ARG O 59 47.49 52.82 -0.17
N GLY O 60 47.19 54.08 0.16
CA GLY O 60 46.42 54.36 1.36
C GLY O 60 45.04 53.73 1.33
N LEU O 61 44.41 53.71 0.14
CA LEU O 61 43.12 53.04 0.02
C LEU O 61 43.26 51.53 0.19
N GLY O 62 44.34 50.95 -0.34
CA GLY O 62 44.57 49.53 -0.18
C GLY O 62 44.72 49.14 1.28
N VAL O 63 45.44 49.97 2.04
CA VAL O 63 45.54 49.75 3.48
C VAL O 63 44.19 50.02 4.14
N ALA O 64 43.46 51.03 3.64
CA ALA O 64 42.21 51.43 4.29
C ALA O 64 41.18 50.32 4.25
N VAL O 65 41.05 49.62 3.12
CA VAL O 65 40.11 48.52 3.05
C VAL O 65 40.57 47.37 3.94
N ARG O 66 41.89 47.24 4.14
CA ARG O 66 42.41 46.23 5.04
C ARG O 66 42.04 46.55 6.49
N ASN O 67 42.28 47.79 6.91
CA ASN O 67 41.96 48.18 8.28
C ASN O 67 40.46 48.21 8.53
N ALA O 68 39.68 48.49 7.49
CA ALA O 68 38.23 48.47 7.64
C ALA O 68 37.70 47.05 7.69
N ASN O 69 38.32 46.14 6.93
CA ASN O 69 37.83 44.77 6.88
C ASN O 69 37.96 44.08 8.23
N ASP O 70 39.13 44.16 8.86
CA ASP O 70 39.28 43.56 10.18
C ASP O 70 38.49 44.34 11.23
N GLY O 71 38.05 45.55 10.90
CA GLY O 71 37.07 46.22 11.74
C GLY O 71 35.74 45.50 11.74
N ILE O 72 35.35 44.96 10.58
CA ILE O 72 34.14 44.13 10.53
C ILE O 72 34.38 42.82 11.26
N SER O 73 35.60 42.26 11.15
CA SER O 73 35.87 40.98 11.78
C SER O 73 35.78 41.07 13.29
N MET O 74 36.30 42.16 13.88
CA MET O 74 36.15 42.35 15.31
C MET O 74 34.69 42.48 15.70
N ALA O 75 33.90 43.19 14.90
CA ALA O 75 32.47 43.30 15.17
C ALA O 75 31.78 41.95 15.03
N GLN O 76 32.17 41.17 14.03
CA GLN O 76 31.56 39.86 13.81
C GLN O 76 31.89 38.90 14.94
N THR O 77 33.16 38.88 15.38
CA THR O 77 33.54 38.00 16.48
C THR O 77 32.77 38.35 17.75
N ALA O 78 32.59 39.65 18.01
CA ALA O 78 31.75 40.06 19.13
C ALA O 78 30.32 39.56 18.93
N GLU O 79 29.80 39.69 17.71
CA GLU O 79 28.44 39.23 17.43
C GLU O 79 28.30 37.73 17.59
N GLY O 80 29.37 36.97 17.34
CA GLY O 80 29.29 35.54 17.51
C GLY O 80 29.03 35.14 18.96
N ALA O 81 29.76 35.76 19.89
CA ALA O 81 29.48 35.54 21.31
C ALA O 81 28.21 36.25 21.73
N MET O 82 27.79 37.26 20.97
CA MET O 82 26.58 38.00 21.31
C MET O 82 25.36 37.10 21.24
N LYS O 83 25.30 36.25 20.21
CA LYS O 83 24.15 35.37 20.03
C LYS O 83 24.01 34.40 21.20
N GLU O 84 25.13 33.83 21.65
CA GLU O 84 25.07 32.87 22.74
C GLU O 84 24.59 33.52 24.03
N THR O 85 24.99 34.76 24.28
CA THR O 85 24.52 35.48 25.45
C THR O 85 22.99 35.60 25.43
N THR O 86 22.41 35.91 24.27
CA THR O 86 20.96 35.95 24.15
C THR O 86 20.35 34.58 24.42
N ASN O 87 20.97 33.53 23.91
CA ASN O 87 20.43 32.18 24.09
C ASN O 87 20.44 31.77 25.56
N ILE O 88 21.51 32.09 26.28
CA ILE O 88 21.55 31.78 27.71
C ILE O 88 20.47 32.56 28.45
N LEU O 89 20.34 33.85 28.14
CA LEU O 89 19.36 34.68 28.84
C LEU O 89 17.95 34.19 28.59
N GLN O 90 17.63 33.80 27.36
CA GLN O 90 16.32 33.24 27.07
C GLN O 90 16.09 31.95 27.84
N ARG O 91 17.13 31.13 27.98
CA ARG O 91 16.99 29.90 28.76
C ARG O 91 16.73 30.20 30.23
N MET O 92 17.46 31.16 30.79
CA MET O 92 17.25 31.52 32.19
C MET O 92 15.87 32.10 32.41
N ARG O 93 15.41 32.95 31.49
CA ARG O 93 14.08 33.53 31.62
C ARG O 93 12.99 32.47 31.55
N ASP O 94 13.18 31.49 30.67
CA ASP O 94 12.14 30.47 30.45
C ASP O 94 11.86 29.71 31.73
N LEU O 95 12.91 29.20 32.38
CA LEU O 95 12.71 28.41 33.59
C LEU O 95 12.47 29.28 34.82
N SER O 96 12.76 30.58 34.75
CA SER O 96 12.33 31.47 35.82
C SER O 96 10.81 31.53 35.89
N LEU O 97 10.15 31.53 34.73
CA LEU O 97 8.69 31.39 34.72
C LEU O 97 8.28 30.04 35.30
N GLN O 98 9.03 28.98 34.96
CA GLN O 98 8.72 27.65 35.47
C GLN O 98 8.86 27.60 36.99
N SER O 99 9.86 28.27 37.53
CA SER O 99 10.08 28.30 38.97
C SER O 99 9.15 29.26 39.69
N ALA O 100 8.44 30.13 38.96
CA ALA O 100 7.49 31.05 39.57
C ALA O 100 6.20 30.30 39.88
N ASN O 101 6.12 29.05 39.46
CA ASN O 101 4.98 28.20 39.72
C ASN O 101 4.73 28.03 41.21
N GLY O 102 3.46 27.97 41.57
CA GLY O 102 3.09 27.52 42.90
C GLY O 102 3.04 26.02 43.05
N SER O 103 3.23 25.30 41.95
CA SER O 103 3.17 23.84 41.99
C SER O 103 4.42 23.24 42.64
N ASN O 104 5.59 23.74 42.30
CA ASN O 104 6.83 23.15 42.76
C ASN O 104 7.13 23.55 44.20
N SER O 105 7.77 22.63 44.93
CA SER O 105 8.16 22.86 46.31
C SER O 105 9.55 23.50 46.35
N LYS O 106 10.13 23.58 47.54
CA LYS O 106 11.43 24.22 47.69
C LYS O 106 12.52 23.45 46.94
N ALA O 107 12.43 22.12 46.93
CA ALA O 107 13.49 21.31 46.33
C ALA O 107 13.65 21.60 44.85
N ASP O 108 12.54 21.76 44.13
CA ASP O 108 12.62 22.04 42.70
C ASP O 108 13.30 23.38 42.43
N ARG O 109 12.95 24.41 43.20
CA ARG O 109 13.57 25.72 43.02
C ARG O 109 15.04 25.68 43.37
N VAL O 110 15.44 24.82 44.30
CA VAL O 110 16.86 24.62 44.58
C VAL O 110 17.55 24.06 43.34
N ALA O 111 16.93 23.07 42.69
CA ALA O 111 17.52 22.48 41.50
C ALA O 111 17.65 23.48 40.38
N ILE O 112 16.65 24.37 40.24
CA ILE O 112 16.76 25.42 39.24
C ILE O 112 17.89 26.38 39.59
N GLN O 113 18.09 26.66 40.87
CA GLN O 113 19.15 27.58 41.27
C GLN O 113 20.52 27.07 40.83
N GLU O 114 20.72 25.75 40.85
CA GLU O 114 21.98 25.19 40.35
C GLU O 114 22.14 25.47 38.86
N GLU O 115 21.04 25.41 38.10
CA GLU O 115 21.12 25.76 36.68
C GLU O 115 21.42 27.23 36.49
N ILE O 116 20.83 28.09 37.34
CA ILE O 116 21.09 29.53 37.24
C ILE O 116 22.54 29.84 37.55
N THR O 117 23.08 29.27 38.63
CA THR O 117 24.47 29.55 38.96
C THR O 117 25.41 28.93 37.94
N ALA O 118 24.98 27.86 37.27
CA ALA O 118 25.78 27.29 36.19
C ALA O 118 25.81 28.23 34.99
N LEU O 119 24.64 28.70 34.56
CA LEU O 119 24.57 29.59 33.40
C LEU O 119 25.11 30.97 33.74
N ASN O 120 25.02 31.39 35.01
CA ASN O 120 25.59 32.66 35.41
C ASN O 120 27.09 32.66 35.23
N ASP O 121 27.76 31.58 35.60
CA ASP O 121 29.18 31.46 35.33
C ASP O 121 29.46 31.40 33.84
N GLU O 122 28.49 30.92 33.06
CA GLU O 122 28.67 30.89 31.61
C GLU O 122 28.75 32.29 31.04
N LEU O 123 27.92 33.21 31.52
CA LEU O 123 28.01 34.60 31.08
C LEU O 123 29.35 35.20 31.43
N ASN O 124 29.82 34.98 32.66
CA ASN O 124 31.10 35.53 33.08
C ASN O 124 32.26 34.88 32.34
N ARG O 125 32.10 33.65 31.87
CA ARG O 125 33.17 32.99 31.13
C ARG O 125 33.25 33.49 29.70
N VAL O 126 32.11 33.54 29.00
CA VAL O 126 32.10 33.98 27.61
C VAL O 126 32.56 35.44 27.51
N ALA O 127 32.29 36.24 28.54
CA ALA O 127 32.77 37.62 28.53
C ALA O 127 34.29 37.69 28.61
N GLU O 128 34.92 36.75 29.31
CA GLU O 128 36.37 36.70 29.43
C GLU O 128 37.02 35.74 28.44
N THR O 129 36.24 35.09 27.58
CA THR O 129 36.78 34.13 26.62
C THR O 129 36.92 34.71 25.22
N THR O 130 35.94 35.48 24.75
CA THR O 130 36.02 36.10 23.43
C THR O 130 37.25 36.97 23.35
N SER O 131 38.23 36.57 22.53
CA SER O 131 39.55 37.16 22.55
C SER O 131 39.89 37.91 21.26
N PHE O 132 39.83 37.24 20.11
CA PHE O 132 40.29 37.78 18.84
C PHE O 132 41.77 38.19 18.93
N GLY O 133 42.60 37.17 19.11
CA GLY O 133 44.04 37.36 19.12
C GLY O 133 44.57 38.16 20.28
N GLY O 134 44.16 37.80 21.49
CA GLY O 134 44.69 38.41 22.70
C GLY O 134 43.95 39.63 23.18
N ASN O 135 42.99 40.14 22.42
CA ASN O 135 42.17 41.25 22.87
C ASN O 135 41.09 40.70 23.80
N LYS O 136 40.18 41.56 24.24
CA LYS O 136 39.06 41.15 25.11
C LYS O 136 37.83 41.93 24.67
N LEU O 137 37.01 41.30 23.84
CA LEU O 137 35.91 42.01 23.21
C LEU O 137 34.82 42.39 24.21
N LEU O 138 34.39 41.43 25.02
CA LEU O 138 33.23 41.63 25.89
C LEU O 138 33.60 41.82 27.36
N ASN O 139 34.88 41.73 27.70
CA ASN O 139 35.30 41.92 29.08
C ASN O 139 35.13 43.35 29.57
N GLY O 140 34.94 44.30 28.66
CA GLY O 140 34.88 45.70 29.02
C GLY O 140 36.20 46.42 28.99
N THR O 141 37.32 45.69 28.96
CA THR O 141 38.62 46.31 28.79
C THR O 141 38.82 46.88 27.40
N PHE O 142 37.96 46.52 26.44
CA PHE O 142 38.01 47.06 25.09
C PHE O 142 37.39 48.45 25.11
N ALA O 143 38.24 49.47 25.19
CA ALA O 143 37.77 50.84 25.20
C ALA O 143 37.45 51.26 23.76
N THR O 144 37.23 52.56 23.55
CA THR O 144 36.93 53.06 22.22
C THR O 144 38.16 52.94 21.34
N LYS O 145 38.14 51.98 20.41
CA LYS O 145 39.22 51.81 19.45
C LYS O 145 38.81 52.45 18.13
N SER O 146 39.69 53.27 17.58
CA SER O 146 39.41 54.02 16.36
C SER O 146 40.02 53.28 15.18
N PHE O 147 39.20 53.02 14.16
CA PHE O 147 39.65 52.35 12.95
C PHE O 147 39.88 53.38 11.85
N GLN O 148 41.10 53.41 11.32
CA GLN O 148 41.45 54.34 10.26
C GLN O 148 40.99 53.75 8.93
N ILE O 149 39.93 54.33 8.36
CA ILE O 149 39.35 53.82 7.12
C ILE O 149 39.46 54.87 6.03
N GLY O 150 40.48 55.73 6.11
CA GLY O 150 40.67 56.78 5.14
C GLY O 150 42.06 56.71 4.52
N ALA O 151 42.17 57.29 3.33
CA ALA O 151 43.45 57.33 2.65
C ALA O 151 44.45 58.20 3.42
N ASP O 152 43.96 59.23 4.10
CA ASP O 152 44.82 60.12 4.88
C ASP O 152 44.52 59.96 6.37
N ASN O 153 45.21 60.76 7.17
CA ASN O 153 45.10 60.68 8.62
C ASN O 153 43.88 61.44 9.12
N GLY O 154 43.38 61.01 10.29
CA GLY O 154 42.27 61.67 10.94
C GLY O 154 40.90 61.18 10.52
N GLU O 155 40.82 60.44 9.42
CA GLU O 155 39.53 59.95 8.91
C GLU O 155 39.25 58.57 9.49
N ALA O 156 39.02 58.57 10.80
CA ALA O 156 38.81 57.34 11.56
C ALA O 156 37.40 57.32 12.15
N VAL O 157 36.97 56.12 12.56
CA VAL O 157 35.67 55.89 13.15
C VAL O 157 35.86 55.15 14.47
N MET O 158 35.27 55.67 15.54
CA MET O 158 35.42 55.09 16.86
C MET O 158 34.36 54.03 17.12
N LEU O 159 34.79 52.90 17.66
CA LEU O 159 33.90 51.81 18.01
C LEU O 159 34.12 51.43 19.47
N ASN O 160 33.03 51.20 20.19
CA ASN O 160 33.09 50.82 21.59
C ASN O 160 32.24 49.58 21.83
N ILE O 161 32.76 48.67 22.65
CA ILE O 161 32.07 47.44 23.03
C ILE O 161 31.87 47.47 24.55
N LYS O 162 30.61 47.44 24.97
CA LYS O 162 30.31 47.59 26.39
C LYS O 162 30.58 46.30 27.15
N ASP O 163 30.94 46.46 28.42
CA ASP O 163 31.22 45.32 29.28
C ASP O 163 29.97 44.47 29.47
N MET O 164 30.15 43.15 29.48
CA MET O 164 29.03 42.24 29.64
C MET O 164 29.35 41.12 30.61
N ARG O 165 29.97 41.46 31.74
CA ARG O 165 29.88 40.58 32.89
C ARG O 165 28.45 40.58 33.40
N SER O 166 28.04 39.45 33.97
CA SER O 166 26.66 39.33 34.43
C SER O 166 26.33 40.29 35.57
N ASP O 167 27.33 40.91 36.19
CA ASP O 167 27.12 41.89 37.25
C ASP O 167 27.08 43.32 36.74
N ASN O 168 27.06 43.52 35.42
CA ASN O 168 27.07 44.87 34.87
C ASN O 168 25.84 45.65 35.32
N ALA O 169 26.04 46.93 35.64
CA ALA O 169 24.94 47.74 36.15
C ALA O 169 23.82 47.87 35.13
N LEU O 170 24.16 48.10 33.87
CA LEU O 170 23.15 48.29 32.84
C LEU O 170 22.40 47.01 32.52
N MET O 171 22.90 45.85 32.94
CA MET O 171 22.20 44.59 32.71
C MET O 171 21.24 44.25 33.83
N GLY O 172 21.15 45.09 34.86
CA GLY O 172 20.21 44.86 35.94
C GLY O 172 19.22 46.01 36.11
N GLY O 173 19.03 46.44 37.35
CA GLY O 173 18.13 47.54 37.62
C GLY O 173 17.80 47.60 39.10
N LYS O 174 16.95 48.57 39.44
CA LYS O 174 16.51 48.75 40.81
C LYS O 174 15.25 47.93 41.08
N THR O 175 15.04 47.61 42.35
CA THR O 175 13.86 46.86 42.77
C THR O 175 13.33 47.45 44.07
N TYR O 176 12.03 47.27 44.29
CA TYR O 176 11.35 47.80 45.46
C TYR O 176 10.43 46.73 46.04
N GLN O 177 10.24 46.80 47.36
CA GLN O 177 9.46 45.80 48.08
C GLN O 177 8.41 46.49 48.94
N ALA O 178 7.20 45.95 48.91
CA ALA O 178 6.15 46.43 49.81
C ALA O 178 6.39 45.91 51.23
N ALA O 179 6.35 46.82 52.20
CA ALA O 179 6.65 46.44 53.58
C ALA O 179 5.62 45.45 54.12
N ASN O 180 4.35 45.68 53.85
CA ASN O 180 3.27 44.86 54.39
C ASN O 180 2.59 44.10 53.27
N GLY O 181 2.42 42.78 53.46
CA GLY O 181 1.79 41.95 52.47
C GLY O 181 0.30 41.83 52.69
N LYS O 182 -0.43 41.66 51.58
CA LYS O 182 -1.88 41.54 51.59
C LYS O 182 -2.26 40.12 51.21
N ASP O 183 -3.08 39.49 52.04
CA ASP O 183 -3.48 38.11 51.80
C ASP O 183 -4.51 38.05 50.68
N LYS O 184 -4.99 36.82 50.40
CA LYS O 184 -5.92 36.62 49.31
C LYS O 184 -7.24 37.34 49.54
N ASN O 185 -7.77 37.26 50.77
CA ASN O 185 -9.06 37.87 51.05
C ASN O 185 -9.03 39.39 50.91
N TRP O 186 -7.86 40.01 51.04
CA TRP O 186 -7.76 41.46 50.90
C TRP O 186 -8.03 41.89 49.47
N GLY O 187 -8.66 43.05 49.33
CA GLY O 187 -8.89 43.64 48.03
C GLY O 187 -8.66 45.13 48.07
N VAL O 188 -8.53 45.72 46.88
CA VAL O 188 -8.33 47.15 46.78
C VAL O 188 -9.61 47.86 47.21
N GLU O 189 -9.52 48.62 48.29
CA GLU O 189 -10.67 49.31 48.85
C GLU O 189 -10.92 50.63 48.14
N ALA O 190 -12.20 51.00 48.06
CA ALA O 190 -12.58 52.23 47.38
C ALA O 190 -12.01 53.45 48.10
N GLY O 191 -11.67 54.47 47.31
CA GLY O 191 -11.08 55.68 47.85
C GLY O 191 -9.59 55.60 48.10
N LYS O 192 -8.97 54.45 47.87
CA LYS O 192 -7.54 54.26 48.07
C LYS O 192 -6.94 53.50 46.90
N THR O 193 -7.36 53.84 45.68
CA THR O 193 -6.92 53.16 44.47
C THR O 193 -5.96 53.99 43.63
N ASP O 194 -5.51 55.14 44.12
CA ASP O 194 -4.61 56.00 43.37
C ASP O 194 -3.17 55.64 43.66
N LEU O 195 -2.36 55.57 42.60
CA LEU O 195 -0.93 55.25 42.72
C LEU O 195 -0.18 56.13 41.73
N THR O 196 0.60 57.07 42.24
CA THR O 196 1.36 57.99 41.42
C THR O 196 2.83 57.63 41.54
N ILE O 197 3.49 57.40 40.40
CA ILE O 197 4.89 57.02 40.35
C ILE O 197 5.66 58.14 39.66
N THR O 198 6.50 58.82 40.41
CA THR O 198 7.41 59.82 39.84
C THR O 198 8.67 59.11 39.37
N LEU O 199 9.04 59.34 38.11
CA LEU O 199 10.08 58.54 37.47
C LEU O 199 11.05 59.45 36.74
N LYS O 200 12.28 58.98 36.60
CA LYS O 200 13.32 59.70 35.86
C LYS O 200 13.83 58.82 34.72
N ASP O 201 14.01 59.42 33.55
CA ASP O 201 14.37 58.69 32.35
C ASP O 201 15.54 59.37 31.65
N LYS O 202 16.36 58.55 30.96
CA LYS O 202 17.43 59.09 30.14
C LYS O 202 16.89 59.98 29.04
N ARG O 203 15.84 59.53 28.36
CA ARG O 203 15.15 60.31 27.34
C ARG O 203 13.75 60.66 27.85
N GLU O 204 13.30 61.87 27.50
CA GLU O 204 12.04 62.45 27.98
C GLU O 204 11.80 62.12 29.45
N GLY O 205 12.75 62.53 30.27
CA GLY O 205 12.73 62.22 31.69
C GLY O 205 11.65 62.97 32.44
N ASP O 206 11.60 62.71 33.74
CA ASP O 206 10.60 63.29 34.65
C ASP O 206 9.18 62.98 34.17
N VAL O 207 8.85 61.69 34.16
CA VAL O 207 7.55 61.20 33.74
C VAL O 207 6.83 60.66 34.96
N THR O 208 5.61 61.14 35.18
CA THR O 208 4.76 60.70 36.28
C THR O 208 3.65 59.83 35.72
N ILE O 209 3.51 58.62 36.27
CA ILE O 209 2.52 57.65 35.82
C ILE O 209 1.47 57.51 36.91
N SER O 210 0.20 57.72 36.55
CA SER O 210 -0.91 57.60 37.49
C SER O 210 -1.65 56.31 37.19
N ILE O 211 -1.77 55.45 38.20
CA ILE O 211 -2.44 54.17 38.07
C ILE O 211 -3.65 54.19 38.99
N ASN O 212 -4.83 53.95 38.43
CA ASN O 212 -6.07 53.89 39.18
C ASN O 212 -6.57 52.45 39.12
N ALA O 213 -6.24 51.67 40.14
CA ALA O 213 -6.64 50.28 40.18
C ALA O 213 -8.15 50.16 40.35
N LYS O 214 -8.74 49.16 39.70
CA LYS O 214 -10.17 48.91 39.85
C LYS O 214 -10.46 48.41 41.25
N GLU O 215 -11.56 48.90 41.83
CA GLU O 215 -11.94 48.50 43.18
C GLU O 215 -12.30 47.03 43.21
N GLY O 216 -11.90 46.35 44.29
CA GLY O 216 -12.21 44.96 44.50
C GLY O 216 -11.19 43.98 43.95
N ASP O 217 -10.22 44.44 43.18
CA ASP O 217 -9.18 43.56 42.68
C ASP O 217 -8.27 43.11 43.83
N ASP O 218 -7.91 41.83 43.82
CA ASP O 218 -7.06 41.30 44.87
C ASP O 218 -5.61 41.73 44.62
N ILE O 219 -4.68 41.20 45.41
CA ILE O 219 -3.31 41.67 45.34
C ILE O 219 -2.65 41.25 44.03
N GLU O 220 -2.94 40.04 43.56
CA GLU O 220 -2.29 39.55 42.34
C GLU O 220 -2.79 40.28 41.11
N GLU O 221 -4.10 40.51 41.01
CA GLU O 221 -4.64 41.25 39.88
C GLU O 221 -4.22 42.71 39.90
N LEU O 222 -3.84 43.23 41.07
CA LEU O 222 -3.27 44.58 41.12
C LEU O 222 -1.93 44.62 40.38
N ALA O 223 -1.09 43.61 40.57
CA ALA O 223 0.19 43.56 39.88
C ALA O 223 0.00 43.46 38.37
N THR O 224 -0.95 42.64 37.92
CA THR O 224 -1.19 42.51 36.49
C THR O 224 -1.67 43.81 35.88
N TYR O 225 -2.50 44.56 36.61
CA TYR O 225 -3.00 45.83 36.08
C TYR O 225 -1.87 46.82 35.86
N ILE O 226 -0.93 46.91 36.81
CA ILE O 226 0.18 47.85 36.66
C ILE O 226 1.04 47.47 35.46
N ASN O 227 1.28 46.17 35.27
CA ASN O 227 2.10 45.73 34.13
C ASN O 227 1.44 46.12 32.82
N GLY O 228 0.13 45.93 32.70
CA GLY O 228 -0.55 46.26 31.46
C GLY O 228 -0.58 47.75 31.18
N GLN O 229 -0.74 48.57 32.22
CA GLN O 229 -0.89 50.01 32.01
C GLN O 229 0.36 50.62 31.41
N THR O 230 1.54 50.21 31.89
CA THR O 230 2.78 50.76 31.40
C THR O 230 3.85 49.68 31.33
N ASP O 231 4.73 49.80 30.33
CA ASP O 231 5.90 48.95 30.23
C ASP O 231 7.10 49.50 30.97
N MET O 232 6.95 50.66 31.60
CA MET O 232 8.02 51.32 32.32
C MET O 232 8.31 50.67 33.67
N ILE O 233 7.42 49.79 34.13
CA ILE O 233 7.45 49.27 35.48
C ILE O 233 7.02 47.80 35.43
N LYS O 234 7.69 46.95 36.20
CA LYS O 234 7.36 45.53 36.28
C LYS O 234 6.99 45.21 37.72
N ALA O 235 5.81 44.64 37.91
CA ALA O 235 5.26 44.37 39.24
C ALA O 235 4.89 42.91 39.38
N SER O 236 4.95 42.40 40.61
CA SER O 236 4.63 41.02 40.91
C SER O 236 4.39 40.88 42.40
N VAL O 237 3.99 39.69 42.81
CA VAL O 237 3.71 39.36 44.20
C VAL O 237 4.56 38.16 44.60
N ASP O 238 5.19 38.23 45.76
CA ASP O 238 6.21 37.22 46.11
C ASP O 238 5.64 36.04 46.90
N GLU O 239 5.25 36.25 48.15
CA GLU O 239 4.67 35.17 48.95
C GLU O 239 3.50 35.59 49.83
N GLU O 240 3.32 36.88 50.13
CA GLU O 240 2.28 37.31 51.05
C GLU O 240 1.55 38.56 50.59
N GLY O 241 1.85 39.07 49.40
CA GLY O 241 1.24 40.30 48.92
C GLY O 241 2.21 41.44 48.70
N LYS O 242 3.49 41.28 49.03
CA LYS O 242 4.46 42.34 48.81
C LYS O 242 4.73 42.49 47.32
N LEU O 243 4.68 43.74 46.84
CA LEU O 243 4.89 44.00 45.42
C LEU O 243 6.38 44.08 45.12
N GLN O 244 6.80 43.36 44.08
CA GLN O 244 8.18 43.41 43.61
C GLN O 244 8.25 44.39 42.44
N LEU O 245 8.23 45.68 42.78
CA LEU O 245 8.37 46.72 41.79
C LEU O 245 9.77 46.65 41.18
N PHE O 246 9.85 46.86 39.87
CA PHE O 246 11.10 46.74 39.15
C PHE O 246 11.35 48.00 38.32
N THR O 247 12.63 48.29 38.08
CA THR O 247 13.04 49.48 37.36
C THR O 247 14.27 49.13 36.53
N ASP O 248 14.14 49.16 35.21
CA ASP O 248 15.23 48.75 34.35
C ASP O 248 16.29 49.85 34.35
N ASN O 249 17.55 49.47 34.58
CA ASN O 249 18.59 50.45 34.84
C ASN O 249 18.92 51.30 33.62
N ASN O 250 18.99 50.69 32.44
CA ASN O 250 19.57 51.39 31.29
C ASN O 250 18.67 52.49 30.74
N ARG O 251 17.43 52.61 31.22
CA ARG O 251 16.52 53.64 30.75
C ARG O 251 15.79 54.39 31.84
N ILE O 252 15.81 53.92 33.08
CA ILE O 252 15.00 54.49 34.16
C ILE O 252 15.92 54.97 35.28
N ASP O 253 17.08 55.50 34.90
CA ASP O 253 18.07 55.97 35.87
C ASP O 253 17.44 56.85 36.95
N GLY O 254 18.02 56.80 38.14
CA GLY O 254 17.53 57.56 39.27
C GLY O 254 16.51 56.82 40.09
N ALA O 255 16.30 57.31 41.30
CA ALA O 255 15.34 56.70 42.22
C ALA O 255 13.92 56.99 41.77
N ALA O 256 13.01 56.09 42.12
CA ALA O 256 11.60 56.21 41.81
C ALA O 256 10.83 56.62 43.07
N THR O 257 9.99 57.63 42.94
CA THR O 257 9.20 58.14 44.06
C THR O 257 7.79 57.58 43.96
N PHE O 258 7.22 57.22 45.11
CA PHE O 258 5.89 56.66 45.19
C PHE O 258 4.94 57.62 45.90
N GLY O 259 3.68 57.61 45.49
CA GLY O 259 2.68 58.47 46.10
C GLY O 259 1.30 57.92 45.89
N GLY O 260 0.33 58.56 46.53
CA GLY O 260 -1.05 58.15 46.45
C GLY O 260 -1.46 57.32 47.65
N ALA O 261 -2.78 57.19 47.80
CA ALA O 261 -3.32 56.44 48.93
C ALA O 261 -2.93 54.97 48.88
N LEU O 262 -2.93 54.38 47.68
CA LEU O 262 -2.56 52.98 47.55
C LEU O 262 -1.11 52.75 47.96
N ALA O 263 -0.21 53.66 47.57
CA ALA O 263 1.19 53.52 47.97
C ALA O 263 1.34 53.56 49.48
N GLY O 264 0.63 54.49 50.14
CA GLY O 264 0.68 54.56 51.59
C GLY O 264 0.10 53.31 52.24
N GLU O 265 -0.96 52.75 51.64
CA GLU O 265 -1.51 51.50 52.15
C GLU O 265 -0.50 50.37 52.05
N LEU O 266 0.24 50.30 50.95
CA LEU O 266 1.30 49.33 50.79
C LEU O 266 2.60 49.90 51.38
N GLY O 267 3.73 49.25 51.10
CA GLY O 267 5.02 49.73 51.53
C GLY O 267 5.76 50.37 50.35
N ILE O 268 6.27 51.58 50.60
CA ILE O 268 7.01 52.29 49.55
C ILE O 268 8.29 51.54 49.20
N GLY O 269 9.03 51.09 50.22
CA GLY O 269 10.25 50.35 49.98
C GLY O 269 11.41 51.21 49.53
N ALA O 270 12.63 50.69 49.66
CA ALA O 270 13.82 51.40 49.23
C ALA O 270 14.31 50.88 47.88
N ALA O 271 15.17 51.66 47.25
CA ALA O 271 15.73 51.30 45.96
C ALA O 271 16.91 50.36 46.17
N GLN O 272 16.71 49.08 45.85
CA GLN O 272 17.73 48.06 46.01
C GLN O 272 18.24 47.65 44.64
N ASP O 273 19.56 47.73 44.45
CA ASP O 273 20.15 47.44 43.15
C ASP O 273 20.37 45.94 42.99
N VAL O 274 19.89 45.39 41.88
CA VAL O 274 20.05 43.97 41.57
C VAL O 274 20.48 43.83 40.11
N THR O 275 21.25 42.79 39.84
CA THR O 275 21.71 42.48 38.49
C THR O 275 21.57 40.98 38.26
N VAL O 276 22.01 40.52 37.09
CA VAL O 276 21.92 39.10 36.76
C VAL O 276 22.82 38.28 37.66
N ASP O 277 24.00 38.81 38.01
CA ASP O 277 24.89 38.09 38.91
C ASP O 277 24.25 37.89 40.27
N THR O 278 23.58 38.92 40.79
CA THR O 278 22.88 38.82 42.06
C THR O 278 21.52 38.14 41.92
N LEU O 279 21.10 37.83 40.71
CA LEU O 279 19.81 37.17 40.49
C LEU O 279 19.85 35.77 41.08
N ASP O 280 18.92 35.49 41.98
CA ASP O 280 18.78 34.16 42.55
C ASP O 280 17.30 33.78 42.58
N VAL O 281 17.02 32.52 42.28
CA VAL O 281 15.66 31.99 42.30
C VAL O 281 15.67 30.74 43.18
N THR O 282 15.30 30.92 44.44
CA THR O 282 15.06 29.80 45.34
C THR O 282 13.68 29.84 45.98
N THR O 283 13.05 31.01 46.01
CA THR O 283 11.66 31.16 46.43
C THR O 283 10.85 31.68 45.25
N VAL O 284 9.53 31.58 45.37
CA VAL O 284 8.66 32.03 44.30
C VAL O 284 8.84 33.52 44.05
N GLY O 285 9.08 34.29 45.11
CA GLY O 285 9.29 35.72 44.94
C GLY O 285 10.50 36.04 44.09
N GLY O 286 11.63 35.36 44.35
CA GLY O 286 12.82 35.60 43.55
C GLY O 286 12.61 35.26 42.09
N ALA O 287 11.77 34.26 41.82
CA ALA O 287 11.48 33.89 40.43
C ALA O 287 10.78 35.02 39.69
N GLN O 288 9.81 35.68 40.35
CA GLN O 288 9.09 36.75 39.69
C GLN O 288 10.01 37.94 39.38
N GLU O 289 10.87 38.29 40.33
CA GLU O 289 11.80 39.40 40.11
C GLU O 289 12.82 39.06 39.03
N SER O 290 13.28 37.81 38.99
CA SER O 290 14.33 37.43 38.04
C SER O 290 13.86 37.56 36.61
N VAL O 291 12.59 37.32 36.34
CA VAL O 291 12.08 37.45 34.97
C VAL O 291 12.22 38.89 34.49
N ALA O 292 11.88 39.85 35.35
CA ALA O 292 12.05 41.26 35.00
C ALA O 292 13.52 41.60 34.81
N ILE O 293 14.40 41.02 35.63
CA ILE O 293 15.84 41.28 35.49
C ILE O 293 16.33 40.78 34.14
N VAL O 294 15.93 39.57 33.75
CA VAL O 294 16.38 39.03 32.48
C VAL O 294 15.81 39.82 31.31
N ASP O 295 14.58 40.32 31.43
CA ASP O 295 14.02 41.14 30.37
C ASP O 295 14.83 42.40 30.16
N ALA O 296 15.26 43.03 31.25
CA ALA O 296 16.18 44.17 31.15
C ALA O 296 17.50 43.74 30.55
N ALA O 297 17.98 42.55 30.93
CA ALA O 297 19.22 42.04 30.36
C ALA O 297 19.11 41.83 28.86
N LEU O 298 18.01 41.22 28.41
CA LEU O 298 17.84 40.92 26.99
C LEU O 298 17.72 42.20 26.18
N LYS O 299 17.03 43.21 26.72
CA LYS O 299 16.93 44.48 26.02
C LYS O 299 18.29 45.13 25.85
N TYR O 300 19.11 45.11 26.90
CA TYR O 300 20.46 45.68 26.79
C TYR O 300 21.32 44.88 25.81
N VAL O 301 21.21 43.56 25.85
CA VAL O 301 21.96 42.72 24.93
C VAL O 301 21.56 43.00 23.49
N ASP O 302 20.25 43.09 23.23
CA ASP O 302 19.80 43.39 21.88
C ASP O 302 20.25 44.77 21.42
N SER O 303 20.19 45.75 22.32
CA SER O 303 20.55 47.12 21.95
C SER O 303 22.00 47.20 21.50
N HIS O 304 22.90 46.52 22.20
CA HIS O 304 24.31 46.53 21.79
C HIS O 304 24.50 45.78 20.48
N ARG O 305 23.75 44.71 20.27
CA ARG O 305 23.84 43.99 19.00
C ARG O 305 23.40 44.87 17.83
N ALA O 306 22.34 45.65 18.03
CA ALA O 306 21.90 46.57 16.97
C ALA O 306 22.95 47.61 16.67
N GLU O 307 23.58 48.16 17.70
CA GLU O 307 24.65 49.14 17.47
C GLU O 307 25.82 48.51 16.74
N LEU O 308 26.16 47.27 17.09
CA LEU O 308 27.24 46.57 16.39
C LEU O 308 26.87 46.29 14.95
N GLY O 309 25.62 45.92 14.70
CA GLY O 309 25.18 45.66 13.34
C GLY O 309 25.17 46.91 12.48
N ALA O 310 24.72 48.03 13.04
CA ALA O 310 24.77 49.30 12.31
C ALA O 310 26.21 49.69 12.01
N PHE O 311 27.12 49.46 12.94
CA PHE O 311 28.53 49.71 12.68
C PHE O 311 29.04 48.82 11.56
N GLN O 312 28.60 47.55 11.53
CA GLN O 312 29.01 46.67 10.45
C GLN O 312 28.50 47.15 9.11
N ASN O 313 27.24 47.58 9.05
CA ASN O 313 26.68 48.12 7.82
C ASN O 313 27.36 49.40 7.38
N ARG O 314 27.85 50.22 8.31
CA ARG O 314 28.61 51.40 7.94
C ARG O 314 29.86 51.02 7.18
N PHE O 315 30.58 50.00 7.65
CA PHE O 315 31.80 49.57 6.98
C PHE O 315 31.51 48.78 5.71
N ASN O 316 30.31 48.21 5.58
CA ASN O 316 29.96 47.55 4.32
C ASN O 316 29.88 48.56 3.19
N HIS O 317 29.27 49.72 3.44
CA HIS O 317 29.28 50.80 2.46
C HIS O 317 30.62 51.51 2.38
N ALA O 318 31.40 51.50 3.48
CA ALA O 318 32.72 52.12 3.44
C ALA O 318 33.68 51.31 2.58
N ILE O 319 33.52 49.98 2.56
CA ILE O 319 34.44 49.14 1.80
C ILE O 319 34.29 49.40 0.31
N ASN O 320 33.05 49.36 -0.20
CA ASN O 320 32.87 49.48 -1.64
C ASN O 320 32.94 50.94 -2.09
N ASN O 321 32.78 51.89 -1.17
CA ASN O 321 33.09 53.28 -1.50
C ASN O 321 34.58 53.46 -1.73
N LEU O 322 35.40 52.97 -0.81
CA LEU O 322 36.85 53.06 -0.97
C LEU O 322 37.32 52.25 -2.16
N ASP O 323 36.70 51.09 -2.40
CA ASP O 323 37.08 50.26 -3.54
C ASP O 323 36.84 50.99 -4.84
N ASN O 324 35.71 51.68 -4.95
CA ASN O 324 35.44 52.47 -6.16
C ASN O 324 36.40 53.63 -6.28
N ILE O 325 36.70 54.31 -5.17
CA ILE O 325 37.66 55.42 -5.21
C ILE O 325 39.02 54.92 -5.67
N ASN O 326 39.47 53.78 -5.13
CA ASN O 326 40.74 53.21 -5.57
C ASN O 326 40.70 52.84 -7.04
N GLU O 327 39.54 52.37 -7.51
CA GLU O 327 39.38 52.08 -8.94
C GLU O 327 39.55 53.33 -9.79
N ASN O 328 38.94 54.43 -9.35
CA ASN O 328 38.95 55.64 -10.17
C ASN O 328 40.31 56.35 -10.11
N VAL O 329 40.93 56.40 -8.93
CA VAL O 329 42.23 57.05 -8.83
C VAL O 329 43.29 56.25 -9.57
N ASN O 330 43.12 54.93 -9.66
CA ASN O 330 44.02 54.13 -10.50
C ASN O 330 43.82 54.47 -11.97
N ALA O 331 42.58 54.71 -12.39
CA ALA O 331 42.33 55.17 -13.75
C ALA O 331 42.97 56.53 -13.98
N SER O 332 42.88 57.43 -13.01
CA SER O 332 43.56 58.71 -13.11
C SER O 332 45.07 58.56 -13.07
N LYS O 333 45.57 57.50 -12.45
CA LYS O 333 47.00 57.20 -12.47
C LYS O 333 47.38 56.44 -13.74
N SER O 334 46.95 57.00 -14.87
CA SER O 334 47.26 56.46 -16.18
C SER O 334 47.16 57.61 -17.17
N ARG O 335 48.04 57.61 -18.17
CA ARG O 335 48.21 58.68 -19.14
C ARG O 335 48.81 59.92 -18.47
N ILE O 336 48.97 59.84 -17.14
CA ILE O 336 49.78 60.81 -16.41
C ILE O 336 51.06 60.17 -15.88
N LYS O 337 50.99 58.89 -15.49
CA LYS O 337 52.16 58.10 -15.12
C LYS O 337 52.32 56.89 -16.00
N ASP O 338 51.26 56.12 -16.23
CA ASP O 338 51.33 54.95 -17.08
C ASP O 338 51.58 55.38 -18.53
N THR O 339 52.51 54.71 -19.19
CA THR O 339 52.77 54.98 -20.59
C THR O 339 51.75 54.28 -21.46
N ASP O 340 51.49 54.85 -22.62
CA ASP O 340 50.66 54.21 -23.63
C ASP O 340 51.55 53.64 -24.72
N PHE O 341 51.36 52.36 -25.01
CA PHE O 341 52.26 51.68 -25.94
C PHE O 341 52.04 52.09 -27.38
N ALA O 342 50.82 52.49 -27.73
CA ALA O 342 50.52 52.84 -29.12
C ALA O 342 51.34 54.03 -29.57
N LYS O 343 51.11 55.20 -28.97
CA LYS O 343 51.63 56.44 -29.53
C LYS O 343 53.15 56.52 -29.41
N GLU O 344 53.70 56.02 -28.30
CA GLU O 344 55.13 56.21 -28.07
C GLU O 344 55.96 55.25 -28.91
N THR O 345 55.46 54.03 -29.17
CA THR O 345 56.26 53.06 -29.90
C THR O 345 56.47 53.50 -31.34
N THR O 346 55.47 54.13 -31.96
CA THR O 346 55.68 54.74 -33.27
C THR O 346 56.72 55.84 -33.20
N ALA O 347 56.78 56.57 -32.09
CA ALA O 347 57.84 57.55 -31.90
C ALA O 347 59.19 56.87 -31.74
N LEU O 348 59.20 55.67 -31.15
CA LEU O 348 60.44 54.91 -31.04
C LEU O 348 60.91 54.45 -32.41
N THR O 349 60.01 53.88 -33.21
CA THR O 349 60.38 53.43 -34.55
C THR O 349 60.78 54.61 -35.42
N LYS O 350 60.07 55.73 -35.31
CA LYS O 350 60.48 56.94 -36.02
C LYS O 350 61.86 57.40 -35.58
N ALA O 351 62.13 57.35 -34.28
CA ALA O 351 63.43 57.77 -33.78
C ALA O 351 64.53 56.85 -34.27
N GLN O 352 64.25 55.54 -34.35
CA GLN O 352 65.22 54.61 -34.92
C GLN O 352 65.50 54.95 -36.37
N ILE O 353 64.45 55.27 -37.13
CA ILE O 353 64.61 55.63 -38.53
C ILE O 353 65.41 56.91 -38.67
N LEU O 354 65.23 57.85 -37.74
CA LEU O 354 66.05 59.06 -37.74
C LEU O 354 67.52 58.73 -37.57
N SER O 355 67.84 57.80 -36.67
CA SER O 355 69.24 57.43 -36.46
C SER O 355 69.83 56.76 -37.70
N GLN O 356 69.08 55.87 -38.34
CA GLN O 356 69.59 55.19 -39.52
C GLN O 356 69.73 56.15 -40.70
N ALA O 357 68.75 57.03 -40.90
CA ALA O 357 68.85 58.00 -41.99
C ALA O 357 70.00 58.95 -41.77
N SER O 358 70.17 59.44 -40.54
CA SER O 358 71.26 60.36 -40.24
C SER O 358 72.62 59.67 -40.36
N SER O 359 72.70 58.41 -39.94
CA SER O 359 73.98 57.68 -40.04
C SER O 359 74.39 57.53 -41.50
N SER O 360 73.43 57.23 -42.38
CA SER O 360 73.73 57.17 -43.81
C SER O 360 74.19 58.51 -44.34
N VAL O 361 73.66 59.60 -43.79
CA VAL O 361 74.14 60.94 -44.16
C VAL O 361 75.58 61.12 -43.74
N LEU O 362 75.94 60.64 -42.55
CA LEU O 362 77.32 60.74 -42.10
C LEU O 362 78.26 60.00 -43.04
N ALA O 363 77.89 58.79 -43.45
CA ALA O 363 78.69 58.04 -44.42
C ALA O 363 78.76 58.76 -45.76
N GLN O 364 77.67 59.44 -46.14
CA GLN O 364 77.69 60.23 -47.37
C GLN O 364 78.62 61.42 -47.30
N ALA O 365 78.74 62.05 -46.12
CA ALA O 365 79.60 63.21 -45.94
C ALA O 365 81.03 62.84 -45.60
N LYS O 366 81.32 61.55 -45.44
CA LYS O 366 82.69 61.13 -45.13
C LYS O 366 83.62 61.44 -46.28
N GLN O 367 83.20 61.18 -47.51
CA GLN O 367 84.04 61.38 -48.69
C GLN O 367 83.94 62.79 -49.25
N ALA O 368 83.12 63.65 -48.66
CA ALA O 368 83.07 65.03 -49.13
C ALA O 368 84.43 65.74 -49.02
N PRO O 369 85.13 65.68 -47.88
CA PRO O 369 86.50 66.23 -47.88
C PRO O 369 87.45 65.45 -48.78
N ASN O 370 87.23 64.14 -48.93
CA ASN O 370 88.14 63.32 -49.74
C ASN O 370 88.08 63.74 -51.19
N SER O 371 86.88 63.89 -51.75
CA SER O 371 86.74 64.34 -53.13
C SER O 371 87.24 65.76 -53.30
N ALA O 372 87.19 66.56 -52.23
CA ALA O 372 87.69 67.93 -52.31
C ALA O 372 89.17 67.97 -52.60
N LEU O 373 89.95 67.08 -51.98
CA LEU O 373 91.38 67.06 -52.20
C LEU O 373 91.75 66.50 -53.58
N ALA O 374 90.88 65.70 -54.17
CA ALA O 374 91.21 65.00 -55.42
C ALA O 374 91.43 65.94 -56.60
N LEU O 375 91.05 67.21 -56.48
CA LEU O 375 91.25 68.13 -57.60
C LEU O 375 92.74 68.36 -57.89
N LEU O 376 93.57 68.34 -56.84
CA LEU O 376 95.02 68.43 -56.99
C LEU O 376 95.66 67.22 -56.34
N GLY O 377 96.53 66.54 -57.09
CA GLY O 377 97.16 65.32 -56.63
C GLY O 377 97.98 65.49 -55.36
N MET P 1 132.64 62.39 -54.16
CA MET P 1 132.41 62.46 -55.59
C MET P 1 133.29 61.46 -56.32
N ALA P 2 132.82 60.21 -56.40
CA ALA P 2 133.54 59.14 -57.07
C ALA P 2 132.67 58.54 -58.16
N VAL P 3 133.28 58.26 -59.30
CA VAL P 3 132.58 57.69 -60.45
C VAL P 3 133.35 56.46 -60.94
N ASN P 4 132.63 55.36 -61.16
CA ASN P 4 133.24 54.15 -61.65
C ASN P 4 132.18 53.28 -62.30
N VAL P 5 132.62 52.34 -63.14
CA VAL P 5 131.73 51.42 -63.82
C VAL P 5 132.25 50.00 -63.67
N ASN P 6 133.49 49.87 -63.20
CA ASN P 6 134.09 48.54 -63.04
C ASN P 6 133.33 47.72 -62.00
N THR P 7 132.97 48.34 -60.88
CA THR P 7 132.23 47.67 -59.83
C THR P 7 131.14 48.60 -59.31
N ASN P 8 130.11 48.00 -58.71
CA ASN P 8 128.99 48.76 -58.15
C ASN P 8 128.64 48.14 -56.80
N VAL P 9 129.03 48.81 -55.72
CA VAL P 9 128.79 48.29 -54.39
C VAL P 9 127.48 48.81 -53.79
N SER P 10 127.01 49.97 -54.25
CA SER P 10 125.78 50.53 -53.70
C SER P 10 124.59 49.62 -53.97
N ALA P 11 124.42 49.20 -55.22
CA ALA P 11 123.35 48.26 -55.54
C ALA P 11 123.68 46.84 -55.11
N MET P 12 124.97 46.53 -54.93
CA MET P 12 125.34 45.22 -54.41
C MET P 12 124.81 45.02 -53.00
N THR P 13 125.01 46.02 -52.13
CA THR P 13 124.42 45.98 -50.80
C THR P 13 122.91 46.07 -50.86
N ALA P 14 122.38 46.81 -51.84
CA ALA P 14 120.93 46.88 -52.02
C ALA P 14 120.36 45.50 -52.35
N GLN P 15 121.07 44.73 -53.19
CA GLN P 15 120.64 43.37 -53.48
C GLN P 15 120.76 42.49 -52.25
N ARG P 16 121.73 42.77 -51.37
CA ARG P 16 121.79 42.07 -50.08
C ARG P 16 120.55 42.39 -49.24
N TYR P 17 120.09 43.64 -49.29
CA TYR P 17 118.84 44.00 -48.64
C TYR P 17 117.67 43.25 -49.25
N LEU P 18 117.66 43.12 -50.58
CA LEU P 18 116.61 42.36 -51.26
C LEU P 18 116.61 40.90 -50.82
N THR P 19 117.78 40.27 -50.79
CA THR P 19 117.84 38.85 -50.48
C THR P 19 117.41 38.58 -49.05
N SER P 20 117.98 39.32 -48.08
CA SER P 20 117.69 39.06 -46.68
C SER P 20 116.22 39.30 -46.37
N ALA P 21 115.65 40.39 -46.88
CA ALA P 21 114.27 40.74 -46.56
C ALA P 21 113.28 39.74 -47.18
N THR P 22 113.52 39.35 -48.42
CA THR P 22 112.54 38.55 -49.16
C THR P 22 112.66 37.05 -48.87
N ASN P 23 113.85 36.55 -48.56
CA ASN P 23 113.96 35.12 -48.24
C ASN P 23 113.17 34.78 -46.98
N ALA P 24 113.05 35.72 -46.06
CA ALA P 24 112.16 35.53 -44.91
C ALA P 24 110.70 35.71 -45.30
N GLN P 25 110.43 36.59 -46.26
CA GLN P 25 109.07 36.71 -46.79
C GLN P 25 108.63 35.41 -47.45
N GLN P 26 109.56 34.67 -48.05
CA GLN P 26 109.24 33.39 -48.65
C GLN P 26 108.76 32.38 -47.61
N SER P 27 109.19 32.52 -46.36
CA SER P 27 108.65 31.68 -45.30
C SER P 27 107.16 31.93 -45.08
N SER P 28 106.66 33.07 -45.53
CA SER P 28 105.24 33.38 -45.48
C SER P 28 104.56 32.81 -46.73
N MET P 29 103.28 33.16 -46.91
CA MET P 29 102.38 32.56 -47.89
C MET P 29 102.29 31.04 -47.75
N GLU P 30 102.85 30.48 -46.68
CA GLU P 30 102.73 29.07 -46.39
C GLU P 30 102.18 28.80 -44.99
N ARG P 31 102.54 29.64 -44.01
CA ARG P 31 101.89 29.58 -42.71
C ARG P 31 100.43 29.97 -42.80
N LEU P 32 100.04 30.71 -43.85
CA LEU P 32 98.64 31.04 -44.07
C LEU P 32 97.87 29.82 -44.57
N SER P 33 98.34 29.21 -45.66
CA SER P 33 97.66 28.06 -46.22
C SER P 33 97.66 26.88 -45.25
N SER P 34 98.78 26.65 -44.57
CA SER P 34 98.85 25.57 -43.60
C SER P 34 98.02 25.89 -42.36
N GLY P 35 98.03 27.14 -41.93
CA GLY P 35 97.48 27.49 -40.64
C GLY P 35 98.41 27.27 -39.47
N TYR P 36 99.62 26.74 -39.73
CA TYR P 36 100.64 26.60 -38.71
C TYR P 36 101.80 27.51 -39.05
N LYS P 37 102.28 28.27 -38.06
CA LYS P 37 103.43 29.12 -38.28
C LYS P 37 104.75 28.33 -38.26
N ILE P 38 104.71 27.06 -37.92
CA ILE P 38 105.88 26.18 -37.99
C ILE P 38 105.58 25.06 -38.97
N ASN P 39 106.49 24.84 -39.91
CA ASN P 39 106.36 23.77 -40.89
C ASN P 39 107.63 22.96 -41.09
N SER P 40 108.80 23.51 -40.75
CA SER P 40 110.07 22.81 -40.86
C SER P 40 110.83 22.95 -39.55
N ALA P 41 111.65 21.93 -39.26
CA ALA P 41 112.44 21.96 -38.03
C ALA P 41 113.41 23.14 -38.00
N LYS P 42 113.80 23.66 -39.16
CA LYS P 42 114.71 24.80 -39.20
C LYS P 42 114.05 26.09 -38.69
N ASP P 43 112.72 26.11 -38.62
CA ASP P 43 112.03 27.31 -38.13
C ASP P 43 112.04 27.38 -36.61
N ASP P 44 111.47 26.37 -35.95
CA ASP P 44 111.42 26.30 -34.49
C ASP P 44 111.63 24.84 -34.09
N ALA P 45 112.89 24.48 -33.84
CA ALA P 45 113.20 23.11 -33.45
C ALA P 45 112.60 22.77 -32.09
N ALA P 46 112.69 23.70 -31.13
CA ALA P 46 112.16 23.43 -29.80
C ALA P 46 110.64 23.27 -29.83
N GLY P 47 109.95 24.13 -30.58
CA GLY P 47 108.51 24.05 -30.67
C GLY P 47 108.00 22.84 -31.43
N LEU P 48 108.78 22.34 -32.39
CA LEU P 48 108.33 21.19 -33.18
C LEU P 48 108.21 19.94 -32.33
N GLN P 49 109.22 19.67 -31.49
CA GLN P 49 109.20 18.46 -30.68
C GLN P 49 108.04 18.47 -29.69
N ILE P 50 107.78 19.62 -29.06
CA ILE P 50 106.67 19.71 -28.14
C ILE P 50 105.34 19.61 -28.88
N SER P 51 105.25 20.25 -30.05
CA SER P 51 104.01 20.23 -30.81
C SER P 51 103.64 18.82 -31.27
N ASN P 52 104.64 18.05 -31.71
CA ASN P 52 104.37 16.67 -32.11
C ASN P 52 103.89 15.84 -30.93
N ARG P 53 104.51 16.01 -29.76
CA ARG P 53 104.07 15.29 -28.57
C ARG P 53 102.65 15.68 -28.20
N LEU P 54 102.34 16.98 -28.29
CA LEU P 54 100.98 17.43 -27.98
C LEU P 54 99.98 16.87 -28.99
N ASN P 55 100.34 16.87 -30.28
CA ASN P 55 99.42 16.37 -31.29
C ASN P 55 99.13 14.89 -31.10
N VAL P 56 100.16 14.10 -30.80
CA VAL P 56 99.95 12.68 -30.53
C VAL P 56 99.08 12.50 -29.29
N GLN P 57 99.28 13.36 -28.29
CA GLN P 57 98.43 13.30 -27.10
C GLN P 57 96.98 13.59 -27.43
N SER P 58 96.73 14.61 -28.27
CA SER P 58 95.36 14.97 -28.61
C SER P 58 94.68 13.87 -29.42
N ARG P 59 95.36 13.35 -30.44
CA ARG P 59 94.79 12.26 -31.23
C ARG P 59 94.57 11.02 -30.38
N GLY P 60 95.54 10.71 -29.50
CA GLY P 60 95.39 9.58 -28.61
C GLY P 60 94.20 9.74 -27.69
N LEU P 61 93.94 10.96 -27.23
CA LEU P 61 92.75 11.22 -26.42
C LEU P 61 91.48 11.05 -27.26
N GLY P 62 91.54 11.44 -28.53
CA GLY P 62 90.37 11.28 -29.39
C GLY P 62 89.96 9.83 -29.55
N VAL P 63 90.95 8.94 -29.73
CA VAL P 63 90.63 7.52 -29.80
C VAL P 63 90.42 6.94 -28.41
N ALA P 64 90.91 7.62 -27.37
CA ALA P 64 90.70 7.15 -26.01
C ALA P 64 89.23 7.21 -25.63
N VAL P 65 88.55 8.31 -25.94
CA VAL P 65 87.12 8.38 -25.68
C VAL P 65 86.36 7.40 -26.55
N ARG P 66 86.89 7.06 -27.72
CA ARG P 66 86.27 6.04 -28.55
C ARG P 66 86.33 4.68 -27.87
N ASN P 67 87.51 4.29 -27.38
CA ASN P 67 87.65 3.02 -26.68
C ASN P 67 86.81 3.00 -25.41
N ALA P 68 86.80 4.11 -24.68
CA ALA P 68 86.00 4.19 -23.46
C ALA P 68 84.52 4.09 -23.78
N ASN P 69 84.08 4.72 -24.87
CA ASN P 69 82.68 4.61 -25.27
C ASN P 69 82.36 3.20 -25.73
N ASP P 70 83.35 2.48 -26.26
CA ASP P 70 83.15 1.06 -26.50
C ASP P 70 83.01 0.30 -25.19
N GLY P 71 83.75 0.71 -24.16
CA GLY P 71 83.62 0.09 -22.86
C GLY P 71 82.26 0.33 -22.23
N ILE P 72 81.77 1.56 -22.32
CA ILE P 72 80.45 1.86 -21.77
C ILE P 72 79.36 1.12 -22.55
N SER P 73 79.55 0.95 -23.86
CA SER P 73 78.57 0.22 -24.65
C SER P 73 78.54 -1.25 -24.28
N MET P 74 79.71 -1.86 -24.09
CA MET P 74 79.76 -3.26 -23.67
C MET P 74 79.15 -3.43 -22.28
N ALA P 75 79.36 -2.46 -21.40
CA ALA P 75 78.80 -2.54 -20.06
C ALA P 75 77.28 -2.49 -20.08
N GLN P 76 76.70 -1.61 -20.90
CA GLN P 76 75.25 -1.43 -20.88
C GLN P 76 74.53 -2.57 -21.60
N THR P 77 75.12 -3.11 -22.66
CA THR P 77 74.47 -4.23 -23.35
C THR P 77 74.45 -5.48 -22.48
N ALA P 78 75.48 -5.70 -21.64
CA ALA P 78 75.38 -6.73 -20.64
C ALA P 78 74.32 -6.38 -19.60
N GLU P 79 74.18 -5.09 -19.29
CA GLU P 79 73.15 -4.65 -18.36
C GLU P 79 71.75 -4.88 -18.92
N GLY P 80 71.62 -4.95 -20.25
CA GLY P 80 70.32 -5.26 -20.82
C GLY P 80 69.85 -6.65 -20.45
N ALA P 81 70.73 -7.64 -20.58
CA ALA P 81 70.38 -8.99 -20.14
C ALA P 81 70.28 -9.06 -18.62
N MET P 82 70.92 -8.12 -17.92
CA MET P 82 70.80 -8.04 -16.47
C MET P 82 69.36 -7.80 -16.04
N LYS P 83 68.67 -6.90 -16.74
CA LYS P 83 67.29 -6.59 -16.38
C LYS P 83 66.39 -7.81 -16.55
N GLU P 84 66.59 -8.57 -17.62
CA GLU P 84 65.74 -9.72 -17.88
C GLU P 84 66.01 -10.85 -16.89
N THR P 85 67.27 -11.07 -16.52
CA THR P 85 67.58 -12.15 -15.61
C THR P 85 66.92 -11.95 -14.24
N THR P 86 66.93 -10.71 -13.74
CA THR P 86 66.23 -10.44 -12.49
C THR P 86 64.74 -10.68 -12.63
N ASN P 87 64.16 -10.31 -13.77
CA ASN P 87 62.73 -10.51 -13.97
C ASN P 87 62.38 -12.00 -14.05
N ILE P 88 63.19 -12.77 -14.77
CA ILE P 88 62.95 -14.21 -14.86
C ILE P 88 63.13 -14.87 -13.50
N LEU P 89 64.20 -14.50 -12.79
CA LEU P 89 64.43 -15.06 -11.46
C LEU P 89 63.33 -14.68 -10.49
N GLN P 90 62.86 -13.43 -10.57
CA GLN P 90 61.75 -13.00 -9.72
C GLN P 90 60.50 -13.83 -10.00
N ARG P 91 60.14 -13.99 -11.28
CA ARG P 91 58.98 -14.79 -11.63
C ARG P 91 59.15 -16.23 -11.16
N MET P 92 60.38 -16.76 -11.27
CA MET P 92 60.68 -18.07 -10.72
C MET P 92 60.42 -18.12 -9.22
N ARG P 93 60.71 -17.01 -8.53
CA ARG P 93 60.58 -16.99 -7.08
C ARG P 93 59.12 -16.99 -6.65
N ASP P 94 58.28 -16.15 -7.28
CA ASP P 94 56.89 -16.04 -6.83
C ASP P 94 56.15 -17.35 -7.01
N LEU P 95 56.34 -18.02 -8.14
CA LEU P 95 55.64 -19.27 -8.37
C LEU P 95 56.17 -20.38 -7.48
N SER P 96 57.42 -20.27 -7.02
CA SER P 96 57.91 -21.21 -6.01
C SER P 96 57.12 -21.07 -4.72
N LEU P 97 56.82 -19.84 -4.32
CA LEU P 97 55.94 -19.63 -3.18
C LEU P 97 54.55 -20.20 -3.44
N GLN P 98 54.04 -20.01 -4.65
CA GLN P 98 52.71 -20.51 -4.98
C GLN P 98 52.63 -22.02 -4.85
N SER P 99 53.65 -22.72 -5.33
CA SER P 99 53.70 -24.18 -5.24
C SER P 99 54.08 -24.66 -3.85
N ALA P 100 54.63 -23.81 -2.99
CA ALA P 100 54.98 -24.20 -1.64
C ALA P 100 53.77 -24.41 -0.75
N ASN P 101 52.59 -24.01 -1.20
CA ASN P 101 51.38 -24.18 -0.41
C ASN P 101 51.02 -25.66 -0.29
N GLY P 102 50.14 -25.97 0.66
CA GLY P 102 49.67 -27.32 0.83
C GLY P 102 48.36 -27.58 0.12
N SER P 103 47.78 -26.53 -0.44
CA SER P 103 46.48 -26.67 -1.11
C SER P 103 46.61 -27.41 -2.44
N ASN P 104 47.62 -27.05 -3.23
CA ASN P 104 47.76 -27.63 -4.56
C ASN P 104 48.17 -29.09 -4.49
N SER P 105 47.69 -29.88 -5.43
CA SER P 105 47.98 -31.30 -5.51
C SER P 105 49.27 -31.51 -6.30
N LYS P 106 49.60 -32.78 -6.58
CA LYS P 106 50.82 -33.08 -7.32
C LYS P 106 50.74 -32.60 -8.76
N ALA P 107 49.55 -32.63 -9.36
CA ALA P 107 49.41 -32.19 -10.75
C ALA P 107 49.73 -30.71 -10.89
N ASP P 108 49.36 -29.90 -9.89
CA ASP P 108 49.68 -28.49 -9.95
C ASP P 108 51.18 -28.24 -9.80
N ARG P 109 51.84 -29.03 -8.95
CA ARG P 109 53.27 -28.84 -8.76
C ARG P 109 54.06 -29.28 -9.99
N VAL P 110 53.68 -30.41 -10.61
CA VAL P 110 54.39 -30.83 -11.82
C VAL P 110 54.14 -29.86 -12.96
N ALA P 111 52.94 -29.28 -13.03
CA ALA P 111 52.69 -28.22 -13.98
C ALA P 111 53.57 -27.00 -13.68
N ILE P 112 53.75 -26.70 -12.40
CA ILE P 112 54.66 -25.63 -12.00
C ILE P 112 56.08 -25.94 -12.44
N GLN P 113 56.51 -27.19 -12.26
CA GLN P 113 57.86 -27.59 -12.66
C GLN P 113 58.06 -27.43 -14.16
N GLU P 114 57.00 -27.64 -14.94
CA GLU P 114 57.11 -27.41 -16.38
C GLU P 114 57.41 -25.95 -16.67
N GLU P 115 56.80 -25.03 -15.92
CA GLU P 115 57.16 -23.62 -16.03
C GLU P 115 58.58 -23.37 -15.54
N ILE P 116 58.99 -24.08 -14.48
CA ILE P 116 60.32 -23.90 -13.93
C ILE P 116 61.39 -24.26 -14.95
N THR P 117 61.27 -25.44 -15.54
CA THR P 117 62.26 -25.86 -16.54
C THR P 117 62.15 -25.02 -17.80
N ALA P 118 61.00 -24.40 -18.05
CA ALA P 118 60.88 -23.49 -19.17
C ALA P 118 61.73 -22.24 -18.94
N LEU P 119 61.58 -21.62 -17.77
CA LEU P 119 62.39 -20.45 -17.45
C LEU P 119 63.85 -20.82 -17.26
N ASN P 120 64.12 -22.03 -16.77
CA ASN P 120 65.50 -22.48 -16.60
C ASN P 120 66.23 -22.53 -17.94
N ASP P 121 65.57 -23.04 -18.98
CA ASP P 121 66.17 -23.03 -20.31
C ASP P 121 66.36 -21.60 -20.80
N GLU P 122 65.49 -20.68 -20.38
CA GLU P 122 65.62 -19.29 -20.79
C GLU P 122 66.86 -18.65 -20.18
N LEU P 123 67.11 -18.90 -18.89
CA LEU P 123 68.31 -18.37 -18.26
C LEU P 123 69.57 -18.94 -18.89
N ASN P 124 69.54 -20.24 -19.20
CA ASN P 124 70.67 -20.87 -19.87
C ASN P 124 70.77 -20.46 -21.34
N ARG P 125 69.73 -19.84 -21.90
CA ARG P 125 69.80 -19.36 -23.27
C ARG P 125 70.32 -17.93 -23.33
N VAL P 126 69.79 -17.05 -22.47
CA VAL P 126 70.23 -15.66 -22.49
C VAL P 126 71.71 -15.55 -22.14
N ALA P 127 72.20 -16.42 -21.26
CA ALA P 127 73.62 -16.42 -20.95
C ALA P 127 74.46 -16.82 -22.16
N GLU P 128 73.91 -17.65 -23.05
CA GLU P 128 74.61 -18.12 -24.23
C GLU P 128 74.36 -17.30 -25.47
N THR P 129 73.42 -16.35 -25.43
CA THR P 129 73.04 -15.61 -26.63
C THR P 129 73.53 -14.17 -26.65
N THR P 130 73.73 -13.55 -25.49
CA THR P 130 74.24 -12.19 -25.44
C THR P 130 75.62 -12.13 -26.09
N SER P 131 75.70 -11.50 -27.26
CA SER P 131 76.88 -11.63 -28.10
C SER P 131 77.67 -10.33 -28.23
N PHE P 132 77.03 -9.25 -28.68
CA PHE P 132 77.71 -7.99 -28.98
C PHE P 132 78.81 -8.21 -30.02
N GLY P 133 78.38 -8.53 -31.23
CA GLY P 133 79.30 -8.71 -32.34
C GLY P 133 80.17 -9.94 -32.25
N GLY P 134 79.57 -11.07 -31.91
CA GLY P 134 80.27 -12.33 -31.89
C GLY P 134 80.97 -12.68 -30.60
N ASN P 135 80.98 -11.77 -29.62
CA ASN P 135 81.57 -12.07 -28.33
C ASN P 135 80.58 -12.89 -27.50
N LYS P 136 80.88 -13.07 -26.22
CA LYS P 136 80.00 -13.84 -25.33
C LYS P 136 80.05 -13.16 -23.96
N LEU P 137 79.05 -12.30 -23.70
CA LEU P 137 79.10 -11.46 -22.50
C LEU P 137 78.86 -12.27 -21.24
N LEU P 138 77.83 -13.10 -21.22
CA LEU P 138 77.43 -13.83 -20.02
C LEU P 138 77.77 -15.31 -20.09
N ASN P 139 78.47 -15.75 -21.13
CA ASN P 139 78.88 -17.14 -21.23
C ASN P 139 79.88 -17.54 -20.17
N GLY P 140 80.57 -16.56 -19.56
CA GLY P 140 81.70 -16.83 -18.71
C GLY P 140 83.01 -16.92 -19.45
N THR P 141 82.98 -17.05 -20.78
CA THR P 141 84.19 -17.06 -21.59
C THR P 141 84.84 -15.68 -21.70
N PHE P 142 84.14 -14.63 -21.27
CA PHE P 142 84.69 -13.28 -21.31
C PHE P 142 85.60 -13.11 -20.10
N ALA P 143 86.90 -13.21 -20.32
CA ALA P 143 87.87 -13.06 -19.24
C ALA P 143 88.11 -11.58 -18.96
N THR P 144 89.13 -11.27 -18.17
CA THR P 144 89.44 -9.89 -17.83
C THR P 144 89.89 -9.15 -19.08
N LYS P 145 89.06 -8.24 -19.56
CA LYS P 145 89.37 -7.42 -20.73
C LYS P 145 89.71 -6.01 -20.28
N SER P 146 90.80 -5.48 -20.82
CA SER P 146 91.31 -4.17 -20.46
C SER P 146 90.99 -3.15 -21.54
N PHE P 147 90.43 -2.01 -21.15
CA PHE P 147 90.08 -0.95 -22.07
C PHE P 147 91.04 0.22 -21.90
N GLN P 148 91.77 0.56 -22.96
CA GLN P 148 92.73 1.65 -22.94
C GLN P 148 91.97 2.97 -23.00
N ILE P 149 92.10 3.79 -21.96
CA ILE P 149 91.34 5.02 -21.86
C ILE P 149 92.28 6.21 -21.61
N GLY P 150 93.50 6.12 -22.11
CA GLY P 150 94.46 7.19 -21.93
C GLY P 150 95.24 7.44 -23.21
N ALA P 151 95.80 8.65 -23.28
CA ALA P 151 96.63 9.00 -24.44
C ALA P 151 97.86 8.11 -24.53
N ASP P 152 98.48 7.81 -23.39
CA ASP P 152 99.63 6.94 -23.34
C ASP P 152 99.15 5.49 -23.24
N ASN P 153 100.08 4.57 -22.98
CA ASN P 153 99.79 3.14 -22.94
C ASN P 153 99.95 2.61 -21.51
N GLY P 154 99.09 1.65 -21.17
CA GLY P 154 99.14 0.99 -19.88
C GLY P 154 98.09 1.45 -18.90
N GLU P 155 97.45 2.58 -19.13
CA GLU P 155 96.43 3.10 -18.22
C GLU P 155 95.05 2.57 -18.55
N ALA P 156 94.92 1.25 -18.61
CA ALA P 156 93.65 0.61 -18.90
C ALA P 156 92.92 0.25 -17.61
N VAL P 157 91.65 -0.13 -17.77
CA VAL P 157 90.80 -0.52 -16.66
C VAL P 157 90.32 -1.95 -16.89
N MET P 158 90.53 -2.82 -15.91
CA MET P 158 90.19 -4.22 -16.04
C MET P 158 88.70 -4.44 -15.82
N LEU P 159 88.13 -5.33 -16.61
CA LEU P 159 86.71 -5.65 -16.52
C LEU P 159 86.52 -7.17 -16.56
N ASN P 160 85.72 -7.68 -15.63
CA ASN P 160 85.34 -9.09 -15.63
C ASN P 160 83.83 -9.20 -15.50
N ILE P 161 83.21 -9.93 -16.42
CA ILE P 161 81.78 -10.21 -16.36
C ILE P 161 81.63 -11.69 -16.03
N LYS P 162 81.07 -11.97 -14.85
CA LYS P 162 81.05 -13.32 -14.33
C LYS P 162 80.09 -14.21 -15.11
N ASP P 163 80.36 -15.52 -15.09
CA ASP P 163 79.50 -16.48 -15.75
C ASP P 163 78.11 -16.46 -15.14
N MET P 164 77.09 -16.55 -15.99
CA MET P 164 75.71 -16.38 -15.54
C MET P 164 74.81 -17.54 -15.92
N ARG P 165 75.38 -18.72 -16.17
CA ARG P 165 74.55 -19.89 -16.40
C ARG P 165 73.82 -20.26 -15.11
N SER P 166 72.65 -20.89 -15.28
CA SER P 166 71.86 -21.29 -14.11
C SER P 166 72.56 -22.34 -13.28
N ASP P 167 73.59 -22.99 -13.80
CA ASP P 167 74.34 -24.00 -13.08
C ASP P 167 75.61 -23.46 -12.44
N ASN P 168 75.79 -22.14 -12.45
CA ASN P 168 76.97 -21.55 -11.85
C ASN P 168 77.00 -21.80 -10.35
N ALA P 169 78.21 -22.06 -9.83
CA ALA P 169 78.34 -22.37 -8.40
C ALA P 169 77.89 -21.22 -7.53
N LEU P 170 78.26 -19.99 -7.90
CA LEU P 170 77.86 -18.82 -7.13
C LEU P 170 76.37 -18.52 -7.23
N MET P 171 75.66 -19.17 -8.15
CA MET P 171 74.23 -18.92 -8.30
C MET P 171 73.39 -19.62 -7.25
N GLY P 172 73.96 -20.59 -6.53
CA GLY P 172 73.22 -21.30 -5.51
C GLY P 172 73.97 -21.37 -4.19
N GLY P 173 73.96 -22.53 -3.54
CA GLY P 173 74.66 -22.68 -2.30
C GLY P 173 74.45 -24.06 -1.71
N LYS P 174 74.92 -24.22 -0.47
CA LYS P 174 74.82 -25.48 0.23
C LYS P 174 73.43 -25.65 0.83
N THR P 175 73.05 -26.89 1.11
CA THR P 175 71.81 -27.20 1.79
C THR P 175 72.01 -28.39 2.71
N TYR P 176 71.24 -28.41 3.80
CA TYR P 176 71.31 -29.45 4.80
C TYR P 176 69.91 -29.93 5.12
N GLN P 177 69.80 -31.21 5.51
CA GLN P 177 68.52 -31.83 5.78
C GLN P 177 68.59 -32.57 7.12
N ALA P 178 67.57 -32.37 7.95
CA ALA P 178 67.48 -33.11 9.20
C ALA P 178 67.24 -34.59 8.93
N ALA P 179 67.94 -35.44 9.66
CA ALA P 179 67.83 -36.88 9.43
C ALA P 179 66.42 -37.39 9.72
N ASN P 180 65.83 -36.95 10.82
CA ASN P 180 64.51 -37.40 11.25
C ASN P 180 63.59 -36.21 11.40
N GLY P 181 62.34 -36.36 10.93
CA GLY P 181 61.37 -35.31 11.04
C GLY P 181 60.54 -35.40 12.31
N LYS P 182 59.91 -34.28 12.66
CA LYS P 182 59.06 -34.19 13.84
C LYS P 182 57.64 -33.86 13.40
N ASP P 183 56.67 -34.59 13.94
CA ASP P 183 55.28 -34.42 13.55
C ASP P 183 54.72 -33.12 14.12
N LYS P 184 53.42 -32.89 13.84
CA LYS P 184 52.77 -31.68 14.32
C LYS P 184 52.72 -31.64 15.84
N ASN P 185 52.40 -32.76 16.47
CA ASN P 185 52.29 -32.79 17.92
C ASN P 185 53.62 -32.52 18.62
N TRP P 186 54.73 -32.78 17.94
CA TRP P 186 56.05 -32.58 18.55
C TRP P 186 56.30 -31.10 18.80
N GLY P 187 56.94 -30.81 19.93
CA GLY P 187 57.35 -29.45 20.25
C GLY P 187 58.69 -29.46 20.91
N VAL P 188 59.31 -28.27 20.92
CA VAL P 188 60.64 -28.14 21.52
C VAL P 188 60.51 -28.33 23.03
N GLU P 189 61.31 -29.26 23.57
CA GLU P 189 61.27 -29.58 24.99
C GLU P 189 62.34 -28.80 25.74
N ALA P 190 62.11 -28.63 27.04
CA ALA P 190 63.06 -27.90 27.88
C ALA P 190 64.37 -28.64 27.99
N GLY P 191 65.46 -27.87 28.02
CA GLY P 191 66.79 -28.44 28.11
C GLY P 191 67.40 -28.88 26.80
N LYS P 192 66.65 -28.82 25.70
CA LYS P 192 67.12 -29.21 24.38
C LYS P 192 66.74 -28.17 23.35
N THR P 193 66.97 -26.90 23.70
CA THR P 193 66.63 -25.78 22.83
C THR P 193 67.85 -25.06 22.28
N ASP P 194 69.06 -25.49 22.65
CA ASP P 194 70.26 -24.83 22.17
C ASP P 194 70.61 -25.29 20.77
N LEU P 195 70.99 -24.35 19.92
CA LEU P 195 71.34 -24.63 18.53
C LEU P 195 72.42 -23.63 18.11
N THR P 196 73.67 -24.05 18.19
CA THR P 196 74.80 -23.21 17.80
C THR P 196 75.32 -23.67 16.45
N ILE P 197 75.44 -22.74 15.52
CA ILE P 197 75.92 -23.02 14.16
C ILE P 197 77.23 -22.28 13.97
N THR P 198 78.29 -23.03 13.70
CA THR P 198 79.59 -22.45 13.35
C THR P 198 79.62 -22.20 11.84
N LEU P 199 80.05 -21.02 11.45
CA LEU P 199 79.90 -20.57 10.08
C LEU P 199 81.21 -19.98 9.57
N LYS P 200 81.49 -20.22 8.29
CA LYS P 200 82.62 -19.61 7.60
C LYS P 200 82.11 -18.62 6.57
N ASP P 201 82.65 -17.40 6.61
CA ASP P 201 82.16 -16.32 5.79
C ASP P 201 83.31 -15.72 4.99
N LYS P 202 82.98 -15.27 3.77
CA LYS P 202 83.98 -14.61 2.94
C LYS P 202 84.52 -13.35 3.62
N ARG P 203 83.63 -12.56 4.21
CA ARG P 203 84.01 -11.39 5.01
C ARG P 203 83.65 -11.65 6.46
N GLU P 204 84.51 -11.20 7.37
CA GLU P 204 84.41 -11.47 8.81
C GLU P 204 83.99 -12.91 9.08
N GLY P 205 84.82 -13.83 8.59
CA GLY P 205 84.54 -15.24 8.73
C GLY P 205 84.65 -15.72 10.16
N ASP P 206 84.37 -17.01 10.34
CA ASP P 206 84.37 -17.66 11.65
C ASP P 206 83.40 -16.96 12.60
N VAL P 207 82.13 -17.00 12.23
CA VAL P 207 81.06 -16.39 13.00
C VAL P 207 80.20 -17.49 13.60
N THR P 208 79.98 -17.43 14.90
CA THR P 208 79.15 -18.40 15.61
C THR P 208 77.79 -17.75 15.89
N ILE P 209 76.73 -18.37 15.40
CA ILE P 209 75.37 -17.88 15.56
C ILE P 209 74.61 -18.88 16.40
N SER P 210 74.09 -18.44 17.55
CA SER P 210 73.42 -19.30 18.51
C SER P 210 71.93 -18.99 18.53
N ILE P 211 71.11 -20.02 18.46
CA ILE P 211 69.65 -19.89 18.50
C ILE P 211 69.15 -20.63 19.73
N ASN P 212 68.39 -19.93 20.56
CA ASN P 212 67.73 -20.52 21.72
C ASN P 212 66.23 -20.56 21.41
N ALA P 213 65.79 -21.68 20.83
CA ALA P 213 64.39 -21.81 20.43
C ALA P 213 63.49 -21.80 21.64
N LYS P 214 62.34 -21.13 21.51
CA LYS P 214 61.38 -21.08 22.61
C LYS P 214 60.76 -22.45 22.83
N GLU P 215 60.63 -22.81 24.11
CA GLU P 215 60.02 -24.09 24.46
C GLU P 215 58.54 -24.09 24.10
N GLY P 216 58.07 -25.21 23.56
CA GLY P 216 56.68 -25.37 23.20
C GLY P 216 56.36 -25.05 21.75
N ASP P 217 57.25 -24.35 21.04
CA ASP P 217 57.03 -24.08 19.63
C ASP P 217 57.13 -25.37 18.83
N ASP P 218 56.23 -25.52 17.86
CA ASP P 218 56.19 -26.73 17.05
C ASP P 218 57.31 -26.70 16.02
N ILE P 219 57.30 -27.66 15.10
CA ILE P 219 58.42 -27.79 14.16
C ILE P 219 58.44 -26.64 13.17
N GLU P 220 57.26 -26.18 12.72
CA GLU P 220 57.21 -25.12 11.73
C GLU P 220 57.60 -23.77 12.32
N GLU P 221 57.07 -23.43 13.50
CA GLU P 221 57.43 -22.17 14.14
C GLU P 221 58.91 -22.12 14.50
N LEU P 222 59.55 -23.27 14.69
CA LEU P 222 60.99 -23.29 14.89
C LEU P 222 61.71 -22.78 13.63
N ALA P 223 61.25 -23.19 12.46
CA ALA P 223 61.87 -22.74 11.22
C ALA P 223 61.73 -21.24 11.06
N THR P 224 60.56 -20.68 11.40
CA THR P 224 60.38 -19.24 11.33
C THR P 224 61.31 -18.52 12.31
N TYR P 225 61.49 -19.09 13.50
CA TYR P 225 62.33 -18.45 14.50
C TYR P 225 63.77 -18.32 14.01
N ILE P 226 64.32 -19.37 13.40
CA ILE P 226 65.69 -19.30 12.90
C ILE P 226 65.80 -18.26 11.81
N ASN P 227 64.81 -18.18 10.92
CA ASN P 227 64.86 -17.21 9.84
C ASN P 227 64.92 -15.78 10.37
N GLY P 228 64.10 -15.48 11.40
CA GLY P 228 64.12 -14.15 11.97
C GLY P 228 65.41 -13.84 12.70
N GLN P 229 65.99 -14.84 13.37
CA GLN P 229 67.16 -14.60 14.21
C GLN P 229 68.37 -14.16 13.39
N THR P 230 68.58 -14.80 12.24
CA THR P 230 69.74 -14.49 11.41
C THR P 230 69.36 -14.56 9.93
N ASP P 231 69.99 -13.70 9.13
CA ASP P 231 69.80 -13.71 7.69
C ASP P 231 70.84 -14.55 6.96
N MET P 232 71.81 -15.11 7.67
CA MET P 232 72.83 -15.95 7.06
C MET P 232 72.33 -17.37 6.82
N ILE P 233 71.14 -17.72 7.30
CA ILE P 233 70.63 -19.08 7.27
C ILE P 233 69.15 -19.05 6.97
N LYS P 234 68.71 -19.96 6.10
CA LYS P 234 67.30 -20.10 5.75
C LYS P 234 66.83 -21.50 6.13
N ALA P 235 65.68 -21.58 6.80
CA ALA P 235 65.17 -22.84 7.31
C ALA P 235 63.73 -23.04 6.89
N SER P 236 63.31 -24.30 6.80
CA SER P 236 61.95 -24.64 6.40
C SER P 236 61.66 -26.08 6.79
N VAL P 237 60.39 -26.47 6.65
CA VAL P 237 59.93 -27.82 6.95
C VAL P 237 59.25 -28.36 5.70
N ASP P 238 59.62 -29.58 5.31
CA ASP P 238 59.21 -30.11 3.99
C ASP P 238 57.93 -30.94 4.00
N GLU P 239 57.96 -32.12 4.61
CA GLU P 239 56.75 -32.92 4.76
C GLU P 239 56.58 -33.57 6.12
N GLU P 240 57.65 -33.77 6.89
CA GLU P 240 57.56 -34.57 8.10
C GLU P 240 58.22 -33.90 9.31
N GLY P 241 58.79 -32.71 9.15
CA GLY P 241 59.51 -32.06 10.23
C GLY P 241 60.99 -31.88 9.98
N LYS P 242 61.54 -32.45 8.91
CA LYS P 242 62.96 -32.30 8.64
C LYS P 242 63.27 -30.87 8.21
N LEU P 243 64.13 -30.20 8.97
CA LEU P 243 64.56 -28.85 8.62
C LEU P 243 65.38 -28.89 7.35
N GLN P 244 65.25 -27.86 6.54
CA GLN P 244 66.04 -27.69 5.32
C GLN P 244 66.87 -26.43 5.48
N LEU P 245 68.04 -26.57 6.09
CA LEU P 245 68.94 -25.45 6.25
C LEU P 245 69.54 -25.08 4.90
N PHE P 246 69.73 -23.78 4.68
CA PHE P 246 70.28 -23.28 3.43
C PHE P 246 71.43 -22.32 3.70
N THR P 247 72.40 -22.32 2.80
CA THR P 247 73.59 -21.49 2.93
C THR P 247 73.92 -20.90 1.58
N ASP P 248 74.02 -19.57 1.52
CA ASP P 248 74.33 -18.89 0.27
C ASP P 248 75.82 -19.02 -0.01
N ASN P 249 76.16 -19.53 -1.20
CA ASN P 249 77.55 -19.85 -1.50
C ASN P 249 78.41 -18.61 -1.75
N ASN P 250 77.80 -17.48 -2.12
CA ASN P 250 78.61 -16.31 -2.46
C ASN P 250 79.14 -15.57 -1.25
N ARG P 251 78.66 -15.89 -0.04
CA ARG P 251 79.14 -15.23 1.16
C ARG P 251 79.46 -16.18 2.31
N ILE P 252 78.91 -17.39 2.32
CA ILE P 252 79.08 -18.31 3.44
C ILE P 252 79.85 -19.54 2.96
N ASP P 253 80.81 -19.31 2.07
CA ASP P 253 81.65 -20.39 1.55
C ASP P 253 82.21 -21.26 2.66
N GLY P 254 82.40 -22.53 2.36
CA GLY P 254 82.86 -23.50 3.33
C GLY P 254 81.71 -24.26 3.98
N ALA P 255 82.08 -25.35 4.65
CA ALA P 255 81.09 -26.17 5.33
C ALA P 255 80.65 -25.52 6.63
N ALA P 256 79.46 -25.91 7.09
CA ALA P 256 78.89 -25.42 8.33
C ALA P 256 78.76 -26.56 9.33
N THR P 257 79.19 -26.32 10.55
CA THR P 257 79.13 -27.30 11.63
C THR P 257 77.96 -26.98 12.54
N PHE P 258 77.29 -28.03 13.02
CA PHE P 258 76.11 -27.90 13.86
C PHE P 258 76.42 -28.38 15.26
N GLY P 259 75.84 -27.68 16.25
CA GLY P 259 76.05 -28.03 17.64
C GLY P 259 74.83 -27.67 18.46
N GLY P 260 74.84 -28.13 19.70
CA GLY P 260 73.74 -27.91 20.62
C GLY P 260 72.85 -29.13 20.74
N ALA P 261 72.07 -29.14 21.83
CA ALA P 261 71.19 -30.27 22.09
C ALA P 261 70.11 -30.39 21.02
N LEU P 262 69.57 -29.27 20.55
CA LEU P 262 68.55 -29.32 19.50
C LEU P 262 69.13 -29.90 18.22
N ALA P 263 70.37 -29.56 17.89
CA ALA P 263 71.01 -30.13 16.71
C ALA P 263 71.14 -31.64 16.84
N GLY P 264 71.50 -32.12 18.04
CA GLY P 264 71.55 -33.56 18.26
C GLY P 264 70.19 -34.21 18.14
N GLU P 265 69.14 -33.52 18.61
CA GLU P 265 67.79 -34.04 18.46
C GLU P 265 67.41 -34.17 16.99
N LEU P 266 67.76 -33.16 16.18
CA LEU P 266 67.55 -33.21 14.75
C LEU P 266 68.74 -33.92 14.09
N GLY P 267 68.84 -33.82 12.78
CA GLY P 267 69.97 -34.38 12.04
C GLY P 267 70.90 -33.27 11.59
N ILE P 268 72.20 -33.56 11.66
CA ILE P 268 73.19 -32.57 11.22
C ILE P 268 73.07 -32.35 9.72
N GLY P 269 72.94 -33.44 8.95
CA GLY P 269 72.75 -33.34 7.52
C GLY P 269 74.03 -33.06 6.75
N ALA P 270 74.14 -33.63 5.56
CA ALA P 270 75.30 -33.43 4.71
C ALA P 270 75.14 -32.16 3.88
N ALA P 271 76.28 -31.61 3.46
CA ALA P 271 76.31 -30.40 2.65
C ALA P 271 76.12 -30.78 1.19
N GLN P 272 74.94 -30.48 0.65
CA GLN P 272 74.61 -30.80 -0.73
C GLN P 272 74.64 -29.51 -1.54
N ASP P 273 75.32 -29.56 -2.68
CA ASP P 273 75.42 -28.41 -3.58
C ASP P 273 74.19 -28.36 -4.47
N VAL P 274 73.47 -27.24 -4.42
CA VAL P 274 72.28 -27.04 -5.24
C VAL P 274 72.37 -25.66 -5.88
N THR P 275 71.99 -25.59 -7.16
CA THR P 275 71.96 -24.34 -7.91
C THR P 275 70.60 -24.19 -8.56
N VAL P 276 70.48 -23.16 -9.40
CA VAL P 276 69.21 -22.93 -10.10
C VAL P 276 68.96 -24.03 -11.12
N ASP P 277 70.01 -24.50 -11.79
CA ASP P 277 69.84 -25.59 -12.75
C ASP P 277 69.32 -26.85 -12.06
N THR P 278 69.88 -27.17 -10.89
CA THR P 278 69.43 -28.32 -10.11
C THR P 278 68.16 -28.03 -9.32
N LEU P 279 67.68 -26.79 -9.34
CA LEU P 279 66.47 -26.42 -8.63
C LEU P 279 65.26 -27.07 -9.27
N ASP P 280 64.54 -27.89 -8.51
CA ASP P 280 63.31 -28.50 -8.96
C ASP P 280 62.25 -28.35 -7.88
N VAL P 281 61.01 -28.17 -8.33
CA VAL P 281 59.88 -28.12 -7.40
C VAL P 281 58.78 -29.02 -7.92
N THR P 282 58.73 -30.25 -7.39
CA THR P 282 57.62 -31.16 -7.60
C THR P 282 56.91 -31.50 -6.31
N THR P 283 57.59 -31.39 -5.17
CA THR P 283 56.99 -31.50 -3.86
C THR P 283 57.29 -30.23 -3.07
N VAL P 284 56.57 -30.06 -1.96
CA VAL P 284 56.70 -28.85 -1.15
C VAL P 284 58.12 -28.72 -0.61
N GLY P 285 58.82 -29.84 -0.43
CA GLY P 285 60.18 -29.77 0.10
C GLY P 285 61.12 -28.98 -0.79
N GLY P 286 61.09 -29.27 -2.09
CA GLY P 286 61.91 -28.49 -3.01
C GLY P 286 61.36 -27.09 -3.22
N ALA P 287 60.07 -26.89 -2.95
CA ALA P 287 59.47 -25.58 -3.11
C ALA P 287 60.04 -24.57 -2.11
N GLN P 288 60.27 -25.00 -0.88
CA GLN P 288 60.86 -24.10 0.10
C GLN P 288 62.33 -23.84 -0.21
N GLU P 289 63.02 -24.81 -0.82
CA GLU P 289 64.42 -24.61 -1.18
C GLU P 289 64.56 -23.68 -2.37
N SER P 290 63.62 -23.75 -3.31
CA SER P 290 63.74 -22.94 -4.53
C SER P 290 63.71 -21.45 -4.21
N VAL P 291 62.82 -21.03 -3.31
CA VAL P 291 62.73 -19.61 -2.97
C VAL P 291 64.01 -19.16 -2.27
N ALA P 292 64.65 -20.06 -1.52
CA ALA P 292 65.92 -19.72 -0.88
C ALA P 292 67.05 -19.63 -1.91
N ILE P 293 67.12 -20.59 -2.83
CA ILE P 293 68.17 -20.58 -3.84
C ILE P 293 68.02 -19.38 -4.76
N VAL P 294 66.79 -19.08 -5.17
CA VAL P 294 66.55 -17.95 -6.06
C VAL P 294 66.96 -16.65 -5.38
N ASP P 295 66.73 -16.53 -4.07
CA ASP P 295 67.16 -15.34 -3.35
C ASP P 295 68.67 -15.16 -3.42
N ALA P 296 69.41 -16.26 -3.26
CA ALA P 296 70.86 -16.18 -3.41
C ALA P 296 71.27 -15.81 -4.83
N ALA P 297 70.58 -16.36 -5.81
CA ALA P 297 70.88 -16.02 -7.21
C ALA P 297 70.56 -14.56 -7.49
N LEU P 298 69.43 -14.07 -6.99
CA LEU P 298 69.06 -12.67 -7.20
C LEU P 298 70.06 -11.74 -6.55
N LYS P 299 70.49 -12.05 -5.33
CA LYS P 299 71.48 -11.22 -4.65
C LYS P 299 72.80 -11.22 -5.42
N TYR P 300 73.22 -12.39 -5.92
CA TYR P 300 74.45 -12.46 -6.70
C TYR P 300 74.32 -11.67 -8.00
N VAL P 301 73.16 -11.76 -8.67
CA VAL P 301 72.96 -11.02 -9.90
C VAL P 301 72.96 -9.52 -9.64
N ASP P 302 72.27 -9.08 -8.59
CA ASP P 302 72.24 -7.67 -8.25
C ASP P 302 73.62 -7.16 -7.88
N SER P 303 74.39 -7.95 -7.16
CA SER P 303 75.75 -7.54 -6.80
C SER P 303 76.60 -7.33 -8.05
N HIS P 304 76.46 -8.21 -9.04
CA HIS P 304 77.19 -8.02 -10.29
C HIS P 304 76.68 -6.81 -11.05
N ARG P 305 75.37 -6.53 -10.98
CA ARG P 305 74.84 -5.33 -11.63
C ARG P 305 75.43 -4.07 -11.01
N ALA P 306 75.57 -4.05 -9.69
CA ALA P 306 76.13 -2.88 -9.02
C ALA P 306 77.57 -2.65 -9.46
N GLU P 307 78.35 -3.72 -9.59
CA GLU P 307 79.72 -3.58 -10.08
C GLU P 307 79.73 -3.05 -11.51
N LEU P 308 78.81 -3.53 -12.34
CA LEU P 308 78.70 -3.02 -13.71
C LEU P 308 78.31 -1.55 -13.70
N GLY P 309 77.40 -1.16 -12.81
CA GLY P 309 77.02 0.24 -12.73
C GLY P 309 78.16 1.14 -12.29
N ALA P 310 78.95 0.66 -11.32
CA ALA P 310 80.13 1.42 -10.89
C ALA P 310 81.10 1.62 -12.04
N PHE P 311 81.28 0.58 -12.86
CA PHE P 311 82.03 0.72 -14.10
C PHE P 311 81.40 1.79 -14.98
N GLN P 312 80.07 1.74 -15.14
CA GLN P 312 79.40 2.67 -16.03
C GLN P 312 79.61 4.11 -15.58
N ASN P 313 79.50 4.38 -14.28
CA ASN P 313 79.73 5.72 -13.76
C ASN P 313 81.20 6.13 -13.84
N ARG P 314 82.14 5.21 -13.60
CA ARG P 314 83.55 5.55 -13.66
C ARG P 314 83.94 6.05 -15.04
N PHE P 315 83.49 5.37 -16.09
CA PHE P 315 83.80 5.80 -17.44
C PHE P 315 83.04 7.05 -17.82
N ASN P 316 81.88 7.28 -17.20
CA ASN P 316 81.17 8.54 -17.41
C ASN P 316 82.01 9.72 -16.92
N HIS P 317 82.61 9.59 -15.74
CA HIS P 317 83.53 10.61 -15.25
C HIS P 317 84.85 10.60 -16.02
N ALA P 318 85.17 9.50 -16.70
CA ALA P 318 86.39 9.47 -17.50
C ALA P 318 86.21 10.22 -18.81
N ILE P 319 85.00 10.21 -19.38
CA ILE P 319 84.77 10.83 -20.67
C ILE P 319 84.96 12.33 -20.58
N ASN P 320 84.29 12.98 -19.62
CA ASN P 320 84.41 14.42 -19.51
C ASN P 320 85.76 14.82 -18.95
N ASN P 321 86.39 13.97 -18.15
CA ASN P 321 87.75 14.23 -17.71
C ASN P 321 88.70 14.27 -18.90
N LEU P 322 88.67 13.22 -19.74
CA LEU P 322 89.54 13.18 -20.90
C LEU P 322 89.26 14.35 -21.83
N ASP P 323 88.00 14.77 -21.91
CA ASP P 323 87.66 15.92 -22.75
C ASP P 323 88.26 17.20 -22.20
N ASN P 324 88.34 17.32 -20.88
CA ASN P 324 88.92 18.53 -20.28
C ASN P 324 90.40 18.66 -20.62
N ILE P 325 91.15 17.56 -20.53
CA ILE P 325 92.54 17.58 -20.96
C ILE P 325 92.61 17.78 -22.48
N ASN P 326 91.72 17.13 -23.22
CA ASN P 326 91.75 17.28 -24.67
C ASN P 326 91.52 18.73 -25.09
N GLU P 327 90.58 19.41 -24.42
CA GLU P 327 90.38 20.83 -24.67
C GLU P 327 91.61 21.64 -24.26
N ASN P 328 92.19 21.32 -23.10
CA ASN P 328 93.33 22.07 -22.60
C ASN P 328 94.54 21.92 -23.52
N VAL P 329 94.83 20.70 -23.96
CA VAL P 329 95.97 20.48 -24.84
C VAL P 329 95.73 21.04 -26.23
N ASN P 330 94.48 21.10 -26.68
CA ASN P 330 94.19 21.73 -27.96
C ASN P 330 94.30 23.26 -27.88
N ALA P 331 93.81 23.84 -26.78
CA ALA P 331 94.01 25.27 -26.57
C ALA P 331 95.49 25.59 -26.44
N SER P 332 96.25 24.74 -25.74
CA SER P 332 97.69 24.86 -25.71
C SER P 332 98.32 24.55 -27.05
N LYS P 333 97.62 23.83 -27.93
CA LYS P 333 98.10 23.54 -29.28
C LYS P 333 97.85 24.72 -30.22
N SER P 334 98.27 25.89 -29.75
CA SER P 334 98.18 27.14 -30.49
C SER P 334 99.22 28.07 -29.89
N ARG P 335 99.75 28.96 -30.73
CA ARG P 335 100.88 29.85 -30.45
C ARG P 335 102.19 29.07 -30.32
N ILE P 336 102.15 27.73 -30.34
CA ILE P 336 103.33 26.91 -30.50
C ILE P 336 103.35 26.24 -31.87
N LYS P 337 102.19 25.86 -32.38
CA LYS P 337 102.04 25.40 -33.76
C LYS P 337 101.12 26.30 -34.56
N ASP P 338 99.92 26.58 -34.06
CA ASP P 338 98.95 27.38 -34.81
C ASP P 338 99.44 28.82 -34.95
N THR P 339 99.12 29.42 -36.09
CA THR P 339 99.50 30.80 -36.38
C THR P 339 98.32 31.74 -36.12
N ASP P 340 98.65 32.98 -35.76
CA ASP P 340 97.66 34.03 -35.59
C ASP P 340 97.75 34.98 -36.77
N PHE P 341 96.61 35.27 -37.38
CA PHE P 341 96.60 36.08 -38.60
C PHE P 341 96.79 37.56 -38.32
N ALA P 342 96.63 38.00 -37.08
CA ALA P 342 96.77 39.41 -36.75
C ALA P 342 98.19 39.90 -36.98
N LYS P 343 99.15 39.35 -36.23
CA LYS P 343 100.53 39.80 -36.35
C LYS P 343 101.19 39.21 -37.59
N GLU P 344 100.71 38.08 -38.07
CA GLU P 344 101.34 37.44 -39.22
C GLU P 344 101.05 38.20 -40.50
N THR P 345 99.79 38.57 -40.73
CA THR P 345 99.42 39.23 -41.98
C THR P 345 100.10 40.58 -42.10
N THR P 346 100.16 41.35 -41.01
CA THR P 346 100.87 42.62 -41.06
C THR P 346 102.37 42.41 -41.30
N ALA P 347 102.90 41.24 -40.95
CA ALA P 347 104.27 40.90 -41.32
C ALA P 347 104.37 40.57 -42.80
N LEU P 348 103.32 39.95 -43.35
CA LEU P 348 103.29 39.65 -44.78
C LEU P 348 103.26 40.94 -45.60
N THR P 349 102.35 41.85 -45.26
CA THR P 349 102.26 43.10 -46.00
C THR P 349 103.52 43.93 -45.82
N LYS P 350 104.05 44.00 -44.60
CA LYS P 350 105.29 44.74 -44.37
C LYS P 350 106.42 44.17 -45.21
N ALA P 351 106.61 42.84 -45.16
CA ALA P 351 107.69 42.22 -45.91
C ALA P 351 107.54 42.41 -47.41
N GLN P 352 106.29 42.40 -47.90
CA GLN P 352 106.07 42.67 -49.31
C GLN P 352 106.51 44.08 -49.68
N ILE P 353 106.27 45.06 -48.80
CA ILE P 353 106.66 46.42 -49.08
C ILE P 353 108.17 46.56 -49.15
N LEU P 354 108.90 45.88 -48.25
CA LEU P 354 110.35 45.88 -48.38
C LEU P 354 110.79 45.24 -49.68
N SER P 355 110.06 44.25 -50.18
CA SER P 355 110.37 43.69 -51.49
C SER P 355 110.14 44.72 -52.59
N GLN P 356 109.06 45.51 -52.48
CA GLN P 356 108.81 46.57 -53.45
C GLN P 356 109.89 47.64 -53.37
N ALA P 357 110.31 48.00 -52.16
CA ALA P 357 111.33 49.02 -52.01
C ALA P 357 112.68 48.53 -52.50
N SER P 358 113.09 47.33 -52.09
CA SER P 358 114.37 46.78 -52.52
C SER P 358 114.41 46.57 -54.03
N SER P 359 113.26 46.26 -54.64
CA SER P 359 113.21 46.17 -56.09
C SER P 359 113.23 47.56 -56.73
N SER P 360 112.77 48.58 -56.00
CA SER P 360 112.77 49.93 -56.55
C SER P 360 114.16 50.56 -56.54
N VAL P 361 114.94 50.32 -55.47
CA VAL P 361 116.23 51.00 -55.33
C VAL P 361 117.20 50.58 -56.43
N LEU P 362 117.09 49.36 -56.95
CA LEU P 362 117.95 48.99 -58.07
C LEU P 362 117.58 49.76 -59.33
N ALA P 363 116.30 50.15 -59.47
CA ALA P 363 115.92 51.03 -60.57
C ALA P 363 116.46 52.44 -60.37
N GLN P 364 116.66 52.86 -59.13
CA GLN P 364 117.29 54.13 -58.82
C GLN P 364 118.80 54.04 -58.77
N ALA P 365 119.36 52.85 -59.02
CA ALA P 365 120.80 52.66 -58.99
C ALA P 365 121.37 52.13 -60.31
N LYS P 366 120.55 51.56 -61.18
CA LYS P 366 121.05 51.03 -62.45
C LYS P 366 121.44 52.14 -63.42
N GLN P 367 120.88 53.33 -63.28
CA GLN P 367 121.26 54.45 -64.14
C GLN P 367 122.56 55.10 -63.66
N ALA P 368 123.00 54.82 -62.44
CA ALA P 368 124.23 55.42 -61.94
C ALA P 368 125.48 55.00 -62.72
N PRO P 369 125.72 53.72 -63.02
CA PRO P 369 126.98 53.38 -63.73
C PRO P 369 127.11 54.07 -65.08
N ASN P 370 126.03 54.13 -65.87
CA ASN P 370 126.12 54.77 -67.17
C ASN P 370 126.13 56.30 -67.05
N SER P 371 125.46 56.85 -66.04
CA SER P 371 125.54 58.29 -65.82
C SER P 371 126.96 58.70 -65.44
N ALA P 372 127.64 57.86 -64.65
CA ALA P 372 129.05 58.10 -64.35
C ALA P 372 129.91 58.00 -65.61
N LEU P 373 129.58 57.03 -66.48
CA LEU P 373 130.33 56.87 -67.73
C LEU P 373 130.09 58.03 -68.69
N ALA P 374 128.93 58.68 -68.59
CA ALA P 374 128.52 59.68 -69.58
C ALA P 374 129.36 60.95 -69.53
N LEU P 375 130.22 61.13 -68.51
CA LEU P 375 131.01 62.36 -68.44
C LEU P 375 132.01 62.45 -69.59
N LEU P 376 132.55 61.32 -70.04
CA LEU P 376 133.28 61.23 -71.30
C LEU P 376 132.53 60.31 -72.25
N GLY P 377 132.26 60.81 -73.46
CA GLY P 377 131.53 60.04 -74.45
C GLY P 377 132.26 58.79 -74.91
N MET Q 1 95.15 36.88 -27.66
CA MET Q 1 94.83 35.58 -28.25
C MET Q 1 95.34 35.47 -29.68
N ALA Q 2 94.87 34.44 -30.38
CA ALA Q 2 95.25 34.18 -31.76
C ALA Q 2 93.99 34.11 -32.62
N VAL Q 3 93.89 35.01 -33.59
CA VAL Q 3 92.88 34.84 -34.63
C VAL Q 3 93.36 33.70 -35.54
N ASN Q 4 93.01 32.48 -35.16
CA ASN Q 4 93.54 31.30 -35.82
C ASN Q 4 92.39 30.52 -36.41
N VAL Q 5 92.72 29.50 -37.19
CA VAL Q 5 91.72 28.82 -37.99
C VAL Q 5 91.76 27.31 -37.75
N ASN Q 6 92.93 26.80 -37.34
CA ASN Q 6 93.07 25.36 -37.17
C ASN Q 6 92.46 24.85 -35.88
N THR Q 7 92.53 25.63 -34.80
CA THR Q 7 92.00 25.19 -33.51
C THR Q 7 90.91 26.14 -33.07
N ASN Q 8 89.73 25.59 -32.82
CA ASN Q 8 88.58 26.37 -32.36
C ASN Q 8 88.24 25.91 -30.95
N VAL Q 9 88.90 26.52 -29.97
CA VAL Q 9 88.65 26.17 -28.57
C VAL Q 9 87.22 26.55 -28.18
N SER Q 10 86.73 27.69 -28.66
CA SER Q 10 85.37 28.11 -28.35
C SER Q 10 84.35 27.10 -28.87
N ALA Q 11 84.57 26.58 -30.08
CA ALA Q 11 83.67 25.55 -30.60
C ALA Q 11 83.75 24.28 -29.77
N MET Q 12 84.96 23.90 -29.34
CA MET Q 12 85.11 22.70 -28.54
C MET Q 12 84.39 22.82 -27.20
N THR Q 13 84.46 24.00 -26.59
CA THR Q 13 83.74 24.22 -25.34
C THR Q 13 82.24 24.09 -25.53
N ALA Q 14 81.71 24.65 -26.63
CA ALA Q 14 80.28 24.59 -26.88
C ALA Q 14 79.82 23.16 -27.12
N GLN Q 15 80.58 22.39 -27.90
CA GLN Q 15 80.19 21.00 -28.15
C GLN Q 15 80.28 20.16 -26.90
N ARG Q 16 81.30 20.38 -26.07
CA ARG Q 16 81.45 19.62 -24.85
C ARG Q 16 80.25 19.81 -23.93
N TYR Q 17 79.80 21.06 -23.79
CA TYR Q 17 78.62 21.32 -22.99
C TYR Q 17 77.34 20.92 -23.71
N LEU Q 18 77.35 20.91 -25.04
CA LEU Q 18 76.19 20.46 -25.79
C LEU Q 18 75.94 18.98 -25.58
N THR Q 19 76.98 18.16 -25.76
CA THR Q 19 76.84 16.72 -25.57
C THR Q 19 76.64 16.34 -24.12
N SER Q 20 77.28 17.06 -23.19
CA SER Q 20 77.00 16.85 -21.78
C SER Q 20 75.55 17.19 -21.47
N ALA Q 21 75.01 18.23 -22.09
CA ALA Q 21 73.60 18.58 -21.92
C ALA Q 21 72.69 17.51 -22.50
N THR Q 22 73.01 17.00 -23.69
CA THR Q 22 72.17 16.00 -24.34
C THR Q 22 72.37 14.61 -23.77
N ASN Q 23 73.41 14.39 -22.98
CA ASN Q 23 73.56 13.11 -22.28
C ASN Q 23 72.70 13.07 -21.03
N ALA Q 24 72.76 14.13 -20.21
CA ALA Q 24 71.83 14.25 -19.10
C ALA Q 24 70.40 14.39 -19.61
N GLN Q 25 70.22 15.07 -20.74
CA GLN Q 25 68.92 15.07 -21.40
C GLN Q 25 68.55 13.68 -21.87
N GLN Q 26 69.51 12.93 -22.40
CA GLN Q 26 69.21 11.56 -22.82
C GLN Q 26 68.83 10.68 -21.64
N SER Q 27 69.32 11.00 -20.44
CA SER Q 27 68.84 10.31 -19.25
C SER Q 27 67.35 10.54 -19.03
N SER Q 28 66.81 11.61 -19.60
CA SER Q 28 65.38 11.86 -19.63
C SER Q 28 64.74 11.13 -20.81
N MET Q 29 63.40 11.10 -20.79
CA MET Q 29 62.58 10.29 -21.70
C MET Q 29 62.89 8.79 -21.61
N GLU Q 30 63.42 8.33 -20.49
CA GLU Q 30 63.20 6.97 -20.04
C GLU Q 30 62.65 6.90 -18.64
N ARG Q 31 63.04 7.82 -17.75
CA ARG Q 31 62.35 7.92 -16.48
C ARG Q 31 60.90 8.34 -16.65
N LEU Q 32 60.61 9.19 -17.64
CA LEU Q 32 59.22 9.54 -17.92
C LEU Q 32 58.49 8.40 -18.63
N SER Q 33 59.16 7.75 -19.60
CA SER Q 33 58.51 6.70 -20.36
C SER Q 33 58.27 5.45 -19.51
N SER Q 34 59.24 5.09 -18.68
CA SER Q 34 59.09 3.90 -17.85
C SER Q 34 58.33 4.20 -16.56
N GLY Q 35 58.46 5.41 -16.05
CA GLY Q 35 57.95 5.72 -14.73
C GLY Q 35 58.87 5.34 -13.60
N TYR Q 36 60.05 4.80 -13.91
CA TYR Q 36 61.06 4.49 -12.91
C TYR Q 36 62.25 5.42 -13.09
N LYS Q 37 62.63 6.12 -12.03
CA LYS Q 37 63.88 6.85 -12.03
C LYS Q 37 65.09 5.92 -11.92
N ILE Q 38 64.88 4.70 -11.44
CA ILE Q 38 65.93 3.70 -11.35
C ILE Q 38 65.58 2.57 -12.31
N ASN Q 39 66.31 2.50 -13.41
CA ASN Q 39 66.13 1.44 -14.39
C ASN Q 39 67.42 0.71 -14.73
N SER Q 40 68.57 1.31 -14.51
CA SER Q 40 69.87 0.66 -14.66
C SER Q 40 70.71 0.96 -13.44
N ALA Q 41 71.68 0.09 -13.17
CA ALA Q 41 72.57 0.29 -12.03
C ALA Q 41 73.41 1.55 -12.16
N LYS Q 42 73.49 2.13 -13.37
CA LYS Q 42 74.24 3.37 -13.55
C LYS Q 42 73.64 4.50 -12.73
N ASP Q 43 72.31 4.61 -12.71
CA ASP Q 43 71.67 5.72 -12.01
C ASP Q 43 71.91 5.65 -10.51
N ASP Q 44 71.66 4.49 -9.91
CA ASP Q 44 71.89 4.31 -8.47
C ASP Q 44 72.16 2.82 -8.24
N ALA Q 45 73.44 2.47 -8.11
CA ALA Q 45 73.81 1.08 -7.87
C ALA Q 45 73.26 0.58 -6.54
N ALA Q 46 73.46 1.36 -5.47
CA ALA Q 46 72.92 0.97 -4.16
C ALA Q 46 71.40 0.99 -4.17
N GLY Q 47 70.81 1.96 -4.85
CA GLY Q 47 69.36 2.04 -4.92
C GLY Q 47 68.74 0.87 -5.64
N LEU Q 48 69.44 0.29 -6.61
CA LEU Q 48 68.90 -0.84 -7.35
C LEU Q 48 68.72 -2.06 -6.45
N GLN Q 49 69.71 -2.33 -5.59
CA GLN Q 49 69.64 -3.52 -4.74
C GLN Q 49 68.49 -3.42 -3.75
N ILE Q 50 68.34 -2.27 -3.11
CA ILE Q 50 67.32 -2.13 -2.08
C ILE Q 50 65.93 -2.16 -2.70
N SER Q 51 65.78 -1.56 -3.89
CA SER Q 51 64.49 -1.55 -4.56
C SER Q 51 64.09 -2.96 -5.01
N ASN Q 52 65.05 -3.74 -5.52
CA ASN Q 52 64.72 -5.10 -5.96
C ASN Q 52 64.26 -5.96 -4.81
N ARG Q 53 64.89 -5.83 -3.64
CA ARG Q 53 64.45 -6.59 -2.48
C ARG Q 53 63.03 -6.19 -2.07
N LEU Q 54 62.71 -4.90 -2.12
CA LEU Q 54 61.36 -4.45 -1.81
C LEU Q 54 60.37 -4.98 -2.84
N ASN Q 55 60.74 -4.94 -4.12
CA ASN Q 55 59.87 -5.48 -5.16
C ASN Q 55 59.67 -6.98 -4.98
N VAL Q 56 60.74 -7.71 -4.66
CA VAL Q 56 60.64 -9.13 -4.42
C VAL Q 56 59.68 -9.40 -3.25
N GLN Q 57 59.81 -8.60 -2.19
CA GLN Q 57 58.92 -8.75 -1.04
C GLN Q 57 57.49 -8.45 -1.42
N SER Q 58 57.26 -7.42 -2.25
CA SER Q 58 55.90 -7.04 -2.62
C SER Q 58 55.22 -8.16 -3.41
N ARG Q 59 55.91 -8.71 -4.40
CA ARG Q 59 55.34 -9.82 -5.15
C ARG Q 59 55.14 -11.05 -4.27
N GLY Q 60 56.11 -11.33 -3.39
CA GLY Q 60 55.97 -12.45 -2.49
C GLY Q 60 54.76 -12.32 -1.58
N LEU Q 61 54.52 -11.11 -1.07
CA LEU Q 61 53.33 -10.88 -0.26
C LEU Q 61 52.06 -11.05 -1.10
N GLY Q 62 52.10 -10.62 -2.36
CA GLY Q 62 50.92 -10.75 -3.20
C GLY Q 62 50.48 -12.20 -3.35
N VAL Q 63 51.43 -13.09 -3.63
CA VAL Q 63 51.09 -14.50 -3.72
C VAL Q 63 50.88 -15.09 -2.33
N ALA Q 64 51.42 -14.45 -1.30
CA ALA Q 64 51.20 -14.93 0.07
C ALA Q 64 49.74 -14.78 0.47
N VAL Q 65 49.11 -13.65 0.09
CA VAL Q 65 47.69 -13.48 0.35
C VAL Q 65 46.89 -14.52 -0.42
N ARG Q 66 47.31 -14.82 -1.65
CA ARG Q 66 46.65 -15.88 -2.42
C ARG Q 66 46.79 -17.22 -1.74
N ASN Q 67 47.98 -17.53 -1.22
CA ASN Q 67 48.20 -18.81 -0.56
C ASN Q 67 47.34 -18.94 0.69
N ALA Q 68 47.30 -17.90 1.52
CA ALA Q 68 46.46 -17.94 2.70
C ALA Q 68 44.99 -17.95 2.32
N ASN Q 69 44.63 -17.34 1.18
CA ASN Q 69 43.25 -17.39 0.72
C ASN Q 69 42.91 -18.77 0.17
N ASP Q 70 43.92 -19.52 -0.27
CA ASP Q 70 43.68 -20.92 -0.61
C ASP Q 70 43.44 -21.74 0.65
N GLY Q 71 44.20 -21.46 1.71
CA GLY Q 71 44.00 -22.17 2.96
C GLY Q 71 42.68 -21.84 3.62
N ILE Q 72 42.24 -20.58 3.53
CA ILE Q 72 40.99 -20.18 4.17
C ILE Q 72 39.82 -20.88 3.50
N SER Q 73 39.94 -21.17 2.21
CA SER Q 73 38.89 -21.88 1.51
C SER Q 73 38.85 -23.35 1.90
N MET Q 74 40.02 -23.98 2.03
CA MET Q 74 40.06 -25.38 2.45
C MET Q 74 39.51 -25.54 3.86
N ALA Q 75 39.72 -24.54 4.71
CA ALA Q 75 39.15 -24.59 6.06
C ALA Q 75 37.63 -24.57 6.02
N GLN Q 76 37.05 -23.72 5.16
CA GLN Q 76 35.59 -23.62 5.12
C GLN Q 76 34.96 -24.78 4.38
N THR Q 77 35.65 -25.37 3.39
CA THR Q 77 35.11 -26.55 2.72
C THR Q 77 34.96 -27.70 3.69
N ALA Q 78 35.97 -27.93 4.55
CA ALA Q 78 35.84 -28.93 5.59
C ALA Q 78 34.75 -28.54 6.58
N GLU Q 79 34.65 -27.25 6.90
CA GLU Q 79 33.60 -26.78 7.80
C GLU Q 79 32.22 -26.97 7.22
N GLY Q 80 32.10 -26.94 5.88
CA GLY Q 80 30.81 -27.18 5.27
C GLY Q 80 30.31 -28.59 5.51
N ALA Q 81 31.19 -29.57 5.31
CA ALA Q 81 30.85 -30.95 5.66
C ALA Q 81 30.72 -31.11 7.17
N MET Q 82 31.35 -30.23 7.94
CA MET Q 82 31.26 -30.31 9.39
C MET Q 82 29.83 -30.09 9.86
N LYS Q 83 29.14 -29.12 9.26
CA LYS Q 83 27.78 -28.80 9.67
C LYS Q 83 26.85 -29.99 9.45
N GLU Q 84 26.98 -30.65 8.30
CA GLU Q 84 26.13 -31.80 8.01
C GLU Q 84 26.50 -33.00 8.88
N THR Q 85 27.80 -33.19 9.14
CA THR Q 85 28.22 -34.30 9.99
C THR Q 85 27.63 -34.17 11.38
N THR Q 86 27.65 -32.95 11.94
CA THR Q 86 26.99 -32.72 13.21
C THR Q 86 25.49 -32.97 13.11
N ASN Q 87 24.88 -32.52 12.02
CA ASN Q 87 23.43 -32.62 11.88
C ASN Q 87 22.98 -34.08 11.88
N ILE Q 88 23.70 -34.95 11.17
CA ILE Q 88 23.33 -36.36 11.16
C ILE Q 88 23.55 -36.99 12.52
N LEU Q 89 24.63 -36.60 13.21
CA LEU Q 89 24.91 -37.16 14.53
C LEU Q 89 23.82 -36.80 15.52
N GLN Q 90 23.31 -35.57 15.45
CA GLN Q 90 22.21 -35.18 16.33
C GLN Q 90 20.97 -36.02 16.05
N ARG Q 91 20.68 -36.27 14.76
CA ARG Q 91 19.54 -37.11 14.42
C ARG Q 91 19.73 -38.53 14.93
N MET Q 92 20.96 -39.05 14.85
CA MET Q 92 21.26 -40.36 15.43
C MET Q 92 20.90 -40.39 16.91
N ARG Q 93 21.37 -39.38 17.66
CA ARG Q 93 21.17 -39.37 19.10
C ARG Q 93 19.70 -39.24 19.46
N ASP Q 94 18.95 -38.43 18.71
CA ASP Q 94 17.55 -38.19 19.05
C ASP Q 94 16.73 -39.47 18.93
N LEU Q 95 16.85 -40.18 17.82
CA LEU Q 95 16.04 -41.39 17.64
C LEU Q 95 16.59 -42.55 18.46
N SER Q 96 17.88 -42.53 18.80
CA SER Q 96 18.40 -43.50 19.76
C SER Q 96 17.74 -43.32 21.12
N LEU Q 97 17.51 -42.07 21.52
CA LEU Q 97 16.73 -41.82 22.73
C LEU Q 97 15.31 -42.35 22.56
N GLN Q 98 14.74 -42.20 21.37
CA GLN Q 98 13.38 -42.67 21.11
C GLN Q 98 13.30 -44.19 21.18
N SER Q 99 14.41 -44.89 20.96
CA SER Q 99 14.45 -46.34 21.05
C SER Q 99 14.91 -46.84 22.41
N ALA Q 100 15.11 -45.93 23.37
CA ALA Q 100 15.64 -46.28 24.69
C ALA Q 100 14.54 -46.55 25.70
N ASN Q 101 13.29 -46.57 25.25
CA ASN Q 101 12.16 -46.83 26.13
C ASN Q 101 11.69 -48.27 25.96
N GLY Q 102 10.66 -48.63 26.71
CA GLY Q 102 10.16 -49.99 26.69
C GLY Q 102 8.82 -50.16 26.00
N SER Q 103 8.16 -49.05 25.68
CA SER Q 103 6.86 -49.12 25.02
C SER Q 103 6.97 -49.76 23.64
N ASN Q 104 8.00 -49.43 22.88
CA ASN Q 104 8.18 -49.99 21.54
C ASN Q 104 8.68 -51.43 21.65
N SER Q 105 8.15 -52.27 20.77
CA SER Q 105 8.53 -53.67 20.71
C SER Q 105 9.78 -53.84 19.83
N LYS Q 106 10.19 -55.09 19.62
CA LYS Q 106 11.41 -55.35 18.86
C LYS Q 106 11.29 -54.89 17.41
N ALA Q 107 10.10 -54.96 16.83
CA ALA Q 107 9.92 -54.59 15.43
C ALA Q 107 10.26 -53.13 15.19
N ASP Q 108 9.81 -52.25 16.07
CA ASP Q 108 10.12 -50.82 15.91
C ASP Q 108 11.60 -50.55 16.02
N ARG Q 109 12.28 -51.21 16.97
CA ARG Q 109 13.72 -51.04 17.08
C ARG Q 109 14.45 -51.51 15.83
N VAL Q 110 13.88 -52.49 15.12
CA VAL Q 110 14.46 -52.90 13.85
C VAL Q 110 14.35 -51.77 12.83
N ALA Q 111 13.21 -51.08 12.80
CA ALA Q 111 13.04 -49.94 11.91
C ALA Q 111 14.01 -48.82 12.25
N ILE Q 112 14.18 -48.56 13.55
CA ILE Q 112 15.12 -47.53 13.98
C ILE Q 112 16.55 -47.91 13.62
N GLN Q 113 16.90 -49.18 13.83
CA GLN Q 113 18.24 -49.63 13.44
C GLN Q 113 18.47 -49.48 11.95
N GLU Q 114 17.41 -49.63 11.15
CA GLU Q 114 17.52 -49.38 9.73
C GLU Q 114 17.86 -47.91 9.46
N GLU Q 115 17.26 -47.01 10.24
CA GLU Q 115 17.59 -45.59 10.11
C GLU Q 115 19.03 -45.33 10.52
N ILE Q 116 19.49 -45.99 11.58
CA ILE Q 116 20.88 -45.80 12.04
C ILE Q 116 21.86 -46.27 10.98
N THR Q 117 21.66 -47.47 10.45
CA THR Q 117 22.60 -48.00 9.47
C THR Q 117 22.54 -47.22 8.17
N ALA Q 118 21.41 -46.59 7.87
CA ALA Q 118 21.34 -45.72 6.70
C ALA Q 118 22.18 -44.46 6.90
N LEU Q 119 21.99 -43.79 8.04
CA LEU Q 119 22.77 -42.58 8.31
C LEU Q 119 24.23 -42.91 8.57
N ASN Q 120 24.52 -44.11 9.04
CA ASN Q 120 25.91 -44.52 9.25
C ASN Q 120 26.67 -44.55 7.94
N ASP Q 121 26.03 -45.05 6.87
CA ASP Q 121 26.65 -45.01 5.56
C ASP Q 121 26.87 -43.58 5.11
N GLU Q 122 25.99 -42.67 5.51
CA GLU Q 122 26.17 -41.25 5.18
C GLU Q 122 27.42 -40.68 5.84
N LEU Q 123 27.65 -41.03 7.11
CA LEU Q 123 28.82 -40.53 7.81
C LEU Q 123 30.10 -40.99 7.13
N ASN Q 124 30.15 -42.27 6.74
CA ASN Q 124 31.33 -42.78 6.04
C ASN Q 124 31.45 -42.19 4.65
N ARG Q 125 30.32 -41.99 3.96
CA ARG Q 125 30.37 -41.46 2.60
C ARG Q 125 30.87 -40.04 2.58
N VAL Q 126 30.35 -39.18 3.46
CA VAL Q 126 30.76 -37.78 3.47
C VAL Q 126 32.23 -37.67 3.84
N ALA Q 127 32.73 -38.56 4.70
CA ALA Q 127 34.14 -38.54 5.06
C ALA Q 127 35.04 -38.88 3.88
N GLU Q 128 34.50 -39.55 2.85
CA GLU Q 128 35.28 -39.91 1.67
C GLU Q 128 34.86 -39.17 0.42
N THR Q 129 33.79 -38.37 0.46
CA THR Q 129 33.29 -37.70 -0.72
C THR Q 129 33.84 -36.29 -0.88
N THR Q 130 33.84 -35.50 0.20
CA THR Q 130 34.35 -34.13 0.12
C THR Q 130 35.81 -34.14 -0.33
N SER Q 131 36.09 -33.42 -1.41
CA SER Q 131 37.36 -33.55 -2.11
C SER Q 131 38.15 -32.25 -2.18
N PHE Q 132 37.49 -31.12 -2.50
CA PHE Q 132 38.17 -29.87 -2.82
C PHE Q 132 39.11 -30.07 -4.01
N GLY Q 133 38.49 -30.36 -5.15
CA GLY Q 133 39.21 -30.43 -6.41
C GLY Q 133 40.25 -31.53 -6.49
N GLY Q 134 39.89 -32.74 -6.08
CA GLY Q 134 40.76 -33.88 -6.23
C GLY Q 134 41.49 -34.30 -4.97
N ASN Q 135 41.51 -33.46 -3.94
CA ASN Q 135 42.11 -33.82 -2.67
C ASN Q 135 41.13 -34.68 -1.88
N LYS Q 136 41.42 -34.94 -0.61
CA LYS Q 136 40.52 -35.64 0.28
C LYS Q 136 40.65 -34.99 1.65
N LEU Q 137 39.55 -34.49 2.19
CA LEU Q 137 39.61 -33.66 3.39
C LEU Q 137 39.38 -34.45 4.67
N LEU Q 138 38.23 -35.11 4.80
CA LEU Q 138 37.85 -35.78 6.03
C LEU Q 138 38.17 -37.27 6.02
N ASN Q 139 38.86 -37.75 4.99
CA ASN Q 139 39.17 -39.18 4.91
C ASN Q 139 40.27 -39.60 5.86
N GLY Q 140 41.08 -38.66 6.35
CA GLY Q 140 42.23 -38.98 7.15
C GLY Q 140 43.52 -39.11 6.37
N THR Q 141 43.45 -39.28 5.05
CA THR Q 141 44.63 -39.24 4.22
C THR Q 141 45.25 -37.85 4.16
N PHE Q 142 44.48 -36.83 4.49
CA PHE Q 142 44.98 -35.46 4.56
C PHE Q 142 45.79 -35.31 5.85
N ALA Q 143 47.10 -35.51 5.73
CA ALA Q 143 47.99 -35.36 6.88
C ALA Q 143 48.26 -33.87 7.12
N THR Q 144 49.23 -33.57 7.97
CA THR Q 144 49.55 -32.18 8.27
C THR Q 144 50.14 -31.51 7.03
N LYS Q 145 49.42 -30.53 6.50
CA LYS Q 145 49.86 -29.77 5.35
C LYS Q 145 50.13 -28.33 5.76
N SER Q 146 51.26 -27.79 5.30
CA SER Q 146 51.70 -26.46 5.68
C SER Q 146 51.42 -25.47 4.55
N PHE Q 147 50.86 -24.32 4.92
CA PHE Q 147 50.55 -23.27 3.96
C PHE Q 147 51.54 -22.13 4.13
N GLN Q 148 52.23 -21.77 3.06
CA GLN Q 148 53.23 -20.70 3.09
C GLN Q 148 52.51 -19.36 3.04
N ILE Q 149 52.46 -18.67 4.18
CA ILE Q 149 51.73 -17.41 4.28
C ILE Q 149 52.71 -16.28 4.60
N GLY Q 150 53.96 -16.42 4.18
CA GLY Q 150 54.95 -15.41 4.42
C GLY Q 150 55.67 -15.02 3.14
N ALA Q 151 56.23 -13.82 3.16
CA ALA Q 151 56.98 -13.33 2.01
C ALA Q 151 58.21 -14.21 1.74
N ASP Q 152 58.91 -14.59 2.80
CA ASP Q 152 60.06 -15.46 2.68
C ASP Q 152 59.63 -16.91 2.93
N ASN Q 153 60.59 -17.81 3.06
CA ASN Q 153 60.33 -19.21 3.33
C ASN Q 153 60.27 -19.47 4.83
N GLY Q 154 59.82 -20.67 5.18
CA GLY Q 154 59.71 -21.09 6.55
C GLY Q 154 58.55 -20.50 7.32
N GLU Q 155 57.99 -19.38 6.84
CA GLU Q 155 56.87 -18.73 7.51
C GLU Q 155 55.57 -19.39 7.06
N ALA Q 156 55.41 -20.64 7.46
CA ALA Q 156 54.27 -21.45 7.12
C ALA Q 156 53.51 -21.87 8.37
N VAL Q 157 52.29 -22.34 8.17
CA VAL Q 157 51.43 -22.79 9.25
C VAL Q 157 50.89 -24.17 8.89
N MET Q 158 51.05 -25.12 9.80
CA MET Q 158 50.57 -26.47 9.58
C MET Q 158 49.12 -26.59 10.02
N LEU Q 159 48.31 -27.20 9.15
CA LEU Q 159 46.91 -27.50 9.43
C LEU Q 159 46.69 -28.98 9.30
N ASN Q 160 46.05 -29.58 10.31
CA ASN Q 160 45.78 -31.00 10.33
C ASN Q 160 44.28 -31.23 10.43
N ILE Q 161 43.75 -32.06 9.54
CA ILE Q 161 42.34 -32.44 9.55
C ILE Q 161 42.29 -33.92 9.89
N LYS Q 162 41.71 -34.24 11.05
CA LYS Q 162 41.73 -35.59 11.56
C LYS Q 162 40.75 -36.48 10.80
N ASP Q 163 41.04 -37.78 10.81
CA ASP Q 163 40.16 -38.75 10.17
C ASP Q 163 38.79 -38.74 10.85
N MET Q 164 37.73 -38.83 10.03
CA MET Q 164 36.38 -38.70 10.55
C MET Q 164 35.45 -39.76 10.00
N ARG Q 165 35.97 -40.93 9.69
CA ARG Q 165 35.11 -42.07 9.41
C ARG Q 165 34.36 -42.46 10.69
N SER Q 166 33.20 -43.08 10.51
CA SER Q 166 32.39 -43.46 11.66
C SER Q 166 33.07 -44.51 12.53
N ASP Q 167 34.11 -45.17 12.05
CA ASP Q 167 34.81 -46.20 12.80
C ASP Q 167 36.04 -45.66 13.53
N ASN Q 168 36.26 -44.36 13.51
CA ASN Q 168 37.46 -43.80 14.13
C ASN Q 168 37.48 -44.06 15.63
N ALA Q 169 38.67 -44.36 16.15
CA ALA Q 169 38.80 -44.67 17.57
C ALA Q 169 38.43 -43.47 18.42
N LEU Q 170 38.87 -42.28 18.03
CA LEU Q 170 38.54 -41.06 18.77
C LEU Q 170 37.08 -40.69 18.69
N MET Q 171 36.32 -41.32 17.79
CA MET Q 171 34.91 -40.98 17.62
C MET Q 171 34.02 -41.64 18.66
N GLY Q 172 34.48 -42.73 19.27
CA GLY Q 172 33.69 -43.43 20.27
C GLY Q 172 34.34 -43.48 21.63
N GLY Q 173 34.44 -44.66 22.21
CA GLY Q 173 35.05 -44.80 23.51
C GLY Q 173 34.93 -46.23 24.02
N LYS Q 174 35.39 -46.41 25.25
CA LYS Q 174 35.31 -47.71 25.92
C LYS Q 174 33.97 -47.87 26.61
N THR Q 175 33.63 -49.12 26.93
CA THR Q 175 32.41 -49.43 27.63
C THR Q 175 32.65 -50.59 28.60
N TYR Q 176 31.80 -50.67 29.62
CA TYR Q 176 31.89 -51.71 30.63
C TYR Q 176 30.48 -52.17 30.99
N GLN Q 177 30.34 -53.44 31.34
CA GLN Q 177 29.05 -54.03 31.63
C GLN Q 177 29.09 -54.78 32.95
N ALA Q 178 28.02 -54.63 33.73
CA ALA Q 178 27.91 -55.39 34.98
C ALA Q 178 27.69 -56.87 34.67
N ALA Q 179 28.39 -57.73 35.42
CA ALA Q 179 28.28 -59.16 35.17
C ALA Q 179 26.90 -59.69 35.52
N ASN Q 180 26.33 -59.23 36.64
CA ASN Q 180 25.05 -59.72 37.13
C ASN Q 180 24.06 -58.57 37.20
N GLY Q 181 22.85 -58.81 36.68
CA GLY Q 181 21.80 -57.80 36.73
C GLY Q 181 21.05 -57.80 38.03
N LYS Q 182 20.43 -56.66 38.33
CA LYS Q 182 19.64 -56.47 39.54
C LYS Q 182 18.22 -56.09 39.15
N ASP Q 183 17.25 -56.83 39.69
CA ASP Q 183 15.85 -56.63 39.31
C ASP Q 183 15.29 -55.38 40.00
N LYS Q 184 13.99 -55.14 39.79
CA LYS Q 184 13.36 -53.95 40.33
C LYS Q 184 13.35 -53.98 41.85
N ASN Q 185 13.00 -55.12 42.45
CA ASN Q 185 12.91 -55.21 43.90
C ASN Q 185 14.25 -54.98 44.57
N TRP Q 186 15.36 -55.23 43.88
CA TRP Q 186 16.67 -55.03 44.47
C TRP Q 186 16.93 -53.55 44.71
N GLY Q 187 17.57 -53.25 45.84
CA GLY Q 187 17.98 -51.89 46.15
C GLY Q 187 19.35 -51.89 46.79
N VAL Q 188 19.94 -50.70 46.86
CA VAL Q 188 21.25 -50.56 47.48
C VAL Q 188 21.12 -50.80 48.97
N GLU Q 189 21.93 -51.71 49.49
CA GLU Q 189 21.91 -52.03 50.90
C GLU Q 189 23.00 -51.24 51.65
N ALA Q 190 22.76 -51.04 52.94
CA ALA Q 190 23.70 -50.29 53.76
C ALA Q 190 25.02 -51.04 53.87
N GLY Q 191 26.12 -50.29 53.91
CA GLY Q 191 27.44 -50.87 53.93
C GLY Q 191 27.96 -51.30 52.58
N LYS Q 192 27.19 -51.10 51.51
CA LYS Q 192 27.60 -51.46 50.16
C LYS Q 192 27.22 -50.36 49.19
N THR Q 193 27.50 -49.11 49.56
CA THR Q 193 27.15 -47.96 48.75
C THR Q 193 28.35 -47.26 48.13
N ASP Q 194 29.57 -47.52 48.63
CA ASP Q 194 30.75 -46.87 48.10
C ASP Q 194 31.09 -47.42 46.72
N LEU Q 195 31.59 -46.54 45.85
CA LEU Q 195 31.97 -46.92 44.49
C LEU Q 195 33.08 -45.98 44.05
N THR Q 196 34.32 -46.45 44.13
CA THR Q 196 35.49 -45.66 43.78
C THR Q 196 35.99 -46.10 42.41
N ILE Q 197 36.12 -45.15 41.50
CA ILE Q 197 36.54 -45.41 40.12
C ILE Q 197 37.89 -44.74 39.91
N THR Q 198 38.87 -45.53 39.47
CA THR Q 198 40.18 -45.01 39.11
C THR Q 198 40.21 -44.75 37.61
N LEU Q 199 40.53 -43.50 37.23
CA LEU Q 199 40.41 -43.06 35.85
C LEU Q 199 41.71 -42.42 35.40
N LYS Q 200 42.09 -42.70 34.16
CA LYS Q 200 43.23 -42.05 33.53
C LYS Q 200 42.72 -41.04 32.51
N ASP Q 201 43.18 -39.79 32.64
CA ASP Q 201 42.67 -38.68 31.85
C ASP Q 201 43.79 -38.11 30.99
N LYS Q 202 43.42 -37.65 29.79
CA LYS Q 202 44.40 -36.99 28.92
C LYS Q 202 44.96 -35.73 29.58
N ARG Q 203 44.09 -34.92 30.17
CA ARG Q 203 44.48 -33.74 30.91
C ARG Q 203 44.14 -33.94 32.38
N GLU Q 204 44.98 -33.38 33.26
CA GLU Q 204 44.94 -33.62 34.71
C GLU Q 204 44.61 -35.09 35.00
N GLY Q 205 45.47 -35.96 34.47
CA GLY Q 205 45.25 -37.38 34.52
C GLY Q 205 45.37 -37.95 35.91
N ASP Q 206 45.06 -39.25 36.02
CA ASP Q 206 45.07 -39.98 37.27
C ASP Q 206 44.13 -39.33 38.29
N VAL Q 207 42.86 -39.28 37.93
CA VAL Q 207 41.80 -38.74 38.78
C VAL Q 207 41.04 -39.91 39.38
N THR Q 208 40.55 -39.73 40.60
CA THR Q 208 39.75 -40.72 41.30
C THR Q 208 38.42 -40.10 41.68
N ILE Q 209 37.33 -40.71 41.26
CA ILE Q 209 35.99 -40.22 41.54
C ILE Q 209 35.29 -41.26 42.41
N SER Q 210 34.79 -40.81 43.56
CA SER Q 210 34.09 -41.67 44.50
C SER Q 210 32.61 -41.31 44.53
N ILE Q 211 31.76 -42.31 44.36
CA ILE Q 211 30.32 -42.12 44.32
C ILE Q 211 29.70 -42.96 45.44
N ASN Q 212 28.92 -42.33 46.30
CA ASN Q 212 28.25 -43.01 47.40
C ASN Q 212 26.74 -42.92 47.15
N ALA Q 213 26.18 -43.99 46.62
CA ALA Q 213 24.76 -44.02 46.32
C ALA Q 213 23.94 -44.03 47.60
N LYS Q 214 22.80 -43.35 47.57
CA LYS Q 214 21.89 -43.36 48.71
C LYS Q 214 21.27 -44.72 48.89
N GLU Q 215 21.16 -45.17 50.14
CA GLU Q 215 20.60 -46.48 50.42
C GLU Q 215 19.12 -46.52 50.04
N GLY Q 216 18.70 -47.64 49.45
CA GLY Q 216 17.34 -47.84 49.05
C GLY Q 216 17.05 -47.54 47.60
N ASP Q 217 17.95 -46.85 46.90
CA ASP Q 217 17.75 -46.58 45.48
C ASP Q 217 17.77 -47.88 44.68
N ASP Q 218 16.88 -47.98 43.71
CA ASP Q 218 16.83 -49.17 42.87
C ASP Q 218 17.94 -49.07 41.82
N ILE Q 219 17.96 -50.01 40.87
CA ILE Q 219 19.05 -50.07 39.93
C ILE Q 219 19.00 -48.91 38.95
N GLU Q 220 17.79 -48.48 38.58
CA GLU Q 220 17.66 -47.40 37.60
C GLU Q 220 18.07 -46.06 38.19
N GLU Q 221 17.62 -45.76 39.40
CA GLU Q 221 18.01 -44.50 40.05
C GLU Q 221 19.50 -44.44 40.32
N LEU Q 222 20.14 -45.60 40.52
CA LEU Q 222 21.59 -45.61 40.72
C LEU Q 222 22.32 -45.09 39.48
N ALA Q 223 21.84 -45.49 38.29
CA ALA Q 223 22.46 -45.02 37.06
C ALA Q 223 22.33 -43.51 36.92
N THR Q 224 21.17 -42.96 37.27
CA THR Q 224 20.98 -41.52 37.20
C THR Q 224 21.89 -40.80 38.19
N TYR Q 225 22.08 -41.39 39.37
CA TYR Q 225 22.95 -40.77 40.37
C TYR Q 225 24.39 -40.68 39.87
N ILE Q 226 24.87 -41.73 39.21
CA ILE Q 226 26.23 -41.72 38.69
C ILE Q 226 26.38 -40.64 37.62
N ASN Q 227 25.37 -40.51 36.75
CA ASN Q 227 25.44 -39.49 35.70
C ASN Q 227 25.52 -38.10 36.30
N GLY Q 228 24.73 -37.81 37.33
CA GLY Q 228 24.74 -36.48 37.92
C GLY Q 228 26.04 -36.14 38.61
N GLN Q 229 26.66 -37.13 39.27
CA GLN Q 229 27.83 -36.84 40.08
C GLN Q 229 29.02 -36.41 39.22
N THR Q 230 29.26 -37.10 38.11
CA THR Q 230 30.44 -36.81 37.30
C THR Q 230 30.06 -36.79 35.83
N ASP Q 231 30.74 -35.93 35.08
CA ASP Q 231 30.57 -35.84 33.64
C ASP Q 231 31.60 -36.66 32.86
N MET Q 232 32.52 -37.33 33.55
CA MET Q 232 33.51 -38.18 32.91
C MET Q 232 32.98 -39.58 32.66
N ILE Q 233 31.77 -39.90 33.10
CA ILE Q 233 31.24 -41.25 33.07
C ILE Q 233 29.75 -41.19 32.73
N LYS Q 234 29.31 -42.11 31.88
CA LYS Q 234 27.89 -42.24 31.53
C LYS Q 234 27.42 -43.62 31.93
N ALA Q 235 26.32 -43.68 32.67
CA ALA Q 235 25.81 -44.94 33.20
C ALA Q 235 24.34 -45.11 32.82
N SER Q 236 23.96 -46.36 32.57
CA SER Q 236 22.58 -46.71 32.24
C SER Q 236 22.41 -48.21 32.43
N VAL Q 237 21.16 -48.66 32.39
CA VAL Q 237 20.84 -50.07 32.54
C VAL Q 237 20.24 -50.58 31.24
N ASP Q 238 20.51 -51.85 30.92
CA ASP Q 238 20.12 -52.38 29.62
C ASP Q 238 18.78 -53.11 29.62
N GLU Q 239 18.70 -54.26 30.28
CA GLU Q 239 17.46 -55.02 30.35
C GLU Q 239 17.15 -55.58 31.73
N GLU Q 240 18.16 -55.81 32.57
CA GLU Q 240 17.97 -56.53 33.81
C GLU Q 240 18.69 -55.87 34.98
N GLY Q 241 19.26 -54.69 34.80
CA GLY Q 241 20.01 -54.02 35.84
C GLY Q 241 21.49 -53.91 35.59
N LYS Q 242 22.01 -54.55 34.54
CA LYS Q 242 23.42 -54.45 34.22
C LYS Q 242 23.75 -53.02 33.81
N LEU Q 243 24.83 -52.47 34.39
CA LEU Q 243 25.21 -51.09 34.11
C LEU Q 243 26.11 -51.04 32.89
N GLN Q 244 25.74 -50.19 31.92
CA GLN Q 244 26.56 -49.96 30.73
C GLN Q 244 27.38 -48.70 30.97
N LEU Q 245 28.42 -48.85 31.78
CA LEU Q 245 29.37 -47.76 31.99
C LEU Q 245 30.01 -47.38 30.67
N PHE Q 246 30.17 -46.08 30.44
CA PHE Q 246 30.79 -45.59 29.22
C PHE Q 246 31.97 -44.71 29.58
N THR Q 247 32.93 -44.65 28.65
CA THR Q 247 34.15 -43.88 28.86
C THR Q 247 34.53 -43.25 27.53
N ASP Q 248 34.46 -41.92 27.45
CA ASP Q 248 34.72 -41.24 26.19
C ASP Q 248 36.20 -41.35 25.87
N ASN Q 249 36.52 -41.72 24.63
CA ASN Q 249 37.89 -42.10 24.29
C ASN Q 249 38.84 -40.91 24.26
N ASN Q 250 38.39 -39.76 23.77
CA ASN Q 250 39.33 -38.67 23.49
C ASN Q 250 39.77 -37.93 24.74
N ARG Q 251 39.22 -38.25 25.91
CA ARG Q 251 39.66 -37.59 27.14
C ARG Q 251 39.91 -38.52 28.31
N ILE Q 252 39.45 -39.77 28.28
CA ILE Q 252 39.65 -40.68 29.41
C ILE Q 252 40.41 -41.91 28.91
N ASP Q 253 41.35 -41.69 28.00
CA ASP Q 253 42.17 -42.78 27.46
C ASP Q 253 42.75 -43.63 28.58
N GLY Q 254 42.93 -44.91 28.30
CA GLY Q 254 43.40 -45.86 29.29
C GLY Q 254 42.25 -46.63 29.94
N ALA Q 255 42.62 -47.72 30.59
CA ALA Q 255 41.63 -48.58 31.23
C ALA Q 255 41.09 -47.93 32.49
N ALA Q 256 39.86 -48.32 32.85
CA ALA Q 256 39.19 -47.83 34.03
C ALA Q 256 39.13 -48.95 35.06
N THR Q 257 39.49 -48.64 36.31
CA THR Q 257 39.49 -49.61 37.40
C THR Q 257 38.33 -49.31 38.32
N PHE Q 258 37.60 -50.35 38.70
CA PHE Q 258 36.44 -50.24 39.56
C PHE Q 258 36.74 -50.87 40.92
N GLY Q 259 36.26 -50.22 41.98
CA GLY Q 259 36.48 -50.71 43.33
C GLY Q 259 35.34 -50.31 44.24
N GLY Q 260 35.37 -50.86 45.45
CA GLY Q 260 34.35 -50.62 46.44
C GLY Q 260 33.42 -51.80 46.59
N ALA Q 261 32.63 -51.74 47.67
CA ALA Q 261 31.68 -52.81 47.96
C ALA Q 261 30.62 -52.91 46.87
N LEU Q 262 30.13 -51.77 46.38
CA LEU Q 262 29.13 -51.80 45.32
C LEU Q 262 29.69 -52.41 44.04
N ALA Q 263 30.96 -52.09 43.72
CA ALA Q 263 31.58 -52.67 42.54
C ALA Q 263 31.68 -54.19 42.65
N GLY Q 264 32.06 -54.69 43.82
CA GLY Q 264 32.08 -56.13 44.03
C GLY Q 264 30.69 -56.74 43.97
N GLU Q 265 29.70 -56.00 44.46
CA GLU Q 265 28.32 -56.47 44.36
C GLU Q 265 27.88 -56.59 42.91
N LEU Q 266 28.26 -55.63 42.08
CA LEU Q 266 28.01 -55.67 40.65
C LEU Q 266 29.16 -56.42 39.97
N GLY Q 267 29.21 -56.32 38.64
CA GLY Q 267 30.32 -56.89 37.88
C GLY Q 267 31.25 -55.78 37.40
N ILE Q 268 32.55 -56.04 37.52
CA ILE Q 268 33.53 -55.05 37.11
C ILE Q 268 33.47 -54.84 35.60
N GLY Q 269 33.42 -55.94 34.84
CA GLY Q 269 33.34 -55.85 33.39
C GLY Q 269 34.68 -55.62 32.73
N ALA Q 270 34.75 -55.88 31.43
CA ALA Q 270 35.98 -55.66 30.67
C ALA Q 270 35.89 -54.37 29.87
N ALA Q 271 37.05 -53.89 29.43
CA ALA Q 271 37.14 -52.68 28.63
C ALA Q 271 36.90 -53.04 27.17
N GLN Q 272 35.70 -52.77 26.68
CA GLN Q 272 35.31 -53.09 25.31
C GLN Q 272 35.22 -51.80 24.51
N ASP Q 273 35.97 -51.72 23.41
CA ASP Q 273 35.98 -50.53 22.58
C ASP Q 273 34.79 -50.54 21.63
N VAL Q 274 34.06 -49.43 21.61
CA VAL Q 274 32.89 -49.28 20.74
C VAL Q 274 32.98 -47.93 20.04
N THR Q 275 32.55 -47.90 18.78
CA THR Q 275 32.55 -46.69 17.97
C THR Q 275 31.19 -46.55 17.29
N VAL Q 276 31.03 -45.48 16.52
CA VAL Q 276 29.76 -45.23 15.84
C VAL Q 276 29.51 -46.30 14.77
N ASP Q 277 30.56 -46.77 14.11
CA ASP Q 277 30.39 -47.81 13.10
C ASP Q 277 29.84 -49.09 13.73
N THR Q 278 30.37 -49.48 14.89
CA THR Q 278 29.88 -50.64 15.62
C THR Q 278 28.63 -50.33 16.44
N LEU Q 279 28.19 -49.07 16.45
CA LEU Q 279 27.02 -48.67 17.21
C LEU Q 279 25.76 -49.21 16.54
N ASP Q 280 24.98 -49.97 17.29
CA ASP Q 280 23.70 -50.45 16.82
C ASP Q 280 22.69 -50.41 17.96
N VAL Q 281 21.42 -50.23 17.61
CA VAL Q 281 20.32 -50.20 18.56
C VAL Q 281 19.29 -51.22 18.07
N THR Q 282 19.34 -52.43 18.61
CA THR Q 282 18.30 -53.42 18.41
C THR Q 282 17.56 -53.76 19.69
N THR Q 283 18.15 -53.51 20.85
CA THR Q 283 17.52 -53.67 22.15
C THR Q 283 17.62 -52.35 22.89
N VAL Q 284 16.82 -52.22 23.95
CA VAL Q 284 16.78 -50.97 24.71
C VAL Q 284 18.16 -50.67 25.30
N GLY Q 285 18.88 -51.71 25.73
CA GLY Q 285 20.22 -51.51 26.24
C GLY Q 285 21.18 -50.94 25.21
N GLY Q 286 21.10 -51.43 23.97
CA GLY Q 286 21.94 -50.86 22.92
C GLY Q 286 21.65 -49.40 22.68
N ALA Q 287 20.39 -48.99 22.87
CA ALA Q 287 20.03 -47.59 22.71
C ALA Q 287 20.72 -46.71 23.75
N GLN Q 288 20.79 -47.18 25.00
CA GLN Q 288 21.44 -46.39 26.03
C GLN Q 288 22.92 -46.22 25.74
N GLU Q 289 23.58 -47.27 25.26
CA GLU Q 289 24.95 -47.14 24.80
C GLU Q 289 25.03 -46.25 23.56
N SER Q 290 23.99 -46.28 22.73
CA SER Q 290 24.01 -45.53 21.47
C SER Q 290 24.09 -44.04 21.74
N VAL Q 291 23.21 -43.51 22.58
CA VAL Q 291 23.20 -42.07 22.84
C VAL Q 291 24.48 -41.63 23.54
N ALA Q 292 25.02 -42.49 24.42
CA ALA Q 292 26.28 -42.16 25.07
C ALA Q 292 27.42 -42.07 24.07
N ILE Q 293 27.46 -43.00 23.10
CA ILE Q 293 28.52 -42.98 22.10
C ILE Q 293 28.41 -41.73 21.24
N VAL Q 294 27.19 -41.37 20.83
CA VAL Q 294 27.01 -40.23 19.95
C VAL Q 294 27.46 -38.93 20.60
N ASP Q 295 27.23 -38.79 21.91
CA ASP Q 295 27.67 -37.59 22.61
C ASP Q 295 29.19 -37.43 22.53
N ALA Q 296 29.92 -38.54 22.67
CA ALA Q 296 31.37 -38.48 22.50
C ALA Q 296 31.73 -38.08 21.07
N ALA Q 297 31.00 -38.61 20.09
CA ALA Q 297 31.25 -38.24 18.70
C ALA Q 297 30.99 -36.77 18.46
N LEU Q 298 29.88 -36.25 18.99
CA LEU Q 298 29.54 -34.85 18.80
C LEU Q 298 30.57 -33.95 19.46
N LYS Q 299 31.02 -34.30 20.66
CA LYS Q 299 32.02 -33.51 21.36
C LYS Q 299 33.33 -33.47 20.57
N TYR Q 300 33.75 -34.62 20.03
CA TYR Q 300 34.95 -34.65 19.21
C TYR Q 300 34.77 -33.86 17.93
N VAL Q 301 33.60 -33.96 17.30
CA VAL Q 301 33.32 -33.22 16.08
C VAL Q 301 33.36 -31.72 16.34
N ASP Q 302 32.70 -31.28 17.42
CA ASP Q 302 32.69 -29.85 17.74
C ASP Q 302 34.09 -29.36 18.08
N SER Q 303 34.88 -30.16 18.79
CA SER Q 303 36.23 -29.75 19.16
C SER Q 303 37.08 -29.52 17.92
N HIS Q 304 36.97 -30.38 16.92
CA HIS Q 304 37.73 -30.17 15.69
C HIS Q 304 37.13 -29.06 14.85
N ARG Q 305 35.82 -28.81 14.97
CA ARG Q 305 35.25 -27.64 14.31
C ARG Q 305 35.84 -26.36 14.89
N ALA Q 306 36.01 -26.31 16.21
CA ALA Q 306 36.62 -25.14 16.83
C ALA Q 306 38.06 -24.97 16.40
N GLU Q 307 38.80 -26.07 16.25
CA GLU Q 307 40.18 -25.98 15.78
C GLU Q 307 40.24 -25.41 14.38
N LEU Q 308 39.36 -25.86 13.49
CA LEU Q 308 39.31 -25.31 12.14
C LEU Q 308 38.87 -23.85 12.17
N GLY Q 309 37.98 -23.49 13.10
CA GLY Q 309 37.58 -22.11 13.23
C GLY Q 309 38.69 -21.21 13.75
N ALA Q 310 39.47 -21.71 14.72
CA ALA Q 310 40.60 -20.94 15.21
C ALA Q 310 41.66 -20.76 14.13
N PHE Q 311 41.94 -21.83 13.38
CA PHE Q 311 42.83 -21.71 12.23
C PHE Q 311 42.22 -20.78 11.18
N GLN Q 312 40.90 -20.79 11.05
CA GLN Q 312 40.22 -19.84 10.18
C GLN Q 312 40.44 -18.41 10.64
N ASN Q 313 40.39 -18.17 11.94
CA ASN Q 313 40.59 -16.84 12.51
C ASN Q 313 42.05 -16.44 12.60
N ARG Q 314 42.98 -17.34 12.28
CA ARG Q 314 44.38 -16.96 12.18
C ARG Q 314 44.68 -16.35 10.82
N PHE Q 315 44.12 -16.93 9.76
CA PHE Q 315 44.48 -16.50 8.42
C PHE Q 315 43.79 -15.19 8.03
N ASN Q 316 42.57 -14.95 8.51
CA ASN Q 316 41.92 -13.69 8.19
C ASN Q 316 42.65 -12.51 8.81
N HIS Q 317 43.18 -12.69 10.03
CA HIS Q 317 44.07 -11.68 10.59
C HIS Q 317 45.36 -11.58 9.79
N ALA Q 318 45.89 -12.72 9.33
CA ALA Q 318 47.11 -12.69 8.54
C ALA Q 318 46.90 -12.00 7.20
N ILE Q 319 45.66 -11.98 6.70
CA ILE Q 319 45.38 -11.35 5.41
C ILE Q 319 45.60 -9.84 5.51
N ASN Q 320 44.93 -9.19 6.46
CA ASN Q 320 45.10 -7.76 6.63
C ASN Q 320 46.49 -7.41 7.15
N ASN Q 321 47.14 -8.31 7.88
CA ASN Q 321 48.52 -8.07 8.29
C ASN Q 321 49.43 -8.02 7.08
N LEU Q 322 49.29 -8.98 6.17
CA LEU Q 322 50.11 -8.97 4.96
C LEU Q 322 49.73 -7.82 4.04
N ASP Q 323 48.45 -7.45 4.01
CA ASP Q 323 48.02 -6.32 3.19
C ASP Q 323 48.64 -5.02 3.70
N ASN Q 324 48.64 -4.83 5.03
CA ASN Q 324 49.24 -3.62 5.60
C ASN Q 324 50.72 -3.53 5.27
N ILE Q 325 51.44 -4.65 5.40
CA ILE Q 325 52.87 -4.65 5.10
C ILE Q 325 53.10 -4.46 3.61
N ASN Q 326 52.33 -5.18 2.79
CA ASN Q 326 52.51 -5.09 1.34
C ASN Q 326 52.25 -3.69 0.83
N GLU Q 327 51.20 -3.04 1.34
CA GLU Q 327 50.90 -1.68 0.93
C GLU Q 327 52.03 -0.72 1.30
N ASN Q 328 52.57 -0.86 2.51
CA ASN Q 328 53.67 -0.01 2.92
C ASN Q 328 54.96 -0.36 2.18
N VAL Q 329 55.11 -1.62 1.77
CA VAL Q 329 56.23 -2.00 0.90
C VAL Q 329 56.11 -1.30 -0.44
N ASN Q 330 54.89 -1.26 -1.00
CA ASN Q 330 54.68 -0.57 -2.27
C ASN Q 330 54.93 0.93 -2.14
N ALA Q 331 54.51 1.52 -1.01
CA ALA Q 331 54.85 2.91 -0.75
C ALA Q 331 56.35 3.09 -0.63
N SER Q 332 57.02 2.13 0.01
CA SER Q 332 58.47 2.17 0.12
C SER Q 332 59.15 1.98 -1.23
N LYS Q 333 58.53 1.22 -2.13
CA LYS Q 333 59.06 1.00 -3.48
C LYS Q 333 58.67 2.15 -4.41
N SER Q 334 58.91 3.37 -3.94
CA SER Q 334 58.68 4.59 -4.70
C SER Q 334 59.54 5.66 -4.05
N ARG Q 335 59.98 6.62 -4.87
CA ARG Q 335 60.95 7.65 -4.49
C ARG Q 335 62.32 7.01 -4.25
N ILE Q 336 62.38 5.69 -4.34
CA ILE Q 336 63.63 4.95 -4.46
C ILE Q 336 63.79 4.35 -5.84
N LYS Q 337 62.68 3.92 -6.44
CA LYS Q 337 62.64 3.40 -7.80
C LYS Q 337 61.70 4.18 -8.70
N ASP Q 338 60.54 4.57 -8.18
CA ASP Q 338 59.50 5.16 -9.02
C ASP Q 338 59.73 6.67 -9.09
N THR Q 339 59.84 7.19 -10.30
CA THR Q 339 60.18 8.59 -10.53
C THR Q 339 59.01 9.51 -10.23
N ASP Q 340 59.32 10.77 -9.97
CA ASP Q 340 58.30 11.79 -9.82
C ASP Q 340 58.33 12.70 -11.04
N PHE Q 341 57.16 12.90 -11.66
CA PHE Q 341 57.09 13.67 -12.89
C PHE Q 341 57.29 15.15 -12.67
N ALA Q 342 57.15 15.63 -11.43
CA ALA Q 342 57.35 17.04 -11.14
C ALA Q 342 58.79 17.46 -11.43
N LYS Q 343 59.75 16.90 -10.70
CA LYS Q 343 61.13 17.32 -10.86
C LYS Q 343 61.77 16.71 -12.09
N GLU Q 344 61.22 15.60 -12.60
CA GLU Q 344 61.79 14.97 -13.78
C GLU Q 344 61.53 15.81 -15.02
N THR Q 345 60.29 16.30 -15.16
CA THR Q 345 59.95 17.10 -16.33
C THR Q 345 60.69 18.42 -16.34
N THR Q 346 60.79 19.09 -15.18
CA THR Q 346 61.49 20.36 -15.11
C THR Q 346 62.96 20.20 -15.45
N ALA Q 347 63.58 19.12 -14.97
CA ALA Q 347 64.97 18.85 -15.35
C ALA Q 347 65.07 18.56 -16.84
N LEU Q 348 64.05 17.93 -17.43
CA LEU Q 348 64.05 17.71 -18.87
C LEU Q 348 63.98 19.04 -19.62
N THR Q 349 63.08 19.93 -19.19
CA THR Q 349 62.95 21.22 -19.85
C THR Q 349 64.22 22.04 -19.72
N LYS Q 350 64.84 22.03 -18.55
CA LYS Q 350 66.12 22.71 -18.37
C LYS Q 350 67.17 22.10 -19.28
N ALA Q 351 67.16 20.77 -19.43
CA ALA Q 351 68.11 20.12 -20.33
C ALA Q 351 67.85 20.50 -21.78
N GLN Q 352 66.58 20.58 -22.18
CA GLN Q 352 66.26 20.96 -23.55
C GLN Q 352 66.73 22.38 -23.85
N ILE Q 353 66.49 23.30 -22.92
CA ILE Q 353 66.95 24.68 -23.11
C ILE Q 353 68.46 24.73 -23.14
N LEU Q 354 69.12 23.92 -22.30
CA LEU Q 354 70.58 23.87 -22.30
C LEU Q 354 71.12 23.42 -23.65
N SER Q 355 70.54 22.36 -24.21
CA SER Q 355 71.00 21.88 -25.51
C SER Q 355 70.71 22.90 -26.61
N GLN Q 356 69.53 23.52 -26.58
CA GLN Q 356 69.19 24.52 -27.59
C GLN Q 356 70.09 25.74 -27.47
N ALA Q 357 70.37 26.17 -26.24
CA ALA Q 357 71.25 27.32 -26.05
C ALA Q 357 72.67 27.01 -26.51
N SER Q 358 73.22 25.88 -26.06
CA SER Q 358 74.60 25.54 -26.39
C SER Q 358 74.77 25.36 -27.89
N SER Q 359 73.78 24.77 -28.56
CA SER Q 359 73.85 24.63 -30.01
C SER Q 359 73.86 25.98 -30.70
N SER Q 360 73.13 26.96 -30.15
CA SER Q 360 73.15 28.29 -30.73
C SER Q 360 74.52 28.94 -30.56
N VAL Q 361 75.21 28.66 -29.45
CA VAL Q 361 76.56 29.17 -29.27
C VAL Q 361 77.49 28.62 -30.33
N LEU Q 362 77.25 27.39 -30.80
CA LEU Q 362 78.04 26.85 -31.89
C LEU Q 362 77.93 27.74 -33.13
N ALA Q 363 76.72 28.20 -33.45
CA ALA Q 363 76.53 29.05 -34.61
C ALA Q 363 77.33 30.35 -34.48
N GLN Q 364 77.31 30.97 -33.30
CA GLN Q 364 78.10 32.17 -33.10
C GLN Q 364 79.60 31.90 -33.05
N ALA Q 365 80.00 30.65 -32.87
CA ALA Q 365 81.41 30.28 -32.86
C ALA Q 365 81.95 29.91 -34.23
N LYS Q 366 81.08 29.62 -35.19
CA LYS Q 366 81.56 29.30 -36.53
C LYS Q 366 82.07 30.53 -37.26
N GLN Q 367 81.55 31.71 -36.92
CA GLN Q 367 81.93 32.94 -37.59
C GLN Q 367 83.26 33.50 -37.09
N ALA Q 368 83.76 33.02 -35.96
CA ALA Q 368 85.06 33.48 -35.48
C ALA Q 368 86.19 33.18 -36.46
N PRO Q 369 86.31 31.98 -37.03
CA PRO Q 369 87.31 31.79 -38.09
C PRO Q 369 87.07 32.68 -39.30
N ASN Q 370 85.82 32.99 -39.63
CA ASN Q 370 85.54 33.86 -40.77
C ASN Q 370 86.13 35.25 -40.56
N SER Q 371 85.96 35.80 -39.36
CA SER Q 371 86.62 37.06 -39.03
C SER Q 371 88.14 36.89 -38.96
N ALA Q 372 88.61 35.68 -38.61
CA ALA Q 372 90.04 35.43 -38.56
C ALA Q 372 90.66 35.38 -39.95
N LEU Q 373 89.86 35.37 -41.01
CA LEU Q 373 90.38 35.40 -42.37
C LEU Q 373 90.01 36.67 -43.11
N ALA Q 374 88.98 37.38 -42.66
CA ALA Q 374 88.47 38.53 -43.40
C ALA Q 374 89.48 39.68 -43.44
N LEU Q 375 90.41 39.75 -42.50
CA LEU Q 375 91.37 40.85 -42.49
C LEU Q 375 92.31 40.80 -43.68
N LEU Q 376 92.62 39.60 -44.18
CA LEU Q 376 93.48 39.43 -45.33
C LEU Q 376 92.65 38.84 -46.47
N GLY Q 377 92.65 39.53 -47.61
CA GLY Q 377 91.87 39.10 -48.76
C GLY Q 377 92.25 37.72 -49.28
N MET R 1 50.57 34.84 -68.87
CA MET R 1 49.38 35.51 -68.37
C MET R 1 49.55 37.00 -68.60
N ALA R 2 48.89 37.79 -67.77
CA ALA R 2 49.24 39.19 -67.56
C ALA R 2 49.65 39.31 -66.09
N VAL R 3 50.92 39.00 -65.83
CA VAL R 3 51.42 38.98 -64.46
C VAL R 3 51.61 40.42 -63.98
N ASN R 4 50.62 40.94 -63.27
CA ASN R 4 50.58 42.34 -62.91
C ASN R 4 50.12 42.47 -61.46
N VAL R 5 49.90 43.72 -61.05
CA VAL R 5 49.48 44.02 -59.68
C VAL R 5 48.19 44.81 -59.70
N ASN R 6 47.97 45.58 -60.78
CA ASN R 6 46.80 46.45 -60.84
C ASN R 6 45.49 45.66 -60.80
N THR R 7 45.43 44.54 -61.51
CA THR R 7 44.24 43.72 -61.53
C THR R 7 44.53 42.36 -60.92
N ASN R 8 43.50 41.77 -60.31
CA ASN R 8 43.60 40.44 -59.70
C ASN R 8 42.30 39.70 -60.01
N VAL R 9 42.28 38.98 -61.13
CA VAL R 9 41.09 38.21 -61.48
C VAL R 9 40.92 37.03 -60.52
N SER R 10 42.02 36.49 -60.02
CA SER R 10 41.93 35.41 -59.03
C SER R 10 41.31 35.91 -57.74
N ALA R 11 41.72 37.09 -57.28
CA ALA R 11 41.11 37.66 -56.09
C ALA R 11 39.66 38.05 -56.35
N MET R 12 39.38 38.57 -57.54
CA MET R 12 38.02 39.01 -57.86
C MET R 12 37.04 37.85 -57.84
N THR R 13 37.42 36.72 -58.44
CA THR R 13 36.54 35.55 -58.42
C THR R 13 36.46 34.93 -57.04
N ALA R 14 37.52 35.06 -56.23
CA ALA R 14 37.48 34.54 -54.88
C ALA R 14 36.51 35.32 -54.02
N GLN R 15 36.49 36.65 -54.17
CA GLN R 15 35.51 37.46 -53.44
C GLN R 15 34.10 37.20 -53.95
N ARG R 16 33.96 36.98 -55.26
CA ARG R 16 32.63 36.71 -55.82
C ARG R 16 32.04 35.43 -55.26
N TYR R 17 32.84 34.37 -55.18
CA TYR R 17 32.34 33.13 -54.59
C TYR R 17 32.25 33.22 -53.08
N LEU R 18 33.05 34.09 -52.45
CA LEU R 18 32.88 34.38 -51.04
C LEU R 18 31.51 35.01 -50.79
N THR R 19 31.13 35.97 -51.62
CA THR R 19 29.83 36.63 -51.48
C THR R 19 28.69 35.63 -51.67
N SER R 20 28.82 34.77 -52.68
CA SER R 20 27.80 33.76 -52.91
C SER R 20 27.69 32.80 -51.73
N ALA R 21 28.81 32.49 -51.09
CA ALA R 21 28.80 31.57 -49.96
C ALA R 21 28.19 32.23 -48.73
N THR R 22 28.59 33.46 -48.43
CA THR R 22 28.10 34.13 -47.23
C THR R 22 26.67 34.64 -47.39
N ASN R 23 26.18 34.79 -48.61
CA ASN R 23 24.78 35.16 -48.80
C ASN R 23 23.85 33.99 -48.51
N ALA R 24 24.22 32.78 -48.95
CA ALA R 24 23.47 31.59 -48.62
C ALA R 24 23.61 31.21 -47.15
N GLN R 25 24.79 31.43 -46.59
CA GLN R 25 24.97 31.25 -45.15
C GLN R 25 24.18 32.28 -44.37
N GLN R 26 24.10 33.51 -44.90
CA GLN R 26 23.29 34.55 -44.26
C GLN R 26 21.81 34.21 -44.33
N SER R 27 21.35 33.65 -45.45
CA SER R 27 19.97 33.19 -45.54
C SER R 27 19.69 32.06 -44.57
N SER R 28 20.71 31.28 -44.21
CA SER R 28 20.62 30.34 -43.10
C SER R 28 20.81 31.13 -41.81
N MET R 29 20.91 30.44 -40.68
CA MET R 29 21.03 31.02 -39.34
C MET R 29 19.87 31.94 -38.98
N GLU R 30 18.82 31.98 -39.80
CA GLU R 30 17.58 32.64 -39.42
C GLU R 30 16.44 31.66 -39.59
N ARG R 31 16.56 30.78 -40.59
CA ARG R 31 15.66 29.63 -40.65
C ARG R 31 15.90 28.69 -39.48
N LEU R 32 17.11 28.71 -38.92
CA LEU R 32 17.37 27.97 -37.68
C LEU R 32 16.71 28.67 -36.50
N SER R 33 16.87 29.99 -36.41
CA SER R 33 16.36 30.72 -35.25
C SER R 33 14.85 30.78 -35.25
N SER R 34 14.25 31.15 -36.38
CA SER R 34 12.80 31.27 -36.44
C SER R 34 12.11 29.91 -36.46
N GLY R 35 12.77 28.89 -36.98
CA GLY R 35 12.13 27.61 -37.18
C GLY R 35 11.26 27.53 -38.41
N TYR R 36 11.21 28.58 -39.21
CA TYR R 36 10.46 28.61 -40.46
C TYR R 36 11.42 28.75 -41.62
N LYS R 37 11.25 27.92 -42.65
CA LYS R 37 11.99 28.13 -43.88
C LYS R 37 11.34 29.16 -44.78
N ILE R 38 10.15 29.65 -44.42
CA ILE R 38 9.46 30.68 -45.18
C ILE R 38 9.20 31.83 -44.21
N ASN R 39 9.98 32.90 -44.33
CA ASN R 39 9.78 34.11 -43.55
C ASN R 39 9.65 35.36 -44.40
N SER R 40 10.12 35.33 -45.65
CA SER R 40 9.95 36.43 -46.58
C SER R 40 9.53 35.85 -47.92
N ALA R 41 8.84 36.66 -48.72
CA ALA R 41 8.41 36.21 -50.04
C ALA R 41 9.57 35.93 -50.98
N LYS R 42 10.78 36.37 -50.62
CA LYS R 42 11.95 36.07 -51.44
C LYS R 42 12.20 34.57 -51.51
N ASP R 43 12.03 33.86 -50.39
CA ASP R 43 12.31 32.43 -50.36
C ASP R 43 11.36 31.65 -51.25
N ASP R 44 10.06 31.87 -51.10
CA ASP R 44 9.06 31.19 -51.93
C ASP R 44 7.80 32.04 -51.94
N ALA R 45 7.59 32.77 -53.03
CA ALA R 45 6.40 33.60 -53.15
C ALA R 45 5.13 32.75 -53.22
N ALA R 46 5.15 31.70 -54.05
CA ALA R 46 3.97 30.84 -54.17
C ALA R 46 3.67 30.13 -52.87
N GLY R 47 4.71 29.63 -52.18
CA GLY R 47 4.50 28.95 -50.92
C GLY R 47 4.04 29.86 -49.80
N LEU R 48 4.34 31.16 -49.89
CA LEU R 48 3.91 32.08 -48.85
C LEU R 48 2.40 32.21 -48.81
N GLN R 49 1.75 32.30 -49.98
CA GLN R 49 0.31 32.47 -50.01
C GLN R 49 -0.42 31.29 -49.40
N ILE R 50 -0.06 30.07 -49.80
CA ILE R 50 -0.73 28.90 -49.30
C ILE R 50 -0.43 28.68 -47.83
N SER R 51 0.80 28.98 -47.41
CA SER R 51 1.16 28.83 -46.00
C SER R 51 0.35 29.76 -45.12
N ASN R 52 0.17 31.01 -45.56
CA ASN R 52 -0.66 31.94 -44.80
C ASN R 52 -2.12 31.53 -44.83
N ARG R 53 -2.61 31.09 -45.99
CA ARG R 53 -4.00 30.65 -46.08
C ARG R 53 -4.25 29.46 -45.16
N LEU R 54 -3.29 28.53 -45.09
CA LEU R 54 -3.39 27.45 -44.13
C LEU R 54 -3.34 27.97 -42.70
N ASN R 55 -2.50 28.98 -42.46
CA ASN R 55 -2.35 29.52 -41.11
C ASN R 55 -3.64 30.15 -40.61
N VAL R 56 -4.30 30.95 -41.45
CA VAL R 56 -5.55 31.57 -41.03
C VAL R 56 -6.62 30.53 -40.80
N GLN R 57 -6.59 29.43 -41.55
CA GLN R 57 -7.54 28.35 -41.31
C GLN R 57 -7.28 27.67 -39.97
N SER R 58 -6.01 27.46 -39.63
CA SER R 58 -5.68 26.82 -38.37
C SER R 58 -6.13 27.68 -37.19
N ARG R 59 -5.87 28.98 -37.24
CA ARG R 59 -6.34 29.87 -36.18
C ARG R 59 -7.86 29.94 -36.17
N GLY R 60 -8.49 29.96 -37.35
CA GLY R 60 -9.94 29.95 -37.41
C GLY R 60 -10.54 28.71 -36.78
N LEU R 61 -9.91 27.57 -37.00
CA LEU R 61 -10.36 26.34 -36.34
C LEU R 61 -10.12 26.43 -34.83
N GLY R 62 -9.07 27.14 -34.43
CA GLY R 62 -8.81 27.30 -33.00
C GLY R 62 -9.94 28.01 -32.28
N VAL R 63 -10.48 29.06 -32.90
CA VAL R 63 -11.63 29.74 -32.30
C VAL R 63 -12.93 29.03 -32.65
N ALA R 64 -12.91 28.13 -33.62
CA ALA R 64 -14.13 27.41 -33.98
C ALA R 64 -14.48 26.37 -32.93
N VAL R 65 -13.48 25.64 -32.42
CA VAL R 65 -13.74 24.68 -31.37
C VAL R 65 -14.17 25.39 -30.08
N ARG R 66 -13.58 26.55 -29.81
CA ARG R 66 -14.07 27.39 -28.73
C ARG R 66 -15.50 27.84 -29.00
N ASN R 67 -15.79 28.15 -30.27
CA ASN R 67 -17.10 28.67 -30.64
C ASN R 67 -18.19 27.66 -30.37
N ALA R 68 -18.00 26.41 -30.83
CA ALA R 68 -19.03 25.41 -30.63
C ALA R 68 -19.07 24.92 -29.18
N ASN R 69 -17.94 25.02 -28.46
CA ASN R 69 -17.96 24.72 -27.04
C ASN R 69 -18.86 25.70 -26.29
N ASP R 70 -18.80 26.98 -26.67
CA ASP R 70 -19.72 27.96 -26.10
C ASP R 70 -21.16 27.64 -26.47
N GLY R 71 -21.37 27.15 -27.69
CA GLY R 71 -22.72 26.73 -28.07
C GLY R 71 -23.23 25.58 -27.21
N ILE R 72 -22.35 24.63 -26.88
CA ILE R 72 -22.73 23.53 -26.01
C ILE R 72 -23.01 24.04 -24.59
N SER R 73 -22.31 25.10 -24.19
CA SER R 73 -22.40 25.56 -22.80
C SER R 73 -23.82 26.01 -22.46
N MET R 74 -24.48 26.78 -23.32
CA MET R 74 -25.88 27.09 -23.07
C MET R 74 -26.78 25.91 -23.39
N ALA R 75 -26.35 25.03 -24.28
CA ALA R 75 -27.13 23.83 -24.56
C ALA R 75 -27.27 22.97 -23.31
N GLN R 76 -26.32 23.07 -22.39
CA GLN R 76 -26.41 22.30 -21.15
C GLN R 76 -26.95 23.11 -19.98
N THR R 77 -26.68 24.42 -19.92
CA THR R 77 -27.23 25.20 -18.81
C THR R 77 -28.72 25.48 -18.99
N ALA R 78 -29.18 25.64 -20.23
CA ALA R 78 -30.62 25.64 -20.47
C ALA R 78 -31.21 24.27 -20.15
N GLU R 79 -30.46 23.21 -20.42
CA GLU R 79 -30.86 21.88 -19.99
C GLU R 79 -30.90 21.77 -18.47
N GLY R 80 -30.11 22.58 -17.77
CA GLY R 80 -30.13 22.55 -16.32
C GLY R 80 -31.48 22.93 -15.76
N ALA R 81 -32.08 23.99 -16.30
CA ALA R 81 -33.43 24.35 -15.90
C ALA R 81 -34.46 23.42 -16.53
N MET R 82 -34.09 22.75 -17.61
CA MET R 82 -35.00 21.80 -18.24
C MET R 82 -35.35 20.66 -17.29
N LYS R 83 -34.33 20.05 -16.67
CA LYS R 83 -34.59 18.91 -15.80
C LYS R 83 -35.36 19.31 -14.55
N GLU R 84 -35.22 20.57 -14.14
CA GLU R 84 -35.96 21.01 -12.96
C GLU R 84 -37.39 21.39 -13.31
N THR R 85 -37.61 21.94 -14.51
CA THR R 85 -38.97 22.31 -14.91
C THR R 85 -39.85 21.08 -15.00
N THR R 86 -39.34 20.00 -15.59
CA THR R 86 -40.12 18.76 -15.62
C THR R 86 -40.27 18.16 -14.23
N ASN R 87 -39.31 18.41 -13.34
CA ASN R 87 -39.46 17.95 -11.96
C ASN R 87 -40.62 18.68 -11.27
N ILE R 88 -40.74 19.98 -11.53
CA ILE R 88 -41.87 20.74 -11.00
C ILE R 88 -43.17 20.24 -11.60
N LEU R 89 -43.18 20.04 -12.92
CA LEU R 89 -44.41 19.60 -13.59
C LEU R 89 -44.86 18.24 -13.09
N GLN R 90 -43.92 17.32 -12.89
CA GLN R 90 -44.29 15.99 -12.38
C GLN R 90 -44.88 16.09 -10.99
N ARG R 91 -44.32 16.97 -10.15
CA ARG R 91 -44.88 17.16 -8.81
C ARG R 91 -46.30 17.72 -8.88
N MET R 92 -46.53 18.68 -9.77
CA MET R 92 -47.87 19.23 -9.92
C MET R 92 -48.85 18.17 -10.40
N ARG R 93 -48.45 17.39 -11.40
CA ARG R 93 -49.35 16.40 -11.99
C ARG R 93 -49.71 15.31 -10.98
N ASP R 94 -48.73 14.87 -10.20
CA ASP R 94 -49.00 13.82 -9.21
C ASP R 94 -49.98 14.28 -8.14
N LEU R 95 -49.80 15.51 -7.65
CA LEU R 95 -50.66 15.98 -6.58
C LEU R 95 -52.02 16.47 -7.07
N SER R 96 -52.12 16.87 -8.34
CA SER R 96 -53.44 17.20 -8.90
C SER R 96 -54.29 15.94 -9.00
N LEU R 97 -53.67 14.80 -9.29
CA LEU R 97 -54.37 13.52 -9.25
C LEU R 97 -54.88 13.25 -7.84
N GLN R 98 -54.10 13.62 -6.83
CA GLN R 98 -54.53 13.48 -5.45
C GLN R 98 -55.75 14.35 -5.16
N SER R 99 -55.96 15.40 -5.94
CA SER R 99 -57.08 16.30 -5.77
C SER R 99 -58.28 15.93 -6.64
N ALA R 100 -58.20 14.83 -7.40
CA ALA R 100 -59.25 14.44 -8.31
C ALA R 100 -60.26 13.49 -7.69
N ASN R 101 -60.14 13.21 -6.41
CA ASN R 101 -61.01 12.25 -5.75
C ASN R 101 -62.10 12.96 -4.94
N GLY R 102 -62.92 12.16 -4.28
CA GLY R 102 -63.96 12.70 -3.42
C GLY R 102 -63.57 12.68 -1.96
N SER R 103 -62.41 12.10 -1.66
CA SER R 103 -61.97 12.00 -0.27
C SER R 103 -61.70 13.37 0.32
N ASN R 104 -61.08 14.25 -0.45
CA ASN R 104 -60.79 15.59 0.05
C ASN R 104 -62.07 16.40 0.14
N SER R 105 -62.22 17.14 1.24
CA SER R 105 -63.25 18.16 1.33
C SER R 105 -62.74 19.42 0.63
N LYS R 106 -63.55 20.48 0.63
CA LYS R 106 -63.14 21.71 -0.06
C LYS R 106 -61.90 22.32 0.59
N ALA R 107 -61.73 22.16 1.91
CA ALA R 107 -60.57 22.74 2.57
C ALA R 107 -59.27 22.10 2.08
N ASP R 108 -59.27 20.78 1.90
CA ASP R 108 -58.06 20.11 1.45
C ASP R 108 -57.66 20.55 0.05
N ARG R 109 -58.64 20.72 -0.84
CA ARG R 109 -58.33 21.19 -2.19
C ARG R 109 -57.76 22.60 -2.17
N VAL R 110 -58.18 23.43 -1.22
CA VAL R 110 -57.61 24.77 -1.09
C VAL R 110 -56.13 24.68 -0.75
N ALA R 111 -55.77 23.78 0.16
CA ALA R 111 -54.36 23.59 0.49
C ALA R 111 -53.59 23.06 -0.71
N ILE R 112 -54.20 22.17 -1.49
CA ILE R 112 -53.56 21.67 -2.70
C ILE R 112 -53.33 22.80 -3.69
N GLN R 113 -54.32 23.66 -3.87
CA GLN R 113 -54.15 24.81 -4.76
C GLN R 113 -53.05 25.74 -4.28
N GLU R 114 -52.83 25.80 -2.96
CA GLU R 114 -51.75 26.63 -2.44
C GLU R 114 -50.39 26.11 -2.89
N GLU R 115 -50.22 24.78 -2.90
CA GLU R 115 -48.97 24.21 -3.39
C GLU R 115 -48.83 24.41 -4.90
N ILE R 116 -49.92 24.26 -5.63
CA ILE R 116 -49.87 24.44 -7.09
C ILE R 116 -49.49 25.87 -7.45
N THR R 117 -50.13 26.85 -6.80
CA THR R 117 -49.81 28.24 -7.11
C THR R 117 -48.41 28.60 -6.63
N ALA R 118 -47.89 27.88 -5.64
CA ALA R 118 -46.50 28.08 -5.24
C ALA R 118 -45.55 27.55 -6.30
N LEU R 119 -45.79 26.33 -6.78
CA LEU R 119 -44.94 25.76 -7.83
C LEU R 119 -45.11 26.51 -9.15
N ASN R 120 -46.28 27.12 -9.36
CA ASN R 120 -46.48 27.93 -10.56
C ASN R 120 -45.53 29.12 -10.57
N ASP R 121 -45.35 29.78 -9.41
CA ASP R 121 -44.40 30.88 -9.33
C ASP R 121 -42.98 30.39 -9.58
N GLU R 122 -42.68 29.15 -9.19
CA GLU R 122 -41.36 28.60 -9.43
C GLU R 122 -41.07 28.43 -10.91
N LEU R 123 -42.05 27.93 -11.66
CA LEU R 123 -41.88 27.79 -13.11
C LEU R 123 -41.68 29.13 -13.78
N ASN R 124 -42.45 30.13 -13.37
CA ASN R 124 -42.28 31.47 -13.91
C ASN R 124 -40.96 32.09 -13.50
N ARG R 125 -40.48 31.80 -12.29
CA ARG R 125 -39.22 32.37 -11.84
C ARG R 125 -38.04 31.74 -12.55
N VAL R 126 -38.04 30.42 -12.69
CA VAL R 126 -36.91 29.74 -13.35
C VAL R 126 -36.83 30.15 -14.81
N ALA R 127 -37.96 30.53 -15.42
CA ALA R 127 -37.94 31.00 -16.80
C ALA R 127 -37.26 32.35 -16.91
N GLU R 128 -37.32 33.17 -15.86
CA GLU R 128 -36.75 34.52 -15.88
C GLU R 128 -35.45 34.63 -15.09
N THR R 129 -34.99 33.55 -14.48
CA THR R 129 -33.77 33.57 -13.67
C THR R 129 -32.55 33.07 -14.40
N THR R 130 -32.67 31.97 -15.15
CA THR R 130 -31.55 31.41 -15.88
C THR R 130 -30.96 32.45 -16.82
N SER R 131 -29.73 32.88 -16.56
CA SER R 131 -29.16 34.05 -17.22
C SER R 131 -27.99 33.71 -18.12
N PHE R 132 -26.99 33.00 -17.62
CA PHE R 132 -25.74 32.75 -18.33
C PHE R 132 -25.07 34.07 -18.72
N GLY R 133 -24.64 34.79 -17.69
CA GLY R 133 -23.91 36.02 -17.89
C GLY R 133 -24.70 37.12 -18.57
N GLY R 134 -25.93 37.36 -18.11
CA GLY R 134 -26.71 38.47 -18.58
C GLY R 134 -27.69 38.15 -19.69
N ASN R 135 -27.63 36.96 -20.28
CA ASN R 135 -28.61 36.56 -21.28
C ASN R 135 -29.88 36.10 -20.58
N LYS R 136 -30.81 35.52 -21.34
CA LYS R 136 -32.04 34.99 -20.78
C LYS R 136 -32.40 33.75 -21.59
N LEU R 137 -32.14 32.56 -21.04
CA LEU R 137 -32.26 31.34 -21.82
C LEU R 137 -33.72 30.98 -22.06
N LEU R 138 -34.56 31.04 -21.03
CA LEU R 138 -35.91 30.53 -21.12
C LEU R 138 -36.98 31.60 -21.04
N ASN R 139 -36.60 32.87 -20.95
CA ASN R 139 -37.59 33.95 -20.89
C ASN R 139 -38.31 34.17 -22.21
N GLY R 140 -37.77 33.65 -23.31
CA GLY R 140 -38.31 33.93 -24.62
C GLY R 140 -37.63 35.07 -25.35
N THR R 141 -36.81 35.86 -24.66
CA THR R 141 -36.02 36.90 -25.31
C THR R 141 -34.86 36.32 -26.11
N PHE R 142 -34.55 35.04 -25.92
CA PHE R 142 -33.48 34.39 -26.67
C PHE R 142 -34.01 34.04 -28.05
N ALA R 143 -33.71 34.89 -29.02
CA ALA R 143 -34.15 34.68 -30.39
C ALA R 143 -33.24 33.68 -31.08
N THR R 144 -33.37 33.55 -32.39
CA THR R 144 -32.53 32.64 -33.17
C THR R 144 -31.09 33.13 -33.14
N LYS R 145 -30.23 32.41 -32.42
CA LYS R 145 -28.82 32.75 -32.32
C LYS R 145 -28.01 31.76 -33.13
N SER R 146 -27.15 32.29 -34.00
CA SER R 146 -26.32 31.47 -34.88
C SER R 146 -24.90 31.39 -34.33
N PHE R 147 -24.36 30.18 -34.28
CA PHE R 147 -23.03 29.93 -33.75
C PHE R 147 -22.07 29.63 -34.89
N GLN R 148 -21.06 30.48 -35.05
CA GLN R 148 -20.09 30.35 -36.14
C GLN R 148 -19.11 29.24 -35.79
N ILE R 149 -19.31 28.06 -36.36
CA ILE R 149 -18.52 26.90 -35.98
C ILE R 149 -17.65 26.45 -37.14
N GLY R 150 -17.22 27.39 -37.97
CA GLY R 150 -16.39 27.06 -39.11
C GLY R 150 -15.19 27.99 -39.22
N ALA R 151 -14.17 27.51 -39.92
CA ALA R 151 -12.98 28.31 -40.14
C ALA R 151 -13.28 29.56 -40.96
N ASP R 152 -14.12 29.43 -41.98
CA ASP R 152 -14.52 30.55 -42.79
C ASP R 152 -15.80 31.17 -42.22
N ASN R 153 -16.46 32.02 -42.99
CA ASN R 153 -17.69 32.67 -42.55
C ASN R 153 -18.90 32.08 -43.26
N GLY R 154 -20.04 32.18 -42.59
CA GLY R 154 -21.31 31.79 -43.14
C GLY R 154 -21.81 30.41 -42.75
N GLU R 155 -20.93 29.54 -42.28
CA GLU R 155 -21.33 28.18 -41.89
C GLU R 155 -21.68 28.11 -40.40
N ALA R 156 -22.57 28.98 -39.97
CA ALA R 156 -23.08 28.96 -38.61
C ALA R 156 -24.27 28.00 -38.50
N VAL R 157 -24.63 27.67 -37.27
CA VAL R 157 -25.75 26.81 -36.97
C VAL R 157 -26.70 27.57 -36.05
N MET R 158 -27.95 27.70 -36.47
CA MET R 158 -28.93 28.47 -35.71
C MET R 158 -29.56 27.59 -34.63
N LEU R 159 -29.63 28.14 -33.42
CA LEU R 159 -30.23 27.47 -32.28
C LEU R 159 -31.31 28.38 -31.70
N ASN R 160 -32.49 27.81 -31.47
CA ASN R 160 -33.61 28.56 -30.91
C ASN R 160 -34.07 27.89 -29.63
N ILE R 161 -34.28 28.70 -28.59
CA ILE R 161 -34.82 28.24 -27.32
C ILE R 161 -36.21 28.84 -27.17
N LYS R 162 -37.22 27.98 -27.16
CA LYS R 162 -38.60 28.44 -27.13
C LYS R 162 -38.94 29.04 -25.77
N ASP R 163 -39.82 30.05 -25.79
CA ASP R 163 -40.25 30.69 -24.56
C ASP R 163 -40.92 29.68 -23.65
N MET R 164 -40.57 29.69 -22.36
CA MET R 164 -40.99 28.65 -21.45
C MET R 164 -41.60 29.21 -20.17
N ARG R 165 -42.27 30.35 -20.26
CA ARG R 165 -43.09 30.80 -19.15
C ARG R 165 -44.26 29.86 -18.97
N SER R 166 -44.73 29.74 -17.72
CA SER R 166 -45.84 28.85 -17.44
C SER R 166 -47.12 29.24 -18.18
N ASP R 167 -47.20 30.48 -18.66
CA ASP R 167 -48.36 30.98 -19.39
C ASP R 167 -48.21 30.83 -20.90
N ASN R 168 -47.18 30.13 -21.37
CA ASN R 168 -46.95 29.99 -22.81
C ASN R 168 -48.14 29.32 -23.49
N ALA R 169 -48.51 29.83 -24.66
CA ALA R 169 -49.65 29.29 -25.39
C ALA R 169 -49.41 27.84 -25.79
N LEU R 170 -48.19 27.52 -26.24
CA LEU R 170 -47.86 26.14 -26.59
C LEU R 170 -47.78 25.22 -25.37
N MET R 171 -47.69 25.78 -24.16
CA MET R 171 -47.56 24.97 -22.96
C MET R 171 -48.88 24.37 -22.51
N GLY R 172 -50.01 24.91 -22.98
CA GLY R 172 -51.31 24.41 -22.56
C GLY R 172 -52.11 23.80 -23.68
N GLY R 173 -53.35 24.24 -23.84
CA GLY R 173 -54.20 23.71 -24.88
C GLY R 173 -55.62 24.23 -24.76
N LYS R 174 -56.51 23.64 -25.55
CA LYS R 174 -57.91 24.01 -25.55
C LYS R 174 -58.73 23.01 -24.74
N THR R 175 -59.95 23.41 -24.41
CA THR R 175 -60.86 22.54 -23.67
C THR R 175 -62.30 22.85 -24.05
N TYR R 176 -63.16 21.86 -23.86
CA TYR R 176 -64.59 21.97 -24.15
C TYR R 176 -65.37 21.31 -23.03
N GLN R 177 -66.49 21.91 -22.65
CA GLN R 177 -67.28 21.45 -21.51
C GLN R 177 -68.70 21.14 -21.98
N ALA R 178 -69.23 20.00 -21.53
CA ALA R 178 -70.60 19.64 -21.86
C ALA R 178 -71.57 20.60 -21.16
N ALA R 179 -72.61 21.00 -21.90
CA ALA R 179 -73.57 21.95 -21.35
C ALA R 179 -74.44 21.31 -20.26
N ASN R 180 -74.90 20.09 -20.49
CA ASN R 180 -75.79 19.40 -19.56
C ASN R 180 -75.07 18.21 -18.96
N GLY R 181 -75.21 18.03 -17.65
CA GLY R 181 -74.58 16.93 -16.96
C GLY R 181 -75.47 15.70 -16.87
N LYS R 182 -74.83 14.54 -16.79
CA LYS R 182 -75.52 13.26 -16.67
C LYS R 182 -75.18 12.64 -15.33
N ASP R 183 -76.21 12.22 -14.60
CA ASP R 183 -76.04 11.70 -13.24
C ASP R 183 -75.65 10.23 -13.29
N LYS R 184 -75.62 9.59 -12.12
CA LYS R 184 -75.21 8.18 -12.04
C LYS R 184 -76.19 7.28 -12.77
N ASN R 185 -77.49 7.49 -12.56
CA ASN R 185 -78.49 6.62 -13.16
C ASN R 185 -78.50 6.70 -14.68
N TRP R 186 -77.96 7.78 -15.25
CA TRP R 186 -77.93 7.92 -16.70
C TRP R 186 -76.90 6.99 -17.32
N GLY R 187 -77.22 6.52 -18.53
CA GLY R 187 -76.29 5.70 -19.29
C GLY R 187 -76.46 5.96 -20.78
N VAL R 188 -75.53 5.42 -21.55
CA VAL R 188 -75.59 5.58 -23.00
C VAL R 188 -76.71 4.71 -23.55
N GLU R 189 -77.69 5.35 -24.18
CA GLU R 189 -78.83 4.62 -24.71
C GLU R 189 -78.56 4.16 -26.14
N ALA R 190 -79.31 3.14 -26.55
CA ALA R 190 -79.15 2.58 -27.89
C ALA R 190 -79.59 3.59 -28.95
N GLY R 191 -78.86 3.62 -30.06
CA GLY R 191 -79.16 4.53 -31.15
C GLY R 191 -78.63 5.93 -30.97
N LYS R 192 -77.97 6.22 -29.85
CA LYS R 192 -77.41 7.55 -29.58
C LYS R 192 -76.02 7.41 -28.99
N THR R 193 -75.20 6.53 -29.57
CA THR R 193 -73.86 6.28 -29.07
C THR R 193 -72.76 6.79 -30.01
N ASP R 194 -73.11 7.27 -31.19
CA ASP R 194 -72.11 7.72 -32.15
C ASP R 194 -71.56 9.08 -31.72
N LEU R 195 -70.23 9.18 -31.66
CA LEU R 195 -69.55 10.41 -31.27
C LEU R 195 -68.36 10.60 -32.20
N THR R 196 -68.51 11.46 -33.21
CA THR R 196 -67.47 11.72 -34.19
C THR R 196 -66.85 13.08 -33.91
N ILE R 197 -65.52 13.12 -33.82
CA ILE R 197 -64.77 14.34 -33.55
C ILE R 197 -63.90 14.64 -34.76
N THR R 198 -64.02 15.84 -35.30
CA THR R 198 -63.19 16.29 -36.40
C THR R 198 -62.09 17.21 -35.88
N LEU R 199 -60.83 16.81 -36.12
CA LEU R 199 -59.68 17.48 -35.52
C LEU R 199 -58.70 17.88 -36.61
N LYS R 200 -58.15 19.08 -36.46
CA LYS R 200 -57.00 19.50 -37.26
C LYS R 200 -55.72 19.13 -36.53
N ASP R 201 -54.72 18.72 -37.28
CA ASP R 201 -53.47 18.26 -36.71
C ASP R 201 -52.30 18.99 -37.38
N LYS R 202 -51.26 19.24 -36.59
CA LYS R 202 -50.07 19.90 -37.13
C LYS R 202 -49.44 19.05 -38.23
N ARG R 203 -49.31 17.75 -38.00
CA ARG R 203 -48.88 16.79 -39.00
C ARG R 203 -50.02 15.81 -39.24
N GLU R 204 -50.08 15.30 -40.48
CA GLU R 204 -51.22 14.53 -41.00
C GLU R 204 -52.54 15.12 -40.51
N GLY R 205 -52.73 16.39 -40.82
CA GLY R 205 -53.88 17.13 -40.35
C GLY R 205 -55.18 16.67 -40.96
N ASP R 206 -56.27 17.26 -40.47
CA ASP R 206 -57.62 16.95 -40.89
C ASP R 206 -57.91 15.45 -40.73
N VAL R 207 -57.85 14.99 -39.49
CA VAL R 207 -58.15 13.62 -39.14
C VAL R 207 -59.46 13.58 -38.38
N THR R 208 -60.28 12.59 -38.69
CA THR R 208 -61.58 12.41 -38.05
C THR R 208 -61.60 11.05 -37.36
N ILE R 209 -61.89 11.06 -36.06
CA ILE R 209 -61.97 9.84 -35.27
C ILE R 209 -63.39 9.69 -34.74
N SER R 210 -63.97 8.52 -34.95
CA SER R 210 -65.34 8.24 -34.53
C SER R 210 -65.30 7.23 -33.39
N ILE R 211 -65.98 7.55 -32.30
CA ILE R 211 -66.03 6.70 -31.11
C ILE R 211 -67.45 6.19 -30.94
N ASN R 212 -67.59 4.88 -30.79
CA ASN R 212 -68.88 4.24 -30.57
C ASN R 212 -68.89 3.71 -29.14
N ALA R 213 -69.45 4.50 -28.22
CA ALA R 213 -69.52 4.10 -26.83
C ALA R 213 -70.45 2.90 -26.66
N LYS R 214 -70.03 1.95 -25.84
CA LYS R 214 -70.85 0.78 -25.58
C LYS R 214 -72.11 1.17 -24.83
N GLU R 215 -73.23 0.59 -25.24
CA GLU R 215 -74.51 0.94 -24.62
C GLU R 215 -74.55 0.50 -23.17
N GLY R 216 -75.08 1.37 -22.32
CA GLY R 216 -75.22 1.08 -20.90
C GLY R 216 -74.13 1.65 -20.02
N ASP R 217 -73.02 2.07 -20.60
CA ASP R 217 -71.93 2.64 -19.81
C ASP R 217 -72.37 3.98 -19.20
N ASP R 218 -71.99 4.19 -17.94
CA ASP R 218 -72.36 5.43 -17.26
C ASP R 218 -71.46 6.56 -17.75
N ILE R 219 -71.55 7.72 -17.09
CA ILE R 219 -70.87 8.91 -17.60
C ILE R 219 -69.35 8.77 -17.46
N GLU R 220 -68.88 8.20 -16.36
CA GLU R 220 -67.43 8.09 -16.14
C GLU R 220 -66.80 7.02 -17.01
N GLU R 221 -67.46 5.87 -17.15
CA GLU R 221 -66.93 4.83 -18.03
C GLU R 221 -66.92 5.29 -19.48
N LEU R 222 -67.82 6.20 -19.85
CA LEU R 222 -67.75 6.82 -21.17
C LEU R 222 -66.48 7.63 -21.31
N ALA R 223 -66.10 8.38 -20.27
CA ALA R 223 -64.88 9.17 -20.31
C ALA R 223 -63.65 8.28 -20.42
N THR R 224 -63.65 7.14 -19.72
CA THR R 224 -62.52 6.22 -19.82
C THR R 224 -62.43 5.61 -21.22
N TYR R 225 -63.57 5.33 -21.85
CA TYR R 225 -63.54 4.73 -23.17
C TYR R 225 -62.90 5.64 -24.20
N ILE R 226 -63.22 6.93 -24.16
CA ILE R 226 -62.65 7.87 -25.12
C ILE R 226 -61.15 7.98 -24.95
N ASN R 227 -60.68 7.98 -23.69
CA ASN R 227 -59.24 8.04 -23.44
C ASN R 227 -58.52 6.85 -24.04
N GLY R 228 -59.10 5.65 -23.90
CA GLY R 228 -58.47 4.47 -24.45
C GLY R 228 -58.46 4.45 -25.97
N GLN R 229 -59.54 4.93 -26.59
CA GLN R 229 -59.67 4.82 -28.03
C GLN R 229 -58.63 5.65 -28.77
N THR R 230 -58.36 6.86 -28.30
CA THR R 230 -57.42 7.74 -28.97
C THR R 230 -56.51 8.42 -27.95
N ASP R 231 -55.27 8.65 -28.38
CA ASP R 231 -54.30 9.38 -27.57
C ASP R 231 -54.26 10.87 -27.87
N MET R 232 -55.04 11.33 -28.86
CA MET R 232 -55.07 12.74 -29.22
C MET R 232 -56.11 13.53 -28.44
N ILE R 233 -56.88 12.89 -27.58
CA ILE R 233 -57.97 13.53 -26.85
C ILE R 233 -57.96 12.99 -25.42
N LYS R 234 -58.13 13.88 -24.45
CA LYS R 234 -58.23 13.51 -23.05
C LYS R 234 -59.58 13.96 -22.51
N ALA R 235 -60.32 13.05 -21.90
CA ALA R 235 -61.68 13.30 -21.46
C ALA R 235 -61.85 12.91 -19.99
N SER R 236 -62.82 13.56 -19.34
CA SER R 236 -63.14 13.30 -17.95
C SER R 236 -64.46 13.99 -17.63
N VAL R 237 -64.95 13.77 -16.41
CA VAL R 237 -66.17 14.40 -15.94
C VAL R 237 -65.84 15.17 -14.66
N ASP R 238 -66.57 16.26 -14.42
CA ASP R 238 -66.21 17.10 -13.29
C ASP R 238 -67.01 16.82 -12.02
N GLU R 239 -68.28 17.19 -11.98
CA GLU R 239 -69.11 16.94 -10.80
C GLU R 239 -70.54 16.53 -11.12
N GLU R 240 -71.02 16.75 -12.34
CA GLU R 240 -72.40 16.44 -12.69
C GLU R 240 -72.52 15.60 -13.95
N GLY R 241 -71.40 15.24 -14.57
CA GLY R 241 -71.40 14.50 -15.81
C GLY R 241 -70.93 15.29 -17.01
N LYS R 242 -70.68 16.59 -16.86
CA LYS R 242 -70.18 17.39 -17.96
C LYS R 242 -68.77 16.95 -18.32
N LEU R 243 -68.56 16.61 -19.59
CA LEU R 243 -67.27 16.14 -20.06
C LEU R 243 -66.34 17.33 -20.26
N GLN R 244 -65.13 17.22 -19.71
CA GLN R 244 -64.08 18.22 -19.94
C GLN R 244 -63.12 17.65 -20.98
N LEU R 245 -63.51 17.76 -22.24
CA LEU R 245 -62.64 17.37 -23.34
C LEU R 245 -61.41 18.27 -23.35
N PHE R 246 -60.25 17.69 -23.64
CA PHE R 246 -59.00 18.43 -23.66
C PHE R 246 -58.29 18.25 -24.98
N THR R 247 -57.53 19.27 -25.37
CA THR R 247 -56.83 19.30 -26.64
C THR R 247 -55.43 19.84 -26.42
N ASP R 248 -54.42 19.12 -26.86
CA ASP R 248 -53.05 19.59 -26.72
C ASP R 248 -52.77 20.63 -27.81
N ASN R 249 -52.33 21.82 -27.38
CA ASN R 249 -52.19 22.93 -28.31
C ASN R 249 -51.09 22.70 -29.34
N ASN R 250 -50.12 21.84 -29.03
CA ASN R 250 -48.97 21.69 -29.93
C ASN R 250 -49.22 20.69 -31.05
N ARG R 251 -50.33 19.96 -31.04
CA ARG R 251 -50.61 19.03 -32.13
C ARG R 251 -52.03 19.00 -32.63
N ILE R 252 -53.00 19.61 -31.95
CA ILE R 252 -54.38 19.64 -32.45
C ILE R 252 -54.73 21.12 -32.64
N ASP R 253 -53.75 21.87 -33.12
CA ASP R 253 -53.96 23.29 -33.43
C ASP R 253 -55.26 23.49 -34.21
N GLY R 254 -55.98 24.55 -33.86
CA GLY R 254 -57.29 24.81 -34.43
C GLY R 254 -58.41 24.27 -33.56
N ALA R 255 -59.61 24.78 -33.81
CA ALA R 255 -60.77 24.38 -33.03
C ALA R 255 -61.20 22.97 -33.39
N ALA R 256 -62.01 22.38 -32.51
CA ALA R 256 -62.52 21.03 -32.68
C ALA R 256 -64.01 21.07 -32.98
N THR R 257 -64.44 20.25 -33.93
CA THR R 257 -65.84 20.14 -34.29
C THR R 257 -66.41 18.84 -33.74
N PHE R 258 -67.57 18.92 -33.09
CA PHE R 258 -68.22 17.78 -32.48
C PHE R 258 -69.45 17.38 -33.26
N GLY R 259 -69.62 16.08 -33.46
CA GLY R 259 -70.76 15.58 -34.21
C GLY R 259 -71.18 14.22 -33.70
N GLY R 260 -72.30 13.75 -34.23
CA GLY R 260 -72.88 12.48 -33.84
C GLY R 260 -74.03 12.67 -32.86
N ALA R 261 -74.77 11.57 -32.68
CA ALA R 261 -75.93 11.60 -31.80
C ALA R 261 -75.52 11.88 -30.35
N LEU R 262 -74.43 11.26 -29.91
CA LEU R 262 -73.97 11.48 -28.53
C LEU R 262 -73.57 12.92 -28.31
N ALA R 263 -72.96 13.56 -29.30
CA ALA R 263 -72.58 14.96 -29.18
C ALA R 263 -73.82 15.83 -29.00
N GLY R 264 -74.88 15.57 -29.75
CA GLY R 264 -76.11 16.31 -29.56
C GLY R 264 -76.75 16.05 -28.21
N GLU R 265 -76.65 14.81 -27.72
CA GLU R 265 -77.18 14.49 -26.40
C GLU R 265 -76.43 15.24 -25.31
N LEU R 266 -75.11 15.32 -25.44
CA LEU R 266 -74.29 16.09 -24.52
C LEU R 266 -74.22 17.54 -24.99
N GLY R 267 -73.31 18.31 -24.41
CA GLY R 267 -73.06 19.68 -24.84
C GLY R 267 -71.80 19.75 -25.69
N ILE R 268 -71.91 20.42 -26.83
CA ILE R 268 -70.76 20.59 -27.70
C ILE R 268 -69.68 21.41 -27.01
N GLY R 269 -70.07 22.52 -26.39
CA GLY R 269 -69.13 23.34 -25.65
C GLY R 269 -68.32 24.27 -26.52
N ALA R 270 -67.74 25.30 -25.91
CA ALA R 270 -66.89 26.24 -26.60
C ALA R 270 -65.43 26.03 -26.22
N ALA R 271 -64.54 26.36 -27.15
CA ALA R 271 -63.10 26.18 -26.94
C ALA R 271 -62.60 27.24 -25.97
N GLN R 272 -62.01 26.80 -24.86
CA GLN R 272 -61.41 27.69 -23.88
C GLN R 272 -59.92 27.43 -23.83
N ASP R 273 -59.13 28.50 -23.90
CA ASP R 273 -57.68 28.39 -23.85
C ASP R 273 -57.24 28.30 -22.39
N VAL R 274 -56.54 27.23 -22.05
CA VAL R 274 -56.05 27.01 -20.69
C VAL R 274 -54.57 26.66 -20.76
N THR R 275 -53.79 27.20 -19.83
CA THR R 275 -52.38 26.90 -19.74
C THR R 275 -52.04 26.51 -18.31
N VAL R 276 -50.74 26.33 -18.02
CA VAL R 276 -50.34 26.00 -16.65
C VAL R 276 -50.57 27.18 -15.73
N ASP R 277 -50.35 28.41 -16.22
CA ASP R 277 -50.56 29.59 -15.39
C ASP R 277 -52.03 29.73 -14.99
N THR R 278 -52.93 29.54 -15.95
CA THR R 278 -54.36 29.59 -15.66
C THR R 278 -54.86 28.33 -14.99
N LEU R 279 -54.03 27.30 -14.90
CA LEU R 279 -54.43 26.05 -14.27
C LEU R 279 -54.68 26.26 -12.79
N ASP R 280 -55.89 25.94 -12.34
CA ASP R 280 -56.22 25.97 -10.93
C ASP R 280 -57.01 24.73 -10.58
N VAL R 281 -56.70 24.14 -9.42
CA VAL R 281 -57.35 22.93 -8.95
C VAL R 281 -57.91 23.25 -7.55
N THR R 282 -59.17 23.65 -7.51
CA THR R 282 -59.89 23.83 -6.26
C THR R 282 -61.13 22.96 -6.16
N THR R 283 -61.67 22.51 -7.28
CA THR R 283 -62.69 21.48 -7.33
C THR R 283 -62.18 20.35 -8.22
N VAL R 284 -62.80 19.18 -8.06
CA VAL R 284 -62.33 18.00 -8.80
C VAL R 284 -62.47 18.20 -10.29
N GLY R 285 -63.30 19.15 -10.72
CA GLY R 285 -63.36 19.48 -12.14
C GLY R 285 -62.06 20.03 -12.66
N GLY R 286 -61.47 20.98 -11.94
CA GLY R 286 -60.16 21.48 -12.32
C GLY R 286 -59.06 20.47 -12.10
N ALA R 287 -59.28 19.50 -11.20
CA ALA R 287 -58.28 18.48 -10.96
C ALA R 287 -58.08 17.59 -12.18
N GLN R 288 -59.17 17.17 -12.81
CA GLN R 288 -59.05 16.40 -14.04
C GLN R 288 -58.51 17.26 -15.17
N GLU R 289 -58.72 18.57 -15.10
CA GLU R 289 -58.15 19.48 -16.08
C GLU R 289 -56.64 19.58 -15.93
N SER R 290 -56.17 19.75 -14.69
CA SER R 290 -54.76 20.04 -14.45
C SER R 290 -53.87 18.89 -14.90
N VAL R 291 -54.27 17.66 -14.62
CA VAL R 291 -53.43 16.51 -14.98
C VAL R 291 -53.24 16.43 -16.49
N ALA R 292 -54.31 16.66 -17.25
CA ALA R 292 -54.18 16.66 -18.70
C ALA R 292 -53.34 17.84 -19.18
N ILE R 293 -53.52 19.01 -18.57
CA ILE R 293 -52.77 20.19 -18.98
C ILE R 293 -51.28 19.99 -18.73
N VAL R 294 -50.93 19.43 -17.57
CA VAL R 294 -49.53 19.20 -17.26
C VAL R 294 -48.93 18.17 -18.20
N ASP R 295 -49.71 17.18 -18.63
CA ASP R 295 -49.24 16.24 -19.64
C ASP R 295 -48.87 16.95 -20.93
N ALA R 296 -49.69 17.92 -21.34
CA ALA R 296 -49.37 18.71 -22.52
C ALA R 296 -48.09 19.50 -22.31
N ALA R 297 -47.93 20.11 -21.13
CA ALA R 297 -46.72 20.86 -20.83
C ALA R 297 -45.51 19.94 -20.79
N LEU R 298 -45.66 18.75 -20.20
CA LEU R 298 -44.54 17.81 -20.12
C LEU R 298 -44.13 17.34 -21.51
N LYS R 299 -45.09 17.11 -22.39
CA LYS R 299 -44.76 16.74 -23.76
C LYS R 299 -43.98 17.86 -24.45
N TYR R 300 -44.41 19.11 -24.25
CA TYR R 300 -43.71 20.24 -24.84
C TYR R 300 -42.30 20.37 -24.28
N VAL R 301 -42.15 20.22 -22.96
CA VAL R 301 -40.84 20.32 -22.33
C VAL R 301 -39.93 19.21 -22.83
N ASP R 302 -40.44 17.97 -22.89
CA ASP R 302 -39.62 16.85 -23.34
C ASP R 302 -39.18 17.04 -24.79
N SER R 303 -40.08 17.53 -25.64
CA SER R 303 -39.70 17.78 -27.03
C SER R 303 -38.62 18.86 -27.12
N HIS R 304 -38.74 19.91 -26.30
CA HIS R 304 -37.72 20.95 -26.29
C HIS R 304 -36.39 20.40 -25.80
N ARG R 305 -36.42 19.53 -24.80
CA ARG R 305 -35.20 18.91 -24.30
C ARG R 305 -34.54 18.06 -25.38
N ALA R 306 -35.34 17.31 -26.14
CA ALA R 306 -34.78 16.46 -27.19
C ALA R 306 -34.10 17.29 -28.27
N GLU R 307 -34.71 18.40 -28.68
CA GLU R 307 -34.11 19.25 -29.68
C GLU R 307 -32.80 19.84 -29.19
N LEU R 308 -32.76 20.25 -27.92
CA LEU R 308 -31.50 20.73 -27.35
C LEU R 308 -30.47 19.61 -27.26
N GLY R 309 -30.92 18.39 -26.96
CA GLY R 309 -29.99 17.27 -26.88
C GLY R 309 -29.36 16.95 -28.23
N ALA R 310 -30.16 16.97 -29.29
CA ALA R 310 -29.61 16.76 -30.63
C ALA R 310 -28.66 17.89 -31.00
N PHE R 311 -28.96 19.11 -30.55
CA PHE R 311 -28.05 20.22 -30.79
C PHE R 311 -26.73 20.02 -30.06
N GLN R 312 -26.77 19.43 -28.86
CA GLN R 312 -25.53 19.11 -28.15
C GLN R 312 -24.71 18.11 -28.93
N ASN R 313 -25.34 17.07 -29.48
CA ASN R 313 -24.62 16.05 -30.21
C ASN R 313 -24.06 16.57 -31.52
N ARG R 314 -24.74 17.53 -32.17
CA ARG R 314 -24.22 18.10 -33.40
C ARG R 314 -22.86 18.74 -33.17
N PHE R 315 -22.76 19.58 -32.14
CA PHE R 315 -21.48 20.22 -31.86
C PHE R 315 -20.48 19.25 -31.24
N ASN R 316 -20.94 18.16 -30.64
CA ASN R 316 -20.02 17.13 -30.20
C ASN R 316 -19.31 16.50 -31.39
N HIS R 317 -20.05 16.19 -32.45
CA HIS R 317 -19.44 15.73 -33.69
C HIS R 317 -18.71 16.86 -34.42
N ALA R 318 -19.04 18.11 -34.13
CA ALA R 318 -18.34 19.22 -34.78
C ALA R 318 -16.96 19.44 -34.16
N ILE R 319 -16.84 19.24 -32.84
CA ILE R 319 -15.56 19.51 -32.17
C ILE R 319 -14.48 18.56 -32.68
N ASN R 320 -14.76 17.26 -32.67
CA ASN R 320 -13.75 16.31 -33.12
C ASN R 320 -13.58 16.34 -34.63
N ASN R 321 -14.60 16.78 -35.36
CA ASN R 321 -14.43 17.00 -36.80
C ASN R 321 -13.44 18.13 -37.05
N LEU R 322 -13.67 19.29 -36.43
CA LEU R 322 -12.79 20.43 -36.64
C LEU R 322 -11.38 20.14 -36.12
N ASP R 323 -11.26 19.30 -35.09
CA ASP R 323 -9.94 18.90 -34.62
C ASP R 323 -9.21 18.08 -35.68
N ASN R 324 -9.92 17.21 -36.39
CA ASN R 324 -9.27 16.37 -37.40
C ASN R 324 -8.71 17.22 -38.54
N ILE R 325 -9.50 18.19 -39.02
CA ILE R 325 -8.97 19.12 -40.01
C ILE R 325 -7.84 19.97 -39.42
N ASN R 326 -8.03 20.47 -38.20
CA ASN R 326 -7.01 21.33 -37.60
C ASN R 326 -5.69 20.60 -37.44
N GLU R 327 -5.74 19.33 -37.04
CA GLU R 327 -4.53 18.53 -36.93
C GLU R 327 -3.86 18.35 -38.30
N ASN R 328 -4.67 18.11 -39.33
CA ASN R 328 -4.12 17.83 -40.65
C ASN R 328 -3.58 19.10 -41.31
N VAL R 329 -4.30 20.21 -41.18
CA VAL R 329 -3.84 21.45 -41.79
C VAL R 329 -2.58 21.96 -41.10
N ASN R 330 -2.41 21.65 -39.80
CA ASN R 330 -1.16 21.98 -39.14
C ASN R 330 -0.02 21.11 -39.66
N ALA R 331 -0.31 19.83 -39.94
CA ALA R 331 0.68 18.99 -40.59
C ALA R 331 1.01 19.52 -41.99
N SER R 332 0.00 20.01 -42.71
CA SER R 332 0.25 20.65 -43.99
C SER R 332 0.93 22.00 -43.84
N LYS R 333 0.77 22.66 -42.69
CA LYS R 333 1.48 23.90 -42.41
C LYS R 333 2.86 23.60 -41.85
N SER R 334 3.56 22.73 -42.56
CA SER R 334 4.92 22.33 -42.25
C SER R 334 5.48 21.67 -43.50
N ARG R 335 6.78 21.83 -43.73
CA ARG R 335 7.49 21.50 -44.96
C ARG R 335 7.09 22.41 -46.12
N ILE R 336 6.11 23.28 -45.92
CA ILE R 336 5.88 24.42 -46.81
C ILE R 336 6.26 25.72 -46.11
N LYS R 337 5.99 25.83 -44.82
CA LYS R 337 6.41 26.95 -44.00
C LYS R 337 7.44 26.56 -42.96
N ASP R 338 7.16 25.53 -42.16
CA ASP R 338 8.09 25.09 -41.14
C ASP R 338 9.36 24.54 -41.79
N THR R 339 10.50 24.86 -41.20
CA THR R 339 11.77 24.33 -41.68
C THR R 339 12.11 23.05 -40.94
N ASP R 340 12.94 22.23 -41.56
CA ASP R 340 13.55 21.11 -40.87
C ASP R 340 14.91 21.51 -40.32
N PHE R 341 15.48 20.64 -39.50
CA PHE R 341 16.82 20.86 -38.98
C PHE R 341 17.83 19.86 -39.49
N ALA R 342 17.37 18.73 -40.04
CA ALA R 342 18.28 17.77 -40.63
C ALA R 342 18.99 18.35 -41.84
N LYS R 343 18.24 18.69 -42.90
CA LYS R 343 18.88 19.17 -44.12
C LYS R 343 19.32 20.62 -44.00
N GLU R 344 18.69 21.39 -43.12
CA GLU R 344 19.04 22.80 -43.01
C GLU R 344 20.39 22.99 -42.34
N THR R 345 20.65 22.25 -41.26
CA THR R 345 21.93 22.40 -40.57
C THR R 345 23.10 21.96 -41.47
N THR R 346 22.91 20.89 -42.25
CA THR R 346 23.94 20.50 -43.21
C THR R 346 24.14 21.58 -44.26
N ALA R 347 23.06 22.26 -44.65
CA ALA R 347 23.21 23.40 -45.57
C ALA R 347 24.00 24.51 -44.92
N LEU R 348 23.77 24.76 -43.63
CA LEU R 348 24.55 25.77 -42.91
C LEU R 348 26.01 25.38 -42.81
N THR R 349 26.29 24.12 -42.44
CA THR R 349 27.66 23.66 -42.33
C THR R 349 28.37 23.70 -43.68
N LYS R 350 27.70 23.23 -44.73
CA LYS R 350 28.29 23.28 -46.07
C LYS R 350 28.59 24.72 -46.46
N ALA R 351 27.73 25.66 -46.07
CA ALA R 351 27.99 27.06 -46.31
C ALA R 351 29.20 27.56 -45.53
N GLN R 352 29.36 27.11 -44.29
CA GLN R 352 30.47 27.61 -43.47
C GLN R 352 31.82 27.17 -44.04
N ILE R 353 31.97 25.89 -44.36
CA ILE R 353 33.21 25.41 -44.98
C ILE R 353 33.46 26.13 -46.30
N LEU R 354 32.40 26.40 -47.05
CA LEU R 354 32.55 27.20 -48.27
C LEU R 354 33.14 28.57 -47.96
N SER R 355 32.65 29.22 -46.90
CA SER R 355 33.15 30.55 -46.55
C SER R 355 34.61 30.50 -46.14
N GLN R 356 35.00 29.51 -45.34
CA GLN R 356 36.39 29.41 -44.92
C GLN R 356 37.29 29.04 -46.10
N ALA R 357 36.80 28.21 -47.02
CA ALA R 357 37.59 27.83 -48.18
C ALA R 357 37.90 29.04 -49.05
N SER R 358 36.87 29.80 -49.42
CA SER R 358 37.08 30.95 -50.30
C SER R 358 37.86 32.05 -49.59
N SER R 359 37.65 32.21 -48.28
CA SER R 359 38.43 33.20 -47.54
C SER R 359 39.91 32.86 -47.55
N SER R 360 40.26 31.58 -47.40
CA SER R 360 41.66 31.20 -47.49
C SER R 360 42.19 31.35 -48.91
N VAL R 361 41.31 31.29 -49.91
CA VAL R 361 41.74 31.53 -51.28
C VAL R 361 42.22 32.96 -51.45
N LEU R 362 41.58 33.90 -50.76
CA LEU R 362 42.06 35.28 -50.78
C LEU R 362 43.49 35.37 -50.26
N ALA R 363 43.82 34.59 -49.22
CA ALA R 363 45.16 34.62 -48.67
C ALA R 363 46.20 34.23 -49.70
N GLN R 364 45.94 33.18 -50.47
CA GLN R 364 46.85 32.76 -51.53
C GLN R 364 46.77 33.65 -52.77
N ALA R 365 45.68 34.37 -52.95
CA ALA R 365 45.51 35.26 -54.10
C ALA R 365 46.09 36.65 -53.85
N LYS R 366 46.36 37.01 -52.60
CA LYS R 366 46.93 38.31 -52.31
C LYS R 366 48.41 38.37 -52.66
N GLN R 367 49.11 37.25 -52.55
CA GLN R 367 50.55 37.21 -52.82
C GLN R 367 50.88 37.07 -54.29
N ALA R 368 49.88 36.86 -55.16
CA ALA R 368 50.17 36.79 -56.59
C ALA R 368 50.79 38.08 -57.13
N PRO R 369 50.27 39.27 -56.84
CA PRO R 369 51.00 40.48 -57.24
C PRO R 369 52.35 40.60 -56.56
N ASN R 370 52.49 40.08 -55.33
CA ASN R 370 53.76 40.16 -54.64
C ASN R 370 54.84 39.41 -55.42
N SER R 371 54.51 38.21 -55.90
CA SER R 371 55.46 37.47 -56.71
C SER R 371 55.73 38.16 -58.03
N ALA R 372 54.78 38.94 -58.53
CA ALA R 372 55.02 39.74 -59.73
C ALA R 372 56.10 40.77 -59.49
N LEU R 373 56.08 41.41 -58.31
CA LEU R 373 57.10 42.39 -57.97
C LEU R 373 58.46 41.74 -57.73
N ALA R 374 58.46 40.51 -57.20
CA ALA R 374 59.70 39.88 -56.77
C ALA R 374 60.69 39.66 -57.90
N LEU R 375 60.26 39.65 -59.16
CA LEU R 375 61.19 39.43 -60.25
C LEU R 375 62.15 40.61 -60.43
N LEU R 376 61.76 41.80 -59.97
CA LEU R 376 62.62 42.97 -60.00
C LEU R 376 62.48 43.70 -58.69
N GLY R 377 63.54 43.70 -57.88
CA GLY R 377 63.50 44.29 -56.55
C GLY R 377 63.21 45.77 -56.53
N MET S 1 80.47 15.68 -29.03
CA MET S 1 81.07 14.39 -29.37
C MET S 1 80.05 13.43 -30.00
N ALA S 2 78.78 13.55 -29.60
CA ALA S 2 77.74 12.64 -30.08
C ALA S 2 76.41 13.37 -30.17
N VAL S 3 76.12 13.92 -31.35
CA VAL S 3 74.78 14.40 -31.69
C VAL S 3 74.55 14.07 -33.17
N ASN S 4 73.74 13.05 -33.43
CA ASN S 4 73.59 12.51 -34.78
C ASN S 4 72.11 12.39 -35.11
N VAL S 5 71.84 11.92 -36.33
CA VAL S 5 70.48 11.86 -36.83
C VAL S 5 70.11 10.42 -37.18
N ASN S 6 71.11 9.63 -37.58
CA ASN S 6 70.83 8.29 -38.09
C ASN S 6 70.23 7.39 -37.02
N THR S 7 70.82 7.37 -35.84
CA THR S 7 70.35 6.52 -34.74
C THR S 7 69.72 7.40 -33.68
N ASN S 8 68.44 7.19 -33.42
CA ASN S 8 67.69 7.90 -32.40
C ASN S 8 67.43 6.91 -31.27
N VAL S 9 68.40 6.78 -30.36
CA VAL S 9 68.30 5.81 -29.29
C VAL S 9 67.15 6.15 -28.36
N SER S 10 67.00 7.45 -28.04
CA SER S 10 65.91 7.87 -27.16
C SER S 10 64.56 7.51 -27.75
N ALA S 11 64.42 7.60 -29.07
CA ALA S 11 63.18 7.17 -29.72
C ALA S 11 62.97 5.68 -29.55
N MET S 12 64.03 4.88 -29.72
CA MET S 12 63.91 3.44 -29.55
C MET S 12 63.50 3.07 -28.13
N THR S 13 64.11 3.74 -27.14
CA THR S 13 63.76 3.47 -25.75
C THR S 13 62.30 3.83 -25.48
N ALA S 14 61.84 4.93 -26.06
CA ALA S 14 60.44 5.33 -25.87
C ALA S 14 59.49 4.28 -26.41
N GLN S 15 59.80 3.71 -27.58
CA GLN S 15 58.93 2.69 -28.15
C GLN S 15 58.97 1.40 -27.36
N ARG S 16 60.12 1.07 -26.76
CA ARG S 16 60.21 -0.18 -26.02
C ARG S 16 59.35 -0.14 -24.76
N TYR S 17 59.39 0.97 -24.02
CA TYR S 17 58.48 1.10 -22.89
C TYR S 17 57.07 1.41 -23.34
N LEU S 18 56.89 1.94 -24.55
CA LEU S 18 55.56 2.02 -25.13
C LEU S 18 54.96 0.63 -25.24
N THR S 19 55.61 -0.25 -25.99
CA THR S 19 55.10 -1.60 -26.20
C THR S 19 54.97 -2.36 -24.88
N SER S 20 55.97 -2.25 -24.02
CA SER S 20 55.94 -2.96 -22.75
C SER S 20 54.77 -2.51 -21.89
N ALA S 21 54.33 -1.26 -22.06
CA ALA S 21 53.23 -0.75 -21.26
C ALA S 21 51.88 -1.17 -21.85
N THR S 22 51.62 -0.81 -23.11
CA THR S 22 50.35 -1.10 -23.73
C THR S 22 50.14 -2.59 -24.00
N ASN S 23 51.19 -3.41 -23.88
CA ASN S 23 50.97 -4.85 -23.86
C ASN S 23 50.29 -5.28 -22.57
N ALA S 24 50.73 -4.71 -21.43
CA ALA S 24 50.01 -4.93 -20.19
C ALA S 24 48.60 -4.37 -20.28
N GLN S 25 48.40 -3.28 -21.03
CA GLN S 25 47.06 -2.77 -21.24
C GLN S 25 46.27 -3.68 -22.18
N GLN S 26 46.96 -4.36 -23.11
CA GLN S 26 46.25 -5.38 -23.88
C GLN S 26 45.84 -6.55 -23.00
N SER S 27 46.75 -7.02 -22.13
CA SER S 27 46.39 -8.07 -21.19
C SER S 27 45.23 -7.62 -20.33
N SER S 28 45.24 -6.37 -19.91
CA SER S 28 44.10 -5.71 -19.30
C SER S 28 43.04 -5.45 -20.36
N MET S 29 41.91 -4.88 -19.93
CA MET S 29 40.74 -4.57 -20.75
C MET S 29 40.21 -5.79 -21.48
N GLU S 30 40.69 -6.98 -21.14
CA GLU S 30 40.07 -8.24 -21.51
C GLU S 30 39.77 -9.12 -20.32
N ARG S 31 40.50 -8.96 -19.21
CA ARG S 31 40.06 -9.54 -17.95
C ARG S 31 38.79 -8.86 -17.46
N LEU S 32 38.62 -7.58 -17.78
CA LEU S 32 37.38 -6.89 -17.46
C LEU S 32 36.24 -7.39 -18.32
N SER S 33 36.47 -7.55 -19.63
CA SER S 33 35.43 -8.02 -20.52
C SER S 33 34.99 -9.44 -20.17
N SER S 34 35.96 -10.32 -19.93
CA SER S 34 35.65 -11.71 -19.61
C SER S 34 35.14 -11.87 -18.17
N GLY S 35 35.65 -11.06 -17.26
CA GLY S 35 35.42 -11.29 -15.84
C GLY S 35 36.36 -12.27 -15.21
N TYR S 36 37.26 -12.87 -16.00
CA TYR S 36 38.23 -13.84 -15.51
C TYR S 36 39.63 -13.28 -15.69
N LYS S 37 40.42 -13.33 -14.63
CA LYS S 37 41.84 -12.99 -14.74
C LYS S 37 42.69 -14.17 -15.17
N ILE S 38 42.09 -15.33 -15.37
CA ILE S 38 42.78 -16.51 -15.88
C ILE S 38 41.98 -16.99 -17.08
N ASN S 39 42.41 -16.60 -18.28
CA ASN S 39 41.79 -17.06 -19.51
C ASN S 39 42.75 -17.80 -20.43
N SER S 40 44.05 -17.78 -20.15
CA SER S 40 45.03 -18.54 -20.90
C SER S 40 46.09 -19.02 -19.94
N ALA S 41 46.78 -20.10 -20.31
CA ALA S 41 47.85 -20.63 -19.46
C ALA S 41 49.02 -19.67 -19.33
N LYS S 42 49.10 -18.64 -20.18
CA LYS S 42 50.16 -17.65 -20.07
C LYS S 42 50.09 -16.92 -18.73
N ASP S 43 48.88 -16.61 -18.26
CA ASP S 43 48.73 -15.88 -17.00
C ASP S 43 49.27 -16.68 -15.83
N ASP S 44 48.83 -17.93 -15.68
CA ASP S 44 49.30 -18.78 -14.60
C ASP S 44 49.04 -20.23 -14.99
N ALA S 45 50.11 -20.98 -15.25
CA ALA S 45 49.96 -22.39 -15.58
C ALA S 45 49.36 -23.17 -14.41
N ALA S 46 49.85 -22.91 -13.20
CA ALA S 46 49.30 -23.58 -12.02
C ALA S 46 47.85 -23.19 -11.78
N GLY S 47 47.52 -21.91 -11.96
CA GLY S 47 46.17 -21.46 -11.73
C GLY S 47 45.16 -22.07 -12.67
N LEU S 48 45.57 -22.29 -13.92
CA LEU S 48 44.64 -22.85 -14.90
C LEU S 48 44.24 -24.27 -14.53
N GLN S 49 45.19 -25.10 -14.13
CA GLN S 49 44.88 -26.49 -13.79
C GLN S 49 43.96 -26.56 -12.59
N ILE S 50 44.29 -25.83 -11.52
CA ILE S 50 43.49 -25.91 -10.30
C ILE S 50 42.11 -25.29 -10.53
N SER S 51 42.03 -24.21 -11.31
CA SER S 51 40.73 -23.60 -11.59
C SER S 51 39.85 -24.53 -12.41
N ASN S 52 40.42 -25.22 -13.40
CA ASN S 52 39.63 -26.15 -14.19
C ASN S 52 39.14 -27.32 -13.33
N ARG S 53 40.00 -27.83 -12.45
CA ARG S 53 39.58 -28.89 -11.55
C ARG S 53 38.47 -28.43 -10.63
N LEU S 54 38.59 -27.20 -10.11
CA LEU S 54 37.52 -26.64 -9.28
C LEU S 54 36.23 -26.48 -10.07
N ASN S 55 36.33 -25.99 -11.31
CA ASN S 55 35.14 -25.82 -12.13
C ASN S 55 34.49 -27.16 -12.44
N VAL S 56 35.31 -28.17 -12.76
CA VAL S 56 34.78 -29.50 -13.02
C VAL S 56 34.04 -30.02 -11.80
N GLN S 57 34.60 -29.79 -10.61
CA GLN S 57 33.94 -30.19 -9.37
C GLN S 57 32.62 -29.44 -9.18
N SER S 58 32.60 -28.15 -9.53
CA SER S 58 31.38 -27.37 -9.39
C SER S 58 30.27 -27.89 -10.29
N ARG S 59 30.59 -28.14 -11.56
CA ARG S 59 29.59 -28.69 -12.47
C ARG S 59 29.15 -30.07 -12.04
N GLY S 60 30.09 -30.89 -11.58
CA GLY S 60 29.72 -32.22 -11.10
C GLY S 60 28.77 -32.17 -9.93
N LEU S 61 29.01 -31.25 -8.98
CA LEU S 61 28.10 -31.08 -7.86
C LEU S 61 26.77 -30.51 -8.33
N GLY S 62 26.77 -29.77 -9.44
CA GLY S 62 25.53 -29.24 -9.96
C GLY S 62 24.57 -30.31 -10.41
N VAL S 63 25.10 -31.34 -11.09
CA VAL S 63 24.25 -32.44 -11.51
C VAL S 63 24.19 -33.53 -10.46
N ALA S 64 24.99 -33.44 -9.41
CA ALA S 64 24.88 -34.39 -8.32
C ALA S 64 23.66 -34.10 -7.46
N VAL S 65 23.36 -32.82 -7.22
CA VAL S 65 22.13 -32.48 -6.51
C VAL S 65 20.92 -32.79 -7.39
N ARG S 66 21.05 -32.59 -8.71
CA ARG S 66 20.00 -33.03 -9.63
C ARG S 66 19.83 -34.54 -9.58
N ASN S 67 20.94 -35.26 -9.52
CA ASN S 67 20.91 -36.72 -9.41
C ASN S 67 20.15 -37.15 -8.16
N ALA S 68 20.54 -36.61 -7.00
CA ALA S 68 19.92 -37.03 -5.76
C ALA S 68 18.48 -36.52 -5.64
N ASN S 69 18.14 -35.46 -6.37
CA ASN S 69 16.75 -35.02 -6.40
C ASN S 69 15.90 -35.95 -7.26
N ASP S 70 16.49 -36.53 -8.31
CA ASP S 70 15.80 -37.58 -9.05
C ASP S 70 15.62 -38.82 -8.17
N GLY S 71 16.64 -39.16 -7.39
CA GLY S 71 16.49 -40.28 -6.47
C GLY S 71 15.44 -40.04 -5.41
N ILE S 72 15.41 -38.83 -4.85
CA ILE S 72 14.41 -38.52 -3.83
C ILE S 72 13.02 -38.46 -4.44
N SER S 73 12.93 -38.14 -5.73
CA SER S 73 11.63 -38.11 -6.39
C SER S 73 11.09 -39.52 -6.60
N MET S 74 11.97 -40.47 -6.94
CA MET S 74 11.52 -41.85 -7.09
C MET S 74 11.21 -42.49 -5.75
N ALA S 75 11.91 -42.05 -4.70
CA ALA S 75 11.64 -42.59 -3.37
C ALA S 75 10.24 -42.21 -2.90
N GLN S 76 9.83 -40.98 -3.14
CA GLN S 76 8.52 -40.54 -2.65
C GLN S 76 7.37 -41.09 -3.49
N THR S 77 7.55 -41.23 -4.80
CA THR S 77 6.48 -41.79 -5.61
C THR S 77 6.26 -43.26 -5.32
N ALA S 78 7.30 -44.00 -4.93
CA ALA S 78 7.10 -45.34 -4.42
C ALA S 78 6.37 -45.31 -3.08
N GLU S 79 6.67 -44.30 -2.25
CA GLU S 79 5.97 -44.14 -0.98
C GLU S 79 4.49 -43.84 -1.18
N GLY S 80 4.14 -43.17 -2.28
CA GLY S 80 2.74 -42.90 -2.53
C GLY S 80 1.93 -44.16 -2.71
N ALA S 81 2.44 -45.10 -3.52
CA ALA S 81 1.78 -46.39 -3.66
C ALA S 81 1.88 -47.22 -2.39
N MET S 82 2.90 -46.96 -1.56
CA MET S 82 3.00 -47.63 -0.28
C MET S 82 1.78 -47.36 0.57
N LYS S 83 1.33 -46.10 0.59
CA LYS S 83 0.21 -45.71 1.43
C LYS S 83 -1.07 -46.45 1.04
N GLU S 84 -1.32 -46.60 -0.25
CA GLU S 84 -2.54 -47.28 -0.68
C GLU S 84 -2.43 -48.78 -0.48
N THR S 85 -1.21 -49.32 -0.54
CA THR S 85 -1.04 -50.74 -0.29
C THR S 85 -1.36 -51.09 1.16
N THR S 86 -0.84 -50.32 2.11
CA THR S 86 -1.15 -50.59 3.51
C THR S 86 -2.59 -50.19 3.84
N ASN S 87 -3.15 -49.25 3.08
CA ASN S 87 -4.55 -48.89 3.29
C ASN S 87 -5.47 -50.02 2.88
N ILE S 88 -5.20 -50.64 1.73
CA ILE S 88 -6.01 -51.79 1.31
C ILE S 88 -5.81 -52.95 2.27
N LEU S 89 -4.56 -53.22 2.65
CA LEU S 89 -4.29 -54.32 3.57
C LEU S 89 -4.98 -54.10 4.89
N GLN S 90 -5.04 -52.84 5.35
CA GLN S 90 -5.81 -52.54 6.56
C GLN S 90 -7.28 -52.91 6.38
N ARG S 91 -7.89 -52.47 5.27
CA ARG S 91 -9.28 -52.79 5.02
C ARG S 91 -9.50 -54.29 4.89
N MET S 92 -8.57 -54.98 4.24
CA MET S 92 -8.63 -56.43 4.15
C MET S 92 -8.65 -57.07 5.53
N ARG S 93 -7.91 -56.48 6.47
CA ARG S 93 -7.82 -57.05 7.81
C ARG S 93 -9.13 -56.90 8.57
N ASP S 94 -9.73 -55.71 8.53
CA ASP S 94 -10.94 -55.48 9.30
C ASP S 94 -12.09 -56.34 8.81
N LEU S 95 -12.28 -56.41 7.49
CA LEU S 95 -13.38 -57.22 6.95
C LEU S 95 -13.13 -58.71 7.17
N SER S 96 -11.86 -59.13 7.16
CA SER S 96 -11.55 -60.52 7.51
C SER S 96 -11.95 -60.81 8.94
N LEU S 97 -11.67 -59.89 9.85
CA LEU S 97 -12.14 -60.04 11.24
C LEU S 97 -13.66 -60.03 11.30
N GLN S 98 -14.30 -59.28 10.41
CA GLN S 98 -15.76 -59.21 10.41
C GLN S 98 -16.37 -60.57 10.10
N SER S 99 -15.79 -61.30 9.15
CA SER S 99 -16.27 -62.63 8.81
C SER S 99 -15.70 -63.72 9.71
N ALA S 100 -14.80 -63.36 10.62
CA ALA S 100 -14.20 -64.36 11.51
C ALA S 100 -15.18 -64.94 12.51
N ASN S 101 -16.34 -64.33 12.70
CA ASN S 101 -17.32 -64.85 13.63
C ASN S 101 -17.97 -66.10 13.06
N GLY S 102 -18.62 -66.86 13.94
CA GLY S 102 -19.60 -67.83 13.54
C GLY S 102 -20.96 -67.22 13.31
N SER S 103 -21.03 -65.90 13.27
CA SER S 103 -22.30 -65.19 13.18
C SER S 103 -22.90 -65.28 11.79
N ASN S 104 -22.20 -64.72 10.80
CA ASN S 104 -22.73 -64.66 9.45
C ASN S 104 -22.73 -66.05 8.81
N SER S 105 -23.78 -66.31 8.01
CA SER S 105 -23.90 -67.57 7.31
C SER S 105 -22.93 -67.62 6.14
N LYS S 106 -23.03 -68.70 5.35
CA LYS S 106 -22.09 -68.90 4.25
C LYS S 106 -22.21 -67.83 3.19
N ALA S 107 -23.44 -67.37 2.91
CA ALA S 107 -23.63 -66.38 1.85
C ALA S 107 -22.92 -65.07 2.16
N ASP S 108 -22.96 -64.62 3.41
CA ASP S 108 -22.28 -63.39 3.77
C ASP S 108 -20.77 -63.53 3.64
N ARG S 109 -20.22 -64.68 4.01
CA ARG S 109 -18.81 -64.92 3.77
C ARG S 109 -18.48 -64.94 2.29
N VAL S 110 -19.41 -65.42 1.46
CA VAL S 110 -19.21 -65.37 0.02
C VAL S 110 -19.17 -63.93 -0.47
N ALA S 111 -20.09 -63.10 0.03
CA ALA S 111 -20.10 -61.70 -0.35
C ALA S 111 -18.84 -60.99 0.12
N ILE S 112 -18.39 -61.29 1.33
CA ILE S 112 -17.15 -60.72 1.84
C ILE S 112 -15.96 -61.18 1.01
N GLN S 113 -15.94 -62.47 0.65
CA GLN S 113 -14.87 -62.98 -0.21
C GLN S 113 -14.86 -62.28 -1.56
N GLU S 114 -16.03 -61.86 -2.05
CA GLU S 114 -16.06 -61.09 -3.29
C GLU S 114 -15.32 -59.77 -3.13
N GLU S 115 -15.48 -59.12 -1.97
CA GLU S 115 -14.70 -57.92 -1.69
C GLU S 115 -13.23 -58.25 -1.48
N ILE S 116 -12.95 -59.45 -0.95
CA ILE S 116 -11.56 -59.87 -0.74
C ILE S 116 -10.83 -59.96 -2.08
N THR S 117 -11.44 -60.64 -3.05
CA THR S 117 -10.79 -60.81 -4.34
C THR S 117 -10.80 -59.51 -5.15
N ALA S 118 -11.74 -58.62 -4.86
CA ALA S 118 -11.71 -57.31 -5.49
C ALA S 118 -10.51 -56.50 -5.03
N LEU S 119 -10.32 -56.41 -3.70
CA LEU S 119 -9.17 -55.69 -3.17
C LEU S 119 -7.88 -56.42 -3.47
N ASN S 120 -7.94 -57.74 -3.63
CA ASN S 120 -6.75 -58.51 -3.98
C ASN S 120 -6.21 -58.09 -5.34
N ASP S 121 -7.10 -57.85 -6.30
CA ASP S 121 -6.66 -57.38 -7.61
C ASP S 121 -6.05 -55.99 -7.52
N GLU S 122 -6.44 -55.20 -6.51
CA GLU S 122 -5.89 -53.86 -6.38
C GLU S 122 -4.39 -53.90 -6.09
N LEU S 123 -3.95 -54.80 -5.21
CA LEU S 123 -2.53 -54.93 -4.93
C LEU S 123 -1.76 -55.33 -6.18
N ASN S 124 -2.29 -56.32 -6.92
CA ASN S 124 -1.62 -56.76 -8.13
C ASN S 124 -1.62 -55.70 -9.22
N ARG S 125 -2.56 -54.76 -9.17
CA ARG S 125 -2.59 -53.70 -10.16
C ARG S 125 -1.69 -52.55 -9.79
N VAL S 126 -1.71 -52.13 -8.52
CA VAL S 126 -0.86 -51.02 -8.09
C VAL S 126 0.61 -51.41 -8.18
N ALA S 127 0.92 -52.70 -8.03
CA ALA S 127 2.30 -53.14 -8.16
C ALA S 127 2.75 -53.13 -9.61
N GLU S 128 1.81 -53.16 -10.55
CA GLU S 128 2.13 -53.18 -11.97
C GLU S 128 1.91 -51.84 -12.67
N THR S 129 1.21 -50.90 -12.03
CA THR S 129 0.85 -49.64 -12.67
C THR S 129 1.80 -48.50 -12.33
N THR S 130 2.25 -48.43 -11.08
CA THR S 130 3.17 -47.37 -10.67
C THR S 130 4.44 -47.41 -11.51
N SER S 131 4.66 -46.37 -12.31
CA SER S 131 5.66 -46.42 -13.37
C SER S 131 6.81 -45.43 -13.18
N PHE S 132 6.50 -44.15 -12.95
CA PHE S 132 7.50 -43.08 -12.98
C PHE S 132 8.20 -43.04 -14.33
N GLY S 133 7.42 -42.72 -15.36
CA GLY S 133 7.95 -42.54 -16.69
C GLY S 133 8.46 -43.82 -17.33
N GLY S 134 7.61 -44.84 -17.39
CA GLY S 134 7.92 -46.05 -18.11
C GLY S 134 8.69 -47.08 -17.33
N ASN S 135 9.14 -46.78 -16.11
CA ASN S 135 9.79 -47.77 -15.27
C ASN S 135 8.71 -48.61 -14.58
N LYS S 136 9.12 -49.46 -13.65
CA LYS S 136 8.19 -50.29 -12.90
C LYS S 136 8.71 -50.37 -11.47
N LEU S 137 8.19 -49.52 -10.59
CA LEU S 137 8.76 -49.38 -9.26
C LEU S 137 8.51 -50.62 -8.40
N LEU S 138 7.26 -51.09 -8.36
CA LEU S 138 6.86 -52.09 -7.40
C LEU S 138 6.61 -53.46 -8.02
N ASN S 139 6.91 -53.63 -9.30
CA ASN S 139 6.70 -54.92 -9.96
C ASN S 139 7.79 -55.93 -9.65
N GLY S 140 8.91 -55.49 -9.10
CA GLY S 140 10.06 -56.35 -8.89
C GLY S 140 11.08 -56.33 -10.00
N THR S 141 10.71 -55.80 -11.17
CA THR S 141 11.68 -55.59 -12.24
C THR S 141 12.67 -54.48 -11.90
N PHE S 142 12.36 -53.66 -10.90
CA PHE S 142 13.27 -52.62 -10.41
C PHE S 142 14.32 -53.28 -9.52
N ALA S 143 15.42 -53.67 -10.14
CA ALA S 143 16.51 -54.31 -9.41
C ALA S 143 17.33 -53.23 -8.69
N THR S 144 18.50 -53.61 -8.18
CA THR S 144 19.37 -52.67 -7.49
C THR S 144 19.82 -51.59 -8.45
N LYS S 145 19.37 -50.36 -8.22
CA LYS S 145 19.72 -49.21 -9.04
C LYS S 145 20.60 -48.26 -8.23
N SER S 146 21.67 -47.78 -8.84
CA SER S 146 22.63 -46.92 -8.17
C SER S 146 22.46 -45.48 -8.63
N PHE S 147 22.44 -44.56 -7.69
CA PHE S 147 22.30 -43.14 -7.96
C PHE S 147 23.62 -42.44 -7.66
N GLN S 148 24.28 -41.95 -8.69
CA GLN S 148 25.56 -41.27 -8.54
C GLN S 148 25.30 -39.89 -7.94
N ILE S 149 25.49 -39.77 -6.63
CA ILE S 149 25.10 -38.57 -5.90
C ILE S 149 26.32 -37.79 -5.44
N GLY S 150 27.43 -37.91 -6.17
CA GLY S 150 28.65 -37.20 -5.82
C GLY S 150 29.26 -36.53 -7.02
N ALA S 151 30.25 -35.68 -6.74
CA ALA S 151 30.91 -34.94 -7.82
C ALA S 151 31.75 -35.86 -8.70
N ASP S 152 32.45 -36.81 -8.10
CA ASP S 152 33.31 -37.72 -8.85
C ASP S 152 32.51 -38.97 -9.22
N ASN S 153 33.21 -40.01 -9.68
CA ASN S 153 32.58 -41.25 -10.11
C ASN S 153 32.84 -42.35 -9.09
N GLY S 154 31.90 -43.31 -9.04
CA GLY S 154 32.05 -44.48 -8.22
C GLY S 154 31.45 -44.37 -6.83
N GLU S 155 31.27 -43.15 -6.33
CA GLU S 155 30.66 -42.95 -5.02
C GLU S 155 29.16 -42.64 -5.18
N ALA S 156 28.42 -43.71 -5.43
CA ALA S 156 26.97 -43.68 -5.56
C ALA S 156 26.33 -44.45 -4.39
N VAL S 157 25.01 -44.59 -4.44
CA VAL S 157 24.25 -45.28 -3.42
C VAL S 157 23.24 -46.19 -4.10
N MET S 158 23.17 -47.45 -3.67
CA MET S 158 22.22 -48.37 -4.26
C MET S 158 20.89 -48.30 -3.52
N LEU S 159 19.80 -48.50 -4.27
CA LEU S 159 18.46 -48.52 -3.72
C LEU S 159 17.70 -49.67 -4.37
N ASN S 160 17.02 -50.46 -3.55
CA ASN S 160 16.25 -51.61 -4.03
C ASN S 160 14.83 -51.53 -3.49
N ILE S 161 13.85 -51.72 -4.36
CA ILE S 161 12.45 -51.74 -4.00
C ILE S 161 11.94 -53.16 -4.26
N LYS S 162 11.60 -53.86 -3.19
CA LYS S 162 11.20 -55.26 -3.30
C LYS S 162 9.85 -55.40 -4.00
N ASP S 163 9.68 -56.53 -4.69
CA ASP S 163 8.41 -56.82 -5.35
C ASP S 163 7.31 -56.98 -4.32
N MET S 164 6.19 -56.31 -4.55
CA MET S 164 5.06 -56.37 -3.63
C MET S 164 3.79 -56.81 -4.32
N ARG S 165 3.91 -57.75 -5.27
CA ARG S 165 2.74 -58.43 -5.77
C ARG S 165 2.11 -59.25 -4.66
N SER S 166 0.79 -59.37 -4.70
CA SER S 166 0.09 -60.04 -3.61
C SER S 166 0.49 -61.51 -3.48
N ASP S 167 1.10 -62.09 -4.52
CA ASP S 167 1.54 -63.48 -4.48
C ASP S 167 2.97 -63.65 -3.98
N ASN S 168 3.64 -62.56 -3.59
CA ASN S 168 5.02 -62.66 -3.14
C ASN S 168 5.13 -63.54 -1.91
N ALA S 169 6.10 -64.47 -1.94
CA ALA S 169 6.27 -65.39 -0.83
C ALA S 169 6.65 -64.65 0.45
N LEU S 170 7.49 -63.64 0.35
CA LEU S 170 7.92 -62.88 1.52
C LEU S 170 6.75 -62.13 2.16
N MET S 171 5.71 -61.83 1.41
CA MET S 171 4.56 -61.12 1.96
C MET S 171 3.66 -62.02 2.80
N GLY S 172 3.68 -63.32 2.54
CA GLY S 172 2.81 -64.24 3.27
C GLY S 172 3.47 -64.91 4.45
N GLY S 173 3.28 -66.22 4.56
CA GLY S 173 3.87 -66.97 5.66
C GLY S 173 3.46 -68.42 5.59
N LYS S 174 3.94 -69.18 6.57
CA LYS S 174 3.65 -70.61 6.67
C LYS S 174 2.50 -70.84 7.64
N THR S 175 1.84 -71.99 7.48
CA THR S 175 0.72 -72.34 8.33
C THR S 175 0.76 -73.84 8.64
N TYR S 176 0.20 -74.21 9.79
CA TYR S 176 0.09 -75.60 10.20
C TYR S 176 -1.31 -75.82 10.78
N GLN S 177 -1.82 -77.02 10.58
CA GLN S 177 -3.18 -77.37 11.00
C GLN S 177 -3.15 -78.64 11.84
N ALA S 178 -3.93 -78.65 12.91
CA ALA S 178 -4.08 -79.85 13.72
C ALA S 178 -4.80 -80.94 12.93
N ALA S 179 -4.31 -82.17 13.05
CA ALA S 179 -4.93 -83.28 12.33
C ALA S 179 -6.34 -83.55 12.81
N ASN S 180 -6.56 -83.50 14.12
CA ASN S 180 -7.85 -83.81 14.71
C ASN S 180 -8.33 -82.64 15.55
N GLY S 181 -9.62 -82.34 15.46
CA GLY S 181 -10.21 -81.26 16.23
C GLY S 181 -10.69 -81.70 17.60
N LYS S 182 -10.86 -80.71 18.48
CA LYS S 182 -11.33 -80.93 19.84
C LYS S 182 -12.65 -80.18 20.03
N ASP S 183 -13.65 -80.89 20.56
CA ASP S 183 -15.00 -80.34 20.66
C ASP S 183 -15.11 -79.40 21.87
N LYS S 184 -16.34 -78.98 22.17
CA LYS S 184 -16.57 -78.03 23.25
C LYS S 184 -16.17 -78.59 24.60
N ASN S 185 -16.68 -79.78 24.93
CA ASN S 185 -16.46 -80.34 26.27
C ASN S 185 -15.01 -80.70 26.51
N TRP S 186 -14.19 -80.76 25.47
CA TRP S 186 -12.79 -81.11 25.65
C TRP S 186 -12.04 -80.00 26.37
N GLY S 187 -11.12 -80.38 27.24
CA GLY S 187 -10.25 -79.44 27.92
C GLY S 187 -8.86 -80.00 28.04
N VAL S 188 -7.93 -79.12 28.38
CA VAL S 188 -6.53 -79.54 28.53
C VAL S 188 -6.42 -80.41 29.77
N GLU S 189 -5.94 -81.63 29.60
CA GLU S 189 -5.82 -82.58 30.69
C GLU S 189 -4.45 -82.48 31.35
N ALA S 190 -4.43 -82.73 32.65
CA ALA S 190 -3.18 -82.66 33.41
C ALA S 190 -2.20 -83.71 32.92
N GLY S 191 -0.92 -83.34 32.90
CA GLY S 191 0.12 -84.20 32.40
C GLY S 191 0.30 -84.18 30.89
N LYS S 192 -0.53 -83.42 30.18
CA LYS S 192 -0.44 -83.31 28.72
C LYS S 192 -0.61 -81.86 28.30
N THR S 193 -0.02 -80.94 29.07
CA THR S 193 -0.13 -79.51 28.81
C THR S 193 1.14 -78.91 28.23
N ASP S 194 2.19 -79.70 28.03
CA ASP S 194 3.45 -79.19 27.53
C ASP S 194 3.44 -79.07 26.02
N LEU S 195 3.83 -77.91 25.51
CA LEU S 195 3.90 -77.65 24.08
C LEU S 195 5.17 -76.88 23.79
N THR S 196 6.15 -77.56 23.19
CA THR S 196 7.43 -76.96 22.87
C THR S 196 7.55 -76.81 21.36
N ILE S 197 7.83 -75.61 20.89
CA ILE S 197 7.92 -75.29 19.47
C ILE S 197 9.36 -74.87 19.18
N THR S 198 10.00 -75.58 18.26
CA THR S 198 11.36 -75.24 17.83
C THR S 198 11.29 -74.38 16.57
N LEU S 199 11.97 -73.24 16.61
CA LEU S 199 11.84 -72.23 15.57
C LEU S 199 13.21 -71.83 15.03
N LYS S 200 13.28 -71.59 13.73
CA LYS S 200 14.44 -70.99 13.11
C LYS S 200 14.12 -69.54 12.74
N ASP S 201 14.98 -68.62 13.19
CA ASP S 201 14.69 -67.20 13.05
C ASP S 201 15.78 -66.54 12.21
N LYS S 202 15.37 -65.52 11.44
CA LYS S 202 16.33 -64.76 10.66
C LYS S 202 17.39 -64.12 11.55
N ARG S 203 16.96 -63.53 12.67
CA ARG S 203 17.86 -62.96 13.66
C ARG S 203 17.72 -63.76 14.95
N GLU S 204 18.86 -64.02 15.59
CA GLU S 204 18.95 -64.87 16.79
C GLU S 204 18.12 -66.14 16.60
N GLY S 205 18.53 -66.93 15.62
CA GLY S 205 17.80 -68.12 15.25
C GLY S 205 17.92 -69.22 16.29
N ASP S 206 17.23 -70.34 16.00
CA ASP S 206 17.19 -71.50 16.88
C ASP S 206 16.66 -71.11 18.26
N VAL S 207 15.42 -70.63 18.28
CA VAL S 207 14.74 -70.24 19.51
C VAL S 207 13.67 -71.28 19.83
N THR S 208 13.68 -71.77 21.06
CA THR S 208 12.72 -72.75 21.53
C THR S 208 11.73 -72.06 22.45
N ILE S 209 10.44 -72.17 22.12
CA ILE S 209 9.37 -71.55 22.89
C ILE S 209 8.60 -72.67 23.59
N SER S 210 8.59 -72.65 24.91
CA SER S 210 7.89 -73.63 25.71
C SER S 210 6.62 -73.00 26.27
N ILE S 211 5.48 -73.59 25.94
CA ILE S 211 4.18 -73.10 26.36
C ILE S 211 3.49 -74.19 27.15
N ASN S 212 3.15 -73.90 28.40
CA ASN S 212 2.45 -74.84 29.28
C ASN S 212 1.02 -74.31 29.44
N ALA S 213 0.10 -74.89 28.67
CA ALA S 213 -1.29 -74.46 28.71
C ALA S 213 -1.90 -74.76 30.07
N LYS S 214 -2.76 -73.84 30.53
CA LYS S 214 -3.41 -74.02 31.81
C LYS S 214 -4.40 -75.19 31.75
N GLU S 215 -4.39 -76.00 32.81
CA GLU S 215 -5.27 -77.15 32.85
C GLU S 215 -6.73 -76.72 32.90
N GLY S 216 -7.57 -77.43 32.15
CA GLY S 216 -8.99 -77.16 32.12
C GLY S 216 -9.43 -76.17 31.05
N ASP S 217 -8.50 -75.49 30.39
CA ASP S 217 -8.87 -74.57 29.33
C ASP S 217 -9.42 -75.34 28.13
N ASP S 218 -10.42 -74.77 27.48
CA ASP S 218 -11.01 -75.42 26.31
C ASP S 218 -10.08 -75.22 25.11
N ILE S 219 -10.51 -75.67 23.94
CA ILE S 219 -9.65 -75.64 22.76
C ILE S 219 -9.40 -74.21 22.32
N GLU S 220 -10.41 -73.34 22.46
CA GLU S 220 -10.26 -71.96 21.98
C GLU S 220 -9.30 -71.17 22.86
N GLU S 221 -9.46 -71.26 24.19
CA GLU S 221 -8.63 -70.49 25.10
C GLU S 221 -7.18 -70.95 25.08
N LEU S 222 -6.92 -72.18 24.62
CA LEU S 222 -5.54 -72.60 24.39
C LEU S 222 -4.90 -71.74 23.31
N ALA S 223 -5.64 -71.44 22.25
CA ALA S 223 -5.11 -70.60 21.18
C ALA S 223 -4.83 -69.19 21.68
N THR S 224 -5.72 -68.65 22.52
CA THR S 224 -5.49 -67.33 23.08
C THR S 224 -4.24 -67.31 23.96
N TYR S 225 -4.02 -68.38 24.72
CA TYR S 225 -2.83 -68.45 25.56
C TYR S 225 -1.56 -68.45 24.72
N ILE S 226 -1.57 -69.18 23.60
CA ILE S 226 -0.40 -69.21 22.72
C ILE S 226 -0.14 -67.83 22.16
N ASN S 227 -1.19 -67.12 21.74
CA ASN S 227 -1.02 -65.78 21.18
C ASN S 227 -0.41 -64.83 22.21
N GLY S 228 -0.88 -64.89 23.45
CA GLY S 228 -0.35 -64.00 24.47
C GLY S 228 1.09 -64.31 24.85
N GLN S 229 1.42 -65.60 24.94
CA GLN S 229 2.75 -65.98 25.41
C GLN S 229 3.84 -65.56 24.42
N THR S 230 3.60 -65.73 23.12
CA THR S 230 4.60 -65.44 22.11
C THR S 230 3.96 -64.69 20.95
N ASP S 231 4.71 -63.74 20.40
CA ASP S 231 4.28 -62.99 19.23
C ASP S 231 4.78 -63.60 17.92
N MET S 232 5.59 -64.65 17.99
CA MET S 232 6.16 -65.26 16.80
C MET S 232 5.23 -66.28 16.16
N ILE S 233 4.18 -66.70 16.86
CA ILE S 233 3.24 -67.70 16.37
C ILE S 233 1.83 -67.21 16.66
N LYS S 234 0.96 -67.30 15.66
CA LYS S 234 -0.43 -66.90 15.80
C LYS S 234 -1.32 -68.13 15.76
N ALA S 235 -2.18 -68.29 16.76
CA ALA S 235 -2.99 -69.47 16.92
C ALA S 235 -4.47 -69.14 16.81
N SER S 236 -5.25 -70.11 16.34
CA SER S 236 -6.69 -69.99 16.22
C SER S 236 -7.28 -71.37 15.99
N VAL S 237 -8.60 -71.45 15.94
CA VAL S 237 -9.32 -72.68 15.66
C VAL S 237 -10.31 -72.40 14.54
N ASP S 238 -10.51 -73.38 13.66
CA ASP S 238 -11.28 -73.14 12.44
C ASP S 238 -12.77 -73.49 12.57
N GLU S 239 -13.08 -74.78 12.71
CA GLU S 239 -14.47 -75.19 12.87
C GLU S 239 -14.68 -76.33 13.86
N GLU S 240 -13.64 -77.07 14.23
CA GLU S 240 -13.80 -78.23 15.10
C GLU S 240 -12.75 -78.29 16.19
N GLY S 241 -11.96 -77.23 16.38
CA GLY S 241 -10.89 -77.23 17.34
C GLY S 241 -9.51 -77.45 16.75
N LYS S 242 -9.40 -77.57 15.43
CA LYS S 242 -8.09 -77.73 14.81
C LYS S 242 -7.32 -76.42 14.87
N LEU S 243 -6.16 -76.44 15.53
CA LEU S 243 -5.36 -75.24 15.67
C LEU S 243 -4.75 -74.84 14.33
N GLN S 244 -4.67 -73.53 14.10
CA GLN S 244 -4.08 -72.97 12.89
C GLN S 244 -2.90 -72.11 13.31
N LEU S 245 -1.74 -72.74 13.43
CA LEU S 245 -0.53 -72.02 13.78
C LEU S 245 0.04 -71.32 12.56
N PHE S 246 -0.04 -70.00 12.55
CA PHE S 246 0.54 -69.19 11.48
C PHE S 246 1.92 -68.72 11.88
N THR S 247 2.77 -68.51 10.87
CA THR S 247 4.16 -68.15 11.09
C THR S 247 4.58 -67.14 10.04
N ASP S 248 5.19 -66.04 10.48
CA ASP S 248 5.59 -65.00 9.55
C ASP S 248 6.77 -65.47 8.70
N ASN S 249 6.67 -65.28 7.39
CA ASN S 249 7.72 -65.73 6.49
C ASN S 249 8.93 -64.80 6.49
N ASN S 250 8.79 -63.59 6.99
CA ASN S 250 9.88 -62.63 6.95
C ASN S 250 10.80 -62.70 8.16
N ARG S 251 10.46 -63.46 9.19
CA ARG S 251 11.34 -63.58 10.34
C ARG S 251 11.50 -64.98 10.91
N ILE S 252 10.66 -65.95 10.53
CA ILE S 252 10.81 -67.31 11.05
C ILE S 252 11.13 -68.23 9.87
N ASP S 253 11.95 -67.74 8.95
CA ASP S 253 12.41 -68.55 7.83
C ASP S 253 12.84 -69.94 8.30
N GLY S 254 12.48 -70.96 7.53
CA GLY S 254 12.72 -72.34 7.90
C GLY S 254 11.51 -72.96 8.56
N ALA S 255 11.52 -74.29 8.59
CA ALA S 255 10.40 -75.04 9.14
C ALA S 255 10.39 -74.95 10.66
N ALA S 256 9.20 -75.15 11.23
CA ALA S 256 9.00 -75.18 12.67
C ALA S 256 8.64 -76.59 13.10
N THR S 257 9.31 -77.08 14.13
CA THR S 257 9.11 -78.44 14.62
C THR S 257 8.27 -78.41 15.88
N PHE S 258 7.28 -79.30 15.96
CA PHE S 258 6.36 -79.37 17.08
C PHE S 258 6.74 -80.51 18.01
N GLY S 259 6.61 -80.27 19.31
CA GLY S 259 6.96 -81.29 20.30
C GLY S 259 6.20 -81.08 21.57
N GLY S 260 6.32 -82.05 22.47
CA GLY S 260 5.64 -82.04 23.74
C GLY S 260 4.43 -82.95 23.75
N ALA S 261 3.93 -83.19 24.98
CA ALA S 261 2.78 -84.07 25.15
C ALA S 261 1.55 -83.53 24.45
N LEU S 262 1.32 -82.22 24.55
CA LEU S 262 0.16 -81.61 23.90
C LEU S 262 0.26 -81.72 22.38
N ALA S 263 1.48 -81.63 21.84
CA ALA S 263 1.64 -81.75 20.39
C ALA S 263 1.18 -83.11 19.90
N GLY S 264 1.54 -84.18 20.60
CA GLY S 264 1.04 -85.50 20.24
C GLY S 264 -0.46 -85.62 20.43
N GLU S 265 -1.01 -84.93 21.43
CA GLU S 265 -2.45 -84.95 21.64
C GLU S 265 -3.19 -84.34 20.44
N LEU S 266 -2.67 -83.24 19.91
CA LEU S 266 -3.20 -82.62 18.71
C LEU S 266 -2.50 -83.22 17.49
N GLY S 267 -2.69 -82.60 16.32
CA GLY S 267 -2.01 -83.01 15.11
C GLY S 267 -0.87 -82.05 14.81
N ILE S 268 0.28 -82.63 14.45
CA ILE S 268 1.46 -81.82 14.17
C ILE S 268 1.23 -80.94 12.95
N GLY S 269 0.78 -81.52 11.86
CA GLY S 269 0.54 -80.77 10.64
C GLY S 269 1.81 -80.43 9.90
N ALA S 270 1.76 -80.41 8.58
CA ALA S 270 2.91 -80.08 7.77
C ALA S 270 2.95 -78.57 7.47
N ALA S 271 4.10 -78.12 6.99
CA ALA S 271 4.31 -76.70 6.68
C ALA S 271 3.70 -76.40 5.33
N GLN S 272 2.63 -75.62 5.33
CA GLN S 272 1.95 -75.20 4.10
C GLN S 272 2.17 -73.72 3.88
N ASP S 273 2.63 -73.35 2.69
CA ASP S 273 2.95 -71.97 2.38
C ASP S 273 1.71 -71.25 1.84
N VAL S 274 1.41 -70.10 2.43
CA VAL S 274 0.26 -69.28 2.01
C VAL S 274 0.72 -67.85 1.84
N THR S 275 0.01 -67.11 1.01
CA THR S 275 0.26 -65.70 0.75
C THR S 275 -1.07 -64.96 0.66
N VAL S 276 -0.99 -63.66 0.38
CA VAL S 276 -2.21 -62.86 0.24
C VAL S 276 -2.99 -63.27 -1.01
N ASP S 277 -2.29 -63.65 -2.08
CA ASP S 277 -2.99 -64.10 -3.29
C ASP S 277 -3.78 -65.37 -3.00
N THR S 278 -3.21 -66.31 -2.26
CA THR S 278 -3.91 -67.52 -1.86
C THR S 278 -4.89 -67.27 -0.71
N LEU S 279 -4.87 -66.08 -0.13
CA LEU S 279 -5.76 -65.76 0.98
C LEU S 279 -7.20 -65.72 0.47
N ASP S 280 -8.08 -66.46 1.14
CA ASP S 280 -9.50 -66.39 0.88
C ASP S 280 -10.25 -66.71 2.17
N VAL S 281 -11.46 -66.18 2.27
CA VAL S 281 -12.32 -66.40 3.43
C VAL S 281 -13.71 -66.76 2.92
N THR S 282 -14.00 -68.06 2.87
CA THR S 282 -15.35 -68.55 2.67
C THR S 282 -15.87 -69.29 3.89
N THR S 283 -14.99 -69.74 4.76
CA THR S 283 -15.33 -70.36 6.03
C THR S 283 -14.65 -69.56 7.14
N VAL S 284 -15.10 -69.80 8.38
CA VAL S 284 -14.55 -69.09 9.52
C VAL S 284 -13.07 -69.39 9.67
N GLY S 285 -12.66 -70.62 9.38
CA GLY S 285 -11.25 -70.97 9.50
C GLY S 285 -10.36 -70.16 8.58
N GLY S 286 -10.81 -69.94 7.34
CA GLY S 286 -10.05 -69.09 6.44
C GLY S 286 -9.92 -67.68 6.96
N ALA S 287 -10.93 -67.19 7.67
CA ALA S 287 -10.89 -65.84 8.21
C ALA S 287 -9.83 -65.71 9.29
N GLN S 288 -9.71 -66.70 10.17
CA GLN S 288 -8.69 -66.64 11.21
C GLN S 288 -7.29 -66.68 10.62
N GLU S 289 -7.07 -67.52 9.61
CA GLU S 289 -5.78 -67.56 8.93
C GLU S 289 -5.49 -66.24 8.22
N SER S 290 -6.49 -65.67 7.55
CA SER S 290 -6.26 -64.52 6.69
C SER S 290 -5.83 -63.29 7.48
N VAL S 291 -6.45 -63.03 8.63
CA VAL S 291 -6.08 -61.85 9.41
C VAL S 291 -4.64 -61.96 9.91
N ALA S 292 -4.21 -63.16 10.25
CA ALA S 292 -2.80 -63.36 10.61
C ALA S 292 -1.90 -63.14 9.40
N ILE S 293 -2.35 -63.58 8.22
CA ILE S 293 -1.58 -63.36 7.00
C ILE S 293 -1.43 -61.88 6.71
N VAL S 294 -2.52 -61.13 6.84
CA VAL S 294 -2.50 -59.70 6.53
C VAL S 294 -1.53 -58.96 7.45
N ASP S 295 -1.45 -59.36 8.71
CA ASP S 295 -0.51 -58.73 9.62
C ASP S 295 0.93 -58.93 9.15
N ALA S 296 1.23 -60.13 8.63
CA ALA S 296 2.56 -60.35 8.04
C ALA S 296 2.77 -59.46 6.83
N ALA S 297 1.74 -59.29 6.00
CA ALA S 297 1.84 -58.40 4.85
C ALA S 297 2.06 -56.96 5.30
N LEU S 298 1.32 -56.53 6.32
CA LEU S 298 1.45 -55.15 6.81
C LEU S 298 2.82 -54.91 7.40
N LYS S 299 3.34 -55.88 8.15
CA LYS S 299 4.67 -55.74 8.74
C LYS S 299 5.73 -55.65 7.65
N TYR S 300 5.62 -56.49 6.62
CA TYR S 300 6.58 -56.44 5.53
C TYR S 300 6.50 -55.13 4.77
N VAL S 301 5.27 -54.66 4.50
CA VAL S 301 5.11 -53.40 3.77
C VAL S 301 5.64 -52.23 4.59
N ASP S 302 5.31 -52.20 5.88
CA ASP S 302 5.79 -51.11 6.73
C ASP S 302 7.30 -51.13 6.85
N SER S 303 7.89 -52.31 6.99
CA SER S 303 9.34 -52.41 7.09
C SER S 303 10.00 -51.91 5.81
N HIS S 304 9.42 -52.24 4.65
CA HIS S 304 9.93 -51.70 3.40
C HIS S 304 9.73 -50.19 3.32
N ARG S 305 8.62 -49.70 3.88
CA ARG S 305 8.40 -48.25 3.92
C ARG S 305 9.47 -47.57 4.76
N ALA S 306 9.84 -48.18 5.89
CA ALA S 306 10.87 -47.59 6.74
C ALA S 306 12.21 -47.50 6.02
N GLU S 307 12.58 -48.54 5.29
CA GLU S 307 13.85 -48.50 4.56
C GLU S 307 13.80 -47.45 3.45
N LEU S 308 12.64 -47.29 2.82
CA LEU S 308 12.46 -46.21 1.85
C LEU S 308 12.58 -44.84 2.53
N GLY S 309 11.99 -44.70 3.72
CA GLY S 309 12.07 -43.45 4.44
C GLY S 309 13.49 -43.13 4.88
N ALA S 310 14.22 -44.12 5.36
CA ALA S 310 15.61 -43.91 5.74
C ALA S 310 16.44 -43.52 4.53
N PHE S 311 16.20 -44.16 3.39
CA PHE S 311 16.88 -43.76 2.16
C PHE S 311 16.52 -42.33 1.78
N GLN S 312 15.29 -41.91 2.07
CA GLN S 312 14.94 -40.51 1.89
C GLN S 312 15.73 -39.61 2.83
N ASN S 313 15.88 -40.03 4.10
CA ASN S 313 16.62 -39.26 5.08
C ASN S 313 18.12 -39.29 4.84
N ARG S 314 18.61 -40.12 3.92
CA ARG S 314 20.00 -40.03 3.51
C ARG S 314 20.19 -38.94 2.48
N PHE S 315 19.30 -38.90 1.48
CA PHE S 315 19.51 -38.01 0.34
C PHE S 315 19.27 -36.55 0.71
N ASN S 316 18.33 -36.27 1.61
CA ASN S 316 18.08 -34.88 1.98
C ASN S 316 19.28 -34.28 2.69
N HIS S 317 19.99 -35.08 3.50
CA HIS S 317 21.25 -34.63 4.05
C HIS S 317 22.33 -34.54 2.98
N ALA S 318 22.18 -35.29 1.89
CA ALA S 318 23.15 -35.22 0.81
C ALA S 318 23.01 -33.92 0.01
N ILE S 319 21.79 -33.42 -0.13
CA ILE S 319 21.58 -32.18 -0.90
C ILE S 319 22.34 -31.03 -0.25
N ASN S 320 21.97 -30.69 0.98
CA ASN S 320 22.56 -29.52 1.62
C ASN S 320 24.05 -29.72 1.91
N ASN S 321 24.50 -30.96 2.01
CA ASN S 321 25.94 -31.20 2.10
C ASN S 321 26.62 -30.86 0.79
N LEU S 322 26.05 -31.31 -0.33
CA LEU S 322 26.63 -31.01 -1.63
C LEU S 322 26.52 -29.53 -1.95
N ASP S 323 25.42 -28.89 -1.55
CA ASP S 323 25.28 -27.46 -1.76
C ASP S 323 26.32 -26.69 -0.95
N ASN S 324 26.61 -27.16 0.26
CA ASN S 324 27.65 -26.52 1.05
C ASN S 324 29.02 -26.66 0.38
N ILE S 325 29.30 -27.83 -0.19
CA ILE S 325 30.56 -28.01 -0.90
C ILE S 325 30.60 -27.15 -2.14
N ASN S 326 29.53 -27.19 -2.95
CA ASN S 326 29.51 -26.42 -4.19
C ASN S 326 29.60 -24.93 -3.91
N GLU S 327 29.04 -24.49 -2.79
CA GLU S 327 29.19 -23.09 -2.39
C GLU S 327 30.65 -22.74 -2.13
N ASN S 328 31.33 -23.57 -1.34
CA ASN S 328 32.68 -23.24 -0.90
C ASN S 328 33.71 -23.44 -2.01
N VAL S 329 33.56 -24.46 -2.85
CA VAL S 329 34.47 -24.61 -3.98
C VAL S 329 34.23 -23.56 -5.04
N ASN S 330 33.05 -22.94 -5.07
CA ASN S 330 32.84 -21.81 -5.97
C ASN S 330 33.55 -20.56 -5.44
N ALA S 331 33.51 -20.35 -4.12
CA ALA S 331 34.33 -19.30 -3.53
C ALA S 331 35.80 -19.59 -3.73
N SER S 332 36.18 -20.88 -3.73
CA SER S 332 37.54 -21.24 -4.10
C SER S 332 37.82 -20.94 -5.57
N LYS S 333 36.80 -21.07 -6.43
CA LYS S 333 36.92 -20.66 -7.81
C LYS S 333 36.65 -19.16 -7.93
N SER S 334 37.32 -18.38 -7.08
CA SER S 334 37.24 -16.93 -7.13
C SER S 334 38.51 -16.41 -6.48
N ARG S 335 39.11 -15.40 -7.09
CA ARG S 335 40.46 -14.89 -6.82
C ARG S 335 41.52 -15.89 -7.28
N ILE S 336 41.12 -17.07 -7.73
CA ILE S 336 42.01 -17.99 -8.44
C ILE S 336 41.82 -17.89 -9.94
N LYS S 337 40.56 -17.79 -10.39
CA LYS S 337 40.23 -17.66 -11.80
C LYS S 337 39.71 -16.29 -12.17
N ASP S 338 38.66 -15.81 -11.51
CA ASP S 338 38.06 -14.55 -11.91
C ASP S 338 38.87 -13.37 -11.41
N THR S 339 38.58 -12.20 -11.97
CA THR S 339 39.29 -10.97 -11.64
C THR S 339 38.46 -10.08 -10.74
N ASP S 340 39.14 -9.33 -9.87
CA ASP S 340 38.48 -8.34 -9.05
C ASP S 340 38.60 -6.99 -9.73
N PHE S 341 37.49 -6.27 -9.83
CA PHE S 341 37.46 -5.05 -10.62
C PHE S 341 38.18 -3.91 -9.92
N ALA S 342 38.50 -4.07 -8.64
CA ALA S 342 39.28 -3.06 -7.94
C ALA S 342 40.68 -2.95 -8.53
N LYS S 343 41.46 -4.02 -8.45
CA LYS S 343 42.86 -3.95 -8.84
C LYS S 343 43.03 -3.97 -10.35
N GLU S 344 42.19 -4.72 -11.05
CA GLU S 344 42.34 -4.82 -12.50
C GLU S 344 42.10 -3.48 -13.18
N THR S 345 41.05 -2.75 -12.75
CA THR S 345 40.72 -1.49 -13.40
C THR S 345 41.81 -0.44 -13.15
N THR S 346 42.34 -0.37 -11.93
CA THR S 346 43.43 0.56 -11.67
C THR S 346 44.66 0.21 -12.48
N ALA S 347 44.92 -1.09 -12.68
CA ALA S 347 46.02 -1.49 -13.54
C ALA S 347 45.78 -1.04 -14.98
N LEU S 348 44.52 -1.01 -15.41
CA LEU S 348 44.21 -0.54 -16.75
C LEU S 348 44.50 0.94 -16.89
N THR S 349 44.05 1.75 -15.93
CA THR S 349 44.28 3.18 -15.99
C THR S 349 45.76 3.52 -15.85
N LYS S 350 46.47 2.82 -14.97
CA LYS S 350 47.90 3.05 -14.82
C LYS S 350 48.63 2.75 -16.12
N ALA S 351 48.27 1.65 -16.78
CA ALA S 351 48.85 1.35 -18.09
C ALA S 351 48.43 2.36 -19.13
N GLN S 352 47.19 2.86 -19.04
CA GLN S 352 46.70 3.85 -20.00
C GLN S 352 47.53 5.13 -19.92
N ILE S 353 47.80 5.60 -18.71
CA ILE S 353 48.61 6.81 -18.55
C ILE S 353 50.05 6.53 -18.96
N LEU S 354 50.56 5.34 -18.63
CA LEU S 354 51.92 4.98 -19.05
C LEU S 354 52.07 5.06 -20.56
N SER S 355 51.11 4.49 -21.30
CA SER S 355 51.17 4.54 -22.75
C SER S 355 51.03 5.98 -23.26
N GLN S 356 50.17 6.76 -22.61
CA GLN S 356 49.99 8.15 -23.03
C GLN S 356 51.26 8.97 -22.83
N ALA S 357 51.90 8.82 -21.67
CA ALA S 357 53.12 9.57 -21.39
C ALA S 357 54.25 9.11 -22.31
N SER S 358 54.40 7.81 -22.48
CA SER S 358 55.46 7.30 -23.34
C SER S 358 55.25 7.66 -24.80
N SER S 359 54.00 7.66 -25.26
CA SER S 359 53.73 8.11 -26.63
C SER S 359 54.05 9.58 -26.78
N SER S 360 53.69 10.41 -25.80
CA SER S 360 54.04 11.82 -25.85
C SER S 360 55.53 12.05 -25.67
N VAL S 361 56.27 11.04 -25.22
CA VAL S 361 57.72 11.13 -25.19
C VAL S 361 58.28 11.21 -26.61
N LEU S 362 57.71 10.42 -27.53
CA LEU S 362 58.10 10.53 -28.93
C LEU S 362 57.82 11.92 -29.49
N ALA S 363 56.87 12.65 -28.89
CA ALA S 363 56.53 13.97 -29.40
C ALA S 363 57.69 14.95 -29.29
N GLN S 364 58.61 14.73 -28.35
CA GLN S 364 59.83 15.52 -28.27
C GLN S 364 61.08 14.70 -28.58
N ALA S 365 60.95 13.39 -28.75
CA ALA S 365 62.08 12.56 -29.11
C ALA S 365 62.33 12.53 -30.61
N LYS S 366 61.32 12.83 -31.42
CA LYS S 366 61.49 12.80 -32.88
C LYS S 366 62.28 13.99 -33.39
N GLN S 367 62.22 15.13 -32.70
CA GLN S 367 62.91 16.33 -33.13
C GLN S 367 64.34 16.42 -32.62
N ALA S 368 64.80 15.42 -31.87
CA ALA S 368 66.21 15.41 -31.47
C ALA S 368 67.14 15.40 -32.69
N PRO S 369 66.93 14.57 -33.71
CA PRO S 369 67.72 14.74 -34.95
C PRO S 369 67.48 16.08 -35.62
N ASN S 370 66.26 16.62 -35.51
CA ASN S 370 65.95 17.89 -36.16
C ASN S 370 66.84 19.00 -35.60
N SER S 371 67.03 19.01 -34.27
CA SER S 371 67.91 20.00 -33.67
C SER S 371 69.34 19.83 -34.17
N ALA S 372 69.77 18.60 -34.44
CA ALA S 372 71.10 18.39 -35.01
C ALA S 372 71.21 19.03 -36.39
N LEU S 373 70.17 18.91 -37.21
CA LEU S 373 70.19 19.53 -38.51
C LEU S 373 70.22 21.06 -38.42
N ALA S 374 69.50 21.63 -37.45
CA ALA S 374 69.34 23.07 -37.37
C ALA S 374 70.64 23.82 -37.11
N LEU S 375 71.69 23.14 -36.64
CA LEU S 375 72.93 23.85 -36.34
C LEU S 375 73.58 24.40 -37.61
N LEU S 376 73.52 23.64 -38.70
CA LEU S 376 74.03 24.08 -39.99
C LEU S 376 72.91 23.96 -41.02
N GLY S 377 72.60 25.06 -41.69
CA GLY S 377 71.55 25.08 -42.69
C GLY S 377 71.77 24.09 -43.80
N MET T 1 52.77 -1.91 -28.48
CA MET T 1 52.77 -3.22 -29.12
C MET T 1 53.24 -3.01 -30.54
N ALA T 2 52.47 -3.57 -31.46
CA ALA T 2 52.37 -3.03 -32.81
C ALA T 2 51.27 -1.98 -32.75
N VAL T 3 51.66 -0.70 -32.69
CA VAL T 3 50.72 0.38 -32.49
C VAL T 3 50.19 0.76 -33.88
N ASN T 4 49.15 0.04 -34.30
CA ASN T 4 48.60 0.24 -35.64
C ASN T 4 47.16 0.72 -35.57
N VAL T 5 46.51 0.80 -36.72
CA VAL T 5 45.14 1.28 -36.81
C VAL T 5 44.28 0.21 -37.47
N ASN T 6 44.91 -0.65 -38.28
CA ASN T 6 44.14 -1.59 -39.09
C ASN T 6 43.50 -2.68 -38.23
N THR T 7 44.26 -3.29 -37.33
CA THR T 7 43.77 -4.40 -36.52
C THR T 7 43.58 -3.96 -35.08
N ASN T 8 42.40 -4.25 -34.53
CA ASN T 8 42.06 -3.93 -33.16
C ASN T 8 41.77 -5.25 -32.45
N VAL T 9 42.82 -5.89 -31.93
CA VAL T 9 42.64 -7.17 -31.26
C VAL T 9 41.81 -7.00 -29.99
N SER T 10 42.08 -5.95 -29.22
CA SER T 10 41.32 -5.70 -27.99
C SER T 10 39.85 -5.52 -28.29
N ALA T 11 39.52 -4.88 -29.41
CA ALA T 11 38.12 -4.76 -29.82
C ALA T 11 37.52 -6.14 -30.09
N MET T 12 38.28 -7.03 -30.70
CA MET T 12 37.79 -8.37 -30.98
C MET T 12 37.51 -9.14 -29.69
N THR T 13 38.40 -9.02 -28.70
CA THR T 13 38.15 -9.65 -27.41
C THR T 13 36.91 -9.07 -26.76
N ALA T 14 36.74 -7.75 -26.83
CA ALA T 14 35.58 -7.12 -26.24
C ALA T 14 34.28 -7.58 -26.90
N GLN T 15 34.28 -7.66 -28.23
CA GLN T 15 33.09 -8.11 -28.94
C GLN T 15 32.78 -9.57 -28.64
N ARG T 16 33.82 -10.42 -28.63
CA ARG T 16 33.60 -11.85 -28.42
C ARG T 16 32.99 -12.12 -27.05
N TYR T 17 33.50 -11.46 -26.02
CA TYR T 17 32.93 -11.65 -24.69
C TYR T 17 31.65 -10.87 -24.51
N LEU T 18 31.37 -9.90 -25.39
CA LEU T 18 30.11 -9.18 -25.33
C LEU T 18 28.94 -10.08 -25.72
N THR T 19 29.08 -10.80 -26.84
CA THR T 19 28.04 -11.72 -27.27
C THR T 19 28.13 -13.07 -26.59
N SER T 20 29.24 -13.36 -25.91
CA SER T 20 29.26 -14.52 -25.03
C SER T 20 28.28 -14.33 -23.89
N ALA T 21 28.16 -13.11 -23.38
CA ALA T 21 27.18 -12.81 -22.34
C ALA T 21 25.83 -12.43 -22.94
N THR T 22 25.82 -11.85 -24.14
CA THR T 22 24.54 -11.50 -24.77
C THR T 22 23.74 -12.74 -25.10
N ASN T 23 24.39 -13.76 -25.68
CA ASN T 23 23.69 -15.02 -25.96
C ASN T 23 23.20 -15.68 -24.69
N ALA T 24 24.01 -15.63 -23.63
CA ALA T 24 23.57 -16.15 -22.33
C ALA T 24 22.40 -15.33 -21.80
N GLN T 25 22.44 -14.02 -21.98
CA GLN T 25 21.33 -13.17 -21.56
C GLN T 25 20.06 -13.51 -22.34
N GLN T 26 20.19 -13.77 -23.63
CA GLN T 26 19.05 -14.19 -24.43
C GLN T 26 18.61 -15.60 -24.08
N SER T 27 19.53 -16.45 -23.66
CA SER T 27 19.16 -17.76 -23.12
C SER T 27 18.37 -17.60 -21.83
N SER T 28 18.76 -16.66 -20.98
CA SER T 28 17.93 -16.21 -19.88
C SER T 28 16.87 -15.28 -20.46
N MET T 29 16.06 -14.68 -19.60
CA MET T 29 14.93 -13.81 -20.00
C MET T 29 13.98 -14.51 -20.97
N GLU T 30 14.12 -15.83 -21.09
CA GLU T 30 13.15 -16.65 -21.80
C GLU T 30 12.76 -17.78 -20.86
N ARG T 31 13.68 -18.17 -19.98
CA ARG T 31 13.33 -19.05 -18.87
C ARG T 31 12.49 -18.33 -17.84
N LEU T 32 12.74 -17.02 -17.66
CA LEU T 32 11.91 -16.23 -16.76
C LEU T 32 10.48 -16.14 -17.27
N SER T 33 10.31 -15.86 -18.57
CA SER T 33 8.97 -15.67 -19.12
C SER T 33 8.24 -17.00 -19.28
N SER T 34 8.92 -18.03 -19.81
CA SER T 34 8.24 -19.28 -20.07
C SER T 34 7.98 -20.06 -18.79
N GLY T 35 8.79 -19.86 -17.76
CA GLY T 35 8.67 -20.63 -16.54
C GLY T 35 9.30 -22.01 -16.59
N TYR T 36 9.95 -22.36 -17.70
CA TYR T 36 10.63 -23.64 -17.85
C TYR T 36 12.10 -23.41 -18.08
N LYS T 37 12.94 -24.16 -17.38
CA LYS T 37 14.38 -24.08 -17.52
C LYS T 37 14.90 -24.82 -18.74
N ILE T 38 14.04 -25.55 -19.44
CA ILE T 38 14.41 -26.23 -20.67
C ILE T 38 13.30 -25.98 -21.69
N ASN T 39 13.61 -25.22 -22.73
CA ASN T 39 12.67 -24.92 -23.79
C ASN T 39 12.99 -25.62 -25.10
N SER T 40 14.25 -25.93 -25.35
CA SER T 40 14.68 -26.64 -26.55
C SER T 40 15.68 -27.71 -26.15
N ALA T 41 15.83 -28.71 -27.01
CA ALA T 41 16.75 -29.81 -26.73
C ALA T 41 18.19 -29.33 -26.61
N LYS T 42 18.53 -28.17 -27.18
CA LYS T 42 19.87 -27.63 -27.02
C LYS T 42 20.20 -27.31 -25.58
N ASP T 43 19.20 -27.05 -24.74
CA ASP T 43 19.44 -26.81 -23.33
C ASP T 43 19.77 -28.09 -22.59
N ASP T 44 18.91 -29.11 -22.71
CA ASP T 44 19.12 -30.37 -22.03
C ASP T 44 18.52 -31.46 -22.91
N ALA T 45 19.37 -32.12 -23.70
CA ALA T 45 18.89 -33.17 -24.60
C ALA T 45 18.29 -34.33 -23.81
N ALA T 46 18.98 -34.79 -22.76
CA ALA T 46 18.44 -35.85 -21.93
C ALA T 46 17.20 -35.39 -21.18
N GLY T 47 17.23 -34.16 -20.66
CA GLY T 47 16.10 -33.67 -19.89
C GLY T 47 14.83 -33.57 -20.71
N LEU T 48 14.94 -33.27 -21.99
CA LEU T 48 13.75 -33.14 -22.84
C LEU T 48 13.01 -34.46 -22.96
N GLN T 49 13.74 -35.55 -23.23
CA GLN T 49 13.10 -36.85 -23.40
C GLN T 49 12.40 -37.29 -22.13
N ILE T 50 13.09 -37.19 -20.99
CA ILE T 50 12.52 -37.71 -19.76
C ILE T 50 11.36 -36.82 -19.31
N SER T 51 11.52 -35.50 -19.39
CA SER T 51 10.48 -34.59 -18.92
C SER T 51 9.19 -34.75 -19.71
N ASN T 52 9.30 -34.98 -21.03
CA ASN T 52 8.11 -35.25 -21.82
C ASN T 52 7.42 -36.52 -21.35
N ARG T 53 8.19 -37.45 -20.78
CA ARG T 53 7.60 -38.70 -20.32
C ARG T 53 6.79 -38.50 -19.04
N LEU T 54 7.31 -37.71 -18.10
CA LEU T 54 6.48 -37.36 -16.95
C LEU T 54 5.34 -36.45 -17.34
N ASN T 55 5.53 -35.60 -18.35
CA ASN T 55 4.42 -34.77 -18.82
C ASN T 55 3.32 -35.63 -19.42
N VAL T 56 3.69 -36.63 -20.21
CA VAL T 56 2.72 -37.57 -20.75
C VAL T 56 2.04 -38.33 -19.62
N GLN T 57 2.84 -38.80 -18.66
CA GLN T 57 2.29 -39.55 -17.54
C GLN T 57 1.36 -38.69 -16.69
N SER T 58 1.74 -37.43 -16.46
CA SER T 58 0.90 -36.54 -15.65
C SER T 58 -0.46 -36.32 -16.31
N ARG T 59 -0.47 -36.06 -17.62
CA ARG T 59 -1.73 -35.92 -18.33
C ARG T 59 -2.49 -37.25 -18.35
N GLY T 60 -1.78 -38.36 -18.52
CA GLY T 60 -2.42 -39.66 -18.51
C GLY T 60 -3.11 -39.95 -17.18
N LEU T 61 -2.46 -39.58 -16.08
CA LEU T 61 -3.11 -39.72 -14.78
C LEU T 61 -4.26 -38.74 -14.64
N GLY T 62 -4.14 -37.56 -15.26
CA GLY T 62 -5.22 -36.59 -15.19
C GLY T 62 -6.51 -37.10 -15.81
N VAL T 63 -6.41 -37.76 -16.96
CA VAL T 63 -7.59 -38.35 -17.56
C VAL T 63 -7.92 -39.67 -16.89
N ALA T 64 -6.99 -40.24 -16.13
CA ALA T 64 -7.25 -41.50 -15.44
C ALA T 64 -8.18 -41.31 -14.25
N VAL T 65 -7.97 -40.24 -13.48
CA VAL T 65 -8.87 -39.94 -12.38
C VAL T 65 -10.26 -39.63 -12.90
N ARG T 66 -10.35 -38.89 -14.00
CA ARG T 66 -11.64 -38.66 -14.64
C ARG T 66 -12.24 -39.97 -15.12
N ASN T 67 -11.41 -40.86 -15.68
CA ASN T 67 -11.89 -42.12 -16.22
C ASN T 67 -12.49 -43.01 -15.14
N ALA T 68 -11.74 -43.22 -14.06
CA ALA T 68 -12.25 -44.07 -12.99
C ALA T 68 -13.44 -43.43 -12.28
N ASN T 69 -13.53 -42.09 -12.33
CA ASN T 69 -14.70 -41.42 -11.77
C ASN T 69 -15.93 -41.66 -12.63
N ASP T 70 -15.74 -41.85 -13.94
CA ASP T 70 -16.86 -42.27 -14.78
C ASP T 70 -17.28 -43.70 -14.44
N GLY T 71 -16.32 -44.55 -14.07
CA GLY T 71 -16.67 -45.88 -13.61
C GLY T 71 -17.43 -45.86 -12.29
N ILE T 72 -17.00 -45.02 -11.35
CA ILE T 72 -17.69 -44.95 -10.06
C ILE T 72 -19.06 -44.31 -10.23
N SER T 73 -19.26 -43.54 -11.30
CA SER T 73 -20.56 -42.92 -11.52
C SER T 73 -21.59 -43.96 -11.95
N MET T 74 -21.22 -44.88 -12.83
CA MET T 74 -22.16 -45.93 -13.23
C MET T 74 -22.39 -46.94 -12.13
N ALA T 75 -21.40 -47.13 -11.25
CA ALA T 75 -21.58 -48.07 -10.16
C ALA T 75 -22.71 -47.62 -9.24
N GLN T 76 -22.79 -46.32 -8.94
CA GLN T 76 -23.84 -45.84 -8.07
C GLN T 76 -25.18 -45.73 -8.78
N THR T 77 -25.17 -45.40 -10.08
CA THR T 77 -26.44 -45.31 -10.81
C THR T 77 -27.14 -46.66 -10.84
N ALA T 78 -26.40 -47.73 -11.16
CA ALA T 78 -26.98 -49.06 -11.10
C ALA T 78 -27.36 -49.44 -9.68
N GLU T 79 -26.48 -49.16 -8.72
CA GLU T 79 -26.74 -49.52 -7.33
C GLU T 79 -28.01 -48.86 -6.81
N GLY T 80 -28.23 -47.59 -7.16
CA GLY T 80 -29.47 -46.94 -6.76
C GLY T 80 -30.69 -47.61 -7.33
N ALA T 81 -30.61 -48.03 -8.59
CA ALA T 81 -31.70 -48.79 -9.19
C ALA T 81 -31.88 -50.13 -8.50
N MET T 82 -30.81 -50.72 -7.99
CA MET T 82 -30.92 -51.98 -7.27
C MET T 82 -31.70 -51.79 -5.97
N LYS T 83 -31.60 -50.61 -5.37
CA LYS T 83 -32.33 -50.35 -4.13
C LYS T 83 -33.84 -50.48 -4.35
N GLU T 84 -34.34 -49.94 -5.46
CA GLU T 84 -35.75 -50.08 -5.77
C GLU T 84 -36.11 -51.53 -6.06
N THR T 85 -35.23 -52.24 -6.78
CA THR T 85 -35.50 -53.64 -7.08
C THR T 85 -35.60 -54.46 -5.80
N THR T 86 -34.69 -54.23 -4.85
CA THR T 86 -34.78 -54.91 -3.56
C THR T 86 -36.06 -54.54 -2.83
N ASN T 87 -36.43 -53.26 -2.85
CA ASN T 87 -37.64 -52.83 -2.18
C ASN T 87 -38.88 -53.44 -2.80
N ILE T 88 -38.92 -53.52 -4.14
CA ILE T 88 -40.04 -54.15 -4.82
C ILE T 88 -40.12 -55.63 -4.45
N LEU T 89 -38.98 -56.31 -4.44
CA LEU T 89 -38.97 -57.74 -4.12
C LEU T 89 -39.41 -57.97 -2.67
N GLN T 90 -38.94 -57.13 -1.75
CA GLN T 90 -39.33 -57.28 -0.36
C GLN T 90 -40.83 -57.10 -0.19
N ARG T 91 -41.42 -56.12 -0.89
CA ARG T 91 -42.86 -55.96 -0.84
C ARG T 91 -43.58 -57.18 -1.41
N MET T 92 -43.04 -57.74 -2.51
CA MET T 92 -43.64 -58.94 -3.08
C MET T 92 -43.61 -60.10 -2.10
N ARG T 93 -42.47 -60.28 -1.42
CA ARG T 93 -42.36 -61.36 -0.45
C ARG T 93 -43.31 -61.16 0.73
N ASP T 94 -43.40 -59.92 1.22
CA ASP T 94 -44.19 -59.66 2.42
C ASP T 94 -45.66 -59.99 2.22
N LEU T 95 -46.22 -59.58 1.08
CA LEU T 95 -47.64 -59.82 0.85
C LEU T 95 -47.91 -61.23 0.34
N SER T 96 -46.91 -61.91 -0.23
CA SER T 96 -47.08 -63.32 -0.55
C SER T 96 -47.28 -64.15 0.71
N LEU T 97 -46.59 -63.78 1.80
CA LEU T 97 -46.85 -64.41 3.09
C LEU T 97 -48.28 -64.15 3.54
N GLN T 98 -48.77 -62.93 3.29
CA GLN T 98 -50.14 -62.59 3.65
C GLN T 98 -51.14 -63.46 2.89
N SER T 99 -50.90 -63.67 1.59
CA SER T 99 -51.80 -64.48 0.78
C SER T 99 -51.73 -65.95 1.15
N ALA T 100 -50.57 -66.42 1.64
CA ALA T 100 -50.44 -67.83 2.00
C ALA T 100 -51.36 -68.23 3.14
N ASN T 101 -51.82 -67.26 3.94
CA ASN T 101 -52.75 -67.57 5.02
C ASN T 101 -54.04 -68.13 4.46
N GLY T 102 -54.61 -69.11 5.16
CA GLY T 102 -55.83 -69.74 4.72
C GLY T 102 -57.11 -69.01 5.04
N SER T 103 -57.01 -67.85 5.69
CA SER T 103 -58.22 -67.12 6.07
C SER T 103 -58.88 -66.46 4.87
N ASN T 104 -58.07 -65.86 3.99
CA ASN T 104 -58.62 -65.15 2.85
C ASN T 104 -59.17 -66.13 1.81
N SER T 105 -60.24 -65.73 1.14
CA SER T 105 -60.90 -66.56 0.14
C SER T 105 -60.23 -66.34 -1.21
N LYS T 106 -60.80 -66.95 -2.26
CA LYS T 106 -60.21 -66.84 -3.59
C LYS T 106 -60.20 -65.41 -4.10
N ALA T 107 -61.24 -64.63 -3.81
CA ALA T 107 -61.31 -63.27 -4.30
C ALA T 107 -60.17 -62.42 -3.75
N ASP T 108 -59.84 -62.59 -2.47
CA ASP T 108 -58.77 -61.81 -1.88
C ASP T 108 -57.42 -62.14 -2.52
N ARG T 109 -57.18 -63.43 -2.79
CA ARG T 109 -55.94 -63.80 -3.47
C ARG T 109 -55.89 -63.25 -4.89
N VAL T 110 -57.06 -63.16 -5.54
CA VAL T 110 -57.11 -62.56 -6.88
C VAL T 110 -56.69 -61.10 -6.81
N ALA T 111 -57.22 -60.36 -5.82
CA ALA T 111 -56.85 -58.95 -5.66
C ALA T 111 -55.37 -58.81 -5.36
N ILE T 112 -54.82 -59.71 -4.53
CA ILE T 112 -53.39 -59.71 -4.25
C ILE T 112 -52.59 -59.96 -5.52
N GLN T 113 -53.08 -60.85 -6.39
CA GLN T 113 -52.37 -61.15 -7.62
C GLN T 113 -52.25 -59.92 -8.51
N GLU T 114 -53.26 -59.06 -8.52
CA GLU T 114 -53.18 -57.83 -9.30
C GLU T 114 -52.06 -56.94 -8.78
N GLU T 115 -51.87 -56.90 -7.46
CA GLU T 115 -50.75 -56.15 -6.90
C GLU T 115 -49.42 -56.76 -7.29
N ILE T 116 -49.34 -58.09 -7.29
CA ILE T 116 -48.08 -58.76 -7.66
C ILE T 116 -47.74 -58.51 -9.12
N THR T 117 -48.71 -58.69 -10.01
CA THR T 117 -48.42 -58.51 -11.43
C THR T 117 -48.18 -57.04 -11.76
N ALA T 118 -48.68 -56.12 -10.94
CA ALA T 118 -48.35 -54.71 -11.13
C ALA T 118 -46.90 -54.44 -10.77
N LEU T 119 -46.45 -54.96 -9.63
CA LEU T 119 -45.05 -54.80 -9.25
C LEU T 119 -44.13 -55.56 -10.18
N ASN T 120 -44.58 -56.70 -10.70
CA ASN T 120 -43.78 -57.47 -11.64
C ASN T 120 -43.47 -56.67 -12.90
N ASP T 121 -44.47 -55.95 -13.43
CA ASP T 121 -44.23 -55.10 -14.58
C ASP T 121 -43.27 -53.97 -14.24
N GLU T 122 -43.29 -53.52 -12.98
CA GLU T 122 -42.35 -52.48 -12.55
C GLU T 122 -40.93 -53.00 -12.51
N LEU T 123 -40.75 -54.26 -12.11
CA LEU T 123 -39.42 -54.85 -12.09
C LEU T 123 -38.83 -54.92 -13.50
N ASN T 124 -39.65 -55.31 -14.48
CA ASN T 124 -39.19 -55.31 -15.86
C ASN T 124 -38.90 -53.90 -16.35
N ARG T 125 -39.79 -52.95 -16.03
CA ARG T 125 -39.65 -51.60 -16.58
C ARG T 125 -38.43 -50.88 -16.03
N VAL T 126 -38.07 -51.13 -14.77
CA VAL T 126 -36.88 -50.48 -14.22
C VAL T 126 -35.61 -51.00 -14.87
N ALA T 127 -35.59 -52.27 -15.29
CA ALA T 127 -34.41 -52.81 -15.96
C ALA T 127 -34.21 -52.16 -17.31
N GLU T 128 -35.29 -51.85 -18.02
CA GLU T 128 -35.23 -51.28 -19.36
C GLU T 128 -35.26 -49.76 -19.37
N THR T 129 -35.35 -49.11 -18.20
CA THR T 129 -35.43 -47.66 -18.17
C THR T 129 -34.11 -47.01 -17.74
N THR T 130 -33.46 -47.57 -16.73
CA THR T 130 -32.18 -47.04 -16.28
C THR T 130 -31.19 -47.00 -17.44
N SER T 131 -30.78 -45.80 -17.82
CA SER T 131 -30.04 -45.61 -19.07
C SER T 131 -28.64 -45.08 -18.86
N PHE T 132 -28.47 -43.99 -18.10
CA PHE T 132 -27.19 -43.30 -17.97
C PHE T 132 -26.66 -42.86 -19.33
N GLY T 133 -27.41 -41.92 -19.92
CA GLY T 133 -27.00 -41.34 -21.19
C GLY T 133 -27.08 -42.29 -22.36
N GLY T 134 -28.21 -42.96 -22.51
CA GLY T 134 -28.46 -43.80 -23.66
C GLY T 134 -27.94 -45.21 -23.55
N ASN T 135 -27.22 -45.56 -22.48
CA ASN T 135 -26.78 -46.92 -22.26
C ASN T 135 -27.94 -47.73 -21.70
N LYS T 136 -27.68 -48.98 -21.32
CA LYS T 136 -28.68 -49.83 -20.68
C LYS T 136 -27.96 -50.61 -19.58
N LEU T 137 -28.17 -50.20 -18.33
CA LEU T 137 -27.38 -50.75 -17.24
C LEU T 137 -27.86 -52.16 -16.86
N LEU T 138 -29.12 -52.29 -16.46
CA LEU T 138 -29.64 -53.56 -15.97
C LEU T 138 -30.35 -54.37 -17.05
N ASN T 139 -30.45 -53.85 -18.27
CA ASN T 139 -31.14 -54.58 -19.33
C ASN T 139 -30.42 -55.87 -19.71
N GLY T 140 -29.14 -55.98 -19.40
CA GLY T 140 -28.34 -57.10 -19.84
C GLY T 140 -27.58 -56.85 -21.12
N THR T 141 -27.90 -55.77 -21.84
CA THR T 141 -27.09 -55.38 -22.99
C THR T 141 -25.73 -54.86 -22.57
N PHE T 142 -25.59 -54.47 -21.31
CA PHE T 142 -24.31 -54.00 -20.78
C PHE T 142 -23.34 -55.15 -20.63
N ALA T 143 -22.51 -55.38 -21.64
CA ALA T 143 -21.56 -56.48 -21.62
C ALA T 143 -20.36 -56.10 -20.77
N THR T 144 -19.30 -56.91 -20.82
CA THR T 144 -18.09 -56.63 -20.07
C THR T 144 -17.41 -55.40 -20.64
N LYS T 145 -17.48 -54.29 -19.91
CA LYS T 145 -16.88 -53.04 -20.33
C LYS T 145 -15.66 -52.75 -19.46
N SER T 146 -14.54 -52.46 -20.11
CA SER T 146 -13.27 -52.24 -19.42
C SER T 146 -13.02 -50.74 -19.29
N PHE T 147 -12.68 -50.29 -18.09
CA PHE T 147 -12.42 -48.89 -17.81
C PHE T 147 -10.91 -48.66 -17.66
N GLN T 148 -10.34 -47.88 -18.56
CA GLN T 148 -8.91 -47.58 -18.53
C GLN T 148 -8.64 -46.61 -17.39
N ILE T 149 -8.08 -47.13 -16.29
CA ILE T 149 -7.85 -46.33 -15.10
C ILE T 149 -6.37 -46.22 -14.82
N GLY T 150 -5.54 -46.37 -15.85
CA GLY T 150 -4.11 -46.32 -15.69
C GLY T 150 -3.48 -45.31 -16.62
N ALA T 151 -2.26 -44.90 -16.28
CA ALA T 151 -1.53 -43.93 -17.08
C ALA T 151 -1.24 -44.46 -18.48
N ASP T 152 -0.87 -45.73 -18.58
CA ASP T 152 -0.54 -46.34 -19.86
C ASP T 152 -1.73 -47.17 -20.35
N ASN T 153 -1.51 -47.90 -21.44
CA ASN T 153 -2.53 -48.72 -22.04
C ASN T 153 -2.48 -50.15 -21.52
N GLY T 154 -3.65 -50.77 -21.41
CA GLY T 154 -3.78 -52.14 -20.99
C GLY T 154 -4.12 -52.31 -19.52
N GLU T 155 -3.90 -51.29 -18.70
CA GLU T 155 -4.23 -51.35 -17.27
C GLU T 155 -5.66 -50.85 -17.03
N ALA T 156 -6.62 -51.63 -17.52
CA ALA T 156 -8.03 -51.36 -17.30
C ALA T 156 -8.64 -52.45 -16.41
N VAL T 157 -9.91 -52.26 -16.07
CA VAL T 157 -10.63 -53.18 -15.21
C VAL T 157 -11.98 -53.50 -15.84
N MET T 158 -12.29 -54.78 -15.97
CA MET T 158 -13.58 -55.19 -16.50
C MET T 158 -14.67 -55.04 -15.44
N LEU T 159 -15.84 -54.57 -15.89
CA LEU T 159 -17.02 -54.48 -15.05
C LEU T 159 -18.19 -55.07 -15.81
N ASN T 160 -18.98 -55.90 -15.14
CA ASN T 160 -20.15 -56.53 -15.74
C ASN T 160 -21.36 -56.33 -14.85
N ILE T 161 -22.48 -55.96 -15.45
CA ILE T 161 -23.75 -55.83 -14.76
C ILE T 161 -24.70 -56.86 -15.33
N LYS T 162 -25.17 -57.77 -14.49
CA LYS T 162 -25.99 -58.87 -14.95
C LYS T 162 -27.41 -58.41 -15.24
N ASP T 163 -28.05 -59.09 -16.20
CA ASP T 163 -29.43 -58.78 -16.55
C ASP T 163 -30.36 -59.13 -15.39
N MET T 164 -31.32 -58.23 -15.12
CA MET T 164 -32.34 -58.49 -14.11
C MET T 164 -33.73 -58.16 -14.62
N ARG T 165 -34.07 -58.61 -15.81
CA ARG T 165 -35.47 -58.79 -16.15
C ARG T 165 -36.06 -59.85 -15.22
N SER T 166 -37.33 -59.70 -14.90
CA SER T 166 -37.95 -60.57 -13.91
C SER T 166 -38.00 -62.03 -14.35
N ASP T 167 -37.75 -62.31 -15.62
CA ASP T 167 -37.71 -63.67 -16.12
C ASP T 167 -36.30 -64.22 -16.23
N ASN T 168 -35.33 -63.58 -15.57
CA ASN T 168 -33.95 -64.05 -15.64
C ASN T 168 -33.81 -65.43 -15.01
N ALA T 169 -32.92 -66.24 -15.59
CA ALA T 169 -32.73 -67.61 -15.09
C ALA T 169 -32.18 -67.61 -13.67
N LEU T 170 -31.20 -66.77 -13.38
CA LEU T 170 -30.57 -66.79 -12.06
C LEU T 170 -31.46 -66.18 -10.99
N MET T 171 -32.53 -65.50 -11.35
CA MET T 171 -33.42 -64.90 -10.37
C MET T 171 -34.62 -65.77 -10.05
N GLY T 172 -34.62 -67.02 -10.51
CA GLY T 172 -35.68 -67.95 -10.17
C GLY T 172 -35.15 -69.23 -9.57
N GLY T 173 -35.53 -70.37 -10.13
CA GLY T 173 -35.05 -71.64 -9.64
C GLY T 173 -35.91 -72.77 -10.17
N LYS T 174 -35.61 -73.96 -9.68
CA LYS T 174 -36.38 -75.15 -10.00
C LYS T 174 -37.35 -75.48 -8.87
N THR T 175 -38.39 -76.23 -9.19
CA THR T 175 -39.38 -76.64 -8.21
C THR T 175 -39.87 -78.05 -8.53
N TYR T 176 -40.35 -78.72 -7.50
CA TYR T 176 -40.86 -80.08 -7.62
C TYR T 176 -42.15 -80.21 -6.83
N GLN T 177 -43.06 -81.05 -7.31
CA GLN T 177 -44.37 -81.23 -6.70
C GLN T 177 -44.61 -82.71 -6.43
N ALA T 178 -45.07 -83.02 -5.23
CA ALA T 178 -45.39 -84.40 -4.90
C ALA T 178 -46.57 -84.89 -5.74
N ALA T 179 -46.46 -86.13 -6.22
CA ALA T 179 -47.50 -86.67 -7.09
C ALA T 179 -48.83 -86.81 -6.36
N ASN T 180 -48.80 -87.29 -5.12
CA ASN T 180 -50.01 -87.54 -4.35
C ASN T 180 -49.98 -86.75 -3.05
N GLY T 181 -51.13 -86.17 -2.70
CA GLY T 181 -51.24 -85.44 -1.46
C GLY T 181 -51.53 -86.33 -0.27
N LYS T 182 -51.31 -85.77 0.93
CA LYS T 182 -51.54 -86.48 2.18
C LYS T 182 -52.49 -85.66 3.05
N ASP T 183 -53.52 -86.33 3.57
CA ASP T 183 -54.54 -85.65 4.36
C ASP T 183 -54.00 -85.27 5.74
N LYS T 184 -54.82 -84.54 6.49
CA LYS T 184 -54.38 -84.06 7.79
C LYS T 184 -54.22 -85.21 8.80
N ASN T 185 -54.99 -86.27 8.65
CA ASN T 185 -54.84 -87.42 9.54
C ASN T 185 -53.59 -88.23 9.23
N TRP T 186 -53.01 -88.07 8.05
CA TRP T 186 -51.83 -88.82 7.68
C TRP T 186 -50.62 -88.37 8.48
N GLY T 187 -49.77 -89.33 8.83
CA GLY T 187 -48.54 -89.03 9.54
C GLY T 187 -47.40 -89.88 9.00
N VAL T 188 -46.18 -89.47 9.35
CA VAL T 188 -45.00 -90.20 8.91
C VAL T 188 -44.95 -91.54 9.64
N GLU T 189 -45.23 -92.61 8.91
CA GLU T 189 -45.23 -93.95 9.50
C GLU T 189 -43.81 -94.43 9.74
N ALA T 190 -43.66 -95.28 10.75
CA ALA T 190 -42.34 -95.79 11.11
C ALA T 190 -41.76 -96.65 9.99
N GLY T 191 -40.45 -96.58 9.83
CA GLY T 191 -39.76 -97.34 8.81
C GLY T 191 -39.79 -96.72 7.43
N LYS T 192 -40.44 -95.56 7.26
CA LYS T 192 -40.52 -94.90 5.97
C LYS T 192 -40.22 -93.41 6.12
N THR T 193 -39.21 -93.08 6.92
CA THR T 193 -38.85 -91.70 7.17
C THR T 193 -37.56 -91.27 6.47
N ASP T 194 -36.89 -92.18 5.77
CA ASP T 194 -35.64 -91.85 5.11
C ASP T 194 -35.90 -91.02 3.87
N LEU T 195 -35.21 -89.89 3.75
CA LEU T 195 -35.37 -88.98 2.62
C LEU T 195 -34.00 -88.42 2.28
N THR T 196 -33.35 -89.02 1.29
CA THR T 196 -32.01 -88.61 0.87
C THR T 196 -32.12 -87.86 -0.45
N ILE T 197 -31.54 -86.66 -0.49
CA ILE T 197 -31.54 -85.83 -1.68
C ILE T 197 -30.09 -85.64 -2.14
N THR T 198 -29.79 -86.08 -3.34
CA THR T 198 -28.49 -85.84 -3.95
C THR T 198 -28.56 -84.51 -4.70
N LEU T 199 -27.61 -83.63 -4.41
CA LEU T 199 -27.68 -82.25 -4.85
C LEU T 199 -26.38 -81.85 -5.55
N LYS T 200 -26.51 -81.09 -6.63
CA LYS T 200 -25.37 -80.51 -7.31
C LYS T 200 -25.31 -79.01 -7.01
N ASP T 201 -24.14 -78.54 -6.60
CA ASP T 201 -23.96 -77.17 -6.15
C ASP T 201 -22.92 -76.47 -7.01
N LYS T 202 -23.11 -75.16 -7.20
CA LYS T 202 -22.15 -74.37 -7.94
C LYS T 202 -20.78 -74.40 -7.27
N ARG T 203 -20.75 -74.25 -5.95
CA ARG T 203 -19.54 -74.36 -5.16
C ARG T 203 -19.65 -75.60 -4.27
N GLU T 204 -18.51 -76.26 -4.07
CA GLU T 204 -18.42 -77.55 -3.37
C GLU T 204 -19.61 -78.45 -3.71
N GLY T 205 -19.73 -78.73 -5.01
CA GLY T 205 -20.85 -79.46 -5.53
C GLY T 205 -20.88 -80.92 -5.09
N ASP T 206 -21.94 -81.59 -5.52
CA ASP T 206 -22.18 -83.01 -5.20
C ASP T 206 -22.24 -83.22 -3.69
N VAL T 207 -23.24 -82.59 -3.07
CA VAL T 207 -23.50 -82.70 -1.65
C VAL T 207 -24.81 -83.45 -1.46
N THR T 208 -24.77 -84.51 -0.66
CA THR T 208 -25.95 -85.31 -0.35
C THR T 208 -26.29 -85.13 1.12
N ILE T 209 -27.52 -84.74 1.40
CA ILE T 209 -28.01 -84.58 2.77
C ILE T 209 -29.10 -85.61 3.01
N SER T 210 -29.20 -86.06 4.26
CA SER T 210 -30.15 -87.08 4.66
C SER T 210 -31.11 -86.50 5.69
N ILE T 211 -32.41 -86.70 5.47
CA ILE T 211 -33.45 -86.20 6.35
C ILE T 211 -34.26 -87.38 6.86
N ASN T 212 -34.34 -87.52 8.17
CA ASN T 212 -35.11 -88.58 8.82
C ASN T 212 -36.25 -87.90 9.59
N ALA T 213 -37.42 -87.86 8.98
CA ALA T 213 -38.56 -87.21 9.59
C ALA T 213 -38.98 -87.94 10.86
N LYS T 214 -39.37 -87.16 11.87
CA LYS T 214 -39.83 -87.75 13.12
C LYS T 214 -41.14 -88.49 12.90
N GLU T 215 -41.27 -89.65 13.53
CA GLU T 215 -42.47 -90.46 13.38
C GLU T 215 -43.68 -89.74 13.97
N GLY T 216 -44.82 -89.85 13.28
CA GLY T 216 -46.04 -89.22 13.71
C GLY T 216 -46.22 -87.79 13.24
N ASP T 217 -45.21 -87.22 12.58
CA ASP T 217 -45.32 -85.86 12.07
C ASP T 217 -46.28 -85.82 10.90
N ASP T 218 -47.22 -84.87 10.93
CA ASP T 218 -48.16 -84.73 9.83
C ASP T 218 -47.46 -84.11 8.61
N ILE T 219 -48.25 -83.79 7.59
CA ILE T 219 -47.67 -83.31 6.33
C ILE T 219 -47.14 -81.89 6.50
N GLU T 220 -47.82 -81.06 7.29
CA GLU T 220 -47.44 -79.65 7.37
C GLU T 220 -46.11 -79.47 8.08
N GLU T 221 -45.94 -80.10 9.24
CA GLU T 221 -44.70 -79.93 9.99
C GLU T 221 -43.55 -80.76 9.41
N LEU T 222 -43.84 -81.67 8.48
CA LEU T 222 -42.76 -82.31 7.73
C LEU T 222 -42.01 -81.28 6.89
N ALA T 223 -42.74 -80.38 6.25
CA ALA T 223 -42.10 -79.30 5.49
C ALA T 223 -41.29 -78.40 6.41
N THR T 224 -41.82 -78.11 7.60
CA THR T 224 -41.09 -77.27 8.54
C THR T 224 -39.79 -77.93 8.97
N TYR T 225 -39.81 -79.25 9.20
CA TYR T 225 -38.60 -79.95 9.58
C TYR T 225 -37.55 -79.89 8.48
N ILE T 226 -37.97 -80.05 7.22
CA ILE T 226 -37.03 -80.00 6.11
C ILE T 226 -36.39 -78.63 6.02
N ASN T 227 -37.18 -77.57 6.19
CA ASN T 227 -36.63 -76.21 6.11
C ASN T 227 -35.58 -75.98 7.18
N GLY T 228 -35.81 -76.46 8.39
CA GLY T 228 -34.83 -76.28 9.46
C GLY T 228 -33.55 -77.06 9.21
N GLN T 229 -33.66 -78.23 8.57
CA GLN T 229 -32.49 -79.10 8.43
C GLN T 229 -31.46 -78.49 7.48
N THR T 230 -31.88 -77.93 6.36
CA THR T 230 -30.95 -77.46 5.35
C THR T 230 -31.37 -76.08 4.86
N ASP T 231 -30.37 -75.28 4.48
CA ASP T 231 -30.61 -73.98 3.88
C ASP T 231 -30.58 -74.01 2.35
N MET T 232 -30.28 -75.16 1.76
CA MET T 232 -30.24 -75.29 0.30
C MET T 232 -31.57 -75.75 -0.29
N ILE T 233 -32.56 -76.04 0.54
CA ILE T 233 -33.82 -76.62 0.10
C ILE T 233 -34.96 -75.91 0.83
N LYS T 234 -36.00 -75.54 0.09
CA LYS T 234 -37.19 -74.93 0.66
C LYS T 234 -38.39 -75.82 0.36
N ALA T 235 -39.12 -76.21 1.41
CA ALA T 235 -40.24 -77.14 1.28
C ALA T 235 -41.50 -76.51 1.87
N SER T 236 -42.64 -76.92 1.32
CA SER T 236 -43.93 -76.41 1.77
C SER T 236 -45.02 -77.39 1.32
N VAL T 237 -46.25 -77.09 1.73
CA VAL T 237 -47.42 -77.88 1.38
C VAL T 237 -48.43 -76.97 0.72
N ASP T 238 -49.06 -77.44 -0.36
CA ASP T 238 -49.84 -76.54 -1.22
C ASP T 238 -51.32 -76.47 -0.86
N GLU T 239 -52.07 -77.55 -1.11
CA GLU T 239 -53.48 -77.58 -0.74
C GLU T 239 -53.97 -78.91 -0.21
N GLU T 240 -53.25 -80.02 -0.44
CA GLU T 240 -53.74 -81.34 -0.07
C GLU T 240 -52.66 -82.24 0.51
N GLY T 241 -51.47 -81.72 0.76
CA GLY T 241 -50.37 -82.52 1.24
C GLY T 241 -49.22 -82.68 0.27
N LYS T 242 -49.36 -82.22 -0.96
CA LYS T 242 -48.29 -82.31 -1.94
C LYS T 242 -47.19 -81.30 -1.61
N LEU T 243 -45.95 -81.77 -1.55
CA LEU T 243 -44.84 -80.90 -1.19
C LEU T 243 -44.37 -80.09 -2.40
N GLN T 244 -44.10 -78.81 -2.15
CA GLN T 244 -43.51 -77.95 -3.18
C GLN T 244 -42.05 -77.72 -2.81
N LEU T 245 -41.20 -78.67 -3.23
CA LEU T 245 -39.77 -78.52 -3.06
C LEU T 245 -39.25 -77.41 -3.96
N PHE T 246 -38.25 -76.68 -3.49
CA PHE T 246 -37.68 -75.57 -4.24
C PHE T 246 -36.16 -75.69 -4.28
N THR T 247 -35.58 -75.09 -5.31
CA THR T 247 -34.14 -75.17 -5.55
C THR T 247 -33.67 -73.86 -6.13
N ASP T 248 -32.83 -73.14 -5.40
CA ASP T 248 -32.32 -71.86 -5.88
C ASP T 248 -31.40 -72.07 -7.07
N ASN T 249 -31.65 -71.32 -8.15
CA ASN T 249 -30.93 -71.56 -9.40
C ASN T 249 -29.49 -71.08 -9.34
N ASN T 250 -29.21 -70.06 -8.52
CA ASN T 250 -27.89 -69.44 -8.55
C ASN T 250 -26.83 -70.22 -7.78
N ARG T 251 -27.22 -71.24 -7.00
CA ARG T 251 -26.23 -72.02 -6.28
C ARG T 251 -26.46 -73.53 -6.31
N ILE T 252 -27.63 -74.00 -6.75
CA ILE T 252 -27.92 -75.43 -6.74
C ILE T 252 -28.23 -75.89 -8.17
N ASP T 253 -27.52 -75.32 -9.15
CA ASP T 253 -27.67 -75.72 -10.54
C ASP T 253 -27.61 -77.24 -10.68
N GLY T 254 -28.35 -77.75 -11.66
CA GLY T 254 -28.44 -79.18 -11.88
C GLY T 254 -29.67 -79.79 -11.22
N ALA T 255 -30.08 -80.93 -11.76
CA ALA T 255 -31.27 -81.61 -11.26
C ALA T 255 -31.01 -82.20 -9.88
N ALA T 256 -32.07 -82.27 -9.08
CA ALA T 256 -32.02 -82.85 -7.74
C ALA T 256 -32.68 -84.21 -7.77
N THR T 257 -31.98 -85.22 -7.23
CA THR T 257 -32.47 -86.59 -7.23
C THR T 257 -33.00 -86.92 -5.84
N PHE T 258 -34.19 -87.53 -5.80
CA PHE T 258 -34.85 -87.90 -4.56
C PHE T 258 -34.73 -89.40 -4.34
N GLY T 259 -34.57 -89.78 -3.08
CA GLY T 259 -34.45 -91.19 -2.74
C GLY T 259 -34.89 -91.44 -1.33
N GLY T 260 -34.95 -92.71 -0.98
CA GLY T 260 -35.39 -93.15 0.33
C GLY T 260 -36.83 -93.61 0.33
N ALA T 261 -37.21 -94.25 1.44
CA ALA T 261 -38.56 -94.79 1.58
C ALA T 261 -39.60 -93.67 1.56
N LEU T 262 -39.32 -92.56 2.24
CA LEU T 262 -40.26 -91.45 2.27
C LEU T 262 -40.43 -90.84 0.88
N ALA T 263 -39.35 -90.74 0.10
CA ALA T 263 -39.46 -90.21 -1.25
C ALA T 263 -40.37 -91.09 -2.10
N GLY T 264 -40.23 -92.40 -1.99
CA GLY T 264 -41.13 -93.30 -2.71
C GLY T 264 -42.56 -93.17 -2.24
N GLU T 265 -42.75 -92.94 -0.94
CA GLU T 265 -44.10 -92.74 -0.41
C GLU T 265 -44.75 -91.49 -1.00
N LEU T 266 -43.96 -90.42 -1.14
CA LEU T 266 -44.43 -89.21 -1.80
C LEU T 266 -44.17 -89.32 -3.30
N GLY T 267 -44.33 -88.21 -4.01
CA GLY T 267 -44.02 -88.15 -5.43
C GLY T 267 -42.70 -87.44 -5.65
N ILE T 268 -41.87 -88.03 -6.51
CA ILE T 268 -40.57 -87.43 -6.80
C ILE T 268 -40.73 -86.07 -7.47
N GLY T 269 -41.60 -86.00 -8.47
CA GLY T 269 -41.85 -84.75 -9.17
C GLY T 269 -40.75 -84.39 -10.14
N ALA T 270 -41.13 -83.76 -11.25
CA ALA T 270 -40.17 -83.32 -12.26
C ALA T 270 -39.76 -81.88 -12.02
N ALA T 271 -38.52 -81.57 -12.40
CA ALA T 271 -37.96 -80.23 -12.20
C ALA T 271 -38.69 -79.25 -13.12
N GLN T 272 -39.33 -78.25 -12.53
CA GLN T 272 -40.04 -77.22 -13.26
C GLN T 272 -39.35 -75.89 -13.02
N ASP T 273 -39.01 -75.20 -14.10
CA ASP T 273 -38.30 -73.93 -14.02
C ASP T 273 -39.30 -72.80 -13.76
N VAL T 274 -39.07 -72.04 -12.70
CA VAL T 274 -39.91 -70.91 -12.33
C VAL T 274 -39.02 -69.70 -12.10
N THR T 275 -39.58 -68.52 -12.36
CA THR T 275 -38.89 -67.26 -12.14
C THR T 275 -39.88 -66.27 -11.54
N VAL T 276 -39.42 -65.03 -11.37
CA VAL T 276 -40.30 -63.99 -10.85
C VAL T 276 -41.39 -63.65 -11.85
N ASP T 277 -41.05 -63.65 -13.15
CA ASP T 277 -42.06 -63.36 -14.17
C ASP T 277 -43.15 -64.42 -14.18
N THR T 278 -42.78 -65.69 -14.07
CA THR T 278 -43.75 -66.77 -14.02
C THR T 278 -44.36 -66.94 -12.63
N LEU T 279 -43.90 -66.18 -11.65
CA LEU T 279 -44.45 -66.26 -10.31
C LEU T 279 -45.88 -65.76 -10.29
N ASP T 280 -46.78 -66.60 -9.81
CA ASP T 280 -48.18 -66.22 -9.63
C ASP T 280 -48.65 -66.68 -8.26
N VAL T 281 -49.54 -65.89 -7.66
CA VAL T 281 -50.14 -66.22 -6.37
C VAL T 281 -51.64 -66.03 -6.52
N THR T 282 -52.35 -67.12 -6.77
CA THR T 282 -53.80 -67.14 -6.75
C THR T 282 -54.37 -68.26 -5.90
N THR T 283 -53.58 -69.30 -5.63
CA THR T 283 -53.92 -70.34 -4.68
C THR T 283 -52.84 -70.39 -3.61
N VAL T 284 -53.20 -70.97 -2.46
CA VAL T 284 -52.27 -71.01 -1.33
C VAL T 284 -51.00 -71.77 -1.70
N GLY T 285 -51.12 -72.77 -2.57
CA GLY T 285 -49.94 -73.49 -3.03
C GLY T 285 -48.95 -72.61 -3.75
N GLY T 286 -49.45 -71.78 -4.69
CA GLY T 286 -48.56 -70.86 -5.38
C GLY T 286 -47.94 -69.83 -4.45
N ALA T 287 -48.66 -69.48 -3.39
CA ALA T 287 -48.16 -68.50 -2.44
C ALA T 287 -46.90 -69.01 -1.73
N GLN T 288 -46.91 -70.27 -1.33
CA GLN T 288 -45.72 -70.84 -0.69
C GLN T 288 -44.54 -70.87 -1.65
N GLU T 289 -44.79 -71.23 -2.90
CA GLU T 289 -43.73 -71.24 -3.90
C GLU T 289 -43.17 -69.85 -4.14
N SER T 290 -44.05 -68.83 -4.19
CA SER T 290 -43.60 -67.49 -4.51
C SER T 290 -42.70 -66.91 -3.44
N VAL T 291 -42.92 -67.28 -2.17
CA VAL T 291 -42.04 -66.78 -1.10
C VAL T 291 -40.62 -67.26 -1.32
N ALA T 292 -40.46 -68.55 -1.67
CA ALA T 292 -39.14 -69.07 -1.93
C ALA T 292 -38.53 -68.45 -3.19
N ILE T 293 -39.35 -68.23 -4.21
CA ILE T 293 -38.86 -67.64 -5.46
C ILE T 293 -38.32 -66.23 -5.21
N VAL T 294 -39.06 -65.43 -4.44
CA VAL T 294 -38.62 -64.08 -4.16
C VAL T 294 -37.36 -64.10 -3.28
N ASP T 295 -37.29 -65.04 -2.34
CA ASP T 295 -36.08 -65.12 -1.51
C ASP T 295 -34.85 -65.42 -2.35
N ALA T 296 -34.99 -66.30 -3.34
CA ALA T 296 -33.89 -66.54 -4.27
C ALA T 296 -33.56 -65.26 -5.05
N ALA T 297 -34.59 -64.52 -5.45
CA ALA T 297 -34.36 -63.27 -6.16
C ALA T 297 -33.61 -62.27 -5.29
N LEU T 298 -34.00 -62.17 -4.02
CA LEU T 298 -33.35 -61.22 -3.11
C LEU T 298 -31.88 -61.58 -2.90
N LYS T 299 -31.58 -62.87 -2.75
CA LYS T 299 -30.20 -63.30 -2.58
C LYS T 299 -29.37 -62.95 -3.81
N TYR T 300 -29.92 -63.20 -5.00
CA TYR T 300 -29.19 -62.91 -6.22
C TYR T 300 -28.95 -61.41 -6.39
N VAL T 301 -29.97 -60.61 -6.11
CA VAL T 301 -29.83 -59.16 -6.25
C VAL T 301 -28.82 -58.63 -5.24
N ASP T 302 -28.90 -59.09 -4.00
CA ASP T 302 -27.95 -58.66 -2.97
C ASP T 302 -26.53 -59.06 -3.32
N SER T 303 -26.35 -60.25 -3.90
CA SER T 303 -25.02 -60.71 -4.27
C SER T 303 -24.39 -59.78 -5.30
N HIS T 304 -25.18 -59.32 -6.27
CA HIS T 304 -24.63 -58.36 -7.23
C HIS T 304 -24.45 -56.98 -6.62
N ARG T 305 -25.26 -56.62 -5.63
CA ARG T 305 -25.04 -55.36 -4.93
C ARG T 305 -23.70 -55.37 -4.20
N ALA T 306 -23.33 -56.52 -3.63
CA ALA T 306 -22.03 -56.64 -2.99
C ALA T 306 -20.90 -56.50 -3.99
N GLU T 307 -21.06 -57.09 -5.18
CA GLU T 307 -20.00 -57.01 -6.17
C GLU T 307 -19.92 -55.61 -6.77
N LEU T 308 -21.05 -54.91 -6.84
CA LEU T 308 -21.01 -53.50 -7.24
C LEU T 308 -20.33 -52.65 -6.18
N GLY T 309 -20.58 -52.96 -4.90
CA GLY T 309 -19.93 -52.23 -3.83
C GLY T 309 -18.44 -52.47 -3.78
N ALA T 310 -18.03 -53.73 -4.03
CA ALA T 310 -16.59 -54.01 -4.09
C ALA T 310 -15.94 -53.26 -5.23
N PHE T 311 -16.59 -53.20 -6.39
CA PHE T 311 -16.09 -52.40 -7.49
C PHE T 311 -16.09 -50.92 -7.12
N GLN T 312 -17.05 -50.49 -6.30
CA GLN T 312 -17.09 -49.10 -5.88
C GLN T 312 -15.86 -48.74 -5.05
N ASN T 313 -15.52 -49.59 -4.08
CA ASN T 313 -14.37 -49.32 -3.22
C ASN T 313 -13.04 -49.54 -3.92
N ARG T 314 -12.99 -50.40 -4.94
CA ARG T 314 -11.76 -50.57 -5.71
C ARG T 314 -11.34 -49.27 -6.37
N PHE T 315 -12.29 -48.58 -7.00
CA PHE T 315 -11.98 -47.32 -7.67
C PHE T 315 -11.79 -46.19 -6.68
N ASN T 316 -12.36 -46.30 -5.48
CA ASN T 316 -12.14 -45.28 -4.46
C ASN T 316 -10.68 -45.24 -4.04
N HIS T 317 -10.08 -46.41 -3.82
CA HIS T 317 -8.66 -46.47 -3.54
C HIS T 317 -7.81 -46.25 -4.79
N ALA T 318 -8.39 -46.43 -5.98
CA ALA T 318 -7.65 -46.16 -7.20
C ALA T 318 -7.49 -44.67 -7.42
N ILE T 319 -8.49 -43.88 -7.06
CA ILE T 319 -8.45 -42.43 -7.32
C ILE T 319 -7.33 -41.79 -6.52
N ASN T 320 -7.28 -42.03 -5.20
CA ASN T 320 -6.26 -41.36 -4.39
C ASN T 320 -4.89 -41.97 -4.61
N ASN T 321 -4.83 -43.22 -5.10
CA ASN T 321 -3.54 -43.76 -5.53
C ASN T 321 -3.00 -43.01 -6.74
N LEU T 322 -3.87 -42.75 -7.72
CA LEU T 322 -3.46 -41.97 -8.88
C LEU T 322 -3.15 -40.53 -8.51
N ASP T 323 -3.89 -39.97 -7.54
CA ASP T 323 -3.58 -38.62 -7.07
C ASP T 323 -2.23 -38.59 -6.37
N ASN T 324 -1.91 -39.61 -5.58
CA ASN T 324 -0.60 -39.66 -4.93
C ASN T 324 0.52 -39.76 -5.96
N ILE T 325 0.33 -40.60 -6.98
CA ILE T 325 1.31 -40.68 -8.06
C ILE T 325 1.39 -39.34 -8.79
N ASN T 326 0.24 -38.75 -9.11
CA ASN T 326 0.21 -37.52 -9.90
C ASN T 326 0.91 -36.39 -9.17
N GLU T 327 0.75 -36.30 -7.85
CA GLU T 327 1.46 -35.30 -7.08
C GLU T 327 2.96 -35.50 -7.18
N ASN T 328 3.42 -36.76 -7.11
CA ASN T 328 4.84 -37.02 -7.10
C ASN T 328 5.46 -36.84 -8.48
N VAL T 329 4.80 -37.32 -9.54
CA VAL T 329 5.36 -37.17 -10.87
C VAL T 329 5.38 -35.70 -11.28
N ASN T 330 4.36 -34.93 -10.87
CA ASN T 330 4.38 -33.49 -11.11
C ASN T 330 5.54 -32.85 -10.37
N ALA T 331 5.81 -33.29 -9.14
CA ALA T 331 6.97 -32.77 -8.42
C ALA T 331 8.26 -33.14 -9.14
N SER T 332 8.35 -34.36 -9.67
CA SER T 332 9.51 -34.74 -10.47
C SER T 332 9.58 -33.97 -11.77
N LYS T 333 8.45 -33.52 -12.29
CA LYS T 333 8.43 -32.62 -13.45
C LYS T 333 8.61 -31.18 -13.02
N SER T 334 9.63 -30.96 -12.19
CA SER T 334 10.02 -29.64 -11.73
C SER T 334 11.45 -29.75 -11.26
N ARG T 335 12.23 -28.70 -11.50
CA ARG T 335 13.69 -28.67 -11.32
C ARG T 335 14.35 -29.57 -12.35
N ILE T 336 13.55 -30.28 -13.13
CA ILE T 336 13.99 -30.96 -14.34
C ILE T 336 13.43 -30.29 -15.59
N LYS T 337 12.22 -29.75 -15.48
CA LYS T 337 11.59 -28.95 -16.52
C LYS T 337 11.29 -27.53 -16.05
N ASP T 338 10.61 -27.38 -14.91
CA ASP T 338 10.33 -26.06 -14.37
C ASP T 338 11.62 -25.37 -13.96
N THR T 339 11.66 -24.04 -14.12
CA THR T 339 12.80 -23.25 -13.69
C THR T 339 12.55 -22.72 -12.29
N ASP T 340 13.62 -22.64 -11.51
CA ASP T 340 13.56 -21.94 -10.23
C ASP T 340 13.90 -20.48 -10.45
N PHE T 341 13.00 -19.59 -10.01
CA PHE T 341 13.14 -18.19 -10.35
C PHE T 341 14.33 -17.55 -9.64
N ALA T 342 14.81 -18.16 -8.55
CA ALA T 342 15.92 -17.61 -7.81
C ALA T 342 17.19 -17.58 -8.65
N LYS T 343 17.68 -18.77 -9.04
CA LYS T 343 18.97 -18.84 -9.73
C LYS T 343 18.91 -18.18 -11.10
N GLU T 344 17.80 -18.34 -11.80
CA GLU T 344 17.69 -17.77 -13.15
C GLU T 344 17.77 -16.26 -13.11
N THR T 345 17.15 -15.63 -12.10
CA THR T 345 17.21 -14.18 -12.00
C THR T 345 18.64 -13.69 -11.77
N THR T 346 19.38 -14.35 -10.89
CA THR T 346 20.77 -13.96 -10.65
C THR T 346 21.63 -14.18 -11.88
N ALA T 347 21.39 -15.26 -12.61
CA ALA T 347 22.13 -15.49 -13.84
C ALA T 347 21.84 -14.41 -14.87
N LEU T 348 20.57 -13.99 -14.97
CA LEU T 348 20.22 -12.88 -15.85
C LEU T 348 20.90 -11.60 -15.41
N THR T 349 20.90 -11.32 -14.11
CA THR T 349 21.51 -10.10 -13.61
C THR T 349 23.01 -10.09 -13.88
N LYS T 350 23.69 -11.20 -13.56
CA LYS T 350 25.13 -11.27 -13.80
C LYS T 350 25.45 -11.10 -15.27
N ALA T 351 24.68 -11.77 -16.14
CA ALA T 351 24.92 -11.63 -17.58
C ALA T 351 24.73 -10.20 -18.05
N GLN T 352 23.82 -9.45 -17.42
CA GLN T 352 23.62 -8.07 -17.80
C GLN T 352 24.84 -7.22 -17.49
N ILE T 353 25.47 -7.45 -16.32
CA ILE T 353 26.64 -6.66 -15.97
C ILE T 353 27.80 -6.99 -16.89
N LEU T 354 27.98 -8.26 -17.24
CA LEU T 354 29.03 -8.62 -18.20
C LEU T 354 28.81 -7.93 -19.53
N SER T 355 27.58 -7.90 -20.01
CA SER T 355 27.29 -7.22 -21.28
C SER T 355 27.57 -5.72 -21.16
N GLN T 356 27.20 -5.12 -20.04
CA GLN T 356 27.49 -3.70 -19.84
C GLN T 356 28.98 -3.45 -19.71
N ALA T 357 29.69 -4.35 -19.03
CA ALA T 357 31.13 -4.18 -18.86
C ALA T 357 31.87 -4.35 -20.17
N SER T 358 31.51 -5.36 -20.96
CA SER T 358 32.16 -5.54 -22.25
C SER T 358 31.87 -4.38 -23.18
N SER T 359 30.61 -3.93 -23.22
CA SER T 359 30.26 -2.78 -24.05
C SER T 359 31.01 -1.53 -23.62
N SER T 360 31.14 -1.33 -22.30
CA SER T 360 31.93 -0.20 -21.82
C SER T 360 33.40 -0.39 -22.13
N VAL T 361 33.87 -1.63 -22.19
CA VAL T 361 35.26 -1.90 -22.57
C VAL T 361 35.50 -1.49 -24.01
N LEU T 362 34.49 -1.64 -24.88
CA LEU T 362 34.62 -1.16 -26.25
C LEU T 362 35.05 0.30 -26.28
N ALA T 363 34.52 1.11 -25.36
CA ALA T 363 34.76 2.56 -25.40
C ALA T 363 36.25 2.88 -25.38
N GLN T 364 36.97 2.32 -24.43
CA GLN T 364 38.42 2.57 -24.37
C GLN T 364 39.20 1.74 -25.36
N ALA T 365 38.56 0.78 -26.04
CA ALA T 365 39.21 0.01 -27.09
C ALA T 365 39.10 0.66 -28.46
N LYS T 366 38.09 1.50 -28.67
CA LYS T 366 37.95 2.20 -29.95
C LYS T 366 38.95 3.33 -30.09
N GLN T 367 39.37 3.93 -28.98
CA GLN T 367 40.31 5.04 -29.00
C GLN T 367 41.77 4.58 -29.05
N ALA T 368 42.03 3.28 -29.01
CA ALA T 368 43.40 2.80 -29.16
C ALA T 368 43.99 3.19 -30.51
N PRO T 369 43.32 3.01 -31.66
CA PRO T 369 43.86 3.57 -32.90
C PRO T 369 43.97 5.08 -32.88
N ASN T 370 43.11 5.76 -32.12
CA ASN T 370 43.16 7.21 -32.07
C ASN T 370 44.48 7.68 -31.46
N SER T 371 44.94 7.01 -30.41
CA SER T 371 46.24 7.34 -29.85
C SER T 371 47.37 7.01 -30.81
N ALA T 372 47.18 6.02 -31.68
CA ALA T 372 48.18 5.70 -32.68
C ALA T 372 48.39 6.87 -33.64
N LEU T 373 47.29 7.50 -34.06
CA LEU T 373 47.42 8.66 -34.94
C LEU T 373 47.94 9.88 -34.18
N ALA T 374 47.64 9.97 -32.88
CA ALA T 374 47.99 11.15 -32.10
C ALA T 374 49.47 11.43 -32.10
N LEU T 375 50.32 10.41 -32.29
CA LEU T 375 51.76 10.65 -32.30
C LEU T 375 52.20 11.39 -33.56
N LEU T 376 51.52 11.14 -34.68
CA LEU T 376 51.83 11.79 -35.95
C LEU T 376 50.65 12.66 -36.35
N GLY T 377 50.81 13.97 -36.22
CA GLY T 377 49.75 14.90 -36.54
C GLY T 377 49.30 14.85 -37.98
N MET U 1 116.92 36.14 -52.10
CA MET U 1 116.51 35.08 -53.00
C MET U 1 117.04 35.32 -54.41
N ALA U 2 116.48 34.59 -55.36
CA ALA U 2 116.82 34.73 -56.77
C ALA U 2 115.64 35.31 -57.53
N VAL U 3 115.89 36.34 -58.33
CA VAL U 3 114.83 36.95 -59.13
C VAL U 3 114.60 36.07 -60.34
N ASN U 4 113.65 35.13 -60.23
CA ASN U 4 113.46 34.10 -61.22
C ASN U 4 111.98 33.93 -61.49
N VAL U 5 111.66 33.58 -62.74
CA VAL U 5 110.28 33.38 -63.17
C VAL U 5 110.14 31.99 -63.77
N ASN U 6 111.27 31.32 -63.99
CA ASN U 6 111.26 29.98 -64.56
C ASN U 6 110.65 28.96 -63.61
N THR U 7 110.56 29.27 -62.32
CA THR U 7 109.94 28.40 -61.34
C THR U 7 109.28 29.27 -60.27
N ASN U 8 108.32 28.68 -59.56
CA ASN U 8 107.63 29.36 -58.46
C ASN U 8 107.52 28.35 -57.30
N VAL U 9 108.53 28.35 -56.43
CA VAL U 9 108.51 27.44 -55.29
C VAL U 9 107.38 27.83 -54.33
N SER U 10 107.17 29.12 -54.12
CA SER U 10 106.11 29.57 -53.21
C SER U 10 104.74 29.11 -53.70
N ALA U 11 104.48 29.22 -54.99
CA ALA U 11 103.20 28.76 -55.53
C ALA U 11 103.09 27.25 -55.45
N MET U 12 104.18 26.53 -55.76
CA MET U 12 104.13 25.07 -55.75
C MET U 12 103.83 24.54 -54.35
N THR U 13 104.50 25.09 -53.33
CA THR U 13 104.22 24.66 -51.96
C THR U 13 102.82 25.07 -51.54
N ALA U 14 102.38 26.28 -51.92
CA ALA U 14 101.02 26.70 -51.60
C ALA U 14 99.99 25.77 -52.22
N GLN U 15 100.19 25.37 -53.48
CA GLN U 15 99.28 24.44 -54.12
C GLN U 15 99.29 23.09 -53.42
N ARG U 16 100.46 22.68 -52.89
CA ARG U 16 100.52 21.47 -52.09
C ARG U 16 99.64 21.59 -50.85
N TYR U 17 99.57 22.79 -50.26
CA TYR U 17 98.74 22.97 -49.08
C TYR U 17 97.26 23.05 -49.44
N LEU U 18 96.94 23.65 -50.59
CA LEU U 18 95.56 23.62 -51.06
C LEU U 18 95.09 22.19 -51.27
N THR U 19 95.93 21.37 -51.89
CA THR U 19 95.56 19.98 -52.15
C THR U 19 95.47 19.18 -50.86
N SER U 20 96.49 19.30 -50.01
CA SER U 20 96.59 18.43 -48.84
C SER U 20 95.60 18.80 -47.75
N ALA U 21 95.28 20.10 -47.63
CA ALA U 21 94.40 20.52 -46.55
C ALA U 21 92.94 20.20 -46.86
N THR U 22 92.54 20.33 -48.12
CA THR U 22 91.14 20.32 -48.49
C THR U 22 90.70 19.05 -49.23
N ASN U 23 91.58 18.09 -49.46
CA ASN U 23 91.10 16.81 -49.97
C ASN U 23 90.37 16.05 -48.88
N ALA U 24 90.85 16.17 -47.63
CA ALA U 24 90.08 15.66 -46.48
C ALA U 24 88.79 16.45 -46.32
N GLN U 25 88.78 17.72 -46.74
CA GLN U 25 87.52 18.45 -46.82
C GLN U 25 86.58 17.81 -47.83
N GLN U 26 87.11 17.29 -48.93
CA GLN U 26 86.27 16.59 -49.89
C GLN U 26 85.59 15.38 -49.28
N SER U 27 86.19 14.77 -48.26
CA SER U 27 85.50 13.73 -47.50
C SER U 27 84.26 14.27 -46.81
N SER U 28 84.27 15.54 -46.42
CA SER U 28 83.10 16.22 -45.90
C SER U 28 82.13 16.51 -47.05
N MET U 29 80.96 17.05 -46.70
CA MET U 29 79.78 17.05 -47.57
C MET U 29 79.49 15.65 -48.12
N GLU U 30 80.01 14.62 -47.46
CA GLU U 30 79.61 13.25 -47.76
C GLU U 30 79.27 12.55 -46.44
N ARG U 31 80.01 12.89 -45.39
CA ARG U 31 79.66 12.40 -44.06
C ARG U 31 78.38 13.05 -43.56
N LEU U 32 78.15 14.31 -43.93
CA LEU U 32 76.89 14.96 -43.58
C LEU U 32 75.74 14.42 -44.41
N SER U 33 75.94 14.26 -45.72
CA SER U 33 74.87 13.80 -46.60
C SER U 33 74.42 12.40 -46.22
N SER U 34 75.37 11.48 -46.02
CA SER U 34 75.02 10.12 -45.65
C SER U 34 74.63 10.02 -44.18
N GLY U 35 75.22 10.84 -43.33
CA GLY U 35 75.07 10.68 -41.91
C GLY U 35 76.01 9.68 -41.28
N TYR U 36 76.85 9.02 -42.08
CA TYR U 36 77.81 8.05 -41.59
C TYR U 36 79.21 8.59 -41.77
N LYS U 37 79.97 8.64 -40.67
CA LYS U 37 81.38 9.01 -40.76
C LYS U 37 82.24 7.88 -41.30
N ILE U 38 81.72 6.67 -41.38
CA ILE U 38 82.42 5.53 -41.96
C ILE U 38 81.63 5.05 -43.16
N ASN U 39 82.13 5.32 -44.36
CA ASN U 39 81.50 4.89 -45.59
C ASN U 39 82.45 4.21 -46.56
N SER U 40 83.76 4.42 -46.43
CA SER U 40 84.75 3.76 -47.25
C SER U 40 85.83 3.18 -46.36
N ALA U 41 86.40 2.05 -46.79
CA ALA U 41 87.41 1.37 -45.99
C ALA U 41 88.65 2.22 -45.79
N LYS U 42 88.92 3.19 -46.67
CA LYS U 42 90.09 4.03 -46.53
C LYS U 42 90.02 4.92 -45.29
N ASP U 43 88.83 5.16 -44.76
CA ASP U 43 88.70 6.00 -43.57
C ASP U 43 89.12 5.23 -42.31
N ASP U 44 88.44 4.12 -42.03
CA ASP U 44 88.74 3.30 -40.84
C ASP U 44 88.49 1.85 -41.22
N ALA U 45 89.57 1.13 -41.56
CA ALA U 45 89.44 -0.29 -41.89
C ALA U 45 88.96 -1.08 -40.68
N ALA U 46 89.52 -0.81 -39.51
CA ALA U 46 89.08 -1.52 -38.31
C ALA U 46 87.64 -1.17 -37.95
N GLY U 47 87.29 0.11 -38.05
CA GLY U 47 85.94 0.53 -37.72
C GLY U 47 84.89 -0.05 -38.66
N LEU U 48 85.25 -0.25 -39.92
CA LEU U 48 84.30 -0.80 -40.88
C LEU U 48 83.90 -2.23 -40.51
N GLN U 49 84.88 -3.05 -40.11
CA GLN U 49 84.60 -4.45 -39.80
C GLN U 49 83.67 -4.57 -38.61
N ILE U 50 83.98 -3.85 -37.52
CA ILE U 50 83.17 -3.96 -36.30
C ILE U 50 81.78 -3.39 -36.54
N SER U 51 81.69 -2.27 -37.26
CA SER U 51 80.39 -1.67 -37.53
C SER U 51 79.51 -2.58 -38.38
N ASN U 52 80.10 -3.24 -39.37
CA ASN U 52 79.33 -4.17 -40.20
C ASN U 52 78.80 -5.32 -39.35
N ARG U 53 79.63 -5.84 -38.43
CA ARG U 53 79.16 -6.87 -37.52
C ARG U 53 78.00 -6.37 -36.67
N LEU U 54 78.04 -5.09 -36.28
CA LEU U 54 77.00 -4.54 -35.44
C LEU U 54 75.66 -4.48 -36.16
N ASN U 55 75.64 -3.91 -37.37
CA ASN U 55 74.37 -3.77 -38.10
C ASN U 55 73.84 -5.13 -38.54
N VAL U 56 74.71 -6.10 -38.79
CA VAL U 56 74.26 -7.45 -39.10
C VAL U 56 73.51 -8.02 -37.89
N GLN U 57 74.06 -7.82 -36.70
CA GLN U 57 73.37 -8.27 -35.49
C GLN U 57 72.05 -7.53 -35.30
N SER U 58 72.04 -6.21 -35.53
CA SER U 58 70.82 -5.44 -35.32
C SER U 58 69.71 -5.89 -36.25
N ARG U 59 70.03 -6.09 -37.53
CA ARG U 59 69.03 -6.61 -38.46
C ARG U 59 68.60 -8.02 -38.08
N GLY U 60 69.56 -8.84 -37.64
CA GLY U 60 69.22 -10.18 -37.18
C GLY U 60 68.29 -10.16 -35.99
N LEU U 61 68.45 -9.18 -35.11
CA LEU U 61 67.54 -9.04 -33.98
C LEU U 61 66.14 -8.67 -34.43
N GLY U 62 66.04 -7.86 -35.49
CA GLY U 62 64.73 -7.50 -36.01
C GLY U 62 63.96 -8.70 -36.51
N VAL U 63 64.63 -9.58 -37.26
CA VAL U 63 63.97 -10.80 -37.70
C VAL U 63 63.86 -11.80 -36.57
N ALA U 64 64.67 -11.63 -35.51
CA ALA U 64 64.57 -12.52 -34.36
C ALA U 64 63.28 -12.28 -33.58
N VAL U 65 62.95 -11.01 -33.32
CA VAL U 65 61.69 -10.72 -32.64
C VAL U 65 60.52 -11.02 -33.54
N ARG U 66 60.69 -10.91 -34.85
CA ARG U 66 59.62 -11.26 -35.78
C ARG U 66 59.32 -12.75 -35.74
N ASN U 67 60.36 -13.58 -35.87
CA ASN U 67 60.17 -15.02 -35.82
C ASN U 67 59.64 -15.46 -34.45
N ALA U 68 60.17 -14.87 -33.38
CA ALA U 68 59.69 -15.22 -32.04
C ALA U 68 58.24 -14.81 -31.85
N ASN U 69 57.85 -13.67 -32.41
CA ASN U 69 56.45 -13.26 -32.33
C ASN U 69 55.55 -14.25 -33.06
N ASP U 70 55.99 -14.74 -34.22
CA ASP U 70 55.25 -15.79 -34.89
C ASP U 70 55.17 -17.05 -34.03
N GLY U 71 56.20 -17.30 -33.22
CA GLY U 71 56.14 -18.41 -32.30
C GLY U 71 55.04 -18.26 -31.27
N ILE U 72 54.87 -17.04 -30.74
CA ILE U 72 53.78 -16.79 -29.80
C ILE U 72 52.44 -16.93 -30.51
N SER U 73 52.34 -16.44 -31.75
CA SER U 73 51.08 -16.53 -32.47
C SER U 73 50.68 -17.97 -32.71
N MET U 74 51.62 -18.82 -33.09
CA MET U 74 51.30 -20.25 -33.26
C MET U 74 50.94 -20.87 -31.93
N ALA U 75 51.58 -20.44 -30.85
CA ALA U 75 51.26 -20.97 -29.54
C ALA U 75 49.84 -20.61 -29.11
N GLN U 76 49.44 -19.36 -29.33
CA GLN U 76 48.13 -18.92 -28.85
C GLN U 76 47.01 -19.42 -29.75
N THR U 77 47.28 -19.61 -31.04
CA THR U 77 46.26 -20.16 -31.93
C THR U 77 45.87 -21.57 -31.50
N ALA U 78 46.85 -22.39 -31.13
CA ALA U 78 46.53 -23.69 -30.54
C ALA U 78 45.81 -23.52 -29.22
N GLU U 79 46.22 -22.54 -28.42
CA GLU U 79 45.54 -22.25 -27.16
C GLU U 79 44.09 -21.87 -27.37
N GLY U 80 43.76 -21.26 -28.51
CA GLY U 80 42.38 -20.89 -28.77
C GLY U 80 41.48 -22.11 -28.87
N ALA U 81 41.92 -23.13 -29.62
CA ALA U 81 41.17 -24.38 -29.66
C ALA U 81 41.24 -25.10 -28.32
N MET U 82 42.27 -24.83 -27.52
CA MET U 82 42.38 -25.45 -26.21
C MET U 82 41.22 -25.04 -25.29
N LYS U 83 40.84 -23.77 -25.34
CA LYS U 83 39.74 -23.31 -24.50
C LYS U 83 38.46 -24.05 -24.82
N GLU U 84 38.19 -24.28 -26.11
CA GLU U 84 36.98 -25.00 -26.50
C GLU U 84 37.11 -26.49 -26.21
N THR U 85 38.29 -27.06 -26.43
CA THR U 85 38.48 -28.49 -26.17
C THR U 85 38.23 -28.81 -24.71
N THR U 86 38.71 -27.95 -23.80
CA THR U 86 38.40 -28.12 -22.39
C THR U 86 36.92 -27.97 -22.14
N ASN U 87 36.27 -27.00 -22.80
CA ASN U 87 34.84 -26.77 -22.58
C ASN U 87 34.01 -27.97 -23.00
N ILE U 88 34.33 -28.58 -24.14
CA ILE U 88 33.57 -29.74 -24.58
C ILE U 88 33.86 -30.94 -23.69
N LEU U 89 35.12 -31.11 -23.29
CA LEU U 89 35.45 -32.22 -22.39
C LEU U 89 34.75 -32.07 -21.05
N GLN U 90 34.71 -30.85 -20.51
CA GLN U 90 33.95 -30.62 -19.28
C GLN U 90 32.47 -30.92 -19.48
N ARG U 91 31.93 -30.54 -20.64
CA ARG U 91 30.55 -30.87 -20.94
C ARG U 91 30.35 -32.37 -21.03
N MET U 92 31.31 -33.09 -21.63
CA MET U 92 31.18 -34.54 -21.77
C MET U 92 31.04 -35.21 -20.40
N ARG U 93 31.93 -34.87 -19.47
CA ARG U 93 31.82 -35.39 -18.12
C ARG U 93 30.54 -34.91 -17.45
N ASP U 94 30.02 -33.76 -17.90
CA ASP U 94 28.87 -33.15 -17.24
C ASP U 94 27.63 -34.04 -17.37
N LEU U 95 27.38 -34.58 -18.58
CA LEU U 95 26.20 -35.43 -18.71
C LEU U 95 26.53 -36.91 -18.55
N SER U 96 27.80 -37.30 -18.61
CA SER U 96 28.16 -38.66 -18.23
C SER U 96 27.81 -38.93 -16.78
N LEU U 97 28.03 -37.93 -15.91
CA LEU U 97 27.54 -38.01 -14.55
C LEU U 97 26.02 -38.10 -14.52
N GLN U 98 25.35 -37.43 -15.45
CA GLN U 98 23.90 -37.44 -15.51
C GLN U 98 23.36 -38.81 -15.93
N SER U 99 24.09 -39.50 -16.80
CA SER U 99 23.65 -40.81 -17.26
C SER U 99 23.81 -41.91 -16.22
N ALA U 100 24.66 -41.70 -15.22
CA ALA U 100 24.91 -42.69 -14.18
C ALA U 100 23.76 -42.81 -13.19
N ASN U 101 22.63 -42.18 -13.47
CA ASN U 101 21.47 -42.27 -12.60
C ASN U 101 20.96 -43.70 -12.52
N GLY U 102 20.13 -43.95 -11.52
CA GLY U 102 19.29 -45.11 -11.50
C GLY U 102 17.87 -44.82 -11.94
N SER U 103 17.59 -43.56 -12.29
CA SER U 103 16.23 -43.15 -12.62
C SER U 103 15.97 -43.22 -14.13
N ASN U 104 16.92 -42.74 -14.93
CA ASN U 104 16.72 -42.70 -16.37
C ASN U 104 16.69 -44.11 -16.95
N SER U 105 15.77 -44.31 -17.89
CA SER U 105 15.60 -45.59 -18.56
C SER U 105 16.60 -45.70 -19.71
N LYS U 106 16.47 -46.75 -20.51
CA LYS U 106 17.41 -47.00 -21.60
C LYS U 106 17.35 -45.89 -22.65
N ALA U 107 16.15 -45.39 -22.95
CA ALA U 107 15.99 -44.40 -24.00
C ALA U 107 16.74 -43.12 -23.68
N ASP U 108 16.69 -42.68 -22.42
CA ASP U 108 17.37 -41.45 -22.04
C ASP U 108 18.88 -41.58 -22.22
N ARG U 109 19.45 -42.71 -21.82
CA ARG U 109 20.87 -42.93 -22.05
C ARG U 109 21.20 -42.99 -23.54
N VAL U 110 20.26 -43.46 -24.36
CA VAL U 110 20.46 -43.41 -25.80
C VAL U 110 20.55 -41.97 -26.26
N ALA U 111 19.68 -41.12 -25.75
CA ALA U 111 19.72 -39.70 -26.11
C ALA U 111 21.02 -39.06 -25.67
N ILE U 112 21.51 -39.41 -24.48
CA ILE U 112 22.79 -38.91 -24.02
C ILE U 112 23.91 -39.41 -24.93
N GLN U 113 23.83 -40.66 -25.37
CA GLN U 113 24.85 -41.20 -26.25
C GLN U 113 24.90 -40.43 -27.57
N GLU U 114 23.73 -40.05 -28.11
CA GLU U 114 23.72 -39.23 -29.31
C GLU U 114 24.39 -37.88 -29.07
N GLU U 115 24.32 -37.39 -27.83
CA GLU U 115 25.01 -36.15 -27.51
C GLU U 115 26.51 -36.36 -27.39
N ILE U 116 26.92 -37.48 -26.79
CA ILE U 116 28.35 -37.77 -26.64
C ILE U 116 28.99 -37.97 -28.01
N THR U 117 28.34 -38.74 -28.88
CA THR U 117 28.91 -38.99 -30.19
C THR U 117 28.89 -37.72 -31.06
N ALA U 118 27.96 -36.81 -30.78
CA ALA U 118 27.98 -35.52 -31.47
C ALA U 118 29.20 -34.70 -31.07
N LEU U 119 29.43 -34.57 -29.75
CA LEU U 119 30.60 -33.83 -29.30
C LEU U 119 31.89 -34.56 -29.61
N ASN U 120 31.83 -35.89 -29.72
CA ASN U 120 33.02 -36.65 -30.10
C ASN U 120 33.49 -36.27 -31.49
N ASP U 121 32.56 -36.08 -32.42
CA ASP U 121 32.93 -35.61 -33.75
C ASP U 121 33.51 -34.21 -33.69
N GLU U 122 33.07 -33.41 -32.72
CA GLU U 122 33.62 -32.06 -32.56
C GLU U 122 35.08 -32.10 -32.14
N LEU U 123 35.42 -33.01 -31.21
CA LEU U 123 36.81 -33.13 -30.78
C LEU U 123 37.71 -33.51 -31.94
N ASN U 124 37.27 -34.47 -32.75
CA ASN U 124 38.06 -34.87 -33.91
C ASN U 124 38.13 -33.77 -34.95
N ARG U 125 37.03 -33.04 -35.16
CA ARG U 125 37.01 -32.00 -36.18
C ARG U 125 37.94 -30.85 -35.79
N VAL U 126 37.86 -30.38 -34.53
CA VAL U 126 38.68 -29.26 -34.12
C VAL U 126 40.16 -29.62 -34.16
N ALA U 127 40.49 -30.89 -33.92
CA ALA U 127 41.88 -31.33 -34.04
C ALA U 127 42.37 -31.27 -35.48
N GLU U 128 41.45 -31.41 -36.44
CA GLU U 128 41.80 -31.40 -37.86
C GLU U 128 41.45 -30.10 -38.55
N THR U 129 40.94 -29.10 -37.83
CA THR U 129 40.57 -27.82 -38.43
C THR U 129 41.51 -26.68 -38.07
N THR U 130 41.97 -26.62 -36.81
CA THR U 130 42.90 -25.58 -36.40
C THR U 130 44.15 -25.64 -37.25
N SER U 131 44.37 -24.62 -38.08
CA SER U 131 45.36 -24.70 -39.14
C SER U 131 46.48 -23.67 -39.01
N PHE U 132 46.14 -22.40 -38.81
CA PHE U 132 47.10 -21.30 -38.86
C PHE U 132 47.80 -21.27 -40.23
N GLY U 133 47.00 -21.01 -41.25
CA GLY U 133 47.52 -20.81 -42.58
C GLY U 133 48.09 -22.05 -43.22
N GLY U 134 47.30 -23.13 -43.29
CA GLY U 134 47.67 -24.32 -44.00
C GLY U 134 48.45 -25.34 -43.19
N ASN U 135 48.84 -25.02 -41.96
CA ASN U 135 49.48 -25.99 -41.08
C ASN U 135 48.40 -26.81 -40.39
N LYS U 136 48.79 -27.64 -39.43
CA LYS U 136 47.85 -28.47 -38.68
C LYS U 136 48.36 -28.54 -37.25
N LEU U 137 47.81 -27.68 -36.38
CA LEU U 137 48.36 -27.54 -35.04
C LEU U 137 48.07 -28.76 -34.18
N LEU U 138 46.83 -29.21 -34.15
CA LEU U 138 46.40 -30.24 -33.21
C LEU U 138 46.19 -31.61 -33.84
N ASN U 139 46.38 -31.74 -35.14
CA ASN U 139 46.23 -33.04 -35.79
C ASN U 139 47.35 -34.02 -35.43
N GLY U 140 48.42 -33.54 -34.81
CA GLY U 140 49.59 -34.36 -34.57
C GLY U 140 50.58 -34.39 -35.71
N THR U 141 50.20 -33.89 -36.89
CA THR U 141 51.15 -33.78 -37.98
C THR U 141 52.19 -32.70 -37.75
N PHE U 142 51.95 -31.81 -36.79
CA PHE U 142 52.91 -30.78 -36.43
C PHE U 142 53.95 -31.41 -35.50
N ALA U 143 55.11 -31.73 -36.06
CA ALA U 143 56.20 -32.30 -35.29
C ALA U 143 56.94 -31.17 -34.56
N THR U 144 58.11 -31.49 -34.02
CA THR U 144 58.92 -30.50 -33.32
C THR U 144 59.39 -29.44 -34.31
N LYS U 145 59.00 -28.20 -34.08
CA LYS U 145 59.45 -27.07 -34.89
C LYS U 145 60.34 -26.18 -34.05
N SER U 146 61.47 -25.78 -34.63
CA SER U 146 62.44 -24.94 -33.96
C SER U 146 62.28 -23.49 -34.43
N PHE U 147 62.12 -22.58 -33.49
CA PHE U 147 61.95 -21.16 -33.79
C PHE U 147 63.26 -20.42 -33.52
N GLN U 148 63.78 -19.77 -34.56
CA GLN U 148 65.02 -19.01 -34.43
C GLN U 148 64.70 -17.69 -33.75
N ILE U 149 65.17 -17.51 -32.52
CA ILE U 149 64.80 -16.36 -31.71
C ILE U 149 66.04 -15.59 -31.29
N GLY U 150 67.11 -15.64 -32.09
CA GLY U 150 68.34 -14.95 -31.76
C GLY U 150 69.00 -14.40 -33.01
N ALA U 151 70.05 -13.61 -32.77
CA ALA U 151 70.76 -12.95 -33.85
C ALA U 151 71.48 -13.94 -34.76
N ASP U 152 72.26 -14.85 -34.17
CA ASP U 152 73.03 -15.80 -34.93
C ASP U 152 72.20 -17.09 -35.12
N ASN U 153 72.83 -18.13 -35.67
CA ASN U 153 72.12 -19.32 -36.10
C ASN U 153 72.37 -20.48 -35.15
N GLY U 154 71.37 -21.36 -35.03
CA GLY U 154 71.48 -22.61 -34.32
C GLY U 154 70.88 -22.61 -32.93
N GLU U 155 70.77 -21.44 -32.30
CA GLU U 155 70.25 -21.35 -30.93
C GLU U 155 68.75 -21.10 -30.94
N ALA U 156 68.05 -21.96 -31.67
CA ALA U 156 66.60 -21.93 -31.70
C ALA U 156 66.02 -22.64 -30.49
N VAL U 157 64.70 -22.51 -30.32
CA VAL U 157 63.98 -23.15 -29.24
C VAL U 157 62.92 -24.06 -29.83
N MET U 158 62.95 -25.33 -29.46
CA MET U 158 62.04 -26.32 -30.02
C MET U 158 60.67 -26.22 -29.35
N LEU U 159 59.64 -26.56 -30.11
CA LEU U 159 58.27 -26.58 -29.61
C LEU U 159 57.54 -27.75 -30.25
N ASN U 160 56.80 -28.50 -29.43
CA ASN U 160 56.03 -29.63 -29.91
C ASN U 160 54.58 -29.50 -29.48
N ILE U 161 53.67 -29.78 -30.40
CA ILE U 161 52.23 -29.78 -30.13
C ILE U 161 51.74 -31.20 -30.31
N LYS U 162 51.26 -31.81 -29.23
CA LYS U 162 50.88 -33.20 -29.24
C LYS U 162 49.54 -33.40 -29.95
N ASP U 163 49.36 -34.59 -30.51
CA ASP U 163 48.13 -34.93 -31.19
C ASP U 163 46.97 -34.96 -30.22
N MET U 164 45.81 -34.45 -30.65
CA MET U 164 44.65 -34.41 -29.78
C MET U 164 43.39 -34.91 -30.47
N ARG U 165 43.52 -35.90 -31.35
CA ARG U 165 42.34 -36.63 -31.77
C ARG U 165 41.75 -37.36 -30.59
N SER U 166 40.43 -37.53 -30.58
CA SER U 166 39.77 -38.13 -29.44
C SER U 166 40.18 -39.58 -29.21
N ASP U 167 40.81 -40.22 -30.20
CA ASP U 167 41.27 -41.59 -30.09
C ASP U 167 42.72 -41.69 -29.63
N ASN U 168 43.33 -40.59 -29.22
CA ASN U 168 44.72 -40.61 -28.79
C ASN U 168 44.90 -41.51 -27.57
N ALA U 169 46.00 -42.28 -27.57
CA ALA U 169 46.25 -43.19 -26.46
C ALA U 169 46.44 -42.43 -25.15
N LEU U 170 47.17 -41.32 -25.19
CA LEU U 170 47.39 -40.51 -24.01
C LEU U 170 46.11 -39.84 -23.50
N MET U 171 45.05 -39.82 -24.30
CA MET U 171 43.82 -39.16 -23.90
C MET U 171 42.91 -40.08 -23.09
N GLY U 172 43.19 -41.38 -23.09
CA GLY U 172 42.38 -42.32 -22.34
C GLY U 172 43.15 -43.07 -21.28
N GLY U 173 42.97 -44.38 -21.23
CA GLY U 173 43.69 -45.19 -20.26
C GLY U 173 43.18 -46.62 -20.28
N LYS U 174 43.75 -47.42 -19.39
CA LYS U 174 43.38 -48.82 -19.26
C LYS U 174 42.23 -48.98 -18.25
N THR U 175 41.54 -50.11 -18.36
CA THR U 175 40.44 -50.42 -17.46
C THR U 175 40.43 -51.91 -17.15
N TYR U 176 39.84 -52.25 -16.01
CA TYR U 176 39.75 -53.63 -15.54
C TYR U 176 38.36 -53.86 -14.99
N GLN U 177 37.84 -55.07 -15.17
CA GLN U 177 36.47 -55.40 -14.79
C GLN U 177 36.46 -56.66 -13.93
N ALA U 178 35.65 -56.65 -12.88
CA ALA U 178 35.49 -57.84 -12.05
C ALA U 178 34.66 -58.89 -12.79
N ALA U 179 35.14 -60.13 -12.76
CA ALA U 179 34.47 -61.19 -13.51
C ALA U 179 33.08 -61.48 -12.93
N ASN U 180 32.99 -61.61 -11.61
CA ASN U 180 31.73 -61.94 -10.95
C ASN U 180 31.27 -60.77 -10.10
N GLY U 181 30.05 -60.31 -10.34
CA GLY U 181 29.50 -59.22 -9.58
C GLY U 181 28.94 -59.66 -8.24
N LYS U 182 28.89 -58.72 -7.31
CA LYS U 182 28.35 -58.95 -5.98
C LYS U 182 27.07 -58.15 -5.81
N ASP U 183 26.00 -58.82 -5.41
CA ASP U 183 24.71 -58.17 -5.27
C ASP U 183 24.69 -57.24 -4.06
N LYS U 184 23.54 -56.62 -3.82
CA LYS U 184 23.45 -55.61 -2.77
C LYS U 184 23.55 -56.22 -1.38
N ASN U 185 23.09 -57.46 -1.20
CA ASN U 185 23.19 -58.10 0.10
C ASN U 185 24.62 -58.47 0.45
N TRP U 186 25.47 -58.65 -0.55
CA TRP U 186 26.86 -59.04 -0.30
C TRP U 186 27.62 -57.90 0.37
N GLY U 187 28.43 -58.25 1.36
CA GLY U 187 29.31 -57.31 1.99
C GLY U 187 30.68 -57.93 2.20
N VAL U 188 31.67 -57.07 2.42
CA VAL U 188 33.03 -57.55 2.63
C VAL U 188 33.08 -58.35 3.92
N GLU U 189 33.61 -59.57 3.83
CA GLU U 189 33.71 -60.44 4.99
C GLU U 189 35.08 -60.32 5.63
N ALA U 190 35.13 -60.56 6.94
CA ALA U 190 36.39 -60.47 7.67
C ALA U 190 37.36 -61.54 7.18
N GLY U 191 38.64 -61.18 7.16
CA GLY U 191 39.67 -62.07 6.66
C GLY U 191 39.82 -62.07 5.15
N LYS U 192 39.00 -61.31 4.44
CA LYS U 192 39.07 -61.22 2.99
C LYS U 192 38.94 -59.76 2.55
N THR U 193 39.62 -58.87 3.25
CA THR U 193 39.53 -57.43 2.98
C THR U 193 40.81 -56.85 2.40
N ASP U 194 41.84 -57.66 2.18
CA ASP U 194 43.10 -57.16 1.68
C ASP U 194 43.07 -57.03 0.16
N LEU U 195 43.44 -55.84 -0.32
CA LEU U 195 43.47 -55.56 -1.76
C LEU U 195 44.73 -54.76 -2.05
N THR U 196 45.77 -55.44 -2.50
CA THR U 196 47.06 -54.83 -2.83
C THR U 196 47.20 -54.73 -4.33
N ILE U 197 47.56 -53.54 -4.82
CA ILE U 197 47.69 -53.28 -6.24
C ILE U 197 49.14 -52.93 -6.53
N THR U 198 49.77 -53.70 -7.40
CA THR U 198 51.11 -53.39 -7.88
C THR U 198 51.01 -52.51 -9.11
N LEU U 199 51.63 -51.33 -9.06
CA LEU U 199 51.42 -50.29 -10.05
C LEU U 199 52.76 -49.82 -10.60
N LYS U 200 52.78 -49.54 -11.90
CA LYS U 200 53.93 -48.91 -12.54
C LYS U 200 53.57 -47.47 -12.90
N ASP U 201 54.44 -46.54 -12.49
CA ASP U 201 54.17 -45.12 -12.63
C ASP U 201 55.24 -44.47 -13.49
N LYS U 202 54.84 -43.46 -14.27
CA LYS U 202 55.80 -42.71 -15.08
C LYS U 202 56.85 -42.04 -14.22
N ARG U 203 56.42 -41.43 -13.11
CA ARG U 203 57.32 -40.84 -12.14
C ARG U 203 57.24 -41.65 -10.85
N GLU U 204 58.37 -41.80 -10.18
CA GLU U 204 58.54 -42.66 -9.00
C GLU U 204 57.76 -43.97 -9.17
N GLY U 205 58.14 -44.70 -10.21
CA GLY U 205 57.46 -45.92 -10.58
C GLY U 205 57.61 -47.01 -9.54
N ASP U 206 56.93 -48.13 -9.82
CA ASP U 206 56.90 -49.29 -8.92
C ASP U 206 56.34 -48.89 -7.55
N VAL U 207 55.08 -48.48 -7.56
CA VAL U 207 54.36 -48.08 -6.36
C VAL U 207 53.35 -49.16 -6.02
N THR U 208 53.40 -49.65 -4.78
CA THR U 208 52.47 -50.65 -4.29
C THR U 208 51.52 -49.98 -3.31
N ILE U 209 50.22 -50.05 -3.61
CA ILE U 209 49.19 -49.43 -2.77
C ILE U 209 48.33 -50.55 -2.19
N SER U 210 48.23 -50.58 -0.87
CA SER U 210 47.46 -51.59 -0.16
C SER U 210 46.20 -50.95 0.42
N ILE U 211 45.05 -51.55 0.13
CA ILE U 211 43.76 -51.05 0.59
C ILE U 211 43.10 -52.13 1.43
N ASN U 212 42.69 -51.76 2.64
CA ASN U 212 42.00 -52.67 3.55
C ASN U 212 40.57 -52.16 3.71
N ALA U 213 39.66 -52.75 2.95
CA ALA U 213 38.25 -52.35 3.02
C ALA U 213 37.68 -52.71 4.39
N LYS U 214 36.81 -51.83 4.89
CA LYS U 214 36.19 -52.07 6.18
C LYS U 214 35.24 -53.26 6.11
N GLU U 215 35.22 -54.05 7.18
CA GLU U 215 34.35 -55.22 7.23
C GLU U 215 32.89 -54.79 7.23
N GLY U 216 32.07 -55.56 6.50
CA GLY U 216 30.66 -55.26 6.39
C GLY U 216 30.31 -54.22 5.35
N ASP U 217 31.30 -53.66 4.67
CA ASP U 217 31.04 -52.65 3.65
C ASP U 217 30.42 -53.30 2.42
N ASP U 218 29.36 -52.70 1.90
CA ASP U 218 28.70 -53.22 0.72
C ASP U 218 29.59 -53.01 -0.51
N ILE U 219 29.10 -53.47 -1.67
CA ILE U 219 29.91 -53.41 -2.87
C ILE U 219 30.08 -51.97 -3.35
N GLU U 220 29.04 -51.14 -3.21
CA GLU U 220 29.09 -49.80 -3.77
C GLU U 220 30.06 -48.92 -3.00
N GLU U 221 29.95 -48.89 -1.67
CA GLU U 221 30.84 -48.05 -0.89
C GLU U 221 32.26 -48.60 -0.81
N LEU U 222 32.48 -49.84 -1.25
CA LEU U 222 33.84 -50.31 -1.45
C LEU U 222 34.54 -49.49 -2.53
N ALA U 223 33.83 -49.19 -3.61
CA ALA U 223 34.39 -48.32 -4.65
C ALA U 223 34.67 -46.93 -4.11
N THR U 224 33.78 -46.42 -3.25
CA THR U 224 34.02 -45.12 -2.62
C THR U 224 35.28 -45.15 -1.77
N TYR U 225 35.49 -46.25 -1.03
CA TYR U 225 36.69 -46.35 -0.20
C TYR U 225 37.95 -46.35 -1.05
N ILE U 226 37.93 -47.06 -2.18
CA ILE U 226 39.09 -47.10 -3.05
C ILE U 226 39.37 -45.72 -3.63
N ASN U 227 38.33 -45.01 -4.05
CA ASN U 227 38.52 -43.67 -4.62
C ASN U 227 39.12 -42.71 -3.61
N GLY U 228 38.64 -42.75 -2.36
CA GLY U 228 39.15 -41.85 -1.35
C GLY U 228 40.59 -42.12 -0.97
N GLN U 229 40.97 -43.41 -0.92
CA GLN U 229 42.30 -43.76 -0.43
C GLN U 229 43.39 -43.32 -1.39
N THR U 230 43.19 -43.53 -2.69
CA THR U 230 44.22 -43.24 -3.69
C THR U 230 43.64 -42.43 -4.83
N ASP U 231 44.46 -41.54 -5.37
CA ASP U 231 44.08 -40.75 -6.54
C ASP U 231 44.60 -41.35 -7.84
N MET U 232 45.46 -42.37 -7.76
CA MET U 232 45.98 -43.03 -8.96
C MET U 232 45.01 -44.03 -9.55
N ILE U 233 43.89 -44.29 -8.88
CA ILE U 233 42.97 -45.37 -9.25
C ILE U 233 41.55 -44.86 -9.11
N LYS U 234 40.70 -45.18 -10.09
CA LYS U 234 39.28 -44.85 -10.05
C LYS U 234 38.48 -46.15 -10.07
N ALA U 235 37.54 -46.28 -9.15
CA ALA U 235 36.75 -47.49 -9.00
C ALA U 235 35.26 -47.15 -9.02
N SER U 236 34.47 -48.10 -9.49
CA SER U 236 33.02 -47.95 -9.58
C SER U 236 32.42 -49.34 -9.79
N VAL U 237 31.09 -49.38 -9.87
CA VAL U 237 30.38 -50.62 -10.17
C VAL U 237 29.47 -50.36 -11.36
N ASP U 238 29.21 -51.41 -12.14
CA ASP U 238 28.46 -51.21 -13.38
C ASP U 238 26.96 -51.49 -13.23
N GLU U 239 26.58 -52.76 -13.07
CA GLU U 239 25.18 -53.11 -12.85
C GLU U 239 24.98 -54.23 -11.84
N GLU U 240 26.00 -55.00 -11.51
CA GLU U 240 25.86 -56.14 -10.61
C GLU U 240 26.92 -56.19 -9.53
N GLY U 241 27.72 -55.14 -9.40
CA GLY U 241 28.81 -55.13 -8.43
C GLY U 241 30.19 -55.29 -9.04
N LYS U 242 30.29 -55.57 -10.33
CA LYS U 242 31.60 -55.69 -10.96
C LYS U 242 32.32 -54.35 -10.91
N LEU U 243 33.54 -54.37 -10.38
CA LEU U 243 34.32 -53.14 -10.23
C LEU U 243 34.95 -52.74 -11.56
N GLN U 244 34.75 -51.49 -11.95
CA GLN U 244 35.36 -50.95 -13.15
C GLN U 244 36.59 -50.15 -12.73
N LEU U 245 37.67 -50.88 -12.44
CA LEU U 245 38.94 -50.27 -12.14
C LEU U 245 39.41 -49.46 -13.35
N PHE U 246 39.98 -48.28 -13.09
CA PHE U 246 40.46 -47.40 -14.14
C PHE U 246 41.91 -47.01 -13.88
N THR U 247 42.62 -46.73 -14.96
CA THR U 247 44.04 -46.40 -14.90
C THR U 247 44.32 -45.33 -15.94
N ASP U 248 44.79 -44.17 -15.51
CA ASP U 248 45.02 -43.06 -16.43
C ASP U 248 46.36 -43.32 -17.12
N ASN U 249 46.35 -43.28 -18.44
CA ASN U 249 47.49 -43.77 -19.21
C ASN U 249 48.72 -42.88 -19.10
N ASN U 250 48.55 -41.56 -18.94
CA ASN U 250 49.69 -40.67 -19.05
C ASN U 250 50.56 -40.65 -17.79
N ARG U 251 50.15 -41.33 -16.72
CA ARG U 251 50.94 -41.40 -15.51
C ARG U 251 51.05 -42.79 -14.90
N ILE U 252 50.22 -43.75 -15.31
CA ILE U 252 50.23 -45.10 -14.76
C ILE U 252 50.58 -46.09 -15.86
N ASP U 253 51.49 -45.70 -16.75
CA ASP U 253 51.89 -46.54 -17.88
C ASP U 253 52.22 -47.96 -17.42
N GLY U 254 51.93 -48.92 -18.29
CA GLY U 254 52.14 -50.31 -17.99
C GLY U 254 50.92 -50.97 -17.38
N ALA U 255 50.96 -52.29 -17.30
CA ALA U 255 49.87 -53.06 -16.74
C ALA U 255 49.84 -52.92 -15.22
N ALA U 256 48.66 -53.15 -14.65
CA ALA U 256 48.46 -53.12 -13.20
C ALA U 256 48.21 -54.54 -12.71
N THR U 257 49.02 -54.98 -11.75
CA THR U 257 48.89 -56.31 -11.17
C THR U 257 48.04 -56.23 -9.91
N PHE U 258 47.17 -57.22 -9.71
CA PHE U 258 46.26 -57.25 -8.59
C PHE U 258 46.61 -58.40 -7.65
N GLY U 259 46.38 -58.19 -6.36
CA GLY U 259 46.66 -59.20 -5.36
C GLY U 259 45.85 -58.96 -4.12
N GLY U 260 45.94 -59.90 -3.20
CA GLY U 260 45.21 -59.85 -1.95
C GLY U 260 43.97 -60.74 -1.98
N ALA U 261 43.42 -60.95 -0.78
CA ALA U 261 42.26 -61.81 -0.64
C ALA U 261 41.05 -61.25 -1.37
N LEU U 262 40.82 -59.93 -1.28
CA LEU U 262 39.69 -59.33 -1.95
C LEU U 262 39.80 -59.42 -3.46
N ALA U 263 41.02 -59.31 -4.00
CA ALA U 263 41.20 -59.42 -5.43
C ALA U 263 40.79 -60.80 -5.94
N GLY U 264 41.18 -61.85 -5.21
CA GLY U 264 40.74 -63.19 -5.59
C GLY U 264 39.24 -63.37 -5.41
N GLU U 265 38.67 -62.73 -4.39
CA GLU U 265 37.22 -62.83 -4.19
C GLU U 265 36.47 -62.23 -5.36
N LEU U 266 36.93 -61.09 -5.86
CA LEU U 266 36.38 -60.49 -7.06
C LEU U 266 37.08 -61.08 -8.29
N GLY U 267 36.86 -60.49 -9.46
CA GLY U 267 37.55 -60.89 -10.66
C GLY U 267 38.70 -59.94 -10.94
N ILE U 268 39.87 -60.53 -11.23
CA ILE U 268 41.06 -59.72 -11.50
C ILE U 268 40.87 -58.90 -12.77
N GLY U 269 40.38 -59.54 -13.82
CA GLY U 269 40.13 -58.85 -15.07
C GLY U 269 41.38 -58.67 -15.91
N ALA U 270 41.19 -58.12 -17.10
CA ALA U 270 42.27 -57.84 -18.02
C ALA U 270 42.39 -56.34 -18.26
N ALA U 271 43.51 -55.95 -18.85
CA ALA U 271 43.78 -54.54 -19.16
C ALA U 271 43.22 -54.21 -20.53
N GLN U 272 42.12 -53.47 -20.56
CA GLN U 272 41.48 -53.05 -21.80
C GLN U 272 41.74 -51.57 -22.02
N ASP U 273 42.26 -51.23 -23.20
CA ASP U 273 42.58 -49.85 -23.54
C ASP U 273 41.33 -49.17 -24.06
N VAL U 274 40.91 -48.09 -23.39
CA VAL U 274 39.74 -47.33 -23.77
C VAL U 274 40.10 -45.85 -23.82
N THR U 275 39.60 -45.15 -24.84
CA THR U 275 39.84 -43.72 -24.98
C THR U 275 38.51 -43.00 -25.13
N VAL U 276 38.56 -41.69 -25.39
CA VAL U 276 37.33 -40.92 -25.55
C VAL U 276 36.59 -41.37 -26.80
N ASP U 277 37.33 -41.71 -27.86
CA ASP U 277 36.69 -42.18 -29.09
C ASP U 277 35.92 -43.47 -28.86
N THR U 278 36.52 -44.40 -28.11
CA THR U 278 35.86 -45.65 -27.77
C THR U 278 34.89 -45.51 -26.61
N LEU U 279 34.81 -44.32 -26.01
CA LEU U 279 33.92 -44.10 -24.88
C LEU U 279 32.48 -44.12 -25.35
N ASP U 280 31.70 -45.07 -24.86
CA ASP U 280 30.28 -45.15 -25.13
C ASP U 280 29.52 -45.18 -23.81
N VAL U 281 28.52 -44.33 -23.70
CA VAL U 281 27.72 -44.21 -22.48
C VAL U 281 26.28 -44.55 -22.86
N THR U 282 25.90 -45.80 -22.69
CA THR U 282 24.54 -46.25 -22.88
C THR U 282 24.00 -47.03 -21.69
N THR U 283 24.87 -47.56 -20.84
CA THR U 283 24.49 -48.20 -19.60
C THR U 283 25.14 -47.46 -18.44
N VAL U 284 24.62 -47.69 -17.23
CA VAL U 284 25.14 -47.01 -16.06
C VAL U 284 26.63 -47.32 -15.87
N GLY U 285 27.02 -48.56 -16.14
CA GLY U 285 28.43 -48.90 -16.04
C GLY U 285 29.29 -48.11 -16.99
N GLY U 286 28.81 -47.91 -18.22
CA GLY U 286 29.53 -47.06 -19.15
C GLY U 286 29.64 -45.63 -18.67
N ALA U 287 28.60 -45.16 -17.96
CA ALA U 287 28.62 -43.78 -17.46
C ALA U 287 29.69 -43.59 -16.38
N GLN U 288 29.80 -44.55 -15.46
CA GLN U 288 30.85 -44.47 -14.45
C GLN U 288 32.23 -44.55 -15.08
N GLU U 289 32.39 -45.44 -16.06
CA GLU U 289 33.66 -45.54 -16.77
C GLU U 289 34.00 -44.26 -17.53
N SER U 290 32.99 -43.66 -18.18
CA SER U 290 33.24 -42.50 -19.02
C SER U 290 33.71 -41.30 -18.21
N VAL U 291 33.18 -41.14 -16.99
CA VAL U 291 33.60 -40.01 -16.15
C VAL U 291 35.10 -40.09 -15.88
N ALA U 292 35.58 -41.29 -15.55
CA ALA U 292 37.00 -41.46 -15.29
C ALA U 292 37.82 -41.20 -16.55
N ILE U 293 37.35 -41.67 -17.71
CA ILE U 293 38.09 -41.47 -18.95
C ILE U 293 38.20 -39.99 -19.27
N VAL U 294 37.10 -39.26 -19.14
CA VAL U 294 37.11 -37.84 -19.43
C VAL U 294 38.03 -37.09 -18.47
N ASP U 295 38.06 -37.50 -17.20
CA ASP U 295 38.95 -36.86 -16.24
C ASP U 295 40.40 -37.02 -16.66
N ALA U 296 40.77 -38.19 -17.17
CA ALA U 296 42.12 -38.38 -17.71
C ALA U 296 42.35 -37.49 -18.92
N ALA U 297 41.33 -37.36 -19.78
CA ALA U 297 41.47 -36.50 -20.95
C ALA U 297 41.66 -35.05 -20.56
N LEU U 298 40.88 -34.58 -19.58
CA LEU U 298 41.00 -33.20 -19.13
C LEU U 298 42.37 -32.92 -18.53
N LYS U 299 42.90 -33.86 -17.75
CA LYS U 299 44.22 -33.71 -17.18
C LYS U 299 45.28 -33.58 -18.27
N TYR U 300 45.18 -34.42 -19.31
CA TYR U 300 46.14 -34.37 -20.40
C TYR U 300 46.04 -33.06 -21.17
N VAL U 301 44.80 -32.60 -21.42
CA VAL U 301 44.61 -31.35 -22.15
C VAL U 301 45.18 -30.18 -21.36
N ASP U 302 44.89 -30.12 -20.07
CA ASP U 302 45.39 -29.04 -19.23
C ASP U 302 46.91 -29.09 -19.11
N SER U 303 47.48 -30.29 -19.02
CA SER U 303 48.92 -30.43 -18.91
C SER U 303 49.62 -29.84 -20.12
N HIS U 304 49.10 -30.10 -21.32
CA HIS U 304 49.71 -29.53 -22.50
C HIS U 304 49.39 -28.05 -22.64
N ARG U 305 48.25 -27.60 -22.12
CA ARG U 305 47.97 -26.17 -22.10
C ARG U 305 49.00 -25.44 -21.27
N ALA U 306 49.35 -25.98 -20.10
CA ALA U 306 50.37 -25.36 -19.27
C ALA U 306 51.72 -25.33 -19.96
N GLU U 307 52.07 -26.43 -20.65
CA GLU U 307 53.34 -26.46 -21.38
C GLU U 307 53.35 -25.40 -22.48
N LEU U 308 52.24 -25.23 -23.19
CA LEU U 308 52.15 -24.18 -24.20
C LEU U 308 52.24 -22.80 -23.56
N GLY U 309 51.58 -22.62 -22.41
CA GLY U 309 51.64 -21.34 -21.72
C GLY U 309 53.04 -21.00 -21.26
N ALA U 310 53.77 -21.98 -20.74
CA ALA U 310 55.16 -21.76 -20.36
C ALA U 310 56.00 -21.40 -21.56
N PHE U 311 55.70 -22.00 -22.72
CA PHE U 311 56.38 -21.62 -23.94
C PHE U 311 56.07 -20.17 -24.30
N GLN U 312 54.83 -19.74 -24.08
CA GLN U 312 54.47 -18.34 -24.35
C GLN U 312 55.26 -17.39 -23.46
N ASN U 313 55.38 -17.71 -22.18
CA ASN U 313 56.12 -16.87 -21.24
C ASN U 313 57.61 -16.85 -21.53
N ARG U 314 58.18 -17.96 -22.02
CA ARG U 314 59.58 -17.94 -22.42
C ARG U 314 59.82 -16.92 -23.52
N PHE U 315 58.94 -16.89 -24.52
CA PHE U 315 59.11 -15.95 -25.62
C PHE U 315 58.76 -14.53 -25.20
N ASN U 316 57.81 -14.37 -24.27
CA ASN U 316 57.49 -13.03 -23.80
C ASN U 316 58.68 -12.40 -23.09
N HIS U 317 59.37 -13.17 -22.24
CA HIS U 317 60.64 -12.71 -21.70
C HIS U 317 61.74 -12.66 -22.73
N ALA U 318 61.57 -13.34 -23.88
CA ALA U 318 62.57 -13.26 -24.93
C ALA U 318 62.50 -11.92 -25.66
N ILE U 319 61.29 -11.47 -26.02
CA ILE U 319 61.17 -10.29 -26.87
C ILE U 319 61.81 -9.08 -26.20
N ASN U 320 61.43 -8.79 -24.97
CA ASN U 320 61.99 -7.62 -24.29
C ASN U 320 63.47 -7.82 -24.01
N ASN U 321 63.96 -9.05 -24.03
CA ASN U 321 65.40 -9.28 -23.95
C ASN U 321 66.08 -8.86 -25.25
N LEU U 322 65.63 -9.40 -26.39
CA LEU U 322 66.25 -9.03 -27.65
C LEU U 322 66.07 -7.55 -27.97
N ASP U 323 65.01 -6.91 -27.47
CA ASP U 323 64.90 -5.47 -27.61
C ASP U 323 65.98 -4.75 -26.80
N ASN U 324 66.29 -5.27 -25.61
CA ASN U 324 67.35 -4.68 -24.81
C ASN U 324 68.71 -4.78 -25.51
N ILE U 325 69.00 -5.94 -26.10
CA ILE U 325 70.23 -6.07 -26.89
C ILE U 325 70.17 -5.18 -28.12
N ASN U 326 69.04 -5.21 -28.84
CA ASN U 326 68.94 -4.43 -30.07
C ASN U 326 69.09 -2.95 -29.80
N GLU U 327 68.52 -2.47 -28.70
CA GLU U 327 68.68 -1.07 -28.31
C GLU U 327 70.14 -0.73 -28.03
N ASN U 328 70.83 -1.59 -27.28
CA ASN U 328 72.18 -1.28 -26.87
C ASN U 328 73.19 -1.43 -28.01
N VAL U 329 73.05 -2.47 -28.83
CA VAL U 329 73.98 -2.63 -29.95
C VAL U 329 73.70 -1.61 -31.04
N ASN U 330 72.49 -1.05 -31.08
CA ASN U 330 72.25 0.07 -31.97
C ASN U 330 72.85 1.35 -31.40
N ALA U 331 72.82 1.51 -30.08
CA ALA U 331 73.54 2.61 -29.45
C ALA U 331 75.04 2.48 -29.69
N SER U 332 75.57 1.26 -29.62
CA SER U 332 76.96 1.04 -29.98
C SER U 332 77.17 1.14 -31.48
N LYS U 333 76.09 1.08 -32.25
CA LYS U 333 76.17 1.31 -33.69
C LYS U 333 76.04 2.79 -33.98
N SER U 334 76.82 3.59 -33.26
CA SER U 334 76.86 5.03 -33.45
C SER U 334 78.13 5.54 -32.80
N ARG U 335 78.71 6.59 -33.37
CA ARG U 335 80.03 7.16 -33.06
C ARG U 335 81.15 6.22 -33.48
N ILE U 336 80.84 5.02 -33.96
CA ILE U 336 81.80 4.17 -34.65
C ILE U 336 81.55 4.33 -36.14
N LYS U 337 80.28 4.27 -36.53
CA LYS U 337 79.85 4.49 -37.91
C LYS U 337 79.14 5.81 -38.10
N ASP U 338 78.34 6.25 -37.14
CA ASP U 338 77.61 7.51 -37.27
C ASP U 338 78.56 8.69 -37.11
N THR U 339 78.15 9.82 -37.67
CA THR U 339 78.86 11.09 -37.48
C THR U 339 78.04 12.02 -36.62
N ASP U 340 78.72 12.76 -35.75
CA ASP U 340 78.07 13.77 -34.93
C ASP U 340 78.26 15.13 -35.60
N PHE U 341 77.16 15.85 -35.78
CA PHE U 341 77.20 17.09 -36.55
C PHE U 341 77.89 18.22 -35.78
N ALA U 342 78.14 18.04 -34.48
CA ALA U 342 78.87 19.04 -33.73
C ALA U 342 80.29 19.18 -34.26
N LYS U 343 81.09 18.13 -34.14
CA LYS U 343 82.48 18.21 -34.57
C LYS U 343 82.63 18.06 -36.07
N GLU U 344 81.64 17.49 -36.75
CA GLU U 344 81.72 17.36 -38.19
C GLU U 344 81.56 18.69 -38.90
N THR U 345 80.56 19.48 -38.50
CA THR U 345 80.30 20.74 -39.17
C THR U 345 81.45 21.72 -38.98
N THR U 346 82.01 21.78 -37.77
CA THR U 346 83.13 22.68 -37.55
C THR U 346 84.37 22.22 -38.32
N ALA U 347 84.51 20.92 -38.54
CA ALA U 347 85.58 20.44 -39.42
C ALA U 347 85.35 20.91 -40.84
N LEU U 348 84.10 20.91 -41.29
CA LEU U 348 83.79 21.39 -42.64
C LEU U 348 84.04 22.89 -42.76
N THR U 349 83.57 23.67 -41.79
CA THR U 349 83.78 25.12 -41.84
C THR U 349 85.25 25.47 -41.72
N LYS U 350 85.96 24.80 -40.81
CA LYS U 350 87.40 25.00 -40.69
C LYS U 350 88.10 24.71 -42.01
N ALA U 351 87.74 23.62 -42.67
CA ALA U 351 88.39 23.24 -43.92
C ALA U 351 87.98 24.15 -45.08
N GLN U 352 86.71 24.56 -45.13
CA GLN U 352 86.27 25.42 -46.23
C GLN U 352 87.02 26.74 -46.22
N ILE U 353 87.18 27.35 -45.06
CA ILE U 353 87.89 28.62 -44.98
C ILE U 353 89.37 28.43 -45.29
N LEU U 354 89.91 27.24 -45.03
CA LEU U 354 91.27 26.97 -45.47
C LEU U 354 91.37 27.01 -46.99
N SER U 355 90.38 26.44 -47.68
CA SER U 355 90.36 26.52 -49.14
C SER U 355 90.26 27.97 -49.59
N GLN U 356 89.48 28.78 -48.88
CA GLN U 356 89.35 30.19 -49.23
C GLN U 356 90.67 30.93 -49.04
N ALA U 357 91.29 30.75 -47.87
CA ALA U 357 92.53 31.47 -47.58
C ALA U 357 93.68 30.98 -48.45
N SER U 358 93.78 29.68 -48.65
CA SER U 358 94.86 29.12 -49.47
C SER U 358 94.69 29.42 -50.95
N SER U 359 93.44 29.52 -51.44
CA SER U 359 93.23 29.97 -52.81
C SER U 359 93.54 31.45 -52.96
N SER U 360 93.23 32.25 -51.94
CA SER U 360 93.50 33.68 -52.01
C SER U 360 94.99 33.97 -51.94
N VAL U 361 95.76 33.15 -51.23
CA VAL U 361 97.20 33.38 -51.15
C VAL U 361 97.87 33.16 -52.49
N LEU U 362 97.25 32.38 -53.39
CA LEU U 362 97.75 32.30 -54.75
C LEU U 362 97.66 33.65 -55.45
N ALA U 363 96.56 34.36 -55.24
CA ALA U 363 96.41 35.69 -55.82
C ALA U 363 97.47 36.65 -55.28
N GLN U 364 97.94 36.43 -54.06
CA GLN U 364 99.02 37.22 -53.50
C GLN U 364 100.40 36.75 -53.92
N ALA U 365 100.48 35.68 -54.72
CA ALA U 365 101.74 35.19 -55.24
C ALA U 365 101.82 35.20 -56.75
N LYS U 366 100.69 35.35 -57.46
CA LYS U 366 100.72 35.34 -58.91
C LYS U 366 101.48 36.53 -59.47
N GLN U 367 101.29 37.70 -58.88
CA GLN U 367 101.97 38.90 -59.34
C GLN U 367 103.41 39.00 -58.85
N ALA U 368 103.84 38.11 -57.95
CA ALA U 368 105.24 38.13 -57.51
C ALA U 368 106.21 37.88 -58.67
N PRO U 369 106.03 36.88 -59.53
CA PRO U 369 106.88 36.80 -60.73
C PRO U 369 106.71 37.99 -61.65
N ASN U 370 105.54 38.60 -61.67
CA ASN U 370 105.33 39.79 -62.49
C ASN U 370 106.24 40.92 -62.02
N SER U 371 106.31 41.13 -60.70
CA SER U 371 107.25 42.11 -60.17
C SER U 371 108.69 41.63 -60.32
N ALA U 372 108.89 40.33 -60.52
CA ALA U 372 110.22 39.81 -60.80
C ALA U 372 110.69 40.13 -62.21
N LEU U 373 109.81 40.72 -63.03
CA LEU U 373 110.21 41.21 -64.34
C LEU U 373 110.20 42.74 -64.41
N ALA U 374 109.41 43.40 -63.56
CA ALA U 374 109.24 44.84 -63.64
C ALA U 374 110.51 45.62 -63.30
N LEU U 375 111.50 44.99 -62.65
CA LEU U 375 112.72 45.70 -62.30
C LEU U 375 113.51 46.14 -63.52
N LEU U 376 113.38 45.44 -64.64
CA LEU U 376 114.06 45.79 -65.87
C LEU U 376 113.06 45.77 -67.03
N GLY U 377 113.46 46.39 -68.14
CA GLY U 377 112.62 46.43 -69.32
C GLY U 377 112.34 45.06 -69.89
N MET V 1 -9.26 16.41 -21.91
CA MET V 1 -10.32 17.38 -22.12
C MET V 1 -9.66 18.73 -22.35
N ALA V 2 -10.27 19.77 -21.78
CA ALA V 2 -9.56 20.99 -21.46
C ALA V 2 -8.95 20.72 -20.09
N VAL V 3 -7.91 19.87 -20.08
CA VAL V 3 -7.44 19.25 -18.86
C VAL V 3 -6.74 20.28 -17.98
N ASN V 4 -7.46 20.78 -16.99
CA ASN V 4 -7.05 21.92 -16.19
C ASN V 4 -6.99 21.53 -14.72
N VAL V 5 -6.62 22.49 -13.89
CA VAL V 5 -6.48 22.25 -12.45
C VAL V 5 -7.39 23.18 -11.68
N ASN V 6 -7.71 24.34 -12.25
CA ASN V 6 -8.49 25.34 -11.52
C ASN V 6 -9.92 24.88 -11.31
N THR V 7 -10.50 24.19 -12.28
CA THR V 7 -11.88 23.74 -12.21
C THR V 7 -11.96 22.23 -12.30
N ASN V 8 -12.81 21.64 -11.48
CA ASN V 8 -13.07 20.21 -11.47
C ASN V 8 -14.58 20.03 -11.60
N VAL V 9 -15.07 20.02 -12.85
CA VAL V 9 -16.51 19.97 -13.09
C VAL V 9 -17.09 18.68 -12.56
N SER V 10 -16.38 17.56 -12.74
CA SER V 10 -16.88 16.28 -12.28
C SER V 10 -17.01 16.25 -10.76
N ALA V 11 -16.07 16.89 -10.06
CA ALA V 11 -16.14 16.91 -8.60
C ALA V 11 -17.40 17.63 -8.13
N MET V 12 -17.75 18.74 -8.78
CA MET V 12 -18.99 19.44 -8.43
C MET V 12 -20.21 18.58 -8.74
N THR V 13 -20.19 17.87 -9.88
CA THR V 13 -21.31 17.00 -10.22
C THR V 13 -21.48 15.88 -9.21
N ALA V 14 -20.38 15.25 -8.80
CA ALA V 14 -20.46 14.20 -7.80
C ALA V 14 -20.87 14.76 -6.44
N GLN V 15 -20.43 15.98 -6.12
CA GLN V 15 -20.85 16.63 -4.89
C GLN V 15 -22.35 16.87 -4.89
N ARG V 16 -22.90 17.30 -6.03
CA ARG V 16 -24.32 17.58 -6.11
C ARG V 16 -25.15 16.33 -5.87
N TYR V 17 -24.72 15.19 -6.43
CA TYR V 17 -25.44 13.95 -6.20
C TYR V 17 -25.15 13.38 -4.82
N LEU V 18 -23.98 13.69 -4.26
CA LEU V 18 -23.72 13.35 -2.86
C LEU V 18 -24.69 14.07 -1.93
N THR V 19 -24.92 15.36 -2.20
CA THR V 19 -25.84 16.14 -1.38
C THR V 19 -27.26 15.62 -1.52
N SER V 20 -27.70 15.32 -2.74
CA SER V 20 -29.06 14.83 -2.95
C SER V 20 -29.26 13.50 -2.24
N ALA V 21 -28.27 12.61 -2.30
CA ALA V 21 -28.38 11.33 -1.59
C ALA V 21 -28.35 11.54 -0.09
N THR V 22 -27.50 12.44 0.40
CA THR V 22 -27.41 12.68 1.83
C THR V 22 -28.70 13.27 2.38
N ASN V 23 -29.27 14.25 1.70
CA ASN V 23 -30.52 14.84 2.17
C ASN V 23 -31.70 13.89 2.00
N ALA V 24 -31.68 13.06 0.95
CA ALA V 24 -32.72 12.03 0.82
C ALA V 24 -32.62 11.02 1.95
N GLN V 25 -31.40 10.63 2.31
CA GLN V 25 -31.20 9.77 3.47
C GLN V 25 -31.61 10.47 4.76
N GLN V 26 -31.28 11.76 4.89
CA GLN V 26 -31.64 12.51 6.08
C GLN V 26 -33.15 12.69 6.18
N SER V 27 -33.85 12.81 5.04
CA SER V 27 -35.31 12.82 5.07
C SER V 27 -35.85 11.48 5.54
N SER V 28 -35.21 10.38 5.15
CA SER V 28 -35.47 9.08 5.74
C SER V 28 -34.75 9.02 7.08
N MET V 29 -34.75 7.85 7.72
CA MET V 29 -34.18 7.62 9.06
C MET V 29 -34.71 8.62 10.09
N GLU V 30 -35.78 9.32 9.74
CA GLU V 30 -36.48 10.21 10.65
C GLU V 30 -37.95 9.82 10.65
N ARG V 31 -38.46 9.42 9.48
CA ARG V 31 -39.78 8.82 9.43
C ARG V 31 -39.78 7.44 10.04
N LEU V 32 -38.63 6.77 10.05
CA LEU V 32 -38.51 5.50 10.76
C LEU V 32 -38.63 5.71 12.27
N SER V 33 -37.88 6.67 12.81
CA SER V 33 -37.89 6.92 14.24
C SER V 33 -39.23 7.51 14.69
N SER V 34 -39.75 8.48 13.93
CA SER V 34 -41.00 9.13 14.33
C SER V 34 -42.18 8.18 14.21
N GLY V 35 -42.10 7.19 13.32
CA GLY V 35 -43.22 6.31 13.07
C GLY V 35 -44.24 6.84 12.09
N TYR V 36 -44.04 8.05 11.57
CA TYR V 36 -44.91 8.61 10.55
C TYR V 36 -44.09 9.11 9.39
N LYS V 37 -44.59 8.90 8.18
CA LYS V 37 -43.95 9.45 6.99
C LYS V 37 -44.35 10.90 6.74
N ILE V 38 -45.40 11.39 7.37
CA ILE V 38 -45.81 12.78 7.27
C ILE V 38 -45.55 13.42 8.63
N ASN V 39 -44.37 14.01 8.78
CA ASN V 39 -44.01 14.71 10.00
C ASN V 39 -43.74 16.20 9.78
N SER V 40 -43.81 16.67 8.54
CA SER V 40 -43.68 18.08 8.24
C SER V 40 -44.51 18.37 6.99
N ALA V 41 -44.88 19.64 6.82
CA ALA V 41 -45.68 20.02 5.67
C ALA V 41 -44.93 19.86 4.36
N LYS V 42 -43.61 19.71 4.38
CA LYS V 42 -42.85 19.49 3.16
C LYS V 42 -43.27 18.20 2.47
N ASP V 43 -43.43 17.13 3.25
CA ASP V 43 -43.65 15.81 2.66
C ASP V 43 -44.99 15.74 1.95
N ASP V 44 -46.06 16.14 2.62
CA ASP V 44 -47.38 16.15 1.99
C ASP V 44 -48.21 17.24 2.67
N ALA V 45 -48.27 18.41 2.04
CA ALA V 45 -49.11 19.48 2.57
C ALA V 45 -50.58 19.08 2.53
N ALA V 46 -51.02 18.45 1.45
CA ALA V 46 -52.40 18.00 1.36
C ALA V 46 -52.70 16.95 2.41
N GLY V 47 -51.77 16.01 2.62
CA GLY V 47 -51.99 14.96 3.61
C GLY V 47 -51.98 15.46 5.03
N LEU V 48 -51.31 16.59 5.29
CA LEU V 48 -51.24 17.11 6.66
C LEU V 48 -52.63 17.52 7.15
N GLN V 49 -53.39 18.21 6.30
CA GLN V 49 -54.70 18.71 6.73
C GLN V 49 -55.66 17.56 7.01
N ILE V 50 -55.76 16.62 6.07
CA ILE V 50 -56.70 15.52 6.24
C ILE V 50 -56.28 14.62 7.40
N SER V 51 -54.98 14.41 7.57
CA SER V 51 -54.51 13.57 8.66
C SER V 51 -54.78 14.22 10.01
N ASN V 52 -54.58 15.54 10.12
CA ASN V 52 -54.88 16.22 11.37
C ASN V 52 -56.38 16.18 11.66
N ARG V 53 -57.20 16.32 10.63
CA ARG V 53 -58.65 16.19 10.82
C ARG V 53 -59.01 14.77 11.25
N LEU V 54 -58.36 13.77 10.66
CA LEU V 54 -58.59 12.40 11.07
C LEU V 54 -58.14 12.17 12.51
N ASN V 55 -57.00 12.74 12.89
CA ASN V 55 -56.53 12.62 14.27
C ASN V 55 -57.48 13.32 15.23
N VAL V 56 -57.97 14.51 14.86
CA VAL V 56 -58.92 15.22 15.70
C VAL V 56 -60.19 14.40 15.89
N GLN V 57 -60.69 13.82 14.81
CA GLN V 57 -61.87 12.95 14.90
C GLN V 57 -61.59 11.73 15.76
N SER V 58 -60.38 11.16 15.64
CA SER V 58 -60.05 9.96 16.40
C SER V 58 -60.07 10.25 17.90
N ARG V 59 -59.40 11.31 18.33
CA ARG V 59 -59.44 11.68 19.74
C ARG V 59 -60.84 12.09 20.17
N GLY V 60 -61.56 12.79 19.29
CA GLY V 60 -62.93 13.17 19.62
C GLY V 60 -63.81 11.98 19.90
N LEU V 61 -63.66 10.91 19.11
CA LEU V 61 -64.39 9.68 19.40
C LEU V 61 -63.89 9.05 20.69
N GLY V 62 -62.60 9.20 20.99
CA GLY V 62 -62.06 8.63 22.22
C GLY V 62 -62.69 9.21 23.46
N VAL V 63 -62.89 10.53 23.48
CA VAL V 63 -63.58 11.14 24.61
C VAL V 63 -65.09 10.95 24.47
N ALA V 64 -65.57 10.67 23.26
CA ALA V 64 -67.00 10.48 23.06
C ALA V 64 -67.48 9.20 23.74
N VAL V 65 -66.71 8.12 23.63
CA VAL V 65 -67.09 6.88 24.31
C VAL V 65 -66.98 7.06 25.82
N ARG V 66 -66.03 7.88 26.28
CA ARG V 66 -65.96 8.20 27.70
C ARG V 66 -67.21 8.94 28.16
N ASN V 67 -67.67 9.90 27.36
CA ASN V 67 -68.85 10.69 27.74
C ASN V 67 -70.08 9.82 27.81
N ALA V 68 -70.28 8.94 26.83
CA ALA V 68 -71.44 8.05 26.86
C ALA V 68 -71.34 7.04 27.99
N ASN V 69 -70.11 6.69 28.40
CA ASN V 69 -69.96 5.82 29.56
C ASN V 69 -70.32 6.55 30.85
N ASP V 70 -70.02 7.84 30.93
CA ASP V 70 -70.48 8.64 32.06
C ASP V 70 -71.99 8.76 32.07
N GLY V 71 -72.60 8.93 30.90
CA GLY V 71 -74.05 8.99 30.83
C GLY V 71 -74.71 7.67 31.19
N ILE V 72 -74.12 6.56 30.72
CA ILE V 72 -74.71 5.25 31.01
C ILE V 72 -74.56 4.92 32.49
N SER V 73 -73.50 5.42 33.13
CA SER V 73 -73.32 5.16 34.55
C SER V 73 -74.37 5.87 35.39
N MET V 74 -74.69 7.11 35.03
CA MET V 74 -75.71 7.84 35.78
C MET V 74 -77.09 7.24 35.56
N ALA V 75 -77.33 6.71 34.35
CA ALA V 75 -78.62 6.07 34.08
C ALA V 75 -78.82 4.83 34.94
N GLN V 76 -77.78 4.01 35.10
CA GLN V 76 -77.94 2.80 35.88
C GLN V 76 -77.94 3.07 37.38
N THR V 77 -77.17 4.08 37.84
CA THR V 77 -77.19 4.41 39.26
C THR V 77 -78.54 4.95 39.68
N ALA V 78 -79.14 5.80 38.83
CA ALA V 78 -80.51 6.24 39.09
C ALA V 78 -81.47 5.06 39.03
N GLU V 79 -81.26 4.16 38.07
CA GLU V 79 -82.10 2.96 37.98
C GLU V 79 -81.98 2.10 39.22
N GLY V 80 -80.81 2.07 39.86
CA GLY V 80 -80.68 1.33 41.09
C GLY V 80 -81.58 1.88 42.18
N ALA V 81 -81.65 3.20 42.29
CA ALA V 81 -82.58 3.81 43.23
C ALA V 81 -84.03 3.60 42.81
N MET V 82 -84.28 3.46 41.50
CA MET V 82 -85.63 3.19 41.04
C MET V 82 -86.16 1.88 41.62
N LYS V 83 -85.30 0.85 41.66
CA LYS V 83 -85.70 -0.43 42.21
C LYS V 83 -86.03 -0.32 43.69
N GLU V 84 -85.20 0.41 44.45
CA GLU V 84 -85.47 0.59 45.87
C GLU V 84 -86.79 1.31 46.09
N THR V 85 -87.05 2.35 45.30
CA THR V 85 -88.33 3.04 45.38
C THR V 85 -89.49 2.13 45.00
N THR V 86 -89.32 1.35 43.93
CA THR V 86 -90.39 0.46 43.47
C THR V 86 -90.72 -0.58 44.52
N ASN V 87 -89.71 -1.15 45.17
CA ASN V 87 -89.94 -2.14 46.22
C ASN V 87 -90.71 -1.53 47.38
N ILE V 88 -90.37 -0.30 47.76
CA ILE V 88 -91.08 0.37 48.84
C ILE V 88 -92.55 0.60 48.45
N LEU V 89 -92.78 1.03 47.20
CA LEU V 89 -94.15 1.25 46.75
C LEU V 89 -94.98 -0.02 46.81
N GLN V 90 -94.40 -1.14 46.36
CA GLN V 90 -95.13 -2.40 46.42
C GLN V 90 -95.46 -2.80 47.85
N ARG V 91 -94.48 -2.66 48.75
CA ARG V 91 -94.71 -3.02 50.15
C ARG V 91 -95.82 -2.18 50.75
N MET V 92 -95.88 -0.90 50.40
CA MET V 92 -96.99 -0.07 50.84
C MET V 92 -98.32 -0.61 50.32
N ARG V 93 -98.34 -1.09 49.08
CA ARG V 93 -99.58 -1.56 48.48
C ARG V 93 -100.11 -2.80 49.19
N ASP V 94 -99.23 -3.78 49.47
CA ASP V 94 -99.70 -5.01 50.10
C ASP V 94 -100.27 -4.76 51.47
N LEU V 95 -99.58 -3.96 52.29
CA LEU V 95 -100.05 -3.74 53.65
C LEU V 95 -101.22 -2.76 53.70
N SER V 96 -101.40 -1.95 52.65
CA SER V 96 -102.63 -1.19 52.53
C SER V 96 -103.82 -2.12 52.32
N LEU V 97 -103.64 -3.16 51.50
CA LEU V 97 -104.68 -4.16 51.34
C LEU V 97 -104.93 -4.90 52.65
N GLN V 98 -103.87 -5.15 53.41
CA GLN V 98 -104.02 -5.83 54.70
C GLN V 98 -104.87 -5.01 55.66
N SER V 99 -104.66 -3.69 55.68
CA SER V 99 -105.47 -2.82 56.52
C SER V 99 -106.87 -2.57 55.95
N ALA V 100 -107.06 -2.81 54.64
CA ALA V 100 -108.36 -2.59 54.04
C ALA V 100 -109.41 -3.59 54.53
N ASN V 101 -108.98 -4.74 55.04
CA ASN V 101 -109.91 -5.72 55.57
C ASN V 101 -110.69 -5.13 56.75
N GLY V 102 -111.94 -5.52 56.85
CA GLY V 102 -112.76 -5.06 57.96
C GLY V 102 -112.56 -5.79 59.26
N SER V 103 -111.71 -6.82 59.27
CA SER V 103 -111.50 -7.62 60.48
C SER V 103 -110.69 -6.88 61.52
N ASN V 104 -109.64 -6.17 61.10
CA ASN V 104 -108.77 -5.49 62.06
C ASN V 104 -109.47 -4.27 62.65
N SER V 105 -109.09 -3.94 63.88
CA SER V 105 -109.71 -2.85 64.61
C SER V 105 -108.96 -1.55 64.31
N LYS V 106 -109.35 -0.46 65.00
CA LYS V 106 -108.70 0.82 64.81
C LYS V 106 -107.25 0.79 65.25
N ALA V 107 -106.95 0.06 66.34
CA ALA V 107 -105.58 -0.01 66.83
C ALA V 107 -104.65 -0.64 65.80
N ASP V 108 -105.12 -1.66 65.09
CA ASP V 108 -104.30 -2.27 64.04
C ASP V 108 -103.99 -1.27 62.94
N ARG V 109 -104.99 -0.50 62.49
CA ARG V 109 -104.75 0.49 61.45
C ARG V 109 -103.80 1.58 61.92
N VAL V 110 -103.78 1.85 63.22
CA VAL V 110 -102.82 2.82 63.75
C VAL V 110 -101.40 2.31 63.55
N ALA V 111 -101.15 1.05 63.88
CA ALA V 111 -99.83 0.47 63.65
C ALA V 111 -99.52 0.37 62.17
N ILE V 112 -100.54 0.10 61.35
CA ILE V 112 -100.36 0.07 59.90
C ILE V 112 -99.91 1.43 59.40
N GLN V 113 -100.57 2.50 59.85
CA GLN V 113 -100.20 3.84 59.42
C GLN V 113 -98.80 4.22 59.92
N GLU V 114 -98.40 3.68 61.07
CA GLU V 114 -97.05 3.94 61.56
C GLU V 114 -96.00 3.39 60.61
N GLU V 115 -96.27 2.22 60.03
CA GLU V 115 -95.36 1.67 59.03
C GLU V 115 -95.38 2.52 57.76
N ILE V 116 -96.53 3.08 57.41
CA ILE V 116 -96.63 3.92 56.22
C ILE V 116 -95.74 5.15 56.37
N THR V 117 -95.79 5.80 57.54
CA THR V 117 -94.94 6.97 57.74
C THR V 117 -93.47 6.60 57.72
N ALA V 118 -93.12 5.44 58.28
CA ALA V 118 -91.73 4.99 58.26
C ALA V 118 -91.25 4.76 56.84
N LEU V 119 -92.06 4.11 56.01
CA LEU V 119 -91.68 3.88 54.62
C LEU V 119 -91.72 5.18 53.83
N ASN V 120 -92.66 6.06 54.15
CA ASN V 120 -92.77 7.34 53.43
C ASN V 120 -91.53 8.19 53.64
N ASP V 121 -91.05 8.28 54.89
CA ASP V 121 -89.87 9.09 55.16
C ASP V 121 -88.64 8.51 54.47
N GLU V 122 -88.52 7.18 54.46
CA GLU V 122 -87.42 6.56 53.72
C GLU V 122 -87.58 6.75 52.23
N LEU V 123 -88.83 6.85 51.76
CA LEU V 123 -89.08 7.13 50.34
C LEU V 123 -88.56 8.51 49.97
N ASN V 124 -88.80 9.50 50.81
CA ASN V 124 -88.29 10.84 50.52
C ASN V 124 -86.78 10.92 50.73
N ARG V 125 -86.24 10.13 51.65
CA ARG V 125 -84.80 10.16 51.89
C ARG V 125 -84.04 9.69 50.66
N VAL V 126 -84.47 8.59 50.04
CA VAL V 126 -83.78 8.08 48.87
C VAL V 126 -83.92 9.02 47.69
N ALA V 127 -84.97 9.85 47.67
CA ALA V 127 -85.10 10.83 46.60
C ALA V 127 -84.07 11.94 46.71
N GLU V 128 -83.50 12.14 47.90
CA GLU V 128 -82.51 13.17 48.13
C GLU V 128 -81.12 12.63 48.43
N THR V 129 -80.98 11.33 48.68
CA THR V 129 -79.69 10.77 49.04
C THR V 129 -78.86 10.40 47.82
N THR V 130 -79.48 9.88 46.78
CA THR V 130 -78.76 9.48 45.58
C THR V 130 -78.02 10.68 44.99
N SER V 131 -76.70 10.59 44.95
CA SER V 131 -75.86 11.74 44.65
C SER V 131 -75.05 11.59 43.37
N PHE V 132 -74.33 10.47 43.22
CA PHE V 132 -73.37 10.29 42.13
C PHE V 132 -72.32 11.40 42.16
N GLY V 133 -71.53 11.40 43.22
CA GLY V 133 -70.42 12.34 43.33
C GLY V 133 -70.84 13.79 43.48
N GLY V 134 -71.85 14.06 44.30
CA GLY V 134 -72.25 15.43 44.60
C GLY V 134 -73.45 15.94 43.83
N ASN V 135 -73.86 15.27 42.77
CA ASN V 135 -75.04 15.67 42.02
C ASN V 135 -76.29 15.23 42.76
N LYS V 136 -77.44 15.33 42.12
CA LYS V 136 -78.73 14.92 42.71
C LYS V 136 -79.57 14.35 41.57
N LEU V 137 -79.80 13.04 41.59
CA LEU V 137 -80.48 12.39 40.47
C LEU V 137 -81.99 12.48 40.61
N LEU V 138 -82.54 11.96 41.70
CA LEU V 138 -83.99 11.84 41.86
C LEU V 138 -84.60 12.97 42.67
N ASN V 139 -83.82 14.00 43.01
CA ASN V 139 -84.35 15.13 43.74
C ASN V 139 -85.26 16.01 42.89
N GLY V 140 -85.09 15.99 41.58
CA GLY V 140 -85.73 16.94 40.71
C GLY V 140 -84.89 18.15 40.35
N THR V 141 -83.83 18.41 41.11
CA THR V 141 -82.88 19.46 40.74
C THR V 141 -82.12 19.09 39.47
N PHE V 142 -82.10 17.82 39.10
CA PHE V 142 -81.50 17.39 37.85
C PHE V 142 -82.37 17.80 36.68
N ALA V 143 -82.09 18.94 36.07
CA ALA V 143 -82.83 19.41 34.91
C ALA V 143 -82.38 18.62 33.68
N THR V 144 -82.82 19.05 32.51
CA THR V 144 -82.45 18.37 31.27
C THR V 144 -80.97 18.61 30.99
N LYS V 145 -80.14 17.59 31.22
CA LYS V 145 -78.71 17.66 30.93
C LYS V 145 -78.40 16.88 29.67
N SER V 146 -77.63 17.49 28.78
CA SER V 146 -77.30 16.91 27.48
C SER V 146 -75.89 16.35 27.52
N PHE V 147 -75.72 15.13 27.00
CA PHE V 147 -74.43 14.46 26.94
C PHE V 147 -73.88 14.51 25.53
N GLN V 148 -72.65 15.00 25.39
CA GLN V 148 -71.99 15.09 24.09
C GLN V 148 -71.39 13.74 23.74
N ILE V 149 -72.03 13.03 22.81
CA ILE V 149 -71.59 11.69 22.45
C ILE V 149 -71.19 11.64 20.98
N GLY V 150 -70.67 12.76 20.46
CA GLY V 150 -70.29 12.83 19.08
C GLY V 150 -68.87 13.34 18.93
N ALA V 151 -68.30 13.07 17.75
CA ALA V 151 -66.94 13.53 17.47
C ALA V 151 -66.86 15.04 17.47
N ASP V 152 -67.83 15.72 16.87
CA ASP V 152 -67.87 17.16 16.81
C ASP V 152 -68.95 17.69 17.75
N ASN V 153 -69.17 19.00 17.72
CA ASN V 153 -70.15 19.65 18.58
C ASN V 153 -71.56 19.45 18.03
N GLY V 154 -72.54 19.82 18.86
CA GLY V 154 -73.93 19.82 18.48
C GLY V 154 -74.60 18.47 18.56
N GLU V 155 -73.89 17.39 18.23
CA GLU V 155 -74.47 16.04 18.25
C GLU V 155 -74.46 15.47 19.67
N ALA V 156 -75.32 16.04 20.50
CA ALA V 156 -75.54 15.58 21.86
C ALA V 156 -76.95 15.03 22.01
N VAL V 157 -77.19 14.35 23.13
CA VAL V 157 -78.49 13.78 23.44
C VAL V 157 -78.92 14.31 24.81
N MET V 158 -80.09 14.93 24.86
CA MET V 158 -80.60 15.48 26.10
C MET V 158 -81.31 14.40 26.91
N LEU V 159 -81.12 14.45 28.22
CA LEU V 159 -81.72 13.51 29.15
C LEU V 159 -82.33 14.26 30.32
N ASN V 160 -83.54 13.86 30.72
CA ASN V 160 -84.20 14.45 31.87
C ASN V 160 -84.55 13.34 32.86
N ILE V 161 -84.42 13.64 34.14
CA ILE V 161 -84.78 12.73 35.21
C ILE V 161 -85.83 13.41 36.07
N LYS V 162 -87.03 12.84 36.10
CA LYS V 162 -88.14 13.44 36.83
C LYS V 162 -88.03 13.18 38.32
N ASP V 163 -88.57 14.10 39.11
CA ASP V 163 -88.53 13.98 40.55
C ASP V 163 -89.51 12.92 41.04
N MET V 164 -89.04 12.09 41.98
CA MET V 164 -89.89 11.12 42.65
C MET V 164 -89.89 11.30 44.16
N ARG V 165 -90.07 12.53 44.62
CA ARG V 165 -90.50 12.73 45.99
C ARG V 165 -91.94 12.26 46.14
N SER V 166 -92.28 11.76 47.32
CA SER V 166 -93.61 11.22 47.56
C SER V 166 -94.70 12.29 47.43
N ASP V 167 -94.33 13.56 47.49
CA ASP V 167 -95.31 14.65 47.38
C ASP V 167 -95.46 15.18 45.97
N ASN V 168 -94.79 14.57 44.99
CA ASN V 168 -94.90 15.04 43.62
C ASN V 168 -96.32 14.84 43.10
N ALA V 169 -96.80 15.85 42.36
CA ALA V 169 -98.17 15.79 41.85
C ALA V 169 -98.35 14.63 40.88
N LEU V 170 -97.35 14.37 40.05
CA LEU V 170 -97.44 13.26 39.10
C LEU V 170 -97.48 11.92 39.80
N MET V 171 -97.02 11.84 41.05
CA MET V 171 -97.03 10.58 41.78
C MET V 171 -98.42 10.18 42.26
N GLY V 172 -99.31 11.15 42.42
CA GLY V 172 -100.64 10.86 42.92
C GLY V 172 -101.74 11.10 41.91
N GLY V 173 -102.81 11.77 42.33
CA GLY V 173 -103.91 12.05 41.44
C GLY V 173 -105.05 12.70 42.18
N LYS V 174 -106.17 12.83 41.49
CA LYS V 174 -107.38 13.42 42.06
C LYS V 174 -108.26 12.33 42.66
N THR V 175 -109.21 12.76 43.49
CA THR V 175 -110.16 11.84 44.10
C THR V 175 -111.49 12.56 44.33
N TYR V 176 -112.56 11.78 44.36
CA TYR V 176 -113.92 12.28 44.50
C TYR V 176 -114.64 11.47 45.56
N GLN V 177 -115.39 12.14 46.42
CA GLN V 177 -116.11 11.48 47.51
C GLN V 177 -117.60 11.74 47.36
N ALA V 178 -118.40 10.69 47.48
CA ALA V 178 -119.85 10.84 47.44
C ALA V 178 -120.34 11.53 48.70
N ALA V 179 -121.18 12.55 48.51
CA ALA V 179 -121.67 13.33 49.64
C ALA V 179 -122.52 12.49 50.58
N ASN V 180 -123.40 11.65 50.02
CA ASN V 180 -124.33 10.85 50.81
C ASN V 180 -124.00 9.37 50.61
N GLY V 181 -123.98 8.62 51.72
CA GLY V 181 -123.72 7.20 51.67
C GLY V 181 -124.97 6.38 51.45
N LYS V 182 -124.75 5.12 51.08
CA LYS V 182 -125.83 4.17 50.87
C LYS V 182 -125.60 2.94 51.75
N ASP V 183 -126.63 2.52 52.47
CA ASP V 183 -126.50 1.43 53.42
C ASP V 183 -126.44 0.09 52.68
N LYS V 184 -126.28 -0.99 53.46
CA LYS V 184 -126.19 -2.31 52.87
C LYS V 184 -127.48 -2.69 52.15
N ASN V 185 -128.63 -2.40 52.76
CA ASN V 185 -129.91 -2.76 52.15
C ASN V 185 -130.18 -1.96 50.87
N TRP V 186 -129.51 -0.83 50.68
CA TRP V 186 -129.73 -0.02 49.49
C TRP V 186 -129.24 -0.75 48.26
N GLY V 187 -130.01 -0.63 47.18
CA GLY V 187 -129.63 -1.21 45.91
C GLY V 187 -129.90 -0.25 44.77
N VAL V 188 -129.38 -0.62 43.60
CA VAL V 188 -129.61 0.20 42.42
C VAL V 188 -131.07 0.12 42.00
N GLU V 189 -131.69 1.27 41.78
CA GLU V 189 -133.09 1.34 41.40
C GLU V 189 -133.23 1.58 39.90
N ALA V 190 -134.28 1.01 39.33
CA ALA V 190 -134.50 1.08 37.89
C ALA V 190 -134.75 2.52 37.45
N GLY V 191 -134.30 2.83 36.24
CA GLY V 191 -134.43 4.16 35.70
C GLY V 191 -133.40 5.15 36.20
N LYS V 192 -132.47 4.72 37.05
CA LYS V 192 -131.43 5.59 37.60
C LYS V 192 -130.09 4.87 37.58
N THR V 193 -129.89 3.99 36.61
CA THR V 193 -128.68 3.19 36.51
C THR V 193 -127.67 3.77 35.52
N ASP V 194 -127.91 4.96 35.01
CA ASP V 194 -127.03 5.59 34.03
C ASP V 194 -125.98 6.43 34.74
N LEU V 195 -124.71 6.22 34.38
CA LEU V 195 -123.59 6.95 34.96
C LEU V 195 -122.63 7.32 33.85
N THR V 196 -122.64 8.59 33.45
CA THR V 196 -121.76 9.08 32.39
C THR V 196 -120.65 9.91 33.03
N ILE V 197 -119.41 9.60 32.68
CA ILE V 197 -118.23 10.28 33.22
C ILE V 197 -117.53 10.98 32.06
N THR V 198 -117.48 12.31 32.11
CA THR V 198 -116.72 13.09 31.15
C THR V 198 -115.29 13.22 31.65
N LEU V 199 -114.34 12.85 30.79
CA LEU V 199 -112.94 12.70 31.20
C LEU V 199 -112.04 13.38 30.19
N LYS V 200 -110.92 13.91 30.68
CA LYS V 200 -109.86 14.44 29.83
C LYS V 200 -108.61 13.57 29.98
N ASP V 201 -107.89 13.43 28.88
CA ASP V 201 -106.73 12.54 28.82
C ASP V 201 -105.58 13.24 28.13
N LYS V 202 -104.37 12.92 28.57
CA LYS V 202 -103.17 13.45 27.91
C LYS V 202 -103.11 12.99 26.46
N ARG V 203 -103.43 11.73 26.20
CA ARG V 203 -103.52 11.18 24.86
C ARG V 203 -104.96 10.79 24.59
N GLU V 204 -105.41 11.01 23.35
CA GLU V 204 -106.80 10.80 22.92
C GLU V 204 -107.79 11.28 23.98
N GLY V 205 -107.68 12.57 24.30
CA GLY V 205 -108.47 13.16 25.36
C GLY V 205 -109.93 13.34 24.99
N ASP V 206 -110.68 13.86 25.97
CA ASP V 206 -112.12 14.07 25.85
C ASP V 206 -112.84 12.76 25.52
N VAL V 207 -112.74 11.82 26.46
CA VAL V 207 -113.36 10.51 26.34
C VAL V 207 -114.46 10.40 27.38
N THR V 208 -115.66 10.03 26.94
CA THR V 208 -116.81 9.86 27.82
C THR V 208 -117.06 8.38 28.02
N ILE V 209 -117.15 7.96 29.27
CA ILE V 209 -117.37 6.56 29.63
C ILE V 209 -118.76 6.44 30.24
N SER V 210 -119.58 5.56 29.69
CA SER V 210 -120.93 5.32 30.17
C SER V 210 -120.98 3.98 30.88
N ILE V 211 -121.52 3.98 32.10
CA ILE V 211 -121.64 2.78 32.91
C ILE V 211 -123.11 2.58 33.24
N ASN V 212 -123.61 1.38 33.00
CA ASN V 212 -124.99 1.02 33.30
C ASN V 212 -124.97 -0.04 34.40
N ALA V 213 -125.14 0.40 35.64
CA ALA V 213 -125.09 -0.52 36.77
C ALA V 213 -126.26 -1.50 36.73
N LYS V 214 -125.97 -2.76 37.02
CA LYS V 214 -127.01 -3.77 37.06
C LYS V 214 -128.00 -3.48 38.18
N GLU V 215 -129.27 -3.77 37.92
CA GLU V 215 -130.31 -3.50 38.89
C GLU V 215 -130.16 -4.39 40.12
N GLY V 216 -130.34 -3.80 41.29
CA GLY V 216 -130.32 -4.53 42.54
C GLY V 216 -128.96 -4.68 43.18
N ASP V 217 -127.89 -4.24 42.53
CA ASP V 217 -126.57 -4.34 43.10
C ASP V 217 -126.44 -3.43 44.32
N ASP V 218 -125.79 -3.93 45.36
CA ASP V 218 -125.56 -3.13 46.55
C ASP V 218 -124.39 -2.17 46.31
N ILE V 219 -123.96 -1.47 47.34
CA ILE V 219 -122.96 -0.43 47.15
C ILE V 219 -121.60 -1.02 46.80
N GLU V 220 -121.27 -2.17 47.41
CA GLU V 220 -119.95 -2.76 47.15
C GLU V 220 -119.87 -3.33 45.74
N GLU V 221 -120.94 -4.00 45.29
CA GLU V 221 -120.95 -4.56 43.94
C GLU V 221 -120.86 -3.46 42.88
N LEU V 222 -121.44 -2.28 43.16
CA LEU V 222 -121.34 -1.18 42.22
C LEU V 222 -119.90 -0.73 42.04
N ALA V 223 -119.14 -0.66 43.13
CA ALA V 223 -117.74 -0.27 43.04
C ALA V 223 -116.93 -1.26 42.22
N THR V 224 -117.18 -2.55 42.42
CA THR V 224 -116.50 -3.57 41.62
C THR V 224 -116.87 -3.47 40.16
N TYR V 225 -118.15 -3.18 39.87
CA TYR V 225 -118.60 -3.11 38.49
C TYR V 225 -117.90 -1.99 37.73
N ILE V 226 -117.75 -0.82 38.36
CA ILE V 226 -117.08 0.29 37.70
C ILE V 226 -115.63 -0.06 37.42
N ASN V 227 -114.96 -0.72 38.37
CA ASN V 227 -113.57 -1.10 38.16
C ASN V 227 -113.41 -2.04 36.98
N GLY V 228 -114.32 -3.02 36.85
CA GLY V 228 -114.23 -3.96 35.75
C GLY V 228 -114.49 -3.31 34.40
N GLN V 229 -115.42 -2.35 34.35
CA GLN V 229 -115.79 -1.76 33.07
C GLN V 229 -114.64 -1.00 32.44
N THR V 230 -113.87 -0.26 33.25
CA THR V 230 -112.78 0.54 32.71
C THR V 230 -111.65 0.62 33.71
N ASP V 231 -110.43 0.74 33.17
CA ASP V 231 -109.23 0.98 33.97
C ASP V 231 -108.95 2.47 34.14
N MET V 232 -109.72 3.33 33.49
CA MET V 232 -109.52 4.77 33.59
C MET V 232 -109.90 5.32 34.96
N ILE V 233 -110.71 4.57 35.71
CA ILE V 233 -111.30 5.05 36.95
C ILE V 233 -111.23 3.93 37.98
N LYS V 234 -110.87 4.28 39.22
CA LYS V 234 -110.86 3.34 40.33
C LYS V 234 -111.88 3.79 41.37
N ALA V 235 -112.77 2.89 41.76
CA ALA V 235 -113.86 3.22 42.68
C ALA V 235 -113.87 2.24 43.84
N SER V 236 -114.37 2.71 44.98
CA SER V 236 -114.45 1.90 46.19
C SER V 236 -115.43 2.54 47.16
N VAL V 237 -115.76 1.81 48.21
CA VAL V 237 -116.67 2.27 49.25
C VAL V 237 -115.90 2.36 50.57
N ASP V 238 -116.14 3.43 51.33
CA ASP V 238 -115.31 3.70 52.51
C ASP V 238 -115.88 3.11 53.81
N GLU V 239 -116.99 3.66 54.29
CA GLU V 239 -117.61 3.13 55.50
C GLU V 239 -119.13 3.12 55.50
N GLU V 240 -119.80 3.89 54.64
CA GLU V 240 -121.24 4.03 54.70
C GLU V 240 -121.91 4.04 53.34
N GLY V 241 -121.16 3.77 52.26
CA GLY V 241 -121.69 3.83 50.91
C GLY V 241 -121.11 4.93 50.06
N LYS V 242 -120.38 5.86 50.66
CA LYS V 242 -119.75 6.93 49.90
C LYS V 242 -118.65 6.38 49.01
N LEU V 243 -118.67 6.74 47.73
CA LEU V 243 -117.71 6.22 46.76
C LEU V 243 -116.47 7.11 46.72
N GLN V 244 -115.30 6.47 46.71
CA GLN V 244 -114.04 7.19 46.55
C GLN V 244 -113.54 6.96 45.13
N LEU V 245 -114.07 7.75 44.20
CA LEU V 245 -113.59 7.71 42.83
C LEU V 245 -112.16 8.23 42.78
N PHE V 246 -111.34 7.64 41.93
CA PHE V 246 -109.94 7.99 41.82
C PHE V 246 -109.57 8.28 40.38
N THR V 247 -108.74 9.30 40.19
CA THR V 247 -108.26 9.70 38.88
C THR V 247 -106.74 9.76 38.94
N ASP V 248 -106.07 9.05 38.04
CA ASP V 248 -104.61 9.01 38.08
C ASP V 248 -104.09 10.24 37.33
N ASN V 249 -103.19 10.99 37.96
CA ASN V 249 -102.83 12.31 37.45
C ASN V 249 -102.05 12.26 36.14
N ASN V 250 -101.28 11.18 35.90
CA ASN V 250 -100.34 11.23 34.79
C ASN V 250 -100.99 11.03 33.43
N ARG V 251 -102.25 10.58 33.37
CA ARG V 251 -102.92 10.43 32.08
C ARG V 251 -104.36 10.90 32.07
N ILE V 252 -104.93 11.30 33.21
CA ILE V 252 -106.32 11.76 33.23
C ILE V 252 -106.32 13.20 33.76
N ASP V 253 -105.31 13.96 33.37
CA ASP V 253 -105.21 15.38 33.74
C ASP V 253 -106.52 16.10 33.46
N GLY V 254 -106.84 17.07 34.31
CA GLY V 254 -108.07 17.82 34.21
C GLY V 254 -109.16 17.25 35.10
N ALA V 255 -110.14 18.10 35.39
CA ALA V 255 -111.24 17.70 36.26
C ALA V 255 -112.17 16.72 35.55
N ALA V 256 -112.90 15.96 36.36
CA ALA V 256 -113.86 14.98 35.85
C ALA V 256 -115.28 15.47 36.12
N THR V 257 -116.13 15.37 35.12
CA THR V 257 -117.53 15.78 35.21
C THR V 257 -118.41 14.53 35.32
N PHE V 258 -119.34 14.55 36.26
CA PHE V 258 -120.23 13.42 36.51
C PHE V 258 -121.64 13.76 36.08
N GLY V 259 -122.27 12.82 35.35
CA GLY V 259 -123.62 13.01 34.87
C GLY V 259 -124.38 11.71 34.94
N GLY V 260 -125.66 11.80 34.63
CA GLY V 260 -126.55 10.66 34.70
C GLY V 260 -127.34 10.64 36.01
N ALA V 261 -128.43 9.87 35.98
CA ALA V 261 -129.31 9.80 37.14
C ALA V 261 -128.60 9.20 38.34
N LEU V 262 -127.76 8.18 38.12
CA LEU V 262 -127.02 7.58 39.22
C LEU V 262 -126.08 8.59 39.86
N ALA V 263 -125.41 9.41 39.05
CA ALA V 263 -124.51 10.41 39.61
C ALA V 263 -125.27 11.40 40.48
N GLY V 264 -126.45 11.83 40.03
CA GLY V 264 -127.27 12.71 40.86
C GLY V 264 -127.73 12.05 42.14
N GLU V 265 -128.01 10.75 42.09
CA GLU V 265 -128.41 10.03 43.29
C GLU V 265 -127.31 10.04 44.34
N LEU V 266 -126.06 9.83 43.90
CA LEU V 266 -124.92 9.87 44.80
C LEU V 266 -124.38 11.29 44.85
N GLY V 267 -123.20 11.46 45.46
CA GLY V 267 -122.57 12.76 45.56
C GLY V 267 -121.58 12.96 44.42
N ILE V 268 -121.69 14.13 43.77
CA ILE V 268 -120.80 14.44 42.66
C ILE V 268 -119.35 14.50 43.13
N GLY V 269 -119.10 15.26 44.20
CA GLY V 269 -117.76 15.38 44.73
C GLY V 269 -116.88 16.33 43.95
N ALA V 270 -116.01 17.05 44.65
CA ALA V 270 -115.08 17.96 44.02
C ALA V 270 -113.70 17.32 43.88
N ALA V 271 -112.85 17.94 43.09
CA ALA V 271 -111.51 17.42 42.82
C ALA V 271 -110.64 17.68 44.05
N GLN V 272 -110.16 16.60 44.66
CA GLN V 272 -109.26 16.68 45.81
C GLN V 272 -107.92 16.07 45.39
N ASP V 273 -106.84 16.85 45.55
CA ASP V 273 -105.52 16.43 45.12
C ASP V 273 -104.82 15.68 46.24
N VAL V 274 -104.42 14.44 45.97
CA VAL V 274 -103.73 13.61 46.93
C VAL V 274 -102.49 13.01 46.27
N THR V 275 -101.49 12.72 47.08
CA THR V 275 -100.25 12.10 46.63
C THR V 275 -99.87 11.03 47.64
N VAL V 276 -98.69 10.43 47.44
CA VAL V 276 -98.20 9.43 48.40
C VAL V 276 -97.86 10.10 49.72
N ASP V 277 -97.35 11.33 49.68
CA ASP V 277 -97.03 12.04 50.93
C ASP V 277 -98.29 12.27 51.76
N THR V 278 -99.39 12.65 51.11
CA THR V 278 -100.65 12.84 51.79
C THR V 278 -101.42 11.53 51.95
N LEU V 279 -100.88 10.43 51.45
CA LEU V 279 -101.52 9.13 51.58
C LEU V 279 -101.53 8.71 53.04
N ASP V 280 -102.72 8.45 53.58
CA ASP V 280 -102.85 7.95 54.93
C ASP V 280 -103.89 6.84 54.96
N VAL V 281 -103.68 5.87 55.84
CA VAL V 281 -104.61 4.78 56.05
C VAL V 281 -104.79 4.62 57.56
N THR V 282 -105.86 5.22 58.09
CA THR V 282 -106.28 4.99 59.46
C THR V 282 -107.69 4.43 59.54
N THR V 283 -108.51 4.62 58.51
CA THR V 283 -109.81 4.00 58.38
C THR V 283 -109.80 3.12 57.13
N VAL V 284 -110.82 2.27 57.00
CA VAL V 284 -110.91 1.37 55.86
C VAL V 284 -111.00 2.17 54.56
N GLY V 285 -111.72 3.29 54.59
CA GLY V 285 -111.82 4.12 53.40
C GLY V 285 -110.48 4.67 52.95
N GLY V 286 -109.64 5.07 53.91
CA GLY V 286 -108.32 5.53 53.55
C GLY V 286 -107.49 4.46 52.88
N ALA V 287 -107.70 3.20 53.26
CA ALA V 287 -106.98 2.10 52.64
C ALA V 287 -107.38 1.93 51.18
N GLN V 288 -108.68 2.06 50.88
CA GLN V 288 -109.12 1.94 49.50
C GLN V 288 -108.56 3.06 48.63
N GLU V 289 -108.56 4.29 49.13
CA GLU V 289 -107.95 5.39 48.39
C GLU V 289 -106.44 5.20 48.23
N SER V 290 -105.78 4.72 49.28
CA SER V 290 -104.33 4.60 49.25
C SER V 290 -103.87 3.58 48.22
N VAL V 291 -104.56 2.45 48.10
CA VAL V 291 -104.13 1.40 47.16
C VAL V 291 -104.25 1.92 45.72
N ALA V 292 -105.22 2.79 45.47
CA ALA V 292 -105.33 3.40 44.15
C ALA V 292 -104.19 4.38 43.90
N ILE V 293 -103.82 5.15 44.92
CA ILE V 293 -102.73 6.11 44.77
C ILE V 293 -101.41 5.38 44.51
N VAL V 294 -101.17 4.28 45.22
CA VAL V 294 -99.92 3.54 45.06
C VAL V 294 -99.82 2.97 43.66
N ASP V 295 -100.93 2.48 43.10
CA ASP V 295 -100.91 1.97 41.74
C ASP V 295 -100.51 3.07 40.75
N ALA V 296 -101.03 4.27 40.94
CA ALA V 296 -100.63 5.38 40.08
C ALA V 296 -99.14 5.69 40.24
N ALA V 297 -98.64 5.67 41.48
CA ALA V 297 -97.22 5.91 41.70
C ALA V 297 -96.37 4.84 41.06
N LEU V 298 -96.78 3.57 41.20
CA LEU V 298 -96.02 2.47 40.61
C LEU V 298 -95.98 2.58 39.09
N LYS V 299 -97.12 2.93 38.47
CA LYS V 299 -97.15 3.09 37.03
C LYS V 299 -96.23 4.21 36.58
N TYR V 300 -96.23 5.33 37.30
CA TYR V 300 -95.37 6.45 36.94
C TYR V 300 -93.90 6.09 37.07
N VAL V 301 -93.55 5.40 38.16
CA VAL V 301 -92.15 5.00 38.36
C VAL V 301 -91.71 4.05 37.25
N ASP V 302 -92.55 3.07 36.92
CA ASP V 302 -92.23 2.16 35.83
C ASP V 302 -92.13 2.90 34.50
N SER V 303 -92.98 3.91 34.30
CA SER V 303 -92.93 4.69 33.07
C SER V 303 -91.58 5.38 32.91
N HIS V 304 -91.07 5.96 34.00
CA HIS V 304 -89.77 6.60 33.93
C HIS V 304 -88.64 5.58 33.87
N ARG V 305 -88.83 4.41 34.48
CA ARG V 305 -87.82 3.36 34.39
C ARG V 305 -87.67 2.87 32.95
N ALA V 306 -88.78 2.75 32.23
CA ALA V 306 -88.72 2.38 30.83
C ALA V 306 -88.01 3.46 30.01
N GLU V 307 -88.30 4.73 30.29
CA GLU V 307 -87.65 5.82 29.58
C GLU V 307 -86.14 5.82 29.85
N LEU V 308 -85.76 5.63 31.12
CA LEU V 308 -84.34 5.51 31.45
C LEU V 308 -83.72 4.29 30.80
N GLY V 309 -84.47 3.18 30.74
CA GLY V 309 -83.97 2.00 30.08
C GLY V 309 -83.77 2.19 28.60
N ALA V 310 -84.68 2.94 27.95
CA ALA V 310 -84.50 3.26 26.55
C ALA V 310 -83.25 4.09 26.33
N PHE V 311 -83.02 5.08 27.21
CA PHE V 311 -81.78 5.84 27.15
C PHE V 311 -80.57 4.94 27.38
N GLN V 312 -80.73 3.93 28.25
CA GLN V 312 -79.66 2.96 28.43
C GLN V 312 -79.41 2.17 27.15
N ASN V 313 -80.47 1.83 26.43
CA ASN V 313 -80.36 1.04 25.22
C ASN V 313 -80.01 1.87 23.99
N ARG V 314 -79.85 3.19 24.15
CA ARG V 314 -79.33 4.00 23.06
C ARG V 314 -77.82 4.15 23.12
N PHE V 315 -77.28 4.43 24.30
CA PHE V 315 -75.86 4.75 24.42
C PHE V 315 -74.97 3.54 24.23
N ASN V 316 -75.46 2.33 24.49
CA ASN V 316 -74.64 1.15 24.24
C ASN V 316 -74.48 0.91 22.75
N HIS V 317 -75.55 1.12 21.97
CA HIS V 317 -75.41 1.10 20.51
C HIS V 317 -74.60 2.28 20.02
N ALA V 318 -74.62 3.40 20.75
CA ALA V 318 -73.75 4.52 20.39
C ALA V 318 -72.29 4.18 20.68
N ILE V 319 -72.04 3.40 21.71
CA ILE V 319 -70.67 3.10 22.12
C ILE V 319 -69.94 2.33 21.02
N ASN V 320 -70.55 1.24 20.55
CA ASN V 320 -69.88 0.43 19.53
C ASN V 320 -69.99 1.07 18.16
N ASN V 321 -70.93 1.99 17.97
CA ASN V 321 -70.97 2.75 16.73
C ASN V 321 -69.78 3.71 16.66
N LEU V 322 -69.54 4.45 17.73
CA LEU V 322 -68.37 5.31 17.80
C LEU V 322 -67.08 4.50 17.79
N ASP V 323 -67.09 3.35 18.49
CA ASP V 323 -65.91 2.50 18.51
C ASP V 323 -65.58 1.98 17.12
N ASN V 324 -66.61 1.56 16.37
CA ASN V 324 -66.38 1.11 15.00
C ASN V 324 -65.81 2.21 14.13
N ILE V 325 -66.37 3.42 14.24
CA ILE V 325 -65.84 4.55 13.48
C ILE V 325 -64.41 4.84 13.90
N ASN V 326 -64.13 4.77 15.19
CA ASN V 326 -62.77 5.00 15.68
C ASN V 326 -61.81 3.97 15.10
N GLU V 327 -62.25 2.71 15.01
CA GLU V 327 -61.42 1.68 14.39
C GLU V 327 -61.14 1.99 12.93
N ASN V 328 -62.16 2.45 12.20
CA ASN V 328 -61.98 2.70 10.77
C ASN V 328 -61.20 3.98 10.51
N VAL V 329 -61.47 5.05 11.25
CA VAL V 329 -60.74 6.30 11.04
C VAL V 329 -59.28 6.17 11.45
N ASN V 330 -58.96 5.29 12.41
CA ASN V 330 -57.56 4.99 12.68
C ASN V 330 -56.91 4.28 11.51
N ALA V 331 -57.65 3.41 10.84
CA ALA V 331 -57.15 2.79 9.61
C ALA V 331 -56.93 3.85 8.54
N SER V 332 -57.83 4.82 8.45
CA SER V 332 -57.62 5.94 7.54
C SER V 332 -56.45 6.81 7.99
N LYS V 333 -56.22 6.88 9.30
CA LYS V 333 -55.04 7.56 9.84
C LYS V 333 -53.83 6.65 9.80
N SER V 334 -53.61 6.07 8.62
CA SER V 334 -52.46 5.21 8.35
C SER V 334 -52.39 5.08 6.84
N ARG V 335 -51.16 5.05 6.31
CA ARG V 335 -50.84 5.21 4.89
C ARG V 335 -51.12 6.65 4.47
N ILE V 336 -51.69 7.44 5.37
CA ILE V 336 -51.72 8.88 5.25
C ILE V 336 -50.67 9.53 6.14
N LYS V 337 -50.56 9.06 7.38
CA LYS V 337 -49.49 9.43 8.30
C LYS V 337 -48.57 8.27 8.63
N ASP V 338 -49.13 7.15 9.09
CA ASP V 338 -48.31 6.00 9.47
C ASP V 338 -47.49 5.51 8.30
N THR V 339 -46.22 5.23 8.55
CA THR V 339 -45.29 4.78 7.52
C THR V 339 -45.05 3.29 7.64
N ASP V 340 -45.20 2.57 6.53
CA ASP V 340 -44.78 1.18 6.51
C ASP V 340 -43.26 1.09 6.47
N PHE V 341 -42.73 0.13 7.21
CA PHE V 341 -41.28 -0.04 7.28
C PHE V 341 -40.73 -0.88 6.14
N ALA V 342 -41.60 -1.55 5.38
CA ALA V 342 -41.12 -2.36 4.26
C ALA V 342 -40.47 -1.48 3.19
N LYS V 343 -41.25 -0.60 2.57
CA LYS V 343 -40.71 0.20 1.46
C LYS V 343 -39.88 1.36 1.96
N GLU V 344 -40.06 1.77 3.21
CA GLU V 344 -39.29 2.90 3.71
C GLU V 344 -37.85 2.50 4.03
N THR V 345 -37.66 1.30 4.56
CA THR V 345 -36.30 0.82 4.82
C THR V 345 -35.52 0.67 3.54
N THR V 346 -36.15 0.15 2.48
CA THR V 346 -35.47 0.00 1.21
C THR V 346 -35.09 1.36 0.62
N ALA V 347 -35.94 2.36 0.80
CA ALA V 347 -35.60 3.71 0.35
C ALA V 347 -34.40 4.24 1.10
N LEU V 348 -34.32 3.97 2.41
CA LEU V 348 -33.15 4.35 3.18
C LEU V 348 -31.91 3.63 2.70
N THR V 349 -32.03 2.32 2.42
CA THR V 349 -30.88 1.56 1.97
C THR V 349 -30.37 2.05 0.63
N LYS V 350 -31.28 2.32 -0.32
CA LYS V 350 -30.88 2.82 -1.62
C LYS V 350 -30.14 4.14 -1.49
N ALA V 351 -30.57 4.99 -0.55
CA ALA V 351 -29.86 6.24 -0.30
C ALA V 351 -28.45 5.99 0.21
N GLN V 352 -28.27 4.99 1.08
CA GLN V 352 -26.95 4.69 1.61
C GLN V 352 -26.00 4.25 0.51
N ILE V 353 -26.47 3.38 -0.40
CA ILE V 353 -25.62 2.92 -1.49
C ILE V 353 -25.29 4.07 -2.43
N LEU V 354 -26.28 4.92 -2.74
CA LEU V 354 -26.04 6.04 -3.63
C LEU V 354 -25.02 7.01 -3.04
N SER V 355 -25.15 7.30 -1.74
CA SER V 355 -24.18 8.17 -1.09
C SER V 355 -22.80 7.55 -1.05
N GLN V 356 -22.72 6.24 -0.80
CA GLN V 356 -21.43 5.55 -0.76
C GLN V 356 -20.78 5.54 -2.14
N ALA V 357 -21.57 5.28 -3.19
CA ALA V 357 -21.02 5.29 -4.54
C ALA V 357 -20.55 6.68 -4.94
N SER V 358 -21.34 7.70 -4.61
CA SER V 358 -20.96 9.06 -4.98
C SER V 358 -19.70 9.51 -4.26
N SER V 359 -19.56 9.15 -2.99
CA SER V 359 -18.37 9.56 -2.24
C SER V 359 -17.12 8.91 -2.83
N SER V 360 -17.21 7.65 -3.25
CA SER V 360 -16.07 7.01 -3.90
C SER V 360 -15.77 7.68 -5.24
N VAL V 361 -16.77 8.28 -5.88
CA VAL V 361 -16.53 9.03 -7.10
C VAL V 361 -15.74 10.30 -6.80
N LEU V 362 -16.05 10.96 -5.68
CA LEU V 362 -15.23 12.09 -5.24
C LEU V 362 -13.80 11.63 -4.97
N ALA V 363 -13.64 10.50 -4.30
CA ALA V 363 -12.30 9.96 -4.07
C ALA V 363 -11.62 9.56 -5.37
N GLN V 364 -12.38 9.41 -6.45
CA GLN V 364 -11.81 9.11 -7.76
C GLN V 364 -11.63 10.35 -8.62
N ALA V 365 -12.31 11.45 -8.30
CA ALA V 365 -12.24 12.67 -9.08
C ALA V 365 -11.30 13.72 -8.51
N LYS V 366 -10.86 13.56 -7.26
CA LYS V 366 -9.91 14.51 -6.69
C LYS V 366 -8.55 14.43 -7.38
N GLN V 367 -8.22 13.26 -7.94
CA GLN V 367 -6.95 13.07 -8.63
C GLN V 367 -7.01 13.44 -10.10
N ALA V 368 -8.16 13.89 -10.60
CA ALA V 368 -8.22 14.38 -11.97
C ALA V 368 -7.30 15.55 -12.21
N PRO V 369 -7.26 16.59 -11.36
CA PRO V 369 -6.22 17.61 -11.53
C PRO V 369 -4.82 17.06 -11.34
N ASN V 370 -4.66 16.02 -10.52
CA ASN V 370 -3.33 15.45 -10.29
C ASN V 370 -2.75 14.91 -11.59
N SER V 371 -3.57 14.23 -12.38
CA SER V 371 -3.10 13.71 -13.66
C SER V 371 -2.72 14.85 -14.61
N ALA V 372 -3.39 16.00 -14.49
CA ALA V 372 -3.02 17.16 -15.31
C ALA V 372 -1.60 17.60 -15.01
N LEU V 373 -1.22 17.63 -13.73
CA LEU V 373 0.13 18.00 -13.36
C LEU V 373 1.13 16.89 -13.71
N ALA V 374 0.65 15.64 -13.76
CA ALA V 374 1.54 14.51 -13.98
C ALA V 374 2.30 14.59 -15.30
N LEU V 375 1.75 15.29 -16.30
CA LEU V 375 2.42 15.35 -17.59
C LEU V 375 3.64 16.27 -17.53
N LEU V 376 3.59 17.31 -16.71
CA LEU V 376 4.70 18.25 -16.55
C LEU V 376 5.24 18.11 -15.14
N GLY V 377 6.45 17.57 -15.03
CA GLY V 377 7.08 17.38 -13.73
C GLY V 377 7.36 18.67 -12.99
N MET W 1 36.81 8.21 -53.31
CA MET W 1 35.69 9.07 -53.65
C MET W 1 36.12 10.54 -53.61
N ALA W 2 35.46 11.36 -54.42
CA ALA W 2 35.82 12.76 -54.59
C ALA W 2 35.48 13.49 -53.30
N VAL W 3 36.51 13.77 -52.50
CA VAL W 3 36.32 14.42 -51.21
C VAL W 3 36.01 15.90 -51.44
N ASN W 4 34.72 16.24 -51.44
CA ASN W 4 34.25 17.56 -51.82
C ASN W 4 33.44 18.17 -50.68
N VAL W 5 33.01 19.40 -50.88
CA VAL W 5 32.27 20.13 -49.87
C VAL W 5 30.88 20.57 -50.35
N ASN W 6 30.58 20.47 -51.64
CA ASN W 6 29.27 20.91 -52.12
C ASN W 6 28.21 19.85 -51.92
N THR W 7 28.57 18.58 -52.04
CA THR W 7 27.62 17.47 -51.92
C THR W 7 28.06 16.57 -50.77
N ASN W 8 27.08 16.16 -49.95
CA ASN W 8 27.32 15.27 -48.82
C ASN W 8 26.38 14.08 -48.99
N VAL W 9 26.86 13.05 -49.70
CA VAL W 9 26.04 11.87 -49.94
C VAL W 9 25.73 11.15 -48.64
N SER W 10 26.74 11.02 -47.77
CA SER W 10 26.53 10.32 -46.50
C SER W 10 25.50 11.04 -45.64
N ALA W 11 25.54 12.38 -45.63
CA ALA W 11 24.53 13.13 -44.89
C ALA W 11 23.14 12.90 -45.47
N MET W 12 23.04 12.84 -46.81
CA MET W 12 21.74 12.62 -47.43
C MET W 12 21.20 11.24 -47.09
N THR W 13 22.07 10.23 -47.05
CA THR W 13 21.63 8.90 -46.64
C THR W 13 21.15 8.90 -45.19
N ALA W 14 21.87 9.58 -44.31
CA ALA W 14 21.48 9.64 -42.90
C ALA W 14 20.14 10.35 -42.75
N GLN W 15 19.93 11.44 -43.50
CA GLN W 15 18.66 12.15 -43.45
C GLN W 15 17.51 11.27 -43.93
N ARG W 16 17.73 10.53 -45.01
CA ARG W 16 16.67 9.68 -45.57
C ARG W 16 16.24 8.62 -44.56
N TYR W 17 17.20 7.99 -43.89
CA TYR W 17 16.84 6.96 -42.91
C TYR W 17 16.36 7.58 -41.61
N LEU W 18 16.66 8.85 -41.37
CA LEU W 18 16.16 9.52 -40.18
C LEU W 18 14.64 9.65 -40.22
N THR W 19 14.11 10.17 -41.34
CA THR W 19 12.66 10.27 -41.48
C THR W 19 12.02 8.92 -41.73
N SER W 20 12.76 7.95 -42.28
CA SER W 20 12.24 6.60 -42.35
C SER W 20 11.97 6.05 -40.97
N ALA W 21 12.68 6.56 -39.96
CA ALA W 21 12.44 6.13 -38.58
C ALA W 21 11.40 7.00 -37.90
N THR W 22 11.50 8.32 -38.03
CA THR W 22 10.57 9.21 -37.35
C THR W 22 9.17 9.17 -37.96
N ASN W 23 9.04 8.75 -39.22
CA ASN W 23 7.71 8.56 -39.79
C ASN W 23 7.02 7.34 -39.19
N ALA W 24 7.74 6.24 -39.01
CA ALA W 24 7.18 5.10 -38.29
C ALA W 24 7.03 5.38 -36.81
N GLN W 25 7.94 6.16 -36.24
CA GLN W 25 7.80 6.57 -34.84
C GLN W 25 6.59 7.48 -34.67
N GLN W 26 6.35 8.39 -35.61
CA GLN W 26 5.13 9.18 -35.59
C GLN W 26 3.92 8.36 -35.99
N SER W 27 4.11 7.29 -36.76
CA SER W 27 3.02 6.36 -37.03
C SER W 27 2.59 5.68 -35.75
N SER W 28 3.54 5.31 -34.89
CA SER W 28 3.23 4.94 -33.52
C SER W 28 3.05 6.22 -32.72
N MET W 29 2.92 6.10 -31.39
CA MET W 29 2.64 7.23 -30.51
C MET W 29 1.27 7.83 -30.80
N GLU W 30 0.56 7.27 -31.76
CA GLU W 30 -0.78 7.74 -32.07
C GLU W 30 -1.73 6.54 -32.08
N ARG W 31 -1.20 5.37 -32.41
CA ARG W 31 -1.92 4.13 -32.18
C ARG W 31 -1.83 3.68 -30.73
N LEU W 32 -0.81 4.14 -30.00
CA LEU W 32 -0.76 3.90 -28.56
C LEU W 32 -1.79 4.73 -27.83
N SER W 33 -1.91 6.01 -28.19
CA SER W 33 -2.88 6.88 -27.53
C SER W 33 -4.30 6.52 -27.94
N SER W 34 -4.53 6.26 -29.23
CA SER W 34 -5.86 5.91 -29.68
C SER W 34 -6.29 4.53 -29.19
N GLY W 35 -5.35 3.60 -29.10
CA GLY W 35 -5.69 2.22 -28.81
C GLY W 35 -6.15 1.42 -30.00
N TYR W 36 -6.15 2.01 -31.19
CA TYR W 36 -6.46 1.32 -32.43
C TYR W 36 -5.22 1.31 -33.33
N LYS W 37 -4.87 0.13 -33.84
CA LYS W 37 -3.87 0.06 -34.90
C LYS W 37 -4.45 0.50 -36.24
N ILE W 38 -5.77 0.56 -36.36
CA ILE W 38 -6.43 1.05 -37.56
C ILE W 38 -7.21 2.28 -37.15
N ASN W 39 -6.73 3.45 -37.56
CA ASN W 39 -7.45 4.70 -37.35
C ASN W 39 -7.47 5.59 -38.58
N SER W 40 -6.68 5.28 -39.61
CA SER W 40 -6.76 5.93 -40.90
C SER W 40 -6.77 4.86 -41.97
N ALA W 41 -7.37 5.17 -43.11
CA ALA W 41 -7.51 4.18 -44.17
C ALA W 41 -6.16 3.71 -44.71
N LYS W 42 -5.12 4.52 -44.59
CA LYS W 42 -3.82 4.16 -45.15
C LYS W 42 -3.15 3.03 -44.39
N ASP W 43 -3.62 2.71 -43.18
CA ASP W 43 -3.01 1.62 -42.42
C ASP W 43 -3.35 0.27 -43.06
N ASP W 44 -4.64 -0.06 -43.14
CA ASP W 44 -5.08 -1.33 -43.73
C ASP W 44 -6.42 -1.07 -44.39
N ALA W 45 -6.46 -1.16 -45.72
CA ALA W 45 -7.71 -0.90 -46.44
C ALA W 45 -8.77 -1.94 -46.10
N ALA W 46 -8.43 -3.23 -46.22
CA ALA W 46 -9.41 -4.27 -45.93
C ALA W 46 -9.81 -4.25 -44.47
N GLY W 47 -8.85 -4.02 -43.57
CA GLY W 47 -9.16 -3.99 -42.15
C GLY W 47 -10.15 -2.92 -41.78
N LEU W 48 -10.09 -1.76 -42.44
CA LEU W 48 -11.02 -0.68 -42.13
C LEU W 48 -12.45 -1.07 -42.46
N GLN W 49 -12.67 -1.67 -43.64
CA GLN W 49 -14.03 -2.03 -44.04
C GLN W 49 -14.62 -3.08 -43.09
N ILE W 50 -13.84 -4.10 -42.76
CA ILE W 50 -14.36 -5.18 -41.91
C ILE W 50 -14.52 -4.69 -40.48
N SER W 51 -13.63 -3.80 -40.02
CA SER W 51 -13.78 -3.27 -38.66
C SER W 51 -15.00 -2.37 -38.55
N ASN W 52 -15.26 -1.54 -39.57
CA ASN W 52 -16.45 -0.71 -39.55
C ASN W 52 -17.71 -1.57 -39.57
N ARG W 53 -17.71 -2.62 -40.40
CA ARG W 53 -18.86 -3.52 -40.42
C ARG W 53 -19.03 -4.23 -39.09
N LEU W 54 -17.92 -4.68 -38.50
CA LEU W 54 -17.99 -5.34 -37.20
C LEU W 54 -18.47 -4.38 -36.12
N ASN W 55 -17.98 -3.14 -36.15
CA ASN W 55 -18.46 -2.13 -35.20
C ASN W 55 -19.94 -1.85 -35.41
N VAL W 56 -20.37 -1.78 -36.67
CA VAL W 56 -21.78 -1.55 -36.96
C VAL W 56 -22.63 -2.67 -36.37
N GLN W 57 -22.19 -3.92 -36.54
CA GLN W 57 -22.92 -5.03 -35.95
C GLN W 57 -22.88 -4.97 -34.44
N SER W 58 -21.72 -4.65 -33.86
CA SER W 58 -21.57 -4.65 -32.41
C SER W 58 -22.52 -3.65 -31.75
N ARG W 59 -22.60 -2.44 -32.31
CA ARG W 59 -23.58 -1.48 -31.81
C ARG W 59 -25.01 -1.93 -32.14
N GLY W 60 -25.18 -2.67 -33.23
CA GLY W 60 -26.51 -3.17 -33.56
C GLY W 60 -27.06 -4.10 -32.49
N LEU W 61 -26.23 -5.04 -32.01
CA LEU W 61 -26.65 -5.88 -30.90
C LEU W 61 -26.81 -5.07 -29.62
N GLY W 62 -26.12 -3.93 -29.52
CA GLY W 62 -26.28 -3.09 -28.34
C GLY W 62 -27.69 -2.55 -28.22
N VAL W 63 -28.28 -2.12 -29.33
CA VAL W 63 -29.66 -1.65 -29.30
C VAL W 63 -30.62 -2.80 -29.42
N ALA W 64 -30.15 -3.96 -29.90
CA ALA W 64 -31.03 -5.11 -30.05
C ALA W 64 -31.35 -5.74 -28.70
N VAL W 65 -30.36 -5.84 -27.82
CA VAL W 65 -30.63 -6.36 -26.48
C VAL W 65 -31.51 -5.38 -25.70
N ARG W 66 -31.33 -4.08 -25.93
CA ARG W 66 -32.23 -3.10 -25.34
C ARG W 66 -33.65 -3.28 -25.89
N ASN W 67 -33.76 -3.54 -27.19
CA ASN W 67 -35.07 -3.65 -27.82
C ASN W 67 -35.81 -4.89 -27.35
N ALA W 68 -35.14 -6.04 -27.35
CA ALA W 68 -35.81 -7.27 -26.94
C ALA W 68 -36.22 -7.21 -25.48
N ASN W 69 -35.45 -6.52 -24.65
CA ASN W 69 -35.87 -6.29 -23.26
C ASN W 69 -37.14 -5.43 -23.22
N ASP W 70 -37.22 -4.43 -24.09
CA ASP W 70 -38.44 -3.62 -24.17
C ASP W 70 -39.63 -4.47 -24.57
N GLY W 71 -39.43 -5.36 -25.54
CA GLY W 71 -40.50 -6.27 -25.93
C GLY W 71 -40.92 -7.18 -24.78
N ILE W 72 -39.96 -7.60 -23.96
CA ILE W 72 -40.30 -8.37 -22.77
C ILE W 72 -41.12 -7.52 -21.81
N SER W 73 -40.70 -6.29 -21.58
CA SER W 73 -41.34 -5.45 -20.57
C SER W 73 -42.81 -5.21 -20.89
N MET W 74 -43.12 -4.96 -22.16
CA MET W 74 -44.51 -4.74 -22.53
C MET W 74 -45.32 -6.03 -22.41
N ALA W 75 -44.69 -7.17 -22.66
CA ALA W 75 -45.40 -8.44 -22.50
C ALA W 75 -45.74 -8.70 -21.04
N GLN W 76 -44.81 -8.41 -20.13
CA GLN W 76 -45.06 -8.68 -18.72
C GLN W 76 -45.92 -7.60 -18.06
N THR W 77 -45.90 -6.37 -18.57
CA THR W 77 -46.86 -5.38 -18.09
C THR W 77 -48.28 -5.81 -18.44
N ALA W 78 -48.49 -6.33 -19.65
CA ALA W 78 -49.77 -6.92 -20.00
C ALA W 78 -50.06 -8.12 -19.12
N GLU W 79 -49.05 -8.98 -18.89
CA GLU W 79 -49.25 -10.16 -18.07
C GLU W 79 -49.59 -9.79 -16.63
N GLY W 80 -49.10 -8.66 -16.14
CA GLY W 80 -49.46 -8.23 -14.79
C GLY W 80 -50.95 -7.97 -14.66
N ALA W 81 -51.52 -7.24 -15.62
CA ALA W 81 -52.96 -7.03 -15.63
C ALA W 81 -53.69 -8.30 -16.01
N MET W 82 -53.01 -9.23 -16.67
CA MET W 82 -53.62 -10.50 -17.04
C MET W 82 -54.00 -11.29 -15.80
N LYS W 83 -53.18 -11.18 -14.75
CA LYS W 83 -53.45 -11.89 -13.50
C LYS W 83 -54.74 -11.39 -12.85
N GLU W 84 -54.99 -10.08 -12.91
CA GLU W 84 -56.15 -9.56 -12.21
C GLU W 84 -57.44 -9.92 -12.94
N THR W 85 -57.44 -9.86 -14.27
CA THR W 85 -58.65 -10.15 -15.02
C THR W 85 -59.08 -11.61 -14.85
N THR W 86 -58.12 -12.53 -14.78
CA THR W 86 -58.47 -13.92 -14.52
C THR W 86 -58.93 -14.11 -13.08
N ASN W 87 -58.39 -13.32 -12.15
CA ASN W 87 -58.86 -13.37 -10.77
C ASN W 87 -60.30 -12.89 -10.68
N ILE W 88 -60.64 -11.84 -11.42
CA ILE W 88 -62.01 -11.35 -11.44
C ILE W 88 -62.94 -12.41 -12.01
N LEU W 89 -62.51 -13.07 -13.09
CA LEU W 89 -63.34 -14.10 -13.71
C LEU W 89 -63.60 -15.25 -12.75
N GLN W 90 -62.58 -15.66 -12.00
CA GLN W 90 -62.77 -16.71 -11.01
C GLN W 90 -63.79 -16.31 -9.97
N ARG W 91 -63.75 -15.05 -9.53
CA ARG W 91 -64.71 -14.60 -8.53
C ARG W 91 -66.13 -14.61 -9.08
N MET W 92 -66.31 -14.19 -10.33
CA MET W 92 -67.65 -14.22 -10.92
C MET W 92 -68.17 -15.64 -11.03
N ARG W 93 -67.32 -16.59 -11.46
CA ARG W 93 -67.78 -17.95 -11.66
C ARG W 93 -68.15 -18.62 -10.35
N ASP W 94 -67.30 -18.46 -9.32
CA ASP W 94 -67.61 -19.04 -8.02
C ASP W 94 -68.87 -18.43 -7.44
N LEU W 95 -69.07 -17.13 -7.64
CA LEU W 95 -70.23 -16.45 -7.10
C LEU W 95 -71.50 -16.82 -7.87
N SER W 96 -71.41 -16.97 -9.19
CA SER W 96 -72.57 -17.40 -9.96
C SER W 96 -72.96 -18.82 -9.62
N LEU W 97 -71.97 -19.67 -9.29
CA LEU W 97 -72.29 -21.01 -8.81
C LEU W 97 -73.09 -20.95 -7.52
N GLN W 98 -72.76 -19.99 -6.65
CA GLN W 98 -73.49 -19.82 -5.40
C GLN W 98 -74.95 -19.47 -5.67
N SER W 99 -75.20 -18.56 -6.62
CA SER W 99 -76.55 -18.12 -6.92
C SER W 99 -77.36 -19.16 -7.69
N ALA W 100 -76.73 -20.22 -8.18
CA ALA W 100 -77.44 -21.21 -8.97
C ALA W 100 -78.42 -22.03 -8.14
N ASN W 101 -78.33 -21.98 -6.81
CA ASN W 101 -79.25 -22.74 -5.98
C ASN W 101 -80.63 -22.10 -5.99
N GLY W 102 -81.61 -22.89 -5.59
CA GLY W 102 -82.93 -22.37 -5.28
C GLY W 102 -83.09 -21.92 -3.85
N SER W 103 -82.04 -22.09 -3.02
CA SER W 103 -82.13 -21.68 -1.62
C SER W 103 -82.30 -20.18 -1.49
N ASN W 104 -81.57 -19.42 -2.30
CA ASN W 104 -81.65 -17.97 -2.24
C ASN W 104 -82.86 -17.46 -3.01
N SER W 105 -83.54 -16.48 -2.43
CA SER W 105 -84.71 -15.88 -3.04
C SER W 105 -84.27 -14.86 -4.09
N LYS W 106 -85.23 -14.19 -4.74
CA LYS W 106 -84.90 -13.24 -5.80
C LYS W 106 -84.09 -12.07 -5.27
N ALA W 107 -84.31 -11.68 -4.01
CA ALA W 107 -83.56 -10.56 -3.45
C ALA W 107 -82.07 -10.88 -3.37
N ASP W 108 -81.72 -12.11 -2.99
CA ASP W 108 -80.31 -12.48 -2.91
C ASP W 108 -79.66 -12.44 -4.29
N ARG W 109 -80.36 -12.94 -5.31
CA ARG W 109 -79.83 -12.88 -6.67
C ARG W 109 -79.70 -11.45 -7.15
N VAL W 110 -80.59 -10.57 -6.70
CA VAL W 110 -80.48 -9.15 -7.05
C VAL W 110 -79.21 -8.56 -6.46
N ALA W 111 -78.94 -8.83 -5.18
CA ALA W 111 -77.73 -8.34 -4.55
C ALA W 111 -76.49 -8.94 -5.20
N ILE W 112 -76.54 -10.23 -5.55
CA ILE W 112 -75.45 -10.87 -6.24
C ILE W 112 -75.22 -10.23 -7.61
N GLN W 113 -76.30 -9.85 -8.30
CA GLN W 113 -76.16 -9.21 -9.61
C GLN W 113 -75.42 -7.88 -9.49
N GLU W 114 -75.63 -7.15 -8.40
CA GLU W 114 -74.91 -5.90 -8.20
C GLU W 114 -73.40 -6.15 -8.08
N GLU W 115 -73.02 -7.24 -7.42
CA GLU W 115 -71.61 -7.60 -7.37
C GLU W 115 -71.09 -8.01 -8.75
N ILE W 116 -71.92 -8.73 -9.52
CA ILE W 116 -71.50 -9.15 -10.85
C ILE W 116 -71.26 -7.95 -11.75
N THR W 117 -72.19 -6.98 -11.75
CA THR W 117 -72.03 -5.81 -12.60
C THR W 117 -70.92 -4.90 -12.09
N ALA W 118 -70.59 -4.99 -10.80
CA ALA W 118 -69.44 -4.26 -10.28
C ALA W 118 -68.15 -4.82 -10.83
N LEU W 119 -67.99 -6.15 -10.78
CA LEU W 119 -66.80 -6.77 -11.35
C LEU W 119 -66.80 -6.66 -12.88
N ASN W 120 -68.00 -6.61 -13.49
CA ASN W 120 -68.08 -6.45 -14.93
C ASN W 120 -67.48 -5.13 -15.37
N ASP W 121 -67.76 -4.05 -14.63
CA ASP W 121 -67.14 -2.77 -14.94
C ASP W 121 -65.64 -2.80 -14.68
N GLU W 122 -65.20 -3.62 -13.72
CA GLU W 122 -63.77 -3.74 -13.46
C GLU W 122 -63.04 -4.35 -14.64
N LEU W 123 -63.62 -5.40 -15.25
CA LEU W 123 -62.99 -6.01 -16.41
C LEU W 123 -62.91 -5.03 -17.56
N ASN W 124 -63.96 -4.23 -17.77
CA ASN W 124 -63.92 -3.20 -18.78
C ASN W 124 -62.87 -2.14 -18.48
N ARG W 125 -62.76 -1.75 -17.20
CA ARG W 125 -61.84 -0.67 -16.83
C ARG W 125 -60.39 -1.09 -17.04
N VAL W 126 -60.03 -2.30 -16.63
CA VAL W 126 -58.65 -2.75 -16.79
C VAL W 126 -58.29 -2.84 -18.26
N ALA W 127 -59.27 -3.11 -19.13
CA ALA W 127 -59.01 -3.14 -20.55
C ALA W 127 -58.70 -1.75 -21.12
N GLU W 128 -59.00 -0.68 -20.38
CA GLU W 128 -58.77 0.67 -20.85
C GLU W 128 -57.74 1.45 -20.05
N THR W 129 -57.36 0.97 -18.86
CA THR W 129 -56.43 1.72 -18.03
C THR W 129 -54.98 1.30 -18.24
N THR W 130 -54.72 0.01 -18.41
CA THR W 130 -53.36 -0.46 -18.62
C THR W 130 -52.80 0.14 -19.90
N SER W 131 -51.74 0.93 -19.77
CA SER W 131 -51.28 1.77 -20.87
C SER W 131 -49.84 1.54 -21.27
N PHE W 132 -48.93 1.35 -20.32
CA PHE W 132 -47.49 1.34 -20.59
C PHE W 132 -47.07 2.64 -21.28
N GLY W 133 -47.23 3.74 -20.54
CA GLY W 133 -46.76 5.03 -21.01
C GLY W 133 -47.45 5.55 -22.25
N GLY W 134 -48.78 5.56 -22.24
CA GLY W 134 -49.54 6.15 -23.32
C GLY W 134 -50.08 5.19 -24.36
N ASN W 135 -49.61 3.95 -24.38
CA ASN W 135 -50.14 2.96 -25.31
C ASN W 135 -51.44 2.40 -24.72
N LYS W 136 -51.97 1.34 -25.33
CA LYS W 136 -53.18 0.69 -24.84
C LYS W 136 -52.99 -0.81 -25.07
N LEU W 137 -52.60 -1.53 -24.01
CA LEU W 137 -52.19 -2.92 -24.18
C LEU W 137 -53.37 -3.83 -24.47
N LEU W 138 -54.45 -3.70 -23.70
CA LEU W 138 -55.57 -4.63 -23.79
C LEU W 138 -56.84 -4.03 -24.35
N ASN W 139 -56.80 -2.79 -24.85
CA ASN W 139 -58.00 -2.16 -25.39
C ASN W 139 -58.40 -2.70 -26.75
N GLY W 140 -57.50 -3.39 -27.45
CA GLY W 140 -57.73 -3.80 -28.80
C GLY W 140 -57.18 -2.86 -29.85
N THR W 141 -56.84 -1.63 -29.46
CA THR W 141 -56.12 -0.72 -30.33
C THR W 141 -54.69 -1.17 -30.58
N PHE W 142 -54.19 -2.12 -29.80
CA PHE W 142 -52.85 -2.68 -29.96
C PHE W 142 -52.90 -3.73 -31.07
N ALA W 143 -52.60 -3.29 -32.29
CA ALA W 143 -52.56 -4.19 -33.44
C ALA W 143 -51.23 -4.94 -33.42
N THR W 144 -50.91 -5.61 -34.53
CA THR W 144 -49.65 -6.33 -34.65
C THR W 144 -48.49 -5.35 -34.63
N LYS W 145 -47.62 -5.49 -33.62
CA LYS W 145 -46.44 -4.65 -33.48
C LYS W 145 -45.20 -5.52 -33.55
N SER W 146 -44.23 -5.11 -34.36
CA SER W 146 -43.01 -5.88 -34.58
C SER W 146 -41.86 -5.25 -33.82
N PHE W 147 -41.11 -6.08 -33.09
CA PHE W 147 -39.98 -5.63 -32.31
C PHE W 147 -38.68 -6.02 -33.00
N GLN W 148 -37.92 -5.03 -33.44
CA GLN W 148 -36.65 -5.25 -34.12
C GLN W 148 -35.63 -5.76 -33.11
N ILE W 149 -35.31 -7.06 -33.19
CA ILE W 149 -34.41 -7.69 -32.23
C ILE W 149 -33.20 -8.28 -32.93
N GLY W 150 -32.80 -7.67 -34.04
CA GLY W 150 -31.67 -8.15 -34.80
C GLY W 150 -30.69 -7.04 -35.13
N ALA W 151 -29.47 -7.46 -35.47
CA ALA W 151 -28.44 -6.49 -35.84
C ALA W 151 -28.83 -5.73 -37.10
N ASP W 152 -29.36 -6.42 -38.10
CA ASP W 152 -29.81 -5.80 -39.33
C ASP W 152 -31.33 -5.62 -39.29
N ASN W 153 -31.89 -5.18 -40.40
CA ASN W 153 -33.32 -4.92 -40.50
C ASN W 153 -34.06 -6.14 -41.05
N GLY W 154 -35.31 -6.29 -40.63
CA GLY W 154 -36.19 -7.31 -41.12
C GLY W 154 -36.44 -8.45 -40.15
N GLU W 155 -35.46 -8.75 -39.28
CA GLU W 155 -35.61 -9.87 -38.35
C GLU W 155 -36.26 -9.40 -37.05
N ALA W 156 -37.51 -8.99 -37.17
CA ALA W 156 -38.34 -8.63 -36.03
C ALA W 156 -39.41 -9.70 -35.80
N VAL W 157 -40.07 -9.58 -34.65
CA VAL W 157 -41.08 -10.55 -34.23
C VAL W 157 -42.38 -9.81 -33.94
N MET W 158 -43.48 -10.29 -34.51
CA MET W 158 -44.77 -9.68 -34.27
C MET W 158 -45.36 -10.13 -32.95
N LEU W 159 -46.00 -9.19 -32.25
CA LEU W 159 -46.72 -9.49 -31.02
C LEU W 159 -48.11 -8.90 -31.15
N ASN W 160 -49.12 -9.71 -30.83
CA ASN W 160 -50.51 -9.27 -30.88
C ASN W 160 -51.16 -9.48 -29.52
N ILE W 161 -51.82 -8.45 -29.02
CA ILE W 161 -52.58 -8.51 -27.78
C ILE W 161 -54.04 -8.28 -28.13
N LYS W 162 -54.83 -9.34 -28.08
CA LYS W 162 -56.23 -9.25 -28.49
C LYS W 162 -57.03 -8.41 -27.51
N ASP W 163 -58.11 -7.82 -28.01
CA ASP W 163 -59.00 -7.01 -27.18
C ASP W 163 -59.60 -7.88 -26.08
N MET W 164 -59.69 -7.31 -24.88
CA MET W 164 -60.21 -8.05 -23.73
C MET W 164 -61.21 -7.22 -22.95
N ARG W 165 -61.98 -6.39 -23.64
CA ARG W 165 -63.17 -5.84 -23.03
C ARG W 165 -64.16 -6.97 -22.77
N SER W 166 -64.96 -6.82 -21.72
CA SER W 166 -65.86 -7.90 -21.30
C SER W 166 -66.88 -8.24 -22.37
N ASP W 167 -67.10 -7.34 -23.33
CA ASP W 167 -68.08 -7.56 -24.39
C ASP W 167 -67.46 -8.20 -25.63
N ASN W 168 -66.19 -8.61 -25.56
CA ASN W 168 -65.54 -9.18 -26.72
C ASN W 168 -66.26 -10.44 -27.20
N ALA W 169 -66.38 -10.57 -28.53
CA ALA W 169 -67.10 -11.70 -29.10
C ALA W 169 -66.42 -13.02 -28.75
N LEU W 170 -65.09 -13.06 -28.79
CA LEU W 170 -64.35 -14.28 -28.48
C LEU W 170 -64.44 -14.67 -27.01
N MET W 171 -64.94 -13.78 -26.15
CA MET W 171 -65.00 -14.06 -24.72
C MET W 171 -66.27 -14.76 -24.30
N GLY W 172 -67.33 -14.68 -25.09
CA GLY W 172 -68.59 -15.33 -24.80
C GLY W 172 -68.79 -16.59 -25.61
N GLY W 173 -70.00 -16.76 -26.12
CA GLY W 173 -70.31 -17.93 -26.94
C GLY W 173 -71.77 -17.97 -27.29
N LYS W 174 -72.14 -19.01 -28.04
CA LYS W 174 -73.51 -19.23 -28.45
C LYS W 174 -74.29 -19.91 -27.34
N THR W 175 -75.62 -19.83 -27.42
CA THR W 175 -76.49 -20.51 -26.47
C THR W 175 -77.79 -20.87 -27.16
N TYR W 176 -78.41 -21.95 -26.69
CA TYR W 176 -79.67 -22.43 -27.23
C TYR W 176 -80.58 -22.82 -26.07
N GLN W 177 -81.85 -22.47 -26.18
CA GLN W 177 -82.83 -22.72 -25.13
C GLN W 177 -83.95 -23.59 -25.67
N ALA W 178 -84.32 -24.62 -24.93
CA ALA W 178 -85.43 -25.47 -25.33
C ALA W 178 -86.74 -24.71 -25.27
N ALA W 179 -87.60 -24.95 -26.27
CA ALA W 179 -88.86 -24.21 -26.35
C ALA W 179 -89.82 -24.61 -25.24
N ASN W 180 -89.90 -25.90 -24.93
CA ASN W 180 -90.84 -26.42 -23.95
C ASN W 180 -90.09 -27.04 -22.79
N GLY W 181 -90.50 -26.70 -21.57
CA GLY W 181 -89.89 -27.27 -20.39
C GLY W 181 -90.55 -28.54 -19.92
N LYS W 182 -89.78 -29.37 -19.22
CA LYS W 182 -90.24 -30.64 -18.69
C LYS W 182 -90.24 -30.59 -17.17
N ASP W 183 -91.34 -30.99 -16.56
CA ASP W 183 -91.50 -30.90 -15.11
C ASP W 183 -90.74 -32.05 -14.44
N LYS W 184 -90.94 -32.19 -13.13
CA LYS W 184 -90.20 -33.21 -12.38
C LYS W 184 -90.61 -34.62 -12.78
N ASN W 185 -91.91 -34.87 -12.89
CA ASN W 185 -92.38 -36.22 -13.19
C ASN W 185 -91.96 -36.69 -14.58
N TRP W 186 -91.63 -35.77 -15.49
CA TRP W 186 -91.24 -36.16 -16.82
C TRP W 186 -89.91 -36.89 -16.81
N GLY W 187 -89.81 -37.95 -17.61
CA GLY W 187 -88.58 -38.67 -17.78
C GLY W 187 -88.33 -38.96 -19.24
N VAL W 188 -87.09 -39.32 -19.54
CA VAL W 188 -86.72 -39.63 -20.93
C VAL W 188 -87.34 -40.97 -21.29
N GLU W 189 -88.39 -40.94 -22.11
CA GLU W 189 -89.11 -42.16 -22.46
C GLU W 189 -88.29 -43.02 -23.41
N ALA W 190 -88.58 -44.31 -23.39
CA ALA W 190 -87.89 -45.24 -24.27
C ALA W 190 -88.23 -44.99 -25.73
N GLY W 191 -87.25 -45.20 -26.60
CA GLY W 191 -87.43 -44.99 -28.02
C GLY W 191 -87.26 -43.57 -28.49
N LYS W 192 -87.04 -42.62 -27.57
CA LYS W 192 -86.82 -41.21 -27.89
C LYS W 192 -85.63 -40.68 -27.12
N THR W 193 -84.55 -41.47 -27.10
CA THR W 193 -83.36 -41.13 -26.34
C THR W 193 -82.20 -40.65 -27.20
N ASP W 194 -82.42 -40.48 -28.50
CA ASP W 194 -81.34 -40.11 -29.40
C ASP W 194 -81.27 -38.60 -29.55
N LEU W 195 -80.09 -38.04 -29.25
CA LEU W 195 -79.84 -36.61 -29.40
C LEU W 195 -78.47 -36.44 -30.03
N THR W 196 -78.44 -36.17 -31.33
CA THR W 196 -77.20 -36.04 -32.08
C THR W 196 -76.99 -34.57 -32.43
N ILE W 197 -75.79 -34.08 -32.16
CA ILE W 197 -75.44 -32.68 -32.35
C ILE W 197 -74.37 -32.59 -33.43
N THR W 198 -74.64 -31.79 -34.46
CA THR W 198 -73.66 -31.51 -35.50
C THR W 198 -72.96 -30.19 -35.19
N LEU W 199 -71.64 -30.18 -35.30
CA LEU W 199 -70.83 -29.07 -34.83
C LEU W 199 -69.78 -28.71 -35.87
N LYS W 200 -69.36 -27.45 -35.86
CA LYS W 200 -68.23 -26.97 -36.63
C LYS W 200 -67.14 -26.48 -35.68
N ASP W 201 -65.91 -26.88 -35.94
CA ASP W 201 -64.79 -26.61 -35.04
C ASP W 201 -63.70 -25.86 -35.77
N LYS W 202 -62.99 -25.01 -35.03
CA LYS W 202 -61.82 -24.32 -35.57
C LYS W 202 -60.76 -25.32 -36.00
N ARG W 203 -60.52 -26.33 -35.20
CA ARG W 203 -59.60 -27.42 -35.52
C ARG W 203 -60.40 -28.70 -35.71
N GLU W 204 -60.03 -29.49 -36.71
CA GLU W 204 -60.71 -30.72 -37.09
C GLU W 204 -62.23 -30.55 -37.02
N GLY W 205 -62.75 -29.61 -37.80
CA GLY W 205 -64.15 -29.26 -37.74
C GLY W 205 -65.06 -30.35 -38.30
N ASP W 206 -66.35 -30.03 -38.30
CA ASP W 206 -67.40 -30.95 -38.73
C ASP W 206 -67.37 -32.23 -37.90
N VAL W 207 -67.65 -32.07 -36.61
CA VAL W 207 -67.68 -33.16 -35.65
C VAL W 207 -69.13 -33.41 -35.26
N THR W 208 -69.56 -34.66 -35.37
CA THR W 208 -70.91 -35.09 -34.98
C THR W 208 -70.80 -35.97 -33.75
N ILE W 209 -71.52 -35.60 -32.69
CA ILE W 209 -71.51 -36.33 -31.43
C ILE W 209 -72.91 -36.85 -31.15
N SER W 210 -72.99 -38.10 -30.71
CA SER W 210 -74.26 -38.75 -30.44
C SER W 210 -74.43 -38.97 -28.94
N ILE W 211 -75.55 -38.48 -28.40
CA ILE W 211 -75.86 -38.60 -26.98
C ILE W 211 -77.09 -39.47 -26.86
N ASN W 212 -76.97 -40.59 -26.16
CA ASN W 212 -78.08 -41.51 -25.93
C ASN W 212 -78.43 -41.47 -24.45
N ALA W 213 -79.48 -40.72 -24.13
CA ALA W 213 -79.90 -40.58 -22.73
C ALA W 213 -80.43 -41.89 -22.19
N LYS W 214 -80.17 -42.14 -20.92
CA LYS W 214 -80.70 -43.34 -20.28
C LYS W 214 -82.19 -43.18 -20.02
N GLU W 215 -82.94 -44.26 -20.24
CA GLU W 215 -84.38 -44.22 -20.07
C GLU W 215 -84.75 -44.01 -18.61
N GLY W 216 -85.82 -43.26 -18.38
CA GLY W 216 -86.28 -42.95 -17.04
C GLY W 216 -85.54 -41.81 -16.37
N ASP W 217 -84.46 -41.33 -16.97
CA ASP W 217 -83.69 -40.24 -16.40
C ASP W 217 -84.50 -38.94 -16.46
N ASP W 218 -84.50 -38.20 -15.36
CA ASP W 218 -85.27 -36.97 -15.27
C ASP W 218 -84.61 -35.88 -16.13
N ILE W 219 -85.17 -34.68 -16.09
CA ILE W 219 -84.72 -33.62 -16.98
C ILE W 219 -83.34 -33.10 -16.56
N GLU W 220 -83.10 -32.94 -15.25
CA GLU W 220 -81.89 -32.29 -14.81
C GLU W 220 -80.67 -33.20 -14.99
N GLU W 221 -80.78 -34.47 -14.62
CA GLU W 221 -79.65 -35.38 -14.80
C GLU W 221 -79.38 -35.67 -16.27
N LEU W 222 -80.34 -35.37 -17.16
CA LEU W 222 -80.03 -35.40 -18.58
C LEU W 222 -78.98 -34.36 -18.93
N ALA W 223 -79.07 -33.16 -18.34
CA ALA W 223 -78.05 -32.15 -18.57
C ALA W 223 -76.70 -32.60 -18.02
N THR W 224 -76.70 -33.27 -16.85
CA THR W 224 -75.45 -33.79 -16.31
C THR W 224 -74.85 -34.84 -17.23
N TYR W 225 -75.68 -35.70 -17.82
CA TYR W 225 -75.17 -36.72 -18.72
C TYR W 225 -74.52 -36.09 -19.95
N ILE W 226 -75.13 -35.05 -20.51
CA ILE W 226 -74.56 -34.40 -21.69
C ILE W 226 -73.22 -33.77 -21.34
N ASN W 227 -73.12 -33.14 -20.17
CA ASN W 227 -71.86 -32.53 -19.76
C ASN W 227 -70.76 -33.58 -19.64
N GLY W 228 -71.07 -34.73 -19.05
CA GLY W 228 -70.05 -35.76 -18.89
C GLY W 228 -69.64 -36.38 -20.21
N GLN W 229 -70.60 -36.59 -21.11
CA GLN W 229 -70.30 -37.29 -22.35
C GLN W 229 -69.30 -36.51 -23.22
N THR W 230 -69.48 -35.19 -23.31
CA THR W 230 -68.60 -34.37 -24.13
C THR W 230 -68.26 -33.09 -23.40
N ASP W 231 -67.02 -32.64 -23.56
CA ASP W 231 -66.58 -31.36 -23.05
C ASP W 231 -66.84 -30.22 -24.03
N MET W 232 -67.35 -30.54 -25.22
CA MET W 232 -67.55 -29.59 -26.29
C MET W 232 -68.83 -28.79 -26.13
N ILE W 233 -69.69 -29.18 -25.19
CA ILE W 233 -71.03 -28.64 -25.03
C ILE W 233 -71.34 -28.56 -23.55
N LYS W 234 -71.99 -27.49 -23.12
CA LYS W 234 -72.42 -27.33 -21.74
C LYS W 234 -73.95 -27.30 -21.68
N ALA W 235 -74.52 -28.11 -20.79
CA ALA W 235 -75.96 -28.25 -20.69
C ALA W 235 -76.42 -27.99 -19.27
N SER W 236 -77.60 -27.39 -19.14
CA SER W 236 -78.14 -27.05 -17.83
C SER W 236 -79.65 -26.85 -17.97
N VAL W 237 -80.32 -26.76 -16.83
CA VAL W 237 -81.77 -26.57 -16.75
C VAL W 237 -82.04 -25.30 -15.96
N ASP W 238 -82.95 -24.46 -16.45
CA ASP W 238 -83.11 -23.12 -15.88
C ASP W 238 -84.18 -23.05 -14.80
N GLU W 239 -85.45 -23.19 -15.19
CA GLU W 239 -86.54 -23.15 -14.21
C GLU W 239 -87.67 -24.13 -14.46
N GLU W 240 -87.80 -24.69 -15.67
CA GLU W 240 -88.97 -25.48 -15.99
C GLU W 240 -88.67 -26.74 -16.77
N GLY W 241 -87.41 -27.05 -17.06
CA GLY W 241 -87.07 -28.21 -17.86
C GLY W 241 -86.42 -27.88 -19.19
N LYS W 242 -86.41 -26.63 -19.63
CA LYS W 242 -85.73 -26.26 -20.85
C LYS W 242 -84.22 -26.32 -20.65
N LEU W 243 -83.51 -26.78 -21.68
CA LEU W 243 -82.06 -26.92 -21.60
C LEU W 243 -81.38 -25.65 -22.11
N GLN W 244 -80.40 -25.18 -21.34
CA GLN W 244 -79.57 -24.05 -21.76
C GLN W 244 -78.26 -24.60 -22.32
N LEU W 245 -78.32 -25.01 -23.57
CA LEU W 245 -77.13 -25.45 -24.28
C LEU W 245 -76.18 -24.28 -24.45
N PHE W 246 -74.88 -24.54 -24.35
CA PHE W 246 -73.87 -23.51 -24.50
C PHE W 246 -72.77 -23.99 -25.43
N THR W 247 -72.15 -23.03 -26.13
CA THR W 247 -71.11 -23.33 -27.10
C THR W 247 -69.99 -22.30 -26.93
N ASP W 248 -68.77 -22.78 -26.74
CA ASP W 248 -67.63 -21.89 -26.62
C ASP W 248 -67.35 -21.24 -27.97
N ASN W 249 -67.19 -19.91 -27.97
CA ASN W 249 -67.09 -19.17 -29.23
C ASN W 249 -65.73 -19.35 -29.90
N ASN W 250 -64.69 -19.67 -29.12
CA ASN W 250 -63.35 -19.70 -29.68
C ASN W 250 -62.97 -21.05 -30.25
N ARG W 251 -63.80 -22.08 -30.11
CA ARG W 251 -63.47 -23.38 -30.68
C ARG W 251 -64.61 -24.09 -31.39
N ILE W 252 -65.87 -23.67 -31.22
CA ILE W 252 -66.97 -24.34 -31.91
C ILE W 252 -67.69 -23.30 -32.77
N ASP W 253 -66.91 -22.41 -33.38
CA ASP W 253 -67.44 -21.41 -34.30
C ASP W 253 -68.39 -22.05 -35.32
N GLY W 254 -69.38 -21.29 -35.75
CA GLY W 254 -70.39 -21.77 -36.66
C GLY W 254 -71.64 -22.25 -35.93
N ALA W 255 -72.73 -22.31 -36.69
CA ALA W 255 -74.01 -22.69 -36.12
C ALA W 255 -74.03 -24.18 -35.76
N ALA W 256 -74.81 -24.51 -34.75
CA ALA W 256 -75.00 -25.88 -34.30
C ALA W 256 -76.39 -26.35 -34.66
N THR W 257 -76.48 -27.57 -35.19
CA THR W 257 -77.75 -28.16 -35.61
C THR W 257 -78.09 -29.32 -34.67
N PHE W 258 -79.35 -29.40 -34.27
CA PHE W 258 -79.83 -30.41 -33.35
C PHE W 258 -80.67 -31.43 -34.08
N GLY W 259 -80.41 -32.71 -33.83
CA GLY W 259 -81.15 -33.77 -34.48
C GLY W 259 -81.41 -34.91 -33.52
N GLY W 260 -82.22 -35.85 -33.97
CA GLY W 260 -82.60 -37.01 -33.18
C GLY W 260 -84.00 -36.85 -32.58
N ALA W 261 -84.52 -37.98 -32.11
CA ALA W 261 -85.86 -38.00 -31.55
C ALA W 261 -85.96 -37.12 -30.31
N LEU W 262 -84.95 -37.17 -29.45
CA LEU W 262 -84.96 -36.35 -28.24
C LEU W 262 -84.93 -34.86 -28.59
N ALA W 263 -84.16 -34.48 -29.61
CA ALA W 263 -84.11 -33.08 -30.01
C ALA W 263 -85.48 -32.60 -30.48
N GLY W 264 -86.18 -33.43 -31.25
CA GLY W 264 -87.53 -33.06 -31.66
C GLY W 264 -88.49 -32.98 -30.49
N GLU W 265 -88.31 -33.84 -29.48
CA GLU W 265 -89.14 -33.78 -28.29
C GLU W 265 -88.93 -32.47 -27.55
N LEU W 266 -87.69 -32.02 -27.45
CA LEU W 266 -87.38 -30.73 -26.84
C LEU W 266 -87.51 -29.63 -27.89
N GLY W 267 -87.10 -28.41 -27.54
CA GLY W 267 -87.10 -27.30 -28.47
C GLY W 267 -85.70 -27.09 -29.02
N ILE W 268 -85.62 -26.94 -30.34
CA ILE W 268 -84.33 -26.76 -30.99
C ILE W 268 -83.68 -25.45 -30.54
N GLY W 269 -84.44 -24.36 -30.61
CA GLY W 269 -83.92 -23.06 -30.21
C GLY W 269 -82.97 -22.45 -31.23
N ALA W 270 -82.97 -21.13 -31.31
CA ALA W 270 -82.10 -20.42 -32.23
C ALA W 270 -80.78 -20.06 -31.55
N ALA W 271 -79.76 -19.83 -32.37
CA ALA W 271 -78.43 -19.49 -31.86
C ALA W 271 -78.44 -18.07 -31.35
N GLN W 272 -78.24 -17.90 -30.04
CA GLN W 272 -78.20 -16.59 -29.41
C GLN W 272 -76.79 -16.31 -28.93
N ASP W 273 -76.27 -15.13 -29.25
CA ASP W 273 -74.92 -14.75 -28.87
C ASP W 273 -74.92 -14.04 -27.53
N VAL W 274 -74.09 -14.51 -26.61
CA VAL W 274 -73.95 -13.91 -25.29
C VAL W 274 -72.47 -13.79 -24.97
N THR W 275 -72.13 -12.83 -24.10
CA THR W 275 -70.77 -12.60 -23.66
C THR W 275 -70.78 -12.31 -22.16
N VAL W 276 -69.62 -11.94 -21.64
CA VAL W 276 -69.52 -11.59 -20.21
C VAL W 276 -70.27 -10.30 -19.93
N ASP W 277 -70.22 -9.34 -20.85
CA ASP W 277 -70.94 -8.09 -20.65
C ASP W 277 -72.45 -8.33 -20.61
N THR W 278 -72.96 -9.18 -21.50
CA THR W 278 -74.37 -9.55 -21.49
C THR W 278 -74.70 -10.54 -20.38
N LEU W 279 -73.69 -11.08 -19.69
CA LEU W 279 -73.91 -12.04 -18.63
C LEU W 279 -74.65 -11.39 -17.48
N ASP W 280 -75.79 -11.97 -17.09
CA ASP W 280 -76.54 -11.50 -15.94
C ASP W 280 -77.02 -12.71 -15.15
N VAL W 281 -77.11 -12.54 -13.83
CA VAL W 281 -77.60 -13.58 -12.93
C VAL W 281 -78.64 -12.94 -12.03
N THR W 282 -79.91 -13.08 -12.40
CA THR W 282 -81.03 -12.73 -11.55
C THR W 282 -82.02 -13.86 -11.39
N THR W 283 -82.00 -14.85 -12.28
CA THR W 283 -82.75 -16.08 -12.14
C THR W 283 -81.75 -17.23 -12.15
N VAL W 284 -82.21 -18.40 -11.69
CA VAL W 284 -81.33 -19.56 -11.59
C VAL W 284 -80.80 -19.94 -12.97
N GLY W 285 -81.64 -19.82 -14.00
CA GLY W 285 -81.18 -20.11 -15.35
C GLY W 285 -80.06 -19.22 -15.82
N GLY W 286 -80.12 -17.94 -15.48
CA GLY W 286 -79.02 -17.05 -15.80
C GLY W 286 -77.74 -17.47 -15.11
N ALA W 287 -77.85 -18.00 -13.89
CA ALA W 287 -76.67 -18.47 -13.17
C ALA W 287 -76.06 -19.70 -13.84
N GLN W 288 -76.90 -20.65 -14.26
CA GLN W 288 -76.39 -21.85 -14.90
C GLN W 288 -75.69 -21.55 -16.22
N GLU W 289 -76.22 -20.60 -16.99
CA GLU W 289 -75.57 -20.22 -18.24
C GLU W 289 -74.34 -19.36 -17.99
N SER W 290 -74.38 -18.51 -16.96
CA SER W 290 -73.28 -17.57 -16.72
C SER W 290 -71.98 -18.28 -16.38
N VAL W 291 -72.03 -19.32 -15.55
CA VAL W 291 -70.81 -20.04 -15.19
C VAL W 291 -70.19 -20.67 -16.43
N ALA W 292 -71.01 -21.18 -17.35
CA ALA W 292 -70.49 -21.69 -18.61
C ALA W 292 -69.82 -20.58 -19.41
N ILE W 293 -70.40 -19.38 -19.41
CA ILE W 293 -69.81 -18.25 -20.13
C ILE W 293 -68.46 -17.90 -19.53
N VAL W 294 -68.38 -17.88 -18.20
CA VAL W 294 -67.12 -17.52 -17.55
C VAL W 294 -66.05 -18.56 -17.84
N ASP W 295 -66.42 -19.83 -17.94
CA ASP W 295 -65.44 -20.85 -18.30
C ASP W 295 -64.88 -20.61 -19.70
N ALA W 296 -65.74 -20.22 -20.64
CA ALA W 296 -65.25 -19.85 -21.97
C ALA W 296 -64.34 -18.64 -21.88
N ALA W 297 -64.71 -17.65 -21.07
CA ALA W 297 -63.85 -16.48 -20.89
C ALA W 297 -62.51 -16.88 -20.28
N LEU W 298 -62.53 -17.71 -19.25
CA LEU W 298 -61.29 -18.13 -18.58
C LEU W 298 -60.40 -18.90 -19.53
N LYS W 299 -60.97 -19.74 -20.39
CA LYS W 299 -60.18 -20.49 -21.35
C LYS W 299 -59.51 -19.56 -22.34
N TYR W 300 -60.24 -18.55 -22.84
CA TYR W 300 -59.66 -17.60 -23.77
C TYR W 300 -58.61 -16.73 -23.10
N VAL W 301 -58.89 -16.27 -21.88
CA VAL W 301 -57.91 -15.50 -21.12
C VAL W 301 -56.66 -16.33 -20.85
N ASP W 302 -56.85 -17.58 -20.43
CA ASP W 302 -55.70 -18.43 -20.11
C ASP W 302 -54.86 -18.71 -21.34
N SER W 303 -55.49 -19.01 -22.47
CA SER W 303 -54.76 -19.36 -23.67
C SER W 303 -53.92 -18.18 -24.16
N HIS W 304 -54.47 -16.97 -24.11
CA HIS W 304 -53.69 -15.82 -24.54
C HIS W 304 -52.58 -15.48 -23.55
N ARG W 305 -52.77 -15.83 -22.27
CA ARG W 305 -51.67 -15.69 -21.32
C ARG W 305 -50.51 -16.61 -21.71
N ALA W 306 -50.82 -17.84 -22.14
CA ALA W 306 -49.77 -18.74 -22.58
C ALA W 306 -49.10 -18.23 -23.85
N GLU W 307 -49.87 -17.62 -24.75
CA GLU W 307 -49.28 -17.05 -25.95
C GLU W 307 -48.31 -15.93 -25.61
N LEU W 308 -48.68 -15.06 -24.67
CA LEU W 308 -47.77 -14.02 -24.22
C LEU W 308 -46.56 -14.62 -23.52
N GLY W 309 -46.76 -15.68 -22.73
CA GLY W 309 -45.65 -16.32 -22.06
C GLY W 309 -44.68 -16.96 -23.03
N ALA W 310 -45.19 -17.55 -24.11
CA ALA W 310 -44.32 -18.12 -25.12
C ALA W 310 -43.45 -17.04 -25.77
N PHE W 311 -44.03 -15.87 -26.04
CA PHE W 311 -43.26 -14.77 -26.58
C PHE W 311 -42.19 -14.34 -25.59
N GLN W 312 -42.53 -14.26 -24.31
CA GLN W 312 -41.53 -13.92 -23.30
C GLN W 312 -40.46 -15.00 -23.20
N ASN W 313 -40.83 -16.26 -23.47
CA ASN W 313 -39.88 -17.35 -23.48
C ASN W 313 -39.10 -17.43 -24.79
N ARG W 314 -39.45 -16.62 -25.78
CA ARG W 314 -38.61 -16.51 -26.97
C ARG W 314 -37.55 -15.43 -26.79
N PHE W 315 -37.93 -14.30 -26.19
CA PHE W 315 -37.04 -13.16 -26.12
C PHE W 315 -35.94 -13.33 -25.08
N ASN W 316 -36.18 -14.11 -24.03
CA ASN W 316 -35.09 -14.38 -23.09
C ASN W 316 -33.99 -15.20 -23.73
N HIS W 317 -34.37 -16.17 -24.58
CA HIS W 317 -33.37 -16.88 -25.38
C HIS W 317 -32.81 -16.02 -26.50
N ALA W 318 -33.55 -15.01 -26.94
CA ALA W 318 -33.01 -14.08 -27.93
C ALA W 318 -31.97 -13.17 -27.30
N ILE W 319 -32.19 -12.77 -26.04
CA ILE W 319 -31.28 -11.82 -25.40
C ILE W 319 -29.89 -12.40 -25.26
N ASN W 320 -29.79 -13.61 -24.70
CA ASN W 320 -28.47 -14.20 -24.49
C ASN W 320 -27.85 -14.70 -25.78
N ASN W 321 -28.68 -15.06 -26.78
CA ASN W 321 -28.14 -15.38 -28.09
C ASN W 321 -27.45 -14.17 -28.71
N LEU W 322 -28.11 -13.00 -28.61
CA LEU W 322 -27.49 -11.77 -29.11
C LEU W 322 -26.27 -11.40 -28.27
N ASP W 323 -26.31 -11.72 -26.97
CA ASP W 323 -25.16 -11.46 -26.12
C ASP W 323 -23.96 -12.30 -26.52
N ASN W 324 -24.18 -13.57 -26.86
CA ASN W 324 -23.09 -14.41 -27.34
C ASN W 324 -22.51 -13.88 -28.64
N ILE W 325 -23.37 -13.45 -29.56
CA ILE W 325 -22.89 -12.87 -30.82
C ILE W 325 -22.14 -11.58 -30.56
N ASN W 326 -22.68 -10.72 -29.69
CA ASN W 326 -22.05 -9.45 -29.40
C ASN W 326 -20.68 -9.64 -28.77
N GLU W 327 -20.55 -10.61 -27.87
CA GLU W 327 -19.26 -10.89 -27.25
C GLU W 327 -18.25 -11.33 -28.29
N ASN W 328 -18.64 -12.24 -29.19
CA ASN W 328 -17.70 -12.80 -30.14
C ASN W 328 -17.33 -11.81 -31.22
N VAL W 329 -18.28 -10.99 -31.69
CA VAL W 329 -17.95 -9.98 -32.69
C VAL W 329 -17.07 -8.89 -32.08
N ASN W 330 -17.22 -8.61 -30.78
CA ASN W 330 -16.33 -7.66 -30.13
C ASN W 330 -14.91 -8.21 -30.04
N ALA W 331 -14.78 -9.52 -29.80
CA ALA W 331 -13.48 -10.15 -29.88
C ALA W 331 -12.93 -10.07 -31.31
N SER W 332 -13.81 -10.26 -32.30
CA SER W 332 -13.40 -10.11 -33.69
C SER W 332 -12.97 -8.68 -33.99
N LYS W 333 -13.61 -7.70 -33.37
CA LYS W 333 -13.24 -6.30 -33.50
C LYS W 333 -12.08 -5.96 -32.56
N SER W 334 -11.05 -6.81 -32.62
CA SER W 334 -9.82 -6.62 -31.88
C SER W 334 -8.77 -7.48 -32.56
N ARG W 335 -7.54 -6.98 -32.64
CA ARG W 335 -6.45 -7.52 -33.44
C ARG W 335 -6.75 -7.34 -34.92
N ILE W 336 -7.94 -6.83 -35.23
CA ILE W 336 -8.27 -6.32 -36.55
C ILE W 336 -8.23 -4.79 -36.57
N LYS W 337 -8.81 -4.17 -35.55
CA LYS W 337 -8.77 -2.72 -35.36
C LYS W 337 -8.00 -2.32 -34.11
N ASP W 338 -8.19 -3.05 -33.01
CA ASP W 338 -7.61 -2.66 -31.74
C ASP W 338 -6.19 -3.18 -31.64
N THR W 339 -5.25 -2.27 -31.34
CA THR W 339 -3.84 -2.60 -31.28
C THR W 339 -3.47 -3.19 -29.92
N ASP W 340 -2.61 -4.20 -29.94
CA ASP W 340 -1.99 -4.67 -28.72
C ASP W 340 -0.82 -3.76 -28.37
N PHE W 341 -0.71 -3.42 -27.09
CA PHE W 341 0.35 -2.52 -26.66
C PHE W 341 1.71 -3.21 -26.61
N ALA W 342 1.73 -4.53 -26.68
CA ALA W 342 3.00 -5.26 -26.61
C ALA W 342 3.89 -4.92 -27.80
N LYS W 343 3.46 -5.27 -29.01
CA LYS W 343 4.32 -5.08 -30.17
C LYS W 343 4.36 -3.62 -30.61
N GLU W 344 3.37 -2.83 -30.22
CA GLU W 344 3.36 -1.43 -30.63
C GLU W 344 4.36 -0.63 -29.81
N THR W 345 4.47 -0.93 -28.51
CA THR W 345 5.43 -0.23 -27.67
C THR W 345 6.87 -0.63 -28.04
N THR W 346 7.10 -1.91 -28.31
CA THR W 346 8.43 -2.32 -28.76
C THR W 346 8.78 -1.69 -30.09
N ALA W 347 7.81 -1.60 -31.01
CA ALA W 347 8.05 -0.91 -32.27
C ALA W 347 8.35 0.57 -32.04
N LEU W 348 7.63 1.21 -31.11
CA LEU W 348 7.89 2.61 -30.81
C LEU W 348 9.27 2.79 -30.19
N THR W 349 9.61 1.93 -29.23
CA THR W 349 10.92 2.00 -28.60
C THR W 349 12.03 1.75 -29.61
N LYS W 350 11.85 0.74 -30.46
CA LYS W 350 12.85 0.46 -31.49
C LYS W 350 13.02 1.66 -32.41
N ALA W 351 11.90 2.26 -32.85
CA ALA W 351 11.96 3.40 -33.76
C ALA W 351 12.72 4.57 -33.13
N GLN W 352 12.65 4.70 -31.81
CA GLN W 352 13.40 5.75 -31.14
C GLN W 352 14.90 5.53 -31.27
N ILE W 353 15.34 4.26 -31.21
CA ILE W 353 16.77 3.97 -31.35
C ILE W 353 17.26 4.34 -32.75
N LEU W 354 16.51 3.97 -33.79
CA LEU W 354 16.93 4.38 -35.13
C LEU W 354 16.95 5.88 -35.28
N SER W 355 15.94 6.57 -34.75
CA SER W 355 15.90 8.03 -34.86
C SER W 355 17.10 8.66 -34.15
N GLN W 356 17.45 8.14 -32.97
CA GLN W 356 18.61 8.66 -32.26
C GLN W 356 19.91 8.28 -32.94
N ALA W 357 19.97 7.07 -33.51
CA ALA W 357 21.18 6.61 -34.16
C ALA W 357 21.48 7.43 -35.41
N SER W 358 20.49 7.58 -36.28
CA SER W 358 20.70 8.35 -37.50
C SER W 358 21.02 9.80 -37.18
N SER W 359 20.33 10.39 -36.20
CA SER W 359 20.59 11.77 -35.84
C SER W 359 22.02 11.96 -35.36
N SER W 360 22.59 10.96 -34.68
CA SER W 360 23.99 11.05 -34.30
C SER W 360 24.90 10.86 -35.51
N VAL W 361 24.43 10.13 -36.53
CA VAL W 361 25.22 9.95 -37.75
C VAL W 361 25.37 11.27 -38.49
N LEU W 362 24.33 12.12 -38.47
CA LEU W 362 24.47 13.46 -39.03
C LEU W 362 25.60 14.22 -38.36
N ALA W 363 25.82 13.98 -37.07
CA ALA W 363 26.90 14.68 -36.37
C ALA W 363 28.25 14.31 -36.95
N GLN W 364 28.49 13.03 -37.26
CA GLN W 364 29.75 12.63 -37.86
C GLN W 364 29.77 12.79 -39.37
N ALA W 365 28.63 13.03 -40.00
CA ALA W 365 28.56 13.22 -41.44
C ALA W 365 28.68 14.67 -41.87
N LYS W 366 28.26 15.62 -41.03
CA LYS W 366 28.41 17.02 -41.37
C LYS W 366 29.86 17.45 -41.37
N GLN W 367 30.71 16.75 -40.62
CA GLN W 367 32.13 17.08 -40.53
C GLN W 367 32.96 16.49 -41.64
N ALA W 368 32.36 15.69 -42.53
CA ALA W 368 33.11 15.19 -43.69
C ALA W 368 33.60 16.33 -44.59
N PRO W 369 32.79 17.33 -44.95
CA PRO W 369 33.36 18.48 -45.66
C PRO W 369 34.40 19.23 -44.84
N ASN W 370 34.26 19.23 -43.52
CA ASN W 370 35.23 19.93 -42.67
C ASN W 370 36.61 19.31 -42.85
N SER W 371 36.69 17.98 -42.87
CA SER W 371 37.97 17.32 -43.08
C SER W 371 38.52 17.62 -44.48
N ALA W 372 37.64 17.87 -45.45
CA ALA W 372 38.10 18.22 -46.79
C ALA W 372 38.88 19.53 -46.77
N LEU W 373 38.39 20.52 -46.02
CA LEU W 373 39.08 21.80 -45.95
C LEU W 373 40.33 21.72 -45.08
N ALA W 374 40.41 20.71 -44.20
CA ALA W 374 41.54 20.58 -43.29
C ALA W 374 42.86 20.37 -44.01
N LEU W 375 42.86 19.81 -45.22
CA LEU W 375 44.11 19.53 -45.91
C LEU W 375 44.83 20.81 -46.29
N LEU W 376 44.10 21.84 -46.71
CA LEU W 376 44.68 23.13 -47.05
C LEU W 376 43.98 24.20 -46.23
N GLY W 377 44.73 24.85 -45.35
CA GLY W 377 44.18 25.86 -44.47
C GLY W 377 43.59 27.04 -45.20
N MET X 1 35.49 40.75 0.00
CA MET X 1 35.70 39.31 -0.05
C MET X 1 36.95 39.00 -0.87
N ALA X 2 37.62 37.90 -0.50
CA ALA X 2 38.79 37.41 -1.22
C ALA X 2 38.47 36.03 -1.76
N VAL X 3 38.41 35.90 -3.08
CA VAL X 3 38.12 34.60 -3.68
C VAL X 3 39.36 33.71 -3.51
N ASN X 4 39.23 32.68 -2.68
CA ASN X 4 40.38 31.89 -2.29
C ASN X 4 39.93 30.45 -2.05
N VAL X 5 40.89 29.59 -1.72
CA VAL X 5 40.64 28.17 -1.58
C VAL X 5 40.98 27.72 -0.16
N ASN X 6 41.92 28.43 0.47
CA ASN X 6 42.43 27.99 1.77
C ASN X 6 41.35 28.04 2.85
N THR X 7 40.55 29.11 2.86
CA THR X 7 39.46 29.24 3.81
C THR X 7 38.13 29.23 3.08
N ASN X 8 37.21 28.40 3.57
CA ASN X 8 35.86 28.31 3.04
C ASN X 8 34.90 28.64 4.18
N VAL X 9 34.64 29.93 4.37
CA VAL X 9 33.80 30.36 5.47
C VAL X 9 32.36 29.90 5.25
N SER X 10 31.89 29.94 4.00
CA SER X 10 30.53 29.48 3.72
C SER X 10 30.38 28.00 4.05
N ALA X 11 31.40 27.20 3.77
CA ALA X 11 31.36 25.79 4.15
C ALA X 11 31.30 25.64 5.67
N MET X 12 32.06 26.47 6.40
CA MET X 12 31.99 26.44 7.85
C MET X 12 30.61 26.85 8.35
N THR X 13 29.98 27.81 7.67
CA THR X 13 28.63 28.23 8.04
C THR X 13 27.66 27.06 7.95
N ALA X 14 27.64 26.38 6.81
CA ALA X 14 26.68 25.30 6.60
C ALA X 14 26.98 24.12 7.51
N GLN X 15 28.27 23.84 7.76
CA GLN X 15 28.62 22.77 8.69
C GLN X 15 28.11 23.07 10.09
N ARG X 16 28.26 24.33 10.54
CA ARG X 16 27.82 24.70 11.88
C ARG X 16 26.31 24.58 12.02
N TYR X 17 25.55 25.03 11.02
CA TYR X 17 24.10 24.92 11.11
C TYR X 17 23.64 23.48 10.91
N LEU X 18 24.41 22.70 10.16
CA LEU X 18 24.16 21.26 10.09
C LEU X 18 24.39 20.62 11.45
N THR X 19 25.40 21.09 12.18
CA THR X 19 25.66 20.59 13.52
C THR X 19 24.46 20.80 14.43
N SER X 20 23.94 22.03 14.46
CA SER X 20 22.75 22.30 15.27
C SER X 20 21.53 21.57 14.74
N ALA X 21 21.54 21.19 13.46
CA ALA X 21 20.37 20.54 12.87
C ALA X 21 20.21 19.11 13.39
N THR X 22 21.31 18.36 13.45
CA THR X 22 21.23 16.94 13.76
C THR X 22 21.62 16.63 15.21
N ASN X 23 22.12 17.60 15.96
CA ASN X 23 22.27 17.37 17.39
C ASN X 23 20.98 17.65 18.15
N ALA X 24 20.04 18.36 17.52
CA ALA X 24 18.68 18.46 17.99
C ALA X 24 17.80 17.36 17.42
N GLN X 25 18.03 16.98 16.16
CA GLN X 25 17.47 15.75 15.64
C GLN X 25 17.99 14.55 16.42
N GLN X 26 19.19 14.66 16.99
CA GLN X 26 19.68 13.64 17.90
C GLN X 26 18.81 13.57 19.15
N SER X 27 18.40 14.73 19.68
CA SER X 27 17.47 14.73 20.80
C SER X 27 16.14 14.10 20.45
N SER X 28 15.64 14.35 19.24
CA SER X 28 14.50 13.61 18.73
C SER X 28 14.95 12.20 18.37
N MET X 29 13.99 11.36 17.98
CA MET X 29 14.18 9.94 17.72
C MET X 29 14.57 9.16 18.97
N GLU X 30 14.72 9.81 20.10
CA GLU X 30 14.88 9.13 21.38
C GLU X 30 13.66 9.41 22.24
N ARG X 31 13.08 10.61 22.09
CA ARG X 31 11.80 10.88 22.71
C ARG X 31 10.70 10.04 22.08
N LEU X 32 10.82 9.74 20.78
CA LEU X 32 9.87 8.85 20.14
C LEU X 32 10.01 7.41 20.65
N SER X 33 11.25 6.90 20.69
CA SER X 33 11.45 5.52 21.08
C SER X 33 11.14 5.30 22.55
N SER X 34 11.67 6.17 23.42
CA SER X 34 11.43 6.01 24.85
C SER X 34 10.00 6.34 25.23
N GLY X 35 9.37 7.28 24.52
CA GLY X 35 8.07 7.78 24.90
C GLY X 35 8.09 8.86 25.95
N TYR X 36 9.27 9.19 26.48
CA TYR X 36 9.43 10.26 27.47
C TYR X 36 10.18 11.41 26.84
N LYS X 37 9.62 12.62 26.93
CA LYS X 37 10.30 13.79 26.41
C LYS X 37 11.50 14.20 27.25
N ILE X 38 11.64 13.64 28.45
CA ILE X 38 12.80 13.89 29.30
C ILE X 38 13.34 12.55 29.77
N ASN X 39 14.51 12.17 29.26
CA ASN X 39 15.20 10.98 29.71
C ASN X 39 16.53 11.26 30.38
N SER X 40 16.96 12.53 30.42
CA SER X 40 18.17 12.92 31.10
C SER X 40 17.96 14.30 31.71
N ALA X 41 18.77 14.63 32.72
CA ALA X 41 18.67 15.95 33.34
C ALA X 41 19.04 17.07 32.39
N LYS X 42 19.70 16.77 31.27
CA LYS X 42 20.00 17.79 30.28
C LYS X 42 18.73 18.43 29.73
N ASP X 43 17.71 17.62 29.48
CA ASP X 43 16.47 18.14 28.91
C ASP X 43 15.76 19.08 29.89
N ASP X 44 15.58 18.64 31.13
CA ASP X 44 14.91 19.46 32.14
C ASP X 44 15.37 18.99 33.51
N ALA X 45 16.30 19.74 34.11
CA ALA X 45 16.76 19.41 35.45
C ALA X 45 15.64 19.55 36.47
N ALA X 46 14.87 20.63 36.38
CA ALA X 46 13.75 20.81 37.29
C ALA X 46 12.67 19.77 37.06
N GLY X 47 12.40 19.43 35.80
CA GLY X 47 11.40 18.43 35.50
C GLY X 47 11.77 17.03 35.94
N LEU X 48 13.08 16.73 35.97
CA LEU X 48 13.48 15.40 36.43
C LEU X 48 13.10 15.20 37.89
N GLN X 49 13.31 16.22 38.72
CA GLN X 49 13.02 16.12 40.14
C GLN X 49 11.54 15.92 40.43
N ILE X 50 10.70 16.77 39.83
CA ILE X 50 9.27 16.66 40.10
C ILE X 50 8.71 15.37 39.50
N SER X 51 9.20 14.98 38.32
CA SER X 51 8.70 13.76 37.69
C SER X 51 9.10 12.52 38.46
N ASN X 52 10.32 12.50 39.00
CA ASN X 52 10.75 11.35 39.80
C ASN X 52 9.93 11.23 41.07
N ARG X 53 9.60 12.35 41.70
CA ARG X 53 8.75 12.30 42.88
C ARG X 53 7.33 11.88 42.54
N LEU X 54 6.84 12.29 41.36
CA LEU X 54 5.56 11.80 40.88
C LEU X 54 5.61 10.30 40.62
N ASN X 55 6.70 9.83 40.01
CA ASN X 55 6.86 8.39 39.81
C ASN X 55 6.96 7.65 41.14
N VAL X 56 7.71 8.22 42.08
CA VAL X 56 7.86 7.61 43.40
C VAL X 56 6.50 7.52 44.08
N GLN X 57 5.72 8.60 44.02
CA GLN X 57 4.38 8.58 44.59
C GLN X 57 3.47 7.61 43.87
N SER X 58 3.58 7.53 42.54
CA SER X 58 2.71 6.65 41.77
C SER X 58 2.95 5.18 42.11
N ARG X 59 4.22 4.77 42.15
CA ARG X 59 4.52 3.40 42.55
C ARG X 59 4.14 3.16 44.01
N GLY X 60 4.36 4.16 44.86
CA GLY X 60 3.99 4.03 46.26
C GLY X 60 2.50 3.78 46.44
N LEU X 61 1.68 4.48 45.65
CA LEU X 61 0.24 4.24 45.70
C LEU X 61 -0.09 2.86 45.15
N GLY X 62 0.69 2.38 44.19
CA GLY X 62 0.44 1.05 43.64
C GLY X 62 0.57 -0.03 44.70
N VAL X 63 1.60 0.05 45.53
CA VAL X 63 1.75 -0.91 46.62
C VAL X 63 0.87 -0.51 47.80
N ALA X 64 0.38 0.72 47.83
CA ALA X 64 -0.51 1.13 48.91
C ALA X 64 -1.87 0.48 48.81
N VAL X 65 -2.44 0.44 47.60
CA VAL X 65 -3.71 -0.26 47.41
C VAL X 65 -3.53 -1.75 47.62
N ARG X 66 -2.37 -2.29 47.24
CA ARG X 66 -2.05 -3.68 47.54
C ARG X 66 -2.02 -3.91 49.05
N ASN X 67 -1.38 -3.02 49.78
CA ASN X 67 -1.28 -3.17 51.23
C ASN X 67 -2.65 -3.06 51.89
N ALA X 68 -3.48 -2.12 51.43
CA ALA X 68 -4.81 -1.96 52.01
C ALA X 68 -5.71 -3.15 51.70
N ASN X 69 -5.54 -3.76 50.53
CA ASN X 69 -6.30 -4.96 50.20
C ASN X 69 -5.95 -6.10 51.14
N ASP X 70 -4.66 -6.26 51.46
CA ASP X 70 -4.26 -7.27 52.43
C ASP X 70 -4.84 -6.97 53.81
N GLY X 71 -4.91 -5.69 54.17
CA GLY X 71 -5.59 -5.33 55.41
C GLY X 71 -7.05 -5.73 55.40
N ILE X 72 -7.70 -5.64 54.24
CA ILE X 72 -9.08 -6.10 54.11
C ILE X 72 -9.13 -7.62 54.29
N SER X 73 -8.11 -8.33 53.80
CA SER X 73 -8.17 -9.78 53.80
C SER X 73 -8.27 -10.36 55.21
N MET X 74 -7.47 -9.85 56.15
CA MET X 74 -7.61 -10.32 57.53
C MET X 74 -8.96 -9.94 58.12
N ALA X 75 -9.49 -8.79 57.72
CA ALA X 75 -10.78 -8.37 58.26
C ALA X 75 -11.89 -9.35 57.87
N GLN X 76 -11.90 -9.81 56.62
CA GLN X 76 -12.93 -10.75 56.21
C GLN X 76 -12.65 -12.17 56.70
N THR X 77 -11.39 -12.59 56.74
CA THR X 77 -11.07 -13.92 57.27
C THR X 77 -11.47 -14.03 58.73
N ALA X 78 -11.15 -13.01 59.53
CA ALA X 78 -11.57 -13.01 60.92
C ALA X 78 -13.08 -12.93 61.04
N GLU X 79 -13.73 -12.17 60.15
CA GLU X 79 -15.18 -12.09 60.15
C GLU X 79 -15.82 -13.44 59.85
N GLY X 80 -15.25 -14.20 58.90
CA GLY X 80 -15.81 -15.49 58.57
C GLY X 80 -15.77 -16.46 59.74
N ALA X 81 -14.65 -16.50 60.44
CA ALA X 81 -14.57 -17.30 61.66
C ALA X 81 -15.48 -16.74 62.75
N MET X 82 -15.68 -15.42 62.75
CA MET X 82 -16.56 -14.80 63.73
C MET X 82 -18.00 -15.25 63.53
N LYS X 83 -18.43 -15.34 62.28
CA LYS X 83 -19.80 -15.75 61.98
C LYS X 83 -20.07 -17.16 62.49
N GLU X 84 -19.12 -18.07 62.27
CA GLU X 84 -19.31 -19.44 62.76
C GLU X 84 -19.16 -19.50 64.27
N THR X 85 -18.40 -18.56 64.85
CA THR X 85 -18.33 -18.50 66.30
C THR X 85 -19.69 -18.17 66.90
N THR X 86 -20.33 -17.09 66.43
CA THR X 86 -21.63 -16.70 66.97
C THR X 86 -22.66 -17.80 66.80
N ASN X 87 -22.57 -18.56 65.72
CA ASN X 87 -23.49 -19.65 65.50
C ASN X 87 -23.42 -20.67 66.64
N ILE X 88 -22.23 -20.86 67.21
CA ILE X 88 -22.09 -21.82 68.28
C ILE X 88 -22.80 -21.34 69.54
N LEU X 89 -22.55 -20.09 69.96
CA LEU X 89 -23.11 -19.65 71.24
C LEU X 89 -24.62 -19.43 71.14
N GLN X 90 -25.12 -19.16 69.93
CA GLN X 90 -26.56 -19.16 69.75
C GLN X 90 -27.14 -20.54 70.02
N ARG X 91 -26.46 -21.58 69.53
CA ARG X 91 -26.88 -22.95 69.84
C ARG X 91 -26.74 -23.25 71.33
N MET X 92 -25.65 -22.80 71.94
CA MET X 92 -25.46 -23.02 73.37
C MET X 92 -26.55 -22.34 74.18
N ARG X 93 -26.89 -21.11 73.84
CA ARG X 93 -27.97 -20.41 74.52
C ARG X 93 -29.30 -21.10 74.29
N ASP X 94 -29.54 -21.57 73.07
CA ASP X 94 -30.81 -22.20 72.74
C ASP X 94 -31.04 -23.45 73.58
N LEU X 95 -30.00 -24.25 73.78
CA LEU X 95 -30.16 -25.48 74.55
C LEU X 95 -30.00 -25.26 76.05
N SER X 96 -29.29 -24.21 76.45
CA SER X 96 -29.24 -23.86 77.87
C SER X 96 -30.62 -23.48 78.37
N LEU X 97 -31.36 -22.69 77.60
CA LEU X 97 -32.75 -22.40 77.96
C LEU X 97 -33.59 -23.66 77.96
N GLN X 98 -33.27 -24.61 77.07
CA GLN X 98 -34.00 -25.86 77.04
C GLN X 98 -33.83 -26.64 78.33
N SER X 99 -32.61 -26.68 78.88
CA SER X 99 -32.36 -27.40 80.11
C SER X 99 -32.88 -26.66 81.33
N ALA X 100 -33.17 -25.35 81.21
CA ALA X 100 -33.73 -24.60 82.32
C ALA X 100 -35.13 -25.08 82.69
N ASN X 101 -35.80 -25.78 81.79
CA ASN X 101 -37.11 -26.33 82.12
C ASN X 101 -36.97 -27.44 83.15
N GLY X 102 -37.93 -27.51 84.06
CA GLY X 102 -37.91 -28.53 85.09
C GLY X 102 -38.41 -29.89 84.66
N SER X 103 -38.87 -30.02 83.41
CA SER X 103 -39.38 -31.29 82.95
C SER X 103 -38.28 -32.34 82.85
N ASN X 104 -37.08 -31.93 82.46
CA ASN X 104 -36.00 -32.89 82.25
C ASN X 104 -35.30 -33.22 83.57
N SER X 105 -34.97 -34.49 83.73
CA SER X 105 -34.33 -34.99 84.92
C SER X 105 -32.81 -34.77 84.83
N LYS X 106 -32.06 -35.33 85.78
CA LYS X 106 -30.62 -35.15 85.81
C LYS X 106 -29.95 -35.78 84.60
N ALA X 107 -30.45 -36.94 84.15
CA ALA X 107 -29.82 -37.62 83.02
C ALA X 107 -29.89 -36.79 81.76
N ASP X 108 -31.03 -36.13 81.51
CA ASP X 108 -31.16 -35.29 80.32
C ASP X 108 -30.18 -34.12 80.36
N ARG X 109 -30.03 -33.49 81.52
CA ARG X 109 -29.07 -32.39 81.65
C ARG X 109 -27.64 -32.88 81.43
N VAL X 110 -27.34 -34.13 81.79
CA VAL X 110 -26.02 -34.68 81.55
C VAL X 110 -25.73 -34.75 80.06
N ALA X 111 -26.70 -35.24 79.28
CA ALA X 111 -26.53 -35.31 77.83
C ALA X 111 -26.43 -33.91 77.23
N ILE X 112 -27.23 -32.96 77.73
CA ILE X 112 -27.15 -31.59 77.25
C ILE X 112 -25.77 -31.01 77.56
N GLN X 113 -25.25 -31.26 78.76
CA GLN X 113 -23.91 -30.81 79.12
C GLN X 113 -22.86 -31.40 78.19
N GLU X 114 -23.08 -32.64 77.73
CA GLU X 114 -22.14 -33.24 76.79
C GLU X 114 -22.11 -32.45 75.48
N GLU X 115 -23.27 -31.94 75.05
CA GLU X 115 -23.29 -31.08 73.87
C GLU X 115 -22.59 -29.76 74.15
N ILE X 116 -22.75 -29.22 75.36
CA ILE X 116 -22.12 -27.95 75.70
C ILE X 116 -20.60 -28.09 75.68
N THR X 117 -20.08 -29.13 76.34
CA THR X 117 -18.63 -29.30 76.39
C THR X 117 -18.05 -29.65 75.03
N ALA X 118 -18.87 -30.22 74.13
CA ALA X 118 -18.42 -30.46 72.77
C ALA X 118 -18.30 -29.15 72.01
N LEU X 119 -19.32 -28.30 72.09
CA LEU X 119 -19.25 -26.99 71.44
C LEU X 119 -18.20 -26.10 72.09
N ASN X 120 -17.94 -26.30 73.38
CA ASN X 120 -16.93 -25.51 74.07
C ASN X 120 -15.55 -25.75 73.47
N ASP X 121 -15.23 -27.02 73.20
CA ASP X 121 -13.94 -27.32 72.59
C ASP X 121 -13.89 -26.80 71.16
N GLU X 122 -15.04 -26.65 70.51
CA GLU X 122 -15.06 -26.07 69.17
C GLU X 122 -14.66 -24.60 69.19
N LEU X 123 -15.10 -23.86 70.22
CA LEU X 123 -14.66 -22.49 70.38
C LEU X 123 -13.15 -22.43 70.57
N ASN X 124 -12.61 -23.28 71.44
CA ASN X 124 -11.18 -23.29 71.68
C ASN X 124 -10.39 -23.80 70.48
N ARG X 125 -11.05 -24.47 69.53
CA ARG X 125 -10.35 -24.93 68.35
C ARG X 125 -10.37 -23.88 67.24
N VAL X 126 -11.54 -23.26 67.03
CA VAL X 126 -11.65 -22.23 65.99
C VAL X 126 -10.78 -21.02 66.34
N ALA X 127 -10.57 -20.76 67.63
CA ALA X 127 -9.70 -19.67 68.02
C ALA X 127 -8.25 -19.94 67.64
N GLU X 128 -7.87 -21.22 67.54
CA GLU X 128 -6.52 -21.60 67.18
C GLU X 128 -6.38 -22.10 65.75
N THR X 129 -7.48 -22.24 65.03
CA THR X 129 -7.44 -22.75 63.66
C THR X 129 -7.28 -21.63 62.64
N THR X 130 -7.98 -20.52 62.83
CA THR X 130 -7.89 -19.38 61.93
C THR X 130 -6.46 -18.89 61.85
N SER X 131 -5.81 -19.09 60.70
CA SER X 131 -4.39 -18.87 60.57
C SER X 131 -4.04 -17.78 59.57
N PHE X 132 -4.58 -17.84 58.35
CA PHE X 132 -4.19 -16.95 57.25
C PHE X 132 -2.69 -17.06 56.97
N GLY X 133 -2.31 -18.25 56.51
CA GLY X 133 -0.95 -18.49 56.07
C GLY X 133 0.10 -18.38 57.15
N GLY X 134 -0.15 -19.00 58.31
CA GLY X 134 0.83 -19.08 59.36
C GLY X 134 0.66 -18.09 60.49
N ASN X 135 -0.19 -17.08 60.33
CA ASN X 135 -0.48 -16.16 61.42
C ASN X 135 -1.49 -16.81 62.37
N LYS X 136 -1.99 -16.03 63.33
CA LYS X 136 -2.99 -16.54 64.27
C LYS X 136 -3.95 -15.39 64.57
N LEU X 137 -5.08 -15.37 63.85
CA LEU X 137 -5.98 -14.23 63.93
C LEU X 137 -6.69 -14.17 65.28
N LEU X 138 -7.27 -15.27 65.72
CA LEU X 138 -8.13 -15.28 66.90
C LEU X 138 -7.50 -15.94 68.11
N ASN X 139 -6.25 -16.38 68.03
CA ASN X 139 -5.60 -16.99 69.19
C ASN X 139 -5.26 -15.96 70.25
N GLY X 140 -5.27 -14.68 69.92
CA GLY X 140 -4.87 -13.63 70.82
C GLY X 140 -3.43 -13.19 70.67
N THR X 141 -2.62 -13.97 69.94
CA THR X 141 -1.26 -13.56 69.66
C THR X 141 -1.18 -12.44 68.64
N PHE X 142 -2.26 -12.19 67.91
CA PHE X 142 -2.32 -11.13 66.91
C PHE X 142 -2.49 -9.80 67.64
N ALA X 143 -1.37 -9.18 67.97
CA ALA X 143 -1.39 -7.88 68.65
C ALA X 143 -1.67 -6.79 67.62
N THR X 144 -1.47 -5.54 68.01
CA THR X 144 -1.71 -4.41 67.11
C THR X 144 -0.74 -4.49 65.94
N LYS X 145 -1.28 -4.65 64.73
CA LYS X 145 -0.50 -4.66 63.51
C LYS X 145 -0.87 -3.44 62.67
N SER X 146 0.14 -2.71 62.20
CA SER X 146 -0.05 -1.49 61.47
C SER X 146 -0.04 -1.78 59.97
N PHE X 147 -1.09 -1.34 59.28
CA PHE X 147 -1.20 -1.48 57.84
C PHE X 147 -0.81 -0.16 57.18
N GLN X 148 0.31 -0.17 56.45
CA GLN X 148 0.80 1.02 55.79
C GLN X 148 0.02 1.23 54.49
N ILE X 149 -0.88 2.21 54.50
CA ILE X 149 -1.79 2.42 53.37
C ILE X 149 -1.58 3.80 52.77
N GLY X 150 -0.34 4.29 52.80
CA GLY X 150 -0.03 5.58 52.24
C GLY X 150 1.16 5.51 51.30
N ALA X 151 1.25 6.52 50.44
CA ALA X 151 2.38 6.60 49.52
C ALA X 151 3.69 6.76 50.26
N ASP X 152 3.69 7.55 51.32
CA ASP X 152 4.87 7.76 52.15
C ASP X 152 4.69 7.07 53.49
N ASN X 153 5.80 6.87 54.19
CA ASN X 153 5.76 6.18 55.47
C ASN X 153 5.06 7.02 56.52
N GLY X 154 4.70 6.36 57.63
CA GLY X 154 4.07 7.02 58.75
C GLY X 154 2.55 6.99 58.73
N GLU X 155 1.94 7.16 57.57
CA GLU X 155 0.48 7.16 57.47
C GLU X 155 -0.06 5.73 57.35
N ALA X 156 0.03 5.03 58.48
CA ALA X 156 -0.49 3.68 58.63
C ALA X 156 -1.68 3.68 59.59
N VAL X 157 -2.42 2.58 59.57
CA VAL X 157 -3.59 2.41 60.42
C VAL X 157 -3.42 1.13 61.23
N MET X 158 -3.53 1.25 62.55
CA MET X 158 -3.36 0.11 63.43
C MET X 158 -4.66 -0.65 63.57
N LEU X 159 -4.55 -1.97 63.70
CA LEU X 159 -5.69 -2.85 63.90
C LEU X 159 -5.32 -3.94 64.89
N ASN X 160 -6.21 -4.20 65.83
CA ASN X 160 -6.03 -5.27 66.80
C ASN X 160 -7.23 -6.20 66.77
N ILE X 161 -6.96 -7.48 66.98
CA ILE X 161 -8.00 -8.51 67.03
C ILE X 161 -7.94 -9.15 68.41
N LYS X 162 -9.03 -9.06 69.14
CA LYS X 162 -9.07 -9.52 70.52
C LYS X 162 -9.16 -11.04 70.59
N ASP X 163 -8.59 -11.60 71.65
CA ASP X 163 -8.60 -13.05 71.84
C ASP X 163 -10.00 -13.54 72.14
N MET X 164 -10.41 -14.61 71.47
CA MET X 164 -11.70 -15.24 71.73
C MET X 164 -11.54 -16.74 71.96
N ARG X 165 -10.57 -17.10 72.80
CA ARG X 165 -10.68 -18.38 73.48
C ARG X 165 -11.88 -18.33 74.41
N SER X 166 -12.54 -19.48 74.57
CA SER X 166 -13.76 -19.51 75.37
C SER X 166 -13.50 -19.15 76.83
N ASP X 167 -12.25 -19.20 77.27
CA ASP X 167 -11.89 -18.88 78.64
C ASP X 167 -11.49 -17.41 78.83
N ASN X 168 -11.65 -16.58 77.80
CA ASN X 168 -11.29 -15.18 77.90
C ASN X 168 -12.10 -14.49 78.98
N ALA X 169 -11.44 -13.63 79.75
CA ALA X 169 -12.10 -12.95 80.86
C ALA X 169 -13.23 -12.05 80.37
N LEU X 170 -13.01 -11.37 79.24
CA LEU X 170 -14.03 -10.47 78.71
C LEU X 170 -15.26 -11.22 78.19
N MET X 171 -15.12 -12.50 77.87
CA MET X 171 -16.23 -13.27 77.33
C MET X 171 -17.25 -13.66 78.39
N GLY X 172 -16.89 -13.60 79.67
CA GLY X 172 -17.82 -13.93 80.73
C GLY X 172 -18.18 -12.74 81.59
N GLY X 173 -18.20 -12.93 82.90
CA GLY X 173 -18.51 -11.84 83.81
C GLY X 173 -18.58 -12.32 85.24
N LYS X 174 -18.87 -11.39 86.13
CA LYS X 174 -19.01 -11.67 87.54
C LYS X 174 -20.37 -12.30 87.81
N THR X 175 -20.47 -13.00 88.95
CA THR X 175 -21.73 -13.58 89.37
C THR X 175 -21.78 -13.63 90.89
N TYR X 176 -22.99 -13.62 91.43
CA TYR X 176 -23.21 -13.63 92.87
C TYR X 176 -24.37 -14.57 93.18
N GLN X 177 -24.38 -15.11 94.39
CA GLN X 177 -25.40 -16.04 94.83
C GLN X 177 -25.92 -15.66 96.20
N ALA X 178 -27.23 -15.72 96.39
CA ALA X 178 -27.81 -15.49 97.70
C ALA X 178 -27.42 -16.60 98.66
N ALA X 179 -27.06 -16.22 99.88
CA ALA X 179 -26.61 -17.21 100.86
C ALA X 179 -27.75 -18.15 101.26
N ASN X 180 -28.95 -17.62 101.44
CA ASN X 180 -30.09 -18.40 101.89
C ASN X 180 -31.16 -18.41 100.80
N GLY X 181 -31.78 -19.57 100.60
CA GLY X 181 -32.84 -19.69 99.62
C GLY X 181 -34.22 -19.55 100.23
N LYS X 182 -35.16 -19.09 99.41
CA LYS X 182 -36.54 -18.88 99.82
C LYS X 182 -37.45 -19.76 98.99
N ASP X 183 -38.33 -20.49 99.67
CA ASP X 183 -39.18 -21.46 98.99
C ASP X 183 -40.33 -20.75 98.27
N LYS X 184 -41.22 -21.55 97.67
CA LYS X 184 -42.31 -20.99 96.88
C LYS X 184 -43.27 -20.17 97.75
N ASN X 185 -43.60 -20.68 98.95
CA ASN X 185 -44.52 -19.96 99.82
C ASN X 185 -43.96 -18.64 100.31
N TRP X 186 -42.64 -18.47 100.28
CA TRP X 186 -42.03 -17.23 100.74
C TRP X 186 -42.35 -16.09 99.78
N GLY X 187 -42.61 -14.91 100.33
CA GLY X 187 -42.85 -13.74 99.53
C GLY X 187 -42.17 -12.53 100.15
N VAL X 188 -42.05 -11.48 99.35
CA VAL X 188 -41.44 -10.25 99.83
C VAL X 188 -42.37 -9.59 100.83
N GLU X 189 -41.85 -9.28 102.02
CA GLU X 189 -42.66 -8.70 103.08
C GLU X 189 -42.59 -7.17 103.03
N ALA X 190 -43.59 -6.55 103.64
CA ALA X 190 -43.67 -5.10 103.66
C ALA X 190 -42.54 -4.50 104.49
N GLY X 191 -41.96 -3.42 103.98
CA GLY X 191 -40.89 -2.71 104.66
C GLY X 191 -39.50 -3.22 104.38
N LYS X 192 -39.37 -4.34 103.65
CA LYS X 192 -38.08 -4.93 103.33
C LYS X 192 -38.01 -5.24 101.84
N THR X 193 -38.45 -4.29 101.01
CA THR X 193 -38.49 -4.46 99.57
C THR X 193 -37.44 -3.61 98.85
N ASP X 194 -36.54 -2.97 99.58
CA ASP X 194 -35.55 -2.08 98.99
C ASP X 194 -34.30 -2.86 98.60
N LEU X 195 -33.89 -2.72 97.35
CA LEU X 195 -32.70 -3.40 96.81
C LEU X 195 -31.93 -2.38 95.99
N THR X 196 -30.88 -1.82 96.58
CA THR X 196 -30.04 -0.82 95.92
C THR X 196 -28.71 -1.46 95.56
N ILE X 197 -28.30 -1.31 94.31
CA ILE X 197 -27.07 -1.90 93.80
C ILE X 197 -26.14 -0.79 93.36
N THR X 198 -24.93 -0.78 93.89
CA THR X 198 -23.90 0.15 93.48
C THR X 198 -22.97 -0.52 92.48
N LEU X 199 -22.73 0.15 91.36
CA LEU X 199 -22.07 -0.47 90.21
C LEU X 199 -20.97 0.44 89.69
N LYS X 200 -19.92 -0.17 89.16
CA LYS X 200 -18.87 0.54 88.45
C LYS X 200 -18.94 0.20 86.96
N ASP X 201 -18.97 1.23 86.12
CA ASP X 201 -19.22 1.06 84.70
C ASP X 201 -18.08 1.68 83.90
N LYS X 202 -17.77 1.05 82.76
CA LYS X 202 -16.76 1.61 81.87
C LYS X 202 -17.18 2.97 81.35
N ARG X 203 -18.44 3.12 80.97
CA ARG X 203 -19.01 4.39 80.56
C ARG X 203 -20.05 4.82 81.60
N GLU X 204 -20.07 6.12 81.89
CA GLU X 204 -20.87 6.71 82.96
C GLU X 204 -20.83 5.85 84.22
N GLY X 205 -19.63 5.67 84.74
CA GLY X 205 -19.41 4.81 85.88
C GLY X 205 -20.05 5.34 87.14
N ASP X 206 -19.97 4.53 88.20
CA ASP X 206 -20.56 4.83 89.50
C ASP X 206 -22.06 5.09 89.39
N VAL X 207 -22.76 4.09 88.87
CA VAL X 207 -24.21 4.14 88.69
C VAL X 207 -24.85 3.36 89.84
N THR X 208 -25.78 4.01 90.54
CA THR X 208 -26.53 3.39 91.61
C THR X 208 -27.96 3.16 91.13
N ILE X 209 -28.40 1.92 91.14
CA ILE X 209 -29.74 1.55 90.72
C ILE X 209 -30.55 1.17 91.96
N SER X 210 -31.83 1.52 91.96
CA SER X 210 -32.72 1.24 93.07
C SER X 210 -33.89 0.40 92.56
N ILE X 211 -34.16 -0.70 93.24
CA ILE X 211 -35.23 -1.61 92.88
C ILE X 211 -36.12 -1.79 94.10
N ASN X 212 -37.40 -1.48 93.95
CA ASN X 212 -38.40 -1.67 95.00
C ASN X 212 -39.33 -2.78 94.54
N ALA X 213 -39.04 -4.00 94.99
CA ALA X 213 -39.84 -5.15 94.58
C ALA X 213 -41.26 -5.04 95.13
N LYS X 214 -42.23 -5.41 94.30
CA LYS X 214 -43.62 -5.39 94.73
C LYS X 214 -43.84 -6.39 95.84
N GLU X 215 -44.59 -5.98 96.86
CA GLU X 215 -44.83 -6.85 98.01
C GLU X 215 -45.69 -8.03 97.60
N GLY X 216 -45.36 -9.20 98.14
CA GLY X 216 -46.08 -10.43 97.86
C GLY X 216 -45.54 -11.25 96.72
N ASP X 217 -44.60 -10.72 95.94
CA ASP X 217 -43.99 -11.49 94.86
C ASP X 217 -43.12 -12.60 95.44
N ASP X 218 -43.20 -13.77 94.82
CA ASP X 218 -42.38 -14.90 95.27
C ASP X 218 -40.96 -14.72 94.75
N ILE X 219 -40.12 -15.74 94.95
CA ILE X 219 -38.71 -15.59 94.63
C ILE X 219 -38.50 -15.53 93.12
N GLU X 220 -39.33 -16.23 92.35
CA GLU X 220 -39.14 -16.26 90.90
C GLU X 220 -39.55 -14.94 90.25
N GLU X 221 -40.71 -14.40 90.65
CA GLU X 221 -41.14 -13.12 90.10
C GLU X 221 -40.24 -11.97 90.53
N LEU X 222 -39.56 -12.10 91.67
CA LEU X 222 -38.56 -11.11 92.03
C LEU X 222 -37.43 -11.06 91.02
N ALA X 223 -36.98 -12.23 90.56
CA ALA X 223 -35.94 -12.27 89.53
C ALA X 223 -36.43 -11.65 88.24
N THR X 224 -37.68 -11.91 87.86
CA THR X 224 -38.24 -11.31 86.65
C THR X 224 -38.30 -9.80 86.77
N TYR X 225 -38.66 -9.29 87.96
CA TYR X 225 -38.76 -7.84 88.14
C TYR X 225 -37.40 -7.18 87.97
N ILE X 226 -36.34 -7.77 88.51
CA ILE X 226 -35.01 -7.18 88.39
C ILE X 226 -34.59 -7.15 86.92
N ASN X 227 -34.87 -8.22 86.18
CA ASN X 227 -34.50 -8.27 84.77
C ASN X 227 -35.17 -7.15 83.98
N GLY X 228 -36.46 -6.93 84.23
CA GLY X 228 -37.16 -5.87 83.52
C GLY X 228 -36.69 -4.48 83.91
N GLN X 229 -36.42 -4.26 85.19
CA GLN X 229 -36.08 -2.92 85.67
C GLN X 229 -34.76 -2.43 85.08
N THR X 230 -33.75 -3.31 85.03
CA THR X 230 -32.42 -2.89 84.59
C THR X 230 -31.86 -3.90 83.61
N ASP X 231 -31.06 -3.41 82.67
CA ASP X 231 -30.35 -4.25 81.71
C ASP X 231 -28.92 -4.53 82.12
N MET X 232 -28.46 -3.98 83.25
CA MET X 232 -27.09 -4.18 83.70
C MET X 232 -26.93 -5.40 84.59
N ILE X 233 -28.03 -6.01 85.03
CA ILE X 233 -27.99 -7.14 85.96
C ILE X 233 -28.99 -8.18 85.49
N LYS X 234 -28.58 -9.45 85.49
CA LYS X 234 -29.44 -10.57 85.15
C LYS X 234 -29.67 -11.41 86.39
N ALA X 235 -30.94 -11.63 86.73
CA ALA X 235 -31.31 -12.34 87.95
C ALA X 235 -32.05 -13.63 87.61
N SER X 236 -31.93 -14.61 88.50
CA SER X 236 -32.61 -15.89 88.34
C SER X 236 -32.62 -16.60 89.68
N VAL X 237 -33.37 -17.71 89.73
CA VAL X 237 -33.48 -18.55 90.91
C VAL X 237 -33.07 -19.96 90.52
N ASP X 238 -32.23 -20.60 91.33
CA ASP X 238 -31.57 -21.82 90.90
C ASP X 238 -32.32 -23.09 91.30
N GLU X 239 -32.37 -23.39 92.60
CA GLU X 239 -33.18 -24.53 93.06
C GLU X 239 -33.98 -24.28 94.32
N GLU X 240 -33.58 -23.33 95.17
CA GLU X 240 -34.22 -23.16 96.47
C GLU X 240 -34.58 -21.70 96.76
N GLY X 241 -34.31 -20.78 95.85
CA GLY X 241 -34.54 -19.37 96.11
C GLY X 241 -33.28 -18.52 96.12
N LYS X 242 -32.10 -19.10 95.94
CA LYS X 242 -30.88 -18.31 95.91
C LYS X 242 -30.78 -17.57 94.58
N LEU X 243 -30.82 -16.25 94.65
CA LEU X 243 -30.73 -15.43 93.45
C LEU X 243 -29.35 -15.53 92.82
N GLN X 244 -29.33 -15.56 91.49
CA GLN X 244 -28.08 -15.59 90.72
C GLN X 244 -27.97 -14.28 89.96
N LEU X 245 -27.36 -13.29 90.61
CA LEU X 245 -27.11 -12.02 89.94
C LEU X 245 -25.89 -12.15 89.05
N PHE X 246 -26.04 -11.79 87.78
CA PHE X 246 -24.95 -11.85 86.82
C PHE X 246 -24.58 -10.45 86.36
N THR X 247 -23.29 -10.25 86.14
CA THR X 247 -22.75 -8.95 85.77
C THR X 247 -21.84 -9.13 84.56
N ASP X 248 -22.08 -8.37 83.51
CA ASP X 248 -21.29 -8.49 82.30
C ASP X 248 -19.92 -7.84 82.52
N ASN X 249 -18.86 -8.61 82.26
CA ASN X 249 -17.51 -8.13 82.52
C ASN X 249 -17.08 -7.01 81.60
N ASN X 250 -17.61 -6.95 80.37
CA ASN X 250 -17.11 -5.99 79.41
C ASN X 250 -17.64 -4.58 79.63
N ARG X 251 -18.63 -4.39 80.50
CA ARG X 251 -19.11 -3.04 80.77
C ARG X 251 -19.41 -2.72 82.23
N ILE X 252 -19.47 -3.67 83.15
CA ILE X 252 -19.70 -3.33 84.56
C ILE X 252 -18.54 -3.85 85.40
N ASP X 253 -17.31 -3.71 84.89
CA ASP X 253 -16.14 -4.18 85.63
C ASP X 253 -16.15 -3.66 87.07
N GLY X 254 -15.54 -4.42 87.97
CA GLY X 254 -15.54 -4.08 89.37
C GLY X 254 -16.66 -4.78 90.13
N ALA X 255 -16.42 -4.95 91.43
CA ALA X 255 -17.39 -5.64 92.27
C ALA X 255 -18.66 -4.81 92.45
N ALA X 256 -19.76 -5.51 92.70
CA ALA X 256 -21.06 -4.89 92.90
C ALA X 256 -21.37 -4.83 94.39
N THR X 257 -21.74 -3.65 94.87
CA THR X 257 -22.10 -3.45 96.27
C THR X 257 -23.60 -3.57 96.43
N PHE X 258 -24.03 -4.36 97.40
CA PHE X 258 -25.44 -4.64 97.64
C PHE X 258 -25.91 -3.93 98.90
N GLY X 259 -27.09 -3.32 98.82
CA GLY X 259 -27.66 -2.61 99.95
C GLY X 259 -29.16 -2.69 99.93
N GLY X 260 -29.76 -2.19 101.01
CA GLY X 260 -31.19 -2.21 101.18
C GLY X 260 -31.63 -3.34 102.10
N ALA X 261 -32.88 -3.20 102.58
CA ALA X 261 -33.42 -4.18 103.51
C ALA X 261 -33.57 -5.55 102.85
N LEU X 262 -33.99 -5.57 101.58
CA LEU X 262 -34.15 -6.85 100.88
C LEU X 262 -32.80 -7.56 100.74
N ALA X 263 -31.74 -6.80 100.46
CA ALA X 263 -30.43 -7.41 100.31
C ALA X 263 -29.99 -8.10 101.60
N GLY X 264 -30.25 -7.46 102.75
CA GLY X 264 -29.98 -8.10 104.02
C GLY X 264 -30.83 -9.34 104.25
N GLU X 265 -32.08 -9.32 103.75
CA GLU X 265 -32.93 -10.50 103.87
C GLU X 265 -32.36 -11.67 103.07
N LEU X 266 -31.86 -11.39 101.87
CA LEU X 266 -31.16 -12.39 101.07
C LEU X 266 -29.70 -12.44 101.50
N GLY X 267 -28.87 -13.11 100.71
CA GLY X 267 -27.44 -13.15 100.94
C GLY X 267 -26.72 -12.30 99.91
N ILE X 268 -25.75 -11.52 100.39
CA ILE X 268 -24.98 -10.67 99.49
C ILE X 268 -24.17 -11.50 98.51
N GLY X 269 -23.43 -12.48 99.01
CA GLY X 269 -22.62 -13.34 98.17
C GLY X 269 -21.35 -12.68 97.68
N ALA X 270 -20.31 -13.48 97.47
CA ALA X 270 -19.05 -12.96 96.97
C ALA X 270 -19.07 -12.87 95.45
N ALA X 271 -18.12 -12.11 94.91
CA ALA X 271 -17.99 -11.91 93.47
C ALA X 271 -17.19 -13.06 92.89
N GLN X 272 -17.85 -13.94 92.15
CA GLN X 272 -17.22 -15.10 91.53
C GLN X 272 -17.13 -14.87 90.03
N ASP X 273 -15.95 -15.11 89.46
CA ASP X 273 -15.72 -14.84 88.05
C ASP X 273 -15.97 -16.12 87.25
N VAL X 274 -16.88 -16.04 86.28
CA VAL X 274 -17.22 -17.17 85.43
C VAL X 274 -17.10 -16.75 83.97
N THR X 275 -16.79 -17.72 83.12
CA THR X 275 -16.67 -17.51 81.69
C THR X 275 -17.36 -18.66 80.96
N VAL X 276 -17.31 -18.63 79.63
CA VAL X 276 -17.93 -19.70 78.85
C VAL X 276 -17.19 -21.02 79.04
N ASP X 277 -15.87 -20.97 79.20
CA ASP X 277 -15.13 -22.21 79.45
C ASP X 277 -15.53 -22.83 80.79
N THR X 278 -15.74 -21.99 81.81
CA THR X 278 -16.20 -22.47 83.10
C THR X 278 -17.72 -22.67 83.14
N LEU X 279 -18.42 -22.37 82.06
CA LEU X 279 -19.85 -22.66 81.98
C LEU X 279 -20.06 -24.16 82.11
N ASP X 280 -21.00 -24.54 82.98
CA ASP X 280 -21.33 -25.94 83.20
C ASP X 280 -22.82 -25.98 83.52
N VAL X 281 -23.60 -26.57 82.61
CA VAL X 281 -25.02 -26.75 82.85
C VAL X 281 -25.30 -28.24 83.07
N THR X 282 -25.30 -28.64 84.34
CA THR X 282 -25.75 -29.97 84.73
C THR X 282 -26.93 -29.94 85.66
N THR X 283 -27.10 -28.87 86.43
CA THR X 283 -28.29 -28.63 87.22
C THR X 283 -28.99 -27.38 86.68
N VAL X 284 -30.27 -27.25 87.01
CA VAL X 284 -31.06 -26.13 86.50
C VAL X 284 -30.51 -24.80 86.99
N GLY X 285 -29.75 -24.81 88.09
CA GLY X 285 -29.09 -23.59 88.52
C GLY X 285 -28.04 -23.12 87.52
N GLY X 286 -27.23 -24.04 87.02
CA GLY X 286 -26.24 -23.66 86.02
C GLY X 286 -26.87 -23.20 84.73
N ALA X 287 -28.05 -23.73 84.39
CA ALA X 287 -28.73 -23.33 83.17
C ALA X 287 -29.11 -21.86 83.20
N GLN X 288 -29.62 -21.38 84.33
CA GLN X 288 -30.00 -19.97 84.42
C GLN X 288 -28.79 -19.05 84.36
N GLU X 289 -27.67 -19.45 84.98
CA GLU X 289 -26.46 -18.64 84.88
C GLU X 289 -25.90 -18.67 83.46
N SER X 290 -25.96 -19.83 82.81
CA SER X 290 -25.28 -20.00 81.52
C SER X 290 -25.89 -19.11 80.44
N VAL X 291 -27.21 -18.99 80.38
CA VAL X 291 -27.83 -18.19 79.34
C VAL X 291 -27.39 -16.73 79.47
N ALA X 292 -27.30 -16.23 80.70
CA ALA X 292 -26.79 -14.88 80.90
C ALA X 292 -25.32 -14.77 80.49
N ILE X 293 -24.51 -15.78 80.83
CA ILE X 293 -23.10 -15.75 80.47
C ILE X 293 -22.94 -15.73 78.96
N VAL X 294 -23.70 -16.55 78.26
CA VAL X 294 -23.61 -16.59 76.80
C VAL X 294 -24.03 -15.26 76.21
N ASP X 295 -25.10 -14.64 76.72
CA ASP X 295 -25.55 -13.36 76.18
C ASP X 295 -24.45 -12.31 76.25
N ALA X 296 -23.70 -12.29 77.35
CA ALA X 296 -22.56 -11.37 77.44
C ALA X 296 -21.53 -11.68 76.37
N ALA X 297 -21.41 -12.94 75.99
CA ALA X 297 -20.43 -13.33 74.97
C ALA X 297 -20.83 -12.84 73.58
N LEU X 298 -22.13 -12.95 73.24
CA LEU X 298 -22.57 -12.41 71.95
C LEU X 298 -22.36 -10.91 71.89
N LYS X 299 -22.62 -10.21 73.00
CA LYS X 299 -22.39 -8.76 73.02
C LYS X 299 -20.92 -8.45 72.77
N TYR X 300 -20.02 -9.19 73.39
CA TYR X 300 -18.60 -8.96 73.21
C TYR X 300 -18.17 -9.28 71.77
N VAL X 301 -18.66 -10.39 71.23
CA VAL X 301 -18.25 -10.78 69.88
C VAL X 301 -18.85 -9.83 68.84
N ASP X 302 -20.13 -9.50 68.98
CA ASP X 302 -20.78 -8.61 68.02
C ASP X 302 -20.14 -7.22 68.05
N SER X 303 -19.75 -6.74 69.22
CA SER X 303 -19.07 -5.46 69.30
C SER X 303 -17.77 -5.47 68.52
N HIS X 304 -17.01 -6.58 68.61
CA HIS X 304 -15.78 -6.66 67.85
C HIS X 304 -16.06 -6.89 66.36
N ARG X 305 -17.20 -7.50 66.04
CA ARG X 305 -17.61 -7.62 64.64
C ARG X 305 -17.87 -6.24 64.05
N ALA X 306 -18.51 -5.36 64.81
CA ALA X 306 -18.71 -3.99 64.35
C ALA X 306 -17.37 -3.26 64.20
N GLU X 307 -16.44 -3.49 65.13
CA GLU X 307 -15.13 -2.86 65.04
C GLU X 307 -14.38 -3.32 63.79
N LEU X 308 -14.43 -4.62 63.49
CA LEU X 308 -13.79 -5.12 62.28
C LEU X 308 -14.54 -4.65 61.04
N GLY X 309 -15.87 -4.57 61.11
CA GLY X 309 -16.63 -4.06 59.99
C GLY X 309 -16.33 -2.60 59.70
N ALA X 310 -16.17 -1.80 60.74
CA ALA X 310 -15.76 -0.41 60.55
C ALA X 310 -14.39 -0.33 59.92
N PHE X 311 -13.48 -1.23 60.31
CA PHE X 311 -12.17 -1.30 59.68
C PHE X 311 -12.29 -1.65 58.21
N GLN X 312 -13.21 -2.55 57.87
CA GLN X 312 -13.48 -2.85 56.46
C GLN X 312 -14.01 -1.61 55.74
N ASN X 313 -14.93 -0.89 56.38
CA ASN X 313 -15.54 0.29 55.78
C ASN X 313 -14.62 1.51 55.78
N ARG X 314 -13.47 1.43 56.43
CA ARG X 314 -12.45 2.45 56.28
C ARG X 314 -11.53 2.17 55.10
N PHE X 315 -11.16 0.91 54.91
CA PHE X 315 -10.14 0.57 53.93
C PHE X 315 -10.67 0.58 52.50
N ASN X 316 -11.94 0.26 52.28
CA ASN X 316 -12.49 0.36 50.93
C ASN X 316 -12.51 1.82 50.48
N HIS X 317 -12.89 2.73 51.38
CA HIS X 317 -12.76 4.15 51.08
C HIS X 317 -11.31 4.56 50.91
N ALA X 318 -10.37 3.84 51.53
CA ALA X 318 -8.96 4.12 51.30
C ALA X 318 -8.53 3.64 49.92
N ILE X 319 -9.07 2.52 49.46
CA ILE X 319 -8.64 1.95 48.19
C ILE X 319 -9.03 2.86 47.04
N ASN X 320 -10.30 3.27 46.98
CA ASN X 320 -10.74 4.10 45.87
C ASN X 320 -10.26 5.54 46.05
N ASN X 321 -9.85 5.92 47.25
CA ASN X 321 -9.19 7.21 47.43
C ASN X 321 -7.81 7.18 46.80
N LEU X 322 -6.95 6.25 47.26
CA LEU X 322 -5.61 6.15 46.72
C LEU X 322 -5.62 5.89 45.22
N ASP X 323 -6.60 5.13 44.73
CA ASP X 323 -6.74 4.95 43.29
C ASP X 323 -7.07 6.27 42.60
N ASN X 324 -7.92 7.09 43.22
CA ASN X 324 -8.28 8.37 42.64
C ASN X 324 -7.06 9.29 42.55
N ILE X 325 -6.27 9.37 43.63
CA ILE X 325 -5.02 10.12 43.56
C ILE X 325 -4.07 9.50 42.55
N ASN X 326 -4.05 8.17 42.46
CA ASN X 326 -3.14 7.50 41.53
C ASN X 326 -3.46 7.87 40.09
N GLU X 327 -4.76 8.00 39.76
CA GLU X 327 -5.13 8.46 38.43
C GLU X 327 -4.64 9.89 38.19
N ASN X 328 -4.75 10.75 39.21
CA ASN X 328 -4.41 12.15 39.02
C ASN X 328 -2.90 12.35 38.95
N VAL X 329 -2.14 11.65 39.80
CA VAL X 329 -0.70 11.80 39.79
C VAL X 329 -0.10 11.24 38.51
N ASN X 330 -0.71 10.20 37.93
CA ASN X 330 -0.28 9.72 36.64
C ASN X 330 -0.53 10.77 35.56
N ALA X 331 -1.67 11.44 35.62
CA ALA X 331 -1.95 12.53 34.69
C ALA X 331 -0.95 13.67 34.86
N SER X 332 -0.63 14.02 36.10
CA SER X 332 0.39 15.04 36.33
C SER X 332 1.76 14.55 35.90
N LYS X 333 2.00 13.24 35.97
CA LYS X 333 3.20 12.63 35.41
C LYS X 333 2.99 12.33 33.92
N SER X 334 2.50 13.35 33.22
CA SER X 334 2.32 13.32 31.78
C SER X 334 2.25 14.77 31.32
N ARG X 335 2.89 15.06 30.19
CA ARG X 335 3.26 16.39 29.73
C ARG X 335 4.35 17.00 30.61
N ILE X 336 4.73 16.34 31.69
CA ILE X 336 5.94 16.67 32.43
C ILE X 336 7.07 15.71 32.09
N LYS X 337 6.75 14.42 31.97
CA LYS X 337 7.75 13.41 31.65
C LYS X 337 7.58 12.83 30.25
N ASP X 338 6.40 12.30 29.93
CA ASP X 338 6.23 11.65 28.64
C ASP X 338 5.97 12.69 27.55
N THR X 339 6.28 12.30 26.31
CA THR X 339 6.12 13.18 25.17
C THR X 339 4.79 12.95 24.49
N ASP X 340 4.22 14.04 23.97
CA ASP X 340 3.10 13.92 23.04
C ASP X 340 3.67 13.72 21.64
N PHE X 341 3.20 12.68 20.96
CA PHE X 341 3.82 12.29 19.69
C PHE X 341 3.49 13.29 18.59
N ALA X 342 2.53 14.19 18.82
CA ALA X 342 2.21 15.20 17.82
C ALA X 342 3.36 16.17 17.64
N LYS X 343 3.75 16.87 18.71
CA LYS X 343 4.75 17.92 18.59
C LYS X 343 6.14 17.36 18.33
N GLU X 344 6.47 16.21 18.92
CA GLU X 344 7.81 15.66 18.76
C GLU X 344 8.08 15.26 17.31
N THR X 345 7.08 14.68 16.64
CA THR X 345 7.28 14.27 15.26
C THR X 345 7.45 15.46 14.33
N THR X 346 6.72 16.55 14.57
CA THR X 346 6.91 17.75 13.74
C THR X 346 8.33 18.29 13.89
N ALA X 347 8.86 18.30 15.11
CA ALA X 347 10.24 18.74 15.32
C ALA X 347 11.21 17.80 14.63
N LEU X 348 10.89 16.50 14.59
CA LEU X 348 11.74 15.54 13.90
C LEU X 348 11.76 15.82 12.40
N THR X 349 10.58 15.96 11.79
CA THR X 349 10.53 16.23 10.36
C THR X 349 11.18 17.57 10.03
N LYS X 350 10.95 18.59 10.87
CA LYS X 350 11.59 19.87 10.67
C LYS X 350 13.10 19.77 10.78
N ALA X 351 13.59 18.86 11.63
CA ALA X 351 15.03 18.69 11.78
C ALA X 351 15.62 17.95 10.58
N GLN X 352 14.91 16.94 10.06
CA GLN X 352 15.44 16.15 8.96
C GLN X 352 15.62 16.99 7.72
N ILE X 353 14.63 17.81 7.38
CA ILE X 353 14.71 18.61 6.17
C ILE X 353 15.77 19.69 6.29
N LEU X 354 16.12 20.10 7.50
CA LEU X 354 17.19 21.09 7.66
C LEU X 354 18.55 20.45 7.42
N SER X 355 18.74 19.22 7.92
CA SER X 355 19.99 18.52 7.65
C SER X 355 20.16 18.26 6.16
N GLN X 356 19.06 17.94 5.47
CA GLN X 356 19.11 17.78 4.02
C GLN X 356 19.43 19.10 3.34
N ALA X 357 18.86 20.20 3.84
CA ALA X 357 19.12 21.51 3.25
C ALA X 357 20.58 21.91 3.43
N SER X 358 21.12 21.72 4.64
CA SER X 358 22.51 22.09 4.89
C SER X 358 23.46 21.22 4.07
N SER X 359 23.17 19.92 3.96
CA SER X 359 24.03 19.04 3.18
C SER X 359 24.03 19.43 1.72
N SER X 360 22.87 19.83 1.19
CA SER X 360 22.82 20.33 -0.18
C SER X 360 23.60 21.63 -0.32
N VAL X 361 23.61 22.46 0.72
CA VAL X 361 24.43 23.67 0.69
C VAL X 361 25.90 23.32 0.70
N LEU X 362 26.27 22.24 1.41
CA LEU X 362 27.64 21.74 1.32
C LEU X 362 27.99 21.40 -0.12
N ALA X 363 27.10 20.70 -0.82
CA ALA X 363 27.33 20.37 -2.21
C ALA X 363 27.27 21.59 -3.12
N GLN X 364 26.82 22.73 -2.60
CA GLN X 364 26.81 23.98 -3.34
C GLN X 364 27.91 24.93 -2.91
N ALA X 365 28.68 24.58 -1.88
CA ALA X 365 29.71 25.46 -1.35
C ALA X 365 31.12 24.88 -1.45
N LYS X 366 31.26 23.57 -1.61
CA LYS X 366 32.59 22.99 -1.80
C LYS X 366 33.22 23.40 -3.12
N GLN X 367 32.41 23.76 -4.11
CA GLN X 367 32.90 24.16 -5.42
C GLN X 367 33.17 25.65 -5.51
N ALA X 368 32.96 26.40 -4.43
CA ALA X 368 33.36 27.81 -4.44
C ALA X 368 34.85 27.98 -4.67
N PRO X 369 35.75 27.24 -4.00
CA PRO X 369 37.17 27.32 -4.39
C PRO X 369 37.42 26.84 -5.80
N ASN X 370 36.59 25.92 -6.32
CA ASN X 370 36.79 25.42 -7.67
C ASN X 370 36.68 26.53 -8.70
N SER X 371 35.69 27.41 -8.53
CA SER X 371 35.57 28.56 -9.42
C SER X 371 36.76 29.49 -9.30
N ALA X 372 37.38 29.56 -8.12
CA ALA X 372 38.56 30.39 -7.95
C ALA X 372 39.71 29.90 -8.83
N LEU X 373 39.90 28.59 -8.90
CA LEU X 373 40.96 28.04 -9.74
C LEU X 373 40.62 28.19 -11.21
N ALA X 374 39.33 28.24 -11.56
CA ALA X 374 38.92 28.28 -12.95
C ALA X 374 39.45 29.52 -13.67
N LEU X 375 39.61 30.64 -12.97
CA LEU X 375 40.10 31.85 -13.63
C LEU X 375 41.57 31.74 -13.99
N LEU X 376 42.32 30.89 -13.28
CA LEU X 376 43.75 30.72 -13.53
C LEU X 376 43.94 29.38 -14.26
N GLY X 377 44.35 29.46 -15.52
CA GLY X 377 44.53 28.27 -16.34
C GLY X 377 45.67 27.38 -15.89
N MET Y 1 93.96 17.98 -54.55
CA MET Y 1 92.92 17.59 -55.48
C MET Y 1 93.20 18.18 -56.86
N ALA Y 2 92.10 18.42 -57.57
CA ALA Y 2 92.07 19.31 -58.72
C ALA Y 2 90.95 20.32 -58.50
N VAL Y 3 91.29 21.61 -58.56
CA VAL Y 3 90.30 22.68 -58.41
C VAL Y 3 89.70 22.87 -59.81
N ASN Y 4 88.75 21.99 -60.13
CA ASN Y 4 88.16 21.91 -61.45
C ASN Y 4 86.71 22.35 -61.43
N VAL Y 5 86.17 22.59 -62.63
CA VAL Y 5 84.82 23.13 -62.76
C VAL Y 5 83.91 22.27 -63.62
N ASN Y 6 84.40 21.16 -64.18
CA ASN Y 6 83.56 20.34 -65.04
C ASN Y 6 82.91 19.19 -64.30
N THR Y 7 83.63 18.51 -63.42
CA THR Y 7 83.10 17.40 -62.64
C THR Y 7 83.03 17.77 -61.18
N ASN Y 8 81.86 17.58 -60.57
CA ASN Y 8 81.63 17.88 -59.16
C ASN Y 8 81.35 16.55 -58.45
N VAL Y 9 82.41 15.87 -58.02
CA VAL Y 9 82.24 14.61 -57.32
C VAL Y 9 81.57 14.83 -55.98
N SER Y 10 81.88 15.95 -55.31
CA SER Y 10 81.25 16.25 -54.04
C SER Y 10 79.74 16.43 -54.20
N ALA Y 11 79.32 17.15 -55.24
CA ALA Y 11 77.90 17.30 -55.51
C ALA Y 11 77.26 15.97 -55.86
N MET Y 12 77.93 15.18 -56.71
CA MET Y 12 77.38 13.90 -57.14
C MET Y 12 77.24 12.95 -55.96
N THR Y 13 78.18 12.97 -55.02
CA THR Y 13 78.11 12.07 -53.87
C THR Y 13 76.88 12.37 -53.03
N ALA Y 14 76.61 13.65 -52.77
CA ALA Y 14 75.42 14.01 -52.02
C ALA Y 14 74.16 13.71 -52.83
N GLN Y 15 74.26 13.74 -54.16
CA GLN Y 15 73.16 13.33 -55.01
C GLN Y 15 72.83 11.87 -54.80
N ARG Y 16 73.86 11.01 -54.81
CA ARG Y 16 73.66 9.59 -54.61
C ARG Y 16 73.08 9.30 -53.24
N TYR Y 17 73.57 10.00 -52.20
CA TYR Y 17 73.02 9.79 -50.87
C TYR Y 17 71.64 10.41 -50.73
N LEU Y 18 71.29 11.34 -51.63
CA LEU Y 18 69.94 11.89 -51.64
C LEU Y 18 68.93 10.87 -52.15
N THR Y 19 69.31 10.15 -53.22
CA THR Y 19 68.41 9.14 -53.76
C THR Y 19 68.21 8.00 -52.77
N SER Y 20 69.28 7.56 -52.11
CA SER Y 20 69.12 6.53 -51.09
C SER Y 20 68.37 7.04 -49.87
N ALA Y 21 68.29 8.36 -49.70
CA ALA Y 21 67.60 8.92 -48.55
C ALA Y 21 66.08 8.90 -48.75
N THR Y 22 65.60 9.54 -49.81
CA THR Y 22 64.18 9.70 -50.03
C THR Y 22 63.58 8.53 -50.83
N ASN Y 23 64.37 7.53 -51.17
CA ASN Y 23 63.80 6.25 -51.57
C ASN Y 23 63.12 5.58 -50.39
N ALA Y 24 63.73 5.65 -49.21
CA ALA Y 24 63.08 5.14 -48.01
C ALA Y 24 61.95 6.06 -47.57
N GLN Y 25 62.11 7.37 -47.76
CA GLN Y 25 61.02 8.29 -47.48
C GLN Y 25 59.85 8.07 -48.42
N GLN Y 26 60.13 7.83 -49.71
CA GLN Y 26 59.07 7.46 -50.63
C GLN Y 26 58.51 6.09 -50.30
N SER Y 27 59.36 5.18 -49.82
CA SER Y 27 58.89 3.91 -49.27
C SER Y 27 58.08 4.10 -48.01
N SER Y 28 58.15 5.28 -47.40
CA SER Y 28 57.24 5.70 -46.35
C SER Y 28 56.19 6.63 -46.96
N MET Y 29 55.33 7.17 -46.11
CA MET Y 29 54.20 8.02 -46.48
C MET Y 29 53.17 7.32 -47.35
N GLU Y 30 53.32 6.01 -47.60
CA GLU Y 30 52.19 5.23 -48.10
C GLU Y 30 51.88 4.05 -47.21
N ARG Y 31 52.86 3.52 -46.49
CA ARG Y 31 52.57 2.59 -45.42
C ARG Y 31 51.87 3.27 -44.25
N LEU Y 32 52.05 4.59 -44.11
CA LEU Y 32 51.27 5.35 -43.14
C LEU Y 32 49.83 5.51 -43.60
N SER Y 33 49.63 5.84 -44.87
CA SER Y 33 48.28 6.01 -45.40
C SER Y 33 47.54 4.68 -45.46
N SER Y 34 48.21 3.63 -45.91
CA SER Y 34 47.58 2.32 -46.00
C SER Y 34 47.47 1.64 -44.64
N GLY Y 35 48.41 1.92 -43.74
CA GLY Y 35 48.48 1.21 -42.49
C GLY Y 35 49.14 -0.15 -42.55
N TYR Y 36 49.61 -0.56 -43.72
CA TYR Y 36 50.27 -1.84 -43.91
C TYR Y 36 51.72 -1.61 -44.30
N LYS Y 37 52.64 -2.27 -43.58
CA LYS Y 37 54.04 -2.24 -43.95
C LYS Y 37 54.35 -3.13 -45.14
N ILE Y 38 53.43 -4.02 -45.51
CA ILE Y 38 53.61 -4.91 -46.66
C ILE Y 38 52.47 -4.62 -47.63
N ASN Y 39 52.76 -3.80 -48.65
CA ASN Y 39 51.79 -3.51 -49.69
C ASN Y 39 52.23 -3.98 -51.07
N SER Y 40 53.52 -4.28 -51.25
CA SER Y 40 54.03 -4.87 -52.49
C SER Y 40 54.96 -6.02 -52.13
N ALA Y 41 55.06 -6.99 -53.03
CA ALA Y 41 55.90 -8.15 -52.78
C ALA Y 41 57.37 -7.78 -52.65
N LYS Y 42 57.78 -6.63 -53.18
CA LYS Y 42 59.19 -6.25 -53.10
C LYS Y 42 59.58 -5.85 -51.67
N ASP Y 43 58.62 -5.46 -50.84
CA ASP Y 43 58.93 -5.14 -49.46
C ASP Y 43 59.35 -6.39 -48.69
N ASP Y 44 58.56 -7.46 -48.80
CA ASP Y 44 58.90 -8.73 -48.16
C ASP Y 44 58.20 -9.83 -48.96
N ALA Y 45 58.95 -10.53 -49.81
CA ALA Y 45 58.36 -11.56 -50.65
C ALA Y 45 57.84 -12.73 -49.82
N ALA Y 46 58.67 -13.22 -48.89
CA ALA Y 46 58.24 -14.33 -48.04
C ALA Y 46 57.10 -13.90 -47.13
N GLY Y 47 57.14 -12.67 -46.63
CA GLY Y 47 56.06 -12.17 -45.79
C GLY Y 47 54.79 -11.90 -46.55
N LEU Y 48 54.88 -11.72 -47.87
CA LEU Y 48 53.70 -11.41 -48.67
C LEU Y 48 52.80 -12.64 -48.83
N GLN Y 49 53.40 -13.79 -49.11
CA GLN Y 49 52.60 -15.00 -49.28
C GLN Y 49 51.86 -15.36 -47.99
N ILE Y 50 52.57 -15.31 -46.87
CA ILE Y 50 51.98 -15.71 -45.60
C ILE Y 50 50.89 -14.74 -45.17
N SER Y 51 51.05 -13.44 -45.47
CA SER Y 51 49.99 -12.50 -45.11
C SER Y 51 48.72 -12.76 -45.90
N ASN Y 52 48.86 -13.05 -47.20
CA ASN Y 52 47.68 -13.37 -48.00
C ASN Y 52 47.02 -14.65 -47.52
N ARG Y 53 47.82 -15.64 -47.14
CA ARG Y 53 47.25 -16.87 -46.59
C ARG Y 53 46.52 -16.60 -45.29
N LEU Y 54 47.10 -15.78 -44.42
CA LEU Y 54 46.44 -15.42 -43.17
C LEU Y 54 45.16 -14.64 -43.41
N ASN Y 55 45.21 -13.68 -44.35
CA ASN Y 55 44.01 -12.92 -44.70
C ASN Y 55 42.94 -13.83 -45.29
N VAL Y 56 43.35 -14.79 -46.12
CA VAL Y 56 42.41 -15.75 -46.67
C VAL Y 56 41.74 -16.54 -45.55
N GLN Y 57 42.52 -16.99 -44.57
CA GLN Y 57 41.94 -17.71 -43.43
C GLN Y 57 40.98 -16.82 -42.64
N SER Y 58 41.37 -15.57 -42.39
CA SER Y 58 40.54 -14.69 -41.60
C SER Y 58 39.17 -14.46 -42.26
N ARG Y 59 39.17 -14.22 -43.56
CA ARG Y 59 37.91 -14.11 -44.28
C ARG Y 59 37.15 -15.44 -44.27
N GLY Y 60 37.87 -16.55 -44.38
CA GLY Y 60 37.22 -17.85 -44.33
C GLY Y 60 36.51 -18.09 -43.02
N LEU Y 61 37.14 -17.70 -41.91
CA LEU Y 61 36.45 -17.78 -40.62
C LEU Y 61 35.27 -16.83 -40.56
N GLY Y 62 35.39 -15.65 -41.17
CA GLY Y 62 34.29 -14.70 -41.16
C GLY Y 62 33.07 -15.25 -41.86
N VAL Y 63 33.27 -15.94 -42.99
CA VAL Y 63 32.16 -16.61 -43.64
C VAL Y 63 31.73 -17.83 -42.84
N ALA Y 64 32.69 -18.50 -42.19
CA ALA Y 64 32.37 -19.74 -41.48
C ALA Y 64 31.42 -19.49 -40.31
N VAL Y 65 31.60 -18.39 -39.58
CA VAL Y 65 30.77 -18.16 -38.40
C VAL Y 65 29.32 -17.91 -38.81
N ARG Y 66 29.11 -17.08 -39.83
CA ARG Y 66 27.74 -16.88 -40.33
C ARG Y 66 27.22 -18.16 -40.98
N ASN Y 67 28.13 -18.97 -41.53
CA ASN Y 67 27.73 -20.23 -42.15
C ASN Y 67 27.15 -21.17 -41.11
N ALA Y 68 27.82 -21.33 -39.98
CA ALA Y 68 27.32 -22.19 -38.91
C ALA Y 68 26.09 -21.59 -38.25
N ASN Y 69 26.02 -20.26 -38.17
CA ASN Y 69 24.82 -19.62 -37.62
C ASN Y 69 23.61 -19.93 -38.47
N ASP Y 70 23.78 -20.01 -39.78
CA ASP Y 70 22.68 -20.41 -40.66
C ASP Y 70 22.22 -21.82 -40.33
N GLY Y 71 23.17 -22.73 -40.10
CA GLY Y 71 22.79 -24.08 -39.70
C GLY Y 71 22.05 -24.09 -38.38
N ILE Y 72 22.41 -23.20 -37.47
CA ILE Y 72 21.68 -23.07 -36.21
C ILE Y 72 20.25 -22.63 -36.46
N SER Y 73 20.06 -21.76 -37.46
CA SER Y 73 18.73 -21.22 -37.72
C SER Y 73 17.74 -22.31 -38.13
N MET Y 74 18.15 -23.24 -38.99
CA MET Y 74 17.25 -24.34 -39.32
C MET Y 74 17.16 -25.35 -38.20
N ALA Y 75 18.19 -25.43 -37.34
CA ALA Y 75 18.10 -26.29 -36.19
C ALA Y 75 16.98 -25.85 -35.26
N GLN Y 76 16.78 -24.52 -35.14
CA GLN Y 76 15.73 -24.02 -34.26
C GLN Y 76 14.38 -23.90 -34.98
N THR Y 77 14.37 -23.60 -36.28
CA THR Y 77 13.10 -23.58 -36.99
C THR Y 77 12.44 -24.95 -36.99
N ALA Y 78 13.24 -25.99 -37.24
CA ALA Y 78 12.74 -27.36 -37.09
C ALA Y 78 12.33 -27.62 -35.65
N GLU Y 79 13.10 -27.09 -34.69
CA GLU Y 79 12.75 -27.25 -33.29
C GLU Y 79 11.45 -26.52 -32.94
N GLY Y 80 11.11 -25.47 -33.68
CA GLY Y 80 9.82 -24.82 -33.46
C GLY Y 80 8.66 -25.72 -33.81
N ALA Y 81 8.74 -26.38 -34.97
CA ALA Y 81 7.73 -27.36 -35.33
C ALA Y 81 7.88 -28.64 -34.52
N MET Y 82 9.04 -28.84 -33.90
CA MET Y 82 9.23 -29.99 -33.02
C MET Y 82 8.26 -29.95 -31.85
N LYS Y 83 8.12 -28.77 -31.24
CA LYS Y 83 7.32 -28.64 -30.03
C LYS Y 83 5.84 -28.86 -30.31
N GLU Y 84 5.33 -28.24 -31.38
CA GLU Y 84 3.90 -28.34 -31.66
C GLU Y 84 3.53 -29.76 -32.06
N THR Y 85 4.40 -30.45 -32.79
CA THR Y 85 4.15 -31.85 -33.12
C THR Y 85 4.04 -32.70 -31.87
N THR Y 86 4.95 -32.49 -30.91
CA THR Y 86 4.86 -33.21 -29.65
C THR Y 86 3.59 -32.85 -28.89
N ASN Y 87 3.24 -31.56 -28.86
CA ASN Y 87 2.07 -31.13 -28.10
C ASN Y 87 0.79 -31.73 -28.66
N ILE Y 88 0.64 -31.75 -29.98
CA ILE Y 88 -0.57 -32.32 -30.57
C ILE Y 88 -0.61 -33.82 -30.32
N LEU Y 89 0.54 -34.50 -30.45
CA LEU Y 89 0.58 -35.93 -30.19
C LEU Y 89 0.18 -36.24 -28.75
N GLN Y 90 0.58 -35.38 -27.81
CA GLN Y 90 0.16 -35.54 -26.43
C GLN Y 90 -1.35 -35.41 -26.30
N ARG Y 91 -1.94 -34.47 -27.04
CA ARG Y 91 -3.40 -34.32 -27.02
C ARG Y 91 -4.07 -35.55 -27.60
N MET Y 92 -3.48 -36.16 -28.62
CA MET Y 92 -4.01 -37.39 -29.19
C MET Y 92 -4.04 -38.50 -28.14
N ARG Y 93 -2.97 -38.58 -27.33
CA ARG Y 93 -2.89 -39.62 -26.31
C ARG Y 93 -4.01 -39.45 -25.28
N ASP Y 94 -4.30 -38.22 -24.89
CA ASP Y 94 -5.34 -37.96 -23.90
C ASP Y 94 -6.70 -38.42 -24.40
N LEU Y 95 -7.01 -38.14 -25.66
CA LEU Y 95 -8.27 -38.59 -26.24
C LEU Y 95 -8.33 -40.10 -26.30
N SER Y 96 -7.19 -40.74 -26.60
CA SER Y 96 -7.16 -42.19 -26.69
C SER Y 96 -7.53 -42.85 -25.37
N LEU Y 97 -6.92 -42.37 -24.28
CA LEU Y 97 -7.26 -42.91 -22.97
C LEU Y 97 -8.68 -42.56 -22.57
N GLN Y 98 -9.12 -41.34 -22.86
CA GLN Y 98 -10.46 -40.90 -22.49
C GLN Y 98 -11.55 -41.69 -23.19
N SER Y 99 -11.26 -42.28 -24.35
CA SER Y 99 -12.21 -43.12 -25.05
C SER Y 99 -11.94 -44.61 -24.87
N ALA Y 100 -10.83 -44.99 -24.25
CA ALA Y 100 -10.49 -46.39 -24.06
C ALA Y 100 -11.37 -47.07 -23.01
N ASN Y 101 -12.31 -46.34 -22.43
CA ASN Y 101 -13.21 -46.89 -21.42
C ASN Y 101 -14.50 -47.34 -22.09
N GLY Y 102 -15.25 -48.19 -21.40
CA GLY Y 102 -16.57 -48.57 -21.86
C GLY Y 102 -17.63 -47.60 -21.40
N SER Y 103 -17.21 -46.51 -20.77
CA SER Y 103 -18.15 -45.56 -20.18
C SER Y 103 -18.98 -44.89 -21.27
N ASN Y 104 -18.34 -44.45 -22.34
CA ASN Y 104 -19.01 -43.65 -23.35
C ASN Y 104 -19.60 -44.53 -24.45
N SER Y 105 -20.68 -44.04 -25.05
CA SER Y 105 -21.34 -44.74 -26.14
C SER Y 105 -20.55 -44.54 -27.44
N LYS Y 106 -21.01 -45.19 -28.51
CA LYS Y 106 -20.31 -45.10 -29.78
C LYS Y 106 -20.39 -43.69 -30.35
N ALA Y 107 -21.41 -42.92 -29.97
CA ALA Y 107 -21.50 -41.54 -30.43
C ALA Y 107 -20.34 -40.70 -29.92
N ASP Y 108 -19.96 -40.90 -28.65
CA ASP Y 108 -18.84 -40.14 -28.10
C ASP Y 108 -17.53 -40.50 -28.79
N ARG Y 109 -17.32 -41.78 -29.08
CA ARG Y 109 -16.10 -42.17 -29.77
C ARG Y 109 -16.07 -41.64 -31.19
N VAL Y 110 -17.24 -41.45 -31.81
CA VAL Y 110 -17.29 -40.80 -33.11
C VAL Y 110 -16.84 -39.35 -33.00
N ALA Y 111 -17.28 -38.66 -31.95
CA ALA Y 111 -16.85 -37.28 -31.74
C ALA Y 111 -15.35 -37.19 -31.51
N ILE Y 112 -14.81 -38.10 -30.71
CA ILE Y 112 -13.36 -38.11 -30.48
C ILE Y 112 -12.62 -38.42 -31.78
N GLN Y 113 -13.12 -39.38 -32.56
CA GLN Y 113 -12.51 -39.67 -33.85
C GLN Y 113 -12.51 -38.44 -34.75
N GLU Y 114 -13.54 -37.60 -34.65
CA GLU Y 114 -13.56 -36.36 -35.41
C GLU Y 114 -12.42 -35.44 -35.00
N GLU Y 115 -12.17 -35.34 -33.69
CA GLU Y 115 -11.05 -34.54 -33.21
C GLU Y 115 -9.72 -35.18 -33.61
N ILE Y 116 -9.64 -36.51 -33.55
CA ILE Y 116 -8.40 -37.21 -33.85
C ILE Y 116 -8.02 -37.00 -35.31
N THR Y 117 -8.97 -37.21 -36.22
CA THR Y 117 -8.67 -37.03 -37.64
C THR Y 117 -8.46 -35.56 -37.97
N ALA Y 118 -9.01 -34.65 -37.15
CA ALA Y 118 -8.71 -33.24 -37.34
C ALA Y 118 -7.27 -32.93 -36.99
N LEU Y 119 -6.81 -33.42 -35.83
CA LEU Y 119 -5.42 -33.21 -35.44
C LEU Y 119 -4.47 -33.96 -36.35
N ASN Y 120 -4.93 -35.05 -36.95
CA ASN Y 120 -4.10 -35.77 -37.92
C ASN Y 120 -3.77 -34.90 -39.11
N ASP Y 121 -4.75 -34.11 -39.58
CA ASP Y 121 -4.47 -33.19 -40.67
C ASP Y 121 -3.47 -32.13 -40.25
N GLU Y 122 -3.47 -31.75 -38.97
CA GLU Y 122 -2.50 -30.79 -38.47
C GLU Y 122 -1.08 -31.36 -38.53
N LEU Y 123 -0.93 -32.64 -38.17
CA LEU Y 123 0.39 -33.27 -38.24
C LEU Y 123 0.91 -33.30 -39.67
N ASN Y 124 0.04 -33.66 -40.62
CA ASN Y 124 0.46 -33.65 -42.02
C ASN Y 124 0.74 -32.24 -42.53
N ARG Y 125 -0.10 -31.27 -42.18
CA ARG Y 125 0.08 -29.91 -42.69
C ARG Y 125 1.36 -29.29 -42.14
N VAL Y 126 1.64 -29.48 -40.84
CA VAL Y 126 2.84 -28.90 -40.27
C VAL Y 126 4.09 -29.53 -40.88
N ALA Y 127 4.02 -30.79 -41.28
CA ALA Y 127 5.14 -31.40 -42.00
C ALA Y 127 5.27 -30.86 -43.42
N GLU Y 128 4.25 -30.18 -43.93
CA GLU Y 128 4.27 -29.61 -45.27
C GLU Y 128 4.41 -28.10 -45.29
N THR Y 129 4.30 -27.43 -44.14
CA THR Y 129 4.35 -25.98 -44.09
C THR Y 129 5.64 -25.43 -43.50
N THR Y 130 6.33 -26.19 -42.65
CA THR Y 130 7.60 -25.73 -42.12
C THR Y 130 8.59 -25.60 -43.27
N SER Y 131 8.91 -24.38 -43.66
CA SER Y 131 9.60 -24.13 -44.92
C SER Y 131 10.98 -23.54 -44.74
N PHE Y 132 11.11 -22.44 -43.99
CA PHE Y 132 12.34 -21.66 -43.93
C PHE Y 132 12.75 -21.19 -45.33
N GLY Y 133 11.89 -20.36 -45.93
CA GLY Y 133 12.18 -19.75 -47.20
C GLY Y 133 12.21 -20.73 -48.35
N GLY Y 134 11.06 -21.30 -48.68
CA GLY Y 134 10.96 -22.15 -49.86
C GLY Y 134 11.54 -23.53 -49.72
N ASN Y 135 12.19 -23.85 -48.59
CA ASN Y 135 12.69 -25.18 -48.35
C ASN Y 135 11.58 -26.01 -47.71
N LYS Y 136 11.92 -27.24 -47.29
CA LYS Y 136 10.95 -28.13 -46.65
C LYS Y 136 11.69 -28.89 -45.56
N LEU Y 137 11.50 -28.46 -44.31
CA LEU Y 137 12.28 -29.03 -43.22
C LEU Y 137 11.81 -30.44 -42.85
N LEU Y 138 10.51 -30.61 -42.63
CA LEU Y 138 9.97 -31.86 -42.12
C LEU Y 138 9.24 -32.68 -43.18
N ASN Y 139 9.36 -32.31 -44.45
CA ASN Y 139 8.69 -33.07 -45.51
C ASN Y 139 9.39 -34.37 -45.83
N GLY Y 140 10.66 -34.53 -45.46
CA GLY Y 140 11.46 -35.65 -45.90
C GLY Y 140 12.22 -35.38 -47.19
N THR Y 141 11.83 -34.36 -47.94
CA THR Y 141 12.62 -33.94 -49.10
C THR Y 141 13.93 -33.30 -48.69
N PHE Y 142 14.08 -32.92 -47.42
CA PHE Y 142 15.33 -32.38 -46.91
C PHE Y 142 16.31 -33.54 -46.75
N ALA Y 143 17.12 -33.77 -47.78
CA ALA Y 143 18.09 -34.86 -47.76
C ALA Y 143 19.27 -34.45 -46.88
N THR Y 144 20.34 -35.26 -46.90
CA THR Y 144 21.53 -34.93 -46.15
C THR Y 144 22.14 -33.64 -46.66
N LYS Y 145 22.08 -32.59 -45.86
CA LYS Y 145 22.60 -31.28 -46.22
C LYS Y 145 23.85 -31.00 -45.37
N SER Y 146 24.97 -30.74 -46.05
CA SER Y 146 26.24 -30.54 -45.39
C SER Y 146 26.48 -29.05 -45.21
N PHE Y 147 26.81 -28.65 -43.98
CA PHE Y 147 27.06 -27.26 -43.65
C PHE Y 147 28.57 -27.04 -43.58
N GLN Y 148 29.08 -26.17 -44.45
CA GLN Y 148 30.52 -25.89 -44.50
C GLN Y 148 30.84 -24.91 -43.39
N ILE Y 149 31.44 -25.41 -42.32
CA ILE Y 149 31.74 -24.59 -41.14
C ILE Y 149 33.25 -24.55 -40.92
N GLY Y 150 34.02 -24.67 -41.99
CA GLY Y 150 35.46 -24.66 -41.89
C GLY Y 150 36.06 -23.63 -42.82
N ALA Y 151 37.27 -23.19 -42.45
CA ALA Y 151 37.98 -22.19 -43.26
C ALA Y 151 38.30 -22.75 -44.64
N ASP Y 152 38.79 -23.98 -44.70
CA ASP Y 152 39.16 -24.61 -45.95
C ASP Y 152 38.01 -25.50 -46.42
N ASN Y 153 38.26 -26.30 -47.45
CA ASN Y 153 37.24 -27.17 -48.00
C ASN Y 153 37.17 -28.47 -47.23
N GLY Y 154 36.08 -29.20 -47.43
CA GLY Y 154 35.91 -30.53 -46.88
C GLY Y 154 35.57 -30.58 -45.40
N GLU Y 155 35.93 -29.55 -44.64
CA GLU Y 155 35.65 -29.52 -43.21
C GLU Y 155 34.23 -29.02 -42.95
N ALA Y 156 33.27 -29.88 -43.32
CA ALA Y 156 31.86 -29.61 -43.15
C ALA Y 156 31.23 -30.66 -42.25
N VAL Y 157 30.00 -30.41 -41.84
CA VAL Y 157 29.24 -31.32 -40.99
C VAL Y 157 27.88 -31.54 -41.63
N MET Y 158 27.53 -32.80 -41.89
CA MET Y 158 26.25 -33.11 -42.50
C MET Y 158 25.15 -33.22 -41.44
N LEU Y 159 23.95 -32.85 -41.83
CA LEU Y 159 22.79 -32.93 -40.95
C LEU Y 159 21.61 -33.45 -41.75
N ASN Y 160 20.87 -34.39 -41.16
CA ASN Y 160 19.71 -34.99 -41.80
C ASN Y 160 18.48 -34.77 -40.92
N ILE Y 161 17.39 -34.35 -41.55
CA ILE Y 161 16.10 -34.19 -40.88
C ILE Y 161 15.15 -35.22 -41.46
N LYS Y 162 14.71 -36.16 -40.62
CA LYS Y 162 13.86 -37.25 -41.07
C LYS Y 162 12.45 -36.77 -41.34
N ASP Y 163 11.77 -37.47 -42.26
CA ASP Y 163 10.39 -37.14 -42.60
C ASP Y 163 9.49 -37.34 -41.39
N MET Y 164 8.53 -36.41 -41.22
CA MET Y 164 7.60 -36.52 -40.10
C MET Y 164 6.16 -36.32 -40.53
N ARG Y 165 5.78 -36.88 -41.68
CA ARG Y 165 4.37 -37.04 -41.98
C ARG Y 165 3.77 -38.11 -41.07
N SER Y 166 2.45 -38.03 -40.88
CA SER Y 166 1.79 -38.97 -39.97
C SER Y 166 1.86 -40.40 -40.45
N ASP Y 167 2.16 -40.63 -41.73
CA ASP Y 167 2.22 -41.97 -42.30
C ASP Y 167 3.61 -42.58 -42.28
N ASN Y 168 4.58 -41.92 -41.64
CA ASN Y 168 5.94 -42.43 -41.60
C ASN Y 168 5.99 -43.78 -40.89
N ALA Y 169 6.80 -44.70 -41.44
CA ALA Y 169 6.88 -46.04 -40.86
C ALA Y 169 7.41 -46.01 -39.45
N LEU Y 170 8.46 -45.21 -39.20
CA LEU Y 170 9.02 -45.14 -37.85
C LEU Y 170 8.07 -44.49 -36.86
N MET Y 171 7.03 -43.82 -37.35
CA MET Y 171 6.10 -43.15 -36.45
C MET Y 171 5.02 -44.08 -35.92
N GLY Y 172 4.99 -45.33 -36.37
CA GLY Y 172 4.04 -46.30 -35.87
C GLY Y 172 4.70 -47.59 -35.44
N GLY Y 173 4.23 -48.71 -35.97
CA GLY Y 173 4.83 -49.99 -35.65
C GLY Y 173 3.92 -51.14 -36.03
N LYS Y 174 4.36 -52.34 -35.67
CA LYS Y 174 3.62 -53.56 -35.93
C LYS Y 174 2.50 -53.72 -34.91
N THR Y 175 1.63 -54.69 -35.18
CA THR Y 175 0.60 -55.06 -34.21
C THR Y 175 0.21 -56.52 -34.42
N TYR Y 176 -0.41 -57.09 -33.39
CA TYR Y 176 -0.83 -58.48 -33.41
C TYR Y 176 -2.15 -58.60 -32.66
N GLN Y 177 -3.03 -59.47 -33.14
CA GLN Y 177 -4.37 -59.61 -32.58
C GLN Y 177 -4.64 -61.07 -32.28
N ALA Y 178 -5.26 -61.32 -31.12
CA ALA Y 178 -5.64 -62.69 -30.77
C ALA Y 178 -6.81 -63.14 -31.63
N ALA Y 179 -6.72 -64.38 -32.13
CA ALA Y 179 -7.78 -64.90 -32.99
C ALA Y 179 -9.07 -65.11 -32.23
N ASN Y 180 -8.99 -65.67 -31.03
CA ASN Y 180 -10.16 -66.00 -30.22
C ASN Y 180 -10.17 -65.15 -28.97
N GLY Y 181 -11.35 -64.60 -28.65
CA GLY Y 181 -11.48 -63.80 -27.45
C GLY Y 181 -11.91 -64.61 -26.24
N LYS Y 182 -11.50 -64.15 -25.06
CA LYS Y 182 -11.81 -64.80 -23.80
C LYS Y 182 -12.71 -63.90 -22.98
N ASP Y 183 -13.85 -64.45 -22.53
CA ASP Y 183 -14.82 -63.66 -21.79
C ASP Y 183 -14.30 -63.37 -20.37
N LYS Y 184 -15.16 -62.74 -19.57
CA LYS Y 184 -14.76 -62.35 -18.22
C LYS Y 184 -14.46 -63.56 -17.35
N ASN Y 185 -15.31 -64.58 -17.41
CA ASN Y 185 -15.15 -65.73 -16.54
C ASN Y 185 -13.88 -66.52 -16.84
N TRP Y 186 -13.33 -66.37 -18.05
CA TRP Y 186 -12.13 -67.11 -18.41
C TRP Y 186 -10.94 -66.66 -17.58
N GLY Y 187 -10.11 -67.62 -17.19
CA GLY Y 187 -8.90 -67.31 -16.45
C GLY Y 187 -7.75 -68.16 -16.95
N VAL Y 188 -6.54 -67.76 -16.57
CA VAL Y 188 -5.34 -68.49 -16.97
C VAL Y 188 -5.26 -69.79 -16.18
N GLU Y 189 -5.43 -70.91 -16.86
CA GLU Y 189 -5.42 -72.21 -16.22
C GLU Y 189 -3.99 -72.69 -16.01
N ALA Y 190 -3.80 -73.50 -14.97
CA ALA Y 190 -2.47 -74.01 -14.65
C ALA Y 190 -1.98 -74.93 -15.75
N GLY Y 191 -0.66 -74.89 -15.99
CA GLY Y 191 -0.06 -75.68 -17.05
C GLY Y 191 -0.13 -75.05 -18.42
N LYS Y 192 -0.77 -73.89 -18.55
CA LYS Y 192 -0.89 -73.19 -19.84
C LYS Y 192 -0.64 -71.70 -19.65
N THR Y 193 0.40 -71.35 -18.88
CA THR Y 193 0.70 -69.97 -18.57
C THR Y 193 2.00 -69.49 -19.20
N ASP Y 194 2.71 -70.35 -19.93
CA ASP Y 194 3.98 -69.96 -20.53
C ASP Y 194 3.75 -69.18 -21.81
N LEU Y 195 4.48 -68.07 -21.95
CA LEU Y 195 4.36 -67.21 -23.12
C LEU Y 195 5.74 -66.65 -23.44
N THR Y 196 6.42 -67.24 -24.41
CA THR Y 196 7.75 -66.82 -24.83
C THR Y 196 7.63 -66.07 -26.15
N ILE Y 197 8.20 -64.86 -26.20
CA ILE Y 197 8.11 -64.00 -27.37
C ILE Y 197 9.53 -63.86 -27.92
N THR Y 198 9.77 -64.44 -29.09
CA THR Y 198 11.03 -64.25 -29.80
C THR Y 198 10.98 -62.94 -30.57
N LEU Y 199 11.96 -62.09 -30.35
CA LEU Y 199 11.88 -60.71 -30.81
C LEU Y 199 13.20 -60.28 -31.43
N LYS Y 200 13.11 -59.39 -32.41
CA LYS Y 200 14.29 -58.78 -33.01
C LYS Y 200 14.35 -57.30 -32.64
N ASP Y 201 15.55 -56.86 -32.23
CA ASP Y 201 15.74 -55.51 -31.73
C ASP Y 201 16.78 -54.80 -32.59
N LYS Y 202 16.59 -53.49 -32.78
CA LYS Y 202 17.56 -52.70 -33.52
C LYS Y 202 18.93 -52.72 -32.86
N ARG Y 203 18.96 -52.57 -31.54
CA ARG Y 203 20.17 -52.71 -30.76
C ARG Y 203 20.03 -53.92 -29.84
N GLU Y 204 21.16 -54.59 -29.60
CA GLU Y 204 21.21 -55.88 -28.91
C GLU Y 204 20.04 -56.77 -29.33
N GLY Y 205 19.98 -57.02 -30.63
CA GLY Y 205 18.86 -57.74 -31.21
C GLY Y 205 18.81 -59.19 -30.79
N ASP Y 206 17.77 -59.87 -31.29
CA ASP Y 206 17.49 -61.27 -30.96
C ASP Y 206 17.35 -61.47 -29.46
N VAL Y 207 16.33 -60.82 -28.91
CA VAL Y 207 16.01 -60.89 -27.49
C VAL Y 207 14.77 -61.73 -27.31
N THR Y 208 14.86 -62.76 -26.48
CA THR Y 208 13.75 -63.65 -26.18
C THR Y 208 13.29 -63.38 -24.75
N ILE Y 209 12.02 -63.04 -24.60
CA ILE Y 209 11.43 -62.74 -23.30
C ILE Y 209 10.41 -63.81 -22.96
N SER Y 210 10.42 -64.26 -21.71
CA SER Y 210 9.50 -65.28 -21.23
C SER Y 210 8.58 -64.68 -20.18
N ILE Y 211 7.29 -64.91 -20.33
CA ILE Y 211 6.27 -64.38 -19.43
C ILE Y 211 5.43 -65.55 -18.93
N ASN Y 212 5.37 -65.72 -17.63
CA ASN Y 212 4.55 -66.76 -17.00
C ASN Y 212 3.46 -66.06 -16.20
N ALA Y 213 2.27 -65.95 -16.81
CA ALA Y 213 1.17 -65.26 -16.16
C ALA Y 213 0.74 -66.02 -14.91
N LYS Y 214 0.36 -65.26 -13.89
CA LYS Y 214 -0.12 -65.87 -12.65
C LYS Y 214 -1.45 -66.56 -12.90
N GLU Y 215 -1.59 -67.76 -12.34
CA GLU Y 215 -2.80 -68.54 -12.55
C GLU Y 215 -3.99 -67.87 -11.88
N GLY Y 216 -5.15 -67.98 -12.53
CA GLY Y 216 -6.37 -67.39 -12.02
C GLY Y 216 -6.64 -65.98 -12.50
N ASP Y 217 -5.68 -65.33 -13.16
CA ASP Y 217 -5.90 -64.00 -13.67
C ASP Y 217 -6.80 -64.05 -14.90
N ASP Y 218 -7.67 -63.06 -15.03
CA ASP Y 218 -8.55 -62.98 -16.20
C ASP Y 218 -7.76 -62.42 -17.38
N ILE Y 219 -8.46 -62.10 -18.46
CA ILE Y 219 -7.78 -61.68 -19.68
C ILE Y 219 -7.18 -60.28 -19.51
N GLU Y 220 -7.79 -59.44 -18.67
CA GLU Y 220 -7.33 -58.07 -18.54
C GLU Y 220 -6.10 -57.95 -17.66
N GLU Y 221 -6.12 -58.58 -16.48
CA GLU Y 221 -4.94 -58.56 -15.63
C GLU Y 221 -3.75 -59.25 -16.26
N LEU Y 222 -3.99 -60.17 -17.21
CA LEU Y 222 -2.88 -60.72 -17.98
C LEU Y 222 -2.24 -59.65 -18.84
N ALA Y 223 -3.04 -58.81 -19.49
CA ALA Y 223 -2.49 -57.75 -20.32
C ALA Y 223 -1.67 -56.77 -19.50
N THR Y 224 -2.16 -56.40 -18.32
CA THR Y 224 -1.39 -55.51 -17.45
C THR Y 224 -0.10 -56.16 -16.98
N TYR Y 225 -0.14 -57.48 -16.75
CA TYR Y 225 1.06 -58.19 -16.33
C TYR Y 225 2.14 -58.14 -17.41
N ILE Y 226 1.73 -58.27 -18.69
CA ILE Y 226 2.69 -58.23 -19.77
C ILE Y 226 3.38 -56.87 -19.83
N ASN Y 227 2.61 -55.79 -19.70
CA ASN Y 227 3.18 -54.46 -19.75
C ASN Y 227 4.19 -54.24 -18.63
N GLY Y 228 3.88 -54.72 -17.43
CA GLY Y 228 4.81 -54.56 -16.32
C GLY Y 228 6.09 -55.35 -16.51
N GLN Y 229 5.99 -56.54 -17.12
CA GLN Y 229 7.16 -57.38 -17.25
C GLN Y 229 8.19 -56.79 -18.22
N THR Y 230 7.72 -56.25 -19.34
CA THR Y 230 8.63 -55.72 -20.36
C THR Y 230 8.09 -54.41 -20.91
N ASP Y 231 9.00 -53.48 -21.20
CA ASP Y 231 8.66 -52.21 -21.82
C ASP Y 231 8.76 -52.25 -23.33
N MET Y 232 9.19 -53.38 -23.90
CA MET Y 232 9.34 -53.51 -25.34
C MET Y 232 8.07 -54.03 -26.02
N ILE Y 233 7.03 -54.34 -25.26
CA ILE Y 233 5.78 -54.87 -25.79
C ILE Y 233 4.63 -54.21 -25.05
N LYS Y 234 3.61 -53.78 -25.79
CA LYS Y 234 2.42 -53.16 -25.22
C LYS Y 234 1.22 -54.03 -25.52
N ALA Y 235 0.47 -54.39 -24.48
CA ALA Y 235 -0.66 -55.31 -24.61
C ALA Y 235 -1.91 -54.69 -24.01
N SER Y 236 -3.06 -55.10 -24.56
CA SER Y 236 -4.35 -54.61 -24.09
C SER Y 236 -5.44 -55.53 -24.63
N VAL Y 237 -6.65 -55.35 -24.12
CA VAL Y 237 -7.82 -56.13 -24.51
C VAL Y 237 -8.83 -55.19 -25.15
N ASP Y 238 -9.44 -55.62 -26.26
CA ASP Y 238 -10.25 -54.71 -27.07
C ASP Y 238 -11.74 -54.72 -26.69
N GLU Y 239 -12.43 -55.83 -26.96
CA GLU Y 239 -13.83 -55.95 -26.58
C GLU Y 239 -14.21 -57.30 -26.00
N GLU Y 240 -13.50 -58.38 -26.33
CA GLU Y 240 -13.97 -59.72 -26.03
C GLU Y 240 -12.89 -60.64 -25.49
N GLY Y 241 -11.70 -60.13 -25.19
CA GLY Y 241 -10.59 -60.96 -24.75
C GLY Y 241 -9.44 -61.02 -25.72
N LYS Y 242 -9.59 -60.48 -26.93
CA LYS Y 242 -8.52 -60.52 -27.92
C LYS Y 242 -7.45 -59.52 -27.54
N LEU Y 243 -6.22 -60.00 -27.35
CA LEU Y 243 -5.11 -59.13 -27.02
C LEU Y 243 -4.64 -58.36 -28.25
N GLN Y 244 -4.30 -57.09 -28.05
CA GLN Y 244 -3.73 -56.26 -29.10
C GLN Y 244 -2.26 -56.03 -28.74
N LEU Y 245 -1.41 -56.97 -29.13
CA LEU Y 245 0.01 -56.81 -28.94
C LEU Y 245 0.52 -55.70 -29.86
N PHE Y 246 1.46 -54.90 -29.36
CA PHE Y 246 2.01 -53.79 -30.10
C PHE Y 246 3.52 -53.89 -30.17
N THR Y 247 4.08 -53.45 -31.29
CA THR Y 247 5.51 -53.46 -31.53
C THR Y 247 5.91 -52.07 -32.02
N ASP Y 248 6.92 -51.48 -31.38
CA ASP Y 248 7.36 -50.15 -31.77
C ASP Y 248 8.37 -50.31 -32.90
N ASN Y 249 8.14 -49.59 -34.00
CA ASN Y 249 8.87 -49.87 -35.23
C ASN Y 249 10.36 -49.51 -35.13
N ASN Y 250 10.71 -48.45 -34.40
CA ASN Y 250 12.08 -47.96 -34.45
C ASN Y 250 13.04 -48.77 -33.58
N ARG Y 251 12.56 -49.73 -32.80
CA ARG Y 251 13.46 -50.56 -32.01
C ARG Y 251 13.13 -52.04 -32.02
N ILE Y 252 12.03 -52.46 -32.66
CA ILE Y 252 11.69 -53.88 -32.74
C ILE Y 252 11.57 -54.26 -34.22
N ASP Y 253 12.43 -53.69 -35.05
CA ASP Y 253 12.48 -54.03 -36.47
C ASP Y 253 12.41 -55.54 -36.67
N GLY Y 254 11.70 -55.94 -37.72
CA GLY Y 254 11.49 -57.34 -38.01
C GLY Y 254 10.23 -57.87 -37.37
N ALA Y 255 9.90 -59.11 -37.72
CA ALA Y 255 8.70 -59.76 -37.22
C ALA Y 255 8.93 -60.29 -35.82
N ALA Y 256 7.82 -60.56 -35.12
CA ALA Y 256 7.85 -61.13 -33.78
C ALA Y 256 7.22 -62.52 -33.80
N THR Y 257 7.91 -63.46 -33.17
CA THR Y 257 7.46 -64.85 -33.11
C THR Y 257 6.84 -65.13 -31.74
N PHE Y 258 5.75 -65.87 -31.72
CA PHE Y 258 5.04 -66.20 -30.50
C PHE Y 258 5.20 -67.68 -30.18
N GLY Y 259 5.33 -67.99 -28.90
CA GLY Y 259 5.48 -69.36 -28.47
C GLY Y 259 4.97 -69.54 -27.05
N GLY Y 260 4.91 -70.79 -26.63
CA GLY Y 260 4.43 -71.15 -25.31
C GLY Y 260 3.00 -71.66 -25.35
N ALA Y 261 2.61 -72.28 -24.23
CA ALA Y 261 1.27 -72.85 -24.14
C ALA Y 261 0.20 -71.78 -24.19
N LEU Y 262 0.45 -70.63 -23.54
CA LEU Y 262 -0.53 -69.55 -23.57
C LEU Y 262 -0.70 -68.99 -24.99
N ALA Y 263 0.39 -68.90 -25.75
CA ALA Y 263 0.29 -68.43 -27.12
C ALA Y 263 -0.57 -69.36 -27.96
N GLY Y 264 -0.40 -70.67 -27.80
CA GLY Y 264 -1.25 -71.61 -28.51
C GLY Y 264 -2.71 -71.52 -28.07
N GLU Y 265 -2.94 -71.25 -26.79
CA GLU Y 265 -4.30 -71.07 -26.30
C GLU Y 265 -4.95 -69.84 -26.92
N LEU Y 266 -4.21 -68.75 -27.03
CA LEU Y 266 -4.69 -67.54 -27.68
C LEU Y 266 -4.41 -67.63 -29.17
N GLY Y 267 -4.60 -66.51 -29.88
CA GLY Y 267 -4.30 -66.44 -31.30
C GLY Y 267 -2.96 -65.79 -31.54
N ILE Y 268 -2.18 -66.40 -32.43
CA ILE Y 268 -0.86 -65.85 -32.75
C ILE Y 268 -1.00 -64.49 -33.42
N GLY Y 269 -1.84 -64.41 -34.45
CA GLY Y 269 -2.04 -63.15 -35.15
C GLY Y 269 -0.91 -62.80 -36.08
N ALA Y 270 -1.22 -62.04 -37.13
CA ALA Y 270 -0.22 -61.61 -38.10
C ALA Y 270 0.27 -60.20 -37.78
N ALA Y 271 1.41 -59.85 -38.36
CA ALA Y 271 2.04 -58.55 -38.15
C ALA Y 271 1.39 -57.54 -39.08
N GLN Y 272 0.48 -56.73 -38.55
CA GLN Y 272 -0.19 -55.69 -39.31
C GLN Y 272 0.47 -54.35 -39.02
N ASP Y 273 0.83 -53.62 -40.07
CA ASP Y 273 1.53 -52.36 -39.93
C ASP Y 273 0.53 -51.23 -39.74
N VAL Y 274 0.76 -50.40 -38.73
CA VAL Y 274 -0.07 -49.24 -38.45
C VAL Y 274 0.83 -48.05 -38.17
N THR Y 275 0.29 -46.86 -38.40
CA THR Y 275 0.98 -45.60 -38.13
C THR Y 275 -0.01 -44.64 -37.50
N VAL Y 276 0.41 -43.41 -37.28
CA VAL Y 276 -0.49 -42.39 -36.75
C VAL Y 276 -1.54 -42.03 -37.79
N ASP Y 277 -1.16 -41.99 -39.07
CA ASP Y 277 -2.12 -41.69 -40.12
C ASP Y 277 -3.21 -42.76 -40.20
N THR Y 278 -2.82 -44.03 -40.11
CA THR Y 278 -3.79 -45.12 -40.11
C THR Y 278 -4.44 -45.31 -38.74
N LEU Y 279 -4.03 -44.55 -37.74
CA LEU Y 279 -4.61 -44.64 -36.42
C LEU Y 279 -6.03 -44.07 -36.45
N ASP Y 280 -7.00 -44.88 -36.02
CA ASP Y 280 -8.37 -44.43 -35.85
C ASP Y 280 -8.90 -44.97 -34.53
N VAL Y 281 -9.77 -44.19 -33.90
CA VAL Y 281 -10.35 -44.55 -32.61
C VAL Y 281 -11.86 -44.31 -32.71
N THR Y 282 -12.60 -45.37 -33.06
CA THR Y 282 -14.05 -45.37 -33.00
C THR Y 282 -14.58 -46.47 -32.10
N THR Y 283 -13.79 -47.50 -31.83
CA THR Y 283 -14.13 -48.55 -30.88
C THR Y 283 -13.10 -48.56 -29.76
N VAL Y 284 -13.47 -49.17 -28.64
CA VAL Y 284 -12.58 -49.21 -27.48
C VAL Y 284 -11.27 -49.91 -27.83
N GLY Y 285 -11.34 -50.95 -28.65
CA GLY Y 285 -10.12 -51.63 -29.06
C GLY Y 285 -9.17 -50.74 -29.83
N GLY Y 286 -9.72 -49.93 -30.75
CA GLY Y 286 -8.87 -49.00 -31.47
C GLY Y 286 -8.27 -47.93 -30.57
N ALA Y 287 -8.91 -47.69 -29.42
CA ALA Y 287 -8.38 -46.71 -28.47
C ALA Y 287 -7.13 -47.22 -27.78
N GLN Y 288 -7.14 -48.48 -27.33
CA GLN Y 288 -5.93 -49.06 -26.75
C GLN Y 288 -4.84 -49.20 -27.78
N GLU Y 289 -5.22 -49.45 -29.04
CA GLU Y 289 -4.27 -49.35 -30.14
C GLU Y 289 -3.74 -47.94 -30.29
N SER Y 290 -4.62 -46.94 -30.11
CA SER Y 290 -4.25 -45.55 -30.38
C SER Y 290 -3.14 -45.08 -29.45
N VAL Y 291 -3.32 -45.25 -28.14
CA VAL Y 291 -2.37 -44.70 -27.18
C VAL Y 291 -1.01 -45.39 -27.32
N ALA Y 292 -1.01 -46.68 -27.61
CA ALA Y 292 0.26 -47.38 -27.82
C ALA Y 292 1.00 -46.83 -29.03
N ILE Y 293 0.27 -46.55 -30.12
CA ILE Y 293 0.90 -45.98 -31.31
C ILE Y 293 1.44 -44.59 -31.01
N VAL Y 294 0.67 -43.78 -30.28
CA VAL Y 294 1.09 -42.41 -29.98
C VAL Y 294 2.36 -42.41 -29.16
N ASP Y 295 2.52 -43.37 -28.24
CA ASP Y 295 3.75 -43.44 -27.46
C ASP Y 295 4.95 -43.71 -28.36
N ALA Y 296 4.78 -44.58 -29.35
CA ALA Y 296 5.86 -44.83 -30.30
C ALA Y 296 6.17 -43.57 -31.11
N ALA Y 297 5.13 -42.85 -31.52
CA ALA Y 297 5.35 -41.61 -32.28
C ALA Y 297 6.06 -40.56 -31.43
N LEU Y 298 5.64 -40.42 -30.16
CA LEU Y 298 6.29 -39.45 -29.28
C LEU Y 298 7.75 -39.80 -29.05
N LYS Y 299 8.04 -41.09 -28.85
CA LYS Y 299 9.42 -41.50 -28.62
C LYS Y 299 10.28 -41.20 -29.84
N TYR Y 300 9.75 -41.44 -31.04
CA TYR Y 300 10.49 -41.14 -32.25
C TYR Y 300 10.71 -39.63 -32.39
N VAL Y 301 9.69 -38.84 -32.10
CA VAL Y 301 9.80 -37.40 -32.25
C VAL Y 301 10.83 -36.84 -31.26
N ASP Y 302 10.77 -37.30 -30.00
CA ASP Y 302 11.72 -36.86 -29.00
C ASP Y 302 13.14 -37.29 -29.37
N SER Y 303 13.29 -38.49 -29.91
CA SER Y 303 14.61 -38.93 -30.37
C SER Y 303 15.15 -38.02 -31.46
N HIS Y 304 14.30 -37.59 -32.39
CA HIS Y 304 14.73 -36.64 -33.40
C HIS Y 304 15.03 -35.28 -32.79
N ARG Y 305 14.26 -34.88 -31.77
CA ARG Y 305 14.49 -33.59 -31.14
C ARG Y 305 15.86 -33.53 -30.48
N ALA Y 306 16.25 -34.61 -29.81
CA ALA Y 306 17.57 -34.65 -29.19
C ALA Y 306 18.67 -34.61 -30.23
N GLU Y 307 18.44 -35.24 -31.39
CA GLU Y 307 19.46 -35.21 -32.45
C GLU Y 307 19.69 -33.80 -32.96
N LEU Y 308 18.60 -33.05 -33.18
CA LEU Y 308 18.75 -31.65 -33.56
C LEU Y 308 19.34 -30.83 -32.43
N GLY Y 309 18.98 -31.14 -31.18
CA GLY Y 309 19.52 -30.40 -30.05
C GLY Y 309 21.02 -30.60 -29.90
N ALA Y 310 21.49 -31.83 -30.06
CA ALA Y 310 22.92 -32.09 -30.03
C ALA Y 310 23.63 -31.38 -31.18
N PHE Y 311 22.99 -31.32 -32.34
CA PHE Y 311 23.55 -30.57 -33.46
C PHE Y 311 23.64 -29.09 -33.13
N GLN Y 312 22.68 -28.57 -32.37
CA GLN Y 312 22.74 -27.18 -31.94
C GLN Y 312 23.96 -26.91 -31.08
N ASN Y 313 24.23 -27.80 -30.12
CA ASN Y 313 25.38 -27.64 -29.25
C ASN Y 313 26.70 -27.82 -29.98
N ARG Y 314 26.75 -28.67 -31.01
CA ARG Y 314 27.96 -28.79 -31.80
C ARG Y 314 28.32 -27.46 -32.45
N PHE Y 315 27.33 -26.78 -33.02
CA PHE Y 315 27.60 -25.52 -33.68
C PHE Y 315 27.84 -24.39 -32.69
N ASN Y 316 27.27 -24.50 -31.49
CA ASN Y 316 27.55 -23.51 -30.46
C ASN Y 316 29.01 -23.56 -30.03
N HIS Y 317 29.54 -24.76 -29.82
CA HIS Y 317 30.97 -24.90 -29.54
C HIS Y 317 31.82 -24.62 -30.76
N ALA Y 318 31.27 -24.81 -31.96
CA ALA Y 318 32.04 -24.52 -33.17
C ALA Y 318 32.16 -23.02 -33.38
N ILE Y 319 31.12 -22.26 -33.04
CA ILE Y 319 31.11 -20.83 -33.32
C ILE Y 319 32.21 -20.11 -32.56
N ASN Y 320 32.30 -20.33 -31.25
CA ASN Y 320 33.31 -19.64 -30.46
C ASN Y 320 34.70 -20.22 -30.70
N ASN Y 321 34.79 -21.50 -31.06
CA ASN Y 321 36.07 -22.06 -31.47
C ASN Y 321 36.58 -21.38 -32.73
N LEU Y 322 35.70 -21.17 -33.70
CA LEU Y 322 36.09 -20.43 -34.90
C LEU Y 322 36.42 -18.98 -34.59
N ASP Y 323 35.74 -18.40 -33.59
CA ASP Y 323 36.06 -17.04 -33.19
C ASP Y 323 37.45 -16.96 -32.58
N ASN Y 324 37.85 -17.97 -31.80
CA ASN Y 324 39.18 -17.96 -31.21
C ASN Y 324 40.26 -18.01 -32.26
N ILE Y 325 40.09 -18.86 -33.29
CA ILE Y 325 41.06 -18.90 -34.38
C ILE Y 325 41.06 -17.59 -35.14
N ASN Y 326 39.89 -17.06 -35.47
CA ASN Y 326 39.82 -15.82 -36.22
C ASN Y 326 40.43 -14.67 -35.44
N GLU Y 327 40.20 -14.65 -34.13
CA GLU Y 327 40.80 -13.64 -33.28
C GLU Y 327 42.32 -13.72 -33.29
N ASN Y 328 42.85 -14.93 -33.18
CA ASN Y 328 44.30 -15.10 -33.07
C ASN Y 328 45.00 -14.92 -34.41
N VAL Y 329 44.37 -15.35 -35.51
CA VAL Y 329 45.00 -15.16 -36.81
C VAL Y 329 45.00 -13.70 -37.21
N ASN Y 330 44.01 -12.92 -36.76
CA ASN Y 330 44.03 -11.49 -37.03
C ASN Y 330 45.14 -10.80 -36.25
N ALA Y 331 45.31 -11.17 -34.98
CA ALA Y 331 46.46 -10.66 -34.22
C ALA Y 331 47.76 -11.15 -34.85
N SER Y 332 47.75 -12.36 -35.41
CA SER Y 332 48.91 -12.86 -36.13
C SER Y 332 49.09 -12.16 -37.46
N LYS Y 333 48.03 -11.60 -38.03
CA LYS Y 333 48.12 -10.78 -39.23
C LYS Y 333 48.36 -9.31 -38.88
N SER Y 334 49.35 -9.10 -38.02
CA SER Y 334 49.75 -7.77 -37.58
C SER Y 334 51.17 -7.89 -37.06
N ARG Y 335 51.96 -6.83 -37.28
CA ARG Y 335 53.41 -6.79 -37.11
C ARG Y 335 54.11 -7.65 -38.17
N ILE Y 336 53.35 -8.36 -39.00
CA ILE Y 336 53.87 -9.04 -40.17
C ILE Y 336 53.40 -8.37 -41.45
N LYS Y 337 52.16 -7.90 -41.47
CA LYS Y 337 51.61 -7.09 -42.54
C LYS Y 337 51.30 -5.67 -42.09
N ASP Y 338 50.66 -5.51 -40.93
CA ASP Y 338 50.36 -4.19 -40.41
C ASP Y 338 51.63 -3.46 -40.00
N THR Y 339 51.58 -2.13 -40.10
CA THR Y 339 52.70 -1.31 -39.66
C THR Y 339 52.35 -0.60 -38.36
N ASP Y 340 53.36 -0.44 -37.51
CA ASP Y 340 53.21 0.30 -36.26
C ASP Y 340 53.71 1.72 -36.48
N PHE Y 341 52.89 2.69 -36.06
CA PHE Y 341 53.19 4.09 -36.33
C PHE Y 341 54.32 4.62 -35.48
N ALA Y 342 54.67 3.94 -34.40
CA ALA Y 342 55.76 4.40 -33.55
C ALA Y 342 57.09 4.37 -34.30
N LYS Y 343 57.54 3.19 -34.69
CA LYS Y 343 58.83 3.09 -35.36
C LYS Y 343 58.78 3.66 -36.76
N GLU Y 344 57.61 3.60 -37.42
CA GLU Y 344 57.55 4.02 -38.81
C GLU Y 344 57.61 5.53 -38.93
N THR Y 345 56.88 6.25 -38.06
CA THR Y 345 56.91 7.71 -38.12
C THR Y 345 58.30 8.27 -37.82
N THR Y 346 58.98 7.68 -36.84
CA THR Y 346 60.34 8.11 -36.55
C THR Y 346 61.27 7.85 -37.73
N ALA Y 347 61.06 6.73 -38.42
CA ALA Y 347 61.81 6.46 -39.63
C ALA Y 347 61.51 7.50 -40.71
N LEU Y 348 60.25 7.91 -40.82
CA LEU Y 348 59.89 8.93 -41.79
C LEU Y 348 60.51 10.27 -41.44
N THR Y 349 60.45 10.66 -40.17
CA THR Y 349 61.04 11.94 -39.75
C THR Y 349 62.55 11.93 -39.96
N LYS Y 350 63.21 10.83 -39.63
CA LYS Y 350 64.65 10.72 -39.87
C LYS Y 350 64.96 10.81 -41.36
N ALA Y 351 64.09 10.23 -42.20
CA ALA Y 351 64.27 10.37 -43.64
C ALA Y 351 64.09 11.82 -44.09
N GLN Y 352 63.14 12.54 -43.50
CA GLN Y 352 62.93 13.94 -43.86
C GLN Y 352 64.16 14.78 -43.51
N ILE Y 353 64.75 14.54 -42.33
CA ILE Y 353 65.94 15.28 -41.93
C ILE Y 353 67.11 14.93 -42.86
N LEU Y 354 67.22 13.65 -43.25
CA LEU Y 354 68.28 13.26 -44.17
C LEU Y 354 68.13 13.96 -45.51
N SER Y 355 66.90 14.05 -46.03
CA SER Y 355 66.69 14.74 -47.30
C SER Y 355 67.03 16.22 -47.18
N GLN Y 356 66.63 16.85 -46.08
CA GLN Y 356 66.93 18.27 -45.90
C GLN Y 356 68.44 18.50 -45.77
N ALA Y 357 69.13 17.62 -45.03
CA ALA Y 357 70.56 17.77 -44.87
C ALA Y 357 71.30 17.56 -46.19
N SER Y 358 70.94 16.51 -46.91
CA SER Y 358 71.60 16.23 -48.19
C SER Y 358 71.35 17.33 -49.20
N SER Y 359 70.11 17.84 -49.25
CA SER Y 359 69.81 18.92 -50.18
C SER Y 359 70.61 20.18 -49.87
N SER Y 360 70.75 20.51 -48.59
CA SER Y 360 71.58 21.66 -48.22
C SER Y 360 73.04 21.42 -48.52
N VAL Y 361 73.47 20.16 -48.53
CA VAL Y 361 74.84 19.85 -48.95
C VAL Y 361 75.03 20.16 -50.43
N LEU Y 362 74.00 19.89 -51.24
CA LEU Y 362 74.05 20.28 -52.65
C LEU Y 362 74.30 21.78 -52.78
N ALA Y 363 73.47 22.58 -52.11
CA ALA Y 363 73.64 24.03 -52.16
C ALA Y 363 74.99 24.48 -51.63
N GLN Y 364 75.58 23.71 -50.71
CA GLN Y 364 76.89 24.05 -50.19
C GLN Y 364 78.01 23.73 -51.18
N ALA Y 365 77.88 22.64 -51.94
CA ALA Y 365 78.91 22.23 -52.88
C ALA Y 365 78.71 22.79 -54.28
N LYS Y 366 77.59 23.48 -54.54
CA LYS Y 366 77.38 24.08 -55.85
C LYS Y 366 78.40 25.17 -56.13
N GLN Y 367 78.78 25.94 -55.11
CA GLN Y 367 79.71 27.05 -55.28
C GLN Y 367 81.17 26.59 -55.28
N ALA Y 368 81.44 25.30 -55.11
CA ALA Y 368 82.83 24.83 -55.16
C ALA Y 368 83.50 25.12 -56.50
N PRO Y 369 82.89 24.85 -57.66
CA PRO Y 369 83.51 25.31 -58.90
C PRO Y 369 83.63 26.82 -58.99
N ASN Y 370 82.68 27.55 -58.40
CA ASN Y 370 82.72 29.01 -58.44
C ASN Y 370 83.97 29.51 -57.73
N SER Y 371 84.27 28.95 -56.55
CA SER Y 371 85.46 29.36 -55.83
C SER Y 371 86.73 29.00 -56.60
N ALA Y 372 86.67 27.94 -57.41
CA ALA Y 372 87.83 27.55 -58.20
C ALA Y 372 88.20 28.63 -59.20
N LEU Y 373 87.21 29.23 -59.86
CA LEU Y 373 87.50 30.28 -60.83
C LEU Y 373 87.89 31.58 -60.15
N ALA Y 374 87.65 31.70 -58.85
CA ALA Y 374 87.92 32.94 -58.13
C ALA Y 374 89.41 33.26 -58.10
N LEU Y 375 90.26 32.26 -58.35
CA LEU Y 375 91.70 32.51 -58.35
C LEU Y 375 92.09 33.47 -59.48
N LEU Y 376 91.49 33.31 -60.66
CA LEU Y 376 91.66 34.24 -61.76
C LEU Y 376 90.31 34.47 -62.41
N GLY Y 377 89.85 35.71 -62.37
CA GLY Y 377 88.53 36.07 -62.88
C GLY Y 377 88.26 35.62 -64.30
N MET Z 1 66.63 10.46 -57.84
CA MET Z 1 65.71 9.92 -58.84
C MET Z 1 65.25 11.08 -59.69
N ALA Z 2 64.17 11.70 -59.22
CA ALA Z 2 63.63 12.92 -59.80
C ALA Z 2 63.03 13.76 -58.69
N VAL Z 3 63.77 14.77 -58.25
CA VAL Z 3 63.25 15.78 -57.32
C VAL Z 3 62.58 16.85 -58.17
N ASN Z 4 61.35 16.59 -58.59
CA ASN Z 4 60.70 17.41 -59.60
C ASN Z 4 59.48 18.08 -58.98
N VAL Z 5 58.71 18.75 -59.83
CA VAL Z 5 57.47 19.39 -59.42
C VAL Z 5 56.27 18.94 -60.23
N ASN Z 6 56.45 18.25 -61.35
CA ASN Z 6 55.33 17.96 -62.24
C ASN Z 6 54.59 16.70 -61.80
N THR Z 7 55.29 15.73 -61.25
CA THR Z 7 54.68 14.50 -60.76
C THR Z 7 54.94 14.34 -59.27
N ASN Z 8 53.89 14.04 -58.52
CA ASN Z 8 53.98 13.79 -57.08
C ASN Z 8 53.42 12.39 -56.85
N VAL Z 9 54.30 11.39 -56.98
CA VAL Z 9 53.87 10.00 -56.82
C VAL Z 9 53.38 9.75 -55.40
N SER Z 10 54.09 10.29 -54.41
CA SER Z 10 53.67 10.11 -53.02
C SER Z 10 52.29 10.71 -52.78
N ALA Z 11 52.02 11.88 -53.36
CA ALA Z 11 50.70 12.47 -53.24
C ALA Z 11 49.65 11.61 -53.92
N MET Z 12 50.00 11.01 -55.06
CA MET Z 12 49.06 10.13 -55.75
C MET Z 12 48.76 8.88 -54.93
N THR Z 13 49.77 8.31 -54.28
CA THR Z 13 49.54 7.13 -53.45
C THR Z 13 48.66 7.47 -52.25
N ALA Z 14 48.91 8.62 -51.62
CA ALA Z 14 48.03 9.07 -50.55
C ALA Z 14 46.63 9.34 -51.08
N GLN Z 15 46.52 9.78 -52.34
CA GLN Z 15 45.23 9.99 -52.96
C GLN Z 15 44.45 8.68 -53.04
N ARG Z 16 45.11 7.61 -53.47
CA ARG Z 16 44.43 6.34 -53.67
C ARG Z 16 43.96 5.75 -52.36
N TYR Z 17 44.81 5.81 -51.32
CA TYR Z 17 44.41 5.25 -50.04
C TYR Z 17 43.40 6.12 -49.32
N LEU Z 18 43.41 7.43 -49.57
CA LEU Z 18 42.33 8.29 -49.08
C LEU Z 18 41.01 7.91 -49.72
N THR Z 19 41.03 7.60 -51.01
CA THR Z 19 39.82 7.18 -51.71
C THR Z 19 39.29 5.88 -51.12
N SER Z 20 40.18 4.90 -50.89
CA SER Z 20 39.74 3.63 -50.35
C SER Z 20 39.31 3.74 -48.89
N ALA Z 21 39.87 4.71 -48.16
CA ALA Z 21 39.53 4.86 -46.76
C ALA Z 21 38.11 5.40 -46.59
N THR Z 22 37.78 6.44 -47.33
CA THR Z 22 36.46 7.07 -47.22
C THR Z 22 35.42 6.42 -48.12
N ASN Z 23 35.82 5.51 -49.01
CA ASN Z 23 34.83 4.71 -49.72
C ASN Z 23 34.21 3.68 -48.79
N ALA Z 24 35.02 3.03 -47.96
CA ALA Z 24 34.50 2.12 -46.95
C ALA Z 24 33.86 2.87 -45.79
N GLN Z 25 34.37 4.05 -45.47
CA GLN Z 25 33.73 4.88 -44.46
C GLN Z 25 32.37 5.38 -44.94
N GLN Z 26 32.27 5.73 -46.22
CA GLN Z 26 30.98 6.08 -46.80
C GLN Z 26 30.06 4.86 -46.85
N SER Z 27 30.63 3.67 -47.03
CA SER Z 27 29.83 2.46 -46.89
C SER Z 27 29.29 2.32 -45.48
N SER Z 28 30.11 2.63 -44.48
CA SER Z 28 29.63 2.79 -43.13
C SER Z 28 28.89 4.13 -43.04
N MET Z 29 28.47 4.51 -41.83
CA MET Z 29 27.62 5.68 -41.58
C MET Z 29 26.28 5.58 -42.29
N GLU Z 30 26.03 4.48 -42.99
CA GLU Z 30 24.71 4.18 -43.53
C GLU Z 30 24.20 2.81 -43.14
N ARG Z 31 25.08 1.86 -42.80
CA ARG Z 31 24.64 0.64 -42.13
C ARG Z 31 24.18 0.94 -40.71
N LEU Z 32 24.80 1.93 -40.06
CA LEU Z 32 24.38 2.30 -38.72
C LEU Z 32 23.03 3.00 -38.74
N SER Z 33 22.85 3.95 -39.65
CA SER Z 33 21.60 4.70 -39.69
C SER Z 33 20.44 3.83 -40.13
N SER Z 34 20.64 3.04 -41.19
CA SER Z 34 19.57 2.15 -41.66
C SER Z 34 19.36 0.99 -40.69
N GLY Z 35 20.41 0.57 -40.00
CA GLY Z 35 20.34 -0.59 -39.14
C GLY Z 35 20.52 -1.92 -39.85
N TYR Z 36 20.77 -1.91 -41.15
CA TYR Z 36 21.01 -3.11 -41.92
C TYR Z 36 22.39 -3.05 -42.56
N LYS Z 37 23.10 -4.18 -42.54
CA LYS Z 37 24.33 -4.30 -43.31
C LYS Z 37 24.08 -4.75 -44.74
N ILE Z 38 22.83 -5.01 -45.10
CA ILE Z 38 22.46 -5.34 -46.47
C ILE Z 38 21.37 -4.36 -46.88
N ASN Z 39 21.73 -3.40 -47.72
CA ASN Z 39 20.78 -2.44 -48.26
C ASN Z 39 20.93 -2.21 -49.75
N SER Z 40 22.02 -2.66 -50.37
CA SER Z 40 22.17 -2.66 -51.81
C SER Z 40 22.73 -4.02 -52.22
N ALA Z 41 22.41 -4.42 -53.45
CA ALA Z 41 22.86 -5.72 -53.94
C ALA Z 41 24.38 -5.82 -54.04
N LYS Z 42 25.07 -4.68 -54.15
CA LYS Z 42 26.53 -4.71 -54.26
C LYS Z 42 27.20 -5.17 -52.96
N ASP Z 43 26.53 -5.00 -51.82
CA ASP Z 43 27.11 -5.48 -50.57
C ASP Z 43 27.21 -7.00 -50.54
N ASP Z 44 26.09 -7.67 -50.83
CA ASP Z 44 26.08 -9.13 -50.89
C ASP Z 44 24.90 -9.55 -51.76
N ALA Z 45 25.19 -9.93 -53.01
CA ALA Z 45 24.13 -10.34 -53.92
C ALA Z 45 23.42 -11.59 -53.40
N ALA Z 46 24.18 -12.57 -52.92
CA ALA Z 46 23.57 -13.78 -52.37
C ALA Z 46 22.75 -13.47 -51.12
N GLY Z 47 23.30 -12.61 -50.24
CA GLY Z 47 22.60 -12.29 -49.02
C GLY Z 47 21.27 -11.58 -49.26
N LEU Z 48 21.21 -10.76 -50.30
CA LEU Z 48 19.98 -10.02 -50.59
C LEU Z 48 18.83 -10.97 -50.93
N GLN Z 49 19.09 -11.98 -51.75
CA GLN Z 49 18.03 -12.87 -52.19
C GLN Z 49 17.46 -13.66 -51.01
N ILE Z 50 18.34 -14.25 -50.20
CA ILE Z 50 17.89 -15.06 -49.08
C ILE Z 50 17.23 -14.18 -48.02
N SER Z 51 17.77 -12.97 -47.79
CA SER Z 51 17.18 -12.07 -46.81
C SER Z 51 15.79 -11.61 -47.25
N ASN Z 52 15.60 -11.32 -48.54
CA ASN Z 52 14.29 -10.94 -49.01
C ASN Z 52 13.29 -12.09 -48.87
N ARG Z 53 13.72 -13.31 -49.19
CA ARG Z 53 12.85 -14.46 -49.02
C ARG Z 53 12.46 -14.66 -47.56
N LEU Z 54 13.44 -14.51 -46.65
CA LEU Z 54 13.15 -14.63 -45.23
C LEU Z 54 12.21 -13.51 -44.77
N ASN Z 55 12.43 -12.30 -45.27
CA ASN Z 55 11.54 -11.19 -44.92
C ASN Z 55 10.13 -11.44 -45.45
N VAL Z 56 10.03 -11.99 -46.66
CA VAL Z 56 8.73 -12.32 -47.23
C VAL Z 56 8.00 -13.33 -46.35
N GLN Z 57 8.74 -14.35 -45.88
CA GLN Z 57 8.12 -15.36 -45.03
C GLN Z 57 7.63 -14.77 -43.72
N SER Z 58 8.44 -13.91 -43.08
CA SER Z 58 8.04 -13.34 -41.80
C SER Z 58 6.79 -12.48 -41.93
N ARG Z 59 6.73 -11.65 -42.97
CA ARG Z 59 5.51 -10.88 -43.22
C ARG Z 59 4.34 -11.81 -43.53
N GLY Z 60 4.59 -12.86 -44.32
CA GLY Z 60 3.53 -13.80 -44.63
C GLY Z 60 2.97 -14.47 -43.39
N LEU Z 61 3.84 -14.83 -42.45
CA LEU Z 61 3.37 -15.41 -41.19
C LEU Z 61 2.63 -14.38 -40.35
N GLY Z 62 3.02 -13.12 -40.45
CA GLY Z 62 2.33 -12.08 -39.70
C GLY Z 62 0.87 -11.96 -40.10
N VAL Z 63 0.59 -12.07 -41.39
CA VAL Z 63 -0.79 -12.05 -41.85
C VAL Z 63 -1.40 -13.43 -41.77
N ALA Z 64 -0.57 -14.47 -41.63
CA ALA Z 64 -1.10 -15.82 -41.50
C ALA Z 64 -1.69 -16.06 -40.12
N VAL Z 65 -1.06 -15.53 -39.08
CA VAL Z 65 -1.64 -15.63 -37.74
C VAL Z 65 -2.91 -14.80 -37.66
N ARG Z 66 -2.96 -13.65 -38.34
CA ARG Z 66 -4.19 -12.89 -38.42
C ARG Z 66 -5.27 -13.66 -39.17
N ASN Z 67 -4.89 -14.30 -40.27
CA ASN Z 67 -5.83 -15.10 -41.04
C ASN Z 67 -6.37 -16.25 -40.21
N ALA Z 68 -5.50 -16.93 -39.46
CA ALA Z 68 -5.95 -18.00 -38.58
C ALA Z 68 -6.84 -17.46 -37.47
N ASN Z 69 -6.52 -16.26 -36.97
CA ASN Z 69 -7.34 -15.66 -35.93
C ASN Z 69 -8.74 -15.33 -36.44
N ASP Z 70 -8.86 -14.89 -37.69
CA ASP Z 70 -10.17 -14.62 -38.26
C ASP Z 70 -11.00 -15.89 -38.34
N GLY Z 71 -10.39 -17.00 -38.77
CA GLY Z 71 -11.09 -18.27 -38.76
C GLY Z 71 -11.44 -18.70 -37.34
N ILE Z 72 -10.59 -18.36 -36.38
CA ILE Z 72 -10.90 -18.62 -34.98
C ILE Z 72 -12.16 -17.88 -34.56
N SER Z 73 -12.26 -16.61 -34.95
CA SER Z 73 -13.40 -15.79 -34.52
C SER Z 73 -14.70 -16.25 -35.16
N MET Z 74 -14.67 -16.56 -36.46
CA MET Z 74 -15.89 -16.99 -37.14
C MET Z 74 -16.36 -18.34 -36.63
N ALA Z 75 -15.42 -19.21 -36.24
CA ALA Z 75 -15.81 -20.50 -35.71
C ALA Z 75 -16.51 -20.36 -34.37
N GLN Z 76 -16.05 -19.42 -33.53
CA GLN Z 76 -16.69 -19.25 -32.22
C GLN Z 76 -18.00 -18.47 -32.32
N THR Z 77 -18.14 -17.59 -33.32
CA THR Z 77 -19.42 -16.91 -33.50
C THR Z 77 -20.51 -17.90 -33.85
N ALA Z 78 -20.21 -18.87 -34.71
CA ALA Z 78 -21.15 -19.96 -34.96
C ALA Z 78 -21.41 -20.76 -33.69
N GLU Z 79 -20.37 -20.97 -32.89
CA GLU Z 79 -20.54 -21.68 -31.63
C GLU Z 79 -21.41 -20.88 -30.65
N GLY Z 80 -21.46 -19.55 -30.81
CA GLY Z 80 -22.31 -18.76 -29.95
C GLY Z 80 -23.78 -19.08 -30.14
N ALA Z 81 -24.22 -19.16 -31.40
CA ALA Z 81 -25.58 -19.57 -31.68
C ALA Z 81 -25.76 -21.07 -31.47
N MET Z 82 -24.66 -21.82 -31.44
CA MET Z 82 -24.75 -23.26 -31.23
C MET Z 82 -25.35 -23.57 -29.87
N LYS Z 83 -24.89 -22.86 -28.83
CA LYS Z 83 -25.39 -23.11 -27.47
C LYS Z 83 -26.86 -22.80 -27.36
N GLU Z 84 -27.31 -21.69 -27.95
CA GLU Z 84 -28.71 -21.32 -27.87
C GLU Z 84 -29.59 -22.32 -28.60
N THR Z 85 -29.14 -22.79 -29.77
CA THR Z 85 -29.88 -23.80 -30.51
C THR Z 85 -30.03 -25.08 -29.67
N THR Z 86 -28.95 -25.48 -29.00
CA THR Z 86 -29.05 -26.63 -28.10
C THR Z 86 -30.03 -26.35 -26.97
N ASN Z 87 -30.00 -25.14 -26.41
CA ASN Z 87 -30.87 -24.80 -25.29
C ASN Z 87 -32.34 -24.87 -25.70
N ILE Z 88 -32.68 -24.34 -26.88
CA ILE Z 88 -34.06 -24.41 -27.34
C ILE Z 88 -34.46 -25.86 -27.59
N LEU Z 89 -33.57 -26.65 -28.17
CA LEU Z 89 -33.88 -28.06 -28.41
C LEU Z 89 -34.14 -28.79 -27.10
N GLN Z 90 -33.37 -28.47 -26.06
CA GLN Z 90 -33.63 -29.06 -24.75
C GLN Z 90 -35.01 -28.66 -24.25
N ARG Z 91 -35.31 -27.36 -24.25
CA ARG Z 91 -36.58 -26.88 -23.71
C ARG Z 91 -37.75 -27.45 -24.51
N MET Z 92 -37.62 -27.52 -25.83
CA MET Z 92 -38.63 -28.14 -26.67
C MET Z 92 -38.88 -29.58 -26.25
N ARG Z 93 -37.82 -30.27 -25.83
CA ARG Z 93 -37.94 -31.69 -25.49
C ARG Z 93 -38.62 -31.90 -24.14
N ASP Z 94 -38.25 -31.09 -23.13
CA ASP Z 94 -38.78 -31.35 -21.79
C ASP Z 94 -40.29 -31.17 -21.75
N LEU Z 95 -40.79 -30.10 -22.37
CA LEU Z 95 -42.23 -29.85 -22.30
C LEU Z 95 -43.02 -30.77 -23.22
N SER Z 96 -42.42 -31.23 -24.32
CA SER Z 96 -43.08 -32.26 -25.12
C SER Z 96 -43.18 -33.56 -24.34
N LEU Z 97 -42.15 -33.88 -23.56
CA LEU Z 97 -42.23 -35.01 -22.64
C LEU Z 97 -43.36 -34.81 -21.64
N GLN Z 98 -43.59 -33.55 -21.24
CA GLN Z 98 -44.70 -33.27 -20.33
C GLN Z 98 -46.04 -33.53 -21.00
N SER Z 99 -46.14 -33.24 -22.30
CA SER Z 99 -47.38 -33.52 -23.02
C SER Z 99 -47.57 -35.01 -23.30
N ALA Z 100 -46.52 -35.81 -23.18
CA ALA Z 100 -46.60 -37.23 -23.51
C ALA Z 100 -47.58 -37.99 -22.64
N ASN Z 101 -47.95 -37.46 -21.48
CA ASN Z 101 -48.92 -38.14 -20.64
C ASN Z 101 -50.31 -38.06 -21.25
N GLY Z 102 -51.19 -38.93 -20.77
CA GLY Z 102 -52.61 -38.74 -20.93
C GLY Z 102 -53.19 -37.86 -19.84
N SER Z 103 -52.32 -37.28 -19.01
CA SER Z 103 -52.79 -36.50 -17.86
C SER Z 103 -53.42 -35.18 -18.31
N ASN Z 104 -52.74 -34.46 -19.20
CA ASN Z 104 -53.25 -33.17 -19.64
C ASN Z 104 -54.36 -33.34 -20.67
N SER Z 105 -55.24 -32.35 -20.73
CA SER Z 105 -56.37 -32.38 -21.64
C SER Z 105 -55.96 -31.82 -23.00
N LYS Z 106 -56.90 -31.73 -23.93
CA LYS Z 106 -56.59 -31.23 -25.26
C LYS Z 106 -56.16 -29.77 -25.23
N ALA Z 107 -56.80 -28.96 -24.39
CA ALA Z 107 -56.46 -27.54 -24.31
C ALA Z 107 -55.02 -27.34 -23.84
N ASP Z 108 -54.57 -28.16 -22.89
CA ASP Z 108 -53.19 -28.05 -22.41
C ASP Z 108 -52.21 -28.34 -23.55
N ARG Z 109 -52.48 -29.37 -24.35
CA ARG Z 109 -51.61 -29.67 -25.48
C ARG Z 109 -51.68 -28.59 -26.54
N VAL Z 110 -52.81 -27.89 -26.66
CA VAL Z 110 -52.90 -26.79 -27.60
C VAL Z 110 -51.94 -25.67 -27.20
N ALA Z 111 -51.93 -25.31 -25.92
CA ALA Z 111 -51.00 -24.30 -25.44
C ALA Z 111 -49.56 -24.79 -25.55
N ILE Z 112 -49.33 -26.08 -25.31
CA ILE Z 112 -47.99 -26.64 -25.45
C ILE Z 112 -47.51 -26.51 -26.90
N GLN Z 113 -48.39 -26.80 -27.86
CA GLN Z 113 -48.04 -26.58 -29.26
C GLN Z 113 -47.80 -25.10 -29.54
N GLU Z 114 -48.50 -24.22 -28.83
CA GLU Z 114 -48.26 -22.79 -29.01
C GLU Z 114 -46.84 -22.41 -28.60
N GLU Z 115 -46.34 -23.01 -27.52
CA GLU Z 115 -44.97 -22.77 -27.11
C GLU Z 115 -43.99 -23.38 -28.10
N ILE Z 116 -44.29 -24.58 -28.60
CA ILE Z 116 -43.39 -25.24 -29.55
C ILE Z 116 -43.30 -24.46 -30.85
N THR Z 117 -44.45 -24.02 -31.37
CA THR Z 117 -44.41 -23.23 -32.60
C THR Z 117 -43.75 -21.88 -32.37
N ALA Z 118 -43.76 -21.38 -31.13
CA ALA Z 118 -43.02 -20.17 -30.82
C ALA Z 118 -41.52 -20.43 -30.86
N LEU Z 119 -41.08 -21.49 -30.19
CA LEU Z 119 -39.65 -21.82 -30.17
C LEU Z 119 -39.17 -22.29 -31.53
N ASN Z 120 -40.05 -22.90 -32.32
CA ASN Z 120 -39.67 -23.33 -33.66
C ASN Z 120 -39.28 -22.15 -34.53
N ASP Z 121 -40.02 -21.04 -34.42
CA ASP Z 121 -39.64 -19.84 -35.16
C ASP Z 121 -38.31 -19.29 -34.67
N GLU Z 122 -37.96 -19.56 -33.40
CA GLU Z 122 -36.67 -19.13 -32.89
C GLU Z 122 -35.53 -19.87 -33.58
N LEU Z 123 -35.70 -21.17 -33.82
CA LEU Z 123 -34.70 -21.90 -34.59
C LEU Z 123 -34.55 -21.30 -35.99
N ASN Z 124 -35.67 -21.01 -36.64
CA ASN Z 124 -35.63 -20.44 -37.98
C ASN Z 124 -35.25 -18.97 -37.97
N ARG Z 125 -35.15 -18.35 -36.79
CA ARG Z 125 -34.66 -16.98 -36.72
C ARG Z 125 -33.16 -16.94 -36.47
N VAL Z 126 -32.68 -17.74 -35.50
CA VAL Z 126 -31.26 -17.76 -35.21
C VAL Z 126 -30.47 -18.30 -36.41
N ALA Z 127 -31.09 -19.16 -37.22
CA ALA Z 127 -30.41 -19.66 -38.41
C ALA Z 127 -30.28 -18.60 -39.49
N GLU Z 128 -31.01 -17.50 -39.39
CA GLU Z 128 -30.94 -16.42 -40.36
C GLU Z 128 -30.42 -15.10 -39.80
N THR Z 129 -30.20 -15.01 -38.50
CA THR Z 129 -29.81 -13.75 -37.86
C THR Z 129 -28.31 -13.64 -37.65
N THR Z 130 -27.66 -14.71 -37.18
CA THR Z 130 -26.22 -14.66 -36.97
C THR Z 130 -25.52 -14.42 -38.30
N SER Z 131 -24.75 -13.33 -38.36
CA SER Z 131 -24.22 -12.86 -39.62
C SER Z 131 -22.70 -12.80 -39.66
N PHE Z 132 -22.07 -12.22 -38.64
CA PHE Z 132 -20.63 -11.95 -38.65
C PHE Z 132 -20.27 -11.05 -39.84
N GLY Z 133 -20.74 -9.81 -39.77
CA GLY Z 133 -20.40 -8.83 -40.78
C GLY Z 133 -20.99 -9.12 -42.14
N GLY Z 134 -22.29 -9.40 -42.20
CA GLY Z 134 -23.00 -9.56 -43.44
C GLY Z 134 -22.98 -10.95 -44.03
N ASN Z 135 -22.23 -11.88 -43.44
CA ASN Z 135 -22.24 -13.26 -43.91
C ASN Z 135 -23.46 -13.97 -43.34
N LYS Z 136 -23.56 -15.28 -43.54
CA LYS Z 136 -24.67 -16.07 -43.00
C LYS Z 136 -24.08 -17.39 -42.53
N LEU Z 137 -23.84 -17.49 -41.22
CA LEU Z 137 -23.11 -18.64 -40.69
C LEU Z 137 -23.96 -19.91 -40.72
N LEU Z 138 -25.20 -19.83 -40.26
CA LEU Z 138 -26.04 -21.02 -40.09
C LEU Z 138 -27.17 -21.12 -41.11
N ASN Z 139 -27.26 -20.18 -42.05
CA ASN Z 139 -28.31 -20.25 -43.05
C ASN Z 139 -28.07 -21.32 -44.10
N GLY Z 140 -26.85 -21.82 -44.23
CA GLY Z 140 -26.50 -22.76 -45.27
C GLY Z 140 -25.88 -22.12 -46.49
N THR Z 141 -25.98 -20.79 -46.63
CA THR Z 141 -25.26 -20.10 -47.69
C THR Z 141 -23.76 -20.14 -47.45
N PHE Z 142 -23.34 -20.42 -46.23
CA PHE Z 142 -21.92 -20.58 -45.91
C PHE Z 142 -21.43 -21.93 -46.43
N ALA Z 143 -20.95 -21.95 -47.65
CA ALA Z 143 -20.42 -23.18 -48.25
C ALA Z 143 -19.02 -23.43 -47.69
N THR Z 144 -18.32 -24.41 -48.26
CA THR Z 144 -16.96 -24.72 -47.83
C THR Z 144 -16.05 -23.53 -48.13
N LYS Z 145 -15.57 -22.87 -47.09
CA LYS Z 145 -14.65 -21.75 -47.22
C LYS Z 145 -13.30 -22.13 -46.60
N SER Z 146 -12.24 -21.89 -47.35
CA SER Z 146 -10.89 -22.27 -46.94
C SER Z 146 -10.16 -21.05 -46.39
N PHE Z 147 -9.51 -21.23 -45.25
CA PHE Z 147 -8.73 -20.18 -44.61
C PHE Z 147 -7.25 -20.43 -44.89
N GLN Z 148 -6.59 -19.44 -45.50
CA GLN Z 148 -5.19 -19.56 -45.86
C GLN Z 148 -4.34 -19.23 -44.64
N ILE Z 149 -3.73 -20.25 -44.03
CA ILE Z 149 -3.02 -20.08 -42.78
C ILE Z 149 -1.56 -20.49 -42.94
N GLY Z 150 -1.00 -20.29 -44.13
CA GLY Z 150 0.38 -20.61 -44.38
C GLY Z 150 1.11 -19.41 -44.98
N ALA Z 151 2.43 -19.44 -44.84
CA ALA Z 151 3.26 -18.38 -45.40
C ALA Z 151 3.11 -18.31 -46.91
N ASP Z 152 3.17 -19.47 -47.57
CA ASP Z 152 3.00 -19.54 -49.01
C ASP Z 152 1.53 -19.78 -49.34
N ASN Z 153 1.25 -20.11 -50.59
CA ASN Z 153 -0.11 -20.37 -51.05
C ASN Z 153 -0.39 -21.86 -51.08
N GLY Z 154 -1.68 -22.19 -51.10
CA GLY Z 154 -2.15 -23.55 -51.19
C GLY Z 154 -2.25 -24.28 -49.87
N GLU Z 155 -1.69 -23.73 -48.80
CA GLU Z 155 -1.76 -24.35 -47.48
C GLU Z 155 -2.89 -23.76 -46.66
N ALA Z 156 -4.11 -24.06 -47.11
CA ALA Z 156 -5.33 -23.61 -46.45
C ALA Z 156 -6.07 -24.79 -45.83
N VAL Z 157 -7.08 -24.47 -45.04
CA VAL Z 157 -7.90 -25.47 -44.35
C VAL Z 157 -9.36 -25.16 -44.64
N MET Z 158 -10.08 -26.17 -45.11
CA MET Z 158 -11.49 -26.00 -45.45
C MET Z 158 -12.37 -26.18 -44.22
N LEU Z 159 -13.29 -25.24 -44.02
CA LEU Z 159 -14.28 -25.32 -42.97
C LEU Z 159 -15.66 -25.12 -43.56
N ASN Z 160 -16.58 -26.01 -43.21
CA ASN Z 160 -17.96 -25.93 -43.67
C ASN Z 160 -18.89 -25.92 -42.48
N ILE Z 161 -19.94 -25.11 -42.55
CA ILE Z 161 -20.95 -25.02 -41.50
C ILE Z 161 -22.27 -25.49 -42.09
N LYS Z 162 -22.81 -26.56 -41.53
CA LYS Z 162 -24.04 -27.15 -42.03
C LYS Z 162 -25.25 -26.31 -41.63
N ASP Z 163 -26.21 -26.20 -42.54
CA ASP Z 163 -27.42 -25.45 -42.29
C ASP Z 163 -28.21 -26.07 -41.15
N MET Z 164 -28.72 -25.24 -40.24
CA MET Z 164 -29.50 -25.71 -39.11
C MET Z 164 -30.85 -25.01 -39.04
N ARG Z 165 -31.49 -24.83 -40.20
CA ARG Z 165 -32.90 -24.51 -40.20
C ARG Z 165 -33.68 -25.68 -39.63
N SER Z 166 -34.79 -25.38 -38.96
CA SER Z 166 -35.54 -26.43 -38.29
C SER Z 166 -36.11 -27.46 -39.26
N ASP Z 167 -36.16 -27.14 -40.55
CA ASP Z 167 -36.66 -28.06 -41.57
C ASP Z 167 -35.55 -28.84 -42.25
N ASN Z 168 -34.33 -28.80 -41.74
CA ASN Z 168 -33.23 -29.51 -42.36
C ASN Z 168 -33.47 -31.01 -42.34
N ALA Z 169 -33.00 -31.69 -43.39
CA ALA Z 169 -33.22 -33.14 -43.50
C ALA Z 169 -32.55 -33.89 -42.35
N LEU Z 170 -31.30 -33.56 -42.04
CA LEU Z 170 -30.61 -34.24 -40.95
C LEU Z 170 -31.15 -33.85 -39.58
N MET Z 171 -31.94 -32.78 -39.50
CA MET Z 171 -32.48 -32.34 -38.22
C MET Z 171 -33.59 -33.26 -37.72
N GLY Z 172 -34.12 -34.12 -38.58
CA GLY Z 172 -35.16 -35.05 -38.16
C GLY Z 172 -34.88 -36.49 -38.54
N GLY Z 173 -35.86 -37.15 -39.13
CA GLY Z 173 -35.68 -38.52 -39.55
C GLY Z 173 -36.98 -39.10 -40.06
N LYS Z 174 -36.93 -40.37 -40.43
CA LYS Z 174 -38.10 -41.08 -40.91
C LYS Z 174 -38.88 -41.67 -39.75
N THR Z 175 -40.10 -42.11 -40.04
CA THR Z 175 -40.95 -42.73 -39.03
C THR Z 175 -41.92 -43.69 -39.68
N TYR Z 176 -42.43 -44.62 -38.88
CA TYR Z 176 -43.35 -45.64 -39.33
C TYR Z 176 -44.43 -45.81 -38.27
N GLN Z 177 -45.68 -45.97 -38.72
CA GLN Z 177 -46.82 -46.11 -37.83
C GLN Z 177 -47.53 -47.41 -38.10
N ALA Z 178 -47.93 -48.10 -37.03
CA ALA Z 178 -48.64 -49.36 -37.18
C ALA Z 178 -50.02 -49.13 -37.78
N ALA Z 179 -50.43 -50.05 -38.66
CA ALA Z 179 -51.72 -49.92 -39.31
C ALA Z 179 -52.87 -50.16 -38.34
N ASN Z 180 -52.73 -51.14 -37.46
CA ASN Z 180 -53.78 -51.51 -36.52
C ASN Z 180 -53.25 -51.39 -35.11
N GLY Z 181 -54.08 -50.84 -34.21
CA GLY Z 181 -53.70 -50.70 -32.82
C GLY Z 181 -54.20 -51.84 -31.97
N LYS Z 182 -53.54 -52.01 -30.81
CA LYS Z 182 -53.88 -53.06 -29.86
C LYS Z 182 -54.30 -52.44 -28.55
N ASP Z 183 -55.42 -52.90 -28.01
CA ASP Z 183 -55.99 -52.31 -26.81
C ASP Z 183 -55.25 -52.78 -25.56
N LYS Z 184 -55.77 -52.43 -24.39
CA LYS Z 184 -55.07 -52.74 -23.14
C LYS Z 184 -54.97 -54.24 -22.90
N ASN Z 185 -56.09 -54.96 -23.09
CA ASN Z 185 -56.09 -56.39 -22.81
C ASN Z 185 -55.20 -57.18 -23.76
N TRP Z 186 -54.84 -56.60 -24.90
CA TRP Z 186 -54.01 -57.31 -25.86
C TRP Z 186 -52.60 -57.51 -25.32
N GLY Z 187 -52.02 -58.67 -25.64
CA GLY Z 187 -50.65 -58.96 -25.28
C GLY Z 187 -49.96 -59.73 -26.39
N VAL Z 188 -48.65 -59.85 -26.25
CA VAL Z 188 -47.88 -60.60 -27.24
C VAL Z 188 -48.21 -62.09 -27.08
N GLU Z 189 -48.58 -62.72 -28.19
CA GLU Z 189 -49.01 -64.11 -28.16
C GLU Z 189 -47.85 -65.04 -28.50
N ALA Z 190 -47.94 -66.27 -28.02
CA ALA Z 190 -46.92 -67.26 -28.27
C ALA Z 190 -46.84 -67.58 -29.75
N GLY Z 191 -45.61 -67.70 -30.26
CA GLY Z 191 -45.40 -67.93 -31.68
C GLY Z 191 -45.46 -66.69 -32.54
N LYS Z 192 -45.70 -65.53 -31.96
CA LYS Z 192 -45.79 -64.25 -32.67
C LYS Z 192 -44.99 -63.19 -31.94
N THR Z 193 -43.78 -63.53 -31.53
CA THR Z 193 -42.92 -62.63 -30.78
C THR Z 193 -41.66 -62.22 -31.53
N ASP Z 194 -41.50 -62.65 -32.79
CA ASP Z 194 -40.29 -62.35 -33.55
C ASP Z 194 -40.48 -61.09 -34.37
N LEU Z 195 -39.51 -60.19 -34.30
CA LEU Z 195 -39.55 -58.91 -35.02
C LEU Z 195 -38.15 -58.64 -35.56
N THR Z 196 -37.96 -58.83 -36.86
CA THR Z 196 -36.68 -58.61 -37.51
C THR Z 196 -36.73 -57.30 -38.29
N ILE Z 197 -35.77 -56.42 -38.04
CA ILE Z 197 -35.69 -55.12 -38.69
C ILE Z 197 -34.41 -55.07 -39.51
N THR Z 198 -34.54 -54.79 -40.80
CA THR Z 198 -33.41 -54.62 -41.70
C THR Z 198 -33.13 -53.13 -41.84
N LEU Z 199 -31.87 -52.75 -41.68
CA LEU Z 199 -31.49 -51.34 -41.59
C LEU Z 199 -30.28 -51.06 -42.47
N LYS Z 200 -30.18 -49.82 -42.92
CA LYS Z 200 -28.99 -49.32 -43.60
C LYS Z 200 -28.36 -48.22 -42.76
N ASP Z 201 -27.05 -48.30 -42.57
CA ASP Z 201 -26.34 -47.40 -41.67
C ASP Z 201 -25.25 -46.67 -42.43
N LYS Z 202 -25.02 -45.40 -42.07
CA LYS Z 202 -23.97 -44.62 -42.71
C LYS Z 202 -22.61 -45.25 -42.48
N ARG Z 203 -22.34 -45.71 -41.26
CA ARG Z 203 -21.14 -46.46 -40.94
C ARG Z 203 -21.53 -47.87 -40.57
N GLU Z 204 -20.69 -48.83 -40.94
CA GLU Z 204 -20.96 -50.27 -40.81
C GLU Z 204 -22.41 -50.59 -41.16
N GLY Z 205 -22.77 -50.27 -42.39
CA GLY Z 205 -24.15 -50.37 -42.83
C GLY Z 205 -24.62 -51.80 -43.00
N ASP Z 206 -25.90 -51.91 -43.39
CA ASP Z 206 -26.57 -53.19 -43.58
C ASP Z 206 -26.54 -54.02 -42.30
N VAL Z 207 -27.19 -53.48 -41.27
CA VAL Z 207 -27.26 -54.10 -39.95
C VAL Z 207 -28.70 -54.54 -39.71
N THR Z 208 -28.89 -55.81 -39.39
CA THR Z 208 -30.19 -56.36 -39.06
C THR Z 208 -30.16 -56.85 -37.63
N ILE Z 209 -31.12 -56.38 -36.82
CA ILE Z 209 -31.27 -56.83 -35.44
C ILE Z 209 -32.62 -57.50 -35.27
N SER Z 210 -32.66 -58.50 -34.40
CA SER Z 210 -33.86 -59.28 -34.16
C SER Z 210 -34.32 -59.06 -32.72
N ILE Z 211 -35.60 -58.73 -32.56
CA ILE Z 211 -36.19 -58.46 -31.26
C ILE Z 211 -37.20 -59.56 -30.98
N ASN Z 212 -37.02 -60.25 -29.85
CA ASN Z 212 -37.94 -61.30 -29.42
C ASN Z 212 -38.68 -60.76 -28.20
N ALA Z 213 -39.84 -60.15 -28.45
CA ALA Z 213 -40.63 -59.57 -27.38
C ALA Z 213 -41.10 -60.66 -26.42
N LYS Z 214 -41.08 -60.35 -25.13
CA LYS Z 214 -41.50 -61.32 -24.13
C LYS Z 214 -43.00 -61.56 -24.21
N GLU Z 215 -43.39 -62.82 -24.13
CA GLU Z 215 -44.79 -63.18 -24.26
C GLU Z 215 -45.60 -62.63 -23.10
N GLY Z 216 -46.78 -62.09 -23.40
CA GLY Z 216 -47.67 -61.54 -22.40
C GLY Z 216 -47.54 -60.05 -22.19
N ASP Z 217 -46.48 -59.42 -22.69
CA ASP Z 217 -46.31 -57.99 -22.53
C ASP Z 217 -47.38 -57.25 -23.32
N ASP Z 218 -47.91 -56.19 -22.73
CA ASP Z 218 -48.92 -55.38 -23.41
C ASP Z 218 -48.24 -54.50 -24.46
N ILE Z 219 -49.00 -53.59 -25.06
CA ILE Z 219 -48.48 -52.83 -26.19
C ILE Z 219 -47.45 -51.81 -25.73
N GLU Z 220 -47.61 -51.24 -24.53
CA GLU Z 220 -46.67 -50.23 -24.05
C GLU Z 220 -45.35 -50.86 -23.65
N GLU Z 221 -45.39 -51.97 -22.90
CA GLU Z 221 -44.16 -52.63 -22.50
C GLU Z 221 -43.40 -53.20 -23.69
N LEU Z 222 -44.10 -53.51 -24.79
CA LEU Z 222 -43.41 -53.89 -26.02
C LEU Z 222 -42.57 -52.73 -26.54
N ALA Z 223 -43.12 -51.51 -26.50
CA ALA Z 223 -42.38 -50.35 -26.96
C ALA Z 223 -41.14 -50.11 -26.10
N THR Z 224 -41.28 -50.26 -24.78
CA THR Z 224 -40.14 -50.07 -23.90
C THR Z 224 -39.06 -51.13 -24.15
N TYR Z 225 -39.48 -52.36 -24.43
CA TYR Z 225 -38.51 -53.42 -24.70
C TYR Z 225 -37.69 -53.11 -25.95
N ILE Z 226 -38.33 -52.55 -26.98
CA ILE Z 226 -37.61 -52.23 -28.20
C ILE Z 226 -36.53 -51.19 -27.93
N ASN Z 227 -36.85 -50.16 -27.14
CA ASN Z 227 -35.91 -49.09 -26.88
C ASN Z 227 -34.67 -49.61 -26.15
N GLY Z 228 -34.86 -50.48 -25.16
CA GLY Z 228 -33.72 -50.99 -24.41
C GLY Z 228 -32.83 -51.89 -25.24
N GLN Z 229 -33.42 -52.70 -26.11
CA GLN Z 229 -32.64 -53.68 -26.87
C GLN Z 229 -31.68 -52.99 -27.84
N THR Z 230 -32.14 -51.93 -28.53
CA THR Z 230 -31.33 -51.26 -29.52
C THR Z 230 -31.45 -49.75 -29.37
N ASP Z 231 -30.34 -49.05 -29.55
CA ASP Z 231 -30.31 -47.60 -29.51
C ASP Z 231 -30.47 -46.96 -30.89
N MET Z 232 -30.54 -47.77 -31.94
CA MET Z 232 -30.70 -47.26 -33.31
C MET Z 232 -32.16 -47.13 -33.71
N ILE Z 233 -33.09 -47.45 -32.82
CA ILE Z 233 -34.52 -47.44 -33.12
C ILE Z 233 -35.26 -46.93 -31.89
N LYS Z 234 -36.24 -46.07 -32.10
CA LYS Z 234 -37.07 -45.52 -31.04
C LYS Z 234 -38.52 -45.93 -31.27
N ALA Z 235 -39.20 -46.33 -30.21
CA ALA Z 235 -40.57 -46.83 -30.32
C ALA Z 235 -41.45 -46.21 -29.24
N SER Z 236 -42.74 -46.12 -29.56
CA SER Z 236 -43.75 -45.60 -28.65
C SER Z 236 -45.12 -45.99 -29.18
N VAL Z 237 -46.15 -45.73 -28.39
CA VAL Z 237 -47.53 -45.99 -28.78
C VAL Z 237 -48.35 -44.74 -28.49
N ASP Z 238 -49.23 -44.36 -29.42
CA ASP Z 238 -49.86 -43.03 -29.35
C ASP Z 238 -51.21 -43.05 -28.63
N GLU Z 239 -52.22 -43.67 -29.23
CA GLU Z 239 -53.55 -43.65 -28.63
C GLU Z 239 -54.29 -44.97 -28.70
N GLU Z 240 -53.88 -45.91 -29.54
CA GLU Z 240 -54.56 -47.19 -29.66
C GLU Z 240 -53.62 -48.37 -29.65
N GLY Z 241 -52.33 -48.15 -29.42
CA GLY Z 241 -51.33 -49.20 -29.52
C GLY Z 241 -50.52 -49.19 -30.79
N LYS Z 242 -50.73 -48.22 -31.67
CA LYS Z 242 -49.96 -48.13 -32.90
C LYS Z 242 -48.54 -47.70 -32.58
N LEU Z 243 -47.57 -48.51 -33.01
CA LEU Z 243 -46.17 -48.23 -32.72
C LEU Z 243 -45.63 -47.14 -33.65
N GLN Z 244 -44.97 -46.15 -33.06
CA GLN Z 244 -44.34 -45.08 -33.83
C GLN Z 244 -42.83 -45.34 -33.84
N LEU Z 245 -42.42 -46.19 -34.77
CA LEU Z 245 -41.00 -46.46 -34.93
C LEU Z 245 -40.32 -45.24 -35.53
N PHE Z 246 -39.16 -44.87 -34.98
CA PHE Z 246 -38.43 -43.70 -35.43
C PHE Z 246 -37.06 -44.10 -35.95
N THR Z 247 -36.59 -43.35 -36.95
CA THR Z 247 -35.30 -43.59 -37.58
C THR Z 247 -34.57 -42.27 -37.64
N ASP Z 248 -33.39 -42.20 -37.01
CA ASP Z 248 -32.62 -40.97 -37.03
C ASP Z 248 -31.96 -40.85 -38.39
N ASN Z 249 -32.19 -39.72 -39.06
CA ASN Z 249 -31.84 -39.59 -40.47
C ASN Z 249 -30.33 -39.63 -40.70
N ASN Z 250 -29.54 -39.09 -39.78
CA ASN Z 250 -28.12 -38.91 -40.07
C ASN Z 250 -27.31 -40.20 -39.95
N ARG Z 251 -27.89 -41.29 -39.44
CA ARG Z 251 -27.15 -42.54 -39.35
C ARG Z 251 -27.91 -43.80 -39.76
N ILE Z 252 -29.23 -43.74 -39.96
CA ILE Z 252 -29.98 -44.89 -40.43
C ILE Z 252 -30.60 -44.50 -41.78
N ASP Z 253 -29.85 -43.73 -42.57
CA ASP Z 253 -30.29 -43.36 -43.90
C ASP Z 253 -30.80 -44.58 -44.67
N GLY Z 254 -31.84 -44.36 -45.47
CA GLY Z 254 -32.48 -45.42 -46.22
C GLY Z 254 -33.69 -45.98 -45.48
N ALA Z 255 -34.57 -46.60 -46.27
CA ALA Z 255 -35.80 -47.15 -45.73
C ALA Z 255 -35.53 -48.38 -44.87
N ALA Z 256 -36.43 -48.62 -43.93
CA ALA Z 256 -36.35 -49.77 -43.03
C ALA Z 256 -37.33 -50.84 -43.48
N THR Z 257 -36.87 -52.09 -43.48
CA THR Z 257 -37.68 -53.24 -43.86
C THR Z 257 -38.04 -54.04 -42.62
N PHE Z 258 -39.31 -54.40 -42.50
CA PHE Z 258 -39.82 -55.10 -41.33
C PHE Z 258 -40.20 -56.53 -41.69
N GLY Z 259 -39.98 -57.44 -40.75
CA GLY Z 259 -40.32 -58.84 -40.94
C GLY Z 259 -40.55 -59.50 -39.60
N GLY Z 260 -40.99 -60.74 -39.67
CA GLY Z 260 -41.29 -61.53 -38.49
C GLY Z 260 -42.79 -61.56 -38.20
N ALA Z 261 -43.15 -62.50 -37.32
CA ALA Z 261 -44.56 -62.70 -36.99
C ALA Z 261 -45.14 -61.47 -36.31
N LEU Z 262 -44.38 -60.85 -35.40
CA LEU Z 262 -44.88 -59.67 -34.72
C LEU Z 262 -45.09 -58.50 -35.69
N ALA Z 263 -44.20 -58.35 -36.67
CA ALA Z 263 -44.38 -57.31 -37.67
C ALA Z 263 -45.65 -57.55 -38.48
N GLY Z 264 -45.90 -58.80 -38.86
CA GLY Z 264 -47.13 -59.11 -39.56
C GLY Z 264 -48.36 -58.88 -38.71
N GLU Z 265 -48.26 -59.16 -37.41
CA GLU Z 265 -49.39 -58.93 -36.51
C GLU Z 265 -49.70 -57.44 -36.40
N LEU Z 266 -48.67 -56.61 -36.31
CA LEU Z 266 -48.83 -55.17 -36.31
C LEU Z 266 -48.87 -54.66 -37.75
N GLY Z 267 -48.78 -53.34 -37.92
CA GLY Z 267 -48.69 -52.74 -39.24
C GLY Z 267 -47.27 -52.32 -39.53
N ILE Z 268 -46.82 -52.65 -40.74
CA ILE Z 268 -45.46 -52.30 -41.16
C ILE Z 268 -45.32 -50.79 -41.27
N GLY Z 269 -46.26 -50.14 -41.95
CA GLY Z 269 -46.23 -48.71 -42.11
C GLY Z 269 -45.31 -48.24 -43.22
N ALA Z 270 -45.44 -46.99 -43.62
CA ALA Z 270 -44.61 -46.43 -44.67
C ALA Z 270 -43.59 -45.44 -44.09
N ALA Z 271 -42.49 -45.26 -44.81
CA ALA Z 271 -41.42 -44.36 -44.38
C ALA Z 271 -41.88 -42.92 -44.57
N GLN Z 272 -42.32 -42.30 -43.48
CA GLN Z 272 -42.78 -40.92 -43.49
C GLN Z 272 -41.70 -40.02 -42.93
N ASP Z 273 -41.29 -39.03 -43.71
CA ASP Z 273 -40.19 -38.15 -43.33
C ASP Z 273 -40.74 -37.00 -42.48
N VAL Z 274 -40.17 -36.83 -41.28
CA VAL Z 274 -40.57 -35.78 -40.37
C VAL Z 274 -39.33 -35.04 -39.88
N THR Z 275 -39.44 -33.72 -39.78
CA THR Z 275 -38.37 -32.88 -39.26
C THR Z 275 -38.92 -32.03 -38.13
N VAL Z 276 -38.05 -31.22 -37.52
CA VAL Z 276 -38.48 -30.38 -36.40
C VAL Z 276 -39.49 -29.35 -36.85
N ASP Z 277 -39.35 -28.82 -38.06
CA ASP Z 277 -40.32 -27.85 -38.56
C ASP Z 277 -41.70 -28.47 -38.71
N THR Z 278 -41.76 -29.71 -39.20
CA THR Z 278 -43.02 -30.43 -39.29
C THR Z 278 -43.44 -31.03 -37.95
N LEU Z 279 -42.60 -30.93 -36.93
CA LEU Z 279 -42.92 -31.50 -35.63
C LEU Z 279 -44.00 -30.66 -34.96
N ASP Z 280 -45.10 -31.31 -34.58
CA ASP Z 280 -46.15 -30.68 -33.81
C ASP Z 280 -46.61 -31.62 -32.71
N VAL Z 281 -46.98 -31.04 -31.58
CA VAL Z 281 -47.41 -31.78 -30.40
C VAL Z 281 -48.77 -31.24 -29.98
N THR Z 282 -49.83 -31.84 -30.50
CA THR Z 282 -51.19 -31.57 -30.07
C THR Z 282 -51.91 -32.80 -29.55
N THR Z 283 -51.51 -33.98 -29.99
CA THR Z 283 -51.92 -35.24 -29.39
C THR Z 283 -50.68 -35.93 -28.84
N VAL Z 284 -50.90 -36.89 -27.95
CA VAL Z 284 -49.76 -37.57 -27.34
C VAL Z 284 -48.97 -38.36 -28.37
N GLY Z 285 -49.57 -38.66 -29.52
CA GLY Z 285 -48.81 -39.27 -30.59
C GLY Z 285 -47.70 -38.37 -31.09
N GLY Z 286 -48.01 -37.09 -31.32
CA GLY Z 286 -46.97 -36.14 -31.67
C GLY Z 286 -46.04 -35.85 -30.51
N ALA Z 287 -46.52 -36.07 -29.29
CA ALA Z 287 -45.68 -35.84 -28.12
C ALA Z 287 -44.54 -36.84 -28.04
N GLN Z 288 -44.84 -38.14 -28.17
CA GLN Z 288 -43.79 -39.15 -28.21
C GLN Z 288 -42.92 -38.98 -29.44
N GLU Z 289 -43.51 -38.54 -30.55
CA GLU Z 289 -42.73 -38.22 -31.74
C GLU Z 289 -41.77 -37.06 -31.48
N SER Z 290 -42.23 -36.06 -30.72
CA SER Z 290 -41.44 -34.84 -30.52
C SER Z 290 -40.12 -35.15 -29.82
N VAL Z 291 -40.16 -35.92 -28.74
CA VAL Z 291 -38.94 -36.21 -28.00
C VAL Z 291 -37.98 -37.03 -28.85
N ALA Z 292 -38.51 -37.99 -29.62
CA ALA Z 292 -37.65 -38.80 -30.48
C ALA Z 292 -37.01 -37.94 -31.58
N ILE Z 293 -37.79 -37.06 -32.21
CA ILE Z 293 -37.25 -36.21 -33.26
C ILE Z 293 -36.22 -35.25 -32.69
N VAL Z 294 -36.52 -34.65 -31.53
CA VAL Z 294 -35.60 -33.69 -30.92
C VAL Z 294 -34.29 -34.36 -30.54
N ASP Z 295 -34.33 -35.62 -30.11
CA ASP Z 295 -33.10 -36.33 -29.78
C ASP Z 295 -32.18 -36.43 -31.00
N ALA Z 296 -32.76 -36.69 -32.16
CA ALA Z 296 -31.96 -36.69 -33.39
C ALA Z 296 -31.38 -35.31 -33.68
N ALA Z 297 -32.20 -34.27 -33.49
CA ALA Z 297 -31.72 -32.91 -33.73
C ALA Z 297 -30.61 -32.54 -32.75
N LEU Z 298 -30.78 -32.88 -31.48
CA LEU Z 298 -29.77 -32.57 -30.48
C LEU Z 298 -28.45 -33.28 -30.78
N LYS Z 299 -28.53 -34.55 -31.18
CA LYS Z 299 -27.32 -35.28 -31.55
C LYS Z 299 -26.67 -34.65 -32.77
N TYR Z 300 -27.47 -34.20 -33.74
CA TYR Z 300 -26.92 -33.55 -34.92
C TYR Z 300 -26.22 -32.26 -34.56
N VAL Z 301 -26.83 -31.44 -33.70
CA VAL Z 301 -26.21 -30.18 -33.31
C VAL Z 301 -24.92 -30.43 -32.54
N ASP Z 302 -24.94 -31.40 -31.63
CA ASP Z 302 -23.73 -31.73 -30.88
C ASP Z 302 -22.63 -32.24 -31.79
N SER Z 303 -23.01 -33.03 -32.81
CA SER Z 303 -22.02 -33.51 -33.78
C SER Z 303 -21.37 -32.36 -34.52
N HIS Z 304 -22.17 -31.37 -34.94
CA HIS Z 304 -21.59 -30.22 -35.64
C HIS Z 304 -20.78 -29.36 -34.70
N ARG Z 305 -21.20 -29.26 -33.43
CA ARG Z 305 -20.42 -28.51 -32.46
C ARG Z 305 -19.05 -29.14 -32.24
N ALA Z 306 -19.00 -30.48 -32.18
CA ALA Z 306 -17.73 -31.16 -31.95
C ALA Z 306 -16.73 -30.90 -33.08
N GLU Z 307 -17.20 -30.95 -34.33
CA GLU Z 307 -16.27 -30.75 -35.44
C GLU Z 307 -15.86 -29.30 -35.55
N LEU Z 308 -16.72 -28.38 -35.10
CA LEU Z 308 -16.31 -26.99 -34.99
C LEU Z 308 -15.28 -26.80 -33.90
N GLY Z 309 -15.44 -27.52 -32.79
CA GLY Z 309 -14.46 -27.44 -31.72
C GLY Z 309 -13.10 -27.99 -32.14
N ALA Z 310 -13.11 -29.13 -32.85
CA ALA Z 310 -11.85 -29.68 -33.35
C ALA Z 310 -11.19 -28.72 -34.32
N PHE Z 311 -11.99 -28.01 -35.13
CA PHE Z 311 -11.43 -27.04 -36.06
C PHE Z 311 -10.73 -25.91 -35.32
N GLN Z 312 -11.32 -25.42 -34.23
CA GLN Z 312 -10.69 -24.34 -33.49
C GLN Z 312 -9.43 -24.82 -32.78
N ASN Z 313 -9.44 -26.03 -32.23
CA ASN Z 313 -8.23 -26.58 -31.63
C ASN Z 313 -7.12 -26.77 -32.65
N ARG Z 314 -7.45 -27.11 -33.89
CA ARG Z 314 -6.45 -27.15 -34.96
C ARG Z 314 -5.81 -25.78 -35.15
N PHE Z 315 -6.64 -24.74 -35.14
CA PHE Z 315 -6.14 -23.40 -35.39
C PHE Z 315 -5.39 -22.85 -34.19
N ASN Z 316 -5.71 -23.33 -32.99
CA ASN Z 316 -4.96 -22.91 -31.80
C ASN Z 316 -3.52 -23.40 -31.87
N HIS Z 317 -3.33 -24.68 -32.17
CA HIS Z 317 -1.98 -25.19 -32.37
C HIS Z 317 -1.32 -24.55 -33.58
N ALA Z 318 -2.08 -24.29 -34.64
CA ALA Z 318 -1.51 -23.66 -35.82
C ALA Z 318 -1.04 -22.25 -35.51
N ILE Z 319 -1.69 -21.57 -34.57
CA ILE Z 319 -1.28 -20.22 -34.20
C ILE Z 319 0.08 -20.25 -33.53
N ASN Z 320 0.26 -21.13 -32.55
CA ASN Z 320 1.55 -21.24 -31.88
C ASN Z 320 2.62 -21.83 -32.79
N ASN Z 321 2.21 -22.71 -33.71
CA ASN Z 321 3.18 -23.25 -34.67
C ASN Z 321 3.74 -22.14 -35.56
N LEU Z 322 2.87 -21.35 -36.17
CA LEU Z 322 3.33 -20.25 -37.01
C LEU Z 322 4.13 -19.24 -36.21
N ASP Z 323 3.78 -19.05 -34.93
CA ASP Z 323 4.55 -18.15 -34.08
C ASP Z 323 5.97 -18.67 -33.86
N ASN Z 324 6.10 -19.99 -33.66
CA ASN Z 324 7.43 -20.55 -33.41
C ASN Z 324 8.33 -20.38 -34.63
N ILE Z 325 7.80 -20.61 -35.83
CA ILE Z 325 8.58 -20.34 -37.04
C ILE Z 325 8.86 -18.85 -37.16
N ASN Z 326 7.84 -18.01 -36.91
CA ASN Z 326 8.00 -16.57 -37.12
C ASN Z 326 9.10 -16.01 -36.22
N GLU Z 327 9.23 -16.55 -35.01
CA GLU Z 327 10.32 -16.12 -34.13
C GLU Z 327 11.67 -16.42 -34.76
N ASN Z 328 11.82 -17.62 -35.30
CA ASN Z 328 13.14 -18.08 -35.74
C ASN Z 328 13.51 -17.51 -37.10
N VAL Z 329 12.55 -17.31 -38.01
CA VAL Z 329 12.90 -16.74 -39.31
C VAL Z 329 13.33 -15.29 -39.12
N ASN Z 330 12.71 -14.58 -38.17
CA ASN Z 330 13.16 -13.23 -37.84
C ASN Z 330 14.58 -13.26 -37.29
N ALA Z 331 14.90 -14.26 -36.47
CA ALA Z 331 16.28 -14.42 -36.02
C ALA Z 331 17.21 -14.68 -37.19
N SER Z 332 16.77 -15.50 -38.15
CA SER Z 332 17.57 -15.71 -39.36
C SER Z 332 17.63 -14.47 -40.22
N LYS Z 333 16.66 -13.56 -40.09
CA LYS Z 333 16.75 -12.24 -40.71
C LYS Z 333 17.53 -11.29 -39.82
N SER Z 334 18.70 -11.78 -39.38
CA SER Z 334 19.62 -11.04 -38.55
C SER Z 334 20.98 -11.70 -38.74
N ARG Z 335 22.02 -10.87 -38.91
CA ARG Z 335 23.35 -11.24 -39.36
C ARG Z 335 23.36 -11.66 -40.83
N ILE Z 336 22.20 -11.74 -41.47
CA ILE Z 336 22.10 -11.85 -42.92
C ILE Z 336 21.72 -10.50 -43.53
N LYS Z 337 20.78 -9.81 -42.92
CA LYS Z 337 20.41 -8.45 -43.29
C LYS Z 337 20.71 -7.43 -42.20
N ASP Z 338 20.40 -7.75 -40.95
CA ASP Z 338 20.66 -6.82 -39.85
C ASP Z 338 22.15 -6.67 -39.61
N THR Z 339 22.56 -5.47 -39.22
CA THR Z 339 23.95 -5.20 -38.85
C THR Z 339 24.08 -5.18 -37.34
N ASP Z 340 25.27 -5.54 -36.87
CA ASP Z 340 25.62 -5.37 -35.47
C ASP Z 340 26.25 -3.99 -35.29
N PHE Z 341 25.98 -3.37 -34.14
CA PHE Z 341 26.65 -2.11 -33.83
C PHE Z 341 27.98 -2.36 -33.14
N ALA Z 342 28.23 -3.61 -32.75
CA ALA Z 342 29.49 -3.98 -32.12
C ALA Z 342 30.66 -3.82 -33.10
N LYS Z 343 30.65 -4.59 -34.19
CA LYS Z 343 31.82 -4.60 -35.07
C LYS Z 343 31.70 -3.54 -36.17
N GLU Z 344 30.50 -3.07 -36.47
CA GLU Z 344 30.36 -2.04 -37.48
C GLU Z 344 30.93 -0.72 -37.01
N THR Z 345 30.71 -0.38 -35.74
CA THR Z 345 31.21 0.89 -35.23
C THR Z 345 32.73 0.92 -35.19
N THR Z 346 33.36 -0.22 -34.85
CA THR Z 346 34.82 -0.28 -34.89
C THR Z 346 35.32 -0.15 -36.33
N ALA Z 347 34.60 -0.72 -37.29
CA ALA Z 347 34.98 -0.55 -38.69
C ALA Z 347 34.87 0.90 -39.11
N LEU Z 348 33.84 1.60 -38.64
CA LEU Z 348 33.70 3.03 -38.93
C LEU Z 348 34.83 3.82 -38.31
N THR Z 349 35.12 3.58 -37.02
CA THR Z 349 36.16 4.32 -36.34
C THR Z 349 37.52 4.08 -36.97
N LYS Z 350 37.84 2.82 -37.27
CA LYS Z 350 39.10 2.52 -37.95
C LYS Z 350 39.20 3.27 -39.27
N ALA Z 351 38.08 3.40 -39.98
CA ALA Z 351 38.07 4.19 -41.20
C ALA Z 351 38.34 5.66 -40.94
N GLN Z 352 37.79 6.21 -39.84
CA GLN Z 352 38.01 7.61 -39.53
C GLN Z 352 39.48 7.90 -39.26
N ILE Z 353 40.13 7.04 -38.46
CA ILE Z 353 41.55 7.22 -38.20
C ILE Z 353 42.35 7.02 -39.48
N LEU Z 354 41.97 6.06 -40.31
CA LEU Z 354 42.69 5.81 -41.55
C LEU Z 354 42.61 7.02 -42.48
N SER Z 355 41.42 7.62 -42.61
CA SER Z 355 41.28 8.78 -43.48
C SER Z 355 42.00 9.99 -42.91
N GLN Z 356 41.96 10.16 -41.59
CA GLN Z 356 42.67 11.27 -40.97
C GLN Z 356 44.17 11.13 -41.13
N ALA Z 357 44.70 9.92 -40.96
CA ALA Z 357 46.12 9.69 -41.14
C ALA Z 357 46.54 9.92 -42.60
N SER Z 358 45.72 9.42 -43.54
CA SER Z 358 46.04 9.61 -44.94
C SER Z 358 46.00 11.08 -45.33
N SER Z 359 45.01 11.82 -44.83
CA SER Z 359 44.93 13.25 -45.14
C SER Z 359 46.12 14.00 -44.56
N SER Z 360 46.55 13.64 -43.35
CA SER Z 360 47.74 14.27 -42.77
C SER Z 360 48.99 13.89 -43.55
N VAL Z 361 49.02 12.71 -44.16
CA VAL Z 361 50.13 12.34 -45.02
C VAL Z 361 50.18 13.24 -46.24
N LEU Z 362 49.01 13.57 -46.79
CA LEU Z 362 48.96 14.53 -47.89
C LEU Z 362 49.61 15.85 -47.50
N ALA Z 363 49.43 16.27 -46.26
CA ALA Z 363 49.98 17.55 -45.82
C ALA Z 363 51.51 17.57 -45.94
N GLN Z 364 52.18 16.49 -45.57
CA GLN Z 364 53.63 16.41 -45.71
C GLN Z 364 54.07 15.99 -47.11
N ALA Z 365 53.14 15.58 -47.96
CA ALA Z 365 53.46 15.20 -49.34
C ALA Z 365 53.41 16.37 -50.30
N LYS Z 366 52.83 17.50 -49.89
CA LYS Z 366 52.71 18.65 -50.78
C LYS Z 366 54.03 19.41 -50.90
N GLN Z 367 54.81 19.48 -49.83
CA GLN Z 367 56.04 20.26 -49.84
C GLN Z 367 57.23 19.49 -50.40
N ALA Z 368 57.04 18.24 -50.82
CA ALA Z 368 58.14 17.52 -51.47
C ALA Z 368 58.64 18.23 -52.72
N PRO Z 369 57.79 18.69 -53.64
CA PRO Z 369 58.30 19.55 -54.72
C PRO Z 369 58.85 20.86 -54.22
N ASN Z 370 58.30 21.40 -53.13
CA ASN Z 370 58.77 22.67 -52.60
C ASN Z 370 60.22 22.58 -52.15
N SER Z 371 60.58 21.48 -51.48
CA SER Z 371 61.97 21.27 -51.10
C SER Z 371 62.86 21.11 -52.31
N ALA Z 372 62.34 20.53 -53.40
CA ALA Z 372 63.10 20.42 -54.63
C ALA Z 372 63.45 21.79 -55.20
N LEU Z 373 62.51 22.74 -55.10
CA LEU Z 373 62.77 24.10 -55.55
C LEU Z 373 63.85 24.76 -54.70
N ALA Z 374 63.82 24.52 -53.39
CA ALA Z 374 64.63 25.28 -52.45
C ALA Z 374 66.14 25.16 -52.70
N LEU Z 375 66.59 24.13 -53.41
CA LEU Z 375 68.03 24.02 -53.68
C LEU Z 375 68.51 25.15 -54.57
N LEU Z 376 67.63 25.70 -55.41
CA LEU Z 376 67.96 26.84 -56.26
C LEU Z 376 66.86 27.88 -56.10
N GLY Z 377 67.20 29.02 -55.49
CA GLY Z 377 66.23 30.07 -55.24
C GLY Z 377 65.60 30.65 -56.48
N MET AA 1 134.35 41.92 -78.04
CA MET AA 1 133.97 43.24 -78.54
C MET AA 1 133.92 43.23 -80.07
N ALA AA 2 132.80 42.78 -80.62
CA ALA AA 2 132.60 42.69 -82.06
C ALA AA 2 131.38 43.51 -82.46
N VAL AA 3 131.44 44.09 -83.66
CA VAL AA 3 130.37 44.93 -84.18
C VAL AA 3 130.01 44.43 -85.58
N ASN AA 4 128.71 44.24 -85.81
CA ASN AA 4 128.23 43.74 -87.10
C ASN AA 4 126.77 44.14 -87.25
N VAL AA 5 126.37 44.38 -88.50
CA VAL AA 5 125.01 44.81 -88.79
C VAL AA 5 124.38 43.89 -89.84
N ASN AA 6 125.23 43.10 -90.51
CA ASN AA 6 124.73 42.22 -91.57
C ASN AA 6 123.85 41.11 -91.00
N THR AA 7 124.29 40.48 -89.90
CA THR AA 7 123.58 39.37 -89.29
C THR AA 7 123.44 39.60 -87.80
N ASN AA 8 122.37 39.04 -87.23
CA ASN AA 8 122.11 39.13 -85.80
C ASN AA 8 122.01 37.73 -85.23
N VAL AA 9 122.61 37.52 -84.06
CA VAL AA 9 122.62 36.23 -83.39
C VAL AA 9 121.90 36.28 -82.05
N SER AA 10 122.15 37.31 -81.24
CA SER AA 10 121.47 37.44 -79.96
C SER AA 10 119.97 37.61 -80.16
N ALA AA 11 119.58 38.41 -81.16
CA ALA AA 11 118.16 38.53 -81.47
C ALA AA 11 117.61 37.26 -82.09
N MET AA 12 118.43 36.52 -82.84
CA MET AA 12 117.97 35.29 -83.47
C MET AA 12 117.59 34.25 -82.42
N THR AA 13 118.47 34.03 -81.43
CA THR AA 13 118.14 33.09 -80.37
C THR AA 13 117.05 33.64 -79.45
N ALA AA 14 116.92 34.97 -79.38
CA ALA AA 14 115.82 35.56 -78.63
C ALA AA 14 114.48 35.21 -79.27
N GLN AA 15 114.42 35.23 -80.60
CA GLN AA 15 113.21 34.83 -81.30
C GLN AA 15 112.93 33.35 -81.09
N ARG AA 16 113.98 32.52 -81.05
CA ARG AA 16 113.81 31.11 -80.75
C ARG AA 16 113.25 30.92 -79.34
N TYR AA 17 113.71 31.73 -78.39
CA TYR AA 17 113.14 31.70 -77.04
C TYR AA 17 111.67 32.10 -77.06
N LEU AA 18 111.33 33.11 -77.86
CA LEU AA 18 109.93 33.54 -77.99
C LEU AA 18 109.07 32.41 -78.54
N THR AA 19 109.52 31.78 -79.62
CA THR AA 19 108.71 30.73 -80.26
C THR AA 19 108.55 29.54 -79.34
N SER AA 20 109.63 29.12 -78.68
CA SER AA 20 109.57 27.92 -77.84
C SER AA 20 108.70 28.15 -76.61
N ALA AA 21 108.86 29.28 -75.95
CA ALA AA 21 108.14 29.52 -74.70
C ALA AA 21 106.66 29.81 -74.96
N THR AA 22 106.37 30.66 -75.94
CA THR AA 22 105.00 31.12 -76.15
C THR AA 22 104.14 30.10 -76.91
N ASN AA 23 104.73 29.15 -77.62
CA ASN AA 23 103.91 28.12 -78.26
C ASN AA 23 103.26 27.21 -77.23
N ALA AA 24 103.97 26.92 -76.14
CA ALA AA 24 103.35 26.21 -75.03
C ALA AA 24 102.33 27.09 -74.33
N GLN AA 25 102.52 28.40 -74.34
CA GLN AA 25 101.49 29.32 -73.86
C GLN AA 25 100.23 29.21 -74.70
N GLN AA 26 100.39 29.10 -76.02
CA GLN AA 26 99.23 28.94 -76.90
C GLN AA 26 98.46 27.65 -76.63
N SER AA 27 99.12 26.65 -76.05
CA SER AA 27 98.41 25.46 -75.61
C SER AA 27 97.48 25.73 -74.45
N SER AA 28 97.57 26.90 -73.83
CA SER AA 28 96.66 27.34 -72.80
C SER AA 28 95.66 28.33 -73.41
N MET AA 29 94.80 28.89 -72.57
CA MET AA 29 93.65 29.72 -72.94
C MET AA 29 92.65 29.02 -73.86
N GLU AA 30 92.70 27.69 -73.96
CA GLU AA 30 91.52 26.98 -74.46
C GLU AA 30 91.17 25.90 -73.44
N ARG AA 31 92.18 25.36 -72.77
CA ARG AA 31 91.93 24.42 -71.68
C ARG AA 31 91.17 25.08 -70.54
N LEU AA 32 91.32 26.39 -70.36
CA LEU AA 32 90.51 27.11 -69.38
C LEU AA 32 89.03 27.05 -69.74
N SER AA 33 88.70 27.43 -70.98
CA SER AA 33 87.29 27.43 -71.40
C SER AA 33 86.73 26.02 -71.47
N SER AA 34 87.52 25.07 -71.98
CA SER AA 34 87.04 23.70 -72.12
C SER AA 34 86.83 23.04 -70.77
N GLY AA 35 87.73 23.29 -69.82
CA GLY AA 35 87.76 22.56 -68.57
C GLY AA 35 88.50 21.25 -68.65
N TYR AA 36 89.02 20.87 -69.81
CA TYR AA 36 89.83 19.68 -69.99
C TYR AA 36 91.25 20.09 -70.34
N LYS AA 37 92.23 19.45 -69.70
CA LYS AA 37 93.62 19.62 -70.09
C LYS AA 37 94.02 18.71 -71.23
N ILE AA 38 93.14 17.83 -71.68
CA ILE AA 38 93.37 16.97 -72.83
C ILE AA 38 92.32 17.30 -73.87
N ASN AA 39 92.76 17.78 -75.03
CA ASN AA 39 91.84 18.18 -76.09
C ASN AA 39 92.27 17.60 -77.42
N SER AA 40 93.57 17.32 -77.56
CA SER AA 40 94.12 16.77 -78.79
C SER AA 40 94.98 15.56 -78.47
N ALA AA 41 95.02 14.62 -79.42
CA ALA AA 41 95.81 13.40 -79.22
C ALA AA 41 97.30 13.72 -79.15
N LYS AA 42 97.75 14.78 -79.82
CA LYS AA 42 99.17 15.11 -79.84
C LYS AA 42 99.68 15.54 -78.47
N ASP AA 43 98.79 15.87 -77.53
CA ASP AA 43 99.23 16.24 -76.19
C ASP AA 43 99.52 15.00 -75.35
N ASP AA 44 98.52 14.15 -75.14
CA ASP AA 44 98.68 12.90 -74.41
C ASP AA 44 97.88 11.84 -75.16
N ALA AA 45 98.56 11.16 -76.09
CA ALA AA 45 97.88 10.15 -76.91
C ALA AA 45 97.36 9.01 -76.04
N ALA AA 46 98.16 8.54 -75.09
CA ALA AA 46 97.70 7.48 -74.19
C ALA AA 46 96.53 7.96 -73.33
N GLY AA 47 96.61 9.20 -72.84
CA GLY AA 47 95.55 9.72 -72.01
C GLY AA 47 94.21 9.85 -72.72
N LEU AA 48 94.23 10.15 -74.02
CA LEU AA 48 92.99 10.31 -74.76
C LEU AA 48 92.20 9.01 -74.83
N GLN AA 49 92.89 7.90 -75.09
CA GLN AA 49 92.20 6.62 -75.27
C GLN AA 49 91.51 6.19 -73.98
N ILE AA 50 92.18 6.33 -72.84
CA ILE AA 50 91.56 5.96 -71.57
C ILE AA 50 90.45 6.94 -71.22
N SER AA 51 90.68 8.23 -71.44
CA SER AA 51 89.67 9.23 -71.08
C SER AA 51 88.38 9.02 -71.87
N ASN AA 52 88.48 8.68 -73.16
CA ASN AA 52 87.30 8.37 -73.93
C ASN AA 52 86.62 7.11 -73.41
N ARG AA 53 87.42 6.12 -72.98
CA ARG AA 53 86.84 4.90 -72.43
C ARG AA 53 86.02 5.21 -71.18
N LEU AA 54 86.53 6.07 -70.30
CA LEU AA 54 85.79 6.45 -69.11
C LEU AA 54 84.53 7.25 -69.48
N ASN AA 55 84.63 8.10 -70.51
CA ASN AA 55 83.45 8.81 -70.97
C ASN AA 55 82.37 7.86 -71.49
N VAL AA 56 82.78 6.86 -72.29
CA VAL AA 56 81.82 5.90 -72.82
C VAL AA 56 81.20 5.09 -71.68
N GLN AA 57 82.03 4.66 -70.73
CA GLN AA 57 81.51 3.88 -69.60
C GLN AA 57 80.57 4.71 -68.74
N SER AA 58 80.94 5.97 -68.47
CA SER AA 58 80.10 6.81 -67.62
C SER AA 58 78.76 7.12 -68.29
N ARG AA 59 78.79 7.48 -69.58
CA ARG AA 59 77.54 7.69 -70.30
C ARG AA 59 76.73 6.41 -70.39
N GLY AA 60 77.41 5.29 -70.63
CA GLY AA 60 76.72 4.01 -70.65
C GLY AA 60 76.05 3.68 -69.33
N LEU AA 61 76.69 4.04 -68.22
CA LEU AA 61 76.07 3.88 -66.91
C LEU AA 61 74.85 4.77 -66.77
N GLY AA 62 74.93 6.00 -67.30
CA GLY AA 62 73.80 6.90 -67.21
C GLY AA 62 72.56 6.35 -67.90
N VAL AA 63 72.75 5.75 -69.08
CA VAL AA 63 71.62 5.12 -69.76
C VAL AA 63 71.34 3.75 -69.16
N ALA AA 64 72.29 3.18 -68.43
CA ALA AA 64 72.05 1.90 -67.77
C ALA AA 64 71.09 2.06 -66.60
N VAL AA 65 71.30 3.08 -65.77
CA VAL AA 65 70.34 3.36 -64.70
C VAL AA 65 69.02 3.83 -65.29
N ARG AA 66 69.05 4.42 -66.48
CA ARG AA 66 67.80 4.76 -67.16
C ARG AA 66 67.02 3.52 -67.52
N ASN AA 67 67.65 2.58 -68.22
CA ASN AA 67 66.97 1.34 -68.60
C ASN AA 67 66.55 0.55 -67.37
N ALA AA 68 67.33 0.66 -66.29
CA ALA AA 68 66.98 -0.04 -65.06
C ALA AA 68 65.66 0.46 -64.49
N ASN AA 69 65.44 1.78 -64.54
CA ASN AA 69 64.23 2.34 -63.93
C ASN AA 69 62.98 1.94 -64.68
N ASP AA 70 63.02 1.93 -66.02
CA ASP AA 70 61.88 1.38 -66.76
C ASP AA 70 61.71 -0.11 -66.50
N GLY AA 71 62.81 -0.81 -66.23
CA GLY AA 71 62.69 -2.19 -65.80
C GLY AA 71 61.94 -2.32 -64.48
N ILE AA 72 62.26 -1.44 -63.54
CA ILE AA 72 61.52 -1.42 -62.27
C ILE AA 72 60.08 -1.01 -62.50
N SER AA 73 59.87 0.02 -63.34
CA SER AA 73 58.52 0.51 -63.58
C SER AA 73 57.65 -0.56 -64.23
N MET AA 74 58.20 -1.30 -65.19
CA MET AA 74 57.46 -2.40 -65.79
C MET AA 74 57.10 -3.45 -64.75
N ALA AA 75 57.93 -3.60 -63.72
CA ALA AA 75 57.65 -4.58 -62.67
C ALA AA 75 56.50 -4.13 -61.79
N GLN AA 76 56.50 -2.86 -61.37
CA GLN AA 76 55.44 -2.40 -60.47
C GLN AA 76 54.11 -2.23 -61.19
N THR AA 77 54.14 -1.88 -62.48
CA THR AA 77 52.90 -1.81 -63.25
C THR AA 77 52.24 -3.18 -63.30
N ALA AA 78 53.02 -4.24 -63.50
CA ALA AA 78 52.48 -5.59 -63.37
C ALA AA 78 52.00 -5.83 -61.94
N GLU AA 79 52.75 -5.35 -60.96
CA GLU AA 79 52.34 -5.48 -59.57
C GLU AA 79 51.03 -4.74 -59.31
N GLY AA 80 50.70 -3.76 -60.14
CA GLY AA 80 49.43 -3.08 -59.99
C GLY AA 80 48.25 -4.02 -60.18
N ALA AA 81 48.30 -4.84 -61.22
CA ALA AA 81 47.24 -5.82 -61.42
C ALA AA 81 47.41 -7.01 -60.49
N MET AA 82 48.59 -7.17 -59.90
CA MET AA 82 48.82 -8.27 -58.97
C MET AA 82 47.96 -8.13 -57.73
N LYS AA 83 47.96 -6.95 -57.11
CA LYS AA 83 47.17 -6.74 -55.92
C LYS AA 83 45.69 -6.91 -56.20
N GLU AA 84 45.25 -6.47 -57.39
CA GLU AA 84 43.83 -6.57 -57.72
C GLU AA 84 43.42 -8.00 -58.02
N THR AA 85 44.30 -8.76 -58.69
CA THR AA 85 43.98 -10.15 -59.01
C THR AA 85 43.80 -10.98 -57.74
N THR AA 86 44.67 -10.77 -56.74
CA THR AA 86 44.47 -11.45 -55.47
C THR AA 86 43.20 -10.99 -54.80
N ASN AA 87 42.86 -9.70 -54.92
CA ASN AA 87 41.65 -9.19 -54.30
C ASN AA 87 40.41 -9.86 -54.89
N ILE AA 88 40.38 -10.04 -56.20
CA ILE AA 88 39.26 -10.74 -56.82
C ILE AA 88 39.25 -12.20 -56.39
N LEU AA 89 40.42 -12.85 -56.41
CA LEU AA 89 40.47 -14.28 -56.11
C LEU AA 89 40.03 -14.56 -54.67
N GLN AA 90 40.42 -13.70 -53.73
CA GLN AA 90 39.94 -13.83 -52.36
C GLN AA 90 38.42 -13.68 -52.31
N ARG AA 91 37.87 -12.77 -53.11
CA ARG AA 91 36.43 -12.55 -53.09
C ARG AA 91 35.67 -13.79 -53.55
N MET AA 92 36.15 -14.45 -54.61
CA MET AA 92 35.48 -15.66 -55.07
C MET AA 92 35.55 -16.76 -54.01
N ARG AA 93 36.71 -16.92 -53.38
CA ARG AA 93 36.86 -17.97 -52.38
C ARG AA 93 35.95 -17.72 -51.19
N ASP AA 94 35.82 -16.46 -50.76
CA ASP AA 94 34.98 -16.16 -49.60
C ASP AA 94 33.52 -16.48 -49.87
N LEU AA 95 33.01 -16.07 -51.04
CA LEU AA 95 31.61 -16.32 -51.35
C LEU AA 95 31.37 -17.75 -51.78
N SER AA 96 32.39 -18.44 -52.30
CA SER AA 96 32.24 -19.87 -52.56
C SER AA 96 32.11 -20.64 -51.25
N LEU AA 97 32.78 -20.17 -50.20
CA LEU AA 97 32.57 -20.74 -48.87
C LEU AA 97 31.12 -20.57 -48.43
N GLN AA 98 30.52 -19.42 -48.75
CA GLN AA 98 29.11 -19.21 -48.45
C GLN AA 98 28.23 -20.17 -49.23
N SER AA 99 28.55 -20.42 -50.50
CA SER AA 99 27.78 -21.33 -51.33
C SER AA 99 28.05 -22.79 -51.03
N ALA AA 100 29.09 -23.10 -50.27
CA ALA AA 100 29.43 -24.48 -49.96
C ALA AA 100 28.50 -25.11 -48.95
N ASN AA 101 27.44 -24.40 -48.58
CA ASN AA 101 26.47 -24.89 -47.61
C ASN AA 101 25.17 -25.17 -48.34
N GLY AA 102 24.53 -26.29 -48.01
CA GLY AA 102 23.19 -26.55 -48.50
C GLY AA 102 22.13 -25.63 -47.94
N SER AA 103 22.53 -24.59 -47.22
CA SER AA 103 21.57 -23.69 -46.59
C SER AA 103 20.76 -22.92 -47.63
N ASN AA 104 21.42 -22.44 -48.66
CA ASN AA 104 20.76 -21.64 -49.67
C ASN AA 104 20.11 -22.53 -50.73
N SER AA 105 18.94 -22.11 -51.20
CA SER AA 105 18.24 -22.83 -52.24
C SER AA 105 19.00 -22.68 -53.56
N LYS AA 106 18.53 -23.39 -54.59
CA LYS AA 106 19.22 -23.38 -55.87
C LYS AA 106 19.21 -22.00 -56.50
N ALA AA 107 18.22 -21.17 -56.18
CA ALA AA 107 18.16 -19.83 -56.74
C ALA AA 107 19.33 -18.97 -56.27
N ASP AA 108 19.70 -19.10 -54.99
CA ASP AA 108 20.80 -18.30 -54.47
C ASP AA 108 22.12 -18.67 -55.13
N ARG AA 109 22.37 -19.97 -55.33
CA ARG AA 109 23.59 -20.38 -56.02
C ARG AA 109 23.60 -19.92 -57.47
N VAL AA 110 22.42 -19.73 -58.07
CA VAL AA 110 22.35 -19.12 -59.39
C VAL AA 110 22.85 -17.69 -59.34
N ALA AA 111 22.40 -16.93 -58.33
CA ALA AA 111 22.87 -15.56 -58.16
C ALA AA 111 24.35 -15.53 -57.83
N ILE AA 112 24.81 -16.48 -57.01
CA ILE AA 112 26.24 -16.57 -56.68
C ILE AA 112 27.05 -16.86 -57.94
N GLN AA 113 26.57 -17.77 -58.78
CA GLN AA 113 27.24 -18.03 -60.05
C GLN AA 113 27.25 -16.78 -60.92
N GLU AA 114 26.21 -15.94 -60.83
CA GLU AA 114 26.20 -14.69 -61.57
C GLU AA 114 27.34 -13.77 -61.10
N GLU AA 115 27.57 -13.71 -59.79
CA GLU AA 115 28.68 -12.92 -59.29
C GLU AA 115 30.03 -13.53 -59.69
N ILE AA 116 30.12 -14.86 -59.67
CA ILE AA 116 31.36 -15.52 -60.04
C ILE AA 116 31.68 -15.29 -61.51
N THR AA 117 30.70 -15.49 -62.40
CA THR AA 117 30.96 -15.28 -63.81
C THR AA 117 31.18 -13.81 -64.11
N ALA AA 118 30.63 -12.91 -63.29
CA ALA AA 118 30.91 -11.49 -63.44
C ALA AA 118 32.36 -11.19 -63.09
N LEU AA 119 32.82 -11.70 -61.94
CA LEU AA 119 34.23 -11.51 -61.57
C LEU AA 119 35.15 -12.26 -62.52
N ASN AA 120 34.67 -13.34 -63.14
CA ASN AA 120 35.49 -14.08 -64.08
C ASN AA 120 35.87 -13.23 -65.27
N ASP AA 121 34.94 -12.41 -65.76
CA ASP AA 121 35.25 -11.51 -66.86
C ASP AA 121 36.28 -10.46 -66.42
N GLU AA 122 36.35 -10.19 -65.12
CA GLU AA 122 37.27 -9.16 -64.64
C GLU AA 122 38.73 -9.58 -64.81
N LEU AA 123 39.06 -10.82 -64.46
CA LEU AA 123 40.41 -11.30 -64.68
C LEU AA 123 40.72 -11.34 -66.17
N ASN AA 124 39.78 -11.83 -66.98
CA ASN AA 124 39.97 -11.87 -68.42
C ASN AA 124 40.06 -10.46 -69.02
N ARG AA 125 39.61 -9.45 -68.29
CA ARG AA 125 39.72 -8.08 -68.78
C ARG AA 125 41.04 -7.45 -68.33
N VAL AA 126 41.36 -7.56 -67.04
CA VAL AA 126 42.58 -6.94 -66.53
C VAL AA 126 43.81 -7.59 -67.15
N ALA AA 127 43.77 -8.90 -67.42
CA ALA AA 127 44.89 -9.56 -68.07
C ALA AA 127 45.12 -9.01 -69.47
N GLU AA 128 44.08 -8.50 -70.11
CA GLU AA 128 44.19 -7.93 -71.45
C GLU AA 128 44.23 -6.41 -71.45
N THR AA 129 44.02 -5.76 -70.30
CA THR AA 129 43.98 -4.31 -70.21
C THR AA 129 45.31 -3.72 -69.75
N THR AA 130 45.97 -4.34 -68.77
CA THR AA 130 47.26 -3.86 -68.30
C THR AA 130 48.25 -3.78 -69.46
N SER AA 131 48.63 -2.56 -69.82
CA SER AA 131 49.35 -2.34 -71.06
C SER AA 131 50.74 -1.77 -70.86
N PHE AA 132 50.88 -0.71 -70.04
CA PHE AA 132 52.13 0.03 -69.91
C PHE AA 132 52.57 0.57 -71.27
N GLY AA 133 51.76 1.48 -71.79
CA GLY AA 133 52.07 2.15 -73.03
C GLY AA 133 52.04 1.26 -74.26
N GLY AA 134 51.01 0.43 -74.37
CA GLY AA 134 50.79 -0.36 -75.56
C GLY AA 134 51.33 -1.78 -75.51
N ASN AA 135 52.09 -2.14 -74.49
CA ASN AA 135 52.55 -3.51 -74.34
C ASN AA 135 51.41 -4.35 -73.77
N LYS AA 136 51.70 -5.61 -73.43
CA LYS AA 136 50.70 -6.50 -72.83
C LYS AA 136 51.39 -7.24 -71.69
N LEU AA 137 51.23 -6.72 -70.48
CA LEU AA 137 52.01 -7.23 -69.35
C LEU AA 137 51.53 -8.60 -68.91
N LEU AA 138 50.22 -8.80 -68.80
CA LEU AA 138 49.67 -10.05 -68.30
C LEU AA 138 48.90 -10.84 -69.34
N ASN AA 139 48.83 -10.37 -70.58
CA ASN AA 139 48.11 -11.11 -71.62
C ASN AA 139 48.79 -12.42 -71.99
N GLY AA 140 50.05 -12.63 -71.58
CA GLY AA 140 50.81 -13.78 -71.97
C GLY AA 140 51.68 -13.57 -73.19
N THR AA 141 51.39 -12.54 -73.99
CA THR AA 141 52.24 -12.22 -75.13
C THR AA 141 53.58 -11.63 -74.71
N PHE AA 142 53.76 -11.28 -73.44
CA PHE AA 142 55.02 -10.74 -72.94
C PHE AA 142 55.98 -11.89 -72.75
N ALA AA 143 56.98 -12.00 -73.63
CA ALA AA 143 57.98 -13.05 -73.53
C ALA AA 143 59.10 -12.58 -72.61
N THR AA 144 60.21 -13.32 -72.61
CA THR AA 144 61.36 -12.98 -71.78
C THR AA 144 62.03 -11.73 -72.36
N LYS AA 145 61.84 -10.59 -71.72
CA LYS AA 145 62.46 -9.34 -72.13
C LYS AA 145 63.73 -9.13 -71.32
N SER AA 146 64.80 -8.75 -72.00
CA SER AA 146 66.10 -8.55 -71.37
C SER AA 146 66.38 -7.06 -71.22
N PHE AA 147 66.73 -6.65 -70.01
CA PHE AA 147 67.04 -5.26 -69.71
C PHE AA 147 68.54 -5.09 -69.57
N GLN AA 148 69.11 -4.17 -70.35
CA GLN AA 148 70.54 -3.90 -70.33
C GLN AA 148 70.84 -2.93 -69.21
N ILE AA 149 71.52 -3.41 -68.17
CA ILE AA 149 71.79 -2.61 -66.98
C ILE AA 149 73.29 -2.51 -66.73
N GLY AA 150 74.07 -2.54 -67.80
CA GLY AA 150 75.51 -2.45 -67.69
C GLY AA 150 76.08 -1.43 -68.66
N ALA AA 151 77.33 -1.06 -68.42
CA ALA AA 151 78.00 -0.11 -69.28
C ALA AA 151 78.16 -0.66 -70.69
N ASP AA 152 78.52 -1.93 -70.81
CA ASP AA 152 78.73 -2.57 -72.10
C ASP AA 152 77.56 -3.48 -72.43
N ASN AA 153 77.67 -4.17 -73.57
CA ASN AA 153 76.62 -5.07 -74.03
C ASN AA 153 76.82 -6.47 -73.47
N GLY AA 154 75.73 -7.22 -73.38
CA GLY AA 154 75.75 -8.58 -72.91
C GLY AA 154 75.44 -8.75 -71.43
N GLU AA 155 75.56 -7.68 -70.64
CA GLU AA 155 75.27 -7.74 -69.21
C GLU AA 155 73.83 -7.34 -68.94
N ALA AA 156 72.91 -8.18 -69.43
CA ALA AA 156 71.49 -7.94 -69.27
C ALA AA 156 70.87 -8.99 -68.35
N VAL AA 157 69.69 -8.66 -67.83
CA VAL AA 157 68.95 -9.52 -66.92
C VAL AA 157 67.60 -9.83 -67.57
N MET AA 158 67.28 -11.11 -67.68
CA MET AA 158 66.03 -11.53 -68.30
C MET AA 158 64.90 -11.48 -67.28
N LEU AA 159 63.69 -11.31 -67.79
CA LEU AA 159 62.49 -11.25 -66.97
C LEU AA 159 61.31 -11.77 -67.77
N ASN AA 160 60.51 -12.63 -67.15
CA ASN AA 160 59.32 -13.18 -67.79
C ASN AA 160 58.11 -12.96 -66.89
N ILE AA 161 56.99 -12.61 -67.51
CA ILE AA 161 55.71 -12.42 -66.82
C ILE AA 161 54.74 -13.45 -67.36
N LYS AA 162 54.23 -14.31 -66.48
CA LYS AA 162 53.39 -15.41 -66.88
C LYS AA 162 51.97 -14.94 -67.19
N ASP AA 163 51.32 -15.66 -68.11
CA ASP AA 163 49.95 -15.35 -68.49
C ASP AA 163 49.00 -15.59 -67.31
N MET AA 164 48.03 -14.69 -67.15
CA MET AA 164 47.07 -14.81 -66.04
C MET AA 164 45.63 -14.72 -66.52
N ARG AA 165 45.32 -15.27 -67.68
CA ARG AA 165 43.92 -15.48 -68.02
C ARG AA 165 43.34 -16.52 -67.08
N SER AA 166 42.03 -16.40 -66.82
CA SER AA 166 41.40 -17.30 -65.86
C SER AA 166 41.41 -18.75 -66.33
N ASP AA 167 41.70 -18.99 -67.61
CA ASP AA 167 41.73 -20.33 -68.17
C ASP AA 167 43.13 -20.93 -68.17
N ASN AA 168 44.11 -20.26 -67.58
CA ASN AA 168 45.48 -20.75 -67.60
C ASN AA 168 45.60 -22.09 -66.88
N ALA AA 169 46.33 -23.03 -67.49
CA ALA AA 169 46.44 -24.38 -66.95
C ALA AA 169 47.13 -24.36 -65.58
N LEU AA 170 48.20 -23.58 -65.44
CA LEU AA 170 48.91 -23.50 -64.18
C LEU AA 170 48.10 -22.79 -63.11
N MET AA 171 47.00 -22.15 -63.47
CA MET AA 171 46.17 -21.44 -62.50
C MET AA 171 45.13 -22.36 -61.87
N GLY AA 172 44.76 -23.44 -62.54
CA GLY AA 172 43.80 -24.40 -62.00
C GLY AA 172 44.46 -25.66 -61.50
N GLY AA 173 43.85 -26.81 -61.79
CA GLY AA 173 44.43 -28.07 -61.37
C GLY AA 173 43.56 -29.24 -61.80
N LYS AA 174 44.03 -30.43 -61.47
CA LYS AA 174 43.33 -31.68 -61.74
C LYS AA 174 42.31 -31.96 -60.66
N THR AA 175 41.35 -32.82 -60.99
CA THR AA 175 40.34 -33.24 -60.03
C THR AA 175 39.92 -34.67 -60.31
N TYR AA 176 39.39 -35.32 -59.27
CA TYR AA 176 38.93 -36.70 -59.35
C TYR AA 176 37.62 -36.81 -58.58
N GLN AA 177 36.72 -37.66 -59.07
CA GLN AA 177 35.39 -37.79 -58.49
C GLN AA 177 35.12 -39.25 -58.17
N ALA AA 178 34.61 -39.51 -56.98
CA ALA AA 178 34.22 -40.85 -56.60
C ALA AA 178 33.00 -41.30 -57.40
N ALA AA 179 33.03 -42.54 -57.87
CA ALA AA 179 31.96 -43.04 -58.72
C ALA AA 179 30.66 -43.20 -57.95
N ASN AA 180 30.73 -43.81 -56.77
CA ASN AA 180 29.55 -44.11 -55.97
C ASN AA 180 29.63 -43.38 -54.64
N GLY AA 181 28.57 -42.64 -54.31
CA GLY AA 181 28.53 -41.91 -53.06
C GLY AA 181 28.02 -42.77 -51.91
N LYS AA 182 28.37 -42.34 -50.70
CA LYS AA 182 27.98 -43.03 -49.48
C LYS AA 182 27.09 -42.12 -48.65
N ASP AA 183 25.95 -42.64 -48.20
CA ASP AA 183 24.96 -41.86 -47.48
C ASP AA 183 25.45 -41.53 -46.07
N LYS AA 184 24.59 -40.88 -45.29
CA LYS AA 184 24.96 -40.46 -43.94
C LYS AA 184 25.20 -41.68 -43.04
N ASN AA 185 24.35 -42.69 -43.14
CA ASN AA 185 24.48 -43.86 -42.28
C ASN AA 185 25.76 -44.64 -42.53
N TRP AA 186 26.32 -44.55 -43.74
CA TRP AA 186 27.51 -45.30 -44.06
C TRP AA 186 28.71 -44.82 -43.25
N GLY AA 187 29.56 -45.76 -42.86
CA GLY AA 187 30.76 -45.43 -42.13
C GLY AA 187 31.90 -46.33 -42.56
N VAL AA 188 33.11 -45.89 -42.23
CA VAL AA 188 34.31 -46.65 -42.59
C VAL AA 188 34.31 -47.96 -41.81
N GLU AA 189 34.48 -49.07 -42.52
CA GLU AA 189 34.44 -50.39 -41.92
C GLU AA 189 35.85 -50.95 -41.79
N ALA AA 190 36.03 -51.84 -40.81
CA ALA AA 190 37.32 -52.43 -40.55
C ALA AA 190 37.75 -53.33 -41.71
N GLY AA 191 39.04 -53.33 -42.00
CA GLY AA 191 39.58 -54.10 -43.10
C GLY AA 191 39.50 -53.43 -44.46
N LYS AA 192 38.89 -52.25 -44.53
CA LYS AA 192 38.76 -51.52 -45.79
C LYS AA 192 39.04 -50.03 -45.57
N THR AA 193 40.09 -49.73 -44.82
CA THR AA 193 40.44 -48.35 -44.49
C THR AA 193 41.71 -47.85 -45.16
N ASP AA 194 42.51 -48.73 -45.75
CA ASP AA 194 43.77 -48.32 -46.36
C ASP AA 194 43.52 -47.50 -47.61
N LEU AA 195 44.31 -46.45 -47.78
CA LEU AA 195 44.19 -45.54 -48.93
C LEU AA 195 45.58 -44.99 -49.23
N THR AA 196 46.23 -45.56 -50.24
CA THR AA 196 47.56 -45.12 -50.66
C THR AA 196 47.42 -44.32 -51.95
N ILE AA 197 47.94 -43.10 -51.94
CA ILE AA 197 47.81 -42.20 -53.08
C ILE AA 197 49.20 -41.99 -53.66
N THR AA 198 49.48 -42.63 -54.79
CA THR AA 198 50.71 -42.40 -55.54
C THR AA 198 50.63 -41.04 -56.20
N LEU AA 199 51.69 -40.25 -56.07
CA LEU AA 199 51.67 -38.86 -56.47
C LEU AA 199 52.95 -38.50 -57.21
N LYS AA 200 52.84 -37.53 -58.11
CA LYS AA 200 54.00 -36.96 -58.80
C LYS AA 200 54.06 -35.46 -58.51
N ASP AA 201 55.26 -34.99 -58.18
CA ASP AA 201 55.46 -33.61 -57.76
C ASP AA 201 56.56 -32.97 -58.60
N LYS AA 202 56.42 -31.66 -58.84
CA LYS AA 202 57.46 -30.92 -59.56
C LYS AA 202 58.78 -30.97 -58.79
N ARG AA 203 58.72 -30.77 -57.48
CA ARG AA 203 59.88 -30.90 -56.61
C ARG AA 203 59.68 -32.10 -55.70
N GLU AA 204 60.77 -32.82 -55.44
CA GLU AA 204 60.77 -34.09 -54.70
C GLU AA 204 59.58 -34.97 -55.12
N GLY AA 205 59.56 -35.28 -56.41
CA GLY AA 205 58.47 -36.05 -56.98
C GLY AA 205 58.46 -37.49 -56.50
N ASP AA 206 57.45 -38.22 -57.00
CA ASP AA 206 57.24 -39.63 -56.63
C ASP AA 206 57.05 -39.76 -55.11
N VAL AA 207 55.97 -39.14 -54.63
CA VAL AA 207 55.61 -39.15 -53.22
C VAL AA 207 54.41 -40.06 -53.03
N THR AA 208 54.52 -40.98 -52.09
CA THR AA 208 53.43 -41.88 -51.73
C THR AA 208 52.87 -41.47 -50.38
N ILE AA 209 51.59 -41.15 -50.33
CA ILE AA 209 50.92 -40.73 -49.10
C ILE AA 209 49.95 -41.83 -48.70
N SER AA 210 50.15 -42.38 -47.50
CA SER AA 210 49.30 -43.44 -46.98
C SER AA 210 48.34 -42.84 -45.96
N ILE AA 211 47.04 -42.98 -46.23
CA ILE AA 211 46.00 -42.47 -45.36
C ILE AA 211 45.16 -43.65 -44.88
N ASN AA 212 45.04 -43.78 -43.56
CA ASN AA 212 44.27 -44.86 -42.94
C ASN AA 212 43.19 -44.21 -42.09
N ALA AA 213 41.99 -44.07 -42.67
CA ALA AA 213 40.90 -43.43 -41.98
C ALA AA 213 40.48 -44.24 -40.76
N LYS AA 214 40.11 -43.56 -39.69
CA LYS AA 214 39.66 -44.23 -38.49
C LYS AA 214 38.33 -44.92 -38.74
N GLU AA 215 38.17 -46.12 -38.19
CA GLU AA 215 36.93 -46.87 -38.34
C GLU AA 215 35.79 -46.13 -37.65
N GLY AA 216 34.62 -46.15 -38.29
CA GLY AA 216 33.42 -45.52 -37.77
C GLY AA 216 33.17 -44.14 -38.31
N ASP AA 217 34.18 -43.50 -38.90
CA ASP AA 217 34.02 -42.17 -39.48
C ASP AA 217 33.02 -42.20 -40.63
N ASP AA 218 32.13 -41.22 -40.65
CA ASP AA 218 31.19 -41.12 -41.75
C ASP AA 218 31.89 -40.54 -42.99
N ILE AA 219 31.10 -40.31 -44.03
CA ILE AA 219 31.69 -39.92 -45.31
C ILE AA 219 32.25 -38.51 -45.25
N GLU AA 220 31.57 -37.58 -44.58
CA GLU AA 220 32.00 -36.18 -44.58
C GLU AA 220 33.23 -35.98 -43.70
N GLU AA 221 33.25 -36.58 -42.51
CA GLU AA 221 34.40 -36.44 -41.63
C GLU AA 221 35.65 -37.09 -42.19
N LEU AA 222 35.49 -38.09 -43.07
CA LEU AA 222 36.66 -38.66 -43.73
C LEU AA 222 37.33 -37.65 -44.63
N ALA AA 223 36.54 -36.78 -45.27
CA ALA AA 223 37.12 -35.73 -46.11
C ALA AA 223 37.96 -34.77 -45.27
N THR AA 224 37.49 -34.42 -44.07
CA THR AA 224 38.27 -33.55 -43.21
C THR AA 224 39.57 -34.22 -42.77
N TYR AA 225 39.53 -35.54 -42.53
CA TYR AA 225 40.72 -36.26 -42.11
C TYR AA 225 41.82 -36.18 -43.17
N ILE AA 226 41.45 -36.38 -44.45
CA ILE AA 226 42.43 -36.36 -45.52
C ILE AA 226 43.06 -34.97 -45.64
N ASN AA 227 42.25 -33.92 -45.52
CA ASN AA 227 42.79 -32.57 -45.59
C ASN AA 227 43.81 -32.31 -44.49
N GLY AA 228 43.50 -32.76 -43.27
CA GLY AA 228 44.42 -32.54 -42.17
C GLY AA 228 45.71 -33.32 -42.31
N GLN AA 229 45.64 -34.54 -42.86
CA GLN AA 229 46.82 -35.38 -42.94
C GLN AA 229 47.89 -34.79 -43.85
N THR AA 230 47.48 -34.22 -44.98
CA THR AA 230 48.44 -33.67 -45.93
C THR AA 230 47.83 -32.49 -46.66
N ASP AA 231 48.68 -31.52 -47.00
CA ASP AA 231 48.29 -30.38 -47.81
C ASP AA 231 48.45 -30.64 -49.31
N MET AA 232 48.97 -31.81 -49.68
CA MET AA 232 49.15 -32.16 -51.08
C MET AA 232 47.82 -32.42 -51.78
N ILE AA 233 46.76 -32.67 -51.03
CA ILE AA 233 45.49 -33.15 -51.55
C ILE AA 233 44.36 -32.42 -50.84
N LYS AA 234 43.35 -32.02 -51.61
CA LYS AA 234 42.15 -31.39 -51.07
C LYS AA 234 40.95 -32.28 -51.39
N ALA AA 235 40.19 -32.64 -50.36
CA ALA AA 235 39.07 -33.56 -50.50
C ALA AA 235 37.79 -32.94 -49.95
N SER AA 236 36.67 -33.35 -50.52
CA SER AA 236 35.37 -32.81 -50.11
C SER AA 236 34.27 -33.77 -50.57
N VAL AA 237 33.06 -33.52 -50.08
CA VAL AA 237 31.88 -34.32 -50.40
C VAL AA 237 30.88 -33.42 -51.11
N ASP AA 238 30.27 -33.92 -52.18
CA ASP AA 238 29.44 -33.06 -53.04
C ASP AA 238 27.96 -33.07 -52.67
N GLU AA 239 27.26 -34.19 -52.92
CA GLU AA 239 25.86 -34.27 -52.53
C GLU AA 239 25.43 -35.64 -52.00
N GLU AA 240 26.19 -36.71 -52.24
CA GLU AA 240 25.73 -38.03 -51.83
C GLU AA 240 26.84 -38.88 -51.22
N GLY AA 241 28.03 -38.33 -51.02
CA GLY AA 241 29.16 -39.10 -50.54
C GLY AA 241 30.31 -39.20 -51.52
N LYS AA 242 30.18 -38.67 -52.73
CA LYS AA 242 31.26 -38.74 -53.70
C LYS AA 242 32.35 -37.73 -53.34
N LEU AA 243 33.59 -38.21 -53.25
CA LEU AA 243 34.72 -37.38 -52.91
C LEU AA 243 35.22 -36.64 -54.14
N GLN AA 244 35.42 -35.33 -54.00
CA GLN AA 244 36.01 -34.51 -55.06
C GLN AA 244 37.47 -34.26 -54.70
N LEU AA 245 38.31 -35.23 -55.03
CA LEU AA 245 39.74 -35.08 -54.86
C LEU AA 245 40.27 -33.98 -55.75
N PHE AA 246 41.22 -33.20 -55.25
CA PHE AA 246 41.79 -32.09 -55.99
C PHE AA 246 43.30 -32.21 -56.04
N THR AA 247 43.89 -31.63 -57.09
CA THR AA 247 45.33 -31.70 -57.28
C THR AA 247 45.78 -30.36 -57.88
N ASP AA 248 46.62 -29.64 -57.15
CA ASP AA 248 47.10 -28.35 -57.62
C ASP AA 248 48.05 -28.57 -58.80
N ASN AA 249 47.77 -27.89 -59.92
CA ASN AA 249 48.51 -28.14 -61.15
C ASN AA 249 49.94 -27.63 -61.09
N ASN AA 250 50.22 -26.56 -60.32
CA ASN AA 250 51.54 -25.96 -60.36
C ASN AA 250 52.59 -26.76 -59.61
N ARG AA 251 52.19 -27.75 -58.81
CA ARG AA 251 53.16 -28.51 -58.03
C ARG AA 251 52.96 -30.01 -58.06
N ILE AA 252 51.80 -30.51 -58.49
CA ILE AA 252 51.52 -31.95 -58.44
C ILE AA 252 51.24 -32.44 -59.85
N ASP AA 253 51.96 -31.89 -60.83
CA ASP AA 253 51.84 -32.32 -62.22
C ASP AA 253 51.83 -33.84 -62.34
N GLY AA 254 51.07 -34.33 -63.31
CA GLY AA 254 50.93 -35.75 -63.53
C GLY AA 254 49.68 -36.32 -62.87
N ALA AA 255 49.22 -37.45 -63.41
CA ALA AA 255 48.05 -38.11 -62.88
C ALA AA 255 48.34 -38.74 -61.52
N ALA AA 256 47.30 -38.81 -60.70
CA ALA AA 256 47.39 -39.37 -59.36
C ALA AA 256 46.81 -40.78 -59.36
N THR AA 257 47.58 -41.74 -58.89
CA THR AA 257 47.16 -43.13 -58.84
C THR AA 257 46.61 -43.44 -57.45
N PHE AA 258 45.46 -44.11 -57.41
CA PHE AA 258 44.78 -44.41 -56.16
C PHE AA 258 44.91 -45.89 -55.85
N GLY AA 259 45.05 -46.20 -54.56
CA GLY AA 259 45.23 -47.57 -54.13
C GLY AA 259 44.68 -47.77 -52.73
N GLY AA 260 44.67 -49.02 -52.31
CA GLY AA 260 44.14 -49.40 -51.02
C GLY AA 260 42.70 -49.88 -51.12
N ALA AA 261 42.27 -50.56 -50.06
CA ALA AA 261 40.92 -51.13 -50.03
C ALA AA 261 39.87 -50.04 -50.06
N LEU AA 262 40.11 -48.91 -49.39
CA LEU AA 262 39.16 -47.82 -49.40
C LEU AA 262 38.99 -47.23 -50.79
N ALA AA 263 40.09 -47.11 -51.54
CA ALA AA 263 40.00 -46.58 -52.90
C ALA AA 263 39.15 -47.48 -53.78
N GLY AA 264 39.32 -48.80 -53.65
CA GLY AA 264 38.47 -49.72 -54.39
C GLY AA 264 37.02 -49.64 -53.96
N GLU AA 265 36.79 -49.44 -52.66
CA GLU AA 265 35.42 -49.31 -52.16
C GLU AA 265 34.74 -48.07 -52.75
N LEU AA 266 35.47 -46.96 -52.83
CA LEU AA 266 34.96 -45.77 -53.48
C LEU AA 266 35.29 -45.84 -54.97
N GLY AA 267 35.13 -44.72 -55.67
CA GLY AA 267 35.46 -44.64 -57.08
C GLY AA 267 36.80 -43.94 -57.27
N ILE AA 268 37.65 -44.55 -58.10
CA ILE AA 268 38.94 -43.95 -58.40
C ILE AA 268 38.76 -42.64 -59.15
N GLY AA 269 37.91 -42.66 -60.18
CA GLY AA 269 37.63 -41.46 -60.94
C GLY AA 269 38.71 -41.12 -61.94
N ALA AA 270 38.38 -40.30 -62.93
CA ALA AA 270 39.34 -39.87 -63.93
C ALA AA 270 39.91 -38.50 -63.58
N ALA AA 271 41.01 -38.17 -64.24
CA ALA AA 271 41.70 -36.89 -64.02
C ALA AA 271 41.07 -35.84 -64.94
N GLN AA 272 40.18 -35.03 -64.38
CA GLN AA 272 39.53 -33.96 -65.11
C GLN AA 272 40.24 -32.64 -64.84
N ASP AA 273 40.55 -31.92 -65.90
CA ASP AA 273 41.25 -30.64 -65.79
C ASP AA 273 40.23 -29.52 -65.59
N VAL AA 274 40.41 -28.74 -64.54
CA VAL AA 274 39.51 -27.62 -64.24
C VAL AA 274 40.34 -26.41 -63.86
N THR AA 275 39.94 -25.24 -64.36
CA THR AA 275 40.57 -23.97 -64.04
C THR AA 275 39.49 -22.99 -63.57
N VAL AA 276 39.91 -21.75 -63.31
CA VAL AA 276 38.97 -20.75 -62.83
C VAL AA 276 37.95 -20.39 -63.91
N ASP AA 277 38.34 -20.47 -65.18
CA ASP AA 277 37.41 -20.14 -66.26
C ASP AA 277 36.20 -21.07 -66.25
N THR AA 278 36.44 -22.38 -66.14
CA THR AA 278 35.36 -23.35 -66.07
C THR AA 278 34.81 -23.50 -64.67
N LEU AA 279 35.41 -22.83 -63.69
CA LEU AA 279 34.90 -22.85 -62.32
C LEU AA 279 33.47 -22.33 -62.30
N ASP AA 280 32.53 -23.21 -61.96
CA ASP AA 280 31.13 -22.85 -61.79
C ASP AA 280 30.65 -23.36 -60.44
N VAL AA 281 29.78 -22.59 -59.81
CA VAL AA 281 29.17 -22.95 -58.54
C VAL AA 281 27.68 -22.74 -58.67
N THR AA 282 26.96 -23.81 -58.99
CA THR AA 282 25.50 -23.82 -58.95
C THR AA 282 24.95 -24.87 -58.00
N THR AA 283 25.76 -25.85 -57.61
CA THR AA 283 25.39 -26.83 -56.60
C THR AA 283 26.55 -26.95 -55.62
N VAL AA 284 26.25 -27.49 -54.44
CA VAL AA 284 27.23 -27.51 -53.34
C VAL AA 284 28.48 -28.29 -53.73
N GLY AA 285 28.34 -29.24 -54.65
CA GLY AA 285 29.50 -30.00 -55.09
C GLY AA 285 30.54 -29.14 -55.77
N GLY AA 286 30.10 -28.30 -56.71
CA GLY AA 286 31.03 -27.39 -57.36
C GLY AA 286 31.53 -26.32 -56.43
N ALA AA 287 30.79 -26.04 -55.36
CA ALA AA 287 31.22 -25.05 -54.39
C ALA AA 287 32.42 -25.52 -53.60
N GLN AA 288 32.43 -26.78 -53.16
CA GLN AA 288 33.60 -27.31 -52.46
C GLN AA 288 34.77 -27.48 -53.41
N GLU AA 289 34.50 -27.77 -54.67
CA GLU AA 289 35.56 -27.82 -55.68
C GLU AA 289 36.15 -26.44 -55.94
N SER AA 290 35.31 -25.41 -55.96
CA SER AA 290 35.75 -24.09 -56.38
C SER AA 290 36.79 -23.50 -55.43
N VAL AA 291 36.60 -23.66 -54.12
CA VAL AA 291 37.56 -23.13 -53.16
C VAL AA 291 38.91 -23.81 -53.33
N ALA AA 292 38.91 -25.09 -53.68
CA ALA AA 292 40.16 -25.77 -53.97
C ALA AA 292 40.86 -25.16 -55.18
N ILE AA 293 40.10 -24.86 -56.23
CA ILE AA 293 40.69 -24.27 -57.43
C ILE AA 293 41.23 -22.88 -57.13
N VAL AA 294 40.46 -22.09 -56.37
CA VAL AA 294 40.87 -20.73 -56.06
C VAL AA 294 42.14 -20.73 -55.20
N ASP AA 295 42.23 -21.67 -54.26
CA ASP AA 295 43.41 -21.75 -53.41
C ASP AA 295 44.66 -22.01 -54.23
N ALA AA 296 44.58 -22.93 -55.19
CA ALA AA 296 45.71 -23.16 -56.08
C ALA AA 296 46.02 -21.93 -56.92
N ALA AA 297 44.97 -21.25 -57.40
CA ALA AA 297 45.19 -20.03 -58.19
C ALA AA 297 45.86 -18.95 -57.36
N LEU AA 298 45.43 -18.78 -56.12
CA LEU AA 298 46.02 -17.75 -55.27
C LEU AA 298 47.50 -18.04 -54.99
N LYS AA 299 47.83 -19.31 -54.75
CA LYS AA 299 49.22 -19.68 -54.51
C LYS AA 299 50.08 -19.40 -55.74
N TYR AA 300 49.57 -19.73 -56.93
CA TYR AA 300 50.32 -19.45 -58.16
C TYR AA 300 50.49 -17.95 -58.36
N VAL AA 301 49.44 -17.17 -58.11
CA VAL AA 301 49.52 -15.73 -58.29
C VAL AA 301 50.49 -15.13 -57.29
N ASP AA 302 50.40 -15.54 -56.02
CA ASP AA 302 51.30 -15.00 -55.00
C ASP AA 302 52.75 -15.37 -55.28
N SER AA 303 53.00 -16.61 -55.71
CA SER AA 303 54.37 -17.02 -56.01
C SER AA 303 54.95 -16.19 -57.15
N HIS AA 304 54.15 -15.92 -58.18
CA HIS AA 304 54.63 -15.10 -59.28
C HIS AA 304 54.80 -13.65 -58.85
N ARG AA 305 53.98 -13.19 -57.90
CA ARG AA 305 54.19 -11.86 -57.32
C ARG AA 305 55.56 -11.77 -56.66
N ALA AA 306 55.95 -12.82 -55.93
CA ALA AA 306 57.27 -12.83 -55.30
C ALA AA 306 58.38 -12.77 -56.34
N GLU AA 307 58.17 -13.41 -57.49
CA GLU AA 307 59.17 -13.37 -58.55
C GLU AA 307 59.40 -11.94 -59.03
N LEU AA 308 58.32 -11.17 -59.19
CA LEU AA 308 58.47 -9.75 -59.51
C LEU AA 308 59.10 -8.99 -58.37
N GLY AA 309 58.77 -9.36 -57.12
CA GLY AA 309 59.35 -8.69 -55.99
C GLY AA 309 60.86 -8.86 -55.92
N ALA AA 310 61.33 -10.09 -56.09
CA ALA AA 310 62.77 -10.33 -56.12
C ALA AA 310 63.41 -9.61 -57.31
N PHE AA 311 62.68 -9.51 -58.41
CA PHE AA 311 63.18 -8.75 -59.56
C PHE AA 311 63.34 -7.27 -59.21
N GLN AA 312 62.41 -6.73 -58.42
CA GLN AA 312 62.51 -5.33 -58.02
C GLN AA 312 63.69 -5.11 -57.08
N ASN AA 313 63.86 -5.97 -56.09
CA ASN AA 313 64.98 -5.84 -55.16
C ASN AA 313 66.33 -6.07 -55.81
N ARG AA 314 66.44 -7.03 -56.73
CA ARG AA 314 67.65 -7.18 -57.51
C ARG AA 314 67.98 -5.92 -58.28
N PHE AA 315 66.95 -5.14 -58.61
CA PHE AA 315 67.15 -3.94 -59.40
C PHE AA 315 67.42 -2.72 -58.53
N ASN AA 316 66.86 -2.69 -57.32
CA ASN AA 316 67.18 -1.61 -56.39
C ASN AA 316 68.65 -1.67 -56.00
N HIS AA 317 69.17 -2.87 -55.73
CA HIS AA 317 70.60 -3.02 -55.50
C HIS AA 317 71.41 -2.84 -56.78
N ALA AA 318 70.77 -2.98 -57.94
CA ALA AA 318 71.48 -2.70 -59.19
C ALA AA 318 71.65 -1.20 -59.40
N ILE AA 319 70.62 -0.41 -59.07
CA ILE AA 319 70.67 1.03 -59.33
C ILE AA 319 71.75 1.68 -58.47
N ASN AA 320 71.74 1.41 -57.16
CA ASN AA 320 72.74 2.03 -56.29
C ASN AA 320 74.13 1.47 -56.55
N ASN AA 321 74.23 0.24 -57.03
CA ASN AA 321 75.52 -0.28 -57.43
C ASN AA 321 76.06 0.47 -58.64
N LEU AA 322 75.23 0.61 -59.69
CA LEU AA 322 75.67 1.32 -60.88
C LEU AA 322 76.09 2.75 -60.57
N ASP AA 323 75.46 3.37 -59.57
CA ASP AA 323 75.84 4.72 -59.17
C ASP AA 323 77.24 4.72 -58.55
N ASN AA 324 77.62 3.63 -57.88
CA ASN AA 324 78.93 3.57 -57.25
C ASN AA 324 80.05 3.55 -58.28
N ILE AA 325 79.95 2.68 -59.28
CA ILE AA 325 80.92 2.70 -60.37
C ILE AA 325 80.81 4.00 -61.16
N ASN AA 326 79.59 4.52 -61.33
CA ASN AA 326 79.43 5.79 -62.04
C ASN AA 326 80.16 6.91 -61.32
N GLU AA 327 80.17 6.89 -59.99
CA GLU AA 327 80.91 7.90 -59.25
C GLU AA 327 82.40 7.67 -59.33
N ASN AA 328 82.84 6.40 -59.28
CA ASN AA 328 84.26 6.11 -59.35
C ASN AA 328 84.84 6.49 -60.72
N VAL AA 329 84.11 6.17 -61.79
CA VAL AA 329 84.60 6.51 -63.12
C VAL AA 329 84.61 8.02 -63.34
N ASN AA 330 83.63 8.73 -62.78
CA ASN AA 330 83.64 10.18 -62.88
C ASN AA 330 84.75 10.79 -62.04
N ALA AA 331 85.02 10.22 -60.86
CA ALA AA 331 86.15 10.66 -60.06
C ALA AA 331 87.47 10.42 -60.78
N SER AA 332 87.62 9.26 -61.42
CA SER AA 332 88.77 9.02 -62.26
C SER AA 332 88.74 9.82 -63.55
N LYS AA 333 87.60 10.42 -63.88
CA LYS AA 333 87.49 11.37 -65.00
C LYS AA 333 87.85 12.78 -64.53
N SER AA 334 88.99 12.86 -63.85
CA SER AA 334 89.53 14.11 -63.34
C SER AA 334 90.99 13.84 -63.03
N ARG AA 335 91.86 14.80 -63.40
CA ARG AA 335 93.31 14.68 -63.46
C ARG AA 335 93.74 13.74 -64.57
N ILE AA 336 92.81 13.07 -65.24
CA ILE AA 336 93.08 12.32 -66.45
C ILE AA 336 92.61 13.08 -67.69
N LYS AA 337 91.43 13.68 -67.62
CA LYS AA 337 90.93 14.60 -68.64
C LYS AA 337 90.70 16.00 -68.10
N ASP AA 338 90.10 16.12 -66.92
CA ASP AA 338 89.82 17.43 -66.33
C ASP AA 338 91.12 18.11 -65.91
N THR AA 339 91.08 19.44 -65.85
CA THR AA 339 92.24 20.26 -65.50
C THR AA 339 92.00 20.94 -64.16
N ASP AA 340 93.08 21.11 -63.40
CA ASP AA 340 93.03 21.85 -62.15
C ASP AA 340 93.46 23.29 -62.41
N PHE AA 341 92.68 24.25 -61.91
CA PHE AA 341 92.93 25.64 -62.23
C PHE AA 341 94.14 26.19 -61.48
N ALA AA 342 94.52 25.55 -60.37
CA ALA AA 342 95.63 26.05 -59.57
C ALA AA 342 96.95 26.05 -60.32
N LYS AA 343 97.46 24.86 -60.66
CA LYS AA 343 98.75 24.78 -61.33
C LYS AA 343 98.65 25.14 -62.81
N GLU AA 344 97.49 24.94 -63.42
CA GLU AA 344 97.35 25.24 -64.84
C GLU AA 344 97.38 26.75 -65.09
N THR AA 345 96.64 27.52 -64.29
CA THR AA 345 96.61 28.96 -64.50
C THR AA 345 97.93 29.61 -64.13
N THR AA 346 98.61 29.12 -63.09
CA THR AA 346 99.91 29.67 -62.74
C THR AA 346 100.94 29.37 -63.83
N ALA AA 347 100.73 28.31 -64.62
CA ALA AA 347 101.55 28.11 -65.80
C ALA AA 347 101.20 29.10 -66.89
N LEU AA 348 99.91 29.43 -67.02
CA LEU AA 348 99.49 30.44 -67.99
C LEU AA 348 100.08 31.81 -67.65
N THR AA 349 100.03 32.20 -66.37
CA THR AA 349 100.59 33.49 -65.97
C THR AA 349 102.10 33.51 -66.15
N LYS AA 350 102.78 32.40 -65.80
CA LYS AA 350 104.21 32.31 -66.02
C LYS AA 350 104.55 32.41 -67.50
N ALA AA 351 103.79 31.72 -68.34
CA ALA AA 351 104.03 31.78 -69.78
C ALA AA 351 103.73 33.16 -70.35
N GLN AA 352 102.74 33.86 -69.80
CA GLN AA 352 102.49 35.23 -70.21
C GLN AA 352 103.67 36.13 -69.88
N ILE AA 353 104.28 35.94 -68.71
CA ILE AA 353 105.47 36.69 -68.36
C ILE AA 353 106.63 36.30 -69.27
N LEU AA 354 106.75 35.00 -69.60
CA LEU AA 354 107.81 34.55 -70.48
C LEU AA 354 107.68 35.15 -71.87
N SER AA 355 106.46 35.21 -72.40
CA SER AA 355 106.23 35.86 -73.68
C SER AA 355 106.54 37.35 -73.60
N GLN AA 356 106.17 37.99 -72.49
CA GLN AA 356 106.46 39.41 -72.32
C GLN AA 356 107.96 39.67 -72.30
N ALA AA 357 108.72 38.85 -71.57
CA ALA AA 357 110.16 39.04 -71.50
C ALA AA 357 110.83 38.75 -72.84
N SER AA 358 110.38 37.69 -73.53
CA SER AA 358 110.96 37.35 -74.82
C SER AA 358 110.63 38.38 -75.88
N SER AA 359 109.46 39.00 -75.81
CA SER AA 359 109.13 40.09 -76.72
C SER AA 359 109.84 41.38 -76.35
N SER AA 360 110.02 41.63 -75.05
CA SER AA 360 110.69 42.85 -74.61
C SER AA 360 112.18 42.82 -74.92
N VAL AA 361 112.81 41.64 -74.85
CA VAL AA 361 114.23 41.55 -75.13
C VAL AA 361 114.54 41.88 -76.59
N LEU AA 362 113.53 41.79 -77.47
CA LEU AA 362 113.73 42.24 -78.85
C LEU AA 362 113.96 43.74 -78.89
N ALA AA 363 113.27 44.50 -78.05
CA ALA AA 363 113.48 45.95 -77.99
C ALA AA 363 114.87 46.28 -77.48
N GLN AA 364 115.43 45.46 -76.60
CA GLN AA 364 116.75 45.67 -76.05
C GLN AA 364 117.85 45.14 -76.96
N ALA AA 365 117.50 44.49 -78.07
CA ALA AA 365 118.47 43.97 -79.01
C ALA AA 365 118.35 44.53 -80.42
N LYS AA 366 117.21 45.13 -80.76
CA LYS AA 366 117.05 45.69 -82.11
C LYS AA 366 117.97 46.88 -82.32
N GLN AA 367 118.25 47.66 -81.27
CA GLN AA 367 119.14 48.81 -81.38
C GLN AA 367 120.60 48.41 -81.39
N ALA AA 368 120.93 47.16 -81.04
CA ALA AA 368 122.32 46.74 -81.02
C ALA AA 368 122.99 46.82 -82.39
N PRO AA 369 122.38 46.34 -83.49
CA PRO AA 369 123.00 46.58 -84.80
C PRO AA 369 123.14 48.05 -85.14
N ASN AA 370 122.20 48.89 -84.69
CA ASN AA 370 122.29 50.32 -84.95
C ASN AA 370 123.50 50.93 -84.26
N SER AA 371 123.77 50.51 -83.02
CA SER AA 371 124.96 50.99 -82.32
C SER AA 371 126.23 50.45 -82.97
N ALA AA 372 126.17 49.23 -83.51
CA ALA AA 372 127.32 48.67 -84.23
C ALA AA 372 127.65 49.50 -85.46
N LEU AA 373 126.62 49.95 -86.19
CA LEU AA 373 126.86 50.81 -87.34
C LEU AA 373 127.21 52.23 -86.92
N ALA AA 374 126.87 52.61 -85.68
CA ALA AA 374 127.02 54.00 -85.24
C ALA AA 374 128.47 54.44 -85.11
N LEU AA 375 129.43 53.52 -85.03
CA LEU AA 375 130.83 53.93 -84.88
C LEU AA 375 131.31 54.70 -86.10
N LEU AA 376 130.96 54.23 -87.31
CA LEU AA 376 131.28 54.92 -88.54
C LEU AA 376 129.98 55.27 -89.26
N GLY AA 377 129.77 56.56 -89.49
CA GLY AA 377 128.55 57.03 -90.13
C GLY AA 377 128.40 56.57 -91.58
N MET BA 1 106.10 30.94 -83.71
CA MET BA 1 105.05 31.50 -84.55
C MET BA 1 105.44 32.89 -85.05
N ALA BA 2 104.46 33.67 -85.47
CA ALA BA 2 104.68 35.03 -85.96
C ALA BA 2 103.88 36.00 -85.12
N VAL BA 3 104.54 37.08 -84.70
CA VAL BA 3 103.84 38.15 -83.99
C VAL BA 3 102.92 38.85 -84.99
N ASN BA 4 101.62 38.59 -84.87
CA ASN BA 4 100.69 38.93 -85.92
C ASN BA 4 99.41 39.49 -85.34
N VAL BA 5 98.76 40.36 -86.09
CA VAL BA 5 97.46 40.91 -85.72
C VAL BA 5 96.38 40.56 -86.74
N ASN BA 6 96.74 40.01 -87.89
CA ASN BA 6 95.75 39.70 -88.92
C ASN BA 6 94.75 38.66 -88.43
N THR BA 7 95.24 37.62 -87.75
CA THR BA 7 94.39 36.53 -87.28
C THR BA 7 94.75 36.20 -85.83
N ASN BA 8 93.79 35.58 -85.14
CA ASN BA 8 93.97 35.17 -83.74
C ASN BA 8 93.40 33.76 -83.61
N VAL BA 9 94.28 32.76 -83.77
CA VAL BA 9 93.84 31.37 -83.65
C VAL BA 9 93.39 31.08 -82.22
N SER BA 10 94.05 31.68 -81.23
CA SER BA 10 93.64 31.49 -79.85
C SER BA 10 92.22 31.97 -79.62
N ALA BA 11 91.87 33.12 -80.20
CA ALA BA 11 90.49 33.60 -80.12
C ALA BA 11 89.55 32.70 -80.92
N MET BA 12 90.00 32.19 -82.05
CA MET BA 12 89.13 31.37 -82.90
C MET BA 12 88.62 30.15 -82.13
N THR BA 13 89.51 29.48 -81.41
CA THR BA 13 89.07 28.36 -80.57
C THR BA 13 88.38 28.86 -79.30
N ALA BA 14 88.59 30.12 -78.91
CA ALA BA 14 87.98 30.63 -77.71
C ALA BA 14 86.47 30.80 -77.87
N GLN BA 15 86.04 31.46 -78.95
CA GLN BA 15 84.62 31.48 -79.26
C GLN BA 15 84.09 30.11 -79.66
N ARG BA 16 84.93 29.26 -80.26
CA ARG BA 16 84.48 27.91 -80.62
C ARG BA 16 84.07 27.14 -79.38
N TYR BA 17 84.87 27.23 -78.31
CA TYR BA 17 84.49 26.56 -77.06
C TYR BA 17 83.44 27.36 -76.30
N LEU BA 18 83.40 28.68 -76.50
CA LEU BA 18 82.35 29.49 -75.88
C LEU BA 18 80.98 29.06 -76.37
N THR BA 19 80.81 28.96 -77.69
CA THR BA 19 79.52 28.60 -78.25
C THR BA 19 79.12 27.18 -77.85
N SER BA 20 80.07 26.25 -77.90
CA SER BA 20 79.75 24.85 -77.58
C SER BA 20 79.37 24.68 -76.12
N ALA BA 21 80.03 25.40 -75.22
CA ALA BA 21 79.79 25.21 -73.80
C ALA BA 21 78.44 25.76 -73.38
N THR BA 22 78.10 26.96 -73.86
CA THR BA 22 76.91 27.66 -73.41
C THR BA 22 75.67 27.37 -74.26
N ASN BA 23 75.80 26.60 -75.35
CA ASN BA 23 74.59 26.18 -76.04
C ASN BA 23 73.89 25.05 -75.29
N ALA BA 24 74.66 24.16 -74.66
CA ALA BA 24 74.08 23.22 -73.71
C ALA BA 24 73.56 23.95 -72.48
N GLN BA 25 74.20 25.05 -72.10
CA GLN BA 25 73.64 25.90 -71.06
C GLN BA 25 72.30 26.48 -71.49
N GLN BA 26 72.20 26.89 -72.76
CA GLN BA 26 70.94 27.42 -73.25
C GLN BA 26 69.83 26.38 -73.18
N SER BA 27 70.19 25.10 -73.31
CA SER BA 27 69.21 24.04 -73.09
C SER BA 27 68.70 24.05 -71.65
N SER BA 28 69.55 24.43 -70.70
CA SER BA 28 69.12 24.65 -69.33
C SER BA 28 68.37 25.99 -69.26
N MET BA 29 67.93 26.36 -68.05
CA MET BA 29 66.97 27.45 -67.86
C MET BA 29 65.73 27.27 -68.73
N GLU BA 30 65.52 26.07 -69.26
CA GLU BA 30 64.28 25.74 -69.94
C GLU BA 30 63.75 24.44 -69.38
N ARG BA 31 64.66 23.52 -69.06
CA ARG BA 31 64.27 22.31 -68.35
C ARG BA 31 63.76 22.62 -66.96
N LEU BA 32 64.42 23.56 -66.27
CA LEU BA 32 63.96 23.98 -64.95
C LEU BA 32 62.61 24.67 -65.03
N SER BA 33 62.42 25.53 -66.03
CA SER BA 33 61.18 26.31 -66.13
C SER BA 33 59.99 25.41 -66.40
N SER BA 34 60.10 24.56 -67.43
CA SER BA 34 58.99 23.68 -67.80
C SER BA 34 58.79 22.53 -66.83
N GLY BA 35 59.84 22.11 -66.14
CA GLY BA 35 59.78 20.90 -65.34
C GLY BA 35 59.99 19.62 -66.12
N TYR BA 36 60.23 19.72 -67.42
CA TYR BA 36 60.49 18.56 -68.28
C TYR BA 36 61.92 18.63 -68.80
N LYS BA 37 62.65 17.53 -68.64
CA LYS BA 37 63.99 17.44 -69.23
C LYS BA 37 63.95 17.15 -70.72
N ILE BA 38 62.78 16.86 -71.29
CA ILE BA 38 62.61 16.74 -72.72
C ILE BA 38 61.48 17.68 -73.13
N ASN BA 39 61.75 18.51 -74.14
CA ASN BA 39 60.75 19.44 -74.67
C ASN BA 39 60.68 19.45 -76.19
N SER BA 40 61.74 19.01 -76.88
CA SER BA 40 61.73 18.91 -78.33
C SER BA 40 62.31 17.55 -78.71
N ALA BA 41 61.91 17.06 -79.88
CA ALA BA 41 62.37 15.76 -80.35
C ALA BA 41 63.88 15.73 -80.55
N LYS BA 42 64.52 16.88 -80.72
CA LYS BA 42 65.95 16.92 -80.96
C LYS BA 42 66.76 16.50 -79.74
N ASP BA 43 66.15 16.51 -78.55
CA ASP BA 43 66.86 16.08 -77.35
C ASP BA 43 66.92 14.56 -77.25
N ASP BA 44 65.76 13.91 -77.16
CA ASP BA 44 65.66 12.45 -77.03
C ASP BA 44 64.46 12.00 -77.85
N ALA BA 45 64.71 11.63 -79.11
CA ALA BA 45 63.63 11.18 -79.98
C ALA BA 45 63.00 9.90 -79.45
N ALA BA 46 63.83 8.95 -79.03
CA ALA BA 46 63.30 7.69 -78.50
C ALA BA 46 62.52 7.92 -77.21
N GLY BA 47 63.02 8.81 -76.35
CA GLY BA 47 62.30 9.12 -75.12
C GLY BA 47 60.98 9.81 -75.36
N LEU BA 48 60.93 10.70 -76.35
CA LEU BA 48 59.69 11.44 -76.61
C LEU BA 48 58.56 10.53 -77.04
N GLN BA 49 58.86 9.58 -77.93
CA GLN BA 49 57.80 8.68 -78.42
C GLN BA 49 57.24 7.83 -77.29
N ILE BA 50 58.12 7.29 -76.43
CA ILE BA 50 57.66 6.48 -75.31
C ILE BA 50 56.86 7.33 -74.33
N SER BA 51 57.35 8.54 -74.03
CA SER BA 51 56.68 9.38 -73.04
C SER BA 51 55.30 9.81 -73.51
N ASN BA 52 55.17 10.13 -74.80
CA ASN BA 52 53.86 10.53 -75.31
C ASN BA 52 52.85 9.39 -75.19
N ARG BA 53 53.29 8.16 -75.47
CA ARG BA 53 52.41 7.01 -75.30
C ARG BA 53 51.99 6.87 -73.84
N LEU BA 54 52.93 7.06 -72.92
CA LEU BA 54 52.58 7.00 -71.49
C LEU BA 54 51.63 8.12 -71.12
N ASN BA 55 51.86 9.33 -71.65
CA ASN BA 55 50.99 10.46 -71.35
C ASN BA 55 49.58 10.20 -71.84
N VAL BA 56 49.43 9.67 -73.06
CA VAL BA 56 48.11 9.36 -73.59
C VAL BA 56 47.43 8.30 -72.72
N GLN BA 57 48.20 7.30 -72.29
CA GLN BA 57 47.65 6.28 -71.41
C GLN BA 57 47.21 6.88 -70.08
N SER BA 58 48.02 7.78 -69.53
CA SER BA 58 47.68 8.38 -68.24
C SER BA 58 46.40 9.20 -68.33
N ARG BA 59 46.27 10.05 -69.36
CA ARG BA 59 45.04 10.80 -69.55
C ARG BA 59 43.87 9.87 -69.82
N GLY BA 60 44.10 8.83 -70.62
CA GLY BA 60 43.02 7.88 -70.91
C GLY BA 60 42.53 7.17 -69.66
N LEU BA 61 43.44 6.85 -68.74
CA LEU BA 61 43.02 6.23 -67.49
C LEU BA 61 42.16 7.17 -66.66
N GLY BA 62 42.52 8.46 -66.64
CA GLY BA 62 41.71 9.43 -65.91
C GLY BA 62 40.30 9.52 -66.46
N VAL BA 63 40.18 9.52 -67.79
CA VAL BA 63 38.86 9.48 -68.42
C VAL BA 63 38.18 8.15 -68.14
N ALA BA 64 38.95 7.06 -68.11
CA ALA BA 64 38.39 5.74 -67.91
C ALA BA 64 37.72 5.61 -66.54
N VAL BA 65 38.36 6.12 -65.50
CA VAL BA 65 37.72 6.05 -64.18
C VAL BA 65 36.52 6.96 -64.11
N ARG BA 66 36.49 8.03 -64.91
CA ARG BA 66 35.32 8.90 -64.96
C ARG BA 66 34.15 8.18 -65.60
N ASN BA 67 34.37 7.56 -66.76
CA ASN BA 67 33.31 6.80 -67.41
C ASN BA 67 32.88 5.61 -66.57
N ALA BA 68 33.84 4.93 -65.93
CA ALA BA 68 33.51 3.80 -65.09
C ALA BA 68 32.68 4.22 -63.88
N ASN BA 69 33.00 5.37 -63.29
CA ASN BA 69 32.21 5.87 -62.17
C ASN BA 69 30.79 6.20 -62.61
N ASP BA 70 30.64 6.73 -63.83
CA ASP BA 70 29.30 6.98 -64.36
C ASP BA 70 28.52 5.67 -64.49
N GLY BA 71 29.20 4.59 -64.89
CA GLY BA 71 28.55 3.29 -64.92
C GLY BA 71 28.08 2.85 -63.55
N ILE BA 72 28.86 3.15 -62.52
CA ILE BA 72 28.43 2.84 -61.16
C ILE BA 72 27.20 3.64 -60.78
N SER BA 73 27.20 4.94 -61.11
CA SER BA 73 26.06 5.79 -60.75
C SER BA 73 24.79 5.33 -61.45
N MET BA 74 24.89 4.95 -62.73
CA MET BA 74 23.73 4.45 -63.44
C MET BA 74 23.26 3.13 -62.84
N ALA BA 75 24.19 2.34 -62.31
CA ALA BA 75 23.81 1.07 -61.69
C ALA BA 75 23.04 1.29 -60.40
N GLN BA 76 23.54 2.20 -59.54
CA GLN BA 76 22.89 2.40 -58.25
C GLN BA 76 21.59 3.17 -58.39
N THR BA 77 21.46 4.04 -59.39
CA THR BA 77 20.19 4.72 -59.63
C THR BA 77 19.10 3.71 -59.98
N ALA BA 78 19.43 2.72 -60.81
CA ALA BA 78 18.50 1.63 -61.06
C ALA BA 78 18.21 0.85 -59.80
N GLU BA 79 19.24 0.63 -58.98
CA GLU BA 79 19.05 -0.10 -57.73
C GLU BA 79 18.20 0.69 -56.74
N GLY BA 80 18.18 2.02 -56.85
CA GLY BA 80 17.34 2.81 -55.97
C GLY BA 80 15.86 2.51 -56.16
N ALA BA 81 15.42 2.48 -57.42
CA ALA BA 81 14.05 2.09 -57.70
C ALA BA 81 13.86 0.59 -57.60
N MET BA 82 14.95 -0.17 -57.61
CA MET BA 82 14.86 -1.62 -57.42
C MET BA 82 14.26 -1.94 -56.05
N LYS BA 83 14.72 -1.23 -55.02
CA LYS BA 83 14.23 -1.47 -53.67
C LYS BA 83 12.73 -1.17 -53.56
N GLU BA 84 12.28 -0.07 -54.17
CA GLU BA 84 10.87 0.27 -54.11
C GLU BA 84 10.02 -0.75 -54.85
N THR BA 85 10.51 -1.23 -56.00
CA THR BA 85 9.79 -2.28 -56.73
C THR BA 85 9.64 -3.52 -55.87
N THR BA 86 10.70 -3.91 -55.17
CA THR BA 86 10.59 -5.04 -54.24
C THR BA 86 9.62 -4.74 -53.12
N ASN BA 87 9.65 -3.52 -52.59
CA ASN BA 87 8.80 -3.17 -51.46
C ASN BA 87 7.32 -3.25 -51.83
N ILE BA 88 6.95 -2.76 -53.01
CA ILE BA 88 5.56 -2.84 -53.43
C ILE BA 88 5.15 -4.29 -53.66
N LEU BA 89 6.03 -5.06 -54.31
CA LEU BA 89 5.70 -6.45 -54.61
C LEU BA 89 5.44 -7.24 -53.34
N GLN BA 90 6.26 -7.04 -52.31
CA GLN BA 90 5.99 -7.68 -51.03
C GLN BA 90 4.65 -7.23 -50.47
N ARG BA 91 4.35 -5.93 -50.59
CA ARG BA 91 3.11 -5.40 -50.03
C ARG BA 91 1.89 -6.06 -50.66
N MET BA 92 1.92 -6.27 -51.98
CA MET BA 92 0.83 -7.02 -52.61
C MET BA 92 0.76 -8.44 -52.09
N ARG BA 93 1.92 -9.08 -51.90
CA ARG BA 93 1.92 -10.49 -51.55
C ARG BA 93 1.30 -10.73 -50.18
N ASP BA 94 1.66 -9.92 -49.17
CA ASP BA 94 1.05 -10.07 -47.86
C ASP BA 94 -0.43 -9.71 -47.91
N LEU BA 95 -0.79 -8.68 -48.66
CA LEU BA 95 -2.19 -8.28 -48.75
C LEU BA 95 -3.02 -9.30 -49.52
N SER BA 96 -2.44 -9.93 -50.54
CA SER BA 96 -3.14 -11.01 -51.23
C SER BA 96 -3.37 -12.20 -50.32
N LEU BA 97 -2.43 -12.45 -49.40
CA LEU BA 97 -2.65 -13.46 -48.37
C LEU BA 97 -3.86 -13.11 -47.52
N GLN BA 98 -4.00 -11.83 -47.18
CA GLN BA 98 -5.17 -11.39 -46.42
C GLN BA 98 -6.45 -11.57 -47.23
N SER BA 99 -6.41 -11.27 -48.52
CA SER BA 99 -7.60 -11.42 -49.36
C SER BA 99 -7.91 -12.88 -49.65
N ALA BA 100 -6.94 -13.77 -49.50
CA ALA BA 100 -7.17 -15.20 -49.67
C ALA BA 100 -8.01 -15.79 -48.56
N ASN BA 101 -8.28 -15.02 -47.51
CA ASN BA 101 -9.12 -15.48 -46.41
C ASN BA 101 -10.50 -15.86 -46.91
N GLY BA 102 -11.07 -16.89 -46.30
CA GLY BA 102 -12.48 -17.16 -46.43
C GLY BA 102 -13.34 -16.33 -45.53
N SER BA 103 -12.72 -15.44 -44.75
CA SER BA 103 -13.47 -14.65 -43.77
C SER BA 103 -14.09 -13.41 -44.42
N ASN BA 104 -13.31 -12.68 -45.21
CA ASN BA 104 -13.79 -11.43 -45.79
C ASN BA 104 -14.85 -11.71 -46.86
N SER BA 105 -15.71 -10.73 -47.07
CA SER BA 105 -16.77 -10.83 -48.07
C SER BA 105 -16.30 -10.15 -49.37
N LYS BA 106 -17.17 -10.14 -50.38
CA LYS BA 106 -16.79 -9.52 -51.65
C LYS BA 106 -16.56 -8.02 -51.50
N ALA BA 107 -17.25 -7.38 -50.54
CA ALA BA 107 -17.03 -5.96 -50.32
C ALA BA 107 -15.62 -5.68 -49.83
N ASP BA 108 -15.04 -6.62 -49.08
CA ASP BA 108 -13.66 -6.45 -48.64
C ASP BA 108 -12.67 -6.75 -49.76
N ARG BA 109 -12.99 -7.73 -50.59
CA ARG BA 109 -12.08 -8.10 -51.68
C ARG BA 109 -12.02 -7.00 -52.75
N VAL BA 110 -13.15 -6.34 -53.02
CA VAL BA 110 -13.12 -5.25 -53.98
C VAL BA 110 -12.31 -4.08 -53.44
N ALA BA 111 -12.29 -3.91 -52.12
CA ALA BA 111 -11.37 -2.95 -51.51
C ALA BA 111 -9.93 -3.38 -51.74
N ILE BA 112 -9.65 -4.67 -51.64
CA ILE BA 112 -8.32 -5.19 -51.93
C ILE BA 112 -7.93 -4.90 -53.38
N GLN BA 113 -8.83 -5.19 -54.32
CA GLN BA 113 -8.51 -4.96 -55.73
C GLN BA 113 -8.32 -3.48 -56.01
N GLU BA 114 -9.05 -2.61 -55.33
CA GLU BA 114 -8.85 -1.17 -55.50
C GLU BA 114 -7.46 -0.76 -55.05
N GLU BA 115 -6.99 -1.34 -53.95
CA GLU BA 115 -5.64 -1.03 -53.48
C GLU BA 115 -4.60 -1.70 -54.37
N ILE BA 116 -4.88 -2.91 -54.85
CA ILE BA 116 -3.94 -3.62 -55.71
C ILE BA 116 -3.74 -2.87 -57.02
N THR BA 117 -4.85 -2.45 -57.65
CA THR BA 117 -4.72 -1.71 -58.89
C THR BA 117 -4.09 -0.34 -58.67
N ALA BA 118 -4.18 0.18 -57.44
CA ALA BA 118 -3.45 1.40 -57.11
C ALA BA 118 -1.95 1.15 -57.13
N LEU BA 119 -1.49 0.10 -56.43
CA LEU BA 119 -0.08 -0.25 -56.46
C LEU BA 119 0.37 -0.66 -57.84
N ASN BA 120 -0.52 -1.29 -58.63
CA ASN BA 120 -0.16 -1.71 -59.97
C ASN BA 120 0.22 -0.51 -60.83
N ASP BA 121 -0.51 0.59 -60.70
CA ASP BA 121 -0.15 1.80 -61.42
C ASP BA 121 1.21 2.32 -60.97
N GLU BA 122 1.61 2.01 -59.73
CA GLU BA 122 2.89 2.50 -59.23
C GLU BA 122 4.07 1.83 -59.92
N LEU BA 123 4.00 0.51 -60.10
CA LEU BA 123 5.09 -0.19 -60.80
C LEU BA 123 5.22 0.30 -62.23
N ASN BA 124 4.09 0.52 -62.91
CA ASN BA 124 4.14 1.07 -64.24
C ASN BA 124 4.71 2.48 -64.22
N ARG BA 125 4.37 3.28 -63.22
CA ARG BA 125 4.86 4.66 -63.16
C ARG BA 125 6.36 4.70 -62.87
N VAL BA 126 6.82 3.90 -61.91
CA VAL BA 126 8.25 3.92 -61.55
C VAL BA 126 9.08 3.38 -62.70
N ALA BA 127 8.54 2.45 -63.48
CA ALA BA 127 9.27 1.93 -64.63
C ALA BA 127 9.53 3.00 -65.68
N GLU BA 128 8.74 4.07 -65.70
CA GLU BA 128 8.94 5.16 -66.63
C GLU BA 128 9.56 6.40 -66.00
N THR BA 129 9.34 6.62 -64.70
CA THR BA 129 9.83 7.81 -64.03
C THR BA 129 11.35 7.81 -63.87
N THR BA 130 11.93 6.66 -63.53
CA THR BA 130 13.38 6.56 -63.36
C THR BA 130 14.09 6.96 -64.65
N SER BA 131 14.79 8.09 -64.62
CA SER BA 131 15.34 8.67 -65.84
C SER BA 131 16.85 8.79 -65.83
N PHE BA 132 17.44 9.33 -64.76
CA PHE BA 132 18.87 9.64 -64.69
C PHE BA 132 19.25 10.59 -65.83
N GLY BA 133 18.70 11.80 -65.74
CA GLY BA 133 19.05 12.85 -66.68
C GLY BA 133 18.59 12.60 -68.10
N GLY BA 134 17.33 12.23 -68.27
CA GLY BA 134 16.72 12.11 -69.58
C GLY BA 134 16.76 10.72 -70.19
N ASN BA 135 17.49 9.78 -69.58
CA ASN BA 135 17.49 8.41 -70.06
C ASN BA 135 16.25 7.69 -69.55
N LYS BA 136 16.18 6.37 -69.75
CA LYS BA 136 15.06 5.57 -69.28
C LYS BA 136 15.63 4.25 -68.78
N LEU BA 137 15.90 4.18 -67.48
CA LEU BA 137 16.61 3.02 -66.93
C LEU BA 137 15.72 1.77 -66.94
N LEU BA 138 14.48 1.90 -66.47
CA LEU BA 138 13.63 0.74 -66.25
C LEU BA 138 12.49 0.62 -67.25
N ASN BA 139 12.42 1.50 -68.24
CA ASN BA 139 11.38 1.42 -69.25
C ASN BA 139 11.57 0.24 -70.19
N GLY BA 140 12.77 -0.34 -70.23
CA GLY BA 140 13.09 -1.35 -71.22
C GLY BA 140 13.70 -0.80 -72.49
N THR BA 141 13.55 0.50 -72.74
CA THR BA 141 14.18 1.13 -73.89
C THR BA 141 15.69 1.19 -73.76
N PHE BA 142 16.23 0.99 -72.55
CA PHE BA 142 17.67 0.98 -72.34
C PHE BA 142 18.22 -0.35 -72.81
N ALA BA 143 18.82 -0.37 -73.99
CA ALA BA 143 19.41 -1.57 -74.54
C ALA BA 143 20.79 -1.78 -73.92
N THR BA 144 21.57 -2.70 -74.48
CA THR BA 144 22.90 -2.99 -73.97
C THR BA 144 23.82 -1.81 -74.24
N LYS BA 145 24.21 -1.09 -73.18
CA LYS BA 145 25.14 0.02 -73.29
C LYS BA 145 26.51 -0.40 -72.78
N SER BA 146 27.53 -0.15 -73.58
CA SER BA 146 28.89 -0.54 -73.25
C SER BA 146 29.64 0.66 -72.68
N PHE BA 147 30.30 0.45 -71.54
CA PHE BA 147 31.07 1.50 -70.88
C PHE BA 147 32.55 1.31 -71.17
N GLN BA 148 33.16 2.30 -71.81
CA GLN BA 148 34.60 2.28 -72.09
C GLN BA 148 35.35 2.60 -70.81
N ILE BA 149 36.04 1.60 -70.26
CA ILE BA 149 36.67 1.74 -68.94
C ILE BA 149 38.16 1.47 -69.03
N GLY BA 150 38.76 1.76 -70.17
CA GLY BA 150 40.18 1.53 -70.35
C GLY BA 150 40.83 2.69 -71.09
N ALA BA 151 42.17 2.73 -70.98
CA ALA BA 151 42.92 3.77 -71.66
C ALA BA 151 42.78 3.66 -73.17
N ASP BA 152 42.79 2.44 -73.69
CA ASP BA 152 42.65 2.20 -75.12
C ASP BA 152 41.18 1.90 -75.44
N ASN BA 153 40.94 1.45 -76.67
CA ASN BA 153 39.59 1.20 -77.15
C ASN BA 153 39.31 -0.29 -77.28
N GLY BA 154 38.04 -0.65 -77.20
CA GLY BA 154 37.58 -2.00 -77.41
C GLY BA 154 37.37 -2.79 -76.12
N GLU BA 155 37.96 -2.36 -75.02
CA GLU BA 155 37.80 -3.06 -73.74
C GLU BA 155 36.68 -2.46 -72.89
N ALA BA 156 35.49 -2.43 -73.47
CA ALA BA 156 34.29 -1.97 -72.79
C ALA BA 156 33.55 -3.15 -72.15
N VAL BA 157 32.61 -2.82 -71.27
CA VAL BA 157 31.81 -3.81 -70.57
C VAL BA 157 30.33 -3.50 -70.82
N MET BA 158 29.60 -4.49 -71.31
CA MET BA 158 28.19 -4.31 -71.65
C MET BA 158 27.32 -4.34 -70.40
N LEU BA 159 26.24 -3.56 -70.45
CA LEU BA 159 25.26 -3.52 -69.37
C LEU BA 159 23.86 -3.65 -69.96
N ASN BA 160 23.08 -4.55 -69.39
CA ASN BA 160 21.69 -4.74 -69.80
C ASN BA 160 20.80 -4.58 -68.58
N ILE BA 161 19.85 -3.66 -68.66
CA ILE BA 161 18.83 -3.47 -67.64
C ILE BA 161 17.51 -3.90 -68.23
N LYS BA 162 16.96 -4.99 -67.73
CA LYS BA 162 15.76 -5.57 -68.33
C LYS BA 162 14.54 -4.72 -68.02
N ASP BA 163 13.55 -4.79 -68.91
CA ASP BA 163 12.31 -4.07 -68.71
C ASP BA 163 11.59 -4.59 -67.48
N MET BA 164 11.01 -3.67 -66.70
CA MET BA 164 10.32 -4.06 -65.48
C MET BA 164 8.93 -3.44 -65.40
N ARG BA 165 8.27 -3.24 -66.54
CA ARG BA 165 6.87 -2.91 -66.50
C ARG BA 165 6.08 -4.07 -65.92
N SER BA 166 4.98 -3.75 -65.23
CA SER BA 166 4.22 -4.78 -64.55
C SER BA 166 3.61 -5.79 -65.51
N ASP BA 167 3.54 -5.48 -66.80
CA ASP BA 167 3.02 -6.39 -67.80
C ASP BA 167 4.09 -7.26 -68.46
N ASN BA 168 5.34 -7.17 -67.99
CA ASN BA 168 6.41 -7.93 -68.60
C ASN BA 168 6.16 -9.43 -68.46
N ALA BA 169 6.53 -10.18 -69.50
CA ALA BA 169 6.28 -11.62 -69.51
C ALA BA 169 7.02 -12.33 -68.39
N LEU BA 170 8.29 -11.96 -68.17
CA LEU BA 170 9.09 -12.63 -67.16
C LEU BA 170 8.61 -12.32 -65.74
N MET BA 171 7.83 -11.26 -65.56
CA MET BA 171 7.30 -10.92 -64.25
C MET BA 171 6.13 -11.82 -63.84
N GLY BA 172 5.58 -12.60 -64.76
CA GLY BA 172 4.50 -13.51 -64.43
C GLY BA 172 4.82 -14.95 -64.78
N GLY BA 173 3.87 -15.67 -65.34
CA GLY BA 173 4.11 -17.03 -65.75
C GLY BA 173 2.83 -17.69 -66.23
N LYS BA 174 2.96 -18.96 -66.58
CA LYS BA 174 1.84 -19.76 -67.06
C LYS BA 174 0.97 -20.20 -65.90
N THR BA 175 -0.26 -20.60 -66.22
CA THR BA 175 -1.17 -21.15 -65.23
C THR BA 175 -2.07 -22.18 -65.88
N TYR BA 176 -2.54 -23.12 -65.06
CA TYR BA 176 -3.44 -24.18 -65.50
C TYR BA 176 -4.53 -24.35 -64.46
N GLN BA 177 -5.73 -24.69 -64.92
CA GLN BA 177 -6.91 -24.76 -64.07
C GLN BA 177 -7.59 -26.10 -64.24
N ALA BA 178 -8.06 -26.66 -63.13
CA ALA BA 178 -8.79 -27.92 -63.19
C ALA BA 178 -10.21 -27.68 -63.70
N ALA BA 179 -10.61 -28.49 -64.68
CA ALA BA 179 -11.92 -28.30 -65.30
C ALA BA 179 -13.06 -28.55 -64.31
N ASN BA 180 -12.95 -29.61 -63.51
CA ASN BA 180 -13.99 -29.98 -62.57
C ASN BA 180 -13.46 -29.87 -61.15
N GLY BA 181 -14.26 -29.25 -60.28
CA GLY BA 181 -13.87 -29.09 -58.89
C GLY BA 181 -14.30 -30.28 -58.04
N LYS BA 182 -13.66 -30.40 -56.88
CA LYS BA 182 -13.95 -31.44 -55.90
C LYS BA 182 -14.35 -30.79 -54.59
N ASP BA 183 -15.49 -31.21 -54.04
CA ASP BA 183 -16.04 -30.60 -52.84
C ASP BA 183 -15.33 -31.15 -51.60
N LYS BA 184 -15.88 -30.81 -50.43
CA LYS BA 184 -15.24 -31.18 -49.17
C LYS BA 184 -15.27 -32.69 -48.96
N ASN BA 185 -16.42 -33.32 -49.19
CA ASN BA 185 -16.56 -34.75 -48.93
C ASN BA 185 -15.67 -35.59 -49.85
N TRP BA 186 -15.27 -35.04 -51.00
CA TRP BA 186 -14.44 -35.79 -51.93
C TRP BA 186 -13.06 -36.04 -51.35
N GLY BA 187 -12.50 -37.20 -51.67
CA GLY BA 187 -11.15 -37.53 -51.30
C GLY BA 187 -10.47 -38.34 -52.40
N VAL BA 188 -9.15 -38.42 -52.31
CA VAL BA 188 -8.39 -39.18 -53.28
C VAL BA 188 -8.64 -40.67 -53.06
N GLU BA 189 -9.08 -41.35 -54.11
CA GLU BA 189 -9.37 -42.77 -54.02
C GLU BA 189 -8.16 -43.60 -54.44
N ALA BA 190 -8.16 -44.86 -54.01
CA ALA BA 190 -7.03 -45.75 -54.29
C ALA BA 190 -6.96 -46.05 -55.78
N GLY BA 191 -5.73 -46.14 -56.28
CA GLY BA 191 -5.50 -46.39 -57.69
C GLY BA 191 -5.57 -45.17 -58.57
N LYS BA 192 -5.86 -44.00 -58.01
CA LYS BA 192 -5.98 -42.76 -58.76
C LYS BA 192 -5.21 -41.65 -58.05
N THR BA 193 -3.97 -41.95 -57.66
CA THR BA 193 -3.13 -41.00 -56.95
C THR BA 193 -1.92 -40.55 -57.74
N ASP BA 194 -1.54 -41.28 -58.80
CA ASP BA 194 -0.38 -40.90 -59.60
C ASP BA 194 -0.65 -39.60 -60.35
N LEU BA 195 0.34 -38.72 -60.35
CA LEU BA 195 0.22 -37.42 -61.01
C LEU BA 195 1.60 -37.05 -61.54
N THR BA 196 1.86 -37.37 -62.80
CA THR BA 196 3.14 -37.12 -63.44
C THR BA 196 3.04 -35.84 -64.27
N ILE BA 197 3.99 -34.94 -64.09
CA ILE BA 197 4.01 -33.65 -64.78
C ILE BA 197 5.28 -33.58 -65.61
N THR BA 198 5.14 -33.29 -66.89
CA THR BA 198 6.27 -33.08 -67.79
C THR BA 198 6.55 -31.59 -67.88
N LEU BA 199 7.82 -31.22 -67.70
CA LEU BA 199 8.23 -29.82 -67.60
C LEU BA 199 9.36 -29.53 -68.55
N LYS BA 200 9.42 -28.29 -69.02
CA LYS BA 200 10.57 -27.77 -69.74
C LYS BA 200 11.21 -26.67 -68.91
N ASP BA 201 12.51 -26.80 -68.66
CA ASP BA 201 13.21 -25.91 -67.76
C ASP BA 201 14.34 -25.20 -68.50
N LYS BA 202 14.58 -23.94 -68.14
CA LYS BA 202 15.67 -23.18 -68.76
C LYS BA 202 17.01 -23.84 -68.48
N ARG BA 203 17.24 -24.28 -67.26
CA ARG BA 203 18.40 -25.08 -66.89
C ARG BA 203 17.94 -26.47 -66.50
N GLU BA 204 18.78 -27.47 -66.81
CA GLU BA 204 18.46 -28.89 -66.65
C GLU BA 204 17.02 -29.18 -67.08
N GLY BA 205 16.76 -28.88 -68.36
CA GLY BA 205 15.42 -29.01 -68.90
C GLY BA 205 14.97 -30.46 -69.00
N ASP BA 206 13.71 -30.61 -69.43
CA ASP BA 206 13.06 -31.92 -69.56
C ASP BA 206 13.05 -32.66 -68.23
N VAL BA 207 12.41 -32.04 -67.23
CA VAL BA 207 12.29 -32.61 -65.90
C VAL BA 207 10.88 -33.16 -65.75
N THR BA 208 10.78 -34.44 -65.39
CA THR BA 208 9.51 -35.09 -65.12
C THR BA 208 9.44 -35.44 -63.64
N ILE BA 209 8.43 -34.91 -62.97
CA ILE BA 209 8.24 -35.12 -61.54
C ILE BA 209 6.90 -35.80 -61.33
N SER BA 210 6.88 -36.83 -60.48
CA SER BA 210 5.68 -37.60 -60.20
C SER BA 210 5.25 -37.36 -58.77
N ILE BA 211 3.96 -37.10 -58.58
CA ILE BA 211 3.39 -36.83 -57.26
C ILE BA 211 2.43 -37.96 -56.94
N ASN BA 212 2.65 -38.63 -55.82
CA ASN BA 212 1.80 -39.73 -55.37
C ASN BA 212 1.00 -39.23 -54.17
N ALA BA 213 -0.22 -38.75 -54.42
CA ALA BA 213 -1.05 -38.22 -53.37
C ALA BA 213 -1.44 -39.33 -52.38
N LYS BA 214 -1.45 -38.98 -51.09
CA LYS BA 214 -1.83 -39.95 -50.08
C LYS BA 214 -3.32 -40.24 -50.16
N GLU BA 215 -3.67 -41.51 -49.98
CA GLU BA 215 -5.07 -41.90 -50.03
C GLU BA 215 -5.86 -41.24 -48.91
N GLY BA 216 -7.07 -40.80 -49.22
CA GLY BA 216 -7.92 -40.14 -48.27
C GLY BA 216 -7.72 -38.64 -48.16
N ASP BA 217 -6.72 -38.09 -48.85
CA ASP BA 217 -6.49 -36.66 -48.83
C ASP BA 217 -7.62 -35.94 -49.57
N ASP BA 218 -8.09 -34.83 -49.02
CA ASP BA 218 -9.15 -34.06 -49.65
C ASP BA 218 -8.54 -33.15 -50.71
N ILE BA 219 -9.35 -32.20 -51.21
CA ILE BA 219 -8.89 -31.38 -52.32
C ILE BA 219 -7.93 -30.30 -51.86
N GLU BA 220 -7.98 -29.92 -50.57
CA GLU BA 220 -7.16 -28.81 -50.11
C GLU BA 220 -5.76 -29.27 -49.69
N GLU BA 221 -5.68 -30.26 -48.81
CA GLU BA 221 -4.36 -30.77 -48.41
C GLU BA 221 -3.62 -31.41 -49.59
N LEU BA 222 -4.34 -31.77 -50.65
CA LEU BA 222 -3.66 -32.23 -51.87
C LEU BA 222 -2.81 -31.12 -52.46
N ALA BA 223 -3.33 -29.89 -52.48
CA ALA BA 223 -2.55 -28.77 -52.98
C ALA BA 223 -1.32 -28.54 -52.12
N THR BA 224 -1.47 -28.65 -50.79
CA THR BA 224 -0.32 -28.49 -49.90
C THR BA 224 0.73 -29.57 -50.17
N TYR BA 225 0.29 -30.79 -50.42
CA TYR BA 225 1.23 -31.87 -50.68
C TYR BA 225 2.04 -31.61 -51.95
N ILE BA 226 1.39 -31.13 -53.00
CA ILE BA 226 2.10 -30.83 -54.24
C ILE BA 226 3.10 -29.71 -54.02
N ASN BA 227 2.71 -28.69 -53.26
CA ASN BA 227 3.62 -27.59 -52.97
C ASN BA 227 4.86 -28.07 -52.22
N GLY BA 228 4.68 -28.95 -51.24
CA GLY BA 228 5.81 -29.44 -50.47
C GLY BA 228 6.74 -30.32 -51.28
N GLN BA 229 6.18 -31.15 -52.17
CA GLN BA 229 7.00 -32.14 -52.87
C GLN BA 229 7.98 -31.49 -53.82
N THR BA 230 7.59 -30.39 -54.48
CA THR BA 230 8.44 -29.73 -55.43
C THR BA 230 8.24 -28.22 -55.35
N ASP BA 231 9.32 -27.49 -55.61
CA ASP BA 231 9.28 -26.03 -55.65
C ASP BA 231 9.04 -25.49 -57.06
N MET BA 232 8.93 -26.36 -58.06
CA MET BA 232 8.72 -25.93 -59.43
C MET BA 232 7.26 -25.66 -59.77
N ILE BA 233 6.34 -26.04 -58.89
CA ILE BA 233 4.90 -25.96 -59.17
C ILE BA 233 4.21 -25.46 -57.91
N LYS BA 234 3.27 -24.52 -58.08
CA LYS BA 234 2.46 -23.99 -57.00
C LYS BA 234 1.00 -24.32 -57.26
N ALA BA 235 0.32 -24.85 -56.25
CA ALA BA 235 -1.04 -25.33 -56.40
C ALA BA 235 -1.93 -24.77 -55.30
N SER BA 236 -3.21 -24.55 -55.64
CA SER BA 236 -4.20 -24.08 -54.68
C SER BA 236 -5.58 -24.23 -55.31
N VAL BA 237 -6.57 -24.46 -54.47
CA VAL BA 237 -7.96 -24.60 -54.90
C VAL BA 237 -8.68 -23.27 -54.70
N ASP BA 238 -9.63 -22.98 -55.59
CA ASP BA 238 -10.23 -21.65 -55.56
C ASP BA 238 -11.53 -21.57 -54.76
N GLU BA 239 -12.61 -22.17 -55.25
CA GLU BA 239 -13.88 -22.15 -54.54
C GLU BA 239 -14.65 -23.46 -54.60
N GLU BA 240 -14.31 -24.37 -55.52
CA GLU BA 240 -15.03 -25.61 -55.68
C GLU BA 240 -14.10 -26.81 -55.76
N GLY BA 241 -12.79 -26.60 -55.66
CA GLY BA 241 -11.82 -27.68 -55.75
C GLY BA 241 -10.92 -27.64 -56.97
N LYS BA 242 -11.10 -26.68 -57.88
CA LYS BA 242 -10.26 -26.62 -59.06
C LYS BA 242 -8.86 -26.17 -58.67
N LEU BA 243 -7.87 -26.97 -59.06
CA LEU BA 243 -6.47 -26.66 -58.75
C LEU BA 243 -5.96 -25.60 -59.72
N GLN BA 244 -5.20 -24.64 -59.19
CA GLN BA 244 -4.57 -23.60 -60.01
C GLN BA 244 -3.07 -23.83 -59.99
N LEU BA 245 -2.60 -24.67 -60.91
CA LEU BA 245 -1.17 -24.90 -61.04
C LEU BA 245 -0.51 -23.66 -61.63
N PHE BA 246 0.59 -23.23 -61.02
CA PHE BA 246 1.32 -22.06 -61.47
C PHE BA 246 2.70 -22.46 -61.98
N THR BA 247 3.15 -21.77 -63.02
CA THR BA 247 4.44 -22.04 -63.65
C THR BA 247 5.18 -20.73 -63.78
N ASP BA 248 6.35 -20.64 -63.16
CA ASP BA 248 7.11 -19.39 -63.18
C ASP BA 248 7.79 -19.29 -64.55
N ASN BA 249 7.58 -18.16 -65.24
CA ASN BA 249 7.98 -18.05 -66.63
C ASN BA 249 9.48 -18.03 -66.82
N ASN BA 250 10.23 -17.36 -65.94
CA ASN BA 250 11.65 -17.13 -66.22
C ASN BA 250 12.50 -18.37 -66.05
N ARG BA 251 11.96 -19.47 -65.54
CA ARG BA 251 12.73 -20.69 -65.37
C ARG BA 251 12.02 -21.95 -65.88
N ILE BA 252 10.72 -21.91 -66.13
CA ILE BA 252 9.97 -23.09 -66.52
C ILE BA 252 9.33 -22.86 -67.88
N ASP BA 253 10.04 -22.13 -68.75
CA ASP BA 253 9.53 -21.80 -70.07
C ASP BA 253 8.99 -23.02 -70.79
N GLY BA 254 7.98 -22.80 -71.63
CA GLY BA 254 7.33 -23.86 -72.36
C GLY BA 254 6.10 -24.40 -71.64
N ALA BA 255 5.27 -25.10 -72.40
CA ALA BA 255 4.05 -25.67 -71.85
C ALA BA 255 4.37 -26.91 -71.02
N ALA BA 256 3.53 -27.15 -70.01
CA ALA BA 256 3.65 -28.30 -69.12
C ALA BA 256 2.55 -29.30 -69.44
N THR BA 257 2.91 -30.57 -69.57
CA THR BA 257 1.96 -31.63 -69.89
C THR BA 257 1.63 -32.43 -68.64
N PHE BA 258 0.34 -32.68 -68.44
CA PHE BA 258 -0.14 -33.39 -67.26
C PHE BA 258 -0.56 -34.80 -67.63
N GLY BA 259 -0.20 -35.75 -66.77
CA GLY BA 259 -0.55 -37.15 -67.01
C GLY BA 259 -0.70 -37.87 -65.69
N GLY BA 260 -1.19 -39.10 -65.79
CA GLY BA 260 -1.45 -39.92 -64.63
C GLY BA 260 -2.93 -40.04 -64.34
N ALA BA 261 -3.24 -41.00 -63.46
CA ALA BA 261 -4.64 -41.27 -63.11
C ALA BA 261 -5.30 -40.07 -62.45
N LEU BA 262 -4.59 -39.43 -61.52
CA LEU BA 262 -5.15 -38.26 -60.85
C LEU BA 262 -5.34 -37.10 -61.81
N ALA BA 263 -4.42 -36.95 -62.78
CA ALA BA 263 -4.56 -35.87 -63.75
C ALA BA 263 -5.83 -36.04 -64.58
N GLY BA 264 -6.12 -37.27 -65.01
CA GLY BA 264 -7.37 -37.52 -65.69
C GLY BA 264 -8.58 -37.32 -64.80
N GLU BA 265 -8.43 -37.61 -63.50
CA GLU BA 265 -9.52 -37.39 -62.56
C GLU BA 265 -9.86 -35.90 -62.47
N LEU BA 266 -8.85 -35.05 -62.44
CA LEU BA 266 -9.04 -33.61 -62.49
C LEU BA 266 -9.05 -33.15 -63.95
N GLY BA 267 -8.98 -31.84 -64.16
CA GLY BA 267 -8.87 -31.28 -65.49
C GLY BA 267 -7.43 -30.94 -65.81
N ILE BA 268 -7.00 -31.32 -67.01
CA ILE BA 268 -5.63 -31.01 -67.44
C ILE BA 268 -5.46 -29.50 -67.57
N GLY BA 269 -6.42 -28.83 -68.20
CA GLY BA 269 -6.37 -27.39 -68.33
C GLY BA 269 -5.44 -26.92 -69.42
N ALA BA 270 -5.60 -25.67 -69.84
CA ALA BA 270 -4.73 -25.08 -70.85
C ALA BA 270 -3.73 -24.14 -70.21
N ALA BA 271 -2.78 -23.68 -71.03
CA ALA BA 271 -1.74 -22.75 -70.57
C ALA BA 271 -2.22 -21.32 -70.80
N GLN BA 272 -2.37 -20.56 -69.72
CA GLN BA 272 -2.79 -19.17 -69.79
C GLN BA 272 -1.68 -18.29 -69.23
N ASP BA 273 -1.31 -17.26 -69.99
CA ASP BA 273 -0.28 -16.32 -69.56
C ASP BA 273 -0.88 -15.26 -68.65
N VAL BA 274 -0.32 -15.11 -67.46
CA VAL BA 274 -0.75 -14.09 -66.50
C VAL BA 274 0.48 -13.37 -65.98
N THR BA 275 0.35 -12.06 -65.80
CA THR BA 275 1.43 -11.23 -65.30
C THR BA 275 0.91 -10.39 -64.13
N VAL BA 276 1.78 -9.55 -63.58
CA VAL BA 276 1.39 -8.68 -62.48
C VAL BA 276 0.35 -7.66 -62.94
N ASP BA 277 0.47 -7.19 -64.18
CA ASP BA 277 -0.52 -6.25 -64.71
C ASP BA 277 -1.90 -6.90 -64.78
N THR BA 278 -1.96 -8.16 -65.19
CA THR BA 278 -3.22 -8.91 -65.24
C THR BA 278 -3.60 -9.49 -63.89
N LEU BA 279 -2.78 -9.30 -62.86
CA LEU BA 279 -3.06 -9.82 -61.54
C LEU BA 279 -4.31 -9.15 -60.98
N ASP BA 280 -5.38 -9.91 -60.86
CA ASP BA 280 -6.65 -9.42 -60.34
C ASP BA 280 -7.12 -10.33 -59.24
N VAL BA 281 -7.42 -9.75 -58.08
CA VAL BA 281 -7.92 -10.49 -56.93
C VAL BA 281 -9.28 -9.89 -56.58
N THR BA 282 -10.34 -10.60 -56.93
CA THR BA 282 -11.69 -10.28 -56.50
C THR BA 282 -12.39 -11.44 -55.82
N THR BA 283 -12.01 -12.67 -56.14
CA THR BA 283 -12.41 -13.86 -55.41
C THR BA 283 -11.15 -14.53 -54.88
N VAL BA 284 -11.34 -15.43 -53.90
CA VAL BA 284 -10.20 -16.05 -53.25
C VAL BA 284 -9.39 -16.88 -54.24
N GLY BA 285 -10.01 -17.32 -55.33
CA GLY BA 285 -9.27 -18.07 -56.34
C GLY BA 285 -8.19 -17.23 -57.00
N GLY BA 286 -8.54 -16.00 -57.39
CA GLY BA 286 -7.52 -15.09 -57.89
C GLY BA 286 -6.53 -14.69 -56.82
N ALA BA 287 -6.95 -14.74 -55.56
CA ALA BA 287 -6.05 -14.41 -54.46
C ALA BA 287 -4.94 -15.44 -54.32
N GLN BA 288 -5.28 -16.72 -54.38
CA GLN BA 288 -4.25 -17.75 -54.34
C GLN BA 288 -3.38 -17.71 -55.59
N GLU BA 289 -3.97 -17.35 -56.74
CA GLU BA 289 -3.18 -17.19 -57.95
C GLU BA 289 -2.20 -16.03 -57.84
N SER BA 290 -2.65 -14.91 -57.28
CA SER BA 290 -1.84 -13.69 -57.28
C SER BA 290 -0.56 -13.86 -56.49
N VAL BA 291 -0.63 -14.47 -55.30
CA VAL BA 291 0.56 -14.62 -54.48
C VAL BA 291 1.61 -15.47 -55.19
N ALA BA 292 1.17 -16.49 -55.93
CA ALA BA 292 2.12 -17.25 -56.75
C ALA BA 292 2.74 -16.35 -57.81
N ILE BA 293 1.94 -15.50 -58.44
CA ILE BA 293 2.46 -14.58 -59.45
C ILE BA 293 3.47 -13.62 -58.82
N VAL BA 294 3.12 -13.07 -57.66
CA VAL BA 294 3.99 -12.10 -57.00
C VAL BA 294 5.33 -12.73 -56.62
N ASP BA 295 5.30 -13.98 -56.13
CA ASP BA 295 6.54 -14.65 -55.76
C ASP BA 295 7.45 -14.80 -56.96
N ALA BA 296 6.89 -15.15 -58.12
CA ALA BA 296 7.68 -15.23 -59.34
C ALA BA 296 8.25 -13.86 -59.71
N ALA BA 297 7.43 -12.81 -59.56
CA ALA BA 297 7.92 -11.47 -59.84
C ALA BA 297 9.04 -11.07 -58.89
N LEU BA 298 8.89 -11.40 -57.60
CA LEU BA 298 9.91 -11.07 -56.63
C LEU BA 298 11.22 -11.78 -56.94
N LYS BA 299 11.13 -13.06 -57.33
CA LYS BA 299 12.33 -13.80 -57.72
C LYS BA 299 13.02 -13.15 -58.91
N TYR BA 300 12.24 -12.71 -59.90
CA TYR BA 300 12.82 -12.08 -61.08
C TYR BA 300 13.50 -10.76 -60.71
N VAL BA 301 12.85 -9.94 -59.89
CA VAL BA 301 13.41 -8.65 -59.51
C VAL BA 301 14.69 -8.85 -58.71
N ASP BA 302 14.66 -9.79 -57.77
CA ASP BA 302 15.84 -10.07 -56.95
C ASP BA 302 17.00 -10.57 -57.81
N SER BA 303 16.71 -11.45 -58.78
CA SER BA 303 17.74 -11.95 -59.66
C SER BA 303 18.35 -10.81 -60.49
N HIS BA 304 17.51 -9.90 -60.97
CA HIS BA 304 18.02 -8.75 -61.71
C HIS BA 304 18.80 -7.80 -60.80
N ARG BA 305 18.41 -7.69 -59.53
CA ARG BA 305 19.16 -6.87 -58.59
C ARG BA 305 20.55 -7.46 -58.36
N ALA BA 306 20.64 -8.78 -58.22
CA ALA BA 306 21.93 -9.43 -57.98
C ALA BA 306 22.87 -9.20 -59.16
N GLU BA 307 22.35 -9.28 -60.38
CA GLU BA 307 23.19 -9.03 -61.55
C GLU BA 307 23.72 -7.60 -61.53
N LEU BA 308 22.87 -6.64 -61.16
CA LEU BA 308 23.34 -5.26 -61.05
C LEU BA 308 24.36 -5.11 -59.92
N GLY BA 309 24.17 -5.84 -58.82
CA GLY BA 309 25.13 -5.77 -57.74
C GLY BA 309 26.51 -6.28 -58.12
N ALA BA 310 26.56 -7.43 -58.80
CA ALA BA 310 27.84 -7.95 -59.27
C ALA BA 310 28.48 -6.98 -60.26
N PHE BA 311 27.66 -6.32 -61.07
CA PHE BA 311 28.16 -5.29 -61.97
C PHE BA 311 28.77 -4.14 -61.16
N GLN BA 312 28.14 -3.76 -60.05
CA GLN BA 312 28.69 -2.72 -59.21
C GLN BA 312 30.04 -3.14 -58.62
N ASN BA 313 30.15 -4.39 -58.16
CA ASN BA 313 31.43 -4.88 -57.64
C ASN BA 313 32.51 -4.98 -58.71
N ARG BA 314 32.17 -5.43 -59.92
CA ARG BA 314 33.14 -5.45 -61.01
C ARG BA 314 33.74 -4.07 -61.22
N PHE BA 315 32.90 -3.03 -61.17
CA PHE BA 315 33.34 -1.67 -61.43
C PHE BA 315 34.06 -1.07 -60.23
N ASN BA 316 33.64 -1.41 -59.02
CA ASN BA 316 34.37 -0.97 -57.84
C ASN BA 316 35.78 -1.55 -57.83
N HIS BA 317 35.91 -2.81 -58.22
CA HIS BA 317 37.22 -3.41 -58.42
C HIS BA 317 37.91 -2.89 -59.68
N ALA BA 318 37.18 -2.25 -60.60
CA ALA BA 318 37.83 -1.68 -61.77
C ALA BA 318 38.52 -0.36 -61.43
N ILE BA 319 37.94 0.42 -60.51
CA ILE BA 319 38.48 1.74 -60.20
C ILE BA 319 39.87 1.63 -59.57
N ASN BA 320 39.99 0.79 -58.54
CA ASN BA 320 41.27 0.69 -57.85
C ASN BA 320 42.31 -0.01 -58.72
N ASN BA 321 41.87 -0.87 -59.62
CA ASN BA 321 42.81 -1.44 -60.60
C ASN BA 321 43.34 -0.37 -61.54
N LEU BA 322 42.43 0.43 -62.11
CA LEU BA 322 42.85 1.50 -63.01
C LEU BA 322 43.70 2.54 -62.28
N ASP BA 323 43.35 2.84 -61.03
CA ASP BA 323 44.16 3.76 -60.25
C ASP BA 323 45.55 3.20 -60.01
N ASN BA 324 45.65 1.89 -59.76
CA ASN BA 324 46.95 1.27 -59.52
C ASN BA 324 47.85 1.38 -60.74
N ILE BA 325 47.28 1.16 -61.94
CA ILE BA 325 48.05 1.36 -63.16
C ILE BA 325 48.37 2.83 -63.36
N ASN BA 326 47.39 3.71 -63.11
CA ASN BA 326 47.58 5.14 -63.35
C ASN BA 326 48.68 5.70 -62.46
N GLU BA 327 48.75 5.26 -61.20
CA GLU BA 327 49.80 5.70 -60.31
C GLU BA 327 51.17 5.28 -60.83
N ASN BA 328 51.28 4.05 -61.31
CA ASN BA 328 52.57 3.52 -61.72
C ASN BA 328 53.02 4.09 -63.07
N VAL BA 329 52.09 4.27 -64.00
CA VAL BA 329 52.47 4.85 -65.29
C VAL BA 329 52.85 6.31 -65.15
N ASN BA 330 52.37 7.00 -64.10
CA ASN BA 330 52.87 8.33 -63.82
C ASN BA 330 54.29 8.29 -63.27
N ALA BA 331 54.60 7.28 -62.46
CA ALA BA 331 55.97 7.09 -62.02
C ALA BA 331 56.89 6.81 -63.19
N SER BA 332 56.45 5.98 -64.13
CA SER BA 332 57.22 5.78 -65.36
C SER BA 332 57.21 7.03 -66.22
N LYS BA 333 56.18 7.87 -66.09
CA LYS BA 333 56.17 9.17 -66.75
C LYS BA 333 56.93 10.16 -65.88
N SER BA 334 58.14 9.77 -65.47
CA SER BA 334 59.03 10.60 -64.67
C SER BA 334 60.43 10.09 -64.93
N ARG BA 335 61.39 11.03 -65.00
CA ARG BA 335 62.76 10.78 -65.43
C ARG BA 335 62.81 10.42 -66.91
N ILE BA 336 61.64 10.28 -67.51
CA ILE BA 336 61.52 10.19 -68.96
C ILE BA 336 61.09 11.53 -69.54
N LYS BA 337 60.07 12.14 -68.93
CA LYS BA 337 59.65 13.50 -69.24
C LYS BA 337 60.12 14.50 -68.20
N ASP BA 338 59.77 14.27 -66.93
CA ASP BA 338 60.08 15.23 -65.88
C ASP BA 338 61.57 15.31 -65.62
N THR BA 339 62.07 16.52 -65.42
CA THR BA 339 63.45 16.74 -65.05
C THR BA 339 63.62 16.64 -63.54
N ASP BA 340 64.82 16.29 -63.11
CA ASP BA 340 65.18 16.33 -61.71
C ASP BA 340 65.96 17.60 -61.44
N PHE BA 341 65.50 18.38 -60.47
CA PHE BA 341 66.06 19.71 -60.24
C PHE BA 341 67.46 19.63 -59.63
N ALA BA 342 67.86 18.44 -59.17
CA ALA BA 342 69.16 18.32 -58.52
C ALA BA 342 70.30 18.33 -59.54
N LYS BA 343 70.32 17.35 -60.44
CA LYS BA 343 71.45 17.23 -61.36
C LYS BA 343 71.41 18.28 -62.46
N GLU BA 344 70.22 18.81 -62.76
CA GLU BA 344 70.12 19.82 -63.81
C GLU BA 344 70.64 21.17 -63.32
N THR BA 345 70.31 21.54 -62.09
CA THR BA 345 70.75 22.84 -61.57
C THR BA 345 72.26 22.89 -61.40
N THR BA 346 72.87 21.82 -60.90
CA THR BA 346 74.32 21.80 -60.78
C THR BA 346 75.00 21.77 -62.15
N ALA BA 347 74.34 21.18 -63.15
CA ALA BA 347 74.83 21.29 -64.52
C ALA BA 347 74.66 22.72 -65.04
N LEU BA 348 73.62 23.41 -64.57
CA LEU BA 348 73.45 24.82 -64.92
C LEU BA 348 74.56 25.67 -64.33
N THR BA 349 74.89 25.43 -63.06
CA THR BA 349 75.96 26.20 -62.42
C THR BA 349 77.32 25.88 -63.04
N LYS BA 350 77.57 24.61 -63.34
CA LYS BA 350 78.80 24.25 -64.04
C LYS BA 350 78.85 24.90 -65.41
N ALA BA 351 77.69 25.10 -66.04
CA ALA BA 351 77.66 25.77 -67.33
C ALA BA 351 77.88 27.27 -67.20
N GLN BA 352 77.27 27.89 -66.20
CA GLN BA 352 77.47 29.32 -65.98
C GLN BA 352 78.91 29.62 -65.58
N ILE BA 353 79.50 28.76 -64.75
CA ILE BA 353 80.91 28.92 -64.40
C ILE BA 353 81.78 28.76 -65.63
N LEU BA 354 81.44 27.79 -66.49
CA LEU BA 354 82.15 27.64 -67.75
C LEU BA 354 82.00 28.89 -68.62
N SER BA 355 80.80 29.47 -68.65
CA SER BA 355 80.58 30.67 -69.45
C SER BA 355 81.42 31.83 -68.92
N GLN BA 356 81.52 31.96 -67.59
CA GLN BA 356 82.32 33.03 -67.01
C GLN BA 356 83.80 32.87 -67.36
N ALA BA 357 84.32 31.65 -67.27
CA ALA BA 357 85.72 31.42 -67.61
C ALA BA 357 85.96 31.60 -69.10
N SER BA 358 85.03 31.12 -69.94
CA SER BA 358 85.19 31.26 -71.38
C SER BA 358 85.03 32.71 -71.83
N SER BA 359 84.29 33.52 -71.08
CA SER BA 359 84.22 34.94 -71.39
C SER BA 359 85.47 35.67 -70.91
N SER BA 360 86.02 35.26 -69.76
CA SER BA 360 87.17 35.94 -69.19
C SER BA 360 88.43 35.73 -70.02
N VAL BA 361 88.59 34.53 -70.60
CA VAL BA 361 89.78 34.25 -71.40
C VAL BA 361 89.81 35.15 -72.64
N LEU BA 362 88.65 35.61 -73.11
CA LEU BA 362 88.63 36.56 -74.21
C LEU BA 362 89.35 37.85 -73.84
N ALA BA 363 89.19 38.30 -72.59
CA ALA BA 363 89.93 39.46 -72.13
C ALA BA 363 91.43 39.18 -72.09
N GLN BA 364 91.81 37.93 -71.83
CA GLN BA 364 93.22 37.54 -71.81
C GLN BA 364 93.74 37.17 -73.19
N ALA BA 365 92.90 37.25 -74.23
CA ALA BA 365 93.32 36.98 -75.59
C ALA BA 365 93.16 38.16 -76.54
N LYS BA 366 92.29 39.11 -76.23
CA LYS BA 366 92.09 40.26 -77.11
C LYS BA 366 93.31 41.18 -77.08
N GLN BA 367 93.95 41.34 -75.93
CA GLN BA 367 95.12 42.19 -75.81
C GLN BA 367 96.40 41.50 -76.27
N ALA BA 368 96.36 40.19 -76.50
CA ALA BA 368 97.56 39.50 -76.99
C ALA BA 368 98.04 40.04 -78.33
N PRO BA 369 97.18 40.27 -79.34
CA PRO BA 369 97.67 40.95 -80.55
C PRO BA 369 98.20 42.35 -80.27
N ASN BA 370 97.65 43.04 -79.27
CA ASN BA 370 98.13 44.38 -78.94
C ASN BA 370 99.59 44.32 -78.49
N SER BA 371 99.90 43.39 -77.59
CA SER BA 371 101.27 43.25 -77.12
C SER BA 371 102.20 42.78 -78.24
N ALA BA 372 101.69 41.95 -79.14
CA ALA BA 372 102.50 41.50 -80.27
C ALA BA 372 102.87 42.65 -81.19
N LEU BA 373 101.91 43.56 -81.43
CA LEU BA 373 102.17 44.70 -82.29
C LEU BA 373 103.03 45.76 -81.61
N ALA BA 374 102.96 45.85 -80.28
CA ALA BA 374 103.61 46.92 -79.55
C ALA BA 374 105.13 46.87 -79.60
N LEU BA 375 105.71 45.77 -80.09
CA LEU BA 375 107.17 45.69 -80.14
C LEU BA 375 107.77 46.75 -81.06
N LEU BA 376 107.04 47.14 -82.11
CA LEU BA 376 107.46 48.17 -83.03
C LEU BA 376 106.38 49.23 -83.14
N GLY BA 377 106.78 50.46 -83.43
CA GLY BA 377 105.85 51.56 -83.60
C GLY BA 377 104.95 51.39 -84.80
N MET CA 1 70.22 41.10 -13.73
CA MET CA 1 71.21 40.45 -12.88
C MET CA 1 70.83 39.02 -12.54
N ALA CA 2 69.56 38.66 -12.76
CA ALA CA 2 69.09 37.32 -12.40
C ALA CA 2 68.01 36.89 -13.39
N VAL CA 3 68.42 36.19 -14.44
CA VAL CA 3 67.51 35.38 -15.26
C VAL CA 3 68.32 34.24 -15.86
N ASN CA 4 67.96 33.00 -15.52
CA ASN CA 4 68.80 31.86 -15.87
C ASN CA 4 67.93 30.62 -16.00
N VAL CA 5 68.58 29.50 -16.32
CA VAL CA 5 67.89 28.25 -16.59
C VAL CA 5 68.36 27.18 -15.61
N ASN CA 6 69.60 27.30 -15.13
CA ASN CA 6 70.17 26.25 -14.30
C ASN CA 6 69.40 26.06 -13.00
N THR CA 7 68.99 27.15 -12.37
CA THR CA 7 68.19 27.09 -11.15
C THR CA 7 66.82 27.70 -11.43
N ASN CA 8 65.77 26.94 -11.12
CA ASN CA 8 64.39 27.39 -11.26
C ASN CA 8 63.78 27.41 -9.86
N VAL CA 9 63.98 28.52 -9.16
CA VAL CA 9 63.53 28.62 -7.77
C VAL CA 9 62.01 28.49 -7.69
N SER CA 10 61.30 29.18 -8.58
CA SER CA 10 59.84 29.12 -8.56
C SER CA 10 59.34 27.71 -8.84
N ALA CA 11 60.08 26.95 -9.65
CA ALA CA 11 59.68 25.58 -9.92
C ALA CA 11 59.71 24.73 -8.65
N MET CA 12 60.76 24.89 -7.84
CA MET CA 12 60.84 24.13 -6.59
C MET CA 12 59.81 24.63 -5.59
N THR CA 13 59.53 25.93 -5.58
CA THR CA 13 58.54 26.46 -4.65
C THR CA 13 57.16 25.87 -4.91
N ALA CA 14 56.72 25.88 -6.17
CA ALA CA 14 55.42 25.29 -6.48
C ALA CA 14 55.44 23.79 -6.31
N GLN CA 15 56.60 23.17 -6.56
CA GLN CA 15 56.75 21.73 -6.33
C GLN CA 15 56.60 21.39 -4.85
N ARG CA 16 57.20 22.21 -3.98
CA ARG CA 16 57.10 21.97 -2.54
C ARG CA 16 55.65 22.07 -2.09
N TYR CA 17 54.92 23.06 -2.59
CA TYR CA 17 53.51 23.19 -2.23
C TYR CA 17 52.66 22.15 -2.95
N LEU CA 18 53.16 21.56 -4.03
CA LEU CA 18 52.45 20.50 -4.71
C LEU CA 18 52.38 19.25 -3.83
N THR CA 19 53.52 18.84 -3.28
CA THR CA 19 53.54 17.69 -2.40
C THR CA 19 52.96 18.00 -1.02
N SER CA 20 53.06 19.25 -0.57
CA SER CA 20 52.39 19.63 0.66
C SER CA 20 50.88 19.51 0.51
N ALA CA 21 50.38 19.60 -0.73
CA ALA CA 21 48.96 19.44 -1.00
C ALA CA 21 48.58 17.98 -1.24
N THR CA 22 49.37 17.26 -2.05
CA THR CA 22 49.07 15.87 -2.32
C THR CA 22 49.33 14.96 -1.13
N ASN CA 23 50.15 15.39 -0.17
CA ASN CA 23 50.28 14.63 1.07
C ASN CA 23 49.07 14.81 1.97
N ALA CA 24 48.55 16.03 2.05
CA ALA CA 24 47.29 16.25 2.76
C ALA CA 24 46.14 15.54 2.06
N GLN CA 25 46.14 15.56 0.73
CA GLN CA 25 45.16 14.79 -0.03
C GLN CA 25 45.36 13.29 0.19
N GLN CA 26 46.62 12.86 0.30
CA GLN CA 26 46.90 11.46 0.60
C GLN CA 26 46.39 11.08 1.99
N SER CA 27 46.51 11.99 2.95
CA SER CA 27 45.94 11.77 4.27
C SER CA 27 44.43 11.66 4.20
N SER CA 28 43.78 12.47 3.35
CA SER CA 28 42.39 12.29 3.03
C SER CA 28 42.27 11.14 2.02
N MET CA 29 41.05 10.83 1.61
CA MET CA 29 40.73 9.66 0.79
C MET CA 29 41.20 8.36 1.43
N GLU CA 30 41.66 8.43 2.67
CA GLU CA 30 41.84 7.28 3.54
C GLU CA 30 41.00 7.39 4.81
N ARG CA 31 40.87 8.60 5.36
CA ARG CA 31 39.92 8.80 6.44
C ARG CA 31 38.48 8.63 5.96
N LEU CA 32 38.20 9.05 4.73
CA LEU CA 32 36.87 8.84 4.17
C LEU CA 32 36.59 7.36 3.95
N SER CA 33 37.55 6.64 3.38
CA SER CA 33 37.35 5.22 3.08
C SER CA 33 37.22 4.40 4.36
N SER CA 34 38.16 4.59 5.29
CA SER CA 34 38.13 3.82 6.53
C SER CA 34 36.98 4.26 7.43
N GLY CA 35 36.65 5.55 7.42
CA GLY CA 35 35.68 6.10 8.33
C GLY CA 35 36.26 6.58 9.65
N TYR CA 36 37.53 6.33 9.91
CA TYR CA 36 38.22 6.78 11.11
C TYR CA 36 39.20 7.88 10.76
N LYS CA 37 39.14 9.00 11.49
CA LYS CA 37 40.18 10.00 11.37
C LYS CA 37 41.46 9.61 12.10
N ILE CA 38 41.41 8.55 12.91
CA ILE CA 38 42.57 8.03 13.60
C ILE CA 38 42.80 6.61 13.10
N ASN CA 39 43.79 6.44 12.23
CA ASN CA 39 44.18 5.12 11.76
C ASN CA 39 45.66 4.83 11.92
N SER CA 40 46.49 5.83 12.18
CA SER CA 40 47.89 5.64 12.53
C SER CA 40 48.21 6.55 13.71
N ALA CA 41 49.20 6.14 14.50
CA ALA CA 41 49.55 6.90 15.69
C ALA CA 41 50.05 8.30 15.35
N LYS CA 42 50.59 8.50 14.14
CA LYS CA 42 51.11 9.80 13.76
C LYS CA 42 50.02 10.86 13.66
N ASP CA 43 48.78 10.46 13.41
CA ASP CA 43 47.69 11.43 13.34
C ASP CA 43 47.40 12.03 14.70
N ASP CA 44 47.26 11.18 15.73
CA ASP CA 44 47.03 11.65 17.09
C ASP CA 44 47.52 10.56 18.04
N ALA CA 45 48.72 10.75 18.61
CA ALA CA 45 49.26 9.76 19.51
C ALA CA 45 48.39 9.61 20.76
N ALA CA 46 48.00 10.73 21.37
CA ALA CA 46 47.13 10.67 22.54
C ALA CA 46 45.76 10.11 22.18
N GLY CA 47 45.23 10.51 21.02
CA GLY CA 47 43.92 10.01 20.61
C GLY CA 47 43.88 8.52 20.40
N LEU CA 48 44.98 7.94 19.94
CA LEU CA 48 45.02 6.49 19.72
C LEU CA 48 44.84 5.74 21.03
N GLN CA 49 45.52 6.18 22.09
CA GLN CA 49 45.44 5.47 23.36
C GLN CA 49 44.03 5.51 23.93
N ILE CA 50 43.43 6.70 24.00
CA ILE CA 50 42.11 6.82 24.62
C ILE CA 50 41.06 6.13 23.75
N SER CA 51 41.20 6.20 22.43
CA SER CA 51 40.25 5.52 21.55
C SER CA 51 40.35 4.01 21.68
N ASN CA 52 41.58 3.47 21.76
CA ASN CA 52 41.74 2.04 21.93
C ASN CA 52 41.18 1.58 23.27
N ARG CA 53 41.41 2.35 24.33
CA ARG CA 53 40.86 2.00 25.64
C ARG CA 53 39.33 2.04 25.61
N LEU CA 54 38.77 3.07 24.97
CA LEU CA 54 37.32 3.13 24.83
C LEU CA 54 36.80 1.96 24.01
N ASN CA 55 37.50 1.60 22.94
CA ASN CA 55 37.11 0.45 22.14
C ASN CA 55 37.20 -0.83 22.95
N VAL CA 56 38.23 -0.95 23.80
CA VAL CA 56 38.33 -2.09 24.70
C VAL CA 56 37.11 -2.17 25.60
N GLN CA 57 36.71 -1.03 26.17
CA GLN CA 57 35.54 -1.01 27.04
C GLN CA 57 34.28 -1.36 26.28
N SER CA 58 34.14 -0.86 25.05
CA SER CA 58 32.93 -1.11 24.28
C SER CA 58 32.76 -2.60 23.99
N ARG CA 59 33.84 -3.26 23.55
CA ARG CA 59 33.77 -4.70 23.30
C ARG CA 59 33.60 -5.47 24.61
N GLY CA 60 34.23 -5.00 25.68
CA GLY CA 60 34.07 -5.66 26.97
C GLY CA 60 32.64 -5.64 27.46
N LEU CA 61 31.97 -4.50 27.28
CA LEU CA 61 30.55 -4.42 27.66
C LEU CA 61 29.70 -5.32 26.78
N GLY CA 62 30.07 -5.44 25.50
CA GLY CA 62 29.28 -6.27 24.60
C GLY CA 62 29.23 -7.72 25.04
N VAL CA 63 30.38 -8.27 25.43
CA VAL CA 63 30.41 -9.63 25.95
C VAL CA 63 29.87 -9.67 27.37
N ALA CA 64 29.77 -8.51 28.03
CA ALA CA 64 29.21 -8.47 29.38
C ALA CA 64 27.70 -8.66 29.37
N VAL CA 65 27.01 -8.05 28.39
CA VAL CA 65 25.58 -8.29 28.25
C VAL CA 65 25.32 -9.75 27.91
N ARG CA 66 26.15 -10.34 27.05
CA ARG CA 66 26.06 -11.77 26.79
C ARG CA 66 26.32 -12.57 28.07
N ASN CA 67 27.27 -12.10 28.87
CA ASN CA 67 27.63 -12.81 30.09
C ASN CA 67 26.48 -12.87 31.08
N ALA CA 68 25.89 -11.71 31.39
CA ALA CA 68 24.82 -11.68 32.39
C ALA CA 68 23.55 -12.30 31.86
N ASN CA 69 23.35 -12.29 30.54
CA ASN CA 69 22.20 -13.00 29.98
C ASN CA 69 22.34 -14.50 30.20
N ASP CA 70 23.55 -15.03 30.07
CA ASP CA 70 23.77 -16.44 30.38
C ASP CA 70 23.51 -16.72 31.84
N GLY CA 71 23.94 -15.82 32.73
CA GLY CA 71 23.61 -15.97 34.13
C GLY CA 71 22.11 -15.94 34.38
N ILE CA 72 21.40 -15.08 33.65
CA ILE CA 72 19.93 -15.05 33.75
C ILE CA 72 19.35 -16.37 33.27
N SER CA 73 19.88 -16.91 32.18
CA SER CA 73 19.30 -18.12 31.60
C SER CA 73 19.38 -19.30 32.56
N MET CA 74 20.52 -19.46 33.26
CA MET CA 74 20.60 -20.53 34.24
C MET CA 74 19.75 -20.22 35.47
N ALA CA 75 19.51 -18.94 35.73
CA ALA CA 75 18.63 -18.59 36.84
C ALA CA 75 17.20 -19.06 36.59
N GLN CA 76 16.71 -18.90 35.35
CA GLN CA 76 15.35 -19.33 35.06
C GLN CA 76 15.25 -20.84 34.89
N THR CA 77 16.29 -21.50 34.39
CA THR CA 77 16.24 -22.95 34.29
C THR CA 77 16.12 -23.60 35.66
N ALA CA 78 16.86 -23.09 36.64
CA ALA CA 78 16.69 -23.55 38.01
C ALA CA 78 15.30 -23.21 38.53
N GLU CA 79 14.78 -22.04 38.17
CA GLU CA 79 13.43 -21.66 38.56
C GLU CA 79 12.38 -22.57 37.93
N GLY CA 80 12.65 -23.08 36.72
CA GLY CA 80 11.72 -24.00 36.10
C GLY CA 80 11.54 -25.28 36.89
N ALA CA 81 12.65 -25.82 37.39
CA ALA CA 81 12.56 -26.98 38.27
C ALA CA 81 12.06 -26.59 39.65
N MET CA 82 12.17 -25.32 40.01
CA MET CA 82 11.69 -24.86 41.31
C MET CA 82 10.18 -25.03 41.42
N LYS CA 83 9.44 -24.53 40.42
CA LYS CA 83 7.98 -24.57 40.49
C LYS CA 83 7.47 -26.00 40.44
N GLU CA 84 8.16 -26.88 39.71
CA GLU CA 84 7.76 -28.28 39.70
C GLU CA 84 8.11 -28.96 41.03
N THR CA 85 9.24 -28.60 41.62
CA THR CA 85 9.62 -29.17 42.90
C THR CA 85 8.61 -28.82 43.99
N THR CA 86 8.22 -27.54 44.07
CA THR CA 86 7.21 -27.17 45.05
C THR CA 86 5.84 -27.72 44.67
N ASN CA 87 5.62 -27.97 43.38
CA ASN CA 87 4.36 -28.58 42.95
C ASN CA 87 4.19 -29.97 43.54
N ILE CA 88 5.28 -30.76 43.56
CA ILE CA 88 5.23 -32.07 44.18
C ILE CA 88 5.06 -31.93 45.69
N LEU CA 89 5.76 -30.98 46.30
CA LEU CA 89 5.72 -30.83 47.75
C LEU CA 89 4.31 -30.49 48.23
N GLN CA 90 3.61 -29.62 47.50
CA GLN CA 90 2.22 -29.33 47.84
C GLN CA 90 1.38 -30.59 47.73
N ARG CA 91 1.61 -31.39 46.70
CA ARG CA 91 0.86 -32.64 46.54
C ARG CA 91 1.14 -33.59 47.69
N MET CA 92 2.41 -33.67 48.11
CA MET CA 92 2.76 -34.49 49.27
C MET CA 92 1.98 -34.04 50.50
N ARG CA 93 2.00 -32.74 50.78
CA ARG CA 93 1.40 -32.24 52.01
C ARG CA 93 -0.12 -32.43 52.01
N ASP CA 94 -0.77 -32.19 50.88
CA ASP CA 94 -2.22 -32.30 50.83
C ASP CA 94 -2.69 -33.72 51.12
N LEU CA 95 -2.04 -34.71 50.51
CA LEU CA 95 -2.46 -36.09 50.73
C LEU CA 95 -2.02 -36.59 52.10
N SER CA 96 -0.96 -36.01 52.67
CA SER CA 96 -0.60 -36.35 54.04
C SER CA 96 -1.69 -35.92 55.00
N LEU CA 97 -2.30 -34.76 54.76
CA LEU CA 97 -3.47 -34.36 55.54
C LEU CA 97 -4.61 -35.35 55.35
N GLN CA 98 -4.80 -35.83 54.12
CA GLN CA 98 -5.86 -36.77 53.84
C GLN CA 98 -5.66 -38.08 54.59
N SER CA 99 -4.42 -38.56 54.66
CA SER CA 99 -4.11 -39.82 55.30
C SER CA 99 -3.95 -39.71 56.81
N ALA CA 100 -4.08 -38.51 57.37
CA ALA CA 100 -3.91 -38.32 58.81
C ALA CA 100 -5.18 -38.62 59.60
N ASN CA 101 -6.29 -38.93 58.93
CA ASN CA 101 -7.53 -39.22 59.63
C ASN CA 101 -7.50 -40.62 60.22
N GLY CA 102 -8.39 -40.84 61.17
CA GLY CA 102 -8.69 -42.19 61.62
C GLY CA 102 -9.74 -42.88 60.77
N SER CA 103 -10.20 -42.22 59.71
CA SER CA 103 -11.25 -42.78 58.88
C SER CA 103 -10.74 -43.94 58.04
N ASN CA 104 -9.58 -43.79 57.42
CA ASN CA 104 -9.05 -44.84 56.57
C ASN CA 104 -8.36 -45.92 57.40
N SER CA 105 -8.30 -47.12 56.83
CA SER CA 105 -7.65 -48.25 57.47
C SER CA 105 -6.19 -48.34 57.01
N LYS CA 106 -5.50 -49.40 57.40
CA LYS CA 106 -4.10 -49.56 57.06
C LYS CA 106 -3.89 -49.69 55.55
N ALA CA 107 -4.78 -50.42 54.87
CA ALA CA 107 -4.61 -50.65 53.43
C ALA CA 107 -4.63 -49.34 52.65
N ASP CA 108 -5.50 -48.41 53.05
CA ASP CA 108 -5.56 -47.12 52.37
C ASP CA 108 -4.25 -46.36 52.53
N ARG CA 109 -3.67 -46.38 53.74
CA ARG CA 109 -2.40 -45.72 53.96
C ARG CA 109 -1.28 -46.40 53.20
N VAL CA 110 -1.41 -47.70 52.93
CA VAL CA 110 -0.39 -48.41 52.15
C VAL CA 110 -0.37 -47.89 50.72
N ALA CA 111 -1.54 -47.76 50.10
CA ALA CA 111 -1.61 -47.21 48.75
C ALA CA 111 -1.17 -45.75 48.73
N ILE CA 112 -1.55 -44.99 49.75
CA ILE CA 112 -1.13 -43.60 49.86
C ILE CA 112 0.37 -43.50 49.97
N GLN CA 113 0.99 -44.37 50.78
CA GLN CA 113 2.44 -44.37 50.90
C GLN CA 113 3.11 -44.71 49.58
N GLU CA 114 2.54 -45.65 48.82
CA GLU CA 114 3.07 -45.95 47.50
C GLU CA 114 3.05 -44.72 46.61
N GLU CA 115 2.02 -43.88 46.76
CA GLU CA 115 1.99 -42.62 46.02
C GLU CA 115 3.13 -41.71 46.46
N ILE CA 116 3.40 -41.65 47.76
CA ILE CA 116 4.48 -40.79 48.27
C ILE CA 116 5.83 -41.26 47.77
N THR CA 117 6.10 -42.57 47.87
CA THR CA 117 7.40 -43.07 47.44
C THR CA 117 7.61 -42.90 45.95
N ALA CA 118 6.53 -42.84 45.17
CA ALA CA 118 6.66 -42.54 43.75
C ALA CA 118 7.05 -41.09 43.52
N LEU CA 119 6.37 -40.17 44.18
CA LEU CA 119 6.70 -38.75 44.04
C LEU CA 119 8.05 -38.43 44.66
N ASN CA 120 8.47 -39.20 45.67
CA ASN CA 120 9.77 -39.00 46.28
C ASN CA 120 10.89 -39.24 45.26
N ASP CA 121 10.74 -40.27 44.44
CA ASP CA 121 11.72 -40.51 43.38
C ASP CA 121 11.74 -39.36 42.39
N GLU CA 122 10.60 -38.68 42.22
CA GLU CA 122 10.56 -37.54 41.31
C GLU CA 122 11.43 -36.40 41.81
N LEU CA 123 11.40 -36.13 43.12
CA LEU CA 123 12.29 -35.12 43.69
C LEU CA 123 13.75 -35.50 43.48
N ASN CA 124 14.09 -36.76 43.73
CA ASN CA 124 15.46 -37.20 43.53
C ASN CA 124 15.84 -37.30 42.07
N ARG CA 125 14.87 -37.26 41.16
CA ARG CA 125 15.18 -37.29 39.73
C ARG CA 125 15.33 -35.88 39.17
N VAL CA 126 14.40 -34.98 39.52
CA VAL CA 126 14.47 -33.62 39.00
C VAL CA 126 15.73 -32.92 39.48
N ALA CA 127 16.17 -33.21 40.70
CA ALA CA 127 17.39 -32.59 41.21
C ALA CA 127 18.64 -33.06 40.47
N GLU CA 128 18.52 -34.13 39.66
CA GLU CA 128 19.66 -34.65 38.91
C GLU CA 128 19.49 -34.54 37.40
N THR CA 129 18.27 -34.32 36.91
CA THR CA 129 18.06 -34.29 35.47
C THR CA 129 18.19 -32.90 34.87
N THR CA 130 18.03 -31.85 35.67
CA THR CA 130 18.25 -30.50 35.18
C THR CA 130 19.72 -30.33 34.81
N SER CA 131 19.98 -30.04 33.53
CA SER CA 131 21.32 -30.08 33.00
C SER CA 131 21.84 -28.73 32.55
N PHE CA 132 21.09 -28.03 31.70
CA PHE CA 132 21.59 -26.84 30.99
C PHE CA 132 22.86 -27.17 30.23
N GLY CA 133 22.69 -28.04 29.24
CA GLY CA 133 23.78 -28.41 28.36
C GLY CA 133 24.92 -29.15 29.02
N GLY CA 134 24.63 -30.10 29.91
CA GLY CA 134 25.65 -30.93 30.50
C GLY CA 134 26.05 -30.55 31.91
N ASN CA 135 25.67 -29.36 32.38
CA ASN CA 135 25.97 -28.97 33.75
C ASN CA 135 25.01 -29.68 34.71
N LYS CA 136 25.12 -29.38 36.00
CA LYS CA 136 24.22 -29.94 37.00
C LYS CA 136 23.82 -28.79 37.92
N LEU CA 137 22.52 -28.51 38.00
CA LEU CA 137 22.06 -27.34 38.72
C LEU CA 137 21.68 -27.66 40.16
N LEU CA 138 20.71 -28.54 40.35
CA LEU CA 138 20.16 -28.83 41.68
C LEU CA 138 20.85 -30.00 42.36
N ASN CA 139 21.81 -30.64 41.71
CA ASN CA 139 22.47 -31.80 42.29
C ASN CA 139 23.32 -31.46 43.50
N GLY CA 140 23.63 -30.19 43.71
CA GLY CA 140 24.53 -29.78 44.75
C GLY CA 140 25.98 -29.67 44.32
N THR CA 141 26.32 -30.27 43.18
CA THR CA 141 27.67 -30.12 42.64
C THR CA 141 27.93 -28.71 42.13
N PHE CA 142 26.89 -27.91 41.96
CA PHE CA 142 27.00 -26.54 41.49
C PHE CA 142 27.41 -25.66 42.67
N ALA CA 143 28.72 -25.54 42.88
CA ALA CA 143 29.25 -24.73 43.96
C ALA CA 143 29.22 -23.26 43.55
N THR CA 144 29.94 -22.42 44.30
CA THR CA 144 30.00 -21.00 43.97
C THR CA 144 30.54 -20.81 42.56
N LYS CA 145 29.72 -20.23 41.69
CA LYS CA 145 30.10 -19.88 40.33
C LYS CA 145 29.90 -18.39 40.13
N SER CA 146 30.96 -17.71 39.72
CA SER CA 146 30.95 -16.25 39.59
C SER CA 146 30.77 -15.87 38.13
N PHE CA 147 29.90 -14.91 37.88
CA PHE CA 147 29.62 -14.42 36.53
C PHE CA 147 30.25 -13.05 36.35
N GLN CA 148 31.14 -12.94 35.37
CA GLN CA 148 31.86 -11.70 35.10
C GLN CA 148 30.97 -10.80 34.27
N ILE CA 149 30.37 -9.80 34.92
CA ILE CA 149 29.36 -8.96 34.27
C ILE CA 149 29.86 -7.52 34.16
N GLY CA 150 31.19 -7.36 34.06
CA GLY CA 150 31.77 -6.04 33.90
C GLY CA 150 32.75 -6.03 32.75
N ALA CA 151 33.05 -4.81 32.29
CA ALA CA 151 33.99 -4.65 31.18
C ALA CA 151 35.37 -5.17 31.56
N ASP CA 152 35.87 -4.76 32.72
CA ASP CA 152 37.19 -5.18 33.16
C ASP CA 152 37.07 -6.44 34.02
N ASN CA 153 38.17 -6.82 34.66
CA ASN CA 153 38.22 -8.02 35.49
C ASN CA 153 37.86 -7.70 36.94
N GLY CA 154 37.50 -8.76 37.66
CA GLY CA 154 37.28 -8.68 39.09
C GLY CA 154 35.88 -8.26 39.50
N GLU CA 155 35.08 -7.73 38.58
CA GLU CA 155 33.71 -7.33 38.90
C GLU CA 155 32.72 -8.43 38.50
N ALA CA 156 32.81 -9.54 39.22
CA ALA CA 156 31.92 -10.67 39.04
C ALA CA 156 30.98 -10.81 40.24
N VAL CA 157 29.95 -11.63 40.07
CA VAL CA 157 28.92 -11.83 41.08
C VAL CA 157 28.74 -13.32 41.29
N MET CA 158 28.85 -13.78 42.53
CA MET CA 158 28.68 -15.19 42.83
C MET CA 158 27.20 -15.56 42.77
N LEU CA 159 26.95 -16.79 42.33
CA LEU CA 159 25.61 -17.35 42.36
C LEU CA 159 25.72 -18.84 42.69
N ASN CA 160 24.85 -19.29 43.59
CA ASN CA 160 24.84 -20.68 44.00
C ASN CA 160 23.42 -21.20 43.98
N ILE CA 161 23.27 -22.48 43.69
CA ILE CA 161 22.01 -23.20 43.82
C ILE CA 161 22.25 -24.34 44.80
N LYS CA 162 21.59 -24.30 45.95
CA LYS CA 162 21.83 -25.28 46.99
C LYS CA 162 21.28 -26.64 46.57
N ASP CA 163 21.87 -27.69 47.17
CA ASP CA 163 21.42 -29.05 46.89
C ASP CA 163 19.96 -29.20 47.33
N MET CA 164 19.12 -29.69 46.43
CA MET CA 164 17.70 -29.84 46.69
C MET CA 164 17.25 -31.27 46.43
N ARG CA 165 18.11 -32.23 46.76
CA ARG CA 165 17.69 -33.62 46.82
C ARG CA 165 16.72 -33.82 47.98
N SER CA 166 15.85 -34.82 47.85
CA SER CA 166 14.85 -35.06 48.89
C SER CA 166 15.47 -35.43 50.23
N ASP CA 167 16.69 -35.98 50.22
CA ASP CA 167 17.35 -36.39 51.45
C ASP CA 167 18.33 -35.33 51.97
N ASN CA 168 18.22 -34.10 51.51
CA ASN CA 168 19.07 -33.04 52.02
C ASN CA 168 18.76 -32.79 53.49
N ALA CA 169 19.81 -32.54 54.27
CA ALA CA 169 19.64 -32.35 55.71
C ALA CA 169 18.76 -31.13 56.00
N LEU CA 170 18.89 -30.08 55.18
CA LEU CA 170 18.12 -28.86 55.43
C LEU CA 170 16.67 -29.03 54.97
N MET CA 171 16.37 -30.08 54.21
CA MET CA 171 15.00 -30.30 53.76
C MET CA 171 14.05 -30.57 54.92
N GLY CA 172 14.53 -31.22 55.98
CA GLY CA 172 13.66 -31.56 57.09
C GLY CA 172 14.06 -30.89 58.39
N GLY CA 173 14.23 -31.67 59.45
CA GLY CA 173 14.62 -31.12 60.73
C GLY CA 173 14.51 -32.16 61.82
N LYS CA 174 14.66 -31.69 63.05
CA LYS CA 174 14.60 -32.53 64.23
C LYS CA 174 13.17 -32.92 64.56
N THR CA 175 13.02 -33.99 65.33
CA THR CA 175 11.73 -34.42 65.83
C THR CA 175 11.90 -35.03 67.21
N TYR CA 176 10.84 -34.97 68.01
CA TYR CA 176 10.86 -35.49 69.37
C TYR CA 176 9.54 -36.21 69.64
N GLN CA 177 9.61 -37.29 70.42
CA GLN CA 177 8.46 -38.13 70.71
C GLN CA 177 8.33 -38.31 72.21
N ALA CA 178 7.10 -38.24 72.70
CA ALA CA 178 6.84 -38.47 74.11
C ALA CA 178 7.09 -39.93 74.46
N ALA CA 179 7.65 -40.16 75.64
CA ALA CA 179 7.96 -41.54 76.05
C ALA CA 179 6.69 -42.33 76.34
N ASN CA 180 5.72 -41.71 77.02
CA ASN CA 180 4.49 -42.37 77.42
C ASN CA 180 3.29 -41.61 76.86
N GLY CA 181 2.30 -42.36 76.37
CA GLY CA 181 1.11 -41.75 75.82
C GLY CA 181 0.06 -41.42 76.86
N LYS CA 182 -0.88 -40.57 76.46
CA LYS CA 182 -2.00 -40.17 77.30
C LYS CA 182 -3.30 -40.51 76.59
N ASP CA 183 -4.19 -41.19 77.30
CA ASP CA 183 -5.43 -41.69 76.71
C ASP CA 183 -6.43 -40.55 76.54
N LYS CA 184 -7.64 -40.91 76.09
CA LYS CA 184 -8.68 -39.91 75.86
C LYS CA 184 -9.12 -39.27 77.17
N ASN CA 185 -9.35 -40.08 78.20
CA ASN CA 185 -9.85 -39.55 79.46
C ASN CA 185 -8.83 -38.66 80.17
N TRP CA 186 -7.56 -38.74 79.77
CA TRP CA 186 -6.54 -37.94 80.42
C TRP CA 186 -6.72 -36.46 80.09
N GLY CA 187 -6.43 -35.61 81.08
CA GLY CA 187 -6.49 -34.18 80.89
C GLY CA 187 -5.34 -33.52 81.59
N VAL CA 188 -5.11 -32.25 81.23
CA VAL CA 188 -4.02 -31.49 81.83
C VAL CA 188 -4.43 -31.06 83.23
N GLU CA 189 -3.88 -31.72 84.24
CA GLU CA 189 -4.22 -31.42 85.61
C GLU CA 189 -3.54 -30.13 86.06
N ALA CA 190 -4.16 -29.47 87.04
CA ALA CA 190 -3.62 -28.22 87.56
C ALA CA 190 -2.28 -28.46 88.25
N GLY CA 191 -1.42 -27.45 88.19
CA GLY CA 191 -0.10 -27.54 88.77
C GLY CA 191 0.93 -28.25 87.92
N LYS CA 192 0.55 -28.74 86.74
CA LYS CA 192 1.46 -29.43 85.84
C LYS CA 192 1.22 -28.97 84.41
N THR CA 193 0.98 -27.67 84.23
CA THR CA 193 0.65 -27.11 82.92
C THR CA 193 1.76 -26.25 82.35
N ASP CA 194 2.94 -26.25 82.95
CA ASP CA 194 4.04 -25.41 82.48
C ASP CA 194 4.95 -26.23 81.57
N LEU CA 195 5.13 -25.74 80.35
CA LEU CA 195 5.97 -26.40 79.35
C LEU CA 195 6.85 -25.33 78.71
N THR CA 196 8.12 -25.28 79.10
CA THR CA 196 9.06 -24.27 78.62
C THR CA 196 10.08 -24.94 77.71
N ILE CA 197 10.27 -24.38 76.51
CA ILE CA 197 11.19 -24.93 75.53
C ILE CA 197 12.34 -23.94 75.37
N THR CA 198 13.53 -24.35 75.81
CA THR CA 198 14.74 -23.58 75.58
C THR CA 198 15.30 -23.94 74.21
N LEU CA 199 15.41 -22.94 73.34
CA LEU CA 199 15.56 -23.18 71.92
C LEU CA 199 16.67 -22.30 71.35
N LYS CA 200 17.33 -22.79 70.31
CA LYS CA 200 18.36 -22.05 69.60
C LYS CA 200 17.90 -21.74 68.18
N ASP CA 201 18.13 -20.50 67.76
CA ASP CA 201 17.64 -20.02 66.47
C ASP CA 201 18.82 -19.50 65.65
N LYS CA 202 18.73 -19.69 64.33
CA LYS CA 202 19.76 -19.16 63.44
C LYS CA 202 19.86 -17.65 63.54
N ARG CA 203 18.72 -16.96 63.56
CA ARG CA 203 18.67 -15.54 63.80
C ARG CA 203 18.00 -15.30 65.15
N GLU CA 204 18.46 -14.28 65.86
CA GLU CA 204 18.06 -13.98 67.24
C GLU CA 204 17.92 -15.27 68.05
N GLY CA 205 19.03 -15.98 68.16
CA GLY CA 205 19.05 -17.27 68.82
C GLY CA 205 18.84 -17.16 70.33
N ASP CA 206 18.82 -18.34 70.96
CA ASP CA 206 18.58 -18.47 72.39
C ASP CA 206 17.23 -17.84 72.78
N VAL CA 207 16.17 -18.42 72.22
CA VAL CA 207 14.80 -17.98 72.48
C VAL CA 207 14.12 -19.02 73.35
N THR CA 208 13.55 -18.57 74.47
CA THR CA 208 12.83 -19.42 75.39
C THR CA 208 11.34 -19.15 75.23
N ILE CA 209 10.57 -20.21 75.00
CA ILE CA 209 9.12 -20.11 74.80
C ILE CA 209 8.44 -20.84 75.95
N SER CA 210 7.60 -20.11 76.69
CA SER CA 210 6.87 -20.67 77.82
C SER CA 210 5.42 -20.86 77.42
N ILE CA 211 4.90 -22.06 77.64
CA ILE CA 211 3.54 -22.42 77.26
C ILE CA 211 2.80 -22.88 78.52
N ASN CA 212 1.63 -22.30 78.77
CA ASN CA 212 0.79 -22.66 79.89
C ASN CA 212 -0.50 -23.26 79.33
N ALA CA 213 -0.58 -24.59 79.31
CA ALA CA 213 -1.76 -25.26 78.81
C ALA CA 213 -2.94 -25.04 79.74
N LYS CA 214 -4.14 -24.95 79.17
CA LYS CA 214 -5.34 -24.74 79.96
C LYS CA 214 -5.69 -26.00 80.74
N GLU CA 215 -6.23 -25.81 81.94
CA GLU CA 215 -6.61 -26.93 82.77
C GLU CA 215 -7.75 -27.72 82.14
N GLY CA 216 -7.70 -29.04 82.28
CA GLY CA 216 -8.72 -29.91 81.72
C GLY CA 216 -8.58 -30.18 80.25
N ASP CA 217 -7.56 -29.64 79.59
CA ASP CA 217 -7.37 -29.87 78.17
C ASP CA 217 -6.98 -31.32 77.91
N ASP CA 218 -7.57 -31.91 76.87
CA ASP CA 218 -7.22 -33.28 76.51
C ASP CA 218 -5.88 -33.30 75.78
N ILE CA 219 -5.48 -34.48 75.34
CA ILE CA 219 -4.15 -34.64 74.76
C ILE CA 219 -4.05 -33.96 73.40
N GLU CA 220 -5.09 -34.09 72.57
CA GLU CA 220 -5.00 -33.61 71.20
C GLU CA 220 -5.06 -32.09 71.12
N GLU CA 221 -5.98 -31.47 71.87
CA GLU CA 221 -6.08 -30.02 71.85
C GLU CA 221 -4.88 -29.35 72.49
N LEU CA 222 -4.09 -30.10 73.28
CA LEU CA 222 -2.81 -29.58 73.74
C LEU CA 222 -1.88 -29.34 72.56
N ALA CA 223 -1.87 -30.26 71.60
CA ALA CA 223 -1.05 -30.07 70.40
C ALA CA 223 -1.49 -28.84 69.62
N THR CA 224 -2.80 -28.63 69.51
CA THR CA 224 -3.30 -27.43 68.82
C THR CA 224 -2.90 -26.16 69.56
N TYR CA 225 -2.93 -26.20 70.89
CA TYR CA 225 -2.57 -25.01 71.66
C TYR CA 225 -1.13 -24.63 71.43
N ILE CA 226 -0.22 -25.61 71.41
CA ILE CA 226 1.20 -25.33 71.17
C ILE CA 226 1.40 -24.71 69.80
N ASN CA 227 0.69 -25.23 68.79
CA ASN CA 227 0.81 -24.67 67.45
C ASN CA 227 0.36 -23.22 67.41
N GLY CA 228 -0.72 -22.90 68.12
CA GLY CA 228 -1.19 -21.53 68.14
C GLY CA 228 -0.23 -20.57 68.83
N GLN CA 229 0.34 -21.00 69.95
CA GLN CA 229 1.18 -20.09 70.73
C GLN CA 229 2.45 -19.70 69.98
N THR CA 230 3.08 -20.65 69.30
CA THR CA 230 4.32 -20.37 68.60
C THR CA 230 4.29 -21.00 67.21
N ASP CA 231 4.83 -20.27 66.24
CA ASP CA 231 4.99 -20.78 64.88
C ASP CA 231 6.33 -21.44 64.65
N MET CA 232 7.23 -21.40 65.63
CA MET CA 232 8.55 -22.00 65.51
C MET CA 232 8.57 -23.46 65.93
N ILE CA 233 7.43 -24.01 66.35
CA ILE CA 233 7.34 -25.38 66.83
C ILE CA 233 6.01 -25.96 66.36
N LYS CA 234 6.04 -27.23 65.93
CA LYS CA 234 4.85 -27.94 65.48
C LYS CA 234 4.64 -29.14 66.38
N ALA CA 235 3.38 -29.41 66.73
CA ALA CA 235 3.04 -30.50 67.63
C ALA CA 235 1.87 -31.29 67.08
N SER CA 236 1.82 -32.57 67.43
CA SER CA 236 0.75 -33.46 66.99
C SER CA 236 0.74 -34.70 67.87
N VAL CA 237 -0.36 -35.46 67.77
CA VAL CA 237 -0.55 -36.69 68.53
C VAL CA 237 -0.64 -37.85 67.54
N ASP CA 238 0.06 -38.94 67.82
CA ASP CA 238 0.19 -40.02 66.82
C ASP CA 238 -0.86 -41.11 66.96
N GLU CA 239 -0.78 -41.92 68.02
CA GLU CA 239 -1.76 -42.98 68.22
C GLU CA 239 -2.18 -43.19 69.66
N GLU CA 240 -1.43 -42.71 70.65
CA GLU CA 240 -1.72 -43.02 72.03
C GLU CA 240 -1.56 -41.83 72.97
N GLY CA 241 -1.26 -40.64 72.44
CA GLY CA 241 -0.98 -39.49 73.27
C GLY CA 241 0.44 -38.99 73.19
N LYS CA 242 1.33 -39.66 72.46
CA LYS CA 242 2.70 -39.19 72.32
C LYS CA 242 2.74 -37.96 71.42
N LEU CA 243 3.41 -36.91 71.88
CA LEU CA 243 3.54 -35.68 71.13
C LEU CA 243 4.69 -35.79 70.15
N GLN CA 244 4.43 -35.48 68.88
CA GLN CA 244 5.45 -35.49 67.85
C GLN CA 244 5.90 -34.04 67.61
N LEU CA 245 6.73 -33.56 68.52
CA LEU CA 245 7.27 -32.21 68.39
C LEU CA 245 8.20 -32.15 67.18
N PHE CA 246 8.04 -31.11 66.36
CA PHE CA 246 8.86 -30.93 65.17
C PHE CA 246 9.68 -29.66 65.29
N THR CA 247 10.85 -29.69 64.65
CA THR CA 247 11.78 -28.56 64.68
C THR CA 247 12.37 -28.39 63.29
N ASP CA 248 12.13 -27.24 62.68
CA ASP CA 248 12.55 -27.02 61.31
C ASP CA 248 14.04 -26.68 61.29
N ASN CA 249 14.79 -27.34 60.42
CA ASN CA 249 16.25 -27.29 60.50
C ASN CA 249 16.83 -25.94 60.09
N ASN CA 250 16.28 -25.27 59.08
CA ASN CA 250 16.99 -24.11 58.52
C ASN CA 250 16.96 -22.90 59.42
N ARG CA 251 16.14 -22.88 60.47
CA ARG CA 251 16.10 -21.73 61.36
C ARG CA 251 16.19 -22.07 62.84
N ILE CA 252 16.07 -23.34 63.22
CA ILE CA 252 16.15 -23.72 64.64
C ILE CA 252 17.29 -24.72 64.83
N ASP CA 253 18.40 -24.51 64.12
CA ASP CA 253 19.58 -25.34 64.29
C ASP CA 253 19.90 -25.54 65.76
N GLY CA 254 20.34 -26.74 66.12
CA GLY CA 254 20.62 -27.09 67.49
C GLY CA 254 19.49 -27.88 68.13
N ALA CA 255 19.82 -28.55 69.22
CA ALA CA 255 18.86 -29.37 69.93
C ALA CA 255 17.92 -28.50 70.76
N ALA CA 256 16.78 -29.07 71.12
CA ALA CA 256 15.77 -28.39 71.91
C ALA CA 256 15.74 -28.96 73.32
N THR CA 257 15.73 -28.08 74.32
CA THR CA 257 15.69 -28.46 75.71
C THR CA 257 14.27 -28.28 76.24
N PHE CA 258 13.77 -29.28 76.95
CA PHE CA 258 12.42 -29.27 77.47
C PHE CA 258 12.43 -29.12 78.98
N GLY CA 259 11.52 -28.30 79.50
CA GLY CA 259 11.45 -28.06 80.92
C GLY CA 259 10.02 -27.83 81.36
N GLY CA 260 9.82 -27.77 82.67
CA GLY CA 260 8.52 -27.57 83.26
C GLY CA 260 7.89 -28.88 83.70
N ALA CA 261 6.84 -28.73 84.52
CA ALA CA 261 6.15 -29.90 85.05
C ALA CA 261 5.47 -30.69 83.93
N LEU CA 262 4.89 -29.99 82.96
CA LEU CA 262 4.24 -30.67 81.85
C LEU CA 262 5.22 -31.52 81.04
N ALA CA 263 6.43 -30.99 80.82
CA ALA CA 263 7.45 -31.76 80.11
C ALA CA 263 7.82 -33.02 80.87
N GLY CA 264 7.94 -32.92 82.19
CA GLY CA 264 8.23 -34.10 82.98
C GLY CA 264 7.10 -35.11 82.94
N GLU CA 265 5.85 -34.63 82.92
CA GLU CA 265 4.71 -35.54 82.83
C GLU CA 265 4.73 -36.31 81.52
N LEU CA 266 5.03 -35.63 80.42
CA LEU CA 266 5.20 -36.29 79.13
C LEU CA 266 6.63 -36.80 79.02
N GLY CA 267 7.02 -37.22 77.81
CA GLY CA 267 8.37 -37.67 77.56
C GLY CA 267 9.16 -36.59 76.83
N ILE CA 268 10.39 -36.36 77.30
CA ILE CA 268 11.25 -35.35 76.67
C ILE CA 268 11.60 -35.78 75.25
N GLY CA 269 12.03 -37.02 75.08
CA GLY CA 269 12.37 -37.55 73.77
C GLY CA 269 13.69 -37.07 73.24
N ALA CA 270 14.35 -37.90 72.45
CA ALA CA 270 15.62 -37.53 71.83
C ALA CA 270 15.38 -36.79 70.53
N ALA CA 271 16.43 -36.10 70.07
CA ALA CA 271 16.38 -35.35 68.82
C ALA CA 271 16.73 -36.29 67.67
N GLN CA 272 15.73 -36.66 66.89
CA GLN CA 272 15.90 -37.54 65.74
C GLN CA 272 15.78 -36.73 64.46
N ASP CA 273 16.75 -36.88 63.57
CA ASP CA 273 16.77 -36.13 62.32
C ASP CA 273 15.93 -36.84 61.28
N VAL CA 274 14.97 -36.13 60.69
CA VAL CA 274 14.09 -36.68 59.66
C VAL CA 274 14.04 -35.72 58.49
N THR CA 275 14.00 -36.28 57.28
CA THR CA 275 13.92 -35.48 56.06
C THR CA 275 12.80 -36.01 55.17
N VAL CA 276 12.71 -35.47 53.95
CA VAL CA 276 11.64 -35.91 53.04
C VAL CA 276 11.87 -37.35 52.58
N ASP CA 277 13.13 -37.73 52.35
CA ASP CA 277 13.41 -39.09 51.93
C ASP CA 277 13.06 -40.09 53.02
N THR CA 278 13.46 -39.80 54.26
CA THR CA 278 13.09 -40.65 55.38
C THR CA 278 11.62 -40.51 55.76
N LEU CA 279 10.93 -39.53 55.21
CA LEU CA 279 9.51 -39.34 55.51
C LEU CA 279 8.70 -40.50 54.95
N ASP CA 280 7.80 -41.03 55.76
CA ASP CA 280 6.87 -42.05 55.32
C ASP CA 280 5.55 -41.87 56.06
N VAL CA 281 4.46 -42.15 55.36
CA VAL CA 281 3.11 -42.05 55.92
C VAL CA 281 2.49 -43.44 55.78
N THR CA 282 2.60 -44.25 56.83
CA THR CA 282 1.93 -45.53 56.91
C THR CA 282 1.04 -45.65 58.13
N THR CA 283 1.36 -44.97 59.22
CA THR CA 283 0.49 -44.81 60.36
C THR CA 283 0.11 -43.33 60.48
N VAL CA 284 -0.94 -43.07 61.25
CA VAL CA 284 -1.42 -41.69 61.38
C VAL CA 284 -0.34 -40.79 61.97
N GLY CA 285 0.46 -41.33 62.89
CA GLY CA 285 1.57 -40.56 63.43
C GLY CA 285 2.56 -40.15 62.37
N GLY CA 286 2.87 -41.06 61.45
CA GLY CA 286 3.74 -40.69 60.34
C GLY CA 286 3.15 -39.60 59.47
N ALA CA 287 1.82 -39.59 59.34
CA ALA CA 287 1.16 -38.54 58.55
C ALA CA 287 1.32 -37.18 59.20
N GLN CA 288 1.15 -37.10 60.52
CA GLN CA 288 1.26 -35.82 61.20
C GLN CA 288 2.66 -35.25 61.12
N GLU CA 289 3.68 -36.10 61.23
CA GLU CA 289 5.05 -35.66 61.00
C GLU CA 289 5.28 -35.33 59.53
N SER CA 290 4.55 -36.01 58.64
CA SER CA 290 4.79 -35.84 57.20
C SER CA 290 4.50 -34.41 56.75
N VAL CA 291 3.35 -33.85 57.12
CA VAL CA 291 3.01 -32.49 56.72
C VAL CA 291 3.98 -31.49 57.35
N ALA CA 292 4.35 -31.72 58.61
CA ALA CA 292 5.30 -30.82 59.26
C ALA CA 292 6.65 -30.84 58.55
N ILE CA 293 7.11 -32.01 58.14
CA ILE CA 293 8.37 -32.11 57.41
C ILE CA 293 8.27 -31.41 56.06
N VAL CA 294 7.15 -31.62 55.35
CA VAL CA 294 6.98 -31.02 54.04
C VAL CA 294 6.96 -29.49 54.15
N ASP CA 295 6.29 -28.95 55.17
CA ASP CA 295 6.23 -27.50 55.33
C ASP CA 295 7.62 -26.91 55.50
N ALA CA 296 8.50 -27.60 56.22
CA ALA CA 296 9.88 -27.13 56.35
C ALA CA 296 10.58 -27.10 55.00
N ALA CA 297 10.36 -28.13 54.18
CA ALA CA 297 10.93 -28.14 52.84
C ALA CA 297 10.35 -27.02 51.99
N LEU CA 298 9.05 -26.78 52.11
CA LEU CA 298 8.41 -25.74 51.32
C LEU CA 298 8.95 -24.36 51.67
N LYS CA 299 9.19 -24.10 52.96
CA LYS CA 299 9.78 -22.83 53.35
C LYS CA 299 11.17 -22.66 52.77
N TYR CA 300 11.97 -23.74 52.79
CA TYR CA 300 13.32 -23.66 52.23
C TYR CA 300 13.27 -23.46 50.72
N VAL CA 301 12.44 -24.23 50.03
CA VAL CA 301 12.35 -24.13 48.58
C VAL CA 301 11.90 -22.74 48.16
N ASP CA 302 10.89 -22.20 48.84
CA ASP CA 302 10.43 -20.85 48.53
C ASP CA 302 11.53 -19.82 48.77
N SER CA 303 12.25 -19.96 49.89
CA SER CA 303 13.33 -19.02 50.17
C SER CA 303 14.43 -19.11 49.11
N HIS CA 304 14.75 -20.32 48.67
CA HIS CA 304 15.72 -20.47 47.59
C HIS CA 304 15.20 -19.88 46.28
N ARG CA 305 13.88 -19.97 46.05
CA ARG CA 305 13.30 -19.30 44.89
C ARG CA 305 13.48 -17.79 44.98
N ALA CA 306 13.26 -17.22 46.16
CA ALA CA 306 13.43 -15.78 46.34
C ALA CA 306 14.87 -15.36 46.12
N GLU CA 307 15.83 -16.15 46.62
CA GLU CA 307 17.23 -15.81 46.42
C GLU CA 307 17.60 -15.83 44.94
N LEU CA 308 17.10 -16.83 44.20
CA LEU CA 308 17.33 -16.85 42.76
C LEU CA 308 16.62 -15.69 42.07
N GLY CA 309 15.41 -15.35 42.52
CA GLY CA 309 14.70 -14.24 41.94
C GLY CA 309 15.40 -12.91 42.15
N ALA CA 310 15.95 -12.71 43.35
CA ALA CA 310 16.73 -11.50 43.61
C ALA CA 310 17.95 -11.42 42.71
N PHE CA 311 18.60 -12.57 42.48
CA PHE CA 311 19.71 -12.61 41.53
C PHE CA 311 19.25 -12.24 40.13
N GLN CA 312 18.06 -12.69 39.75
CA GLN CA 312 17.52 -12.32 38.44
C GLN CA 312 17.31 -10.81 38.35
N ASN CA 313 16.74 -10.20 39.39
CA ASN CA 313 16.52 -8.76 39.39
C ASN CA 313 17.81 -7.97 39.50
N ARG CA 314 18.87 -8.55 40.04
CA ARG CA 314 20.17 -7.87 39.99
C ARG CA 314 20.67 -7.80 38.55
N PHE CA 315 20.52 -8.90 37.81
CA PHE CA 315 21.20 -9.02 36.54
C PHE CA 315 20.50 -8.26 35.42
N ASN CA 316 19.16 -8.17 35.46
CA ASN CA 316 18.47 -7.41 34.42
C ASN CA 316 18.64 -5.92 34.63
N HIS CA 317 18.78 -5.47 35.89
CA HIS CA 317 19.18 -4.09 36.13
C HIS CA 317 20.64 -3.87 35.77
N ALA CA 318 21.44 -4.94 35.70
CA ALA CA 318 22.81 -4.79 35.21
C ALA CA 318 22.84 -4.68 33.70
N ILE CA 319 21.90 -5.34 33.02
CA ILE CA 319 21.89 -5.35 31.55
C ILE CA 319 21.61 -3.96 31.01
N ASN CA 320 20.53 -3.34 31.48
CA ASN CA 320 20.19 -2.01 30.97
C ASN CA 320 21.15 -0.95 31.50
N ASN CA 321 21.81 -1.22 32.63
CA ASN CA 321 22.89 -0.35 33.06
C ASN CA 321 24.07 -0.43 32.11
N LEU CA 322 24.54 -1.63 31.81
CA LEU CA 322 25.67 -1.79 30.91
C LEU CA 322 25.35 -1.27 29.51
N ASP CA 323 24.09 -1.33 29.12
CA ASP CA 323 23.69 -0.73 27.84
C ASP CA 323 23.86 0.77 27.87
N ASN CA 324 23.58 1.40 29.01
CA ASN CA 324 23.75 2.85 29.13
C ASN CA 324 25.21 3.25 28.94
N ILE CA 325 26.12 2.53 29.59
CA ILE CA 325 27.54 2.82 29.40
C ILE CA 325 27.98 2.46 27.98
N ASN CA 326 27.52 1.31 27.48
CA ASN CA 326 27.93 0.89 26.14
C ASN CA 326 27.49 1.91 25.09
N GLU CA 327 26.27 2.41 25.22
CA GLU CA 327 25.79 3.45 24.31
C GLU CA 327 26.64 4.71 24.42
N ASN CA 328 26.98 5.11 25.65
CA ASN CA 328 27.68 6.37 25.85
C ASN CA 328 29.16 6.28 25.47
N VAL CA 329 29.80 5.15 25.74
CA VAL CA 329 31.19 4.98 25.35
C VAL CA 329 31.34 4.86 23.83
N ASN CA 330 30.32 4.35 23.13
CA ASN CA 330 30.36 4.39 21.67
C ASN CA 330 30.23 5.81 21.15
N ALA CA 331 29.37 6.62 21.78
CA ALA CA 331 29.34 8.04 21.47
C ALA CA 331 30.68 8.69 21.81
N SER CA 332 31.34 8.22 22.87
CA SER CA 332 32.68 8.68 23.20
C SER CA 332 33.70 8.22 22.17
N LYS CA 333 33.52 7.03 21.60
CA LYS CA 333 34.35 6.57 20.49
C LYS CA 333 33.78 7.12 19.19
N SER CA 334 33.50 8.42 19.19
CA SER CA 334 33.07 9.14 18.00
C SER CA 334 33.53 10.58 18.19
N ARG CA 335 34.12 11.13 17.13
CA ARG CA 335 34.89 12.38 17.11
C ARG CA 335 36.20 12.23 17.88
N ILE CA 336 36.43 11.10 18.53
CA ILE CA 336 37.73 10.74 19.07
C ILE CA 336 38.53 9.92 18.08
N LYS CA 337 37.90 8.91 17.48
CA LYS CA 337 38.54 8.04 16.50
C LYS CA 337 37.96 8.21 15.10
N ASP CA 338 36.65 8.10 14.95
CA ASP CA 338 36.06 8.16 13.61
C ASP CA 338 35.99 9.60 13.11
N THR CA 339 35.82 9.73 11.81
CA THR CA 339 35.79 11.04 11.16
C THR CA 339 34.38 11.36 10.65
N ASP CA 340 34.03 12.63 10.73
CA ASP CA 340 32.85 13.10 10.04
C ASP CA 340 33.17 13.38 8.57
N PHE CA 341 32.16 13.20 7.72
CA PHE CA 341 32.34 13.45 6.30
C PHE CA 341 32.12 14.90 5.92
N ALA CA 342 31.59 15.72 6.82
CA ALA CA 342 31.38 17.13 6.54
C ALA CA 342 32.71 17.84 6.32
N LYS CA 343 33.54 17.93 7.37
CA LYS CA 343 34.77 18.67 7.27
C LYS CA 343 35.85 17.91 6.52
N GLU CA 344 35.73 16.58 6.44
CA GLU CA 344 36.76 15.80 5.76
C GLU CA 344 36.67 15.97 4.25
N THR CA 345 35.46 15.98 3.69
CA THR CA 345 35.32 16.16 2.26
C THR CA 345 35.69 17.59 1.84
N THR CA 346 35.35 18.58 2.66
CA THR CA 346 35.76 19.94 2.34
C THR CA 346 37.28 20.09 2.36
N ALA CA 347 37.93 19.48 3.34
CA ALA CA 347 39.39 19.49 3.37
C ALA CA 347 39.96 18.73 2.18
N LEU CA 348 39.33 17.61 1.82
CA LEU CA 348 39.77 16.86 0.65
C LEU CA 348 39.61 17.69 -0.62
N THR CA 349 38.44 18.30 -0.81
CA THR CA 349 38.21 19.11 -2.00
C THR CA 349 39.23 20.23 -2.08
N LYS CA 350 39.41 20.98 -1.00
CA LYS CA 350 40.37 22.08 -0.99
C LYS CA 350 41.76 21.58 -1.37
N ALA CA 351 42.13 20.39 -0.90
CA ALA CA 351 43.43 19.82 -1.26
C ALA CA 351 43.54 19.61 -2.76
N GLN CA 352 42.43 19.24 -3.40
CA GLN CA 352 42.44 19.02 -4.84
C GLN CA 352 42.70 20.31 -5.61
N ILE CA 353 42.10 21.42 -5.17
CA ILE CA 353 42.34 22.69 -5.85
C ILE CA 353 43.78 23.15 -5.66
N LEU CA 354 44.34 22.99 -4.46
CA LEU CA 354 45.75 23.33 -4.26
C LEU CA 354 46.65 22.50 -5.16
N SER CA 355 46.38 21.20 -5.26
CA SER CA 355 47.18 20.34 -6.12
C SER CA 355 47.04 20.74 -7.58
N GLN CA 356 45.82 21.07 -8.02
CA GLN CA 356 45.61 21.44 -9.41
C GLN CA 356 46.19 22.81 -9.71
N ALA CA 357 46.01 23.77 -8.80
CA ALA CA 357 46.55 25.11 -9.01
C ALA CA 357 48.07 25.08 -9.04
N SER CA 358 48.69 24.34 -8.11
CA SER CA 358 50.14 24.24 -8.11
C SER CA 358 50.66 23.57 -9.37
N SER CA 359 49.98 22.51 -9.82
CA SER CA 359 50.42 21.83 -11.04
C SER CA 359 50.33 22.74 -12.25
N SER CA 360 49.26 23.55 -12.34
CA SER CA 360 49.18 24.52 -13.42
C SER CA 360 50.24 25.60 -13.27
N VAL CA 361 50.63 25.91 -12.04
CA VAL CA 361 51.72 26.87 -11.83
C VAL CA 361 53.03 26.29 -12.34
N LEU CA 362 53.22 24.98 -12.20
CA LEU CA 362 54.42 24.33 -12.75
C LEU CA 362 54.58 24.65 -14.23
N ALA CA 363 53.49 24.64 -14.98
CA ALA CA 363 53.55 24.96 -16.40
C ALA CA 363 54.04 26.39 -16.64
N GLN CA 364 53.52 27.35 -15.88
CA GLN CA 364 53.96 28.73 -16.05
C GLN CA 364 55.38 28.97 -15.56
N ALA CA 365 55.91 28.09 -14.71
CA ALA CA 365 57.27 28.22 -14.22
C ALA CA 365 58.30 27.48 -15.07
N LYS CA 366 57.90 26.44 -15.78
CA LYS CA 366 58.83 25.72 -16.65
C LYS CA 366 59.22 26.55 -17.86
N GLN CA 367 58.36 27.48 -18.27
CA GLN CA 367 58.64 28.36 -19.40
C GLN CA 367 59.51 29.55 -19.04
N ALA CA 368 59.76 29.78 -17.74
CA ALA CA 368 60.65 30.86 -17.34
C ALA CA 368 62.05 30.70 -17.92
N PRO CA 369 62.70 29.53 -17.87
CA PRO CA 369 63.98 29.39 -18.59
C PRO CA 369 63.85 29.63 -20.08
N ASN CA 370 62.71 29.27 -20.66
CA ASN CA 370 62.53 29.44 -22.10
C ASN CA 370 62.60 30.91 -22.49
N SER CA 371 62.00 31.78 -21.68
CA SER CA 371 62.05 33.21 -21.97
C SER CA 371 63.48 33.73 -21.95
N ALA CA 372 64.30 33.22 -21.03
CA ALA CA 372 65.70 33.62 -21.00
C ALA CA 372 66.42 33.21 -22.28
N LEU CA 373 66.11 32.03 -22.80
CA LEU CA 373 66.71 31.59 -24.05
C LEU CA 373 66.30 32.49 -25.21
N ALA CA 374 65.06 33.00 -25.19
CA ALA CA 374 64.55 33.78 -26.30
C ALA CA 374 65.33 35.06 -26.54
N LEU CA 375 66.00 35.60 -25.51
CA LEU CA 375 66.74 36.83 -25.71
C LEU CA 375 68.08 36.59 -26.41
N LEU CA 376 68.52 35.34 -26.47
CA LEU CA 376 69.78 34.98 -27.12
C LEU CA 376 69.47 34.06 -28.30
N GLY CA 377 69.84 34.50 -29.50
CA GLY CA 377 69.57 33.73 -30.70
C GLY CA 377 70.36 32.44 -30.79
N MET DA 1 39.34 -10.37 -0.47
CA MET DA 1 38.11 -10.71 -1.18
C MET DA 1 38.26 -10.13 -2.58
N ALA DA 2 37.56 -10.69 -3.56
CA ALA DA 2 37.68 -10.23 -4.94
C ALA DA 2 36.35 -9.65 -5.36
N VAL DA 3 36.31 -8.33 -5.59
CA VAL DA 3 35.06 -7.67 -5.95
C VAL DA 3 34.82 -7.89 -7.44
N ASN DA 4 34.15 -8.99 -7.75
CA ASN DA 4 33.99 -9.46 -9.11
C ASN DA 4 32.52 -9.56 -9.46
N VAL DA 5 32.25 -10.10 -10.65
CA VAL DA 5 30.89 -10.33 -11.11
C VAL DA 5 30.62 -11.77 -11.51
N ASN DA 6 31.65 -12.54 -11.90
CA ASN DA 6 31.41 -13.90 -12.36
C ASN DA 6 30.85 -14.78 -11.25
N THR DA 7 31.36 -14.63 -10.02
CA THR DA 7 30.93 -15.43 -8.89
C THR DA 7 30.23 -14.56 -7.87
N ASN DA 8 29.05 -14.99 -7.43
CA ASN DA 8 28.26 -14.28 -6.42
C ASN DA 8 28.03 -15.25 -5.26
N VAL DA 9 28.96 -15.25 -4.31
CA VAL DA 9 28.86 -16.18 -3.19
C VAL DA 9 27.68 -15.82 -2.29
N SER DA 10 27.45 -14.53 -2.08
CA SER DA 10 26.36 -14.10 -1.20
C SER DA 10 25.01 -14.51 -1.75
N ALA DA 11 24.82 -14.38 -3.07
CA ALA DA 11 23.56 -14.80 -3.67
C ALA DA 11 23.34 -16.29 -3.50
N MET DA 12 24.38 -17.10 -3.70
CA MET DA 12 24.27 -18.54 -3.50
C MET DA 12 23.99 -18.87 -2.05
N THR DA 13 24.61 -18.13 -1.12
CA THR DA 13 24.43 -18.41 0.30
C THR DA 13 22.96 -18.22 0.71
N ALA DA 14 22.37 -17.09 0.32
CA ALA DA 14 20.98 -16.85 0.67
C ALA DA 14 20.04 -17.78 -0.10
N GLN DA 15 20.48 -18.23 -1.28
CA GLN DA 15 19.66 -19.17 -2.06
C GLN DA 15 19.56 -20.51 -1.36
N ARG DA 16 20.65 -20.98 -0.76
CA ARG DA 16 20.60 -22.24 -0.03
C ARG DA 16 19.63 -22.17 1.13
N TYR DA 17 19.65 -21.06 1.88
CA TYR DA 17 18.70 -20.92 2.99
C TYR DA 17 17.30 -20.64 2.49
N LEU DA 18 17.16 -20.07 1.30
CA LEU DA 18 15.84 -19.86 0.71
C LEU DA 18 15.20 -21.19 0.36
N THR DA 19 15.94 -22.07 -0.34
CA THR DA 19 15.41 -23.38 -0.68
C THR DA 19 15.18 -24.22 0.57
N SER DA 20 16.07 -24.12 1.55
CA SER DA 20 15.88 -24.86 2.79
C SER DA 20 14.65 -24.36 3.54
N ALA DA 21 14.37 -23.06 3.45
CA ALA DA 21 13.19 -22.51 4.11
C ALA DA 21 11.92 -22.88 3.38
N THR DA 22 11.95 -22.84 2.04
CA THR DA 22 10.77 -23.21 1.27
C THR DA 22 10.44 -24.69 1.42
N ASN DA 23 11.47 -25.55 1.44
CA ASN DA 23 11.23 -26.97 1.69
C ASN DA 23 10.65 -27.19 3.07
N ALA DA 24 11.14 -26.46 4.07
CA ALA DA 24 10.55 -26.54 5.40
C ALA DA 24 9.12 -26.04 5.41
N GLN DA 25 8.83 -24.97 4.67
CA GLN DA 25 7.47 -24.48 4.55
C GLN DA 25 6.58 -25.50 3.85
N GLN DA 26 7.09 -26.11 2.77
CA GLN DA 26 6.32 -27.14 2.08
C GLN DA 26 6.21 -28.41 2.91
N SER DA 27 7.13 -28.62 3.85
CA SER DA 27 6.94 -29.70 4.82
C SER DA 27 5.71 -29.44 5.67
N SER DA 28 5.50 -28.19 6.07
CA SER DA 28 4.23 -27.77 6.61
C SER DA 28 3.25 -27.55 5.46
N MET DA 29 2.06 -27.06 5.78
CA MET DA 29 0.95 -26.88 4.84
C MET DA 29 0.43 -28.20 4.29
N GLU DA 30 1.03 -29.33 4.68
CA GLU DA 30 0.45 -30.63 4.47
C GLU DA 30 0.23 -31.40 5.77
N ARG DA 31 1.05 -31.17 6.79
CA ARG DA 31 0.68 -31.64 8.12
C ARG DA 31 -0.51 -30.87 8.66
N LEU DA 32 -0.64 -29.60 8.28
CA LEU DA 32 -1.83 -28.83 8.64
C LEU DA 32 -3.06 -29.34 7.91
N SER DA 33 -2.95 -29.53 6.59
CA SER DA 33 -4.12 -29.90 5.80
C SER DA 33 -4.54 -31.35 6.05
N SER DA 34 -3.57 -32.27 6.09
CA SER DA 34 -3.92 -33.68 6.28
C SER DA 34 -4.33 -33.95 7.72
N GLY DA 35 -3.90 -33.13 8.66
CA GLY DA 35 -4.17 -33.36 10.06
C GLY DA 35 -3.23 -34.32 10.74
N TYR DA 36 -2.23 -34.83 10.03
CA TYR DA 36 -1.22 -35.72 10.59
C TYR DA 36 0.17 -35.15 10.33
N LYS DA 37 1.00 -35.13 11.38
CA LYS DA 37 2.36 -34.63 11.23
C LYS DA 37 3.29 -35.64 10.57
N ILE DA 38 2.88 -36.91 10.47
CA ILE DA 38 3.66 -37.93 9.80
C ILE DA 38 2.76 -38.60 8.76
N ASN DA 39 3.05 -38.36 7.49
CA ASN DA 39 2.34 -39.03 6.41
C ASN DA 39 3.26 -39.80 5.47
N SER DA 40 4.55 -39.53 5.47
CA SER DA 40 5.54 -40.29 4.72
C SER DA 40 6.56 -40.86 5.69
N ALA DA 41 7.15 -42.00 5.32
CA ALA DA 41 8.11 -42.67 6.20
C ALA DA 41 9.34 -41.83 6.48
N LYS DA 42 9.64 -40.84 5.62
CA LYS DA 42 10.79 -39.99 5.86
C LYS DA 42 10.60 -39.06 7.06
N ASP DA 43 9.34 -38.83 7.48
CA ASP DA 43 9.10 -37.99 8.64
C ASP DA 43 9.51 -38.69 9.93
N ASP DA 44 9.04 -39.93 10.12
CA ASP DA 44 9.35 -40.69 11.32
C ASP DA 44 9.24 -42.17 10.97
N ALA DA 45 10.38 -42.82 10.73
CA ALA DA 45 10.37 -44.23 10.35
C ALA DA 45 9.77 -45.10 11.44
N ALA DA 46 10.18 -44.89 12.69
CA ALA DA 46 9.63 -45.67 13.79
C ALA DA 46 8.20 -45.26 14.10
N GLY DA 47 7.91 -43.96 13.99
CA GLY DA 47 6.55 -43.49 14.24
C GLY DA 47 5.54 -44.10 13.31
N LEU DA 48 5.93 -44.33 12.04
CA LEU DA 48 5.02 -44.95 11.10
C LEU DA 48 4.66 -46.37 11.51
N GLN DA 49 5.65 -47.14 11.97
CA GLN DA 49 5.40 -48.51 12.37
C GLN DA 49 4.43 -48.58 13.54
N ILE DA 50 4.71 -47.82 14.60
CA ILE DA 50 3.88 -47.89 15.80
C ILE DA 50 2.51 -47.26 15.54
N SER DA 51 2.44 -46.26 14.66
CA SER DA 51 1.15 -45.65 14.35
C SER DA 51 0.28 -46.59 13.55
N ASN DA 52 0.86 -47.31 12.58
CA ASN DA 52 0.07 -48.27 11.81
C ASN DA 52 -0.41 -49.41 12.70
N ARG DA 53 0.47 -49.95 13.55
CA ARG DA 53 0.05 -51.02 14.45
C ARG DA 53 -1.03 -50.53 15.41
N LEU DA 54 -0.92 -49.28 15.88
CA LEU DA 54 -1.99 -48.71 16.68
C LEU DA 54 -3.26 -48.55 15.87
N ASN DA 55 -3.14 -48.16 14.60
CA ASN DA 55 -4.31 -47.94 13.76
C ASN DA 55 -5.05 -49.24 13.49
N VAL DA 56 -4.32 -50.29 13.14
CA VAL DA 56 -4.97 -51.58 12.89
C VAL DA 56 -5.59 -52.11 14.18
N GLN DA 57 -5.05 -51.72 15.33
CA GLN DA 57 -5.67 -52.13 16.60
C GLN DA 57 -6.96 -51.37 16.83
N SER DA 58 -6.98 -50.06 16.56
CA SER DA 58 -8.19 -49.28 16.75
C SER DA 58 -9.29 -49.73 15.81
N ARG DA 59 -8.96 -49.95 14.54
CA ARG DA 59 -9.94 -50.49 13.61
C ARG DA 59 -10.35 -51.89 13.99
N GLY DA 60 -9.40 -52.71 14.42
CA GLY DA 60 -9.73 -54.07 14.84
C GLY DA 60 -10.70 -54.09 16.01
N LEU DA 61 -10.53 -53.16 16.95
CA LEU DA 61 -11.48 -53.07 18.06
C LEU DA 61 -12.83 -52.57 17.57
N GLY DA 62 -12.83 -51.70 16.57
CA GLY DA 62 -14.10 -51.20 16.04
C GLY DA 62 -14.97 -52.30 15.48
N VAL DA 63 -14.37 -53.23 14.74
CA VAL DA 63 -15.14 -54.37 14.24
C VAL DA 63 -15.33 -55.40 15.34
N ALA DA 64 -14.41 -55.45 16.32
CA ALA DA 64 -14.54 -56.42 17.41
C ALA DA 64 -15.79 -56.17 18.23
N VAL DA 65 -16.10 -54.91 18.54
CA VAL DA 65 -17.32 -54.62 19.28
C VAL DA 65 -18.54 -54.90 18.42
N ARG DA 66 -18.41 -54.73 17.10
CA ARG DA 66 -19.51 -55.12 16.20
C ARG DA 66 -19.74 -56.61 16.24
N ASN DA 67 -18.66 -57.40 16.27
CA ASN DA 67 -18.79 -58.85 16.31
C ASN DA 67 -19.45 -59.31 17.60
N ALA DA 68 -19.03 -58.73 18.73
CA ALA DA 68 -19.62 -59.12 20.01
C ALA DA 68 -21.05 -58.62 20.15
N ASN DA 69 -21.36 -57.47 19.55
CA ASN DA 69 -22.75 -57.02 19.52
C ASN DA 69 -23.59 -57.94 18.65
N ASP DA 70 -23.00 -58.51 17.60
CA ASP DA 70 -23.71 -59.50 16.81
C ASP DA 70 -23.91 -60.79 17.60
N GLY DA 71 -22.90 -61.18 18.39
CA GLY DA 71 -23.05 -62.37 19.21
C GLY DA 71 -24.09 -62.20 20.30
N ILE DA 72 -24.09 -61.04 20.95
CA ILE DA 72 -25.08 -60.79 22.01
C ILE DA 72 -26.48 -60.72 21.43
N SER DA 73 -26.61 -60.35 20.15
CA SER DA 73 -27.93 -60.21 19.56
C SER DA 73 -28.65 -61.56 19.45
N MET DA 74 -27.93 -62.62 19.09
CA MET DA 74 -28.56 -63.93 19.05
C MET DA 74 -28.76 -64.49 20.45
N ALA DA 75 -27.96 -64.04 21.41
CA ALA DA 75 -28.16 -64.47 22.78
C ALA DA 75 -29.52 -64.06 23.30
N GLN DA 76 -29.95 -62.83 22.99
CA GLN DA 76 -31.26 -62.38 23.44
C GLN DA 76 -32.38 -62.96 22.59
N THR DA 77 -32.18 -63.14 21.28
CA THR DA 77 -33.23 -63.69 20.45
C THR DA 77 -33.51 -65.14 20.79
N ALA DA 78 -32.44 -65.93 21.01
CA ALA DA 78 -32.64 -67.30 21.49
C ALA DA 78 -33.26 -67.30 22.88
N GLU DA 79 -32.89 -66.33 23.71
CA GLU DA 79 -33.54 -66.17 25.01
C GLU DA 79 -35.01 -65.83 24.86
N GLY DA 80 -35.38 -65.11 23.80
CA GLY DA 80 -36.78 -64.80 23.58
C GLY DA 80 -37.61 -66.04 23.33
N ALA DA 81 -37.10 -66.93 22.48
CA ALA DA 81 -37.78 -68.20 22.24
C ALA DA 81 -37.74 -69.08 23.47
N MET DA 82 -36.78 -68.86 24.36
CA MET DA 82 -36.77 -69.58 25.64
C MET DA 82 -38.02 -69.26 26.44
N LYS DA 83 -38.41 -67.97 26.47
CA LYS DA 83 -39.59 -67.57 27.23
C LYS DA 83 -40.85 -68.20 26.64
N GLU DA 84 -40.95 -68.22 25.31
CA GLU DA 84 -42.10 -68.86 24.68
C GLU DA 84 -42.13 -70.35 24.99
N THR DA 85 -40.96 -70.99 25.05
CA THR DA 85 -40.90 -72.41 25.37
C THR DA 85 -41.25 -72.68 26.82
N THR DA 86 -40.68 -71.90 27.74
CA THR DA 86 -40.94 -72.11 29.16
C THR DA 86 -42.40 -71.87 29.49
N ASN DA 87 -43.00 -70.85 28.88
CA ASN DA 87 -44.42 -70.58 29.12
C ASN DA 87 -45.27 -71.75 28.66
N ILE DA 88 -44.95 -72.32 27.50
CA ILE DA 88 -45.67 -73.49 27.01
C ILE DA 88 -45.43 -74.68 27.93
N LEU DA 89 -44.17 -74.89 28.33
CA LEU DA 89 -43.82 -76.03 29.17
C LEU DA 89 -44.55 -75.96 30.51
N GLN DA 90 -44.61 -74.77 31.11
CA GLN DA 90 -45.33 -74.63 32.36
C GLN DA 90 -46.81 -74.95 32.19
N ARG DA 91 -47.41 -74.48 31.10
CA ARG DA 91 -48.84 -74.70 30.89
C ARG DA 91 -49.17 -76.18 30.87
N MET DA 92 -48.30 -77.00 30.28
CA MET DA 92 -48.52 -78.45 30.29
C MET DA 92 -48.52 -78.98 31.72
N ARG DA 93 -47.62 -78.46 32.57
CA ARG DA 93 -47.46 -79.00 33.91
C ARG DA 93 -48.72 -78.80 34.75
N ASP DA 94 -49.28 -77.58 34.75
CA ASP DA 94 -50.47 -77.35 35.56
C ASP DA 94 -51.67 -78.15 35.06
N LEU DA 95 -51.85 -78.24 33.74
CA LEU DA 95 -52.99 -79.01 33.26
C LEU DA 95 -52.76 -80.51 33.41
N SER DA 96 -51.51 -80.95 33.48
CA SER DA 96 -51.23 -82.33 33.85
C SER DA 96 -51.67 -82.61 35.29
N LEU DA 97 -51.45 -81.64 36.18
CA LEU DA 97 -51.98 -81.77 37.54
C LEU DA 97 -53.50 -81.84 37.52
N GLN DA 98 -54.13 -81.08 36.65
CA GLN DA 98 -55.58 -81.09 36.55
C GLN DA 98 -56.09 -82.46 36.11
N SER DA 99 -55.41 -83.08 35.15
CA SER DA 99 -55.83 -84.39 34.68
C SER DA 99 -55.54 -85.49 35.70
N ALA DA 100 -54.57 -85.27 36.59
CA ALA DA 100 -54.23 -86.27 37.59
C ALA DA 100 -55.35 -86.48 38.60
N ASN DA 101 -56.22 -85.49 38.77
CA ASN DA 101 -57.33 -85.64 39.71
C ASN DA 101 -58.24 -86.78 39.28
N GLY DA 102 -58.76 -87.50 40.27
CA GLY DA 102 -59.63 -88.62 39.99
C GLY DA 102 -61.07 -88.27 39.67
N SER DA 103 -61.43 -86.99 39.73
CA SER DA 103 -62.82 -86.61 39.48
C SER DA 103 -63.17 -86.67 38.00
N ASN DA 104 -62.22 -86.34 37.13
CA ASN DA 104 -62.51 -86.33 35.70
C ASN DA 104 -62.53 -87.74 35.14
N SER DA 105 -63.37 -87.95 34.14
CA SER DA 105 -63.54 -89.25 33.51
C SER DA 105 -62.61 -89.36 32.30
N LYS DA 106 -62.81 -90.41 31.50
CA LYS DA 106 -61.96 -90.62 30.33
C LYS DA 106 -62.11 -89.52 29.30
N ALA DA 107 -63.34 -89.01 29.12
CA ALA DA 107 -63.56 -87.97 28.12
C ALA DA 107 -62.78 -86.70 28.46
N ASP DA 108 -62.75 -86.32 29.74
CA ASP DA 108 -62.01 -85.13 30.13
C ASP DA 108 -60.51 -85.31 29.89
N ARG DA 109 -59.98 -86.49 30.20
CA ARG DA 109 -58.57 -86.76 29.94
C ARG DA 109 -58.25 -86.74 28.45
N VAL DA 110 -59.17 -87.24 27.62
CA VAL DA 110 -58.98 -87.16 26.17
C VAL DA 110 -58.95 -85.70 25.72
N ALA DA 111 -59.87 -84.89 26.24
CA ALA DA 111 -59.88 -83.46 25.88
C ALA DA 111 -58.61 -82.77 26.32
N ILE DA 112 -58.10 -83.12 27.50
CA ILE DA 112 -56.85 -82.54 27.97
C ILE DA 112 -55.69 -83.00 27.10
N GLN DA 113 -55.73 -84.26 26.66
CA GLN DA 113 -54.66 -84.78 25.81
C GLN DA 113 -54.58 -84.02 24.49
N GLU DA 114 -55.73 -83.68 23.90
CA GLU DA 114 -55.72 -82.92 22.66
C GLU DA 114 -55.09 -81.55 22.86
N GLU DA 115 -55.28 -80.95 24.03
CA GLU DA 115 -54.58 -79.71 24.35
C GLU DA 115 -53.07 -79.95 24.50
N ILE DA 116 -52.70 -81.08 25.11
CA ILE DA 116 -51.28 -81.38 25.29
C ILE DA 116 -50.59 -81.53 23.95
N THR DA 117 -51.17 -82.32 23.04
CA THR DA 117 -50.54 -82.50 21.74
C THR DA 117 -50.59 -81.22 20.91
N ALA DA 118 -51.55 -80.34 21.18
CA ALA DA 118 -51.57 -79.05 20.52
C ALA DA 118 -50.38 -78.20 20.94
N LEU DA 119 -50.07 -78.19 22.24
CA LEU DA 119 -48.91 -77.45 22.72
C LEU DA 119 -47.62 -78.13 22.30
N ASN DA 120 -47.62 -79.46 22.23
CA ASN DA 120 -46.43 -80.19 21.83
C ASN DA 120 -46.01 -79.84 20.41
N ASP DA 121 -46.96 -79.74 19.50
CA ASP DA 121 -46.64 -79.38 18.12
C ASP DA 121 -46.07 -77.97 18.04
N GLU DA 122 -46.64 -77.04 18.80
CA GLU DA 122 -46.15 -75.67 18.77
C GLU DA 122 -44.76 -75.55 19.39
N LEU DA 123 -44.46 -76.38 20.39
CA LEU DA 123 -43.13 -76.38 20.98
C LEU DA 123 -42.10 -76.88 19.96
N ASN DA 124 -42.46 -77.89 19.17
CA ASN DA 124 -41.56 -78.35 18.13
C ASN DA 124 -41.43 -77.33 17.01
N ARG DA 125 -42.51 -76.60 16.70
CA ARG DA 125 -42.44 -75.60 15.64
C ARG DA 125 -41.48 -74.49 16.00
N VAL DA 126 -41.54 -73.99 17.25
CA VAL DA 126 -40.64 -72.91 17.65
C VAL DA 126 -39.20 -73.39 17.68
N ALA DA 127 -38.97 -74.69 17.82
CA ALA DA 127 -37.61 -75.20 17.76
C ALA DA 127 -37.05 -75.12 16.33
N GLU DA 128 -37.91 -75.13 15.33
CA GLU DA 128 -37.49 -75.06 13.93
C GLU DA 128 -37.76 -73.71 13.27
N THR DA 129 -38.44 -72.80 13.94
CA THR DA 129 -38.83 -71.54 13.31
C THR DA 129 -37.87 -70.40 13.62
N THR DA 130 -37.38 -70.31 14.86
CA THR DA 130 -36.47 -69.25 15.23
C THR DA 130 -35.23 -69.28 14.34
N SER DA 131 -35.00 -68.19 13.63
CA SER DA 131 -34.04 -68.19 12.53
C SER DA 131 -32.89 -67.21 12.73
N PHE DA 132 -33.17 -65.96 13.07
CA PHE DA 132 -32.18 -64.88 13.05
C PHE DA 132 -31.53 -64.78 11.66
N GLY DA 133 -32.37 -64.42 10.70
CA GLY DA 133 -31.91 -64.20 9.34
C GLY DA 133 -31.38 -65.43 8.63
N GLY DA 134 -32.07 -66.55 8.74
CA GLY DA 134 -31.73 -67.74 7.99
C GLY DA 134 -30.98 -68.80 8.77
N ASN DA 135 -30.47 -68.49 9.94
CA ASN DA 135 -29.81 -69.49 10.77
C ASN DA 135 -30.88 -70.31 11.49
N LYS DA 136 -30.46 -71.14 12.45
CA LYS DA 136 -31.39 -71.98 13.22
C LYS DA 136 -30.84 -72.09 14.63
N LEU DA 137 -31.33 -71.24 15.53
CA LEU DA 137 -30.76 -71.18 16.87
C LEU DA 137 -31.09 -72.43 17.69
N LEU DA 138 -32.36 -72.84 17.70
CA LEU DA 138 -32.82 -73.89 18.60
C LEU DA 138 -33.09 -75.21 17.89
N ASN DA 139 -32.76 -75.32 16.60
CA ASN DA 139 -32.97 -76.57 15.89
C ASN DA 139 -31.98 -77.65 16.29
N GLY DA 140 -30.82 -77.25 16.84
CA GLY DA 140 -29.75 -78.18 17.13
C GLY DA 140 -28.67 -78.22 16.08
N THR DA 141 -28.95 -77.74 14.86
CA THR DA 141 -27.91 -77.64 13.85
C THR DA 141 -26.92 -76.54 14.17
N PHE DA 142 -27.27 -75.63 15.08
CA PHE DA 142 -26.34 -74.60 15.53
C PHE DA 142 -25.31 -75.21 16.47
N ALA DA 143 -24.20 -75.68 15.91
CA ALA DA 143 -23.14 -76.30 16.70
C ALA DA 143 -22.32 -75.20 17.38
N THR DA 144 -21.17 -75.57 17.93
CA THR DA 144 -20.30 -74.61 18.61
C THR DA 144 -19.79 -73.59 17.61
N LYS DA 145 -20.18 -72.34 17.79
CA LYS DA 145 -19.74 -71.24 16.95
C LYS DA 145 -18.96 -70.23 17.78
N SER DA 146 -17.80 -69.83 17.28
CA SER DA 146 -16.90 -68.93 18.00
C SER DA 146 -17.02 -67.52 17.44
N PHE DA 147 -17.16 -66.54 18.32
CA PHE DA 147 -17.30 -65.14 17.94
C PHE DA 147 -15.98 -64.42 18.20
N GLN DA 148 -15.39 -63.88 17.13
CA GLN DA 148 -14.12 -63.16 17.23
C GLN DA 148 -14.37 -61.83 17.92
N ILE DA 149 -14.02 -61.74 19.21
CA ILE DA 149 -14.32 -60.54 19.99
C ILE DA 149 -13.03 -59.89 20.45
N GLY DA 150 -11.96 -60.04 19.66
CA GLY DA 150 -10.68 -59.49 20.02
C GLY DA 150 -10.09 -58.66 18.89
N ALA DA 151 -9.12 -57.82 19.25
CA ALA DA 151 -8.46 -56.98 18.27
C ALA DA 151 -7.67 -57.83 17.27
N ASP DA 152 -6.97 -58.84 17.76
CA ASP DA 152 -6.19 -59.72 16.90
C ASP DA 152 -6.90 -61.07 16.76
N ASN DA 153 -6.25 -62.00 16.08
CA ASN DA 153 -6.84 -63.30 15.82
C ASN DA 153 -6.64 -64.23 17.01
N GLY DA 154 -7.52 -65.23 17.11
CA GLY DA 154 -7.41 -66.27 18.11
C GLY DA 154 -8.11 -65.97 19.42
N GLU DA 155 -8.45 -64.72 19.69
CA GLU DA 155 -9.14 -64.36 20.92
C GLU DA 155 -10.65 -64.26 20.69
N ALA DA 156 -11.24 -65.41 20.41
CA ALA DA 156 -12.68 -65.54 20.25
C ALA DA 156 -13.26 -66.32 21.42
N VAL DA 157 -14.58 -66.43 21.45
CA VAL DA 157 -15.29 -67.17 22.48
C VAL DA 157 -16.32 -68.06 21.82
N MET DA 158 -16.31 -69.35 22.17
CA MET DA 158 -17.23 -70.31 21.57
C MET DA 158 -18.52 -70.38 22.37
N LEU DA 159 -19.64 -70.41 21.66
CA LEU DA 159 -20.96 -70.50 22.26
C LEU DA 159 -21.73 -71.64 21.60
N ASN DA 160 -22.42 -72.43 22.42
CA ASN DA 160 -23.17 -73.58 21.94
C ASN DA 160 -24.61 -73.46 22.42
N ILE DA 161 -25.56 -73.67 21.51
CA ILE DA 161 -26.98 -73.66 21.81
C ILE DA 161 -27.50 -75.07 21.63
N LYS DA 162 -28.10 -75.63 22.69
CA LYS DA 162 -28.52 -77.02 22.68
C LYS DA 162 -29.84 -77.20 21.95
N ASP DA 163 -30.01 -78.38 21.35
CA ASP DA 163 -31.26 -78.71 20.67
C ASP DA 163 -32.37 -78.87 21.69
N MET DA 164 -33.49 -78.20 21.46
CA MET DA 164 -34.62 -78.25 22.38
C MET DA 164 -35.89 -78.69 21.66
N ARG DA 165 -35.77 -79.64 20.75
CA ARG DA 165 -36.95 -80.33 20.25
C ARG DA 165 -37.57 -81.17 21.38
N SER DA 166 -38.88 -81.30 21.35
CA SER DA 166 -39.57 -82.03 22.42
C SER DA 166 -39.16 -83.49 22.49
N ASP DA 167 -38.56 -84.02 21.43
CA ASP DA 167 -38.13 -85.42 21.41
C ASP DA 167 -36.69 -85.61 21.88
N ASN DA 168 -35.98 -84.53 22.21
CA ASN DA 168 -34.61 -84.66 22.66
C ASN DA 168 -34.53 -85.47 23.95
N ALA DA 169 -33.60 -86.42 24.00
CA ALA DA 169 -33.50 -87.30 25.16
C ALA DA 169 -33.09 -86.54 26.41
N LEU DA 170 -32.29 -85.48 26.24
CA LEU DA 170 -31.83 -84.73 27.40
C LEU DA 170 -32.99 -84.05 28.13
N MET DA 171 -34.07 -83.73 27.41
CA MET DA 171 -35.19 -83.04 28.01
C MET DA 171 -36.11 -84.01 28.76
N GLY DA 172 -35.97 -85.31 28.51
CA GLY DA 172 -36.80 -86.28 29.20
C GLY DA 172 -36.06 -87.03 30.28
N GLY DA 173 -36.23 -88.35 30.33
CA GLY DA 173 -35.55 -89.16 31.30
C GLY DA 173 -36.11 -90.56 31.33
N LYS DA 174 -35.48 -91.41 32.14
CA LYS DA 174 -35.88 -92.80 32.29
C LYS DA 174 -37.08 -92.93 33.22
N THR DA 175 -37.75 -94.08 33.15
CA THR DA 175 -38.86 -94.38 34.03
C THR DA 175 -38.86 -95.87 34.33
N TYR DA 176 -39.44 -96.23 35.48
CA TYR DA 176 -39.51 -97.61 35.93
C TYR DA 176 -40.88 -97.86 36.51
N GLN DA 177 -41.47 -99.00 36.17
CA GLN DA 177 -42.84 -99.33 36.54
C GLN DA 177 -42.86 -100.62 37.34
N ALA DA 178 -43.61 -100.63 38.45
CA ALA DA 178 -43.76 -101.83 39.24
C ALA DA 178 -44.57 -102.86 38.48
N ALA DA 179 -44.12 -104.11 38.53
CA ALA DA 179 -44.82 -105.18 37.82
C ALA DA 179 -46.18 -105.46 38.46
N ASN DA 180 -46.23 -105.48 39.79
CA ASN DA 180 -47.45 -105.79 40.53
C ASN DA 180 -47.88 -104.59 41.35
N GLY DA 181 -49.17 -104.25 41.28
CA GLY DA 181 -49.69 -103.15 42.05
C GLY DA 181 -50.23 -103.59 43.40
N LYS DA 182 -50.40 -102.61 44.29
CA LYS DA 182 -50.94 -102.84 45.62
C LYS DA 182 -52.24 -102.07 45.79
N ASP DA 183 -53.27 -102.74 46.28
CA ASP DA 183 -54.59 -102.14 46.40
C ASP DA 183 -54.63 -101.14 47.56
N LYS DA 184 -55.80 -100.53 47.74
CA LYS DA 184 -55.97 -99.55 48.80
C LYS DA 184 -55.80 -100.18 50.18
N ASN DA 185 -56.36 -101.37 50.38
CA ASN DA 185 -56.26 -102.02 51.68
C ASN DA 185 -54.83 -102.44 52.01
N TRP DA 186 -53.95 -102.54 51.01
CA TRP DA 186 -52.59 -102.98 51.25
C TRP DA 186 -51.81 -101.93 52.05
N GLY DA 187 -50.92 -102.40 52.91
CA GLY DA 187 -50.06 -101.53 53.66
C GLY DA 187 -48.67 -102.13 53.77
N VAL DA 188 -47.70 -101.27 54.05
CA VAL DA 188 -46.32 -101.69 54.17
C VAL DA 188 -46.18 -102.63 55.36
N GLU DA 189 -45.66 -103.82 55.12
CA GLU DA 189 -45.52 -104.83 56.16
C GLU DA 189 -44.21 -104.64 56.91
N ALA DA 190 -44.22 -105.04 58.18
CA ALA DA 190 -43.03 -104.91 59.01
C ALA DA 190 -41.93 -105.84 58.52
N GLY DA 191 -40.70 -105.35 58.55
CA GLY DA 191 -39.56 -106.12 58.10
C GLY DA 191 -39.33 -106.11 56.61
N LYS DA 192 -40.18 -105.45 55.84
CA LYS DA 192 -40.06 -105.34 54.39
C LYS DA 192 -40.26 -103.90 53.96
N THR DA 193 -39.62 -102.97 54.68
CA THR DA 193 -39.78 -101.55 54.44
C THR DA 193 -38.54 -100.89 53.85
N ASP DA 194 -37.38 -101.53 53.92
CA ASP DA 194 -36.15 -100.95 53.41
C ASP DA 194 -36.19 -100.90 51.88
N LEU DA 195 -35.64 -99.82 51.32
CA LEU DA 195 -35.57 -99.63 49.88
C LEU DA 195 -34.27 -98.91 49.57
N THR DA 196 -33.35 -99.59 48.89
CA THR DA 196 -32.05 -99.03 48.54
C THR DA 196 -32.03 -98.78 47.03
N ILE DA 197 -31.69 -97.56 46.64
CA ILE DA 197 -31.62 -97.17 45.24
C ILE DA 197 -30.18 -96.81 44.92
N THR DA 198 -29.59 -97.51 43.95
CA THR DA 198 -28.25 -97.21 43.47
C THR DA 198 -28.37 -96.37 42.21
N LEU DA 199 -27.66 -95.24 42.18
CA LEU DA 199 -27.85 -94.25 41.13
C LEU DA 199 -26.50 -93.74 40.66
N LYS DA 200 -26.41 -93.51 39.35
CA LYS DA 200 -25.23 -92.87 38.77
C LYS DA 200 -25.56 -91.43 38.42
N ASP DA 201 -24.69 -90.51 38.84
CA ASP DA 201 -24.94 -89.09 38.75
C ASP DA 201 -23.87 -88.43 37.88
N LYS DA 202 -24.24 -87.36 37.18
CA LYS DA 202 -23.26 -86.62 36.40
C LYS DA 202 -22.21 -85.98 37.31
N ARG DA 203 -22.64 -85.40 38.42
CA ARG DA 203 -21.76 -84.87 39.45
C ARG DA 203 -21.92 -85.72 40.70
N GLU DA 204 -20.81 -85.94 41.42
CA GLU DA 204 -20.75 -86.88 42.54
C GLU DA 204 -21.48 -88.19 42.20
N GLY DA 205 -20.97 -88.84 41.15
CA GLY DA 205 -21.64 -89.95 40.50
C GLY DA 205 -22.20 -91.05 41.37
N ASP DA 206 -21.33 -91.81 42.02
CA ASP DA 206 -21.78 -92.92 42.86
C ASP DA 206 -22.54 -92.41 44.07
N VAL DA 207 -23.75 -92.92 44.26
CA VAL DA 207 -24.60 -92.51 45.38
C VAL DA 207 -25.58 -93.63 45.68
N THR DA 208 -25.93 -93.78 46.94
CA THR DA 208 -26.92 -94.77 47.38
C THR DA 208 -27.91 -94.08 48.32
N ILE DA 209 -29.20 -94.26 48.04
CA ILE DA 209 -30.26 -93.66 48.82
C ILE DA 209 -31.05 -94.77 49.50
N SER DA 210 -31.13 -94.69 50.83
CA SER DA 210 -31.86 -95.67 51.62
C SER DA 210 -33.14 -95.03 52.11
N ILE DA 211 -34.27 -95.63 51.76
CA ILE DA 211 -35.59 -95.14 52.11
C ILE DA 211 -36.31 -96.20 52.92
N ASN DA 212 -36.65 -95.87 54.16
CA ASN DA 212 -37.32 -96.79 55.07
C ASN DA 212 -38.76 -96.34 55.24
N ALA DA 213 -39.68 -97.02 54.57
CA ALA DA 213 -41.09 -96.68 54.66
C ALA DA 213 -41.61 -96.98 56.07
N LYS DA 214 -42.48 -96.12 56.56
CA LYS DA 214 -43.08 -96.33 57.87
C LYS DA 214 -44.07 -97.48 57.81
N GLU DA 215 -44.09 -98.30 58.86
CA GLU DA 215 -44.97 -99.46 58.91
C GLU DA 215 -46.43 -99.05 58.91
N GLY DA 216 -47.24 -99.77 58.14
CA GLY DA 216 -48.65 -99.49 58.04
C GLY DA 216 -49.02 -98.47 56.99
N ASP DA 217 -48.03 -97.83 56.36
CA ASP DA 217 -48.30 -96.83 55.34
C ASP DA 217 -48.88 -97.50 54.10
N ASP DA 218 -49.93 -96.89 53.54
CA ASP DA 218 -50.55 -97.43 52.34
C ASP DA 218 -49.65 -97.18 51.13
N ILE DA 219 -50.14 -97.54 49.95
CA ILE DA 219 -49.30 -97.48 48.76
C ILE DA 219 -49.21 -96.05 48.24
N GLU DA 220 -50.26 -95.26 48.43
CA GLU DA 220 -50.28 -93.90 47.90
C GLU DA 220 -49.30 -93.00 48.65
N GLU DA 221 -49.33 -93.03 49.98
CA GLU DA 221 -48.46 -92.16 50.77
C GLU DA 221 -47.00 -92.59 50.68
N LEU DA 222 -46.73 -93.83 50.29
CA LEU DA 222 -45.36 -94.26 50.09
C LEU DA 222 -44.71 -93.49 48.94
N ALA DA 223 -45.49 -93.18 47.91
CA ALA DA 223 -44.99 -92.33 46.83
C ALA DA 223 -44.63 -90.95 47.34
N THR DA 224 -45.46 -90.39 48.22
CA THR DA 224 -45.17 -89.08 48.78
C THR DA 224 -43.94 -89.14 49.68
N TYR DA 225 -43.75 -90.24 50.39
CA TYR DA 225 -42.60 -90.35 51.29
C TYR DA 225 -41.29 -90.32 50.52
N ILE DA 226 -41.22 -91.02 49.39
CA ILE DA 226 -39.99 -91.03 48.59
C ILE DA 226 -39.69 -89.62 48.08
N ASN DA 227 -40.71 -88.90 47.64
CA ASN DA 227 -40.49 -87.56 47.12
C ASN DA 227 -39.88 -86.65 48.18
N GLY DA 228 -40.36 -86.74 49.42
CA GLY DA 228 -39.79 -85.93 50.49
C GLY DA 228 -38.36 -86.31 50.81
N GLN DA 229 -38.03 -87.60 50.72
CA GLN DA 229 -36.69 -88.04 51.09
C GLN DA 229 -35.64 -87.56 50.11
N THR DA 230 -35.93 -87.61 48.82
CA THR DA 230 -34.93 -87.25 47.82
C THR DA 230 -35.61 -86.56 46.64
N ASP DA 231 -34.89 -85.63 46.03
CA ASP DA 231 -35.33 -84.96 44.82
C ASP DA 231 -34.78 -85.60 43.55
N MET DA 232 -33.92 -86.62 43.68
CA MET DA 232 -33.35 -87.30 42.52
C MET DA 232 -34.25 -88.41 41.99
N ILE DA 233 -35.29 -88.79 42.72
CA ILE DA 233 -36.23 -89.82 42.32
C ILE DA 233 -37.64 -89.30 42.56
N LYS DA 234 -38.51 -89.42 41.56
CA LYS DA 234 -39.90 -89.03 41.68
C LYS DA 234 -40.76 -90.28 41.66
N ALA DA 235 -41.66 -90.40 42.65
CA ALA DA 235 -42.47 -91.59 42.82
C ALA DA 235 -43.95 -91.23 42.70
N SER DA 236 -44.72 -92.14 42.11
CA SER DA 236 -46.15 -91.94 41.93
C SER DA 236 -46.80 -93.30 41.71
N VAL DA 237 -48.12 -93.33 41.87
CA VAL DA 237 -48.93 -94.53 41.67
C VAL DA 237 -49.96 -94.24 40.60
N ASP DA 238 -50.18 -95.21 39.70
CA ASP DA 238 -50.98 -94.95 38.50
C ASP DA 238 -52.46 -95.29 38.65
N GLU DA 239 -52.78 -96.58 38.77
CA GLU DA 239 -54.17 -97.00 38.96
C GLU DA 239 -54.35 -98.15 39.91
N GLU DA 240 -53.30 -98.91 40.24
CA GLU DA 240 -53.45 -100.14 41.00
C GLU DA 240 -52.38 -100.31 42.06
N GLY DA 241 -51.49 -99.34 42.24
CA GLY DA 241 -50.36 -99.46 43.15
C GLY DA 241 -49.03 -99.59 42.47
N LYS DA 242 -48.99 -99.70 41.14
CA LYS DA 242 -47.72 -99.74 40.43
C LYS DA 242 -47.03 -98.38 40.52
N LEU DA 243 -45.74 -98.39 40.86
CA LEU DA 243 -45.00 -97.16 41.06
C LEU DA 243 -44.29 -96.76 39.77
N GLN DA 244 -44.43 -95.48 39.41
CA GLN DA 244 -43.73 -94.92 38.26
C GLN DA 244 -42.56 -94.09 38.78
N LEU DA 245 -41.45 -94.76 39.06
CA LEU DA 245 -40.25 -94.05 39.46
C LEU DA 245 -39.65 -93.34 38.25
N PHE DA 246 -39.47 -92.03 38.37
CA PHE DA 246 -38.93 -91.22 37.30
C PHE DA 246 -37.50 -90.82 37.62
N THR DA 247 -36.70 -90.64 36.57
CA THR DA 247 -35.31 -90.24 36.71
C THR DA 247 -35.00 -89.29 35.57
N ASP DA 248 -34.73 -88.03 35.89
CA ASP DA 248 -34.38 -87.07 34.85
C ASP DA 248 -33.04 -87.45 34.22
N ASN DA 249 -32.90 -87.17 32.93
CA ASN DA 249 -31.74 -87.62 32.17
C ASN DA 249 -30.60 -86.62 32.17
N ASN DA 250 -30.76 -85.46 32.81
CA ASN DA 250 -29.72 -84.44 32.73
C ASN DA 250 -28.73 -84.50 33.90
N ARG DA 251 -29.05 -85.22 34.98
CA ARG DA 251 -28.06 -85.40 36.03
C ARG DA 251 -28.03 -86.78 36.67
N ILE DA 252 -28.86 -87.73 36.23
CA ILE DA 252 -28.80 -89.08 36.77
C ILE DA 252 -28.59 -90.06 35.62
N ASP DA 253 -27.77 -89.65 34.64
CA ASP DA 253 -27.42 -90.52 33.53
C ASP DA 253 -27.04 -91.91 34.01
N GLY DA 254 -27.42 -92.92 33.22
CA GLY DA 254 -27.18 -94.31 33.57
C GLY DA 254 -28.42 -94.98 34.12
N ALA DA 255 -28.29 -96.30 34.29
CA ALA DA 255 -29.40 -97.10 34.78
C ALA DA 255 -29.49 -97.05 36.30
N ALA DA 256 -30.65 -97.43 36.83
CA ALA DA 256 -30.90 -97.46 38.26
C ALA DA 256 -31.07 -98.89 38.72
N THR DA 257 -30.45 -99.22 39.85
CA THR DA 257 -30.55 -100.53 40.46
C THR DA 257 -31.39 -100.44 41.73
N PHE DA 258 -32.37 -101.33 41.86
CA PHE DA 258 -33.29 -101.33 42.99
C PHE DA 258 -33.00 -102.53 43.88
N GLY DA 259 -32.95 -102.30 45.19
CA GLY DA 259 -32.67 -103.36 46.14
C GLY DA 259 -33.49 -103.18 47.40
N GLY DA 260 -33.40 -104.18 48.26
CA GLY DA 260 -34.13 -104.18 49.50
C GLY DA 260 -35.36 -105.08 49.44
N ALA DA 261 -35.88 -105.38 50.63
CA ALA DA 261 -37.06 -106.25 50.73
C ALA DA 261 -38.27 -105.60 50.07
N LEU DA 262 -38.45 -104.29 50.27
CA LEU DA 262 -39.58 -103.60 49.67
C LEU DA 262 -39.49 -103.63 48.15
N ALA DA 263 -38.28 -103.49 47.60
CA ALA DA 263 -38.12 -103.56 46.15
C ALA DA 263 -38.55 -104.93 45.62
N GLY DA 264 -38.17 -105.99 46.33
CA GLY DA 264 -38.62 -107.32 45.93
C GLY DA 264 -40.13 -107.47 46.06
N GLU DA 265 -40.72 -106.81 47.05
CA GLU DA 265 -42.17 -106.85 47.20
C GLU DA 265 -42.87 -106.20 46.01
N LEU DA 266 -42.32 -105.08 45.53
CA LEU DA 266 -42.84 -104.43 44.34
C LEU DA 266 -42.15 -105.01 43.11
N GLY DA 267 -42.33 -104.37 41.96
CA GLY DA 267 -41.67 -104.77 40.73
C GLY DA 267 -40.46 -103.90 40.48
N ILE DA 268 -39.37 -104.53 40.05
CA ILE DA 268 -38.15 -103.79 39.75
C ILE DA 268 -38.36 -102.87 38.56
N GLY DA 269 -38.93 -103.40 37.48
CA GLY DA 269 -39.21 -102.60 36.31
C GLY DA 269 -37.99 -102.29 35.48
N ALA DA 270 -38.18 -102.09 34.17
CA ALA DA 270 -37.11 -101.74 33.27
C ALA DA 270 -37.08 -100.24 33.02
N ALA DA 271 -35.95 -99.76 32.52
CA ALA DA 271 -35.73 -98.34 32.26
C ALA DA 271 -36.27 -98.01 30.87
N GLN DA 272 -37.40 -97.32 30.81
CA GLN DA 272 -37.97 -96.85 29.56
C GLN DA 272 -37.69 -95.37 29.39
N ASP DA 273 -37.12 -95.00 28.26
CA ASP DA 273 -36.78 -93.61 27.97
C ASP DA 273 -38.02 -92.89 27.46
N VAL DA 274 -38.41 -91.82 28.15
CA VAL DA 274 -39.55 -91.01 27.77
C VAL DA 274 -39.12 -89.55 27.72
N THR DA 275 -39.74 -88.79 26.82
CA THR DA 275 -39.47 -87.37 26.68
C THR DA 275 -40.81 -86.65 26.58
N VAL DA 276 -40.75 -85.35 26.29
CA VAL DA 276 -41.98 -84.57 26.15
C VAL DA 276 -42.76 -85.02 24.91
N ASP DA 277 -42.04 -85.38 23.84
CA ASP DA 277 -42.72 -85.86 22.64
C ASP DA 277 -43.48 -87.15 22.92
N THR DA 278 -42.87 -88.07 23.66
CA THR DA 278 -43.53 -89.31 24.03
C THR DA 278 -44.48 -89.14 25.20
N LEU DA 279 -44.55 -87.95 25.78
CA LEU DA 279 -45.44 -87.69 26.91
C LEU DA 279 -46.88 -87.69 26.43
N ASP DA 280 -47.72 -88.52 27.05
CA ASP DA 280 -49.15 -88.52 26.79
C ASP DA 280 -49.88 -88.70 28.10
N VAL DA 281 -51.03 -88.05 28.21
CA VAL DA 281 -51.87 -88.11 29.41
C VAL DA 281 -53.27 -88.49 28.96
N THR DA 282 -53.58 -89.77 29.00
CA THR DA 282 -54.94 -90.26 28.81
C THR DA 282 -55.45 -91.05 30.02
N THR DA 283 -54.55 -91.57 30.84
CA THR DA 283 -54.89 -92.20 32.10
C THR DA 283 -54.21 -91.42 33.22
N VAL DA 284 -54.69 -91.64 34.45
CA VAL DA 284 -54.16 -90.91 35.60
C VAL DA 284 -52.67 -91.20 35.76
N GLY DA 285 -52.25 -92.44 35.51
CA GLY DA 285 -50.84 -92.77 35.61
C GLY DA 285 -49.99 -91.98 34.63
N GLY DA 286 -50.50 -91.77 33.42
CA GLY DA 286 -49.78 -90.91 32.48
C GLY DA 286 -49.65 -89.49 32.99
N ALA DA 287 -50.65 -89.01 33.72
CA ALA DA 287 -50.58 -87.67 34.29
C ALA DA 287 -49.50 -87.57 35.35
N GLN DA 288 -49.39 -88.58 36.22
CA GLN DA 288 -48.36 -88.55 37.26
C GLN DA 288 -46.97 -88.65 36.64
N GLU DA 289 -46.82 -89.43 35.58
CA GLU DA 289 -45.53 -89.51 34.91
C GLU DA 289 -45.21 -88.23 34.15
N SER DA 290 -46.23 -87.62 33.54
CA SER DA 290 -45.99 -86.46 32.68
C SER DA 290 -45.48 -85.26 33.46
N VAL DA 291 -46.03 -84.99 34.64
CA VAL DA 291 -45.61 -83.83 35.41
C VAL DA 291 -44.14 -83.95 35.79
N ALA DA 292 -43.69 -85.17 36.10
CA ALA DA 292 -42.29 -85.39 36.38
C ALA DA 292 -41.43 -85.09 35.15
N ILE DA 293 -41.89 -85.50 33.97
CA ILE DA 293 -41.14 -85.23 32.74
C ILE DA 293 -41.06 -83.74 32.49
N VAL DA 294 -42.18 -83.03 32.65
CA VAL DA 294 -42.20 -81.59 32.39
C VAL DA 294 -41.29 -80.85 33.37
N ASP DA 295 -41.21 -81.32 34.63
CA ASP DA 295 -40.30 -80.71 35.57
C ASP DA 295 -38.85 -80.86 35.12
N ALA DA 296 -38.51 -82.02 34.57
CA ALA DA 296 -37.17 -82.19 34.00
C ALA DA 296 -36.96 -81.26 32.80
N ALA DA 297 -38.00 -81.08 32.00
CA ALA DA 297 -37.91 -80.15 30.88
C ALA DA 297 -37.67 -78.72 31.36
N LEU DA 298 -38.41 -78.31 32.39
CA LEU DA 298 -38.25 -76.95 32.91
C LEU DA 298 -36.85 -76.74 33.49
N LYS DA 299 -36.34 -77.72 34.23
CA LYS DA 299 -34.99 -77.61 34.77
C LYS DA 299 -33.96 -77.55 33.66
N TYR DA 300 -34.12 -78.38 32.63
CA TYR DA 300 -33.14 -78.40 31.54
C TYR DA 300 -33.15 -77.09 30.76
N VAL DA 301 -34.33 -76.58 30.43
CA VAL DA 301 -34.42 -75.34 29.66
C VAL DA 301 -33.90 -74.17 30.50
N ASP DA 302 -34.26 -74.14 31.78
CA ASP DA 302 -33.75 -73.07 32.66
C ASP DA 302 -32.23 -73.15 32.78
N SER DA 303 -31.68 -74.36 32.82
CA SER DA 303 -30.23 -74.50 32.86
C SER DA 303 -29.59 -73.93 31.60
N HIS DA 304 -30.21 -74.17 30.44
CA HIS DA 304 -29.69 -73.59 29.21
C HIS DA 304 -29.91 -72.08 29.18
N ARG DA 305 -30.99 -71.59 29.80
CA ARG DA 305 -31.20 -70.16 29.89
C ARG DA 305 -30.14 -69.50 30.77
N ALA DA 306 -29.71 -70.18 31.83
CA ALA DA 306 -28.64 -69.66 32.66
C ALA DA 306 -27.33 -69.58 31.89
N GLU DA 307 -27.03 -70.61 31.09
CA GLU DA 307 -25.81 -70.58 30.28
C GLU DA 307 -25.85 -69.42 29.28
N LEU DA 308 -27.00 -69.21 28.64
CA LEU DA 308 -27.15 -68.07 27.75
C LEU DA 308 -27.04 -66.77 28.51
N GLY DA 309 -27.60 -66.71 29.71
CA GLY DA 309 -27.53 -65.48 30.50
C GLY DA 309 -26.12 -65.14 30.92
N ALA DA 310 -25.34 -66.13 31.34
CA ALA DA 310 -23.93 -65.90 31.66
C ALA DA 310 -23.17 -65.47 30.42
N PHE DA 311 -23.47 -66.09 29.28
CA PHE DA 311 -22.87 -65.65 28.01
C PHE DA 311 -23.26 -64.22 27.70
N GLN DA 312 -24.48 -63.82 28.04
CA GLN DA 312 -24.88 -62.43 27.88
C GLN DA 312 -24.09 -61.53 28.81
N ASN DA 313 -23.86 -61.98 30.05
CA ASN DA 313 -23.15 -61.19 31.04
C ASN DA 313 -21.63 -61.24 30.87
N ARG DA 314 -21.14 -61.86 29.80
CA ARG DA 314 -19.72 -61.79 29.47
C ARG DA 314 -19.45 -60.69 28.46
N PHE DA 315 -20.21 -60.65 27.36
CA PHE DA 315 -19.91 -59.74 26.27
C PHE DA 315 -20.24 -58.29 26.57
N ASN DA 316 -21.17 -58.01 27.49
CA ASN DA 316 -21.38 -56.62 27.89
C ASN DA 316 -20.13 -56.06 28.56
N HIS DA 317 -19.51 -56.85 29.45
CA HIS DA 317 -18.22 -56.47 29.98
C HIS DA 317 -17.15 -56.44 28.91
N ALA DA 318 -17.28 -57.24 27.86
CA ALA DA 318 -16.33 -57.19 26.76
C ALA DA 318 -16.49 -55.90 25.96
N ILE DA 319 -17.71 -55.40 25.83
CA ILE DA 319 -17.94 -54.21 25.01
C ILE DA 319 -17.25 -53.00 25.63
N ASN DA 320 -17.47 -52.76 26.91
CA ASN DA 320 -16.88 -51.58 27.53
C ASN DA 320 -15.39 -51.80 27.84
N ASN DA 321 -14.95 -53.06 27.88
CA ASN DA 321 -13.52 -53.31 27.98
C ASN DA 321 -12.82 -52.95 26.67
N LEU DA 322 -13.37 -53.40 25.55
CA LEU DA 322 -12.81 -53.02 24.26
C LEU DA 322 -12.96 -51.53 24.01
N ASP DA 323 -14.07 -50.94 24.46
CA ASP DA 323 -14.27 -49.51 24.31
C ASP DA 323 -13.25 -48.73 25.14
N ASN DA 324 -12.97 -49.19 26.36
CA ASN DA 324 -11.95 -48.54 27.18
C ASN DA 324 -10.58 -48.64 26.54
N ILE DA 325 -10.24 -49.80 25.99
CA ILE DA 325 -8.97 -49.95 25.29
C ILE DA 325 -8.94 -49.08 24.04
N ASN DA 326 -10.03 -49.07 23.29
CA ASN DA 326 -10.07 -48.30 22.05
C ASN DA 326 -9.95 -46.81 22.31
N GLU DA 327 -10.56 -46.33 23.39
CA GLU DA 327 -10.42 -44.92 23.76
C GLU DA 327 -8.97 -44.59 24.06
N ASN DA 328 -8.27 -45.45 24.80
CA ASN DA 328 -6.91 -45.15 25.20
C ASN DA 328 -5.92 -45.30 24.05
N VAL DA 329 -6.09 -46.35 23.24
CA VAL DA 329 -5.16 -46.56 22.12
C VAL DA 329 -5.35 -45.47 21.07
N ASN DA 330 -6.57 -44.97 20.89
CA ASN DA 330 -6.77 -43.82 20.02
C ASN DA 330 -6.08 -42.59 20.58
N ALA DA 331 -6.13 -42.41 21.91
CA ALA DA 331 -5.37 -41.33 22.53
C ALA DA 331 -3.88 -41.52 22.32
N SER DA 332 -3.42 -42.77 22.28
CA SER DA 332 -2.03 -43.03 21.96
C SER DA 332 -1.76 -42.87 20.47
N LYS DA 333 -2.78 -42.96 19.63
CA LYS DA 333 -2.65 -42.69 18.21
C LYS DA 333 -2.82 -41.21 17.92
N SER DA 334 -2.09 -40.40 18.68
CA SER DA 334 -2.05 -38.96 18.53
C SER DA 334 -0.83 -38.47 19.29
N ARG DA 335 -0.19 -37.42 18.76
CA ARG DA 335 1.15 -36.97 19.15
C ARG DA 335 2.19 -37.99 18.68
N ILE DA 336 1.71 -39.10 18.12
CA ILE DA 336 2.53 -40.00 17.34
C ILE DA 336 2.20 -39.88 15.85
N LYS DA 337 0.92 -39.76 15.54
CA LYS DA 337 0.45 -39.50 14.18
C LYS DA 337 -0.24 -38.15 14.05
N ASP DA 338 -1.22 -37.87 14.91
CA ASP DA 338 -1.94 -36.61 14.86
C ASP DA 338 -1.01 -35.45 15.19
N THR DA 339 -1.21 -34.33 14.51
CA THR DA 339 -0.44 -33.12 14.73
C THR DA 339 -1.23 -32.13 15.56
N ASP DA 340 -0.55 -31.42 16.44
CA ASP DA 340 -1.16 -30.34 17.20
C ASP DA 340 -0.99 -29.04 16.42
N PHE DA 341 -2.09 -28.33 16.21
CA PHE DA 341 -2.05 -27.13 15.38
C PHE DA 341 -1.37 -25.97 16.08
N ALA DA 342 -1.17 -26.05 17.40
CA ALA DA 342 -0.52 -24.98 18.13
C ALA DA 342 0.92 -24.77 17.67
N LYS DA 343 1.77 -25.78 17.88
CA LYS DA 343 3.18 -25.63 17.51
C LYS DA 343 3.40 -25.77 16.02
N GLU DA 344 2.45 -26.40 15.31
CA GLU DA 344 2.62 -26.56 13.87
C GLU DA 344 2.39 -25.24 13.13
N THR DA 345 1.37 -24.48 13.56
CA THR DA 345 1.11 -23.19 12.93
C THR DA 345 2.27 -22.23 13.14
N THR DA 346 2.83 -22.19 14.35
CA THR DA 346 3.97 -21.32 14.61
C THR DA 346 5.17 -21.73 13.76
N ALA DA 347 5.37 -23.03 13.56
CA ALA DA 347 6.45 -23.49 12.69
C ALA DA 347 6.23 -23.03 11.26
N LEU DA 348 4.99 -23.13 10.75
CA LEU DA 348 4.71 -22.66 9.41
C LEU DA 348 4.88 -21.15 9.31
N THR DA 349 4.39 -20.41 10.30
CA THR DA 349 4.54 -18.97 10.30
C THR DA 349 6.01 -18.58 10.36
N LYS DA 350 6.78 -19.23 11.23
CA LYS DA 350 8.19 -18.89 11.36
C LYS DA 350 8.93 -19.12 10.05
N ALA DA 351 8.71 -20.27 9.42
CA ALA DA 351 9.38 -20.57 8.15
C ALA DA 351 9.03 -19.55 7.09
N GLN DA 352 7.86 -18.93 7.19
CA GLN DA 352 7.47 -17.89 6.24
C GLN DA 352 8.37 -16.67 6.36
N ILE DA 353 8.72 -16.26 7.57
CA ILE DA 353 9.59 -15.10 7.75
C ILE DA 353 10.97 -15.36 7.16
N LEU DA 354 11.55 -16.54 7.42
CA LEU DA 354 12.86 -16.82 6.85
C LEU DA 354 12.82 -16.80 5.33
N SER DA 355 11.74 -17.31 4.73
CA SER DA 355 11.63 -17.29 3.27
C SER DA 355 11.56 -15.86 2.76
N GLN DA 356 10.84 -14.98 3.46
CA GLN DA 356 10.77 -13.58 3.04
C GLN DA 356 12.09 -12.86 3.31
N ALA DA 357 12.78 -13.24 4.38
CA ALA DA 357 14.07 -12.61 4.68
C ALA DA 357 15.12 -12.94 3.63
N SER DA 358 15.22 -14.23 3.28
CA SER DA 358 16.20 -14.62 2.26
C SER DA 358 15.84 -14.06 0.90
N SER DA 359 14.54 -13.96 0.59
CA SER DA 359 14.13 -13.37 -0.68
C SER DA 359 14.54 -11.91 -0.76
N SER DA 360 14.39 -11.16 0.33
CA SER DA 360 14.85 -9.78 0.35
C SER DA 360 16.37 -9.69 0.30
N VAL DA 361 17.07 -10.64 0.93
CA VAL DA 361 18.52 -10.67 0.86
C VAL DA 361 18.98 -10.98 -0.56
N LEU DA 362 18.23 -11.81 -1.29
CA LEU DA 362 18.51 -12.01 -2.71
C LEU DA 362 18.52 -10.69 -3.45
N ALA DA 363 17.49 -9.86 -3.23
CA ALA DA 363 17.46 -8.55 -3.86
C ALA DA 363 18.60 -7.67 -3.36
N GLN DA 364 19.04 -7.88 -2.13
CA GLN DA 364 20.14 -7.10 -1.56
C GLN DA 364 21.51 -7.61 -2.00
N ALA DA 365 21.57 -8.79 -2.61
CA ALA DA 365 22.82 -9.36 -3.07
C ALA DA 365 22.94 -9.44 -4.58
N LYS DA 366 21.86 -9.16 -5.31
CA LYS DA 366 21.90 -9.21 -6.77
C LYS DA 366 22.64 -8.01 -7.36
N GLN DA 367 22.55 -6.85 -6.71
CA GLN DA 367 23.23 -5.65 -7.18
C GLN DA 367 24.65 -5.52 -6.66
N ALA DA 368 25.13 -6.49 -5.87
CA ALA DA 368 26.53 -6.45 -5.47
C ALA DA 368 27.49 -6.48 -6.67
N PRO DA 369 27.30 -7.32 -7.69
CA PRO DA 369 28.14 -7.19 -8.88
C PRO DA 369 27.96 -5.87 -9.60
N ASN DA 370 26.78 -5.27 -9.53
CA ASN DA 370 26.53 -4.01 -10.21
C ASN DA 370 27.47 -2.93 -9.66
N SER DA 371 27.61 -2.88 -8.32
CA SER DA 371 28.53 -1.91 -7.73
C SER DA 371 29.97 -2.14 -8.17
N ALA DA 372 30.32 -3.39 -8.48
CA ALA DA 372 31.66 -3.67 -9.00
C ALA DA 372 31.85 -2.99 -10.35
N LEU DA 373 30.83 -3.00 -11.20
CA LEU DA 373 30.93 -2.32 -12.48
C LEU DA 373 30.90 -0.80 -12.31
N ALA DA 374 30.33 -0.31 -11.21
CA ALA DA 374 30.15 1.12 -11.03
C ALA DA 374 31.47 1.89 -11.00
N LEU DA 375 32.56 1.25 -10.57
CA LEU DA 375 33.83 1.96 -10.49
C LEU DA 375 34.41 2.24 -11.87
N LEU DA 376 33.92 1.55 -12.90
CA LEU DA 376 34.36 1.79 -14.27
C LEU DA 376 33.12 1.94 -15.15
N GLY DA 377 32.82 3.17 -15.53
CA GLY DA 377 31.64 3.45 -16.35
C GLY DA 377 31.70 2.81 -17.72
N MET EA 1 53.92 61.31 -52.42
CA MET EA 1 53.25 61.89 -51.27
C MET EA 1 54.20 62.92 -50.66
N ALA EA 2 54.10 63.05 -49.34
CA ALA EA 2 55.20 63.56 -48.53
C ALA EA 2 55.79 62.35 -47.83
N VAL EA 3 56.63 61.59 -48.56
CA VAL EA 3 57.14 60.33 -48.04
C VAL EA 3 58.23 60.63 -47.02
N ASN EA 4 57.82 60.73 -45.76
CA ASN EA 4 58.65 61.25 -44.70
C ASN EA 4 58.68 60.28 -43.54
N VAL EA 5 59.46 60.62 -42.52
CA VAL EA 5 59.68 59.74 -41.37
C VAL EA 5 59.30 60.45 -40.07
N ASN EA 6 59.27 61.79 -40.10
CA ASN EA 6 58.98 62.54 -38.88
C ASN EA 6 57.54 62.34 -38.42
N THR EA 7 56.58 62.46 -39.33
CA THR EA 7 55.17 62.36 -38.99
C THR EA 7 54.57 61.14 -39.66
N ASN EA 8 53.58 60.55 -38.99
CA ASN EA 8 52.88 59.36 -39.48
C ASN EA 8 51.38 59.60 -39.30
N VAL EA 9 50.75 60.18 -40.32
CA VAL EA 9 49.32 60.42 -40.26
C VAL EA 9 48.56 59.10 -40.18
N SER EA 10 48.96 58.12 -40.98
CA SER EA 10 48.28 56.83 -40.99
C SER EA 10 48.32 56.17 -39.62
N ALA EA 11 49.46 56.28 -38.93
CA ALA EA 11 49.55 55.74 -37.58
C ALA EA 11 48.59 56.46 -36.64
N MET EA 12 48.50 57.79 -36.74
CA MET EA 12 47.63 58.55 -35.85
C MET EA 12 46.17 58.21 -36.08
N THR EA 13 45.75 58.07 -37.34
CA THR EA 13 44.36 57.72 -37.61
C THR EA 13 44.01 56.34 -37.05
N ALA EA 14 44.90 55.37 -37.26
CA ALA EA 14 44.65 54.03 -36.75
C ALA EA 14 44.62 54.03 -35.22
N GLN EA 15 45.51 54.80 -34.60
CA GLN EA 15 45.53 54.92 -33.15
C GLN EA 15 44.26 55.57 -32.64
N ARG EA 16 43.78 56.59 -33.35
CA ARG EA 16 42.54 57.26 -32.97
C ARG EA 16 41.37 56.28 -32.97
N TYR EA 17 41.29 55.44 -34.00
CA TYR EA 17 40.21 54.45 -34.03
C TYR EA 17 40.49 53.29 -33.10
N LEU EA 18 41.73 53.14 -32.64
CA LEU EA 18 42.05 52.07 -31.71
C LEU EA 18 41.29 52.25 -30.40
N THR EA 19 41.59 53.32 -29.66
CA THR EA 19 40.92 53.56 -28.40
C THR EA 19 39.54 54.16 -28.56
N SER EA 20 39.15 54.56 -29.77
CA SER EA 20 37.74 54.81 -30.01
C SER EA 20 36.94 53.51 -29.86
N ALA EA 21 37.56 52.38 -30.20
CA ALA EA 21 36.93 51.08 -29.98
C ALA EA 21 37.31 50.48 -28.63
N THR EA 22 38.48 50.84 -28.10
CA THR EA 22 38.88 50.32 -26.80
C THR EA 22 38.13 51.00 -25.67
N ASN EA 23 37.80 52.28 -25.81
CA ASN EA 23 36.95 52.95 -24.81
C ASN EA 23 35.58 52.31 -24.77
N ALA EA 24 34.99 52.01 -25.93
CA ALA EA 24 33.75 51.26 -25.97
C ALA EA 24 33.97 49.83 -25.49
N GLN EA 25 35.18 49.29 -25.70
CA GLN EA 25 35.50 47.97 -25.18
C GLN EA 25 35.48 47.96 -23.65
N GLN EA 26 36.00 49.04 -23.04
CA GLN EA 26 35.92 49.17 -21.59
C GLN EA 26 34.53 49.59 -21.14
N SER EA 27 33.77 50.26 -22.02
CA SER EA 27 32.37 50.52 -21.72
C SER EA 27 31.58 49.22 -21.60
N SER EA 28 31.82 48.29 -22.52
CA SER EA 28 31.40 46.91 -22.32
C SER EA 28 32.43 46.25 -21.40
N MET EA 29 32.33 44.93 -21.23
CA MET EA 29 33.18 44.17 -20.32
C MET EA 29 32.97 44.57 -18.86
N GLU EA 30 32.11 45.56 -18.61
CA GLU EA 30 31.70 45.91 -17.26
C GLU EA 30 30.20 45.94 -17.08
N ARG EA 31 29.43 46.12 -18.16
CA ARG EA 31 27.99 45.91 -18.08
C ARG EA 31 27.66 44.43 -18.03
N LEU EA 32 28.52 43.58 -18.60
CA LEU EA 32 28.35 42.14 -18.47
C LEU EA 32 28.56 41.69 -17.03
N SER EA 33 29.64 42.16 -16.40
CA SER EA 33 29.94 41.75 -15.04
C SER EA 33 28.97 42.35 -14.04
N SER EA 34 28.69 43.65 -14.15
CA SER EA 34 27.80 44.30 -13.21
C SER EA 34 26.36 43.85 -13.42
N GLY EA 35 25.97 43.57 -14.65
CA GLY EA 35 24.59 43.22 -14.96
C GLY EA 35 23.68 44.40 -15.15
N TYR EA 36 24.18 45.63 -15.06
CA TYR EA 36 23.41 46.83 -15.32
C TYR EA 36 24.06 47.60 -16.45
N LYS EA 37 23.28 47.93 -17.48
CA LYS EA 37 23.81 48.77 -18.54
C LYS EA 37 23.90 50.23 -18.14
N ILE EA 38 23.16 50.65 -17.13
CA ILE EA 38 23.27 51.99 -16.56
C ILE EA 38 23.89 51.81 -15.19
N ASN EA 39 25.17 52.17 -15.07
CA ASN EA 39 25.85 52.20 -13.79
C ASN EA 39 26.43 53.56 -13.46
N SER EA 40 26.62 54.42 -14.45
CA SER EA 40 27.03 55.80 -14.24
C SER EA 40 26.17 56.69 -15.12
N ALA EA 41 26.01 57.94 -14.71
CA ALA EA 41 25.25 58.89 -15.50
C ALA EA 41 25.86 59.16 -16.87
N LYS EA 42 27.14 58.81 -17.06
CA LYS EA 42 27.77 58.98 -18.36
C LYS EA 42 27.07 58.14 -19.43
N ASP EA 43 26.72 56.90 -19.09
CA ASP EA 43 26.09 56.01 -20.06
C ASP EA 43 24.76 56.58 -20.53
N ASP EA 44 23.86 56.91 -19.59
CA ASP EA 44 22.57 57.47 -19.95
C ASP EA 44 22.06 58.25 -18.73
N ALA EA 45 22.23 59.57 -18.76
CA ALA EA 45 21.98 60.38 -17.57
C ALA EA 45 20.49 60.51 -17.27
N ALA EA 46 19.67 60.78 -18.29
CA ALA EA 46 18.25 61.00 -18.06
C ALA EA 46 17.59 59.75 -17.51
N GLY EA 47 17.97 58.58 -18.01
CA GLY EA 47 17.40 57.34 -17.54
C GLY EA 47 17.86 56.95 -16.15
N LEU EA 48 18.98 57.49 -15.68
CA LEU EA 48 19.45 57.18 -14.34
C LEU EA 48 18.48 57.68 -13.28
N GLN EA 49 17.96 58.89 -13.47
CA GLN EA 49 17.03 59.45 -12.49
C GLN EA 49 15.76 58.61 -12.39
N ILE EA 50 15.18 58.26 -13.53
CA ILE EA 50 13.92 57.51 -13.51
C ILE EA 50 14.16 56.09 -13.04
N SER EA 51 15.28 55.48 -13.44
CA SER EA 51 15.56 54.10 -12.99
C SER EA 51 15.74 54.04 -11.48
N ASN EA 52 16.36 55.06 -10.89
CA ASN EA 52 16.44 55.12 -9.44
C ASN EA 52 15.05 55.17 -8.83
N ARG EA 53 14.18 56.03 -9.36
CA ARG EA 53 12.84 56.16 -8.80
C ARG EA 53 12.10 54.83 -8.86
N LEU EA 54 12.33 54.04 -9.89
CA LEU EA 54 11.78 52.69 -9.95
C LEU EA 54 12.33 51.84 -8.82
N ASN EA 55 13.65 51.91 -8.59
CA ASN EA 55 14.27 51.10 -7.55
C ASN EA 55 13.79 51.51 -6.16
N VAL EA 56 13.70 52.82 -5.89
CA VAL EA 56 13.20 53.29 -4.61
C VAL EA 56 11.77 52.82 -4.39
N GLN EA 57 10.94 52.91 -5.43
CA GLN EA 57 9.57 52.41 -5.32
C GLN EA 57 9.55 50.90 -5.09
N SER EA 58 10.45 50.17 -5.76
CA SER EA 58 10.49 48.72 -5.59
C SER EA 58 10.86 48.34 -4.17
N ARG EA 59 11.90 48.97 -3.62
CA ARG EA 59 12.28 48.68 -2.23
C ARG EA 59 11.20 49.10 -1.26
N GLY EA 60 10.58 50.26 -1.51
CA GLY EA 60 9.48 50.68 -0.66
C GLY EA 60 8.32 49.71 -0.67
N LEU EA 61 8.02 49.13 -1.83
CA LEU EA 61 6.98 48.11 -1.90
C LEU EA 61 7.39 46.87 -1.11
N GLY EA 62 8.66 46.47 -1.20
CA GLY EA 62 9.11 45.28 -0.49
C GLY EA 62 8.91 45.39 1.01
N VAL EA 63 9.28 46.54 1.57
CA VAL EA 63 9.06 46.75 3.01
C VAL EA 63 7.60 47.06 3.29
N ALA EA 64 6.83 47.41 2.26
CA ALA EA 64 5.41 47.68 2.46
C ALA EA 64 4.63 46.39 2.68
N VAL EA 65 5.00 45.32 1.96
CA VAL EA 65 4.37 44.03 2.20
C VAL EA 65 4.68 43.53 3.59
N ARG EA 66 5.93 43.69 4.02
CA ARG EA 66 6.29 43.36 5.40
C ARG EA 66 5.52 44.22 6.39
N ASN EA 67 5.38 45.51 6.08
CA ASN EA 67 4.65 46.42 6.95
C ASN EA 67 3.19 45.99 7.12
N ALA EA 68 2.53 45.65 6.01
CA ALA EA 68 1.14 45.23 6.08
C ALA EA 68 1.01 43.83 6.64
N ASN EA 69 2.04 43.00 6.51
CA ASN EA 69 1.99 41.67 7.11
C ASN EA 69 2.05 41.74 8.63
N ASP EA 70 2.80 42.71 9.16
CA ASP EA 70 2.81 42.92 10.61
C ASP EA 70 1.43 43.36 11.10
N GLY EA 71 0.77 44.24 10.34
CA GLY EA 71 -0.60 44.60 10.69
C GLY EA 71 -1.54 43.41 10.60
N ILE EA 72 -1.28 42.51 9.66
CA ILE EA 72 -2.06 41.27 9.56
C ILE EA 72 -1.90 40.46 10.83
N SER EA 73 -0.66 40.32 11.30
CA SER EA 73 -0.40 39.49 12.47
C SER EA 73 -1.02 40.06 13.73
N MET EA 74 -0.94 41.39 13.90
CA MET EA 74 -1.47 42.00 15.12
C MET EA 74 -3.00 41.87 15.18
N ALA EA 75 -3.66 41.96 14.04
CA ALA EA 75 -5.11 41.82 14.03
C ALA EA 75 -5.52 40.39 14.32
N GLN EA 76 -4.75 39.41 13.84
CA GLN EA 76 -5.14 38.02 14.05
C GLN EA 76 -4.86 37.56 15.47
N THR EA 77 -3.81 38.08 16.11
CA THR EA 77 -3.57 37.72 17.50
C THR EA 77 -4.56 38.39 18.44
N ALA EA 78 -5.01 39.61 18.11
CA ALA EA 78 -6.14 40.18 18.83
C ALA EA 78 -7.41 39.35 18.60
N GLU EA 79 -7.55 38.81 17.39
CA GLU EA 79 -8.66 37.91 17.11
C GLU EA 79 -8.56 36.63 17.93
N GLY EA 80 -7.35 36.20 18.26
CA GLY EA 80 -7.20 34.99 19.06
C GLY EA 80 -7.79 35.15 20.45
N ALA EA 81 -7.47 36.26 21.11
CA ALA EA 81 -8.09 36.54 22.40
C ALA EA 81 -9.55 36.91 22.24
N MET EA 82 -9.95 37.37 21.06
CA MET EA 82 -11.35 37.69 20.79
C MET EA 82 -12.21 36.44 20.95
N LYS EA 83 -11.75 35.32 20.40
CA LYS EA 83 -12.53 34.08 20.44
C LYS EA 83 -12.69 33.59 21.87
N GLU EA 84 -11.61 33.64 22.66
CA GLU EA 84 -11.69 33.12 24.02
C GLU EA 84 -12.52 34.04 24.90
N THR EA 85 -12.39 35.35 24.74
CA THR EA 85 -13.21 36.28 25.49
C THR EA 85 -14.69 36.09 25.17
N THR EA 86 -14.99 35.82 23.90
CA THR EA 86 -16.37 35.47 23.53
C THR EA 86 -16.79 34.19 24.21
N ASN EA 87 -15.90 33.17 24.21
CA ASN EA 87 -16.27 31.86 24.75
C ASN EA 87 -16.64 31.93 26.22
N ILE EA 88 -15.94 32.78 26.99
CA ILE EA 88 -16.32 32.98 28.38
C ILE EA 88 -17.71 33.60 28.46
N LEU EA 89 -18.00 34.54 27.57
CA LEU EA 89 -19.28 35.23 27.62
C LEU EA 89 -20.44 34.28 27.39
N GLN EA 90 -20.30 33.33 26.47
CA GLN EA 90 -21.31 32.28 26.35
C GLN EA 90 -21.47 31.54 27.67
N ARG EA 91 -20.36 31.07 28.24
CA ARG EA 91 -20.44 30.28 29.47
C ARG EA 91 -21.09 31.07 30.60
N MET EA 92 -20.81 32.36 30.68
CA MET EA 92 -21.50 33.21 31.64
C MET EA 92 -22.99 33.22 31.38
N ARG EA 93 -23.39 33.31 30.11
CA ARG EA 93 -24.80 33.44 29.76
C ARG EA 93 -25.58 32.17 30.08
N ASP EA 94 -25.02 30.99 29.76
CA ASP EA 94 -25.77 29.76 29.96
C ASP EA 94 -26.02 29.50 31.44
N LEU EA 95 -24.99 29.67 32.27
CA LEU EA 95 -25.18 29.40 33.69
C LEU EA 95 -26.03 30.47 34.37
N SER EA 96 -26.02 31.70 33.83
CA SER EA 96 -26.96 32.71 34.32
C SER EA 96 -28.39 32.28 34.05
N LEU EA 97 -28.66 31.69 32.89
CA LEU EA 97 -29.97 31.13 32.62
C LEU EA 97 -30.29 30.00 33.60
N GLN EA 98 -29.28 29.22 33.95
CA GLN EA 98 -29.48 28.14 34.92
C GLN EA 98 -29.89 28.68 36.28
N SER EA 99 -29.25 29.77 36.72
CA SER EA 99 -29.58 30.38 38.00
C SER EA 99 -30.88 31.17 37.96
N ALA EA 100 -31.37 31.51 36.78
CA ALA EA 100 -32.58 32.31 36.66
C ALA EA 100 -33.82 31.59 37.15
N ASN EA 101 -33.75 30.28 37.37
CA ASN EA 101 -34.90 29.55 37.85
C ASN EA 101 -35.21 29.90 39.29
N GLY EA 102 -36.43 29.57 39.71
CA GLY EA 102 -36.76 29.49 41.11
C GLY EA 102 -36.50 28.12 41.68
N SER EA 103 -35.90 27.23 40.89
CA SER EA 103 -35.71 25.85 41.32
C SER EA 103 -34.60 25.74 42.35
N ASN EA 104 -33.48 26.45 42.15
CA ASN EA 104 -32.35 26.34 43.06
C ASN EA 104 -32.49 27.32 44.22
N SER EA 105 -31.94 26.92 45.35
CA SER EA 105 -32.01 27.73 46.56
C SER EA 105 -30.86 28.74 46.57
N LYS EA 106 -30.73 29.49 47.67
CA LYS EA 106 -29.77 30.58 47.72
C LYS EA 106 -28.34 30.07 47.63
N ALA EA 107 -28.04 28.97 48.31
CA ALA EA 107 -26.66 28.46 48.34
C ALA EA 107 -26.19 28.08 46.95
N ASP EA 108 -27.08 27.52 46.13
CA ASP EA 108 -26.70 27.14 44.78
C ASP EA 108 -26.32 28.36 43.95
N ARG EA 109 -27.07 29.45 44.08
CA ARG EA 109 -26.72 30.68 43.38
C ARG EA 109 -25.39 31.24 43.90
N VAL EA 110 -25.05 30.97 45.15
CA VAL EA 110 -23.75 31.38 45.68
C VAL EA 110 -22.63 30.65 44.96
N ALA EA 111 -22.79 29.34 44.75
CA ALA EA 111 -21.80 28.59 43.98
C ALA EA 111 -21.71 29.09 42.55
N ILE EA 112 -22.86 29.41 41.95
CA ILE EA 112 -22.86 29.97 40.60
C ILE EA 112 -22.13 31.31 40.57
N GLN EA 113 -22.38 32.16 41.58
CA GLN EA 113 -21.70 33.44 41.64
C GLN EA 113 -20.19 33.26 41.78
N GLU EA 114 -19.77 32.20 42.47
CA GLU EA 114 -18.35 31.90 42.55
C GLU EA 114 -17.78 31.59 41.17
N GLU EA 115 -18.53 30.85 40.36
CA GLU EA 115 -18.12 30.60 38.98
C GLU EA 115 -18.11 31.90 38.18
N ILE EA 116 -19.10 32.77 38.41
CA ILE EA 116 -19.18 34.03 37.67
C ILE EA 116 -17.96 34.90 37.96
N THR EA 117 -17.63 35.05 39.24
CA THR EA 117 -16.49 35.91 39.60
C THR EA 117 -15.17 35.27 39.20
N ALA EA 118 -15.14 33.94 39.07
CA ALA EA 118 -13.94 33.28 38.55
C ALA EA 118 -13.74 33.61 37.08
N LEU EA 119 -14.79 33.47 36.28
CA LEU EA 119 -14.69 33.80 34.86
C LEU EA 119 -14.54 35.30 34.65
N ASN EA 120 -15.08 36.11 35.57
CA ASN EA 120 -14.95 37.55 35.46
C ASN EA 120 -13.49 37.98 35.54
N ASP EA 121 -12.73 37.39 36.46
CA ASP EA 121 -11.31 37.70 36.55
C ASP EA 121 -10.56 37.25 35.31
N GLU EA 122 -11.08 36.24 34.61
CA GLU EA 122 -10.43 35.79 33.38
C GLU EA 122 -10.51 36.84 32.29
N LEU EA 123 -11.67 37.51 32.16
CA LEU EA 123 -11.80 38.58 31.19
C LEU EA 123 -10.84 39.72 31.49
N ASN EA 124 -10.73 40.09 32.77
CA ASN EA 124 -9.78 41.14 33.14
C ASN EA 124 -8.34 40.71 32.95
N ARG EA 125 -8.04 39.43 33.13
CA ARG EA 125 -6.67 38.96 32.93
C ARG EA 125 -6.31 38.89 31.46
N VAL EA 126 -7.20 38.38 30.62
CA VAL EA 126 -6.91 38.27 29.20
C VAL EA 126 -6.79 39.65 28.56
N ALA EA 127 -7.53 40.64 29.08
CA ALA EA 127 -7.40 42.00 28.56
C ALA EA 127 -6.03 42.58 28.87
N GLU EA 128 -5.35 42.06 29.89
CA GLU EA 128 -4.03 42.53 30.28
C GLU EA 128 -2.93 41.54 29.98
N THR EA 129 -3.26 40.37 29.42
CA THR EA 129 -2.29 39.35 29.09
C THR EA 129 -1.90 39.36 27.62
N THR EA 130 -2.87 39.51 26.72
CA THR EA 130 -2.59 39.61 25.30
C THR EA 130 -1.67 40.79 25.05
N SER EA 131 -0.43 40.51 24.64
CA SER EA 131 0.61 41.53 24.61
C SER EA 131 1.18 41.76 23.22
N PHE EA 132 1.53 40.68 22.50
CA PHE EA 132 2.21 40.78 21.21
C PHE EA 132 3.54 41.54 21.36
N GLY EA 133 4.44 40.91 22.09
CA GLY EA 133 5.80 41.41 22.22
C GLY EA 133 5.91 42.76 22.91
N GLY EA 134 5.35 42.87 24.11
CA GLY EA 134 5.48 44.06 24.91
C GLY EA 134 4.41 45.11 24.72
N ASN EA 135 3.53 44.94 23.74
CA ASN EA 135 2.41 45.86 23.57
C ASN EA 135 1.26 45.41 24.48
N LYS EA 136 0.09 46.01 24.31
CA LYS EA 136 -1.10 45.65 25.07
C LYS EA 136 -2.29 45.80 24.12
N LEU EA 137 -2.72 44.69 23.54
CA LEU EA 137 -3.71 44.76 22.47
C LEU EA 137 -5.10 45.12 23.01
N LEU EA 138 -5.53 44.46 24.08
CA LEU EA 138 -6.90 44.58 24.56
C LEU EA 138 -7.00 45.35 25.87
N ASN EA 139 -5.92 45.98 26.33
CA ASN EA 139 -5.97 46.73 27.58
C ASN EA 139 -6.55 48.13 27.40
N GLY EA 140 -6.71 48.61 26.18
CA GLY EA 140 -7.14 49.96 25.91
C GLY EA 140 -6.02 50.94 25.72
N THR EA 141 -4.80 50.58 26.12
CA THR EA 141 -3.63 51.41 25.84
C THR EA 141 -3.32 51.48 24.35
N PHE EA 142 -3.92 50.61 23.55
CA PHE EA 142 -3.71 50.59 22.10
C PHE EA 142 -4.63 51.62 21.47
N ALA EA 143 -4.14 52.84 21.32
CA ALA EA 143 -4.90 53.89 20.67
C ALA EA 143 -4.78 53.73 19.15
N THR EA 144 -5.21 54.74 18.41
CA THR EA 144 -5.11 54.70 16.95
C THR EA 144 -3.66 54.56 16.52
N LYS EA 145 -3.31 53.42 15.94
CA LYS EA 145 -1.98 53.17 15.40
C LYS EA 145 -2.09 52.95 13.90
N SER EA 146 -1.31 53.71 13.14
CA SER EA 146 -1.39 53.70 11.69
C SER EA 146 -0.29 52.85 11.10
N PHE EA 147 -0.64 51.97 10.17
CA PHE EA 147 0.30 51.11 9.47
C PHE EA 147 0.54 51.64 8.08
N GLN EA 148 1.79 51.99 7.78
CA GLN EA 148 2.17 52.52 6.48
C GLN EA 148 2.28 51.36 5.50
N ILE EA 149 1.29 51.23 4.62
CA ILE EA 149 1.20 50.08 3.73
C ILE EA 149 1.33 50.53 2.27
N GLY EA 150 2.06 51.63 2.06
CA GLY EA 150 2.24 52.14 0.72
C GLY EA 150 3.71 52.40 0.43
N ALA EA 151 4.02 52.51 -0.86
CA ALA EA 151 5.39 52.76 -1.28
C ALA EA 151 5.87 54.11 -0.78
N ASP EA 152 5.03 55.14 -0.88
CA ASP EA 152 5.38 56.48 -0.45
C ASP EA 152 4.88 56.71 0.98
N ASN EA 153 4.99 57.94 1.43
CA ASN EA 153 4.57 58.32 2.77
C ASN EA 153 3.17 58.93 2.77
N GLY EA 154 2.46 58.72 3.87
CA GLY EA 154 1.14 59.25 4.04
C GLY EA 154 0.02 58.32 3.64
N GLU EA 155 0.30 57.30 2.83
CA GLU EA 155 -0.71 56.29 2.47
C GLU EA 155 -0.71 55.15 3.48
N ALA EA 156 -1.18 55.47 4.68
CA ALA EA 156 -1.28 54.52 5.77
C ALA EA 156 -2.74 54.29 6.15
N VAL EA 157 -2.96 53.25 6.95
CA VAL EA 157 -4.30 52.87 7.41
C VAL EA 157 -4.26 52.76 8.91
N MET EA 158 -5.16 53.46 9.59
CA MET EA 158 -5.20 53.45 11.05
C MET EA 158 -6.13 52.36 11.55
N LEU EA 159 -5.73 51.74 12.66
CA LEU EA 159 -6.47 50.65 13.26
C LEU EA 159 -6.70 50.95 14.73
N ASN EA 160 -7.92 50.68 15.20
CA ASN EA 160 -8.28 50.89 16.59
C ASN EA 160 -8.76 49.59 17.20
N ILE EA 161 -8.22 49.25 18.37
CA ILE EA 161 -8.67 48.10 19.16
C ILE EA 161 -9.22 48.63 20.46
N LYS EA 162 -10.54 48.48 20.64
CA LYS EA 162 -11.22 49.06 21.79
C LYS EA 162 -10.88 48.31 23.06
N ASP EA 163 -10.87 49.04 24.18
CA ASP EA 163 -10.64 48.43 25.47
C ASP EA 163 -11.75 47.42 25.79
N MET EA 164 -11.35 46.24 26.25
CA MET EA 164 -12.31 45.18 26.53
C MET EA 164 -12.14 44.63 27.94
N ARG EA 165 -11.87 45.51 28.89
CA ARG EA 165 -11.98 45.12 30.29
C ARG EA 165 -13.43 44.84 30.62
N SER EA 166 -13.65 43.97 31.61
CA SER EA 166 -15.02 43.59 31.97
C SER EA 166 -15.82 44.76 32.50
N ASP EA 167 -15.15 45.85 32.91
CA ASP EA 167 -15.81 47.03 33.45
C ASP EA 167 -16.00 48.14 32.42
N ASN EA 168 -15.76 47.86 31.14
CA ASN EA 168 -15.90 48.89 30.13
C ASN EA 168 -17.35 49.33 30.01
N ALA EA 169 -17.54 50.64 29.82
CA ALA EA 169 -18.89 51.19 29.72
C ALA EA 169 -19.63 50.62 28.51
N LEU EA 170 -18.95 50.50 27.38
CA LEU EA 170 -19.56 49.98 26.17
C LEU EA 170 -19.94 48.51 26.29
N MET EA 171 -19.45 47.81 27.31
CA MET EA 171 -19.69 46.38 27.44
C MET EA 171 -20.99 46.05 28.14
N GLY EA 172 -21.51 46.96 28.96
CA GLY EA 172 -22.75 46.73 29.67
C GLY EA 172 -23.90 47.57 29.14
N GLY EA 173 -24.66 48.20 30.04
CA GLY EA 173 -25.77 49.02 29.62
C GLY EA 173 -26.51 49.56 30.82
N LYS EA 174 -27.58 50.28 30.53
CA LYS EA 174 -28.45 50.87 31.55
C LYS EA 174 -29.46 49.85 32.04
N THR EA 175 -30.12 50.17 33.15
CA THR EA 175 -31.17 49.31 33.68
C THR EA 175 -32.17 50.16 34.45
N TYR EA 176 -33.38 49.62 34.61
CA TYR EA 176 -34.46 50.29 35.30
C TYR EA 176 -35.29 49.26 36.05
N GLN EA 177 -35.73 49.61 37.25
CA GLN EA 177 -36.49 48.71 38.10
C GLN EA 177 -37.81 49.36 38.49
N ALA EA 178 -38.89 48.58 38.45
CA ALA EA 178 -40.18 49.08 38.90
C ALA EA 178 -40.15 49.32 40.41
N ALA EA 179 -40.81 50.39 40.83
CA ALA EA 179 -40.79 50.76 42.25
C ALA EA 179 -41.55 49.74 43.09
N ASN EA 180 -42.73 49.32 42.64
CA ASN EA 180 -43.59 48.42 43.39
C ASN EA 180 -43.78 47.13 42.62
N GLY EA 181 -43.72 46.00 43.33
CA GLY EA 181 -43.94 44.72 42.70
C GLY EA 181 -45.41 44.38 42.57
N LYS EA 182 -45.69 43.44 41.67
CA LYS EA 182 -47.04 42.96 41.41
C LYS EA 182 -47.10 41.47 41.68
N ASP EA 183 -48.01 41.06 42.55
CA ASP EA 183 -48.10 39.66 42.94
C ASP EA 183 -48.67 38.81 41.81
N LYS EA 184 -48.79 37.50 42.09
CA LYS EA 184 -49.24 36.56 41.06
C LYS EA 184 -50.67 36.85 40.62
N ASN EA 185 -51.56 37.16 41.57
CA ASN EA 185 -52.95 37.39 41.22
C ASN EA 185 -53.14 38.66 40.39
N TRP EA 186 -52.18 39.57 40.42
CA TRP EA 186 -52.31 40.83 39.69
C TRP EA 186 -52.32 40.59 38.19
N GLY EA 187 -53.11 41.40 37.48
CA GLY EA 187 -53.15 41.34 36.03
C GLY EA 187 -53.22 42.73 35.45
N VAL EA 188 -53.15 42.80 34.13
CA VAL EA 188 -53.23 44.08 33.43
C VAL EA 188 -54.69 44.43 33.20
N GLU EA 189 -55.19 45.42 33.94
CA GLU EA 189 -56.57 45.84 33.84
C GLU EA 189 -56.78 46.74 32.63
N ALA EA 190 -58.03 46.83 32.20
CA ALA EA 190 -58.37 47.66 31.05
C ALA EA 190 -58.17 49.14 31.38
N GLY EA 191 -57.71 49.89 30.39
CA GLY EA 191 -57.45 51.30 30.55
C GLY EA 191 -56.09 51.64 31.10
N LYS EA 192 -55.31 50.65 31.52
CA LYS EA 192 -53.96 50.85 32.05
C LYS EA 192 -52.99 49.92 31.36
N THR EA 193 -53.14 49.77 30.04
CA THR EA 193 -52.27 48.91 29.25
C THR EA 193 -51.31 49.68 28.36
N ASP EA 194 -51.41 51.00 28.29
CA ASP EA 194 -50.53 51.80 27.46
C ASP EA 194 -49.16 51.91 28.12
N LEU EA 195 -48.11 51.60 27.37
CA LEU EA 195 -46.73 51.68 27.87
C LEU EA 195 -45.87 52.23 26.74
N THR EA 196 -45.61 53.53 26.78
CA THR EA 196 -44.83 54.21 25.76
C THR EA 196 -43.43 54.50 26.29
N ILE EA 197 -42.42 54.12 25.52
CA ILE EA 197 -41.02 54.33 25.87
C ILE EA 197 -40.39 55.23 24.83
N THR EA 198 -39.86 56.37 25.28
CA THR EA 198 -39.13 57.29 24.42
C THR EA 198 -37.64 56.98 24.55
N LEU EA 199 -36.98 56.79 23.41
CA LEU EA 199 -35.63 56.28 23.39
C LEU EA 199 -34.75 57.12 22.48
N LYS EA 200 -33.49 57.28 22.86
CA LYS EA 200 -32.49 57.88 22.00
C LYS EA 200 -31.53 56.82 21.51
N ASP EA 201 -31.36 56.76 20.19
CA ASP EA 201 -30.60 55.69 19.55
C ASP EA 201 -29.38 56.26 18.86
N LYS EA 202 -28.29 55.49 18.86
CA LYS EA 202 -27.08 55.91 18.16
C LYS EA 202 -27.34 56.08 16.67
N ARG EA 203 -28.06 55.15 16.06
CA ARG EA 203 -28.50 55.25 14.68
C ARG EA 203 -30.01 55.39 14.65
N GLU EA 204 -30.51 56.19 13.72
CA GLU EA 204 -31.92 56.59 13.62
C GLU EA 204 -32.50 56.85 15.01
N GLY EA 205 -31.87 57.80 15.70
CA GLY EA 205 -32.23 58.11 17.07
C GLY EA 205 -33.61 58.72 17.19
N ASP EA 206 -34.01 58.94 18.44
CA ASP EA 206 -35.32 59.49 18.78
C ASP EA 206 -36.44 58.61 18.22
N VAL EA 207 -36.45 57.36 18.68
CA VAL EA 207 -37.45 56.38 18.29
C VAL EA 207 -38.33 56.10 19.50
N THR EA 208 -39.64 56.20 19.32
CA THR EA 208 -40.61 55.94 20.38
C THR EA 208 -41.50 54.78 19.96
N ILE EA 209 -41.58 53.75 20.81
CA ILE EA 209 -42.40 52.59 20.54
C ILE EA 209 -43.47 52.47 21.63
N SER EA 210 -44.65 52.06 21.23
CA SER EA 210 -45.79 51.92 22.14
C SER EA 210 -46.17 50.46 22.25
N ILE EA 211 -46.31 49.99 23.49
CA ILE EA 211 -46.68 48.60 23.77
C ILE EA 211 -48.00 48.61 24.52
N ASN EA 212 -48.98 47.88 23.98
CA ASN EA 212 -50.30 47.77 24.59
C ASN EA 212 -50.47 46.32 25.05
N ALA EA 213 -50.26 46.10 26.35
CA ALA EA 213 -50.36 44.76 26.90
C ALA EA 213 -51.79 44.25 26.82
N LYS EA 214 -51.94 42.96 26.55
CA LYS EA 214 -53.26 42.35 26.48
C LYS EA 214 -53.92 42.34 27.85
N GLU EA 215 -55.22 42.54 27.87
CA GLU EA 215 -55.96 42.57 29.12
C GLU EA 215 -55.93 41.19 29.79
N GLY EA 216 -55.72 41.19 31.11
CA GLY EA 216 -55.64 39.96 31.87
C GLY EA 216 -54.25 39.35 31.93
N ASP EA 217 -53.28 39.92 31.22
CA ASP EA 217 -51.92 39.40 31.25
C ASP EA 217 -51.34 39.55 32.65
N ASP EA 218 -50.70 38.49 33.14
CA ASP EA 218 -50.09 38.52 34.46
C ASP EA 218 -48.77 39.29 34.39
N ILE EA 219 -48.04 39.32 35.50
CA ILE EA 219 -46.83 40.14 35.56
C ILE EA 219 -45.72 39.55 34.70
N GLU EA 220 -45.53 38.23 34.75
CA GLU EA 220 -44.38 37.62 34.08
C GLU EA 220 -44.55 37.58 32.57
N GLU EA 221 -45.73 37.19 32.08
CA GLU EA 221 -45.94 37.15 30.64
C GLU EA 221 -45.98 38.55 30.03
N LEU EA 222 -46.23 39.58 30.84
CA LEU EA 222 -46.08 40.94 30.36
C LEU EA 222 -44.63 41.23 29.96
N ALA EA 223 -43.68 40.72 30.75
CA ALA EA 223 -42.27 40.87 30.38
C ALA EA 223 -41.96 40.16 29.08
N THR EA 224 -42.56 38.98 28.87
CA THR EA 224 -42.37 38.28 27.61
C THR EA 224 -42.95 39.07 26.45
N TYR EA 225 -44.10 39.72 26.67
CA TYR EA 225 -44.71 40.53 25.62
C TYR EA 225 -43.82 41.69 25.24
N ILE EA 226 -43.20 42.35 26.23
CA ILE EA 226 -42.30 43.46 25.94
C ILE EA 226 -41.10 42.99 25.12
N ASN EA 227 -40.53 41.85 25.50
CA ASN EA 227 -39.38 41.32 24.76
C ASN EA 227 -39.76 41.00 23.32
N GLY EA 228 -40.93 40.40 23.10
CA GLY EA 228 -41.32 40.02 21.76
C GLY EA 228 -41.56 41.21 20.85
N GLN EA 229 -42.09 42.31 21.41
CA GLN EA 229 -42.46 43.45 20.58
C GLN EA 229 -41.24 44.15 20.02
N THR EA 230 -40.21 44.39 20.83
CA THR EA 230 -39.05 45.14 20.39
C THR EA 230 -37.78 44.42 20.82
N ASP EA 231 -36.75 44.51 19.97
CA ASP EA 231 -35.45 43.94 20.26
C ASP EA 231 -34.49 44.94 20.90
N MET EA 232 -34.91 46.19 21.07
CA MET EA 232 -34.09 47.23 21.68
C MET EA 232 -34.26 47.30 23.19
N ILE EA 233 -35.15 46.49 23.76
CA ILE EA 233 -35.49 46.56 25.18
C ILE EA 233 -35.62 45.14 25.71
N LYS EA 234 -35.04 44.89 26.89
CA LYS EA 234 -35.12 43.59 27.56
C LYS EA 234 -35.85 43.76 28.88
N ALA EA 235 -36.84 42.90 29.12
CA ALA EA 235 -37.66 42.99 30.31
C ALA EA 235 -37.68 41.65 31.03
N SER EA 236 -37.81 41.72 32.36
CA SER EA 236 -37.83 40.51 33.19
C SER EA 236 -38.46 40.84 34.53
N VAL EA 237 -38.75 39.81 35.30
CA VAL EA 237 -39.34 39.92 36.62
C VAL EA 237 -38.40 39.26 37.62
N ASP EA 238 -38.15 39.93 38.74
CA ASP EA 238 -37.08 39.48 39.65
C ASP EA 238 -37.58 38.57 40.77
N GLU EA 239 -38.33 39.13 41.73
CA GLU EA 239 -38.88 38.31 42.81
C GLU EA 239 -40.29 38.68 43.25
N GLU EA 240 -40.79 39.88 42.92
CA GLU EA 240 -42.07 40.33 43.43
C GLU EA 240 -42.96 40.96 42.38
N GLY EA 241 -42.45 41.19 41.17
CA GLY EA 241 -43.19 41.87 40.13
C GLY EA 241 -42.49 43.05 39.53
N LYS EA 242 -41.36 43.50 40.10
CA LYS EA 242 -40.64 44.62 39.52
C LYS EA 242 -40.05 44.23 38.18
N LEU EA 243 -40.16 45.13 37.21
CA LEU EA 243 -39.63 44.89 35.87
C LEU EA 243 -38.19 45.37 35.79
N GLN EA 244 -37.30 44.49 35.34
CA GLN EA 244 -35.90 44.85 35.15
C GLN EA 244 -35.70 45.19 33.67
N LEU EA 245 -36.05 46.42 33.34
CA LEU EA 245 -35.81 46.92 31.99
C LEU EA 245 -34.31 47.05 31.75
N PHE EA 246 -33.87 46.68 30.55
CA PHE EA 246 -32.46 46.76 30.18
C PHE EA 246 -32.31 47.58 28.91
N THR EA 247 -31.14 48.19 28.75
CA THR EA 247 -30.87 49.07 27.64
C THR EA 247 -29.42 48.89 27.20
N ASP EA 248 -29.21 48.51 25.95
CA ASP EA 248 -27.87 48.33 25.43
C ASP EA 248 -27.15 49.67 25.38
N ASN EA 249 -25.98 49.74 26.01
CA ASN EA 249 -25.24 50.99 26.06
C ASN EA 249 -24.61 51.34 24.71
N ASN EA 250 -24.46 50.37 23.82
CA ASN EA 250 -23.78 50.63 22.56
C ASN EA 250 -24.69 51.17 21.47
N ARG EA 251 -26.01 51.12 21.64
CA ARG EA 251 -26.90 51.64 20.61
C ARG EA 251 -28.06 52.48 21.12
N ILE EA 252 -28.29 52.56 22.44
CA ILE EA 252 -29.40 53.36 22.95
C ILE EA 252 -28.85 54.39 23.94
N ASP EA 253 -27.68 54.95 23.63
CA ASP EA 253 -27.10 56.02 24.44
C ASP EA 253 -28.14 57.06 24.81
N GLY EA 254 -28.01 57.60 26.02
CA GLY EA 254 -28.96 58.57 26.54
C GLY EA 254 -29.92 57.93 27.52
N ALA EA 255 -30.76 58.77 28.11
CA ALA EA 255 -31.72 58.32 29.10
C ALA EA 255 -33.01 57.85 28.43
N ALA EA 256 -33.69 56.92 29.09
CA ALA EA 256 -34.95 56.38 28.62
C ALA EA 256 -36.11 57.02 29.37
N THR EA 257 -37.11 57.48 28.62
CA THR EA 257 -38.28 58.13 29.18
C THR EA 257 -39.45 57.15 29.17
N PHE EA 258 -40.12 57.04 30.31
CA PHE EA 258 -41.24 56.12 30.47
C PHE EA 258 -42.55 56.90 30.58
N GLY EA 259 -43.58 56.39 29.91
CA GLY EA 259 -44.87 57.06 29.92
C GLY EA 259 -45.98 56.05 29.69
N GLY EA 260 -47.20 56.53 29.82
CA GLY EA 260 -48.38 55.72 29.66
C GLY EA 260 -48.99 55.32 30.99
N ALA EA 261 -50.24 54.85 30.91
CA ALA EA 261 -50.96 54.47 32.11
C ALA EA 261 -50.30 53.29 32.83
N LEU EA 262 -49.83 52.30 32.06
CA LEU EA 262 -49.16 51.16 32.67
C LEU EA 262 -47.87 51.58 33.37
N ALA EA 263 -47.11 52.50 32.75
CA ALA EA 263 -45.89 52.97 33.37
C ALA EA 263 -46.19 53.70 34.69
N GLY EA 264 -47.24 54.51 34.70
CA GLY EA 264 -47.65 55.15 35.95
C GLY EA 264 -48.11 54.16 36.99
N GLU EA 265 -48.77 53.08 36.56
CA GLU EA 265 -49.18 52.04 37.49
C GLU EA 265 -47.96 51.37 38.12
N LEU EA 266 -46.94 51.09 37.32
CA LEU EA 266 -45.68 50.55 37.81
C LEU EA 266 -44.79 51.69 38.28
N GLY EA 267 -43.52 51.39 38.54
CA GLY EA 267 -42.55 52.40 38.90
C GLY EA 267 -41.69 52.75 37.70
N ILE EA 268 -41.45 54.05 37.53
CA ILE EA 268 -40.63 54.52 36.42
C ILE EA 268 -39.20 54.01 36.57
N GLY EA 269 -38.64 54.15 37.77
CA GLY EA 269 -37.29 53.69 38.03
C GLY EA 269 -36.22 54.62 37.49
N ALA EA 270 -35.12 54.74 38.21
CA ALA EA 270 -34.01 55.58 37.79
C ALA EA 270 -32.99 54.77 36.99
N ALA EA 271 -32.28 55.45 36.10
CA ALA EA 271 -31.28 54.81 35.26
C ALA EA 271 -30.10 54.40 36.11
N GLN EA 272 -29.72 53.13 36.03
CA GLN EA 272 -28.57 52.60 36.76
C GLN EA 272 -27.64 51.92 35.77
N ASP EA 273 -26.35 52.23 35.87
CA ASP EA 273 -25.37 51.69 34.93
C ASP EA 273 -24.79 50.38 35.46
N VAL EA 274 -24.88 49.33 34.65
CA VAL EA 274 -24.37 48.02 35.02
C VAL EA 274 -23.51 47.48 33.88
N THR EA 275 -22.43 46.80 34.24
CA THR EA 275 -21.55 46.16 33.28
C THR EA 275 -21.27 44.74 33.73
N VAL EA 276 -20.40 44.04 33.02
CA VAL EA 276 -20.07 42.67 33.38
C VAL EA 276 -19.32 42.61 34.69
N ASP EA 277 -18.44 43.59 34.96
CA ASP EA 277 -17.73 43.61 36.23
C ASP EA 277 -18.69 43.76 37.39
N THR EA 278 -19.67 44.66 37.27
CA THR EA 278 -20.68 44.84 38.30
C THR EA 278 -21.71 43.72 38.32
N LEU EA 279 -21.68 42.83 37.34
CA LEU EA 279 -22.64 41.74 37.26
C LEU EA 279 -22.44 40.77 38.41
N ASP EA 280 -23.52 40.46 39.11
CA ASP EA 280 -23.52 39.41 40.12
C ASP EA 280 -24.86 38.69 40.07
N VAL EA 281 -24.84 37.41 40.44
CA VAL EA 281 -26.05 36.59 40.45
C VAL EA 281 -26.06 35.82 41.77
N THR EA 282 -26.77 36.36 42.76
CA THR EA 282 -27.10 35.65 43.98
C THR EA 282 -28.59 35.46 44.17
N THR EA 283 -29.41 36.22 43.45
CA THR EA 283 -30.85 36.06 43.44
C THR EA 283 -31.31 35.93 41.99
N VAL EA 284 -32.54 35.45 41.82
CA VAL EA 284 -33.09 35.24 40.48
C VAL EA 284 -33.11 36.55 39.71
N GLY EA 285 -33.44 37.65 40.37
CA GLY EA 285 -33.45 38.94 39.71
C GLY EA 285 -32.09 39.33 39.18
N GLY EA 286 -31.04 39.04 39.94
CA GLY EA 286 -29.70 39.29 39.43
C GLY EA 286 -29.39 38.48 38.19
N ALA EA 287 -29.92 37.26 38.11
CA ALA EA 287 -29.69 36.42 36.94
C ALA EA 287 -30.35 36.99 35.69
N GLN EA 288 -31.60 37.41 35.80
CA GLN EA 288 -32.31 37.97 34.65
C GLN EA 288 -31.65 39.25 34.18
N GLU EA 289 -31.19 40.09 35.10
CA GLU EA 289 -30.41 41.27 34.73
C GLU EA 289 -29.10 40.85 34.08
N SER EA 290 -28.46 39.81 34.60
CA SER EA 290 -27.12 39.43 34.16
C SER EA 290 -27.11 38.94 32.71
N VAL EA 291 -28.09 38.13 32.32
CA VAL EA 291 -28.07 37.55 30.97
C VAL EA 291 -28.24 38.63 29.93
N ALA EA 292 -29.08 39.64 30.22
CA ALA EA 292 -29.21 40.77 29.30
C ALA EA 292 -27.89 41.53 29.18
N ILE EA 293 -27.18 41.71 30.30
CA ILE EA 293 -25.88 42.37 30.26
C ILE EA 293 -24.89 41.57 29.43
N VAL EA 294 -24.92 40.24 29.58
CA VAL EA 294 -24.00 39.38 28.83
C VAL EA 294 -24.28 39.49 27.33
N ASP EA 295 -25.55 39.51 26.95
CA ASP EA 295 -25.88 39.66 25.53
C ASP EA 295 -25.39 40.99 24.99
N ALA EA 296 -25.39 42.03 25.84
CA ALA EA 296 -24.80 43.30 25.44
C ALA EA 296 -23.31 43.13 25.18
N ALA EA 297 -22.61 42.40 26.05
CA ALA EA 297 -21.18 42.17 25.85
C ALA EA 297 -20.93 41.34 24.59
N LEU EA 298 -21.74 40.31 24.36
CA LEU EA 298 -21.52 39.45 23.20
C LEU EA 298 -21.72 40.23 21.90
N LYS EA 299 -22.76 41.06 21.84
CA LYS EA 299 -22.98 41.87 20.65
C LYS EA 299 -21.85 42.87 20.44
N TYR EA 300 -21.40 43.51 21.51
CA TYR EA 300 -20.32 44.49 21.39
C TYR EA 300 -19.02 43.83 20.95
N VAL EA 301 -18.70 42.66 21.52
CA VAL EA 301 -17.46 41.98 21.16
C VAL EA 301 -17.53 41.48 19.73
N ASP EA 302 -18.68 40.90 19.33
CA ASP EA 302 -18.82 40.41 17.97
C ASP EA 302 -18.71 41.55 16.96
N SER EA 303 -19.28 42.71 17.28
CA SER EA 303 -19.16 43.86 16.39
C SER EA 303 -17.70 44.27 16.22
N HIS EA 304 -16.92 44.23 17.30
CA HIS EA 304 -15.51 44.57 17.20
C HIS EA 304 -14.73 43.49 16.45
N ARG EA 305 -15.15 42.24 16.58
CA ARG EA 305 -14.52 41.16 15.82
C ARG EA 305 -14.77 41.35 14.32
N ALA EA 306 -15.98 41.76 13.96
CA ALA EA 306 -16.29 42.02 12.55
C ALA EA 306 -15.44 43.18 12.02
N GLU EA 307 -15.27 44.23 12.82
CA GLU EA 307 -14.43 45.34 12.40
C GLU EA 307 -12.99 44.90 12.20
N LEU EA 308 -12.48 44.05 13.09
CA LEU EA 308 -11.14 43.52 12.91
C LEU EA 308 -11.05 42.65 11.68
N GLY EA 309 -12.08 41.83 11.43
CA GLY EA 309 -12.08 40.97 10.26
C GLY EA 309 -12.08 41.76 8.97
N ALA EA 310 -12.85 42.86 8.93
CA ALA EA 310 -12.85 43.72 7.75
C ALA EA 310 -11.48 44.35 7.53
N PHE EA 311 -10.81 44.75 8.62
CA PHE EA 311 -9.48 45.33 8.50
C PHE EA 311 -8.50 44.31 7.94
N GLN EA 312 -8.54 43.08 8.46
CA GLN EA 312 -7.69 42.03 7.92
C GLN EA 312 -8.05 41.70 6.48
N ASN EA 313 -9.34 41.71 6.15
CA ASN EA 313 -9.79 41.50 4.78
C ASN EA 313 -9.39 42.65 3.87
N ARG EA 314 -9.03 43.81 4.41
CA ARG EA 314 -8.46 44.86 3.58
C ARG EA 314 -7.01 44.56 3.24
N PHE EA 315 -6.26 44.03 4.20
CA PHE EA 315 -4.80 43.97 4.06
C PHE EA 315 -4.33 42.85 3.14
N ASN EA 316 -5.04 41.71 3.10
CA ASN EA 316 -4.65 40.68 2.13
C ASN EA 316 -4.85 41.19 0.71
N HIS EA 317 -5.91 41.94 0.47
CA HIS EA 317 -6.07 42.63 -0.80
C HIS EA 317 -4.97 43.64 -1.02
N ALA EA 318 -4.45 44.25 0.06
CA ALA EA 318 -3.33 45.16 -0.09
C ALA EA 318 -2.06 44.42 -0.48
N ILE EA 319 -1.87 43.21 0.06
CA ILE EA 319 -0.65 42.44 -0.22
C ILE EA 319 -0.54 42.13 -1.71
N ASN EA 320 -1.51 41.38 -2.23
CA ASN EA 320 -1.42 40.95 -3.62
C ASN EA 320 -1.53 42.12 -4.59
N ASN EA 321 -2.13 43.23 -4.16
CA ASN EA 321 -2.10 44.44 -4.97
C ASN EA 321 -0.68 44.99 -5.05
N LEU EA 322 -0.02 45.13 -3.90
CA LEU EA 322 1.36 45.61 -3.89
C LEU EA 322 2.29 44.64 -4.60
N ASP EA 323 2.01 43.35 -4.54
CA ASP EA 323 2.78 42.38 -5.30
C ASP EA 323 2.56 42.56 -6.80
N ASN EA 324 1.31 42.83 -7.21
CA ASN EA 324 1.03 43.09 -8.62
C ASN EA 324 1.78 44.31 -9.11
N ILE EA 325 1.79 45.38 -8.31
CA ILE EA 325 2.54 46.57 -8.69
C ILE EA 325 4.03 46.27 -8.69
N ASN EA 326 4.53 45.65 -7.62
CA ASN EA 326 5.97 45.43 -7.47
C ASN EA 326 6.53 44.58 -8.61
N GLU EA 327 5.71 43.67 -9.14
CA GLU EA 327 6.14 42.89 -10.29
C GLU EA 327 6.45 43.80 -11.47
N ASN EA 328 5.57 44.78 -11.71
CA ASN EA 328 5.74 45.66 -12.85
C ASN EA 328 6.75 46.77 -12.59
N VAL EA 329 6.97 47.14 -11.32
CA VAL EA 329 8.09 48.02 -11.00
C VAL EA 329 9.41 47.34 -11.33
N ASN EA 330 9.56 46.06 -10.97
CA ASN EA 330 10.77 45.34 -11.30
C ASN EA 330 10.89 45.10 -12.79
N ALA EA 331 9.78 44.75 -13.44
CA ALA EA 331 9.80 44.56 -14.89
C ALA EA 331 10.16 45.85 -15.61
N SER EA 332 9.61 46.97 -15.14
CA SER EA 332 9.98 48.25 -15.71
C SER EA 332 11.36 48.71 -15.26
N LYS EA 333 11.89 48.16 -14.16
CA LYS EA 333 13.26 48.44 -13.76
C LYS EA 333 14.15 47.42 -14.46
N SER EA 334 13.97 47.29 -15.77
CA SER EA 334 14.78 46.42 -16.60
C SER EA 334 14.60 46.91 -18.03
N ARG EA 335 15.67 46.82 -18.82
CA ARG EA 335 15.83 47.43 -20.14
C ARG EA 335 15.95 48.95 -20.05
N ILE EA 336 15.80 49.52 -18.85
CA ILE EA 336 16.25 50.88 -18.58
C ILE EA 336 17.50 50.87 -17.70
N LYS EA 337 17.56 49.91 -16.78
CA LYS EA 337 18.74 49.69 -15.94
C LYS EA 337 19.40 48.35 -16.21
N ASP EA 338 18.62 47.26 -16.23
CA ASP EA 338 19.16 45.95 -16.52
C ASP EA 338 19.73 45.90 -17.93
N THR EA 339 20.90 45.29 -18.08
CA THR EA 339 21.50 45.09 -19.39
C THR EA 339 21.05 43.75 -19.95
N ASP EA 340 20.80 43.73 -21.25
CA ASP EA 340 20.62 42.43 -21.90
C ASP EA 340 21.99 41.80 -22.13
N PHE EA 341 21.98 40.52 -22.46
CA PHE EA 341 23.22 39.83 -22.79
C PHE EA 341 23.32 39.46 -24.25
N ALA EA 342 22.21 39.47 -24.99
CA ALA EA 342 22.23 39.22 -26.41
C ALA EA 342 22.99 40.31 -27.15
N LYS EA 343 22.46 41.54 -27.10
CA LYS EA 343 23.08 42.62 -27.87
C LYS EA 343 24.34 43.15 -27.20
N GLU EA 344 24.48 42.96 -25.88
CA GLU EA 344 25.66 43.45 -25.19
C GLU EA 344 26.89 42.61 -25.54
N THR EA 345 26.73 41.29 -25.59
CA THR EA 345 27.86 40.43 -25.92
C THR EA 345 28.33 40.65 -27.36
N THR EA 346 27.38 40.83 -28.29
CA THR EA 346 27.76 41.08 -29.67
C THR EA 346 28.52 42.40 -29.79
N ALA EA 347 28.09 43.43 -29.07
CA ALA EA 347 28.84 44.68 -29.07
C ALA EA 347 30.20 44.49 -28.41
N LEU EA 348 30.29 43.60 -27.43
CA LEU EA 348 31.58 43.28 -26.82
C LEU EA 348 32.50 42.62 -27.83
N THR EA 349 32.01 41.62 -28.55
CA THR EA 349 32.83 40.92 -29.53
C THR EA 349 33.24 41.85 -30.66
N LYS EA 350 32.31 42.67 -31.16
CA LYS EA 350 32.64 43.60 -32.23
C LYS EA 350 33.72 44.58 -31.78
N ALA EA 351 33.68 45.01 -30.51
CA ALA EA 351 34.71 45.91 -30.00
C ALA EA 351 36.08 45.23 -30.02
N GLN EA 352 36.13 43.95 -29.66
CA GLN EA 352 37.40 43.24 -29.67
C GLN EA 352 37.96 43.14 -31.09
N ILE EA 353 37.11 42.84 -32.06
CA ILE EA 353 37.57 42.69 -33.44
C ILE EA 353 38.03 44.03 -34.00
N LEU EA 354 37.32 45.11 -33.67
CA LEU EA 354 37.76 46.43 -34.08
C LEU EA 354 39.12 46.77 -33.48
N SER EA 355 39.31 46.45 -32.19
CA SER EA 355 40.58 46.74 -31.54
C SER EA 355 41.71 45.90 -32.14
N GLN EA 356 41.44 44.63 -32.45
CA GLN EA 356 42.47 43.79 -33.04
C GLN EA 356 42.83 44.26 -34.45
N ALA EA 357 41.83 44.65 -35.23
CA ALA EA 357 42.11 45.16 -36.57
C ALA EA 357 42.85 46.49 -36.51
N SER EA 358 42.46 47.37 -35.59
CA SER EA 358 43.14 48.65 -35.46
C SER EA 358 44.56 48.50 -34.94
N SER EA 359 44.81 47.49 -34.10
CA SER EA 359 46.16 47.23 -33.65
C SER EA 359 47.02 46.64 -34.75
N SER EA 360 46.43 45.79 -35.60
CA SER EA 360 47.19 45.15 -36.66
C SER EA 360 47.54 46.14 -37.77
N VAL EA 361 46.63 47.08 -38.06
CA VAL EA 361 46.91 48.06 -39.09
C VAL EA 361 48.00 49.03 -38.65
N LEU EA 362 48.26 49.13 -37.35
CA LEU EA 362 49.43 49.88 -36.89
C LEU EA 362 50.71 49.25 -37.43
N ALA EA 363 50.81 47.91 -37.36
CA ALA EA 363 52.00 47.23 -37.82
C ALA EA 363 52.24 47.47 -39.32
N GLN EA 364 51.18 47.68 -40.08
CA GLN EA 364 51.30 48.02 -41.49
C GLN EA 364 51.56 49.50 -41.71
N ALA EA 365 51.61 50.30 -40.64
CA ALA EA 365 51.93 51.71 -40.74
C ALA EA 365 53.30 52.06 -40.17
N LYS EA 366 53.90 51.18 -39.36
CA LYS EA 366 55.22 51.50 -38.80
C LYS EA 366 56.30 51.48 -39.86
N GLN EA 367 56.21 50.55 -40.81
CA GLN EA 367 57.24 50.41 -41.83
C GLN EA 367 57.03 51.34 -43.02
N ALA EA 368 55.97 52.14 -43.02
CA ALA EA 368 55.81 53.14 -44.07
C ALA EA 368 56.96 54.14 -44.06
N PRO EA 369 57.36 54.72 -42.94
CA PRO EA 369 58.62 55.50 -42.95
C PRO EA 369 59.85 54.65 -43.20
N ASN EA 370 59.79 53.35 -42.91
CA ASN EA 370 60.93 52.48 -43.16
C ASN EA 370 61.21 52.41 -44.66
N SER EA 371 60.16 52.30 -45.47
CA SER EA 371 60.34 52.34 -46.91
C SER EA 371 60.88 53.68 -47.37
N ALA EA 372 60.64 54.75 -46.60
CA ALA EA 372 61.17 56.06 -46.96
C ALA EA 372 62.69 56.06 -46.90
N LEU EA 373 63.28 55.43 -45.87
CA LEU EA 373 64.73 55.37 -45.79
C LEU EA 373 65.30 54.39 -46.80
N ALA EA 374 64.51 53.37 -47.17
CA ALA EA 374 65.00 52.35 -48.09
C ALA EA 374 65.36 52.91 -49.46
N LEU EA 375 64.76 54.02 -49.86
CA LEU EA 375 65.05 54.59 -51.17
C LEU EA 375 66.45 55.18 -51.21
N LEU EA 376 67.00 55.56 -50.06
CA LEU EA 376 68.36 56.08 -49.96
C LEU EA 376 69.13 55.19 -48.98
N GLY EA 377 69.97 54.32 -49.51
CA GLY EA 377 70.73 53.40 -48.69
C GLY EA 377 71.72 54.07 -47.77
N MET FA 1 72.80 59.56 -33.38
CA MET FA 1 73.20 58.58 -32.38
C MET FA 1 74.31 59.12 -31.48
N ALA FA 2 74.12 58.96 -30.17
CA ALA FA 2 75.19 59.17 -29.20
C ALA FA 2 76.03 57.90 -29.15
N VAL FA 3 76.74 57.67 -30.25
CA VAL FA 3 77.32 56.37 -30.54
C VAL FA 3 78.43 56.06 -29.54
N ASN FA 4 78.35 54.89 -28.93
CA ASN FA 4 79.38 54.32 -28.07
C ASN FA 4 79.09 52.85 -27.92
N VAL FA 5 80.13 52.06 -27.68
CA VAL FA 5 79.97 50.62 -27.67
C VAL FA 5 80.43 50.05 -26.34
N ASN FA 6 81.37 50.74 -25.68
CA ASN FA 6 81.87 50.24 -24.41
C ASN FA 6 80.86 50.42 -23.27
N THR FA 7 79.86 51.27 -23.45
CA THR FA 7 78.80 51.45 -22.47
C THR FA 7 77.47 51.52 -23.19
N ASN FA 8 76.53 50.68 -22.78
CA ASN FA 8 75.19 50.62 -23.37
C ASN FA 8 74.19 50.85 -22.23
N VAL FA 9 73.90 52.12 -21.94
CA VAL FA 9 73.02 52.44 -20.82
C VAL FA 9 71.63 51.91 -21.08
N SER FA 10 71.13 52.04 -22.32
CA SER FA 10 69.78 51.56 -22.63
C SER FA 10 69.65 50.07 -22.36
N ALA FA 11 70.72 49.31 -22.60
CA ALA FA 11 70.70 47.89 -22.28
C ALA FA 11 70.56 47.67 -20.78
N MET FA 12 71.24 48.48 -19.97
CA MET FA 12 71.18 48.29 -18.53
C MET FA 12 69.85 48.74 -17.95
N THR FA 13 69.23 49.78 -18.52
CA THR FA 13 67.94 50.23 -18.02
C THR FA 13 66.88 49.16 -18.22
N ALA FA 14 66.79 48.60 -19.44
CA ALA FA 14 65.83 47.53 -19.68
C ALA FA 14 66.18 46.30 -18.86
N GLN FA 15 67.46 46.08 -18.62
CA GLN FA 15 67.88 44.98 -17.76
C GLN FA 15 67.39 45.19 -16.34
N ARG FA 16 67.50 46.42 -15.83
CA ARG FA 16 67.11 46.70 -14.45
C ARG FA 16 65.61 46.51 -14.26
N TYR FA 17 64.81 46.97 -15.21
CA TYR FA 17 63.37 46.78 -15.10
C TYR FA 17 62.97 45.34 -15.37
N LEU FA 18 63.81 44.59 -16.09
CA LEU FA 18 63.53 43.17 -16.29
C LEU FA 18 63.57 42.42 -14.98
N THR FA 19 64.63 42.63 -14.19
CA THR FA 19 64.73 41.94 -12.90
C THR FA 19 63.68 42.44 -11.92
N SER FA 20 63.35 43.73 -11.94
CA SER FA 20 62.28 44.23 -11.10
C SER FA 20 60.94 43.63 -11.50
N ALA FA 21 60.80 43.20 -12.76
CA ALA FA 21 59.58 42.56 -13.20
C ALA FA 21 59.56 41.08 -12.87
N THR FA 22 60.69 40.39 -13.09
CA THR FA 22 60.76 38.96 -12.78
C THR FA 22 60.86 38.69 -11.30
N ASN FA 23 61.30 39.66 -10.49
CA ASN FA 23 61.26 39.48 -9.04
C ASN FA 23 59.84 39.57 -8.52
N ALA FA 24 59.08 40.58 -8.97
CA ALA FA 24 57.67 40.64 -8.63
C ALA FA 24 56.91 39.45 -9.21
N GLN FA 25 57.27 39.04 -10.43
CA GLN FA 25 56.71 37.83 -10.99
C GLN FA 25 57.07 36.61 -10.15
N GLN FA 26 58.32 36.54 -9.70
CA GLN FA 26 58.75 35.40 -8.87
C GLN FA 26 58.01 35.38 -7.55
N SER FA 27 57.67 36.55 -7.00
CA SER FA 27 56.80 36.60 -5.84
C SER FA 27 55.47 35.92 -6.13
N SER FA 28 55.01 36.01 -7.37
CA SER FA 28 53.83 35.28 -7.81
C SER FA 28 54.24 33.86 -8.23
N MET FA 29 53.24 33.08 -8.65
CA MET FA 29 53.31 31.63 -8.82
C MET FA 29 53.83 30.96 -7.55
N GLU FA 30 53.83 31.68 -6.43
CA GLU FA 30 54.04 31.08 -5.12
C GLU FA 30 53.02 31.53 -4.10
N ARG FA 31 52.40 32.70 -4.27
CA ARG FA 31 51.18 32.99 -3.54
C ARG FA 31 50.01 32.20 -4.10
N LEU FA 32 50.04 31.91 -5.41
CA LEU FA 32 48.99 31.08 -6.00
C LEU FA 32 49.14 29.62 -5.58
N SER FA 33 50.37 29.10 -5.62
CA SER FA 33 50.59 27.71 -5.25
C SER FA 33 50.30 27.48 -3.77
N SER FA 34 50.78 28.37 -2.90
CA SER FA 34 50.53 28.21 -1.48
C SER FA 34 49.11 28.61 -1.10
N GLY FA 35 48.48 29.49 -1.87
CA GLY FA 35 47.20 30.04 -1.50
C GLY FA 35 47.26 31.13 -0.46
N TYR FA 36 48.46 31.57 -0.08
CA TYR FA 36 48.64 32.58 0.94
C TYR FA 36 49.35 33.79 0.33
N LYS FA 37 48.84 34.99 0.60
CA LYS FA 37 49.50 36.20 0.13
C LYS FA 37 50.71 36.57 0.99
N ILE FA 38 50.83 36.00 2.18
CA ILE FA 38 51.98 36.24 3.05
C ILE FA 38 52.46 34.88 3.56
N ASN FA 39 53.59 34.42 3.02
CA ASN FA 39 54.23 33.20 3.48
C ASN FA 39 55.61 33.44 4.07
N SER FA 40 56.15 34.64 3.94
CA SER FA 40 57.41 35.04 4.57
C SER FA 40 57.21 36.41 5.19
N ALA FA 41 58.02 36.71 6.21
CA ALA FA 41 57.92 38.00 6.88
C ALA FA 41 58.23 39.17 5.96
N LYS FA 42 58.90 38.92 4.83
CA LYS FA 42 59.18 39.99 3.88
C LYS FA 42 57.90 40.58 3.32
N ASP FA 43 56.91 39.74 3.01
CA ASP FA 43 55.68 40.21 2.39
C ASP FA 43 54.93 41.17 3.31
N ASP FA 44 54.78 40.80 4.59
CA ASP FA 44 54.08 41.66 5.54
C ASP FA 44 54.60 41.33 6.93
N ALA FA 45 55.53 42.16 7.43
CA ALA FA 45 56.10 41.92 8.74
C ALA FA 45 55.05 42.04 9.84
N ALA FA 46 54.23 43.10 9.79
CA ALA FA 46 53.19 43.27 10.80
C ALA FA 46 52.08 42.24 10.67
N GLY FA 47 51.75 41.86 9.43
CA GLY FA 47 50.69 40.89 9.22
C GLY FA 47 51.03 39.48 9.64
N LEU FA 48 52.32 39.17 9.77
CA LEU FA 48 52.71 37.82 10.19
C LEU FA 48 52.33 37.56 11.64
N GLN FA 49 52.57 38.53 12.53
CA GLN FA 49 52.27 38.34 13.94
C GLN FA 49 50.78 38.10 14.16
N ILE FA 50 49.93 38.94 13.54
CA ILE FA 50 48.50 38.81 13.76
C ILE FA 50 47.96 37.53 13.11
N SER FA 51 48.48 37.19 11.93
CA SER FA 51 48.02 35.96 11.27
C SER FA 51 48.41 34.73 12.08
N ASN FA 52 49.64 34.68 12.61
CA ASN FA 52 50.04 33.55 13.42
C ASN FA 52 49.25 33.47 14.71
N ARG FA 53 48.96 34.63 15.32
CA ARG FA 53 48.11 34.64 16.52
C ARG FA 53 46.72 34.13 16.18
N LEU FA 54 46.20 34.49 15.01
CA LEU FA 54 44.91 33.97 14.56
C LEU FA 54 44.97 32.47 14.36
N ASN FA 55 46.06 31.96 13.78
CA ASN FA 55 46.21 30.52 13.61
C ASN FA 55 46.23 29.82 14.96
N VAL FA 56 46.94 30.39 15.93
CA VAL FA 56 46.99 29.82 17.27
C VAL FA 56 45.58 29.74 17.85
N GLN FA 57 44.80 30.80 17.69
CA GLN FA 57 43.43 30.81 18.19
C GLN FA 57 42.56 29.79 17.47
N SER FA 58 42.71 29.67 16.15
CA SER FA 58 41.87 28.74 15.39
C SER FA 58 42.16 27.30 15.77
N ARG FA 59 43.44 26.93 15.83
CA ARG FA 59 43.79 25.58 16.26
C ARG FA 59 43.40 25.36 17.72
N GLY FA 60 43.59 26.38 18.56
CA GLY FA 60 43.21 26.25 19.96
C GLY FA 60 41.72 26.02 20.14
N LEU FA 61 40.90 26.68 19.34
CA LEU FA 61 39.45 26.45 19.41
C LEU FA 61 39.09 25.07 18.90
N GLY FA 62 39.85 24.56 17.92
CA GLY FA 62 39.58 23.22 17.41
C GLY FA 62 39.75 22.16 18.48
N VAL FA 63 40.78 22.30 19.30
CA VAL FA 63 40.97 21.36 20.41
C VAL FA 63 40.12 21.78 21.61
N ALA FA 64 39.65 23.03 21.64
CA ALA FA 64 38.78 23.45 22.73
C ALA FA 64 37.43 22.77 22.65
N VAL FA 65 36.86 22.69 21.45
CA VAL FA 65 35.60 21.96 21.29
C VAL FA 65 35.82 20.47 21.53
N ARG FA 66 37.00 19.95 21.19
CA ARG FA 66 37.32 18.56 21.49
C ARG FA 66 37.37 18.33 22.99
N ASN FA 67 38.02 19.25 23.72
CA ASN FA 67 38.11 19.13 25.17
C ASN FA 67 36.73 19.17 25.81
N ALA FA 68 35.86 20.05 25.30
CA ALA FA 68 34.53 20.18 25.88
C ALA FA 68 33.59 19.07 25.40
N ASN FA 69 33.92 18.42 24.28
CA ASN FA 69 33.06 17.36 23.77
C ASN FA 69 33.11 16.13 24.66
N ASP FA 70 34.32 15.68 25.02
CA ASP FA 70 34.41 14.54 25.94
C ASP FA 70 34.22 14.99 27.38
N GLY FA 71 34.26 16.29 27.64
CA GLY FA 71 33.73 16.78 28.90
C GLY FA 71 32.25 16.53 29.02
N ILE FA 72 31.53 16.64 27.90
CA ILE FA 72 30.14 16.19 27.85
C ILE FA 72 30.08 14.68 28.06
N SER FA 73 31.05 13.96 27.53
CA SER FA 73 30.94 12.50 27.46
C SER FA 73 30.95 11.86 28.84
N MET FA 74 31.78 12.35 29.77
CA MET FA 74 31.69 11.85 31.13
C MET FA 74 30.36 12.19 31.77
N ALA FA 75 29.85 13.39 31.47
CA ALA FA 75 28.60 13.83 32.08
C ALA FA 75 27.45 12.90 31.69
N GLN FA 76 27.44 12.42 30.45
CA GLN FA 76 26.40 11.49 30.05
C GLN FA 76 26.69 10.07 30.51
N THR FA 77 27.96 9.65 30.55
CA THR FA 77 28.26 8.30 31.04
C THR FA 77 27.87 8.16 32.50
N ALA FA 78 28.21 9.16 33.32
CA ALA FA 78 27.76 9.16 34.70
C ALA FA 78 26.24 9.26 34.79
N GLU FA 79 25.63 9.99 33.84
CA GLU FA 79 24.18 10.07 33.80
C GLU FA 79 23.54 8.73 33.46
N GLY FA 80 24.23 7.92 32.65
CA GLY FA 80 23.69 6.60 32.32
C GLY FA 80 23.58 5.72 33.54
N ALA FA 81 24.65 5.66 34.34
CA ALA FA 81 24.58 4.93 35.60
C ALA FA 81 23.70 5.66 36.62
N MET FA 82 23.51 6.97 36.44
CA MET FA 82 22.63 7.71 37.33
C MET FA 82 21.21 7.18 37.24
N LYS FA 83 20.75 6.88 36.01
CA LYS FA 83 19.39 6.41 35.81
C LYS FA 83 19.15 5.07 36.51
N GLU FA 84 20.08 4.14 36.35
CA GLU FA 84 19.89 2.80 36.93
C GLU FA 84 19.97 2.85 38.45
N THR FA 85 20.85 3.70 38.99
CA THR FA 85 20.91 3.86 40.43
C THR FA 85 19.58 4.37 40.98
N THR FA 86 18.98 5.35 40.30
CA THR FA 86 17.66 5.82 40.70
C THR FA 86 16.65 4.69 40.60
N ASN FA 87 16.70 3.91 39.52
CA ASN FA 87 15.72 2.86 39.29
C ASN FA 87 15.75 1.82 40.41
N ILE FA 88 16.94 1.46 40.89
CA ILE FA 88 17.03 0.53 42.01
C ILE FA 88 16.38 1.13 43.24
N LEU FA 89 16.67 2.41 43.51
CA LEU FA 89 16.15 3.04 44.73
C LEU FA 89 14.63 3.09 44.71
N GLN FA 90 14.02 3.22 43.53
CA GLN FA 90 12.56 3.12 43.45
C GLN FA 90 12.11 1.73 43.87
N ARG FA 91 12.79 0.69 43.41
CA ARG FA 91 12.42 -0.67 43.79
C ARG FA 91 12.62 -0.89 45.28
N MET FA 92 13.72 -0.38 45.84
CA MET FA 92 13.94 -0.47 47.28
C MET FA 92 12.78 0.14 48.05
N ARG FA 93 12.38 1.36 47.67
CA ARG FA 93 11.31 2.04 48.38
C ARG FA 93 9.99 1.32 48.21
N ASP FA 94 9.68 0.85 47.01
CA ASP FA 94 8.38 0.24 46.75
C ASP FA 94 8.21 -1.05 47.55
N LEU FA 95 9.23 -1.90 47.58
CA LEU FA 95 9.09 -3.17 48.27
C LEU FA 95 9.31 -3.02 49.78
N SER FA 96 10.05 -1.99 50.21
CA SER FA 96 10.07 -1.67 51.63
C SER FA 96 8.70 -1.22 52.12
N LEU FA 97 7.98 -0.46 51.28
CA LEU FA 97 6.60 -0.12 51.59
C LEU FA 97 5.75 -1.38 51.65
N GLN FA 98 6.02 -2.33 50.76
CA GLN FA 98 5.29 -3.61 50.77
C GLN FA 98 5.52 -4.36 52.07
N SER FA 99 6.76 -4.36 52.57
CA SER FA 99 7.08 -5.03 53.81
C SER FA 99 6.59 -4.28 55.04
N ALA FA 100 6.37 -2.96 54.94
CA ALA FA 100 5.92 -2.18 56.06
C ALA FA 100 4.55 -2.60 56.57
N ASN FA 101 3.76 -3.28 55.75
CA ASN FA 101 2.48 -3.80 56.20
C ASN FA 101 2.69 -4.89 57.24
N GLY FA 102 1.72 -5.01 58.14
CA GLY FA 102 1.70 -6.09 59.10
C GLY FA 102 1.17 -7.39 58.54
N SER FA 103 0.83 -7.42 57.26
CA SER FA 103 0.25 -8.62 56.66
C SER FA 103 1.28 -9.73 56.53
N ASN FA 104 2.49 -9.39 56.07
CA ASN FA 104 3.51 -10.39 55.88
C ASN FA 104 4.15 -10.77 57.22
N SER FA 105 4.35 -12.07 57.41
CA SER FA 105 4.95 -12.57 58.64
C SER FA 105 6.46 -12.38 58.57
N LYS FA 106 7.18 -12.92 59.56
CA LYS FA 106 8.63 -12.75 59.61
C LYS FA 106 9.30 -13.42 58.40
N ALA FA 107 8.75 -14.54 57.94
CA ALA FA 107 9.38 -15.27 56.84
C ALA FA 107 9.40 -14.43 55.56
N ASP FA 108 8.30 -13.72 55.28
CA ASP FA 108 8.26 -12.89 54.08
C ASP FA 108 9.25 -11.75 54.17
N ARG FA 109 9.38 -11.12 55.33
CA ARG FA 109 10.34 -10.04 55.49
C ARG FA 109 11.78 -10.54 55.37
N VAL FA 110 12.01 -11.83 55.61
CA VAL FA 110 13.33 -12.40 55.35
C VAL FA 110 13.61 -12.38 53.85
N ALA FA 111 12.62 -12.74 53.04
CA ALA FA 111 12.77 -12.64 51.59
C ALA FA 111 12.94 -11.18 51.17
N ILE FA 112 12.25 -10.27 51.85
CA ILE FA 112 12.41 -8.85 51.58
C ILE FA 112 13.85 -8.42 51.84
N GLN FA 113 14.41 -8.84 52.97
CA GLN FA 113 15.81 -8.52 53.26
C GLN FA 113 16.74 -9.17 52.25
N GLU FA 114 16.37 -10.34 51.75
CA GLU FA 114 17.19 -11.02 50.74
C GLU FA 114 17.26 -10.20 49.47
N GLU FA 115 16.14 -9.61 49.06
CA GLU FA 115 16.15 -8.77 47.86
C GLU FA 115 16.87 -7.46 48.11
N ILE FA 116 16.68 -6.87 49.29
CA ILE FA 116 17.32 -5.59 49.60
C ILE FA 116 18.83 -5.73 49.60
N THR FA 117 19.35 -6.78 50.25
CA THR FA 117 20.80 -6.95 50.27
C THR FA 117 21.33 -7.33 48.89
N ALA FA 118 20.50 -7.93 48.04
CA ALA FA 118 20.93 -8.21 46.68
C ALA FA 118 21.05 -6.93 45.87
N LEU FA 119 20.01 -6.08 45.92
CA LEU FA 119 20.07 -4.82 45.19
C LEU FA 119 21.08 -3.87 45.80
N ASN FA 120 21.32 -3.98 47.11
CA ASN FA 120 22.32 -3.14 47.75
C ASN FA 120 23.71 -3.41 47.19
N ASP FA 121 24.03 -4.68 46.94
CA ASP FA 121 25.30 -5.02 46.31
C ASP FA 121 25.39 -4.42 44.91
N GLU FA 122 24.24 -4.27 44.24
CA GLU FA 122 24.25 -3.66 42.91
C GLU FA 122 24.66 -2.20 42.98
N LEU FA 123 24.20 -1.47 44.00
CA LEU FA 123 24.64 -0.09 44.18
C LEU FA 123 26.14 -0.03 44.41
N ASN FA 124 26.65 -0.92 45.26
CA ASN FA 124 28.08 -0.94 45.52
C ASN FA 124 28.88 -1.51 44.35
N ARG FA 125 28.20 -2.07 43.35
CA ARG FA 125 28.90 -2.55 42.17
C ARG FA 125 28.91 -1.51 41.06
N VAL FA 126 27.76 -0.88 40.81
CA VAL FA 126 27.68 0.15 39.78
C VAL FA 126 28.54 1.35 40.15
N ALA FA 127 28.73 1.60 41.45
CA ALA FA 127 29.60 2.69 41.87
C ALA FA 127 31.06 2.42 41.54
N GLU FA 128 31.41 1.17 41.23
CA GLU FA 128 32.78 0.81 40.85
C GLU FA 128 32.90 0.38 39.40
N THR FA 129 31.82 -0.08 38.78
CA THR FA 129 31.86 -0.55 37.40
C THR FA 129 31.97 0.60 36.40
N THR FA 130 31.26 1.70 36.63
CA THR FA 130 31.32 2.85 35.74
C THR FA 130 32.75 3.38 35.66
N SER FA 131 33.40 3.18 34.53
CA SER FA 131 34.84 3.42 34.42
C SER FA 131 35.19 4.51 33.42
N PHE FA 132 34.65 4.46 32.21
CA PHE FA 132 35.04 5.37 31.13
C PHE FA 132 36.54 5.27 30.85
N GLY FA 133 36.93 4.09 30.38
CA GLY FA 133 38.30 3.85 29.96
C GLY FA 133 39.32 3.95 31.07
N GLY FA 134 39.08 3.24 32.17
CA GLY FA 134 40.06 3.15 33.24
C GLY FA 134 39.89 4.16 34.37
N ASN FA 135 39.04 5.17 34.20
CA ASN FA 135 38.75 6.09 35.28
C ASN FA 135 37.70 5.45 36.19
N LYS FA 136 37.16 6.23 37.14
CA LYS FA 136 36.15 5.73 38.06
C LYS FA 136 35.21 6.89 38.38
N LEU FA 137 34.09 6.96 37.66
CA LEU FA 137 33.22 8.12 37.76
C LEU FA 137 32.57 8.22 39.14
N LEU FA 138 31.95 7.14 39.61
CA LEU FA 138 31.10 7.20 40.79
C LEU FA 138 31.75 6.62 42.04
N ASN FA 139 33.01 6.18 41.97
CA ASN FA 139 33.68 5.65 43.14
C ASN FA 139 34.02 6.71 44.17
N GLY FA 140 34.00 7.98 43.78
CA GLY FA 140 34.43 9.05 44.65
C GLY FA 140 35.89 9.42 44.52
N THR FA 141 36.70 8.54 43.93
CA THR FA 141 38.08 8.90 43.62
C THR FA 141 38.16 9.96 42.54
N PHE FA 142 37.11 10.10 41.74
CA PHE FA 142 37.05 11.15 40.73
C PHE FA 142 36.82 12.48 41.42
N ALA FA 143 37.90 13.18 41.72
CA ALA FA 143 37.81 14.49 42.36
C ALA FA 143 37.47 15.54 41.30
N THR FA 144 37.58 16.81 41.68
CA THR FA 144 37.28 17.89 40.74
C THR FA 144 38.29 17.87 39.61
N LYS FA 145 37.80 17.69 38.38
CA LYS FA 145 38.63 17.70 37.19
C LYS FA 145 38.23 18.88 36.32
N SER FA 146 39.21 19.69 35.94
CA SER FA 146 38.96 20.91 35.18
C SER FA 146 39.12 20.64 33.69
N PHE FA 147 38.11 21.03 32.91
CA PHE FA 147 38.14 20.89 31.47
C PHE FA 147 38.49 22.23 30.83
N GLN FA 148 39.64 22.29 30.18
CA GLN FA 148 40.10 23.49 29.50
C GLN FA 148 39.26 23.67 28.24
N ILE FA 149 38.31 24.61 28.27
CA ILE FA 149 37.37 24.78 27.18
C ILE FA 149 37.58 26.13 26.50
N GLY FA 150 38.81 26.64 26.57
CA GLY FA 150 39.12 27.91 25.97
C GLY FA 150 40.29 27.80 24.99
N ALA FA 151 40.35 28.78 24.09
CA ALA FA 151 41.46 28.82 23.13
C ALA FA 151 42.79 29.01 23.84
N ASP FA 152 42.83 29.87 24.84
CA ASP FA 152 44.02 30.09 25.64
C ASP FA 152 43.96 29.24 26.90
N ASN FA 153 44.89 29.48 27.82
CA ASN FA 153 44.97 28.72 29.06
C ASN FA 153 44.26 29.45 30.19
N GLY FA 154 43.87 28.68 31.20
CA GLY FA 154 43.17 29.21 32.35
C GLY FA 154 41.67 29.34 32.18
N GLU FA 155 41.15 29.06 30.99
CA GLU FA 155 39.71 29.13 30.75
C GLU FA 155 39.08 27.75 30.89
N ALA FA 156 39.16 27.22 32.10
CA ALA FA 156 38.68 25.88 32.41
C ALA FA 156 37.44 25.93 33.28
N VAL FA 157 36.78 24.78 33.39
CA VAL FA 157 35.61 24.61 34.25
C VAL FA 157 35.70 23.23 34.89
N MET FA 158 35.70 23.19 36.22
CA MET FA 158 35.80 21.91 36.92
C MET FA 158 34.44 21.24 37.00
N LEU FA 159 34.47 19.91 36.99
CA LEU FA 159 33.29 19.09 37.18
C LEU FA 159 33.57 18.11 38.31
N ASN FA 160 32.65 18.03 39.27
CA ASN FA 160 32.82 17.17 40.43
C ASN FA 160 31.70 16.14 40.45
N ILE FA 161 32.08 14.87 40.55
CA ILE FA 161 31.12 13.77 40.67
C ILE FA 161 31.28 13.17 42.06
N LYS FA 162 30.25 13.30 42.88
CA LYS FA 162 30.33 12.87 44.26
C LYS FA 162 30.28 11.35 44.36
N ASP FA 163 30.89 10.82 45.42
CA ASP FA 163 30.87 9.39 45.68
C ASP FA 163 29.43 8.92 45.88
N MET FA 164 29.10 7.79 45.27
CA MET FA 164 27.73 7.28 45.34
C MET FA 164 27.68 5.81 45.75
N ARG FA 165 28.62 5.37 46.58
CA ARG FA 165 28.44 4.09 47.23
C ARG FA 165 27.28 4.17 48.20
N SER FA 166 26.61 3.04 48.42
CA SER FA 166 25.41 3.04 49.23
C SER FA 166 25.66 3.41 50.68
N ASP FA 167 26.92 3.44 51.12
CA ASP FA 167 27.27 3.82 52.48
C ASP FA 167 27.62 5.29 52.61
N ASN FA 168 27.43 6.07 51.55
CA ASN FA 168 27.79 7.49 51.58
C ASN FA 168 26.99 8.22 52.64
N ALA FA 169 27.65 9.18 53.32
CA ALA FA 169 27.02 9.89 54.41
C ALA FA 169 25.82 10.70 53.94
N LEU FA 170 25.95 11.39 52.81
CA LEU FA 170 24.85 12.21 52.31
C LEU FA 170 23.69 11.37 51.79
N MET FA 171 23.91 10.09 51.50
CA MET FA 171 22.84 9.25 50.99
C MET FA 171 21.94 8.70 52.07
N GLY FA 172 22.29 8.92 53.34
CA GLY FA 172 21.45 8.48 54.44
C GLY FA 172 20.99 9.63 55.31
N GLY FA 173 21.02 9.44 56.62
CA GLY FA 173 20.65 10.51 57.53
C GLY FA 173 20.56 10.00 58.96
N LYS FA 174 20.26 10.93 59.86
CA LYS FA 174 20.08 10.63 61.27
C LYS FA 174 18.71 10.01 61.52
N THR FA 175 18.60 9.31 62.65
CA THR FA 175 17.33 8.74 63.07
C THR FA 175 17.23 8.79 64.59
N TYR FA 176 16.00 8.81 65.09
CA TYR FA 176 15.74 8.92 66.52
C TYR FA 176 14.65 7.94 66.91
N GLN FA 177 14.73 7.42 68.13
CA GLN FA 177 13.82 6.40 68.62
C GLN FA 177 13.27 6.81 69.97
N ALA FA 178 11.95 6.63 70.16
CA ALA FA 178 11.35 6.90 71.45
C ALA FA 178 11.72 5.81 72.45
N ALA FA 179 12.01 6.21 73.68
CA ALA FA 179 12.44 5.26 74.70
C ALA FA 179 11.30 4.33 75.10
N ASN FA 180 10.10 4.88 75.31
CA ASN FA 180 8.96 4.11 75.78
C ASN FA 180 7.88 4.10 74.69
N GLY FA 181 7.35 2.91 74.42
CA GLY FA 181 6.28 2.79 73.44
C GLY FA 181 4.92 3.07 74.04
N LYS FA 182 3.97 3.37 73.15
CA LYS FA 182 2.58 3.64 73.53
C LYS FA 182 1.68 2.64 72.82
N ASP FA 183 0.83 1.96 73.59
CA ASP FA 183 -0.04 0.94 73.04
C ASP FA 183 -1.20 1.58 72.29
N LYS FA 184 -2.10 0.73 71.77
CA LYS FA 184 -3.22 1.22 70.99
C LYS FA 184 -4.17 2.05 71.83
N ASN FA 185 -4.46 1.60 73.05
CA ASN FA 185 -5.39 2.33 73.91
C ASN FA 185 -4.88 3.70 74.31
N TRP FA 186 -3.58 3.94 74.23
CA TRP FA 186 -3.03 5.23 74.60
C TRP FA 186 -3.43 6.31 73.61
N GLY FA 187 -3.64 7.51 74.12
CA GLY FA 187 -3.92 8.66 73.27
C GLY FA 187 -3.26 9.90 73.85
N VAL FA 188 -3.16 10.92 73.00
CA VAL FA 188 -2.55 12.17 73.43
C VAL FA 188 -3.49 12.86 74.41
N GLU FA 189 -2.99 13.16 75.60
CA GLU FA 189 -3.81 13.77 76.63
C GLU FA 189 -3.64 15.29 76.63
N ALA FA 190 -4.63 15.97 77.19
CA ALA FA 190 -4.62 17.42 77.22
C ALA FA 190 -3.49 17.95 78.11
N GLY FA 191 -2.91 19.07 77.69
CA GLY FA 191 -1.81 19.67 78.41
C GLY FA 191 -0.46 19.05 78.14
N LYS FA 192 -0.39 18.03 77.29
CA LYS FA 192 0.86 17.36 76.96
C LYS FA 192 0.95 17.10 75.47
N THR FA 193 0.50 18.06 74.66
CA THR FA 193 0.50 17.94 73.22
C THR FA 193 1.54 18.80 72.53
N ASP FA 194 2.38 19.50 73.29
CA ASP FA 194 3.40 20.37 72.70
C ASP FA 194 4.64 19.58 72.36
N LEU FA 195 5.12 19.73 71.13
CA LEU FA 195 6.31 19.04 70.63
C LEU FA 195 7.10 20.01 69.78
N THR FA 196 8.10 20.66 70.36
CA THR FA 196 8.92 21.63 69.66
C THR FA 196 10.26 20.99 69.34
N ILE FA 197 10.64 21.03 68.07
CA ILE FA 197 11.89 20.46 67.59
C ILE FA 197 12.80 21.60 67.15
N THR FA 198 13.91 21.77 67.84
CA THR FA 198 14.94 22.71 67.43
C THR FA 198 15.83 22.02 66.41
N LEU FA 199 16.17 22.73 65.34
CA LEU FA 199 16.78 22.10 64.18
C LEU FA 199 17.87 22.98 63.62
N LYS FA 200 18.87 22.35 63.02
CA LYS FA 200 19.90 23.03 62.25
C LYS FA 200 19.80 22.65 60.79
N ASP FA 201 19.89 23.65 59.91
CA ASP FA 201 19.66 23.44 58.49
C ASP FA 201 20.84 23.97 57.69
N LYS FA 202 21.12 23.31 56.57
CA LYS FA 202 22.20 23.77 55.68
C LYS FA 202 21.89 25.16 55.14
N ARG FA 203 20.65 25.39 54.71
CA ARG FA 203 20.19 26.70 54.30
C ARG FA 203 19.10 27.17 55.27
N GLU FA 204 19.06 28.47 55.52
CA GLU FA 204 18.22 29.09 56.54
C GLU FA 204 18.20 28.25 57.82
N GLY FA 205 19.39 28.08 58.38
CA GLY FA 205 19.56 27.25 59.56
C GLY FA 205 18.85 27.82 60.78
N ASP FA 206 18.86 27.01 61.85
CA ASP FA 206 18.21 27.34 63.11
C ASP FA 206 16.71 27.60 62.91
N VAL FA 207 16.02 26.54 62.50
CA VAL FA 207 14.57 26.56 62.29
C VAL FA 207 13.93 25.78 63.43
N THR FA 208 12.92 26.39 64.06
CA THR FA 208 12.18 25.76 65.14
C THR FA 208 10.80 25.37 64.63
N ILE FA 209 10.48 24.08 64.75
CA ILE FA 209 9.20 23.55 64.31
C ILE FA 209 8.39 23.20 65.55
N SER FA 210 7.25 23.86 65.72
CA SER FA 210 6.36 23.61 66.83
C SER FA 210 5.15 22.81 66.35
N ILE FA 211 4.89 21.69 67.01
CA ILE FA 211 3.82 20.78 66.62
C ILE FA 211 2.88 20.61 67.81
N ASN FA 212 1.60 20.83 67.58
CA ASN FA 212 0.56 20.66 68.59
C ASN FA 212 -0.35 19.51 68.12
N ALA FA 213 -0.06 18.31 68.59
CA ALA FA 213 -0.86 17.15 68.22
C ALA FA 213 -2.27 17.27 68.77
N LYS FA 214 -3.25 16.85 67.96
CA LYS FA 214 -4.64 16.94 68.37
C LYS FA 214 -4.91 15.99 69.54
N GLU FA 215 -5.69 16.47 70.50
CA GLU FA 215 -5.98 15.68 71.68
C GLU FA 215 -6.85 14.47 71.31
N GLY FA 216 -6.51 13.32 71.88
CA GLY FA 216 -7.24 12.09 71.64
C GLY FA 216 -6.72 11.25 70.50
N ASP FA 217 -5.81 11.78 69.69
CA ASP FA 217 -5.22 10.99 68.61
C ASP FA 217 -4.37 9.88 69.19
N ASP FA 218 -4.47 8.69 68.58
CA ASP FA 218 -3.68 7.56 69.05
C ASP FA 218 -2.23 7.71 68.59
N ILE FA 219 -1.41 6.69 68.85
CA ILE FA 219 0.01 6.81 68.58
C ILE FA 219 0.29 6.85 67.08
N GLU FA 220 -0.45 6.06 66.30
CA GLU FA 220 -0.17 5.98 64.87
C GLU FA 220 -0.61 7.25 64.15
N GLU FA 221 -1.78 7.77 64.47
CA GLU FA 221 -2.25 9.01 63.85
C GLU FA 221 -1.40 10.20 64.23
N LEU FA 222 -0.72 10.14 65.38
CA LEU FA 222 0.23 11.20 65.72
C LEU FA 222 1.37 11.25 64.71
N ALA FA 223 1.87 10.09 64.29
CA ALA FA 223 2.96 10.05 63.33
C ALA FA 223 2.52 10.66 62.00
N THR FA 224 1.29 10.39 61.57
CA THR FA 224 0.79 10.98 60.33
C THR FA 224 0.72 12.49 60.43
N TYR FA 225 0.31 13.01 61.60
CA TYR FA 225 0.22 14.45 61.77
C TYR FA 225 1.58 15.11 61.64
N ILE FA 226 2.61 14.50 62.24
CA ILE FA 226 3.95 15.08 62.15
C ILE FA 226 4.44 15.10 60.71
N ASN FA 227 4.18 14.04 59.97
CA ASN FA 227 4.60 13.99 58.57
C ASN FA 227 3.95 15.10 57.75
N GLY FA 228 2.65 15.33 57.96
CA GLY FA 228 1.96 16.35 57.20
C GLY FA 228 2.39 17.76 57.55
N GLN FA 229 2.63 18.01 58.84
CA GLN FA 229 2.91 19.37 59.28
C GLN FA 229 4.22 19.90 58.71
N THR FA 230 5.26 19.07 58.66
CA THR FA 230 6.55 19.51 58.17
C THR FA 230 7.14 18.47 57.24
N ASP FA 231 7.85 18.93 56.21
CA ASP FA 231 8.53 18.07 55.26
C ASP FA 231 9.99 17.84 55.64
N MET FA 232 10.49 18.48 56.69
CA MET FA 232 11.86 18.30 57.14
C MET FA 232 12.02 17.11 58.07
N ILE FA 233 10.94 16.42 58.41
CA ILE FA 233 10.95 15.38 59.42
C ILE FA 233 10.03 14.25 58.98
N LYS FA 234 10.48 13.01 59.18
CA LYS FA 234 9.70 11.83 58.87
C LYS FA 234 9.47 11.03 60.15
N ALA FA 235 8.21 10.67 60.41
CA ALA FA 235 7.86 9.99 61.65
C ALA FA 235 7.09 8.71 61.34
N SER FA 236 7.21 7.73 62.22
CA SER FA 236 6.55 6.45 62.05
C SER FA 236 6.51 5.74 63.40
N VAL FA 237 5.82 4.60 63.42
CA VAL FA 237 5.71 3.75 64.61
C VAL FA 237 6.19 2.37 64.24
N ASP FA 238 7.05 1.78 65.07
CA ASP FA 238 7.75 0.55 64.67
C ASP FA 238 7.02 -0.72 65.12
N GLU FA 239 6.94 -0.96 66.43
CA GLU FA 239 6.23 -2.14 66.92
C GLU FA 239 5.42 -1.91 68.18
N GLU FA 240 5.67 -0.86 68.95
CA GLU FA 240 5.01 -0.68 70.24
C GLU FA 240 4.62 0.77 70.51
N GLY FA 241 4.77 1.67 69.55
CA GLY FA 241 4.50 3.07 69.76
C GLY FA 241 5.72 3.96 69.78
N LYS FA 242 6.91 3.39 69.68
CA LYS FA 242 8.14 4.17 69.69
C LYS FA 242 8.27 4.92 68.37
N LEU FA 243 8.30 6.25 68.43
CA LEU FA 243 8.40 7.05 67.22
C LEU FA 243 9.77 6.88 66.58
N GLN FA 244 9.78 6.57 65.29
CA GLN FA 244 11.02 6.46 64.52
C GLN FA 244 11.19 7.74 63.72
N LEU FA 245 11.72 8.76 64.38
CA LEU FA 245 12.00 10.02 63.72
C LEU FA 245 13.14 9.83 62.72
N PHE FA 246 13.05 10.56 61.61
CA PHE FA 246 14.09 10.51 60.59
C PHE FA 246 14.53 11.93 60.25
N THR FA 247 15.77 12.04 59.80
CA THR FA 247 16.39 13.34 59.57
C THR FA 247 17.34 13.21 58.38
N ASP FA 248 17.01 13.85 57.27
CA ASP FA 248 17.81 13.71 56.06
C ASP FA 248 19.13 14.45 56.27
N ASN FA 249 20.23 13.77 55.97
CA ASN FA 249 21.55 14.28 56.33
C ASN FA 249 21.92 15.53 55.54
N ASN FA 250 21.57 15.58 54.26
CA ASN FA 250 22.15 16.62 53.39
C ASN FA 250 21.53 17.99 53.61
N ARG FA 251 20.48 18.11 54.43
CA ARG FA 251 19.87 19.41 54.66
C ARG FA 251 19.56 19.71 56.12
N ILE FA 252 19.68 18.75 57.04
CA ILE FA 252 19.47 19.02 58.46
C ILE FA 252 20.77 18.67 59.18
N ASP FA 253 21.90 19.00 58.55
CA ASP FA 253 23.21 18.78 59.16
C ASP FA 253 23.21 19.18 60.63
N GLY FA 254 23.87 18.38 61.45
CA GLY FA 254 23.86 18.58 62.88
C GLY FA 254 22.76 17.80 63.58
N ALA FA 255 22.85 17.78 64.91
CA ALA FA 255 21.89 17.04 65.72
C ALA FA 255 20.57 17.80 65.81
N ALA FA 256 19.52 17.06 66.18
CA ALA FA 256 18.19 17.62 66.40
C ALA FA 256 17.81 17.44 67.86
N THR FA 257 17.37 18.52 68.49
CA THR FA 257 17.00 18.50 69.90
C THR FA 257 15.49 18.52 70.04
N PHE FA 258 14.98 17.70 70.96
CA PHE FA 258 13.55 17.57 71.19
C PHE FA 258 13.15 18.31 72.46
N GLY FA 259 11.96 18.91 72.42
CA GLY FA 259 11.45 19.64 73.57
C GLY FA 259 9.94 19.63 73.59
N GLY FA 260 9.39 20.11 74.69
CA GLY FA 260 7.96 20.15 74.89
C GLY FA 260 7.47 19.05 75.82
N ALA FA 261 6.21 19.20 76.22
CA ALA FA 261 5.61 18.23 77.13
C ALA FA 261 5.47 16.86 76.48
N LEU FA 262 5.10 16.82 75.20
CA LEU FA 262 4.97 15.54 74.52
C LEU FA 262 6.32 14.84 74.37
N ALA FA 263 7.38 15.62 74.14
CA ALA FA 263 8.71 15.03 74.02
C ALA FA 263 9.11 14.33 75.31
N GLY FA 264 8.86 14.96 76.46
CA GLY FA 264 9.12 14.31 77.73
C GLY FA 264 8.22 13.11 77.96
N GLU FA 265 6.98 13.18 77.47
CA GLU FA 265 6.07 12.04 77.60
C GLU FA 265 6.61 10.83 76.84
N LEU FA 266 7.16 11.04 75.66
CA LEU FA 266 7.84 9.99 74.91
C LEU FA 266 9.31 9.98 75.32
N GLY FA 267 10.12 9.26 74.55
CA GLY FA 267 11.56 9.23 74.78
C GLY FA 267 12.27 10.11 73.75
N ILE FA 268 13.24 10.88 74.23
CA ILE FA 268 13.98 11.78 73.34
C ILE FA 268 14.81 10.97 72.35
N GLY FA 269 15.56 9.99 72.84
CA GLY FA 269 16.38 9.16 71.99
C GLY FA 269 17.64 9.86 71.50
N ALA FA 270 18.62 9.07 71.06
CA ALA FA 270 19.86 9.60 70.53
C ALA FA 270 19.84 9.58 69.00
N ALA FA 271 20.85 10.22 68.41
CA ALA FA 271 20.97 10.30 66.96
C ALA FA 271 21.81 9.12 66.47
N GLN FA 272 21.20 8.25 65.67
CA GLN FA 272 21.88 7.13 65.06
C GLN FA 272 22.06 7.40 63.57
N ASP FA 273 23.30 7.25 63.09
CA ASP FA 273 23.61 7.47 61.69
C ASP FA 273 23.28 6.20 60.91
N VAL FA 274 22.37 6.31 59.95
CA VAL FA 274 21.99 5.19 59.11
C VAL FA 274 22.02 5.61 57.65
N THR FA 275 22.52 4.72 56.79
CA THR FA 275 22.56 4.97 55.36
C THR FA 275 21.89 3.83 54.63
N VAL FA 276 21.98 3.82 53.29
CA VAL FA 276 21.38 2.74 52.52
C VAL FA 276 22.11 1.42 52.76
N ASP FA 277 23.43 1.48 52.90
CA ASP FA 277 24.19 0.26 53.19
C ASP FA 277 23.79 -0.34 54.52
N THR FA 278 23.68 0.48 55.56
CA THR FA 278 23.24 0.01 56.86
C THR FA 278 21.74 -0.25 56.90
N LEU FA 279 21.01 0.14 55.86
CA LEU FA 279 19.57 -0.07 55.82
C LEU FA 279 19.25 -1.55 55.70
N ASP FA 280 18.35 -2.02 56.56
CA ASP FA 280 17.84 -3.38 56.45
C ASP FA 280 16.39 -3.40 56.88
N VAL FA 281 15.64 -4.36 56.34
CA VAL FA 281 14.23 -4.49 56.66
C VAL FA 281 13.92 -5.95 56.95
N THR FA 282 13.86 -6.29 58.23
CA THR FA 282 13.45 -7.61 58.69
C THR FA 282 12.25 -7.55 59.62
N THR FA 283 11.99 -6.41 60.24
CA THR FA 283 10.81 -6.18 61.04
C THR FA 283 10.05 -4.98 60.48
N VAL FA 284 8.81 -4.82 60.93
CA VAL FA 284 7.96 -3.76 60.40
C VAL FA 284 8.57 -2.39 60.67
N GLY FA 285 9.21 -2.23 61.83
CA GLY FA 285 9.86 -0.97 62.12
C GLY FA 285 10.98 -0.63 61.17
N GLY FA 286 11.80 -1.62 60.83
CA GLY FA 286 12.87 -1.39 59.87
C GLY FA 286 12.34 -0.96 58.52
N ALA FA 287 11.18 -1.48 58.12
CA ALA FA 287 10.59 -1.10 56.85
C ALA FA 287 10.18 0.37 56.84
N GLN FA 288 9.59 0.85 57.93
CA GLN FA 288 9.21 2.26 58.01
C GLN FA 288 10.43 3.17 57.95
N GLU FA 289 11.51 2.78 58.65
CA GLU FA 289 12.74 3.56 58.58
C GLU FA 289 13.37 3.51 57.20
N SER FA 290 13.33 2.34 56.55
CA SER FA 290 14.04 2.16 55.29
C SER FA 290 13.46 3.03 54.18
N VAL FA 291 12.14 3.09 54.07
CA VAL FA 291 11.52 3.89 53.02
C VAL FA 291 11.84 5.36 53.20
N ALA FA 292 11.89 5.83 54.45
CA ALA FA 292 12.31 7.21 54.70
C ALA FA 292 13.76 7.42 54.29
N ILE FA 293 14.62 6.44 54.58
CA ILE FA 293 16.03 6.56 54.18
C ILE FA 293 16.15 6.61 52.66
N VAL FA 294 15.38 5.78 51.96
CA VAL FA 294 15.46 5.73 50.51
C VAL FA 294 15.06 7.07 49.90
N ASP FA 295 14.03 7.72 50.44
CA ASP FA 295 13.63 9.02 49.91
C ASP FA 295 14.74 10.05 50.07
N ALA FA 296 15.47 10.00 51.18
CA ALA FA 296 16.64 10.85 51.34
C ALA FA 296 17.69 10.53 50.29
N ALA FA 297 17.87 9.24 49.99
CA ALA FA 297 18.82 8.85 48.95
C ALA FA 297 18.37 9.35 47.59
N LEU FA 298 17.07 9.22 47.28
CA LEU FA 298 16.58 9.60 45.96
C LEU FA 298 16.72 11.09 45.71
N LYS FA 299 16.43 11.90 46.73
CA LYS FA 299 16.61 13.34 46.58
C LYS FA 299 18.06 13.71 46.32
N TYR FA 300 18.98 13.06 47.05
CA TYR FA 300 20.40 13.33 46.84
C TYR FA 300 20.85 12.87 45.46
N VAL FA 301 20.37 11.71 45.01
CA VAL FA 301 20.74 11.22 43.68
C VAL FA 301 20.23 12.17 42.62
N ASP FA 302 18.96 12.59 42.73
CA ASP FA 302 18.38 13.48 41.74
C ASP FA 302 19.11 14.83 41.73
N SER FA 303 19.44 15.35 42.91
CA SER FA 303 20.14 16.63 42.97
C SER FA 303 21.50 16.52 42.28
N HIS FA 304 22.19 15.40 42.46
CA HIS FA 304 23.44 15.19 41.74
C HIS FA 304 23.20 15.08 40.24
N ARG FA 305 22.08 14.48 39.85
CA ARG FA 305 21.72 14.41 38.43
C ARG FA 305 21.48 15.80 37.85
N ALA FA 306 20.79 16.66 38.61
CA ALA FA 306 20.53 18.01 38.13
C ALA FA 306 21.82 18.80 37.98
N GLU FA 307 22.75 18.65 38.92
CA GLU FA 307 24.04 19.32 38.80
C GLU FA 307 24.79 18.85 37.57
N LEU FA 308 24.75 17.54 37.30
CA LEU FA 308 25.41 17.02 36.11
C LEU FA 308 24.69 17.47 34.84
N GLY FA 309 23.36 17.57 34.89
CA GLY FA 309 22.61 18.02 33.73
C GLY FA 309 22.89 19.47 33.40
N ALA FA 310 22.95 20.33 34.42
CA ALA FA 310 23.30 21.73 34.20
C ALA FA 310 24.71 21.84 33.63
N PHE FA 311 25.60 20.96 34.05
CA PHE FA 311 26.94 20.93 33.48
C PHE FA 311 26.89 20.60 31.99
N GLN FA 312 26.02 19.66 31.60
CA GLN FA 312 25.87 19.36 30.18
C GLN FA 312 25.31 20.54 29.41
N ASN FA 313 24.32 21.24 29.98
CA ASN FA 313 23.74 22.40 29.32
C ASN FA 313 24.73 23.53 29.14
N ARG FA 314 25.65 23.73 30.10
CA ARG FA 314 26.69 24.74 29.92
C ARG FA 314 27.56 24.42 28.72
N PHE FA 315 27.95 23.15 28.58
CA PHE FA 315 28.86 22.79 27.49
C PHE FA 315 28.15 22.74 26.15
N ASN FA 316 26.85 22.46 26.15
CA ASN FA 316 26.10 22.51 24.90
C ASN FA 316 26.08 23.92 24.33
N HIS FA 317 25.90 24.93 25.20
CA HIS FA 317 26.05 26.30 24.76
C HIS FA 317 27.51 26.70 24.56
N ALA FA 318 28.44 25.92 25.11
CA ALA FA 318 29.85 26.21 24.88
C ALA FA 318 30.28 25.80 23.47
N ILE FA 319 29.84 24.63 23.01
CA ILE FA 319 30.30 24.12 21.71
C ILE FA 319 29.97 25.09 20.60
N ASN FA 320 28.72 25.53 20.53
CA ASN FA 320 28.34 26.50 19.51
C ASN FA 320 28.84 27.91 19.81
N ASN FA 321 29.33 28.15 21.03
CA ASN FA 321 30.00 29.41 21.31
C ASN FA 321 31.39 29.42 20.68
N LEU FA 322 32.25 28.47 21.06
CA LEU FA 322 33.56 28.39 20.42
C LEU FA 322 33.44 28.13 18.93
N ASP FA 323 32.33 27.54 18.49
CA ASP FA 323 32.12 27.34 17.05
C ASP FA 323 31.98 28.69 16.34
N ASN FA 324 31.22 29.61 16.94
CA ASN FA 324 31.04 30.92 16.31
C ASN FA 324 32.33 31.71 16.26
N ILE FA 325 33.10 31.73 17.36
CA ILE FA 325 34.38 32.40 17.34
C ILE FA 325 35.34 31.73 16.37
N ASN FA 326 35.39 30.39 16.37
CA ASN FA 326 36.27 29.69 15.45
C ASN FA 326 35.93 30.00 14.00
N GLU FA 327 34.63 30.06 13.69
CA GLU FA 327 34.19 30.42 12.35
C GLU FA 327 34.63 31.83 11.98
N ASN FA 328 34.46 32.77 12.91
CA ASN FA 328 34.75 34.18 12.61
C ASN FA 328 36.24 34.47 12.61
N VAL FA 329 37.02 33.86 13.49
CA VAL FA 329 38.46 34.06 13.47
C VAL FA 329 39.08 33.44 12.23
N ASN FA 330 38.47 32.37 11.69
CA ASN FA 330 38.91 31.84 10.42
C ASN FA 330 38.57 32.82 9.29
N ALA FA 331 37.43 33.50 9.39
CA ALA FA 331 37.12 34.56 8.43
C ALA FA 331 38.13 35.69 8.53
N SER FA 332 38.51 36.07 9.77
CA SER FA 332 39.57 37.06 9.94
C SER FA 332 40.91 36.53 9.47
N LYS FA 333 41.12 35.22 9.50
CA LYS FA 333 42.31 34.59 8.94
C LYS FA 333 42.15 34.40 7.43
N SER FA 334 41.75 35.48 6.77
CA SER FA 334 41.61 35.53 5.32
C SER FA 334 41.58 37.00 4.93
N ARG FA 335 42.27 37.33 3.85
CA ARG FA 335 42.59 38.69 3.41
C ARG FA 335 43.60 39.34 4.35
N ILE FA 336 43.94 38.70 5.46
CA ILE FA 336 45.15 39.03 6.21
C ILE FA 336 46.26 38.03 5.95
N LYS FA 337 45.92 36.76 5.66
CA LYS FA 337 46.88 35.74 5.28
C LYS FA 337 46.58 35.15 3.91
N ASP FA 338 45.33 34.79 3.65
CA ASP FA 338 44.98 34.13 2.40
C ASP FA 338 45.02 35.12 1.25
N THR FA 339 45.53 34.65 0.10
CA THR FA 339 45.52 35.46 -1.10
C THR FA 339 44.23 35.23 -1.88
N ASP FA 340 43.80 36.24 -2.61
CA ASP FA 340 42.67 36.13 -3.51
C ASP FA 340 43.20 35.89 -4.92
N PHE FA 341 42.76 34.79 -5.54
CA PHE FA 341 43.28 34.43 -6.85
C PHE FA 341 42.91 35.44 -7.92
N ALA FA 342 41.92 36.29 -7.67
CA ALA FA 342 41.53 37.29 -8.66
C ALA FA 342 42.67 38.26 -8.93
N LYS FA 343 43.07 39.02 -7.90
CA LYS FA 343 44.10 40.03 -8.11
C LYS FA 343 45.49 39.43 -8.16
N GLU FA 344 45.67 38.25 -7.56
CA GLU FA 344 46.98 37.60 -7.61
C GLU FA 344 47.31 37.17 -9.03
N THR FA 345 46.32 36.61 -9.74
CA THR FA 345 46.58 36.15 -11.10
C THR FA 345 46.79 37.33 -12.05
N THR FA 346 46.00 38.40 -11.89
CA THR FA 346 46.18 39.57 -12.74
C THR FA 346 47.54 40.22 -12.51
N ALA FA 347 47.99 40.26 -11.24
CA ALA FA 347 49.34 40.75 -10.98
C ALA FA 347 50.39 39.85 -11.62
N LEU FA 348 50.15 38.53 -11.62
CA LEU FA 348 51.06 37.62 -12.28
C LEU FA 348 51.09 37.87 -13.79
N THR FA 349 49.91 38.05 -14.40
CA THR FA 349 49.84 38.28 -15.84
C THR FA 349 50.53 39.59 -16.20
N LYS FA 350 50.24 40.65 -15.45
CA LYS FA 350 50.86 41.95 -15.72
C LYS FA 350 52.38 41.85 -15.65
N ALA FA 351 52.90 41.04 -14.73
CA ALA FA 351 54.34 40.82 -14.67
C ALA FA 351 54.85 40.04 -15.87
N GLN FA 352 54.05 39.11 -16.39
CA GLN FA 352 54.49 38.32 -17.54
C GLN FA 352 54.66 39.19 -18.77
N ILE FA 353 53.71 40.09 -19.03
CA ILE FA 353 53.88 41.03 -20.14
C ILE FA 353 55.01 42.02 -19.85
N LEU FA 354 55.15 42.45 -18.60
CA LEU FA 354 56.22 43.38 -18.26
C LEU FA 354 57.59 42.76 -18.53
N SER FA 355 57.78 41.50 -18.14
CA SER FA 355 59.04 40.83 -18.40
C SER FA 355 59.22 40.56 -19.89
N GLN FA 356 58.14 40.18 -20.58
CA GLN FA 356 58.22 39.93 -22.02
C GLN FA 356 58.59 41.20 -22.78
N ALA FA 357 57.99 42.33 -22.39
CA ALA FA 357 58.29 43.59 -23.07
C ALA FA 357 59.75 43.99 -22.84
N SER FA 358 60.22 43.89 -21.59
CA SER FA 358 61.59 44.30 -21.30
C SER FA 358 62.60 43.44 -22.04
N SER FA 359 62.35 42.13 -22.12
CA SER FA 359 63.25 41.26 -22.86
C SER FA 359 63.29 41.62 -24.34
N SER FA 360 62.15 41.96 -24.93
CA SER FA 360 62.14 42.40 -26.32
C SER FA 360 62.86 43.73 -26.49
N VAL FA 361 62.86 44.57 -25.45
CA VAL FA 361 63.63 45.81 -25.51
C VAL FA 361 65.12 45.52 -25.57
N LEU FA 362 65.58 44.49 -24.85
CA LEU FA 362 66.98 44.09 -24.96
C LEU FA 362 67.35 43.75 -26.39
N ALA FA 363 66.42 43.14 -27.14
CA ALA FA 363 66.69 42.84 -28.54
C ALA FA 363 66.95 44.11 -29.33
N GLN FA 364 66.14 45.15 -29.15
CA GLN FA 364 66.32 46.41 -29.85
C GLN FA 364 67.40 47.28 -29.23
N ALA FA 365 67.91 46.90 -28.05
CA ALA FA 365 69.02 47.61 -27.42
C ALA FA 365 70.37 46.96 -27.69
N LYS FA 366 70.41 45.65 -27.93
CA LYS FA 366 71.64 45.00 -28.34
C LYS FA 366 71.96 45.29 -29.80
N GLN FA 367 70.96 45.69 -30.58
CA GLN FA 367 71.21 46.09 -31.96
C GLN FA 367 71.68 47.53 -32.08
N ALA FA 368 71.69 48.29 -30.99
CA ALA FA 368 72.29 49.62 -31.02
C ALA FA 368 73.78 49.60 -31.32
N PRO FA 369 74.61 48.77 -30.65
CA PRO FA 369 76.05 48.79 -30.97
C PRO FA 369 76.39 48.42 -32.40
N ASN FA 370 75.68 47.47 -33.01
CA ASN FA 370 76.00 47.09 -34.40
C ASN FA 370 75.79 48.27 -35.35
N SER FA 371 74.63 48.91 -35.27
CA SER FA 371 74.41 50.13 -36.06
C SER FA 371 75.37 51.22 -35.64
N ALA FA 372 75.76 51.24 -34.36
CA ALA FA 372 76.74 52.22 -33.89
C ALA FA 372 78.09 52.02 -34.56
N LEU FA 373 78.42 50.79 -34.90
CA LEU FA 373 79.69 50.51 -35.58
C LEU FA 373 79.57 50.69 -37.09
N ALA FA 374 78.36 50.57 -37.64
CA ALA FA 374 78.18 50.41 -39.07
C ALA FA 374 78.61 51.62 -39.90
N LEU FA 375 78.76 52.80 -39.28
CA LEU FA 375 79.07 53.98 -40.08
C LEU FA 375 80.45 53.88 -40.70
N LEU FA 376 81.34 53.09 -40.11
CA LEU FA 376 82.70 52.93 -40.57
C LEU FA 376 83.04 51.46 -40.66
N GLY FA 377 83.86 51.10 -41.64
CA GLY FA 377 84.35 49.74 -41.76
C GLY FA 377 85.17 49.34 -40.55
N MET GA 1 17.33 40.16 -28.19
CA MET GA 1 17.53 41.37 -27.41
C MET GA 1 17.51 41.09 -25.91
N ALA GA 2 16.35 41.33 -25.30
CA ALA GA 2 16.24 41.43 -23.84
C ALA GA 2 16.26 40.04 -23.21
N VAL GA 3 17.46 39.60 -22.82
CA VAL GA 3 17.62 38.49 -21.89
C VAL GA 3 18.63 38.94 -20.84
N ASN GA 4 18.27 38.80 -19.57
CA ASN GA 4 19.05 39.39 -18.50
C ASN GA 4 19.00 38.52 -17.26
N VAL GA 5 19.95 38.76 -16.36
CA VAL GA 5 20.11 37.92 -15.18
C VAL GA 5 19.85 38.66 -13.87
N ASN GA 6 19.87 39.99 -13.85
CA ASN GA 6 19.66 40.71 -12.59
C ASN GA 6 18.21 40.71 -12.17
N THR GA 7 17.29 40.76 -13.13
CA THR GA 7 15.86 40.77 -12.85
C THR GA 7 15.20 39.58 -13.52
N ASN GA 8 14.47 38.79 -12.73
CA ASN GA 8 13.78 37.60 -13.21
C ASN GA 8 12.29 37.82 -13.01
N VAL GA 9 11.64 38.45 -13.99
CA VAL GA 9 10.23 38.75 -13.87
C VAL GA 9 9.40 37.48 -13.86
N SER GA 10 9.82 36.47 -14.62
CA SER GA 10 9.10 35.20 -14.62
C SER GA 10 9.16 34.53 -13.25
N ALA GA 11 10.29 34.69 -12.55
CA ALA GA 11 10.38 34.13 -11.21
C ALA GA 11 9.37 34.78 -10.27
N MET GA 12 9.35 36.11 -10.22
CA MET GA 12 8.45 36.80 -9.31
C MET GA 12 6.99 36.66 -9.72
N THR GA 13 6.72 36.54 -11.01
CA THR GA 13 5.34 36.33 -11.43
C THR GA 13 4.85 34.95 -11.01
N ALA GA 14 5.78 34.03 -10.74
CA ALA GA 14 5.42 32.79 -10.10
C ALA GA 14 5.55 32.89 -8.58
N GLN GA 15 6.23 33.94 -8.09
CA GLN GA 15 6.34 34.16 -6.66
C GLN GA 15 5.05 34.74 -6.09
N ARG GA 16 4.39 35.63 -6.81
CA ARG GA 16 3.10 36.14 -6.37
C ARG GA 16 2.10 35.00 -6.29
N TYR GA 17 2.10 34.11 -7.29
CA TYR GA 17 1.25 32.93 -7.24
C TYR GA 17 1.79 31.90 -6.26
N LEU GA 18 3.09 31.99 -5.93
CA LEU GA 18 3.69 31.11 -4.94
C LEU GA 18 3.05 31.32 -3.58
N THR GA 19 2.96 32.58 -3.14
CA THR GA 19 2.36 32.86 -1.85
C THR GA 19 0.84 32.93 -1.97
N SER GA 20 0.31 33.04 -3.18
CA SER GA 20 -1.13 33.22 -3.34
C SER GA 20 -1.91 31.97 -2.97
N ALA GA 21 -1.35 30.79 -3.21
CA ALA GA 21 -2.08 29.56 -2.92
C ALA GA 21 -2.11 29.23 -1.44
N THR GA 22 -1.22 29.80 -0.63
CA THR GA 22 -1.22 29.48 0.80
C THR GA 22 -2.35 30.20 1.53
N ASN GA 23 -2.65 31.44 1.13
CA ASN GA 23 -3.76 32.12 1.79
C ASN GA 23 -5.08 31.40 1.57
N ALA GA 24 -5.12 30.41 0.68
CA ALA GA 24 -6.24 29.49 0.54
C ALA GA 24 -5.93 28.09 1.04
N GLN GA 25 -4.70 27.61 0.86
CA GLN GA 25 -4.35 26.27 1.30
C GLN GA 25 -4.17 26.22 2.82
N GLN GA 26 -3.46 27.20 3.39
CA GLN GA 26 -3.38 27.31 4.84
C GLN GA 26 -4.73 27.61 5.45
N SER GA 27 -5.56 28.40 4.76
CA SER GA 27 -6.94 28.58 5.18
C SER GA 27 -7.69 27.26 5.16
N SER GA 28 -7.49 26.46 4.12
CA SER GA 28 -7.92 25.07 4.14
C SER GA 28 -7.02 24.28 5.07
N MET GA 29 -7.27 22.97 5.17
CA MET GA 29 -6.58 22.06 6.09
C MET GA 29 -6.57 22.58 7.52
N GLU GA 30 -7.42 23.56 7.81
CA GLU GA 30 -7.65 24.03 9.17
C GLU GA 30 -9.16 24.08 9.40
N ARG GA 31 -9.92 24.24 8.31
CA ARG GA 31 -11.36 24.07 8.39
C ARG GA 31 -11.74 22.60 8.52
N LEU GA 32 -10.93 21.71 7.94
CA LEU GA 32 -11.15 20.28 8.13
C LEU GA 32 -10.85 19.87 9.57
N SER GA 33 -9.76 20.40 10.14
CA SER GA 33 -9.42 20.06 11.51
C SER GA 33 -10.40 20.69 12.51
N SER GA 34 -10.78 21.95 12.26
CA SER GA 34 -11.70 22.61 13.16
C SER GA 34 -13.10 22.03 13.06
N GLY GA 35 -13.51 21.62 11.87
CA GLY GA 35 -14.87 21.21 11.63
C GLY GA 35 -15.81 22.33 11.26
N TYR GA 36 -15.33 23.57 11.23
CA TYR GA 36 -16.13 24.73 10.85
C TYR GA 36 -15.45 25.44 9.68
N LYS GA 37 -16.24 25.82 8.68
CA LYS GA 37 -15.70 26.58 7.56
C LYS GA 37 -15.34 28.01 7.92
N ILE GA 38 -15.91 28.54 9.00
CA ILE GA 38 -15.57 29.87 9.49
C ILE GA 38 -15.19 29.76 10.95
N ASN GA 39 -13.94 30.06 11.27
CA ASN GA 39 -13.46 30.09 12.64
C ASN GA 39 -12.94 31.46 13.03
N SER GA 40 -12.77 32.37 12.09
CA SER GA 40 -12.37 33.75 12.37
C SER GA 40 -13.25 34.67 11.53
N ALA GA 41 -13.34 35.93 11.96
CA ALA GA 41 -14.16 36.90 11.25
C ALA GA 41 -13.63 37.20 9.86
N LYS GA 42 -12.39 36.81 9.54
CA LYS GA 42 -11.86 37.03 8.20
C LYS GA 42 -12.67 36.26 7.16
N ASP GA 43 -13.09 35.04 7.49
CA ASP GA 43 -13.86 34.25 6.52
C ASP GA 43 -15.21 34.90 6.22
N ASP GA 44 -15.95 35.28 7.27
CA ASP GA 44 -17.27 35.88 7.07
C ASP GA 44 -17.57 36.75 8.29
N ALA GA 45 -17.44 38.07 8.12
CA ALA GA 45 -17.76 38.98 9.21
C ALA GA 45 -19.23 38.88 9.59
N ALA GA 46 -20.12 38.84 8.58
CA ALA GA 46 -21.54 38.67 8.87
C ALA GA 46 -21.84 37.26 9.35
N GLY GA 47 -21.14 36.26 8.79
CA GLY GA 47 -21.37 34.89 9.18
C GLY GA 47 -21.02 34.63 10.64
N LEU GA 48 -19.99 35.28 11.15
CA LEU GA 48 -19.61 35.09 12.55
C LEU GA 48 -20.71 35.58 13.48
N GLN GA 49 -21.28 36.75 13.20
CA GLN GA 49 -22.30 37.30 14.08
C GLN GA 49 -23.53 36.42 14.13
N ILE GA 50 -24.04 36.01 12.96
CA ILE GA 50 -25.25 35.21 12.92
C ILE GA 50 -25.00 33.83 13.51
N SER GA 51 -23.81 33.27 13.28
CA SER GA 51 -23.49 31.96 13.83
C SER GA 51 -23.42 32.01 15.36
N ASN GA 52 -22.80 33.06 15.90
CA ASN GA 52 -22.72 33.18 17.36
C ASN GA 52 -24.09 33.36 17.98
N ARG GA 53 -24.94 34.19 17.39
CA ARG GA 53 -26.29 34.37 17.92
C ARG GA 53 -27.09 33.06 17.84
N LEU GA 54 -26.90 32.30 16.77
CA LEU GA 54 -27.52 30.99 16.69
C LEU GA 54 -26.94 30.06 17.75
N ASN GA 55 -25.64 30.18 18.02
CA ASN GA 55 -24.99 29.31 19.00
C ASN GA 55 -25.51 29.60 20.41
N VAL GA 56 -25.59 30.88 20.79
CA VAL GA 56 -26.04 31.23 22.13
C VAL GA 56 -27.50 30.83 22.31
N GLN GA 57 -28.28 30.85 21.23
CA GLN GA 57 -29.64 30.33 21.31
C GLN GA 57 -29.64 28.82 21.54
N SER GA 58 -28.75 28.10 20.86
CA SER GA 58 -28.69 26.65 21.01
C SER GA 58 -28.32 26.26 22.43
N ARG GA 59 -27.28 26.90 22.99
CA ARG GA 59 -26.92 26.64 24.37
C ARG GA 59 -28.02 27.08 25.33
N GLY GA 60 -28.65 28.22 25.04
CA GLY GA 60 -29.75 28.67 25.87
C GLY GA 60 -30.90 27.68 25.90
N LEU GA 61 -31.21 27.09 24.75
CA LEU GA 61 -32.23 26.04 24.71
C LEU GA 61 -31.77 24.80 25.46
N GLY GA 62 -30.48 24.50 25.41
CA GLY GA 62 -29.97 23.33 26.11
C GLY GA 62 -30.17 23.43 27.62
N VAL GA 63 -29.93 24.62 28.18
CA VAL GA 63 -30.17 24.78 29.61
C VAL GA 63 -31.64 25.04 29.88
N ALA GA 64 -32.39 25.49 28.87
CA ALA GA 64 -33.82 25.74 29.07
C ALA GA 64 -34.58 24.45 29.29
N VAL GA 65 -34.26 23.41 28.52
CA VAL GA 65 -34.92 22.12 28.72
C VAL GA 65 -34.54 21.53 30.07
N ARG GA 66 -33.31 21.80 30.52
CA ARG GA 66 -32.93 21.38 31.87
C ARG GA 66 -33.76 22.11 32.93
N ASN GA 67 -34.00 23.41 32.71
CA ASN GA 67 -34.78 24.19 33.67
C ASN GA 67 -36.23 23.70 33.71
N ALA GA 68 -36.83 23.48 32.54
CA ALA GA 68 -38.22 23.05 32.49
C ALA GA 68 -38.38 21.63 33.03
N ASN GA 69 -37.43 20.74 32.76
CA ASN GA 69 -37.48 19.41 33.35
C ASN GA 69 -37.35 19.48 34.87
N ASP GA 70 -36.44 20.31 35.36
CA ASP GA 70 -36.29 20.47 36.81
C ASP GA 70 -37.57 21.05 37.41
N GLY GA 71 -38.16 22.04 36.75
CA GLY GA 71 -39.43 22.56 37.21
C GLY GA 71 -40.52 21.50 37.20
N ILE GA 72 -40.45 20.56 36.25
CA ILE GA 72 -41.38 19.44 36.25
C ILE GA 72 -41.19 18.58 37.48
N SER GA 73 -39.93 18.36 37.88
CA SER GA 73 -39.67 17.46 39.01
C SER GA 73 -40.27 17.99 40.30
N MET GA 74 -40.18 19.30 40.53
CA MET GA 74 -40.83 19.87 41.70
C MET GA 74 -42.34 19.83 41.58
N ALA GA 75 -42.86 19.94 40.36
CA ALA GA 75 -44.30 19.80 40.17
C ALA GA 75 -44.77 18.41 40.52
N GLN GA 76 -44.02 17.38 40.13
CA GLN GA 76 -44.44 16.01 40.41
C GLN GA 76 -44.14 15.61 41.85
N THR GA 77 -43.07 16.12 42.44
CA THR GA 77 -42.77 15.77 43.83
C THR GA 77 -43.68 16.48 44.81
N ALA GA 78 -44.16 17.68 44.47
CA ALA GA 78 -45.25 18.27 45.23
C ALA GA 78 -46.52 17.44 45.07
N GLU GA 79 -46.78 16.96 43.85
CA GLU GA 79 -47.92 16.08 43.62
C GLU GA 79 -47.80 14.78 44.41
N GLY GA 80 -46.57 14.37 44.71
CA GLY GA 80 -46.40 13.16 45.51
C GLY GA 80 -47.02 13.27 46.87
N ALA GA 81 -46.76 14.39 47.55
CA ALA GA 81 -47.39 14.61 48.86
C ALA GA 81 -48.88 14.90 48.72
N MET GA 82 -49.30 15.43 47.56
CA MET GA 82 -50.72 15.64 47.32
C MET GA 82 -51.49 14.33 47.36
N LYS GA 83 -50.94 13.28 46.75
CA LYS GA 83 -51.62 11.99 46.76
C LYS GA 83 -51.77 11.47 48.19
N GLU GA 84 -50.75 11.65 49.02
CA GLU GA 84 -50.82 11.15 50.38
C GLU GA 84 -51.78 11.97 51.23
N THR GA 85 -51.76 13.30 51.08
CA THR GA 85 -52.68 14.13 51.84
C THR GA 85 -54.13 13.81 51.50
N THR GA 86 -54.41 13.64 50.21
CA THR GA 86 -55.76 13.28 49.78
C THR GA 86 -56.21 11.98 50.44
N ASN GA 87 -55.29 11.02 50.57
CA ASN GA 87 -55.60 9.78 51.26
C ASN GA 87 -55.92 10.03 52.73
N ILE GA 88 -55.20 10.96 53.36
CA ILE GA 88 -55.44 11.24 54.78
C ILE GA 88 -56.84 11.79 55.00
N LEU GA 89 -57.26 12.74 54.15
CA LEU GA 89 -58.60 13.29 54.29
C LEU GA 89 -59.67 12.25 54.00
N GLN GA 90 -59.46 11.38 53.01
CA GLN GA 90 -60.45 10.34 52.75
C GLN GA 90 -60.63 9.44 53.95
N ARG GA 91 -59.52 9.06 54.59
CA ARG GA 91 -59.63 8.24 55.80
C ARG GA 91 -60.34 9.01 56.91
N MET GA 92 -60.03 10.30 57.06
CA MET GA 92 -60.69 11.11 58.07
C MET GA 92 -62.19 11.19 57.82
N ARG GA 93 -62.60 11.46 56.58
CA ARG GA 93 -64.01 11.57 56.25
C ARG GA 93 -64.72 10.24 56.44
N ASP GA 94 -64.10 9.14 56.01
CA ASP GA 94 -64.74 7.83 56.09
C ASP GA 94 -65.03 7.44 57.54
N LEU GA 95 -64.08 7.69 58.44
CA LEU GA 95 -64.28 7.31 59.83
C LEU GA 95 -65.05 8.39 60.61
N SER GA 96 -65.19 9.58 60.04
CA SER GA 96 -66.09 10.57 60.65
C SER GA 96 -67.54 10.13 60.56
N LEU GA 97 -67.92 9.53 59.42
CA LEU GA 97 -69.26 8.98 59.29
C LEU GA 97 -69.50 7.86 60.30
N GLN GA 98 -68.48 7.06 60.56
CA GLN GA 98 -68.59 5.98 61.53
C GLN GA 98 -68.90 6.53 62.92
N SER GA 99 -68.21 7.61 63.31
CA SER GA 99 -68.44 8.20 64.62
C SER GA 99 -69.79 8.89 64.71
N ALA GA 100 -70.30 9.39 63.58
CA ALA GA 100 -71.60 10.05 63.59
C ALA GA 100 -72.74 9.09 63.91
N ASN GA 101 -72.52 7.79 63.73
CA ASN GA 101 -73.55 6.81 64.04
C ASN GA 101 -73.91 6.88 65.52
N GLY GA 102 -75.21 6.77 65.81
CA GLY GA 102 -75.66 6.85 67.18
C GLY GA 102 -75.50 5.61 68.01
N SER GA 103 -74.98 4.53 67.42
CA SER GA 103 -74.83 3.28 68.15
C SER GA 103 -73.67 3.34 69.14
N ASN GA 104 -72.57 3.97 68.76
CA ASN GA 104 -71.40 4.00 69.63
C ASN GA 104 -71.62 4.97 70.79
N SER GA 105 -70.90 4.72 71.88
CA SER GA 105 -70.98 5.54 73.07
C SER GA 105 -69.83 6.55 73.09
N LYS GA 106 -69.74 7.32 74.18
CA LYS GA 106 -68.71 8.35 74.27
C LYS GA 106 -67.31 7.75 74.26
N ALA GA 107 -67.12 6.60 74.91
CA ALA GA 107 -65.80 5.99 74.96
C ALA GA 107 -65.31 5.62 73.57
N ASP GA 108 -66.19 5.08 72.72
CA ASP GA 108 -65.81 4.76 71.35
C ASP GA 108 -65.44 6.02 70.58
N ARG GA 109 -66.20 7.10 70.76
CA ARG GA 109 -65.89 8.35 70.08
C ARG GA 109 -64.55 8.93 70.54
N VAL GA 110 -64.17 8.68 71.80
CA VAL GA 110 -62.88 9.15 72.28
C VAL GA 110 -61.76 8.44 71.54
N ALA GA 111 -61.88 7.12 71.36
CA ALA GA 111 -60.88 6.38 70.60
C ALA GA 111 -60.85 6.85 69.15
N ILE GA 112 -62.02 7.14 68.58
CA ILE GA 112 -62.09 7.67 67.22
C ILE GA 112 -61.38 9.01 67.14
N GLN GA 113 -61.60 9.88 68.13
CA GLN GA 113 -60.94 11.18 68.16
C GLN GA 113 -59.42 11.01 68.25
N GLU GA 114 -58.96 10.03 69.02
CA GLU GA 114 -57.51 9.80 69.13
C GLU GA 114 -56.92 9.46 67.78
N GLU GA 115 -57.62 8.65 66.98
CA GLU GA 115 -57.17 8.37 65.62
C GLU GA 115 -57.22 9.63 64.76
N ILE GA 116 -58.24 10.47 64.97
CA ILE GA 116 -58.36 11.70 64.20
C ILE GA 116 -57.18 12.63 64.46
N THR GA 117 -56.88 12.86 65.73
CA THR GA 117 -55.81 13.81 66.06
C THR GA 117 -54.44 13.24 65.76
N ALA GA 118 -54.32 11.91 65.63
CA ALA GA 118 -53.07 11.33 65.17
C ALA GA 118 -52.85 11.63 63.69
N LEU GA 119 -53.89 11.43 62.87
CA LEU GA 119 -53.79 11.77 61.47
C LEU GA 119 -53.62 13.27 61.26
N ASN GA 120 -54.17 14.09 62.16
CA ASN GA 120 -54.03 15.53 62.05
C ASN GA 120 -52.58 15.95 62.16
N ASP GA 121 -51.84 15.37 63.10
CA ASP GA 121 -50.41 15.66 63.19
C ASP GA 121 -49.68 15.16 61.96
N GLU GA 122 -50.20 14.09 61.33
CA GLU GA 122 -49.59 13.59 60.10
C GLU GA 122 -49.74 14.58 58.96
N LEU GA 123 -50.91 15.21 58.85
CA LEU GA 123 -51.11 16.22 57.81
C LEU GA 123 -50.17 17.40 58.00
N ASN GA 124 -49.99 17.84 59.25
CA ASN GA 124 -49.09 18.95 59.50
C ASN GA 124 -47.65 18.56 59.26
N ARG GA 125 -47.26 17.33 59.60
CA ARG GA 125 -45.87 16.92 59.43
C ARG GA 125 -45.49 16.86 57.96
N VAL GA 126 -46.35 16.24 57.13
CA VAL GA 126 -46.02 16.12 55.71
C VAL GA 126 -45.96 17.49 55.06
N ALA GA 127 -46.70 18.46 55.58
CA ALA GA 127 -46.61 19.83 55.05
C ALA GA 127 -45.22 20.41 55.29
N GLU GA 128 -44.62 20.11 56.44
CA GLU GA 128 -43.30 20.63 56.78
C GLU GA 128 -42.17 19.65 56.47
N THR GA 129 -42.48 18.50 55.88
CA THR GA 129 -41.45 17.52 55.57
C THR GA 129 -41.03 17.54 54.11
N THR GA 130 -41.99 17.70 53.20
CA THR GA 130 -41.69 17.76 51.78
C THR GA 130 -40.71 18.89 51.50
N SER GA 131 -39.49 18.55 51.11
CA SER GA 131 -38.39 19.51 51.07
C SER GA 131 -37.84 19.76 49.68
N PHE GA 132 -37.45 18.71 48.96
CA PHE GA 132 -36.72 18.84 47.69
C PHE GA 132 -35.43 19.65 47.90
N GLY GA 133 -34.52 19.04 48.65
CA GLY GA 133 -33.20 19.60 48.84
C GLY GA 133 -33.17 20.89 49.63
N GLY GA 134 -33.82 20.91 50.79
CA GLY GA 134 -33.76 22.04 51.68
C GLY GA 134 -34.83 23.09 51.47
N ASN GA 135 -35.61 22.99 50.40
CA ASN GA 135 -36.73 23.90 50.20
C ASN GA 135 -37.89 23.44 51.07
N LYS GA 136 -39.04 24.12 50.94
CA LYS GA 136 -40.24 23.76 51.68
C LYS GA 136 -41.42 23.92 50.72
N LEU GA 137 -41.88 22.81 50.15
CA LEU GA 137 -42.86 22.88 49.07
C LEU GA 137 -44.24 23.22 49.61
N LEU GA 138 -44.73 22.45 50.57
CA LEU GA 138 -46.09 22.61 51.07
C LEU GA 138 -46.16 23.38 52.38
N ASN GA 139 -45.03 23.84 52.93
CA ASN GA 139 -45.06 24.61 54.16
C ASN GA 139 -45.72 25.97 53.99
N GLY GA 140 -45.86 26.45 52.76
CA GLY GA 140 -46.35 27.78 52.50
C GLY GA 140 -45.27 28.83 52.35
N THR GA 141 -44.05 28.55 52.79
CA THR GA 141 -42.93 29.46 52.56
C THR GA 141 -42.54 29.52 51.10
N PHE GA 142 -42.97 28.54 50.29
CA PHE GA 142 -42.70 28.55 48.87
C PHE GA 142 -43.55 29.62 48.18
N ALA GA 143 -42.98 30.80 48.01
CA ALA GA 143 -43.70 31.90 47.37
C ALA GA 143 -43.71 31.68 45.86
N THR GA 144 -44.16 32.69 45.11
CA THR GA 144 -44.21 32.59 43.65
C THR GA 144 -42.79 32.49 43.11
N LYS GA 145 -42.43 31.32 42.62
CA LYS GA 145 -41.11 31.08 42.04
C LYS GA 145 -41.26 30.91 40.53
N SER GA 146 -40.56 31.74 39.77
CA SER GA 146 -40.66 31.75 38.32
C SER GA 146 -39.53 30.93 37.72
N PHE GA 147 -39.86 30.05 36.79
CA PHE GA 147 -38.89 29.19 36.13
C PHE GA 147 -38.63 29.68 34.72
N GLN GA 148 -37.36 29.95 34.41
CA GLN GA 148 -36.96 30.45 33.11
C GLN GA 148 -36.90 29.28 32.13
N ILE GA 149 -37.82 29.25 31.16
CA ILE GA 149 -37.91 28.15 30.22
C ILE GA 149 -37.76 28.65 28.80
N GLY GA 150 -36.98 29.71 28.61
CA GLY GA 150 -36.78 30.27 27.30
C GLY GA 150 -35.31 30.49 27.00
N ALA GA 151 -35.03 30.67 25.70
CA ALA GA 151 -33.66 30.94 25.27
C ALA GA 151 -33.16 32.25 25.84
N ASP GA 152 -33.99 33.28 25.82
CA ASP GA 152 -33.64 34.59 26.34
C ASP GA 152 -34.36 34.82 27.67
N ASN GA 153 -34.05 35.96 28.29
CA ASN GA 153 -34.64 36.29 29.57
C ASN GA 153 -36.05 36.86 29.40
N GLY GA 154 -36.79 36.87 30.50
CA GLY GA 154 -38.13 37.43 30.53
C GLY GA 154 -39.24 36.45 30.23
N GLU GA 155 -38.94 35.34 29.57
CA GLU GA 155 -39.95 34.34 29.25
C GLU GA 155 -39.92 33.19 30.27
N ALA GA 156 -40.48 33.49 31.44
CA ALA GA 156 -40.59 32.54 32.53
C ALA GA 156 -42.05 32.34 32.92
N VAL GA 157 -42.30 31.29 33.68
CA VAL GA 157 -43.63 30.95 34.15
C VAL GA 157 -43.59 30.85 35.68
N MET GA 158 -44.50 31.56 36.34
CA MET GA 158 -44.55 31.55 37.79
C MET GA 158 -45.30 30.33 38.30
N LEU GA 159 -44.83 29.80 39.43
CA LEU GA 159 -45.48 28.67 40.08
C LEU GA 159 -45.65 28.98 41.56
N ASN GA 160 -46.85 28.76 42.08
CA ASN GA 160 -47.14 28.97 43.48
C ASN GA 160 -47.72 27.69 44.07
N ILE GA 161 -47.16 27.25 45.19
CA ILE GA 161 -47.65 26.08 45.91
C ILE GA 161 -48.23 26.58 47.22
N LYS GA 162 -49.55 26.49 47.35
CA LYS GA 162 -50.24 27.08 48.50
C LYS GA 162 -49.95 26.28 49.77
N ASP GA 163 -50.02 26.98 50.90
CA ASP GA 163 -49.82 26.35 52.19
C ASP GA 163 -50.92 25.33 52.46
N MET GA 164 -50.53 24.16 52.93
CA MET GA 164 -51.47 23.09 53.25
C MET GA 164 -51.21 22.51 54.63
N ARG GA 165 -50.87 23.35 55.58
CA ARG GA 165 -51.01 22.96 56.97
C ARG GA 165 -52.49 22.79 57.29
N SER GA 166 -52.79 21.85 58.18
CA SER GA 166 -54.19 21.53 58.47
C SER GA 166 -54.96 22.72 59.03
N ASP GA 167 -54.27 23.72 59.55
CA ASP GA 167 -54.91 24.89 60.14
C ASP GA 167 -55.11 26.03 59.15
N ASN GA 168 -54.79 25.81 57.87
CA ASN GA 168 -54.95 26.87 56.89
C ASN GA 168 -56.42 27.27 56.75
N ALA GA 169 -56.65 28.57 56.55
CA ALA GA 169 -58.02 29.07 56.47
C ALA GA 169 -58.74 28.49 55.26
N LEU GA 170 -58.04 28.35 54.14
CA LEU GA 170 -58.65 27.82 52.92
C LEU GA 170 -59.08 26.36 53.08
N MET GA 171 -58.46 25.63 54.01
CA MET GA 171 -58.76 24.22 54.19
C MET GA 171 -60.05 23.97 54.98
N GLY GA 172 -60.61 25.01 55.59
CA GLY GA 172 -61.83 24.84 56.36
C GLY GA 172 -62.99 25.68 55.84
N GLY GA 173 -63.69 26.34 56.75
CA GLY GA 173 -64.81 27.17 56.36
C GLY GA 173 -65.53 27.71 57.58
N LYS GA 174 -66.63 28.41 57.30
CA LYS GA 174 -67.45 28.97 58.35
C LYS GA 174 -68.57 28.01 58.74
N THR GA 175 -69.11 28.19 59.94
CA THR GA 175 -70.17 27.35 60.44
C THR GA 175 -71.14 28.17 61.29
N TYR GA 176 -72.37 27.68 61.40
CA TYR GA 176 -73.41 28.33 62.17
C TYR GA 176 -74.17 27.29 62.96
N GLN GA 177 -74.64 27.68 64.15
CA GLN GA 177 -75.37 26.78 65.03
C GLN GA 177 -76.70 27.41 65.41
N ALA GA 178 -77.77 26.64 65.28
CA ALA GA 178 -79.08 27.12 65.72
C ALA GA 178 -79.09 27.25 67.23
N ALA GA 179 -79.60 28.39 67.72
CA ALA GA 179 -79.58 28.66 69.16
C ALA GA 179 -80.44 27.66 69.93
N ASN GA 180 -81.62 27.35 69.41
CA ASN GA 180 -82.59 26.50 70.09
C ASN GA 180 -82.82 25.24 69.28
N GLY GA 181 -82.70 24.08 69.93
CA GLY GA 181 -82.93 22.81 69.27
C GLY GA 181 -84.38 22.38 69.31
N LYS GA 182 -84.75 21.55 68.34
CA LYS GA 182 -86.12 21.06 68.19
C LYS GA 182 -86.14 19.56 68.44
N ASP GA 183 -87.08 19.11 69.27
CA ASP GA 183 -87.12 17.72 69.69
C ASP GA 183 -87.53 16.81 68.54
N LYS GA 184 -87.56 15.51 68.81
CA LYS GA 184 -87.93 14.53 67.79
C LYS GA 184 -89.38 14.71 67.34
N ASN GA 185 -90.28 14.98 68.28
CA ASN GA 185 -91.68 15.11 67.93
C ASN GA 185 -91.96 16.36 67.11
N TRP GA 186 -91.05 17.34 67.12
CA TRP GA 186 -91.28 18.58 66.39
C TRP GA 186 -91.28 18.35 64.89
N GLY GA 187 -92.12 19.10 64.19
CA GLY GA 187 -92.12 19.08 62.73
C GLY GA 187 -92.30 20.49 62.19
N VAL GA 188 -92.04 20.62 60.89
CA VAL GA 188 -92.16 21.92 60.24
C VAL GA 188 -93.65 22.30 60.18
N GLU GA 189 -94.01 23.39 60.85
CA GLU GA 189 -95.38 23.85 60.87
C GLU GA 189 -95.67 24.70 59.63
N ALA GA 190 -96.95 24.73 59.26
CA ALA GA 190 -97.38 25.47 58.08
C ALA GA 190 -97.21 26.97 58.28
N GLY GA 191 -96.84 27.66 57.20
CA GLY GA 191 -96.68 29.10 57.21
C GLY GA 191 -95.33 29.58 57.67
N LYS GA 192 -94.45 28.69 58.11
CA LYS GA 192 -93.11 29.07 58.58
C LYS GA 192 -92.08 28.11 57.99
N THR GA 193 -92.20 27.85 56.69
CA THR GA 193 -91.30 26.92 56.01
C THR GA 193 -90.33 27.60 55.06
N ASP GA 194 -90.47 28.90 54.83
CA ASP GA 194 -89.56 29.60 53.93
C ASP GA 194 -88.26 29.95 54.64
N LEU GA 195 -87.15 29.78 53.93
CA LEU GA 195 -85.82 30.01 54.50
C LEU GA 195 -84.92 30.50 53.38
N THR GA 196 -84.60 31.79 53.39
CA THR GA 196 -83.80 32.41 52.34
C THR GA 196 -82.41 32.74 52.90
N ILE GA 197 -81.37 32.35 52.17
CA ILE GA 197 -79.99 32.56 52.58
C ILE GA 197 -79.33 33.47 51.56
N THR GA 198 -78.74 34.57 52.04
CA THR GA 198 -77.97 35.47 51.20
C THR GA 198 -76.50 35.09 51.30
N LEU GA 199 -75.89 34.79 50.15
CA LEU GA 199 -74.56 34.22 50.10
C LEU GA 199 -73.67 35.05 49.19
N LYS GA 200 -72.42 35.23 49.61
CA LYS GA 200 -71.40 35.83 48.77
C LYS GA 200 -70.48 34.73 48.25
N ASP GA 201 -70.30 34.69 46.94
CA ASP GA 201 -69.51 33.66 46.29
C ASP GA 201 -68.29 34.30 45.62
N LYS GA 202 -67.20 33.54 45.60
CA LYS GA 202 -65.97 34.01 44.95
C LYS GA 202 -66.22 34.28 43.47
N ARG GA 203 -66.96 33.38 42.80
CA ARG GA 203 -67.39 33.58 41.43
C ARG GA 203 -68.91 33.63 41.38
N GLU GA 204 -69.43 34.33 40.38
CA GLU GA 204 -70.82 34.83 40.31
C GLU GA 204 -71.40 35.00 41.73
N GLY GA 205 -70.82 35.96 42.44
CA GLY GA 205 -71.21 36.22 43.81
C GLY GA 205 -72.60 36.81 43.92
N ASP GA 206 -72.99 37.04 45.17
CA ASP GA 206 -74.29 37.60 45.54
C ASP GA 206 -75.44 36.74 45.01
N VAL GA 207 -75.51 35.52 45.51
CA VAL GA 207 -76.57 34.59 45.16
C VAL GA 207 -77.53 34.48 46.34
N THR GA 208 -78.77 34.10 46.03
CA THR GA 208 -79.82 33.91 47.02
C THR GA 208 -80.43 32.53 46.84
N ILE GA 209 -80.48 31.76 47.92
CA ILE GA 209 -81.03 30.41 47.91
C ILE GA 209 -82.30 30.40 48.75
N SER GA 210 -83.41 30.02 48.14
CA SER GA 210 -84.70 29.94 48.82
C SER GA 210 -85.06 28.48 49.03
N ILE GA 211 -85.25 28.09 50.29
CA ILE GA 211 -85.58 26.72 50.66
C ILE GA 211 -86.95 26.73 51.31
N ASN GA 212 -87.86 25.93 50.76
CA ASN GA 212 -89.22 25.78 51.31
C ASN GA 212 -89.36 24.33 51.78
N ALA GA 213 -89.12 24.11 53.07
CA ALA GA 213 -89.19 22.76 53.62
C ALA GA 213 -90.62 22.24 53.56
N LYS GA 214 -90.74 20.93 53.36
CA LYS GA 214 -92.05 20.30 53.32
C LYS GA 214 -92.70 20.33 54.70
N GLU GA 215 -94.00 20.59 54.72
CA GLU GA 215 -94.74 20.63 55.98
C GLU GA 215 -94.77 19.26 56.63
N GLY GA 216 -94.55 19.24 57.94
CA GLY GA 216 -94.57 18.01 58.71
C GLY GA 216 -93.25 17.28 58.80
N ASP GA 217 -92.24 17.70 58.05
CA ASP GA 217 -90.94 17.05 58.12
C ASP GA 217 -90.28 17.33 59.46
N ASP GA 218 -89.64 16.32 60.03
CA ASP GA 218 -88.98 16.49 61.30
C ASP GA 218 -87.67 17.25 61.12
N ILE GA 219 -86.94 17.46 62.22
CA ILE GA 219 -85.76 18.31 62.17
C ILE GA 219 -84.64 17.64 61.38
N GLU GA 220 -84.56 16.31 61.41
CA GLU GA 220 -83.48 15.62 60.72
C GLU GA 220 -83.70 15.60 59.22
N GLU GA 221 -84.95 15.40 58.77
CA GLU GA 221 -85.24 15.41 57.35
C GLU GA 221 -85.13 16.79 56.74
N LEU GA 222 -85.32 17.85 57.53
CA LEU GA 222 -85.10 19.20 57.03
C LEU GA 222 -83.62 19.40 56.65
N ALA GA 223 -82.72 18.85 57.47
CA ALA GA 223 -81.30 18.94 57.15
C ALA GA 223 -80.98 18.22 55.85
N THR GA 224 -81.59 17.06 55.63
CA THR GA 224 -81.40 16.35 54.37
C THR GA 224 -81.94 17.15 53.21
N TYR GA 225 -83.09 17.82 53.40
CA TYR GA 225 -83.69 18.60 52.33
C TYR GA 225 -82.76 19.74 51.90
N ILE GA 226 -82.13 20.41 52.87
CA ILE GA 226 -81.23 21.50 52.53
C ILE GA 226 -80.05 20.99 51.71
N ASN GA 227 -79.49 19.84 52.10
CA ASN GA 227 -78.37 19.28 51.36
C ASN GA 227 -78.75 18.95 49.93
N GLY GA 228 -79.94 18.39 49.72
CA GLY GA 228 -80.36 18.04 48.37
C GLY GA 228 -80.60 19.24 47.49
N GLN GA 229 -81.17 20.31 48.05
CA GLN GA 229 -81.55 21.46 47.25
C GLN GA 229 -80.34 22.15 46.62
N THR GA 230 -79.26 22.30 47.39
CA THR GA 230 -78.10 23.02 46.89
C THR GA 230 -76.82 22.40 47.44
N ASP GA 231 -75.77 22.42 46.62
CA ASP GA 231 -74.44 21.99 47.04
C ASP GA 231 -73.63 23.12 47.65
N MET GA 232 -74.16 24.35 47.63
CA MET GA 232 -73.48 25.51 48.20
C MET GA 232 -73.53 25.52 49.72
N ILE GA 233 -74.33 24.65 50.33
CA ILE GA 233 -74.59 24.68 51.77
C ILE GA 233 -74.67 23.25 52.28
N LYS GA 234 -74.10 23.02 53.46
CA LYS GA 234 -74.18 21.74 54.15
C LYS GA 234 -74.94 21.91 55.45
N ALA GA 235 -75.83 20.96 55.75
CA ALA GA 235 -76.67 21.04 56.94
C ALA GA 235 -76.63 19.72 57.70
N SER GA 236 -76.90 19.79 59.00
CA SER GA 236 -76.90 18.62 59.85
C SER GA 236 -77.57 18.96 61.18
N VAL GA 237 -77.77 17.93 61.99
CA VAL GA 237 -78.36 18.05 63.32
C VAL GA 237 -77.41 17.42 64.32
N ASP GA 238 -77.12 18.12 65.42
CA ASP GA 238 -76.05 17.68 66.31
C ASP GA 238 -76.56 16.81 67.48
N GLU GA 239 -77.28 17.41 68.41
CA GLU GA 239 -77.80 16.64 69.55
C GLU GA 239 -79.23 16.96 69.96
N GLU GA 240 -79.75 18.15 69.64
CA GLU GA 240 -81.06 18.53 70.14
C GLU GA 240 -81.97 19.10 69.05
N GLY GA 241 -81.56 19.10 67.79
CA GLY GA 241 -82.30 19.76 66.74
C GLY GA 241 -81.64 20.98 66.18
N LYS GA 242 -80.54 21.44 66.77
CA LYS GA 242 -79.82 22.58 66.23
C LYS GA 242 -79.21 22.23 64.88
N LEU GA 243 -79.29 23.16 63.93
CA LEU GA 243 -78.74 22.94 62.60
C LEU GA 243 -77.30 23.43 62.54
N GLN GA 244 -76.41 22.57 62.06
CA GLN GA 244 -75.01 22.93 61.87
C GLN GA 244 -74.81 23.32 60.42
N LEU GA 245 -75.18 24.56 60.12
CA LEU GA 245 -75.01 25.09 58.78
C LEU GA 245 -73.52 25.26 58.50
N PHE GA 246 -73.07 24.78 57.34
CA PHE GA 246 -71.67 24.84 56.98
C PHE GA 246 -71.48 25.64 55.70
N THR GA 247 -70.29 26.22 55.55
CA THR GA 247 -70.00 27.10 54.43
C THR GA 247 -68.54 26.92 54.04
N ASP GA 248 -68.29 26.54 52.79
CA ASP GA 248 -66.93 26.34 52.32
C ASP GA 248 -66.20 27.67 52.22
N ASN GA 249 -64.95 27.69 52.69
CA ASN GA 249 -64.20 28.94 52.71
C ASN GA 249 -63.66 29.32 51.34
N ASN GA 250 -63.27 28.34 50.53
CA ASN GA 250 -62.56 28.64 49.29
C ASN GA 250 -63.48 29.14 48.18
N ARG GA 251 -64.80 29.08 48.36
CA ARG GA 251 -65.70 29.54 47.32
C ARG GA 251 -66.86 30.39 47.82
N ILE GA 252 -67.15 30.42 49.12
CA ILE GA 252 -68.32 31.13 49.63
C ILE GA 252 -67.87 32.18 50.63
N ASP GA 253 -66.73 32.82 50.35
CA ASP GA 253 -66.18 33.86 51.22
C ASP GA 253 -67.25 34.88 51.59
N GLY GA 254 -67.14 35.40 52.81
CA GLY GA 254 -68.12 36.32 53.33
C GLY GA 254 -69.17 35.62 54.18
N ALA GA 255 -69.71 36.39 55.13
CA ALA GA 255 -70.68 35.83 56.05
C ALA GA 255 -72.01 35.56 55.35
N ALA GA 256 -72.76 34.61 55.89
CA ALA GA 256 -74.06 34.24 55.37
C ALA GA 256 -75.16 34.92 56.18
N THR GA 257 -76.14 35.47 55.49
CA THR GA 257 -77.27 36.13 56.13
C THR GA 257 -78.49 35.22 56.03
N PHE GA 258 -79.16 35.03 57.16
CA PHE GA 258 -80.30 34.12 57.25
C PHE GA 258 -81.59 34.93 57.36
N GLY GA 259 -82.59 34.55 56.59
CA GLY GA 259 -83.87 35.23 56.60
C GLY GA 259 -85.00 34.26 56.41
N GLY GA 260 -86.21 34.76 56.62
CA GLY GA 260 -87.42 33.97 56.47
C GLY GA 260 -87.99 33.55 57.82
N ALA GA 261 -89.22 33.07 57.76
CA ALA GA 261 -89.92 32.65 58.98
C ALA GA 261 -89.24 31.45 59.62
N LEU GA 262 -88.79 30.49 58.81
CA LEU GA 262 -88.14 29.31 59.36
C LEU GA 262 -86.85 29.68 60.08
N ALA GA 263 -86.10 30.63 59.52
CA ALA GA 263 -84.86 31.07 60.18
C ALA GA 263 -85.15 31.67 61.54
N GLY GA 264 -86.22 32.47 61.65
CA GLY GA 264 -86.60 33.00 62.94
C GLY GA 264 -87.05 31.91 63.91
N GLU GA 265 -87.71 30.88 63.38
CA GLU GA 265 -88.13 29.76 64.22
C GLU GA 265 -86.92 29.03 64.80
N LEU GA 266 -85.89 28.85 63.99
CA LEU GA 266 -84.63 28.28 64.44
C LEU GA 266 -83.73 29.40 64.96
N GLY GA 267 -82.46 29.10 65.18
CA GLY GA 267 -81.49 30.09 65.60
C GLY GA 267 -80.58 30.48 64.44
N ILE GA 268 -80.42 31.79 64.26
CA ILE GA 268 -79.57 32.28 63.18
C ILE GA 268 -78.12 31.86 63.41
N GLY GA 269 -77.61 32.10 64.61
CA GLY GA 269 -76.27 31.70 64.96
C GLY GA 269 -75.22 32.68 64.48
N ALA GA 270 -74.02 32.53 65.02
CA ALA GA 270 -72.89 33.36 64.65
C ALA GA 270 -71.94 32.62 63.72
N ALA GA 271 -71.15 33.38 62.98
CA ALA GA 271 -70.19 32.82 62.03
C ALA GA 271 -68.92 32.44 62.79
N GLN GA 272 -68.63 31.15 62.85
CA GLN GA 272 -67.44 30.62 63.51
C GLN GA 272 -66.54 29.97 62.48
N ASP GA 273 -65.27 30.35 62.48
CA ASP GA 273 -64.29 29.80 61.55
C ASP GA 273 -63.77 28.49 62.12
N VAL GA 274 -63.92 27.40 61.36
CA VAL GA 274 -63.47 26.08 61.76
C VAL GA 274 -62.64 25.49 60.62
N THR GA 275 -61.53 24.85 60.97
CA THR GA 275 -60.65 24.22 60.01
C THR GA 275 -60.40 22.78 60.43
N VAL GA 276 -59.56 22.09 59.67
CA VAL GA 276 -59.26 20.68 59.98
C VAL GA 276 -58.49 20.57 61.29
N ASP GA 277 -57.60 21.54 61.56
CA ASP GA 277 -56.85 21.49 62.81
C ASP GA 277 -57.76 21.62 64.02
N THR GA 278 -58.73 22.53 63.95
CA THR GA 278 -59.72 22.68 65.01
C THR GA 278 -60.81 21.62 64.94
N LEU GA 279 -60.81 20.80 63.90
CA LEU GA 279 -61.80 19.75 63.76
C LEU GA 279 -61.59 18.68 64.81
N ASP GA 280 -62.66 18.30 65.48
CA ASP GA 280 -62.63 17.19 66.41
C ASP GA 280 -64.00 16.52 66.44
N VAL GA 281 -63.99 15.25 66.86
CA VAL GA 281 -65.22 14.46 66.98
C VAL GA 281 -65.18 13.77 68.34
N THR GA 282 -65.83 14.38 69.33
CA THR GA 282 -66.07 13.74 70.60
C THR GA 282 -67.55 13.50 70.85
N THR GA 283 -68.43 14.22 70.18
CA THR GA 283 -69.86 14.00 70.22
C THR GA 283 -70.37 13.83 68.79
N VAL GA 284 -71.64 13.44 68.67
CA VAL GA 284 -72.22 13.22 67.35
C VAL GA 284 -72.22 14.49 66.53
N GLY GA 285 -72.46 15.64 67.18
CA GLY GA 285 -72.50 16.89 66.45
C GLY GA 285 -71.19 17.23 65.78
N GLY GA 286 -70.07 17.05 66.49
CA GLY GA 286 -68.78 17.27 65.89
C GLY GA 286 -68.53 16.38 64.69
N ALA GA 287 -69.07 15.16 64.73
CA ALA GA 287 -68.93 14.25 63.61
C ALA GA 287 -69.65 14.76 62.37
N GLN GA 288 -70.83 15.34 62.54
CA GLN GA 288 -71.55 15.89 61.40
C GLN GA 288 -70.85 17.09 60.80
N GLU GA 289 -70.21 17.91 61.64
CA GLU GA 289 -69.46 19.04 61.14
C GLU GA 289 -68.18 18.60 60.45
N SER GA 290 -67.52 17.55 60.97
CA SER GA 290 -66.21 17.18 60.46
C SER GA 290 -66.26 16.69 59.02
N VAL GA 291 -67.28 15.90 58.66
CA VAL GA 291 -67.35 15.36 57.32
C VAL GA 291 -67.47 16.48 56.29
N ALA GA 292 -68.28 17.50 56.61
CA ALA GA 292 -68.37 18.66 55.73
C ALA GA 292 -67.05 19.41 55.66
N ILE GA 293 -66.36 19.56 56.80
CA ILE GA 293 -65.08 20.27 56.82
C ILE GA 293 -64.06 19.53 55.98
N VAL GA 294 -63.99 18.21 56.12
CA VAL GA 294 -63.03 17.41 55.37
C VAL GA 294 -63.35 17.47 53.87
N ASP GA 295 -64.63 17.52 53.52
CA ASP GA 295 -65.00 17.65 52.11
C ASP GA 295 -64.46 18.95 51.53
N ALA GA 296 -64.50 20.03 52.31
CA ALA GA 296 -63.89 21.27 51.87
C ALA GA 296 -62.39 21.12 51.68
N ALA GA 297 -61.74 20.39 52.59
CA ALA GA 297 -60.31 20.14 52.45
C ALA GA 297 -60.02 19.31 51.20
N LEU GA 298 -60.85 18.29 50.94
CA LEU GA 298 -60.62 17.45 49.78
C LEU GA 298 -60.78 18.23 48.48
N LYS GA 299 -61.82 19.08 48.42
CA LYS GA 299 -62.01 19.91 47.23
C LYS GA 299 -60.86 20.89 47.05
N TYR GA 300 -60.42 21.52 48.14
CA TYR GA 300 -59.32 22.48 48.04
C TYR GA 300 -58.03 21.81 47.61
N VAL GA 301 -57.73 20.64 48.19
CA VAL GA 301 -56.53 19.91 47.81
C VAL GA 301 -56.61 19.45 46.36
N ASP GA 302 -57.78 18.93 45.95
CA ASP GA 302 -57.95 18.50 44.57
C ASP GA 302 -57.80 19.66 43.60
N SER GA 303 -58.30 20.84 43.98
CA SER GA 303 -58.19 22.01 43.11
C SER GA 303 -56.73 22.36 42.86
N HIS GA 304 -55.90 22.33 43.91
CA HIS GA 304 -54.48 22.58 43.71
C HIS GA 304 -53.81 21.43 42.96
N ARG GA 305 -54.30 20.20 43.14
CA ARG GA 305 -53.75 19.08 42.40
C ARG GA 305 -53.96 19.25 40.91
N ALA GA 306 -55.14 19.72 40.53
CA ALA GA 306 -55.40 19.99 39.11
C ALA GA 306 -54.53 21.11 38.58
N GLU GA 307 -54.34 22.17 39.37
CA GLU GA 307 -53.50 23.29 38.93
C GLU GA 307 -52.07 22.84 38.73
N LEU GA 308 -51.54 22.02 39.64
CA LEU GA 308 -50.23 21.43 39.43
C LEU GA 308 -50.22 20.51 38.22
N GLY GA 309 -51.34 19.81 37.99
CA GLY GA 309 -51.41 18.93 36.83
C GLY GA 309 -51.37 19.68 35.51
N ALA GA 310 -52.06 20.82 35.44
CA ALA GA 310 -52.02 21.64 34.24
C ALA GA 310 -50.61 22.18 34.00
N PHE GA 311 -49.93 22.57 35.08
CA PHE GA 311 -48.55 23.02 34.96
C PHE GA 311 -47.67 21.89 34.43
N GLN GA 312 -47.87 20.67 34.94
CA GLN GA 312 -47.15 19.53 34.39
C GLN GA 312 -47.47 19.33 32.92
N ASN GA 313 -48.71 19.61 32.53
CA ASN GA 313 -49.12 19.51 31.13
C ASN GA 313 -48.76 20.74 30.31
N ARG GA 314 -48.13 21.74 30.92
CA ARG GA 314 -47.57 22.85 30.17
C ARG GA 314 -46.11 22.61 29.83
N PHE GA 315 -45.32 22.19 30.82
CA PHE GA 315 -43.88 22.09 30.63
C PHE GA 315 -43.49 20.90 29.76
N ASN GA 316 -44.35 19.88 29.64
CA ASN GA 316 -44.05 18.81 28.70
C ASN GA 316 -44.16 19.31 27.26
N HIS GA 317 -45.13 20.20 26.98
CA HIS GA 317 -45.18 20.85 25.69
C HIS GA 317 -44.02 21.82 25.51
N ALA GA 318 -43.58 22.46 26.59
CA ALA GA 318 -42.42 23.35 26.50
C ALA GA 318 -41.15 22.57 26.21
N ILE GA 319 -41.04 21.35 26.76
CA ILE GA 319 -39.81 20.58 26.58
C ILE GA 319 -39.61 20.20 25.13
N ASN GA 320 -40.60 19.52 24.53
CA ASN GA 320 -40.43 19.05 23.16
C ASN GA 320 -40.51 20.20 22.17
N ASN GA 321 -41.13 21.31 22.55
CA ASN GA 321 -41.10 22.50 21.69
C ASN GA 321 -39.69 23.08 21.65
N LEU GA 322 -39.09 23.30 22.82
CA LEU GA 322 -37.73 23.82 22.85
C LEU GA 322 -36.75 22.88 22.18
N ASP GA 323 -37.01 21.57 22.28
CA ASP GA 323 -36.20 20.61 21.53
C ASP GA 323 -36.39 20.79 20.02
N ASN GA 324 -37.63 21.09 19.59
CA ASN GA 324 -37.89 21.28 18.17
C ASN GA 324 -37.12 22.48 17.63
N ILE GA 325 -37.16 23.61 18.37
CA ILE GA 325 -36.35 24.76 17.95
C ILE GA 325 -34.87 24.43 18.04
N ASN GA 326 -34.45 23.71 19.08
CA ASN GA 326 -33.04 23.41 19.24
C ASN GA 326 -32.52 22.53 18.11
N GLU GA 327 -33.32 21.57 17.66
CA GLU GA 327 -32.91 20.74 16.52
C GLU GA 327 -32.75 21.57 15.26
N ASN GA 328 -33.69 22.48 15.01
CA ASN GA 328 -33.63 23.30 13.80
C ASN GA 328 -32.58 24.38 13.93
N VAL GA 329 -32.36 24.92 15.13
CA VAL GA 329 -31.30 25.90 15.34
C VAL GA 329 -29.94 25.28 15.11
N ASN GA 330 -29.73 24.06 15.62
CA ASN GA 330 -28.48 23.36 15.36
C ASN GA 330 -28.32 23.05 13.88
N ALA GA 331 -29.41 22.66 13.22
CA ALA GA 331 -29.36 22.43 11.78
C ALA GA 331 -29.00 23.70 11.03
N SER GA 332 -29.60 24.83 11.43
CA SER GA 332 -29.25 26.11 10.83
C SER GA 332 -27.85 26.56 11.23
N LYS GA 333 -27.32 26.03 12.32
CA LYS GA 333 -25.92 26.28 12.69
C LYS GA 333 -25.01 25.29 11.98
N SER GA 334 -25.20 25.18 10.67
CA SER GA 334 -24.40 24.37 9.79
C SER GA 334 -24.60 24.90 8.39
N ARG GA 335 -23.52 24.91 7.61
CA ARG GA 335 -23.44 25.62 6.32
C ARG GA 335 -23.44 27.13 6.55
N ILE GA 336 -23.64 27.52 7.80
CA ILE GA 336 -23.35 28.88 8.26
C ILE GA 336 -22.02 28.92 9.01
N LYS GA 337 -21.81 27.95 9.90
CA LYS GA 337 -20.55 27.74 10.59
C LYS GA 337 -19.90 26.41 10.24
N ASP GA 338 -20.64 25.31 10.34
CA ASP GA 338 -20.07 23.99 10.06
C ASP GA 338 -19.70 23.87 8.59
N THR GA 339 -18.63 23.12 8.33
CA THR GA 339 -18.16 22.88 6.98
C THR GA 339 -18.53 21.48 6.54
N ASP GA 340 -18.83 21.33 5.25
CA ASP GA 340 -18.95 20.02 4.64
C ASP GA 340 -17.59 19.59 4.11
N PHE GA 341 -17.26 18.32 4.34
CA PHE GA 341 -15.96 17.82 3.92
C PHE GA 341 -15.88 17.54 2.43
N ALA GA 342 -17.02 17.52 1.74
CA ALA GA 342 -17.03 17.24 0.30
C ALA GA 342 -16.28 18.30 -0.48
N LYS GA 343 -16.77 19.53 -0.47
CA LYS GA 343 -16.12 20.58 -1.26
C LYS GA 343 -14.86 21.08 -0.59
N GLU GA 344 -14.78 21.00 0.73
CA GLU GA 344 -13.58 21.48 1.43
C GLU GA 344 -12.36 20.66 1.07
N THR GA 345 -12.52 19.33 0.97
CA THR GA 345 -11.39 18.47 0.64
C THR GA 345 -10.90 18.72 -0.78
N THR GA 346 -11.82 18.87 -1.73
CA THR GA 346 -11.41 19.13 -3.11
C THR GA 346 -10.71 20.47 -3.25
N ALA GA 347 -11.14 21.47 -2.48
CA ALA GA 347 -10.44 22.75 -2.49
C ALA GA 347 -9.02 22.61 -1.97
N LEU GA 348 -8.84 21.80 -0.91
CA LEU GA 348 -7.49 21.55 -0.41
C LEU GA 348 -6.66 20.79 -1.44
N THR GA 349 -7.25 19.78 -2.08
CA THR GA 349 -6.53 19.02 -3.09
C THR GA 349 -6.13 19.89 -4.27
N LYS GA 350 -7.05 20.73 -4.75
CA LYS GA 350 -6.73 21.62 -5.86
C LYS GA 350 -5.61 22.57 -5.48
N ALA GA 351 -5.59 23.03 -4.22
CA ALA GA 351 -4.51 23.89 -3.77
C ALA GA 351 -3.17 23.17 -3.81
N GLN GA 352 -3.16 21.88 -3.44
CA GLN GA 352 -1.92 21.11 -3.48
C GLN GA 352 -1.43 20.93 -4.92
N ILE GA 353 -2.34 20.65 -5.85
CA ILE GA 353 -1.91 20.45 -7.23
C ILE GA 353 -1.33 21.73 -7.81
N LEU GA 354 -1.95 22.87 -7.52
CA LEU GA 354 -1.33 24.14 -7.87
C LEU GA 354 0.01 24.29 -7.17
N SER GA 355 0.10 23.83 -5.92
CA SER GA 355 1.32 24.02 -5.13
C SER GA 355 2.51 23.34 -5.78
N GLN GA 356 2.32 22.10 -6.26
CA GLN GA 356 3.41 21.41 -6.91
C GLN GA 356 3.65 21.96 -8.31
N ALA GA 357 2.60 22.48 -8.96
CA ALA GA 357 2.74 22.99 -10.31
C ALA GA 357 3.61 24.24 -10.35
N SER GA 358 3.30 25.22 -9.49
CA SER GA 358 4.08 26.46 -9.50
C SER GA 358 5.48 26.26 -8.94
N SER GA 359 5.63 25.35 -7.98
CA SER GA 359 6.95 25.07 -7.44
C SER GA 359 7.88 24.52 -8.52
N SER GA 360 7.36 23.63 -9.36
CA SER GA 360 8.16 23.14 -10.48
C SER GA 360 8.41 24.24 -11.50
N VAL GA 361 7.52 25.23 -11.58
CA VAL GA 361 7.73 26.36 -12.48
C VAL GA 361 8.91 27.20 -12.01
N LEU GA 362 9.05 27.35 -10.69
CA LEU GA 362 10.21 28.06 -10.16
C LEU GA 362 11.51 27.37 -10.55
N ALA GA 363 11.53 26.04 -10.47
CA ALA GA 363 12.69 25.30 -10.94
C ALA GA 363 12.91 25.47 -12.43
N GLN GA 364 11.83 25.65 -13.21
CA GLN GA 364 11.96 25.87 -14.64
C GLN GA 364 12.30 27.31 -14.99
N ALA GA 365 12.17 28.24 -14.05
CA ALA GA 365 12.44 29.64 -14.29
C ALA GA 365 13.74 30.14 -13.69
N LYS GA 366 14.28 29.44 -12.69
CA LYS GA 366 15.56 29.83 -12.12
C LYS GA 366 16.70 29.66 -13.10
N GLN GA 367 16.55 28.78 -14.08
CA GLN GA 367 17.56 28.55 -15.10
C GLN GA 367 17.52 29.57 -16.22
N ALA GA 368 16.51 30.45 -16.24
CA ALA GA 368 16.44 31.47 -17.29
C ALA GA 368 17.68 32.37 -17.32
N PRO GA 369 18.16 32.94 -16.21
CA PRO GA 369 19.42 33.68 -16.28
C PRO GA 369 20.60 32.84 -16.72
N ASN GA 370 20.60 31.55 -16.37
CA ASN GA 370 21.72 30.68 -16.72
C ASN GA 370 21.86 30.57 -18.24
N SER GA 371 20.73 30.46 -18.94
CA SER GA 371 20.79 30.38 -20.40
C SER GA 371 21.37 31.65 -21.01
N ALA GA 372 21.07 32.82 -20.42
CA ALA GA 372 21.65 34.06 -20.92
C ALA GA 372 23.17 34.05 -20.75
N LEU GA 373 23.66 33.55 -19.62
CA LEU GA 373 25.10 33.48 -19.41
C LEU GA 373 25.75 32.48 -20.35
N ALA GA 374 25.00 31.45 -20.77
CA ALA GA 374 25.57 30.41 -21.61
C ALA GA 374 26.09 30.94 -22.94
N LEU GA 375 25.47 32.00 -23.47
CA LEU GA 375 25.92 32.52 -24.76
C LEU GA 375 27.24 33.26 -24.64
N LEU GA 376 27.57 33.76 -23.45
CA LEU GA 376 28.81 34.49 -23.21
C LEU GA 376 29.80 33.57 -22.53
N GLY GA 377 30.96 33.39 -23.16
CA GLY GA 377 31.98 32.49 -22.63
C GLY GA 377 32.53 32.91 -21.28
#